data_6MSK
#
_entry.id   6MSK
#
loop_
_entity.id
_entity.type
_entity.pdbx_description
1 polymer '26S proteasome non-ATPase regulatory subunit 1'
2 polymer '26S proteasome non-ATPase regulatory subunit 3'
3 polymer '26S proteasome non-ATPase regulatory subunit 12'
4 polymer '26S proteasome non-ATPase regulatory subunit 11'
5 polymer '26S proteasome non-ATPase regulatory subunit 6'
6 polymer '26S proteasome non-ATPase regulatory subunit 7'
7 polymer '26S proteasome non-ATPase regulatory subunit 13'
8 polymer '26S proteasome non-ATPase regulatory subunit 4'
9 polymer '26S proteasome non-ATPase regulatory subunit 14'
10 polymer '26S proteasome non-ATPase regulatory subunit 8'
11 polymer '26S proteasome complex subunit SEM1'
12 polymer '26S proteasome non-ATPase regulatory subunit 2'
13 polymer '26S proteasome regulatory subunit 7'
14 polymer 'Rpt2, NP_002793.2 (26SHA chain B)'
15 polymer '26S proteasome regulatory subunit 8'
16 polymer '26S proteasome regulatory subunit 6B'
17 polymer '26S proteasome regulatory subunit 10B'
18 polymer '26S proteasome regulatory subunit 6A'
19 polymer substrate
20 polymer 'Proteasome subunit alpha type-6'
21 polymer 'Proteasome subunit alpha type-2'
22 polymer 'Proteasome subunit alpha type-4'
23 polymer 'Proteasome subunit alpha type-7'
24 polymer 'Proteasome subunit alpha type-5'
25 polymer 'Proteasome subunit alpha type-1'
26 polymer 'Proteasome subunit alpha type-3'
27 polymer 'Proteasome subunit beta type-6'
28 polymer 'Proteasome subunit beta type-7'
29 polymer 'Proteasome subunit beta type-3'
30 polymer 'Proteasome subunit beta type-2'
31 polymer 'Proteasome subunit beta type-5'
32 polymer 'Proteasome subunit beta type-1'
33 polymer 'Proteasome subunit beta type-4'
34 non-polymer 'ZINC ION'
35 non-polymer "ADENOSINE-5'-TRIPHOSPHATE"
36 non-polymer 'MAGNESIUM ION'
37 non-polymer "ADENOSINE-5'-DIPHOSPHATE"
#
loop_
_entity_poly.entity_id
_entity_poly.type
_entity_poly.pdbx_seq_one_letter_code
_entity_poly.pdbx_strand_id
1 'polypeptide(L)'
;MITSAAGIISLLDEDEPQLKEFALHKLNAVVNDFWAEISESVDKIEVLYEDEGFRSRQFAALVASKVFYHLGAFEESLNY
ALGAGDLFNVNDNSEYVETIIAKCIDHYTKQCVENADLPEGEKKPIDQRLEGIVNKMFQRCLDDHKYKQAIGIALETRRL
DVFEKTILESNDVPGMLAYSLKLCMSLMQNKQFRNKVLRVLVKIYMNLEKPDFINVCQCLIFLDDPQAVSDILEKLVKED
NLLMAYQICFDLYESASQQFLSSVIQNLRTVGTPIASVPGSTNTGTVPGSEKDSDSMETEEKTSSAFVGKTPEASPEPKD
QTLKMIKILSGEMAIELHLQFLIRNNNTDLMILKNTKDAVRNSVCHTATVIANSFMHCGTTSDQFLRDNLEWLARATNWA
KFTATASLGVIHKGHEKEALQLMATYLPKDTSPGSAYQEGGGLYALGLIHANHGGDIIDYLLNQLKNASNDIVRHGGSLG
LGLAAMGTARQDVYDLLKTNLYQDDAVTGEAAGLALGLVMLGSKNAQAIEDMVGYAQETQHEKILRGLAVGIALVMYGRM
EEADALIESLCRDKDPILRRSGMYTVAMAYCGSGNNKAIRRLLHVAVSDVNDDVRRAAVESLGFILFRTPEQCPSVVSLL
SESYNPHVRYGAAMALGICCAGTGNKEAINLLEPMTNDPVNYVRQGALIASALIMIQQTEITCPKVNQFRQLYSKVINDK
HDDVMAKFGAILAQGILDAGGHNVTISLQSRTGHTHMPSVVGVLVFTQFWFWFPLSHFLSLAYTPTCVIGLNKDLKMPKV
QYKSNCKPSTFAYPAPLEVPKEKEKEKVSTAVLSITAKAKKKEKEKEKKEEEKMEVDEAEKKEEKEKKKEPEPNFQLLDN
PARVMPAQLKVLTMPETCRYQPFKPLSIGGIIILKDTSEDIEELVEPVAAHGPKIEEEEQEPEPPEPFEYIDD
;
U
2 'polypeptide(L)'
;KQEGSARRRGADKAKPPPGGGEQEPPPPPAPQDVEMKEEAATGGGSTGEADGKTAAAAAEHSQRELDTVTLEDIKEHVKQ
LEKAVSGKEPRFVLRALRMLPSTSRRLNHYVLYKAVQGFFTSNNATRDFLLPFLEEPMDTEADLQFRPRTGKAASTPLLP
EVEAYLQLLVVIFMMNSKRYKEAQKISDDLMQKISTQNRRALDLVAAKCYYYHARVYEFLDKLDVVRSFLHARLRTATLR
HDADGQATLLNLLLRNYLHYSLYDQAEKLVSKSVFPEQANNNEWARYLYYTGRIKAIQLEYSEARRTMTNALRKAPQHTA
VGFKQTVHKLLIVVELLLGEIPDRLQFRQPSLKRSLMPYFLLTQAVRTGNLAKFNQVLDQFGEKFQADGTYTLIIRLRHN
VIKTGVRMISLSYSRISLADIAQKLQLDSPEDAEFIVAKAIRDGVIEASINHEKGYVQSKEMIDIYSTREPQLAFHQRIS
FCLDIHNMSVKAMRFPPKSYNKDLESAEERREREQQDLEFAKEMAEDDDDSFP
;
V
3 'polypeptide(L)'
;MADGGSERADGRIVKMEVDYSATVDQRLPECAKLAKEGRLQEVIETLLSLEKQTRTASDMVSTSRILVAVVKMCYEAKEW
DLLNENIMLLSKRRSQLKQAVAKMVQQCCTYVEEITDLPIKLRLIDTLRMVTEGKIYVEIERARLTKTLATIKEQNGDVK
EAASILQELQVETYGSMEKKERVEFILEQMRLCLAVKDYIRTQIISKKINTKFFQEENTEKLKLKYYNLMIQLDQHEGSY
LSICKHYRAIYDTPCIQAESEKWQQALKSVVLYVILAPFDNEQSDLVHRISGDKKLEEIPKYKDLLKLFTTMELMRWSTL
VEDYGMELRKGSLESPATDVFGSTEEGEKRWKDLKNRVVEHNIRIMAKYYTRITMKRMAQLLDLSVDESEAFLSNLVVNK
TIFAKVDRLAGIINFQRPKDPNNLLNDWSQKLNSLMSLVNKTTHLIAKEEMIHNLQ
;
W
4 'polypeptide(L)'
;MAAAAVVEFQRAQSLLSTDREASIDILHSIVKRDIQENDEEAVQVKEQSILELGSLLAKTGQAAELGGLLKYVRPFLNSI
SKAKAARLVRSLLDLFLDMEAATGQEVELCLECIEWAKSEKRTFLRQALEARLVSLYFDTKRYQEALHLGSQLLRELKKM
DDKALLVEVQLLESKTYHALSNLPKARAALTSARTTANAIYCPPKLQATLDMQSGIIHAAEEKDWKTAYSYFYEAFEGYD
SIDSPKAITSLKYMLLCKIMLNTPEDVQALVSGKLALRYAGRQTEALKCVAQASKNRSLADFEKALTDYRAELRDDPIIS
THLAKLYDNLLEQNLIRVIEPFSRVQIEHISSLIKLSKADVERKLSQMILDKKFHGILDQGEGVLIIFDEPPVDKTYEAA
LETIQNMSKVVDSLYNKAKKLT
;
X
5 'polypeptide(L)'
;MPLENLEEEGLPKNPDLRIAQLRFLLSLPEHRGDAAVRDELMAAVRDNNMAPYYEALCKSLDWQIDVDLLNKMKKANEDE
LKRLDEELEDAEKNLGESEIRDAMMAKAEYLCRIGDKEGALTAFRKTYDKTVALGHRLDIVFYLLRIGLFYMDNDLITRN
TEKAKSLIEEGGDWDRRNRLKVYQGLYCVAIRDFKQAAELFLDTVSTFTSYELMDYKTFVTYTVYVSMIALERPDLREKV
IKGAEILEVLHSLPAVRQYLFSLYECRYSVFFQSLAVVEQEMKKDWLFAPHYRYYVREMRIHAYSQLLESYRSLTLGYMA
EAFGVGVEFIDQELSRFIAAGRLHCKIDKVNEIVETNRPDSKNWQYQETIKKGDLLLNRVQKLSRVINM
;
Y
6 'polypeptide(L)'
;MPELAVQKVVVHPLVLLSVVDHFNRIGKVGNQKRVVGVLLGSWQKKVLDVSNSFAVPFDEDDKDDSVWFLDHDYLENMYG
MFKKVNARERIVGWYHTGPKLHKNDIAINELMKRYCPNSVLVIIDVKPKDLGLPTEAYISVEEVHDDGTPTSKTFEHVTS
EIGAEEAEEVGVEHLLRDIKDTTVGTLSQRITNQVHGLKGLNSKLLDIRSYLEKVATGKLPINHQIIYQLQDVFNLLPDV
SLQEFVKAFYLKTNDQMVVVYLASLIRSVVALHNLINNKIANRDAEKKEGQEKEESKKDRKEDKEKDKDKEKSDVKKEEK
KEKK
;
Z
7 'polypeptide(L)'
;MKDVPGFLQQSQNSGPGQPAVWHRLEELYTKKLWHQLTLQVLDFVQDPCFAQGDGLIKLYENFISEFEHRVNPLSLVEII
LHVVRQMTDPNVALTFLEKTREKVKSSDEAVILCKTAIGALKLNIGDLQVTKETIEDVEEMLNNLPGVTSVHSRFYDLSS
KYYQTIGNHASYYKDALRFLGCVDIKDLPVSEQQERAFTLGLAGLLGEGVFNFGELLMHPVLESLRNTDRQWLIDTLYAF
NSGNVERFQTLKTAWGQQPDLAANEAQLLRKIQLLCLMEMTFTRPANHRQLTFEEIAKSAKITVNEVELLVMKALSVGLV
KGSIDEVDKRVHMTWVQPRVLDLQQIKGMKDRLEFWCTDVKSMEMLVEHQAHDILT
;
a
8 'polypeptide(L)'
;MVLESTMVCVDNSEYMRNGDFLPTRLQAQQDAVNIVCHSKTRSNPENNVGLITLANDCEVLTTLTPDTGRILSKLHTVQP
KGKITFCTGIRVAHLALKHRQGKNHKMRIIAFVGSPVEDNEKDLVKLAKRLKKEKVNVDIINFGEEEVNTEKLTAFVNTL
NGKDGTGSHLVTVPPGPSLADALISSPILAGEGGAMLGLGASDFEFGVDPSADPELALALRVSMEEQRQRQEEEARRAAA
ASAAEAGIATTGTEDSDDALLKMTISQQEFGRTGLPDLSSMTEEEQIAYAMQMSLQGAEFGQAESADIDASSAMDTSEPA
KEEDDYDVMQDPEFLQSVLENLPGVDPNNEAIRNAMGSLASQATKDGKKDKKEEDKK
;
b
9 'polypeptide(L)'
;DRLLRLGGGMPGLGQGPPTDAPAVDTAEQVYISSLALLKMLKHGRAGVPMEVMGLMLGEFVDDYTVRVIDVFAMPQSGTG
VSVEAVDPVFQAKMLDMLKQTGRPEMVVGWYHSHPGFGCWLSGVDINTQQSFEALSERAVAVVVDPIQSVKGKVVIDAFR
LINANMMVLGHEPRQTTSNLGHLNKPSIQALIHGLNRHYYSITINYRKNELEQKMLLNLHKKSWMEGLTLQDYSEHCKHN
ESVVKEMLELAKNYNKAVEEEDKMTPEQLAIKNVGKQDPKRHLEEHVDVLMTSNIVQCLAAMLDTVVFK
;
c
10 'polypeptide(L)'
;FIKGRAPRAPPRERRRATRGGLRQVVAPPRALGSTSRPHFRRASVCRRRCRKSGGLLAASRKMAAAAVNGAAGFSSSGPA
ATSGAVLQAATGMYEQLKGEWNRKSPNLSKCGEELGRLKLVLLELNFLPTTGTKLTKQQLILARDILEIGAQWSILRKDI
PSFERYMAQLKCYYFDYKEQLPESAYMHQLLGLNLLFLLSQNRVAEFHTELERLPAKDIQTNVYIKHPVSLEQYLMEGSY
NKVFLAKGNIPAESYTFFIDILLDTIRDEIAGCIEKAYEKILFTEATRILFFNTPKKMTDYAKKRGWVLGPNNYYSFASQ
QQKPEDTTIPSTELAKQVIEYARQLEMIV
;
d
11 'polypeptide(L)' MSEKKQPVDLGLLEEDDEFEEFPAEDWAGLDEDEDAHVWEDNWDDDNVEDDFSNQLRAELEKHGYKMETS e
12 'polypeptide(L)'
;MEEGGRDKAPVQPQQSPAAAPGGTDEKPSGKERRDAGDKDKEQELSEEDKQLQDELEMLVERLGEKDTSLYRPALEELRR
QIRSSTTSMTSVPKPLKFLRPHYGKLKEIYENMAPGENKRFAADIISVLAMTMSGERECLKYRLVGSQEELASWGHEYVR
HLAGEVAKEWQELDDAEKVQREPLLTLVKEIVPYNMAHNAEHEACDLLMEIEQVDMLEKDIDENAYAKVCLYLTSCVNYV
PEPENSALLRCALGVFRKFSRFPEALRLALMLNDMELVEDIFTSCKDVVVQKQMAFMLGRHGVFLELSEDVEEYEDLTEI
MSNVQLNSNFLALARELDIMEPKVPDDIYKTHLENNRFGGSGSQVDSARMNLASSFVNGFVNAAFGQDKLLTDDGNKWLY
KNKDHGMLSAAASLGMILLWDVDGGLTQIDKYLYSSEDYIKSGALLACGIVNSGVRNECDPALALLSDYVLHNSNTMRLG
SIFGLGLAYAGSNREDVLTLLLPVMGDSKSSMEVAGVTALACGMIAVGSCNGDVTSTILQTIMEKSETELKDTYARWLPL
GLGLNHLGKGEAIEAILAALEVVSEPFRSFANTLVDVCAYAGSGNVLKVQQLLHICSEHFDSKEKEEDKDKKEKKDKDKK
EAPADMGAHQGVAVLGIALIAMGEEIGAEMALRTFGHLLRYGEPTLRRAVPLALALISVSNPRLNILDTLSKFSHDADPE
VSYNSIFAMGMVGSGTNNARLAAMLRQLAQYHAKDPNNLFMVRLAQGLTHLGKGTLTLCPYHSDRQLMSQVAVAGLLTVL
VSFLDVRNIILGKSHYVLYGLVAAMQPRMLVTFDEELRPLPVSVRVGQAVDVVGQAGKPKTITGFQTHTTPVLLAHGERA
ELATEEFLPVTP
;
f
13 'polypeptide(L)'
;MPDYLGADQRKTKEDEKDDKPIRALDEGDIALLKTYGQSTYSRQIKQVEDDIQQLLKKINELTGIKESDTGLAPPALWDL
AADKQTLQSEQPLQVARCTKIINADSEDPKYIINVKQFAKFVVDLSDQVAPTDIEEGMRVGVDRNKYQIHIPLPPKIDPT
VTMMQVEEKPDVTYSDVGGCKEQIEKLREVVETPLLHPERFVNLGIEPPKGVLLFGPPGTGKTLCARAVANRTDACFIRV
IGSELVQKYVGEGARMVRELFEMARTKKACLIFFDEIDAIGGARFDDGAGGDNEVQRTMLELINQLDGFDPRGNIKVLMA
TNRPDTLDPALMRPGRLDRKIEFSLPDLEGRTHIFKIHARSMSVERDIRFELLARLCPNSTGAEIRSVCTEAGMFAIRAR
RKIATEKDFLEAVNKVIKSYAKFSATPRYMTYN
;
A
14 'polypeptide(L)'
;MGQSQSGGHGPGGGKKDDKDKKKKYEPPVPTRVGKKKKKTKGPDAASKLPLVTPHTQCRLKLLKLERIKDYLLMEEEFIR
NQEQMKPLEEKQEEERSKVDDLRGTPMSVGTLEEIIDDNHAIVSTSVGSEHYVSILSFVDKDLLEPGCSVLLNHKVHAVI
GVLMDDTDPLVTVMKVEKAPQETYADIGGLDNQIQEIKESVELPLTHPEYYEEMGIKPPKGVILYGPPGTGKTLLAKAVA
NQTSATFLRVVGSELIQKYLGDGPKLVRELFRVAEEHAPSIVFIDEIDAIGTKRYDSNSGGEREIQRTMLELLNQLDGFD
SRGDVKVIMATNRIETLDPALIRPGRIDRKIEFPLPDEKTKKRIFQIHTSRMTLADDVTLDDLIMAKDDLSGADIKAICT
EAGLMALRERRMKVTNEDFKKSKENVLYKKQEGTPEGLYL
;
B
15 'polypeptide(L)'
;MELEEGKAGSGLRQYYLSKIEELQLIVNDKSQNLRRLQAQRNELNAKVRLLREELQLLQEQGSYVGEVVRAMDKKKVLVK
VHPEGKFVVDVDKNIDINDVTPNCRVALRNDSYTLHKILPNKVDPLVSLMMVEKVPDSTYEMIGGLDKQIKEIKEVIELP
VKHPELFEALGIAQPKGVLLYGPPGTGKTLLARAVAHHTDCTFIRVSGSELVQKFIGEGARMVRELFVMAREHAPSIIFM
DEIDSIGSSRLEGGSGGDSEVQRTMLELLNQLDGFEATKNIKVIMATNRIDILDSALLRPGRIDRKIEFPPPNEEARLDI
LKIHSRKMNLTRGINLRKIAELMPGASGAEVKGVCTEAGMYALRERRVHVTQEDFEMAVAKVMQKDSEKNMSIKKLWK
;
C
16 'polypeptide(L)'
;MEEIGILVEKAQDEIPALSVSRPQTGLSFLGPEPEDLEDLYSRYKKLQQELEFLEVQEEYIKDEQKNLKKEFLHAQEEVK
RIQSIPLVIGQFLEAVDQNTAIVGSTTGSNYYVRILSTIDRELLKPNASVALHKHSNALVDVLPPEADSSIMMLTSDQKP
DVMYADIGGMDIQKQEVREAVELPLTHFELYKQIGIDPPRGVLMYGPPGCGKTMLAKAVAHHTTAAFIRVVGSEFVQKYL
GEGPRMVRDVFRLAKENAPAIIFIDEIDAIATKRFDAQTGADREVQRILLELLNQMDGFDQNVNVKVIMATNRADTLDPA
LLRPGRLDRKIEFPLPDRRQKRLIFSTITSKMNLSEEVDLEDYVARPDKISGADINSICQESGMLAVRENRYIVLAKDFE
KAYKTVIKKDEQEHEFYK
;
D
17 'polypeptide(L)'
;MAIPGIPYERRLLIMADPRDKALQDYRKKLLEHKEIDGRLKELREQLKELTKQYEKSENDLKALQSVGQIVGEVLKQLTE
EKFIVKATNGPRYVVGCRRQLDKSKLKPGTRVALDMTTLTIMRYLPREVDPLVYNMSHEDPGNVSYSEIGGLSEQIRELR
EVIELPLTNPELFQRVGIIPPKGCLLYGPPGTGKTLLARAVASQLDCNFLKVVSSSIVDKYIGESARLIREMFNYARDHQ
PCIIFMDEIDAIGGRRFSEGTSADREIQRTLMELLNQMDGFDTLHRVKMIMATNRPDTLDPALLRPGRLDRKIHIDLPNE
QARLDILKIHAGPITKHGEIDYEAIVKLSDGFNGADLRNVCTEAGMFAIRADHDFVVQEDFMKAVRKVADSKKLESKLDY
KPV
;
E
18 'polypeptide(L)'
;MNLLPNIESPVTRQEKMATVWDEAEQDGIGEEVLKMSTEEIIQRTRLLDSEIKIMKSEVLRVTHELQAMKDKIKENSEKI
KVNKTLPYLVSNVIELLDVDPNDQEEDGANIDLDSQRKGKCAVIKTSTRQTYFLPVIGLVDAEKLKPGDLVGVNKDSYLI
LETLPTEYDSRVKAMEVDERPTEQYSDIGGLDKQIQELVEAIVLPMNHKEKFENLGIQPPKGVLMYGPPGTGKTLLARAC
AAQTKATFLKLAGPQLVQMFIGDGAKLVRDAFALAKEKAPSIIFIDELDAIGTKRFDSEKAGDREVQRTMLELLNQLDGF
QPNTQVKVIAATNRVDILDPALLRSGRLDRKIEFPMPNEEARARIMQIHSRKMNVSPDVNYEELARCTDDFNGAQCKAVC
VEAGMIALRRGATELTHEDYMEGILEVQAKKKANLQYYA
;
F
19 'polypeptide(L)'
;(UNK)(UNK)(UNK)(UNK)(UNK)(UNK)(UNK)(UNK)(UNK)(UNK)(UNK)(UNK)(UNK)(UNK)(UNK)(UNK)
(UNK)(UNK)(UNK)(UNK)(UNK)(UNK)(UNK)(UNK)(UNK)(UNK)(UNK)(UNK)(UNK)(UNK)(UNK)(UNK)
(UNK)(UNK)(UNK)(UNK)
;
v
20 'polypeptide(L)'
;SRGSSAGFDRHITIFSPEGRLYQVEYAFKAINQGGLTSVAVRGKDCAVIVTQKKVPDKLLDSSTVTHLFKITENIGCVMT
GMTADSRSQVQRARYEAANWKYKYGYEIPVDMLCKRIADISQVYTQNAEMRPLGCCMILIGIDEEQGPQVYKCDPAGYYC
GFKATAAGVKQTESTSFLEKKVKKKFDWTFEQTVETAITCLSTVLSIDFKPSEIEVGVVTVENPKFRILTEAEIDAHLVA
LAERD
;
G,g
21 'polypeptide(L)'
;AERGYSFSLTTFSPSGKLVQIEYALAAVAGGAPSVGIKAANGVVLATEKKQKSILYDERSVHKVEPITKHIGLVYSGMGP
DYRVLVHRARKLAQQYYLVYQEPIPTAQLVQRVASVMQEYTQSGGVRPFGVSLLICGWNEGRPYLFQSDPSGAYFAWKAT
AMGKNYVNGKTFLEKRYNEDLELEDAIHTAILTLKESFEGQMTEDNIEVGICNEAGFRRLTPTEVKDYLAAIA
;
H,h
22 'polypeptide(L)'
;SRRYDSRTTIFSPEGRLYQVEYAMEAIGHAGTCLGILANDGVLLAAERRNIHKLLDEVFFSEKIYKLNEDMACSVAGITS
DANVLTNELRLIAQRYLLQYQEPIPCEQLVTALCDIKQAYTQFGGKRPFGVSLLYIGWDKHYGFQLYQSDPSGNYGGWKA
TCIGNNSAAAVSMLKQDYKEGEMTLKSALALAIKVLNKTMDVSKLSAEKVEIATLTRENGKTVIRVLKQKEVEQLIKKHE
EEEAKAEREKKEKEQKEKDK
;
I,i
23 'polypeptide(L)'
;SYDRAITVFSPDGHLFQVEYAQEAVKKGSTAVGVRGRDIVVLGVEKKSVAKLQDERTVRKICALDDNVCMAFAGLTADAR
IVINRARVECQSHRLTVEDPVTVEYITRYIASLKQRYTQSNGRRPFGISALIVGFDFDGTPRLYQTDPSGTYHAWKANAI
GRGAKSVREFLEKNYTDEAIETDDLTIKLVIKALLEVVQSGGKNIELAVMRRDQSLKILNPEEIEKYVAEIEKEKEENEK
KKQKKAS
;
J,j
24 'polypeptide(L)'
;FLTRSEYDRGVNTFSPEGRLFQVEYAIEAIKLGSTAIGIQTSEGVCLAVEKRITSPLMEPSSIEKIVEIDAHIGCAMSGL
IADAKTLIDKARVETQNHWFTYNETMTVESVTQAVSNLALQFGEEDADPGAMSRPFGVALLFGGVDEKGPQLFHMDPSGT
FVQCDARAIGSASEGAQSSLQEVYHKSMTLKEAIKSSLIILKQVMEEKLNATNIELATVQPGQNFHMFTKEELEEVIKDI
;
K,k
25 'polypeptide(L)'
;QLSKVKFRNQYDNDVTVWSPQGRIHQIEYAMEAVKQGSATVGLKSKTHAVLVALKRAQSELAAHQKKILHVDNHIGISIA
GLTADARLLCNFMRQECLDSRFVFDRPLPVSRLVSLIGSKTQIPTQRYGRRPYGVGLLIAGYDDMGPHIFQTCPSANYFD
CRAMSIGARSQSARTYLERHMSEFMECNLNELVKHGLRALRETLPAEQDLTTKNVSIGIVGKDLEFTIYDDDDVSPFLEG
LEERPQRKAQPAQPADEPAEKADEPMEH
;
L,l
26 'polypeptide(L)'
;SSIGTGYDLSASTFSPDGRVFQVEYAMKAVENSSTAIGIRCKDGVVFGVEKLVLSKLYEEGSNKRLFNVDRHVGMAVAGL
LADARSLADIAREEASNFRSNFGYNIPLKHLADRVAMYVHAYTLYSAVRPFGCSFMLGSYSVNDGAQLYMIDPSGVSYGY
WGCAIGKARQAAKTEIEKLQMKEMTCRDIVKEVAKIIYIVHDEVKDKAFELELSWVGELTNGRHEIVPKDIREEAEKYAK
ESLKEEDESDDDNM
;
M,m
27 'polypeptide(L)'
;AATLLAARGAGPAPAWGPEAFTPDWESREVSTGTTIMAVQFDGGVVLGADSRTTTGSYIANRVTDKLTPIHDRIFCCRSG
SAADTQAVADAVTYQLGFHSIELNEPPLVHTAASLFKEMCYRYREDLMAGIIIAGWDPQEGGQVYSVPMGGMMVRQSFAI
GGSGSSYIYGYVDATYREGMTKEECLQFTANALALAMERDGSSGGVIRLAAIAESGVERQVLLGDQIPKFAVATLPPA
;
N,n
28 'polypeptide(L)'
;AAVSVYAPPVGGFSFDNCRRNAVLEADFAKRGYKLPKVRKTGTTIAGVVYKDGIVLGADTRATEGMVVADKNCSKIHFIS
PNIYCCGAGTAADTDMTTQLISSNLELHSLSTGRLPRVVTANRMLKQMLFRYQGYIGAALVLGGVDVTGPHLYSIYPHGS
TDKLPYVTMGSGSLAAMAVFEDKFRPDMEEEEAKNLVSEAIAAGIFNDLGSGSNIDLCVISKNKLDFLRPYTVPNKKGTR
LGRYRCEKGTTAVLTEKITPLEIEVLEETVQTMDTS
;
O,o
29 'polypeptide(L)'
;SIMSYNGGAVMAMKGKNCVAIAADRRFGIQAQMVTTDFQKIFPMGDRLYIGLAGLATDVQTVAQRLKFRLNLYELKEGRQ
IKPYTLMSMVANLLYEKRFGPYYTEPVIAGLDPKTFKPFICSLDLIGCPMVTDDFVVSGTCAEQMYGMCESLWEPNMDPD
HLFETISQAMLNAVDRDAVSGMGVIVHIIEKDKITTRTLKARMD
;
P,p
30 'polypeptide(L)'
;MEYLIGIQGPDYVLVASDRVAASNIVQMKDDHDKMFKMSEKILLLCVGEAGDTVQFAEYIQKNVQLYKMRNGYELSPTAA
ANFTRRNLADCLRSRTPYHVNLLLAGYDEHEGPALYYMDYLAALAKAPFAAHGYGAFLTLSILDRYYTPTISRERAVELL
RKCLEELQKRFILNLPTFSVRIIDKNGIHDLDNISFPKQGS
;
Q,q
31 'polypeptide(L)'
;ALASVLERPLPVNQRGFFGLGGRADLLDLGPGSLSDGLSLAAPGWGVPEEPGIEMLHGTTTLAFKFRHGVIVAADSRATA
GAYIASQTVKKVIEINPYLLGTMAGGAADCSFWERLLARQCRIYELRNKERISVAAASKLLANMVYQYKGMGLSMGTMIC
GWDKRGPGLYYVDSEGNRISGATFSVGSGSVYAYGVMDRGYSYDLEVEQAYDLARRAIYQATYRDAYSGGAVNLYHVRED
GWIRVSSDNVADLHEKYSGSTP
;
R,r
32 'polypeptide(L)'
;LSSTAMYSAPGRDLGMEPHRAAGPLQLRFSPYVFNGGTILAIAGEDFAIVASDTRLSEGFSIHTRDSPKCYKLTDKTVIG
CSGFHGDCLTLTKIIEARLKMYKHSNNKAMTTGAIAAMLSTILYSRRFFPYYVYNIIGGLDEEGKGAVYSFDPVGSYQRD
SFKAGGSASAMLQPLLDNQVGFKNMQNVEHVPLSLDRAMRLVKDVFISAAERDVYTGDALRICIVTKEGIREETVSLRKD
;
S,s
33 'polypeptide(L)'
;EAFLGSRSGLWAGGPAPGQFYRIPSTPDSFMDPASALYRGPITRTQNPMVTGTSVLGVKFEGGVVIAADMLGSYGSLARF
RNISRIMRVNNSTMLGASGDYADFQYLKQVLGQMVIDEELLGDGHSYSPRAIHSWLTRAMYSRRSKMNPLWNTMVIGGYA
DGESFLGYVDMLGVAYEAPSLATGYGAYLAQPLLREVLEKQPVLSQTEARDLVERCMRVLYYRDARSYNRFQIATVTEKG
VEIEGPLSTETNWDIAHMISGFE
;
T,t
#
loop_
_chem_comp.id
_chem_comp.type
_chem_comp.name
_chem_comp.formula
ADP non-polymer ADENOSINE-5'-DIPHOSPHATE 'C10 H15 N5 O10 P2'
ATP non-polymer ADENOSINE-5'-TRIPHOSPHATE 'C10 H16 N5 O13 P3'
MG non-polymer 'MAGNESIUM ION' 'Mg 2'
ZN non-polymer 'ZINC ION' 'Zn 2'
#
# COMPACT_ATOMS: atom_id res chain seq x y z
N GLY A 7 49.79 -105.20 77.02
CA GLY A 7 49.35 -106.38 77.71
C GLY A 7 50.27 -106.85 78.81
N ILE A 8 51.53 -106.40 78.76
CA ILE A 8 52.50 -106.72 79.81
C ILE A 8 52.47 -105.72 80.96
N ILE A 9 51.57 -104.72 80.90
CA ILE A 9 51.29 -103.89 82.07
C ILE A 9 50.56 -104.74 83.11
N SER A 10 49.83 -105.75 82.65
CA SER A 10 49.26 -106.76 83.53
C SER A 10 50.33 -107.48 84.35
N LEU A 11 51.51 -107.68 83.76
CA LEU A 11 52.62 -108.23 84.52
C LEU A 11 53.18 -107.21 85.51
N LEU A 12 53.06 -105.93 85.20
CA LEU A 12 53.52 -104.89 86.12
C LEU A 12 52.58 -104.71 87.31
N ASP A 13 51.37 -105.28 87.24
CA ASP A 13 50.42 -105.13 88.34
C ASP A 13 50.78 -106.02 89.52
N GLU A 14 51.34 -107.20 89.25
CA GLU A 14 51.62 -108.19 90.26
C GLU A 14 52.88 -107.80 91.04
N ASP A 15 53.00 -108.31 92.28
CA ASP A 15 53.92 -107.75 93.26
C ASP A 15 55.06 -108.71 93.65
N GLU A 16 55.72 -109.34 92.67
CA GLU A 16 56.94 -110.06 92.96
C GLU A 16 58.07 -109.59 92.06
N PRO A 17 59.33 -109.59 92.55
CA PRO A 17 60.40 -108.97 91.76
C PRO A 17 60.81 -109.75 90.52
N GLN A 18 60.79 -111.08 90.54
CA GLN A 18 61.29 -111.84 89.40
C GLN A 18 60.35 -111.80 88.20
N LEU A 19 59.14 -111.30 88.36
CA LEU A 19 58.28 -111.01 87.23
C LEU A 19 58.52 -109.61 86.69
N LYS A 20 58.94 -108.69 87.57
CA LYS A 20 59.23 -107.32 87.15
C LYS A 20 60.35 -107.26 86.13
N GLU A 21 61.46 -107.98 86.39
CA GLU A 21 62.62 -107.87 85.53
C GLU A 21 62.39 -108.50 84.16
N PHE A 22 61.46 -109.44 84.06
CA PHE A 22 61.09 -109.92 82.73
C PHE A 22 59.97 -109.08 82.13
N ALA A 23 59.28 -108.29 82.95
CA ALA A 23 58.32 -107.33 82.41
C ALA A 23 59.03 -106.09 81.86
N LEU A 24 60.07 -105.63 82.55
CA LEU A 24 60.81 -104.47 82.05
C LEU A 24 61.79 -104.83 80.94
N HIS A 25 62.25 -106.08 80.88
CA HIS A 25 63.05 -106.51 79.74
C HIS A 25 62.22 -106.46 78.46
N LYS A 26 60.92 -106.74 78.58
CA LYS A 26 60.03 -106.59 77.44
C LYS A 26 59.57 -105.15 77.23
N LEU A 27 59.91 -104.22 78.14
CA LEU A 27 59.54 -102.83 77.93
C LEU A 27 60.36 -102.19 76.82
N ASN A 28 61.68 -102.11 77.00
CA ASN A 28 62.53 -101.46 76.01
C ASN A 28 62.72 -102.28 74.74
N ALA A 29 62.32 -103.54 74.73
CA ALA A 29 62.40 -104.35 73.52
C ALA A 29 61.41 -103.87 72.47
N VAL A 30 60.21 -103.47 72.91
CA VAL A 30 59.16 -103.03 72.00
C VAL A 30 58.72 -101.59 72.30
N VAL A 31 59.58 -100.77 72.90
CA VAL A 31 59.20 -99.40 73.21
C VAL A 31 59.19 -98.54 71.95
N ASN A 32 59.93 -98.94 70.92
CA ASN A 32 59.97 -98.20 69.66
C ASN A 32 58.74 -98.42 68.80
N ASP A 33 57.98 -99.49 69.03
CA ASP A 33 56.85 -99.83 68.18
C ASP A 33 55.52 -99.73 68.90
N PHE A 34 55.51 -99.77 70.23
CA PHE A 34 54.27 -99.70 71.01
C PHE A 34 54.31 -98.49 71.93
N TRP A 35 54.62 -97.34 71.31
CA TRP A 35 54.78 -96.01 71.88
C TRP A 35 53.77 -95.58 72.95
N ALA A 36 52.50 -95.49 72.56
CA ALA A 36 51.53 -94.80 73.41
C ALA A 36 50.82 -95.72 74.38
N GLU A 37 51.13 -97.01 74.37
CA GLU A 37 50.57 -97.91 75.38
C GLU A 37 51.15 -97.61 76.76
N ILE A 38 52.43 -97.25 76.82
CA ILE A 38 53.09 -96.94 78.08
C ILE A 38 52.72 -95.55 78.58
N SER A 39 52.09 -94.72 77.73
CA SER A 39 51.74 -93.34 78.07
C SER A 39 50.72 -93.25 79.19
N GLU A 40 49.96 -94.31 79.45
CA GLU A 40 49.05 -94.37 80.58
C GLU A 40 49.66 -95.02 81.80
N SER A 41 50.61 -95.94 81.61
CA SER A 41 51.32 -96.59 82.70
C SER A 41 52.55 -95.81 83.17
N VAL A 42 52.58 -94.49 82.94
CA VAL A 42 53.70 -93.66 83.36
C VAL A 42 53.79 -93.61 84.88
N ASP A 43 52.66 -93.38 85.55
CA ASP A 43 52.61 -93.30 87.00
C ASP A 43 52.95 -94.63 87.68
N LYS A 44 52.73 -95.76 87.00
CA LYS A 44 53.13 -97.05 87.55
C LYS A 44 54.65 -97.19 87.58
N ILE A 45 55.33 -96.65 86.57
CA ILE A 45 56.78 -96.77 86.52
C ILE A 45 57.44 -95.79 87.49
N GLU A 46 56.98 -94.54 87.45
CA GLU A 46 57.50 -93.52 88.35
C GLU A 46 57.17 -93.90 89.80
N VAL A 47 56.16 -94.75 89.96
CA VAL A 47 56.00 -95.54 91.16
C VAL A 47 57.19 -96.49 91.30
N LEU A 48 57.11 -97.65 90.65
CA LEU A 48 58.20 -98.60 90.70
C LEU A 48 59.57 -97.92 90.80
N TYR A 49 59.68 -96.65 90.42
CA TYR A 49 60.96 -95.98 90.51
C TYR A 49 61.27 -95.56 91.94
N GLU A 50 60.27 -95.09 92.68
CA GLU A 50 60.49 -94.46 93.98
C GLU A 50 60.87 -95.45 95.08
N ASP A 51 60.77 -96.74 94.84
CA ASP A 51 61.19 -97.72 95.83
C ASP A 51 62.72 -97.74 95.91
N GLU A 52 63.22 -97.77 97.14
CA GLU A 52 64.65 -97.99 97.36
C GLU A 52 64.97 -99.46 97.56
N GLY A 53 63.97 -100.31 97.69
CA GLY A 53 64.14 -101.74 97.73
C GLY A 53 63.88 -102.46 96.42
N PHE A 54 63.59 -101.72 95.35
CA PHE A 54 63.34 -102.33 94.05
C PHE A 54 64.66 -102.62 93.36
N ARG A 55 64.70 -103.75 92.64
CA ARG A 55 65.95 -104.30 92.16
C ARG A 55 66.47 -103.64 90.90
N SER A 56 65.60 -103.08 90.07
CA SER A 56 66.00 -102.50 88.80
C SER A 56 65.36 -101.12 88.64
N ARG A 57 65.49 -100.29 89.67
CA ARG A 57 64.88 -98.97 89.63
C ARG A 57 65.59 -98.04 88.65
N GLN A 58 66.90 -98.23 88.43
CA GLN A 58 67.59 -97.40 87.46
C GLN A 58 67.18 -97.74 86.04
N PHE A 59 66.77 -98.99 85.80
CA PHE A 59 66.22 -99.35 84.51
C PHE A 59 64.86 -98.70 84.28
N ALA A 60 64.09 -98.52 85.36
CA ALA A 60 62.80 -97.85 85.24
C ALA A 60 62.96 -96.40 84.83
N ALA A 61 64.10 -95.80 85.16
CA ALA A 61 64.42 -94.46 84.69
C ALA A 61 64.82 -94.46 83.21
N LEU A 62 65.34 -95.60 82.72
CA LEU A 62 65.64 -95.70 81.28
C LEU A 62 64.36 -95.71 80.44
N VAL A 63 63.47 -96.67 80.70
CA VAL A 63 62.26 -96.82 79.91
C VAL A 63 61.27 -95.68 80.14
N ALA A 64 61.37 -94.97 81.27
CA ALA A 64 60.62 -93.73 81.40
C ALA A 64 61.21 -92.65 80.50
N SER A 65 62.53 -92.60 80.38
CA SER A 65 63.17 -91.67 79.47
C SER A 65 62.89 -92.03 78.02
N LYS A 66 62.61 -93.31 77.75
CA LYS A 66 62.20 -93.72 76.41
C LYS A 66 60.80 -93.23 76.08
N VAL A 67 59.89 -93.27 77.06
CA VAL A 67 58.49 -92.98 76.74
C VAL A 67 58.22 -91.47 76.78
N PHE A 68 58.94 -90.70 77.61
CA PHE A 68 58.81 -89.25 77.54
C PHE A 68 59.48 -88.69 76.29
N TYR A 69 60.42 -89.45 75.73
CA TYR A 69 61.02 -89.10 74.44
C TYR A 69 60.01 -89.20 73.31
N HIS A 70 59.04 -90.12 73.44
CA HIS A 70 57.96 -90.18 72.48
C HIS A 70 56.96 -89.04 72.67
N LEU A 71 56.61 -88.74 73.93
CA LEU A 71 55.67 -87.64 74.20
C LEU A 71 56.27 -86.27 73.96
N GLY A 72 57.58 -86.17 73.78
CA GLY A 72 58.22 -84.87 73.63
C GLY A 72 58.53 -84.18 74.93
N ALA A 73 58.22 -84.78 76.07
CA ALA A 73 58.60 -84.24 77.38
C ALA A 73 60.09 -84.47 77.52
N PHE A 74 60.89 -83.49 77.11
CA PHE A 74 62.32 -83.66 76.99
C PHE A 74 63.04 -83.54 78.32
N GLU A 75 62.55 -82.69 79.23
CA GLU A 75 63.16 -82.57 80.54
C GLU A 75 62.86 -83.80 81.40
N GLU A 76 61.72 -84.44 81.16
CA GLU A 76 61.38 -85.65 81.91
C GLU A 76 62.28 -86.82 81.50
N SER A 77 62.64 -86.88 80.22
CA SER A 77 63.67 -87.82 79.79
C SER A 77 65.04 -87.39 80.32
N LEU A 78 65.24 -86.09 80.52
CA LEU A 78 66.52 -85.60 81.03
C LEU A 78 66.69 -85.92 82.51
N ASN A 79 65.67 -85.63 83.32
CA ASN A 79 65.76 -85.86 84.76
C ASN A 79 65.82 -87.34 85.10
N TYR A 80 65.26 -88.19 84.25
CA TYR A 80 65.35 -89.63 84.48
C TYR A 80 66.60 -90.22 83.85
N ALA A 81 67.24 -89.52 82.91
CA ALA A 81 68.59 -89.89 82.53
C ALA A 81 69.57 -89.55 83.64
N LEU A 82 69.23 -88.57 84.48
CA LEU A 82 70.04 -88.27 85.67
C LEU A 82 69.94 -89.40 86.69
N GLY A 83 68.75 -89.99 86.83
CA GLY A 83 68.53 -91.11 87.71
C GLY A 83 68.76 -92.46 87.06
N ALA A 84 69.31 -92.47 85.85
CA ALA A 84 69.54 -93.71 85.11
C ALA A 84 70.81 -94.42 85.54
N GLY A 85 71.75 -93.70 86.16
CA GLY A 85 73.01 -94.31 86.54
C GLY A 85 73.89 -94.56 85.33
N ASP A 86 74.76 -95.57 85.46
CA ASP A 86 75.66 -95.93 84.40
C ASP A 86 74.99 -96.80 83.32
N LEU A 87 73.73 -97.21 83.55
CA LEU A 87 73.04 -98.06 82.59
C LEU A 87 72.66 -97.29 81.33
N PHE A 88 72.60 -95.96 81.41
CA PHE A 88 72.33 -95.15 80.22
C PHE A 88 73.58 -95.02 79.35
N ASN A 89 74.65 -94.46 79.93
CA ASN A 89 75.83 -94.12 79.14
C ASN A 89 76.70 -95.31 78.78
N VAL A 90 76.39 -96.51 79.28
CA VAL A 90 77.08 -97.70 78.79
C VAL A 90 76.61 -98.03 77.38
N ASN A 91 75.40 -97.61 77.02
CA ASN A 91 74.93 -97.69 75.65
C ASN A 91 75.22 -96.36 74.96
N ASP A 92 75.90 -96.45 73.82
CA ASP A 92 76.38 -95.24 73.16
C ASP A 92 76.11 -95.19 71.66
N ASN A 93 75.79 -96.29 71.00
CA ASN A 93 75.55 -96.29 69.56
C ASN A 93 74.05 -96.33 69.31
N SER A 94 73.43 -95.14 69.34
CA SER A 94 72.03 -95.00 69.01
C SER A 94 71.75 -93.56 68.58
N GLU A 95 70.66 -93.38 67.86
CA GLU A 95 70.17 -92.04 67.57
C GLU A 95 69.37 -91.50 68.74
N TYR A 96 68.89 -92.39 69.61
CA TYR A 96 68.22 -91.97 70.83
C TYR A 96 69.19 -91.30 71.80
N VAL A 97 70.34 -91.94 72.03
CA VAL A 97 71.24 -91.50 73.09
C VAL A 97 71.89 -90.17 72.75
N GLU A 98 72.11 -89.89 71.46
CA GLU A 98 72.81 -88.68 71.08
C GLU A 98 71.89 -87.47 71.09
N THR A 99 70.58 -87.66 71.10
CA THR A 99 69.67 -86.52 71.07
C THR A 99 69.41 -85.98 72.47
N ILE A 100 69.39 -86.85 73.48
CA ILE A 100 69.13 -86.36 74.83
C ILE A 100 70.41 -86.10 75.61
N ILE A 101 71.58 -86.47 75.07
CA ILE A 101 72.80 -85.86 75.58
C ILE A 101 73.09 -84.55 74.88
N ALA A 102 72.46 -84.31 73.73
CA ALA A 102 72.56 -83.02 73.06
C ALA A 102 71.91 -81.92 73.89
N LYS A 103 70.70 -82.19 74.40
CA LYS A 103 70.04 -81.27 75.30
C LYS A 103 70.75 -81.21 76.65
N CYS A 104 71.43 -82.29 77.03
CA CYS A 104 72.17 -82.30 78.29
C CYS A 104 73.38 -81.38 78.22
N ILE A 105 74.11 -81.40 77.10
CA ILE A 105 75.18 -80.44 76.88
C ILE A 105 74.60 -79.03 76.77
N ASP A 106 73.45 -78.90 76.11
CA ASP A 106 72.80 -77.61 75.94
C ASP A 106 72.33 -77.05 77.27
N HIS A 107 71.78 -77.90 78.14
CA HIS A 107 71.40 -77.46 79.48
C HIS A 107 72.62 -77.16 80.33
N TYR A 108 73.72 -77.88 80.11
CA TYR A 108 74.90 -77.68 80.95
C TYR A 108 75.69 -76.45 80.52
N THR A 109 75.75 -76.18 79.21
CA THR A 109 76.57 -75.04 78.78
C THR A 109 75.86 -73.72 79.02
N LYS A 110 74.53 -73.72 79.15
CA LYS A 110 73.84 -72.50 79.56
C LYS A 110 73.78 -72.40 81.07
N GLN A 111 74.08 -73.49 81.76
CA GLN A 111 74.17 -73.45 83.22
C GLN A 111 75.47 -72.78 83.66
N CYS A 112 76.60 -73.15 83.03
CA CYS A 112 77.90 -72.63 83.46
C CYS A 112 78.10 -71.18 83.05
N VAL A 113 77.47 -70.73 81.97
CA VAL A 113 77.47 -69.30 81.64
C VAL A 113 76.71 -68.53 82.70
N GLU A 114 75.63 -69.12 83.23
CA GLU A 114 74.96 -68.54 84.39
C GLU A 114 75.82 -68.66 85.64
N ASN A 115 76.53 -69.78 85.80
CA ASN A 115 77.41 -69.93 86.96
C ASN A 115 78.66 -69.07 86.88
N ALA A 116 79.06 -68.65 85.67
CA ALA A 116 80.20 -67.74 85.55
C ALA A 116 79.83 -66.32 85.97
N ASP A 117 78.54 -66.02 86.07
CA ASP A 117 78.12 -64.70 86.52
C ASP A 117 78.22 -64.57 88.03
N LEU A 118 78.03 -65.66 88.77
CA LEU A 118 78.07 -65.68 90.23
C LEU A 118 79.12 -66.70 90.71
N PRO A 119 80.36 -66.25 90.91
CA PRO A 119 81.38 -67.16 91.44
C PRO A 119 81.27 -67.32 92.96
N GLU A 120 80.72 -66.31 93.62
CA GLU A 120 80.62 -66.30 95.09
C GLU A 120 79.46 -67.20 95.49
N GLY A 121 79.76 -68.50 95.60
CA GLY A 121 78.81 -69.50 96.05
C GLY A 121 77.62 -69.61 95.11
N GLU A 122 76.47 -69.97 95.71
CA GLU A 122 75.10 -69.92 95.14
C GLU A 122 74.98 -70.54 93.74
N LYS A 123 75.81 -71.53 93.45
CA LYS A 123 75.79 -72.24 92.19
C LYS A 123 74.93 -73.50 92.34
N LYS A 124 74.93 -74.32 91.31
CA LYS A 124 73.98 -75.42 91.27
C LYS A 124 74.69 -76.76 91.49
N PRO A 125 74.00 -77.73 92.09
CA PRO A 125 74.54 -79.10 92.12
C PRO A 125 74.43 -79.76 90.76
N ILE A 126 75.52 -80.41 90.35
CA ILE A 126 75.73 -80.81 88.97
C ILE A 126 76.05 -82.30 88.91
N ASP A 127 75.43 -83.01 87.96
CA ASP A 127 75.75 -84.40 87.68
C ASP A 127 77.18 -84.52 87.14
N GLN A 128 77.70 -85.75 87.16
CA GLN A 128 79.09 -85.97 86.75
C GLN A 128 79.23 -86.91 85.58
N ARG A 129 78.14 -87.49 85.07
CA ARG A 129 78.21 -88.25 83.82
C ARG A 129 78.22 -87.34 82.61
N LEU A 130 77.86 -86.07 82.79
CA LEU A 130 77.93 -85.10 81.70
C LEU A 130 79.37 -84.75 81.33
N GLU A 131 80.33 -84.98 82.22
CA GLU A 131 81.74 -84.99 81.86
C GLU A 131 82.30 -86.40 81.73
N GLY A 132 81.52 -87.42 82.15
CA GLY A 132 81.88 -88.79 81.84
C GLY A 132 81.64 -89.12 80.37
N ILE A 133 80.83 -88.31 79.69
CA ILE A 133 80.71 -88.43 78.25
C ILE A 133 81.68 -87.48 77.54
N VAL A 134 82.23 -86.51 78.26
CA VAL A 134 83.23 -85.62 77.66
C VAL A 134 84.53 -86.36 77.42
N ASN A 135 85.07 -87.01 78.46
CA ASN A 135 86.26 -87.83 78.27
C ASN A 135 85.97 -89.09 77.47
N LYS A 136 84.73 -89.57 77.46
CA LYS A 136 84.35 -90.62 76.53
C LYS A 136 84.40 -90.12 75.09
N MET A 137 83.99 -88.86 74.87
CA MET A 137 84.17 -88.25 73.56
C MET A 137 85.65 -88.03 73.28
N PHE A 138 86.45 -87.80 74.33
CA PHE A 138 87.89 -87.76 74.17
C PHE A 138 88.45 -89.15 73.87
N GLN A 139 87.84 -90.21 74.43
CA GLN A 139 88.21 -91.57 74.05
C GLN A 139 87.86 -91.84 72.60
N ARG A 140 86.75 -91.25 72.12
CA ARG A 140 86.46 -91.29 70.69
C ARG A 140 87.49 -90.49 69.91
N CYS A 141 87.93 -89.35 70.46
CA CYS A 141 88.95 -88.56 69.79
C CYS A 141 90.32 -89.21 69.89
N LEU A 142 90.55 -90.03 70.92
CA LEU A 142 91.72 -90.90 70.92
C LEU A 142 91.63 -91.92 69.78
N ASP A 143 90.42 -92.41 69.50
CA ASP A 143 90.22 -93.31 68.38
C ASP A 143 90.17 -92.56 67.05
N ASP A 144 89.95 -91.25 67.09
CA ASP A 144 89.73 -90.48 65.88
C ASP A 144 91.00 -89.91 65.28
N HIS A 145 91.95 -89.48 66.13
CA HIS A 145 93.13 -88.62 65.91
C HIS A 145 92.70 -87.14 65.73
N LYS A 146 91.41 -86.87 65.62
CA LYS A 146 90.85 -85.53 65.37
C LYS A 146 90.33 -85.00 66.70
N TYR A 147 91.11 -84.13 67.33
CA TYR A 147 90.77 -83.54 68.61
C TYR A 147 90.18 -82.15 68.45
N LYS A 148 89.88 -81.72 67.23
CA LYS A 148 89.33 -80.39 67.00
C LYS A 148 87.87 -80.30 67.47
N GLN A 149 87.23 -81.46 67.67
CA GLN A 149 85.82 -81.49 68.00
C GLN A 149 85.60 -81.52 69.51
N ALA A 150 86.46 -82.24 70.24
CA ALA A 150 86.37 -82.24 71.69
C ALA A 150 86.88 -80.94 72.29
N ILE A 151 87.76 -80.24 71.57
CA ILE A 151 88.23 -78.94 72.02
C ILE A 151 87.15 -77.88 71.82
N GLY A 152 86.17 -78.15 70.97
CA GLY A 152 85.11 -77.19 70.73
C GLY A 152 84.19 -77.02 71.92
N ILE A 153 83.73 -78.14 72.49
CA ILE A 153 82.91 -78.09 73.70
C ILE A 153 83.76 -77.64 74.87
N ALA A 154 85.06 -77.96 74.86
CA ALA A 154 85.97 -77.58 75.93
C ALA A 154 86.13 -76.06 76.04
N LEU A 155 86.04 -75.34 74.92
CA LEU A 155 85.91 -73.89 74.98
C LEU A 155 84.52 -73.49 75.47
N GLU A 156 83.48 -74.22 75.05
CA GLU A 156 82.12 -73.82 75.37
C GLU A 156 81.75 -74.12 76.82
N THR A 157 82.33 -75.17 77.41
CA THR A 157 81.93 -75.61 78.74
C THR A 157 82.51 -74.76 79.87
N ARG A 158 83.36 -73.77 79.54
CA ARG A 158 84.01 -72.88 80.50
C ARG A 158 84.86 -73.64 81.54
N ARG A 159 85.37 -74.80 81.16
CA ARG A 159 86.22 -75.61 82.02
C ARG A 159 87.59 -75.74 81.37
N LEU A 160 88.65 -75.46 82.14
CA LEU A 160 89.96 -75.26 81.56
C LEU A 160 90.98 -76.34 81.90
N ASP A 161 90.70 -77.23 82.85
CA ASP A 161 91.65 -78.33 83.08
C ASP A 161 91.52 -79.41 82.02
N VAL A 162 90.29 -79.64 81.54
CA VAL A 162 90.10 -80.50 80.38
C VAL A 162 90.65 -79.81 79.12
N PHE A 163 90.66 -78.48 79.11
CA PHE A 163 91.35 -77.75 78.05
C PHE A 163 92.86 -77.95 78.13
N GLU A 164 93.39 -78.11 79.35
CA GLU A 164 94.81 -78.42 79.51
C GLU A 164 95.08 -79.91 79.27
N LYS A 165 94.12 -80.77 79.62
CA LYS A 165 94.30 -82.20 79.42
C LYS A 165 94.28 -82.56 77.93
N THR A 166 93.46 -81.87 77.15
CA THR A 166 93.39 -82.12 75.72
C THR A 166 94.52 -81.46 74.93
N ILE A 167 95.28 -80.54 75.52
CA ILE A 167 96.48 -80.07 74.86
C ILE A 167 97.73 -80.75 75.39
N LEU A 168 97.67 -81.33 76.59
CA LEU A 168 98.68 -82.31 77.03
C LEU A 168 98.14 -83.72 76.76
N GLU A 169 97.86 -83.95 75.49
CA GLU A 169 97.29 -85.19 74.99
C GLU A 169 98.38 -86.08 74.42
N SER A 170 97.98 -87.15 73.72
CA SER A 170 98.90 -87.89 72.87
C SER A 170 99.44 -87.00 71.77
N ASN A 171 100.75 -87.07 71.55
CA ASN A 171 101.54 -86.04 70.89
C ASN A 171 101.15 -85.91 69.42
N ASP A 172 100.48 -84.82 69.09
CA ASP A 172 100.21 -84.44 67.70
C ASP A 172 100.06 -82.92 67.63
N VAL A 173 101.17 -82.39 67.12
CA VAL A 173 101.45 -81.02 66.90
C VAL A 173 101.19 -80.17 68.11
N PRO A 174 101.89 -79.03 68.14
CA PRO A 174 101.83 -77.83 68.98
C PRO A 174 101.07 -76.74 68.15
N GLY A 175 101.11 -76.90 66.82
CA GLY A 175 100.46 -76.03 65.85
C GLY A 175 98.95 -76.12 65.87
N MET A 176 98.42 -77.23 66.36
CA MET A 176 96.98 -77.43 66.50
C MET A 176 96.53 -76.47 67.60
N LEU A 177 97.35 -76.39 68.66
CA LEU A 177 97.13 -75.47 69.76
C LEU A 177 97.28 -74.04 69.24
N ALA A 178 98.22 -73.80 68.32
CA ALA A 178 98.36 -72.46 67.72
C ALA A 178 97.11 -72.07 66.92
N TYR A 179 96.52 -73.05 66.25
CA TYR A 179 95.30 -72.89 65.46
C TYR A 179 94.15 -72.56 66.40
N SER A 180 94.15 -73.20 67.58
CA SER A 180 93.15 -72.94 68.61
C SER A 180 93.33 -71.50 69.11
N LEU A 181 94.58 -71.07 69.24
CA LEU A 181 94.94 -69.72 69.66
C LEU A 181 94.43 -68.67 68.67
N LYS A 182 94.39 -68.99 67.36
CA LYS A 182 93.83 -68.05 66.37
C LYS A 182 92.39 -67.77 66.85
N LEU A 183 91.61 -68.83 66.91
CA LEU A 183 90.27 -68.84 67.50
C LEU A 183 90.12 -67.75 68.54
N CYS A 184 91.13 -67.57 69.39
CA CYS A 184 91.07 -66.55 70.43
C CYS A 184 91.23 -65.14 69.87
N MET A 185 91.73 -65.00 68.64
CA MET A 185 91.81 -63.69 68.01
C MET A 185 90.57 -63.35 67.19
N SER A 186 89.92 -64.34 66.60
CA SER A 186 88.81 -64.08 65.69
C SER A 186 87.45 -64.03 66.40
N LEU A 187 87.06 -65.13 67.05
CA LEU A 187 85.69 -65.27 67.51
C LEU A 187 85.56 -65.29 69.03
N MET A 188 86.61 -64.94 69.77
CA MET A 188 86.50 -64.86 71.22
C MET A 188 85.78 -63.57 71.59
N GLN A 189 84.69 -63.71 72.35
CA GLN A 189 83.78 -62.61 72.63
C GLN A 189 84.07 -61.92 73.96
N ASN A 190 84.10 -62.66 75.05
CA ASN A 190 84.34 -62.11 76.37
C ASN A 190 85.84 -61.91 76.58
N LYS A 191 86.18 -60.96 77.46
CA LYS A 191 87.54 -60.72 77.85
C LYS A 191 87.82 -61.17 79.27
N GLN A 192 86.79 -61.60 80.01
CA GLN A 192 86.96 -61.95 81.41
C GLN A 192 87.71 -63.27 81.59
N PHE A 193 87.30 -64.30 80.87
CA PHE A 193 88.04 -65.56 80.90
C PHE A 193 88.99 -65.69 79.72
N ARG A 194 89.06 -64.66 78.85
CA ARG A 194 89.92 -64.74 77.68
C ARG A 194 91.38 -64.80 78.08
N ASN A 195 91.78 -63.98 79.06
CA ASN A 195 93.14 -63.99 79.55
C ASN A 195 93.52 -65.33 80.17
N LYS A 196 92.55 -66.00 80.81
CA LYS A 196 92.79 -67.31 81.43
C LYS A 196 93.09 -68.35 80.36
N VAL A 197 92.33 -68.33 79.27
CA VAL A 197 92.64 -69.17 78.12
C VAL A 197 93.95 -68.74 77.50
N LEU A 198 94.20 -67.44 77.46
CA LEU A 198 95.37 -66.88 76.81
C LEU A 198 96.64 -67.05 77.63
N ARG A 199 96.53 -67.26 78.95
CA ARG A 199 97.69 -67.51 79.78
C ARG A 199 97.90 -68.98 80.09
N VAL A 200 96.90 -69.83 79.84
CA VAL A 200 97.15 -71.26 79.95
C VAL A 200 97.77 -71.77 78.66
N LEU A 201 97.69 -70.99 77.58
CA LEU A 201 98.43 -71.34 76.37
C LEU A 201 99.93 -71.09 76.55
N VAL A 202 100.31 -70.05 77.29
CA VAL A 202 101.73 -69.78 77.45
C VAL A 202 102.36 -70.62 78.54
N LYS A 203 101.55 -71.35 79.32
CA LYS A 203 102.10 -72.36 80.21
C LYS A 203 102.67 -73.52 79.43
N ILE A 204 101.88 -74.04 78.47
CA ILE A 204 102.35 -75.15 77.65
C ILE A 204 103.36 -74.68 76.62
N TYR A 205 103.40 -73.37 76.31
CA TYR A 205 104.48 -72.83 75.48
C TYR A 205 105.81 -72.89 76.21
N MET A 206 105.80 -72.61 77.52
CA MET A 206 107.00 -72.78 78.33
C MET A 206 107.29 -74.25 78.62
N ASN A 207 106.31 -75.13 78.41
CA ASN A 207 106.57 -76.55 78.36
C ASN A 207 106.97 -77.00 76.97
N LEU A 208 106.87 -76.12 75.97
CA LEU A 208 107.21 -76.44 74.60
C LEU A 208 108.61 -75.92 74.30
N GLU A 209 109.23 -76.51 73.28
CA GLU A 209 110.66 -76.29 73.06
C GLU A 209 110.94 -75.03 72.25
N LYS A 210 110.01 -74.56 71.42
CA LYS A 210 110.24 -73.37 70.62
C LYS A 210 109.16 -72.31 70.91
N PRO A 211 109.56 -71.08 71.22
CA PRO A 211 108.57 -70.01 71.32
C PRO A 211 108.22 -69.43 69.96
N ASP A 212 106.99 -68.96 69.85
CA ASP A 212 106.46 -68.46 68.59
C ASP A 212 106.60 -66.93 68.57
N PHE A 213 106.10 -66.31 67.51
CA PHE A 213 106.03 -64.86 67.38
C PHE A 213 104.63 -64.34 67.68
N ILE A 214 103.62 -64.97 67.08
CA ILE A 214 102.25 -64.50 67.16
C ILE A 214 101.65 -64.76 68.54
N ASN A 215 102.27 -65.61 69.36
CA ASN A 215 101.79 -65.83 70.72
C ASN A 215 101.95 -64.56 71.57
N VAL A 216 103.19 -64.08 71.72
CA VAL A 216 103.44 -62.89 72.53
C VAL A 216 102.96 -61.64 71.79
N CYS A 217 102.86 -61.71 70.45
CA CYS A 217 102.22 -60.64 69.71
C CYS A 217 100.72 -60.58 69.96
N GLN A 218 100.10 -61.68 70.39
CA GLN A 218 98.70 -61.65 70.78
C GLN A 218 98.52 -61.62 72.29
N CYS A 219 99.23 -62.49 73.02
CA CYS A 219 98.87 -62.74 74.41
C CYS A 219 99.30 -61.59 75.31
N LEU A 220 100.59 -61.30 75.32
CA LEU A 220 101.18 -60.48 76.36
C LEU A 220 100.93 -58.99 76.16
N ILE A 221 100.44 -58.57 75.00
CA ILE A 221 99.91 -57.22 74.86
C ILE A 221 98.43 -57.16 75.23
N PHE A 222 97.74 -58.30 75.27
CA PHE A 222 96.39 -58.40 75.84
C PHE A 222 96.41 -58.81 77.30
N LEU A 223 97.59 -59.08 77.87
CA LEU A 223 97.72 -59.56 79.23
C LEU A 223 98.69 -58.73 80.06
N ASP A 224 99.38 -57.76 79.43
CA ASP A 224 100.34 -56.77 79.94
C ASP A 224 101.22 -57.23 81.10
N ASP A 225 101.94 -58.34 80.88
CA ASP A 225 102.92 -58.83 81.83
C ASP A 225 104.31 -58.48 81.31
N PRO A 226 104.93 -57.40 81.78
CA PRO A 226 106.25 -57.02 81.25
C PRO A 226 107.37 -57.93 81.75
N GLN A 227 107.20 -58.55 82.91
CA GLN A 227 108.21 -59.46 83.41
C GLN A 227 108.22 -60.78 82.65
N ALA A 228 107.11 -61.13 81.98
CA ALA A 228 107.04 -62.41 81.31
C ALA A 228 107.82 -62.40 80.00
N VAL A 229 107.74 -61.29 79.25
CA VAL A 229 108.54 -61.21 78.02
C VAL A 229 110.00 -60.93 78.35
N SER A 230 110.27 -60.31 79.51
CA SER A 230 111.67 -60.11 79.90
C SER A 230 112.29 -61.42 80.36
N ASP A 231 111.47 -62.37 80.81
CA ASP A 231 111.99 -63.69 81.15
C ASP A 231 112.26 -64.51 79.89
N ILE A 232 111.29 -64.56 78.98
CA ILE A 232 111.39 -65.49 77.85
C ILE A 232 112.35 -64.98 76.79
N LEU A 233 112.64 -63.68 76.80
CA LEU A 233 113.68 -63.19 75.90
C LEU A 233 115.06 -63.37 76.54
N GLU A 234 115.13 -63.30 77.87
CA GLU A 234 116.35 -63.71 78.57
C GLU A 234 116.67 -65.17 78.34
N LYS A 235 115.63 -66.00 78.20
CA LYS A 235 115.81 -67.37 77.72
C LYS A 235 116.38 -67.38 76.30
N LEU A 236 115.84 -66.54 75.41
CA LEU A 236 116.34 -66.48 74.04
C LEU A 236 117.77 -65.93 73.99
N VAL A 237 118.14 -65.09 74.96
CA VAL A 237 119.54 -64.74 75.13
C VAL A 237 120.34 -65.95 75.62
N LYS A 238 119.73 -66.75 76.50
CA LYS A 238 120.47 -67.77 77.24
C LYS A 238 120.91 -68.93 76.34
N GLU A 239 120.03 -69.38 75.43
CA GLU A 239 120.45 -70.39 74.46
C GLU A 239 121.11 -69.78 73.23
N ASP A 240 121.52 -68.51 73.30
CA ASP A 240 122.20 -67.76 72.24
C ASP A 240 121.38 -67.74 70.95
N ASN A 241 120.20 -67.15 71.04
CA ASN A 241 119.28 -67.04 69.92
C ASN A 241 118.94 -65.57 69.77
N LEU A 242 119.82 -64.84 69.09
CA LEU A 242 119.62 -63.42 68.81
C LEU A 242 118.95 -63.17 67.47
N LEU A 243 118.45 -64.21 66.82
CA LEU A 243 117.69 -64.01 65.59
C LEU A 243 116.26 -63.59 65.90
N MET A 244 115.55 -64.38 66.71
CA MET A 244 114.14 -64.17 66.97
C MET A 244 113.86 -63.24 68.13
N ALA A 245 114.82 -63.06 69.04
CA ALA A 245 114.71 -62.00 70.04
C ALA A 245 114.83 -60.63 69.39
N TYR A 246 115.64 -60.54 68.34
CA TYR A 246 115.78 -59.30 67.59
C TYR A 246 114.51 -58.96 66.82
N GLN A 247 113.78 -59.97 66.35
CA GLN A 247 112.58 -59.71 65.57
C GLN A 247 111.38 -59.40 66.45
N ILE A 248 111.33 -59.98 67.65
CA ILE A 248 110.16 -59.74 68.48
C ILE A 248 110.22 -58.37 69.15
N CYS A 249 111.41 -57.78 69.27
CA CYS A 249 111.51 -56.43 69.81
C CYS A 249 111.03 -55.40 68.80
N PHE A 250 111.32 -55.61 67.51
CA PHE A 250 110.80 -54.74 66.47
C PHE A 250 109.30 -54.89 66.33
N ASP A 251 108.79 -56.09 66.53
CA ASP A 251 107.35 -56.31 66.50
C ASP A 251 106.68 -55.73 67.74
N LEU A 252 107.34 -55.79 68.89
CA LEU A 252 106.77 -55.20 70.11
C LEU A 252 106.79 -53.68 70.05
N TYR A 253 107.83 -53.10 69.43
CA TYR A 253 107.91 -51.66 69.29
C TYR A 253 106.87 -51.13 68.30
N GLU A 254 106.44 -51.96 67.35
CA GLU A 254 105.40 -51.56 66.43
C GLU A 254 104.01 -51.73 67.04
N SER A 255 103.79 -52.80 67.78
CA SER A 255 102.45 -53.19 68.22
C SER A 255 102.04 -52.50 69.52
N ALA A 256 102.83 -52.67 70.58
CA ALA A 256 102.41 -52.31 71.93
C ALA A 256 102.38 -50.79 72.11
N SER A 257 101.89 -50.36 73.27
CA SER A 257 101.62 -48.97 73.54
C SER A 257 102.61 -48.40 74.54
N GLN A 258 102.42 -47.13 74.88
CA GLN A 258 103.20 -46.45 75.89
C GLN A 258 102.91 -47.04 77.26
N GLN A 259 103.91 -46.93 78.16
CA GLN A 259 103.97 -47.32 79.57
C GLN A 259 104.14 -48.85 79.71
N PHE A 260 103.99 -49.59 78.62
CA PHE A 260 104.33 -51.00 78.70
C PHE A 260 105.74 -51.25 78.22
N LEU A 261 106.18 -50.51 77.19
CA LEU A 261 107.60 -50.50 76.85
C LEU A 261 108.43 -49.87 77.95
N SER A 262 107.87 -48.90 78.68
CA SER A 262 108.56 -48.33 79.83
C SER A 262 108.60 -49.32 80.99
N SER A 263 107.58 -50.18 81.11
CA SER A 263 107.56 -51.13 82.22
C SER A 263 108.51 -52.29 81.97
N VAL A 264 108.62 -52.74 80.71
CA VAL A 264 109.48 -53.88 80.42
C VAL A 264 110.95 -53.49 80.45
N ILE A 265 111.27 -52.25 80.09
CA ILE A 265 112.67 -51.82 80.07
C ILE A 265 113.19 -51.63 81.49
N GLN A 266 112.30 -51.48 82.47
CA GLN A 266 112.70 -51.60 83.86
C GLN A 266 113.03 -53.05 84.21
N ASN A 267 112.29 -54.01 83.64
CA ASN A 267 112.54 -55.42 83.88
C ASN A 267 113.73 -55.96 83.08
N LEU A 268 114.28 -55.18 82.16
CA LEU A 268 115.53 -55.53 81.50
C LEU A 268 116.69 -55.58 82.50
N ARG A 269 116.93 -54.48 83.20
CA ARG A 269 118.06 -54.39 84.11
C ARG A 269 117.75 -54.92 85.51
N THR A 270 116.63 -55.60 85.69
CA THR A 270 116.28 -56.18 86.98
C THR A 270 117.12 -57.41 87.30
N ASP A 320 126.81 -54.93 74.60
CA ASP A 320 126.47 -56.35 74.51
C ASP A 320 125.07 -56.56 73.97
N GLN A 321 124.56 -57.78 74.15
CA GLN A 321 123.18 -58.07 73.79
C GLN A 321 122.19 -57.39 74.74
N THR A 322 122.63 -57.03 75.94
CA THR A 322 121.78 -56.24 76.83
C THR A 322 121.64 -54.81 76.32
N LEU A 323 122.77 -54.19 75.95
CA LEU A 323 122.74 -52.85 75.38
C LEU A 323 122.12 -52.86 73.99
N LYS A 324 122.18 -53.99 73.29
CA LYS A 324 121.45 -54.18 72.05
C LYS A 324 119.95 -54.02 72.25
N MET A 325 119.40 -54.66 73.29
CA MET A 325 117.97 -54.58 73.51
C MET A 325 117.56 -53.37 74.34
N ILE A 326 118.52 -52.61 74.88
CA ILE A 326 118.23 -51.25 75.32
C ILE A 326 117.85 -50.38 74.14
N LYS A 327 118.65 -50.44 73.07
CA LYS A 327 118.52 -49.51 71.97
C LYS A 327 117.32 -49.81 71.08
N ILE A 328 116.93 -51.09 70.96
CA ILE A 328 115.84 -51.45 70.05
C ILE A 328 114.49 -51.53 70.76
N LEU A 329 114.47 -51.61 72.08
CA LEU A 329 113.21 -51.44 72.80
C LEU A 329 112.93 -49.99 73.13
N SER A 330 113.98 -49.16 73.18
CA SER A 330 113.76 -47.72 73.02
C SER A 330 113.29 -47.43 71.60
N GLY A 331 113.77 -48.20 70.63
CA GLY A 331 113.27 -48.14 69.27
C GLY A 331 113.63 -46.91 68.51
N GLU A 332 114.75 -46.27 68.85
CA GLU A 332 115.16 -45.06 68.16
C GLU A 332 115.61 -45.35 66.73
N MET A 333 116.40 -46.41 66.55
CA MET A 333 117.01 -46.67 65.25
C MET A 333 115.98 -47.10 64.21
N ALA A 334 114.85 -47.68 64.64
CA ALA A 334 113.80 -48.03 63.69
C ALA A 334 113.13 -46.78 63.13
N ILE A 335 113.14 -45.68 63.89
CA ILE A 335 112.46 -44.47 63.44
C ILE A 335 113.24 -43.77 62.35
N GLU A 336 114.56 -43.58 62.55
CA GLU A 336 115.34 -42.82 61.58
C GLU A 336 115.56 -43.59 60.29
N LEU A 337 115.54 -44.93 60.34
CA LEU A 337 115.55 -45.68 59.08
C LEU A 337 114.21 -45.59 58.39
N HIS A 338 113.12 -45.53 59.17
CA HIS A 338 111.82 -45.22 58.60
C HIS A 338 111.74 -43.77 58.12
N LEU A 339 112.42 -42.86 58.83
CA LEU A 339 112.59 -41.50 58.32
C LEU A 339 113.45 -41.50 57.07
N GLN A 340 114.39 -42.44 56.97
CA GLN A 340 115.29 -42.49 55.83
C GLN A 340 114.55 -42.93 54.57
N PHE A 341 113.57 -43.83 54.70
CA PHE A 341 112.82 -44.23 53.53
C PHE A 341 111.84 -43.14 53.08
N LEU A 342 111.34 -42.35 54.04
CA LEU A 342 110.42 -41.28 53.66
C LEU A 342 111.13 -40.13 52.94
N ILE A 343 112.43 -39.96 53.18
CA ILE A 343 113.16 -38.94 52.43
C ILE A 343 113.76 -39.54 51.14
N ARG A 344 114.08 -40.83 51.13
CA ARG A 344 114.61 -41.43 49.91
C ARG A 344 113.53 -41.91 48.95
N ASN A 345 112.26 -41.71 49.26
CA ASN A 345 111.20 -42.04 48.30
C ASN A 345 110.29 -40.84 48.11
N ASN A 346 110.88 -39.67 47.86
CA ASN A 346 110.13 -38.43 47.76
C ASN A 346 109.68 -38.22 46.30
N ASN A 347 108.65 -38.96 45.90
CA ASN A 347 107.88 -38.56 44.72
C ASN A 347 106.52 -38.04 45.19
N THR A 348 106.52 -36.76 45.53
CA THR A 348 105.29 -35.99 45.62
C THR A 348 105.11 -35.24 44.33
N ASP A 349 103.97 -34.58 44.20
CA ASP A 349 103.69 -33.78 43.02
C ASP A 349 103.46 -32.35 43.46
N LEU A 350 104.13 -31.41 42.77
CA LEU A 350 104.05 -30.00 43.10
C LEU A 350 103.00 -29.26 42.28
N MET A 351 102.67 -29.76 41.09
CA MET A 351 101.82 -28.99 40.19
C MET A 351 100.32 -29.20 40.49
N ILE A 352 99.96 -30.37 41.05
CA ILE A 352 98.60 -30.58 41.54
C ILE A 352 98.27 -29.56 42.63
N LEU A 353 99.22 -29.37 43.56
CA LEU A 353 99.09 -28.35 44.58
C LEU A 353 99.08 -26.95 43.98
N LYS A 354 99.71 -26.77 42.81
CA LYS A 354 99.62 -25.49 42.11
C LYS A 354 98.33 -25.37 41.30
N ASN A 355 97.85 -26.47 40.72
CA ASN A 355 96.57 -26.43 39.99
C ASN A 355 95.37 -26.43 40.92
N THR A 356 95.57 -26.56 42.23
CA THR A 356 94.54 -26.21 43.20
C THR A 356 94.79 -24.85 43.84
N LYS A 357 96.02 -24.35 43.72
CA LYS A 357 96.37 -23.03 44.24
C LYS A 357 95.67 -21.92 43.48
N ASP A 358 95.59 -22.05 42.15
CA ASP A 358 95.06 -20.98 41.31
C ASP A 358 93.58 -20.74 41.53
N ALA A 359 92.83 -21.77 41.92
CA ALA A 359 91.40 -21.65 42.18
C ALA A 359 91.10 -21.18 43.59
N VAL A 360 92.12 -20.88 44.40
CA VAL A 360 91.89 -20.41 45.76
C VAL A 360 91.41 -18.96 45.70
N ARG A 361 90.17 -18.73 46.07
CA ARG A 361 89.62 -17.39 46.16
C ARG A 361 89.83 -16.86 47.58
N ASN A 362 89.13 -15.80 47.94
CA ASN A 362 89.41 -15.06 49.17
C ASN A 362 88.68 -15.64 50.39
N SER A 363 88.36 -16.94 50.34
CA SER A 363 87.73 -17.63 51.46
C SER A 363 88.77 -18.05 52.50
N VAL A 364 88.37 -18.94 53.40
CA VAL A 364 89.23 -19.39 54.49
C VAL A 364 89.79 -20.75 54.06
N CYS A 365 89.92 -20.94 52.75
CA CYS A 365 90.51 -22.15 52.17
C CYS A 365 92.03 -22.20 52.37
N HIS A 366 92.64 -21.12 52.88
CA HIS A 366 94.08 -21.11 53.13
C HIS A 366 94.46 -22.13 54.20
N THR A 367 93.63 -22.26 55.23
CA THR A 367 93.84 -23.31 56.22
C THR A 367 93.61 -24.69 55.61
N ALA A 368 92.71 -24.76 54.62
CA ALA A 368 92.41 -26.03 53.98
C ALA A 368 93.51 -26.45 53.02
N THR A 369 94.30 -25.49 52.54
CA THR A 369 95.44 -25.83 51.69
C THR A 369 96.67 -26.16 52.52
N VAL A 370 96.88 -25.47 53.64
CA VAL A 370 98.06 -25.77 54.44
C VAL A 370 97.85 -27.00 55.30
N ILE A 371 96.62 -27.54 55.34
CA ILE A 371 96.44 -28.87 55.88
C ILE A 371 96.56 -29.91 54.77
N ALA A 372 96.41 -29.48 53.51
CA ALA A 372 96.46 -30.41 52.39
C ALA A 372 97.89 -30.77 52.03
N ASN A 373 98.78 -29.77 51.99
CA ASN A 373 100.18 -30.04 51.68
C ASN A 373 100.87 -30.79 52.81
N SER A 374 100.50 -30.50 54.06
CA SER A 374 101.08 -31.19 55.20
C SER A 374 100.68 -32.65 55.23
N PHE A 375 99.51 -32.99 54.70
CA PHE A 375 99.13 -34.39 54.54
C PHE A 375 99.98 -35.07 53.49
N MET A 376 100.11 -34.47 52.32
CA MET A 376 100.88 -35.09 51.24
C MET A 376 102.37 -34.73 51.27
N HIS A 377 102.85 -34.18 52.38
CA HIS A 377 104.27 -34.10 52.65
C HIS A 377 104.56 -34.55 54.07
N CYS A 378 103.70 -35.42 54.61
CA CYS A 378 103.82 -35.83 56.01
C CYS A 378 105.00 -36.77 56.18
N GLY A 379 105.91 -36.41 57.11
CA GLY A 379 107.13 -37.15 57.31
C GLY A 379 108.16 -36.98 56.21
N THR A 380 107.90 -36.13 55.22
CA THR A 380 108.80 -35.98 54.08
C THR A 380 109.96 -35.05 54.43
N THR A 381 109.73 -34.12 55.36
CA THR A 381 110.67 -33.05 55.73
C THR A 381 111.12 -32.26 54.51
N SER A 382 110.16 -31.87 53.69
CA SER A 382 110.40 -31.11 52.47
C SER A 382 109.64 -29.80 52.57
N ASP A 383 110.36 -28.71 52.81
CA ASP A 383 109.78 -27.37 52.89
C ASP A 383 110.05 -26.66 51.57
N GLN A 384 109.02 -26.55 50.75
CA GLN A 384 109.12 -25.71 49.57
C GLN A 384 108.02 -24.64 49.50
N PHE A 385 106.83 -24.93 50.04
CA PHE A 385 105.78 -23.93 50.11
C PHE A 385 106.04 -22.90 51.19
N LEU A 386 106.81 -23.24 52.20
CA LEU A 386 107.29 -22.27 53.17
C LEU A 386 108.57 -21.58 52.70
N ARG A 387 108.97 -21.81 51.45
CA ARG A 387 110.13 -21.18 50.85
C ARG A 387 109.79 -20.38 49.61
N ASP A 388 109.01 -20.94 48.67
CA ASP A 388 108.82 -20.27 47.38
C ASP A 388 107.81 -19.13 47.45
N ASN A 389 106.89 -19.16 48.41
CA ASN A 389 105.94 -18.06 48.57
C ASN A 389 105.59 -17.85 50.03
N LEU A 390 105.42 -16.59 50.41
CA LEU A 390 105.05 -16.24 51.77
C LEU A 390 103.95 -15.18 51.85
N GLU A 391 103.77 -14.36 50.81
CA GLU A 391 102.79 -13.28 50.85
C GLU A 391 101.37 -13.82 50.79
N TRP A 392 101.16 -14.90 50.05
CA TRP A 392 99.88 -15.59 50.11
C TRP A 392 99.71 -16.32 51.43
N LEU A 393 100.82 -16.79 52.01
CA LEU A 393 100.77 -17.44 53.32
C LEU A 393 100.52 -16.41 54.43
N ALA A 394 100.95 -15.18 54.23
CA ALA A 394 100.72 -14.12 55.20
C ALA A 394 99.39 -13.40 55.01
N ARG A 395 98.54 -13.88 54.11
CA ARG A 395 97.25 -13.23 53.89
C ARG A 395 96.27 -13.55 55.01
N ALA A 396 96.00 -14.83 55.24
CA ALA A 396 95.07 -15.22 56.28
C ALA A 396 95.71 -15.06 57.66
N THR A 397 94.85 -14.95 58.68
CA THR A 397 95.35 -14.60 60.00
C THR A 397 94.41 -15.12 61.08
N ASN A 398 94.91 -14.99 62.32
CA ASN A 398 94.24 -15.08 63.62
C ASN A 398 93.89 -16.51 64.04
N TRP A 399 93.89 -17.46 63.10
CA TRP A 399 94.06 -18.88 63.40
C TRP A 399 94.87 -19.61 62.35
N ALA A 400 95.09 -19.04 61.17
CA ALA A 400 95.86 -19.73 60.14
C ALA A 400 97.34 -19.74 60.47
N LYS A 401 97.81 -18.73 61.20
CA LYS A 401 99.18 -18.77 61.71
C LYS A 401 99.33 -19.89 62.73
N PHE A 402 98.30 -20.13 63.53
CA PHE A 402 98.29 -21.29 64.44
C PHE A 402 98.27 -22.59 63.65
N THR A 403 97.62 -22.58 62.48
CA THR A 403 97.54 -23.79 61.67
C THR A 403 98.82 -24.01 60.87
N ALA A 404 99.45 -22.93 60.39
CA ALA A 404 100.59 -23.06 59.49
C ALA A 404 101.83 -23.55 60.22
N THR A 405 102.13 -22.98 61.39
CA THR A 405 103.26 -23.47 62.17
C THR A 405 102.98 -24.82 62.82
N ALA A 406 101.71 -25.23 62.88
CA ALA A 406 101.39 -26.61 63.20
C ALA A 406 101.70 -27.53 62.04
N SER A 407 101.47 -27.07 60.80
CA SER A 407 101.74 -27.88 59.63
C SER A 407 103.24 -28.05 59.39
N LEU A 408 104.05 -27.17 59.97
CA LEU A 408 105.50 -27.31 59.89
C LEU A 408 105.97 -28.55 60.66
N GLY A 409 105.28 -28.88 61.76
CA GLY A 409 105.60 -30.10 62.47
C GLY A 409 105.09 -31.35 61.81
N VAL A 410 104.05 -31.22 60.98
CA VAL A 410 103.47 -32.40 60.33
C VAL A 410 104.41 -32.90 59.23
N ILE A 411 105.02 -31.99 58.48
CA ILE A 411 105.97 -32.35 57.43
C ILE A 411 107.23 -32.96 58.04
N HIS A 412 107.55 -32.59 59.28
CA HIS A 412 108.69 -33.12 60.01
C HIS A 412 108.29 -34.13 61.05
N LYS A 413 107.35 -35.03 60.74
CA LYS A 413 106.99 -36.10 61.66
C LYS A 413 108.14 -37.09 61.79
N GLY A 414 108.50 -37.42 63.03
CA GLY A 414 109.58 -38.34 63.30
C GLY A 414 110.95 -37.79 62.92
N HIS A 415 111.36 -36.72 63.58
CA HIS A 415 112.48 -35.89 63.13
C HIS A 415 113.35 -35.54 64.33
N GLU A 416 113.64 -36.58 65.14
CA GLU A 416 113.87 -36.52 66.59
C GLU A 416 114.77 -35.40 67.08
N LYS A 417 116.02 -35.39 66.65
CA LYS A 417 116.96 -34.38 67.16
C LYS A 417 116.91 -33.10 66.34
N GLU A 418 116.73 -33.20 65.03
CA GLU A 418 116.75 -32.02 64.18
C GLU A 418 115.51 -31.16 64.36
N ALA A 419 114.41 -31.73 64.84
CA ALA A 419 113.19 -30.95 65.06
C ALA A 419 113.33 -30.01 66.24
N LEU A 420 114.18 -30.36 67.21
CA LEU A 420 114.43 -29.47 68.34
C LEU A 420 115.17 -28.23 67.89
N GLN A 421 116.25 -28.42 67.11
CA GLN A 421 117.00 -27.27 66.60
C GLN A 421 116.28 -26.57 65.46
N LEU A 422 115.26 -27.21 64.86
CA LEU A 422 114.46 -26.53 63.84
C LEU A 422 113.60 -25.44 64.47
N MET A 423 113.05 -25.72 65.64
CA MET A 423 112.28 -24.74 66.38
C MET A 423 113.07 -24.19 67.56
N ALA A 424 114.37 -24.48 67.64
CA ALA A 424 115.33 -23.59 68.24
C ALA A 424 115.89 -22.61 67.22
N THR A 425 115.31 -22.56 66.04
CA THR A 425 115.47 -21.49 65.07
C THR A 425 114.22 -20.65 64.91
N TYR A 426 113.05 -21.27 65.05
CA TYR A 426 111.76 -20.61 64.91
C TYR A 426 111.08 -20.58 66.27
N LEU A 427 111.85 -20.18 67.29
CA LEU A 427 111.59 -20.26 68.73
C LEU A 427 110.23 -19.69 69.14
N PRO A 428 109.69 -20.12 70.30
CA PRO A 428 108.47 -19.48 70.81
C PRO A 428 108.64 -18.03 71.28
N LYS A 429 109.86 -17.47 71.26
CA LYS A 429 110.05 -16.10 71.68
C LYS A 429 110.99 -15.29 70.79
N ASP A 430 111.49 -15.86 69.69
CA ASP A 430 112.44 -15.16 68.84
C ASP A 430 111.96 -14.88 67.43
N THR A 431 110.84 -15.46 67.00
CA THR A 431 110.22 -15.04 65.75
C THR A 431 109.60 -13.65 65.91
N SER A 432 108.63 -13.53 66.81
CA SER A 432 108.02 -12.26 67.20
C SER A 432 107.42 -12.43 68.60
N PRO A 433 107.77 -11.55 69.54
CA PRO A 433 107.21 -11.68 70.91
C PRO A 433 105.75 -11.30 71.02
N GLY A 434 105.16 -10.70 69.99
CA GLY A 434 103.80 -10.23 70.08
C GLY A 434 102.74 -11.25 69.67
N SER A 435 103.13 -12.22 68.83
CA SER A 435 102.18 -13.19 68.30
C SER A 435 102.21 -14.45 69.17
N ALA A 436 101.11 -14.70 69.88
CA ALA A 436 100.99 -15.92 70.66
C ALA A 436 100.64 -17.12 69.78
N TYR A 437 100.24 -16.90 68.54
CA TYR A 437 99.86 -18.00 67.67
C TYR A 437 101.07 -18.77 67.17
N GLN A 438 102.23 -18.10 67.11
CA GLN A 438 103.46 -18.80 66.77
C GLN A 438 103.89 -19.71 67.91
N GLU A 439 103.91 -19.19 69.14
CA GLU A 439 104.34 -19.99 70.27
C GLU A 439 103.27 -20.99 70.70
N GLY A 440 102.01 -20.75 70.37
CA GLY A 440 100.98 -21.74 70.64
C GLY A 440 101.10 -22.93 69.71
N GLY A 441 101.01 -22.68 68.39
CA GLY A 441 101.15 -23.74 67.42
C GLY A 441 102.54 -24.31 67.29
N GLY A 442 103.55 -23.61 67.81
CA GLY A 442 104.88 -24.16 67.86
C GLY A 442 104.99 -25.31 68.85
N LEU A 443 104.45 -25.12 70.05
CA LEU A 443 104.42 -26.18 71.04
C LEU A 443 103.51 -27.32 70.62
N TYR A 444 102.45 -27.00 69.87
CA TYR A 444 101.61 -28.04 69.28
C TYR A 444 102.38 -28.82 68.22
N ALA A 445 103.30 -28.16 67.52
CA ALA A 445 104.07 -28.86 66.48
C ALA A 445 105.09 -29.80 67.08
N LEU A 446 105.67 -29.46 68.24
CA LEU A 446 106.60 -30.38 68.91
C LEU A 446 105.89 -31.65 69.39
N GLY A 447 104.61 -31.53 69.77
CA GLY A 447 103.86 -32.71 70.14
C GLY A 447 103.53 -33.57 68.93
N LEU A 448 103.32 -32.94 67.77
CA LEU A 448 103.04 -33.68 66.54
C LEU A 448 104.26 -34.47 66.08
N ILE A 449 105.45 -33.94 66.34
CA ILE A 449 106.67 -34.60 65.87
C ILE A 449 107.02 -35.77 66.77
N HIS A 450 107.04 -35.55 68.08
CA HIS A 450 107.56 -36.52 69.03
C HIS A 450 106.45 -37.27 69.77
N ALA A 451 105.38 -37.63 69.06
CA ALA A 451 104.35 -38.47 69.65
C ALA A 451 104.89 -39.87 69.94
N ASN A 452 104.46 -40.41 71.09
CA ASN A 452 104.89 -41.71 71.62
C ASN A 452 106.41 -41.78 71.78
N HIS A 453 107.01 -40.69 72.28
CA HIS A 453 108.45 -40.63 72.53
C HIS A 453 108.67 -39.87 73.84
N GLY A 454 108.92 -40.60 74.91
CA GLY A 454 109.18 -39.97 76.20
C GLY A 454 110.61 -39.47 76.28
N GLY A 455 110.76 -38.23 76.70
CA GLY A 455 112.08 -37.65 76.82
C GLY A 455 112.06 -36.31 77.49
N ASP A 456 113.09 -35.51 77.21
CA ASP A 456 113.21 -34.17 77.75
C ASP A 456 112.15 -33.22 77.18
N ILE A 457 111.57 -33.55 76.03
CA ILE A 457 110.57 -32.71 75.39
C ILE A 457 109.28 -32.69 76.21
N ILE A 458 108.98 -33.77 76.94
CA ILE A 458 107.94 -33.71 77.94
C ILE A 458 108.29 -32.72 79.04
N ASP A 459 109.53 -32.79 79.54
CA ASP A 459 109.98 -31.84 80.55
C ASP A 459 110.18 -30.43 79.99
N TYR A 460 110.53 -30.33 78.70
CA TYR A 460 110.70 -29.02 78.07
C TYR A 460 109.36 -28.31 77.93
N LEU A 461 108.32 -29.05 77.55
CA LEU A 461 106.97 -28.49 77.51
C LEU A 461 106.38 -28.37 78.91
N LEU A 462 106.91 -29.11 79.88
CA LEU A 462 106.44 -28.97 81.26
C LEU A 462 106.84 -27.62 81.82
N ASN A 463 108.09 -27.21 81.60
CA ASN A 463 108.58 -25.96 82.16
C ASN A 463 108.00 -24.74 81.46
N GLN A 464 107.54 -24.87 80.22
CA GLN A 464 106.93 -23.73 79.54
C GLN A 464 105.43 -23.66 79.74
N LEU A 465 104.79 -24.69 80.30
CA LEU A 465 103.46 -24.53 80.85
C LEU A 465 103.48 -24.00 82.28
N LYS A 466 104.64 -24.00 82.94
CA LYS A 466 104.77 -23.30 84.20
C LYS A 466 104.67 -21.79 83.97
N ASN A 467 105.41 -21.29 82.99
CA ASN A 467 105.43 -19.87 82.66
C ASN A 467 104.88 -19.71 81.25
N ALA A 468 103.62 -19.29 81.16
CA ALA A 468 102.96 -19.13 79.86
C ALA A 468 101.91 -18.04 79.96
N SER A 469 101.41 -17.63 78.80
CA SER A 469 100.25 -16.75 78.73
C SER A 469 98.99 -17.58 78.84
N ASN A 470 97.84 -16.98 78.56
CA ASN A 470 96.56 -17.58 78.92
C ASN A 470 95.92 -18.38 77.80
N ASP A 471 95.60 -17.74 76.68
CA ASP A 471 94.57 -18.26 75.77
C ASP A 471 95.12 -19.18 74.70
N ILE A 472 95.94 -18.66 73.78
CA ILE A 472 96.38 -19.46 72.65
C ILE A 472 97.86 -19.72 72.86
N VAL A 473 98.24 -19.89 74.10
CA VAL A 473 99.53 -20.47 74.47
C VAL A 473 99.34 -21.79 75.19
N ARG A 474 98.35 -21.84 76.09
CA ARG A 474 98.07 -23.08 76.81
C ARG A 474 97.34 -24.11 75.95
N HIS A 475 96.81 -23.70 74.79
CA HIS A 475 96.22 -24.68 73.87
C HIS A 475 97.28 -25.60 73.29
N GLY A 476 98.17 -25.06 72.47
CA GLY A 476 99.15 -25.89 71.80
C GLY A 476 100.23 -26.39 72.73
N GLY A 477 100.40 -25.72 73.88
CA GLY A 477 101.25 -26.28 74.92
C GLY A 477 100.69 -27.57 75.47
N SER A 478 99.41 -27.57 75.85
CA SER A 478 98.82 -28.76 76.45
C SER A 478 98.49 -29.82 75.41
N LEU A 479 98.05 -29.42 74.20
CA LEU A 479 97.84 -30.41 73.14
C LEU A 479 99.14 -31.06 72.72
N GLY A 480 100.23 -30.29 72.65
CA GLY A 480 101.52 -30.88 72.37
C GLY A 480 102.02 -31.74 73.50
N LEU A 481 101.70 -31.38 74.74
CA LEU A 481 102.20 -32.13 75.89
C LEU A 481 101.42 -33.43 76.06
N GLY A 482 100.11 -33.39 75.86
CA GLY A 482 99.31 -34.60 75.94
C GLY A 482 99.55 -35.56 74.79
N LEU A 483 99.98 -35.06 73.63
CA LEU A 483 100.21 -35.93 72.50
C LEU A 483 101.58 -36.60 72.59
N ALA A 484 102.60 -35.86 73.03
CA ALA A 484 103.92 -36.44 73.18
C ALA A 484 103.98 -37.41 74.36
N ALA A 485 103.23 -37.13 75.41
CA ALA A 485 103.13 -38.00 76.58
C ALA A 485 101.85 -38.82 76.55
N MET A 486 101.42 -39.25 75.37
CA MET A 486 100.19 -40.01 75.23
C MET A 486 100.36 -41.41 75.79
N GLY A 487 99.47 -41.79 76.71
CA GLY A 487 99.49 -43.13 77.27
C GLY A 487 100.54 -43.38 78.33
N THR A 488 101.14 -42.33 78.88
CA THR A 488 102.17 -42.52 79.89
C THR A 488 101.60 -42.90 81.25
N ALA A 489 100.39 -42.41 81.56
CA ALA A 489 99.83 -42.37 82.92
C ALA A 489 100.82 -41.74 83.91
N ARG A 490 101.53 -40.71 83.45
CA ARG A 490 102.49 -40.00 84.27
C ARG A 490 101.77 -39.03 85.17
N GLN A 491 102.15 -39.02 86.45
CA GLN A 491 101.41 -38.25 87.45
C GLN A 491 101.63 -36.75 87.30
N ASP A 492 102.84 -36.34 86.90
CA ASP A 492 103.19 -34.93 86.90
C ASP A 492 102.52 -34.18 85.77
N VAL A 493 102.43 -34.81 84.59
CA VAL A 493 101.65 -34.21 83.51
C VAL A 493 100.15 -34.29 83.84
N TYR A 494 99.75 -35.29 84.63
CA TYR A 494 98.34 -35.41 85.02
C TYR A 494 97.96 -34.34 86.03
N ASP A 495 98.92 -33.89 86.83
CA ASP A 495 98.60 -32.92 87.88
C ASP A 495 98.44 -31.51 87.32
N LEU A 496 99.35 -31.08 86.45
CA LEU A 496 99.26 -29.72 85.94
C LEU A 496 98.17 -29.59 84.88
N LEU A 497 97.74 -30.71 84.31
CA LEU A 497 96.54 -30.69 83.47
C LEU A 497 95.27 -30.56 84.30
N LYS A 498 95.29 -31.01 85.57
CA LYS A 498 94.14 -30.74 86.43
C LYS A 498 94.03 -29.27 86.77
N THR A 499 95.15 -28.64 87.18
CA THR A 499 95.09 -27.22 87.52
C THR A 499 94.95 -26.35 86.28
N ASN A 500 95.21 -26.89 85.10
CA ASN A 500 94.81 -26.24 83.87
C ASN A 500 93.29 -26.33 83.67
N LEU A 501 92.71 -27.47 84.05
CA LEU A 501 91.28 -27.67 83.91
C LEU A 501 90.50 -26.79 84.88
N TYR A 502 91.01 -26.64 86.11
CA TYR A 502 90.33 -25.81 87.09
C TYR A 502 90.73 -24.35 87.02
N GLN A 503 91.35 -23.91 85.92
CA GLN A 503 91.45 -22.47 85.65
C GLN A 503 90.08 -21.87 85.36
N ASP A 504 89.19 -22.68 84.78
CA ASP A 504 87.85 -22.30 84.36
C ASP A 504 87.89 -21.15 83.35
N ASP A 505 88.64 -21.37 82.29
CA ASP A 505 88.63 -20.53 81.10
C ASP A 505 87.78 -21.23 80.05
N ALA A 506 87.09 -20.45 79.22
CA ALA A 506 86.19 -21.04 78.25
C ALA A 506 86.94 -21.65 77.08
N VAL A 507 88.08 -21.08 76.71
CA VAL A 507 88.71 -21.43 75.45
C VAL A 507 89.77 -22.53 75.60
N THR A 508 90.32 -22.72 76.79
CA THR A 508 91.26 -23.82 77.01
C THR A 508 90.55 -25.08 77.50
N GLY A 509 89.23 -25.09 77.53
CA GLY A 509 88.50 -26.28 77.95
C GLY A 509 88.58 -27.39 76.93
N GLU A 510 88.65 -27.04 75.64
CA GLU A 510 89.01 -28.02 74.63
C GLU A 510 90.44 -28.49 74.81
N ALA A 511 91.31 -27.59 75.30
CA ALA A 511 92.71 -27.93 75.44
C ALA A 511 92.96 -28.82 76.65
N ALA A 512 92.26 -28.56 77.74
CA ALA A 512 92.48 -29.36 78.95
C ALA A 512 91.86 -30.75 78.81
N GLY A 513 90.68 -30.83 78.19
CA GLY A 513 89.94 -32.09 78.19
C GLY A 513 90.54 -33.13 77.26
N LEU A 514 91.07 -32.70 76.11
CA LEU A 514 91.63 -33.66 75.17
C LEU A 514 92.95 -34.22 75.68
N ALA A 515 93.80 -33.38 76.26
CA ALA A 515 95.10 -33.83 76.73
C ALA A 515 94.97 -34.66 78.00
N LEU A 516 93.90 -34.45 78.77
CA LEU A 516 93.73 -35.21 80.00
C LEU A 516 93.33 -36.66 79.70
N GLY A 517 92.67 -36.88 78.57
CA GLY A 517 92.38 -38.24 78.16
C GLY A 517 93.59 -38.93 77.54
N LEU A 518 94.40 -38.18 76.79
CA LEU A 518 95.54 -38.76 76.08
C LEU A 518 96.60 -39.27 77.04
N VAL A 519 96.82 -38.58 78.16
CA VAL A 519 97.75 -39.08 79.17
C VAL A 519 97.15 -40.22 79.98
N MET A 520 95.84 -40.45 79.90
CA MET A 520 95.18 -41.51 80.63
C MET A 520 94.47 -42.48 79.69
N LEU A 521 95.04 -42.69 78.51
CA LEU A 521 94.42 -43.55 77.51
C LEU A 521 94.48 -45.01 77.93
N GLY A 522 93.31 -45.65 77.98
CA GLY A 522 93.20 -47.05 78.36
C GLY A 522 93.57 -47.32 79.80
N SER A 523 93.33 -46.36 80.70
CA SER A 523 93.81 -46.48 82.07
C SER A 523 92.77 -47.09 83.00
N LYS A 524 91.54 -46.60 82.94
CA LYS A 524 90.46 -46.90 83.89
C LYS A 524 90.93 -46.63 85.33
N ASN A 525 91.18 -45.35 85.59
CA ASN A 525 91.64 -44.91 86.90
C ASN A 525 90.44 -44.56 87.77
N ALA A 526 90.66 -44.56 89.09
CA ALA A 526 89.61 -44.16 90.02
C ALA A 526 89.32 -42.66 89.91
N GLN A 527 90.36 -41.84 90.05
CA GLN A 527 90.17 -40.40 90.10
C GLN A 527 90.00 -39.77 88.72
N ALA A 528 90.42 -40.44 87.65
CA ALA A 528 90.37 -39.82 86.33
C ALA A 528 88.95 -39.73 85.81
N ILE A 529 88.22 -40.85 85.81
CA ILE A 529 86.83 -40.84 85.38
C ILE A 529 85.98 -40.01 86.33
N GLU A 530 86.24 -40.14 87.64
CA GLU A 530 85.40 -39.52 88.66
C GLU A 530 85.51 -38.00 88.66
N ASP A 531 86.72 -37.47 88.51
CA ASP A 531 86.88 -36.01 88.51
C ASP A 531 86.37 -35.41 87.21
N MET A 532 86.55 -36.11 86.09
CA MET A 532 86.08 -35.58 84.82
C MET A 532 84.57 -35.66 84.70
N VAL A 533 83.97 -36.76 85.17
CA VAL A 533 82.51 -36.85 85.10
C VAL A 533 81.87 -36.02 86.20
N GLY A 534 82.63 -35.67 87.25
CA GLY A 534 82.10 -34.77 88.26
C GLY A 534 82.18 -33.32 87.86
N TYR A 535 83.13 -32.97 87.00
CA TYR A 535 83.32 -31.58 86.59
C TYR A 535 82.40 -31.19 85.44
N ALA A 536 81.86 -32.15 84.71
CA ALA A 536 81.20 -31.89 83.43
C ALA A 536 79.71 -31.58 83.57
N GLN A 537 79.28 -31.08 84.71
CA GLN A 537 77.88 -30.66 84.81
C GLN A 537 77.73 -29.22 85.29
N GLU A 538 78.54 -28.80 86.26
CA GLU A 538 78.36 -27.50 86.89
C GLU A 538 79.00 -26.35 86.11
N THR A 539 79.76 -26.66 85.06
CA THR A 539 80.39 -25.62 84.27
C THR A 539 79.37 -24.90 83.41
N GLN A 540 79.77 -23.73 82.91
CA GLN A 540 78.84 -22.84 82.22
C GLN A 540 79.01 -22.80 80.71
N HIS A 541 80.17 -23.22 80.20
CA HIS A 541 80.44 -23.15 78.77
C HIS A 541 80.18 -24.53 78.15
N GLU A 542 80.55 -24.69 76.88
CA GLU A 542 80.39 -25.98 76.20
C GLU A 542 81.64 -26.46 75.46
N LYS A 543 82.60 -25.59 75.17
CA LYS A 543 83.91 -26.05 74.72
C LYS A 543 84.63 -26.80 75.84
N ILE A 544 84.37 -26.39 77.08
CA ILE A 544 84.82 -27.14 78.25
C ILE A 544 84.17 -28.53 78.27
N LEU A 545 82.96 -28.64 77.75
CA LEU A 545 82.28 -29.93 77.77
C LEU A 545 82.73 -30.83 76.62
N ARG A 546 83.04 -30.25 75.46
CA ARG A 546 83.35 -31.08 74.31
C ARG A 546 84.77 -31.61 74.36
N GLY A 547 85.66 -30.90 75.07
CA GLY A 547 86.99 -31.44 75.31
C GLY A 547 86.97 -32.61 76.26
N LEU A 548 86.16 -32.50 77.32
CA LEU A 548 85.96 -33.63 78.23
C LEU A 548 85.04 -34.69 77.65
N ALA A 549 84.34 -34.39 76.56
CA ALA A 549 83.49 -35.39 75.92
C ALA A 549 84.34 -36.51 75.32
N VAL A 550 85.34 -36.12 74.52
CA VAL A 550 86.24 -37.11 73.94
C VAL A 550 87.18 -37.67 75.01
N GLY A 551 87.47 -36.87 76.03
CA GLY A 551 88.44 -37.27 77.05
C GLY A 551 87.98 -38.43 77.91
N ILE A 552 86.72 -38.41 78.33
CA ILE A 552 86.20 -39.55 79.09
C ILE A 552 85.85 -40.71 78.18
N ALA A 553 85.75 -40.48 76.87
CA ALA A 553 85.63 -41.59 75.93
C ALA A 553 86.96 -42.26 75.72
N LEU A 554 88.05 -41.51 75.88
CA LEU A 554 89.38 -41.99 75.55
C LEU A 554 90.14 -42.48 76.78
N VAL A 555 89.61 -42.25 77.98
CA VAL A 555 90.25 -42.79 79.18
C VAL A 555 90.04 -44.30 79.27
N MET A 556 88.95 -44.81 78.69
CA MET A 556 88.71 -46.24 78.60
C MET A 556 88.85 -46.67 77.15
N TYR A 557 89.47 -47.83 76.94
CA TYR A 557 89.80 -48.28 75.59
C TYR A 557 89.85 -49.80 75.59
N GLY A 558 88.83 -50.44 75.03
CA GLY A 558 88.84 -51.88 74.87
C GLY A 558 88.66 -52.66 76.16
N ARG A 559 87.97 -52.08 77.15
CA ARG A 559 87.68 -52.83 78.36
C ARG A 559 86.63 -53.90 78.12
N MET A 560 85.67 -53.62 77.23
CA MET A 560 84.74 -54.55 76.58
C MET A 560 83.65 -55.10 77.48
N GLU A 561 83.78 -54.93 78.80
CA GLU A 561 82.66 -55.14 79.72
C GLU A 561 82.64 -54.18 80.89
N GLU A 562 83.75 -53.49 81.18
CA GLU A 562 83.91 -52.77 82.42
C GLU A 562 83.42 -51.33 82.35
N ALA A 563 83.02 -50.87 81.17
CA ALA A 563 82.52 -49.53 81.00
C ALA A 563 81.00 -49.44 81.08
N ASP A 564 80.32 -50.58 81.27
CA ASP A 564 78.88 -50.65 81.03
C ASP A 564 78.08 -49.85 82.06
N ALA A 565 78.61 -49.71 83.28
CA ALA A 565 77.97 -48.83 84.24
C ALA A 565 78.15 -47.36 83.84
N LEU A 566 79.29 -47.04 83.24
CA LEU A 566 79.52 -45.68 82.77
C LEU A 566 78.74 -45.40 81.50
N ILE A 567 78.59 -46.41 80.64
CA ILE A 567 77.83 -46.25 79.40
C ILE A 567 76.36 -46.00 79.70
N GLU A 568 75.82 -46.71 80.69
CA GLU A 568 74.43 -46.50 81.10
C GLU A 568 74.25 -45.16 81.79
N SER A 569 75.29 -44.68 82.48
CA SER A 569 75.17 -43.45 83.27
C SER A 569 75.15 -42.21 82.38
N LEU A 570 75.98 -42.20 81.33
CA LEU A 570 76.11 -41.00 80.51
C LEU A 570 74.93 -40.82 79.56
N CYS A 571 74.31 -41.91 79.12
CA CYS A 571 73.25 -41.81 78.14
C CYS A 571 71.90 -41.54 78.79
N ARG A 572 71.72 -41.96 80.04
CA ARG A 572 70.47 -41.71 80.75
C ARG A 572 70.33 -40.25 81.14
N ASP A 573 71.44 -39.51 81.26
CA ASP A 573 71.39 -38.09 81.57
C ASP A 573 70.77 -37.31 80.41
N LYS A 574 70.26 -36.12 80.71
CA LYS A 574 69.60 -35.28 79.73
C LYS A 574 70.52 -34.26 79.11
N ASP A 575 71.80 -34.29 79.45
CA ASP A 575 72.77 -33.42 78.80
C ASP A 575 73.03 -33.94 77.38
N PRO A 576 72.80 -33.13 76.34
CA PRO A 576 73.00 -33.64 74.97
C PRO A 576 74.46 -33.88 74.61
N ILE A 577 75.36 -33.08 75.18
CA ILE A 577 76.78 -33.28 74.93
C ILE A 577 77.26 -34.55 75.62
N LEU A 578 76.76 -34.80 76.84
CA LEU A 578 77.20 -35.96 77.61
C LEU A 578 76.61 -37.25 77.07
N ARG A 579 75.39 -37.21 76.52
CA ARG A 579 74.86 -38.36 75.78
C ARG A 579 75.69 -38.63 74.54
N ARG A 580 76.12 -37.57 73.86
CA ARG A 580 77.03 -37.70 72.73
C ARG A 580 78.38 -38.23 73.18
N SER A 581 78.81 -37.85 74.38
CA SER A 581 80.08 -38.31 74.91
C SER A 581 80.04 -39.80 75.23
N GLY A 582 78.90 -40.31 75.68
CA GLY A 582 78.77 -41.73 75.91
C GLY A 582 78.80 -42.54 74.63
N MET A 583 78.40 -41.92 73.51
CA MET A 583 78.42 -42.62 72.23
C MET A 583 79.83 -42.79 71.72
N TYR A 584 80.72 -41.84 72.01
CA TYR A 584 82.12 -42.05 71.69
C TYR A 584 82.78 -43.00 72.69
N THR A 585 82.19 -43.13 73.88
CA THR A 585 82.77 -44.01 74.89
C THR A 585 82.44 -45.47 74.58
N VAL A 586 81.21 -45.73 74.12
CA VAL A 586 80.84 -47.08 73.72
C VAL A 586 81.51 -47.47 72.41
N ALA A 587 81.99 -46.50 71.64
CA ALA A 587 82.76 -46.81 70.45
C ALA A 587 84.17 -47.29 70.82
N MET A 588 84.83 -46.55 71.71
CA MET A 588 86.22 -46.86 72.03
C MET A 588 86.36 -48.02 73.00
N ALA A 589 85.33 -48.37 73.74
CA ALA A 589 85.42 -49.52 74.62
C ALA A 589 85.16 -50.83 73.90
N TYR A 590 84.61 -50.77 72.68
CA TYR A 590 84.16 -51.93 71.91
C TYR A 590 84.79 -51.92 70.52
N CYS A 591 86.11 -51.71 70.46
CA CYS A 591 86.77 -51.54 69.17
C CYS A 591 86.91 -52.88 68.45
N GLY A 592 86.38 -52.95 67.23
CA GLY A 592 86.59 -54.08 66.35
C GLY A 592 85.87 -55.35 66.70
N SER A 593 85.05 -55.35 67.74
CA SER A 593 84.32 -56.54 68.16
C SER A 593 82.88 -56.45 67.69
N GLY A 594 82.36 -57.56 67.16
CA GLY A 594 80.99 -57.61 66.73
C GLY A 594 80.04 -57.85 67.88
N ASN A 595 79.97 -56.91 68.82
CA ASN A 595 79.16 -57.06 70.01
C ASN A 595 77.70 -56.87 69.64
N ASN A 596 76.89 -57.89 69.94
CA ASN A 596 75.45 -57.81 69.66
C ASN A 596 74.78 -56.79 70.57
N LYS A 597 75.26 -56.68 71.82
CA LYS A 597 74.68 -55.72 72.75
C LYS A 597 75.01 -54.30 72.35
N ALA A 598 76.21 -54.09 71.77
CA ALA A 598 76.57 -52.76 71.30
C ALA A 598 75.73 -52.35 70.10
N ILE A 599 75.63 -53.23 69.10
CA ILE A 599 74.95 -52.88 67.85
C ILE A 599 73.44 -52.79 68.06
N ARG A 600 72.93 -53.42 69.11
CA ARG A 600 71.53 -53.22 69.48
C ARG A 600 71.33 -51.85 70.10
N ARG A 601 72.15 -51.52 71.09
CA ARG A 601 71.93 -50.32 71.89
C ARG A 601 72.31 -49.06 71.13
N LEU A 602 73.38 -49.12 70.33
CA LEU A 602 73.83 -47.95 69.59
C LEU A 602 72.86 -47.61 68.46
N LEU A 603 72.29 -48.63 67.81
CA LEU A 603 71.28 -48.39 66.80
C LEU A 603 69.95 -47.94 67.42
N HIS A 604 69.71 -48.31 68.69
CA HIS A 604 68.46 -47.95 69.34
C HIS A 604 68.37 -46.45 69.58
N VAL A 605 69.45 -45.85 70.09
CA VAL A 605 69.49 -44.41 70.27
C VAL A 605 69.70 -43.70 68.93
N ALA A 606 70.16 -44.42 67.91
CA ALA A 606 70.24 -43.85 66.57
C ALA A 606 68.87 -43.59 65.98
N VAL A 607 67.84 -44.28 66.47
CA VAL A 607 66.49 -44.07 65.98
C VAL A 607 65.77 -43.01 66.80
N SER A 608 65.71 -43.21 68.11
CA SER A 608 64.72 -42.55 68.96
C SER A 608 65.19 -41.22 69.56
N ASP A 609 66.45 -40.85 69.39
CA ASP A 609 66.91 -39.65 70.07
C ASP A 609 66.60 -38.42 69.22
N VAL A 610 66.60 -37.26 69.88
CA VAL A 610 66.02 -36.06 69.27
C VAL A 610 67.08 -35.06 68.81
N ASN A 611 68.22 -35.01 69.48
CA ASN A 611 69.28 -34.10 69.06
C ASN A 611 70.06 -34.71 67.90
N ASP A 612 70.41 -33.88 66.92
CA ASP A 612 71.06 -34.39 65.71
C ASP A 612 72.51 -34.78 65.97
N ASP A 613 73.18 -34.09 66.91
CA ASP A 613 74.61 -34.31 67.12
C ASP A 613 74.90 -35.65 67.76
N VAL A 614 74.05 -36.08 68.69
CA VAL A 614 74.23 -37.39 69.30
C VAL A 614 73.79 -38.50 68.33
N ARG A 615 72.85 -38.19 67.43
CA ARG A 615 72.44 -39.17 66.42
C ARG A 615 73.55 -39.43 65.42
N ARG A 616 74.37 -38.42 65.15
CA ARG A 616 75.54 -38.62 64.28
C ARG A 616 76.56 -39.52 64.94
N ALA A 617 76.86 -39.26 66.22
CA ALA A 617 77.89 -40.02 66.90
C ALA A 617 77.46 -41.46 67.15
N ALA A 618 76.16 -41.74 67.05
CA ALA A 618 75.71 -43.12 66.93
C ALA A 618 76.14 -43.71 65.59
N VAL A 619 75.67 -43.13 64.48
CA VAL A 619 75.98 -43.68 63.17
C VAL A 619 77.40 -43.43 62.71
N GLU A 620 78.17 -42.60 63.41
CA GLU A 620 79.60 -42.52 63.16
C GLU A 620 80.39 -43.61 63.87
N SER A 621 79.85 -44.16 64.96
CA SER A 621 80.54 -45.18 65.74
C SER A 621 80.42 -46.58 65.16
N LEU A 622 79.80 -46.73 63.99
CA LEU A 622 79.63 -48.05 63.40
C LEU A 622 80.95 -48.60 62.88
N GLY A 623 81.78 -47.75 62.30
CA GLY A 623 83.06 -48.22 61.78
C GLY A 623 84.05 -48.57 62.87
N PHE A 624 83.89 -47.97 64.05
CA PHE A 624 84.80 -48.26 65.15
C PHE A 624 84.57 -49.65 65.74
N ILE A 625 83.36 -50.18 65.61
CA ILE A 625 83.06 -51.49 66.17
C ILE A 625 83.02 -52.59 65.12
N LEU A 626 83.14 -52.25 63.83
CA LEU A 626 82.95 -53.23 62.77
C LEU A 626 84.04 -53.19 61.70
N PHE A 627 85.18 -52.54 61.98
CA PHE A 627 86.22 -52.44 60.94
C PHE A 627 86.98 -53.75 60.75
N ARG A 628 86.87 -54.68 61.68
CA ARG A 628 87.60 -55.95 61.54
C ARG A 628 86.99 -56.82 60.45
N THR A 629 85.66 -56.83 60.34
CA THR A 629 84.95 -57.49 59.25
C THR A 629 84.27 -56.44 58.38
N PRO A 630 84.94 -55.98 57.32
CA PRO A 630 84.38 -54.88 56.52
C PRO A 630 83.24 -55.28 55.61
N GLU A 631 82.89 -56.57 55.53
CA GLU A 631 81.84 -57.01 54.62
C GLU A 631 80.45 -56.67 55.11
N GLN A 632 80.23 -56.65 56.42
CA GLN A 632 78.91 -56.36 56.97
C GLN A 632 78.55 -54.89 56.85
N CYS A 633 79.56 -54.02 56.80
CA CYS A 633 79.34 -52.57 56.80
C CYS A 633 78.57 -52.00 55.60
N PRO A 634 78.76 -52.44 54.34
CA PRO A 634 77.84 -51.94 53.30
C PRO A 634 76.42 -52.45 53.44
N SER A 635 76.23 -53.62 54.07
CA SER A 635 74.89 -54.17 54.19
C SER A 635 74.07 -53.45 55.25
N VAL A 636 74.71 -52.90 56.27
CA VAL A 636 73.99 -52.37 57.41
C VAL A 636 73.80 -50.86 57.25
N VAL A 637 74.73 -50.21 56.53
CA VAL A 637 74.59 -48.79 56.24
C VAL A 637 73.98 -48.59 54.85
N SER A 638 73.37 -49.63 54.28
CA SER A 638 72.76 -49.52 52.96
C SER A 638 71.55 -48.60 52.98
N LEU A 639 70.78 -48.65 54.06
CA LEU A 639 69.59 -47.81 54.18
C LEU A 639 69.78 -46.71 55.22
N LEU A 640 70.85 -46.77 56.00
CA LEU A 640 71.23 -45.65 56.85
C LEU A 640 71.66 -44.45 56.02
N SER A 641 72.15 -44.68 54.80
CA SER A 641 72.45 -43.61 53.87
C SER A 641 71.21 -43.03 53.20
N GLU A 642 70.03 -43.58 53.46
CA GLU A 642 68.79 -43.15 52.81
C GLU A 642 67.74 -42.81 53.85
N SER A 643 68.12 -42.03 54.85
CA SER A 643 67.17 -41.51 55.82
C SER A 643 66.60 -40.19 55.29
N TYR A 644 65.85 -39.48 56.12
CA TYR A 644 65.28 -38.20 55.73
C TYR A 644 66.12 -37.01 56.19
N ASN A 645 66.78 -37.12 57.35
CA ASN A 645 67.62 -36.01 57.76
C ASN A 645 69.05 -36.18 57.25
N PRO A 646 69.75 -35.07 56.96
CA PRO A 646 71.13 -35.18 56.49
C PRO A 646 72.12 -35.60 57.55
N HIS A 647 71.79 -35.44 58.83
CA HIS A 647 72.74 -35.74 59.90
C HIS A 647 73.00 -37.24 60.02
N VAL A 648 71.94 -38.05 59.89
CA VAL A 648 72.12 -39.49 59.86
C VAL A 648 72.84 -39.89 58.57
N ARG A 649 72.52 -39.25 57.46
CA ARG A 649 73.20 -39.53 56.20
C ARG A 649 74.66 -39.08 56.22
N TYR A 650 74.97 -38.07 57.03
CA TYR A 650 76.36 -37.63 57.14
C TYR A 650 77.20 -38.66 57.85
N GLY A 651 76.77 -39.08 59.05
CA GLY A 651 77.53 -40.08 59.79
C GLY A 651 77.48 -41.45 59.15
N ALA A 652 76.47 -41.69 58.30
CA ALA A 652 76.49 -42.88 57.46
C ALA A 652 77.65 -42.83 56.48
N ALA A 653 77.94 -41.65 55.92
CA ALA A 653 79.01 -41.52 54.94
C ALA A 653 80.38 -41.72 55.60
N MET A 654 80.57 -41.19 56.80
CA MET A 654 81.85 -41.40 57.48
C MET A 654 82.00 -42.83 57.96
N ALA A 655 80.88 -43.53 58.18
CA ALA A 655 80.93 -44.92 58.61
C ALA A 655 81.45 -45.82 57.50
N LEU A 656 81.17 -45.48 56.24
CA LEU A 656 81.81 -46.17 55.13
C LEU A 656 83.30 -45.85 55.08
N GLY A 657 83.67 -44.65 55.52
CA GLY A 657 85.06 -44.23 55.42
C GLY A 657 85.97 -44.87 56.44
N ILE A 658 85.42 -45.25 57.60
CA ILE A 658 86.25 -45.73 58.70
C ILE A 658 86.09 -47.21 58.97
N CYS A 659 85.00 -47.84 58.53
CA CYS A 659 84.93 -49.29 58.60
C CYS A 659 85.86 -49.92 57.57
N CYS A 660 85.63 -49.65 56.30
CA CYS A 660 86.52 -50.08 55.25
C CYS A 660 87.66 -49.07 55.16
N ALA A 661 88.87 -49.51 55.46
CA ALA A 661 89.98 -48.56 55.55
C ALA A 661 90.56 -48.27 54.16
N GLY A 662 91.14 -49.26 53.52
CA GLY A 662 91.81 -49.04 52.26
C GLY A 662 91.45 -50.05 51.19
N THR A 663 90.26 -50.65 51.31
CA THR A 663 89.86 -51.68 50.38
C THR A 663 89.38 -51.09 49.07
N GLY A 664 89.61 -51.82 47.98
CA GLY A 664 88.95 -51.51 46.73
C GLY A 664 87.60 -52.19 46.72
N ASN A 665 86.65 -51.65 47.49
CA ASN A 665 85.42 -52.37 47.78
C ASN A 665 84.50 -52.43 46.57
N LYS A 666 84.21 -51.26 45.97
CA LYS A 666 83.35 -51.00 44.80
C LYS A 666 81.86 -51.16 45.15
N GLU A 667 81.57 -51.71 46.33
CA GLU A 667 80.22 -51.71 46.86
C GLU A 667 79.95 -50.47 47.70
N ALA A 668 80.93 -50.10 48.54
CA ALA A 668 80.84 -48.83 49.25
C ALA A 668 80.97 -47.66 48.29
N ILE A 669 81.77 -47.82 47.24
CA ILE A 669 81.93 -46.79 46.23
C ILE A 669 80.63 -46.64 45.43
N ASN A 670 79.91 -47.74 45.24
CA ASN A 670 78.58 -47.69 44.65
C ASN A 670 77.61 -46.94 45.55
N LEU A 671 77.78 -47.07 46.88
CA LEU A 671 76.92 -46.33 47.80
C LEU A 671 77.27 -44.85 47.84
N LEU A 672 78.56 -44.52 47.75
CA LEU A 672 79.00 -43.13 47.88
C LEU A 672 78.68 -42.28 46.66
N GLU A 673 78.32 -42.88 45.53
CA GLU A 673 78.05 -42.10 44.32
C GLU A 673 76.76 -41.26 44.41
N PRO A 674 75.63 -41.75 44.93
CA PRO A 674 74.55 -40.79 45.24
C PRO A 674 74.81 -39.96 46.49
N MET A 675 75.75 -40.37 47.35
CA MET A 675 76.04 -39.59 48.54
C MET A 675 76.76 -38.29 48.21
N THR A 676 77.63 -38.29 47.19
CA THR A 676 78.24 -37.08 46.71
C THR A 676 77.37 -36.34 45.70
N ASN A 677 76.16 -36.83 45.47
CA ASN A 677 75.21 -36.14 44.60
C ASN A 677 73.94 -35.86 45.40
N ASP A 678 74.10 -35.32 46.60
CA ASP A 678 72.99 -35.03 47.49
C ASP A 678 72.55 -33.57 47.31
N PRO A 679 71.30 -33.24 47.62
CA PRO A 679 70.94 -31.82 47.67
C PRO A 679 71.63 -31.04 48.77
N VAL A 680 71.86 -31.66 49.92
CA VAL A 680 72.46 -30.95 51.05
C VAL A 680 73.99 -30.97 50.91
N ASN A 681 74.63 -29.86 51.27
CA ASN A 681 76.03 -29.64 50.91
C ASN A 681 77.00 -30.44 51.77
N TYR A 682 76.80 -30.47 53.10
CA TYR A 682 77.84 -31.04 53.96
C TYR A 682 77.84 -32.55 53.96
N VAL A 683 76.72 -33.18 53.60
CA VAL A 683 76.75 -34.63 53.46
C VAL A 683 77.49 -35.03 52.18
N ARG A 684 77.50 -34.15 51.17
CA ARG A 684 78.37 -34.36 50.02
C ARG A 684 79.84 -34.20 50.41
N GLN A 685 80.11 -33.27 51.33
CA GLN A 685 81.47 -33.03 51.81
C GLN A 685 82.05 -34.26 52.51
N GLY A 686 81.28 -34.87 53.40
CA GLY A 686 81.74 -36.07 54.07
C GLY A 686 81.82 -37.27 53.14
N ALA A 687 81.01 -37.26 52.08
CA ALA A 687 81.12 -38.29 51.05
C ALA A 687 82.43 -38.15 50.28
N LEU A 688 82.88 -36.92 50.06
CA LEU A 688 84.14 -36.71 49.35
C LEU A 688 85.33 -37.12 50.21
N ILE A 689 85.24 -36.86 51.53
CA ILE A 689 86.33 -37.23 52.43
C ILE A 689 86.40 -38.73 52.60
N ALA A 690 85.25 -39.40 52.73
CA ALA A 690 85.24 -40.84 52.89
C ALA A 690 85.67 -41.55 51.61
N SER A 691 85.35 -40.96 50.46
CA SER A 691 85.87 -41.48 49.19
C SER A 691 87.37 -41.29 49.11
N ALA A 692 87.89 -40.24 49.74
CA ALA A 692 89.34 -40.05 49.79
C ALA A 692 89.99 -41.02 50.76
N LEU A 693 89.28 -41.40 51.83
CA LEU A 693 89.88 -42.28 52.83
C LEU A 693 89.99 -43.70 52.32
N ILE A 694 89.08 -44.11 51.44
CA ILE A 694 89.01 -45.53 51.08
C ILE A 694 90.02 -45.89 49.98
N MET A 695 90.37 -44.97 49.10
CA MET A 695 91.12 -45.30 47.89
C MET A 695 92.49 -44.64 47.81
N ILE A 696 93.17 -44.48 48.94
CA ILE A 696 94.55 -44.04 48.87
C ILE A 696 95.42 -45.21 48.44
N GLN A 697 96.39 -44.90 47.56
CA GLN A 697 97.30 -45.86 46.94
C GLN A 697 96.55 -46.98 46.24
N GLN A 698 95.70 -46.62 45.30
CA GLN A 698 94.98 -47.59 44.48
C GLN A 698 94.99 -47.05 43.06
N THR A 699 95.51 -47.85 42.13
CA THR A 699 95.56 -47.43 40.74
C THR A 699 94.25 -47.78 40.03
N GLU A 700 94.17 -47.34 38.77
CA GLU A 700 92.95 -47.54 37.98
C GLU A 700 92.75 -49.01 37.63
N ILE A 701 93.84 -49.77 37.50
CA ILE A 701 93.72 -51.20 37.20
C ILE A 701 93.28 -51.98 38.45
N THR A 702 93.50 -51.44 39.65
CA THR A 702 93.06 -52.11 40.86
C THR A 702 91.56 -51.96 41.06
N CYS A 703 91.03 -50.76 40.86
CA CYS A 703 89.60 -50.53 40.86
C CYS A 703 89.31 -49.39 39.89
N PRO A 704 88.25 -49.51 39.09
CA PRO A 704 88.03 -48.55 38.00
C PRO A 704 87.41 -47.22 38.41
N LYS A 705 87.38 -46.89 39.69
CA LYS A 705 86.76 -45.65 40.15
C LYS A 705 87.76 -44.62 40.64
N VAL A 706 89.05 -44.82 40.40
CA VAL A 706 90.06 -43.91 40.92
C VAL A 706 90.07 -42.61 40.12
N ASN A 707 90.33 -42.71 38.82
CA ASN A 707 90.45 -41.52 37.98
C ASN A 707 89.10 -40.87 37.73
N GLN A 708 88.01 -41.61 37.96
CA GLN A 708 86.67 -41.03 37.92
C GLN A 708 86.50 -39.95 38.99
N PHE A 709 87.05 -40.20 40.17
CA PHE A 709 86.84 -39.29 41.28
C PHE A 709 87.95 -38.24 41.41
N ARG A 710 89.12 -38.51 40.82
CA ARG A 710 90.18 -37.50 40.80
C ARG A 710 89.77 -36.32 39.94
N GLN A 711 89.14 -36.58 38.80
CA GLN A 711 88.59 -35.51 37.99
C GLN A 711 87.29 -34.98 38.57
N LEU A 712 86.61 -35.76 39.41
CA LEU A 712 85.44 -35.25 40.10
C LEU A 712 85.85 -34.32 41.23
N TYR A 713 86.95 -34.65 41.92
CA TYR A 713 87.56 -33.72 42.87
C TYR A 713 88.04 -32.47 42.14
N SER A 714 88.63 -32.66 40.96
CA SER A 714 89.18 -31.53 40.20
C SER A 714 88.07 -30.68 39.61
N LYS A 715 86.90 -31.28 39.37
CA LYS A 715 85.77 -30.52 38.85
C LYS A 715 85.23 -29.56 39.91
N VAL A 716 84.99 -30.08 41.12
CA VAL A 716 84.36 -29.27 42.16
C VAL A 716 85.34 -28.30 42.81
N ILE A 717 86.65 -28.50 42.66
CA ILE A 717 87.59 -27.55 43.22
C ILE A 717 87.89 -26.42 42.25
N ASN A 718 87.74 -26.65 40.94
CA ASN A 718 87.80 -25.58 39.96
C ASN A 718 86.43 -25.02 39.65
N ASP A 719 85.39 -25.58 40.25
CA ASP A 719 84.08 -24.96 40.23
C ASP A 719 84.09 -23.70 41.08
N LYS A 720 83.21 -22.77 40.74
CA LYS A 720 83.13 -21.49 41.41
C LYS A 720 81.92 -21.35 42.31
N HIS A 721 80.77 -21.88 41.90
CA HIS A 721 79.49 -21.59 42.54
C HIS A 721 79.07 -22.66 43.54
N ASP A 722 80.03 -23.25 44.24
CA ASP A 722 79.72 -24.11 45.36
C ASP A 722 80.05 -23.39 46.67
N ASP A 723 79.78 -24.05 47.79
CA ASP A 723 80.06 -23.46 49.08
C ASP A 723 81.53 -23.63 49.44
N VAL A 724 81.97 -22.84 50.42
CA VAL A 724 83.24 -23.14 51.08
C VAL A 724 83.13 -24.46 51.83
N MET A 725 81.96 -24.72 52.42
CA MET A 725 81.66 -26.01 53.01
C MET A 725 81.66 -27.12 51.96
N ALA A 726 81.19 -26.82 50.75
CA ALA A 726 81.17 -27.83 49.70
C ALA A 726 82.55 -28.11 49.15
N LYS A 727 83.47 -27.14 49.17
CA LYS A 727 84.80 -27.34 48.62
C LYS A 727 85.86 -27.60 49.68
N PHE A 728 85.52 -27.50 50.97
CA PHE A 728 86.48 -27.84 52.02
C PHE A 728 86.84 -29.31 51.96
N GLY A 729 85.85 -30.17 51.67
CA GLY A 729 86.13 -31.59 51.53
C GLY A 729 86.89 -31.93 50.27
N ALA A 730 86.83 -31.07 49.25
CA ALA A 730 87.49 -31.36 47.99
C ALA A 730 88.99 -31.13 48.09
N ILE A 731 89.40 -29.97 48.60
CA ILE A 731 90.81 -29.67 48.80
C ILE A 731 91.40 -30.58 49.87
N LEU A 732 90.60 -31.02 50.83
CA LEU A 732 91.07 -32.01 51.78
C LEU A 732 91.25 -33.36 51.12
N ALA A 733 90.40 -33.69 50.13
CA ALA A 733 90.50 -34.98 49.45
C ALA A 733 91.75 -35.04 48.58
N GLN A 734 92.22 -33.90 48.09
CA GLN A 734 93.51 -33.88 47.39
C GLN A 734 94.66 -34.13 48.34
N GLY A 735 94.54 -33.68 49.59
CA GLY A 735 95.59 -33.92 50.56
C GLY A 735 95.64 -35.36 51.03
N ILE A 736 94.49 -36.01 51.13
CA ILE A 736 94.45 -37.40 51.61
C ILE A 736 94.99 -38.33 50.55
N LEU A 737 94.62 -38.12 49.29
CA LEU A 737 94.76 -39.14 48.25
C LEU A 737 96.21 -39.38 47.86
N ASP A 738 97.10 -38.41 48.10
CA ASP A 738 98.50 -38.54 47.76
C ASP A 738 99.38 -38.38 49.00
N ALA A 739 98.88 -38.83 50.14
CA ALA A 739 99.54 -38.56 51.42
C ALA A 739 100.82 -39.39 51.58
N GLY A 740 101.84 -38.76 52.16
CA GLY A 740 103.12 -39.41 52.35
C GLY A 740 103.91 -39.66 51.09
N GLY A 741 103.57 -39.01 49.99
CA GLY A 741 104.22 -39.29 48.72
C GLY A 741 103.92 -40.68 48.20
N HIS A 742 102.69 -41.16 48.40
CA HIS A 742 102.24 -42.52 48.06
C HIS A 742 103.09 -43.59 48.72
N ASN A 743 103.47 -43.38 49.98
CA ASN A 743 104.30 -44.33 50.70
C ASN A 743 103.65 -44.87 51.97
N VAL A 744 102.71 -44.13 52.55
CA VAL A 744 102.02 -44.56 53.76
C VAL A 744 100.54 -44.78 53.43
N THR A 745 99.84 -45.45 54.35
CA THR A 745 98.41 -45.67 54.22
C THR A 745 97.77 -45.49 55.59
N ILE A 746 96.44 -45.50 55.61
CA ILE A 746 95.69 -45.57 56.85
C ILE A 746 95.20 -46.99 57.03
N SER A 747 95.39 -47.53 58.24
CA SER A 747 94.94 -48.88 58.56
C SER A 747 94.79 -48.95 60.06
N LEU A 748 93.55 -48.95 60.54
CA LEU A 748 93.30 -49.26 61.94
C LEU A 748 93.65 -50.71 62.25
N GLN A 749 93.48 -51.60 61.27
CA GLN A 749 93.96 -52.96 61.36
C GLN A 749 95.47 -53.00 61.17
N SER A 750 96.16 -53.68 62.07
CA SER A 750 97.61 -53.76 61.98
C SER A 750 98.03 -54.99 61.20
N ARG A 751 99.30 -55.34 61.31
CA ARG A 751 99.92 -56.50 60.68
C ARG A 751 99.33 -57.83 61.15
N THR A 752 99.48 -58.15 62.44
CA THR A 752 99.27 -59.51 62.93
C THR A 752 97.91 -59.73 63.56
N GLY A 753 96.85 -59.09 63.04
CA GLY A 753 95.52 -59.26 63.58
C GLY A 753 95.14 -58.26 64.65
N HIS A 754 96.11 -57.76 65.42
CA HIS A 754 95.92 -56.71 66.41
C HIS A 754 95.54 -55.39 65.70
N THR A 755 95.07 -54.41 66.46
CA THR A 755 94.77 -53.09 65.93
C THR A 755 95.66 -52.05 66.58
N HIS A 756 95.95 -50.98 65.83
CA HIS A 756 96.83 -49.92 66.33
C HIS A 756 96.11 -49.03 67.32
N MET A 757 96.76 -48.72 68.43
CA MET A 757 96.28 -47.62 69.26
C MET A 757 96.51 -46.21 68.69
N PRO A 758 97.55 -45.90 67.88
CA PRO A 758 97.57 -44.53 67.32
C PRO A 758 96.61 -44.33 66.17
N SER A 759 96.41 -45.35 65.33
CA SER A 759 95.55 -45.22 64.16
C SER A 759 94.08 -45.12 64.54
N VAL A 760 93.70 -45.61 65.72
CA VAL A 760 92.33 -45.43 66.19
C VAL A 760 92.15 -44.03 66.76
N VAL A 761 93.04 -43.64 67.69
CA VAL A 761 92.94 -42.34 68.35
C VAL A 761 93.17 -41.20 67.35
N GLY A 762 94.02 -41.44 66.36
CA GLY A 762 94.29 -40.41 65.36
C GLY A 762 93.10 -40.13 64.46
N VAL A 763 92.29 -41.15 64.17
CA VAL A 763 91.18 -40.92 63.25
C VAL A 763 89.94 -40.42 64.00
N LEU A 764 89.78 -40.74 65.29
CA LEU A 764 88.54 -40.39 65.97
C LEU A 764 88.53 -38.94 66.40
N VAL A 765 89.69 -38.36 66.70
CA VAL A 765 89.73 -36.93 66.94
C VAL A 765 89.73 -36.19 65.61
N PHE A 766 90.12 -36.87 64.53
CA PHE A 766 89.98 -36.31 63.20
C PHE A 766 88.52 -36.22 62.77
N THR A 767 87.63 -37.02 63.38
CA THR A 767 86.20 -36.85 63.15
C THR A 767 85.70 -35.54 63.71
N GLN A 768 86.39 -34.99 64.70
CA GLN A 768 86.02 -33.74 65.35
C GLN A 768 86.63 -32.54 64.63
N PHE A 769 86.44 -32.48 63.31
CA PHE A 769 86.86 -31.32 62.55
C PHE A 769 85.72 -30.35 62.35
N TRP A 770 84.50 -30.69 62.76
CA TRP A 770 83.45 -29.69 62.79
C TRP A 770 83.72 -28.63 63.83
N PHE A 771 84.06 -29.03 65.05
CA PHE A 771 84.13 -28.12 66.17
C PHE A 771 85.47 -27.41 66.28
N TRP A 772 86.48 -27.91 65.58
CA TRP A 772 87.83 -27.34 65.65
C TRP A 772 88.58 -27.82 64.42
N PHE A 773 88.97 -26.89 63.54
CA PHE A 773 89.79 -27.29 62.39
C PHE A 773 91.18 -27.79 62.73
N PRO A 774 91.99 -27.19 63.67
CA PRO A 774 93.32 -27.76 63.93
C PRO A 774 93.38 -29.11 64.63
N LEU A 775 92.25 -29.77 64.88
CA LEU A 775 92.32 -31.17 65.25
C LEU A 775 92.64 -32.09 64.07
N SER A 776 92.60 -31.56 62.85
CA SER A 776 92.86 -32.35 61.66
C SER A 776 94.33 -32.73 61.49
N HIS A 777 95.23 -32.14 62.28
CA HIS A 777 96.61 -32.57 62.26
C HIS A 777 96.81 -33.96 62.84
N PHE A 778 95.86 -34.44 63.64
CA PHE A 778 95.98 -35.71 64.34
C PHE A 778 95.87 -36.92 63.43
N LEU A 779 95.44 -36.76 62.17
CA LEU A 779 95.36 -37.88 61.26
C LEU A 779 96.73 -38.38 60.82
N SER A 780 97.79 -37.58 61.03
CA SER A 780 99.15 -37.99 60.71
C SER A 780 99.63 -39.17 61.58
N LEU A 781 98.98 -39.41 62.71
CA LEU A 781 99.30 -40.58 63.52
C LEU A 781 98.87 -41.87 62.83
N ALA A 782 97.83 -41.82 62.00
CA ALA A 782 97.30 -42.99 61.33
C ALA A 782 97.99 -43.28 60.00
N TYR A 783 99.13 -42.65 59.73
CA TYR A 783 99.86 -42.85 58.49
C TYR A 783 100.92 -43.92 58.74
N THR A 784 100.60 -45.16 58.37
CA THR A 784 101.47 -46.32 58.56
C THR A 784 102.09 -46.71 57.24
N PRO A 785 103.38 -47.09 57.23
CA PRO A 785 104.07 -47.27 55.94
C PRO A 785 103.65 -48.54 55.23
N THR A 786 103.62 -48.46 53.90
CA THR A 786 103.42 -49.62 53.04
C THR A 786 104.75 -50.15 52.52
N CYS A 787 105.64 -50.50 53.43
CA CYS A 787 106.98 -50.92 53.05
C CYS A 787 107.42 -52.14 53.84
N VAL A 788 108.31 -52.92 53.24
CA VAL A 788 109.02 -54.00 53.91
C VAL A 788 110.46 -53.54 54.15
N ILE A 789 111.14 -54.17 55.10
CA ILE A 789 112.50 -53.79 55.48
C ILE A 789 113.32 -55.06 55.67
N GLY A 790 114.41 -55.17 54.92
CA GLY A 790 115.21 -56.39 54.89
C GLY A 790 116.46 -56.37 55.74
N LEU A 791 116.36 -55.82 56.95
CA LEU A 791 117.50 -55.66 57.85
C LEU A 791 117.88 -57.00 58.46
N ASN A 792 119.06 -57.52 58.11
CA ASN A 792 119.47 -58.84 58.56
C ASN A 792 120.26 -58.80 59.87
N LYS A 793 121.34 -58.02 59.92
CA LYS A 793 122.09 -57.80 61.13
C LYS A 793 121.47 -56.59 61.84
N ASP A 794 122.06 -56.19 62.97
CA ASP A 794 121.60 -55.00 63.68
C ASP A 794 121.83 -53.72 62.89
N LEU A 795 122.81 -53.72 61.98
CA LEU A 795 123.19 -52.52 61.25
C LEU A 795 123.08 -52.68 59.74
N LYS A 796 123.41 -53.85 59.20
CA LYS A 796 123.51 -54.03 57.75
C LYS A 796 122.14 -54.11 57.11
N MET A 797 121.86 -53.20 56.19
CA MET A 797 120.77 -53.63 55.33
C MET A 797 121.32 -54.03 53.95
N PRO A 798 121.27 -55.31 53.59
CA PRO A 798 121.95 -55.76 52.36
C PRO A 798 121.13 -55.49 51.11
N LYS A 799 121.77 -55.23 49.97
CA LYS A 799 121.02 -54.85 48.79
C LYS A 799 120.61 -56.12 48.05
N VAL A 800 119.33 -56.45 48.18
CA VAL A 800 118.77 -57.74 47.83
C VAL A 800 117.86 -57.54 46.62
N GLN A 801 117.68 -58.59 45.82
CA GLN A 801 116.82 -58.56 44.64
C GLN A 801 115.79 -59.67 44.75
N TYR A 802 114.52 -59.30 44.75
CA TYR A 802 113.41 -60.25 44.77
C TYR A 802 112.29 -59.70 43.91
N LYS A 803 111.35 -60.57 43.55
CA LYS A 803 110.49 -60.27 42.41
C LYS A 803 109.00 -60.39 42.72
N SER A 804 108.17 -60.34 41.66
CA SER A 804 106.72 -60.26 41.79
C SER A 804 106.03 -61.49 41.21
N ASN A 805 104.71 -61.55 41.43
CA ASN A 805 103.87 -62.62 40.90
C ASN A 805 102.50 -62.12 40.43
N CYS A 806 102.40 -60.86 40.00
CA CYS A 806 101.18 -60.23 39.48
C CYS A 806 100.60 -61.01 38.32
N LYS A 807 99.27 -60.99 38.16
CA LYS A 807 98.61 -61.99 37.33
C LYS A 807 98.88 -61.74 35.82
N PRO A 808 98.48 -60.60 35.13
CA PRO A 808 99.25 -60.29 33.91
C PRO A 808 100.18 -59.07 33.97
N SER A 809 100.07 -58.22 34.98
CA SER A 809 100.27 -56.80 34.71
C SER A 809 101.14 -56.03 35.71
N THR A 810 101.30 -54.73 35.44
CA THR A 810 102.05 -53.80 36.29
C THR A 810 101.18 -52.60 36.62
N PHE A 811 101.58 -51.88 37.68
CA PHE A 811 100.74 -50.93 38.39
C PHE A 811 101.66 -49.88 39.03
N ALA A 812 101.25 -49.33 40.18
CA ALA A 812 102.22 -48.87 41.19
C ALA A 812 102.97 -47.57 40.91
N TYR A 813 102.33 -46.46 41.33
CA TYR A 813 102.95 -45.17 41.65
C TYR A 813 103.42 -44.34 40.45
N PRO A 814 102.54 -44.04 39.42
CA PRO A 814 102.99 -43.15 38.33
C PRO A 814 103.00 -41.65 38.68
N ALA A 815 101.87 -41.12 39.14
CA ALA A 815 101.56 -39.69 39.17
C ALA A 815 102.14 -38.82 38.06
N PRO A 816 101.89 -39.14 36.77
CA PRO A 816 102.70 -38.50 35.72
C PRO A 816 102.13 -37.23 35.10
N LEU A 817 100.82 -37.02 35.21
CA LEU A 817 100.12 -36.18 34.24
C LEU A 817 100.02 -34.75 34.72
N GLU A 818 100.85 -33.88 34.15
CA GLU A 818 100.75 -32.45 34.41
C GLU A 818 100.76 -31.64 33.14
N VAL A 819 99.96 -32.04 32.15
CA VAL A 819 99.78 -31.24 30.94
C VAL A 819 98.62 -30.28 31.18
N PRO A 820 98.65 -29.08 30.58
CA PRO A 820 97.51 -28.16 30.70
C PRO A 820 96.40 -28.38 29.68
N LYS A 821 96.50 -29.44 28.86
CA LYS A 821 95.59 -29.73 27.74
C LYS A 821 95.50 -28.55 26.79
N GLU A 822 96.62 -28.31 26.08
CA GLU A 822 96.66 -27.30 25.03
C GLU A 822 95.70 -27.67 23.90
N LYS A 823 94.61 -26.92 23.79
CA LYS A 823 93.56 -27.20 22.83
C LYS A 823 93.40 -26.04 21.86
N GLU A 824 92.80 -26.35 20.70
CA GLU A 824 92.64 -25.37 19.63
C GLU A 824 91.22 -25.48 19.09
N LYS A 825 90.54 -24.33 18.96
CA LYS A 825 89.31 -24.29 18.18
C LYS A 825 89.64 -24.49 16.70
N GLU A 826 90.40 -23.56 16.13
CA GLU A 826 91.26 -23.71 14.95
C GLU A 826 90.52 -23.83 13.61
N LYS A 827 89.24 -24.20 13.64
CA LYS A 827 88.48 -24.56 12.44
C LYS A 827 87.00 -24.64 12.79
N VAL A 828 86.18 -24.38 11.78
CA VAL A 828 84.80 -24.86 11.70
C VAL A 828 84.68 -25.54 10.35
N SER A 829 84.17 -26.78 10.34
CA SER A 829 84.19 -27.60 9.14
C SER A 829 83.25 -27.04 8.08
N THR A 830 83.79 -26.82 6.88
CA THR A 830 83.04 -26.28 5.75
C THR A 830 82.08 -27.35 5.26
N ALA A 831 80.80 -27.20 5.59
CA ALA A 831 79.78 -28.21 5.31
C ALA A 831 78.95 -27.87 4.08
N VAL A 832 79.52 -27.18 3.10
CA VAL A 832 78.80 -26.87 1.86
C VAL A 832 78.72 -28.16 1.05
N LEU A 833 77.56 -28.80 1.05
CA LEU A 833 77.35 -30.05 0.32
C LEU A 833 76.58 -29.72 -0.94
N SER A 834 77.28 -29.77 -2.07
CA SER A 834 76.87 -29.15 -3.32
C SER A 834 77.63 -29.84 -4.45
N ILE A 835 77.83 -29.11 -5.56
CA ILE A 835 78.73 -29.50 -6.65
C ILE A 835 80.19 -29.71 -6.22
N THR A 836 80.52 -29.31 -4.98
CA THR A 836 81.82 -29.60 -4.35
C THR A 836 82.16 -31.09 -4.36
N ALA A 837 81.15 -31.97 -4.26
CA ALA A 837 81.41 -33.39 -4.02
C ALA A 837 82.06 -34.06 -5.22
N LYS A 838 81.57 -33.78 -6.43
CA LYS A 838 82.21 -34.33 -7.61
C LYS A 838 83.41 -33.51 -8.07
N ALA A 839 83.57 -32.30 -7.52
CA ALA A 839 84.70 -31.46 -7.91
C ALA A 839 85.97 -31.86 -7.19
N LYS A 840 85.85 -32.31 -5.94
CA LYS A 840 87.00 -32.86 -5.23
C LYS A 840 87.36 -34.24 -5.74
N LYS A 841 86.38 -34.97 -6.30
CA LYS A 841 86.64 -36.32 -6.79
C LYS A 841 87.48 -36.30 -8.05
N LYS A 842 87.21 -35.38 -8.98
CA LYS A 842 88.04 -35.23 -10.17
C LYS A 842 89.39 -34.61 -9.85
N GLU A 843 89.51 -33.94 -8.69
CA GLU A 843 90.82 -33.46 -8.25
C GLU A 843 91.68 -34.61 -7.74
N LYS A 844 91.06 -35.62 -7.11
CA LYS A 844 91.80 -36.81 -6.72
C LYS A 844 92.20 -37.64 -7.94
N GLU A 845 91.46 -37.52 -9.04
CA GLU A 845 91.91 -38.12 -10.30
C GLU A 845 93.13 -37.39 -10.85
N LYS A 846 93.25 -36.09 -10.58
CA LYS A 846 94.41 -35.33 -11.05
C LYS A 846 95.67 -35.72 -10.30
N GLU A 847 95.54 -36.20 -9.06
CA GLU A 847 96.69 -36.64 -8.31
C GLU A 847 97.16 -38.03 -8.72
N LYS A 848 96.29 -38.82 -9.35
CA LYS A 848 96.69 -40.15 -9.82
C LYS A 848 97.55 -40.10 -11.08
N LYS A 849 97.69 -38.93 -11.70
CA LYS A 849 98.69 -38.72 -12.74
C LYS A 849 99.97 -38.10 -12.18
N GLU A 850 99.87 -37.32 -11.11
CA GLU A 850 100.99 -36.55 -10.57
C GLU A 850 101.73 -37.27 -9.45
N GLU A 851 101.03 -38.05 -8.61
CA GLU A 851 101.72 -38.68 -7.49
C GLU A 851 102.44 -39.94 -7.92
N GLU A 852 101.69 -40.95 -8.38
CA GLU A 852 102.23 -42.29 -8.59
C GLU A 852 103.07 -42.43 -9.84
N LYS A 853 103.26 -41.36 -10.62
CA LYS A 853 104.03 -41.45 -11.85
C LYS A 853 105.35 -40.71 -11.80
N MET A 854 105.56 -39.80 -10.85
CA MET A 854 106.83 -39.11 -10.74
C MET A 854 107.67 -39.58 -9.57
N GLU A 855 107.18 -39.41 -8.34
CA GLU A 855 107.91 -39.85 -7.15
C GLU A 855 106.97 -39.92 -5.95
N VAL A 856 106.56 -41.14 -5.58
CA VAL A 856 106.10 -41.40 -4.22
C VAL A 856 106.50 -42.81 -3.80
N ASP A 857 107.45 -42.89 -2.87
CA ASP A 857 107.95 -44.18 -2.39
C ASP A 857 108.10 -44.18 -0.87
N GLU A 858 107.12 -43.65 -0.16
CA GLU A 858 107.19 -43.54 1.29
C GLU A 858 106.49 -44.72 1.96
N ALA A 859 107.10 -45.22 3.03
CA ALA A 859 106.57 -46.38 3.73
C ALA A 859 106.87 -46.24 5.22
N GLU A 860 106.20 -47.07 6.01
CA GLU A 860 106.32 -47.05 7.46
C GLU A 860 106.20 -48.51 7.94
N LYS A 861 106.61 -48.76 9.17
CA LYS A 861 106.64 -50.12 9.70
C LYS A 861 105.72 -50.22 10.91
N LYS A 862 105.04 -51.35 11.01
CA LYS A 862 104.05 -51.66 12.03
C LYS A 862 104.72 -52.52 13.11
N GLU A 863 104.00 -52.72 14.23
CA GLU A 863 104.23 -53.67 15.33
C GLU A 863 105.59 -53.55 16.02
N GLU A 864 106.29 -52.44 15.87
CA GLU A 864 107.44 -52.20 16.73
C GLU A 864 107.01 -51.83 18.14
N LYS A 865 105.93 -51.05 18.26
CA LYS A 865 105.48 -50.55 19.55
C LYS A 865 104.70 -51.60 20.33
N GLU A 866 104.16 -52.60 19.66
CA GLU A 866 103.50 -53.73 20.32
C GLU A 866 104.51 -54.74 20.86
N LYS A 867 105.74 -54.73 20.33
CA LYS A 867 106.70 -55.77 20.63
C LYS A 867 107.25 -55.67 22.06
N LYS A 868 107.47 -54.44 22.54
CA LYS A 868 108.06 -54.26 23.86
C LYS A 868 107.08 -54.50 25.01
N LYS A 869 105.79 -54.66 24.73
CA LYS A 869 104.80 -54.73 25.80
C LYS A 869 104.73 -56.12 26.42
N GLU A 870 104.66 -57.16 25.59
CA GLU A 870 104.42 -58.50 26.12
C GLU A 870 105.56 -59.19 26.89
N PRO A 871 106.87 -58.96 26.65
CA PRO A 871 107.86 -59.64 27.51
C PRO A 871 108.11 -58.97 28.85
N GLU A 872 107.21 -58.10 29.31
CA GLU A 872 107.35 -57.20 30.44
C GLU A 872 107.68 -57.86 31.78
N PRO A 873 108.14 -57.08 32.78
CA PRO A 873 108.17 -57.56 34.17
C PRO A 873 106.79 -57.73 34.82
N ASN A 874 106.76 -57.69 36.15
CA ASN A 874 106.22 -58.60 37.17
C ASN A 874 107.34 -59.49 37.69
N PHE A 875 108.58 -59.01 37.50
CA PHE A 875 109.69 -59.48 38.33
C PHE A 875 110.57 -58.31 38.79
N GLN A 876 109.95 -57.22 39.24
CA GLN A 876 110.67 -56.00 39.62
C GLN A 876 111.50 -56.21 40.89
N LEU A 877 112.80 -55.93 40.78
CA LEU A 877 113.71 -56.12 41.90
C LEU A 877 113.75 -54.87 42.77
N LEU A 878 113.96 -55.07 44.08
CA LEU A 878 113.73 -54.01 45.06
C LEU A 878 114.75 -54.08 46.18
N ASP A 879 115.37 -52.94 46.49
CA ASP A 879 116.28 -52.84 47.62
C ASP A 879 115.55 -52.87 48.96
N ASN A 880 116.31 -52.74 50.06
CA ASN A 880 115.88 -52.97 51.44
C ASN A 880 114.59 -52.31 51.90
N PRO A 881 114.39 -50.95 51.80
CA PRO A 881 113.18 -50.38 52.42
C PRO A 881 111.99 -50.39 51.47
N ALA A 882 111.76 -51.52 50.81
CA ALA A 882 110.97 -51.57 49.60
C ALA A 882 109.50 -51.34 49.88
N ARG A 883 108.94 -50.34 49.20
CA ARG A 883 107.51 -50.16 49.20
C ARG A 883 106.81 -51.29 48.44
N VAL A 884 105.60 -51.60 48.87
CA VAL A 884 104.72 -52.55 48.21
C VAL A 884 103.30 -52.21 48.65
N MET A 885 102.37 -52.24 47.70
CA MET A 885 100.97 -52.04 48.03
C MET A 885 100.50 -53.16 48.94
N PRO A 886 99.72 -52.86 49.99
CA PRO A 886 99.27 -53.92 50.92
C PRO A 886 98.38 -54.98 50.30
N ALA A 887 97.86 -54.76 49.09
CA ALA A 887 97.19 -55.84 48.36
C ALA A 887 98.18 -56.86 47.82
N GLN A 888 99.45 -56.50 47.67
CA GLN A 888 100.45 -57.43 47.16
C GLN A 888 101.46 -57.86 48.21
N LEU A 889 101.00 -58.10 49.43
CA LEU A 889 101.85 -58.73 50.42
C LEU A 889 101.90 -60.24 50.26
N LYS A 890 100.99 -60.80 49.45
CA LYS A 890 100.89 -62.23 49.25
C LYS A 890 101.31 -62.69 47.87
N VAL A 891 101.43 -61.78 46.90
CA VAL A 891 101.84 -62.14 45.55
C VAL A 891 103.21 -61.52 45.26
N LEU A 892 103.99 -61.31 46.31
CA LEU A 892 105.41 -61.05 46.14
C LEU A 892 106.15 -62.37 46.02
N THR A 893 107.47 -62.32 45.91
CA THR A 893 108.28 -63.51 45.76
C THR A 893 109.56 -63.35 46.58
N MET A 894 109.95 -64.42 47.27
CA MET A 894 111.14 -64.39 48.10
C MET A 894 112.41 -64.33 47.24
N PRO A 895 113.49 -63.73 47.73
CA PRO A 895 114.75 -63.71 46.95
C PRO A 895 115.51 -65.03 46.99
N GLU A 896 114.99 -66.04 46.30
CA GLU A 896 115.68 -67.32 46.24
C GLU A 896 116.75 -67.35 45.16
N THR A 897 116.67 -66.47 44.16
CA THR A 897 117.67 -66.46 43.09
C THR A 897 118.98 -65.84 43.53
N CYS A 898 118.99 -65.09 44.62
CA CYS A 898 120.21 -64.51 45.14
C CYS A 898 120.87 -65.45 46.14
N ARG A 899 122.10 -65.09 46.55
CA ARG A 899 122.78 -65.85 47.58
C ARG A 899 122.10 -65.68 48.93
N TYR A 900 121.57 -64.48 49.18
CA TYR A 900 121.08 -64.08 50.49
C TYR A 900 119.57 -64.24 50.52
N GLN A 901 119.09 -65.35 51.12
CA GLN A 901 117.72 -65.82 51.03
C GLN A 901 117.02 -65.72 52.38
N PRO A 902 115.73 -65.39 52.42
CA PRO A 902 115.10 -65.00 53.70
C PRO A 902 114.85 -66.18 54.62
N PHE A 903 114.67 -65.84 55.90
CA PHE A 903 114.38 -66.85 56.92
C PHE A 903 113.04 -66.67 57.59
N LYS A 904 112.67 -65.45 57.97
CA LYS A 904 111.37 -65.17 58.56
C LYS A 904 110.27 -65.38 57.52
N PRO A 905 109.12 -65.93 57.93
CA PRO A 905 107.97 -66.01 57.03
C PRO A 905 107.53 -64.63 56.55
N LEU A 906 107.70 -64.41 55.25
CA LEU A 906 107.54 -63.10 54.63
C LEU A 906 106.22 -63.11 53.85
N SER A 907 105.17 -62.58 54.47
CA SER A 907 103.88 -62.49 53.80
C SER A 907 103.14 -61.19 54.07
N ILE A 908 103.73 -60.23 54.78
CA ILE A 908 103.03 -59.01 55.15
C ILE A 908 104.08 -57.94 55.48
N GLY A 909 103.76 -56.69 55.13
CA GLY A 909 104.76 -55.63 55.16
C GLY A 909 105.11 -55.17 56.56
N GLY A 910 106.31 -54.60 56.66
CA GLY A 910 106.86 -54.24 57.95
C GLY A 910 108.37 -54.34 57.99
N ILE A 911 108.90 -55.17 58.88
CA ILE A 911 110.34 -55.36 58.98
C ILE A 911 110.60 -56.85 59.24
N ILE A 912 111.62 -57.39 58.58
CA ILE A 912 111.99 -58.80 58.69
C ILE A 912 113.50 -58.89 58.89
N ILE A 913 113.98 -60.09 59.19
CA ILE A 913 115.39 -60.44 59.01
C ILE A 913 115.51 -61.28 57.75
N LEU A 914 116.58 -61.03 57.01
CA LEU A 914 117.05 -61.97 56.03
C LEU A 914 117.95 -62.99 56.72
N LYS A 915 117.98 -64.21 56.20
CA LYS A 915 119.07 -65.10 56.54
C LYS A 915 120.17 -64.74 55.57
N ASP A 916 121.09 -63.90 56.01
CA ASP A 916 122.29 -63.65 55.23
C ASP A 916 123.05 -64.96 55.27
N THR A 917 123.09 -65.62 54.12
CA THR A 917 123.62 -66.97 54.01
C THR A 917 125.15 -66.96 54.03
N SER A 918 125.73 -68.07 53.56
CA SER A 918 127.16 -68.37 53.63
C SER A 918 128.12 -67.26 53.20
N GLU A 919 129.36 -67.37 53.66
CA GLU A 919 130.37 -66.33 53.91
C GLU A 919 130.68 -65.45 52.69
N ASP A 920 131.39 -64.33 52.92
CA ASP A 920 131.52 -63.09 52.13
C ASP A 920 130.23 -62.26 52.18
N ILE A 921 129.98 -61.71 53.38
CA ILE A 921 128.89 -60.79 53.67
C ILE A 921 129.27 -59.38 53.19
N GLU A 922 128.35 -58.70 52.52
CA GLU A 922 128.67 -57.44 51.83
C GLU A 922 127.46 -56.51 51.83
N GLU A 923 127.51 -55.51 50.94
CA GLU A 923 126.39 -54.68 50.48
C GLU A 923 125.77 -53.80 51.58
N LEU A 924 126.57 -52.85 52.07
CA LEU A 924 126.07 -51.79 52.94
C LEU A 924 125.32 -50.73 52.13
N VAL A 925 124.37 -50.08 52.80
CA VAL A 925 123.84 -48.78 52.37
C VAL A 925 123.38 -48.01 53.61
N GLU A 926 123.95 -46.82 53.80
CA GLU A 926 123.58 -45.91 54.90
C GLU A 926 123.67 -44.48 54.37
N PRO A 927 122.55 -43.88 53.92
CA PRO A 927 122.57 -42.47 53.52
C PRO A 927 122.22 -41.54 54.67
N PRO B 17 54.83 -105.68 10.53
CA PRO B 17 56.02 -104.92 10.12
C PRO B 17 55.85 -103.96 8.90
N PRO B 18 54.94 -104.22 7.91
CA PRO B 18 54.58 -103.11 7.03
C PRO B 18 53.42 -102.30 7.60
N GLY B 19 52.70 -102.88 8.56
CA GLY B 19 51.60 -102.19 9.18
C GLY B 19 51.99 -101.46 10.46
N GLY B 20 52.63 -102.19 11.38
CA GLY B 20 53.04 -101.61 12.65
C GLY B 20 54.50 -101.25 12.71
N GLY B 21 55.33 -101.97 11.96
CA GLY B 21 56.75 -101.68 11.91
C GLY B 21 57.08 -100.37 11.21
N GLU B 22 56.21 -99.93 10.30
CA GLU B 22 56.35 -98.60 9.71
C GLU B 22 55.80 -97.51 10.61
N GLN B 23 54.98 -97.87 11.60
CA GLN B 23 54.52 -96.94 12.62
C GLN B 23 55.33 -97.05 13.90
N GLU B 24 56.47 -97.76 13.86
CA GLU B 24 57.53 -97.74 14.87
C GLU B 24 58.46 -96.52 14.87
N PRO B 25 58.80 -95.86 13.75
CA PRO B 25 59.56 -94.60 13.84
C PRO B 25 58.86 -93.45 14.55
N PRO B 26 57.53 -93.22 14.47
CA PRO B 26 56.95 -92.03 15.19
C PRO B 26 56.97 -92.05 16.72
N PRO B 27 56.83 -93.18 17.44
CA PRO B 27 56.79 -93.08 18.93
C PRO B 27 58.08 -92.66 19.64
N PRO B 28 59.31 -93.04 19.21
CA PRO B 28 60.49 -92.57 19.97
C PRO B 28 60.74 -91.06 19.95
N PRO B 29 60.90 -90.41 18.77
CA PRO B 29 61.82 -89.25 18.73
C PRO B 29 61.30 -88.01 19.44
N ALA B 30 60.00 -87.77 19.44
CA ALA B 30 59.52 -86.62 20.19
C ALA B 30 59.49 -86.91 21.69
N PRO B 31 59.10 -88.12 22.17
CA PRO B 31 59.51 -88.48 23.54
C PRO B 31 61.01 -88.63 23.73
N GLN B 32 61.80 -88.83 22.67
CA GLN B 32 63.24 -88.69 22.84
C GLN B 32 63.67 -87.24 22.99
N ASP B 33 62.81 -86.29 22.60
CA ASP B 33 63.15 -84.88 22.72
C ASP B 33 62.46 -84.21 23.91
N VAL B 34 61.13 -84.18 23.93
CA VAL B 34 60.47 -83.32 24.92
C VAL B 34 60.33 -84.03 26.26
N GLU B 35 60.23 -85.36 26.26
CA GLU B 35 60.24 -86.09 27.53
C GLU B 35 61.65 -86.15 28.11
N MET B 36 62.67 -86.05 27.25
CA MET B 36 64.04 -85.98 27.75
C MET B 36 64.33 -84.61 28.37
N LYS B 37 63.80 -83.55 27.75
CA LYS B 37 64.01 -82.21 28.30
C LYS B 37 63.18 -81.94 29.55
N GLU B 38 62.28 -82.86 29.92
CA GLU B 38 61.55 -82.73 31.18
C GLU B 38 62.49 -82.79 32.37
N GLU B 39 63.18 -83.91 32.55
CA GLU B 39 64.11 -84.01 33.69
C GLU B 39 65.39 -83.23 33.46
N ALA B 40 65.69 -82.86 32.21
CA ALA B 40 66.81 -81.97 31.96
C ALA B 40 66.53 -80.57 32.50
N ALA B 41 65.30 -80.10 32.31
CA ALA B 41 64.90 -78.83 32.92
C ALA B 41 64.61 -79.00 34.40
N THR B 42 64.10 -80.16 34.81
CA THR B 42 63.84 -80.40 36.22
C THR B 42 65.14 -80.56 37.00
N GLY B 43 66.06 -81.38 36.48
CA GLY B 43 67.33 -81.58 37.16
C GLY B 43 68.21 -80.34 37.14
N GLY B 44 68.07 -79.51 36.11
CA GLY B 44 68.80 -78.26 36.09
C GLY B 44 68.23 -77.23 37.05
N GLY B 45 66.90 -77.11 37.07
CA GLY B 45 66.28 -76.11 37.92
C GLY B 45 66.25 -76.47 39.39
N SER B 46 66.18 -77.77 39.70
CA SER B 46 66.29 -78.19 41.09
C SER B 46 67.69 -77.98 41.63
N THR B 47 68.70 -78.18 40.77
CA THR B 47 70.07 -77.87 41.15
C THR B 47 70.27 -76.37 41.31
N GLY B 48 69.60 -75.57 40.48
CA GLY B 48 69.72 -74.12 40.57
C GLY B 48 69.14 -73.55 41.85
N GLU B 49 68.06 -74.17 42.35
CA GLU B 49 67.53 -73.69 43.62
C GLU B 49 68.16 -74.40 44.82
N ALA B 50 68.80 -75.55 44.62
CA ALA B 50 69.54 -76.16 45.72
C ALA B 50 70.82 -75.38 46.02
N ASP B 51 71.39 -74.72 45.03
CA ASP B 51 72.62 -73.97 45.23
C ASP B 51 72.34 -72.59 45.84
N GLY B 52 71.63 -71.75 45.10
CA GLY B 52 71.20 -70.47 45.60
C GLY B 52 69.70 -70.44 45.82
N LYS B 53 69.26 -69.59 46.74
CA LYS B 53 67.90 -69.54 47.27
C LYS B 53 67.50 -70.92 47.81
N THR B 54 68.17 -71.28 48.90
CA THR B 54 68.13 -72.63 49.44
C THR B 54 66.76 -73.02 49.98
N ALA B 55 65.86 -72.06 50.20
CA ALA B 55 64.46 -72.36 50.43
C ALA B 55 63.83 -72.69 49.08
N ALA B 56 63.91 -73.96 48.69
CA ALA B 56 63.61 -74.39 47.33
C ALA B 56 62.25 -75.08 47.21
N ALA B 57 61.25 -74.63 47.98
CA ALA B 57 59.94 -75.27 47.92
C ALA B 57 59.18 -74.87 46.66
N ALA B 58 59.39 -73.64 46.18
CA ALA B 58 58.66 -73.09 45.05
C ALA B 58 59.53 -73.27 43.81
N ALA B 59 59.39 -74.42 43.16
CA ALA B 59 60.06 -74.71 41.91
C ALA B 59 59.19 -75.70 41.13
N GLU B 60 59.78 -76.36 40.16
CA GLU B 60 59.10 -77.45 39.47
C GLU B 60 59.16 -78.76 40.25
N HIS B 61 59.63 -78.73 41.50
CA HIS B 61 59.51 -79.87 42.41
C HIS B 61 58.06 -80.34 42.53
N SER B 62 57.14 -79.39 42.64
CA SER B 62 55.72 -79.71 42.81
C SER B 62 55.11 -80.23 41.52
N GLN B 63 55.38 -79.57 40.40
CA GLN B 63 54.74 -79.93 39.14
C GLN B 63 55.31 -81.23 38.58
N ARG B 64 56.62 -81.47 38.79
CA ARG B 64 57.18 -82.77 38.43
C ARG B 64 56.61 -83.87 39.32
N GLU B 65 56.36 -83.56 40.59
CA GLU B 65 55.71 -84.53 41.46
C GLU B 65 54.27 -84.78 41.02
N LEU B 66 53.57 -83.74 40.55
CA LEU B 66 52.28 -83.96 39.92
C LEU B 66 52.44 -84.70 38.59
N ASP B 67 53.57 -84.51 37.91
CA ASP B 67 53.83 -85.26 36.69
C ASP B 67 54.19 -86.71 36.99
N THR B 68 55.04 -86.95 38.00
CA THR B 68 55.42 -88.32 38.31
C THR B 68 54.27 -89.14 38.88
N VAL B 69 53.23 -88.48 39.40
CA VAL B 69 51.97 -89.18 39.65
C VAL B 69 51.24 -89.44 38.34
N THR B 70 51.13 -88.41 37.50
CA THR B 70 50.27 -88.48 36.33
C THR B 70 51.03 -88.78 35.04
N LEU B 71 52.01 -87.94 34.68
CA LEU B 71 52.52 -87.91 33.32
C LEU B 71 53.42 -89.11 33.03
N GLU B 72 54.56 -89.20 33.72
CA GLU B 72 55.57 -90.20 33.36
C GLU B 72 55.18 -91.63 33.73
N ASP B 73 54.10 -91.82 34.49
CA ASP B 73 53.56 -93.16 34.65
C ASP B 73 52.83 -93.60 33.39
N ILE B 74 52.12 -92.68 32.73
CA ILE B 74 51.41 -93.01 31.49
C ILE B 74 52.10 -92.47 30.26
N LYS B 75 53.16 -91.67 30.41
CA LYS B 75 54.02 -91.37 29.28
C LYS B 75 54.76 -92.61 28.83
N GLU B 76 55.11 -93.49 29.78
CA GLU B 76 55.80 -94.73 29.49
C GLU B 76 55.58 -95.71 30.64
N HIS B 77 55.27 -96.96 30.28
CA HIS B 77 55.30 -98.08 31.21
C HIS B 77 56.43 -99.03 30.86
N VAL B 78 56.48 -99.48 29.62
CA VAL B 78 57.58 -100.25 29.07
C VAL B 78 58.67 -99.22 28.73
N LYS B 79 59.88 -99.69 28.46
CA LYS B 79 60.97 -98.78 28.16
C LYS B 79 61.00 -98.30 26.70
N GLN B 80 59.92 -98.47 25.93
CA GLN B 80 59.63 -97.69 24.71
C GLN B 80 60.75 -97.83 23.66
N LEU B 81 60.80 -99.03 23.07
CA LEU B 81 61.88 -99.47 22.19
C LEU B 81 62.08 -98.55 20.98
N GLU B 82 63.19 -98.78 20.28
CA GLU B 82 63.90 -97.78 19.45
C GLU B 82 64.29 -96.57 20.31
N LYS B 83 64.69 -96.87 21.55
CA LYS B 83 65.56 -96.05 22.39
C LYS B 83 64.97 -94.67 22.71
N ALA B 84 63.82 -94.69 23.37
CA ALA B 84 63.27 -93.50 24.00
C ALA B 84 63.44 -93.56 25.52
N VAL B 85 62.87 -94.59 26.14
CA VAL B 85 63.12 -94.87 27.55
C VAL B 85 64.10 -96.03 27.70
N SER B 86 64.23 -96.86 26.66
CA SER B 86 65.24 -97.92 26.62
C SER B 86 66.65 -97.35 26.67
N GLY B 87 66.83 -96.16 26.09
CA GLY B 87 68.11 -95.49 26.12
C GLY B 87 68.45 -94.83 27.42
N LYS B 88 67.45 -94.57 28.29
CA LYS B 88 67.68 -93.86 29.55
C LYS B 88 68.64 -94.60 30.47
N GLU B 89 68.65 -95.92 30.42
CA GLU B 89 69.53 -96.68 31.29
C GLU B 89 70.98 -96.69 30.79
N PRO B 90 71.31 -96.88 29.49
CA PRO B 90 72.70 -96.63 29.08
C PRO B 90 73.06 -95.15 28.97
N ARG B 91 72.08 -94.24 28.99
CA ARG B 91 72.40 -92.82 29.04
C ARG B 91 72.96 -92.44 30.40
N PHE B 92 72.23 -92.78 31.46
CA PHE B 92 72.59 -92.41 32.82
C PHE B 92 73.43 -93.47 33.52
N VAL B 93 73.99 -94.43 32.78
CA VAL B 93 74.86 -95.43 33.38
C VAL B 93 76.22 -94.85 33.71
N LEU B 94 76.55 -93.68 33.16
CA LEU B 94 77.88 -93.09 33.28
C LEU B 94 77.69 -91.65 33.72
N ARG B 95 77.59 -91.45 35.04
CA ARG B 95 77.33 -90.14 35.63
C ARG B 95 78.30 -89.90 36.79
N ALA B 96 79.33 -89.10 36.53
CA ALA B 96 80.23 -88.66 37.59
C ALA B 96 79.85 -87.28 38.12
N LEU B 97 79.94 -86.25 37.25
CA LEU B 97 79.66 -84.83 37.56
C LEU B 97 80.42 -84.33 38.80
N ARG B 98 81.64 -84.84 38.99
CA ARG B 98 82.30 -84.74 40.29
C ARG B 98 82.97 -83.39 40.47
N MET B 99 83.98 -83.07 39.67
CA MET B 99 84.64 -81.76 39.67
C MET B 99 84.19 -81.04 38.40
N LEU B 100 84.57 -79.76 38.28
CA LEU B 100 84.29 -78.97 37.08
C LEU B 100 84.76 -79.58 35.75
N PRO B 101 85.93 -80.24 35.63
CA PRO B 101 86.14 -81.04 34.42
C PRO B 101 85.26 -82.28 34.36
N SER B 102 84.99 -82.91 35.50
CA SER B 102 84.09 -84.06 35.50
C SER B 102 82.64 -83.67 35.31
N THR B 103 82.29 -82.39 35.47
CA THR B 103 80.98 -81.95 34.99
C THR B 103 80.99 -81.72 33.48
N SER B 104 82.01 -81.01 33.00
CA SER B 104 82.06 -80.62 31.59
C SER B 104 82.29 -81.81 30.67
N ARG B 105 82.99 -82.84 31.17
CA ARG B 105 83.14 -84.06 30.39
C ARG B 105 81.85 -84.87 30.39
N ARG B 106 81.11 -84.89 31.50
CA ARG B 106 79.81 -85.53 31.47
C ARG B 106 78.78 -84.73 30.71
N LEU B 107 78.96 -83.40 30.62
CA LEU B 107 78.15 -82.60 29.71
C LEU B 107 78.41 -82.95 28.26
N ASN B 108 79.65 -83.37 27.93
CA ASN B 108 79.89 -83.96 26.62
C ASN B 108 79.22 -85.32 26.50
N HIS B 109 79.16 -86.07 27.60
CA HIS B 109 78.46 -87.34 27.59
C HIS B 109 76.93 -87.14 27.52
N TYR B 110 76.45 -85.99 27.98
CA TYR B 110 75.06 -85.63 27.69
C TYR B 110 74.85 -85.28 26.22
N VAL B 111 75.92 -84.93 25.50
CA VAL B 111 75.77 -84.61 24.09
C VAL B 111 75.90 -85.86 23.23
N LEU B 112 76.90 -86.70 23.52
CA LEU B 112 77.25 -87.80 22.63
C LEU B 112 76.25 -88.94 22.71
N TYR B 113 75.89 -89.38 23.92
CA TYR B 113 75.02 -90.54 24.05
C TYR B 113 73.59 -90.25 23.64
N LYS B 114 73.11 -89.01 23.85
CA LYS B 114 71.78 -88.67 23.36
C LYS B 114 71.76 -88.56 21.84
N ALA B 115 72.92 -88.30 21.22
CA ALA B 115 73.00 -88.35 19.77
C ALA B 115 73.03 -89.79 19.27
N VAL B 116 73.70 -90.68 19.99
CA VAL B 116 73.76 -92.08 19.61
C VAL B 116 72.39 -92.74 19.77
N GLN B 117 71.75 -92.53 20.91
CA GLN B 117 70.43 -93.09 21.17
C GLN B 117 69.35 -92.46 20.31
N GLY B 118 69.55 -91.22 19.87
CA GLY B 118 68.66 -90.63 18.89
C GLY B 118 68.86 -91.19 17.50
N PHE B 119 70.05 -91.70 17.21
CA PHE B 119 70.35 -92.27 15.90
C PHE B 119 70.16 -93.78 15.87
N PHE B 120 70.92 -94.49 16.70
CA PHE B 120 71.06 -95.94 16.62
C PHE B 120 70.55 -96.60 17.90
N THR B 121 70.77 -97.90 18.01
CA THR B 121 70.36 -98.66 19.19
C THR B 121 71.54 -98.85 20.13
N SER B 122 71.38 -98.38 21.36
CA SER B 122 72.39 -98.52 22.41
C SER B 122 72.10 -99.79 23.22
N ASN B 123 72.68 -99.89 24.41
CA ASN B 123 72.57 -101.09 25.24
C ASN B 123 71.16 -101.28 25.77
N ASN B 124 70.39 -102.13 25.11
CA ASN B 124 69.01 -102.42 25.49
C ASN B 124 69.00 -103.46 26.61
N ALA B 125 68.61 -103.03 27.81
CA ALA B 125 68.38 -103.96 28.89
C ALA B 125 67.06 -104.69 28.66
N THR B 126 67.07 -106.01 28.82
CA THR B 126 65.88 -106.83 28.56
C THR B 126 65.11 -107.10 29.85
N ARG B 127 64.77 -106.00 30.54
CA ARG B 127 63.89 -105.89 31.71
C ARG B 127 64.45 -106.54 32.98
N ASP B 128 65.61 -107.21 32.92
CA ASP B 128 66.17 -107.86 34.09
C ASP B 128 67.59 -107.36 34.31
N PHE B 129 68.18 -106.79 33.27
CA PHE B 129 69.46 -106.10 33.37
C PHE B 129 69.29 -104.64 33.77
N LEU B 130 68.12 -104.26 34.27
CA LEU B 130 67.92 -102.91 34.76
C LEU B 130 68.65 -102.66 36.07
N LEU B 131 68.74 -103.67 36.94
CA LEU B 131 69.48 -103.49 38.19
C LEU B 131 71.00 -103.38 38.04
N PRO B 132 71.69 -104.10 37.15
CA PRO B 132 73.09 -103.71 36.87
C PRO B 132 73.20 -102.38 36.16
N PHE B 133 72.16 -101.95 35.45
CA PHE B 133 72.08 -100.57 34.96
C PHE B 133 71.53 -99.62 36.02
N LEU B 134 71.41 -100.06 37.27
CA LEU B 134 71.26 -99.18 38.42
C LEU B 134 72.47 -99.28 39.35
N GLU B 135 73.49 -100.04 38.96
CA GLU B 135 74.72 -100.13 39.74
C GLU B 135 75.70 -99.01 39.37
N GLU B 136 76.11 -98.97 38.11
CA GLU B 136 76.94 -97.88 37.59
C GLU B 136 76.30 -96.49 37.59
N PRO B 137 74.97 -96.32 37.63
CA PRO B 137 74.48 -95.01 38.10
C PRO B 137 74.84 -94.70 39.54
N MET B 138 74.72 -95.67 40.45
CA MET B 138 75.19 -95.46 41.81
C MET B 138 76.72 -95.48 41.87
N ASP B 139 77.34 -96.26 40.99
CA ASP B 139 78.79 -96.29 40.84
C ASP B 139 79.19 -95.23 39.81
N THR B 140 80.41 -95.36 39.27
CA THR B 140 80.99 -94.50 38.22
C THR B 140 81.10 -93.06 38.73
N GLU B 141 81.73 -92.94 39.91
CA GLU B 141 82.11 -91.67 40.54
C GLU B 141 80.90 -90.79 40.82
N ALA B 142 79.79 -91.41 41.23
CA ALA B 142 78.61 -90.65 41.58
C ALA B 142 78.82 -89.87 42.87
N ASP B 143 78.08 -88.78 43.01
CA ASP B 143 78.33 -87.79 44.05
C ASP B 143 77.32 -87.91 45.19
N LEU B 144 77.67 -87.26 46.30
CA LEU B 144 76.76 -87.07 47.42
C LEU B 144 76.15 -85.68 47.47
N GLN B 145 76.84 -84.68 46.88
CA GLN B 145 76.30 -83.33 46.85
C GLN B 145 75.13 -83.22 45.87
N PHE B 146 75.13 -84.02 44.82
CA PHE B 146 73.99 -84.09 43.89
C PHE B 146 72.98 -85.13 44.35
N ARG B 147 72.62 -85.06 45.63
CA ARG B 147 71.62 -85.88 46.29
C ARG B 147 70.17 -85.68 45.82
N PRO B 148 69.73 -84.54 45.26
CA PRO B 148 68.47 -84.60 44.50
C PRO B 148 68.61 -85.38 43.21
N ARG B 149 69.75 -85.30 42.54
CA ARG B 149 69.95 -85.99 41.27
C ARG B 149 70.00 -87.49 41.48
N THR B 150 70.63 -87.95 42.57
CA THR B 150 70.63 -89.36 42.88
C THR B 150 69.25 -89.83 43.33
N GLY B 151 68.57 -89.01 44.13
CA GLY B 151 67.29 -89.43 44.69
C GLY B 151 66.17 -89.46 43.66
N LYS B 152 66.13 -88.47 42.77
CA LYS B 152 65.06 -88.42 41.78
C LYS B 152 65.29 -89.41 40.65
N ALA B 153 66.49 -89.41 40.08
CA ALA B 153 66.77 -90.25 38.91
C ALA B 153 67.03 -91.71 39.28
N ALA B 154 66.91 -92.09 40.54
CA ALA B 154 66.84 -93.51 40.87
C ALA B 154 65.40 -93.95 41.11
N SER B 155 64.60 -93.08 41.74
CA SER B 155 63.21 -93.41 42.03
C SER B 155 62.33 -93.36 40.79
N THR B 156 62.65 -92.47 39.85
CA THR B 156 61.88 -92.38 38.61
C THR B 156 62.03 -93.58 37.64
N PRO B 157 63.14 -94.33 37.60
CA PRO B 157 63.07 -95.63 36.91
C PRO B 157 62.41 -96.74 37.71
N LEU B 158 62.07 -96.52 38.98
CA LEU B 158 61.41 -97.58 39.73
C LEU B 158 59.95 -97.75 39.34
N LEU B 159 59.35 -96.73 38.76
CA LEU B 159 57.98 -96.84 38.30
C LEU B 159 57.85 -97.64 36.99
N PRO B 160 58.78 -97.57 36.03
CA PRO B 160 58.79 -98.65 35.02
C PRO B 160 59.19 -100.00 35.60
N GLU B 161 59.93 -100.01 36.71
CA GLU B 161 60.31 -101.26 37.35
C GLU B 161 59.14 -101.90 38.10
N VAL B 162 58.10 -101.14 38.47
CA VAL B 162 56.95 -101.67 39.20
C VAL B 162 55.72 -101.77 38.30
N GLU B 163 55.44 -100.72 37.54
CA GLU B 163 54.31 -100.72 36.60
C GLU B 163 54.61 -101.47 35.32
N ALA B 164 55.61 -102.34 35.24
CA ALA B 164 55.62 -103.36 34.19
C ALA B 164 54.55 -104.41 34.45
N TYR B 165 54.15 -104.57 35.72
CA TYR B 165 53.04 -105.39 36.19
C TYR B 165 53.20 -106.88 35.92
N LEU B 166 54.39 -107.35 35.57
CA LEU B 166 54.57 -108.78 35.37
C LEU B 166 54.68 -109.52 36.71
N GLN B 167 55.23 -108.85 37.73
CA GLN B 167 55.17 -109.25 39.14
C GLN B 167 55.82 -110.61 39.42
N LEU B 168 56.80 -111.02 38.62
CA LEU B 168 57.48 -112.31 38.80
C LEU B 168 58.97 -112.07 38.74
N LEU B 169 59.64 -112.19 39.90
CA LEU B 169 61.08 -112.08 40.14
C LEU B 169 61.59 -110.64 40.00
N VAL B 170 60.73 -109.74 39.53
CA VAL B 170 60.97 -108.31 39.60
C VAL B 170 60.46 -107.76 40.93
N VAL B 171 59.57 -108.50 41.60
CA VAL B 171 59.09 -108.14 42.94
C VAL B 171 60.23 -108.12 43.94
N ILE B 172 61.14 -109.09 43.86
CA ILE B 172 62.32 -109.03 44.71
C ILE B 172 63.29 -107.97 44.17
N PHE B 173 63.23 -107.67 42.87
CA PHE B 173 64.02 -106.57 42.34
C PHE B 173 63.41 -105.24 42.72
N MET B 174 62.08 -105.19 42.88
CA MET B 174 61.44 -104.07 43.56
C MET B 174 61.97 -103.93 44.97
N MET B 175 62.05 -105.06 45.69
CA MET B 175 62.46 -105.03 47.10
C MET B 175 63.93 -104.62 47.24
N ASN B 176 64.76 -105.03 46.29
CA ASN B 176 66.17 -104.67 46.34
C ASN B 176 66.39 -103.21 45.99
N SER B 177 65.75 -102.74 44.91
CA SER B 177 66.04 -101.41 44.38
C SER B 177 65.46 -100.31 45.24
N LYS B 178 64.39 -100.60 45.98
CA LYS B 178 63.91 -99.61 46.95
C LYS B 178 64.86 -99.52 48.13
N ARG B 179 65.31 -100.64 48.66
CA ARG B 179 66.28 -100.62 49.76
C ARG B 179 67.66 -100.13 49.29
N TYR B 180 67.94 -100.18 47.99
CA TYR B 180 69.08 -99.44 47.45
C TYR B 180 68.87 -97.95 47.65
N LYS B 181 67.70 -97.45 47.23
CA LYS B 181 67.35 -96.05 47.39
C LYS B 181 67.22 -95.65 48.86
N GLU B 182 66.58 -96.51 49.65
CA GLU B 182 66.36 -96.19 51.05
C GLU B 182 67.64 -96.26 51.88
N ALA B 183 68.63 -97.04 51.43
CA ALA B 183 69.94 -96.94 52.06
C ALA B 183 70.60 -95.61 51.74
N GLN B 184 70.38 -95.09 50.53
CA GLN B 184 70.85 -93.75 50.19
C GLN B 184 70.01 -92.70 50.89
N LYS B 185 68.72 -92.98 51.07
CA LYS B 185 67.80 -92.07 51.76
C LYS B 185 68.18 -91.92 53.24
N ILE B 186 68.44 -93.04 53.92
CA ILE B 186 68.81 -92.99 55.33
C ILE B 186 70.20 -92.38 55.50
N SER B 187 71.13 -92.71 54.60
CA SER B 187 72.47 -92.15 54.69
C SER B 187 72.48 -90.66 54.42
N ASP B 188 71.59 -90.17 53.55
CA ASP B 188 71.44 -88.73 53.38
C ASP B 188 70.88 -88.09 54.65
N ASP B 189 70.01 -88.82 55.36
CA ASP B 189 69.52 -88.34 56.64
C ASP B 189 70.62 -88.35 57.68
N LEU B 190 71.50 -89.35 57.63
CA LEU B 190 72.65 -89.36 58.53
C LEU B 190 73.74 -88.41 58.07
N MET B 191 73.95 -88.26 56.76
CA MET B 191 75.00 -87.36 56.26
C MET B 191 74.35 -86.06 55.80
N GLN B 192 73.66 -85.41 56.74
CA GLN B 192 73.58 -83.96 56.92
C GLN B 192 73.32 -83.13 55.65
N LYS B 193 72.08 -83.15 55.18
CA LYS B 193 71.68 -82.49 53.94
C LYS B 193 71.80 -80.96 54.07
N ILE B 194 72.94 -80.44 53.61
CA ILE B 194 73.24 -79.02 53.75
C ILE B 194 72.43 -78.21 52.75
N SER B 195 71.42 -77.49 53.25
CA SER B 195 70.68 -76.43 52.58
C SER B 195 69.85 -76.90 51.39
N THR B 196 69.68 -78.20 51.20
CA THR B 196 68.76 -78.70 50.16
C THR B 196 67.49 -79.24 50.78
N GLN B 197 67.62 -80.16 51.74
CA GLN B 197 66.52 -80.80 52.46
C GLN B 197 65.57 -81.51 51.51
N ASN B 198 66.10 -82.62 50.97
CA ASN B 198 65.41 -83.53 50.05
C ASN B 198 64.12 -84.15 50.60
N ARG B 199 63.85 -83.96 51.89
CA ARG B 199 62.62 -84.43 52.53
C ARG B 199 61.36 -83.93 51.82
N ARG B 200 61.41 -82.72 51.27
CA ARG B 200 60.34 -82.21 50.41
C ARG B 200 60.10 -83.07 49.19
N ALA B 201 61.14 -83.72 48.67
CA ALA B 201 60.99 -84.76 47.66
C ALA B 201 60.91 -86.15 48.26
N LEU B 202 61.68 -86.41 49.32
CA LEU B 202 61.76 -87.77 49.87
C LEU B 202 60.51 -88.21 50.61
N ASP B 203 59.57 -87.31 50.89
CA ASP B 203 58.32 -87.72 51.51
C ASP B 203 57.48 -88.57 50.56
N LEU B 204 57.19 -88.04 49.37
CA LEU B 204 56.43 -88.81 48.41
C LEU B 204 57.27 -89.87 47.73
N VAL B 205 58.59 -89.75 47.78
CA VAL B 205 59.46 -90.88 47.44
C VAL B 205 59.25 -92.00 48.45
N ALA B 206 59.14 -91.65 49.74
CA ALA B 206 58.81 -92.65 50.76
C ALA B 206 57.36 -93.11 50.64
N ALA B 207 56.51 -92.34 49.98
CA ALA B 207 55.15 -92.81 49.73
C ALA B 207 55.11 -93.77 48.55
N LYS B 208 55.63 -93.33 47.39
CA LYS B 208 55.54 -94.09 46.13
C LYS B 208 56.25 -95.43 46.22
N CYS B 209 57.32 -95.51 47.02
CA CYS B 209 57.94 -96.79 47.25
C CYS B 209 57.04 -97.68 48.10
N TYR B 210 56.46 -97.12 49.15
CA TYR B 210 55.69 -97.87 50.12
C TYR B 210 54.23 -98.04 49.76
N TYR B 211 53.76 -97.48 48.64
CA TYR B 211 52.48 -97.91 48.11
C TYR B 211 52.60 -99.32 47.54
N TYR B 212 53.63 -99.53 46.72
CA TYR B 212 53.82 -100.84 46.12
C TYR B 212 54.60 -101.79 47.02
N HIS B 213 55.37 -101.27 47.97
CA HIS B 213 55.96 -102.13 48.99
C HIS B 213 54.89 -102.68 49.93
N ALA B 214 53.80 -101.94 50.09
CA ALA B 214 52.63 -102.48 50.77
C ALA B 214 51.95 -103.54 49.92
N ARG B 215 51.93 -103.34 48.59
CA ARG B 215 51.40 -104.37 47.69
C ARG B 215 52.25 -105.63 47.74
N VAL B 216 53.58 -105.46 47.76
CA VAL B 216 54.49 -106.60 47.82
C VAL B 216 54.28 -107.40 49.10
N TYR B 217 54.09 -106.70 50.21
CA TYR B 217 53.79 -107.39 51.45
C TYR B 217 52.31 -107.71 51.61
N GLU B 218 51.50 -107.48 50.58
CA GLU B 218 50.22 -108.16 50.46
C GLU B 218 50.34 -109.40 49.60
N PHE B 219 51.21 -109.38 48.58
CA PHE B 219 51.51 -110.58 47.82
C PHE B 219 52.43 -111.53 48.57
N LEU B 220 53.08 -111.06 49.65
CA LEU B 220 53.78 -111.94 50.57
C LEU B 220 53.29 -111.61 51.97
N ASP B 221 53.98 -112.09 53.01
CA ASP B 221 53.58 -111.89 54.41
C ASP B 221 53.54 -110.44 54.86
N LYS B 222 53.10 -110.23 56.10
CA LYS B 222 52.56 -108.96 56.58
C LYS B 222 53.60 -107.83 56.58
N LEU B 223 53.10 -106.60 56.71
CA LEU B 223 53.89 -105.40 56.60
C LEU B 223 53.98 -104.65 57.93
N ASP B 224 54.03 -105.40 59.03
CA ASP B 224 54.38 -104.80 60.31
C ASP B 224 55.87 -104.47 60.41
N VAL B 225 56.70 -105.12 59.58
CA VAL B 225 58.11 -104.77 59.51
C VAL B 225 58.28 -103.39 58.88
N VAL B 226 57.36 -103.02 57.99
CA VAL B 226 57.33 -101.66 57.44
C VAL B 226 56.98 -100.66 58.54
N ARG B 227 56.01 -101.01 59.39
CA ARG B 227 55.59 -100.13 60.47
C ARG B 227 56.65 -99.99 61.54
N SER B 228 57.44 -101.04 61.79
CA SER B 228 58.57 -100.91 62.70
C SER B 228 59.63 -100.01 62.12
N PHE B 229 59.82 -100.06 60.79
CA PHE B 229 60.69 -99.10 60.14
C PHE B 229 60.06 -97.72 60.13
N LEU B 230 58.75 -97.64 59.86
CA LEU B 230 58.11 -96.35 59.70
C LEU B 230 57.91 -95.64 61.03
N HIS B 231 57.89 -96.40 62.14
CA HIS B 231 57.94 -95.76 63.45
C HIS B 231 59.28 -95.06 63.66
N ALA B 232 60.39 -95.74 63.33
CA ALA B 232 61.69 -95.08 63.40
C ALA B 232 61.83 -93.99 62.34
N ARG B 233 61.16 -94.17 61.21
CA ARG B 233 61.18 -93.15 60.17
C ARG B 233 60.37 -91.92 60.58
N LEU B 234 59.24 -92.13 61.27
CA LEU B 234 58.49 -91.00 61.82
C LEU B 234 59.23 -90.38 63.01
N ARG B 235 60.14 -91.12 63.63
CA ARG B 235 60.89 -90.59 64.75
C ARG B 235 61.93 -89.57 64.29
N THR B 236 62.68 -89.90 63.24
CA THR B 236 63.70 -88.97 62.75
C THR B 236 63.07 -87.82 61.97
N ALA B 237 61.83 -87.98 61.51
CA ALA B 237 61.06 -86.85 61.03
C ALA B 237 60.51 -86.08 62.22
N THR B 238 60.52 -84.74 62.10
CA THR B 238 59.90 -83.75 62.96
C THR B 238 60.64 -83.62 64.31
N LEU B 239 61.53 -84.56 64.62
CA LEU B 239 62.54 -84.29 65.63
C LEU B 239 63.63 -83.41 65.04
N ARG B 240 63.86 -83.52 63.73
CA ARG B 240 64.67 -82.54 63.04
C ARG B 240 63.87 -81.25 62.92
N HIS B 241 62.79 -81.30 62.14
CA HIS B 241 61.63 -80.39 62.00
C HIS B 241 60.77 -81.01 60.90
N ASP B 242 59.52 -80.56 60.82
CA ASP B 242 58.61 -81.05 59.80
C ASP B 242 58.65 -80.15 58.58
N ALA B 243 58.91 -80.76 57.41
CA ALA B 243 58.64 -80.16 56.10
C ALA B 243 57.93 -81.25 55.30
N ASP B 244 56.61 -81.35 55.51
CA ASP B 244 55.68 -82.36 54.98
C ASP B 244 56.02 -83.77 55.47
N GLY B 245 56.96 -83.92 56.41
CA GLY B 245 57.41 -85.25 56.78
C GLY B 245 56.46 -85.95 57.72
N GLN B 246 55.95 -85.22 58.72
CA GLN B 246 54.99 -85.80 59.65
C GLN B 246 53.66 -86.07 58.96
N ALA B 247 53.33 -85.27 57.94
CA ALA B 247 52.05 -85.39 57.26
C ALA B 247 51.97 -86.67 56.43
N THR B 248 53.03 -86.94 55.65
CA THR B 248 52.99 -88.09 54.75
C THR B 248 53.13 -89.41 55.50
N LEU B 249 54.06 -89.46 56.45
CA LEU B 249 54.36 -90.72 57.12
C LEU B 249 53.24 -91.15 58.05
N LEU B 250 52.41 -90.20 58.50
CA LEU B 250 51.33 -90.55 59.42
C LEU B 250 50.17 -91.23 58.71
N ASN B 251 49.80 -90.74 57.52
CA ASN B 251 48.77 -91.42 56.74
C ASN B 251 49.28 -92.75 56.19
N LEU B 252 50.58 -92.87 55.99
CA LEU B 252 51.14 -94.16 55.64
C LEU B 252 51.09 -95.13 56.81
N LEU B 253 51.40 -94.65 58.03
CA LEU B 253 51.38 -95.53 59.19
C LEU B 253 49.96 -95.88 59.60
N LEU B 254 49.00 -94.99 59.33
CA LEU B 254 47.64 -95.22 59.76
C LEU B 254 46.93 -96.21 58.84
N ARG B 255 47.37 -96.29 57.58
CA ARG B 255 46.62 -97.03 56.57
C ARG B 255 46.70 -98.54 56.77
N ASN B 256 47.87 -99.08 57.12
CA ASN B 256 48.00 -100.52 57.37
C ASN B 256 47.17 -100.96 58.56
N TYR B 257 47.23 -100.19 59.65
CA TYR B 257 46.48 -100.55 60.84
C TYR B 257 44.98 -100.44 60.61
N LEU B 258 44.56 -99.54 59.73
CA LEU B 258 43.17 -99.54 59.30
C LEU B 258 42.90 -100.65 58.29
N HIS B 259 43.90 -101.04 57.50
CA HIS B 259 43.73 -102.14 56.54
C HIS B 259 43.63 -103.47 57.24
N TYR B 260 44.36 -103.66 58.33
CA TYR B 260 44.21 -104.87 59.12
C TYR B 260 42.87 -104.88 59.82
N SER B 261 42.16 -105.99 59.69
CA SER B 261 40.84 -106.17 60.29
C SER B 261 40.91 -106.65 61.72
N LEU B 262 42.06 -106.47 62.38
CA LEU B 262 42.21 -106.74 63.80
C LEU B 262 41.71 -105.51 64.56
N TYR B 263 41.96 -105.45 65.88
CA TYR B 263 41.41 -104.43 66.76
C TYR B 263 41.82 -103.01 66.39
N ASP B 264 43.09 -102.65 66.55
CA ASP B 264 43.77 -101.64 65.72
C ASP B 264 43.27 -100.20 65.76
N GLN B 265 42.15 -99.91 66.42
CA GLN B 265 41.66 -98.54 66.39
C GLN B 265 41.93 -97.77 67.67
N ALA B 266 41.97 -98.44 68.82
CA ALA B 266 42.38 -97.76 70.04
C ALA B 266 43.87 -97.46 70.04
N GLU B 267 44.63 -98.16 69.21
CA GLU B 267 45.99 -97.74 68.88
C GLU B 267 45.98 -96.36 68.24
N LYS B 268 44.98 -96.10 67.39
CA LYS B 268 44.91 -94.80 66.71
C LYS B 268 44.26 -93.75 67.59
N LEU B 269 43.43 -94.16 68.55
CA LEU B 269 42.84 -93.24 69.50
C LEU B 269 43.91 -92.63 70.40
N VAL B 270 44.89 -93.43 70.81
CA VAL B 270 46.00 -92.92 71.61
C VAL B 270 47.13 -92.37 70.75
N SER B 271 46.98 -92.37 69.43
CA SER B 271 47.98 -91.77 68.57
C SER B 271 47.91 -90.26 68.66
N LYS B 272 48.70 -89.67 69.55
CA LYS B 272 48.70 -88.23 69.77
C LYS B 272 49.82 -87.59 68.95
N SER B 273 49.57 -87.56 67.65
CA SER B 273 50.44 -86.91 66.67
C SER B 273 49.60 -86.17 65.65
N VAL B 274 48.66 -85.36 66.13
CA VAL B 274 47.50 -84.97 65.33
C VAL B 274 47.77 -83.59 64.73
N PHE B 275 49.04 -83.22 64.58
CA PHE B 275 49.42 -81.91 64.04
C PHE B 275 50.35 -82.11 62.84
N PRO B 276 49.79 -82.19 61.64
CA PRO B 276 50.62 -81.96 60.45
C PRO B 276 50.68 -80.49 60.10
N GLU B 277 49.61 -79.75 60.44
CA GLU B 277 49.49 -78.29 60.50
C GLU B 277 49.47 -77.58 59.15
N GLN B 278 49.80 -78.28 58.07
CA GLN B 278 49.67 -77.86 56.68
C GLN B 278 49.94 -79.08 55.82
N ALA B 279 49.22 -79.18 54.71
CA ALA B 279 49.33 -80.39 53.90
C ALA B 279 49.22 -80.16 52.40
N ASN B 280 49.22 -78.90 51.94
CA ASN B 280 49.13 -78.52 50.52
C ASN B 280 47.88 -79.10 49.86
N ASN B 281 46.77 -79.08 50.60
CA ASN B 281 45.40 -79.37 50.13
C ASN B 281 45.23 -80.82 49.67
N ASN B 282 46.18 -81.70 49.95
CA ASN B 282 46.06 -83.04 49.41
C ASN B 282 46.24 -84.13 50.46
N GLU B 283 47.15 -83.96 51.40
CA GLU B 283 47.28 -84.93 52.48
C GLU B 283 46.15 -84.76 53.48
N TRP B 284 45.75 -83.51 53.73
CA TRP B 284 44.78 -83.19 54.76
C TRP B 284 43.39 -83.71 54.41
N ALA B 285 43.07 -83.78 53.12
CA ALA B 285 41.75 -84.26 52.69
C ALA B 285 41.61 -85.75 52.93
N ARG B 286 42.67 -86.53 52.69
CA ARG B 286 42.58 -87.96 52.93
C ARG B 286 42.85 -88.31 54.38
N TYR B 287 43.59 -87.45 55.09
CA TYR B 287 43.79 -87.62 56.53
C TYR B 287 42.48 -87.48 57.29
N LEU B 288 41.63 -86.54 56.86
CA LEU B 288 40.31 -86.40 57.44
C LEU B 288 39.38 -87.54 57.05
N TYR B 289 39.69 -88.26 55.97
CA TYR B 289 38.91 -89.44 55.64
C TYR B 289 39.20 -90.58 56.61
N TYR B 290 40.47 -90.77 56.96
CA TYR B 290 40.82 -91.89 57.82
C TYR B 290 40.32 -91.67 59.24
N THR B 291 40.56 -90.49 59.80
CA THR B 291 40.13 -90.23 61.16
C THR B 291 38.62 -90.06 61.27
N GLY B 292 37.93 -89.78 60.16
CA GLY B 292 36.48 -89.77 60.19
C GLY B 292 35.92 -91.18 60.29
N ARG B 293 36.59 -92.14 59.66
CA ARG B 293 36.20 -93.54 59.80
C ARG B 293 36.49 -94.04 61.21
N ILE B 294 37.54 -93.52 61.85
CA ILE B 294 37.91 -93.97 63.18
C ILE B 294 36.90 -93.48 64.21
N LYS B 295 36.51 -92.21 64.13
CA LYS B 295 35.52 -91.68 65.07
C LYS B 295 34.12 -92.21 64.79
N ALA B 296 33.89 -92.79 63.61
CA ALA B 296 32.63 -93.45 63.33
C ALA B 296 32.53 -94.84 63.96
N ILE B 297 33.66 -95.53 64.16
CA ILE B 297 33.58 -96.89 64.66
C ILE B 297 33.50 -96.91 66.19
N GLN B 298 33.93 -95.84 66.87
CA GLN B 298 33.64 -95.66 68.29
C GLN B 298 32.40 -94.80 68.50
N LEU B 299 31.47 -94.81 67.54
CA LEU B 299 30.07 -94.41 67.69
C LEU B 299 29.86 -92.92 67.98
N GLU B 300 30.91 -92.11 67.89
CA GLU B 300 30.73 -90.66 67.96
C GLU B 300 30.36 -90.17 66.56
N TYR B 301 29.07 -90.03 66.32
CA TYR B 301 28.55 -89.79 64.98
C TYR B 301 28.56 -88.33 64.57
N SER B 302 28.45 -87.42 65.53
CA SER B 302 28.31 -86.00 65.21
C SER B 302 29.61 -85.41 64.71
N GLU B 303 30.71 -85.63 65.45
CA GLU B 303 32.00 -85.12 65.02
C GLU B 303 32.52 -85.84 63.79
N ALA B 304 32.11 -87.09 63.61
CA ALA B 304 32.58 -87.86 62.46
C ALA B 304 31.98 -87.34 61.15
N ARG B 305 30.66 -87.11 61.13
CA ARG B 305 30.00 -86.77 59.88
C ARG B 305 30.32 -85.35 59.43
N ARG B 306 30.81 -84.50 60.33
CA ARG B 306 31.18 -83.15 59.91
C ARG B 306 32.61 -83.08 59.40
N THR B 307 33.49 -83.97 59.89
CA THR B 307 34.84 -84.00 59.33
C THR B 307 34.90 -84.92 58.11
N MET B 308 33.93 -85.83 57.97
CA MET B 308 33.76 -86.51 56.69
C MET B 308 33.19 -85.55 55.64
N THR B 309 32.35 -84.61 56.08
CA THR B 309 31.88 -83.57 55.17
C THR B 309 33.02 -82.66 54.77
N ASN B 310 33.91 -82.35 55.72
CA ASN B 310 35.04 -81.49 55.44
C ASN B 310 36.03 -82.15 54.49
N ALA B 311 36.16 -83.48 54.57
CA ALA B 311 37.07 -84.19 53.69
C ALA B 311 36.53 -84.26 52.27
N LEU B 312 35.21 -84.36 52.12
CA LEU B 312 34.61 -84.44 50.79
C LEU B 312 34.70 -83.11 50.06
N ARG B 313 34.52 -82.00 50.78
CA ARG B 313 34.48 -80.68 50.15
C ARG B 313 35.84 -80.02 50.05
N LYS B 314 36.91 -80.69 50.47
CA LYS B 314 38.21 -80.04 50.44
C LYS B 314 38.98 -80.29 49.15
N ALA B 315 39.15 -81.54 48.74
CA ALA B 315 39.86 -81.84 47.49
C ALA B 315 39.04 -82.79 46.62
N PRO B 316 38.05 -82.28 45.89
CA PRO B 316 37.33 -83.10 44.90
C PRO B 316 37.84 -82.94 43.47
N GLN B 317 38.94 -82.21 43.27
CA GLN B 317 39.33 -81.73 41.95
C GLN B 317 39.92 -82.88 41.13
N HIS B 318 39.03 -83.71 40.61
CA HIS B 318 39.41 -84.84 39.78
C HIS B 318 38.34 -85.02 38.71
N THR B 319 38.40 -86.16 38.01
CA THR B 319 37.42 -86.56 37.01
C THR B 319 36.99 -87.98 37.31
N ALA B 320 36.00 -88.14 38.20
CA ALA B 320 35.36 -89.41 38.56
C ALA B 320 36.38 -90.43 39.07
N VAL B 321 37.05 -90.06 40.17
CA VAL B 321 38.28 -90.77 40.55
C VAL B 321 37.97 -92.02 41.37
N GLY B 322 37.01 -91.95 42.29
CA GLY B 322 36.67 -93.13 43.06
C GLY B 322 36.83 -93.02 44.57
N PHE B 323 37.93 -92.42 45.04
CA PHE B 323 38.03 -92.23 46.49
C PHE B 323 37.13 -91.09 46.94
N LYS B 324 36.90 -90.11 46.04
CA LYS B 324 35.82 -89.16 46.24
C LYS B 324 34.47 -89.88 46.33
N GLN B 325 34.29 -90.93 45.53
CA GLN B 325 33.10 -91.76 45.66
C GLN B 325 33.17 -92.68 46.87
N THR B 326 34.34 -92.78 47.52
CA THR B 326 34.45 -93.60 48.72
C THR B 326 34.21 -92.77 49.98
N VAL B 327 34.62 -91.50 49.98
CA VAL B 327 34.27 -90.63 51.09
C VAL B 327 32.79 -90.25 51.01
N HIS B 328 32.24 -90.20 49.79
CA HIS B 328 30.80 -90.06 49.61
C HIS B 328 30.07 -91.35 49.99
N LYS B 329 30.78 -92.49 49.97
CA LYS B 329 30.19 -93.77 50.33
C LYS B 329 29.97 -93.89 51.83
N LEU B 330 30.96 -93.49 52.64
CA LEU B 330 30.84 -93.61 54.09
C LEU B 330 30.02 -92.48 54.70
N LEU B 331 29.92 -91.34 54.01
CA LEU B 331 29.23 -90.18 54.57
C LEU B 331 27.73 -90.40 54.64
N ILE B 332 27.17 -91.15 53.69
CA ILE B 332 25.73 -91.36 53.70
C ILE B 332 25.32 -92.36 54.77
N VAL B 333 26.26 -93.19 55.24
CA VAL B 333 25.92 -94.19 56.24
C VAL B 333 25.73 -93.54 57.60
N VAL B 334 26.68 -92.69 58.00
CA VAL B 334 26.58 -92.02 59.30
C VAL B 334 25.48 -90.98 59.31
N GLU B 335 25.11 -90.45 58.15
CA GLU B 335 23.92 -89.60 58.09
C GLU B 335 22.64 -90.41 58.16
N LEU B 336 22.66 -91.65 57.68
CA LEU B 336 21.58 -92.57 57.99
C LEU B 336 21.65 -93.08 59.42
N LEU B 337 22.79 -92.92 60.09
CA LEU B 337 22.87 -93.12 61.53
C LEU B 337 22.43 -91.90 62.31
N LEU B 338 22.09 -90.80 61.64
CA LEU B 338 21.46 -89.64 62.27
C LEU B 338 20.29 -89.08 61.47
N GLY B 339 19.80 -89.81 60.47
CA GLY B 339 18.50 -89.54 59.89
C GLY B 339 18.41 -88.79 58.56
N GLU B 340 19.19 -87.73 58.39
CA GLU B 340 19.08 -86.92 57.18
C GLU B 340 19.82 -87.56 56.02
N ILE B 341 19.37 -87.26 54.81
CA ILE B 341 20.03 -87.73 53.59
C ILE B 341 19.75 -86.79 52.42
N PRO B 342 20.80 -86.33 51.71
CA PRO B 342 20.58 -85.52 50.51
C PRO B 342 20.48 -86.32 49.22
N ASP B 343 20.39 -85.61 48.10
CA ASP B 343 20.51 -86.22 46.78
C ASP B 343 21.93 -86.74 46.60
N ARG B 344 22.06 -88.02 46.21
CA ARG B 344 23.36 -88.65 46.09
C ARG B 344 23.78 -88.91 44.64
N LEU B 345 22.85 -89.35 43.78
CA LEU B 345 23.18 -89.82 42.45
C LEU B 345 23.09 -88.71 41.41
N GLN B 346 23.09 -87.46 41.83
CA GLN B 346 23.01 -86.33 40.91
C GLN B 346 24.32 -86.06 40.17
N PHE B 347 25.37 -86.82 40.43
CA PHE B 347 26.65 -86.74 39.71
C PHE B 347 27.02 -88.10 39.17
N ARG B 348 26.06 -88.74 38.50
CA ARG B 348 26.20 -90.15 38.13
C ARG B 348 27.30 -90.35 37.08
N GLN B 349 27.97 -91.48 37.18
CA GLN B 349 29.16 -91.79 36.39
C GLN B 349 28.95 -93.13 35.69
N PRO B 350 29.79 -93.50 34.72
CA PRO B 350 29.74 -94.89 34.20
C PRO B 350 30.11 -95.96 35.22
N SER B 351 30.79 -95.60 36.30
CA SER B 351 31.10 -96.56 37.37
C SER B 351 30.24 -96.37 38.61
N LEU B 352 29.68 -95.18 38.81
CA LEU B 352 28.77 -94.94 39.93
C LEU B 352 27.43 -95.65 39.74
N LYS B 353 27.08 -96.03 38.50
CA LYS B 353 25.92 -96.87 38.22
C LYS B 353 25.97 -98.19 38.98
N ARG B 354 27.16 -98.74 39.18
CA ARG B 354 27.32 -99.93 40.00
C ARG B 354 27.08 -99.64 41.48
N SER B 355 27.56 -98.49 41.96
CA SER B 355 27.59 -98.20 43.38
C SER B 355 26.51 -97.24 43.86
N LEU B 356 25.57 -96.86 43.00
CA LEU B 356 24.45 -96.05 43.48
C LEU B 356 23.29 -96.93 43.92
N MET B 357 23.08 -98.04 43.21
CA MET B 357 21.90 -98.89 43.40
C MET B 357 21.75 -99.51 44.79
N PRO B 358 22.79 -99.98 45.50
CA PRO B 358 22.53 -100.45 46.87
C PRO B 358 22.20 -99.34 47.84
N TYR B 359 22.94 -98.24 47.81
CA TYR B 359 22.85 -97.24 48.86
C TYR B 359 21.62 -96.35 48.70
N PHE B 360 21.26 -96.02 47.45
CA PHE B 360 20.04 -95.26 47.21
C PHE B 360 18.81 -96.07 47.58
N LEU B 361 18.85 -97.37 47.34
CA LEU B 361 17.72 -98.21 47.69
C LEU B 361 17.77 -98.58 49.18
N LEU B 362 18.94 -98.42 49.80
CA LEU B 362 19.05 -98.62 51.25
C LEU B 362 18.29 -97.53 51.99
N THR B 363 18.61 -96.26 51.71
CA THR B 363 17.90 -95.15 52.34
C THR B 363 16.45 -95.03 51.86
N GLN B 364 16.11 -95.69 50.76
CA GLN B 364 14.71 -95.81 50.37
C GLN B 364 13.92 -96.60 51.40
N ALA B 365 14.49 -97.71 51.88
CA ALA B 365 13.82 -98.51 52.89
C ALA B 365 13.95 -97.93 54.29
N VAL B 366 14.95 -97.07 54.52
CA VAL B 366 15.13 -96.48 55.84
C VAL B 366 14.09 -95.41 56.10
N ARG B 367 13.78 -94.59 55.08
CA ARG B 367 12.82 -93.50 55.24
C ARG B 367 11.42 -94.03 55.45
N THR B 368 11.04 -95.08 54.73
CA THR B 368 9.79 -95.77 55.03
C THR B 368 9.97 -96.65 56.27
N GLY B 369 8.85 -97.12 56.80
CA GLY B 369 8.89 -97.96 57.98
C GLY B 369 8.96 -99.44 57.68
N ASN B 370 9.53 -99.80 56.53
CA ASN B 370 9.60 -101.18 56.10
C ASN B 370 10.91 -101.80 56.54
N LEU B 371 10.83 -102.93 57.23
CA LEU B 371 12.01 -103.68 57.66
C LEU B 371 12.20 -104.97 56.88
N ALA B 372 11.13 -105.53 56.30
CA ALA B 372 11.26 -106.73 55.50
C ALA B 372 12.02 -106.45 54.21
N LYS B 373 11.82 -105.27 53.63
CA LYS B 373 12.64 -104.85 52.50
C LYS B 373 14.07 -104.56 52.96
N PHE B 374 14.23 -104.03 54.17
CA PHE B 374 15.55 -103.73 54.70
C PHE B 374 16.37 -105.00 54.93
N ASN B 375 15.71 -106.07 55.35
CA ASN B 375 16.42 -107.34 55.52
C ASN B 375 16.61 -108.06 54.19
N GLN B 376 15.72 -107.81 53.22
CA GLN B 376 15.82 -108.43 51.91
C GLN B 376 17.01 -107.90 51.13
N VAL B 377 17.22 -106.59 51.16
CA VAL B 377 18.27 -105.98 50.35
C VAL B 377 19.62 -106.09 51.04
N LEU B 378 19.63 -106.28 52.37
CA LEU B 378 20.82 -106.79 53.05
C LEU B 378 21.22 -108.14 52.47
N ASP B 379 20.25 -109.05 52.33
CA ASP B 379 20.52 -110.34 51.72
C ASP B 379 20.82 -110.21 50.24
N GLN B 380 20.21 -109.23 49.57
CA GLN B 380 20.43 -109.06 48.14
C GLN B 380 21.79 -108.46 47.86
N PHE B 381 22.18 -107.44 48.63
CA PHE B 381 23.36 -106.64 48.33
C PHE B 381 24.41 -106.72 49.44
N GLY B 382 24.43 -107.81 50.21
CA GLY B 382 25.46 -107.98 51.22
C GLY B 382 26.84 -108.23 50.65
N GLU B 383 26.91 -108.87 49.48
CA GLU B 383 28.22 -109.15 48.88
C GLU B 383 28.85 -107.88 48.33
N LYS B 384 28.03 -106.93 47.89
CA LYS B 384 28.55 -105.61 47.57
C LYS B 384 29.01 -104.89 48.84
N PHE B 385 28.35 -105.16 49.97
CA PHE B 385 28.81 -104.62 51.25
C PHE B 385 30.11 -105.25 51.68
N GLN B 386 30.36 -106.49 51.22
CA GLN B 386 31.65 -107.14 51.52
C GLN B 386 32.78 -106.46 50.78
N ALA B 387 32.54 -105.98 49.57
CA ALA B 387 33.58 -105.31 48.81
C ALA B 387 33.87 -103.92 49.35
N ASP B 388 32.87 -103.28 49.94
CA ASP B 388 33.03 -101.96 50.51
C ASP B 388 33.56 -101.98 51.94
N GLY B 389 33.56 -103.13 52.59
CA GLY B 389 34.06 -103.24 53.95
C GLY B 389 33.18 -102.59 54.99
N THR B 390 31.87 -102.75 54.87
CA THR B 390 30.88 -102.10 55.73
C THR B 390 29.83 -103.11 56.20
N TYR B 391 30.27 -104.24 56.76
CA TYR B 391 29.34 -105.21 57.34
C TYR B 391 28.52 -104.63 58.48
N THR B 392 29.11 -103.70 59.23
CA THR B 392 28.62 -103.32 60.54
C THR B 392 27.33 -102.50 60.52
N LEU B 393 26.83 -102.14 59.33
CA LEU B 393 25.62 -101.34 59.25
C LEU B 393 24.40 -102.09 59.76
N ILE B 394 24.34 -103.41 59.56
CA ILE B 394 23.14 -104.16 59.94
C ILE B 394 22.99 -104.23 61.45
N ILE B 395 24.10 -104.20 62.19
CA ILE B 395 23.96 -104.26 63.64
C ILE B 395 23.75 -102.89 64.26
N ARG B 396 24.11 -101.80 63.58
CA ARG B 396 24.06 -100.48 64.20
C ARG B 396 23.09 -99.51 63.53
N LEU B 397 22.57 -99.84 62.34
CA LEU B 397 21.56 -98.98 61.73
C LEU B 397 20.14 -99.44 62.01
N ARG B 398 19.95 -100.68 62.47
CA ARG B 398 18.63 -101.10 62.95
C ARG B 398 18.20 -100.34 64.20
N HIS B 399 19.15 -99.75 64.92
CA HIS B 399 18.84 -98.73 65.93
C HIS B 399 18.04 -97.59 65.32
N ASN B 400 18.60 -96.93 64.29
CA ASN B 400 17.99 -95.74 63.71
C ASN B 400 16.79 -96.05 62.82
N VAL B 401 16.49 -97.33 62.57
CA VAL B 401 15.25 -97.66 61.85
C VAL B 401 14.04 -97.25 62.66
N ILE B 402 14.09 -97.43 63.98
CA ILE B 402 13.00 -96.95 64.82
C ILE B 402 13.24 -95.51 65.26
N LYS B 403 14.48 -95.01 65.19
CA LYS B 403 14.78 -93.67 65.68
C LYS B 403 14.66 -92.59 64.62
N THR B 404 14.50 -92.97 63.35
CA THR B 404 14.35 -91.96 62.31
C THR B 404 12.97 -91.32 62.38
N GLY B 405 11.94 -92.12 62.66
CA GLY B 405 10.59 -91.60 62.75
C GLY B 405 10.40 -90.71 63.97
N VAL B 406 11.02 -91.07 65.10
CA VAL B 406 10.84 -90.26 66.30
C VAL B 406 11.66 -88.97 66.19
N ARG B 407 12.70 -88.95 65.36
CA ARG B 407 13.34 -87.68 65.02
C ARG B 407 12.45 -86.87 64.07
N MET B 408 11.72 -87.57 63.19
CA MET B 408 10.86 -86.89 62.23
C MET B 408 9.60 -86.35 62.90
N ILE B 409 9.05 -87.09 63.85
CA ILE B 409 7.83 -86.65 64.55
C ILE B 409 8.13 -85.46 65.44
N SER B 410 9.18 -85.57 66.25
CA SER B 410 9.52 -84.53 67.21
C SER B 410 10.03 -83.25 66.55
N LEU B 411 10.42 -83.30 65.27
CA LEU B 411 10.69 -82.09 64.52
C LEU B 411 9.40 -81.50 63.96
N SER B 412 8.44 -82.35 63.60
CA SER B 412 7.18 -81.87 63.05
C SER B 412 6.27 -81.34 64.16
N TYR B 413 5.95 -82.18 65.13
CA TYR B 413 5.01 -81.82 66.17
C TYR B 413 5.70 -81.00 67.26
N SER B 414 4.89 -80.32 68.05
CA SER B 414 5.38 -79.43 69.09
C SER B 414 5.02 -79.87 70.50
N ARG B 415 3.84 -80.46 70.69
CA ARG B 415 3.42 -80.90 72.02
C ARG B 415 2.50 -82.10 71.80
N ILE B 416 3.09 -83.29 71.77
CA ILE B 416 2.41 -84.50 71.33
C ILE B 416 2.11 -85.35 72.56
N SER B 417 1.02 -86.13 72.46
CA SER B 417 0.72 -87.12 73.47
C SER B 417 1.38 -88.44 73.10
N LEU B 418 1.80 -89.19 74.12
CA LEU B 418 2.47 -90.46 73.86
C LEU B 418 1.49 -91.54 73.42
N ALA B 419 0.19 -91.33 73.66
CA ALA B 419 -0.81 -92.28 73.21
C ALA B 419 -1.00 -92.25 71.70
N ASP B 420 -0.62 -91.16 71.04
CA ASP B 420 -0.79 -91.03 69.60
C ASP B 420 0.48 -91.37 68.83
N ILE B 421 1.64 -91.25 69.48
CA ILE B 421 2.89 -91.57 68.80
C ILE B 421 3.07 -93.09 68.69
N ALA B 422 2.30 -93.86 69.45
CA ALA B 422 2.38 -95.32 69.37
C ALA B 422 1.84 -95.82 68.03
N GLN B 423 0.72 -95.26 67.58
CA GLN B 423 0.21 -95.66 66.26
C GLN B 423 0.99 -94.98 65.14
N LYS B 424 1.58 -93.82 65.42
CA LYS B 424 2.30 -93.10 64.37
C LYS B 424 3.66 -93.73 64.10
N LEU B 425 4.29 -94.29 65.14
CA LEU B 425 5.46 -95.14 64.96
C LEU B 425 5.08 -96.60 64.76
N GLN B 426 3.77 -96.88 64.60
CA GLN B 426 3.11 -98.20 64.51
C GLN B 426 3.68 -99.23 65.48
N LEU B 427 3.94 -98.80 66.71
CA LEU B 427 4.50 -99.66 67.75
C LEU B 427 3.42 -100.41 68.52
N ASP B 428 2.18 -99.88 68.51
CA ASP B 428 0.98 -100.50 69.08
C ASP B 428 1.10 -100.69 70.60
N SER B 429 1.92 -99.86 71.23
CA SER B 429 2.14 -99.90 72.68
C SER B 429 2.64 -98.57 73.20
N PRO B 430 1.87 -97.88 74.05
CA PRO B 430 2.35 -96.61 74.62
C PRO B 430 3.34 -96.79 75.75
N GLU B 431 3.41 -97.99 76.34
CA GLU B 431 4.17 -98.17 77.57
C GLU B 431 5.67 -98.25 77.32
N ASP B 432 6.08 -98.84 76.20
CA ASP B 432 7.50 -98.86 75.86
C ASP B 432 7.91 -97.68 74.99
N ALA B 433 6.94 -97.01 74.37
CA ALA B 433 7.23 -95.83 73.56
C ALA B 433 7.75 -94.68 74.41
N GLU B 434 7.43 -94.69 75.71
CA GLU B 434 8.10 -93.80 76.65
C GLU B 434 9.60 -94.05 76.66
N PHE B 435 10.02 -95.32 76.60
CA PHE B 435 11.43 -95.68 76.71
C PHE B 435 12.22 -95.37 75.44
N ILE B 436 11.60 -95.52 74.25
CA ILE B 436 12.25 -95.12 73.01
C ILE B 436 12.48 -93.61 73.00
N VAL B 437 11.48 -92.84 73.42
CA VAL B 437 11.62 -91.40 73.57
C VAL B 437 12.64 -91.09 74.67
N ALA B 438 12.68 -91.91 75.72
CA ALA B 438 13.67 -91.71 76.79
C ALA B 438 15.09 -91.99 76.28
N LYS B 439 15.25 -92.99 75.42
CA LYS B 439 16.58 -93.29 74.89
C LYS B 439 17.06 -92.23 73.91
N ALA B 440 16.15 -91.66 73.11
CA ALA B 440 16.55 -90.67 72.12
C ALA B 440 16.97 -89.37 72.78
N ILE B 441 16.27 -88.97 73.85
CA ILE B 441 16.66 -87.78 74.59
C ILE B 441 17.90 -88.05 75.44
N ARG B 442 18.10 -89.31 75.84
CA ARG B 442 19.35 -89.72 76.48
C ARG B 442 20.52 -89.59 75.52
N ASP B 443 20.32 -89.97 74.26
CA ASP B 443 21.36 -89.86 73.24
C ASP B 443 21.46 -88.46 72.64
N GLY B 444 20.56 -87.55 73.02
CA GLY B 444 20.57 -86.22 72.44
C GLY B 444 20.09 -86.19 71.00
N VAL B 445 19.23 -87.13 70.60
CA VAL B 445 18.66 -87.09 69.26
C VAL B 445 17.71 -85.91 69.11
N ILE B 446 16.77 -85.78 70.04
CA ILE B 446 15.92 -84.60 70.14
C ILE B 446 16.10 -83.99 71.52
N GLU B 447 16.05 -82.66 71.59
CA GLU B 447 16.29 -81.89 72.80
C GLU B 447 15.02 -81.76 73.65
N ALA B 448 13.94 -82.43 73.26
CA ALA B 448 12.63 -82.21 73.87
C ALA B 448 12.55 -82.84 75.27
N SER B 449 11.43 -82.58 75.94
CA SER B 449 11.18 -83.05 77.30
C SER B 449 9.85 -83.79 77.35
N ILE B 450 9.61 -84.50 78.45
CA ILE B 450 8.41 -85.29 78.61
C ILE B 450 7.71 -84.82 79.88
N ASN B 451 6.39 -84.69 79.81
CA ASN B 451 5.57 -84.47 81.00
C ASN B 451 5.00 -85.82 81.41
N HIS B 452 5.59 -86.41 82.45
CA HIS B 452 5.09 -87.67 82.99
C HIS B 452 4.04 -87.47 84.06
N GLU B 453 3.03 -86.67 83.76
CA GLU B 453 1.90 -86.47 84.65
C GLU B 453 0.58 -86.85 84.01
N LYS B 454 0.40 -86.53 82.72
CA LYS B 454 -0.79 -86.97 82.00
C LYS B 454 -0.47 -87.42 80.58
N GLY B 455 0.79 -87.64 80.25
CA GLY B 455 1.16 -88.22 78.97
C GLY B 455 1.62 -87.26 77.90
N TYR B 456 2.11 -86.09 78.27
CA TYR B 456 2.53 -85.10 77.29
C TYR B 456 4.01 -85.26 76.95
N VAL B 457 4.31 -85.14 75.65
CA VAL B 457 5.68 -85.04 75.17
C VAL B 457 5.74 -83.75 74.38
N GLN B 458 6.27 -82.70 74.99
CA GLN B 458 6.35 -81.40 74.34
C GLN B 458 7.77 -81.15 73.84
N SER B 459 7.87 -80.35 72.80
CA SER B 459 9.16 -80.05 72.18
C SER B 459 9.86 -78.94 72.96
N LYS B 460 10.87 -78.34 72.34
CA LYS B 460 11.64 -77.28 72.97
C LYS B 460 10.87 -75.96 72.95
N GLU B 461 11.56 -74.90 73.34
CA GLU B 461 11.00 -73.57 73.40
C GLU B 461 11.14 -72.92 72.01
N MET B 462 10.87 -71.63 71.91
CA MET B 462 10.92 -70.87 70.66
C MET B 462 12.40 -70.65 70.26
N ILE B 463 12.61 -69.92 69.16
CA ILE B 463 13.95 -69.47 68.77
C ILE B 463 14.50 -68.56 69.87
N ASP B 464 15.67 -68.92 70.37
CA ASP B 464 16.25 -68.39 71.59
C ASP B 464 17.08 -67.16 71.29
N ILE B 465 18.03 -66.86 72.17
CA ILE B 465 18.92 -65.70 72.19
C ILE B 465 19.91 -65.68 71.00
N TYR B 466 19.79 -66.67 70.10
CA TYR B 466 20.45 -66.82 68.81
C TYR B 466 20.64 -65.52 68.03
N SER B 467 19.67 -64.62 68.09
CA SER B 467 19.80 -63.29 67.51
C SER B 467 20.72 -62.37 68.29
N THR B 468 21.01 -62.67 69.55
CA THR B 468 21.73 -61.74 70.42
C THR B 468 23.07 -62.26 70.89
N ARG B 469 23.11 -63.44 71.52
CA ARG B 469 24.29 -63.90 72.26
C ARG B 469 25.25 -64.73 71.43
N GLU B 470 24.71 -65.63 70.61
CA GLU B 470 25.53 -66.54 69.78
C GLU B 470 26.52 -65.87 68.82
N PRO B 471 26.11 -64.93 67.93
CA PRO B 471 26.84 -64.76 66.64
C PRO B 471 28.29 -64.31 66.75
N GLN B 472 28.70 -63.70 67.85
CA GLN B 472 30.10 -63.37 68.04
C GLN B 472 30.95 -64.62 68.25
N LEU B 473 30.36 -65.73 68.71
CA LEU B 473 31.07 -66.98 68.84
C LEU B 473 31.21 -67.71 67.52
N ALA B 474 30.57 -67.20 66.46
CA ALA B 474 30.95 -67.51 65.09
C ALA B 474 31.86 -66.46 64.49
N PHE B 475 31.73 -65.21 64.92
CA PHE B 475 32.49 -64.12 64.33
C PHE B 475 33.95 -64.13 64.71
N HIS B 476 34.31 -64.75 65.84
CA HIS B 476 35.68 -64.72 66.32
C HIS B 476 36.59 -65.56 65.44
N GLN B 477 36.07 -66.67 64.91
CA GLN B 477 36.88 -67.52 64.03
C GLN B 477 37.10 -66.84 62.69
N ARG B 478 36.12 -66.08 62.22
CA ARG B 478 36.19 -65.51 60.88
C ARG B 478 37.08 -64.28 60.86
N ILE B 479 37.16 -63.54 61.96
CA ILE B 479 38.22 -62.55 62.13
C ILE B 479 39.59 -63.21 62.08
N SER B 480 39.77 -64.28 62.89
CA SER B 480 41.08 -64.87 63.06
C SER B 480 41.54 -65.59 61.80
N PHE B 481 40.61 -66.16 61.04
CA PHE B 481 40.99 -66.86 59.82
C PHE B 481 41.37 -65.87 58.72
N CYS B 482 40.63 -64.77 58.59
CA CYS B 482 40.84 -63.88 57.45
C CYS B 482 42.07 -63.00 57.64
N LEU B 483 42.41 -62.64 58.88
CA LEU B 483 43.62 -61.86 59.06
C LEU B 483 44.85 -62.74 58.96
N ASP B 484 44.71 -64.04 59.24
CA ASP B 484 45.82 -64.95 58.98
C ASP B 484 46.05 -65.14 57.50
N ILE B 485 45.00 -65.04 56.69
CA ILE B 485 45.17 -64.97 55.24
C ILE B 485 45.94 -63.70 54.89
N HIS B 486 45.61 -62.59 55.54
CA HIS B 486 46.36 -61.35 55.38
C HIS B 486 47.77 -61.49 55.91
N ASN B 487 47.97 -62.29 56.96
CA ASN B 487 49.32 -62.48 57.47
C ASN B 487 50.13 -63.40 56.58
N MET B 488 49.54 -64.51 56.13
CA MET B 488 50.26 -65.43 55.25
C MET B 488 50.48 -64.82 53.86
N SER B 489 49.67 -63.85 53.48
CA SER B 489 49.92 -63.13 52.24
C SER B 489 51.15 -62.24 52.36
N VAL B 490 51.20 -61.43 53.41
CA VAL B 490 52.25 -60.42 53.54
C VAL B 490 53.62 -61.06 53.79
N LYS B 491 53.67 -62.15 54.57
CA LYS B 491 54.96 -62.75 54.91
C LYS B 491 55.62 -63.41 53.70
N ALA B 492 54.83 -64.07 52.85
CA ALA B 492 55.36 -64.76 51.69
C ALA B 492 55.39 -63.89 50.44
N MET B 493 55.39 -62.56 50.59
CA MET B 493 55.21 -61.66 49.46
C MET B 493 56.43 -61.51 48.57
N ARG B 494 57.51 -60.95 49.11
CA ARG B 494 58.62 -60.44 48.30
C ARG B 494 59.78 -61.42 48.32
N PHE B 495 59.91 -62.19 47.24
CA PHE B 495 61.11 -62.96 47.00
C PHE B 495 62.22 -62.11 46.35
N PRO B 496 61.92 -61.22 45.36
CA PRO B 496 63.06 -60.35 45.01
C PRO B 496 63.32 -59.25 46.03
N MET C 1 -36.44 43.23 54.01
CA MET C 1 -37.02 42.52 52.89
C MET C 1 -38.11 41.56 53.36
N ALA C 2 -37.69 40.50 54.03
CA ALA C 2 -38.59 39.46 54.49
C ALA C 2 -39.11 39.69 55.90
N ASP C 3 -38.82 40.87 56.49
CA ASP C 3 -39.40 41.22 57.78
C ASP C 3 -40.90 41.49 57.68
N GLY C 4 -41.39 41.84 56.50
CA GLY C 4 -42.83 41.94 56.30
C GLY C 4 -43.51 40.59 56.43
N GLY C 5 -42.85 39.53 55.95
CA GLY C 5 -43.36 38.20 56.16
C GLY C 5 -43.29 37.75 57.60
N SER C 6 -42.37 38.34 58.38
CA SER C 6 -42.29 38.01 59.80
C SER C 6 -43.41 38.70 60.58
N GLU C 7 -43.70 39.96 60.25
CA GLU C 7 -44.76 40.68 60.95
C GLU C 7 -46.14 40.23 60.50
N ARG C 8 -46.25 39.68 59.29
CA ARG C 8 -47.47 38.98 58.92
C ARG C 8 -47.60 37.66 59.66
N ALA C 9 -46.47 36.99 59.91
CA ALA C 9 -46.49 35.81 60.76
C ALA C 9 -46.76 36.17 62.20
N ASP C 10 -46.42 37.39 62.61
CA ASP C 10 -46.85 37.90 63.91
C ASP C 10 -48.37 38.08 63.93
N GLY C 11 -48.96 38.39 62.78
CA GLY C 11 -50.40 38.47 62.71
C GLY C 11 -51.09 37.12 62.76
N ARG C 12 -50.54 36.13 62.04
CA ARG C 12 -51.22 34.84 61.91
C ARG C 12 -51.17 34.02 63.19
N ILE C 13 -50.15 34.20 64.03
CA ILE C 13 -50.11 33.44 65.28
C ILE C 13 -51.14 33.98 66.27
N VAL C 14 -51.51 35.24 66.15
CA VAL C 14 -52.64 35.76 66.92
C VAL C 14 -53.95 35.28 66.29
N LYS C 15 -54.00 35.25 64.96
CA LYS C 15 -55.18 34.84 64.23
C LYS C 15 -55.19 33.35 63.89
N MET C 16 -54.57 32.51 64.72
CA MET C 16 -54.76 31.07 64.59
C MET C 16 -56.18 30.69 64.98
N GLU C 17 -56.74 31.36 65.98
CA GLU C 17 -58.08 31.10 66.48
C GLU C 17 -59.07 32.19 66.12
N VAL C 18 -58.62 33.45 66.02
CA VAL C 18 -59.50 34.54 65.61
C VAL C 18 -59.89 34.37 64.14
N ASP C 19 -58.91 34.11 63.28
CA ASP C 19 -59.15 33.72 61.91
C ASP C 19 -58.90 32.21 61.78
N TYR C 20 -59.44 31.62 60.73
CA TYR C 20 -59.28 30.19 60.54
C TYR C 20 -57.93 29.89 59.90
N SER C 21 -57.39 28.72 60.22
CA SER C 21 -56.02 28.34 59.85
C SER C 21 -55.82 28.08 58.37
N ALA C 22 -56.90 27.97 57.58
CA ALA C 22 -56.72 27.88 56.13
C ALA C 22 -56.26 29.21 55.56
N THR C 23 -56.65 30.33 56.19
CA THR C 23 -56.16 31.64 55.79
C THR C 23 -54.68 31.82 56.09
N VAL C 24 -54.15 31.10 57.07
CA VAL C 24 -52.70 31.05 57.27
C VAL C 24 -52.04 30.36 56.08
N ASP C 25 -52.70 29.34 55.53
CA ASP C 25 -52.28 28.71 54.30
C ASP C 25 -52.64 29.53 53.06
N GLN C 26 -53.43 30.59 53.23
CA GLN C 26 -53.68 31.54 52.15
C GLN C 26 -52.71 32.70 52.18
N ARG C 27 -52.16 33.05 53.35
CA ARG C 27 -51.05 33.98 53.41
C ARG C 27 -49.72 33.28 53.13
N LEU C 28 -49.70 31.95 53.24
CA LEU C 28 -48.50 31.17 52.94
C LEU C 28 -47.94 31.28 51.51
N PRO C 29 -48.72 31.27 50.41
CA PRO C 29 -48.07 31.30 49.09
C PRO C 29 -47.43 32.63 48.73
N GLU C 30 -47.80 33.72 49.41
CA GLU C 30 -47.05 34.95 49.26
C GLU C 30 -45.64 34.81 49.82
N CYS C 31 -45.51 34.12 50.96
CA CYS C 31 -44.18 33.83 51.49
C CYS C 31 -43.45 32.80 50.63
N ALA C 32 -44.21 31.96 49.92
CA ALA C 32 -43.60 31.08 48.92
C ALA C 32 -43.10 31.89 47.74
N LYS C 33 -43.87 32.89 47.29
CA LYS C 33 -43.39 33.77 46.22
C LYS C 33 -42.17 34.59 46.66
N LEU C 34 -42.07 34.88 47.96
CA LEU C 34 -40.83 35.43 48.49
C LEU C 34 -39.70 34.41 48.40
N ALA C 35 -40.00 33.13 48.69
CA ALA C 35 -39.01 32.08 48.50
C ALA C 35 -38.77 31.79 47.03
N LYS C 36 -39.75 32.08 46.17
CA LYS C 36 -39.55 31.96 44.73
C LYS C 36 -38.55 32.98 44.22
N GLU C 37 -38.51 34.16 44.84
CA GLU C 37 -37.52 35.17 44.49
C GLU C 37 -36.10 34.72 44.82
N GLY C 38 -35.80 34.61 46.12
CA GLY C 38 -34.56 34.11 46.70
C GLY C 38 -33.24 34.42 46.01
N ARG C 39 -32.98 35.70 45.70
CA ARG C 39 -32.01 35.99 44.64
C ARG C 39 -30.56 35.88 45.12
N LEU C 40 -30.10 36.84 45.91
CA LEU C 40 -28.71 36.81 46.35
C LEU C 40 -28.54 36.91 47.86
N GLN C 41 -29.10 37.97 48.44
CA GLN C 41 -28.97 38.23 49.87
C GLN C 41 -30.24 38.73 50.53
N GLU C 42 -31.26 39.14 49.78
CA GLU C 42 -32.41 39.84 50.35
C GLU C 42 -33.37 38.87 51.03
N VAL C 43 -33.86 37.90 50.28
CA VAL C 43 -34.96 37.03 50.70
C VAL C 43 -34.48 35.58 50.62
N ILE C 44 -33.24 35.36 51.04
CA ILE C 44 -32.57 34.08 50.85
C ILE C 44 -32.47 33.42 52.24
N GLU C 45 -31.85 32.24 52.30
CA GLU C 45 -31.84 31.20 53.34
C GLU C 45 -32.00 31.63 54.79
N THR C 46 -31.27 32.67 55.22
CA THR C 46 -31.33 33.11 56.61
C THR C 46 -32.70 33.67 56.96
N LEU C 47 -33.26 34.51 56.08
CA LEU C 47 -34.62 34.98 56.33
C LEU C 47 -35.65 33.96 55.88
N LEU C 48 -35.27 33.05 54.97
CA LEU C 48 -36.18 31.97 54.58
C LEU C 48 -36.37 30.97 55.71
N SER C 49 -35.36 30.83 56.56
CA SER C 49 -35.49 29.97 57.74
C SER C 49 -36.48 30.55 58.74
N LEU C 50 -36.70 31.87 58.71
CA LEU C 50 -37.64 32.47 59.65
C LEU C 50 -39.08 32.18 59.26
N GLU C 51 -39.42 32.27 57.97
CA GLU C 51 -40.76 31.87 57.55
C GLU C 51 -40.95 30.37 57.70
N LYS C 52 -39.88 29.60 57.45
CA LYS C 52 -39.92 28.17 57.70
C LYS C 52 -40.07 27.86 59.19
N GLN C 53 -39.55 28.74 60.05
CA GLN C 53 -39.78 28.57 61.48
C GLN C 53 -41.21 28.94 61.85
N THR C 54 -41.75 30.02 61.26
CA THR C 54 -43.06 30.47 61.67
C THR C 54 -44.19 29.68 61.01
N ARG C 55 -43.92 29.09 59.83
CA ARG C 55 -44.96 28.23 59.25
C ARG C 55 -45.03 26.91 60.00
N THR C 56 -43.91 26.46 60.57
CA THR C 56 -43.96 25.27 61.41
C THR C 56 -44.56 25.57 62.78
N ALA C 57 -44.35 26.78 63.29
CA ALA C 57 -44.98 27.18 64.55
C ALA C 57 -46.49 27.32 64.38
N SER C 58 -46.94 27.81 63.21
CA SER C 58 -48.36 27.76 62.91
C SER C 58 -48.85 26.34 62.69
N ASP C 59 -47.98 25.47 62.16
CA ASP C 59 -48.32 24.06 62.05
C ASP C 59 -48.35 23.38 63.41
N MET C 60 -47.60 23.92 64.38
CA MET C 60 -47.68 23.41 65.75
C MET C 60 -49.03 23.74 66.38
N VAL C 61 -49.51 24.97 66.21
CA VAL C 61 -50.75 25.39 66.84
C VAL C 61 -51.95 24.71 66.18
N SER C 62 -51.91 24.55 64.85
CA SER C 62 -53.03 23.98 64.12
C SER C 62 -53.19 22.49 64.41
N THR C 63 -52.07 21.77 64.54
CA THR C 63 -52.11 20.33 64.75
C THR C 63 -51.58 19.92 66.12
N SER C 64 -51.67 20.82 67.11
CA SER C 64 -51.56 20.37 68.49
C SER C 64 -52.77 19.52 68.88
N ARG C 65 -53.91 19.78 68.26
CA ARG C 65 -55.13 19.01 68.46
C ARG C 65 -55.04 17.67 67.72
N ILE C 66 -56.12 16.89 67.78
CA ILE C 66 -56.18 15.60 67.09
C ILE C 66 -56.48 15.74 65.61
N LEU C 67 -56.74 16.95 65.13
CA LEU C 67 -56.78 17.23 63.70
C LEU C 67 -55.34 17.38 63.25
N VAL C 68 -54.73 16.23 62.94
CA VAL C 68 -53.28 16.18 62.71
C VAL C 68 -52.95 16.34 61.22
N ALA C 69 -53.92 16.08 60.32
CA ALA C 69 -53.66 15.92 58.90
C ALA C 69 -53.15 17.17 58.19
N VAL C 70 -53.26 18.35 58.80
CA VAL C 70 -52.87 19.59 58.13
C VAL C 70 -51.35 19.74 58.10
N VAL C 71 -50.67 19.37 59.20
CA VAL C 71 -49.21 19.49 59.22
C VAL C 71 -48.57 18.48 58.26
N LYS C 72 -49.24 17.36 58.00
CA LYS C 72 -48.65 16.36 57.12
C LYS C 72 -48.88 16.71 55.66
N MET C 73 -50.10 17.13 55.29
CA MET C 73 -50.38 17.45 53.90
C MET C 73 -49.74 18.76 53.47
N CYS C 74 -49.37 19.61 54.42
CA CYS C 74 -48.58 20.80 54.08
C CYS C 74 -47.15 20.40 53.76
N TYR C 75 -46.69 19.26 54.25
CA TYR C 75 -45.30 18.87 54.03
C TYR C 75 -45.09 18.28 52.65
N GLU C 76 -45.93 17.33 52.23
CA GLU C 76 -45.82 16.84 50.85
C GLU C 76 -46.26 17.88 49.83
N ALA C 77 -46.96 18.92 50.29
CA ALA C 77 -47.15 20.10 49.46
C ALA C 77 -45.81 20.78 49.17
N LYS C 78 -45.13 21.25 50.22
CA LYS C 78 -43.97 22.12 50.02
C LYS C 78 -42.69 21.36 49.67
N GLU C 79 -42.54 20.12 50.11
CA GLU C 79 -41.29 19.40 49.95
C GLU C 79 -41.21 18.67 48.63
N TRP C 80 -42.33 18.59 47.90
CA TRP C 80 -42.29 18.27 46.49
C TRP C 80 -42.17 19.53 45.65
N ASP C 81 -42.60 20.67 46.20
CA ASP C 81 -42.65 21.89 45.43
C ASP C 81 -41.41 22.76 45.62
N LEU C 82 -40.53 22.42 46.57
CA LEU C 82 -39.33 23.22 46.84
C LEU C 82 -38.34 23.17 45.68
N LEU C 83 -38.42 22.13 44.84
CA LEU C 83 -37.63 22.09 43.61
C LEU C 83 -38.08 23.18 42.64
N ASN C 84 -39.35 23.59 42.73
CA ASN C 84 -39.85 24.72 41.97
C ASN C 84 -39.79 26.01 42.76
N GLU C 85 -39.57 25.96 44.07
CA GLU C 85 -39.59 27.17 44.88
C GLU C 85 -38.27 27.93 44.86
N ASN C 86 -37.22 27.35 45.45
CA ASN C 86 -36.08 28.14 45.92
C ASN C 86 -34.97 28.23 44.87
N ILE C 87 -34.29 27.13 44.57
CA ILE C 87 -33.20 27.09 43.60
C ILE C 87 -33.27 25.73 42.92
N MET C 88 -33.23 25.73 41.60
CA MET C 88 -33.28 24.47 40.88
C MET C 88 -31.89 23.84 40.83
N LEU C 89 -31.86 22.52 40.56
CA LEU C 89 -30.70 21.65 40.74
C LEU C 89 -30.25 21.62 42.20
N LEU C 90 -31.06 20.90 43.01
CA LEU C 90 -30.64 20.39 44.32
C LEU C 90 -30.29 21.49 45.30
N SER C 91 -31.30 22.29 45.67
CA SER C 91 -31.19 23.72 45.96
C SER C 91 -30.04 24.13 46.87
N LYS C 92 -30.11 23.74 48.14
CA LYS C 92 -28.98 23.95 49.05
C LYS C 92 -28.69 22.70 49.85
N ARG C 93 -29.75 21.99 50.26
CA ARG C 93 -29.74 21.05 51.39
C ARG C 93 -29.03 21.69 52.59
N ARG C 94 -29.41 22.93 52.87
CA ARG C 94 -28.69 23.80 53.81
C ARG C 94 -29.70 24.78 54.42
N SER C 95 -30.27 24.40 55.57
CA SER C 95 -31.10 25.25 56.43
C SER C 95 -32.36 25.77 55.75
N GLN C 96 -32.79 25.18 54.65
CA GLN C 96 -34.04 25.56 54.02
C GLN C 96 -35.20 24.68 54.43
N LEU C 97 -34.93 23.45 54.88
CA LEU C 97 -35.96 22.55 55.36
C LEU C 97 -35.52 21.77 56.59
N LYS C 98 -34.23 21.79 56.93
CA LYS C 98 -33.66 20.82 57.87
C LYS C 98 -34.14 21.06 59.31
N GLN C 99 -33.85 22.24 59.86
CA GLN C 99 -34.21 22.53 61.25
C GLN C 99 -35.71 22.77 61.41
N ALA C 100 -36.43 23.02 60.32
CA ALA C 100 -37.88 23.12 60.38
C ALA C 100 -38.50 21.77 60.73
N VAL C 101 -37.87 20.69 60.31
CA VAL C 101 -38.36 19.34 60.61
C VAL C 101 -37.51 18.69 61.71
N ALA C 102 -36.26 19.14 61.91
CA ALA C 102 -35.49 18.73 63.08
C ALA C 102 -36.13 19.24 64.36
N LYS C 103 -36.84 20.37 64.29
CA LYS C 103 -37.71 20.77 65.38
C LYS C 103 -38.89 19.81 65.51
N MET C 104 -39.41 19.32 64.38
CA MET C 104 -40.61 18.50 64.40
C MET C 104 -40.34 17.09 64.89
N VAL C 105 -39.18 16.52 64.57
CA VAL C 105 -38.83 15.22 65.14
C VAL C 105 -38.46 15.37 66.60
N GLN C 106 -38.04 16.58 67.01
CA GLN C 106 -37.95 16.87 68.43
C GLN C 106 -39.33 16.98 69.04
N GLN C 107 -40.31 17.47 68.28
CA GLN C 107 -41.69 17.48 68.79
C GLN C 107 -42.27 16.07 68.83
N CYS C 108 -41.88 15.21 67.90
CA CYS C 108 -42.31 13.81 67.96
C CYS C 108 -41.70 13.10 69.15
N CYS C 109 -40.54 13.57 69.62
CA CYS C 109 -40.01 13.10 70.90
C CYS C 109 -40.85 13.59 72.07
N THR C 110 -41.47 14.77 71.95
CA THR C 110 -42.30 15.28 73.03
C THR C 110 -43.68 14.62 73.03
N TYR C 111 -44.30 14.49 71.85
CA TYR C 111 -45.66 13.99 71.80
C TYR C 111 -45.78 12.49 72.00
N VAL C 112 -44.67 11.75 71.94
CA VAL C 112 -44.75 10.28 72.01
C VAL C 112 -45.16 9.81 73.39
N GLU C 113 -44.93 10.62 74.43
CA GLU C 113 -45.47 10.33 75.76
C GLU C 113 -46.87 10.89 75.95
N GLU C 114 -47.37 11.69 75.01
CA GLU C 114 -48.69 12.28 75.10
C GLU C 114 -49.64 11.73 74.04
N ILE C 115 -49.28 11.83 72.76
CA ILE C 115 -50.17 11.40 71.69
C ILE C 115 -50.09 9.88 71.60
N THR C 116 -51.17 9.26 71.12
CA THR C 116 -51.18 7.82 71.04
C THR C 116 -50.41 7.36 69.80
N ASP C 117 -50.27 6.04 69.68
CA ASP C 117 -49.31 5.47 68.72
C ASP C 117 -49.78 5.61 67.27
N LEU C 118 -51.08 5.81 67.04
CA LEU C 118 -51.58 5.81 65.66
C LEU C 118 -51.21 7.08 64.88
N PRO C 119 -51.55 8.31 65.31
CA PRO C 119 -51.23 9.45 64.43
C PRO C 119 -49.77 9.86 64.48
N ILE C 120 -48.99 9.33 65.42
CA ILE C 120 -47.57 9.65 65.42
C ILE C 120 -46.83 8.76 64.41
N LYS C 121 -47.29 7.52 64.19
CA LYS C 121 -46.66 6.74 63.13
C LYS C 121 -47.21 7.08 61.75
N LEU C 122 -48.41 7.68 61.69
CA LEU C 122 -48.80 8.39 60.48
C LEU C 122 -47.95 9.63 60.26
N ARG C 123 -47.53 10.26 61.37
CA ARG C 123 -46.60 11.38 61.26
C ARG C 123 -45.21 10.90 60.85
N LEU C 124 -44.80 9.73 61.33
CA LEU C 124 -43.46 9.22 61.00
C LEU C 124 -43.42 8.68 59.58
N ILE C 125 -44.49 8.04 59.11
CA ILE C 125 -44.47 7.45 57.76
C ILE C 125 -44.52 8.54 56.70
N ASP C 126 -44.95 9.75 57.06
CA ASP C 126 -44.94 10.87 56.13
C ASP C 126 -43.66 11.68 56.21
N THR C 127 -42.90 11.56 57.30
CA THR C 127 -41.60 12.22 57.33
C THR C 127 -40.49 11.28 56.86
N LEU C 128 -40.72 9.96 56.83
CA LEU C 128 -39.75 9.06 56.22
C LEU C 128 -39.63 9.27 54.72
N ARG C 129 -40.65 9.87 54.09
CA ARG C 129 -40.66 10.03 52.64
C ARG C 129 -39.57 10.99 52.16
N MET C 130 -39.30 12.07 52.89
CA MET C 130 -38.26 12.99 52.50
C MET C 130 -36.96 12.80 53.27
N VAL C 131 -36.99 12.07 54.38
CA VAL C 131 -35.76 11.71 55.07
C VAL C 131 -34.96 10.70 54.23
N THR C 132 -35.64 9.85 53.45
CA THR C 132 -34.96 9.00 52.48
C THR C 132 -34.26 9.78 51.37
N GLU C 133 -34.67 11.03 51.12
CA GLU C 133 -34.03 11.83 50.08
C GLU C 133 -32.79 12.54 50.63
N GLY C 134 -32.97 13.42 51.61
CA GLY C 134 -31.88 14.19 52.14
C GLY C 134 -31.97 14.38 53.64
N LYS C 135 -31.54 15.56 54.13
CA LYS C 135 -31.79 16.14 55.45
C LYS C 135 -31.31 15.33 56.65
N ILE C 136 -30.62 14.21 56.43
CA ILE C 136 -30.04 13.45 57.54
C ILE C 136 -28.55 13.27 57.30
N TYR C 137 -27.94 14.22 56.58
CA TYR C 137 -26.53 14.10 56.22
C TYR C 137 -25.65 14.27 57.45
N VAL C 138 -25.60 15.48 58.01
CA VAL C 138 -24.92 15.73 59.28
C VAL C 138 -25.47 17.04 59.85
N GLU C 139 -25.59 17.07 61.18
CA GLU C 139 -26.16 18.17 61.97
C GLU C 139 -27.58 18.54 61.50
N ILE C 140 -28.55 17.65 61.78
CA ILE C 140 -28.42 16.44 62.58
C ILE C 140 -28.57 15.21 61.68
N GLU C 141 -27.58 14.32 61.75
CA GLU C 141 -27.64 13.09 60.97
C GLU C 141 -28.62 12.09 61.57
N ARG C 142 -28.93 12.26 62.85
CA ARG C 142 -29.82 11.36 63.57
C ARG C 142 -31.24 11.89 63.65
N ALA C 143 -31.64 12.73 62.69
CA ALA C 143 -33.05 13.05 62.53
C ALA C 143 -33.83 11.80 62.12
N ARG C 144 -33.19 10.92 61.36
CA ARG C 144 -33.76 9.59 61.13
C ARG C 144 -33.62 8.72 62.37
N LEU C 145 -32.47 8.78 63.04
CA LEU C 145 -32.15 7.75 64.02
C LEU C 145 -32.89 7.95 65.33
N THR C 146 -33.20 9.20 65.69
CA THR C 146 -33.97 9.41 66.91
C THR C 146 -35.45 9.08 66.71
N LYS C 147 -35.90 8.89 65.47
CA LYS C 147 -37.27 8.50 65.22
C LYS C 147 -37.41 7.07 64.70
N THR C 148 -36.38 6.51 64.06
CA THR C 148 -36.46 5.10 63.70
C THR C 148 -36.19 4.22 64.91
N LEU C 149 -35.50 4.74 65.93
CA LEU C 149 -35.45 4.06 67.21
C LEU C 149 -36.78 4.16 67.93
N ALA C 150 -37.54 5.24 67.68
CA ALA C 150 -38.87 5.37 68.25
C ALA C 150 -39.83 4.36 67.63
N THR C 151 -39.66 4.07 66.32
CA THR C 151 -40.48 3.04 65.67
C THR C 151 -40.20 1.65 66.23
N ILE C 152 -38.98 1.42 66.70
CA ILE C 152 -38.65 0.15 67.34
C ILE C 152 -39.43 0.01 68.64
N LYS C 153 -39.44 1.06 69.45
CA LYS C 153 -40.11 1.03 70.74
C LYS C 153 -41.58 1.38 70.67
N GLU C 154 -42.16 1.50 69.48
CA GLU C 154 -43.62 1.57 69.34
C GLU C 154 -44.23 0.26 69.81
N GLN C 155 -43.92 -0.83 69.12
CA GLN C 155 -44.31 -2.16 69.55
C GLN C 155 -43.19 -2.86 70.32
N ASN C 156 -42.17 -2.11 70.73
CA ASN C 156 -41.09 -2.55 71.62
C ASN C 156 -40.27 -3.70 71.03
N GLY C 157 -40.11 -3.68 69.71
CA GLY C 157 -39.17 -4.58 69.06
C GLY C 157 -39.72 -5.94 68.70
N ASP C 158 -39.40 -6.40 67.49
CA ASP C 158 -39.75 -7.73 67.01
C ASP C 158 -38.78 -8.08 65.89
N VAL C 159 -39.14 -9.08 65.08
CA VAL C 159 -38.36 -9.44 63.90
C VAL C 159 -38.31 -8.28 62.90
N LYS C 160 -39.42 -7.53 62.79
CA LYS C 160 -39.52 -6.49 61.77
C LYS C 160 -38.67 -5.26 62.13
N GLU C 161 -38.67 -4.87 63.41
CA GLU C 161 -37.89 -3.71 63.81
C GLU C 161 -36.39 -3.99 63.83
N ALA C 162 -36.01 -5.25 63.99
CA ALA C 162 -34.61 -5.61 63.78
C ALA C 162 -34.25 -5.50 62.30
N ALA C 163 -35.18 -5.88 61.42
CA ALA C 163 -34.97 -5.67 59.99
C ALA C 163 -35.06 -4.19 59.64
N SER C 164 -35.84 -3.43 60.41
CA SER C 164 -35.99 -2.01 60.13
C SER C 164 -34.75 -1.21 60.52
N ILE C 165 -33.95 -1.71 61.46
CA ILE C 165 -32.74 -1.01 61.83
C ILE C 165 -31.53 -1.51 61.03
N LEU C 166 -31.49 -2.80 60.66
CA LEU C 166 -30.37 -3.33 59.88
C LEU C 166 -30.33 -2.75 58.47
N GLN C 167 -31.47 -2.33 57.94
CA GLN C 167 -31.50 -1.68 56.63
C GLN C 167 -31.09 -0.23 56.69
N GLU C 168 -30.99 0.36 57.88
CA GLU C 168 -30.67 1.78 58.03
C GLU C 168 -29.40 2.01 58.85
N LEU C 169 -28.55 1.00 59.01
CA LEU C 169 -27.37 1.13 59.84
C LEU C 169 -26.34 2.12 59.32
N GLN C 170 -25.75 1.83 58.16
CA GLN C 170 -24.57 2.52 57.70
C GLN C 170 -24.87 3.86 57.04
N VAL C 171 -26.10 4.35 57.13
CA VAL C 171 -26.48 5.59 56.45
C VAL C 171 -25.92 6.80 57.20
N GLU C 172 -25.50 6.62 58.44
CA GLU C 172 -24.89 7.71 59.19
C GLU C 172 -23.40 7.51 59.41
N THR C 173 -22.85 6.34 59.09
CA THR C 173 -21.49 6.31 58.59
C THR C 173 -21.41 6.85 57.18
N TYR C 174 -22.53 6.84 56.45
CA TYR C 174 -22.66 7.59 55.22
C TYR C 174 -22.92 9.07 55.45
N GLY C 175 -23.08 9.49 56.71
CA GLY C 175 -23.13 10.89 57.02
C GLY C 175 -21.93 11.40 57.79
N SER C 176 -21.46 10.60 58.75
CA SER C 176 -20.31 10.98 59.56
C SER C 176 -20.40 10.37 60.95
N MET C 177 -19.69 9.25 61.15
CA MET C 177 -19.69 8.57 62.43
C MET C 177 -19.30 9.52 63.57
N GLU C 178 -20.05 9.47 64.66
CA GLU C 178 -19.78 10.32 65.81
C GLU C 178 -18.96 9.59 66.86
N LYS C 179 -17.72 9.99 67.04
CA LYS C 179 -16.84 9.36 68.02
C LYS C 179 -17.61 8.54 69.04
N LYS C 180 -18.72 9.06 69.57
CA LYS C 180 -19.41 8.39 70.66
C LYS C 180 -20.80 7.90 70.30
N GLU C 181 -21.69 8.82 69.87
CA GLU C 181 -23.08 8.47 69.67
C GLU C 181 -23.28 7.55 68.47
N ARG C 182 -22.42 7.66 67.46
CA ARG C 182 -22.46 6.73 66.34
C ARG C 182 -22.04 5.34 66.78
N VAL C 183 -21.05 5.25 67.66
CA VAL C 183 -20.68 3.98 68.25
C VAL C 183 -21.82 3.45 69.12
N GLU C 184 -22.48 4.35 69.85
CA GLU C 184 -23.62 3.96 70.69
C GLU C 184 -24.82 3.54 69.87
N PHE C 185 -24.95 4.02 68.64
CA PHE C 185 -26.04 3.53 67.81
C PHE C 185 -25.68 2.24 67.11
N ILE C 186 -24.43 2.12 66.65
CA ILE C 186 -24.03 0.94 65.87
C ILE C 186 -23.77 -0.27 66.76
N LEU C 187 -23.80 -0.09 68.08
CA LEU C 187 -23.81 -1.26 68.96
C LEU C 187 -25.21 -1.81 69.15
N GLU C 188 -26.23 -0.94 69.13
CA GLU C 188 -27.53 -1.25 69.73
C GLU C 188 -28.30 -2.29 68.94
N GLN C 189 -28.05 -2.43 67.63
CA GLN C 189 -28.88 -3.28 66.81
C GLN C 189 -28.59 -4.77 66.98
N MET C 190 -27.44 -5.14 67.54
CA MET C 190 -27.10 -6.57 67.53
C MET C 190 -27.71 -7.30 68.71
N ARG C 191 -28.10 -6.60 69.78
CA ARG C 191 -28.93 -7.24 70.79
C ARG C 191 -30.33 -7.51 70.25
N LEU C 192 -30.78 -6.70 69.29
CA LEU C 192 -31.98 -7.06 68.54
C LEU C 192 -31.72 -8.27 67.66
N CYS C 193 -30.51 -8.38 67.10
CA CYS C 193 -30.14 -9.57 66.34
C CYS C 193 -30.07 -10.81 67.22
N LEU C 194 -29.71 -10.64 68.49
CA LEU C 194 -29.79 -11.76 69.42
C LEU C 194 -31.23 -12.08 69.77
N ALA C 195 -32.13 -11.10 69.72
CA ALA C 195 -33.54 -11.38 69.92
C ALA C 195 -34.13 -12.16 68.76
N VAL C 196 -33.62 -11.95 67.54
CA VAL C 196 -33.98 -12.80 66.40
C VAL C 196 -33.04 -14.01 66.32
N LYS C 197 -32.18 -14.19 67.33
CA LYS C 197 -31.26 -15.34 67.47
C LYS C 197 -30.31 -15.43 66.28
N ASP C 198 -29.73 -14.29 65.91
CA ASP C 198 -28.78 -14.20 64.82
C ASP C 198 -27.39 -14.01 65.43
N TYR C 199 -26.46 -14.85 65.05
CA TYR C 199 -25.15 -14.89 65.68
C TYR C 199 -24.02 -14.62 64.71
N ILE C 200 -24.14 -15.08 63.47
CA ILE C 200 -23.08 -14.82 62.49
C ILE C 200 -23.12 -13.38 62.02
N ARG C 201 -24.32 -12.80 61.87
CA ARG C 201 -24.43 -11.38 61.54
C ARG C 201 -24.01 -10.51 62.71
N THR C 202 -24.22 -11.01 63.93
CA THR C 202 -23.97 -10.23 65.14
C THR C 202 -22.49 -9.91 65.31
N GLN C 203 -21.62 -10.89 65.05
CA GLN C 203 -20.19 -10.65 65.23
C GLN C 203 -19.58 -9.87 64.06
N ILE C 204 -20.24 -9.84 62.91
CA ILE C 204 -19.75 -9.02 61.80
C ILE C 204 -19.91 -7.55 62.12
N ILE C 205 -21.11 -7.16 62.57
CA ILE C 205 -21.35 -5.77 62.94
C ILE C 205 -20.78 -5.44 64.31
N SER C 206 -20.29 -6.44 65.06
CA SER C 206 -19.57 -6.18 66.29
C SER C 206 -18.10 -5.89 66.07
N LYS C 207 -17.54 -6.33 64.95
CA LYS C 207 -16.12 -6.13 64.68
C LYS C 207 -15.83 -4.70 64.22
N LYS C 208 -16.86 -3.92 63.90
CA LYS C 208 -16.69 -2.49 63.62
C LYS C 208 -16.34 -1.71 64.88
N ILE C 209 -16.67 -2.24 66.06
CA ILE C 209 -16.54 -1.51 67.32
C ILE C 209 -15.07 -1.35 67.73
N ASN C 210 -14.24 -2.36 67.45
CA ASN C 210 -12.99 -2.61 68.16
C ASN C 210 -11.95 -1.50 68.06
N THR C 211 -11.99 -0.69 67.00
CA THR C 211 -11.00 0.38 66.87
C THR C 211 -11.33 1.62 67.68
N LYS C 212 -12.58 1.81 68.10
CA LYS C 212 -12.96 2.95 68.92
C LYS C 212 -13.02 2.48 70.37
N PHE C 213 -11.86 2.50 71.01
CA PHE C 213 -11.73 2.16 72.41
C PHE C 213 -11.20 3.37 73.18
N PHE C 214 -11.03 3.19 74.50
CA PHE C 214 -10.60 4.22 75.44
C PHE C 214 -11.50 5.44 75.45
N GLN C 215 -12.80 5.26 75.23
CA GLN C 215 -13.77 6.31 75.56
C GLN C 215 -14.58 5.98 76.79
N GLU C 216 -14.19 4.94 77.53
CA GLU C 216 -14.76 4.66 78.85
C GLU C 216 -14.25 5.60 79.92
N GLU C 217 -13.29 6.48 79.60
CA GLU C 217 -12.82 7.49 80.54
C GLU C 217 -13.92 8.51 80.84
N ASN C 218 -14.66 8.92 79.81
CA ASN C 218 -15.78 9.84 79.97
C ASN C 218 -17.11 9.12 80.06
N THR C 219 -17.10 7.79 80.16
CA THR C 219 -18.31 6.98 80.14
C THR C 219 -18.42 6.22 81.45
N GLU C 220 -19.50 6.47 82.19
CA GLU C 220 -19.65 5.89 83.52
C GLU C 220 -20.22 4.47 83.46
N LYS C 221 -21.42 4.31 82.89
CA LYS C 221 -22.13 3.02 82.97
C LYS C 221 -22.57 2.53 81.59
N LEU C 222 -21.82 2.81 80.54
CA LEU C 222 -22.32 2.39 79.24
C LEU C 222 -21.33 1.61 78.40
N LYS C 223 -20.04 1.94 78.47
CA LYS C 223 -19.08 1.42 77.51
C LYS C 223 -18.74 -0.04 77.78
N LEU C 224 -18.20 -0.34 78.96
CA LEU C 224 -17.82 -1.69 79.30
C LEU C 224 -18.94 -2.45 79.99
N LYS C 225 -20.18 -1.99 79.81
CA LYS C 225 -21.35 -2.75 80.23
C LYS C 225 -22.18 -3.25 79.08
N TYR C 226 -22.02 -2.69 77.87
CA TYR C 226 -22.61 -3.29 76.70
C TYR C 226 -21.90 -4.57 76.29
N TYR C 227 -20.62 -4.69 76.66
CA TYR C 227 -19.86 -5.89 76.34
C TYR C 227 -20.29 -7.10 77.15
N ASN C 228 -21.14 -6.90 78.16
CA ASN C 228 -21.84 -8.01 78.81
C ASN C 228 -22.87 -8.65 77.90
N LEU C 229 -23.24 -8.00 76.81
CA LEU C 229 -23.97 -8.66 75.74
C LEU C 229 -23.06 -9.30 74.71
N MET C 230 -21.78 -8.90 74.69
CA MET C 230 -20.85 -9.51 73.74
C MET C 230 -20.39 -10.88 74.23
N ILE C 231 -20.39 -11.10 75.56
CA ILE C 231 -20.17 -12.45 76.06
C ILE C 231 -21.39 -13.33 75.81
N GLN C 232 -22.58 -12.74 75.68
CA GLN C 232 -23.76 -13.52 75.33
C GLN C 232 -23.65 -14.05 73.90
N LEU C 233 -22.97 -13.32 73.03
CA LEU C 233 -22.65 -13.84 71.70
C LEU C 233 -21.71 -15.03 71.78
N ASP C 234 -20.65 -14.91 72.57
CA ASP C 234 -19.71 -16.01 72.74
C ASP C 234 -20.13 -16.98 73.85
N GLN C 235 -21.29 -16.75 74.46
CA GLN C 235 -21.94 -17.77 75.29
C GLN C 235 -22.35 -18.98 74.47
N HIS C 236 -22.56 -18.80 73.15
CA HIS C 236 -23.30 -19.75 72.33
C HIS C 236 -22.58 -21.09 72.21
N GLU C 237 -21.38 -21.11 71.63
CA GLU C 237 -20.82 -22.42 71.32
C GLU C 237 -19.85 -22.98 72.37
N GLY C 238 -18.63 -22.44 72.51
CA GLY C 238 -17.70 -22.98 73.49
C GLY C 238 -16.62 -22.06 74.02
N SER C 239 -16.56 -20.82 73.54
CA SER C 239 -15.34 -20.01 73.60
C SER C 239 -15.10 -19.51 75.02
N TYR C 240 -14.64 -20.42 75.88
CA TYR C 240 -14.57 -20.15 77.31
C TYR C 240 -13.31 -19.37 77.69
N LEU C 241 -12.20 -19.60 76.99
CA LEU C 241 -10.98 -18.87 77.30
C LEU C 241 -11.09 -17.41 76.86
N SER C 242 -11.82 -17.15 75.78
CA SER C 242 -11.93 -15.79 75.27
C SER C 242 -12.79 -14.91 76.16
N ILE C 243 -13.83 -15.48 76.78
CA ILE C 243 -14.67 -14.67 77.66
C ILE C 243 -14.15 -14.66 79.09
N CYS C 244 -13.07 -15.37 79.37
CA CYS C 244 -12.33 -15.09 80.59
C CYS C 244 -11.27 -14.03 80.35
N LYS C 245 -10.77 -13.92 79.11
CA LYS C 245 -10.00 -12.74 78.73
C LYS C 245 -10.88 -11.50 78.71
N HIS C 246 -12.17 -11.70 78.42
CA HIS C 246 -13.14 -10.60 78.43
C HIS C 246 -13.40 -10.11 79.84
N TYR C 247 -13.49 -11.02 80.81
CA TYR C 247 -13.80 -10.62 82.17
C TYR C 247 -12.66 -9.83 82.81
N ARG C 248 -11.43 -10.12 82.41
CA ARG C 248 -10.31 -9.29 82.84
C ARG C 248 -10.29 -7.94 82.14
N ALA C 249 -10.96 -7.82 81.00
CA ALA C 249 -11.08 -6.52 80.34
C ALA C 249 -12.13 -5.65 81.03
N ILE C 250 -13.27 -6.24 81.42
CA ILE C 250 -14.27 -5.50 82.18
C ILE C 250 -14.01 -5.55 83.66
N TYR C 251 -12.85 -6.07 84.08
CA TYR C 251 -12.45 -6.09 85.48
C TYR C 251 -12.11 -4.70 86.00
N ASP C 252 -11.73 -3.78 85.12
CA ASP C 252 -11.08 -2.55 85.54
C ASP C 252 -12.06 -1.53 86.10
N THR C 253 -13.14 -1.25 85.36
CA THR C 253 -14.08 -0.17 85.68
C THR C 253 -14.79 -0.33 87.04
N PRO C 254 -15.23 -1.54 87.50
CA PRO C 254 -15.73 -1.62 88.88
C PRO C 254 -14.64 -1.59 89.94
N CYS C 255 -13.37 -1.47 89.54
CA CYS C 255 -12.33 -1.06 90.47
C CYS C 255 -12.07 0.43 90.40
N ILE C 256 -12.28 1.07 89.24
CA ILE C 256 -12.46 2.52 89.19
C ILE C 256 -13.72 2.91 89.95
N GLN C 257 -14.86 2.31 89.58
CA GLN C 257 -16.12 2.53 90.29
C GLN C 257 -16.09 1.66 91.52
N ALA C 258 -15.59 2.20 92.64
CA ALA C 258 -15.12 1.41 93.78
C ALA C 258 -16.31 0.78 94.52
N GLU C 259 -16.78 -0.33 93.97
CA GLU C 259 -17.89 -1.10 94.48
C GLU C 259 -17.36 -2.40 95.10
N SER C 260 -18.05 -2.90 96.12
CA SER C 260 -17.66 -4.16 96.75
C SER C 260 -18.73 -5.23 96.60
N GLU C 261 -19.64 -5.09 95.64
CA GLU C 261 -20.51 -6.20 95.25
C GLU C 261 -20.52 -6.44 93.75
N LYS C 262 -20.52 -5.38 92.95
CA LYS C 262 -20.43 -5.53 91.50
C LYS C 262 -19.02 -5.93 91.10
N TRP C 263 -18.02 -5.41 91.80
CA TRP C 263 -16.65 -5.76 91.48
C TRP C 263 -16.29 -7.13 92.04
N GLN C 264 -16.88 -7.50 93.18
CA GLN C 264 -16.58 -8.79 93.77
C GLN C 264 -17.12 -9.93 92.93
N GLN C 265 -18.31 -9.76 92.35
CA GLN C 265 -18.85 -10.77 91.45
C GLN C 265 -18.12 -10.79 90.11
N ALA C 266 -17.38 -9.73 89.78
CA ALA C 266 -16.47 -9.81 88.64
C ALA C 266 -15.30 -10.74 88.95
N LEU C 267 -14.82 -10.73 90.20
CA LEU C 267 -13.84 -11.74 90.62
C LEU C 267 -14.45 -13.13 90.67
N LYS C 268 -15.73 -13.21 91.06
CA LYS C 268 -16.41 -14.50 91.13
C LYS C 268 -16.61 -15.09 89.74
N SER C 269 -17.04 -14.26 88.80
CA SER C 269 -17.36 -14.77 87.46
C SER C 269 -16.12 -15.13 86.66
N VAL C 270 -14.99 -14.48 86.93
CA VAL C 270 -13.80 -14.82 86.16
C VAL C 270 -13.13 -16.08 86.72
N VAL C 271 -13.27 -16.34 88.02
CA VAL C 271 -12.54 -17.46 88.61
C VAL C 271 -13.29 -18.78 88.42
N LEU C 272 -14.52 -18.73 87.95
CA LEU C 272 -15.31 -19.95 87.80
C LEU C 272 -14.83 -20.80 86.62
N TYR C 273 -14.72 -20.19 85.43
CA TYR C 273 -14.52 -21.02 84.25
C TYR C 273 -13.33 -20.58 83.40
N VAL C 274 -12.25 -20.12 84.05
CA VAL C 274 -10.94 -20.31 83.44
C VAL C 274 -10.62 -21.80 83.45
N ILE C 275 -11.11 -22.51 84.47
CA ILE C 275 -11.05 -23.97 84.55
C ILE C 275 -11.70 -24.62 83.33
N LEU C 276 -12.88 -24.14 82.94
CA LEU C 276 -13.67 -24.80 81.91
C LEU C 276 -13.11 -24.62 80.50
N ALA C 277 -12.09 -23.78 80.32
CA ALA C 277 -11.36 -23.79 79.06
C ALA C 277 -10.55 -25.08 78.97
N PRO C 278 -10.37 -25.60 77.75
CA PRO C 278 -9.49 -26.76 77.58
C PRO C 278 -8.04 -26.39 77.85
N PHE C 279 -7.26 -27.38 78.27
CA PHE C 279 -5.91 -27.12 78.73
C PHE C 279 -4.99 -26.75 77.58
N ASP C 280 -4.16 -25.74 77.81
CA ASP C 280 -3.29 -25.18 76.79
C ASP C 280 -2.13 -24.51 77.51
N ASN C 281 -1.16 -24.03 76.75
CA ASN C 281 -0.18 -23.12 77.34
C ASN C 281 -0.81 -21.79 77.72
N GLU C 282 -1.87 -21.39 77.01
CA GLU C 282 -2.55 -20.14 77.31
C GLU C 282 -3.32 -20.21 78.62
N GLN C 283 -3.86 -21.38 78.95
CA GLN C 283 -4.50 -21.52 80.26
C GLN C 283 -3.46 -21.64 81.36
N SER C 284 -2.31 -22.23 81.04
CA SER C 284 -1.32 -22.54 82.08
C SER C 284 -0.63 -21.28 82.59
N ASP C 285 -0.42 -20.28 81.74
CA ASP C 285 0.19 -19.05 82.22
C ASP C 285 -0.83 -18.00 82.62
N LEU C 286 -2.07 -18.10 82.16
CA LEU C 286 -3.11 -17.19 82.62
C LEU C 286 -3.45 -17.43 84.08
N VAL C 287 -3.48 -18.70 84.50
CA VAL C 287 -3.68 -19.00 85.91
C VAL C 287 -2.45 -18.62 86.71
N HIS C 288 -1.28 -18.56 86.08
CA HIS C 288 -0.08 -18.07 86.76
C HIS C 288 -0.03 -16.55 86.79
N ARG C 289 -0.85 -15.88 85.98
CA ARG C 289 -1.01 -14.44 86.09
C ARG C 289 -2.04 -14.08 87.15
N ILE C 290 -3.22 -14.70 87.09
CA ILE C 290 -4.32 -14.31 87.97
C ILE C 290 -4.18 -14.87 89.37
N SER C 291 -3.30 -15.83 89.59
CA SER C 291 -2.97 -16.19 90.96
C SER C 291 -1.94 -15.23 91.51
N GLY C 292 -1.70 -15.31 92.81
CA GLY C 292 -0.88 -14.32 93.47
C GLY C 292 -1.56 -12.97 93.60
N ASP C 293 -2.88 -12.94 93.53
CA ASP C 293 -3.62 -11.69 93.63
C ASP C 293 -3.80 -11.29 95.08
N LYS C 294 -3.80 -9.98 95.32
CA LYS C 294 -4.09 -9.43 96.63
C LYS C 294 -5.59 -9.38 96.89
N LYS C 295 -6.42 -9.58 95.86
CA LYS C 295 -7.86 -9.51 96.01
C LYS C 295 -8.54 -10.86 95.96
N LEU C 296 -7.86 -11.90 95.46
CA LEU C 296 -8.47 -13.20 95.25
C LEU C 296 -8.79 -13.92 96.56
N GLU C 297 -8.06 -13.63 97.64
CA GLU C 297 -8.27 -14.34 98.89
C GLU C 297 -9.48 -13.84 99.69
N GLU C 298 -10.30 -12.96 99.11
CA GLU C 298 -11.58 -12.64 99.73
C GLU C 298 -12.59 -13.76 99.58
N ILE C 299 -12.36 -14.70 98.66
CA ILE C 299 -13.34 -15.70 98.27
C ILE C 299 -12.73 -17.08 98.56
N PRO C 300 -13.51 -18.04 99.09
CA PRO C 300 -12.99 -19.40 99.29
C PRO C 300 -12.72 -20.19 98.01
N LYS C 301 -12.99 -19.65 96.83
CA LYS C 301 -12.52 -20.26 95.59
C LYS C 301 -11.05 -19.94 95.29
N TYR C 302 -10.36 -19.25 96.20
CA TYR C 302 -8.90 -19.28 96.21
C TYR C 302 -8.39 -20.69 96.48
N LYS C 303 -9.16 -21.46 97.26
CA LYS C 303 -8.84 -22.87 97.49
C LYS C 303 -8.98 -23.68 96.20
N ASP C 304 -9.98 -23.36 95.38
CA ASP C 304 -10.25 -24.14 94.18
C ASP C 304 -9.17 -23.94 93.13
N LEU C 305 -8.72 -22.70 92.94
CA LEU C 305 -7.64 -22.42 91.99
C LEU C 305 -6.33 -23.01 92.51
N LEU C 306 -6.15 -23.07 93.82
CA LEU C 306 -5.04 -23.82 94.41
C LEU C 306 -5.20 -25.31 94.18
N LYS C 307 -6.45 -25.82 94.25
CA LYS C 307 -6.71 -27.24 94.06
C LYS C 307 -6.46 -27.68 92.63
N LEU C 308 -6.58 -26.78 91.66
CA LEU C 308 -6.28 -27.11 90.27
C LEU C 308 -4.91 -26.58 89.86
N PHE C 309 -3.93 -26.63 90.76
CA PHE C 309 -2.56 -26.28 90.39
C PHE C 309 -1.91 -27.38 89.56
N THR C 310 -1.63 -28.51 90.21
CA THR C 310 -0.87 -29.63 89.65
C THR C 310 -0.83 -30.75 90.69
N THR C 311 -0.36 -31.92 90.22
CA THR C 311 -0.04 -33.10 91.04
C THR C 311 -1.21 -33.56 91.90
N MET C 312 -2.42 -33.46 91.33
CA MET C 312 -3.72 -33.95 91.76
C MET C 312 -4.33 -33.17 92.93
N GLU C 313 -3.49 -32.46 93.68
CA GLU C 313 -3.83 -31.79 94.94
C GLU C 313 -4.81 -32.62 95.78
N LEU C 314 -4.36 -33.83 96.13
CA LEU C 314 -5.07 -35.10 95.90
C LEU C 314 -6.59 -34.99 95.97
N MET C 315 -7.27 -35.37 94.88
CA MET C 315 -8.64 -34.93 94.63
C MET C 315 -9.55 -36.11 94.37
N ARG C 316 -10.84 -35.77 94.25
CA ARG C 316 -11.95 -36.71 94.10
C ARG C 316 -13.17 -35.90 93.71
N TRP C 317 -13.94 -36.36 92.72
CA TRP C 317 -15.05 -35.56 92.24
C TRP C 317 -16.20 -35.47 93.24
N SER C 318 -16.40 -36.53 94.03
CA SER C 318 -17.43 -36.49 95.06
C SER C 318 -17.07 -35.51 96.17
N THR C 319 -15.79 -35.34 96.45
CA THR C 319 -15.35 -34.31 97.38
C THR C 319 -15.51 -32.92 96.78
N LEU C 320 -15.42 -32.81 95.45
CA LEU C 320 -15.71 -31.53 94.79
C LEU C 320 -17.19 -31.20 94.86
N VAL C 321 -18.05 -32.23 94.86
CA VAL C 321 -19.47 -31.99 95.06
C VAL C 321 -19.75 -31.50 96.48
N GLU C 322 -19.08 -32.10 97.47
CA GLU C 322 -19.28 -31.69 98.84
C GLU C 322 -18.59 -30.38 99.19
N ASP C 323 -17.66 -29.91 98.37
CA ASP C 323 -17.16 -28.54 98.50
C ASP C 323 -18.11 -27.53 97.91
N TYR C 324 -18.99 -27.98 97.02
CA TYR C 324 -19.88 -27.12 96.25
C TYR C 324 -21.35 -27.44 96.51
N GLY C 325 -21.75 -27.48 97.77
CA GLY C 325 -23.16 -27.31 98.08
C GLY C 325 -23.58 -25.87 98.19
N MET C 326 -22.62 -24.96 98.35
CA MET C 326 -22.89 -23.56 98.64
C MET C 326 -23.25 -22.75 97.41
N GLU C 327 -22.79 -23.18 96.23
CA GLU C 327 -22.97 -22.48 94.96
C GLU C 327 -24.43 -22.22 94.57
N LEU C 328 -25.37 -22.93 95.18
CA LEU C 328 -26.80 -22.68 94.99
C LEU C 328 -27.42 -21.91 96.15
N ARG C 329 -26.86 -22.03 97.35
CA ARG C 329 -27.58 -21.66 98.57
C ARG C 329 -26.99 -20.44 99.25
N LYS C 330 -25.72 -20.48 99.67
CA LYS C 330 -25.18 -19.43 100.54
C LYS C 330 -23.83 -18.96 100.03
N GLY C 331 -23.31 -17.93 100.70
CA GLY C 331 -22.11 -17.25 100.29
C GLY C 331 -22.22 -15.79 100.65
N SER C 332 -21.22 -14.99 100.28
CA SER C 332 -21.30 -13.56 100.54
C SER C 332 -22.33 -12.90 99.63
N LEU C 333 -22.21 -13.12 98.33
CA LEU C 333 -23.21 -12.67 97.37
C LEU C 333 -23.73 -13.77 96.47
N GLU C 334 -22.90 -14.78 96.14
CA GLU C 334 -23.30 -16.11 95.66
C GLU C 334 -23.85 -16.10 94.23
N SER C 335 -24.06 -14.93 93.63
CA SER C 335 -24.85 -14.82 92.40
C SER C 335 -24.23 -15.36 91.10
N PRO C 336 -22.92 -15.26 90.80
CA PRO C 336 -22.45 -15.86 89.54
C PRO C 336 -22.40 -17.38 89.58
N ALA C 337 -22.24 -18.00 90.75
CA ALA C 337 -22.28 -19.45 90.83
C ALA C 337 -23.67 -19.99 90.52
N THR C 338 -24.71 -19.26 90.92
CA THR C 338 -26.06 -19.58 90.47
C THR C 338 -26.24 -19.24 89.00
N ASP C 339 -25.53 -18.20 88.52
CA ASP C 339 -25.63 -17.82 87.12
C ASP C 339 -24.93 -18.83 86.22
N VAL C 340 -23.74 -19.28 86.61
CA VAL C 340 -22.97 -20.16 85.75
C VAL C 340 -23.41 -21.61 85.90
N PHE C 341 -23.42 -22.12 87.12
CA PHE C 341 -23.72 -23.53 87.35
C PHE C 341 -25.11 -23.78 87.90
N GLY C 342 -25.70 -22.84 88.64
CA GLY C 342 -27.01 -23.05 89.22
C GLY C 342 -28.17 -22.98 88.24
N SER C 343 -27.91 -22.58 86.99
CA SER C 343 -28.97 -22.52 85.99
C SER C 343 -29.38 -23.93 85.56
N THR C 344 -30.52 -24.02 84.88
CA THR C 344 -31.13 -25.32 84.60
C THR C 344 -30.49 -26.00 83.41
N GLU C 345 -30.59 -25.40 82.22
CA GLU C 345 -30.08 -26.08 81.04
C GLU C 345 -28.69 -25.60 80.63
N GLU C 346 -28.36 -24.34 80.90
CA GLU C 346 -27.00 -23.88 80.60
C GLU C 346 -26.04 -24.32 81.69
N GLY C 347 -26.53 -24.47 82.91
CA GLY C 347 -25.70 -25.04 83.96
C GLY C 347 -25.40 -26.51 83.76
N GLU C 348 -26.37 -27.26 83.22
CA GLU C 348 -26.22 -28.70 83.11
C GLU C 348 -25.22 -29.09 82.02
N LYS C 349 -25.16 -28.31 80.95
CA LYS C 349 -24.07 -28.46 79.99
C LYS C 349 -22.74 -28.10 80.63
N ARG C 350 -22.74 -27.09 81.50
CA ARG C 350 -21.54 -26.80 82.27
C ARG C 350 -21.35 -27.78 83.42
N TRP C 351 -22.41 -28.47 83.85
CA TRP C 351 -22.21 -29.55 84.82
C TRP C 351 -21.43 -30.70 84.22
N LYS C 352 -21.82 -31.14 83.02
CA LYS C 352 -21.12 -32.24 82.38
C LYS C 352 -19.74 -31.80 81.92
N ASP C 353 -19.56 -30.51 81.64
CA ASP C 353 -18.26 -30.03 81.22
C ASP C 353 -17.30 -29.92 82.39
N LEU C 354 -17.80 -29.54 83.57
CA LEU C 354 -16.94 -29.50 84.74
C LEU C 354 -16.56 -30.91 85.18
N LYS C 355 -17.46 -31.87 85.00
CA LYS C 355 -17.10 -33.27 85.14
C LYS C 355 -16.08 -33.67 84.08
N ASN C 356 -16.20 -33.10 82.88
CA ASN C 356 -15.27 -33.42 81.81
C ASN C 356 -13.90 -32.80 82.06
N ARG C 357 -13.86 -31.62 82.67
CA ARG C 357 -12.58 -30.97 82.92
C ARG C 357 -11.81 -31.63 84.05
N VAL C 358 -12.50 -32.17 85.05
CA VAL C 358 -11.75 -32.77 86.16
C VAL C 358 -11.25 -34.16 85.79
N VAL C 359 -11.96 -34.88 84.92
CA VAL C 359 -11.45 -36.18 84.49
C VAL C 359 -10.32 -35.97 83.49
N GLU C 360 -10.35 -34.88 82.74
CA GLU C 360 -9.24 -34.50 81.87
C GLU C 360 -8.02 -34.12 82.69
N HIS C 361 -8.25 -33.52 83.87
CA HIS C 361 -7.16 -33.23 84.78
C HIS C 361 -6.54 -34.50 85.34
N ASN C 362 -7.34 -35.55 85.53
CA ASN C 362 -6.82 -36.75 86.16
C ASN C 362 -6.12 -37.68 85.18
N ILE C 363 -6.31 -37.51 83.87
CA ILE C 363 -5.62 -38.39 82.93
C ILE C 363 -4.15 -37.98 82.80
N ARG C 364 -3.87 -36.68 82.81
CA ARG C 364 -2.50 -36.19 82.62
C ARG C 364 -1.59 -36.59 83.78
N ILE C 365 -2.09 -36.48 85.01
CA ILE C 365 -1.27 -36.83 86.17
C ILE C 365 -1.08 -38.34 86.28
N MET C 366 -1.99 -39.14 85.71
CA MET C 366 -1.75 -40.58 85.67
C MET C 366 -0.68 -40.93 84.65
N ALA C 367 -0.61 -40.17 83.56
CA ALA C 367 0.46 -40.38 82.59
C ALA C 367 1.81 -39.92 83.12
N LYS C 368 1.82 -39.06 84.14
CA LYS C 368 3.09 -38.62 84.71
C LYS C 368 3.66 -39.66 85.66
N TYR C 369 2.82 -40.33 86.45
CA TYR C 369 3.28 -41.08 87.60
C TYR C 369 2.94 -42.56 87.55
N TYR C 370 2.63 -43.11 86.38
CA TYR C 370 2.29 -44.53 86.32
C TYR C 370 2.89 -45.18 85.10
N THR C 371 3.52 -46.34 85.32
CA THR C 371 3.90 -47.22 84.23
C THR C 371 2.68 -47.94 83.68
N ARG C 372 1.96 -48.65 84.55
CA ARG C 372 0.73 -49.33 84.18
C ARG C 372 -0.35 -49.02 85.21
N ILE C 373 -1.59 -49.25 84.80
CA ILE C 373 -2.76 -49.08 85.66
C ILE C 373 -3.87 -50.01 85.18
N THR C 374 -4.47 -50.74 86.11
CA THR C 374 -5.53 -51.70 85.77
C THR C 374 -6.80 -50.96 85.37
N MET C 375 -7.76 -51.73 84.85
CA MET C 375 -9.00 -51.13 84.36
C MET C 375 -9.94 -50.79 85.51
N LYS C 376 -9.98 -51.63 86.55
CA LYS C 376 -10.92 -51.41 87.63
C LYS C 376 -10.50 -50.25 88.53
N ARG C 377 -9.20 -50.06 88.71
CA ARG C 377 -8.75 -48.97 89.57
C ARG C 377 -8.88 -47.62 88.89
N MET C 378 -8.73 -47.57 87.56
CA MET C 378 -8.95 -46.31 86.86
C MET C 378 -10.42 -45.91 86.89
N ALA C 379 -11.33 -46.87 86.83
CA ALA C 379 -12.75 -46.56 86.89
C ALA C 379 -13.17 -46.03 88.26
N GLN C 380 -12.59 -46.56 89.34
CA GLN C 380 -12.95 -46.04 90.67
C GLN C 380 -12.19 -44.76 90.99
N LEU C 381 -11.06 -44.51 90.33
CA LEU C 381 -10.37 -43.23 90.46
C LEU C 381 -10.89 -42.15 89.53
N LEU C 382 -11.85 -42.47 88.66
CA LEU C 382 -12.51 -41.46 87.86
C LEU C 382 -14.01 -41.37 88.14
N ASP C 383 -14.49 -42.14 89.13
CA ASP C 383 -15.85 -42.08 89.66
C ASP C 383 -16.92 -42.39 88.61
N LEU C 384 -16.62 -43.29 87.68
CA LEU C 384 -17.56 -43.63 86.62
C LEU C 384 -17.27 -45.04 86.11
N SER C 385 -18.04 -45.45 85.10
CA SER C 385 -18.05 -46.83 84.66
C SER C 385 -16.79 -47.19 83.88
N VAL C 386 -16.60 -48.49 83.66
CA VAL C 386 -15.48 -48.96 82.85
C VAL C 386 -15.71 -48.63 81.38
N ASP C 387 -16.96 -48.65 80.93
CA ASP C 387 -17.23 -48.42 79.52
C ASP C 387 -17.15 -46.94 79.19
N GLU C 388 -17.60 -46.08 80.10
CA GLU C 388 -17.45 -44.64 79.91
C GLU C 388 -15.98 -44.24 80.03
N SER C 389 -15.19 -45.01 80.77
CA SER C 389 -13.75 -44.81 80.78
C SER C 389 -13.12 -45.20 79.46
N GLU C 390 -13.66 -46.26 78.81
CA GLU C 390 -13.18 -46.65 77.49
C GLU C 390 -13.50 -45.59 76.44
N ALA C 391 -14.64 -44.92 76.58
CA ALA C 391 -15.01 -43.87 75.64
C ALA C 391 -14.17 -42.62 75.85
N PHE C 392 -13.79 -42.34 77.10
CA PHE C 392 -12.98 -41.16 77.38
C PHE C 392 -11.54 -41.33 76.92
N LEU C 393 -10.99 -42.55 77.07
CA LEU C 393 -9.62 -42.76 76.59
C LEU C 393 -9.57 -42.94 75.08
N SER C 394 -10.70 -43.25 74.44
CA SER C 394 -10.69 -43.43 73.00
C SER C 394 -10.62 -42.09 72.28
N ASN C 395 -11.50 -41.16 72.62
CA ASN C 395 -11.53 -39.88 71.92
C ASN C 395 -10.42 -38.93 72.34
N LEU C 396 -9.59 -39.30 73.32
CA LEU C 396 -8.38 -38.53 73.60
C LEU C 396 -7.19 -39.06 72.81
N VAL C 397 -7.13 -40.37 72.57
CA VAL C 397 -5.98 -40.92 71.87
C VAL C 397 -6.13 -40.75 70.35
N VAL C 398 -7.37 -40.70 69.82
CA VAL C 398 -7.56 -40.32 68.42
C VAL C 398 -7.50 -38.82 68.25
N ASN C 399 -7.56 -38.07 69.36
CA ASN C 399 -7.21 -36.66 69.38
C ASN C 399 -5.70 -36.46 69.47
N LYS C 400 -4.96 -37.56 69.66
CA LYS C 400 -3.50 -37.64 69.85
C LYS C 400 -2.95 -36.57 70.79
N THR C 401 -3.69 -36.33 71.87
CA THR C 401 -3.30 -35.39 72.89
C THR C 401 -2.83 -36.04 74.19
N ILE C 402 -3.16 -37.31 74.41
CA ILE C 402 -2.56 -38.11 75.48
C ILE C 402 -2.11 -39.43 74.88
N PHE C 403 -0.83 -39.74 75.03
CA PHE C 403 -0.29 -40.99 74.49
C PHE C 403 -0.64 -42.13 75.44
N ALA C 404 -1.44 -43.08 74.97
CA ALA C 404 -1.80 -44.26 75.73
C ALA C 404 -2.21 -45.35 74.75
N LYS C 405 -2.26 -46.58 75.25
CA LYS C 405 -2.58 -47.74 74.42
C LYS C 405 -3.04 -48.85 75.35
N VAL C 406 -4.25 -49.38 75.11
CA VAL C 406 -4.88 -50.25 76.09
C VAL C 406 -4.77 -51.70 75.64
N ASP C 407 -5.17 -52.61 76.52
CA ASP C 407 -5.17 -54.06 76.26
C ASP C 407 -6.35 -54.61 77.04
N ARG C 408 -7.49 -54.79 76.38
CA ARG C 408 -8.76 -54.95 77.06
C ARG C 408 -9.27 -56.38 77.13
N LEU C 409 -8.48 -57.37 76.70
CA LEU C 409 -8.85 -58.74 77.06
C LEU C 409 -8.50 -59.02 78.52
N ALA C 410 -7.45 -58.38 79.02
CA ALA C 410 -7.04 -58.52 80.41
C ALA C 410 -7.24 -57.23 81.19
N GLY C 411 -7.54 -56.13 80.52
CA GLY C 411 -7.87 -54.87 81.18
C GLY C 411 -6.68 -53.99 81.53
N ILE C 412 -5.46 -54.50 81.42
CA ILE C 412 -4.29 -53.74 81.82
C ILE C 412 -3.94 -52.77 80.71
N ILE C 413 -3.86 -51.48 81.04
CA ILE C 413 -3.40 -50.49 80.10
C ILE C 413 -2.03 -50.00 80.56
N ASN C 414 -1.32 -49.34 79.67
CA ASN C 414 -0.01 -48.82 80.03
C ASN C 414 0.17 -47.42 79.47
N PHE C 415 1.08 -46.68 80.11
CA PHE C 415 1.42 -45.32 79.73
C PHE C 415 2.86 -45.21 79.28
N GLN C 416 3.49 -46.34 78.97
CA GLN C 416 4.89 -46.37 78.58
C GLN C 416 5.10 -45.72 77.23
N ARG C 417 6.27 -45.10 77.08
CA ARG C 417 6.72 -44.68 75.76
C ARG C 417 7.07 -45.91 74.94
N PRO C 418 6.96 -45.83 73.60
CA PRO C 418 7.35 -46.99 72.76
C PRO C 418 8.84 -47.25 72.81
N LYS C 419 9.22 -48.42 73.31
CA LYS C 419 10.61 -48.75 73.56
C LYS C 419 11.35 -48.99 72.26
N ASP C 420 12.62 -48.60 72.24
CA ASP C 420 13.55 -48.77 71.13
C ASP C 420 14.91 -49.22 71.69
N PRO C 421 15.74 -49.93 70.90
CA PRO C 421 16.99 -50.46 71.46
C PRO C 421 18.04 -49.43 71.86
N ASN C 422 18.37 -48.48 70.98
CA ASN C 422 19.54 -47.65 71.24
C ASN C 422 19.26 -46.56 72.28
N ASN C 423 18.02 -46.05 72.35
CA ASN C 423 17.72 -44.95 73.27
C ASN C 423 17.77 -45.42 74.73
N LEU C 424 17.31 -46.65 74.98
CA LEU C 424 17.50 -47.26 76.29
C LEU C 424 18.99 -47.41 76.59
N LEU C 425 19.77 -47.80 75.58
CA LEU C 425 21.19 -47.96 75.78
C LEU C 425 21.89 -46.61 75.75
N ASN C 426 21.24 -45.59 75.18
CA ASN C 426 21.77 -44.24 75.22
C ASN C 426 21.63 -43.67 76.63
N ASP C 427 20.69 -44.22 77.40
CA ASP C 427 20.47 -43.80 78.79
C ASP C 427 21.51 -44.35 79.74
N TRP C 428 22.02 -45.55 79.50
CA TRP C 428 23.00 -46.15 80.40
C TRP C 428 24.32 -45.41 80.34
N SER C 429 24.73 -44.96 79.15
CA SER C 429 25.96 -44.18 79.03
C SER C 429 25.80 -42.79 79.62
N GLN C 430 24.57 -42.26 79.58
CA GLN C 430 24.34 -40.92 80.10
C GLN C 430 24.36 -40.90 81.63
N LYS C 431 23.78 -41.93 82.25
CA LYS C 431 23.90 -42.09 83.70
C LYS C 431 25.35 -42.34 84.09
N LEU C 432 26.09 -43.03 83.22
CA LEU C 432 27.48 -43.37 83.50
C LEU C 432 28.36 -42.13 83.43
N ASN C 433 28.15 -41.30 82.40
CA ASN C 433 28.96 -40.10 82.23
C ASN C 433 28.69 -39.10 83.34
N SER C 434 27.44 -39.03 83.78
CA SER C 434 27.10 -38.18 84.92
C SER C 434 27.68 -38.74 86.21
N LEU C 435 27.83 -40.06 86.29
CA LEU C 435 28.37 -40.69 87.48
C LEU C 435 29.86 -40.40 87.62
N MET C 436 30.60 -40.60 86.52
CA MET C 436 32.05 -40.45 86.54
C MET C 436 32.47 -39.00 86.68
N SER C 437 31.67 -38.09 86.13
CA SER C 437 31.98 -36.67 86.25
C SER C 437 31.72 -36.16 87.66
N LEU C 438 30.71 -36.71 88.33
CA LEU C 438 30.32 -36.16 89.63
C LEU C 438 31.29 -36.59 90.72
N VAL C 439 31.88 -37.79 90.57
CA VAL C 439 32.86 -38.24 91.56
C VAL C 439 34.17 -37.50 91.38
N ASN C 440 34.42 -36.98 90.18
CA ASN C 440 35.58 -36.12 89.97
C ASN C 440 35.37 -34.79 90.68
N LYS C 441 34.16 -34.24 90.61
CA LYS C 441 33.86 -33.01 91.34
C LYS C 441 33.79 -33.29 92.84
N THR C 442 33.45 -34.53 93.21
CA THR C 442 33.40 -34.91 94.61
C THR C 442 34.81 -35.00 95.19
N THR C 443 35.69 -35.71 94.49
CA THR C 443 37.04 -35.96 95.00
C THR C 443 37.87 -34.68 94.98
N HIS C 444 37.59 -33.81 94.01
CA HIS C 444 38.21 -32.49 93.97
C HIS C 444 37.79 -31.64 95.17
N LEU C 445 36.57 -31.89 95.66
CA LEU C 445 36.05 -31.08 96.76
C LEU C 445 36.52 -31.62 98.10
N ILE C 446 36.66 -32.93 98.24
CA ILE C 446 37.11 -33.49 99.51
C ILE C 446 38.62 -33.36 99.65
N ALA C 447 39.31 -33.15 98.54
CA ALA C 447 40.75 -32.89 98.61
C ALA C 447 41.01 -31.48 99.12
N LYS C 448 40.09 -30.57 98.82
CA LYS C 448 40.20 -29.19 99.30
C LYS C 448 39.94 -29.13 100.80
N GLU C 449 38.83 -29.75 101.25
CA GLU C 449 38.45 -29.70 102.66
C GLU C 449 39.46 -30.45 103.53
N GLU C 450 40.08 -31.49 102.97
CA GLU C 450 41.22 -32.12 103.62
C GLU C 450 42.38 -31.15 103.72
N MET C 451 42.57 -30.33 102.70
CA MET C 451 43.75 -29.48 102.64
C MET C 451 43.62 -28.28 103.58
N ILE C 452 42.40 -27.76 103.74
CA ILE C 452 42.19 -26.59 104.57
C ILE C 452 42.35 -26.95 106.05
N HIS C 453 41.74 -28.05 106.47
CA HIS C 453 41.70 -28.36 107.89
C HIS C 453 43.02 -28.95 108.39
N ASN C 454 43.78 -29.58 107.49
CA ASN C 454 45.08 -30.13 107.87
C ASN C 454 46.05 -29.01 108.26
N LEU C 455 45.89 -27.85 107.63
CA LEU C 455 46.63 -26.67 108.03
C LEU C 455 46.08 -26.06 109.30
N GLN C 456 44.79 -26.26 109.57
CA GLN C 456 43.92 -25.49 110.49
C GLN C 456 44.17 -23.96 110.44
N VAL D 43 -55.82 -51.23 -5.87
CA VAL D 43 -54.56 -51.96 -5.76
C VAL D 43 -53.68 -51.31 -4.70
N GLN D 44 -53.39 -50.01 -4.87
CA GLN D 44 -52.51 -49.31 -3.95
C GLN D 44 -53.16 -49.11 -2.58
N VAL D 45 -54.48 -49.09 -2.53
CA VAL D 45 -55.18 -49.00 -1.25
C VAL D 45 -55.04 -50.31 -0.47
N LYS D 46 -54.77 -51.41 -1.17
CA LYS D 46 -54.40 -52.66 -0.51
C LYS D 46 -52.91 -52.71 -0.21
N GLU D 47 -52.09 -52.01 -1.00
CA GLU D 47 -50.63 -52.02 -0.81
C GLU D 47 -50.24 -51.36 0.51
N GLN D 48 -50.82 -50.21 0.83
CA GLN D 48 -50.58 -49.60 2.13
C GLN D 48 -51.42 -50.23 3.23
N SER D 49 -52.45 -51.01 2.87
CA SER D 49 -53.17 -51.78 3.87
C SER D 49 -52.33 -52.94 4.39
N ILE D 50 -51.39 -53.44 3.59
CA ILE D 50 -50.42 -54.41 4.06
C ILE D 50 -49.54 -53.80 5.14
N LEU D 51 -49.15 -52.53 4.96
CA LEU D 51 -48.40 -51.83 6.00
C LEU D 51 -49.28 -51.49 7.18
N GLU D 52 -50.58 -51.27 6.95
CA GLU D 52 -51.49 -50.94 8.05
C GLU D 52 -51.83 -52.18 8.87
N LEU D 53 -52.18 -53.28 8.18
CA LEU D 53 -52.45 -54.54 8.89
C LEU D 53 -51.19 -55.10 9.53
N GLY D 54 -50.02 -54.89 8.90
CA GLY D 54 -48.77 -55.28 9.51
C GLY D 54 -48.45 -54.49 10.77
N SER D 55 -48.91 -53.24 10.85
CA SER D 55 -48.82 -52.50 12.10
C SER D 55 -49.79 -53.08 13.13
N LEU D 56 -50.94 -53.59 12.68
CA LEU D 56 -51.86 -54.28 13.59
C LEU D 56 -51.30 -55.64 13.98
N LEU D 57 -50.52 -56.26 13.09
CA LEU D 57 -49.83 -57.50 13.43
C LEU D 57 -48.76 -57.26 14.51
N ALA D 58 -48.22 -56.04 14.56
CA ALA D 58 -47.17 -55.73 15.53
C ALA D 58 -47.75 -55.29 16.87
N LYS D 59 -48.80 -54.47 16.86
CA LYS D 59 -49.33 -53.93 18.10
C LYS D 59 -50.12 -54.98 18.88
N THR D 60 -50.86 -55.83 18.19
CA THR D 60 -51.65 -56.85 18.86
C THR D 60 -50.83 -58.06 19.29
N GLY D 61 -49.60 -58.19 18.83
CA GLY D 61 -48.69 -59.20 19.34
C GLY D 61 -48.86 -60.60 18.77
N GLN D 62 -48.66 -60.75 17.46
CA GLN D 62 -48.57 -62.06 16.84
C GLN D 62 -47.40 -62.06 15.87
N ALA D 63 -46.57 -63.09 15.95
CA ALA D 63 -45.25 -63.10 15.33
C ALA D 63 -45.17 -63.93 14.05
N ALA D 64 -45.80 -65.11 14.02
CA ALA D 64 -45.75 -65.94 12.82
C ALA D 64 -46.56 -65.33 11.69
N GLU D 65 -47.64 -64.62 12.01
CA GLU D 65 -48.40 -63.92 10.99
C GLU D 65 -47.65 -62.68 10.51
N LEU D 66 -46.98 -61.97 11.42
CA LEU D 66 -46.18 -60.81 11.00
C LEU D 66 -44.89 -61.24 10.33
N GLY D 67 -44.23 -62.27 10.88
CA GLY D 67 -43.07 -62.83 10.21
C GLY D 67 -43.42 -63.50 8.90
N GLY D 68 -44.63 -64.04 8.80
CA GLY D 68 -45.11 -64.53 7.52
C GLY D 68 -45.39 -63.41 6.54
N LEU D 69 -45.78 -62.23 7.05
CA LEU D 69 -45.97 -61.07 6.19
C LEU D 69 -44.63 -60.54 5.68
N LEU D 70 -43.63 -60.52 6.56
CA LEU D 70 -42.28 -60.18 6.13
C LEU D 70 -41.68 -61.21 5.18
N LYS D 71 -42.18 -62.46 5.21
CA LYS D 71 -41.83 -63.40 4.16
C LYS D 71 -42.66 -63.22 2.90
N TYR D 72 -43.77 -62.49 2.99
CA TYR D 72 -44.72 -62.36 1.89
C TYR D 72 -44.42 -61.16 0.99
N VAL D 73 -43.82 -60.11 1.54
CA VAL D 73 -43.72 -58.85 0.82
C VAL D 73 -42.38 -58.73 0.10
N ARG D 74 -41.67 -59.84 -0.03
CA ARG D 74 -40.32 -59.82 -0.59
C ARG D 74 -40.30 -59.72 -2.12
N PRO D 75 -41.22 -60.36 -2.89
CA PRO D 75 -41.41 -59.89 -4.26
C PRO D 75 -42.21 -58.60 -4.36
N PHE D 76 -42.99 -58.28 -3.33
CA PHE D 76 -43.71 -57.01 -3.27
C PHE D 76 -42.76 -55.84 -3.01
N LEU D 77 -41.56 -56.12 -2.47
CA LEU D 77 -40.52 -55.11 -2.38
C LEU D 77 -40.04 -54.69 -3.77
N ASN D 78 -40.15 -55.59 -4.75
CA ASN D 78 -39.84 -55.28 -6.14
C ASN D 78 -41.04 -54.65 -6.85
N SER D 79 -41.60 -53.60 -6.23
CA SER D 79 -42.72 -52.87 -6.80
C SER D 79 -42.67 -51.37 -6.60
N ILE D 80 -41.83 -50.86 -5.70
CA ILE D 80 -41.82 -49.45 -5.32
C ILE D 80 -40.41 -48.89 -5.41
N SER D 81 -40.23 -47.65 -4.94
CA SER D 81 -38.94 -46.96 -4.98
C SER D 81 -37.89 -47.72 -4.19
N LYS D 82 -36.86 -48.19 -4.89
CA LYS D 82 -35.88 -49.09 -4.30
C LYS D 82 -34.95 -48.38 -3.34
N ALA D 83 -34.74 -47.08 -3.51
CA ALA D 83 -33.86 -46.35 -2.60
C ALA D 83 -34.53 -46.11 -1.25
N LYS D 84 -35.79 -45.70 -1.25
CA LYS D 84 -36.55 -45.46 -0.04
C LYS D 84 -37.20 -46.72 0.51
N ALA D 85 -36.92 -47.87 -0.09
CA ALA D 85 -37.45 -49.13 0.43
C ALA D 85 -36.74 -49.56 1.70
N ALA D 86 -35.54 -49.03 1.97
CA ALA D 86 -34.78 -49.41 3.16
C ALA D 86 -35.46 -48.91 4.44
N ARG D 87 -36.16 -47.79 4.37
CA ARG D 87 -36.97 -47.36 5.51
C ARG D 87 -38.13 -48.31 5.75
N LEU D 88 -38.69 -48.88 4.67
CA LEU D 88 -39.76 -49.85 4.81
C LEU D 88 -39.24 -51.16 5.39
N VAL D 89 -38.02 -51.55 5.01
CA VAL D 89 -37.41 -52.76 5.58
C VAL D 89 -37.06 -52.53 7.04
N ARG D 90 -36.56 -51.33 7.36
CA ARG D 90 -36.16 -51.02 8.73
C ARG D 90 -37.35 -50.98 9.68
N SER D 91 -38.44 -50.33 9.25
CA SER D 91 -39.60 -50.17 10.13
C SER D 91 -40.31 -51.51 10.36
N LEU D 92 -40.35 -52.36 9.34
CA LEU D 92 -40.97 -53.67 9.52
C LEU D 92 -40.07 -54.60 10.33
N LEU D 93 -38.75 -54.43 10.23
CA LEU D 93 -37.85 -55.26 11.03
C LEU D 93 -37.85 -54.83 12.49
N ASP D 94 -37.89 -53.51 12.74
CA ASP D 94 -37.86 -53.01 14.11
C ASP D 94 -39.13 -53.37 14.86
N LEU D 95 -40.29 -53.17 14.24
CA LEU D 95 -41.55 -53.54 14.87
C LEU D 95 -41.72 -55.06 14.99
N PHE D 96 -40.97 -55.84 14.22
CA PHE D 96 -40.95 -57.28 14.41
C PHE D 96 -40.14 -57.66 15.64
N LEU D 97 -38.95 -57.07 15.79
CA LEU D 97 -38.02 -57.44 16.85
C LEU D 97 -38.38 -56.84 18.21
N ASP D 98 -39.29 -55.87 18.26
CA ASP D 98 -39.68 -55.25 19.53
C ASP D 98 -40.76 -56.02 20.26
N MET D 99 -41.12 -57.22 19.80
CA MET D 99 -42.34 -57.89 20.29
C MET D 99 -42.07 -58.85 21.43
N GLU D 100 -41.31 -59.91 21.18
CA GLU D 100 -41.22 -61.05 22.07
C GLU D 100 -40.05 -61.91 21.63
N ALA D 101 -39.33 -62.46 22.60
CA ALA D 101 -38.13 -63.26 22.34
C ALA D 101 -38.54 -64.62 21.77
N ALA D 102 -38.81 -64.64 20.48
CA ALA D 102 -38.93 -65.88 19.72
C ALA D 102 -37.76 -65.89 18.75
N THR D 103 -36.60 -66.33 19.25
CA THR D 103 -35.35 -66.12 18.54
C THR D 103 -35.08 -67.16 17.47
N GLY D 104 -35.91 -68.20 17.36
CA GLY D 104 -35.80 -69.13 16.26
C GLY D 104 -36.21 -68.53 14.93
N GLN D 105 -37.02 -67.47 14.97
CA GLN D 105 -37.42 -66.74 13.78
C GLN D 105 -36.73 -65.40 13.63
N GLU D 106 -36.26 -64.81 14.72
CA GLU D 106 -35.62 -63.50 14.69
C GLU D 106 -34.32 -63.51 13.91
N VAL D 107 -33.32 -64.27 14.36
CA VAL D 107 -32.03 -64.28 13.70
C VAL D 107 -32.08 -65.06 12.39
N GLU D 108 -33.05 -65.97 12.24
CA GLU D 108 -33.11 -66.78 11.03
C GLU D 108 -33.70 -65.99 9.86
N LEU D 109 -34.76 -65.23 10.09
CA LEU D 109 -35.29 -64.36 9.04
C LEU D 109 -34.37 -63.17 8.77
N CYS D 110 -33.51 -62.82 9.71
CA CYS D 110 -32.42 -61.91 9.39
C CYS D 110 -31.46 -62.53 8.40
N LEU D 111 -31.08 -63.79 8.62
CA LEU D 111 -30.19 -64.49 7.69
C LEU D 111 -30.87 -64.77 6.36
N GLU D 112 -32.20 -64.84 6.35
CA GLU D 112 -32.92 -64.94 5.08
C GLU D 112 -32.79 -63.66 4.28
N CYS D 113 -32.87 -62.51 4.96
CA CYS D 113 -32.75 -61.22 4.27
C CYS D 113 -31.33 -60.95 3.84
N ILE D 114 -30.35 -61.53 4.55
CA ILE D 114 -28.95 -61.37 4.17
C ILE D 114 -28.66 -62.13 2.88
N GLU D 115 -29.11 -63.38 2.82
CA GLU D 115 -28.91 -64.20 1.62
C GLU D 115 -29.73 -63.69 0.45
N TRP D 116 -30.85 -63.01 0.74
CA TRP D 116 -31.62 -62.35 -0.30
C TRP D 116 -30.83 -61.21 -0.93
N ALA D 117 -30.16 -60.41 -0.09
CA ALA D 117 -29.35 -59.30 -0.61
C ALA D 117 -28.04 -59.77 -1.21
N LYS D 118 -27.65 -61.02 -0.98
CA LYS D 118 -26.60 -61.63 -1.80
C LYS D 118 -27.09 -61.79 -3.24
N SER D 119 -28.37 -62.08 -3.41
CA SER D 119 -28.98 -62.35 -4.70
C SER D 119 -29.78 -61.17 -5.24
N GLU D 120 -29.87 -60.07 -4.51
CA GLU D 120 -30.61 -58.90 -4.99
C GLU D 120 -29.65 -57.72 -5.13
N LYS D 121 -28.58 -57.73 -4.33
CA LYS D 121 -27.44 -56.82 -4.41
C LYS D 121 -27.87 -55.35 -4.23
N ARG D 122 -28.36 -55.06 -3.03
CA ARG D 122 -28.49 -53.70 -2.55
C ARG D 122 -27.51 -53.53 -1.41
N THR D 123 -26.45 -52.74 -1.65
CA THR D 123 -25.35 -52.67 -0.70
C THR D 123 -25.74 -51.93 0.57
N PHE D 124 -26.53 -50.86 0.43
CA PHE D 124 -26.90 -50.05 1.59
C PHE D 124 -27.86 -50.80 2.51
N LEU D 125 -28.70 -51.66 1.95
CA LEU D 125 -29.66 -52.39 2.78
C LEU D 125 -28.98 -53.49 3.56
N ARG D 126 -28.11 -54.27 2.92
CA ARG D 126 -27.48 -55.40 3.58
C ARG D 126 -26.51 -54.93 4.67
N GLN D 127 -25.86 -53.79 4.49
CA GLN D 127 -25.02 -53.23 5.54
C GLN D 127 -25.86 -52.70 6.68
N ALA D 128 -27.07 -52.21 6.38
CA ALA D 128 -27.99 -51.80 7.42
C ALA D 128 -28.55 -53.00 8.17
N LEU D 129 -28.72 -54.13 7.49
CA LEU D 129 -29.24 -55.31 8.17
C LEU D 129 -28.20 -55.95 9.07
N GLU D 130 -26.91 -55.84 8.69
CA GLU D 130 -25.87 -56.41 9.54
C GLU D 130 -25.70 -55.59 10.81
N ALA D 131 -25.90 -54.27 10.72
CA ALA D 131 -25.76 -53.41 11.89
C ALA D 131 -26.88 -53.66 12.89
N ARG D 132 -28.07 -54.01 12.41
CA ARG D 132 -29.13 -54.44 13.30
C ARG D 132 -28.82 -55.82 13.88
N LEU D 133 -28.17 -56.67 13.09
CA LEU D 133 -27.90 -58.03 13.51
C LEU D 133 -26.84 -58.09 14.61
N VAL D 134 -25.79 -57.28 14.48
CA VAL D 134 -24.77 -57.24 15.52
C VAL D 134 -25.31 -56.57 16.78
N SER D 135 -26.30 -55.68 16.62
CA SER D 135 -27.04 -55.18 17.78
C SER D 135 -27.86 -56.30 18.40
N LEU D 136 -28.42 -57.19 17.58
CA LEU D 136 -29.17 -58.33 18.10
C LEU D 136 -28.24 -59.34 18.76
N TYR D 137 -26.99 -59.41 18.29
CA TYR D 137 -26.01 -60.28 18.94
C TYR D 137 -25.67 -59.78 20.34
N PHE D 138 -25.63 -58.46 20.51
CA PHE D 138 -25.32 -57.87 21.81
C PHE D 138 -26.46 -58.05 22.81
N ASP D 139 -27.69 -58.21 22.33
CA ASP D 139 -28.86 -58.28 23.21
C ASP D 139 -28.83 -59.55 24.07
N THR D 140 -28.21 -60.60 23.57
CA THR D 140 -28.01 -61.82 24.34
C THR D 140 -26.55 -62.05 24.69
N LYS D 141 -25.67 -61.13 24.29
CA LYS D 141 -24.21 -61.28 24.32
C LYS D 141 -23.78 -62.58 23.62
N ARG D 142 -24.01 -62.60 22.32
CA ARG D 142 -23.36 -63.59 21.47
C ARG D 142 -21.89 -63.22 21.36
N TYR D 143 -21.02 -64.20 21.60
CA TYR D 143 -19.76 -63.92 22.27
C TYR D 143 -18.72 -63.29 21.34
N GLN D 144 -18.27 -64.01 20.32
CA GLN D 144 -17.26 -63.47 19.41
C GLN D 144 -17.76 -63.16 18.02
N GLU D 145 -18.89 -63.73 17.61
CA GLU D 145 -19.37 -63.49 16.26
C GLU D 145 -19.95 -62.08 16.10
N ALA D 146 -20.28 -61.41 17.21
CA ALA D 146 -20.53 -59.98 17.15
C ALA D 146 -19.26 -59.22 16.78
N LEU D 147 -18.14 -59.62 17.38
CA LEU D 147 -16.85 -59.05 17.02
C LEU D 147 -16.39 -59.52 15.66
N HIS D 148 -16.73 -60.76 15.28
CA HIS D 148 -16.35 -61.26 13.97
C HIS D 148 -17.16 -60.58 12.87
N LEU D 149 -18.41 -60.22 13.16
CA LEU D 149 -19.21 -59.50 12.17
C LEU D 149 -18.78 -58.04 12.08
N GLY D 150 -18.50 -57.42 13.23
CA GLY D 150 -18.09 -56.02 13.23
C GLY D 150 -16.74 -55.79 12.58
N SER D 151 -15.85 -56.78 12.64
CA SER D 151 -14.61 -56.70 11.90
C SER D 151 -14.85 -56.78 10.39
N GLN D 152 -15.81 -57.61 9.98
CA GLN D 152 -16.13 -57.72 8.56
C GLN D 152 -16.95 -56.55 8.05
N LEU D 153 -17.58 -55.78 8.93
CA LEU D 153 -18.19 -54.53 8.50
C LEU D 153 -17.15 -53.43 8.32
N LEU D 154 -16.12 -53.42 9.17
CA LEU D 154 -15.06 -52.42 9.03
C LEU D 154 -14.14 -52.73 7.85
N ARG D 155 -14.15 -53.95 7.34
CA ARG D 155 -13.54 -54.20 6.04
C ARG D 155 -14.35 -53.61 4.90
N GLU D 156 -15.63 -53.29 5.16
CA GLU D 156 -16.51 -52.69 4.16
C GLU D 156 -16.69 -51.20 4.38
N LEU D 157 -17.05 -50.79 5.60
CA LEU D 157 -17.68 -49.50 5.81
C LEU D 157 -16.69 -48.33 5.70
N LYS D 158 -15.51 -48.45 6.31
CA LYS D 158 -14.54 -47.37 6.19
C LYS D 158 -13.90 -47.33 4.80
N LYS D 159 -14.04 -48.40 4.02
CA LYS D 159 -13.69 -48.37 2.61
C LYS D 159 -14.73 -47.61 1.78
N MET D 160 -15.97 -47.55 2.24
CA MET D 160 -17.05 -46.91 1.50
C MET D 160 -17.04 -45.41 1.73
N ASP D 161 -18.11 -44.74 1.29
CA ASP D 161 -18.25 -43.30 1.37
C ASP D 161 -19.27 -42.83 2.38
N ASP D 162 -20.30 -43.62 2.66
CA ASP D 162 -21.28 -43.28 3.69
C ASP D 162 -20.62 -43.24 5.06
N LYS D 163 -21.04 -42.29 5.89
CA LYS D 163 -20.32 -41.98 7.12
C LYS D 163 -21.08 -42.29 8.39
N ALA D 164 -22.40 -42.07 8.43
CA ALA D 164 -23.16 -42.19 9.66
C ALA D 164 -23.29 -43.62 10.16
N LEU D 165 -23.07 -44.61 9.30
CA LEU D 165 -23.12 -45.99 9.75
C LEU D 165 -21.81 -46.40 10.42
N LEU D 166 -20.71 -45.69 10.12
CA LEU D 166 -19.44 -45.97 10.80
C LEU D 166 -19.50 -45.60 12.27
N VAL D 167 -20.18 -44.50 12.59
CA VAL D 167 -20.25 -44.04 13.98
C VAL D 167 -21.07 -45.01 14.81
N GLU D 168 -22.02 -45.71 14.18
CA GLU D 168 -22.78 -46.73 14.88
C GLU D 168 -21.91 -47.95 15.18
N VAL D 169 -21.15 -48.42 14.18
CA VAL D 169 -20.40 -49.66 14.38
C VAL D 169 -19.13 -49.42 15.17
N GLN D 170 -18.61 -48.19 15.20
CA GLN D 170 -17.48 -47.91 16.08
C GLN D 170 -17.94 -47.83 17.53
N LEU D 171 -19.13 -47.26 17.77
CA LEU D 171 -19.62 -47.15 19.13
C LEU D 171 -20.11 -48.49 19.66
N LEU D 172 -20.67 -49.32 18.79
CA LEU D 172 -21.21 -50.60 19.25
C LEU D 172 -20.11 -51.59 19.57
N GLU D 173 -18.97 -51.51 18.87
CA GLU D 173 -17.82 -52.30 19.27
C GLU D 173 -17.25 -51.82 20.60
N SER D 174 -17.30 -50.52 20.87
CA SER D 174 -16.79 -50.00 22.14
C SER D 174 -17.67 -50.42 23.30
N LYS D 175 -18.91 -50.82 23.02
CA LYS D 175 -19.73 -51.48 24.03
C LYS D 175 -19.19 -52.87 24.33
N THR D 176 -18.98 -53.67 23.28
CA THR D 176 -18.70 -55.09 23.50
C THR D 176 -17.24 -55.35 23.90
N TYR D 177 -16.31 -54.44 23.60
CA TYR D 177 -14.99 -54.59 24.20
C TYR D 177 -15.02 -54.23 25.67
N HIS D 178 -15.87 -53.27 26.05
CA HIS D 178 -16.06 -52.99 27.47
C HIS D 178 -16.89 -54.08 28.13
N ALA D 179 -17.78 -54.71 27.38
CA ALA D 179 -18.58 -55.79 27.93
C ALA D 179 -17.74 -57.04 28.17
N LEU D 180 -16.69 -57.23 27.38
CA LEU D 180 -15.74 -58.32 27.61
C LEU D 180 -14.57 -57.89 28.47
N SER D 181 -14.73 -56.78 29.20
CA SER D 181 -13.79 -56.30 30.22
C SER D 181 -12.41 -56.00 29.65
N ASN D 182 -12.34 -55.57 28.39
CA ASN D 182 -11.12 -55.06 27.81
C ASN D 182 -11.24 -53.54 27.77
N LEU D 183 -10.56 -52.88 28.68
CA LEU D 183 -10.62 -51.44 28.84
C LEU D 183 -9.82 -50.65 27.79
N PRO D 184 -8.53 -50.93 27.50
CA PRO D 184 -7.82 -50.03 26.59
C PRO D 184 -8.23 -50.18 25.14
N LYS D 185 -8.69 -51.36 24.73
CA LYS D 185 -9.14 -51.51 23.34
C LYS D 185 -10.49 -50.83 23.13
N ALA D 186 -11.32 -50.81 24.18
CA ALA D 186 -12.57 -50.05 24.11
C ALA D 186 -12.29 -48.55 24.15
N ARG D 187 -11.17 -48.15 24.75
CA ARG D 187 -10.74 -46.76 24.70
C ARG D 187 -10.37 -46.34 23.29
N ALA D 188 -9.62 -47.20 22.59
CA ALA D 188 -9.16 -46.86 21.24
C ALA D 188 -10.31 -46.89 20.25
N ALA D 189 -11.29 -47.77 20.46
CA ALA D 189 -12.44 -47.81 19.58
C ALA D 189 -13.34 -46.60 19.79
N LEU D 190 -13.39 -46.09 21.03
CA LEU D 190 -14.17 -44.90 21.30
C LEU D 190 -13.51 -43.66 20.72
N THR D 191 -12.17 -43.59 20.80
CA THR D 191 -11.45 -42.43 20.28
C THR D 191 -11.54 -42.36 18.76
N SER D 192 -11.52 -43.52 18.09
CA SER D 192 -11.75 -43.55 16.65
C SER D 192 -13.20 -43.18 16.31
N ALA D 193 -14.13 -43.42 17.24
CA ALA D 193 -15.51 -43.00 17.03
C ALA D 193 -15.65 -41.51 17.20
N ARG D 194 -14.81 -40.89 18.03
CA ARG D 194 -14.89 -39.45 18.23
C ARG D 194 -14.44 -38.69 16.98
N THR D 195 -13.28 -39.05 16.44
CA THR D 195 -12.77 -38.38 15.25
C THR D 195 -13.56 -38.71 13.99
N THR D 196 -14.34 -39.79 14.02
CA THR D 196 -15.24 -40.06 12.91
C THR D 196 -16.50 -39.20 13.00
N ALA D 197 -16.97 -38.96 14.23
CA ALA D 197 -18.22 -38.23 14.46
C ALA D 197 -18.08 -36.73 14.33
N ASN D 198 -16.96 -36.23 13.80
CA ASN D 198 -16.76 -34.80 13.67
C ASN D 198 -17.14 -34.27 12.29
N ALA D 199 -17.72 -35.10 11.42
CA ALA D 199 -17.99 -34.71 10.05
C ALA D 199 -19.35 -35.18 9.55
N ILE D 200 -20.39 -35.02 10.37
CA ILE D 200 -21.75 -35.45 10.02
C ILE D 200 -22.67 -34.26 10.15
N TYR D 201 -23.66 -34.16 9.24
CA TYR D 201 -24.73 -33.17 9.31
C TYR D 201 -25.34 -33.07 10.69
N CYS D 202 -26.01 -34.12 11.15
CA CYS D 202 -26.55 -34.18 12.50
C CYS D 202 -26.43 -35.59 13.01
N PRO D 203 -25.75 -35.78 14.13
CA PRO D 203 -26.10 -36.87 15.05
C PRO D 203 -27.13 -36.39 16.07
N PRO D 204 -28.42 -36.28 15.70
CA PRO D 204 -29.35 -35.53 16.56
C PRO D 204 -29.75 -36.27 17.82
N LYS D 205 -29.57 -37.56 17.85
CA LYS D 205 -29.81 -38.49 18.94
C LYS D 205 -28.57 -39.34 19.22
N LEU D 206 -27.78 -39.63 18.19
CA LEU D 206 -26.55 -40.41 18.35
C LEU D 206 -25.48 -39.67 19.13
N GLN D 207 -25.59 -38.34 19.27
CA GLN D 207 -24.67 -37.60 20.11
C GLN D 207 -24.81 -38.01 21.57
N ALA D 208 -26.05 -38.08 22.07
CA ALA D 208 -26.26 -38.50 23.45
C ALA D 208 -25.95 -39.98 23.65
N THR D 209 -26.16 -40.78 22.60
CA THR D 209 -25.74 -42.17 22.64
C THR D 209 -24.22 -42.28 22.71
N LEU D 210 -23.51 -41.39 22.00
CA LEU D 210 -22.07 -41.34 22.09
C LEU D 210 -21.61 -40.75 23.42
N ASP D 211 -22.35 -39.76 23.94
CA ASP D 211 -21.87 -39.07 25.13
C ASP D 211 -22.12 -39.88 26.40
N MET D 212 -23.02 -40.85 26.37
CA MET D 212 -23.19 -41.73 27.53
C MET D 212 -21.99 -42.63 27.71
N GLN D 213 -21.52 -43.24 26.64
CA GLN D 213 -20.43 -44.19 26.73
C GLN D 213 -19.08 -43.51 26.76
N SER D 214 -19.04 -42.21 26.46
CA SER D 214 -17.92 -41.40 26.90
C SER D 214 -17.83 -41.39 28.43
N GLY D 215 -18.99 -41.31 29.10
CA GLY D 215 -19.00 -41.34 30.55
C GLY D 215 -18.78 -42.73 31.11
N ILE D 216 -19.15 -43.76 30.36
CA ILE D 216 -19.01 -45.14 30.84
C ILE D 216 -17.55 -45.52 30.95
N ILE D 217 -16.80 -45.36 29.86
CA ILE D 217 -15.40 -45.76 29.83
C ILE D 217 -14.56 -44.84 30.70
N HIS D 218 -14.93 -43.56 30.80
CA HIS D 218 -14.25 -42.67 31.75
C HIS D 218 -14.53 -43.05 33.19
N ALA D 219 -15.72 -43.60 33.48
CA ALA D 219 -15.99 -44.06 34.84
C ALA D 219 -15.28 -45.38 35.13
N ALA D 220 -14.96 -46.15 34.09
CA ALA D 220 -14.26 -47.41 34.28
C ALA D 220 -12.79 -47.22 34.65
N GLU D 221 -12.26 -46.00 34.52
CA GLU D 221 -10.92 -45.72 34.98
C GLU D 221 -10.84 -45.74 36.50
N GLU D 222 -11.96 -45.43 37.18
CA GLU D 222 -12.03 -45.14 38.62
C GLU D 222 -11.07 -44.03 39.02
N LYS D 223 -10.87 -43.05 38.12
CA LYS D 223 -9.96 -41.94 38.35
C LYS D 223 -10.56 -40.59 38.05
N ASP D 224 -11.52 -40.50 37.13
CA ASP D 224 -12.09 -39.23 36.70
C ASP D 224 -13.58 -39.26 36.98
N TRP D 225 -13.95 -38.84 38.19
CA TRP D 225 -15.32 -38.87 38.68
C TRP D 225 -15.96 -37.49 38.64
N LYS D 226 -15.42 -36.59 37.82
CA LYS D 226 -16.00 -35.27 37.65
C LYS D 226 -16.38 -35.00 36.21
N THR D 227 -15.47 -35.27 35.26
CA THR D 227 -15.78 -35.00 33.86
C THR D 227 -16.68 -36.08 33.28
N ALA D 228 -16.58 -37.31 33.78
CA ALA D 228 -17.48 -38.37 33.35
C ALA D 228 -18.91 -38.07 33.76
N TYR D 229 -19.09 -37.41 34.90
CA TYR D 229 -20.39 -36.88 35.30
C TYR D 229 -20.93 -35.89 34.29
N SER D 230 -20.04 -35.10 33.67
CA SER D 230 -20.49 -34.17 32.64
C SER D 230 -20.89 -34.91 31.37
N TYR D 231 -20.26 -36.06 31.10
CA TYR D 231 -20.66 -36.82 29.92
C TYR D 231 -22.00 -37.50 30.11
N PHE D 232 -22.27 -38.01 31.32
CA PHE D 232 -23.57 -38.60 31.59
C PHE D 232 -24.68 -37.57 31.54
N TYR D 233 -24.38 -36.35 31.96
CA TYR D 233 -25.41 -35.32 32.02
C TYR D 233 -25.74 -34.80 30.64
N GLU D 234 -24.74 -34.70 29.77
CA GLU D 234 -25.00 -34.29 28.40
C GLU D 234 -25.80 -35.35 27.65
N ALA D 235 -25.59 -36.61 27.99
CA ALA D 235 -26.36 -37.70 27.39
C ALA D 235 -27.82 -37.63 27.80
N PHE D 236 -28.10 -37.19 29.04
CA PHE D 236 -29.48 -37.07 29.46
C PHE D 236 -30.16 -35.87 28.82
N GLU D 237 -29.42 -34.78 28.59
CA GLU D 237 -29.99 -33.62 27.93
C GLU D 237 -30.32 -33.91 26.47
N GLY D 238 -29.54 -34.78 25.82
CA GLY D 238 -29.92 -35.25 24.51
C GLY D 238 -31.10 -36.20 24.54
N TYR D 239 -31.28 -36.89 25.66
CA TYR D 239 -32.40 -37.79 25.87
C TYR D 239 -33.62 -37.10 26.45
N ASP D 240 -33.69 -35.77 26.38
CA ASP D 240 -34.76 -35.01 27.02
C ASP D 240 -36.05 -35.20 26.21
N SER D 241 -36.88 -36.13 26.66
CA SER D 241 -38.24 -36.43 26.19
C SER D 241 -38.31 -36.96 24.76
N ILE D 242 -37.19 -37.14 24.08
CA ILE D 242 -37.19 -37.76 22.75
C ILE D 242 -36.73 -39.20 22.79
N ASP D 243 -36.09 -39.64 23.88
CA ASP D 243 -35.82 -41.07 24.10
C ASP D 243 -35.90 -41.26 25.63
N SER D 244 -37.09 -41.61 26.10
CA SER D 244 -37.37 -41.80 27.52
C SER D 244 -36.82 -43.07 28.17
N PRO D 245 -36.82 -44.27 27.53
CA PRO D 245 -36.19 -45.42 28.22
C PRO D 245 -34.70 -45.28 28.43
N LYS D 246 -34.00 -44.61 27.51
CA LYS D 246 -32.59 -44.33 27.72
C LYS D 246 -32.36 -43.11 28.59
N ALA D 247 -33.39 -42.29 28.83
CA ALA D 247 -33.24 -41.13 29.69
C ALA D 247 -33.29 -41.50 31.16
N ILE D 248 -34.13 -42.48 31.52
CA ILE D 248 -34.34 -42.82 32.92
C ILE D 248 -33.13 -43.53 33.51
N THR D 249 -32.36 -44.25 32.69
CA THR D 249 -31.14 -44.86 33.17
C THR D 249 -29.99 -43.86 33.29
N SER D 250 -30.13 -42.67 32.70
CA SER D 250 -29.06 -41.69 32.76
C SER D 250 -28.93 -41.09 34.15
N LEU D 251 -30.04 -40.98 34.88
CA LEU D 251 -29.98 -40.50 36.26
C LEU D 251 -29.29 -41.50 37.16
N LYS D 252 -29.37 -42.78 36.82
CA LYS D 252 -28.73 -43.82 37.62
C LYS D 252 -27.22 -43.66 37.64
N TYR D 253 -26.63 -43.29 36.50
CA TYR D 253 -25.19 -43.19 36.44
C TYR D 253 -24.69 -41.88 37.01
N MET D 254 -25.40 -40.78 36.78
CA MET D 254 -24.89 -39.48 37.22
C MET D 254 -25.08 -39.28 38.71
N LEU D 255 -26.08 -39.92 39.31
CA LEU D 255 -26.15 -39.91 40.77
C LEU D 255 -25.09 -40.82 41.37
N LEU D 256 -24.79 -41.93 40.69
CA LEU D 256 -23.74 -42.84 41.14
C LEU D 256 -22.38 -42.18 41.11
N CYS D 257 -22.15 -41.29 40.14
CA CYS D 257 -20.88 -40.59 40.07
C CYS D 257 -20.78 -39.51 41.12
N LYS D 258 -21.93 -39.02 41.60
CA LYS D 258 -21.94 -38.01 42.65
C LYS D 258 -21.86 -38.63 44.04
N ILE D 259 -22.36 -39.86 44.19
CA ILE D 259 -22.07 -40.63 45.40
C ILE D 259 -20.58 -40.90 45.52
N MET D 260 -19.97 -41.32 44.41
CA MET D 260 -18.58 -41.72 44.41
C MET D 260 -17.63 -40.52 44.52
N LEU D 261 -18.12 -39.32 44.28
CA LEU D 261 -17.34 -38.10 44.48
C LEU D 261 -17.40 -37.63 45.94
N ASN D 262 -18.06 -38.41 46.81
CA ASN D 262 -18.21 -38.16 48.25
C ASN D 262 -18.91 -36.83 48.52
N THR D 263 -19.88 -36.48 47.68
CA THR D 263 -20.76 -35.34 47.89
C THR D 263 -22.19 -35.85 47.86
N PRO D 264 -22.66 -36.50 48.93
CA PRO D 264 -24.00 -37.11 48.88
C PRO D 264 -25.12 -36.12 49.06
N GLU D 265 -24.84 -34.90 49.52
CA GLU D 265 -25.90 -33.94 49.77
C GLU D 265 -26.46 -33.37 48.48
N ASP D 266 -25.61 -33.18 47.47
CA ASP D 266 -26.05 -32.67 46.17
C ASP D 266 -26.88 -33.68 45.39
N VAL D 267 -26.89 -34.95 45.82
CA VAL D 267 -27.75 -35.96 45.21
C VAL D 267 -29.22 -35.61 45.40
N GLN D 268 -29.58 -35.21 46.63
CA GLN D 268 -30.93 -34.76 46.89
C GLN D 268 -31.21 -33.43 46.20
N ALA D 269 -30.17 -32.60 46.01
CA ALA D 269 -30.35 -31.32 45.35
C ALA D 269 -30.65 -31.48 43.87
N LEU D 270 -30.16 -32.55 43.23
CA LEU D 270 -30.48 -32.77 41.83
C LEU D 270 -31.91 -33.26 41.66
N VAL D 271 -32.30 -34.27 42.44
CA VAL D 271 -33.60 -34.90 42.27
C VAL D 271 -34.74 -34.02 42.74
N SER D 272 -34.45 -32.98 43.53
CA SER D 272 -35.41 -31.93 43.81
C SER D 272 -35.46 -30.89 42.70
N GLY D 273 -34.53 -30.95 41.75
CA GLY D 273 -34.56 -30.04 40.62
C GLY D 273 -35.74 -30.31 39.71
N LYS D 274 -36.13 -29.26 38.98
CA LYS D 274 -37.40 -29.28 38.25
C LYS D 274 -37.37 -30.22 37.04
N LEU D 275 -36.20 -30.51 36.50
CA LEU D 275 -36.13 -31.43 35.38
C LEU D 275 -36.15 -32.87 35.84
N ALA D 276 -35.56 -33.16 37.01
CA ALA D 276 -35.57 -34.50 37.54
C ALA D 276 -36.93 -34.91 38.11
N LEU D 277 -37.79 -33.94 38.43
CA LEU D 277 -39.13 -34.26 38.90
C LEU D 277 -40.01 -34.83 37.79
N ARG D 278 -39.65 -34.59 36.52
CA ARG D 278 -40.36 -35.19 35.41
C ARG D 278 -40.20 -36.71 35.40
N TYR D 279 -39.03 -37.21 35.79
CA TYR D 279 -38.70 -38.63 35.73
C TYR D 279 -38.53 -39.22 37.13
N ALA D 280 -39.33 -38.77 38.09
CA ALA D 280 -39.25 -39.32 39.44
C ALA D 280 -39.87 -40.72 39.49
N GLY D 281 -39.55 -41.44 40.55
CA GLY D 281 -40.03 -42.79 40.72
C GLY D 281 -39.30 -43.61 41.76
N ARG D 282 -39.09 -44.90 41.47
CA ARG D 282 -38.52 -45.82 42.45
C ARG D 282 -37.01 -45.72 42.50
N GLN D 283 -36.36 -45.74 41.34
CA GLN D 283 -34.91 -45.87 41.29
C GLN D 283 -34.20 -44.60 41.75
N THR D 284 -34.86 -43.45 41.63
CA THR D 284 -34.31 -42.25 42.24
C THR D 284 -34.41 -42.30 43.76
N GLU D 285 -35.43 -42.97 44.30
CA GLU D 285 -35.52 -43.13 45.75
C GLU D 285 -34.52 -44.15 46.25
N ALA D 286 -34.09 -45.07 45.38
CA ALA D 286 -33.07 -46.05 45.76
C ALA D 286 -31.75 -45.37 46.02
N LEU D 287 -31.41 -44.37 45.21
CA LEU D 287 -30.12 -43.71 45.37
C LEU D 287 -30.17 -42.64 46.46
N LYS D 288 -31.37 -42.26 46.91
CA LYS D 288 -31.49 -41.30 48.00
C LYS D 288 -31.12 -41.92 49.34
N CYS D 289 -31.64 -43.12 49.61
CA CYS D 289 -31.33 -43.78 50.87
C CYS D 289 -29.91 -44.32 50.88
N VAL D 290 -29.35 -44.63 49.70
CA VAL D 290 -27.93 -44.93 49.59
C VAL D 290 -27.10 -43.69 49.90
N ALA D 291 -27.57 -42.52 49.44
CA ALA D 291 -26.89 -41.27 49.74
C ALA D 291 -26.91 -40.97 51.24
N GLN D 292 -28.04 -41.23 51.90
CA GLN D 292 -28.15 -40.99 53.33
C GLN D 292 -27.28 -41.97 54.13
N ALA D 293 -27.15 -43.20 53.66
CA ALA D 293 -26.31 -44.17 54.34
C ALA D 293 -24.84 -43.82 54.19
N SER D 294 -24.44 -43.36 53.01
CA SER D 294 -23.07 -42.89 52.83
C SER D 294 -22.84 -41.55 53.52
N LYS D 295 -23.90 -40.77 53.73
CA LYS D 295 -23.78 -39.54 54.49
C LYS D 295 -23.51 -39.81 55.96
N ASN D 296 -24.25 -40.74 56.56
CA ASN D 296 -24.11 -41.06 57.97
C ASN D 296 -22.96 -42.00 58.25
N ARG D 297 -22.34 -42.57 57.20
CA ARG D 297 -21.31 -43.62 57.29
C ARG D 297 -21.78 -44.83 58.10
N SER D 298 -23.07 -45.14 58.02
CA SER D 298 -23.65 -46.27 58.73
C SER D 298 -23.55 -47.48 57.81
N LEU D 299 -22.94 -48.56 58.32
CA LEU D 299 -22.55 -49.68 57.46
C LEU D 299 -23.76 -50.55 57.13
N ALA D 300 -24.51 -50.97 58.15
CA ALA D 300 -25.64 -51.87 57.90
C ALA D 300 -26.81 -51.12 57.28
N ASP D 301 -26.86 -49.79 57.41
CA ASP D 301 -27.87 -49.00 56.74
C ASP D 301 -27.69 -49.07 55.23
N PHE D 302 -26.43 -49.10 54.77
CA PHE D 302 -26.15 -49.33 53.37
C PHE D 302 -26.56 -50.75 52.97
N GLU D 303 -26.30 -51.72 53.86
CA GLU D 303 -26.68 -53.10 53.60
C GLU D 303 -28.20 -53.26 53.60
N LYS D 304 -28.89 -52.53 54.47
CA LYS D 304 -30.34 -52.58 54.49
C LYS D 304 -30.93 -51.95 53.25
N ALA D 305 -30.36 -50.83 52.79
CA ALA D 305 -30.85 -50.18 51.58
C ALA D 305 -30.56 -51.01 50.34
N LEU D 306 -29.46 -51.75 50.35
CA LEU D 306 -29.19 -52.69 49.25
C LEU D 306 -30.16 -53.86 49.30
N THR D 307 -30.53 -54.30 50.50
CA THR D 307 -31.40 -55.47 50.64
C THR D 307 -32.85 -55.12 50.28
N ASP D 308 -33.29 -53.90 50.62
CA ASP D 308 -34.68 -53.53 50.41
C ASP D 308 -35.00 -53.35 48.93
N TYR D 309 -34.02 -52.95 48.12
CA TYR D 309 -34.21 -52.65 46.72
C TYR D 309 -33.29 -53.56 45.91
N ARG D 310 -33.82 -54.72 45.50
CA ARG D 310 -32.97 -55.70 44.82
C ARG D 310 -32.84 -55.39 43.33
N ALA D 311 -33.95 -55.46 42.59
CA ALA D 311 -33.91 -55.29 41.13
C ALA D 311 -33.58 -53.87 40.71
N GLU D 312 -33.60 -52.92 41.65
CA GLU D 312 -33.15 -51.56 41.36
C GLU D 312 -31.64 -51.51 41.17
N LEU D 313 -30.87 -51.91 42.19
CA LEU D 313 -29.46 -51.56 42.18
C LEU D 313 -28.48 -52.64 42.66
N ARG D 314 -28.89 -53.86 42.98
CA ARG D 314 -27.90 -54.92 43.10
C ARG D 314 -27.70 -55.67 41.79
N ASP D 315 -28.58 -55.47 40.81
CA ASP D 315 -28.24 -55.80 39.45
C ASP D 315 -27.10 -54.90 38.98
N ASP D 316 -26.28 -55.42 38.07
CA ASP D 316 -25.06 -54.74 37.67
C ASP D 316 -25.03 -54.26 36.20
N PRO D 317 -25.93 -53.31 35.78
CA PRO D 317 -25.60 -52.50 34.58
C PRO D 317 -25.10 -51.07 34.78
N ILE D 318 -23.85 -50.78 35.18
CA ILE D 318 -22.86 -51.69 35.72
C ILE D 318 -22.53 -51.01 37.05
N ILE D 319 -23.55 -50.42 37.64
CA ILE D 319 -23.38 -49.64 38.87
C ILE D 319 -23.08 -50.52 40.08
N SER D 320 -23.52 -51.78 40.07
CA SER D 320 -23.35 -52.62 41.25
C SER D 320 -21.92 -53.06 41.46
N THR D 321 -21.10 -53.09 40.40
CA THR D 321 -19.66 -53.26 40.56
C THR D 321 -19.08 -52.06 41.28
N HIS D 322 -19.50 -50.86 40.88
CA HIS D 322 -19.04 -49.64 41.52
C HIS D 322 -19.54 -49.50 42.95
N LEU D 323 -20.73 -50.01 43.24
CA LEU D 323 -21.23 -49.98 44.62
C LEU D 323 -20.45 -50.93 45.51
N ALA D 324 -20.00 -52.07 44.95
CA ALA D 324 -19.18 -52.99 45.72
C ALA D 324 -17.81 -52.40 46.02
N LYS D 325 -17.30 -51.55 45.12
CA LYS D 325 -16.06 -50.85 45.41
C LYS D 325 -16.24 -49.83 46.51
N LEU D 326 -17.39 -49.15 46.52
CA LEU D 326 -17.63 -48.15 47.55
C LEU D 326 -17.95 -48.80 48.88
N TYR D 327 -18.56 -49.99 48.85
CA TYR D 327 -18.86 -50.67 50.11
C TYR D 327 -17.61 -51.30 50.70
N ASP D 328 -16.77 -51.92 49.86
CA ASP D 328 -15.54 -52.52 50.37
C ASP D 328 -14.54 -51.46 50.79
N ASN D 329 -14.64 -50.26 50.23
CA ASN D 329 -13.85 -49.15 50.75
C ASN D 329 -14.35 -48.74 52.13
N LEU D 330 -15.68 -48.75 52.32
CA LEU D 330 -16.29 -48.22 53.54
C LEU D 330 -16.01 -49.12 54.74
N LEU D 331 -15.65 -50.39 54.51
CA LEU D 331 -15.26 -51.28 55.60
C LEU D 331 -14.00 -50.79 56.31
N GLU D 332 -12.87 -50.73 55.58
CA GLU D 332 -11.63 -50.35 56.25
C GLU D 332 -11.59 -48.88 56.62
N GLN D 333 -12.39 -48.02 55.98
CA GLN D 333 -12.51 -46.66 56.45
C GLN D 333 -13.17 -46.60 57.82
N ASN D 334 -14.13 -47.49 58.06
CA ASN D 334 -14.67 -47.65 59.41
C ASN D 334 -13.74 -48.46 60.30
N LEU D 335 -12.99 -49.40 59.72
CA LEU D 335 -12.17 -50.28 60.53
C LEU D 335 -10.90 -49.63 61.03
N ILE D 336 -10.32 -48.67 60.29
CA ILE D 336 -9.09 -48.05 60.77
C ILE D 336 -9.36 -47.12 61.93
N ARG D 337 -10.59 -46.60 62.06
CA ARG D 337 -10.87 -45.60 63.09
C ARG D 337 -10.95 -46.21 64.48
N VAL D 338 -11.10 -47.52 64.57
CA VAL D 338 -11.41 -48.18 65.83
C VAL D 338 -10.33 -49.16 66.24
N ILE D 339 -9.07 -48.85 65.92
CA ILE D 339 -7.97 -49.72 66.29
C ILE D 339 -7.07 -49.01 67.29
N GLU D 340 -6.85 -47.71 67.06
CA GLU D 340 -5.95 -46.83 67.80
C GLU D 340 -5.98 -46.85 69.34
N PRO D 341 -7.12 -47.04 70.03
CA PRO D 341 -7.03 -47.10 71.50
C PRO D 341 -6.30 -48.32 72.06
N PHE D 342 -6.21 -49.43 71.33
CA PHE D 342 -5.64 -50.62 71.93
C PHE D 342 -4.39 -51.08 71.19
N SER D 343 -3.64 -51.95 71.87
CA SER D 343 -2.64 -52.78 71.21
C SER D 343 -3.21 -54.14 70.85
N ARG D 344 -4.22 -54.58 71.62
CA ARG D 344 -4.67 -55.95 71.56
C ARG D 344 -6.14 -55.99 71.98
N VAL D 345 -6.99 -56.62 71.15
CA VAL D 345 -8.42 -56.72 71.41
C VAL D 345 -8.88 -58.11 71.03
N GLN D 346 -10.02 -58.51 71.57
CA GLN D 346 -10.75 -59.68 71.11
C GLN D 346 -11.83 -59.24 70.13
N ILE D 347 -12.13 -60.12 69.17
CA ILE D 347 -12.81 -59.69 67.95
C ILE D 347 -14.32 -59.64 68.05
N GLU D 348 -14.90 -60.14 69.15
CA GLU D 348 -16.35 -59.99 69.28
C GLU D 348 -16.72 -58.56 69.69
N HIS D 349 -15.80 -57.84 70.32
CA HIS D 349 -16.05 -56.44 70.64
C HIS D 349 -15.92 -55.56 69.41
N ILE D 350 -14.99 -55.90 68.52
CA ILE D 350 -14.84 -55.08 67.32
C ILE D 350 -15.95 -55.38 66.32
N SER D 351 -16.60 -56.54 66.43
CA SER D 351 -17.85 -56.75 65.72
C SER D 351 -18.99 -55.98 66.37
N SER D 352 -18.89 -55.73 67.67
CA SER D 352 -19.94 -54.99 68.36
C SER D 352 -19.85 -53.49 68.08
N LEU D 353 -18.63 -52.96 68.01
CA LEU D 353 -18.45 -51.54 67.67
C LEU D 353 -18.81 -51.26 66.22
N ILE D 354 -18.68 -52.26 65.34
CA ILE D 354 -19.02 -52.06 63.94
C ILE D 354 -20.47 -52.43 63.65
N LYS D 355 -21.13 -53.15 64.57
CA LYS D 355 -22.52 -53.60 64.46
C LYS D 355 -22.69 -54.48 63.21
N LEU D 356 -22.02 -55.63 63.26
CA LEU D 356 -21.98 -56.57 62.15
C LEU D 356 -21.60 -57.93 62.73
N SER D 357 -21.75 -58.97 61.90
CA SER D 357 -21.28 -60.31 62.25
C SER D 357 -19.75 -60.34 62.33
N LYS D 358 -19.22 -61.44 62.86
CA LYS D 358 -17.79 -61.54 63.09
C LYS D 358 -17.04 -62.33 62.02
N ALA D 359 -17.73 -63.18 61.26
CA ALA D 359 -17.06 -64.02 60.28
C ALA D 359 -16.57 -63.22 59.09
N ASP D 360 -17.37 -62.27 58.61
CA ASP D 360 -16.92 -61.41 57.52
C ASP D 360 -15.86 -60.42 57.99
N VAL D 361 -15.83 -60.09 59.29
CA VAL D 361 -14.76 -59.28 59.84
C VAL D 361 -13.45 -60.03 59.80
N GLU D 362 -13.49 -61.34 60.07
CA GLU D 362 -12.30 -62.19 60.02
C GLU D 362 -11.72 -62.27 58.62
N ARG D 363 -12.58 -62.45 57.61
CA ARG D 363 -12.08 -62.53 56.25
C ARG D 363 -11.63 -61.17 55.73
N LYS D 364 -12.21 -60.10 56.26
CA LYS D 364 -11.79 -58.77 55.82
C LYS D 364 -10.46 -58.39 56.46
N LEU D 365 -10.31 -58.65 57.77
CA LEU D 365 -9.07 -58.34 58.45
C LEU D 365 -7.92 -59.19 57.94
N SER D 366 -8.18 -60.45 57.60
CA SER D 366 -7.14 -61.31 57.05
C SER D 366 -6.69 -60.83 55.68
N GLN D 367 -7.58 -60.18 54.94
CA GLN D 367 -7.21 -59.54 53.69
C GLN D 367 -6.30 -58.34 53.94
N MET D 368 -6.49 -57.66 55.07
CA MET D 368 -5.77 -56.42 55.33
C MET D 368 -4.30 -56.67 55.68
N ILE D 369 -4.01 -57.74 56.41
CA ILE D 369 -2.62 -58.06 56.72
C ILE D 369 -1.92 -58.60 55.47
N LEU D 370 -2.60 -59.44 54.69
CA LEU D 370 -2.01 -60.01 53.47
C LEU D 370 -1.71 -58.93 52.44
N ASP D 371 -2.53 -57.89 52.37
CA ASP D 371 -2.32 -56.82 51.42
C ASP D 371 -1.51 -55.67 52.01
N LYS D 372 -0.95 -55.87 53.21
CA LYS D 372 -0.01 -54.94 53.87
C LYS D 372 -0.62 -53.56 54.11
N LYS D 373 -1.93 -53.51 54.33
CA LYS D 373 -2.61 -52.26 54.66
C LYS D 373 -2.63 -52.00 56.15
N PHE D 374 -1.83 -52.72 56.92
CA PHE D 374 -2.06 -52.89 58.35
C PHE D 374 -0.85 -53.61 58.93
N HIS D 375 -0.62 -53.40 60.23
CA HIS D 375 0.47 -54.05 60.95
C HIS D 375 -0.14 -54.88 62.07
N GLY D 376 -0.39 -56.16 61.82
CA GLY D 376 -1.07 -56.93 62.84
C GLY D 376 -0.97 -58.43 62.63
N ILE D 377 -1.66 -59.15 63.51
CA ILE D 377 -1.69 -60.61 63.47
C ILE D 377 -2.98 -61.03 64.16
N LEU D 378 -3.44 -62.25 63.89
CA LEU D 378 -4.66 -62.76 64.50
C LEU D 378 -4.39 -64.08 65.20
N ASP D 379 -5.31 -64.45 66.09
CA ASP D 379 -5.27 -65.72 66.79
C ASP D 379 -6.61 -66.43 66.65
N GLN D 380 -6.57 -67.76 66.55
CA GLN D 380 -7.77 -68.57 66.62
C GLN D 380 -7.97 -69.21 67.98
N GLY D 381 -6.88 -69.42 68.73
CA GLY D 381 -6.99 -69.97 70.06
C GLY D 381 -7.60 -69.02 71.07
N GLU D 382 -7.59 -67.72 70.77
CA GLU D 382 -8.21 -66.74 71.65
C GLU D 382 -9.13 -65.77 70.91
N GLY D 383 -9.14 -65.79 69.58
CA GLY D 383 -9.96 -64.89 68.78
C GLY D 383 -9.56 -63.43 68.96
N VAL D 384 -8.27 -63.14 68.77
CA VAL D 384 -7.67 -61.91 69.28
C VAL D 384 -6.84 -61.25 68.19
N LEU D 385 -7.09 -59.95 67.97
CA LEU D 385 -6.28 -59.13 67.08
C LEU D 385 -5.19 -58.41 67.87
N ILE D 386 -3.96 -58.47 67.37
CA ILE D 386 -2.79 -57.92 68.05
C ILE D 386 -2.06 -56.98 67.09
N ILE D 387 -1.64 -55.82 67.59
CA ILE D 387 -1.04 -54.76 66.79
C ILE D 387 0.37 -54.47 67.30
N PHE D 388 1.34 -54.45 66.39
CA PHE D 388 2.74 -54.30 66.73
C PHE D 388 3.40 -53.31 65.75
N ASP D 389 4.71 -53.15 65.88
CA ASP D 389 5.51 -52.31 64.99
C ASP D 389 6.73 -53.08 64.50
N GLU D 390 7.54 -52.48 63.63
CA GLU D 390 8.66 -53.18 63.03
C GLU D 390 9.85 -52.21 62.91
N PRO D 391 11.08 -52.72 62.94
CA PRO D 391 12.24 -51.84 62.81
C PRO D 391 12.62 -51.59 61.36
N PRO D 392 12.82 -50.33 60.98
CA PRO D 392 13.25 -50.02 59.61
C PRO D 392 14.76 -50.02 59.43
N VAL D 393 15.51 -50.61 60.36
CA VAL D 393 16.94 -50.34 60.48
C VAL D 393 17.68 -51.52 59.84
N ASP D 394 17.07 -52.11 58.82
CA ASP D 394 17.67 -53.20 58.08
C ASP D 394 18.69 -52.74 57.06
N LYS D 395 18.88 -51.42 56.91
CA LYS D 395 19.66 -50.87 55.81
C LYS D 395 21.14 -51.19 55.95
N THR D 396 21.60 -51.45 57.19
CA THR D 396 22.96 -51.91 57.40
C THR D 396 23.15 -53.33 56.89
N TYR D 397 22.30 -54.25 57.35
CA TYR D 397 22.43 -55.66 57.01
C TYR D 397 22.03 -55.95 55.58
N GLU D 398 21.16 -55.12 55.00
CA GLU D 398 20.82 -55.24 53.58
C GLU D 398 22.04 -54.98 52.72
N ALA D 399 22.68 -53.83 52.91
CA ALA D 399 23.88 -53.47 52.15
C ALA D 399 25.12 -54.25 52.60
N ALA D 400 25.03 -55.00 53.70
CA ALA D 400 26.16 -55.79 54.16
C ALA D 400 26.45 -56.94 53.21
N LEU D 401 25.47 -57.81 52.98
CA LEU D 401 25.68 -58.98 52.15
C LEU D 401 25.65 -58.69 50.66
N GLU D 402 25.24 -57.48 50.25
CA GLU D 402 25.35 -57.13 48.85
C GLU D 402 26.79 -56.86 48.44
N THR D 403 27.65 -56.50 49.40
CA THR D 403 29.08 -56.43 49.15
C THR D 403 29.70 -57.79 48.97
N ILE D 404 29.09 -58.84 49.55
CA ILE D 404 29.60 -60.19 49.38
C ILE D 404 29.41 -60.65 47.95
N GLN D 405 28.32 -60.19 47.31
CA GLN D 405 28.12 -60.43 45.89
C GLN D 405 29.20 -59.75 45.05
N ASN D 406 29.62 -58.56 45.47
CA ASN D 406 30.77 -57.93 44.84
C ASN D 406 32.05 -58.66 45.19
N MET D 407 32.14 -59.19 46.41
CA MET D 407 33.35 -59.92 46.80
C MET D 407 33.37 -61.31 46.19
N SER D 408 32.20 -61.85 45.83
CA SER D 408 32.19 -63.15 45.15
C SER D 408 32.72 -63.02 43.74
N LYS D 409 32.46 -61.90 43.08
CA LYS D 409 32.82 -61.76 41.68
C LYS D 409 34.31 -61.47 41.50
N VAL D 410 34.94 -60.83 42.48
CA VAL D 410 36.35 -60.49 42.33
C VAL D 410 37.24 -61.70 42.58
N VAL D 411 36.81 -62.59 43.48
CA VAL D 411 37.59 -63.79 43.77
C VAL D 411 37.47 -64.78 42.62
N ASP D 412 36.30 -64.80 41.98
CA ASP D 412 36.12 -65.56 40.74
C ASP D 412 36.98 -64.99 39.62
N SER D 413 37.23 -63.68 39.65
CA SER D 413 38.07 -63.06 38.63
C SER D 413 39.55 -63.31 38.91
N LEU D 414 39.94 -63.31 40.18
CA LEU D 414 41.35 -63.50 40.55
C LEU D 414 41.81 -64.91 40.28
N TYR D 415 40.99 -65.90 40.66
CA TYR D 415 41.29 -67.30 40.40
C TYR D 415 41.35 -67.59 38.91
N ASN D 416 40.59 -66.83 38.12
CA ASN D 416 40.71 -66.91 36.67
C ASN D 416 42.04 -66.32 36.20
N LYS D 417 42.50 -65.26 36.87
CA LYS D 417 43.77 -64.65 36.50
C LYS D 417 44.93 -65.53 36.94
N ALA D 418 44.81 -66.14 38.12
CA ALA D 418 45.85 -67.02 38.63
C ALA D 418 45.92 -68.34 37.87
N LYS D 419 44.78 -68.77 37.30
CA LYS D 419 44.80 -69.96 36.46
C LYS D 419 45.46 -69.68 35.12
N LYS D 420 45.39 -68.42 34.66
CA LYS D 420 45.95 -68.05 33.36
C LYS D 420 47.48 -68.18 33.36
N LEU D 421 48.12 -67.85 34.46
CA LEU D 421 49.57 -67.98 34.57
C LEU D 421 49.90 -68.21 36.04
N THR D 422 50.85 -69.12 36.29
CA THR D 422 51.18 -69.60 37.63
C THR D 422 51.67 -68.51 38.58
N PRO E 12 0.99 -80.95 5.92
CA PRO E 12 2.08 -79.98 6.07
C PRO E 12 2.76 -80.11 7.42
N LYS E 13 3.05 -78.96 8.04
CA LYS E 13 3.59 -78.93 9.40
C LYS E 13 2.85 -77.95 10.28
N ASN E 14 1.78 -77.33 9.79
CA ASN E 14 1.16 -76.25 10.53
C ASN E 14 0.22 -76.75 11.64
N PRO E 15 -0.68 -77.77 11.40
CA PRO E 15 -1.41 -78.35 12.54
C PRO E 15 -0.71 -79.57 13.13
N ASP E 16 0.59 -79.70 12.87
CA ASP E 16 1.27 -80.99 12.98
C ASP E 16 1.41 -81.47 14.43
N LEU E 17 1.40 -80.55 15.40
CA LEU E 17 1.66 -80.95 16.78
C LEU E 17 0.48 -81.62 17.45
N ARG E 18 -0.69 -81.65 16.81
CA ARG E 18 -1.80 -82.43 17.34
C ARG E 18 -1.51 -83.92 17.23
N ILE E 19 -0.73 -84.31 16.22
CA ILE E 19 -0.35 -85.71 16.04
C ILE E 19 0.49 -86.19 17.22
N ALA E 20 1.45 -85.37 17.66
CA ALA E 20 2.32 -85.75 18.78
C ALA E 20 1.54 -85.82 20.10
N GLN E 21 0.41 -85.12 20.18
CA GLN E 21 -0.50 -85.35 21.29
C GLN E 21 -1.15 -86.72 21.21
N LEU E 22 -1.66 -87.09 20.03
CA LEU E 22 -2.35 -88.36 19.89
C LEU E 22 -1.39 -89.54 19.84
N ARG E 23 -0.11 -89.30 19.61
CA ARG E 23 0.88 -90.36 19.83
C ARG E 23 0.98 -90.68 21.32
N PHE E 24 1.07 -89.64 22.15
CA PHE E 24 1.24 -89.83 23.58
C PHE E 24 -0.07 -90.29 24.24
N LEU E 25 -1.19 -89.68 23.85
CA LEU E 25 -2.46 -89.92 24.53
C LEU E 25 -2.97 -91.34 24.28
N LEU E 26 -2.62 -91.92 23.12
CA LEU E 26 -2.96 -93.30 22.85
C LEU E 26 -2.02 -94.28 23.53
N SER E 27 -0.77 -93.88 23.77
CA SER E 27 0.26 -94.85 24.15
C SER E 27 0.21 -95.22 25.63
N LEU E 28 0.48 -94.26 26.51
CA LEU E 28 0.74 -94.62 27.89
C LEU E 28 -0.55 -94.91 28.67
N PRO E 29 -1.66 -94.13 28.54
CA PRO E 29 -2.94 -94.70 28.99
C PRO E 29 -3.56 -95.63 27.95
N GLU E 30 -3.50 -96.94 28.19
CA GLU E 30 -4.14 -97.88 27.29
C GLU E 30 -5.65 -97.83 27.42
N HIS E 31 -6.15 -97.44 28.60
CA HIS E 31 -7.58 -97.23 28.78
C HIS E 31 -8.07 -96.05 27.96
N ARG E 32 -7.22 -95.05 27.72
CA ARG E 32 -7.51 -93.99 26.77
C ARG E 32 -7.09 -94.50 25.39
N GLY E 33 -7.96 -95.32 24.81
CA GLY E 33 -7.69 -95.89 23.51
C GLY E 33 -8.89 -96.07 22.61
N ASP E 34 -9.95 -95.28 22.83
CA ASP E 34 -11.18 -95.46 22.08
C ASP E 34 -11.26 -94.57 20.83
N ALA E 35 -11.21 -93.25 21.01
CA ALA E 35 -11.43 -92.32 19.91
C ALA E 35 -10.15 -91.74 19.35
N ALA E 36 -9.02 -91.93 20.03
CA ALA E 36 -7.74 -91.43 19.50
C ALA E 36 -7.33 -92.23 18.27
N VAL E 37 -7.54 -93.55 18.30
CA VAL E 37 -7.17 -94.38 17.17
C VAL E 37 -8.14 -94.19 16.01
N ARG E 38 -9.33 -93.66 16.28
CA ARG E 38 -10.33 -93.54 15.23
C ARG E 38 -10.05 -92.34 14.32
N ASP E 39 -9.49 -91.27 14.87
CA ASP E 39 -9.21 -90.08 14.07
C ASP E 39 -7.72 -89.86 13.82
N GLU E 40 -6.87 -90.82 14.17
CA GLU E 40 -5.45 -90.72 13.84
C GLU E 40 -5.10 -91.55 12.61
N LEU E 41 -5.57 -92.79 12.56
CA LEU E 41 -5.29 -93.68 11.44
C LEU E 41 -5.92 -93.16 10.15
N MET E 42 -7.12 -92.59 10.24
CA MET E 42 -7.70 -91.94 9.07
C MET E 42 -6.95 -90.65 8.75
N ALA E 43 -6.43 -89.96 9.76
CA ALA E 43 -5.56 -88.82 9.52
C ALA E 43 -4.18 -89.24 9.04
N ALA E 44 -3.75 -90.46 9.33
CA ALA E 44 -2.47 -90.95 8.86
C ALA E 44 -2.53 -91.46 7.43
N VAL E 45 -3.67 -92.02 7.01
CA VAL E 45 -3.80 -92.34 5.59
C VAL E 45 -4.09 -91.07 4.79
N ARG E 46 -4.59 -90.02 5.44
CA ARG E 46 -4.53 -88.68 4.87
C ARG E 46 -3.10 -88.15 4.97
N ASP E 47 -2.81 -87.16 4.11
CA ASP E 47 -1.55 -86.42 4.05
C ASP E 47 -0.35 -87.32 3.65
N ASN E 48 -0.66 -88.56 3.22
CA ASN E 48 0.29 -89.58 2.77
C ASN E 48 1.35 -89.91 3.83
N ASN E 49 0.96 -89.89 5.11
CA ASN E 49 1.89 -90.09 6.23
C ASN E 49 2.38 -91.54 6.23
N MET E 50 3.63 -91.77 5.89
CA MET E 50 4.02 -93.15 5.67
C MET E 50 5.18 -93.62 6.55
N ALA E 51 6.19 -92.79 6.77
CA ALA E 51 7.34 -93.26 7.54
C ALA E 51 7.10 -93.30 9.05
N PRO E 52 6.73 -92.21 9.74
CA PRO E 52 6.85 -92.22 11.20
C PRO E 52 5.80 -93.03 11.96
N TYR E 53 4.91 -93.77 11.31
CA TYR E 53 3.85 -94.42 12.07
C TYR E 53 4.09 -95.91 12.27
N TYR E 54 5.18 -96.45 11.71
CA TYR E 54 5.50 -97.87 11.93
C TYR E 54 5.78 -98.17 13.39
N GLU E 55 6.37 -97.22 14.11
CA GLU E 55 6.50 -97.37 15.56
C GLU E 55 5.14 -97.35 16.23
N ALA E 56 4.26 -96.43 15.80
CA ALA E 56 2.90 -96.38 16.33
C ALA E 56 2.10 -97.61 15.92
N LEU E 57 2.41 -98.16 14.74
CA LEU E 57 1.71 -99.35 14.28
C LEU E 57 2.13 -100.59 15.07
N CYS E 58 3.28 -100.53 15.74
CA CYS E 58 3.67 -101.60 16.66
C CYS E 58 2.91 -101.51 17.98
N LYS E 59 2.67 -100.29 18.47
CA LYS E 59 2.04 -100.10 19.76
C LYS E 59 0.51 -100.08 19.67
N SER E 60 -0.02 -99.54 18.57
CA SER E 60 -1.46 -99.60 18.28
C SER E 60 -1.81 -100.93 17.62
N LEU E 61 -2.97 -100.97 16.95
CA LEU E 61 -3.44 -102.12 16.19
C LEU E 61 -2.39 -102.63 15.21
N ASP E 62 -2.48 -103.94 14.90
CA ASP E 62 -1.38 -104.75 14.39
C ASP E 62 -0.83 -104.29 13.05
N TRP E 63 -1.61 -104.47 11.97
CA TRP E 63 -1.18 -104.17 10.61
C TRP E 63 -2.41 -103.98 9.75
N GLN E 64 -2.24 -103.31 8.61
CA GLN E 64 -3.26 -103.22 7.57
C GLN E 64 -2.57 -102.84 6.27
N ILE E 65 -2.93 -103.52 5.19
CA ILE E 65 -2.27 -103.31 3.89
C ILE E 65 -3.04 -102.20 3.18
N ASP E 66 -2.74 -100.97 3.57
CA ASP E 66 -2.77 -99.82 2.68
C ASP E 66 -1.38 -99.21 2.61
N VAL E 67 -0.41 -99.91 3.20
CA VAL E 67 0.98 -99.46 3.20
C VAL E 67 1.55 -99.50 1.79
N ASP E 68 1.28 -100.59 1.07
CA ASP E 68 1.77 -100.72 -0.30
C ASP E 68 1.05 -99.76 -1.23
N LEU E 69 -0.21 -99.45 -0.94
CA LEU E 69 -0.95 -98.51 -1.76
C LEU E 69 -0.42 -97.09 -1.60
N LEU E 70 -0.04 -96.72 -0.39
CA LEU E 70 0.50 -95.39 -0.17
C LEU E 70 2.00 -95.34 -0.45
N ASN E 71 2.67 -96.50 -0.50
CA ASN E 71 4.09 -96.50 -0.89
C ASN E 71 4.27 -96.16 -2.36
N LYS E 72 3.40 -96.68 -3.23
CA LYS E 72 3.47 -96.25 -4.63
C LYS E 72 2.95 -94.83 -4.80
N MET E 73 2.10 -94.36 -3.89
CA MET E 73 1.73 -92.94 -3.88
C MET E 73 2.86 -92.08 -3.35
N LYS E 74 3.61 -92.57 -2.35
CA LYS E 74 4.70 -91.76 -1.84
C LYS E 74 5.90 -91.82 -2.76
N LYS E 75 6.00 -92.84 -3.60
CA LYS E 75 7.10 -92.91 -4.56
C LYS E 75 6.80 -92.07 -5.79
N ALA E 76 5.53 -92.01 -6.20
CA ALA E 76 5.15 -91.22 -7.36
C ALA E 76 5.32 -89.73 -7.10
N ASN E 77 4.94 -89.27 -5.90
CA ASN E 77 5.15 -87.86 -5.56
C ASN E 77 6.62 -87.57 -5.31
N GLU E 78 7.38 -88.56 -4.85
CA GLU E 78 8.83 -88.40 -4.78
C GLU E 78 9.43 -88.30 -6.17
N ASP E 79 9.03 -89.21 -7.07
CA ASP E 79 9.60 -89.23 -8.42
C ASP E 79 9.13 -88.05 -9.26
N GLU E 80 7.93 -87.54 -8.97
CA GLU E 80 7.45 -86.34 -9.66
C GLU E 80 8.31 -85.13 -9.32
N LEU E 81 8.75 -85.03 -8.08
CA LEU E 81 9.60 -83.92 -7.68
C LEU E 81 11.08 -84.25 -7.91
N LYS E 82 11.42 -85.54 -8.01
CA LYS E 82 12.79 -85.95 -8.32
C LYS E 82 13.16 -85.52 -9.73
N ARG E 83 12.31 -85.84 -10.71
CA ARG E 83 12.58 -85.42 -12.09
C ARG E 83 12.41 -83.91 -12.26
N LEU E 84 11.72 -83.26 -11.32
CA LEU E 84 11.55 -81.82 -11.40
C LEU E 84 12.84 -81.09 -11.07
N ASP E 85 13.48 -81.44 -9.95
CA ASP E 85 14.64 -80.68 -9.51
C ASP E 85 15.96 -81.20 -10.06
N GLU E 86 16.01 -82.40 -10.64
CA GLU E 86 17.25 -82.79 -11.33
C GLU E 86 17.33 -82.12 -12.70
N GLU E 87 16.19 -81.96 -13.37
CA GLU E 87 16.16 -81.21 -14.62
C GLU E 87 16.40 -79.74 -14.36
N LEU E 88 15.98 -79.26 -13.20
CA LEU E 88 16.16 -77.87 -12.82
C LEU E 88 17.62 -77.55 -12.53
N GLU E 89 18.32 -78.43 -11.80
CA GLU E 89 19.71 -78.18 -11.47
C GLU E 89 20.64 -78.44 -12.66
N ASP E 90 20.16 -79.13 -13.69
CA ASP E 90 20.98 -79.42 -14.85
C ASP E 90 20.72 -78.48 -16.02
N ALA E 91 19.62 -77.73 -16.00
CA ALA E 91 19.34 -76.76 -17.06
C ALA E 91 19.52 -75.32 -16.60
N GLU E 92 18.96 -74.97 -15.45
CA GLU E 92 18.90 -73.58 -14.98
C GLU E 92 19.90 -73.41 -13.86
N LYS E 93 20.76 -72.39 -13.96
CA LYS E 93 21.97 -72.32 -13.16
C LYS E 93 22.04 -71.10 -12.25
N ASN E 94 20.90 -70.51 -11.89
CA ASN E 94 20.87 -69.45 -10.90
C ASN E 94 20.51 -70.07 -9.55
N LEU E 95 21.30 -69.76 -8.53
CA LEU E 95 21.24 -70.46 -7.26
C LEU E 95 20.98 -69.48 -6.12
N GLY E 96 21.07 -69.98 -4.89
CA GLY E 96 20.84 -69.20 -3.69
C GLY E 96 19.47 -69.46 -3.10
N GLU E 97 18.57 -68.50 -3.24
CA GLU E 97 17.17 -68.65 -2.85
C GLU E 97 16.29 -68.75 -4.10
N SER E 98 16.82 -69.40 -5.13
CA SER E 98 16.22 -69.47 -6.45
C SER E 98 15.30 -70.68 -6.62
N GLU E 99 15.03 -71.05 -7.87
CA GLU E 99 14.10 -72.15 -8.12
C GLU E 99 14.66 -73.50 -7.69
N ILE E 100 15.99 -73.67 -7.73
CA ILE E 100 16.60 -74.89 -7.18
C ILE E 100 16.37 -74.95 -5.68
N ARG E 101 16.39 -73.80 -5.01
CA ARG E 101 16.21 -73.72 -3.57
C ARG E 101 14.83 -74.19 -3.14
N ASP E 102 13.76 -73.59 -3.69
CA ASP E 102 12.43 -73.91 -3.20
C ASP E 102 11.91 -75.24 -3.73
N ALA E 103 12.50 -75.76 -4.80
CA ALA E 103 12.18 -77.13 -5.19
C ALA E 103 12.87 -78.13 -4.27
N MET E 104 14.12 -77.87 -3.90
CA MET E 104 14.84 -78.81 -3.05
C MET E 104 14.39 -78.69 -1.59
N MET E 105 13.84 -77.55 -1.17
CA MET E 105 13.18 -77.56 0.14
C MET E 105 11.82 -78.22 0.07
N ALA E 106 11.21 -78.32 -1.13
CA ALA E 106 9.96 -79.05 -1.25
C ALA E 106 10.19 -80.54 -1.11
N LYS E 107 11.40 -81.02 -1.47
CA LYS E 107 11.84 -82.32 -0.99
C LYS E 107 11.95 -82.35 0.53
N ALA E 108 12.51 -81.28 1.10
CA ALA E 108 12.73 -81.26 2.54
C ALA E 108 11.42 -81.08 3.30
N GLU E 109 10.48 -80.34 2.72
CA GLU E 109 9.15 -80.26 3.30
C GLU E 109 8.39 -81.56 3.13
N TYR E 110 8.70 -82.31 2.07
CA TYR E 110 8.07 -83.61 1.87
C TYR E 110 8.52 -84.61 2.91
N LEU E 111 9.76 -84.52 3.35
CA LEU E 111 10.30 -85.52 4.26
C LEU E 111 10.00 -85.21 5.72
N CYS E 112 9.50 -84.01 6.03
CA CYS E 112 8.90 -83.81 7.35
C CYS E 112 7.43 -84.16 7.34
N ARG E 113 6.74 -83.84 6.24
CA ARG E 113 5.31 -84.09 6.15
C ARG E 113 5.02 -85.57 6.01
N ILE E 114 5.83 -86.29 5.25
CA ILE E 114 5.62 -87.70 4.97
C ILE E 114 6.71 -88.57 5.59
N GLY E 115 7.96 -88.24 5.33
CA GLY E 115 9.06 -89.09 5.72
C GLY E 115 9.43 -89.00 7.19
N ASP E 116 10.53 -89.67 7.53
CA ASP E 116 11.15 -89.57 8.84
C ASP E 116 12.08 -88.36 8.88
N LYS E 117 12.75 -88.20 10.02
CA LYS E 117 13.59 -87.03 10.22
C LYS E 117 14.90 -87.10 9.46
N GLU E 118 15.39 -88.30 9.15
CA GLU E 118 16.78 -88.47 8.70
C GLU E 118 17.00 -87.93 7.29
N GLY E 119 16.10 -88.25 6.36
CA GLY E 119 16.14 -87.63 5.05
C GLY E 119 15.85 -86.15 5.10
N ALA E 120 15.06 -85.72 6.08
CA ALA E 120 14.72 -84.31 6.20
C ALA E 120 15.86 -83.50 6.77
N LEU E 121 16.59 -84.05 7.75
CA LEU E 121 17.66 -83.29 8.38
C LEU E 121 18.88 -83.15 7.47
N THR E 122 19.16 -84.17 6.65
CA THR E 122 20.29 -84.04 5.74
C THR E 122 19.95 -83.14 4.56
N ALA E 123 18.66 -82.98 4.23
CA ALA E 123 18.28 -81.97 3.27
C ALA E 123 18.32 -80.59 3.89
N PHE E 124 18.04 -80.51 5.19
CA PHE E 124 18.12 -79.25 5.91
C PHE E 124 19.56 -78.75 6.02
N ARG E 125 20.48 -79.61 6.46
CA ARG E 125 21.86 -79.20 6.62
C ARG E 125 22.56 -79.01 5.29
N LYS E 126 22.04 -79.58 4.21
CA LYS E 126 22.55 -79.25 2.89
C LYS E 126 22.07 -77.88 2.44
N THR E 127 20.76 -77.61 2.59
CA THR E 127 20.22 -76.36 2.10
C THR E 127 20.54 -75.16 3.00
N TYR E 128 21.00 -75.40 4.23
CA TYR E 128 21.44 -74.28 5.07
C TYR E 128 22.80 -73.77 4.63
N ASP E 129 23.63 -74.63 4.05
CA ASP E 129 24.96 -74.24 3.62
C ASP E 129 24.98 -73.53 2.27
N LYS E 130 23.82 -73.29 1.67
CA LYS E 130 23.73 -72.75 0.32
C LYS E 130 23.28 -71.30 0.29
N THR E 131 22.58 -70.83 1.32
CA THR E 131 21.82 -69.60 1.26
C THR E 131 22.52 -68.45 1.97
N VAL E 132 22.14 -67.24 1.58
CA VAL E 132 22.66 -66.03 2.20
C VAL E 132 21.58 -65.18 2.86
N ALA E 133 20.32 -65.26 2.43
CA ALA E 133 19.25 -64.52 3.08
C ALA E 133 18.95 -65.18 4.41
N LEU E 134 19.19 -64.46 5.51
CA LEU E 134 19.05 -65.02 6.83
C LEU E 134 17.61 -65.28 7.22
N GLY E 135 16.64 -64.65 6.56
CA GLY E 135 15.25 -65.00 6.77
C GLY E 135 14.94 -66.41 6.28
N HIS E 136 15.51 -66.79 5.14
CA HIS E 136 15.37 -68.16 4.67
C HIS E 136 16.25 -69.10 5.49
N ARG E 137 17.34 -68.59 6.05
CA ARG E 137 18.14 -69.39 6.99
C ARG E 137 17.37 -69.65 8.27
N LEU E 138 16.70 -68.62 8.79
CA LEU E 138 15.96 -68.75 10.04
C LEU E 138 14.71 -69.61 9.85
N ASP E 139 14.17 -69.66 8.64
CA ASP E 139 13.03 -70.53 8.39
C ASP E 139 13.44 -71.99 8.41
N ILE E 140 14.66 -72.30 7.95
CA ILE E 140 15.19 -73.65 8.10
C ILE E 140 15.39 -73.99 9.57
N VAL E 141 15.89 -73.02 10.36
CA VAL E 141 16.05 -73.23 11.79
C VAL E 141 14.69 -73.32 12.48
N PHE E 142 13.67 -72.69 11.90
CA PHE E 142 12.31 -72.91 12.38
C PHE E 142 11.86 -74.34 12.12
N TYR E 143 12.39 -74.98 11.09
CA TYR E 143 11.95 -76.33 10.74
C TYR E 143 12.67 -77.38 11.56
N LEU E 144 13.94 -77.14 11.89
CA LEU E 144 14.67 -78.03 12.80
C LEU E 144 14.08 -77.99 14.20
N LEU E 145 13.70 -76.80 14.67
CA LEU E 145 13.16 -76.64 16.00
C LEU E 145 11.81 -77.33 16.16
N ARG E 146 11.06 -77.46 15.07
CA ARG E 146 9.75 -78.07 15.17
C ARG E 146 9.85 -79.59 15.15
N ILE E 147 10.72 -80.13 14.30
CA ILE E 147 10.88 -81.58 14.24
C ILE E 147 11.69 -82.07 15.45
N GLY E 148 12.51 -81.20 16.05
CA GLY E 148 13.11 -81.54 17.32
C GLY E 148 12.15 -81.44 18.49
N LEU E 149 11.04 -80.72 18.30
CA LEU E 149 10.01 -80.66 19.32
C LEU E 149 9.04 -81.84 19.19
N PHE E 150 8.96 -82.44 18.01
CA PHE E 150 8.15 -83.64 17.81
C PHE E 150 8.73 -84.80 18.59
N TYR E 151 10.00 -85.11 18.33
CA TYR E 151 10.66 -86.28 18.89
C TYR E 151 11.41 -85.96 20.17
N MET E 152 11.16 -84.79 20.77
CA MET E 152 11.76 -84.22 21.98
C MET E 152 13.28 -84.42 22.08
N ASP E 153 13.97 -84.28 20.95
CA ASP E 153 15.42 -84.47 20.89
C ASP E 153 16.11 -83.30 21.57
N ASN E 154 16.68 -83.55 22.75
CA ASN E 154 17.30 -82.49 23.54
C ASN E 154 18.62 -82.00 22.96
N ASP E 155 19.23 -82.76 22.04
CA ASP E 155 20.48 -82.33 21.43
C ASP E 155 20.27 -81.51 20.17
N LEU E 156 19.13 -81.67 19.50
CA LEU E 156 18.82 -80.80 18.38
C LEU E 156 18.51 -79.39 18.85
N ILE E 157 17.78 -79.27 19.97
CA ILE E 157 17.23 -77.98 20.38
C ILE E 157 18.30 -77.10 21.01
N THR E 158 19.32 -77.70 21.63
CA THR E 158 20.39 -76.88 22.20
C THR E 158 21.27 -76.28 21.11
N ARG E 159 21.31 -76.88 19.93
CA ARG E 159 22.12 -76.35 18.84
C ARG E 159 21.44 -75.16 18.18
N ASN E 160 20.25 -75.38 17.62
CA ASN E 160 19.61 -74.41 16.73
C ASN E 160 18.98 -73.23 17.47
N THR E 161 18.75 -73.33 18.78
CA THR E 161 18.40 -72.15 19.55
C THR E 161 19.59 -71.21 19.68
N GLU E 162 20.79 -71.77 19.80
CA GLU E 162 21.99 -70.96 19.75
C GLU E 162 22.23 -70.41 18.35
N LYS E 163 21.80 -71.17 17.32
CA LYS E 163 21.81 -70.64 15.95
C LYS E 163 20.86 -69.47 15.83
N ALA E 164 19.72 -69.52 16.51
CA ALA E 164 18.73 -68.47 16.40
C ALA E 164 19.17 -67.20 17.11
N LYS E 165 19.63 -67.33 18.37
CA LYS E 165 20.04 -66.16 19.14
C LYS E 165 21.31 -65.53 18.58
N SER E 166 22.39 -66.30 18.56
CA SER E 166 23.69 -65.75 18.20
C SER E 166 23.84 -65.60 16.69
N LEU E 167 23.72 -66.71 15.96
CA LEU E 167 24.13 -66.76 14.57
C LEU E 167 23.15 -66.10 13.61
N ILE E 168 21.93 -65.77 14.04
CA ILE E 168 20.96 -65.21 13.12
C ILE E 168 20.44 -63.86 13.62
N GLU E 169 19.89 -63.82 14.83
CA GLU E 169 19.13 -62.65 15.26
C GLU E 169 20.05 -61.60 15.86
N GLU E 170 20.86 -61.02 14.98
CA GLU E 170 21.37 -59.68 15.15
C GLU E 170 20.74 -58.73 14.13
N GLY E 171 19.93 -59.26 13.23
CA GLY E 171 19.36 -58.51 12.13
C GLY E 171 17.85 -58.37 12.19
N GLY E 172 17.15 -59.27 11.48
CA GLY E 172 15.71 -59.19 11.30
C GLY E 172 14.93 -59.26 12.60
N ASP E 173 13.70 -58.77 12.53
CA ASP E 173 13.02 -58.34 13.74
C ASP E 173 11.53 -58.70 13.70
N TRP E 174 11.03 -59.10 14.86
CA TRP E 174 9.63 -59.46 15.11
C TRP E 174 9.11 -60.57 14.21
N ASP E 175 10.01 -61.51 13.92
CA ASP E 175 9.67 -62.92 13.85
C ASP E 175 10.32 -63.69 14.98
N ARG E 176 11.10 -63.03 15.83
CA ARG E 176 11.68 -63.67 17.00
C ARG E 176 10.66 -63.88 18.11
N ARG E 177 9.55 -63.14 18.08
CA ARG E 177 8.49 -63.33 19.06
C ARG E 177 7.80 -64.67 18.89
N ASN E 178 7.92 -65.25 17.70
CA ASN E 178 7.51 -66.64 17.51
C ASN E 178 8.37 -67.57 18.37
N ARG E 179 9.66 -67.26 18.49
CA ARG E 179 10.55 -68.07 19.31
C ARG E 179 10.49 -67.72 20.77
N LEU E 180 10.04 -66.51 21.12
CA LEU E 180 9.71 -66.20 22.51
C LEU E 180 8.59 -67.07 23.04
N LYS E 181 7.72 -67.58 22.16
CA LYS E 181 6.79 -68.61 22.58
C LYS E 181 7.45 -69.99 22.61
N VAL E 182 8.60 -70.16 21.97
CA VAL E 182 9.15 -71.50 21.85
C VAL E 182 10.23 -71.74 22.90
N TYR E 183 11.09 -70.74 23.17
CA TYR E 183 12.16 -70.88 24.15
C TYR E 183 11.63 -71.23 25.53
N GLN E 184 10.44 -70.79 25.84
CA GLN E 184 9.82 -71.07 27.13
C GLN E 184 8.77 -72.14 27.03
N GLY E 185 8.35 -72.50 25.82
CA GLY E 185 7.63 -73.74 25.64
C GLY E 185 8.54 -74.94 25.85
N LEU E 186 9.83 -74.78 25.53
CA LEU E 186 10.81 -75.79 25.88
C LEU E 186 11.18 -75.73 27.36
N TYR E 187 10.91 -74.61 28.02
CA TYR E 187 11.18 -74.55 29.45
C TYR E 187 10.05 -75.18 30.25
N CYS E 188 8.86 -75.32 29.66
CA CYS E 188 7.79 -76.05 30.31
C CYS E 188 7.99 -77.55 30.22
N VAL E 189 8.60 -78.03 29.12
CA VAL E 189 8.86 -79.47 29.02
C VAL E 189 10.08 -79.84 29.86
N ALA E 190 10.94 -78.88 30.18
CA ALA E 190 11.92 -79.07 31.23
C ALA E 190 11.28 -78.74 32.57
N ILE E 191 12.09 -78.70 33.63
CA ILE E 191 11.54 -78.43 34.95
C ILE E 191 11.42 -76.93 35.22
N ARG E 192 11.74 -76.09 34.24
CA ARG E 192 11.61 -74.63 34.39
C ARG E 192 10.14 -74.21 34.23
N ASP E 193 9.32 -74.77 35.11
CA ASP E 193 7.92 -74.45 35.31
C ASP E 193 7.78 -73.31 36.32
N PHE E 194 8.90 -72.67 36.66
CA PHE E 194 8.94 -71.75 37.79
C PHE E 194 9.06 -70.30 37.35
N LYS E 195 10.10 -69.92 36.62
CA LYS E 195 10.19 -68.47 36.44
C LYS E 195 10.40 -68.04 35.00
N GLN E 196 11.19 -68.78 34.22
CA GLN E 196 11.48 -68.35 32.85
C GLN E 196 10.26 -68.49 31.96
N ALA E 197 9.52 -69.59 32.12
CA ALA E 197 8.32 -69.83 31.31
C ALA E 197 7.23 -68.80 31.61
N ALA E 198 7.09 -68.42 32.88
CA ALA E 198 6.11 -67.40 33.21
C ALA E 198 6.55 -66.01 32.78
N GLU E 199 7.87 -65.81 32.63
CA GLU E 199 8.37 -64.48 32.32
C GLU E 199 8.13 -64.10 30.86
N LEU E 200 8.39 -65.03 29.93
CA LEU E 200 8.28 -64.71 28.52
C LEU E 200 7.08 -65.36 27.86
N PHE E 201 6.18 -65.98 28.62
CA PHE E 201 4.81 -66.12 28.15
C PHE E 201 3.97 -64.89 28.46
N LEU E 202 4.56 -63.88 29.12
CA LEU E 202 3.79 -62.76 29.61
C LEU E 202 3.38 -61.83 28.47
N ASP E 203 4.15 -61.76 27.41
CA ASP E 203 3.74 -61.08 26.18
C ASP E 203 2.83 -62.03 25.41
N THR E 204 1.53 -61.79 25.50
CA THR E 204 0.52 -62.71 24.98
C THR E 204 -0.07 -62.24 23.65
N VAL E 205 0.42 -61.14 23.10
CA VAL E 205 -0.24 -60.53 21.93
C VAL E 205 0.42 -61.16 20.71
N SER E 206 -0.03 -62.39 20.39
CA SER E 206 0.22 -63.03 19.10
C SER E 206 -0.88 -64.08 18.97
N THR E 207 -1.92 -63.76 18.20
CA THR E 207 -3.20 -64.46 18.29
C THR E 207 -3.51 -65.37 17.11
N PHE E 208 -2.90 -65.14 15.95
CA PHE E 208 -3.22 -65.89 14.74
C PHE E 208 -2.71 -67.32 14.87
N THR E 209 -3.63 -68.28 14.94
CA THR E 209 -3.30 -69.66 15.29
C THR E 209 -2.55 -70.32 14.13
N SER E 210 -1.26 -70.00 14.04
CA SER E 210 -0.41 -70.36 12.92
C SER E 210 0.37 -71.65 13.23
N TYR E 211 1.38 -71.93 12.41
CA TYR E 211 2.41 -72.88 12.77
C TYR E 211 3.38 -72.30 13.78
N GLU E 212 3.72 -71.02 13.61
CA GLU E 212 4.59 -70.31 14.55
C GLU E 212 3.86 -69.92 15.82
N LEU E 213 2.53 -69.90 15.78
CA LEU E 213 1.68 -69.64 16.94
C LEU E 213 0.71 -70.81 16.93
N MET E 214 1.10 -71.93 17.56
CA MET E 214 0.50 -73.23 17.26
C MET E 214 -0.96 -73.32 17.69
N ASP E 215 -1.32 -72.64 18.77
CA ASP E 215 -2.70 -72.49 19.21
C ASP E 215 -2.74 -71.30 20.16
N TYR E 216 -3.91 -70.68 20.27
CA TYR E 216 -4.04 -69.49 21.09
C TYR E 216 -4.76 -69.75 22.41
N LYS E 217 -5.88 -70.46 22.37
CA LYS E 217 -6.67 -70.64 23.60
C LYS E 217 -5.97 -71.57 24.58
N THR E 218 -5.29 -72.59 24.07
CA THR E 218 -4.50 -73.44 24.96
C THR E 218 -3.24 -72.72 25.42
N PHE E 219 -2.74 -71.76 24.62
CA PHE E 219 -1.61 -70.95 25.05
C PHE E 219 -1.98 -70.06 26.22
N VAL E 220 -3.24 -69.64 26.28
CA VAL E 220 -3.72 -68.87 27.42
C VAL E 220 -3.78 -69.74 28.67
N THR E 221 -4.22 -70.98 28.52
CA THR E 221 -4.27 -71.89 29.65
C THR E 221 -2.87 -72.26 30.11
N TYR E 222 -1.91 -72.30 29.19
CA TYR E 222 -0.54 -72.62 29.55
C TYR E 222 0.12 -71.47 30.29
N THR E 223 -0.12 -70.24 29.83
CA THR E 223 0.51 -69.09 30.48
C THR E 223 -0.18 -68.71 31.78
N VAL E 224 -1.33 -69.28 32.09
CA VAL E 224 -1.98 -68.96 33.36
C VAL E 224 -1.72 -70.04 34.40
N TYR E 225 -1.42 -71.26 33.97
CA TYR E 225 -1.06 -72.31 34.92
C TYR E 225 0.33 -72.07 35.48
N VAL E 226 1.28 -71.71 34.62
CA VAL E 226 2.67 -71.51 35.04
C VAL E 226 2.86 -70.20 35.79
N SER E 227 1.91 -69.28 35.69
CA SER E 227 2.09 -67.93 36.22
C SER E 227 2.00 -67.87 37.74
N MET E 228 1.20 -68.72 38.37
CA MET E 228 0.97 -68.65 39.80
C MET E 228 2.00 -69.45 40.60
N ILE E 229 3.15 -69.75 40.01
CA ILE E 229 4.29 -70.29 40.75
C ILE E 229 5.46 -69.32 40.76
N ALA E 230 5.61 -68.47 39.73
CA ALA E 230 6.66 -67.46 39.71
C ALA E 230 6.49 -66.44 40.81
N LEU E 231 5.25 -66.08 41.11
CA LEU E 231 4.98 -64.94 41.97
C LEU E 231 3.60 -65.12 42.60
N GLU E 232 3.50 -64.88 43.90
CA GLU E 232 2.21 -65.02 44.57
C GLU E 232 1.57 -63.67 44.81
N ARG E 233 2.20 -62.85 45.63
CA ARG E 233 1.91 -61.43 45.71
C ARG E 233 3.15 -60.54 45.67
N PRO E 234 4.17 -60.77 44.80
CA PRO E 234 4.82 -59.55 44.27
C PRO E 234 4.15 -59.09 42.98
N ASP E 235 2.90 -58.67 43.15
CA ASP E 235 2.03 -58.15 42.10
C ASP E 235 1.79 -59.17 41.00
N LEU E 236 1.17 -60.29 41.41
CA LEU E 236 0.52 -61.16 40.44
C LEU E 236 -0.65 -60.47 39.77
N ARG E 237 -1.34 -59.59 40.51
CA ARG E 237 -2.64 -59.11 40.07
C ARG E 237 -2.53 -58.11 38.92
N GLU E 238 -1.38 -57.48 38.71
CA GLU E 238 -1.30 -56.53 37.60
C GLU E 238 -1.19 -57.26 36.26
N LYS E 239 -0.41 -58.32 36.20
CA LYS E 239 -0.09 -58.93 34.92
C LYS E 239 -1.13 -59.93 34.45
N VAL E 240 -1.85 -60.59 35.36
CA VAL E 240 -2.85 -61.57 34.95
C VAL E 240 -4.27 -61.23 35.40
N ILE E 241 -4.46 -60.40 36.41
CA ILE E 241 -5.79 -59.99 36.86
C ILE E 241 -6.15 -58.60 36.36
N LYS E 242 -5.26 -57.62 36.57
CA LYS E 242 -5.47 -56.32 35.96
C LYS E 242 -5.10 -56.30 34.49
N GLY E 243 -4.44 -57.34 33.99
CA GLY E 243 -4.19 -57.44 32.57
C GLY E 243 -5.48 -57.63 31.79
N ALA E 244 -5.56 -56.97 30.65
CA ALA E 244 -6.83 -56.83 29.93
C ALA E 244 -7.03 -57.90 28.87
N GLU E 245 -6.08 -58.06 27.95
CA GLU E 245 -6.26 -59.03 26.87
C GLU E 245 -6.13 -60.47 27.36
N ILE E 246 -5.51 -60.69 28.51
CA ILE E 246 -5.56 -62.01 29.13
C ILE E 246 -6.94 -62.25 29.72
N LEU E 247 -7.62 -61.19 30.15
CA LEU E 247 -8.89 -61.30 30.83
C LEU E 247 -10.05 -61.51 29.86
N GLU E 248 -9.85 -61.21 28.57
CA GLU E 248 -10.87 -61.50 27.56
C GLU E 248 -11.10 -62.99 27.43
N VAL E 249 -10.03 -63.74 27.21
CA VAL E 249 -10.16 -65.15 26.86
C VAL E 249 -10.39 -66.04 28.07
N LEU E 250 -10.03 -65.61 29.27
CA LEU E 250 -10.43 -66.36 30.44
C LEU E 250 -11.83 -65.99 30.91
N HIS E 251 -12.43 -64.95 30.31
CA HIS E 251 -13.85 -64.72 30.44
C HIS E 251 -14.65 -65.69 29.59
N SER E 252 -14.03 -66.28 28.57
CA SER E 252 -14.65 -67.38 27.84
C SER E 252 -14.62 -68.66 28.66
N LEU E 253 -13.44 -69.05 29.12
CA LEU E 253 -13.27 -70.32 29.83
C LEU E 253 -13.72 -70.16 31.28
N PRO E 254 -14.79 -70.84 31.70
CA PRO E 254 -15.34 -70.55 33.03
C PRO E 254 -14.55 -71.18 34.16
N ALA E 255 -13.96 -72.35 33.94
CA ALA E 255 -13.28 -73.05 35.02
C ALA E 255 -11.94 -72.43 35.35
N VAL E 256 -11.26 -71.85 34.36
CA VAL E 256 -9.93 -71.29 34.58
C VAL E 256 -10.02 -70.01 35.40
N ARG E 257 -11.00 -69.15 35.09
CA ARG E 257 -11.22 -67.95 35.88
C ARG E 257 -11.68 -68.29 37.28
N GLN E 258 -12.47 -69.35 37.43
CA GLN E 258 -12.82 -69.85 38.75
C GLN E 258 -11.59 -70.40 39.48
N TYR E 259 -10.66 -70.98 38.73
CA TYR E 259 -9.43 -71.47 39.32
C TYR E 259 -8.52 -70.33 39.75
N LEU E 260 -8.59 -69.20 39.05
CA LEU E 260 -7.82 -68.03 39.42
C LEU E 260 -8.37 -67.37 40.67
N PHE E 261 -9.64 -66.96 40.63
CA PHE E 261 -10.20 -66.11 41.67
C PHE E 261 -10.44 -66.85 42.97
N SER E 262 -10.41 -68.19 42.94
CA SER E 262 -10.42 -68.94 44.19
C SER E 262 -9.13 -68.72 44.96
N LEU E 263 -8.00 -68.57 44.24
CA LEU E 263 -6.72 -68.37 44.90
C LEU E 263 -6.55 -66.94 45.38
N TYR E 264 -6.98 -65.97 44.57
CA TYR E 264 -6.72 -64.57 44.90
C TYR E 264 -7.69 -64.05 45.95
N GLU E 265 -8.95 -64.43 45.86
CA GLU E 265 -9.97 -63.94 46.78
C GLU E 265 -10.13 -64.88 47.97
N CYS E 266 -9.24 -65.87 48.09
CA CYS E 266 -9.02 -66.70 49.28
C CYS E 266 -10.22 -67.56 49.63
N ARG E 267 -10.89 -68.15 48.64
CA ARG E 267 -11.91 -69.17 48.89
C ARG E 267 -11.26 -70.52 48.65
N TYR E 268 -10.88 -71.18 49.73
CA TYR E 268 -10.03 -72.37 49.63
C TYR E 268 -10.82 -73.65 49.39
N SER E 269 -12.09 -73.70 49.78
CA SER E 269 -12.87 -74.91 49.59
C SER E 269 -13.19 -75.14 48.12
N VAL E 270 -13.58 -74.07 47.41
CA VAL E 270 -13.83 -74.18 45.98
C VAL E 270 -12.53 -74.23 45.20
N PHE E 271 -11.41 -73.87 45.84
CA PHE E 271 -10.11 -73.89 45.17
C PHE E 271 -9.64 -75.32 44.90
N PHE E 272 -9.92 -76.24 45.82
CA PHE E 272 -9.49 -77.62 45.63
C PHE E 272 -10.37 -78.34 44.63
N GLN E 273 -11.65 -77.99 44.56
CA GLN E 273 -12.53 -78.55 43.55
C GLN E 273 -12.08 -78.12 42.15
N SER E 274 -11.58 -76.90 42.03
CA SER E 274 -10.98 -76.47 40.78
C SER E 274 -9.64 -77.17 40.54
N LEU E 275 -8.86 -77.35 41.61
CA LEU E 275 -7.51 -77.89 41.46
C LEU E 275 -7.53 -79.37 41.09
N ALA E 276 -8.53 -80.12 41.55
CA ALA E 276 -8.64 -81.52 41.17
C ALA E 276 -9.06 -81.66 39.72
N VAL E 277 -9.85 -80.72 39.21
CA VAL E 277 -10.21 -80.73 37.79
C VAL E 277 -9.00 -80.40 36.94
N VAL E 278 -8.16 -79.47 37.41
CA VAL E 278 -6.95 -79.07 36.67
C VAL E 278 -5.98 -80.23 36.56
N GLU E 279 -5.76 -80.95 37.67
CA GLU E 279 -4.85 -82.10 37.66
C GLU E 279 -5.37 -83.23 36.79
N GLN E 280 -6.69 -83.45 36.78
CA GLN E 280 -7.24 -84.46 35.88
C GLN E 280 -7.19 -84.01 34.43
N GLU E 281 -7.42 -82.72 34.16
CA GLU E 281 -7.24 -82.18 32.83
C GLU E 281 -5.78 -82.08 32.43
N MET E 282 -4.88 -82.02 33.42
CA MET E 282 -3.44 -82.02 33.15
C MET E 282 -2.99 -83.33 32.51
N LYS E 283 -3.68 -84.43 32.83
CA LYS E 283 -3.30 -85.78 32.38
C LYS E 283 -3.29 -85.90 30.85
N LYS E 284 -4.06 -85.07 30.16
CA LYS E 284 -4.16 -85.14 28.70
C LYS E 284 -3.24 -84.10 28.05
N ASP E 285 -1.95 -84.21 28.35
CA ASP E 285 -0.94 -83.28 27.85
C ASP E 285 0.20 -84.11 27.26
N TRP E 286 0.96 -83.51 26.33
CA TRP E 286 2.05 -84.23 25.69
C TRP E 286 3.43 -83.77 26.14
N LEU E 287 3.52 -82.65 26.86
CA LEU E 287 4.76 -82.21 27.51
C LEU E 287 4.67 -82.45 29.02
N PHE E 288 4.13 -83.62 29.36
CA PHE E 288 3.38 -83.90 30.57
C PHE E 288 4.19 -84.42 31.75
N ALA E 289 5.27 -85.16 31.48
CA ALA E 289 6.09 -85.87 32.47
C ALA E 289 6.58 -85.08 33.68
N PRO E 290 6.94 -83.79 33.60
CA PRO E 290 7.22 -83.06 34.84
C PRO E 290 6.03 -82.38 35.49
N HIS E 291 4.83 -82.43 34.90
CA HIS E 291 3.70 -81.68 35.46
C HIS E 291 3.16 -82.31 36.74
N TYR E 292 2.60 -83.51 36.61
CA TYR E 292 1.40 -83.88 37.35
C TYR E 292 1.69 -84.21 38.81
N ARG E 293 2.82 -84.84 39.09
CA ARG E 293 3.18 -85.02 40.49
C ARG E 293 3.66 -83.73 41.12
N TYR E 294 4.37 -82.90 40.36
CA TYR E 294 5.06 -81.73 40.89
C TYR E 294 4.18 -80.48 40.96
N TYR E 295 3.15 -80.39 40.11
CA TYR E 295 2.34 -79.18 40.07
C TYR E 295 1.40 -79.09 41.28
N VAL E 296 0.71 -80.18 41.60
CA VAL E 296 -0.30 -80.16 42.66
C VAL E 296 0.37 -80.00 44.02
N ARG E 297 1.48 -80.71 44.23
CA ARG E 297 2.19 -80.64 45.50
C ARG E 297 2.79 -79.26 45.75
N GLU E 298 3.06 -78.50 44.69
CA GLU E 298 3.59 -77.16 44.87
C GLU E 298 2.47 -76.18 45.12
N MET E 299 1.31 -76.39 44.50
CA MET E 299 0.20 -75.47 44.67
C MET E 299 -0.51 -75.64 45.99
N ARG E 300 -0.44 -76.82 46.59
CA ARG E 300 -1.05 -77.00 47.90
C ARG E 300 -0.24 -76.30 48.98
N ILE E 301 1.09 -76.42 48.93
CA ILE E 301 1.93 -75.71 49.87
C ILE E 301 2.01 -74.23 49.51
N HIS E 302 1.63 -73.87 48.28
CA HIS E 302 1.49 -72.47 47.90
C HIS E 302 0.32 -71.82 48.62
N ALA E 303 -0.82 -72.53 48.70
CA ALA E 303 -1.98 -71.98 49.36
C ALA E 303 -1.85 -72.02 50.88
N TYR E 304 -1.00 -72.92 51.38
CA TYR E 304 -0.85 -73.03 52.82
C TYR E 304 -0.01 -71.89 53.38
N SER E 305 0.92 -71.39 52.57
CA SER E 305 1.82 -70.34 53.04
C SER E 305 1.07 -69.03 53.25
N GLN E 306 0.14 -68.70 52.36
CA GLN E 306 -0.63 -67.48 52.56
C GLN E 306 -1.72 -67.64 53.60
N LEU E 307 -2.19 -68.87 53.83
CA LEU E 307 -3.22 -69.07 54.83
C LEU E 307 -2.62 -69.03 56.22
N LEU E 308 -1.43 -69.61 56.41
CA LEU E 308 -0.74 -69.51 57.69
C LEU E 308 -0.15 -68.13 57.91
N GLU E 309 0.06 -67.38 56.84
CA GLU E 309 0.30 -65.95 56.96
C GLU E 309 -0.99 -65.28 57.43
N SER E 310 -0.82 -64.15 58.12
CA SER E 310 -1.77 -63.28 58.84
C SER E 310 -2.20 -63.90 60.16
N TYR E 311 -1.81 -65.13 60.46
CA TYR E 311 -2.12 -65.78 61.72
C TYR E 311 -0.82 -66.16 62.40
N ARG E 312 -0.84 -66.17 63.74
CA ARG E 312 0.21 -66.83 64.49
C ARG E 312 -0.33 -67.87 65.46
N SER E 313 -1.64 -68.04 65.54
CA SER E 313 -2.25 -69.06 66.38
C SER E 313 -3.52 -69.51 65.68
N LEU E 314 -3.41 -70.57 64.88
CA LEU E 314 -4.53 -71.16 64.19
C LEU E 314 -4.87 -72.51 64.81
N THR E 315 -6.14 -72.71 65.14
CA THR E 315 -6.60 -74.05 65.46
C THR E 315 -7.00 -74.77 64.17
N LEU E 316 -6.65 -76.05 64.07
CA LEU E 316 -6.95 -76.76 62.84
C LEU E 316 -8.39 -77.25 62.79
N GLY E 317 -9.14 -77.12 63.88
CA GLY E 317 -10.59 -77.24 63.78
C GLY E 317 -11.23 -76.12 63.00
N TYR E 318 -10.57 -74.96 62.93
CA TYR E 318 -11.02 -73.92 62.02
C TYR E 318 -10.75 -74.31 60.57
N MET E 319 -9.74 -75.13 60.35
CA MET E 319 -9.47 -75.71 59.04
C MET E 319 -10.30 -76.95 58.76
N ALA E 320 -11.21 -77.33 59.67
CA ALA E 320 -12.04 -78.50 59.42
C ALA E 320 -13.23 -78.19 58.52
N GLU E 321 -13.65 -76.92 58.44
CA GLU E 321 -14.80 -76.55 57.63
C GLU E 321 -14.61 -75.31 56.77
N ALA E 322 -13.69 -74.41 57.11
CA ALA E 322 -13.40 -73.25 56.27
C ALA E 322 -12.40 -73.58 55.17
N PHE E 323 -12.10 -74.85 54.99
CA PHE E 323 -11.01 -75.31 54.15
C PHE E 323 -11.36 -76.52 53.31
N GLY E 324 -12.45 -77.22 53.63
CA GLY E 324 -12.70 -78.57 53.15
C GLY E 324 -13.22 -79.38 54.31
N VAL E 325 -12.82 -80.64 54.42
CA VAL E 325 -13.16 -81.51 55.55
C VAL E 325 -11.91 -82.29 55.95
N GLY E 326 -12.05 -83.27 56.83
CA GLY E 326 -10.94 -84.17 57.09
C GLY E 326 -9.88 -83.67 58.05
N VAL E 327 -10.23 -83.59 59.34
CA VAL E 327 -9.32 -83.13 60.40
C VAL E 327 -7.97 -83.86 60.35
N GLU E 328 -8.00 -85.18 60.22
CA GLU E 328 -6.78 -85.95 60.14
C GLU E 328 -6.04 -85.75 58.82
N PHE E 329 -6.74 -85.31 57.77
CA PHE E 329 -6.12 -85.14 56.47
C PHE E 329 -5.24 -83.89 56.44
N ILE E 330 -5.72 -82.80 57.03
CA ILE E 330 -4.87 -81.62 57.22
C ILE E 330 -3.69 -81.97 58.13
N ASP E 331 -3.96 -82.80 59.15
CA ASP E 331 -2.93 -83.17 60.12
C ASP E 331 -1.80 -83.96 59.48
N GLN E 332 -2.12 -84.89 58.58
CA GLN E 332 -1.06 -85.68 57.96
C GLN E 332 -0.35 -84.91 56.86
N GLU E 333 -1.01 -83.94 56.24
CA GLU E 333 -0.38 -83.23 55.13
C GLU E 333 0.52 -82.11 55.63
N LEU E 334 0.14 -81.46 56.74
CA LEU E 334 1.03 -80.51 57.38
C LEU E 334 2.26 -81.21 57.96
N SER E 335 2.08 -82.43 58.46
CA SER E 335 3.17 -83.16 59.08
C SER E 335 4.22 -83.57 58.05
N ARG E 336 3.78 -83.88 56.83
CA ARG E 336 4.73 -84.17 55.77
C ARG E 336 5.43 -82.90 55.30
N PHE E 337 4.74 -81.78 55.32
CA PHE E 337 5.31 -80.54 54.82
C PHE E 337 6.26 -79.87 55.80
N ILE E 338 5.97 -79.95 57.10
CA ILE E 338 6.88 -79.40 58.10
C ILE E 338 8.16 -80.23 58.15
N ALA E 339 8.03 -81.55 58.03
CA ALA E 339 9.20 -82.42 57.97
C ALA E 339 9.95 -82.28 56.66
N ALA E 340 9.36 -81.68 55.64
CA ALA E 340 9.99 -81.49 54.34
C ALA E 340 10.96 -80.32 54.32
N GLY E 341 11.17 -79.63 55.43
CA GLY E 341 11.98 -78.43 55.43
C GLY E 341 11.27 -77.22 54.90
N ARG E 342 9.96 -77.30 54.70
CA ARG E 342 9.17 -76.17 54.22
C ARG E 342 8.04 -75.90 55.19
N LEU E 343 7.16 -74.94 54.85
CA LEU E 343 5.91 -74.65 55.55
C LEU E 343 6.17 -74.31 57.03
N HIS E 344 6.76 -73.13 57.20
CA HIS E 344 7.47 -72.73 58.42
C HIS E 344 6.47 -72.47 59.55
N CYS E 345 6.07 -73.57 60.21
CA CYS E 345 5.22 -73.50 61.40
C CYS E 345 5.44 -74.78 62.20
N LYS E 346 4.70 -74.91 63.30
CA LYS E 346 4.82 -76.06 64.20
C LYS E 346 3.42 -76.58 64.53
N ILE E 347 3.14 -77.80 64.12
CA ILE E 347 1.82 -78.41 64.34
C ILE E 347 1.76 -78.96 65.75
N ASP E 348 0.55 -79.01 66.33
CA ASP E 348 0.36 -79.37 67.73
C ASP E 348 -0.79 -80.35 67.88
N LYS E 349 -0.67 -81.18 68.91
CA LYS E 349 -1.68 -82.11 69.43
C LYS E 349 -2.48 -81.34 70.49
N VAL E 350 -3.04 -82.03 71.49
CA VAL E 350 -4.34 -81.83 72.17
C VAL E 350 -4.80 -80.40 72.42
N ASN E 351 -3.88 -79.43 72.49
CA ASN E 351 -4.29 -78.04 72.36
C ASN E 351 -4.89 -77.78 70.98
N GLU E 352 -4.41 -78.51 69.96
CA GLU E 352 -4.94 -78.52 68.60
C GLU E 352 -4.84 -77.12 67.97
N ILE E 353 -3.68 -76.50 68.14
CA ILE E 353 -3.43 -75.14 67.68
C ILE E 353 -2.14 -75.13 66.87
N VAL E 354 -2.25 -74.90 65.57
CA VAL E 354 -1.07 -74.80 64.71
C VAL E 354 -0.37 -73.49 65.02
N GLU E 355 0.80 -73.57 65.64
CA GLU E 355 1.59 -72.40 66.00
C GLU E 355 2.68 -72.19 64.96
N THR E 356 2.91 -70.94 64.58
CA THR E 356 3.90 -70.66 63.57
C THR E 356 5.12 -69.97 64.17
N ASN E 357 6.17 -69.89 63.37
CA ASN E 357 7.37 -69.12 63.70
C ASN E 357 8.00 -68.65 62.39
N ARG E 358 8.53 -67.45 62.43
CA ARG E 358 9.17 -66.82 61.27
C ARG E 358 10.47 -66.19 61.76
N PRO E 359 11.44 -66.01 60.87
CA PRO E 359 12.62 -65.23 61.22
C PRO E 359 12.26 -63.75 61.28
N ASP E 360 13.20 -62.96 61.75
CA ASP E 360 13.03 -61.53 61.92
C ASP E 360 14.00 -60.82 60.99
N SER E 361 14.13 -59.52 61.20
CA SER E 361 15.20 -58.76 60.56
C SER E 361 16.56 -59.35 60.89
N LYS E 362 16.87 -59.50 62.18
CA LYS E 362 18.17 -60.04 62.59
C LYS E 362 18.33 -61.50 62.18
N ASN E 363 17.27 -62.29 62.29
CA ASN E 363 17.38 -63.73 62.08
C ASN E 363 17.51 -64.11 60.62
N TRP E 364 16.86 -63.38 59.71
CA TRP E 364 17.01 -63.66 58.30
C TRP E 364 18.29 -63.11 57.72
N GLN E 365 18.74 -61.94 58.19
CA GLN E 365 19.98 -61.36 57.68
C GLN E 365 21.21 -62.05 58.24
N TYR E 366 21.09 -62.72 59.40
CA TYR E 366 22.23 -63.49 59.90
C TYR E 366 22.31 -64.86 59.24
N GLN E 367 21.16 -65.44 58.88
CA GLN E 367 21.17 -66.75 58.25
C GLN E 367 21.72 -66.68 56.82
N GLU E 368 21.56 -65.53 56.17
CA GLU E 368 22.13 -65.37 54.84
C GLU E 368 23.62 -65.09 54.91
N THR E 369 24.05 -64.26 55.86
CA THR E 369 25.47 -63.91 55.94
C THR E 369 26.30 -65.05 56.52
N ILE E 370 25.68 -65.98 57.23
CA ILE E 370 26.44 -67.12 57.74
C ILE E 370 26.70 -68.12 56.61
N LYS E 371 25.93 -68.05 55.54
CA LYS E 371 26.12 -69.00 54.43
C LYS E 371 26.98 -68.39 53.33
N LYS E 372 26.73 -67.13 52.99
CA LYS E 372 27.55 -66.46 51.98
C LYS E 372 28.97 -66.22 52.49
N GLY E 373 29.12 -66.05 53.81
CA GLY E 373 30.45 -65.90 54.38
C GLY E 373 31.25 -67.18 54.31
N ASP E 374 30.62 -68.31 54.62
CA ASP E 374 31.34 -69.59 54.61
C ASP E 374 31.65 -70.06 53.20
N LEU E 375 30.83 -69.67 52.22
CA LEU E 375 31.10 -70.06 50.85
C LEU E 375 32.32 -69.33 50.32
N LEU E 376 32.45 -68.03 50.65
CA LEU E 376 33.60 -67.28 50.22
C LEU E 376 34.82 -67.61 51.06
N LEU E 377 34.62 -68.03 52.32
CA LEU E 377 35.74 -68.44 53.15
C LEU E 377 36.34 -69.75 52.64
N ASN E 378 35.48 -70.70 52.26
CA ASN E 378 35.96 -71.93 51.65
C ASN E 378 36.57 -71.66 50.27
N ARG E 379 36.11 -70.59 49.62
CA ARG E 379 36.63 -70.24 48.30
C ARG E 379 38.06 -69.70 48.40
N VAL E 380 38.35 -68.95 49.46
CA VAL E 380 39.71 -68.42 49.62
C VAL E 380 40.61 -69.36 50.40
N GLN E 381 40.06 -70.45 50.95
CA GLN E 381 40.92 -71.55 51.40
C GLN E 381 41.68 -72.14 50.23
N LYS E 382 40.98 -72.40 49.13
CA LYS E 382 41.60 -73.03 47.97
C LYS E 382 42.51 -72.05 47.24
N LEU E 383 42.06 -70.80 47.10
CA LEU E 383 42.81 -69.80 46.34
C LEU E 383 44.13 -69.43 47.01
N SER E 384 44.16 -69.44 48.34
CA SER E 384 45.41 -69.15 49.05
C SER E 384 46.41 -70.30 48.92
N ARG E 385 45.94 -71.49 48.56
CA ARG E 385 46.82 -72.65 48.45
C ARG E 385 47.12 -73.04 47.01
N VAL E 386 46.40 -72.50 46.03
CA VAL E 386 46.82 -72.66 44.64
C VAL E 386 48.12 -71.92 44.40
N ILE E 387 48.20 -70.67 44.87
CA ILE E 387 49.45 -69.93 44.92
C ILE E 387 50.23 -70.42 46.12
N ASN E 388 51.51 -70.03 46.19
CA ASN E 388 52.45 -70.38 47.27
C ASN E 388 52.55 -71.91 47.39
N MET E 389 53.11 -72.50 46.33
CA MET E 389 53.14 -73.94 46.04
C MET E 389 51.72 -74.52 45.98
N ALA F 5 30.56 -14.10 92.87
CA ALA F 5 30.74 -15.53 92.59
C ALA F 5 31.45 -15.72 91.24
N VAL F 6 32.69 -16.19 91.29
CA VAL F 6 33.49 -16.40 90.10
C VAL F 6 33.19 -17.78 89.54
N GLN F 7 32.99 -17.86 88.22
CA GLN F 7 32.73 -19.14 87.57
C GLN F 7 33.97 -20.01 87.57
N LYS F 8 35.02 -19.57 86.88
CA LYS F 8 36.29 -20.30 86.81
C LYS F 8 37.37 -19.34 86.34
N VAL F 9 38.62 -19.73 86.60
CA VAL F 9 39.77 -18.96 86.17
C VAL F 9 40.37 -19.64 84.95
N VAL F 10 41.10 -18.86 84.15
CA VAL F 10 41.73 -19.33 82.94
C VAL F 10 43.23 -19.10 83.07
N VAL F 11 44.01 -20.16 83.05
CA VAL F 11 45.46 -20.02 83.14
C VAL F 11 46.10 -19.77 81.76
N HIS F 12 46.42 -18.52 81.46
CA HIS F 12 47.34 -18.21 80.37
C HIS F 12 48.67 -18.91 80.65
N PRO F 13 49.24 -19.57 79.64
CA PRO F 13 50.48 -20.27 80.02
C PRO F 13 51.76 -19.43 79.94
N LEU F 14 51.78 -18.29 80.61
CA LEU F 14 53.00 -17.51 80.79
C LEU F 14 53.21 -17.27 82.28
N VAL F 15 52.10 -17.12 83.00
CA VAL F 15 52.10 -16.85 84.45
C VAL F 15 52.69 -17.93 85.35
N LEU F 16 52.22 -19.17 85.24
CA LEU F 16 52.82 -20.31 85.93
C LEU F 16 54.31 -20.29 85.66
N LEU F 17 54.64 -20.43 84.38
CA LEU F 17 56.02 -20.32 83.91
C LEU F 17 56.77 -19.19 84.60
N SER F 18 56.15 -18.02 84.71
CA SER F 18 56.76 -16.88 85.38
C SER F 18 56.64 -16.94 86.90
N VAL F 19 56.17 -18.06 87.43
CA VAL F 19 56.34 -18.37 88.83
C VAL F 19 57.52 -19.32 89.02
N VAL F 20 57.72 -20.21 88.05
CA VAL F 20 58.83 -21.18 88.09
C VAL F 20 60.18 -20.46 88.09
N ASP F 21 60.32 -19.41 87.27
CA ASP F 21 61.60 -18.70 87.21
C ASP F 21 61.91 -17.95 88.48
N HIS F 22 60.90 -17.32 89.10
CA HIS F 22 61.16 -16.52 90.29
C HIS F 22 61.35 -17.42 91.51
N PHE F 23 60.76 -18.60 91.51
CA PHE F 23 61.14 -19.61 92.51
C PHE F 23 62.56 -20.08 92.27
N ASN F 24 63.02 -20.04 91.02
CA ASN F 24 64.40 -20.39 90.71
C ASN F 24 65.35 -19.21 90.90
N ARG F 25 64.84 -17.97 90.92
CA ARG F 25 65.69 -16.83 91.22
C ARG F 25 66.17 -16.87 92.67
N ILE F 26 65.22 -17.01 93.61
CA ILE F 26 65.59 -17.10 95.03
C ILE F 26 66.01 -18.50 95.43
N GLY F 27 65.89 -19.49 94.52
CA GLY F 27 66.11 -20.89 94.87
C GLY F 27 67.54 -21.25 95.22
N LYS F 28 68.50 -20.40 94.85
CA LYS F 28 69.87 -20.59 95.33
C LYS F 28 69.97 -20.29 96.82
N VAL F 29 69.08 -19.47 97.36
CA VAL F 29 69.04 -19.17 98.78
C VAL F 29 67.68 -19.58 99.36
N GLY F 30 66.90 -20.33 98.58
CA GLY F 30 65.56 -20.71 98.95
C GLY F 30 65.48 -21.66 100.13
N ASN F 31 65.07 -21.09 101.26
CA ASN F 31 64.74 -21.83 102.47
C ASN F 31 63.43 -21.38 103.09
N GLN F 32 62.82 -20.30 102.58
CA GLN F 32 61.49 -19.87 102.95
C GLN F 32 60.42 -20.79 102.39
N LYS F 33 60.75 -21.59 101.37
CA LYS F 33 59.91 -22.57 100.64
C LYS F 33 58.55 -22.00 100.19
N ARG F 34 58.45 -20.68 100.03
CA ARG F 34 57.22 -20.06 99.56
C ARG F 34 57.57 -18.75 98.87
N VAL F 35 56.87 -18.46 97.79
CA VAL F 35 57.06 -17.24 97.00
C VAL F 35 55.71 -16.61 96.76
N VAL F 36 55.48 -15.45 97.33
CA VAL F 36 54.24 -14.71 97.11
C VAL F 36 54.47 -13.75 95.94
N GLY F 37 53.50 -13.70 95.03
CA GLY F 37 53.54 -12.72 93.96
C GLY F 37 52.14 -12.28 93.60
N VAL F 38 52.06 -11.25 92.77
CA VAL F 38 50.81 -10.60 92.42
C VAL F 38 50.32 -11.17 91.10
N LEU F 39 49.06 -11.60 91.08
CA LEU F 39 48.46 -12.23 89.91
C LEU F 39 47.69 -11.17 89.12
N LEU F 40 48.26 -10.75 87.99
CA LEU F 40 47.56 -9.86 87.08
C LEU F 40 46.54 -10.65 86.25
N GLY F 41 45.43 -9.99 85.90
CA GLY F 41 44.38 -10.69 85.17
C GLY F 41 43.51 -9.74 84.39
N SER F 42 42.61 -10.35 83.59
CA SER F 42 41.66 -9.61 82.77
C SER F 42 40.26 -10.07 83.15
N TRP F 43 39.51 -9.20 83.82
CA TRP F 43 38.16 -9.54 84.24
C TRP F 43 37.21 -9.43 83.05
N GLN F 44 36.64 -10.56 82.63
CA GLN F 44 35.82 -10.63 81.43
C GLN F 44 34.33 -10.73 81.76
N LYS F 45 33.97 -11.72 82.57
CA LYS F 45 32.59 -12.09 82.83
C LYS F 45 32.58 -12.68 84.24
N LYS F 46 31.56 -13.46 84.58
CA LYS F 46 31.63 -14.35 85.74
C LYS F 46 32.81 -15.31 85.63
N VAL F 47 33.16 -15.72 84.41
CA VAL F 47 34.43 -16.40 84.15
C VAL F 47 35.56 -15.39 84.22
N LEU F 48 36.73 -15.83 84.71
CA LEU F 48 37.88 -14.98 84.93
C LEU F 48 39.01 -15.37 83.98
N ASP F 49 39.88 -14.41 83.68
CA ASP F 49 41.02 -14.66 82.82
C ASP F 49 42.29 -14.12 83.47
N VAL F 50 43.41 -14.80 83.20
CA VAL F 50 44.72 -14.44 83.73
C VAL F 50 45.69 -14.31 82.56
N SER F 51 46.45 -13.22 82.53
CA SER F 51 47.38 -12.95 81.44
C SER F 51 48.83 -12.78 81.88
N ASN F 52 49.08 -12.26 83.06
CA ASN F 52 50.44 -11.87 83.43
C ASN F 52 50.56 -11.93 84.94
N SER F 53 51.78 -11.78 85.44
CA SER F 53 52.05 -11.69 86.87
C SER F 53 53.44 -11.10 87.09
N PHE F 54 53.74 -10.81 88.35
CA PHE F 54 55.05 -10.36 88.79
C PHE F 54 55.19 -10.76 90.26
N ALA F 55 56.31 -10.39 90.88
CA ALA F 55 56.63 -10.86 92.21
C ALA F 55 56.68 -9.69 93.18
N VAL F 56 57.04 -10.00 94.43
CA VAL F 56 57.10 -9.03 95.50
C VAL F 56 58.10 -9.56 96.53
N PRO F 57 58.90 -8.73 97.19
CA PRO F 57 59.72 -9.23 98.31
C PRO F 57 58.84 -9.62 99.49
N PHE F 58 58.98 -10.88 99.90
CA PHE F 58 58.13 -11.45 100.94
C PHE F 58 58.98 -12.20 101.94
N ASP F 59 58.72 -11.94 103.23
CA ASP F 59 59.26 -12.73 104.31
C ASP F 59 58.12 -13.19 105.20
N GLU F 60 58.40 -14.21 106.01
CA GLU F 60 57.44 -14.80 106.92
C GLU F 60 58.21 -15.66 107.92
N ASP F 61 57.75 -15.68 109.16
CA ASP F 61 58.34 -16.48 110.21
C ASP F 61 57.27 -17.36 110.83
N ASP F 62 57.60 -18.65 111.02
CA ASP F 62 56.68 -19.55 111.72
C ASP F 62 56.55 -19.18 113.19
N LYS F 63 57.59 -18.61 113.77
CA LYS F 63 57.54 -18.07 115.12
C LYS F 63 56.56 -16.90 115.16
N ASP F 64 55.48 -17.05 115.92
CA ASP F 64 54.32 -16.16 116.13
C ASP F 64 53.40 -16.12 114.89
N ASP F 65 53.82 -16.72 113.76
CA ASP F 65 53.13 -17.01 112.50
C ASP F 65 52.13 -15.95 112.02
N SER F 66 52.45 -14.68 112.27
CA SER F 66 51.65 -13.57 111.77
C SER F 66 52.56 -12.39 111.40
N VAL F 67 53.86 -12.64 111.30
CA VAL F 67 54.86 -11.60 111.05
C VAL F 67 55.36 -11.80 109.63
N TRP F 68 55.05 -10.84 108.75
CA TRP F 68 55.23 -11.04 107.33
C TRP F 68 55.20 -9.70 106.62
N PHE F 69 55.54 -9.73 105.33
CA PHE F 69 55.64 -8.50 104.55
C PHE F 69 55.28 -8.72 103.08
N LEU F 70 54.12 -8.23 102.70
CA LEU F 70 54.00 -7.66 101.37
C LEU F 70 54.59 -6.26 101.41
N ASP F 71 54.95 -5.76 100.24
CA ASP F 71 55.44 -4.39 100.10
C ASP F 71 54.37 -3.65 99.30
N HIS F 72 53.61 -2.80 100.00
CA HIS F 72 52.62 -1.96 99.34
C HIS F 72 53.28 -1.00 98.37
N ASP F 73 54.41 -0.42 98.77
CA ASP F 73 55.12 0.57 97.94
C ASP F 73 55.64 -0.07 96.67
N TYR F 74 56.18 -1.28 96.77
CA TYR F 74 56.61 -2.01 95.58
C TYR F 74 55.43 -2.46 94.75
N LEU F 75 54.28 -2.70 95.39
CA LEU F 75 53.09 -3.14 94.67
C LEU F 75 52.42 -1.97 93.95
N GLU F 76 52.58 -0.75 94.45
CA GLU F 76 52.00 0.40 93.78
C GLU F 76 52.76 0.74 92.50
N ASN F 77 54.09 0.85 92.60
CA ASN F 77 54.85 1.47 91.53
C ASN F 77 55.09 0.50 90.38
N MET F 78 55.35 -0.77 90.66
CA MET F 78 55.63 -1.72 89.58
C MET F 78 54.37 -2.07 88.80
N TYR F 79 53.23 -2.19 89.49
CA TYR F 79 51.95 -2.30 88.80
C TYR F 79 51.62 -1.04 88.02
N GLY F 80 52.04 0.12 88.52
CA GLY F 80 51.87 1.35 87.76
C GLY F 80 52.67 1.36 86.47
N MET F 81 53.83 0.68 86.47
CA MET F 81 54.60 0.54 85.24
C MET F 81 53.93 -0.41 84.27
N PHE F 82 53.37 -1.52 84.75
CA PHE F 82 52.67 -2.45 83.87
C PHE F 82 51.35 -1.85 83.38
N LYS F 83 50.78 -0.92 84.14
CA LYS F 83 49.65 -0.14 83.64
C LYS F 83 50.07 0.78 82.51
N LYS F 84 51.27 1.34 82.60
CA LYS F 84 51.72 2.29 81.59
C LYS F 84 52.08 1.60 80.28
N VAL F 85 52.71 0.42 80.36
CA VAL F 85 53.05 -0.30 79.13
C VAL F 85 51.84 -1.05 78.59
N ASN F 86 50.80 -1.25 79.40
CA ASN F 86 49.61 -1.96 78.95
C ASN F 86 48.44 -1.48 79.77
N ALA F 87 47.54 -0.72 79.15
CA ALA F 87 46.37 -0.21 79.84
C ALA F 87 45.25 -1.24 79.95
N ARG F 88 45.33 -2.33 79.20
CA ARG F 88 44.35 -3.40 79.30
C ARG F 88 44.45 -4.14 80.63
N GLU F 89 45.67 -4.26 81.16
CA GLU F 89 45.94 -5.15 82.27
C GLU F 89 45.65 -4.48 83.61
N ARG F 90 45.05 -5.24 84.53
CA ARG F 90 44.93 -4.82 85.92
C ARG F 90 45.09 -6.01 86.84
N ILE F 91 45.10 -5.71 88.14
CA ILE F 91 45.25 -6.75 89.17
C ILE F 91 43.93 -7.51 89.33
N VAL F 92 44.04 -8.81 89.64
CA VAL F 92 42.86 -9.62 89.90
C VAL F 92 43.09 -10.43 91.18
N GLY F 93 44.34 -10.51 91.61
CA GLY F 93 44.65 -11.28 92.81
C GLY F 93 46.13 -11.50 92.99
N TRP F 94 46.47 -12.63 93.60
CA TRP F 94 47.85 -12.93 93.97
C TRP F 94 48.05 -14.44 93.89
N TYR F 95 49.26 -14.88 94.23
CA TYR F 95 49.57 -16.31 94.20
C TYR F 95 50.61 -16.63 95.26
N HIS F 96 50.71 -17.92 95.59
CA HIS F 96 51.89 -18.43 96.28
C HIS F 96 52.07 -19.90 95.90
N THR F 97 53.21 -20.45 96.32
CA THR F 97 53.62 -21.80 95.98
C THR F 97 53.92 -22.59 97.25
N GLY F 98 54.53 -23.76 97.13
CA GLY F 98 54.75 -24.58 98.29
C GLY F 98 53.45 -25.22 98.74
N PRO F 99 53.05 -26.30 98.06
CA PRO F 99 51.62 -26.69 97.93
C PRO F 99 50.79 -26.75 99.20
N LYS F 100 51.41 -26.93 100.36
CA LYS F 100 50.67 -26.72 101.61
C LYS F 100 50.60 -25.24 101.89
N LEU F 101 49.39 -24.68 101.77
CA LEU F 101 49.12 -23.30 102.15
C LEU F 101 49.37 -23.13 103.65
N HIS F 102 49.68 -21.92 104.06
CA HIS F 102 49.99 -21.68 105.47
C HIS F 102 48.98 -20.72 106.09
N LYS F 103 49.02 -20.65 107.42
CA LYS F 103 48.04 -19.96 108.27
C LYS F 103 47.94 -18.46 108.01
N ASN F 104 48.92 -17.89 107.34
CA ASN F 104 48.99 -16.46 107.08
C ASN F 104 48.07 -16.03 105.95
N ASP F 105 47.53 -16.97 105.18
CA ASP F 105 46.89 -16.64 103.91
C ASP F 105 45.55 -15.94 104.10
N ILE F 106 44.97 -16.04 105.29
CA ILE F 106 43.85 -15.18 105.65
C ILE F 106 44.28 -13.72 105.68
N ALA F 107 45.51 -13.45 106.14
CA ALA F 107 45.94 -12.08 106.34
C ALA F 107 46.32 -11.41 105.03
N ILE F 108 46.97 -12.14 104.12
CA ILE F 108 47.32 -11.56 102.82
C ILE F 108 46.07 -11.28 102.00
N ASN F 109 45.11 -12.22 102.02
CA ASN F 109 43.92 -12.08 101.20
C ASN F 109 43.03 -10.94 101.70
N GLU F 110 42.78 -10.88 103.00
CA GLU F 110 41.95 -9.82 103.56
C GLU F 110 42.63 -8.46 103.54
N LEU F 111 43.96 -8.42 103.39
CA LEU F 111 44.64 -7.16 103.14
C LEU F 111 44.33 -6.64 101.75
N MET F 112 44.72 -7.38 100.72
CA MET F 112 44.70 -6.86 99.36
C MET F 112 43.37 -7.09 98.65
N LYS F 113 42.28 -7.29 99.39
CA LYS F 113 40.95 -7.09 98.83
C LYS F 113 40.61 -5.63 98.65
N ARG F 114 41.39 -4.72 99.22
CA ARG F 114 41.24 -3.29 98.98
C ARG F 114 41.88 -2.83 97.69
N TYR F 115 42.47 -3.75 96.92
CA TYR F 115 42.90 -3.47 95.55
C TYR F 115 41.90 -3.95 94.53
N CYS F 116 41.37 -5.16 94.70
CA CYS F 116 40.26 -5.64 93.90
C CYS F 116 39.35 -6.35 94.89
N PRO F 117 38.04 -6.04 94.90
CA PRO F 117 37.17 -6.59 95.95
C PRO F 117 36.95 -8.09 95.86
N ASN F 118 36.74 -8.62 94.66
CA ASN F 118 36.62 -10.06 94.48
C ASN F 118 37.97 -10.67 94.08
N SER F 119 38.95 -10.46 94.95
CA SER F 119 40.30 -10.97 94.71
C SER F 119 40.34 -12.47 94.89
N VAL F 120 41.31 -13.10 94.25
CA VAL F 120 41.39 -14.55 94.15
C VAL F 120 42.86 -14.97 94.16
N LEU F 121 43.16 -16.03 94.91
CA LEU F 121 44.52 -16.54 94.98
C LEU F 121 44.59 -17.87 94.24
N VAL F 122 45.76 -18.14 93.67
CA VAL F 122 46.00 -19.37 92.91
C VAL F 122 47.25 -20.03 93.47
N ILE F 123 47.11 -21.26 93.97
CA ILE F 123 48.27 -22.04 94.38
C ILE F 123 48.74 -22.88 93.20
N ILE F 124 50.00 -22.71 92.82
CA ILE F 124 50.63 -23.56 91.83
C ILE F 124 51.44 -24.61 92.56
N ASP F 125 51.88 -25.63 91.83
CA ASP F 125 52.75 -26.66 92.38
C ASP F 125 53.98 -26.69 91.49
N VAL F 126 55.07 -26.05 91.95
CA VAL F 126 56.27 -25.98 91.12
C VAL F 126 57.02 -27.31 91.12
N LYS F 127 57.19 -27.92 92.28
CA LYS F 127 57.84 -29.23 92.37
C LYS F 127 56.87 -30.38 92.07
N PRO F 128 55.64 -30.45 92.63
CA PRO F 128 54.74 -31.53 92.18
C PRO F 128 54.19 -31.21 90.79
N LYS F 129 54.42 -32.12 89.85
CA LYS F 129 54.03 -31.88 88.47
C LYS F 129 53.55 -33.17 87.82
N ASP F 130 53.05 -34.12 88.61
CA ASP F 130 53.02 -35.52 88.21
C ASP F 130 51.65 -36.02 87.74
N LEU F 131 50.63 -35.99 88.61
CA LEU F 131 49.45 -36.78 88.29
C LEU F 131 48.28 -36.03 87.66
N GLY F 132 47.66 -35.13 88.40
CA GLY F 132 46.36 -34.66 87.95
C GLY F 132 45.98 -33.21 88.23
N LEU F 133 46.86 -32.45 88.85
CA LEU F 133 46.48 -31.11 89.31
C LEU F 133 47.43 -30.04 88.76
N PRO F 134 46.98 -29.20 87.84
CA PRO F 134 47.78 -28.03 87.46
C PRO F 134 47.85 -26.97 88.55
N THR F 135 46.71 -26.47 89.00
CA THR F 135 46.63 -25.37 89.97
C THR F 135 45.41 -25.61 90.87
N GLU F 136 45.05 -24.57 91.62
CA GLU F 136 43.80 -24.50 92.37
C GLU F 136 43.54 -23.03 92.66
N ALA F 137 42.28 -22.62 92.66
CA ALA F 137 41.90 -21.25 92.98
C ALA F 137 40.99 -21.22 94.19
N TYR F 138 41.28 -20.34 95.15
CA TYR F 138 40.45 -20.17 96.33
C TYR F 138 39.71 -18.85 96.31
N ILE F 139 38.58 -18.80 97.04
CA ILE F 139 37.77 -17.60 97.17
C ILE F 139 37.26 -17.54 98.61
N SER F 140 36.95 -16.33 99.06
CA SER F 140 36.45 -16.09 100.40
C SER F 140 34.97 -15.75 100.37
N VAL F 141 34.19 -16.38 101.24
CA VAL F 141 32.81 -15.99 101.49
C VAL F 141 32.63 -15.83 102.99
N GLU F 142 31.71 -14.93 103.37
CA GLU F 142 31.35 -14.71 104.77
C GLU F 142 29.84 -14.54 104.85
N GLU F 143 29.14 -15.66 105.03
CA GLU F 143 27.72 -15.67 105.39
C GLU F 143 27.63 -15.68 106.91
N VAL F 144 26.47 -16.07 107.48
CA VAL F 144 26.31 -16.12 108.93
C VAL F 144 27.33 -17.10 109.50
N HIS F 145 27.11 -18.41 109.33
CA HIS F 145 28.13 -19.29 108.79
C HIS F 145 27.48 -20.41 108.00
N ASP F 146 26.37 -20.91 108.57
CA ASP F 146 25.71 -22.14 108.18
C ASP F 146 24.40 -22.16 108.94
N ASP F 147 23.72 -23.31 108.99
CA ASP F 147 22.60 -23.45 109.91
C ASP F 147 23.04 -23.36 111.38
N GLY F 148 24.17 -23.97 111.73
CA GLY F 148 24.53 -23.99 113.13
C GLY F 148 25.99 -23.91 113.54
N THR F 149 26.87 -23.44 112.67
CA THR F 149 28.30 -23.44 112.97
C THR F 149 28.80 -22.05 113.32
N PRO F 150 29.87 -21.95 114.10
CA PRO F 150 30.50 -20.64 114.34
C PRO F 150 31.09 -20.05 113.07
N THR F 151 31.11 -18.73 113.02
CA THR F 151 31.58 -18.00 111.86
C THR F 151 33.10 -18.05 111.76
N SER F 152 33.60 -17.97 110.52
CA SER F 152 35.04 -17.99 110.24
C SER F 152 35.26 -17.38 108.86
N LYS F 153 36.48 -17.56 108.32
CA LYS F 153 36.84 -17.05 107.01
C LYS F 153 36.46 -18.06 105.93
N THR F 154 37.02 -19.28 106.03
CA THR F 154 36.65 -20.46 105.24
C THR F 154 36.86 -20.23 103.74
N PHE F 155 38.14 -20.26 103.36
CA PHE F 155 38.58 -20.43 101.97
C PHE F 155 37.72 -21.44 101.22
N GLU F 156 37.07 -20.99 100.16
CA GLU F 156 36.20 -21.84 99.35
C GLU F 156 36.87 -22.16 98.03
N HIS F 157 36.17 -22.93 97.21
CA HIS F 157 36.74 -23.48 95.99
C HIS F 157 36.21 -22.78 94.75
N VAL F 158 37.12 -22.49 93.82
CA VAL F 158 36.78 -22.12 92.45
C VAL F 158 37.47 -23.12 91.54
N THR F 159 36.71 -23.68 90.60
CA THR F 159 37.29 -24.61 89.63
C THR F 159 38.22 -23.87 88.67
N SER F 160 39.23 -24.58 88.20
CA SER F 160 40.31 -23.98 87.42
C SER F 160 40.57 -24.78 86.16
N GLU F 161 41.28 -24.15 85.23
CA GLU F 161 41.64 -24.78 83.96
C GLU F 161 42.86 -24.07 83.39
N ILE F 162 43.38 -24.63 82.30
CA ILE F 162 44.49 -24.04 81.56
C ILE F 162 43.95 -23.65 80.18
N GLY F 163 43.87 -22.35 79.92
CA GLY F 163 43.47 -21.85 78.64
C GLY F 163 44.66 -21.59 77.73
N ALA F 164 44.38 -20.90 76.62
CA ALA F 164 45.39 -20.61 75.63
C ALA F 164 44.99 -19.35 74.87
N GLU F 165 45.72 -19.06 73.80
CA GLU F 165 45.48 -17.89 72.95
C GLU F 165 46.19 -18.13 71.63
N GLU F 166 45.62 -17.60 70.55
CA GLU F 166 46.34 -17.56 69.30
C GLU F 166 47.57 -16.66 69.43
N ALA F 167 48.63 -17.02 68.69
CA ALA F 167 49.97 -16.44 68.79
C ALA F 167 50.56 -16.55 70.20
N GLU F 168 50.16 -17.56 70.94
CA GLU F 168 51.00 -18.10 72.01
C GLU F 168 51.06 -19.62 71.99
N GLU F 169 50.09 -20.29 71.34
CA GLU F 169 50.22 -21.72 71.05
C GLU F 169 51.32 -21.98 70.04
N VAL F 170 51.65 -20.98 69.21
CA VAL F 170 52.79 -21.09 68.32
C VAL F 170 54.07 -21.21 69.14
N GLY F 171 54.16 -20.44 70.22
CA GLY F 171 55.27 -20.60 71.14
C GLY F 171 55.21 -21.88 71.93
N VAL F 172 54.01 -22.44 72.10
CA VAL F 172 53.88 -23.73 72.77
C VAL F 172 54.44 -24.84 71.87
N GLU F 173 53.95 -24.90 70.63
CA GLU F 173 54.31 -26.00 69.73
C GLU F 173 55.77 -25.94 69.30
N HIS F 174 56.32 -24.74 69.14
CA HIS F 174 57.67 -24.63 68.60
C HIS F 174 58.73 -24.78 69.68
N LEU F 175 58.41 -24.47 70.94
CA LEU F 175 59.39 -24.68 72.01
C LEU F 175 59.45 -26.13 72.47
N LEU F 176 58.38 -26.90 72.33
CA LEU F 176 58.44 -28.27 72.85
C LEU F 176 59.19 -29.18 71.87
N ARG F 177 58.62 -29.41 70.67
CA ARG F 177 59.13 -30.25 69.59
C ARG F 177 59.71 -31.59 70.03
N ASP F 178 59.13 -32.19 71.07
CA ASP F 178 59.80 -33.27 71.79
C ASP F 178 59.16 -34.63 71.53
N ILE F 179 57.88 -34.78 71.80
CA ILE F 179 57.17 -36.03 71.58
C ILE F 179 56.22 -35.94 70.39
N LYS F 180 55.55 -34.79 70.23
CA LYS F 180 54.75 -34.41 69.06
C LYS F 180 53.71 -35.46 68.67
N ASP F 181 52.97 -35.95 69.66
CA ASP F 181 51.97 -36.97 69.41
C ASP F 181 50.63 -36.32 69.11
N THR F 182 49.99 -36.77 68.04
CA THR F 182 48.64 -36.38 67.70
C THR F 182 47.65 -37.32 68.35
N THR F 183 46.38 -36.90 68.39
CA THR F 183 45.31 -37.78 68.87
C THR F 183 45.07 -38.93 67.91
N VAL F 184 45.36 -38.73 66.62
CA VAL F 184 45.27 -39.79 65.64
C VAL F 184 46.37 -40.82 65.93
N GLY F 185 46.09 -42.08 65.56
CA GLY F 185 46.81 -43.22 66.12
C GLY F 185 45.79 -44.03 66.87
N THR F 186 44.58 -44.02 66.32
CA THR F 186 43.31 -44.40 66.95
C THR F 186 43.32 -45.82 67.52
N LEU F 187 44.15 -46.71 66.98
CA LEU F 187 44.34 -47.99 67.66
C LEU F 187 45.23 -47.83 68.89
N SER F 188 46.44 -47.31 68.70
CA SER F 188 47.38 -47.26 69.81
C SER F 188 47.06 -46.13 70.78
N GLN F 189 46.63 -44.98 70.27
CA GLN F 189 46.49 -43.81 71.12
C GLN F 189 45.23 -43.88 71.99
N ARG F 190 44.12 -44.35 71.42
CA ARG F 190 42.85 -44.32 72.14
C ARG F 190 42.80 -45.40 73.22
N ILE F 191 43.50 -46.51 73.01
CA ILE F 191 43.59 -47.53 74.05
C ILE F 191 44.37 -47.03 75.24
N THR F 192 45.48 -46.32 74.99
CA THR F 192 46.24 -45.72 76.08
C THR F 192 45.46 -44.59 76.76
N ASN F 193 44.55 -43.94 76.03
CA ASN F 193 43.63 -43.00 76.66
C ASN F 193 42.68 -43.72 77.61
N GLN F 194 42.30 -44.95 77.25
CA GLN F 194 41.49 -45.76 78.15
C GLN F 194 42.33 -46.30 79.30
N VAL F 195 43.64 -46.48 79.09
CA VAL F 195 44.48 -47.03 80.14
C VAL F 195 44.72 -46.00 81.24
N HIS F 196 45.34 -44.87 80.90
CA HIS F 196 45.63 -43.88 81.94
C HIS F 196 44.40 -43.04 82.29
N GLY F 197 43.33 -43.13 81.51
CA GLY F 197 42.07 -42.61 81.97
C GLY F 197 41.50 -43.43 83.11
N LEU F 198 41.82 -44.72 83.14
CA LEU F 198 41.37 -45.58 84.23
C LEU F 198 42.39 -45.58 85.36
N LYS F 199 43.64 -45.18 85.07
CA LYS F 199 44.64 -45.04 86.12
C LYS F 199 44.39 -43.81 86.98
N GLY F 200 43.49 -42.93 86.55
CA GLY F 200 43.02 -41.87 87.41
C GLY F 200 41.72 -42.22 88.08
N LEU F 201 41.02 -43.23 87.55
CA LEU F 201 39.79 -43.70 88.17
C LEU F 201 40.06 -44.33 89.54
N ASN F 202 41.14 -45.09 89.67
CA ASN F 202 41.51 -45.55 90.99
C ASN F 202 42.29 -44.50 91.78
N SER F 203 42.87 -43.51 91.10
CA SER F 203 43.60 -42.45 91.81
C SER F 203 42.64 -41.54 92.55
N LYS F 204 41.52 -41.18 91.92
CA LYS F 204 40.46 -40.46 92.63
C LYS F 204 39.78 -41.38 93.64
N LEU F 205 39.78 -42.68 93.37
CA LEU F 205 39.21 -43.65 94.30
C LEU F 205 40.07 -43.78 95.54
N LEU F 206 41.39 -43.85 95.37
CA LEU F 206 42.29 -43.94 96.52
C LEU F 206 42.33 -42.65 97.33
N ASP F 207 41.92 -41.53 96.72
CA ASP F 207 41.77 -40.31 97.51
C ASP F 207 40.48 -40.31 98.30
N ILE F 208 39.38 -40.79 97.70
CA ILE F 208 38.15 -40.91 98.47
C ILE F 208 38.23 -42.13 99.38
N ARG F 209 39.17 -43.05 99.13
CA ARG F 209 39.48 -44.09 100.10
C ARG F 209 40.02 -43.49 101.39
N SER F 210 40.98 -42.58 101.27
CA SER F 210 41.72 -42.10 102.43
C SER F 210 40.90 -41.12 103.27
N TYR F 211 39.91 -40.45 102.66
CA TYR F 211 39.21 -39.39 103.37
C TYR F 211 38.25 -39.96 104.41
N LEU F 212 37.39 -40.89 104.00
CA LEU F 212 36.44 -41.47 104.96
C LEU F 212 37.08 -42.50 105.87
N GLU F 213 38.35 -42.86 105.66
CA GLU F 213 39.06 -43.62 106.68
C GLU F 213 39.42 -42.73 107.86
N LYS F 214 39.82 -41.49 107.60
CA LYS F 214 40.25 -40.60 108.67
C LYS F 214 39.13 -39.71 109.20
N VAL F 215 37.88 -40.01 108.90
CA VAL F 215 36.75 -39.25 109.43
C VAL F 215 35.65 -40.14 110.00
N ALA F 216 35.76 -41.41 109.62
CA ALA F 216 35.00 -42.53 110.16
C ALA F 216 35.81 -42.87 111.43
N THR F 217 37.15 -42.84 111.31
CA THR F 217 38.06 -42.99 112.42
C THR F 217 37.56 -41.81 113.22
N GLY F 218 37.51 -40.63 112.60
CA GLY F 218 36.89 -39.53 113.32
C GLY F 218 37.84 -38.45 113.78
N LYS F 219 38.93 -38.23 113.04
CA LYS F 219 39.90 -37.22 113.44
C LYS F 219 39.36 -35.82 113.19
N LEU F 220 39.11 -35.51 111.97
CA LEU F 220 38.70 -34.18 111.56
C LEU F 220 37.18 -34.04 111.64
N PRO F 221 36.66 -32.84 111.88
CA PRO F 221 35.21 -32.67 112.01
C PRO F 221 34.47 -32.93 110.71
N ILE F 222 33.32 -33.58 110.84
CA ILE F 222 32.54 -34.03 109.69
C ILE F 222 31.83 -32.83 109.09
N ASN F 223 32.15 -32.52 107.84
CA ASN F 223 31.49 -31.43 107.12
C ASN F 223 30.09 -31.90 106.77
N HIS F 224 29.12 -31.53 107.59
CA HIS F 224 27.73 -31.95 107.41
C HIS F 224 27.04 -31.30 106.21
N GLN F 225 27.68 -30.30 105.60
CA GLN F 225 27.03 -29.53 104.54
C GLN F 225 27.18 -30.19 103.17
N ILE F 226 28.41 -30.51 102.76
CA ILE F 226 28.61 -30.86 101.36
C ILE F 226 29.44 -32.11 101.17
N ILE F 227 30.22 -32.51 102.19
CA ILE F 227 31.31 -33.46 101.96
C ILE F 227 30.80 -34.89 101.77
N TYR F 228 29.58 -35.18 102.22
CA TYR F 228 28.96 -36.47 102.00
C TYR F 228 27.52 -36.34 101.55
N GLN F 229 26.88 -35.18 101.77
CA GLN F 229 25.55 -34.93 101.24
C GLN F 229 25.56 -34.92 99.72
N LEU F 230 26.66 -34.42 99.13
CA LEU F 230 26.83 -34.55 97.69
C LEU F 230 27.19 -35.98 97.32
N GLN F 231 27.81 -36.72 98.24
CA GLN F 231 28.06 -38.14 98.01
C GLN F 231 26.80 -38.97 98.24
N ASP F 232 25.90 -38.47 99.09
CA ASP F 232 24.60 -39.12 99.28
C ASP F 232 23.78 -39.07 98.00
N VAL F 233 23.92 -38.00 97.23
CA VAL F 233 23.34 -37.94 95.88
C VAL F 233 24.03 -38.94 94.97
N PHE F 234 25.35 -39.13 95.16
CA PHE F 234 26.16 -39.89 94.22
C PHE F 234 25.88 -41.38 94.28
N ASN F 235 25.74 -41.94 95.47
CA ASN F 235 25.92 -43.38 95.65
C ASN F 235 24.65 -44.20 95.30
N LEU F 236 23.79 -43.70 94.42
CA LEU F 236 22.62 -44.45 94.01
C LEU F 236 22.61 -44.75 92.51
N LEU F 237 23.51 -44.17 91.72
CA LEU F 237 23.32 -44.38 90.29
C LEU F 237 24.41 -45.14 89.53
N PRO F 238 24.96 -46.28 90.02
CA PRO F 238 25.42 -47.29 89.02
C PRO F 238 24.39 -48.39 88.71
N ASP F 239 23.36 -48.05 87.95
CA ASP F 239 22.29 -48.99 87.66
C ASP F 239 22.75 -50.06 86.66
N VAL F 240 22.64 -51.32 87.06
CA VAL F 240 23.12 -52.47 86.29
C VAL F 240 22.03 -53.53 86.16
N SER F 241 20.75 -53.10 86.10
CA SER F 241 19.62 -54.02 86.03
C SER F 241 19.67 -54.85 84.75
N LEU F 242 19.66 -56.17 84.91
CA LEU F 242 20.24 -57.07 83.91
C LEU F 242 19.35 -57.28 82.69
N GLN F 243 18.17 -57.88 82.88
CA GLN F 243 17.47 -58.62 81.83
C GLN F 243 16.95 -57.76 80.67
N GLU F 244 17.08 -56.45 80.74
CA GLU F 244 16.88 -55.58 79.59
C GLU F 244 18.18 -54.97 79.10
N PHE F 245 19.13 -54.74 80.00
CA PHE F 245 20.47 -54.32 79.62
C PHE F 245 21.31 -55.49 79.12
N VAL F 246 20.88 -56.72 79.39
CA VAL F 246 21.43 -57.88 78.69
C VAL F 246 21.13 -57.78 77.20
N LYS F 247 19.96 -57.26 76.84
CA LYS F 247 19.57 -57.06 75.46
C LYS F 247 20.15 -55.78 74.86
N ALA F 248 21.19 -55.23 75.47
CA ALA F 248 22.02 -54.24 74.80
C ALA F 248 23.01 -54.89 73.85
N PHE F 249 23.20 -56.20 73.95
CA PHE F 249 24.36 -56.85 73.38
C PHE F 249 24.08 -57.54 72.05
N TYR F 250 22.93 -57.29 71.42
CA TYR F 250 22.87 -57.51 69.99
C TYR F 250 23.24 -56.26 69.21
N LEU F 251 23.18 -55.09 69.86
CA LEU F 251 23.83 -53.91 69.31
C LEU F 251 25.34 -54.04 69.41
N LYS F 252 25.82 -54.78 70.41
CA LYS F 252 27.22 -55.19 70.44
C LYS F 252 27.53 -56.14 69.29
N THR F 253 26.61 -57.05 69.00
CA THR F 253 26.73 -57.90 67.81
C THR F 253 26.64 -57.06 66.54
N ASN F 254 25.81 -56.01 66.57
CA ASN F 254 25.70 -55.11 65.43
C ASN F 254 26.98 -54.31 65.21
N ASP F 255 27.59 -53.83 66.29
CA ASP F 255 28.89 -53.18 66.19
C ASP F 255 29.98 -54.17 65.82
N GLN F 256 29.78 -55.46 66.15
CA GLN F 256 30.73 -56.48 65.76
C GLN F 256 30.59 -56.82 64.28
N MET F 257 29.35 -56.77 63.76
CA MET F 257 29.01 -57.26 62.43
C MET F 257 29.73 -56.49 61.33
N VAL F 258 29.93 -55.19 61.52
CA VAL F 258 30.60 -54.37 60.51
C VAL F 258 32.09 -54.70 60.49
N VAL F 259 32.65 -55.04 61.65
CA VAL F 259 34.08 -55.36 61.75
C VAL F 259 34.38 -56.70 61.06
N VAL F 260 33.52 -57.68 61.29
CA VAL F 260 33.91 -59.05 60.98
C VAL F 260 33.85 -59.36 59.49
N TYR F 261 32.69 -59.18 58.86
CA TYR F 261 32.58 -59.65 57.49
C TYR F 261 32.99 -58.60 56.48
N LEU F 262 33.10 -57.34 56.89
CA LEU F 262 33.53 -56.32 55.94
C LEU F 262 35.02 -56.07 56.06
N ALA F 263 35.53 -55.93 57.28
CA ALA F 263 36.90 -55.45 57.43
C ALA F 263 37.91 -56.59 57.38
N SER F 264 37.51 -57.79 57.74
CA SER F 264 38.45 -58.90 57.68
C SER F 264 38.54 -59.48 56.28
N LEU F 265 37.44 -59.43 55.52
CA LEU F 265 37.45 -60.00 54.18
C LEU F 265 38.23 -59.14 53.21
N ILE F 266 37.88 -57.85 53.11
CA ILE F 266 38.42 -56.96 52.08
C ILE F 266 39.91 -56.70 52.31
N ARG F 267 40.31 -56.59 53.59
CA ARG F 267 41.73 -56.43 53.90
C ARG F 267 42.54 -57.65 53.50
N SER F 268 41.93 -58.84 53.57
CA SER F 268 42.61 -60.05 53.14
C SER F 268 42.68 -60.15 51.63
N VAL F 269 41.61 -59.75 50.94
CA VAL F 269 41.54 -59.89 49.49
C VAL F 269 42.46 -58.90 48.79
N VAL F 270 42.59 -57.68 49.33
CA VAL F 270 43.49 -56.68 48.76
C VAL F 270 44.94 -57.12 48.88
N ALA F 271 45.33 -57.67 50.04
CA ALA F 271 46.69 -58.19 50.18
C ALA F 271 46.89 -59.45 49.35
N LEU F 272 45.82 -60.13 48.97
CA LEU F 272 45.94 -61.29 48.09
C LEU F 272 46.24 -60.84 46.65
N HIS F 273 45.77 -59.65 46.27
CA HIS F 273 46.16 -59.06 44.99
C HIS F 273 47.66 -58.80 44.94
N ASN F 274 48.25 -58.42 46.08
CA ASN F 274 49.67 -58.11 46.13
C ASN F 274 50.52 -59.37 46.02
N LEU F 275 49.93 -60.54 46.26
CA LEU F 275 50.65 -61.78 46.02
C LEU F 275 50.79 -62.08 44.54
N ILE F 276 49.66 -62.14 43.81
CA ILE F 276 49.68 -62.50 42.39
C ILE F 276 50.41 -61.45 41.58
N ASN F 277 50.26 -60.18 41.94
CA ASN F 277 50.98 -59.11 41.26
C ASN F 277 52.48 -59.19 41.52
N ASN F 278 52.89 -59.77 42.65
CA ASN F 278 54.31 -59.95 42.90
C ASN F 278 54.82 -61.26 42.31
N LYS F 279 54.01 -62.32 42.38
CA LYS F 279 54.45 -63.61 41.85
C LYS F 279 54.52 -63.60 40.33
N ILE F 280 53.70 -62.78 39.68
CA ILE F 280 53.88 -62.54 38.26
C ILE F 280 55.15 -61.75 38.01
N ALA F 281 55.33 -60.65 38.75
CA ALA F 281 56.50 -59.79 38.54
C ALA F 281 57.80 -60.44 39.02
N ASN F 282 57.71 -61.44 39.89
CA ASN F 282 58.90 -62.20 40.26
C ASN F 282 59.45 -62.98 39.07
N ARG F 283 58.67 -63.94 38.57
CA ARG F 283 59.23 -64.91 37.64
C ARG F 283 59.25 -64.41 36.21
N ASP F 284 58.38 -63.46 35.84
CA ASP F 284 58.43 -62.91 34.50
C ASP F 284 59.58 -61.93 34.34
N ALA F 285 60.10 -61.40 35.44
CA ALA F 285 61.39 -60.71 35.40
C ALA F 285 62.55 -61.67 35.54
N GLU F 286 62.30 -62.85 36.11
CA GLU F 286 63.34 -63.86 36.24
C GLU F 286 63.59 -64.56 34.92
N LYS F 287 62.52 -64.91 34.20
CA LYS F 287 62.64 -65.60 32.92
C LYS F 287 63.13 -64.69 31.80
N LYS F 288 63.09 -63.37 32.00
CA LYS F 288 63.62 -62.42 31.03
C LYS F 288 64.99 -61.86 31.46
N GLU F 289 65.54 -62.35 32.56
CA GLU F 289 66.90 -61.94 32.94
C GLU F 289 67.93 -62.58 32.04
N GLY F 290 67.72 -63.86 31.69
CA GLY F 290 68.64 -64.56 30.81
C GLY F 290 68.45 -64.21 29.36
N VAL G 4 26.86 20.74 138.16
CA VAL G 4 26.99 19.57 137.29
C VAL G 4 27.71 18.37 137.99
N PRO G 5 28.78 18.57 138.77
CA PRO G 5 29.19 17.48 139.67
C PRO G 5 28.20 17.24 140.79
N GLY G 6 27.52 18.30 141.26
CA GLY G 6 26.50 18.16 142.27
C GLY G 6 25.22 17.51 141.77
N PHE G 7 25.08 17.35 140.45
CA PHE G 7 23.97 16.61 139.90
C PHE G 7 24.04 15.14 140.30
N LEU G 8 25.24 14.57 140.32
CA LEU G 8 25.41 13.21 140.80
C LEU G 8 25.74 13.13 142.28
N GLN G 9 25.96 14.27 142.94
CA GLN G 9 26.11 14.25 144.39
C GLN G 9 24.76 14.12 145.09
N GLN G 10 23.69 14.61 144.46
CA GLN G 10 22.35 14.41 144.98
C GLN G 10 21.72 13.12 144.48
N SER G 11 22.13 12.63 143.31
CA SER G 11 21.74 11.31 142.83
C SER G 11 22.81 10.26 143.09
N GLN G 12 23.59 10.47 144.15
CA GLN G 12 24.59 9.49 144.57
C GLN G 12 23.94 8.24 145.12
N ASN G 13 22.81 8.39 145.80
CA ASN G 13 22.20 7.32 146.57
C ASN G 13 21.57 6.28 145.65
N SER G 14 21.22 5.14 146.26
CA SER G 14 20.61 3.92 145.70
C SER G 14 21.54 3.14 144.78
N GLY G 15 22.74 3.63 144.49
CA GLY G 15 23.77 2.84 143.85
C GLY G 15 24.72 2.30 144.90
N PRO G 16 24.61 1.01 145.21
CA PRO G 16 25.13 0.48 146.49
C PRO G 16 26.64 0.57 146.62
N GLY G 17 27.08 0.93 147.83
CA GLY G 17 28.46 1.30 148.05
C GLY G 17 28.73 2.69 147.49
N GLN G 18 27.87 3.65 147.88
CA GLN G 18 27.81 4.98 147.28
C GLN G 18 29.12 5.78 147.24
N PRO G 19 29.95 5.88 148.35
CA PRO G 19 31.14 6.75 148.24
C PRO G 19 32.23 6.20 147.33
N ALA G 20 32.45 4.89 147.35
CA ALA G 20 33.57 4.31 146.63
C ALA G 20 33.36 4.26 145.12
N VAL G 21 32.13 4.45 144.64
CA VAL G 21 31.84 4.32 143.22
C VAL G 21 31.38 5.64 142.60
N TRP G 22 30.65 6.47 143.35
CA TRP G 22 30.15 7.71 142.78
C TRP G 22 31.17 8.84 142.91
N HIS G 23 31.93 8.85 143.99
CA HIS G 23 33.07 9.77 144.04
C HIS G 23 34.17 9.32 143.12
N ARG G 24 34.28 8.00 142.88
CA ARG G 24 35.13 7.50 141.81
C ARG G 24 34.61 7.94 140.45
N LEU G 25 33.28 8.01 140.30
CA LEU G 25 32.69 8.48 139.05
C LEU G 25 33.03 9.94 138.80
N GLU G 26 32.91 10.79 139.83
CA GLU G 26 33.26 12.19 139.65
C GLU G 26 34.76 12.43 139.63
N GLU G 27 35.59 11.40 139.79
CA GLU G 27 37.00 11.54 139.44
C GLU G 27 37.19 11.42 137.94
N LEU G 28 36.63 10.38 137.33
CA LEU G 28 37.05 9.93 136.00
C LEU G 28 36.66 10.91 134.89
N TYR G 29 35.54 11.61 135.02
CA TYR G 29 35.29 12.61 133.98
C TYR G 29 35.92 13.95 134.30
N THR G 30 36.39 14.16 135.52
CA THR G 30 37.23 15.32 135.79
C THR G 30 38.68 15.10 135.37
N LYS G 31 39.06 13.85 135.10
CA LYS G 31 40.25 13.57 134.29
C LYS G 31 39.98 13.72 132.81
N LYS G 32 38.71 13.96 132.42
CA LYS G 32 38.23 14.09 131.04
C LYS G 32 38.53 12.86 130.20
N LEU G 33 38.59 11.69 130.81
CA LEU G 33 38.71 10.46 130.04
C LEU G 33 37.33 9.91 129.71
N TRP G 34 37.28 9.06 128.67
CA TRP G 34 35.99 8.71 128.10
C TRP G 34 35.85 7.22 127.81
N HIS G 35 36.70 6.36 128.36
CA HIS G 35 36.55 4.92 128.17
C HIS G 35 36.34 4.18 129.49
N GLN G 36 37.23 4.37 130.45
CA GLN G 36 36.99 3.84 131.78
C GLN G 36 35.82 4.55 132.44
N LEU G 37 35.55 5.79 132.03
CA LEU G 37 34.27 6.43 132.31
C LEU G 37 33.13 5.67 131.65
N THR G 38 33.29 5.37 130.35
CA THR G 38 32.19 4.79 129.57
C THR G 38 31.94 3.33 129.97
N LEU G 39 33.00 2.57 130.21
CA LEU G 39 32.83 1.15 130.53
C LEU G 39 32.27 0.96 131.94
N GLN G 40 32.44 1.94 132.82
CA GLN G 40 31.97 1.79 134.18
C GLN G 40 30.52 2.22 134.33
N VAL G 41 30.09 3.24 133.59
CA VAL G 41 28.68 3.62 133.62
C VAL G 41 27.83 2.55 132.95
N LEU G 42 28.37 1.91 131.91
CA LEU G 42 27.74 0.73 131.33
C LEU G 42 27.71 -0.42 132.32
N ASP G 43 28.73 -0.50 133.19
CA ASP G 43 28.71 -1.51 134.26
C ASP G 43 27.68 -1.14 135.32
N PHE G 44 27.58 0.14 135.66
CA PHE G 44 26.70 0.56 136.76
C PHE G 44 25.25 0.77 136.34
N VAL G 45 24.94 0.70 135.05
CA VAL G 45 23.56 0.47 134.64
C VAL G 45 23.26 -1.02 134.66
N GLN G 46 24.26 -1.85 134.31
CA GLN G 46 24.19 -3.30 134.46
C GLN G 46 24.18 -3.74 135.92
N ASP G 47 24.52 -2.84 136.85
CA ASP G 47 24.40 -3.06 138.29
C ASP G 47 22.98 -3.45 138.66
N PRO G 48 22.75 -4.66 139.20
CA PRO G 48 21.36 -5.12 139.41
C PRO G 48 20.64 -4.40 140.53
N CYS G 49 19.78 -3.48 140.12
CA CYS G 49 18.84 -2.78 140.99
C CYS G 49 17.55 -2.63 140.19
N PHE G 50 16.66 -1.75 140.65
CA PHE G 50 15.58 -1.32 139.77
C PHE G 50 16.06 -0.33 138.72
N ALA G 51 17.24 0.26 138.92
CA ALA G 51 17.76 1.39 138.13
C ALA G 51 16.74 2.53 138.09
N GLN G 52 16.21 2.87 139.26
CA GLN G 52 15.19 3.90 139.40
C GLN G 52 15.70 5.29 139.04
N GLY G 53 17.01 5.50 139.08
CA GLY G 53 17.59 6.77 138.70
C GLY G 53 17.94 6.87 137.24
N ASP G 54 17.09 6.31 136.37
CA ASP G 54 17.27 6.52 134.94
C ASP G 54 17.04 7.98 134.58
N GLY G 55 16.01 8.61 135.16
CA GLY G 55 15.80 10.03 134.95
C GLY G 55 16.87 10.87 135.62
N LEU G 56 17.47 10.34 136.68
CA LEU G 56 18.59 10.99 137.33
C LEU G 56 19.92 10.72 136.63
N ILE G 57 19.92 9.95 135.54
CA ILE G 57 21.12 9.74 134.74
C ILE G 57 20.92 10.06 133.27
N LYS G 58 19.67 10.02 132.76
CA LYS G 58 19.45 10.31 131.34
C LYS G 58 19.64 11.80 131.05
N LEU G 59 19.59 12.65 132.08
CA LEU G 59 19.97 14.04 131.87
C LEU G 59 21.48 14.17 131.75
N TYR G 60 22.22 13.41 132.56
CA TYR G 60 23.68 13.45 132.47
C TYR G 60 24.20 12.61 131.31
N GLU G 61 23.50 11.56 130.93
CA GLU G 61 23.89 10.82 129.74
C GLU G 61 23.55 11.61 128.48
N ASN G 62 22.52 12.45 128.53
CA ASN G 62 22.35 13.44 127.49
C ASN G 62 23.45 14.48 127.55
N PHE G 63 23.88 14.85 128.77
CA PHE G 63 25.00 15.78 128.92
C PHE G 63 26.30 15.16 128.39
N ILE G 64 26.50 13.85 128.62
CA ILE G 64 27.62 13.16 128.00
C ILE G 64 27.48 13.18 126.48
N SER G 65 26.25 13.05 125.97
CA SER G 65 26.04 12.99 124.53
C SER G 65 26.25 14.36 123.86
N GLU G 66 26.11 15.45 124.62
CA GLU G 66 26.21 16.79 124.03
C GLU G 66 27.65 17.16 123.70
N PHE G 67 28.54 17.11 124.69
CA PHE G 67 29.96 17.35 124.44
C PHE G 67 30.73 16.04 124.31
N GLU G 68 30.13 15.07 123.62
CA GLU G 68 30.70 13.74 123.48
C GLU G 68 31.95 13.72 122.61
N HIS G 69 31.77 13.89 121.29
CA HIS G 69 32.76 14.06 120.22
C HIS G 69 33.87 13.01 120.14
N ARG G 70 33.91 12.02 121.05
CA ARG G 70 34.91 10.95 121.03
C ARG G 70 34.36 9.56 121.33
N VAL G 71 33.24 9.43 122.04
CA VAL G 71 32.84 8.16 122.64
C VAL G 71 32.24 7.27 121.57
N ASN G 72 32.52 5.95 121.67
CA ASN G 72 32.01 4.88 120.84
C ASN G 72 30.49 4.93 120.78
N PRO G 73 29.92 5.20 119.61
CA PRO G 73 28.45 5.24 119.50
C PRO G 73 27.80 3.88 119.63
N LEU G 74 28.55 2.79 119.50
CA LEU G 74 28.02 1.47 119.78
C LEU G 74 27.61 1.35 121.25
N SER G 75 28.55 1.61 122.15
CA SER G 75 28.26 1.55 123.59
C SER G 75 27.34 2.69 124.03
N LEU G 76 27.25 3.76 123.24
CA LEU G 76 26.28 4.82 123.52
C LEU G 76 24.86 4.32 123.29
N VAL G 77 24.65 3.55 122.22
CA VAL G 77 23.32 2.99 121.99
C VAL G 77 23.12 1.77 122.87
N GLU G 78 24.19 1.07 123.23
CA GLU G 78 24.09 -0.07 124.16
C GLU G 78 23.67 0.33 125.57
N ILE G 79 23.80 1.61 125.93
CA ILE G 79 23.42 2.04 127.26
C ILE G 79 22.10 2.80 127.18
N ILE G 80 21.76 3.33 126.00
CA ILE G 80 20.49 4.03 125.88
C ILE G 80 19.34 3.04 125.69
N LEU G 81 19.65 1.80 125.33
CA LEU G 81 18.60 0.79 125.25
C LEU G 81 18.16 0.37 126.65
N HIS G 82 19.08 0.38 127.61
CA HIS G 82 18.69 0.16 129.00
C HIS G 82 17.92 1.36 129.55
N VAL G 83 18.23 2.55 129.06
CA VAL G 83 17.51 3.75 129.49
C VAL G 83 16.08 3.73 128.96
N VAL G 84 15.92 3.43 127.67
CA VAL G 84 14.60 3.42 127.07
C VAL G 84 13.79 2.19 127.51
N ARG G 85 14.47 1.16 128.03
CA ARG G 85 13.78 0.07 128.70
C ARG G 85 13.17 0.54 130.02
N GLN G 86 13.95 1.25 130.82
CA GLN G 86 13.53 1.69 132.14
C GLN G 86 12.60 2.91 132.08
N MET G 87 12.45 3.53 130.91
CA MET G 87 11.45 4.58 130.72
C MET G 87 10.04 4.04 130.93
N THR G 88 9.76 2.83 130.40
CA THR G 88 8.49 2.10 130.54
C THR G 88 7.28 2.93 130.09
N ASP G 89 7.49 3.79 129.09
CA ASP G 89 6.45 4.68 128.59
C ASP G 89 6.62 4.77 127.09
N PRO G 90 5.94 3.92 126.32
CA PRO G 90 6.17 3.85 124.88
C PRO G 90 5.60 5.00 124.07
N ASN G 91 4.98 5.99 124.72
CA ASN G 91 4.49 7.17 124.02
C ASN G 91 5.64 8.02 123.49
N VAL G 92 6.49 8.51 124.38
CA VAL G 92 7.62 9.34 123.99
C VAL G 92 8.87 8.53 123.69
N ALA G 93 8.89 7.24 124.07
CA ALA G 93 10.09 6.43 123.90
C ALA G 93 10.38 6.14 122.44
N LEU G 94 9.35 6.15 121.60
CA LEU G 94 9.56 6.08 120.16
C LEU G 94 10.26 7.33 119.65
N THR G 95 9.74 8.50 120.00
CA THR G 95 10.33 9.75 119.54
C THR G 95 11.64 10.05 120.27
N PHE G 96 11.85 9.49 121.46
CA PHE G 96 13.14 9.63 122.13
C PHE G 96 14.21 8.83 121.42
N LEU G 97 13.87 7.61 120.98
CA LEU G 97 14.85 6.78 120.31
C LEU G 97 15.12 7.26 118.89
N GLU G 98 14.11 7.85 118.24
CA GLU G 98 14.32 8.49 116.95
C GLU G 98 15.23 9.70 117.08
N LYS G 99 15.13 10.41 118.21
CA LYS G 99 16.00 11.56 118.44
C LYS G 99 17.44 11.12 118.69
N THR G 100 17.62 10.04 119.46
CA THR G 100 18.97 9.53 119.69
C THR G 100 19.53 8.84 118.45
N ARG G 101 18.67 8.37 117.57
CA ARG G 101 19.14 7.79 116.31
C ARG G 101 19.55 8.87 115.33
N GLU G 102 18.80 9.98 115.29
CA GLU G 102 19.12 11.03 114.32
C GLU G 102 20.28 11.91 114.78
N LYS G 103 20.60 11.93 116.07
CA LYS G 103 21.74 12.72 116.53
C LYS G 103 23.05 11.96 116.46
N VAL G 104 23.00 10.64 116.28
CA VAL G 104 24.18 9.90 115.80
C VAL G 104 23.82 9.40 114.42
N LYS G 105 24.08 10.22 113.40
CA LYS G 105 23.64 9.94 112.04
C LYS G 105 24.82 9.72 111.11
N SER G 106 25.95 9.30 111.67
CA SER G 106 27.14 9.00 110.88
C SER G 106 27.00 7.60 110.28
N SER G 107 28.09 7.09 109.70
CA SER G 107 28.11 5.76 109.10
C SER G 107 28.33 4.64 110.13
N ASP G 108 28.23 4.95 111.41
CA ASP G 108 28.48 3.99 112.47
C ASP G 108 27.33 3.00 112.54
N GLU G 109 27.66 1.71 112.68
CA GLU G 109 26.67 0.65 112.56
C GLU G 109 26.08 0.27 113.92
N ALA G 110 25.65 1.29 114.64
CA ALA G 110 24.71 1.13 115.74
C ALA G 110 23.31 1.58 115.36
N VAL G 111 23.16 2.24 114.21
CA VAL G 111 21.87 2.65 113.70
C VAL G 111 21.05 1.43 113.28
N ILE G 112 21.71 0.32 112.95
CA ILE G 112 21.01 -0.88 112.55
C ILE G 112 20.28 -1.52 113.72
N LEU G 113 20.84 -1.41 114.92
CA LEU G 113 20.17 -1.94 116.09
C LEU G 113 19.34 -0.88 116.80
N CYS G 114 19.43 0.37 116.34
CA CYS G 114 18.39 1.34 116.65
C CYS G 114 17.10 0.95 115.95
N LYS G 115 17.20 0.49 114.69
CA LYS G 115 16.03 0.10 113.92
C LYS G 115 15.37 -1.14 114.48
N THR G 116 16.17 -2.06 115.06
CA THR G 116 15.57 -3.20 115.74
C THR G 116 14.94 -2.77 117.06
N ALA G 117 15.56 -1.80 117.73
CA ALA G 117 14.97 -1.26 118.96
C ALA G 117 13.76 -0.39 118.65
N ILE G 118 13.71 0.17 117.44
CA ILE G 118 12.43 0.69 116.93
C ILE G 118 11.43 -0.45 116.81
N GLY G 119 11.83 -1.53 116.15
CA GLY G 119 10.90 -2.60 115.86
C GLY G 119 10.51 -3.41 117.09
N ALA G 120 11.40 -3.49 118.07
CA ALA G 120 11.09 -4.22 119.31
C ALA G 120 9.98 -3.54 120.10
N LEU G 121 9.86 -2.22 120.00
CA LEU G 121 8.72 -1.50 120.52
C LEU G 121 7.63 -1.31 119.47
N LYS G 122 7.85 -1.79 118.25
CA LYS G 122 6.89 -1.70 117.18
C LYS G 122 6.29 -3.06 116.82
N LEU G 123 6.97 -4.15 117.17
CA LEU G 123 6.30 -5.45 117.25
C LEU G 123 5.61 -5.66 118.60
N ASN G 124 5.49 -4.59 119.40
CA ASN G 124 4.62 -4.57 120.57
C ASN G 124 3.30 -3.88 120.27
N ILE G 125 3.33 -2.76 119.56
CA ILE G 125 2.13 -2.01 119.19
C ILE G 125 2.19 -1.70 117.70
N GLY G 126 1.07 -1.92 116.99
CA GLY G 126 1.04 -1.75 115.55
C GLY G 126 1.89 -2.79 114.85
N ASP G 127 1.47 -4.04 114.92
CA ASP G 127 2.37 -5.18 114.69
C ASP G 127 2.38 -5.66 113.24
N LEU G 128 1.75 -4.96 112.32
CA LEU G 128 1.70 -5.53 110.97
C LEU G 128 2.09 -4.56 109.86
N GLN G 129 1.72 -3.29 109.96
CA GLN G 129 1.72 -2.41 108.78
C GLN G 129 3.11 -1.97 108.36
N VAL G 130 4.00 -1.73 109.31
CA VAL G 130 5.35 -1.26 109.01
C VAL G 130 6.41 -2.05 109.76
N THR G 131 5.99 -3.08 110.50
CA THR G 131 6.93 -4.01 111.11
C THR G 131 7.68 -4.83 110.06
N LYS G 132 7.00 -5.14 108.94
CA LYS G 132 7.65 -5.86 107.85
C LYS G 132 8.74 -5.01 107.20
N GLU G 133 8.51 -3.70 107.11
CA GLU G 133 9.49 -2.81 106.49
C GLU G 133 10.69 -2.59 107.39
N THR G 134 10.48 -2.42 108.70
CA THR G 134 11.62 -2.26 109.60
C THR G 134 12.34 -3.57 109.85
N ILE G 135 11.72 -4.71 109.53
CA ILE G 135 12.48 -5.93 109.32
C ILE G 135 13.32 -5.81 108.05
N GLU G 136 12.67 -5.48 106.93
CA GLU G 136 13.28 -5.65 105.61
C GLU G 136 14.45 -4.70 105.39
N ASP G 137 14.40 -3.53 106.04
CA ASP G 137 15.45 -2.53 105.86
C ASP G 137 16.78 -2.99 106.46
N VAL G 138 16.74 -3.90 107.43
CA VAL G 138 17.95 -4.24 108.17
C VAL G 138 18.84 -5.16 107.34
N GLU G 139 18.26 -6.18 106.69
CA GLU G 139 19.08 -7.04 105.85
C GLU G 139 19.45 -6.37 104.54
N GLU G 140 18.77 -5.29 104.17
CA GLU G 140 19.29 -4.41 103.13
C GLU G 140 20.59 -3.75 103.59
N MET G 141 20.65 -3.39 104.86
CA MET G 141 21.82 -2.78 105.47
C MET G 141 22.79 -3.80 106.05
N LEU G 142 22.36 -5.04 106.25
CA LEU G 142 23.26 -6.10 106.74
C LEU G 142 24.14 -6.51 105.57
N ASN G 143 25.17 -5.70 105.33
CA ASN G 143 26.03 -5.82 104.18
C ASN G 143 27.39 -5.25 104.54
N ASN G 144 28.40 -5.68 103.78
CA ASN G 144 29.75 -5.09 103.70
C ASN G 144 30.59 -5.21 104.98
N LEU G 145 30.02 -5.74 106.06
CA LEU G 145 30.77 -6.04 107.28
C LEU G 145 29.99 -7.06 108.08
N PRO G 146 30.14 -8.36 107.82
CA PRO G 146 29.41 -9.38 108.57
C PRO G 146 30.02 -9.74 109.91
N GLY G 147 31.11 -9.08 110.30
CA GLY G 147 31.86 -9.44 111.49
C GLY G 147 31.40 -8.81 112.79
N VAL G 148 30.29 -8.06 112.81
CA VAL G 148 29.80 -7.49 114.05
C VAL G 148 29.15 -8.56 114.91
N THR G 149 28.16 -9.27 114.33
CA THR G 149 27.38 -10.41 114.85
C THR G 149 26.38 -9.94 115.91
N SER G 150 26.50 -8.71 116.37
CA SER G 150 25.43 -8.06 117.11
C SER G 150 24.38 -7.50 116.17
N VAL G 151 24.78 -7.24 114.91
CA VAL G 151 23.80 -6.96 113.86
C VAL G 151 22.97 -8.20 113.57
N HIS G 152 23.60 -9.39 113.68
CA HIS G 152 22.86 -10.63 113.51
C HIS G 152 22.09 -10.96 114.78
N SER G 153 22.55 -10.45 115.93
CA SER G 153 21.86 -10.71 117.18
C SER G 153 20.51 -9.99 117.24
N ARG G 154 20.53 -8.66 117.05
CA ARG G 154 19.34 -7.85 117.28
C ARG G 154 18.29 -8.07 116.20
N PHE G 155 18.73 -8.35 114.97
CA PHE G 155 17.78 -8.51 113.87
C PHE G 155 17.12 -9.88 113.90
N TYR G 156 17.87 -10.91 114.29
CA TYR G 156 17.26 -12.23 114.33
C TYR G 156 16.41 -12.38 115.59
N ASP G 157 16.68 -11.55 116.59
CA ASP G 157 15.73 -11.40 117.69
C ASP G 157 14.49 -10.64 117.25
N LEU G 158 14.64 -9.71 116.30
CA LEU G 158 13.48 -8.99 115.78
C LEU G 158 12.58 -9.91 114.96
N SER G 159 13.18 -10.86 114.23
CA SER G 159 12.38 -11.83 113.51
C SER G 159 11.88 -12.93 114.43
N SER G 160 12.52 -13.09 115.59
CA SER G 160 12.01 -14.04 116.59
C SER G 160 10.70 -13.55 117.19
N LYS G 161 10.56 -12.23 117.33
CA LYS G 161 9.28 -11.68 117.76
C LYS G 161 8.27 -11.70 116.61
N TYR G 162 8.75 -11.86 115.38
CA TYR G 162 7.86 -11.97 114.22
C TYR G 162 7.27 -13.37 114.11
N TYR G 163 7.78 -14.32 114.91
CA TYR G 163 7.21 -15.67 114.99
C TYR G 163 5.75 -15.66 115.44
N GLN G 164 5.37 -14.67 116.24
CA GLN G 164 3.98 -14.57 116.68
C GLN G 164 3.13 -13.83 115.65
N THR G 165 3.26 -14.25 114.39
CA THR G 165 2.33 -14.00 113.31
C THR G 165 1.83 -15.36 112.84
N ILE G 166 0.93 -15.35 111.85
CA ILE G 166 0.34 -16.60 111.39
C ILE G 166 1.31 -17.35 110.49
N GLY G 167 1.77 -16.71 109.41
CA GLY G 167 2.57 -17.38 108.42
C GLY G 167 4.06 -17.35 108.67
N ASN G 168 4.48 -17.76 109.87
CA ASN G 168 5.90 -17.86 110.21
C ASN G 168 6.08 -19.12 111.05
N HIS G 169 6.43 -20.23 110.41
CA HIS G 169 6.91 -21.41 111.08
C HIS G 169 8.28 -21.85 110.59
N ALA G 170 8.46 -21.96 109.27
CA ALA G 170 9.72 -22.43 108.74
C ALA G 170 10.77 -21.32 108.69
N SER G 171 10.35 -20.09 108.42
CA SER G 171 11.31 -18.99 108.32
C SER G 171 11.87 -18.62 109.70
N TYR G 172 11.05 -18.74 110.75
CA TYR G 172 11.57 -18.62 112.11
C TYR G 172 12.52 -19.75 112.44
N TYR G 173 12.15 -20.99 112.07
CA TYR G 173 13.02 -22.13 112.31
C TYR G 173 14.31 -22.03 111.54
N LYS G 174 14.25 -21.46 110.33
CA LYS G 174 15.47 -21.22 109.57
C LYS G 174 16.30 -20.12 110.22
N ASP G 175 15.64 -19.17 110.88
CA ASP G 175 16.34 -18.02 111.43
C ASP G 175 16.73 -18.19 112.90
N ALA G 176 15.99 -19.00 113.66
CA ALA G 176 16.41 -19.28 115.02
C ALA G 176 17.65 -20.17 115.04
N LEU G 177 17.89 -20.90 113.95
CA LEU G 177 19.18 -21.54 113.77
C LEU G 177 20.26 -20.51 113.43
N ARG G 178 19.91 -19.48 112.67
CA ARG G 178 20.89 -18.46 112.28
C ARG G 178 21.38 -17.68 113.50
N PHE G 179 20.48 -17.37 114.44
CA PHE G 179 20.92 -16.75 115.69
C PHE G 179 21.72 -17.75 116.51
N LEU G 180 21.36 -19.02 116.45
CA LEU G 180 22.09 -20.09 117.12
C LEU G 180 23.47 -20.30 116.51
N GLY G 181 23.68 -19.90 115.27
CA GLY G 181 24.96 -20.06 114.61
C GLY G 181 25.79 -18.80 114.60
N CYS G 182 25.16 -17.64 114.78
CA CYS G 182 25.93 -16.39 114.79
C CYS G 182 26.61 -16.20 116.14
N VAL G 183 25.82 -16.08 117.21
CA VAL G 183 26.39 -16.14 118.56
C VAL G 183 26.52 -17.61 118.95
N ASP G 184 27.62 -17.93 119.62
CA ASP G 184 28.06 -19.32 119.71
C ASP G 184 28.10 -19.83 121.15
N ILE G 185 28.82 -19.16 122.04
CA ILE G 185 29.12 -19.68 123.37
C ILE G 185 27.90 -19.59 124.28
N LYS G 186 28.01 -20.20 125.46
CA LYS G 186 26.87 -20.38 126.36
C LYS G 186 26.37 -19.04 126.87
N ASP G 187 27.22 -18.30 127.60
CA ASP G 187 27.22 -16.87 127.93
C ASP G 187 25.89 -16.22 128.33
N LEU G 188 24.93 -17.03 128.76
CA LEU G 188 23.56 -16.69 129.17
C LEU G 188 22.93 -17.99 129.69
N PRO G 189 22.02 -17.93 130.66
CA PRO G 189 21.71 -19.12 131.47
C PRO G 189 20.97 -20.21 130.71
N VAL G 190 21.08 -21.42 131.25
CA VAL G 190 20.33 -22.58 130.77
C VAL G 190 18.84 -22.35 130.96
N SER G 191 18.46 -21.59 131.99
CA SER G 191 17.09 -21.14 132.23
C SER G 191 16.54 -20.21 131.15
N GLU G 192 17.35 -19.82 130.16
CA GLU G 192 16.87 -19.25 128.91
C GLU G 192 17.15 -20.14 127.71
N GLN G 193 18.18 -21.00 127.79
CA GLN G 193 18.61 -21.77 126.63
C GLN G 193 17.68 -22.95 126.35
N GLN G 194 17.21 -23.64 127.38
CA GLN G 194 16.36 -24.80 127.15
C GLN G 194 14.96 -24.39 126.71
N GLU G 195 14.56 -23.14 126.99
CA GLU G 195 13.31 -22.63 126.46
C GLU G 195 13.46 -22.29 124.99
N ARG G 196 14.68 -21.93 124.57
CA ARG G 196 14.94 -21.71 123.14
C ARG G 196 14.84 -23.02 122.37
N ALA G 197 15.46 -24.08 122.88
CA ALA G 197 15.44 -25.36 122.18
C ALA G 197 14.06 -26.02 122.20
N PHE G 198 13.25 -25.69 123.20
CA PHE G 198 11.90 -26.23 123.27
C PHE G 198 11.02 -25.63 122.18
N THR G 199 11.08 -24.31 122.01
CA THR G 199 10.32 -23.68 120.94
C THR G 199 10.98 -23.85 119.58
N LEU G 200 12.25 -24.24 119.55
CA LEU G 200 12.89 -24.56 118.27
C LEU G 200 12.41 -25.90 117.74
N GLY G 201 12.22 -26.88 118.63
CA GLY G 201 11.72 -28.17 118.21
C GLY G 201 10.27 -28.12 117.79
N LEU G 202 9.49 -27.24 118.43
CA LEU G 202 8.08 -27.10 118.05
C LEU G 202 7.94 -26.37 116.71
N ALA G 203 8.83 -25.41 116.44
CA ALA G 203 8.76 -24.69 115.18
C ALA G 203 9.21 -25.56 114.01
N GLY G 204 10.20 -26.42 114.23
CA GLY G 204 10.61 -27.35 113.19
C GLY G 204 9.63 -28.48 112.99
N LEU G 205 8.80 -28.75 114.00
CA LEU G 205 7.81 -29.81 113.87
C LEU G 205 6.56 -29.32 113.17
N LEU G 206 6.12 -28.10 113.46
CA LEU G 206 4.97 -27.51 112.77
C LEU G 206 5.34 -26.89 111.44
N GLY G 207 6.62 -26.81 111.11
CA GLY G 207 7.03 -26.31 109.82
C GLY G 207 6.69 -27.27 108.70
N GLU G 208 6.48 -26.72 107.51
CA GLU G 208 5.95 -27.51 106.40
C GLU G 208 7.07 -28.30 105.71
N GLY G 209 8.06 -27.60 105.16
CA GLY G 209 9.09 -28.29 104.40
C GLY G 209 10.05 -29.08 105.28
N VAL G 210 10.34 -28.55 106.48
CA VAL G 210 11.19 -29.24 107.43
C VAL G 210 10.42 -30.41 108.05
N PHE G 211 11.13 -31.51 108.34
CA PHE G 211 10.61 -32.56 109.21
C PHE G 211 11.34 -32.62 110.55
N ASN G 212 12.65 -32.86 110.57
CA ASN G 212 13.46 -32.52 111.73
C ASN G 212 14.77 -31.86 111.31
N PHE G 213 15.29 -32.31 110.15
CA PHE G 213 16.57 -31.90 109.56
C PHE G 213 17.72 -32.10 110.55
N GLY G 214 17.98 -33.38 110.84
CA GLY G 214 18.94 -33.80 111.85
C GLY G 214 20.38 -33.32 111.76
N GLU G 215 21.15 -33.69 112.79
CA GLU G 215 22.50 -33.31 113.20
C GLU G 215 22.52 -31.89 113.81
N LEU G 216 21.45 -31.13 113.72
CA LEU G 216 21.22 -30.11 114.73
C LEU G 216 20.61 -30.73 115.98
N LEU G 217 20.03 -31.92 115.83
CA LEU G 217 19.80 -32.78 116.99
C LEU G 217 21.12 -33.15 117.65
N MET G 218 22.18 -33.33 116.85
CA MET G 218 23.51 -33.53 117.37
C MET G 218 24.11 -32.25 117.95
N HIS G 219 23.61 -31.09 117.54
CA HIS G 219 24.09 -29.83 118.09
C HIS G 219 23.67 -29.70 119.54
N PRO G 220 24.59 -29.36 120.46
CA PRO G 220 24.36 -29.63 121.89
C PRO G 220 23.39 -28.71 122.58
N VAL G 221 22.89 -27.65 121.93
CA VAL G 221 22.01 -26.70 122.63
C VAL G 221 20.60 -27.21 122.84
N LEU G 222 20.29 -28.43 122.40
CA LEU G 222 19.02 -29.07 122.73
C LEU G 222 19.18 -30.35 123.53
N GLU G 223 20.20 -31.15 123.23
CA GLU G 223 20.31 -32.45 123.86
C GLU G 223 21.14 -32.40 125.15
N SER G 224 22.12 -31.49 125.23
CA SER G 224 22.88 -31.36 126.47
C SER G 224 22.15 -30.54 127.51
N LEU G 225 21.07 -29.86 127.12
CA LEU G 225 20.35 -28.98 128.02
C LEU G 225 19.02 -29.54 128.49
N ARG G 226 18.45 -30.49 127.76
CA ARG G 226 17.21 -31.14 128.16
C ARG G 226 17.33 -32.65 128.07
N ASN G 227 18.44 -33.18 128.57
CA ASN G 227 18.56 -34.61 128.79
C ASN G 227 18.07 -35.00 130.18
N THR G 228 17.44 -34.07 130.89
CA THR G 228 16.86 -34.30 132.21
C THR G 228 15.34 -34.22 132.17
N ASP G 229 14.80 -33.09 131.69
CA ASP G 229 13.37 -32.91 131.58
C ASP G 229 13.02 -32.66 130.11
N ARG G 230 11.78 -33.01 129.76
CA ARG G 230 11.25 -32.95 128.40
C ARG G 230 12.12 -33.77 127.44
N GLN G 231 12.51 -34.96 127.92
CA GLN G 231 13.24 -35.90 127.07
C GLN G 231 12.38 -36.46 125.96
N TRP G 232 11.05 -36.41 126.12
CA TRP G 232 10.12 -36.89 125.09
C TRP G 232 10.25 -36.12 123.78
N LEU G 233 10.60 -34.82 123.85
CA LEU G 233 10.80 -34.05 122.63
C LEU G 233 12.07 -34.52 121.91
N ILE G 234 13.12 -34.81 122.66
CA ILE G 234 14.32 -35.41 122.08
C ILE G 234 14.02 -36.84 121.66
N ASP G 235 13.13 -37.52 122.40
CA ASP G 235 12.75 -38.89 122.05
C ASP G 235 11.92 -38.92 120.77
N THR G 236 11.00 -37.97 120.60
CA THR G 236 10.16 -38.01 119.41
C THR G 236 10.91 -37.54 118.17
N LEU G 237 11.88 -36.63 118.30
CA LEU G 237 12.68 -36.22 117.15
C LEU G 237 13.61 -37.33 116.70
N TYR G 238 14.00 -38.21 117.63
CA TYR G 238 14.67 -39.43 117.23
C TYR G 238 13.74 -40.36 116.46
N ALA G 239 12.45 -40.34 116.80
CA ALA G 239 11.51 -41.26 116.16
C ALA G 239 11.19 -40.82 114.74
N PHE G 240 11.25 -39.51 114.46
CA PHE G 240 11.18 -39.08 113.07
C PHE G 240 12.44 -39.51 112.32
N ASN G 241 13.60 -39.38 112.95
CA ASN G 241 14.84 -39.81 112.31
C ASN G 241 14.97 -41.32 112.26
N SER G 242 14.24 -42.05 113.11
CA SER G 242 14.22 -43.50 113.05
C SER G 242 13.36 -44.05 111.93
N GLY G 243 12.36 -43.29 111.48
CA GLY G 243 11.51 -43.70 110.38
C GLY G 243 10.46 -44.75 110.73
N ASN G 244 10.39 -45.19 111.97
CA ASN G 244 9.29 -46.03 112.38
C ASN G 244 8.06 -45.18 112.69
N VAL G 245 6.88 -45.78 112.52
CA VAL G 245 5.66 -45.14 113.00
C VAL G 245 5.69 -45.05 114.51
N GLU G 246 5.71 -46.21 115.17
CA GLU G 246 5.98 -46.38 116.60
C GLU G 246 4.97 -45.58 117.43
N ARG G 247 3.73 -46.08 117.37
CA ARG G 247 2.54 -45.34 117.80
C ARG G 247 2.56 -44.99 119.29
N PHE G 248 3.39 -45.65 120.09
CA PHE G 248 3.43 -45.38 121.53
C PHE G 248 4.01 -44.01 121.83
N GLN G 249 5.29 -43.80 121.51
CA GLN G 249 5.95 -42.54 121.87
C GLN G 249 5.49 -41.39 121.01
N THR G 250 5.07 -41.66 119.77
CA THR G 250 4.55 -40.56 118.97
C THR G 250 3.12 -40.17 119.34
N LEU G 251 2.50 -40.89 120.28
CA LEU G 251 1.30 -40.43 120.96
C LEU G 251 1.61 -39.90 122.35
N LYS G 252 2.67 -40.40 123.00
CA LYS G 252 3.07 -39.87 124.30
C LYS G 252 3.54 -38.42 124.24
N THR G 253 3.99 -37.97 123.06
CA THR G 253 4.18 -36.53 122.87
C THR G 253 2.84 -35.80 122.85
N ALA G 254 1.78 -36.44 122.35
CA ALA G 254 0.47 -35.81 122.34
C ALA G 254 -0.25 -35.97 123.67
N TRP G 255 0.10 -37.00 124.44
CA TRP G 255 -0.37 -37.07 125.83
C TRP G 255 0.20 -35.90 126.64
N GLY G 256 1.48 -35.61 126.47
CA GLY G 256 2.13 -34.54 127.19
C GLY G 256 1.84 -33.17 126.63
N GLN G 257 2.26 -32.92 125.39
CA GLN G 257 2.06 -31.63 124.76
C GLN G 257 0.63 -31.55 124.22
N GLN G 258 -0.26 -31.00 125.02
CA GLN G 258 -1.65 -30.80 124.60
C GLN G 258 -1.85 -29.55 123.72
N PRO G 259 -1.33 -28.35 124.03
CA PRO G 259 -1.55 -27.24 123.08
C PRO G 259 -0.59 -27.31 121.91
N ASP G 260 -1.10 -26.87 120.75
CA ASP G 260 -0.38 -26.75 119.48
C ASP G 260 0.16 -28.08 118.95
N LEU G 261 -0.34 -29.19 119.44
CA LEU G 261 0.10 -30.47 118.90
C LEU G 261 -1.07 -31.37 118.54
N ALA G 262 -2.14 -31.36 119.33
CA ALA G 262 -3.34 -32.11 119.00
C ALA G 262 -4.10 -31.49 117.84
N ALA G 263 -3.90 -30.20 117.57
CA ALA G 263 -4.51 -29.56 116.42
C ALA G 263 -3.86 -29.96 115.11
N ASN G 264 -2.67 -30.55 115.16
CA ASN G 264 -1.95 -30.97 113.95
C ASN G 264 -1.46 -32.40 114.06
N GLU G 265 -2.17 -33.26 114.80
CA GLU G 265 -1.76 -34.65 114.95
C GLU G 265 -1.93 -35.43 113.65
N ALA G 266 -2.94 -35.08 112.86
CA ALA G 266 -3.12 -35.73 111.56
C ALA G 266 -2.00 -35.37 110.60
N GLN G 267 -1.47 -34.15 110.72
CA GLN G 267 -0.31 -33.77 109.91
C GLN G 267 0.96 -34.43 110.42
N LEU G 268 1.01 -34.77 111.71
CA LEU G 268 2.13 -35.57 112.22
C LEU G 268 2.09 -36.98 111.65
N LEU G 269 0.90 -37.56 111.59
CA LEU G 269 0.73 -38.85 110.93
C LEU G 269 0.95 -38.73 109.44
N ARG G 270 0.67 -37.55 108.87
CA ARG G 270 0.94 -37.33 107.46
C ARG G 270 2.44 -37.26 107.19
N LYS G 271 3.20 -36.68 108.12
CA LYS G 271 4.63 -36.52 107.91
C LYS G 271 5.39 -37.83 108.11
N ILE G 272 5.01 -38.66 109.08
CA ILE G 272 5.74 -39.90 109.31
C ILE G 272 5.51 -40.91 108.19
N GLN G 273 4.36 -40.84 107.53
CA GLN G 273 4.07 -41.80 106.47
C GLN G 273 4.82 -41.45 105.21
N LEU G 274 5.13 -40.18 105.00
CA LEU G 274 6.01 -39.82 103.90
C LEU G 274 7.48 -39.86 104.29
N LEU G 275 7.79 -39.92 105.59
CA LEU G 275 9.17 -39.97 106.04
C LEU G 275 9.67 -41.40 106.23
N CYS G 276 8.78 -42.35 106.49
CA CYS G 276 9.18 -43.74 106.58
C CYS G 276 9.64 -44.28 105.23
N LEU G 277 9.05 -43.77 104.14
CA LEU G 277 9.44 -44.19 102.80
C LEU G 277 10.91 -43.88 102.51
N MET G 278 11.30 -42.62 102.71
CA MET G 278 12.63 -42.14 102.34
C MET G 278 13.73 -42.65 103.26
N GLU G 279 13.40 -43.48 104.26
CA GLU G 279 14.41 -44.20 105.01
C GLU G 279 14.35 -45.70 104.78
N MET G 280 13.17 -46.25 104.45
CA MET G 280 13.12 -47.66 104.08
C MET G 280 13.58 -47.90 102.65
N THR G 281 13.52 -46.87 101.79
CA THR G 281 14.20 -46.96 100.50
C THR G 281 15.68 -46.69 100.65
N PHE G 282 16.11 -46.13 101.78
CA PHE G 282 17.51 -46.03 102.14
C PHE G 282 18.00 -47.29 102.85
N THR G 283 17.08 -48.09 103.38
CA THR G 283 17.44 -49.33 104.06
C THR G 283 18.06 -50.33 103.09
N ARG G 284 17.47 -50.47 101.91
CA ARG G 284 18.13 -51.20 100.84
C ARG G 284 18.64 -50.20 99.81
N PRO G 285 19.95 -49.97 99.73
CA PRO G 285 20.50 -48.95 98.81
C PRO G 285 20.60 -49.42 97.36
N ALA G 286 19.44 -49.45 96.70
CA ALA G 286 19.28 -49.74 95.26
C ALA G 286 19.83 -51.11 94.86
N ASN G 287 19.81 -52.06 95.79
CA ASN G 287 20.20 -53.43 95.46
C ASN G 287 19.07 -54.07 94.66
N HIS G 288 17.91 -54.18 95.28
CA HIS G 288 16.65 -54.46 94.58
C HIS G 288 15.64 -53.44 95.12
N ARG G 289 15.67 -52.25 94.55
CA ARG G 289 14.90 -51.12 95.05
C ARG G 289 13.45 -51.13 94.60
N GLN G 290 13.03 -52.15 93.85
CA GLN G 290 11.63 -52.30 93.47
C GLN G 290 10.87 -52.82 94.69
N LEU G 291 10.32 -51.91 95.47
CA LEU G 291 9.69 -52.28 96.73
C LEU G 291 8.27 -52.78 96.52
N THR G 292 7.91 -53.85 97.23
CA THR G 292 6.55 -54.36 97.17
C THR G 292 5.63 -53.55 98.08
N PHE G 293 4.34 -53.60 97.77
CA PHE G 293 3.37 -52.72 98.41
C PHE G 293 3.11 -53.12 99.86
N GLU G 294 3.23 -54.41 100.19
CA GLU G 294 2.91 -54.88 101.54
C GLU G 294 3.93 -54.41 102.56
N GLU G 295 5.17 -54.19 102.12
CA GLU G 295 6.21 -53.70 103.02
C GLU G 295 5.94 -52.25 103.42
N ILE G 296 5.44 -51.43 102.49
CA ILE G 296 5.04 -50.08 102.83
C ILE G 296 3.78 -50.09 103.69
N ALA G 297 2.80 -50.93 103.32
CA ALA G 297 1.53 -50.98 104.06
C ALA G 297 1.68 -51.53 105.46
N LYS G 298 2.73 -52.28 105.73
CA LYS G 298 2.97 -52.77 107.10
C LYS G 298 3.81 -51.79 107.91
N SER G 299 4.91 -51.30 107.33
CA SER G 299 5.84 -50.47 108.09
C SER G 299 5.29 -49.08 108.32
N ALA G 300 4.53 -48.54 107.36
CA ALA G 300 3.82 -47.29 107.60
C ALA G 300 2.50 -47.50 108.32
N LYS G 301 2.11 -48.77 108.52
CA LYS G 301 0.81 -49.24 109.04
C LYS G 301 -0.38 -48.46 108.45
N ILE G 302 -0.31 -48.24 107.15
CA ILE G 302 -1.38 -47.62 106.40
C ILE G 302 -2.11 -48.76 105.67
N THR G 303 -3.36 -48.50 105.29
CA THR G 303 -4.12 -49.50 104.55
C THR G 303 -3.57 -49.67 103.13
N VAL G 304 -4.02 -50.74 102.48
CA VAL G 304 -3.46 -51.13 101.19
C VAL G 304 -3.87 -50.18 100.09
N ASN G 305 -5.11 -49.67 100.14
CA ASN G 305 -5.63 -48.82 99.07
C ASN G 305 -5.04 -47.42 99.08
N GLU G 306 -4.36 -47.01 100.14
CA GLU G 306 -3.84 -45.66 100.26
C GLU G 306 -2.34 -45.58 100.13
N VAL G 307 -1.67 -46.65 99.69
CA VAL G 307 -0.24 -46.56 99.48
C VAL G 307 0.05 -45.80 98.20
N GLU G 308 -0.91 -45.74 97.27
CA GLU G 308 -0.69 -45.05 96.01
C GLU G 308 -0.81 -43.54 96.19
N LEU G 309 -1.82 -43.10 96.96
CA LEU G 309 -1.96 -41.68 97.25
C LEU G 309 -0.85 -41.18 98.16
N LEU G 310 -0.24 -42.10 98.92
CA LEU G 310 0.86 -41.75 99.79
C LEU G 310 2.14 -41.50 98.98
N VAL G 311 2.38 -42.32 97.95
CA VAL G 311 3.61 -42.16 97.19
C VAL G 311 3.47 -41.10 96.11
N MET G 312 2.25 -40.80 95.66
CA MET G 312 2.07 -39.68 94.74
C MET G 312 2.28 -38.35 95.43
N LYS G 313 2.03 -38.30 96.75
CA LYS G 313 2.33 -37.11 97.50
C LYS G 313 3.84 -36.91 97.65
N ALA G 314 4.58 -37.99 97.88
CA ALA G 314 6.03 -37.89 98.03
C ALA G 314 6.69 -37.57 96.70
N LEU G 315 6.09 -37.97 95.58
CA LEU G 315 6.55 -37.53 94.28
C LEU G 315 6.15 -36.09 94.00
N SER G 316 5.01 -35.65 94.54
CA SER G 316 4.58 -34.27 94.34
C SER G 316 5.45 -33.29 95.10
N VAL G 317 5.92 -33.68 96.29
CA VAL G 317 6.82 -32.83 97.05
C VAL G 317 8.18 -32.76 96.36
N GLY G 318 8.74 -33.93 96.05
CA GLY G 318 9.96 -33.95 95.26
C GLY G 318 11.16 -34.50 96.00
N LEU G 319 10.92 -35.33 97.02
CA LEU G 319 12.00 -36.01 97.72
C LEU G 319 12.30 -37.38 97.14
N VAL G 320 11.64 -37.74 96.03
CA VAL G 320 11.85 -39.02 95.36
C VAL G 320 11.37 -38.83 93.93
N LYS G 321 11.94 -39.59 93.00
CA LYS G 321 11.56 -39.50 91.59
C LYS G 321 11.36 -40.90 90.99
N GLY G 322 10.63 -41.75 91.69
CA GLY G 322 10.35 -43.11 91.22
C GLY G 322 9.17 -43.19 90.28
N SER G 323 8.55 -44.37 90.25
CA SER G 323 7.37 -44.62 89.42
C SER G 323 6.56 -45.73 90.06
N ILE G 324 5.33 -45.91 89.57
CA ILE G 324 4.38 -46.85 90.18
C ILE G 324 3.90 -47.83 89.12
N ASP G 325 4.05 -49.12 89.39
CA ASP G 325 3.33 -50.17 88.69
C ASP G 325 2.12 -50.56 89.53
N GLU G 326 1.05 -50.98 88.85
CA GLU G 326 -0.15 -51.43 89.55
C GLU G 326 -0.64 -52.81 89.17
N VAL G 327 -0.22 -53.38 88.04
CA VAL G 327 -0.58 -54.75 87.75
C VAL G 327 0.19 -55.70 88.66
N ASP G 328 1.41 -55.34 89.02
CA ASP G 328 2.18 -56.07 90.02
C ASP G 328 2.19 -55.37 91.37
N LYS G 329 1.80 -54.09 91.40
CA LYS G 329 1.75 -53.25 92.60
C LYS G 329 3.11 -53.11 93.27
N ARG G 330 4.19 -53.25 92.49
CA ARG G 330 5.53 -52.97 92.97
C ARG G 330 5.91 -51.55 92.60
N VAL G 331 6.60 -50.87 93.51
CA VAL G 331 6.91 -49.45 93.36
C VAL G 331 8.39 -49.33 93.06
N HIS G 332 8.72 -48.86 91.86
CA HIS G 332 10.09 -48.66 91.42
C HIS G 332 10.61 -47.33 91.94
N MET G 333 11.92 -47.30 92.24
CA MET G 333 12.53 -46.22 92.99
C MET G 333 13.76 -45.66 92.29
N THR G 334 13.73 -44.35 92.03
CA THR G 334 14.93 -43.57 91.79
C THR G 334 14.89 -42.38 92.73
N TRP G 335 15.96 -42.18 93.50
CA TRP G 335 15.93 -41.34 94.68
C TRP G 335 17.13 -40.39 94.67
N VAL G 336 16.86 -39.09 94.75
CA VAL G 336 17.92 -38.09 94.67
C VAL G 336 18.00 -37.19 95.89
N GLN G 337 17.21 -37.43 96.93
CA GLN G 337 17.18 -36.49 98.06
C GLN G 337 18.22 -36.89 99.11
N PRO G 338 19.18 -36.03 99.42
CA PRO G 338 20.20 -36.40 100.41
C PRO G 338 19.87 -35.91 101.82
N ARG G 339 20.48 -36.53 102.84
CA ARG G 339 20.43 -36.07 104.22
C ARG G 339 21.60 -36.70 104.97
N VAL G 340 21.63 -36.53 106.29
CA VAL G 340 22.70 -36.99 107.19
C VAL G 340 22.76 -38.53 107.20
N LEU G 341 23.95 -39.10 107.45
CA LEU G 341 24.04 -40.55 107.40
C LEU G 341 24.86 -41.21 108.52
N ASP G 342 24.98 -40.62 109.72
CA ASP G 342 25.14 -41.31 111.02
C ASP G 342 26.21 -42.40 111.10
N LEU G 343 27.44 -41.98 111.46
CA LEU G 343 28.77 -42.58 111.19
C LEU G 343 28.80 -44.07 110.85
N GLN G 344 27.94 -44.88 111.49
CA GLN G 344 27.87 -46.32 111.22
C GLN G 344 27.65 -46.65 109.74
N GLN G 345 26.97 -45.77 109.00
CA GLN G 345 26.73 -46.04 107.58
C GLN G 345 27.92 -45.67 106.72
N ILE G 346 28.90 -44.96 107.27
CA ILE G 346 30.20 -44.82 106.62
C ILE G 346 30.96 -46.13 106.63
N LYS G 347 30.80 -46.94 107.67
CA LYS G 347 31.49 -48.23 107.79
C LYS G 347 31.05 -49.19 106.69
N GLY G 348 29.73 -49.25 106.43
CA GLY G 348 29.25 -50.02 105.30
C GLY G 348 29.62 -49.39 103.97
N MET G 349 29.75 -48.06 103.95
CA MET G 349 30.19 -47.38 102.74
C MET G 349 31.67 -47.63 102.46
N LYS G 350 32.47 -47.89 103.52
CA LYS G 350 33.87 -48.24 103.33
C LYS G 350 34.02 -49.60 102.67
N ASP G 351 33.20 -50.58 103.07
CA ASP G 351 33.31 -51.93 102.56
C ASP G 351 32.87 -51.99 101.09
N ARG G 352 31.87 -51.19 100.74
CA ARG G 352 31.45 -51.11 99.35
C ARG G 352 32.49 -50.38 98.52
N LEU G 353 33.21 -49.44 99.12
CA LEU G 353 34.27 -48.73 98.39
C LEU G 353 35.51 -49.60 98.24
N GLU G 354 35.70 -50.56 99.15
CA GLU G 354 36.86 -51.43 99.07
C GLU G 354 36.64 -52.53 98.03
N PHE G 355 35.41 -53.01 97.88
CA PHE G 355 35.09 -53.91 96.79
C PHE G 355 35.21 -53.18 95.46
N TRP G 356 34.80 -51.91 95.44
CA TRP G 356 34.95 -50.97 94.34
C TRP G 356 36.43 -50.73 94.02
N CYS G 357 37.30 -50.89 95.02
CA CYS G 357 38.73 -50.66 94.82
C CYS G 357 39.37 -51.78 94.04
N THR G 358 39.23 -53.02 94.51
CA THR G 358 39.97 -54.13 93.93
C THR G 358 39.39 -54.57 92.59
N ASP G 359 38.16 -54.16 92.27
CA ASP G 359 37.63 -54.41 90.93
C ASP G 359 38.28 -53.49 89.91
N VAL G 360 38.44 -52.21 90.27
CA VAL G 360 39.08 -51.24 89.38
C VAL G 360 40.57 -51.54 89.26
N LYS G 361 41.20 -51.91 90.38
CA LYS G 361 42.66 -52.04 90.41
C LYS G 361 43.13 -53.29 89.66
N SER G 362 42.54 -54.45 89.96
CA SER G 362 43.03 -55.70 89.41
C SER G 362 42.70 -55.83 87.93
N MET G 363 41.52 -55.36 87.52
CA MET G 363 41.10 -55.52 86.14
C MET G 363 41.70 -54.46 85.23
N GLU G 364 42.34 -53.44 85.81
CA GLU G 364 43.23 -52.58 85.04
C GLU G 364 44.57 -53.26 84.80
N MET G 365 45.02 -54.05 85.78
CA MET G 365 46.26 -54.83 85.60
C MET G 365 46.06 -55.91 84.55
N LEU G 366 44.83 -56.37 84.36
CA LEU G 366 44.54 -57.30 83.27
C LEU G 366 44.68 -56.63 81.91
N VAL G 367 44.18 -55.40 81.78
CA VAL G 367 44.19 -54.70 80.50
C VAL G 367 45.59 -54.27 80.14
N GLU G 368 46.35 -53.76 81.12
CA GLU G 368 47.71 -53.28 80.86
C GLU G 368 48.64 -54.42 80.49
N HIS G 369 48.54 -55.56 81.18
CA HIS G 369 49.40 -56.68 80.88
C HIS G 369 49.01 -57.35 79.57
N GLN G 370 47.76 -57.22 79.14
CA GLN G 370 47.35 -57.80 77.87
C GLN G 370 47.77 -56.93 76.70
N ALA G 371 47.58 -55.61 76.81
CA ALA G 371 47.87 -54.68 75.72
C ALA G 371 49.14 -53.87 75.99
N HIS G 372 50.16 -54.53 76.55
CA HIS G 372 51.39 -53.82 76.91
C HIS G 372 52.21 -53.44 75.68
N ASP G 373 52.23 -54.28 74.65
CA ASP G 373 53.17 -54.08 73.57
C ASP G 373 52.68 -53.10 72.51
N ILE G 374 51.39 -52.77 72.51
CA ILE G 374 50.86 -51.69 71.67
C ILE G 374 50.65 -50.42 72.46
N LEU G 375 51.05 -50.39 73.72
CA LEU G 375 50.82 -49.21 74.55
C LEU G 375 51.80 -48.10 74.22
N THR G 376 53.10 -48.37 74.42
CA THR G 376 54.22 -47.43 74.33
C THR G 376 54.02 -46.21 75.23
N MET H 1 73.34 13.55 109.66
CA MET H 1 74.46 13.09 108.85
C MET H 1 74.72 11.59 109.07
N VAL H 2 74.42 11.13 110.28
CA VAL H 2 74.53 9.71 110.59
C VAL H 2 73.41 8.95 109.87
N LEU H 3 73.68 7.70 109.51
CA LEU H 3 72.82 6.91 108.64
C LEU H 3 72.01 5.93 109.49
N GLU H 4 70.69 6.09 109.51
CA GLU H 4 69.82 5.17 110.21
C GLU H 4 68.51 5.04 109.45
N SER H 5 67.62 4.21 109.99
CA SER H 5 66.27 4.05 109.43
C SER H 5 65.32 4.03 110.60
N THR H 6 64.57 5.11 110.78
CA THR H 6 63.69 5.28 111.93
C THR H 6 62.30 4.73 111.60
N MET H 7 61.77 3.92 112.51
CA MET H 7 60.48 3.25 112.32
C MET H 7 59.56 3.70 113.44
N VAL H 8 58.61 4.58 113.12
CA VAL H 8 57.67 5.07 114.11
C VAL H 8 56.54 4.06 114.28
N CYS H 9 56.06 3.90 115.52
CA CYS H 9 55.06 2.88 115.87
C CYS H 9 53.96 3.56 116.68
N VAL H 10 52.89 3.94 115.98
CA VAL H 10 51.78 4.67 116.61
C VAL H 10 50.75 3.69 117.17
N ASP H 11 49.87 4.20 118.03
CA ASP H 11 48.73 3.45 118.52
C ASP H 11 47.45 4.06 117.97
N ASN H 12 46.57 3.22 117.46
CA ASN H 12 45.22 3.64 117.07
C ASN H 12 44.18 2.78 117.77
N SER H 13 44.38 2.54 119.06
CA SER H 13 43.38 1.85 119.87
C SER H 13 42.27 2.83 120.26
N GLU H 14 41.29 2.33 121.02
CA GLU H 14 40.22 3.20 121.46
C GLU H 14 40.67 4.15 122.56
N TYR H 15 41.70 3.79 123.33
CA TYR H 15 42.12 4.54 124.51
C TYR H 15 42.74 5.89 124.20
N MET H 16 42.95 6.22 122.93
CA MET H 16 43.38 7.55 122.51
C MET H 16 42.21 8.45 122.17
N ARG H 17 40.98 8.01 122.41
CA ARG H 17 39.76 8.79 122.16
C ARG H 17 39.27 9.48 123.43
N ASN H 18 40.18 10.02 124.23
CA ASN H 18 39.82 10.77 125.42
C ASN H 18 40.65 12.06 125.49
N GLY H 19 40.21 12.97 126.35
CA GLY H 19 40.73 14.32 126.31
C GLY H 19 41.43 14.88 127.54
N ASP H 20 42.29 14.11 128.19
CA ASP H 20 43.15 14.72 129.20
C ASP H 20 44.31 15.48 128.56
N PHE H 21 44.97 14.89 127.57
CA PHE H 21 45.72 15.66 126.60
C PHE H 21 44.69 16.43 125.78
N LEU H 22 44.79 17.76 125.83
CA LEU H 22 43.59 18.61 125.83
C LEU H 22 42.73 18.53 124.56
N PRO H 23 43.26 18.70 123.30
CA PRO H 23 42.32 18.61 122.17
C PRO H 23 41.84 17.19 121.87
N THR H 24 42.78 16.26 121.67
CA THR H 24 42.61 14.88 121.24
C THR H 24 44.00 14.23 121.35
N ARG H 25 44.07 12.99 121.83
CA ARG H 25 45.38 12.35 121.94
C ARG H 25 45.93 11.90 120.59
N LEU H 26 45.05 11.65 119.62
CA LEU H 26 45.49 11.52 118.23
C LEU H 26 46.18 12.78 117.76
N GLN H 27 45.56 13.92 118.04
CA GLN H 27 46.15 15.22 117.76
C GLN H 27 47.43 15.46 118.56
N ALA H 28 47.55 14.81 119.72
CA ALA H 28 48.80 14.85 120.46
C ALA H 28 49.86 13.98 119.79
N GLN H 29 49.52 12.72 119.49
CA GLN H 29 50.52 11.81 118.94
C GLN H 29 50.86 12.11 117.49
N GLN H 30 49.97 12.77 116.75
CA GLN H 30 50.29 13.12 115.36
C GLN H 30 51.33 14.22 115.32
N ASP H 31 51.22 15.21 116.22
CA ASP H 31 52.24 16.23 116.36
C ASP H 31 53.56 15.65 116.83
N ALA H 32 53.52 14.55 117.58
CA ALA H 32 54.73 13.83 117.93
C ALA H 32 55.33 13.16 116.69
N VAL H 33 54.49 12.64 115.80
CA VAL H 33 54.97 12.13 114.52
C VAL H 33 55.47 13.29 113.66
N ASN H 34 54.82 14.46 113.77
CA ASN H 34 55.24 15.64 113.01
C ASN H 34 56.65 16.09 113.39
N ILE H 35 56.99 15.99 114.67
CA ILE H 35 58.29 16.54 115.08
C ILE H 35 59.41 15.51 114.89
N VAL H 36 59.11 14.22 114.96
CA VAL H 36 60.18 13.23 114.77
C VAL H 36 60.53 13.06 113.29
N CYS H 37 59.56 13.26 112.39
CA CYS H 37 59.86 13.11 110.98
C CYS H 37 60.63 14.32 110.47
N HIS H 38 60.30 15.50 111.00
CA HIS H 38 61.05 16.71 110.65
C HIS H 38 62.39 16.75 111.36
N SER H 39 62.55 15.99 112.45
CA SER H 39 63.88 15.91 113.07
C SER H 39 64.79 15.00 112.26
N LYS H 40 64.31 13.82 111.88
CA LYS H 40 65.14 12.87 111.16
C LYS H 40 65.41 13.30 109.72
N THR H 41 64.58 14.17 109.16
CA THR H 41 64.82 14.65 107.80
C THR H 41 65.80 15.83 107.79
N ARG H 42 65.69 16.73 108.76
CA ARG H 42 66.50 17.94 108.74
C ARG H 42 67.88 17.70 109.35
N SER H 43 67.99 16.72 110.25
CA SER H 43 69.32 16.34 110.74
C SER H 43 70.09 15.54 109.71
N ASN H 44 69.39 14.75 108.90
CA ASN H 44 70.00 14.00 107.82
C ASN H 44 69.02 13.91 106.66
N PRO H 45 69.34 14.49 105.50
CA PRO H 45 68.41 14.43 104.37
C PRO H 45 68.49 13.14 103.57
N GLU H 46 69.11 12.10 104.13
CA GLU H 46 69.33 10.85 103.43
C GLU H 46 68.60 9.66 104.02
N ASN H 47 68.00 9.79 105.20
CA ASN H 47 67.38 8.65 105.86
C ASN H 47 65.97 8.43 105.33
N ASN H 48 65.22 7.54 105.97
CA ASN H 48 63.88 7.19 105.54
C ASN H 48 63.06 6.72 106.73
N VAL H 49 61.76 7.02 106.70
CA VAL H 49 60.85 6.81 107.82
C VAL H 49 59.61 6.09 107.32
N GLY H 50 59.22 5.01 108.01
CA GLY H 50 57.96 4.36 107.76
C GLY H 50 57.19 4.20 109.06
N LEU H 51 55.88 4.00 108.93
CA LEU H 51 55.02 3.86 110.09
C LEU H 51 54.45 2.45 110.17
N ILE H 52 54.16 2.03 111.40
CA ILE H 52 53.56 0.74 111.71
C ILE H 52 52.53 0.96 112.80
N THR H 53 51.37 0.33 112.67
CA THR H 53 50.39 0.40 113.75
C THR H 53 50.44 -0.88 114.57
N LEU H 54 49.87 -0.82 115.77
CA LEU H 54 49.90 -1.94 116.70
C LEU H 54 48.55 -2.42 117.18
N ALA H 55 47.53 -1.57 117.22
CA ALA H 55 46.22 -1.95 117.75
C ALA H 55 45.45 -2.75 116.71
N ASN H 56 45.05 -3.97 117.10
CA ASN H 56 44.13 -4.89 116.41
C ASN H 56 44.75 -5.50 115.15
N ASP H 57 45.92 -5.02 114.72
CA ASP H 57 46.53 -5.37 113.45
C ASP H 57 47.91 -4.72 113.46
N CYS H 58 48.75 -5.17 112.54
CA CYS H 58 50.07 -4.57 112.31
C CYS H 58 50.16 -4.22 110.83
N GLU H 59 49.87 -2.97 110.50
CA GLU H 59 49.78 -2.51 109.12
C GLU H 59 50.96 -1.61 108.79
N VAL H 60 51.47 -1.76 107.57
CA VAL H 60 52.74 -1.18 107.14
C VAL H 60 52.35 -0.12 106.12
N LEU H 61 51.26 0.59 106.45
CA LEU H 61 50.57 1.63 105.67
C LEU H 61 51.49 2.58 104.91
N THR H 62 52.64 2.91 105.48
CA THR H 62 53.75 3.47 104.72
C THR H 62 54.94 2.53 104.84
N THR H 63 55.53 2.16 103.71
CA THR H 63 56.81 1.47 103.75
C THR H 63 57.89 2.50 104.04
N LEU H 64 59.10 2.02 104.36
CA LEU H 64 60.19 2.87 104.79
C LEU H 64 60.69 3.73 103.64
N THR H 65 60.12 4.94 103.51
CA THR H 65 60.30 5.89 102.42
C THR H 65 60.98 7.17 102.92
N PRO H 66 61.81 7.81 102.09
CA PRO H 66 62.45 9.06 102.53
C PRO H 66 61.54 10.26 102.54
N ASP H 67 60.51 10.32 101.70
CA ASP H 67 59.58 11.44 101.72
C ASP H 67 58.63 11.29 102.89
N THR H 68 58.37 12.39 103.58
CA THR H 68 57.52 12.39 104.75
C THR H 68 56.06 12.70 104.44
N GLY H 69 55.77 13.26 103.26
CA GLY H 69 54.41 13.67 102.97
C GLY H 69 53.46 12.51 102.74
N ARG H 70 53.99 11.33 102.41
CA ARG H 70 53.15 10.14 102.31
C ARG H 70 52.65 9.72 103.68
N ILE H 71 53.52 9.78 104.68
CA ILE H 71 53.16 9.47 106.07
C ILE H 71 52.06 10.40 106.55
N LEU H 72 52.19 11.69 106.24
CA LEU H 72 51.25 12.69 106.75
C LEU H 72 49.89 12.57 106.06
N SER H 73 49.87 12.05 104.83
CA SER H 73 48.60 11.71 104.21
C SER H 73 47.95 10.51 104.85
N LYS H 74 48.75 9.57 105.36
CA LYS H 74 48.22 8.36 105.96
C LYS H 74 47.88 8.50 107.43
N LEU H 75 48.32 9.59 108.08
CA LEU H 75 47.92 9.82 109.47
C LEU H 75 46.46 10.23 109.56
N HIS H 76 45.92 10.80 108.48
CA HIS H 76 44.48 11.01 108.40
C HIS H 76 43.78 9.67 108.27
N THR H 77 42.48 9.67 108.62
CA THR H 77 41.60 8.50 108.83
C THR H 77 42.33 7.31 109.47
N VAL H 78 42.97 7.59 110.59
CA VAL H 78 43.73 6.57 111.30
C VAL H 78 42.78 5.65 112.09
N GLN H 79 41.54 6.12 112.36
CA GLN H 79 40.41 5.40 112.94
C GLN H 79 40.76 4.73 114.27
N PRO H 80 40.81 5.49 115.35
CA PRO H 80 41.19 4.92 116.66
C PRO H 80 40.15 4.00 117.28
N LYS H 81 40.02 2.78 116.76
CA LYS H 81 39.02 1.87 117.30
C LYS H 81 39.59 0.50 117.66
N GLY H 82 40.90 0.34 117.68
CA GLY H 82 41.51 -0.97 117.86
C GLY H 82 41.66 -1.36 119.33
N LYS H 83 42.23 -2.56 119.50
CA LYS H 83 42.64 -3.06 120.81
C LYS H 83 44.11 -3.41 120.73
N ILE H 84 44.86 -3.05 121.77
CA ILE H 84 46.32 -3.04 121.73
C ILE H 84 46.87 -4.47 121.62
N THR H 85 47.84 -4.64 120.72
CA THR H 85 48.57 -5.89 120.55
C THR H 85 50.04 -5.54 120.47
N PHE H 86 50.86 -6.16 121.32
CA PHE H 86 52.22 -5.70 121.57
C PHE H 86 53.31 -6.69 121.16
N CYS H 87 53.08 -7.99 121.32
CA CYS H 87 54.16 -8.96 121.16
C CYS H 87 54.57 -9.12 119.70
N THR H 88 53.62 -9.00 118.78
CA THR H 88 53.93 -9.09 117.36
C THR H 88 54.31 -7.74 116.74
N GLY H 89 54.02 -6.63 117.44
CA GLY H 89 54.25 -5.32 116.87
C GLY H 89 55.71 -4.94 116.73
N ILE H 90 56.59 -5.53 117.54
CA ILE H 90 58.02 -5.27 117.44
C ILE H 90 58.71 -6.26 116.51
N ARG H 91 58.26 -7.52 116.52
CA ARG H 91 58.77 -8.50 115.57
C ARG H 91 58.37 -8.15 114.14
N VAL H 92 57.21 -7.51 113.97
CA VAL H 92 56.86 -7.00 112.64
C VAL H 92 57.56 -5.66 112.41
N ALA H 93 58.06 -5.02 113.46
CA ALA H 93 58.83 -3.81 113.26
C ALA H 93 60.27 -4.16 112.89
N HIS H 94 60.78 -5.28 113.41
CA HIS H 94 62.17 -5.63 113.16
C HIS H 94 62.38 -6.27 111.79
N LEU H 95 61.40 -7.03 111.30
CA LEU H 95 61.56 -7.67 110.00
C LEU H 95 61.47 -6.62 108.89
N ALA H 96 60.76 -5.53 109.14
CA ALA H 96 60.86 -4.34 108.30
C ALA H 96 62.28 -3.80 108.29
N LEU H 97 62.92 -3.73 109.45
CA LEU H 97 64.29 -3.26 109.56
C LEU H 97 65.30 -4.26 109.01
N LYS H 98 64.88 -5.50 108.73
CA LYS H 98 65.72 -6.36 107.92
C LYS H 98 65.41 -6.25 106.43
N HIS H 99 64.41 -5.44 106.06
CA HIS H 99 64.18 -5.09 104.66
C HIS H 99 64.81 -3.76 104.25
N ARG H 100 65.92 -3.38 104.86
CA ARG H 100 66.58 -2.11 104.53
C ARG H 100 67.18 -2.20 103.14
N GLN H 101 66.68 -1.37 102.22
CA GLN H 101 67.22 -1.33 100.87
C GLN H 101 68.62 -0.75 100.82
N GLY H 102 68.99 0.08 101.79
CA GLY H 102 70.37 0.47 101.99
C GLY H 102 70.88 -0.14 103.28
N LYS H 103 71.76 -1.13 103.17
CA LYS H 103 72.19 -1.91 104.31
C LYS H 103 73.34 -1.29 105.08
N ASN H 104 73.58 0.01 104.89
CA ASN H 104 74.54 0.74 105.72
C ASN H 104 73.88 1.60 106.77
N HIS H 105 72.57 1.80 106.68
CA HIS H 105 71.84 2.54 107.70
C HIS H 105 71.71 1.72 108.97
N LYS H 106 71.70 2.41 110.10
CA LYS H 106 71.44 1.78 111.38
C LYS H 106 69.95 1.50 111.54
N MET H 107 69.59 0.88 112.67
CA MET H 107 68.26 0.35 112.88
C MET H 107 67.68 0.95 114.15
N ARG H 108 66.58 1.71 113.99
CA ARG H 108 66.00 2.46 115.09
C ARG H 108 64.48 2.42 115.01
N ILE H 109 63.84 2.18 116.16
CA ILE H 109 62.39 2.13 116.28
C ILE H 109 61.97 3.10 117.38
N ILE H 110 60.94 3.91 117.13
CA ILE H 110 60.27 4.64 118.19
C ILE H 110 58.82 4.19 118.24
N ALA H 111 58.27 4.16 119.45
CA ALA H 111 56.94 3.61 119.69
C ALA H 111 56.18 4.49 120.65
N PHE H 112 54.87 4.59 120.43
CA PHE H 112 54.00 5.44 121.23
C PHE H 112 53.04 4.56 122.02
N VAL H 113 53.12 4.63 123.34
CA VAL H 113 52.32 3.80 124.23
C VAL H 113 51.27 4.69 124.87
N GLY H 114 50.02 4.56 124.40
CA GLY H 114 48.93 5.32 124.97
C GLY H 114 47.86 4.42 125.55
N SER H 115 48.18 3.14 125.66
CA SER H 115 47.29 2.13 126.21
C SER H 115 48.08 1.22 127.14
N PRO H 116 47.44 0.62 128.13
CA PRO H 116 48.13 -0.36 128.96
C PRO H 116 48.47 -1.62 128.18
N VAL H 117 49.64 -2.18 128.49
CA VAL H 117 50.14 -3.37 127.82
C VAL H 117 49.69 -4.60 128.61
N GLU H 118 49.34 -5.67 127.89
CA GLU H 118 48.91 -6.92 128.49
C GLU H 118 49.73 -8.03 127.84
N ASP H 119 50.91 -8.31 128.39
CA ASP H 119 51.80 -9.31 127.83
C ASP H 119 52.68 -9.86 128.93
N ASN H 120 53.16 -11.07 128.73
CA ASN H 120 54.09 -11.70 129.66
C ASN H 120 55.42 -10.96 129.66
N GLU H 121 56.02 -10.85 130.85
CA GLU H 121 57.35 -10.26 130.95
C GLU H 121 58.43 -11.20 130.42
N LYS H 122 58.14 -12.50 130.35
CA LYS H 122 59.10 -13.44 129.79
C LYS H 122 59.18 -13.34 128.28
N ASP H 123 58.06 -12.98 127.64
CA ASP H 123 58.05 -12.85 126.18
C ASP H 123 58.88 -11.66 125.72
N LEU H 124 58.75 -10.53 126.43
CA LEU H 124 59.48 -9.33 126.05
C LEU H 124 60.96 -9.41 126.39
N VAL H 125 61.34 -10.17 127.43
CA VAL H 125 62.75 -10.29 127.74
C VAL H 125 63.40 -11.30 126.80
N LYS H 126 62.62 -12.23 126.23
CA LYS H 126 63.13 -12.99 125.08
C LYS H 126 63.25 -12.10 123.86
N LEU H 127 62.33 -11.14 123.69
CA LEU H 127 62.47 -10.16 122.60
C LEU H 127 63.57 -9.16 122.90
N ALA H 128 63.85 -8.91 124.19
CA ALA H 128 64.93 -8.00 124.54
C ALA H 128 66.29 -8.60 124.22
N LYS H 129 66.50 -9.87 124.59
CA LYS H 129 67.74 -10.53 124.25
C LYS H 129 67.81 -10.88 122.77
N ARG H 130 66.65 -10.91 122.09
CA ARG H 130 66.64 -11.03 120.64
C ARG H 130 67.21 -9.77 120.00
N LEU H 131 66.75 -8.59 120.44
CA LEU H 131 67.24 -7.33 119.91
C LEU H 131 68.68 -7.04 120.34
N LYS H 132 69.14 -7.63 121.43
CA LYS H 132 70.56 -7.56 121.77
C LYS H 132 71.40 -8.29 120.73
N LYS H 133 70.93 -9.47 120.31
CA LYS H 133 71.60 -10.20 119.23
C LYS H 133 71.36 -9.56 117.87
N GLU H 134 70.36 -8.68 117.76
CA GLU H 134 69.98 -8.08 116.49
C GLU H 134 70.35 -6.61 116.38
N LYS H 135 70.83 -5.99 117.46
CA LYS H 135 71.50 -4.68 117.47
C LYS H 135 70.57 -3.57 116.97
N VAL H 136 69.51 -3.35 117.74
CA VAL H 136 68.48 -2.36 117.42
C VAL H 136 68.21 -1.52 118.66
N ASN H 137 68.26 -0.19 118.50
CA ASN H 137 67.91 0.74 119.56
C ASN H 137 66.44 1.13 119.40
N VAL H 138 65.61 0.71 120.34
CA VAL H 138 64.20 1.06 120.35
C VAL H 138 63.96 2.09 121.45
N ASP H 139 63.38 3.23 121.07
CA ASP H 139 63.12 4.34 121.98
C ASP H 139 61.63 4.32 122.31
N ILE H 140 61.30 3.87 123.51
CA ILE H 140 59.91 3.74 123.95
C ILE H 140 59.45 5.09 124.49
N ILE H 141 58.37 5.62 123.93
CA ILE H 141 57.81 6.91 124.33
C ILE H 141 56.40 6.66 124.86
N ASN H 142 56.16 7.03 126.11
CA ASN H 142 54.88 6.81 126.75
C ASN H 142 53.97 8.02 126.58
N PHE H 143 52.72 7.75 126.18
CA PHE H 143 51.65 8.74 126.04
C PHE H 143 50.46 8.32 126.88
N GLY H 144 49.32 9.00 126.68
CA GLY H 144 48.00 8.56 127.09
C GLY H 144 47.82 8.31 128.58
N GLU H 145 46.75 7.57 128.90
CA GLU H 145 46.65 7.03 130.24
C GLU H 145 47.60 5.85 130.34
N GLU H 146 48.20 5.69 131.51
CA GLU H 146 49.40 4.88 131.60
C GLU H 146 49.48 4.21 132.95
N GLU H 147 49.64 2.89 132.95
CA GLU H 147 50.19 2.21 134.12
C GLU H 147 51.64 2.67 134.19
N VAL H 148 51.89 3.68 135.02
CA VAL H 148 53.09 4.51 134.86
C VAL H 148 54.32 3.77 135.40
N ASN H 149 55.31 3.59 134.51
CA ASN H 149 56.59 2.94 134.79
C ASN H 149 56.40 1.52 135.30
N THR H 150 55.86 0.69 134.41
CA THR H 150 55.80 -0.75 134.67
C THR H 150 57.22 -1.31 134.76
N GLU H 151 57.36 -2.40 135.52
CA GLU H 151 58.63 -3.11 135.55
C GLU H 151 58.91 -3.77 134.20
N LYS H 152 57.87 -4.13 133.45
CA LYS H 152 58.07 -4.79 132.17
C LYS H 152 58.67 -3.84 131.13
N LEU H 153 58.17 -2.60 131.05
CA LEU H 153 58.75 -1.64 130.13
C LEU H 153 60.11 -1.16 130.60
N THR H 154 60.30 -1.01 131.90
CA THR H 154 61.54 -0.46 132.42
C THR H 154 62.70 -1.45 132.29
N ALA H 155 62.44 -2.73 132.59
CA ALA H 155 63.44 -3.75 132.39
C ALA H 155 63.70 -4.02 130.91
N PHE H 156 62.68 -3.86 130.05
CA PHE H 156 62.89 -4.00 128.62
C PHE H 156 63.78 -2.89 128.10
N VAL H 157 63.71 -1.69 128.68
CA VAL H 157 64.67 -0.64 128.39
C VAL H 157 66.06 -1.04 128.85
N ASN H 158 66.14 -1.62 130.05
CA ASN H 158 67.43 -2.04 130.59
C ASN H 158 68.00 -3.23 129.83
N THR H 159 67.16 -4.23 129.55
CA THR H 159 67.60 -5.40 128.80
C THR H 159 67.56 -5.21 127.30
N LEU H 160 67.24 -4.00 126.81
CA LEU H 160 67.53 -3.67 125.42
C LEU H 160 69.03 -3.51 125.23
N ASN H 161 69.68 -2.83 126.17
CA ASN H 161 71.09 -2.49 126.09
C ASN H 161 71.64 -2.41 127.52
N GLY H 162 72.11 -3.55 128.02
CA GLY H 162 72.76 -3.61 129.30
C GLY H 162 74.26 -3.80 129.14
N LYS H 163 74.95 -3.71 130.27
CA LYS H 163 76.42 -3.72 130.37
C LYS H 163 77.03 -2.64 129.48
N ASP H 164 76.75 -1.38 129.86
CA ASP H 164 77.18 -0.16 129.16
C ASP H 164 76.66 -0.13 127.72
N GLY H 165 75.33 -0.07 127.63
CA GLY H 165 74.64 0.03 126.36
C GLY H 165 74.52 1.45 125.86
N THR H 166 73.57 1.67 124.96
CA THR H 166 73.37 2.99 124.37
C THR H 166 72.69 3.92 125.36
N GLY H 167 71.62 3.45 126.00
CA GLY H 167 70.77 4.30 126.81
C GLY H 167 69.54 4.75 126.05
N SER H 168 68.86 3.79 125.40
CA SER H 168 67.62 4.07 124.69
C SER H 168 66.56 4.46 125.70
N HIS H 169 66.20 5.74 125.72
CA HIS H 169 65.51 6.33 126.87
C HIS H 169 64.04 5.91 126.93
N LEU H 170 63.59 5.58 128.14
CA LEU H 170 62.17 5.38 128.42
C LEU H 170 61.55 6.74 128.66
N VAL H 171 60.88 7.27 127.63
CA VAL H 171 60.29 8.60 127.72
C VAL H 171 59.00 8.50 128.52
N THR H 172 58.92 9.27 129.61
CA THR H 172 57.73 9.32 130.45
C THR H 172 57.06 10.67 130.30
N VAL H 173 55.74 10.68 130.29
CA VAL H 173 54.96 11.90 130.13
C VAL H 173 54.28 12.22 131.45
N PRO H 174 54.21 13.48 131.85
CA PRO H 174 53.21 13.90 132.83
C PRO H 174 51.88 14.13 132.14
N PRO H 175 50.82 13.42 132.54
CA PRO H 175 49.52 13.61 131.90
C PRO H 175 48.94 14.98 132.20
N GLY H 176 48.87 15.82 131.18
CA GLY H 176 48.42 17.18 131.32
C GLY H 176 48.72 18.02 130.10
N PRO H 177 48.67 19.34 130.25
CA PRO H 177 48.95 20.24 129.11
C PRO H 177 50.44 20.25 128.77
N SER H 178 50.77 19.64 127.64
CA SER H 178 52.16 19.56 127.21
C SER H 178 52.21 19.41 125.70
N LEU H 179 53.29 19.93 125.13
CA LEU H 179 53.66 19.70 123.74
C LEU H 179 54.57 18.48 123.70
N ALA H 180 55.32 18.31 122.60
CA ALA H 180 56.40 17.34 122.56
C ALA H 180 57.72 17.92 123.06
N ASP H 181 57.66 18.91 123.95
CA ASP H 181 58.87 19.56 124.47
C ASP H 181 59.64 18.62 125.38
N ALA H 182 58.93 17.79 126.16
CA ALA H 182 59.61 16.74 126.91
C ALA H 182 60.14 15.65 126.00
N LEU H 183 59.51 15.47 124.84
CA LEU H 183 59.98 14.49 123.87
C LEU H 183 61.27 14.96 123.19
N ILE H 184 61.48 16.28 123.08
CA ILE H 184 62.64 16.79 122.37
C ILE H 184 63.73 17.28 123.30
N SER H 185 63.51 17.25 124.62
CA SER H 185 64.50 17.78 125.56
C SER H 185 65.79 16.95 125.56
N SER H 186 65.74 15.76 126.13
CA SER H 186 66.82 14.78 125.98
C SER H 186 66.73 13.86 124.75
N PRO H 187 65.65 13.09 124.52
CA PRO H 187 65.81 11.84 123.76
C PRO H 187 65.88 11.99 122.26
N ILE H 188 65.42 13.10 121.69
CA ILE H 188 65.38 13.18 120.22
C ILE H 188 66.75 13.51 119.66
N LEU H 189 67.69 13.98 120.48
CA LEU H 189 69.03 14.30 120.05
C LEU H 189 70.09 13.44 120.73
N ALA H 190 69.86 13.04 121.97
CA ALA H 190 70.72 12.10 122.68
C ALA H 190 69.83 10.96 123.15
N GLY H 191 69.88 9.84 122.44
CA GLY H 191 69.07 8.68 122.76
C GLY H 191 69.86 7.54 123.38
N ALA I 23 91.61 -10.00 68.52
CA ALA I 23 90.37 -10.53 69.06
C ALA I 23 89.18 -10.11 68.21
N VAL I 24 88.60 -11.04 67.46
CA VAL I 24 87.52 -10.72 66.54
C VAL I 24 86.54 -11.90 66.55
N ASP I 25 85.42 -11.73 65.84
CA ASP I 25 84.26 -12.59 65.95
C ASP I 25 84.53 -13.98 65.36
N THR I 26 83.65 -14.91 65.73
CA THR I 26 83.70 -16.31 65.30
C THR I 26 82.24 -16.62 65.01
N ALA I 27 81.89 -17.91 64.90
CA ALA I 27 80.50 -18.31 64.81
C ALA I 27 79.95 -18.40 66.23
N GLU I 28 79.16 -17.39 66.62
CA GLU I 28 78.65 -17.29 67.97
C GLU I 28 77.45 -18.20 68.19
N GLN I 29 76.83 -18.07 69.36
CA GLN I 29 75.61 -18.78 69.68
C GLN I 29 74.77 -17.94 70.63
N VAL I 30 73.47 -17.87 70.37
CA VAL I 30 72.54 -17.08 71.17
C VAL I 30 71.63 -18.04 71.93
N TYR I 31 71.60 -17.90 73.26
CA TYR I 31 70.70 -18.66 74.11
C TYR I 31 69.54 -17.75 74.50
N ILE I 32 68.31 -18.23 74.31
CA ILE I 32 67.13 -17.51 74.76
C ILE I 32 66.38 -18.41 75.73
N SER I 33 65.82 -17.79 76.78
CA SER I 33 65.02 -18.54 77.73
C SER I 33 63.62 -18.75 77.18
N SER I 34 62.89 -19.68 77.81
CA SER I 34 61.56 -20.03 77.33
C SER I 34 60.57 -18.90 77.55
N LEU I 35 60.72 -18.14 78.64
CA LEU I 35 59.83 -17.02 78.88
C LEU I 35 60.13 -15.86 77.95
N ALA I 36 61.39 -15.76 77.48
CA ALA I 36 61.79 -14.60 76.67
C ALA I 36 61.08 -14.62 75.33
N LEU I 37 61.01 -15.79 74.70
CA LEU I 37 60.32 -15.92 73.43
C LEU I 37 58.82 -15.67 73.59
N LEU I 38 58.26 -16.06 74.75
CA LEU I 38 56.83 -15.85 74.97
C LEU I 38 56.50 -14.39 75.18
N LYS I 39 57.43 -13.62 75.74
CA LYS I 39 57.19 -12.18 75.88
C LYS I 39 57.32 -11.48 74.53
N MET I 40 58.10 -12.05 73.61
CA MET I 40 58.26 -11.47 72.28
C MET I 40 56.95 -11.57 71.49
N LEU I 41 56.41 -12.79 71.38
CA LEU I 41 55.22 -13.00 70.57
C LEU I 41 53.97 -12.39 71.20
N LYS I 42 53.91 -12.28 72.52
CA LYS I 42 52.74 -11.68 73.15
C LYS I 42 52.71 -10.18 72.94
N HIS I 43 53.86 -9.52 73.12
CA HIS I 43 53.94 -8.08 72.94
C HIS I 43 53.83 -7.72 71.46
N GLY I 44 54.23 -8.63 70.56
CA GLY I 44 54.03 -8.39 69.15
C GLY I 44 52.59 -8.56 68.73
N ARG I 45 51.90 -9.56 69.30
CA ARG I 45 50.49 -9.78 69.02
C ARG I 45 49.62 -8.68 69.61
N ALA I 46 50.06 -8.02 70.67
CA ALA I 46 49.29 -6.95 71.28
C ALA I 46 49.19 -5.74 70.35
N GLY I 47 50.32 -5.12 70.06
CA GLY I 47 50.35 -4.03 69.11
C GLY I 47 50.71 -4.45 67.70
N VAL I 48 49.87 -5.27 67.08
CA VAL I 48 50.10 -5.77 65.72
C VAL I 48 50.25 -4.73 64.60
N PRO I 49 49.67 -3.50 64.64
CA PRO I 49 49.95 -2.60 63.51
C PRO I 49 51.18 -1.73 63.66
N MET I 50 51.58 -1.36 64.87
CA MET I 50 52.35 -0.13 65.04
C MET I 50 53.73 -0.36 65.66
N GLU I 51 54.39 -1.46 65.22
CA GLU I 51 55.84 -1.74 65.38
C GLU I 51 56.33 -1.55 66.82
N VAL I 52 55.87 -2.45 67.68
CA VAL I 52 56.15 -2.37 69.12
C VAL I 52 57.63 -2.55 69.40
N MET I 53 58.04 -2.07 70.58
CA MET I 53 59.43 -1.84 70.95
C MET I 53 59.64 -2.32 72.38
N GLY I 54 60.81 -2.87 72.65
CA GLY I 54 61.11 -3.31 74.00
C GLY I 54 62.58 -3.55 74.21
N LEU I 55 62.92 -3.94 75.44
CA LEU I 55 64.29 -4.14 75.87
C LEU I 55 64.56 -5.60 76.22
N MET I 56 65.84 -5.96 76.16
CA MET I 56 66.26 -7.36 76.26
C MET I 56 67.35 -7.46 77.31
N LEU I 57 67.13 -8.29 78.33
CA LEU I 57 67.94 -8.32 79.54
C LEU I 57 68.48 -9.73 79.77
N GLY I 58 69.81 -9.87 79.72
CA GLY I 58 70.45 -11.18 79.84
C GLY I 58 71.80 -11.12 80.50
N GLU I 59 72.77 -11.85 79.95
CA GLU I 59 74.08 -11.94 80.58
C GLU I 59 75.12 -12.35 79.54
N PHE I 60 76.31 -11.75 79.64
CA PHE I 60 77.44 -12.11 78.77
C PHE I 60 78.28 -13.16 79.49
N VAL I 61 78.16 -14.41 79.07
CA VAL I 61 78.80 -15.49 79.81
C VAL I 61 80.27 -15.69 79.41
N ASP I 62 80.64 -15.41 78.17
CA ASP I 62 82.01 -15.63 77.70
C ASP I 62 82.34 -14.61 76.63
N ASP I 63 83.33 -14.94 75.81
CA ASP I 63 83.66 -14.14 74.64
C ASP I 63 82.52 -14.13 73.63
N TYR I 64 82.06 -15.30 73.20
CA TYR I 64 81.24 -15.33 71.99
C TYR I 64 80.06 -16.28 72.09
N THR I 65 79.44 -16.40 73.25
CA THR I 65 78.07 -16.90 73.36
C THR I 65 77.29 -15.98 74.29
N VAL I 66 76.14 -15.52 73.83
CA VAL I 66 75.31 -14.62 74.61
C VAL I 66 74.03 -15.35 75.02
N ARG I 67 73.57 -15.08 76.24
CA ARG I 67 72.33 -15.64 76.75
C ARG I 67 71.42 -14.52 77.24
N VAL I 68 70.12 -14.78 77.19
CA VAL I 68 69.13 -13.84 77.69
C VAL I 68 68.12 -14.60 78.54
N ILE I 69 67.78 -14.02 79.70
CA ILE I 69 66.84 -14.62 80.62
C ILE I 69 65.52 -13.83 80.70
N ASP I 70 65.52 -12.55 80.35
CA ASP I 70 64.40 -11.69 80.72
C ASP I 70 64.10 -10.70 79.61
N VAL I 71 62.82 -10.34 79.49
CA VAL I 71 62.32 -9.40 78.48
C VAL I 71 61.25 -8.52 79.14
N PHE I 72 61.44 -7.20 79.07
CA PHE I 72 60.39 -6.25 79.42
C PHE I 72 60.30 -5.19 78.33
N ALA I 73 59.09 -4.70 78.11
CA ALA I 73 58.78 -3.90 76.94
C ALA I 73 58.96 -2.41 77.24
N MET I 74 58.51 -1.57 76.31
CA MET I 74 58.60 -0.13 76.40
C MET I 74 57.25 0.50 76.10
N PRO I 75 56.95 1.66 76.69
CA PRO I 75 55.74 2.39 76.30
C PRO I 75 55.87 2.94 74.88
N GLN I 76 54.72 3.12 74.25
CA GLN I 76 54.68 3.49 72.84
C GLN I 76 55.03 4.96 72.66
N SER I 77 56.02 5.23 71.82
CA SER I 77 56.43 6.58 71.49
C SER I 77 55.87 6.99 70.14
N GLY I 78 55.56 8.28 70.00
CA GLY I 78 55.06 8.80 68.75
C GLY I 78 56.08 8.90 67.64
N THR I 79 57.37 8.83 67.98
CA THR I 79 58.41 8.87 66.96
C THR I 79 58.47 7.56 66.18
N GLY I 80 58.42 6.43 66.87
CA GLY I 80 58.57 5.13 66.26
C GLY I 80 59.78 4.40 66.83
N VAL I 81 60.18 3.35 66.12
CA VAL I 81 61.31 2.53 66.54
C VAL I 81 62.59 3.31 66.24
N SER I 82 63.14 3.96 67.27
CA SER I 82 64.35 4.76 67.14
C SER I 82 64.98 4.89 68.52
N VAL I 83 66.03 5.71 68.60
CA VAL I 83 66.68 5.98 69.89
C VAL I 83 65.81 6.90 70.74
N GLU I 84 64.90 7.66 70.13
CA GLU I 84 64.03 8.55 70.88
C GLU I 84 62.91 7.81 71.60
N ALA I 85 62.67 6.55 71.27
CA ALA I 85 61.68 5.74 71.97
C ALA I 85 62.21 5.15 73.28
N VAL I 86 63.48 5.36 73.59
CA VAL I 86 64.07 4.84 74.81
C VAL I 86 63.89 5.87 75.92
N ASP I 87 63.17 5.48 76.98
CA ASP I 87 62.93 6.36 78.11
C ASP I 87 63.97 6.06 79.18
N PRO I 88 64.85 7.01 79.51
CA PRO I 88 65.86 6.72 80.54
C PRO I 88 65.32 6.68 81.96
N VAL I 89 64.20 7.36 82.25
CA VAL I 89 63.66 7.27 83.60
C VAL I 89 62.81 6.02 83.75
N PHE I 90 62.28 5.49 82.65
CA PHE I 90 61.65 4.17 82.70
C PHE I 90 62.71 3.08 82.63
N GLN I 91 63.90 3.42 82.13
CA GLN I 91 65.03 2.50 82.16
C GLN I 91 65.46 2.20 83.59
N ALA I 92 65.88 3.24 84.31
CA ALA I 92 66.58 3.03 85.58
C ALA I 92 65.64 2.61 86.70
N LYS I 93 64.41 3.12 86.70
CA LYS I 93 63.50 2.80 87.79
C LYS I 93 62.91 1.40 87.64
N MET I 94 62.76 0.91 86.42
CA MET I 94 62.39 -0.50 86.22
C MET I 94 63.54 -1.42 86.63
N LEU I 95 64.77 -1.02 86.34
CA LEU I 95 65.93 -1.77 86.82
C LEU I 95 66.07 -1.69 88.33
N ASP I 96 65.63 -0.58 88.92
CA ASP I 96 65.70 -0.41 90.38
C ASP I 96 64.87 -1.45 91.10
N MET I 97 63.76 -1.86 90.49
CA MET I 97 62.88 -2.83 91.13
C MET I 97 63.40 -4.25 90.95
N LEU I 98 63.94 -4.55 89.77
CA LEU I 98 64.41 -5.89 89.46
C LEU I 98 65.73 -6.23 90.15
N LYS I 99 66.44 -5.25 90.71
CA LYS I 99 67.63 -5.58 91.49
C LYS I 99 67.24 -6.18 92.84
N GLN I 100 66.26 -5.58 93.52
CA GLN I 100 65.88 -6.03 94.84
C GLN I 100 64.92 -7.21 94.83
N THR I 101 64.39 -7.56 93.66
CA THR I 101 63.44 -8.67 93.56
C THR I 101 63.77 -9.46 92.30
N GLY I 102 63.96 -10.75 92.45
CA GLY I 102 64.36 -11.60 91.33
C GLY I 102 65.88 -11.67 91.19
N ARG I 103 66.42 -10.94 90.21
CA ARG I 103 67.87 -10.93 90.03
C ARG I 103 68.30 -9.64 89.34
N PRO I 104 69.38 -9.01 89.82
CA PRO I 104 70.01 -7.94 89.04
C PRO I 104 70.97 -8.47 87.99
N GLU I 105 70.86 -7.99 86.75
CA GLU I 105 71.84 -8.32 85.73
C GLU I 105 71.91 -7.19 84.72
N MET I 106 72.93 -7.27 83.86
CA MET I 106 73.21 -6.23 82.89
C MET I 106 72.36 -6.42 81.64
N VAL I 107 71.96 -5.30 81.03
CA VAL I 107 71.31 -5.36 79.73
C VAL I 107 72.31 -5.84 78.68
N VAL I 108 71.82 -6.60 77.71
CA VAL I 108 72.67 -7.20 76.69
C VAL I 108 72.14 -6.85 75.31
N GLY I 109 71.00 -6.17 75.27
CA GLY I 109 70.46 -5.80 73.98
C GLY I 109 69.04 -5.27 74.03
N TRP I 110 68.29 -5.52 72.96
CA TRP I 110 67.02 -4.86 72.72
C TRP I 110 66.32 -5.61 71.61
N TYR I 111 65.11 -5.16 71.30
CA TYR I 111 64.35 -5.74 70.19
C TYR I 111 63.31 -4.73 69.73
N HIS I 112 62.66 -5.07 68.63
CA HIS I 112 61.43 -4.41 68.20
C HIS I 112 60.67 -5.42 67.32
N SER I 113 59.57 -4.97 66.74
CA SER I 113 58.78 -5.79 65.84
C SER I 113 58.61 -5.07 64.51
N HIS I 114 58.83 -5.81 63.43
CA HIS I 114 58.66 -5.30 62.07
C HIS I 114 57.60 -6.10 61.34
N PRO I 115 56.35 -5.61 61.31
CA PRO I 115 55.24 -6.45 60.80
C PRO I 115 55.18 -6.54 59.28
N GLY I 116 55.59 -5.49 58.56
CA GLY I 116 55.41 -5.44 57.12
C GLY I 116 56.30 -6.38 56.32
N PHE I 117 57.30 -6.96 56.95
CA PHE I 117 58.21 -7.89 56.27
C PHE I 117 58.72 -8.89 57.30
N GLY I 118 59.58 -9.78 56.85
CA GLY I 118 60.16 -10.72 57.80
C GLY I 118 61.14 -10.10 58.76
N CYS I 119 62.35 -9.79 58.28
CA CYS I 119 63.41 -9.26 59.14
C CYS I 119 64.54 -8.67 58.30
N TRP I 120 64.77 -7.36 58.44
CA TRP I 120 66.00 -6.70 58.04
C TRP I 120 66.05 -5.33 58.68
N LEU I 121 67.26 -4.93 59.09
CA LEU I 121 67.44 -3.64 59.74
C LEU I 121 67.24 -2.51 58.73
N SER I 122 66.30 -1.63 59.05
CA SER I 122 65.96 -0.51 58.20
C SER I 122 66.83 0.70 58.55
N GLY I 123 66.48 1.85 57.97
CA GLY I 123 67.19 3.10 58.18
C GLY I 123 67.26 3.56 59.61
N VAL I 124 66.12 3.67 60.28
CA VAL I 124 66.13 4.15 61.67
C VAL I 124 66.46 3.02 62.63
N ASP I 125 66.41 1.77 62.16
CA ASP I 125 66.95 0.65 62.92
C ASP I 125 68.44 0.82 63.18
N ILE I 126 69.20 1.11 62.12
CA ILE I 126 70.65 1.00 62.19
C ILE I 126 71.25 2.19 62.94
N ASN I 127 70.52 3.29 63.04
CA ASN I 127 71.04 4.46 63.75
C ASN I 127 71.11 4.22 65.25
N THR I 128 70.08 3.61 65.83
CA THR I 128 70.07 3.40 67.26
C THR I 128 70.95 2.21 67.65
N GLN I 129 71.35 1.39 66.67
CA GLN I 129 72.27 0.29 66.94
C GLN I 129 73.66 0.80 67.28
N GLN I 130 74.10 1.85 66.58
CA GLN I 130 75.42 2.45 66.77
C GLN I 130 75.59 3.04 68.16
N SER I 131 74.50 3.50 68.76
CA SER I 131 74.54 3.99 70.13
C SER I 131 74.75 2.83 71.11
N PHE I 132 74.16 1.68 70.80
CA PHE I 132 74.19 0.56 71.73
C PHE I 132 75.53 -0.16 71.72
N GLU I 133 76.10 -0.35 70.53
CA GLU I 133 77.43 -0.93 70.42
C GLU I 133 78.53 0.04 70.87
N ALA I 134 78.22 1.33 70.97
CA ALA I 134 79.15 2.24 71.63
C ALA I 134 79.08 2.09 73.14
N LEU I 135 77.91 1.72 73.66
CA LEU I 135 77.76 1.50 75.09
C LEU I 135 78.22 0.11 75.49
N SER I 136 77.64 -0.92 74.89
CA SER I 136 77.96 -2.31 75.21
C SER I 136 79.05 -2.82 74.28
N GLU I 137 79.42 -4.09 74.50
CA GLU I 137 80.36 -4.73 73.57
C GLU I 137 79.68 -5.06 72.26
N ARG I 138 78.59 -5.83 72.30
CA ARG I 138 77.91 -6.20 71.07
C ARG I 138 76.50 -5.66 70.95
N ALA I 139 75.63 -5.86 71.95
CA ALA I 139 74.25 -5.36 72.00
C ALA I 139 73.44 -5.83 70.79
N VAL I 140 73.21 -7.15 70.78
CA VAL I 140 72.64 -7.84 69.63
C VAL I 140 71.19 -7.41 69.40
N ALA I 141 70.88 -6.99 68.18
CA ALA I 141 69.52 -6.67 67.79
C ALA I 141 68.70 -7.93 67.59
N VAL I 142 67.38 -7.81 67.76
CA VAL I 142 66.44 -8.90 67.52
C VAL I 142 65.23 -8.33 66.78
N VAL I 143 64.90 -8.93 65.63
CA VAL I 143 63.75 -8.52 64.82
C VAL I 143 62.80 -9.71 64.72
N VAL I 144 61.52 -9.47 65.04
CA VAL I 144 60.48 -10.51 65.01
C VAL I 144 59.26 -9.96 64.29
N ASP I 145 58.79 -10.69 63.28
CA ASP I 145 57.47 -10.43 62.71
C ASP I 145 56.45 -11.23 63.49
N PRO I 146 55.49 -10.60 64.15
CA PRO I 146 54.47 -11.36 64.88
C PRO I 146 53.40 -11.96 63.99
N ILE I 147 53.01 -11.26 62.91
CA ILE I 147 51.88 -11.71 62.11
C ILE I 147 52.27 -12.75 61.05
N GLN I 148 53.56 -12.86 60.72
CA GLN I 148 53.97 -13.89 59.77
C GLN I 148 53.97 -15.27 60.40
N SER I 149 54.42 -15.36 61.65
CA SER I 149 54.46 -16.63 62.37
C SER I 149 53.05 -17.09 62.70
N VAL I 150 52.58 -18.11 61.99
CA VAL I 150 51.20 -18.56 62.14
C VAL I 150 51.16 -20.04 62.46
N LYS I 151 51.78 -20.86 61.62
CA LYS I 151 51.42 -22.29 61.56
C LYS I 151 52.02 -23.09 62.72
N GLY I 152 53.33 -23.27 62.71
CA GLY I 152 53.99 -23.96 63.79
C GLY I 152 55.40 -23.46 64.03
N LYS I 153 55.78 -22.43 63.31
CA LYS I 153 57.14 -21.92 63.31
C LYS I 153 57.11 -20.42 63.53
N VAL I 154 58.24 -19.90 64.01
CA VAL I 154 58.36 -18.49 64.35
C VAL I 154 59.45 -17.87 63.48
N VAL I 155 59.18 -16.66 63.00
CA VAL I 155 60.13 -15.89 62.21
C VAL I 155 60.86 -14.96 63.18
N ILE I 156 61.90 -15.51 63.80
CA ILE I 156 62.77 -14.77 64.71
C ILE I 156 64.19 -14.88 64.17
N ASP I 157 64.93 -13.78 64.22
CA ASP I 157 66.34 -13.80 63.88
C ASP I 157 67.01 -12.63 64.57
N ALA I 158 68.28 -12.82 64.95
CA ALA I 158 69.04 -11.82 65.67
C ALA I 158 70.23 -11.40 64.82
N PHE I 159 70.55 -10.11 64.83
CA PHE I 159 71.60 -9.57 63.96
C PHE I 159 72.53 -8.67 64.75
N ARG I 160 73.65 -8.31 64.12
CA ARG I 160 74.73 -7.62 64.82
C ARG I 160 75.61 -6.88 63.82
N LEU I 161 75.72 -5.57 64.01
CA LEU I 161 76.33 -4.64 63.06
C LEU I 161 77.84 -4.84 62.94
N ILE I 162 78.39 -4.53 61.73
CA ILE I 162 79.82 -4.62 61.47
C ILE I 162 80.39 -3.21 61.29
N ASN I 163 81.70 -3.09 61.37
CA ASN I 163 82.40 -1.82 61.28
C ASN I 163 82.70 -1.47 59.82
N ALA I 164 83.49 -0.40 59.63
CA ALA I 164 83.95 0.02 58.32
C ALA I 164 85.44 -0.18 58.12
N ASN I 165 86.12 -0.83 59.06
CA ASN I 165 87.57 -0.99 58.97
C ASN I 165 87.97 -2.08 57.99
N MET I 166 87.11 -3.08 57.80
CA MET I 166 87.36 -4.18 56.87
C MET I 166 86.43 -4.08 55.66
N MET I 167 86.17 -2.85 55.20
CA MET I 167 85.10 -2.63 54.23
C MET I 167 85.51 -3.08 52.82
N VAL I 168 86.80 -3.15 52.56
CA VAL I 168 87.29 -3.67 51.29
C VAL I 168 87.84 -5.07 51.53
N LEU I 169 87.57 -5.61 52.72
CA LEU I 169 88.04 -6.94 53.11
C LEU I 169 86.81 -7.80 53.40
N GLY I 170 87.00 -9.08 53.69
CA GLY I 170 85.86 -9.93 53.96
C GLY I 170 85.30 -9.77 55.35
N HIS I 171 84.08 -9.21 55.45
CA HIS I 171 83.40 -9.08 56.73
C HIS I 171 82.96 -10.44 57.24
N GLU I 172 82.53 -10.47 58.53
CA GLU I 172 82.29 -11.69 59.30
C GLU I 172 83.55 -12.53 59.28
N PRO I 173 84.51 -12.27 60.16
CA PRO I 173 85.85 -12.86 60.05
C PRO I 173 85.97 -14.32 60.43
N ARG I 174 84.86 -15.10 60.44
CA ARG I 174 84.71 -16.45 60.98
C ARG I 174 85.80 -17.44 60.61
N GLN I 175 85.96 -18.45 61.46
CA GLN I 175 87.17 -19.24 61.59
C GLN I 175 86.76 -20.69 61.87
N THR I 176 87.63 -21.40 62.59
CA THR I 176 87.63 -22.85 62.67
C THR I 176 86.38 -23.35 63.38
N THR I 177 85.35 -23.64 62.58
CA THR I 177 84.08 -24.20 63.04
C THR I 177 83.36 -24.72 61.81
N SER I 178 82.28 -25.46 62.05
CA SER I 178 81.45 -25.88 60.93
C SER I 178 79.96 -25.76 61.22
N ASN I 179 79.56 -24.96 62.20
CA ASN I 179 78.16 -24.73 62.55
C ASN I 179 77.64 -23.40 62.01
N LEU I 180 78.16 -22.96 60.87
CA LEU I 180 77.82 -21.65 60.33
C LEU I 180 76.87 -21.85 59.17
N GLY I 181 76.99 -22.93 58.41
CA GLY I 181 76.13 -23.17 57.26
C GLY I 181 74.69 -23.49 57.59
N HIS I 182 74.41 -23.76 58.86
CA HIS I 182 73.05 -24.05 59.28
C HIS I 182 72.31 -22.80 59.75
N LEU I 183 71.11 -23.02 60.27
CA LEU I 183 70.19 -22.13 61.00
C LEU I 183 69.49 -21.10 60.11
N ASN I 184 70.10 -20.75 58.97
CA ASN I 184 69.51 -20.03 57.84
C ASN I 184 70.59 -19.95 56.79
N LYS I 185 70.22 -20.07 55.52
CA LYS I 185 70.99 -19.40 54.49
C LYS I 185 70.44 -17.97 54.37
N PRO I 186 71.27 -17.01 53.92
CA PRO I 186 70.76 -15.65 53.70
C PRO I 186 69.63 -15.60 52.68
N SER I 187 68.44 -15.22 53.14
CA SER I 187 67.29 -15.22 52.27
C SER I 187 67.27 -13.96 51.40
N ILE I 188 66.65 -14.08 50.23
CA ILE I 188 66.79 -13.04 49.22
C ILE I 188 65.91 -11.85 49.54
N GLN I 189 64.86 -12.06 50.34
CA GLN I 189 64.10 -10.94 50.87
C GLN I 189 64.84 -10.22 52.00
N ALA I 190 65.91 -10.82 52.51
CA ALA I 190 66.74 -10.18 53.53
C ALA I 190 68.08 -9.72 53.00
N LEU I 191 68.64 -10.36 51.98
CA LEU I 191 69.93 -9.96 51.46
C LEU I 191 69.83 -8.84 50.43
N ILE I 192 68.62 -8.53 49.95
CA ILE I 192 68.46 -7.37 49.07
C ILE I 192 68.71 -6.07 49.81
N HIS I 193 68.47 -6.05 51.13
CA HIS I 193 68.87 -4.98 52.02
C HIS I 193 70.23 -5.32 52.63
N GLY I 194 70.56 -4.70 53.78
CA GLY I 194 71.94 -4.52 54.23
C GLY I 194 72.84 -5.76 54.33
N LEU I 195 72.26 -6.95 54.32
CA LEU I 195 73.07 -8.16 54.18
C LEU I 195 73.81 -8.16 52.84
N ASN I 196 75.10 -8.48 52.86
CA ASN I 196 75.81 -8.97 54.04
C ASN I 196 76.95 -8.03 54.39
N ARG I 197 77.01 -6.90 53.69
CA ARG I 197 78.11 -5.94 53.85
C ARG I 197 77.77 -4.87 54.88
N HIS I 198 76.74 -5.09 55.69
CA HIS I 198 76.46 -4.12 56.74
C HIS I 198 76.42 -4.74 58.14
N TYR I 199 75.83 -5.92 58.34
CA TYR I 199 75.99 -6.44 59.69
C TYR I 199 76.65 -7.81 59.87
N TYR I 200 75.85 -8.89 59.98
CA TYR I 200 76.06 -10.33 59.76
C TYR I 200 74.85 -11.01 60.40
N SER I 201 74.56 -12.26 60.05
CA SER I 201 73.55 -12.99 60.80
C SER I 201 74.21 -13.89 61.84
N ILE I 202 73.46 -14.19 62.91
CA ILE I 202 73.99 -14.94 64.04
C ILE I 202 73.08 -16.15 64.26
N THR I 203 73.59 -17.14 64.98
CA THR I 203 72.85 -18.39 65.21
C THR I 203 72.10 -18.33 66.52
N ILE I 204 70.87 -18.86 66.52
CA ILE I 204 70.00 -18.87 67.68
C ILE I 204 69.46 -20.28 67.88
N ASN I 205 69.77 -20.88 69.02
CA ASN I 205 69.04 -22.05 69.50
C ASN I 205 68.35 -21.70 70.81
N TYR I 206 67.68 -22.69 71.38
CA TYR I 206 66.81 -22.50 72.53
C TYR I 206 67.41 -23.21 73.74
N ARG I 207 67.38 -22.54 74.88
CA ARG I 207 67.78 -23.19 76.13
C ARG I 207 66.59 -24.02 76.60
N LYS I 208 66.48 -25.23 76.06
CA LYS I 208 65.40 -26.13 76.44
C LYS I 208 65.72 -26.76 77.79
N ASN I 209 64.79 -26.65 78.73
CA ASN I 209 65.02 -27.13 80.09
C ASN I 209 63.95 -28.12 80.54
N GLU I 210 64.31 -28.95 81.49
CA GLU I 210 63.37 -29.73 82.27
C GLU I 210 62.96 -28.89 83.47
N LEU I 211 61.87 -29.31 84.14
CA LEU I 211 61.09 -28.71 85.23
C LEU I 211 60.17 -27.65 84.63
N GLU I 212 60.24 -27.42 83.32
CA GLU I 212 59.32 -26.57 82.59
C GLU I 212 58.65 -27.30 81.43
N GLN I 213 59.37 -28.22 80.80
CA GLN I 213 58.92 -28.78 79.52
C GLN I 213 57.71 -29.70 79.70
N LYS I 214 57.75 -30.56 80.71
CA LYS I 214 56.65 -31.49 80.90
C LYS I 214 55.46 -30.81 81.56
N MET I 215 55.72 -29.82 82.42
CA MET I 215 54.61 -29.12 83.07
C MET I 215 53.94 -28.15 82.11
N LEU I 216 54.57 -27.84 80.99
CA LEU I 216 53.85 -27.12 79.94
C LEU I 216 53.10 -28.10 79.05
N LEU I 217 53.65 -29.30 78.85
CA LEU I 217 53.06 -30.24 77.91
C LEU I 217 51.80 -30.88 78.50
N ASN I 218 51.95 -31.49 79.68
CA ASN I 218 50.84 -32.24 80.28
C ASN I 218 49.73 -31.33 80.78
N LEU I 219 50.04 -30.08 81.09
CA LEU I 219 49.03 -29.18 81.64
C LEU I 219 48.26 -28.42 80.57
N HIS I 220 48.79 -28.33 79.35
CA HIS I 220 48.11 -27.61 78.28
C HIS I 220 47.18 -28.50 77.48
N LYS I 221 47.55 -29.77 77.27
CA LYS I 221 46.74 -30.72 76.52
C LYS I 221 46.46 -31.92 77.42
N LYS I 222 45.24 -31.98 77.95
CA LYS I 222 44.89 -32.99 78.94
C LYS I 222 43.38 -33.04 79.07
N SER I 223 42.85 -34.25 79.22
CA SER I 223 41.44 -34.47 79.51
C SER I 223 41.32 -35.83 80.15
N TRP I 224 40.78 -35.87 81.37
CA TRP I 224 40.81 -37.08 82.18
C TRP I 224 39.72 -38.07 81.78
N MET I 225 38.47 -37.66 81.89
CA MET I 225 37.36 -38.58 81.71
C MET I 225 36.97 -38.76 80.25
N GLU I 226 37.64 -38.07 79.33
CA GLU I 226 37.28 -38.15 77.90
C GLU I 226 37.60 -39.51 77.32
N GLY I 227 38.61 -40.20 77.86
CA GLY I 227 39.10 -41.44 77.28
C GLY I 227 38.12 -42.60 77.31
N LEU I 228 37.09 -42.53 78.15
CA LEU I 228 36.10 -43.59 78.23
C LEU I 228 34.68 -43.06 78.13
N THR I 229 34.48 -42.04 77.30
CA THR I 229 33.14 -41.61 76.94
C THR I 229 32.63 -42.45 75.77
N LEU I 230 31.40 -42.18 75.33
CA LEU I 230 30.77 -43.11 74.41
C LEU I 230 30.37 -42.51 73.06
N GLN I 231 29.99 -41.22 73.05
CA GLN I 231 29.34 -40.50 71.92
C GLN I 231 28.31 -41.39 71.21
N ASP I 232 27.33 -41.82 72.02
CA ASP I 232 27.09 -43.25 72.18
C ASP I 232 26.77 -44.04 70.92
N TYR I 233 25.51 -44.06 70.49
CA TYR I 233 25.11 -45.06 69.51
C TYR I 233 24.23 -44.51 68.41
N SER I 234 23.40 -43.52 68.74
CA SER I 234 22.49 -42.95 67.76
C SER I 234 23.24 -42.07 66.77
N GLU I 235 24.37 -41.51 67.18
CA GLU I 235 25.26 -40.80 66.28
C GLU I 235 26.25 -41.74 65.62
N HIS I 236 26.39 -42.96 66.13
CA HIS I 236 27.46 -43.88 65.76
C HIS I 236 26.98 -44.99 64.84
N CYS I 237 25.78 -45.53 65.08
CA CYS I 237 25.22 -46.52 64.16
C CYS I 237 24.83 -45.87 62.83
N LYS I 238 24.49 -44.57 62.86
CA LYS I 238 24.24 -43.84 61.63
C LYS I 238 25.51 -43.70 60.80
N HIS I 239 26.66 -43.52 61.48
CA HIS I 239 27.92 -43.43 60.76
C HIS I 239 28.32 -44.78 60.19
N ASN I 240 28.07 -45.86 60.94
CA ASN I 240 28.31 -47.20 60.41
C ASN I 240 27.34 -47.52 59.28
N GLU I 241 26.14 -46.93 59.31
CA GLU I 241 25.19 -47.09 58.22
C GLU I 241 25.71 -46.45 56.93
N SER I 242 26.32 -45.27 57.04
CA SER I 242 26.61 -44.47 55.85
C SER I 242 27.78 -45.03 55.05
N VAL I 243 28.88 -45.36 55.73
CA VAL I 243 30.17 -45.58 55.07
C VAL I 243 30.13 -46.87 54.23
N VAL I 244 29.37 -47.86 54.69
CA VAL I 244 29.26 -49.15 53.99
C VAL I 244 28.60 -48.98 52.63
N LYS I 245 27.70 -47.99 52.48
CA LYS I 245 26.92 -47.85 51.26
C LYS I 245 27.76 -47.42 50.07
N GLU I 246 28.61 -46.40 50.24
CA GLU I 246 29.50 -46.06 49.13
C GLU I 246 30.67 -47.03 49.02
N MET I 247 30.99 -47.74 50.12
CA MET I 247 32.02 -48.76 50.05
C MET I 247 31.54 -49.95 49.23
N LEU I 248 30.23 -50.17 49.18
CA LEU I 248 29.64 -51.14 48.26
C LEU I 248 29.89 -50.73 46.81
N GLU I 249 29.65 -49.46 46.48
CA GLU I 249 29.95 -48.98 45.15
C GLU I 249 31.45 -48.88 44.91
N LEU I 250 32.22 -48.61 45.97
CA LEU I 250 33.67 -48.67 45.87
C LEU I 250 34.13 -50.10 45.59
N ALA I 251 33.42 -51.09 46.11
CA ALA I 251 33.72 -52.47 45.78
C ALA I 251 33.29 -52.80 44.36
N LYS I 252 32.20 -52.19 43.90
CA LYS I 252 31.78 -52.39 42.51
C LYS I 252 32.76 -51.74 41.55
N ASN I 253 33.30 -50.58 41.92
CA ASN I 253 34.37 -49.99 41.13
C ASN I 253 35.66 -50.78 41.25
N TYR I 254 35.86 -51.47 42.38
CA TYR I 254 37.03 -52.33 42.50
C TYR I 254 36.86 -53.59 41.67
N ASN I 255 35.62 -54.03 41.46
CA ASN I 255 35.39 -55.16 40.58
C ASN I 255 35.73 -54.80 39.14
N LYS I 256 35.42 -53.56 38.75
CA LYS I 256 35.49 -53.14 37.35
C LYS I 256 36.92 -53.15 36.83
N ALA I 257 37.88 -52.74 37.66
CA ALA I 257 39.27 -52.77 37.23
C ALA I 257 39.85 -54.17 37.25
N VAL I 258 39.38 -55.03 38.16
CA VAL I 258 39.94 -56.37 38.28
C VAL I 258 39.46 -57.26 37.12
N GLU I 259 38.17 -57.21 36.80
CA GLU I 259 37.67 -58.00 35.67
C GLU I 259 38.07 -57.40 34.33
N GLU I 260 38.61 -56.18 34.31
CA GLU I 260 39.08 -55.58 33.07
C GLU I 260 40.32 -56.31 32.58
N GLU I 261 41.42 -56.15 33.33
CA GLU I 261 42.69 -56.90 33.25
C GLU I 261 43.13 -57.17 31.81
N ASP I 262 43.40 -56.09 31.09
CA ASP I 262 43.81 -56.18 29.70
C ASP I 262 45.27 -55.80 29.54
N LYS I 263 45.92 -56.41 28.56
CA LYS I 263 47.32 -56.14 28.28
C LYS I 263 47.42 -54.99 27.27
N MET I 264 47.00 -53.81 27.73
CA MET I 264 47.12 -52.55 27.02
C MET I 264 48.31 -51.78 27.59
N THR I 265 49.39 -52.53 27.89
CA THR I 265 50.57 -52.12 28.65
C THR I 265 50.10 -51.55 29.98
N PRO I 266 49.73 -52.41 30.94
CA PRO I 266 48.87 -51.99 32.06
C PRO I 266 49.46 -50.92 32.98
N GLU I 267 50.77 -50.67 32.93
CA GLU I 267 51.30 -49.51 33.64
C GLU I 267 51.04 -48.23 32.86
N GLN I 268 50.91 -48.32 31.54
CA GLN I 268 50.50 -47.18 30.73
C GLN I 268 48.99 -47.08 30.65
N LEU I 269 48.30 -48.21 30.79
CA LEU I 269 46.84 -48.17 30.84
C LEU I 269 46.35 -47.55 32.15
N ALA I 270 47.14 -47.67 33.22
CA ALA I 270 46.77 -47.07 34.49
C ALA I 270 47.06 -45.58 34.50
N ILE I 271 48.08 -45.12 33.78
CA ILE I 271 48.39 -43.69 33.80
C ILE I 271 47.48 -42.92 32.86
N LYS I 272 46.90 -43.56 31.85
CA LYS I 272 45.88 -42.92 31.04
C LYS I 272 44.49 -43.09 31.62
N ASN I 273 44.36 -43.73 32.78
CA ASN I 273 43.10 -43.89 33.48
C ASN I 273 43.22 -43.34 34.91
N VAL I 274 44.00 -42.28 35.08
CA VAL I 274 44.13 -41.64 36.38
C VAL I 274 42.88 -40.81 36.67
N GLY I 275 42.32 -40.99 37.87
CA GLY I 275 41.11 -40.29 38.23
C GLY I 275 41.02 -39.89 39.69
N LYS I 276 42.12 -40.05 40.43
CA LYS I 276 42.19 -39.90 41.89
C LYS I 276 41.13 -40.79 42.56
N GLN I 277 41.33 -42.10 42.42
CA GLN I 277 40.23 -43.03 42.50
C GLN I 277 40.73 -44.35 43.09
N ASP I 278 39.96 -45.42 42.84
CA ASP I 278 39.90 -46.74 43.47
C ASP I 278 41.20 -47.42 43.89
N PRO I 279 42.09 -47.83 42.93
CA PRO I 279 42.78 -49.15 43.00
C PRO I 279 43.20 -49.68 44.36
N LYS I 280 43.97 -48.91 45.12
CA LYS I 280 44.19 -49.20 46.52
C LYS I 280 44.09 -47.97 47.41
N ARG I 281 44.07 -46.76 46.83
CA ARG I 281 44.04 -45.54 47.62
C ARG I 281 42.65 -45.30 48.21
N HIS I 282 41.61 -45.40 47.38
CA HIS I 282 40.24 -45.22 47.82
C HIS I 282 39.66 -46.49 48.45
N LEU I 283 40.49 -47.53 48.55
CA LEU I 283 40.27 -48.79 49.25
C LEU I 283 40.46 -48.62 50.74
N GLU I 284 40.92 -49.68 51.39
CA GLU I 284 40.91 -49.97 52.83
C GLU I 284 41.15 -48.83 53.83
N GLU I 285 41.65 -47.69 53.36
CA GLU I 285 41.56 -46.42 54.09
C GLU I 285 40.21 -46.20 54.79
N HIS I 286 39.11 -46.42 54.07
CA HIS I 286 37.79 -46.38 54.71
C HIS I 286 37.61 -47.55 55.67
N VAL I 287 38.13 -48.72 55.30
CA VAL I 287 37.98 -49.92 56.12
C VAL I 287 38.76 -49.79 57.42
N ASP I 288 39.89 -49.09 57.38
CA ASP I 288 40.65 -48.83 58.60
C ASP I 288 39.87 -47.91 59.53
N VAL I 289 39.18 -46.91 58.97
CA VAL I 289 38.36 -46.02 59.78
C VAL I 289 37.15 -46.78 60.34
N LEU I 290 36.59 -47.70 59.55
CA LEU I 290 35.50 -48.54 60.06
C LEU I 290 36.00 -49.51 61.13
N MET I 291 37.26 -49.92 61.04
CA MET I 291 37.84 -50.80 62.04
C MET I 291 38.09 -50.05 63.35
N THR I 292 38.73 -48.88 63.26
CA THR I 292 39.15 -48.18 64.47
C THR I 292 37.98 -47.59 65.22
N SER I 293 36.93 -47.19 64.50
CA SER I 293 35.79 -46.55 65.15
C SER I 293 35.01 -47.55 65.99
N ASN I 294 34.82 -48.76 65.47
CA ASN I 294 34.00 -49.73 66.19
C ASN I 294 34.77 -50.41 67.32
N ILE I 295 36.09 -50.55 67.17
CA ILE I 295 36.89 -51.14 68.25
C ILE I 295 36.94 -50.23 69.46
N VAL I 296 37.21 -48.94 69.25
CA VAL I 296 37.25 -47.99 70.36
C VAL I 296 35.85 -47.82 70.96
N GLN I 297 34.81 -47.94 70.13
CA GLN I 297 33.44 -47.92 70.65
C GLN I 297 33.12 -49.15 71.48
N CYS I 298 33.55 -50.34 71.03
CA CYS I 298 33.17 -51.55 71.75
C CYS I 298 34.08 -51.81 72.95
N LEU I 299 35.37 -51.48 72.87
CA LEU I 299 36.24 -51.62 74.03
C LEU I 299 35.83 -50.69 75.16
N ALA I 300 35.38 -49.49 74.83
CA ALA I 300 34.87 -48.60 75.86
C ALA I 300 33.56 -49.13 76.42
N ALA I 301 32.79 -49.84 75.60
CA ALA I 301 31.52 -50.40 76.07
C ALA I 301 31.75 -51.59 77.00
N MET I 302 32.78 -52.39 76.74
CA MET I 302 32.96 -53.59 77.55
C MET I 302 33.65 -53.27 78.86
N LEU I 303 34.57 -52.30 78.86
CA LEU I 303 35.25 -51.91 80.11
C LEU I 303 34.29 -51.23 81.07
N ASP I 304 33.31 -50.50 80.55
CA ASP I 304 32.38 -49.80 81.41
C ASP I 304 31.39 -50.73 82.08
N THR I 305 31.08 -51.87 81.44
CA THR I 305 30.30 -52.90 82.13
C THR I 305 31.12 -53.59 83.20
N VAL I 306 32.43 -53.69 83.00
CA VAL I 306 33.29 -54.40 83.93
C VAL I 306 33.49 -53.59 85.21
N VAL I 307 33.87 -52.33 85.08
CA VAL I 307 34.27 -51.47 86.20
C VAL I 307 33.10 -51.17 87.12
N PHE I 308 32.01 -50.70 86.55
CA PHE I 308 30.93 -50.13 87.34
C PHE I 308 29.95 -51.22 87.76
N LYS I 309 30.00 -51.57 89.05
CA LYS I 309 29.33 -52.73 89.65
C LYS I 309 29.62 -54.01 88.90
N MET J 93 56.89 -128.43 87.21
CA MET J 93 57.05 -128.68 85.78
C MET J 93 55.95 -129.61 85.29
N TYR J 94 55.17 -129.12 84.31
CA TYR J 94 53.97 -129.78 83.76
C TYR J 94 52.97 -130.10 84.88
N GLU J 95 52.48 -129.02 85.50
CA GLU J 95 51.79 -129.10 86.79
C GLU J 95 50.29 -129.08 86.60
N GLN J 96 49.69 -130.28 86.57
CA GLN J 96 48.26 -130.52 86.78
C GLN J 96 47.39 -129.78 85.74
N LEU J 97 47.53 -130.23 84.50
CA LEU J 97 46.76 -129.65 83.40
C LEU J 97 45.25 -129.85 83.60
N LYS J 98 44.85 -130.96 84.21
CA LYS J 98 43.48 -131.21 84.62
C LYS J 98 43.45 -131.74 86.04
N GLY J 99 44.17 -131.06 86.94
CA GLY J 99 44.32 -131.49 88.31
C GLY J 99 43.04 -131.49 89.13
N GLU J 100 42.49 -130.31 89.37
CA GLU J 100 41.19 -130.17 90.00
C GLU J 100 40.23 -129.39 89.11
N TRP J 101 40.29 -129.66 87.80
CA TRP J 101 39.46 -128.90 86.86
C TRP J 101 38.05 -129.45 86.76
N ASN J 102 37.92 -130.77 86.63
CA ASN J 102 36.64 -131.35 86.21
C ASN J 102 35.62 -131.38 87.34
N ARG J 103 36.00 -131.89 88.52
CA ARG J 103 34.99 -132.08 89.56
C ARG J 103 34.72 -130.79 90.34
N LYS J 104 35.71 -130.33 91.11
CA LYS J 104 35.59 -129.14 91.94
C LYS J 104 36.96 -128.52 92.12
N SER J 105 36.97 -127.23 92.45
CA SER J 105 38.20 -126.52 92.82
C SER J 105 37.93 -125.63 94.03
N PRO J 106 38.00 -126.19 95.25
CA PRO J 106 37.90 -125.35 96.45
C PRO J 106 39.28 -124.90 96.92
N ASN J 107 40.26 -124.99 96.03
CA ASN J 107 41.66 -124.86 96.41
C ASN J 107 42.04 -123.42 96.73
N LEU J 108 43.07 -123.28 97.56
CA LEU J 108 43.76 -122.02 97.77
C LEU J 108 45.26 -122.27 97.66
N SER J 109 45.66 -123.52 97.85
CA SER J 109 47.07 -123.89 97.71
C SER J 109 47.43 -124.20 96.27
N LYS J 110 46.51 -124.80 95.50
CA LYS J 110 46.74 -124.95 94.07
C LYS J 110 46.65 -123.62 93.34
N CYS J 111 45.97 -122.63 93.94
CA CYS J 111 46.05 -121.25 93.47
C CYS J 111 47.48 -120.72 93.61
N GLY J 112 48.17 -121.12 94.69
CA GLY J 112 49.58 -120.82 94.80
C GLY J 112 50.44 -121.69 93.90
N GLU J 113 49.98 -122.90 93.60
CA GLU J 113 50.66 -123.73 92.61
C GLU J 113 50.46 -123.17 91.21
N GLU J 114 49.26 -122.65 90.92
CA GLU J 114 49.04 -121.90 89.69
C GLU J 114 49.84 -120.61 89.70
N LEU J 115 50.01 -120.00 90.88
CA LEU J 115 50.89 -118.85 91.01
C LEU J 115 52.34 -119.23 90.71
N GLY J 116 52.78 -120.39 91.22
CA GLY J 116 54.08 -120.90 90.85
C GLY J 116 54.16 -121.33 89.40
N ARG J 117 53.04 -121.79 88.84
CA ARG J 117 53.00 -122.17 87.43
C ARG J 117 53.17 -120.93 86.54
N LEU J 118 52.68 -119.79 86.98
CA LEU J 118 52.99 -118.53 86.30
C LEU J 118 54.46 -118.18 86.45
N LYS J 119 55.06 -118.54 87.58
CA LYS J 119 56.49 -118.30 87.78
C LYS J 119 57.32 -119.31 87.01
N LEU J 120 56.71 -120.43 86.61
CA LEU J 120 57.44 -121.39 85.77
C LEU J 120 57.50 -120.92 84.33
N VAL J 121 56.33 -120.70 83.70
CA VAL J 121 56.25 -120.54 82.26
C VAL J 121 56.82 -119.20 81.81
N LEU J 122 56.44 -118.13 82.49
CA LEU J 122 56.91 -116.79 82.14
C LEU J 122 58.32 -116.49 82.66
N LEU J 123 59.02 -117.50 83.18
CA LEU J 123 60.44 -117.42 83.44
C LEU J 123 61.22 -118.47 82.65
N GLU J 124 60.57 -119.21 81.75
CA GLU J 124 61.30 -120.19 80.93
C GLU J 124 62.27 -119.49 79.98
N LEU J 125 61.76 -118.88 78.91
CA LEU J 125 62.56 -117.90 78.20
C LEU J 125 61.83 -116.58 78.02
N ASN J 126 60.74 -116.62 77.24
CA ASN J 126 60.04 -115.44 76.72
C ASN J 126 58.84 -115.92 75.90
N PHE J 127 58.04 -115.00 75.37
CA PHE J 127 57.09 -115.33 74.32
C PHE J 127 57.05 -114.26 73.25
N LEU J 128 58.00 -113.33 73.25
CA LEU J 128 57.95 -112.13 72.42
C LEU J 128 58.25 -112.34 70.93
N PRO J 129 59.41 -112.97 70.48
CA PRO J 129 59.67 -113.01 69.04
C PRO J 129 58.73 -113.91 68.23
N THR J 130 58.64 -115.19 68.61
CA THR J 130 57.77 -116.21 68.02
C THR J 130 57.97 -116.29 66.50
N THR J 131 59.16 -116.73 66.12
CA THR J 131 59.50 -116.80 64.69
C THR J 131 58.91 -118.05 64.06
N GLY J 132 59.37 -119.22 64.47
CA GLY J 132 58.86 -120.48 63.99
C GLY J 132 58.88 -121.49 65.12
N THR J 133 59.44 -122.68 64.85
CA THR J 133 59.84 -123.66 65.86
C THR J 133 58.67 -124.13 66.72
N LYS J 134 57.84 -125.01 66.15
CA LYS J 134 56.71 -125.64 66.86
C LYS J 134 57.11 -126.22 68.22
N LEU J 135 58.36 -126.68 68.39
CA LEU J 135 58.85 -127.16 69.67
C LEU J 135 58.84 -126.07 70.74
N THR J 136 59.30 -124.85 70.40
CA THR J 136 59.15 -123.77 71.38
C THR J 136 57.78 -123.12 71.31
N LYS J 137 56.93 -123.55 70.37
CA LYS J 137 55.51 -123.25 70.46
C LYS J 137 54.78 -124.23 71.38
N GLN J 138 55.43 -125.32 71.81
CA GLN J 138 54.76 -126.31 72.65
C GLN J 138 54.45 -125.75 74.04
N GLN J 139 55.37 -124.98 74.61
CA GLN J 139 55.02 -124.28 75.84
C GLN J 139 54.04 -123.14 75.59
N LEU J 140 53.98 -122.63 74.37
CA LEU J 140 52.96 -121.65 74.02
C LEU J 140 51.58 -122.29 73.90
N ILE J 141 51.53 -123.59 73.62
CA ILE J 141 50.26 -124.31 73.70
C ILE J 141 49.81 -124.39 75.15
N LEU J 142 50.75 -124.68 76.06
CA LEU J 142 50.40 -124.82 77.46
C LEU J 142 50.21 -123.47 78.15
N ALA J 143 50.92 -122.43 77.70
CA ALA J 143 50.77 -121.11 78.30
C ALA J 143 49.38 -120.53 78.01
N ARG J 144 48.80 -120.87 76.86
CA ARG J 144 47.41 -120.54 76.61
C ARG J 144 46.50 -121.32 77.54
N ASP J 145 46.77 -122.62 77.71
CA ASP J 145 45.85 -123.49 78.43
C ASP J 145 45.86 -123.21 79.93
N ILE J 146 47.01 -122.82 80.48
CA ILE J 146 47.04 -122.51 81.90
C ILE J 146 46.41 -121.15 82.19
N LEU J 147 46.38 -120.26 81.21
CA LEU J 147 45.70 -118.99 81.43
C LEU J 147 44.20 -119.11 81.15
N GLU J 148 43.81 -120.08 80.31
CA GLU J 148 42.39 -120.39 80.16
C GLU J 148 41.81 -120.91 81.47
N ILE J 149 42.43 -121.94 82.03
CA ILE J 149 41.98 -122.47 83.33
C ILE J 149 42.24 -121.48 84.45
N GLY J 150 43.21 -120.57 84.28
CA GLY J 150 43.35 -119.48 85.21
C GLY J 150 42.21 -118.50 85.11
N ALA J 151 41.70 -118.28 83.90
CA ALA J 151 40.51 -117.45 83.73
C ALA J 151 39.26 -118.21 84.17
N GLN J 152 39.27 -119.54 84.07
CA GLN J 152 38.16 -120.34 84.60
C GLN J 152 38.09 -120.24 86.12
N TRP J 153 39.24 -120.32 86.78
CA TRP J 153 39.26 -120.23 88.24
C TRP J 153 39.08 -118.80 88.73
N SER J 154 39.29 -117.82 87.84
CA SER J 154 39.12 -116.43 88.23
C SER J 154 37.64 -116.07 88.30
N ILE J 155 36.86 -116.50 87.32
CA ILE J 155 35.42 -116.28 87.35
C ILE J 155 34.76 -117.24 88.32
N LEU J 156 35.44 -118.34 88.67
CA LEU J 156 34.97 -119.21 89.73
C LEU J 156 35.05 -118.55 91.10
N ARG J 157 35.91 -117.54 91.25
CA ARG J 157 36.08 -116.86 92.53
C ARG J 157 35.70 -115.39 92.51
N LYS J 158 35.40 -114.83 91.33
CA LYS J 158 34.98 -113.43 91.13
C LYS J 158 36.05 -112.45 91.63
N ASP J 159 37.16 -112.42 90.91
CA ASP J 159 38.16 -111.38 91.06
C ASP J 159 38.14 -110.50 89.82
N ILE J 160 37.78 -109.23 90.00
CA ILE J 160 37.56 -108.31 88.88
C ILE J 160 38.87 -107.82 88.24
N PRO J 161 39.90 -107.32 88.96
CA PRO J 161 41.13 -106.93 88.25
C PRO J 161 41.92 -108.11 87.74
N SER J 162 41.73 -109.30 88.32
CA SER J 162 42.43 -110.48 87.82
C SER J 162 41.83 -110.97 86.52
N PHE J 163 40.51 -110.89 86.37
CA PHE J 163 39.84 -111.47 85.21
C PHE J 163 40.22 -110.72 83.93
N GLU J 164 40.36 -109.40 84.02
CA GLU J 164 40.88 -108.66 82.88
C GLU J 164 42.38 -108.88 82.71
N ARG J 165 43.07 -109.28 83.77
CA ARG J 165 44.51 -109.53 83.67
C ARG J 165 44.80 -110.82 82.91
N TYR J 166 44.07 -111.90 83.23
CA TYR J 166 44.27 -113.16 82.52
C TYR J 166 43.77 -113.07 81.08
N MET J 167 42.67 -112.34 80.86
CA MET J 167 42.08 -112.26 79.53
C MET J 167 42.93 -111.41 78.58
N ALA J 168 43.60 -110.39 79.11
CA ALA J 168 44.49 -109.59 78.27
C ALA J 168 45.68 -110.40 77.79
N GLN J 169 46.23 -111.25 78.66
CA GLN J 169 47.35 -112.10 78.27
C GLN J 169 46.89 -113.19 77.32
N LEU J 170 45.65 -113.66 77.49
CA LEU J 170 45.06 -114.58 76.52
C LEU J 170 44.81 -113.89 75.19
N LYS J 171 44.32 -112.65 75.22
CA LYS J 171 44.14 -111.90 73.99
C LYS J 171 45.48 -111.53 73.36
N CYS J 172 46.52 -111.34 74.19
CA CYS J 172 47.86 -111.17 73.66
C CYS J 172 48.39 -112.45 73.02
N TYR J 173 47.87 -113.61 73.41
CA TYR J 173 48.29 -114.85 72.75
C TYR J 173 47.51 -115.11 71.48
N TYR J 174 46.35 -114.48 71.31
CA TYR J 174 45.72 -114.41 69.99
C TYR J 174 46.15 -113.16 69.23
N PHE J 175 47.00 -112.32 69.85
CA PHE J 175 47.78 -111.28 69.19
C PHE J 175 49.15 -111.81 68.75
N ASP J 176 49.23 -113.13 68.54
CA ASP J 176 50.47 -113.74 68.09
C ASP J 176 50.70 -113.44 66.61
N TYR J 177 51.92 -113.01 66.30
CA TYR J 177 52.25 -112.58 64.94
C TYR J 177 52.38 -113.77 64.00
N LYS J 178 52.86 -114.90 64.51
CA LYS J 178 53.05 -116.11 63.71
C LYS J 178 52.16 -117.16 64.38
N GLU J 179 50.87 -117.15 64.01
CA GLU J 179 49.87 -117.96 64.68
C GLU J 179 49.65 -119.24 63.86
N GLN J 180 50.47 -120.25 64.16
CA GLN J 180 50.18 -121.59 63.66
C GLN J 180 49.10 -122.21 64.53
N LEU J 181 49.43 -122.45 65.82
CA LEU J 181 48.61 -122.35 67.02
C LEU J 181 47.21 -122.93 66.87
N PRO J 182 47.06 -124.26 66.93
CA PRO J 182 45.76 -124.89 66.64
C PRO J 182 44.67 -124.46 67.61
N GLU J 183 43.44 -124.54 67.12
CA GLU J 183 42.29 -123.90 67.77
C GLU J 183 41.95 -124.60 69.07
N SER J 184 42.22 -123.94 70.19
CA SER J 184 41.75 -124.41 71.48
C SER J 184 40.24 -124.29 71.53
N ALA J 185 39.57 -125.35 71.97
CA ALA J 185 38.11 -125.42 71.97
C ALA J 185 37.45 -124.56 73.02
N TYR J 186 38.19 -123.75 73.77
CA TYR J 186 37.63 -122.87 74.78
C TYR J 186 37.57 -121.42 74.34
N MET J 187 37.99 -121.12 73.10
CA MET J 187 38.22 -119.73 72.69
C MET J 187 36.94 -118.93 72.58
N HIS J 188 35.87 -119.55 72.06
CA HIS J 188 34.67 -118.78 71.73
C HIS J 188 33.90 -118.38 72.98
N GLN J 189 33.87 -119.25 73.99
CA GLN J 189 33.26 -118.83 75.23
C GLN J 189 34.19 -117.97 76.08
N LEU J 190 35.50 -118.09 75.87
CA LEU J 190 36.45 -117.22 76.57
C LEU J 190 36.33 -115.78 76.11
N LEU J 191 36.22 -115.59 74.79
CA LEU J 191 35.93 -114.26 74.27
C LEU J 191 34.51 -113.83 74.63
N GLY J 192 33.58 -114.78 74.78
CA GLY J 192 32.25 -114.44 75.22
C GLY J 192 32.23 -113.95 76.66
N LEU J 193 33.15 -114.46 77.48
CA LEU J 193 33.34 -113.91 78.83
C LEU J 193 33.87 -112.47 78.74
N ASN J 194 34.79 -112.22 77.81
CA ASN J 194 35.33 -110.88 77.63
C ASN J 194 34.30 -109.96 77.00
N LEU J 195 33.47 -110.51 76.10
CA LEU J 195 32.46 -109.71 75.41
C LEU J 195 31.35 -109.31 76.37
N LEU J 196 31.12 -110.12 77.40
CA LEU J 196 30.05 -109.84 78.34
C LEU J 196 30.54 -108.95 79.48
N PHE J 197 31.80 -109.12 79.89
CA PHE J 197 32.40 -108.29 80.92
C PHE J 197 32.57 -106.85 80.45
N LEU J 198 33.07 -106.68 79.23
CA LEU J 198 33.32 -105.35 78.70
C LEU J 198 32.04 -104.68 78.25
N LEU J 199 30.96 -105.45 78.07
CA LEU J 199 29.64 -104.85 77.92
C LEU J 199 29.11 -104.36 79.25
N SER J 200 29.46 -105.06 80.33
CA SER J 200 28.82 -104.83 81.62
C SER J 200 29.33 -103.56 82.29
N GLN J 201 30.63 -103.25 82.14
CA GLN J 201 31.23 -102.08 82.76
C GLN J 201 31.23 -100.85 81.86
N ASN J 202 30.24 -100.77 80.94
CA ASN J 202 29.92 -99.55 80.19
C ASN J 202 31.07 -99.13 79.27
N ARG J 203 31.76 -100.11 78.70
CA ARG J 203 32.76 -99.86 77.66
C ARG J 203 32.14 -100.07 76.28
N VAL J 204 31.08 -99.30 76.02
CA VAL J 204 30.28 -99.52 74.82
C VAL J 204 31.02 -99.03 73.58
N ALA J 205 31.87 -98.01 73.73
CA ALA J 205 32.74 -97.63 72.63
C ALA J 205 33.83 -98.67 72.40
N GLU J 206 34.29 -99.29 73.49
CA GLU J 206 35.25 -100.38 73.36
C GLU J 206 34.59 -101.67 72.91
N PHE J 207 33.26 -101.74 73.01
CA PHE J 207 32.53 -102.94 72.61
C PHE J 207 32.56 -103.15 71.10
N HIS J 208 32.23 -102.11 70.34
CA HIS J 208 32.06 -102.28 68.91
C HIS J 208 33.39 -102.30 68.17
N THR J 209 34.41 -101.62 68.70
CA THR J 209 35.74 -101.75 68.11
C THR J 209 36.41 -103.06 68.48
N GLU J 210 35.91 -103.76 69.49
CA GLU J 210 36.37 -105.12 69.76
C GLU J 210 35.89 -106.10 68.71
N LEU J 211 34.71 -105.86 68.14
CA LEU J 211 34.04 -106.73 67.17
C LEU J 211 34.65 -106.67 65.79
N GLU J 212 35.74 -105.93 65.57
CA GLU J 212 36.36 -105.89 64.25
C GLU J 212 37.13 -107.18 63.96
N ARG J 213 37.74 -107.79 64.96
CA ARG J 213 38.58 -108.96 64.73
C ARG J 213 37.80 -110.24 64.47
N LEU J 214 36.47 -110.19 64.48
CA LEU J 214 35.65 -111.37 64.23
C LEU J 214 35.13 -111.31 62.80
N PRO J 215 35.69 -112.09 61.85
CA PRO J 215 35.32 -111.97 60.44
C PRO J 215 33.88 -112.36 60.10
N ALA J 216 33.49 -113.60 60.41
CA ALA J 216 32.18 -114.08 60.03
C ALA J 216 31.55 -115.00 61.08
N LYS J 217 32.16 -115.14 62.25
CA LYS J 217 31.64 -116.05 63.27
C LYS J 217 30.38 -115.52 63.93
N ASP J 218 30.09 -114.22 63.78
CA ASP J 218 28.93 -113.63 64.44
C ASP J 218 27.63 -114.07 63.78
N ILE J 219 27.67 -114.38 62.49
CA ILE J 219 26.46 -114.67 61.71
C ILE J 219 26.25 -116.16 61.52
N GLN J 220 27.32 -116.88 61.20
CA GLN J 220 27.20 -118.28 60.77
C GLN J 220 26.84 -119.19 61.94
N THR J 221 27.55 -119.05 63.05
CA THR J 221 27.56 -120.00 64.15
C THR J 221 27.83 -119.22 65.43
N ASN J 222 28.36 -119.92 66.44
CA ASN J 222 29.02 -119.32 67.59
C ASN J 222 28.05 -118.55 68.47
N VAL J 223 27.11 -119.29 69.07
CA VAL J 223 26.10 -118.71 69.96
C VAL J 223 26.73 -118.17 71.25
N TYR J 224 27.97 -118.56 71.56
CA TYR J 224 28.71 -117.97 72.67
C TYR J 224 28.98 -116.49 72.43
N ILE J 225 29.19 -116.09 71.18
CA ILE J 225 29.48 -114.71 70.81
C ILE J 225 28.20 -114.08 70.26
N LYS J 226 27.32 -114.90 69.68
CA LYS J 226 26.07 -114.40 69.11
C LYS J 226 25.12 -113.92 70.20
N HIS J 227 25.21 -114.49 71.40
CA HIS J 227 24.29 -114.08 72.47
C HIS J 227 24.59 -112.68 73.03
N PRO J 228 25.83 -112.26 73.30
CA PRO J 228 26.00 -110.86 73.76
C PRO J 228 25.82 -109.83 72.66
N VAL J 229 26.03 -110.18 71.39
CA VAL J 229 25.79 -109.18 70.35
C VAL J 229 24.30 -109.11 70.00
N SER J 230 23.55 -110.18 70.25
CA SER J 230 22.10 -110.07 70.22
C SER J 230 21.61 -109.33 71.46
N LEU J 231 22.35 -109.42 72.56
CA LEU J 231 22.01 -108.68 73.76
C LEU J 231 22.20 -107.18 73.56
N GLU J 232 23.33 -106.79 72.95
CA GLU J 232 23.60 -105.38 72.71
C GLU J 232 22.62 -104.80 71.67
N GLN J 233 22.19 -105.62 70.72
CA GLN J 233 21.15 -105.19 69.79
C GLN J 233 19.82 -104.98 70.50
N TYR J 234 19.55 -105.75 71.57
CA TYR J 234 18.33 -105.52 72.34
C TYR J 234 18.43 -104.23 73.15
N LEU J 235 19.63 -103.86 73.58
CA LEU J 235 19.84 -102.58 74.23
C LEU J 235 19.77 -101.40 73.27
N MET J 236 19.85 -101.62 71.96
CA MET J 236 19.85 -100.54 70.99
C MET J 236 18.54 -99.74 70.95
N GLU J 237 17.46 -100.38 70.50
CA GLU J 237 16.32 -99.59 70.03
C GLU J 237 15.44 -99.09 71.15
N GLY J 238 14.69 -99.98 71.79
CA GLY J 238 13.93 -99.62 72.96
C GLY J 238 13.69 -100.79 73.89
N SER J 239 14.29 -101.92 73.58
CA SER J 239 13.77 -103.21 74.03
C SER J 239 14.48 -103.63 75.32
N TYR J 240 13.99 -103.12 76.45
CA TYR J 240 14.51 -103.54 77.73
C TYR J 240 14.03 -104.95 78.09
N ASN J 241 12.76 -105.25 77.80
CA ASN J 241 12.14 -106.45 78.36
C ASN J 241 12.63 -107.73 77.67
N LYS J 242 13.07 -107.63 76.41
CA LYS J 242 13.60 -108.82 75.73
C LYS J 242 14.94 -109.25 76.31
N VAL J 243 15.67 -108.31 76.93
CA VAL J 243 16.87 -108.66 77.68
C VAL J 243 16.50 -109.54 78.88
N PHE J 244 15.51 -109.11 79.65
CA PHE J 244 15.15 -109.80 80.88
C PHE J 244 14.32 -111.05 80.62
N LEU J 245 13.74 -111.20 79.42
CA LEU J 245 13.06 -112.44 79.07
C LEU J 245 13.98 -113.43 78.40
N ALA J 246 15.12 -112.98 77.88
CA ALA J 246 16.20 -113.87 77.48
C ALA J 246 17.18 -114.13 78.63
N LYS J 247 16.84 -113.69 79.84
CA LYS J 247 17.65 -113.97 81.02
C LYS J 247 17.65 -115.46 81.33
N GLY J 248 16.54 -116.13 81.08
CA GLY J 248 16.42 -117.55 81.37
C GLY J 248 16.89 -118.42 80.23
N ASN J 249 17.82 -117.92 79.42
CA ASN J 249 18.37 -118.70 78.33
C ASN J 249 19.82 -118.24 78.11
N ILE J 250 20.75 -118.95 78.72
CA ILE J 250 22.17 -118.84 78.40
C ILE J 250 22.60 -120.19 77.87
N PRO J 251 23.06 -120.29 76.62
CA PRO J 251 23.55 -121.58 76.11
C PRO J 251 24.91 -121.95 76.65
N ALA J 252 25.63 -121.01 77.22
CA ALA J 252 26.98 -121.19 77.71
C ALA J 252 26.95 -121.62 79.18
N GLU J 253 28.09 -121.50 79.85
CA GLU J 253 28.13 -121.51 81.31
C GLU J 253 27.37 -120.31 81.87
N SER J 254 27.25 -120.31 83.21
CA SER J 254 26.15 -119.61 83.90
C SER J 254 26.11 -118.12 83.64
N TYR J 255 27.27 -117.49 83.40
CA TYR J 255 27.44 -116.06 83.11
C TYR J 255 26.88 -115.14 84.19
N THR J 256 26.66 -115.66 85.40
CA THR J 256 25.83 -114.94 86.35
C THR J 256 26.61 -113.81 87.03
N PHE J 257 27.92 -113.99 87.18
CA PHE J 257 28.74 -112.97 87.82
C PHE J 257 28.92 -111.74 86.95
N PHE J 258 28.65 -111.83 85.64
CA PHE J 258 28.64 -110.64 84.81
C PHE J 258 27.25 -110.05 84.69
N ILE J 259 26.24 -110.89 84.47
CA ILE J 259 24.91 -110.36 84.20
C ILE J 259 24.23 -109.85 85.46
N ASP J 260 24.72 -110.21 86.65
CA ASP J 260 24.24 -109.51 87.84
C ASP J 260 24.73 -108.07 87.84
N ILE J 261 25.96 -107.84 87.38
CA ILE J 261 26.48 -106.49 87.27
C ILE J 261 25.85 -105.78 86.08
N LEU J 262 25.61 -106.52 85.00
CA LEU J 262 25.06 -105.94 83.76
C LEU J 262 23.65 -105.43 83.97
N LEU J 263 22.85 -106.14 84.74
CA LEU J 263 21.48 -105.69 84.95
C LEU J 263 21.43 -104.64 86.06
N ASP J 264 22.35 -104.70 87.03
CA ASP J 264 22.41 -103.69 88.07
C ASP J 264 22.79 -102.33 87.50
N THR J 265 23.69 -102.31 86.52
CA THR J 265 24.01 -101.06 85.86
C THR J 265 22.94 -100.66 84.84
N ILE J 266 21.95 -101.52 84.59
CA ILE J 266 20.74 -101.09 83.88
C ILE J 266 19.74 -100.47 84.87
N ARG J 267 19.57 -101.11 86.04
CA ARG J 267 18.51 -100.72 86.97
C ARG J 267 18.75 -99.32 87.54
N ASP J 268 20.00 -98.99 87.87
CA ASP J 268 20.29 -97.66 88.42
C ASP J 268 20.16 -96.56 87.37
N GLU J 269 20.31 -96.89 86.09
CA GLU J 269 20.16 -95.90 85.03
C GLU J 269 18.70 -95.52 84.84
N ILE J 270 17.80 -96.52 84.81
CA ILE J 270 16.37 -96.26 84.85
C ILE J 270 15.98 -95.63 86.19
N ALA J 271 16.66 -96.04 87.28
CA ALA J 271 16.51 -95.31 88.53
C ALA J 271 17.05 -93.89 88.40
N GLY J 272 18.14 -93.71 87.65
CA GLY J 272 18.65 -92.38 87.39
C GLY J 272 17.71 -91.54 86.53
N CYS J 273 16.87 -92.19 85.73
CA CYS J 273 15.84 -91.47 85.01
C CYS J 273 14.66 -91.12 85.91
N ILE J 274 14.35 -91.99 86.88
CA ILE J 274 13.21 -91.74 87.75
C ILE J 274 13.60 -90.93 88.98
N GLU J 275 14.90 -90.76 89.25
CA GLU J 275 15.34 -89.83 90.30
C GLU J 275 15.40 -88.38 89.82
N LYS J 276 14.90 -88.11 88.61
CA LYS J 276 14.69 -86.75 88.11
C LYS J 276 13.39 -86.18 88.68
N ALA J 277 12.88 -85.13 88.05
CA ALA J 277 11.67 -84.42 88.48
C ALA J 277 10.37 -85.27 88.42
N TYR J 278 10.39 -86.55 88.07
CA TYR J 278 9.20 -87.40 88.01
C TYR J 278 8.80 -87.69 89.44
N GLU J 279 7.79 -86.98 89.95
CA GLU J 279 7.63 -86.78 91.39
C GLU J 279 7.16 -87.99 92.18
N LYS J 280 5.96 -88.51 91.89
CA LYS J 280 5.39 -89.52 92.76
C LYS J 280 4.64 -90.58 91.96
N ILE J 281 4.82 -91.83 92.38
CA ILE J 281 4.13 -93.00 91.86
C ILE J 281 3.83 -93.95 93.01
N LEU J 282 3.32 -95.13 92.70
CA LEU J 282 3.03 -96.15 93.69
C LEU J 282 3.96 -97.34 93.47
N PHE J 283 3.89 -98.32 94.36
CA PHE J 283 4.71 -99.52 94.24
C PHE J 283 4.41 -100.31 92.96
N THR J 284 3.18 -100.22 92.45
CA THR J 284 2.85 -100.95 91.23
C THR J 284 3.53 -100.37 90.01
N GLU J 285 3.91 -99.09 90.04
CA GLU J 285 4.75 -98.56 88.97
C GLU J 285 6.19 -99.01 89.14
N ALA J 286 6.65 -99.14 90.37
CA ALA J 286 7.95 -99.77 90.63
C ALA J 286 7.89 -101.26 90.33
N THR J 287 6.69 -101.84 90.32
CA THR J 287 6.54 -103.21 89.85
C THR J 287 6.58 -103.27 88.32
N ARG J 288 5.94 -102.29 87.65
CA ARG J 288 5.93 -102.30 86.19
C ARG J 288 7.26 -101.84 85.62
N ILE J 289 7.70 -100.64 86.00
CA ILE J 289 8.91 -100.08 85.41
C ILE J 289 10.15 -100.81 85.91
N LEU J 290 10.32 -100.92 87.23
CA LEU J 290 11.60 -101.41 87.69
C LEU J 290 11.73 -102.92 87.55
N PHE J 291 10.97 -103.70 88.36
CA PHE J 291 10.40 -105.04 88.16
C PHE J 291 9.75 -105.55 89.46
N PHE J 292 9.46 -106.86 89.51
CA PHE J 292 9.43 -107.60 90.77
C PHE J 292 8.38 -107.24 91.80
N ASN J 293 7.14 -107.72 91.63
CA ASN J 293 6.21 -107.84 92.75
C ASN J 293 6.88 -108.50 93.97
N THR J 294 6.51 -108.00 95.16
CA THR J 294 7.37 -107.71 96.31
C THR J 294 8.42 -108.75 96.68
N PRO J 295 9.69 -108.50 96.34
CA PRO J 295 10.82 -108.98 97.15
C PRO J 295 11.26 -107.90 98.11
N LYS J 296 12.43 -108.07 98.73
CA LYS J 296 13.09 -106.97 99.44
C LYS J 296 13.82 -105.99 98.51
N LYS J 297 13.51 -105.99 97.20
CA LYS J 297 14.06 -104.96 96.31
C LYS J 297 13.43 -103.60 96.61
N MET J 298 12.19 -103.59 97.09
CA MET J 298 11.60 -102.33 97.54
C MET J 298 12.26 -101.85 98.81
N THR J 299 12.84 -102.77 99.60
CA THR J 299 13.72 -102.38 100.69
C THR J 299 15.08 -101.93 100.15
N ASP J 300 15.53 -102.53 99.05
CA ASP J 300 16.82 -102.19 98.45
C ASP J 300 16.84 -100.75 97.97
N TYR J 301 15.78 -100.33 97.26
CA TYR J 301 15.73 -98.96 96.76
C TYR J 301 15.07 -98.00 97.75
N ALA J 302 14.66 -98.48 98.93
CA ALA J 302 14.30 -97.56 99.99
C ALA J 302 15.54 -97.06 100.71
N LYS J 303 16.57 -97.89 100.79
CA LYS J 303 17.79 -97.54 101.52
C LYS J 303 18.87 -96.98 100.61
N LYS J 304 19.02 -97.55 99.40
CA LYS J 304 19.95 -96.98 98.43
C LYS J 304 19.41 -95.67 97.89
N ARG J 305 18.23 -95.71 97.28
CA ARG J 305 17.55 -94.51 96.81
C ARG J 305 16.65 -93.98 97.94
N GLY J 306 15.73 -93.09 97.60
CA GLY J 306 14.80 -92.55 98.58
C GLY J 306 13.53 -93.39 98.62
N TRP J 307 12.46 -92.88 98.01
CA TRP J 307 11.24 -93.64 97.68
C TRP J 307 10.54 -94.16 98.94
N VAL J 308 10.20 -93.23 99.83
CA VAL J 308 9.50 -93.58 101.06
C VAL J 308 8.02 -93.76 100.74
N LEU J 309 7.46 -94.91 101.15
CA LEU J 309 6.04 -95.16 100.97
C LEU J 309 5.24 -94.37 101.99
N GLY J 310 4.49 -93.38 101.51
CA GLY J 310 3.63 -92.61 102.37
C GLY J 310 2.26 -93.25 102.51
N PRO J 311 1.20 -92.46 102.37
CA PRO J 311 -0.17 -93.02 102.37
C PRO J 311 -0.49 -93.72 101.06
N ASN J 312 0.16 -94.87 100.86
CA ASN J 312 0.21 -95.62 99.61
C ASN J 312 0.62 -94.72 98.45
N ASN J 313 1.75 -94.03 98.65
CA ASN J 313 2.25 -93.05 97.70
C ASN J 313 3.74 -92.89 97.94
N TYR J 314 4.55 -93.04 96.89
CA TYR J 314 5.98 -92.80 97.01
C TYR J 314 6.28 -91.31 96.88
N TYR J 315 7.54 -90.96 97.14
CA TYR J 315 7.99 -89.58 97.09
C TYR J 315 9.37 -89.51 96.49
N SER J 316 9.52 -88.72 95.43
CA SER J 316 10.82 -88.40 94.86
C SER J 316 10.83 -86.90 94.59
N PHE J 317 11.80 -86.20 95.17
CA PHE J 317 11.81 -84.75 95.17
C PHE J 317 12.31 -84.22 93.82
N ALA J 318 12.43 -82.90 93.72
CA ALA J 318 12.85 -82.25 92.48
C ALA J 318 14.36 -82.13 92.45
N SER J 319 14.98 -82.73 91.43
CA SER J 319 16.42 -82.67 91.25
C SER J 319 16.83 -81.53 90.32
N GLN J 320 15.92 -80.60 90.05
CA GLN J 320 16.20 -79.50 89.14
C GLN J 320 16.93 -78.39 89.88
N GLN J 321 17.99 -77.87 89.26
CA GLN J 321 18.80 -76.82 89.86
C GLN J 321 18.15 -75.45 89.65
N GLN J 322 18.85 -74.41 90.08
CA GLN J 322 18.34 -73.05 90.01
C GLN J 322 18.78 -72.30 88.77
N LYS J 323 19.84 -72.77 88.09
CA LYS J 323 20.50 -72.15 86.93
C LYS J 323 20.88 -70.70 87.22
N PRO J 324 21.94 -70.44 87.99
CA PRO J 324 22.36 -69.05 88.21
C PRO J 324 22.96 -68.47 86.93
N GLU J 325 22.45 -67.29 86.55
CA GLU J 325 22.88 -66.64 85.33
C GLU J 325 23.18 -65.17 85.59
N ASP J 326 24.07 -64.64 84.79
CA ASP J 326 24.24 -63.20 84.64
C ASP J 326 24.23 -62.78 83.17
N THR J 327 24.83 -63.60 82.30
CA THR J 327 24.92 -63.46 80.83
C THR J 327 25.65 -62.22 80.36
N THR J 328 26.24 -61.46 81.28
CA THR J 328 27.27 -60.48 80.98
C THR J 328 28.61 -60.90 81.55
N ILE J 329 28.69 -62.15 82.03
CA ILE J 329 29.91 -62.84 82.45
C ILE J 329 31.08 -62.72 81.47
N PRO J 330 30.92 -62.90 80.11
CA PRO J 330 32.14 -62.80 79.26
C PRO J 330 32.67 -61.40 79.03
N SER J 331 32.24 -60.41 79.84
CA SER J 331 32.64 -59.01 79.64
C SER J 331 34.16 -58.84 79.78
N THR J 332 34.81 -59.67 80.58
CA THR J 332 36.27 -59.63 80.62
C THR J 332 36.86 -60.23 79.36
N GLU J 333 36.47 -61.47 79.03
CA GLU J 333 37.10 -62.18 77.92
C GLU J 333 36.71 -61.63 76.56
N LEU J 334 35.54 -61.01 76.43
CA LEU J 334 35.23 -60.30 75.18
C LEU J 334 36.07 -59.05 75.06
N ALA J 335 36.39 -58.42 76.20
CA ALA J 335 37.32 -57.30 76.18
C ALA J 335 38.75 -57.78 75.93
N LYS J 336 39.03 -59.06 76.21
CA LYS J 336 40.32 -59.63 75.84
C LYS J 336 40.43 -59.84 74.34
N GLN J 337 39.35 -60.36 73.72
CA GLN J 337 39.39 -60.77 72.32
C GLN J 337 39.60 -59.59 71.39
N VAL J 338 39.00 -58.44 71.72
CA VAL J 338 39.12 -57.26 70.87
C VAL J 338 40.53 -56.67 70.98
N ILE J 339 41.22 -56.93 72.09
CA ILE J 339 42.60 -56.47 72.23
C ILE J 339 43.53 -57.17 71.25
N GLU J 340 43.45 -58.51 71.16
CA GLU J 340 44.30 -59.18 70.19
C GLU J 340 43.82 -59.01 68.75
N TYR J 341 42.64 -58.41 68.54
CA TYR J 341 42.29 -57.98 67.19
C TYR J 341 43.23 -56.87 66.73
N ALA J 342 43.28 -55.77 67.49
CA ALA J 342 44.12 -54.64 67.12
C ALA J 342 45.59 -54.92 67.35
N ARG J 343 45.90 -55.85 68.26
CA ARG J 343 47.28 -56.29 68.47
C ARG J 343 47.79 -57.04 67.25
N GLN J 344 46.90 -57.76 66.56
CA GLN J 344 47.28 -58.43 65.31
C GLN J 344 47.03 -57.58 64.09
N LEU J 345 46.44 -56.40 64.24
CA LEU J 345 46.42 -55.41 63.16
C LEU J 345 47.68 -54.56 63.18
N GLU J 346 47.99 -53.95 64.33
CA GLU J 346 49.25 -53.25 64.51
C GLU J 346 50.32 -54.23 64.93
N MET J 347 51.51 -53.73 65.25
CA MET J 347 52.56 -54.38 66.05
C MET J 347 53.25 -55.56 65.36
N ILE J 348 52.65 -56.10 64.29
CA ILE J 348 53.27 -57.19 63.54
C ILE J 348 53.29 -56.80 62.08
N VAL J 349 54.40 -56.20 61.67
CA VAL J 349 54.46 -55.45 60.43
C VAL J 349 55.31 -56.20 59.42
N MET K 1 45.87 -86.92 39.71
CA MET K 1 46.48 -87.15 41.02
C MET K 1 45.84 -88.36 41.69
N SER K 2 46.41 -89.54 41.43
CA SER K 2 45.89 -90.77 42.02
C SER K 2 46.24 -90.83 43.50
N GLU K 3 45.25 -91.10 44.33
CA GLU K 3 45.45 -91.16 45.77
C GLU K 3 45.36 -92.56 46.34
N LYS K 4 45.44 -93.59 45.48
CA LYS K 4 45.61 -95.00 45.84
C LYS K 4 44.45 -95.56 46.65
N LYS K 5 43.28 -94.92 46.55
CA LYS K 5 42.09 -95.34 47.28
C LYS K 5 40.91 -95.36 46.31
N GLN K 6 41.19 -95.25 45.01
CA GLN K 6 40.27 -95.07 43.89
C GLN K 6 39.45 -96.26 43.36
N PRO K 7 39.94 -97.52 43.45
CA PRO K 7 39.90 -98.41 42.26
C PRO K 7 38.53 -98.73 41.68
N VAL K 8 37.45 -98.58 42.44
CA VAL K 8 36.13 -98.95 41.94
C VAL K 8 35.61 -97.91 40.95
N ASP K 9 35.46 -96.67 41.40
CA ASP K 9 34.85 -95.64 40.58
C ASP K 9 35.91 -94.72 40.00
N GLU K 40 12.98 -84.90 31.00
CA GLU K 40 12.80 -85.32 32.38
C GLU K 40 12.72 -86.85 32.46
N ASP K 41 13.88 -87.52 32.42
CA ASP K 41 13.91 -88.94 32.71
C ASP K 41 13.89 -89.17 34.21
N ASN K 42 14.97 -88.77 34.88
CA ASN K 42 15.04 -88.59 36.32
C ASN K 42 15.77 -87.29 36.60
N TRP K 43 15.47 -86.28 35.78
CA TRP K 43 16.36 -85.13 35.57
C TRP K 43 16.40 -84.18 36.77
N ASP K 44 15.31 -84.06 37.52
CA ASP K 44 15.38 -83.44 38.83
C ASP K 44 14.52 -84.24 39.83
N ASP K 45 14.64 -85.56 39.80
CA ASP K 45 13.67 -86.46 40.42
C ASP K 45 13.82 -86.58 41.93
N ASP K 46 15.06 -86.59 42.44
CA ASP K 46 15.30 -87.02 43.82
C ASP K 46 14.80 -86.00 44.84
N ASN K 47 14.67 -84.72 44.45
CA ASN K 47 14.05 -83.76 45.36
C ASN K 47 12.56 -84.04 45.51
N VAL K 48 11.91 -84.46 44.42
CA VAL K 48 10.52 -84.87 44.47
C VAL K 48 10.39 -86.18 45.23
N GLU K 49 11.32 -87.11 45.00
CA GLU K 49 11.17 -88.47 45.51
C GLU K 49 11.55 -88.59 46.98
N ASP K 50 12.52 -87.80 47.46
CA ASP K 50 12.86 -87.84 48.87
C ASP K 50 11.74 -87.26 49.74
N ASP K 51 10.89 -86.42 49.16
CA ASP K 51 9.80 -85.84 49.94
C ASP K 51 8.52 -86.66 49.83
N PHE K 52 8.01 -86.87 48.62
CA PHE K 52 6.86 -87.74 48.38
C PHE K 52 7.25 -88.91 47.48
N SER K 53 6.91 -90.13 47.89
CA SER K 53 7.27 -91.28 47.06
C SER K 53 6.14 -91.81 46.18
N ASN K 54 5.11 -92.40 46.79
CA ASN K 54 4.13 -93.16 46.01
C ASN K 54 2.72 -93.07 46.61
N GLN K 55 2.31 -91.90 47.07
CA GLN K 55 1.12 -91.79 47.91
C GLN K 55 -0.11 -91.41 47.08
N LEU K 56 -0.51 -92.34 46.21
CA LEU K 56 -1.68 -92.25 45.31
C LEU K 56 -1.73 -90.92 44.56
N ARG K 57 -0.78 -90.76 43.64
CA ARG K 57 -0.42 -89.48 43.05
C ARG K 57 -1.45 -88.90 42.08
N ALA K 58 -2.57 -89.60 41.86
CA ALA K 58 -3.65 -89.01 41.10
C ALA K 58 -4.37 -87.91 41.88
N GLU K 59 -4.24 -87.91 43.22
CA GLU K 59 -4.58 -86.79 44.10
C GLU K 59 -6.07 -86.46 44.07
N LEU K 60 -6.90 -87.42 43.73
CA LEU K 60 -8.34 -87.23 43.69
C LEU K 60 -9.10 -88.27 44.49
N GLU K 61 -8.61 -89.52 44.52
CA GLU K 61 -9.37 -90.61 45.08
C GLU K 61 -9.43 -90.56 46.60
N LYS K 62 -8.52 -89.88 47.24
CA LYS K 62 -8.63 -89.57 48.65
C LYS K 62 -8.47 -88.08 48.93
N HIS K 63 -7.57 -87.42 48.20
CA HIS K 63 -7.32 -86.01 48.42
C HIS K 63 -8.51 -85.16 47.98
N GLY K 64 -9.13 -85.51 46.86
CA GLY K 64 -10.37 -84.88 46.45
C GLY K 64 -11.62 -85.59 46.88
N TYR K 65 -11.49 -86.81 47.41
CA TYR K 65 -12.66 -87.60 47.79
C TYR K 65 -12.65 -87.87 49.29
N LYS K 66 -12.48 -86.83 50.09
CA LYS K 66 -12.83 -86.92 51.50
C LYS K 66 -14.31 -86.72 51.73
N MET K 67 -15.00 -86.10 50.77
CA MET K 67 -16.29 -85.48 50.99
C MET K 67 -17.43 -86.47 51.16
N GLU K 68 -17.21 -87.76 50.90
CA GLU K 68 -18.24 -88.74 51.22
C GLU K 68 -18.33 -89.00 52.72
N THR K 69 -17.30 -88.66 53.48
CA THR K 69 -17.36 -88.78 54.93
C THR K 69 -18.24 -87.71 55.55
N SER K 70 -18.37 -86.56 54.89
CA SER K 70 -19.19 -85.48 55.40
C SER K 70 -20.23 -85.07 54.36
N MET L 1 31.03 -44.22 -3.23
CA MET L 1 31.99 -45.27 -3.59
C MET L 1 31.33 -46.39 -4.40
N GLU L 2 31.34 -46.22 -5.72
CA GLU L 2 30.70 -47.18 -6.63
C GLU L 2 31.76 -48.13 -7.19
N GLU L 3 32.26 -49.00 -6.32
CA GLU L 3 33.14 -50.11 -6.73
C GLU L 3 32.28 -51.28 -7.19
N GLY L 4 32.94 -52.25 -7.83
CA GLY L 4 32.30 -53.51 -8.14
C GLY L 4 31.40 -53.51 -9.36
N GLY L 5 31.27 -54.67 -10.00
CA GLY L 5 30.37 -54.85 -11.11
C GLY L 5 31.00 -54.60 -12.47
N ARG L 6 31.93 -53.66 -12.56
CA ARG L 6 32.63 -53.38 -13.81
C ARG L 6 34.13 -53.57 -13.65
N ASP L 7 34.56 -54.31 -12.62
CA ASP L 7 35.97 -54.56 -12.38
C ASP L 7 36.38 -55.78 -13.20
N LYS L 8 36.43 -55.59 -14.51
CA LYS L 8 36.89 -56.64 -15.41
C LYS L 8 38.40 -56.78 -15.34
N ALA L 9 39.11 -55.67 -15.57
CA ALA L 9 40.56 -55.59 -15.51
C ALA L 9 41.19 -55.85 -14.15
N PRO L 10 40.52 -55.57 -12.99
CA PRO L 10 41.08 -56.11 -11.73
C PRO L 10 40.72 -57.57 -11.45
N VAL L 11 40.22 -58.31 -12.44
CA VAL L 11 39.90 -59.72 -12.23
C VAL L 11 40.62 -60.61 -13.25
N GLN L 12 40.44 -60.33 -14.54
CA GLN L 12 40.98 -61.25 -15.54
C GLN L 12 42.48 -61.02 -15.75
N PRO L 13 43.01 -59.78 -15.78
CA PRO L 13 44.46 -59.62 -15.58
C PRO L 13 44.91 -59.76 -14.14
N GLN L 14 44.02 -60.06 -13.20
CA GLN L 14 44.44 -60.54 -11.89
C GLN L 14 44.60 -62.05 -11.89
N GLN L 15 43.86 -62.75 -12.75
CA GLN L 15 43.85 -64.21 -12.79
C GLN L 15 44.80 -64.79 -13.83
N SER L 16 44.84 -64.23 -15.04
CA SER L 16 45.64 -64.81 -16.12
C SER L 16 47.15 -64.64 -15.93
N PRO L 17 47.69 -63.54 -15.38
CA PRO L 17 49.07 -63.60 -14.91
C PRO L 17 49.26 -64.43 -13.64
N ALA L 18 48.22 -64.63 -12.84
CA ALA L 18 48.32 -65.57 -11.74
C ALA L 18 48.27 -67.01 -12.24
N ALA L 19 47.60 -67.24 -13.37
CA ALA L 19 47.62 -68.52 -14.05
C ALA L 19 48.79 -68.66 -15.01
N ALA L 20 49.67 -67.65 -15.08
CA ALA L 20 50.86 -67.74 -15.92
C ALA L 20 51.91 -68.68 -15.32
N PRO L 21 52.17 -68.72 -13.99
CA PRO L 21 52.92 -69.89 -13.47
C PRO L 21 52.12 -71.17 -13.52
N GLY L 22 50.79 -71.10 -13.52
CA GLY L 22 49.98 -72.26 -13.78
C GLY L 22 49.89 -72.64 -15.24
N GLY L 23 50.44 -71.82 -16.12
CA GLY L 23 50.43 -72.10 -17.54
C GLY L 23 51.70 -71.75 -18.28
N THR L 24 52.82 -71.61 -17.58
CA THR L 24 54.12 -71.53 -18.23
C THR L 24 54.60 -72.93 -18.61
N ASP L 25 54.80 -73.78 -17.61
CA ASP L 25 55.01 -75.20 -17.84
C ASP L 25 53.66 -75.84 -18.18
N GLU L 26 53.72 -76.95 -18.91
CA GLU L 26 52.63 -77.78 -19.44
C GLU L 26 51.58 -77.04 -20.26
N LYS L 27 51.84 -75.79 -20.63
CA LYS L 27 50.96 -75.01 -21.50
C LYS L 27 51.85 -74.10 -22.35
N PRO L 28 52.32 -74.59 -23.50
CA PRO L 28 53.19 -73.76 -24.33
C PRO L 28 52.45 -72.65 -25.06
N SER L 29 51.14 -72.82 -25.27
CA SER L 29 50.36 -71.77 -25.93
C SER L 29 49.93 -70.71 -24.94
N GLY L 30 49.41 -71.13 -23.78
CA GLY L 30 48.96 -70.21 -22.75
C GLY L 30 50.08 -69.42 -22.11
N LYS L 31 51.32 -69.92 -22.18
CA LYS L 31 52.47 -69.14 -21.77
C LYS L 31 52.73 -67.99 -22.73
N GLU L 32 52.45 -68.17 -24.02
CA GLU L 32 52.80 -67.22 -25.05
C GLU L 32 51.65 -66.31 -25.45
N ARG L 33 50.48 -66.89 -25.72
CA ARG L 33 49.39 -66.10 -26.28
C ARG L 33 48.67 -65.27 -25.23
N ARG L 34 48.57 -65.77 -24.00
CA ARG L 34 48.04 -64.94 -22.93
C ARG L 34 49.04 -63.87 -22.52
N ASP L 35 50.34 -64.12 -22.74
CA ASP L 35 51.33 -63.08 -22.51
C ASP L 35 51.21 -61.99 -23.56
N ALA L 36 51.02 -62.38 -24.83
CA ALA L 36 50.85 -61.40 -25.89
C ALA L 36 49.53 -60.65 -25.76
N GLY L 37 48.47 -61.35 -25.32
CA GLY L 37 47.22 -60.68 -25.00
C GLY L 37 47.31 -59.78 -23.79
N ASP L 38 48.20 -60.10 -22.84
CA ASP L 38 48.48 -59.19 -21.75
C ASP L 38 49.32 -58.01 -22.21
N LYS L 39 50.26 -58.27 -23.13
CA LYS L 39 51.25 -57.26 -23.48
C LYS L 39 50.65 -56.12 -24.30
N ASP L 40 49.86 -56.44 -25.33
CA ASP L 40 49.31 -55.41 -26.20
C ASP L 40 48.21 -54.62 -25.50
N LYS L 41 47.46 -55.27 -24.63
CA LYS L 41 46.35 -54.60 -23.96
C LYS L 41 46.87 -53.67 -22.87
N GLU L 42 47.91 -54.09 -22.14
CA GLU L 42 48.55 -53.19 -21.19
C GLU L 42 49.29 -52.06 -21.91
N GLN L 43 49.79 -52.34 -23.11
CA GLN L 43 50.35 -51.30 -23.97
C GLN L 43 49.27 -50.35 -24.45
N GLU L 44 48.07 -50.85 -24.73
CA GLU L 44 47.01 -50.00 -25.26
C GLU L 44 46.38 -49.13 -24.17
N LEU L 45 46.30 -49.63 -22.94
CA LEU L 45 45.78 -48.86 -21.82
C LEU L 45 46.80 -47.89 -21.23
N SER L 46 47.85 -47.54 -21.96
CA SER L 46 48.79 -46.51 -21.55
C SER L 46 49.06 -45.46 -22.60
N GLU L 47 48.74 -45.70 -23.88
CA GLU L 47 49.19 -44.81 -24.94
C GLU L 47 48.41 -43.51 -24.97
N GLU L 48 47.12 -43.55 -24.64
CA GLU L 48 46.42 -42.30 -24.42
C GLU L 48 46.95 -41.70 -23.11
N ASP L 49 47.44 -40.46 -23.19
CA ASP L 49 47.81 -39.75 -21.97
C ASP L 49 46.64 -38.90 -21.49
N LYS L 50 45.49 -39.57 -21.45
CA LYS L 50 44.23 -39.03 -20.98
C LYS L 50 43.55 -40.03 -20.06
N GLN L 51 44.24 -41.10 -19.69
CA GLN L 51 43.91 -41.97 -18.58
C GLN L 51 45.25 -42.29 -17.94
N LEU L 52 45.68 -41.47 -16.98
CA LEU L 52 46.91 -41.83 -16.27
C LEU L 52 46.66 -43.04 -15.38
N GLN L 53 45.50 -43.09 -14.74
CA GLN L 53 45.11 -44.27 -13.99
C GLN L 53 44.84 -45.40 -14.96
N ASP L 54 45.70 -46.42 -14.90
CA ASP L 54 45.63 -47.55 -15.79
C ASP L 54 45.03 -48.72 -15.03
N GLU L 55 44.06 -49.38 -15.64
CA GLU L 55 43.32 -50.44 -14.96
C GLU L 55 44.13 -51.71 -14.77
N LEU L 56 45.34 -51.78 -15.32
CA LEU L 56 46.27 -52.87 -15.06
C LEU L 56 47.51 -52.44 -14.29
N GLU L 57 48.12 -51.31 -14.67
CA GLU L 57 49.50 -51.00 -14.30
C GLU L 57 49.68 -50.80 -12.80
N MET L 58 48.61 -50.43 -12.09
CA MET L 58 48.62 -50.45 -10.64
C MET L 58 47.52 -51.34 -10.07
N LEU L 59 47.16 -52.39 -10.81
CA LEU L 59 46.25 -53.43 -10.36
C LEU L 59 46.87 -54.82 -10.39
N VAL L 60 47.80 -55.06 -11.32
CA VAL L 60 48.32 -56.41 -11.48
C VAL L 60 49.49 -56.69 -10.54
N GLU L 61 50.30 -55.67 -10.20
CA GLU L 61 51.56 -55.93 -9.50
C GLU L 61 51.37 -56.17 -8.01
N ARG L 62 50.14 -56.03 -7.50
CA ARG L 62 49.87 -56.37 -6.10
C ARG L 62 50.15 -57.84 -5.83
N LEU L 63 49.89 -58.70 -6.81
CA LEU L 63 50.47 -60.03 -6.85
C LEU L 63 51.56 -60.15 -7.91
N GLY L 64 51.55 -59.29 -8.92
CA GLY L 64 52.46 -59.40 -10.05
C GLY L 64 53.89 -59.05 -9.75
N GLU L 65 54.15 -58.31 -8.67
CA GLU L 65 55.53 -58.06 -8.27
C GLU L 65 56.18 -59.34 -7.74
N LYS L 66 55.46 -60.06 -6.88
CA LYS L 66 55.94 -61.36 -6.45
C LYS L 66 55.86 -62.39 -7.56
N ASP L 67 54.98 -62.17 -8.54
CA ASP L 67 54.93 -63.05 -9.70
C ASP L 67 56.15 -62.89 -10.57
N THR L 68 56.49 -61.63 -10.92
CA THR L 68 57.62 -61.35 -11.82
C THR L 68 58.94 -61.73 -11.16
N SER L 69 59.00 -61.70 -9.83
CA SER L 69 60.16 -62.21 -9.12
C SER L 69 60.29 -63.73 -9.24
N LEU L 70 59.20 -64.41 -9.55
CA LEU L 70 59.21 -65.86 -9.75
C LEU L 70 58.94 -66.26 -11.20
N TYR L 71 58.69 -65.30 -12.08
CA TYR L 71 58.43 -65.58 -13.49
C TYR L 71 59.63 -65.27 -14.37
N ARG L 72 60.28 -64.12 -14.18
CA ARG L 72 61.42 -63.77 -14.99
C ARG L 72 62.71 -64.50 -14.56
N PRO L 73 63.18 -64.45 -13.26
CA PRO L 73 64.42 -65.19 -12.94
C PRO L 73 64.23 -66.68 -12.94
N ALA L 74 63.20 -67.14 -12.22
CA ALA L 74 63.04 -68.55 -11.88
C ALA L 74 62.60 -69.42 -13.06
N LEU L 75 62.33 -68.84 -14.22
CA LEU L 75 62.04 -69.66 -15.39
C LEU L 75 63.31 -70.34 -15.90
N GLU L 76 64.41 -69.58 -15.99
CA GLU L 76 65.78 -70.05 -16.23
C GLU L 76 66.02 -70.72 -17.59
N GLU L 77 65.00 -70.79 -18.44
CA GLU L 77 65.12 -71.38 -19.77
C GLU L 77 64.44 -70.47 -20.78
N LEU L 78 64.78 -69.18 -20.67
CA LEU L 78 64.07 -68.13 -21.40
C LEU L 78 64.34 -68.22 -22.90
N ARG L 79 63.26 -68.30 -23.66
CA ARG L 79 63.31 -68.44 -25.11
C ARG L 79 63.67 -67.12 -25.76
N ARG L 80 63.72 -67.11 -27.09
CA ARG L 80 64.04 -65.91 -27.85
C ARG L 80 62.83 -64.99 -28.05
N GLN L 81 61.62 -65.49 -27.83
CA GLN L 81 60.42 -64.69 -28.04
C GLN L 81 59.76 -64.39 -26.70
N ILE L 82 59.87 -65.32 -25.74
CA ILE L 82 59.18 -65.12 -24.47
C ILE L 82 59.92 -64.10 -23.61
N ARG L 83 61.18 -63.79 -23.92
CA ARG L 83 61.85 -62.67 -23.26
C ARG L 83 61.41 -61.35 -23.87
N SER L 84 61.05 -61.35 -25.15
CA SER L 84 60.52 -60.17 -25.81
C SER L 84 59.06 -59.91 -25.50
N SER L 85 58.39 -60.86 -24.84
CA SER L 85 57.02 -60.66 -24.37
C SER L 85 56.99 -60.37 -22.87
N THR L 86 57.92 -60.95 -22.12
CA THR L 86 57.99 -60.66 -20.68
C THR L 86 58.55 -59.28 -20.42
N THR L 87 59.75 -59.00 -20.94
CA THR L 87 60.43 -57.74 -20.65
C THR L 87 59.74 -56.55 -21.31
N SER L 88 59.01 -56.76 -22.40
CA SER L 88 58.26 -55.66 -22.98
C SER L 88 57.02 -55.34 -22.16
N MET L 89 56.50 -56.32 -21.42
CA MET L 89 55.29 -56.12 -20.63
C MET L 89 55.60 -55.76 -19.19
N THR L 90 56.73 -56.20 -18.65
CA THR L 90 57.05 -56.03 -17.24
C THR L 90 58.10 -54.96 -16.94
N SER L 91 58.75 -54.41 -17.96
CA SER L 91 59.60 -53.24 -17.71
C SER L 91 58.81 -51.95 -17.70
N VAL L 92 57.55 -51.98 -18.11
CA VAL L 92 56.69 -50.81 -18.06
C VAL L 92 56.27 -50.44 -16.63
N PRO L 93 55.73 -51.34 -15.78
CA PRO L 93 55.26 -50.84 -14.48
C PRO L 93 56.36 -50.68 -13.44
N LYS L 94 57.62 -51.04 -13.73
CA LYS L 94 58.67 -51.02 -12.73
C LYS L 94 59.05 -49.67 -12.11
N PRO L 95 58.82 -48.47 -12.71
CA PRO L 95 58.97 -47.27 -11.88
C PRO L 95 57.92 -47.14 -10.80
N LEU L 96 56.76 -47.79 -10.98
CA LEU L 96 55.70 -47.73 -9.99
C LEU L 96 55.47 -49.05 -9.28
N LYS L 97 56.03 -50.15 -9.81
CA LYS L 97 56.18 -51.37 -9.02
C LYS L 97 57.10 -51.12 -7.84
N PHE L 98 58.20 -50.42 -8.09
CA PHE L 98 59.23 -50.24 -7.09
C PHE L 98 59.19 -48.83 -6.51
N LEU L 99 59.68 -48.71 -5.28
CA LEU L 99 59.80 -47.44 -4.61
C LEU L 99 61.18 -46.85 -4.91
N ARG L 100 61.56 -45.81 -4.18
CA ARG L 100 62.73 -44.97 -4.46
C ARG L 100 64.09 -45.67 -4.53
N PRO L 101 64.31 -46.85 -3.92
CA PRO L 101 65.42 -47.68 -4.40
C PRO L 101 65.07 -48.54 -5.62
N HIS L 102 64.36 -47.97 -6.59
CA HIS L 102 64.34 -48.49 -7.94
C HIS L 102 65.65 -48.19 -8.65
N TYR L 103 66.38 -47.18 -8.18
CA TYR L 103 67.51 -46.59 -8.89
C TYR L 103 68.68 -47.55 -9.09
N GLY L 104 68.75 -48.60 -8.30
CA GLY L 104 69.74 -49.63 -8.53
C GLY L 104 69.22 -50.78 -9.36
N LYS L 105 67.90 -50.83 -9.56
CA LYS L 105 67.27 -51.98 -10.20
C LYS L 105 66.23 -51.55 -11.24
N LEU L 106 66.62 -50.62 -12.13
CA LEU L 106 65.88 -50.47 -13.37
C LEU L 106 66.32 -51.47 -14.43
N LYS L 107 67.03 -52.52 -14.03
CA LYS L 107 67.68 -53.45 -14.94
C LYS L 107 67.30 -54.90 -14.70
N GLU L 108 66.80 -55.25 -13.52
CA GLU L 108 66.51 -56.64 -13.18
C GLU L 108 65.28 -57.18 -13.89
N ILE L 109 64.53 -56.33 -14.57
CA ILE L 109 63.57 -56.76 -15.57
C ILE L 109 64.02 -56.35 -16.98
N TYR L 110 64.52 -55.13 -17.12
CA TYR L 110 64.80 -54.59 -18.45
C TYR L 110 66.07 -55.17 -19.05
N GLU L 111 67.19 -55.08 -18.32
CA GLU L 111 68.50 -55.39 -18.89
C GLU L 111 68.83 -56.88 -18.82
N ASN L 112 67.84 -57.74 -18.54
CA ASN L 112 67.99 -59.15 -18.87
C ASN L 112 68.16 -59.31 -20.38
N MET L 113 67.24 -58.71 -21.13
CA MET L 113 67.43 -58.40 -22.55
C MET L 113 66.46 -57.29 -22.90
N ALA L 114 66.98 -56.16 -23.38
CA ALA L 114 66.13 -55.10 -23.88
C ALA L 114 65.45 -55.57 -25.16
N PRO L 115 64.11 -55.74 -25.18
CA PRO L 115 63.49 -56.36 -26.35
C PRO L 115 63.40 -55.44 -27.57
N GLY L 116 64.32 -55.65 -28.50
CA GLY L 116 64.29 -54.98 -29.78
C GLY L 116 64.41 -53.47 -29.79
N GLU L 117 63.28 -52.81 -30.04
CA GLU L 117 63.23 -51.41 -30.47
C GLU L 117 62.21 -50.65 -29.62
N ASN L 118 62.39 -50.73 -28.29
CA ASN L 118 61.44 -50.41 -27.21
C ASN L 118 60.53 -49.19 -27.40
N LYS L 119 60.98 -48.21 -28.19
CA LYS L 119 60.11 -47.14 -28.66
C LYS L 119 59.05 -47.62 -29.66
N ARG L 120 59.10 -48.87 -30.13
CA ARG L 120 58.07 -49.39 -31.01
C ARG L 120 56.71 -49.45 -30.33
N PHE L 121 56.70 -49.69 -29.02
CA PHE L 121 55.49 -49.60 -28.20
C PHE L 121 55.57 -48.38 -27.28
N ALA L 122 56.47 -47.45 -27.58
CA ALA L 122 56.61 -46.23 -26.80
C ALA L 122 56.84 -45.01 -27.69
N ALA L 123 56.24 -44.97 -28.89
CA ALA L 123 56.50 -43.88 -29.81
C ALA L 123 55.62 -42.66 -29.52
N ASP L 124 54.30 -42.82 -29.58
CA ASP L 124 53.39 -41.68 -29.48
C ASP L 124 53.18 -41.20 -28.05
N ILE L 125 53.60 -41.99 -27.07
CA ILE L 125 53.49 -41.59 -25.67
C ILE L 125 54.69 -40.74 -25.29
N ILE L 126 54.46 -39.69 -24.51
CA ILE L 126 55.50 -38.70 -24.27
C ILE L 126 56.51 -39.22 -23.25
N SER L 127 56.08 -39.43 -22.01
CA SER L 127 57.02 -39.86 -20.99
C SER L 127 56.44 -40.84 -19.99
N VAL L 128 55.19 -41.28 -20.15
CA VAL L 128 54.58 -42.12 -19.12
C VAL L 128 55.11 -43.55 -19.22
N LEU L 129 55.44 -44.00 -20.43
CA LEU L 129 55.86 -45.39 -20.62
C LEU L 129 57.27 -45.59 -20.09
N ALA L 130 58.26 -45.01 -20.78
CA ALA L 130 59.65 -45.26 -20.42
C ALA L 130 60.56 -44.06 -20.52
N MET L 131 60.06 -42.89 -20.96
CA MET L 131 60.98 -41.78 -21.19
C MET L 131 61.35 -41.08 -19.89
N THR L 132 60.42 -41.01 -18.94
CA THR L 132 60.79 -40.66 -17.57
C THR L 132 61.68 -41.75 -16.99
N MET L 133 61.35 -43.02 -17.27
CA MET L 133 62.17 -44.14 -16.83
C MET L 133 63.55 -44.13 -17.48
N SER L 134 63.65 -43.60 -18.70
CA SER L 134 64.95 -43.50 -19.36
C SER L 134 65.82 -42.43 -18.69
N GLY L 135 65.21 -41.34 -18.25
CA GLY L 135 65.94 -40.36 -17.46
C GLY L 135 66.33 -40.88 -16.09
N GLU L 136 65.54 -41.82 -15.56
CA GLU L 136 65.89 -42.46 -14.30
C GLU L 136 67.09 -43.38 -14.46
N ARG L 137 67.29 -43.94 -15.66
CA ARG L 137 68.48 -44.72 -15.92
C ARG L 137 69.71 -43.82 -16.03
N GLU L 138 69.59 -42.71 -16.75
CA GLU L 138 70.75 -41.87 -17.00
C GLU L 138 71.12 -41.04 -15.80
N CYS L 139 70.18 -40.84 -14.86
CA CYS L 139 70.47 -40.11 -13.63
C CYS L 139 71.48 -40.86 -12.77
N LEU L 140 71.09 -42.05 -12.30
CA LEU L 140 71.85 -42.76 -11.26
C LEU L 140 72.65 -43.92 -11.81
N LYS L 141 72.08 -44.70 -12.74
CA LYS L 141 72.73 -45.94 -13.18
C LYS L 141 73.94 -45.65 -14.08
N TYR L 142 73.79 -44.72 -15.01
CA TYR L 142 74.91 -44.43 -15.91
C TYR L 142 76.00 -43.64 -15.21
N ARG L 143 75.64 -42.84 -14.21
CA ARG L 143 76.64 -41.99 -13.55
C ARG L 143 77.56 -42.82 -12.67
N LEU L 144 77.04 -43.85 -12.00
CA LEU L 144 77.91 -44.73 -11.21
C LEU L 144 78.79 -45.58 -12.10
N VAL L 145 78.31 -45.94 -13.29
CA VAL L 145 79.18 -46.58 -14.28
C VAL L 145 80.18 -45.57 -14.82
N GLY L 146 79.68 -44.43 -15.32
CA GLY L 146 80.54 -43.43 -15.91
C GLY L 146 81.18 -42.46 -14.93
N SER L 147 81.36 -42.86 -13.68
CA SER L 147 82.14 -42.06 -12.75
C SER L 147 83.63 -42.21 -13.01
N GLN L 148 84.09 -43.46 -13.17
CA GLN L 148 85.47 -43.75 -13.53
C GLN L 148 85.57 -44.79 -14.64
N GLU L 149 84.45 -45.38 -15.06
CA GLU L 149 84.42 -46.52 -15.97
C GLU L 149 83.42 -46.21 -17.09
N GLU L 150 83.65 -45.07 -17.75
CA GLU L 150 82.86 -44.71 -18.92
C GLU L 150 82.94 -45.78 -20.00
N LEU L 151 84.16 -46.13 -20.41
CA LEU L 151 84.36 -47.18 -21.39
C LEU L 151 84.08 -48.53 -20.75
N ALA L 152 82.86 -49.03 -20.90
CA ALA L 152 82.41 -50.17 -20.12
C ALA L 152 81.41 -50.98 -20.95
N SER L 153 80.60 -51.78 -20.25
CA SER L 153 79.71 -52.78 -20.83
C SER L 153 78.45 -52.18 -21.42
N TRP L 154 77.45 -53.04 -21.63
CA TRP L 154 76.10 -52.74 -22.15
C TRP L 154 75.42 -51.55 -21.50
N GLY L 155 75.76 -51.24 -20.24
CA GLY L 155 75.35 -50.01 -19.59
C GLY L 155 75.96 -48.75 -20.18
N HIS L 156 76.89 -48.87 -21.11
CA HIS L 156 77.38 -47.75 -21.90
C HIS L 156 77.20 -47.95 -23.40
N GLU L 157 77.36 -49.18 -23.87
CA GLU L 157 77.48 -49.43 -25.31
C GLU L 157 76.14 -49.24 -26.02
N TYR L 158 75.13 -50.02 -25.65
CA TYR L 158 73.80 -49.81 -26.21
C TYR L 158 73.16 -48.54 -25.66
N VAL L 159 73.54 -48.15 -24.43
CA VAL L 159 73.01 -46.97 -23.75
C VAL L 159 73.35 -45.69 -24.51
N ARG L 160 74.47 -45.67 -25.23
CA ARG L 160 74.80 -44.56 -26.13
C ARG L 160 73.71 -44.36 -27.19
N HIS L 161 73.48 -45.39 -28.01
CA HIS L 161 72.47 -45.27 -29.06
C HIS L 161 71.07 -45.29 -28.48
N LEU L 162 70.88 -45.90 -27.30
CA LEU L 162 69.58 -45.79 -26.62
C LEU L 162 69.29 -44.35 -26.23
N ALA L 163 70.28 -43.66 -25.68
CA ALA L 163 70.12 -42.23 -25.41
C ALA L 163 70.13 -41.42 -26.71
N GLY L 164 70.67 -41.99 -27.79
CA GLY L 164 70.65 -41.29 -29.06
C GLY L 164 69.26 -41.19 -29.64
N GLU L 165 68.55 -42.33 -29.70
CA GLU L 165 67.21 -42.33 -30.27
C GLU L 165 66.19 -41.67 -29.34
N VAL L 166 66.42 -41.72 -28.03
CA VAL L 166 65.55 -41.01 -27.09
C VAL L 166 65.71 -39.50 -27.26
N ALA L 167 66.96 -39.04 -27.43
CA ALA L 167 67.18 -37.62 -27.66
C ALA L 167 66.65 -37.17 -29.02
N LYS L 168 66.57 -38.08 -29.99
CA LYS L 168 65.83 -37.77 -31.21
C LYS L 168 64.33 -37.72 -30.94
N GLU L 169 63.85 -38.55 -30.02
CA GLU L 169 62.42 -38.65 -29.76
C GLU L 169 61.87 -37.41 -29.05
N TRP L 170 62.71 -36.65 -28.35
CA TRP L 170 62.23 -35.43 -27.72
C TRP L 170 61.85 -34.39 -28.77
N GLN L 171 62.67 -34.23 -29.81
CA GLN L 171 62.24 -33.42 -30.94
C GLN L 171 61.63 -34.28 -32.05
N GLU L 172 60.76 -35.23 -31.71
CA GLU L 172 60.10 -36.00 -32.75
C GLU L 172 58.58 -35.97 -32.59
N LEU L 173 58.11 -36.26 -31.38
CA LEU L 173 56.69 -36.49 -31.09
C LEU L 173 55.87 -35.24 -31.32
N ASP L 174 56.12 -34.21 -30.52
CA ASP L 174 55.33 -32.99 -30.53
C ASP L 174 56.16 -31.75 -30.83
N ASP L 175 57.50 -31.84 -30.69
CA ASP L 175 58.44 -30.72 -30.84
C ASP L 175 58.07 -29.57 -29.89
N ALA L 176 57.66 -29.92 -28.67
CA ALA L 176 57.26 -28.96 -27.65
C ALA L 176 58.52 -28.43 -26.95
N GLU L 177 58.35 -27.81 -25.78
CA GLU L 177 59.49 -27.33 -24.96
C GLU L 177 60.39 -28.47 -24.38
N LYS L 178 60.11 -29.74 -24.70
CA LYS L 178 60.98 -30.89 -24.48
C LYS L 178 62.20 -30.89 -25.42
N VAL L 179 62.32 -29.90 -26.30
CA VAL L 179 63.60 -29.63 -26.96
C VAL L 179 64.67 -29.38 -25.92
N GLN L 180 64.35 -28.54 -24.93
CA GLN L 180 65.28 -28.25 -23.84
C GLN L 180 65.47 -29.44 -22.91
N ARG L 181 64.60 -30.45 -22.98
CA ARG L 181 64.84 -31.69 -22.24
C ARG L 181 66.03 -32.46 -22.80
N GLU L 182 66.42 -32.21 -24.04
CA GLU L 182 67.59 -32.89 -24.58
C GLU L 182 68.89 -32.40 -23.93
N PRO L 183 69.13 -31.09 -23.69
CA PRO L 183 70.26 -30.74 -22.80
C PRO L 183 70.07 -31.17 -21.36
N LEU L 184 68.82 -31.33 -20.89
CA LEU L 184 68.60 -31.98 -19.60
C LEU L 184 69.01 -33.44 -19.64
N LEU L 185 68.97 -34.07 -20.81
CA LEU L 185 69.39 -35.46 -20.92
C LEU L 185 70.87 -35.56 -21.22
N THR L 186 71.38 -34.66 -22.06
CA THR L 186 72.75 -34.79 -22.56
C THR L 186 73.77 -34.40 -21.49
N LEU L 187 73.37 -33.58 -20.52
CA LEU L 187 74.32 -33.14 -19.51
C LEU L 187 74.28 -34.00 -18.26
N VAL L 188 73.13 -34.57 -17.91
CA VAL L 188 73.09 -35.52 -16.79
C VAL L 188 73.83 -36.80 -17.16
N LYS L 189 73.60 -37.31 -18.37
CA LYS L 189 74.41 -38.40 -18.90
C LYS L 189 75.82 -37.89 -19.18
N GLU L 190 76.82 -38.54 -18.55
CA GLU L 190 78.27 -38.26 -18.70
C GLU L 190 78.58 -36.77 -18.62
N ILE L 191 78.45 -36.27 -17.38
CA ILE L 191 78.56 -34.85 -17.04
C ILE L 191 79.89 -34.27 -17.55
N VAL L 192 80.99 -34.93 -17.23
CA VAL L 192 82.32 -34.47 -17.68
C VAL L 192 82.54 -34.86 -19.14
N PRO L 193 82.19 -36.18 -19.65
CA PRO L 193 82.22 -36.44 -21.10
C PRO L 193 80.98 -35.94 -21.84
N TYR L 194 80.62 -34.67 -21.60
CA TYR L 194 79.47 -34.07 -22.26
C TYR L 194 79.67 -33.97 -23.76
N ASN L 195 80.91 -33.67 -24.19
CA ASN L 195 81.22 -33.57 -25.61
C ASN L 195 81.10 -34.93 -26.30
N MET L 196 81.44 -36.01 -25.61
CA MET L 196 81.28 -37.35 -26.17
C MET L 196 79.79 -37.67 -26.33
N ALA L 197 78.95 -37.13 -25.45
CA ALA L 197 77.52 -37.17 -25.68
C ALA L 197 77.10 -36.15 -26.73
N HIS L 198 77.65 -34.94 -26.67
CA HIS L 198 77.23 -33.86 -27.55
C HIS L 198 77.69 -34.04 -28.98
N ASN L 199 78.76 -34.78 -29.24
CA ASN L 199 79.26 -34.93 -30.62
C ASN L 199 78.26 -35.70 -31.46
N ALA L 200 77.64 -36.74 -30.90
CA ALA L 200 76.51 -37.37 -31.57
C ALA L 200 75.31 -36.44 -31.58
N GLU L 201 75.14 -35.65 -30.51
CA GLU L 201 73.99 -34.77 -30.44
C GLU L 201 74.22 -33.47 -31.23
N HIS L 202 75.46 -33.19 -31.61
CA HIS L 202 75.72 -32.11 -32.55
C HIS L 202 75.23 -32.49 -33.94
N GLU L 203 75.68 -33.65 -34.43
CA GLU L 203 75.33 -34.10 -35.77
C GLU L 203 73.85 -34.45 -35.88
N ALA L 204 73.26 -34.93 -34.79
CA ALA L 204 71.82 -35.15 -34.77
C ALA L 204 71.05 -33.84 -34.81
N CYS L 205 71.58 -32.80 -34.17
CA CYS L 205 70.94 -31.49 -34.23
C CYS L 205 71.14 -30.83 -35.57
N ASP L 206 72.24 -31.15 -36.27
CA ASP L 206 72.50 -30.57 -37.57
C ASP L 206 71.47 -31.04 -38.60
N LEU L 207 71.00 -32.27 -38.45
CA LEU L 207 69.94 -32.82 -39.30
C LEU L 207 68.59 -32.82 -38.63
N LEU L 208 68.43 -32.11 -37.50
CA LEU L 208 67.16 -32.09 -36.80
C LEU L 208 66.21 -31.05 -37.40
N MET L 209 66.58 -29.79 -37.33
CA MET L 209 65.74 -28.70 -37.80
C MET L 209 66.65 -27.50 -38.02
N GLU L 210 66.13 -26.49 -38.73
CA GLU L 210 66.82 -25.22 -38.85
C GLU L 210 65.95 -24.07 -38.36
N ILE L 211 64.74 -24.36 -37.87
CA ILE L 211 63.91 -23.37 -37.19
C ILE L 211 63.89 -23.63 -35.69
N GLU L 212 64.00 -24.89 -35.28
CA GLU L 212 64.01 -25.27 -33.87
C GLU L 212 65.45 -25.45 -33.38
N GLN L 213 66.33 -24.56 -33.85
CA GLN L 213 67.67 -24.43 -33.31
C GLN L 213 67.76 -23.36 -32.24
N VAL L 214 67.08 -22.24 -32.42
CA VAL L 214 67.45 -20.99 -31.75
C VAL L 214 67.06 -20.98 -30.27
N ASP L 215 65.97 -21.64 -29.88
CA ASP L 215 65.64 -21.62 -28.45
C ASP L 215 66.48 -22.61 -27.67
N MET L 216 66.89 -23.71 -28.30
CA MET L 216 67.89 -24.58 -27.70
C MET L 216 69.26 -23.92 -27.74
N LEU L 217 69.50 -23.09 -28.77
CA LEU L 217 70.75 -22.33 -28.88
C LEU L 217 70.92 -21.36 -27.73
N GLU L 218 69.86 -20.64 -27.36
CA GLU L 218 69.93 -19.78 -26.18
C GLU L 218 69.77 -20.55 -24.88
N LYS L 219 69.26 -21.78 -24.94
CA LYS L 219 69.22 -22.63 -23.75
C LYS L 219 70.62 -23.04 -23.33
N ASP L 220 71.51 -23.25 -24.31
CA ASP L 220 72.89 -23.62 -24.01
C ASP L 220 73.62 -22.48 -23.33
N ILE L 221 73.53 -21.27 -23.88
CA ILE L 221 74.27 -20.14 -23.33
C ILE L 221 73.66 -19.67 -22.00
N ASP L 222 72.39 -20.00 -21.74
CA ASP L 222 71.85 -19.74 -20.42
C ASP L 222 72.41 -20.73 -19.41
N GLU L 223 72.58 -21.99 -19.82
CA GLU L 223 73.31 -22.95 -19.01
C GLU L 223 74.79 -22.67 -18.98
N ASN L 224 75.32 -21.97 -19.99
CA ASN L 224 76.71 -21.56 -20.01
C ASN L 224 76.95 -20.24 -19.30
N ALA L 225 75.91 -19.66 -18.67
CA ALA L 225 76.12 -18.46 -17.87
C ALA L 225 76.88 -18.79 -16.59
N TYR L 226 76.76 -20.01 -16.10
CA TYR L 226 77.46 -20.49 -14.92
C TYR L 226 77.44 -22.01 -14.93
N ALA L 227 78.58 -22.60 -14.59
CA ALA L 227 78.75 -24.05 -14.54
C ALA L 227 79.97 -24.34 -13.67
N LYS L 228 80.44 -25.58 -13.72
CA LYS L 228 81.75 -25.94 -13.18
C LYS L 228 82.82 -25.41 -14.16
N VAL L 229 84.09 -25.45 -13.75
CA VAL L 229 85.19 -25.05 -14.62
C VAL L 229 85.23 -25.91 -15.88
N CYS L 230 85.14 -27.23 -15.71
CA CYS L 230 85.21 -28.13 -16.85
C CYS L 230 83.92 -28.14 -17.67
N LEU L 231 82.76 -27.92 -17.05
CA LEU L 231 81.51 -27.86 -17.81
C LEU L 231 81.43 -26.58 -18.63
N TYR L 232 81.87 -25.46 -18.06
CA TYR L 232 82.00 -24.23 -18.83
C TYR L 232 83.10 -24.34 -19.87
N LEU L 233 84.09 -25.20 -19.62
CA LEU L 233 85.10 -25.53 -20.62
C LEU L 233 84.55 -26.38 -21.75
N THR L 234 83.53 -27.20 -21.49
CA THR L 234 83.07 -28.19 -22.46
C THR L 234 81.89 -27.69 -23.28
N SER L 235 80.81 -27.27 -22.61
CA SER L 235 79.58 -26.93 -23.33
C SER L 235 79.68 -25.60 -24.07
N CYS L 236 80.71 -24.80 -23.81
CA CYS L 236 80.90 -23.59 -24.59
C CYS L 236 81.53 -23.88 -25.94
N VAL L 237 82.42 -24.89 -26.01
CA VAL L 237 82.96 -25.24 -27.31
C VAL L 237 82.01 -26.17 -28.06
N ASN L 238 81.12 -26.87 -27.35
CA ASN L 238 79.99 -27.51 -28.02
C ASN L 238 79.04 -26.48 -28.59
N TYR L 239 78.95 -25.30 -27.97
CA TYR L 239 78.08 -24.23 -28.43
C TYR L 239 78.55 -23.64 -29.76
N VAL L 240 79.85 -23.76 -30.06
CA VAL L 240 80.41 -23.04 -31.21
C VAL L 240 79.88 -23.50 -32.57
N PRO L 241 79.96 -24.78 -32.95
CA PRO L 241 79.70 -25.10 -34.36
C PRO L 241 78.21 -25.17 -34.74
N GLU L 242 77.28 -24.87 -33.83
CA GLU L 242 75.87 -25.03 -34.17
C GLU L 242 75.36 -23.89 -35.08
N PRO L 243 75.75 -22.62 -34.89
CA PRO L 243 75.56 -21.66 -35.99
C PRO L 243 76.65 -21.70 -37.07
N GLU L 244 77.58 -22.65 -37.00
CA GLU L 244 78.56 -22.82 -38.06
C GLU L 244 78.22 -23.97 -38.98
N ASN L 245 77.66 -25.05 -38.44
CA ASN L 245 77.40 -26.25 -39.23
C ASN L 245 75.93 -26.45 -39.55
N SER L 246 75.03 -26.38 -38.56
CA SER L 246 73.61 -26.56 -38.83
C SER L 246 73.06 -25.36 -39.58
N ALA L 247 73.07 -24.19 -38.95
CA ALA L 247 72.68 -22.95 -39.60
C ALA L 247 73.92 -22.15 -39.93
N LEU L 248 73.72 -21.04 -40.62
CA LEU L 248 74.76 -20.06 -40.89
C LEU L 248 74.29 -18.68 -40.50
N LEU L 249 73.73 -18.57 -39.28
CA LEU L 249 73.48 -17.27 -38.68
C LEU L 249 74.79 -16.51 -38.53
N ARG L 250 75.77 -17.13 -37.87
CA ARG L 250 77.24 -16.99 -38.04
C ARG L 250 77.77 -15.57 -37.82
N CYS L 251 76.93 -14.60 -37.52
CA CYS L 251 77.42 -13.28 -37.15
C CYS L 251 77.57 -13.19 -35.65
N ALA L 252 77.12 -14.22 -34.94
CA ALA L 252 77.36 -14.40 -33.53
C ALA L 252 78.67 -15.14 -33.26
N LEU L 253 79.63 -15.06 -34.17
CA LEU L 253 80.90 -15.72 -33.92
C LEU L 253 81.78 -14.88 -33.00
N GLY L 254 82.17 -13.69 -33.46
CA GLY L 254 83.27 -12.90 -32.90
C GLY L 254 83.22 -12.55 -31.42
N VAL L 255 82.06 -12.07 -30.96
CA VAL L 255 81.90 -11.74 -29.55
C VAL L 255 81.45 -12.95 -28.75
N PHE L 256 80.64 -13.82 -29.34
CA PHE L 256 80.09 -14.93 -28.59
C PHE L 256 80.98 -16.17 -28.66
N ARG L 257 82.13 -16.05 -29.31
CA ARG L 257 83.23 -17.00 -29.14
C ARG L 257 84.44 -16.35 -28.50
N LYS L 258 84.39 -15.03 -28.28
CA LYS L 258 85.20 -14.41 -27.25
C LYS L 258 84.76 -14.90 -25.87
N PHE L 259 83.49 -15.34 -25.75
CA PHE L 259 83.07 -16.29 -24.72
C PHE L 259 84.06 -17.44 -24.59
N SER L 260 84.43 -18.05 -25.71
CA SER L 260 85.22 -19.27 -25.73
C SER L 260 86.69 -19.03 -26.07
N ARG L 261 87.16 -17.79 -26.00
CA ARG L 261 88.56 -17.54 -26.33
C ARG L 261 89.48 -17.94 -25.18
N PHE L 262 89.32 -17.29 -24.03
CA PHE L 262 90.12 -17.57 -22.85
C PHE L 262 89.91 -18.94 -22.17
N PRO L 263 88.65 -19.52 -22.06
CA PRO L 263 88.54 -20.85 -21.42
C PRO L 263 89.22 -22.00 -22.15
N GLU L 264 88.86 -22.23 -23.42
CA GLU L 264 89.33 -23.43 -24.09
C GLU L 264 90.76 -23.29 -24.60
N ALA L 265 90.97 -22.38 -25.54
CA ALA L 265 92.29 -22.12 -26.10
C ALA L 265 92.27 -20.77 -26.79
N LEU L 266 93.34 -19.99 -26.58
CA LEU L 266 93.46 -18.69 -27.23
C LEU L 266 93.58 -18.84 -28.75
N ARG L 267 94.27 -19.90 -29.20
CA ARG L 267 94.36 -20.17 -30.62
C ARG L 267 93.06 -20.70 -31.21
N LEU L 268 92.17 -21.24 -30.37
CA LEU L 268 90.93 -21.82 -30.88
C LEU L 268 90.00 -20.74 -31.43
N ALA L 269 89.84 -19.65 -30.69
CA ALA L 269 89.13 -18.50 -31.23
C ALA L 269 89.92 -17.82 -32.34
N LEU L 270 91.24 -17.98 -32.34
CA LEU L 270 92.04 -17.52 -33.48
C LEU L 270 91.80 -18.41 -34.68
N MET L 271 91.55 -19.71 -34.46
CA MET L 271 91.05 -20.56 -35.52
C MET L 271 89.63 -20.20 -35.88
N LEU L 272 88.86 -19.66 -34.92
CA LEU L 272 87.55 -19.10 -35.25
C LEU L 272 87.69 -17.72 -35.87
N ASN L 273 88.74 -16.99 -35.51
CA ASN L 273 89.13 -15.81 -36.29
C ASN L 273 89.54 -16.22 -37.70
N ASP L 274 90.13 -17.41 -37.84
CA ASP L 274 90.35 -17.96 -39.17
C ASP L 274 89.02 -18.37 -39.81
N MET L 275 88.09 -18.89 -39.00
CA MET L 275 86.75 -19.18 -39.50
C MET L 275 85.99 -17.92 -39.84
N GLU L 276 86.36 -16.77 -39.25
CA GLU L 276 85.86 -15.50 -39.76
C GLU L 276 86.39 -15.23 -41.16
N LEU L 277 87.69 -15.45 -41.37
CA LEU L 277 88.30 -15.21 -42.66
C LEU L 277 88.00 -16.29 -43.69
N VAL L 278 87.27 -17.35 -43.31
CA VAL L 278 86.74 -18.28 -44.30
C VAL L 278 85.45 -17.75 -44.90
N GLU L 279 84.45 -17.49 -44.03
CA GLU L 279 83.12 -17.11 -44.50
C GLU L 279 83.08 -15.59 -44.76
N ASP L 280 83.65 -15.23 -45.91
CA ASP L 280 83.80 -13.81 -46.28
C ASP L 280 82.66 -13.31 -47.14
N ILE L 281 81.48 -13.91 -47.06
CA ILE L 281 80.37 -13.54 -47.94
C ILE L 281 79.30 -12.84 -47.10
N PHE L 282 78.89 -11.64 -47.52
CA PHE L 282 79.56 -10.93 -48.62
C PHE L 282 80.31 -9.69 -48.07
N THR L 283 79.60 -8.75 -47.44
CA THR L 283 80.22 -7.69 -46.66
C THR L 283 79.48 -7.38 -45.37
N SER L 284 78.15 -7.50 -45.33
CA SER L 284 77.34 -6.87 -44.29
C SER L 284 77.45 -7.58 -42.96
N CYS L 285 77.33 -8.91 -42.96
CA CYS L 285 77.62 -9.68 -41.76
C CYS L 285 79.11 -9.65 -41.46
N LYS L 286 79.93 -9.65 -42.51
CA LYS L 286 81.39 -9.55 -42.36
C LYS L 286 81.79 -8.23 -41.73
N ASP L 287 81.09 -7.14 -42.08
CA ASP L 287 81.39 -5.83 -41.53
C ASP L 287 81.19 -5.80 -40.02
N VAL L 288 80.13 -6.40 -39.53
CA VAL L 288 79.75 -6.21 -38.13
C VAL L 288 80.31 -7.33 -37.27
N VAL L 289 80.70 -8.46 -37.90
CA VAL L 289 81.62 -9.39 -37.25
C VAL L 289 82.92 -8.69 -36.89
N VAL L 290 83.47 -7.91 -37.82
CA VAL L 290 84.74 -7.27 -37.51
C VAL L 290 84.58 -5.86 -36.94
N GLN L 291 83.37 -5.34 -36.75
CA GLN L 291 83.25 -4.07 -36.03
C GLN L 291 83.66 -4.21 -34.58
N LYS L 292 83.38 -5.35 -33.97
CA LYS L 292 83.66 -5.49 -32.54
C LYS L 292 85.13 -5.78 -32.28
N GLN L 293 85.84 -6.31 -33.26
CA GLN L 293 87.22 -6.78 -33.14
C GLN L 293 88.25 -5.67 -32.83
N MET L 294 87.93 -4.38 -32.69
CA MET L 294 88.91 -3.33 -32.44
C MET L 294 88.75 -2.70 -31.08
N ALA L 295 87.58 -2.16 -30.78
CA ALA L 295 87.32 -1.44 -29.54
C ALA L 295 85.96 -1.81 -29.00
N PHE L 296 85.68 -3.10 -28.91
CA PHE L 296 84.48 -3.55 -28.21
C PHE L 296 84.77 -4.71 -27.27
N MET L 297 85.71 -5.57 -27.63
CA MET L 297 86.21 -6.52 -26.63
C MET L 297 87.72 -6.70 -26.62
N LEU L 298 88.42 -6.46 -27.73
CA LEU L 298 89.88 -6.50 -27.77
C LEU L 298 90.33 -5.76 -29.01
N GLY L 299 91.61 -5.40 -29.03
CA GLY L 299 92.22 -4.88 -30.24
C GLY L 299 93.07 -5.93 -30.93
N ARG L 300 94.35 -5.61 -31.15
CA ARG L 300 95.46 -6.50 -31.56
C ARG L 300 95.13 -7.41 -32.75
N HIS L 301 94.22 -7.01 -33.63
CA HIS L 301 93.83 -7.81 -34.78
C HIS L 301 94.34 -7.23 -36.08
N GLY L 302 95.20 -6.22 -36.02
CA GLY L 302 95.63 -5.49 -37.21
C GLY L 302 96.81 -6.09 -37.93
N VAL L 303 97.06 -7.39 -37.72
CA VAL L 303 98.16 -8.08 -38.36
C VAL L 303 97.72 -9.22 -39.25
N PHE L 304 96.43 -9.57 -39.25
CA PHE L 304 95.95 -10.75 -39.96
C PHE L 304 95.03 -10.42 -41.11
N LEU L 305 94.85 -9.15 -41.47
CA LEU L 305 94.00 -8.76 -42.58
C LEU L 305 94.77 -7.94 -43.62
N GLU L 306 96.07 -8.16 -43.75
CA GLU L 306 96.89 -7.54 -44.79
C GLU L 306 97.45 -8.65 -45.69
N LEU L 307 96.59 -9.58 -46.06
CA LEU L 307 96.94 -10.67 -46.95
C LEU L 307 96.55 -10.28 -48.38
N SER L 308 96.53 -11.26 -49.29
CA SER L 308 96.45 -11.11 -50.75
C SER L 308 95.15 -10.40 -51.27
N GLU L 309 94.17 -9.96 -50.49
CA GLU L 309 92.98 -9.31 -51.05
C GLU L 309 92.84 -7.86 -50.58
N ASP L 310 93.94 -7.11 -50.60
CA ASP L 310 93.98 -5.73 -50.11
C ASP L 310 93.39 -4.74 -51.12
N VAL L 311 92.08 -4.85 -51.36
CA VAL L 311 91.41 -3.85 -52.19
C VAL L 311 90.28 -3.21 -51.40
N GLU L 312 89.26 -4.00 -51.08
CA GLU L 312 88.21 -3.60 -50.13
C GLU L 312 87.87 -4.68 -49.13
N GLU L 313 88.13 -5.95 -49.45
CA GLU L 313 87.76 -7.04 -48.56
C GLU L 313 88.77 -7.20 -47.44
N TYR L 314 90.02 -6.81 -47.65
CA TYR L 314 91.00 -6.76 -46.58
C TYR L 314 91.42 -5.34 -46.22
N GLU L 315 90.88 -4.34 -46.91
CA GLU L 315 91.11 -2.95 -46.54
C GLU L 315 90.05 -2.43 -45.59
N ASP L 316 89.23 -3.31 -45.03
CA ASP L 316 88.39 -2.96 -43.91
C ASP L 316 89.18 -2.88 -42.62
N LEU L 317 90.40 -3.45 -42.60
CA LEU L 317 91.19 -3.58 -41.38
C LEU L 317 91.53 -2.22 -40.77
N THR L 318 92.13 -1.34 -41.57
CA THR L 318 92.43 0.00 -41.10
C THR L 318 91.16 0.81 -40.90
N GLU L 319 90.12 0.52 -41.70
CA GLU L 319 88.80 1.13 -41.49
C GLU L 319 88.24 0.74 -40.13
N ILE L 320 88.41 -0.54 -39.76
CA ILE L 320 88.05 -1.00 -38.42
C ILE L 320 88.95 -0.35 -37.37
N MET L 321 90.24 -0.19 -37.70
CA MET L 321 91.24 0.16 -36.70
C MET L 321 91.10 1.61 -36.23
N SER L 322 90.98 2.55 -37.17
CA SER L 322 90.91 3.97 -36.81
C SER L 322 89.84 4.76 -37.53
N ASN L 323 89.28 4.29 -38.65
CA ASN L 323 88.36 5.13 -39.42
C ASN L 323 86.95 5.09 -38.84
N VAL L 324 86.45 3.90 -38.49
CA VAL L 324 85.18 3.83 -37.79
C VAL L 324 85.34 4.30 -36.35
N GLN L 325 86.56 4.26 -35.82
CA GLN L 325 86.88 4.99 -34.60
C GLN L 325 86.69 6.49 -34.81
N LEU L 326 87.15 7.01 -35.95
CA LEU L 326 86.96 8.41 -36.27
C LEU L 326 85.52 8.69 -36.71
N ASN L 327 84.82 7.69 -37.26
CA ASN L 327 83.40 7.84 -37.49
C ASN L 327 82.64 7.87 -36.18
N SER L 328 83.17 7.18 -35.16
CA SER L 328 82.67 7.32 -33.80
C SER L 328 83.06 8.67 -33.21
N ASN L 329 84.17 9.25 -33.65
CA ASN L 329 84.46 10.63 -33.28
C ASN L 329 83.49 11.57 -34.00
N PHE L 330 83.02 11.18 -35.18
CA PHE L 330 82.04 11.98 -35.90
C PHE L 330 80.66 11.88 -35.24
N LEU L 331 80.43 10.85 -34.43
CA LEU L 331 79.27 10.84 -33.54
C LEU L 331 79.35 11.99 -32.55
N ALA L 332 80.46 12.05 -31.80
CA ALA L 332 80.62 13.08 -30.78
C ALA L 332 80.87 14.46 -31.39
N LEU L 333 81.37 14.50 -32.62
CA LEU L 333 81.49 15.78 -33.31
C LEU L 333 80.14 16.24 -33.86
N ALA L 334 79.56 15.48 -34.79
CA ALA L 334 78.35 15.96 -35.45
C ALA L 334 77.12 15.76 -34.57
N ARG L 335 76.84 14.51 -34.19
CA ARG L 335 75.55 14.18 -33.61
C ARG L 335 75.38 14.69 -32.19
N GLU L 336 76.46 14.83 -31.45
CA GLU L 336 76.34 15.18 -30.04
C GLU L 336 76.53 16.67 -29.76
N LEU L 337 76.97 17.45 -30.74
CA LEU L 337 76.72 18.88 -30.70
C LEU L 337 75.29 19.20 -31.10
N ASP L 338 74.62 18.27 -31.80
CA ASP L 338 73.25 18.52 -32.25
C ASP L 338 72.26 18.26 -31.14
N ILE L 339 72.49 17.24 -30.32
CA ILE L 339 71.49 16.82 -29.34
C ILE L 339 71.49 17.78 -28.15
N MET L 340 72.64 17.95 -27.50
CA MET L 340 72.57 18.73 -26.26
C MET L 340 73.61 19.84 -26.14
N GLU L 341 74.84 19.61 -26.61
CA GLU L 341 76.00 20.06 -25.86
C GLU L 341 76.78 21.15 -26.59
N PRO L 342 76.82 22.40 -26.07
CA PRO L 342 77.80 23.38 -26.55
C PRO L 342 79.16 23.14 -25.92
N LYS L 343 80.18 23.91 -26.27
CA LYS L 343 81.57 23.54 -25.99
C LYS L 343 81.90 23.55 -24.50
N VAL L 344 81.31 24.47 -23.76
CA VAL L 344 81.52 24.52 -22.31
C VAL L 344 80.21 24.70 -21.57
N PRO L 345 79.68 23.64 -20.95
CA PRO L 345 78.65 23.85 -19.94
C PRO L 345 79.22 24.61 -18.74
N ASP L 346 80.25 24.04 -18.10
CA ASP L 346 81.09 24.69 -17.08
C ASP L 346 80.27 25.19 -15.87
N ASP L 347 79.08 24.62 -15.65
CA ASP L 347 78.15 25.21 -14.70
C ASP L 347 77.60 24.23 -13.67
N ILE L 348 78.19 23.05 -13.52
CA ILE L 348 77.88 22.25 -12.34
C ILE L 348 78.52 22.90 -11.13
N TYR L 349 79.66 23.57 -11.34
CA TYR L 349 80.20 24.49 -10.35
C TYR L 349 79.24 25.64 -10.08
N LYS L 350 78.64 26.18 -11.14
CA LYS L 350 77.63 27.23 -10.98
C LYS L 350 76.33 26.71 -10.38
N THR L 351 76.09 25.39 -10.43
CA THR L 351 74.90 24.83 -9.76
C THR L 351 75.03 24.94 -8.23
N HIS L 352 76.24 25.14 -7.71
CA HIS L 352 76.46 25.56 -6.33
C HIS L 352 76.29 27.08 -6.18
N LEU L 353 75.10 27.57 -6.55
CA LEU L 353 74.76 28.99 -6.44
C LEU L 353 73.86 29.30 -5.26
N GLU L 354 72.87 28.44 -5.01
CA GLU L 354 71.89 28.68 -3.95
C GLU L 354 72.45 28.44 -2.56
N ASN L 355 73.67 27.91 -2.45
CA ASN L 355 74.27 27.63 -1.14
C ASN L 355 74.65 28.92 -0.41
N ASN L 356 74.93 30.00 -1.15
CA ASN L 356 75.42 31.23 -0.55
C ASN L 356 74.36 31.98 0.24
N ARG L 357 73.08 31.69 0.03
CA ARG L 357 72.02 32.25 0.85
C ARG L 357 71.49 31.27 1.88
N PHE L 358 71.95 30.02 1.85
CA PHE L 358 71.49 28.99 2.79
C PHE L 358 72.22 29.19 4.11
N GLY L 359 71.64 29.98 5.00
CA GLY L 359 72.24 30.24 6.29
C GLY L 359 73.02 31.53 6.35
N GLY L 360 72.43 32.61 5.87
CA GLY L 360 73.05 33.92 5.97
C GLY L 360 73.87 34.31 4.76
N SER L 361 75.19 34.25 4.87
CA SER L 361 76.10 34.71 3.84
C SER L 361 76.94 33.56 3.33
N GLY L 362 77.88 33.87 2.44
CA GLY L 362 78.81 32.89 1.90
C GLY L 362 80.22 33.42 1.79
N SER L 363 80.96 32.92 0.80
CA SER L 363 82.34 33.30 0.50
C SER L 363 83.26 33.09 1.72
N GLN L 364 83.19 31.88 2.27
CA GLN L 364 84.00 31.51 3.43
C GLN L 364 85.03 30.45 3.08
N VAL L 365 84.88 29.80 1.93
CA VAL L 365 85.73 28.67 1.55
C VAL L 365 86.89 29.21 0.72
N ASP L 366 88.11 29.07 1.27
CA ASP L 366 89.32 29.50 0.59
C ASP L 366 90.40 28.43 0.59
N SER L 367 90.02 27.15 0.66
CA SER L 367 90.99 26.08 0.75
C SER L 367 91.71 25.87 -0.58
N ALA L 368 93.04 25.75 -0.50
CA ALA L 368 93.86 25.63 -1.70
C ALA L 368 93.72 24.28 -2.38
N ARG L 369 93.32 23.25 -1.63
CA ARG L 369 93.13 21.93 -2.21
C ARG L 369 91.78 21.78 -2.92
N MET L 370 90.88 22.74 -2.73
CA MET L 370 89.69 22.80 -3.57
C MET L 370 90.05 23.10 -5.01
N ASN L 371 91.14 23.84 -5.23
CA ASN L 371 91.59 24.21 -6.57
C ASN L 371 92.07 23.02 -7.38
N LEU L 372 92.33 21.87 -6.73
CA LEU L 372 92.48 20.62 -7.45
C LEU L 372 91.17 20.21 -8.13
N ALA L 373 90.05 20.32 -7.40
CA ALA L 373 88.75 20.01 -7.95
C ALA L 373 88.25 21.08 -8.93
N SER L 374 88.84 22.28 -8.88
CA SER L 374 88.49 23.32 -9.82
C SER L 374 88.91 23.00 -11.25
N SER L 375 89.87 22.09 -11.42
CA SER L 375 90.29 21.66 -12.74
C SER L 375 89.27 20.74 -13.40
N PHE L 376 88.34 20.16 -12.65
CA PHE L 376 87.39 19.20 -13.20
C PHE L 376 86.09 19.85 -13.64
N VAL L 377 85.89 21.14 -13.36
CA VAL L 377 84.85 21.90 -14.05
C VAL L 377 85.24 22.03 -15.51
N ASN L 378 86.54 22.12 -15.78
CA ASN L 378 87.10 22.04 -17.12
C ASN L 378 87.42 20.62 -17.54
N GLY L 379 87.79 19.75 -16.61
CA GLY L 379 88.34 18.45 -16.92
C GLY L 379 87.33 17.41 -17.40
N PHE L 380 86.34 17.10 -16.56
CA PHE L 380 85.46 15.98 -16.88
C PHE L 380 84.41 16.33 -17.93
N VAL L 381 84.02 17.60 -18.03
CA VAL L 381 82.92 17.95 -18.92
C VAL L 381 83.39 18.02 -20.36
N ASN L 382 84.71 18.08 -20.59
CA ASN L 382 85.26 18.32 -21.91
C ASN L 382 85.75 17.05 -22.59
N ALA L 383 85.36 15.88 -22.10
CA ALA L 383 85.59 14.66 -22.85
C ALA L 383 84.69 14.64 -24.08
N ALA L 384 85.14 13.91 -25.10
CA ALA L 384 84.50 13.80 -26.43
C ALA L 384 84.32 15.19 -27.06
N PHE L 385 85.48 15.78 -27.39
CA PHE L 385 85.60 17.04 -28.13
C PHE L 385 85.03 18.22 -27.36
N GLY L 386 85.47 18.38 -26.12
CA GLY L 386 85.23 19.63 -25.41
C GLY L 386 86.42 20.56 -25.54
N GLN L 387 86.83 20.83 -26.78
CA GLN L 387 88.07 21.56 -27.02
C GLN L 387 87.94 23.02 -26.58
N ASP L 388 88.98 23.52 -25.92
CA ASP L 388 88.92 24.79 -25.22
C ASP L 388 90.17 25.60 -25.49
N LYS L 389 90.05 26.65 -26.28
CA LYS L 389 91.04 27.72 -26.33
C LYS L 389 90.57 28.84 -25.42
N LEU L 390 91.39 29.20 -24.44
CA LEU L 390 91.20 30.23 -23.41
C LEU L 390 90.09 29.92 -22.42
N LEU L 391 89.37 28.80 -22.57
CA LEU L 391 88.56 28.29 -21.48
C LEU L 391 89.38 27.43 -20.53
N THR L 392 90.63 27.14 -20.90
CA THR L 392 91.61 26.54 -20.01
C THR L 392 92.44 27.59 -19.27
N ASP L 393 91.95 28.83 -19.21
CA ASP L 393 92.68 29.88 -18.49
C ASP L 393 92.61 29.68 -16.98
N ASP L 394 91.55 29.03 -16.48
CA ASP L 394 91.55 28.58 -15.10
C ASP L 394 92.63 27.53 -14.87
N GLY L 395 92.87 26.70 -15.88
CA GLY L 395 94.05 25.85 -15.87
C GLY L 395 95.33 26.63 -16.05
N ASN L 396 95.35 27.59 -16.99
CA ASN L 396 96.57 28.28 -17.39
C ASN L 396 97.12 29.15 -16.25
N LYS L 397 96.23 29.74 -15.46
CA LYS L 397 96.70 30.50 -14.30
C LYS L 397 97.19 29.55 -13.21
N TRP L 398 96.36 28.57 -12.83
CA TRP L 398 96.70 27.64 -11.76
C TRP L 398 97.86 26.70 -12.11
N LEU L 399 98.11 26.47 -13.41
CA LEU L 399 99.35 25.80 -13.80
C LEU L 399 100.56 26.63 -13.41
N TYR L 400 100.51 27.94 -13.68
CA TYR L 400 101.62 28.83 -13.41
C TYR L 400 101.50 29.56 -12.08
N LYS L 401 100.78 28.99 -11.11
CA LYS L 401 100.58 29.63 -9.81
C LYS L 401 101.20 28.84 -8.67
N ASN L 402 100.78 27.59 -8.46
CA ASN L 402 101.33 26.73 -7.41
C ASN L 402 101.02 25.27 -7.74
N LYS L 403 101.13 24.40 -6.72
CA LYS L 403 100.58 23.04 -6.71
C LYS L 403 101.19 22.18 -7.82
N ASP L 404 102.45 21.80 -7.56
CA ASP L 404 103.23 20.98 -8.51
C ASP L 404 102.52 19.70 -8.93
N HIS L 405 101.87 19.01 -7.99
CA HIS L 405 101.09 17.85 -8.38
C HIS L 405 99.83 18.24 -9.15
N GLY L 406 99.33 19.45 -8.91
CA GLY L 406 98.26 19.97 -9.74
C GLY L 406 98.75 20.56 -11.05
N MET L 407 100.04 20.90 -11.13
CA MET L 407 100.63 21.22 -12.43
C MET L 407 100.68 19.98 -13.30
N LEU L 408 100.92 18.82 -12.68
CA LEU L 408 100.85 17.57 -13.41
C LEU L 408 99.40 17.21 -13.70
N SER L 409 98.49 17.55 -12.77
CA SER L 409 97.10 17.16 -12.92
C SER L 409 96.39 17.99 -13.99
N ALA L 410 96.61 19.30 -14.00
CA ALA L 410 96.00 20.15 -15.02
C ALA L 410 96.58 19.86 -16.40
N ALA L 411 97.84 19.44 -16.47
CA ALA L 411 98.42 19.03 -17.74
C ALA L 411 97.90 17.67 -18.17
N ALA L 412 97.56 16.80 -17.21
CA ALA L 412 96.98 15.51 -17.55
C ALA L 412 95.51 15.62 -17.95
N SER L 413 94.85 16.72 -17.59
CA SER L 413 93.45 16.91 -17.95
C SER L 413 93.30 17.23 -19.44
N LEU L 414 94.38 17.68 -20.09
CA LEU L 414 94.31 18.01 -21.51
C LEU L 414 94.14 16.77 -22.38
N GLY L 415 94.63 15.61 -21.91
CA GLY L 415 94.38 14.37 -22.63
C GLY L 415 92.94 13.92 -22.53
N MET L 416 92.27 14.24 -21.43
CA MET L 416 90.85 13.97 -21.33
C MET L 416 90.01 14.96 -22.13
N ILE L 417 90.52 16.17 -22.36
CA ILE L 417 89.80 17.13 -23.19
C ILE L 417 89.80 16.68 -24.65
N LEU L 418 90.95 16.25 -25.16
CA LEU L 418 91.03 15.65 -26.49
C LEU L 418 91.23 14.15 -26.34
N LEU L 419 90.13 13.42 -26.22
CA LEU L 419 90.15 11.97 -26.10
C LEU L 419 89.74 11.35 -27.43
N TRP L 420 90.28 10.15 -27.70
CA TRP L 420 90.06 9.37 -28.93
C TRP L 420 90.47 10.17 -30.17
N ASP L 421 91.58 10.88 -30.09
CA ASP L 421 91.98 11.80 -31.16
C ASP L 421 93.37 11.45 -31.69
N VAL L 422 93.56 11.62 -32.99
CA VAL L 422 94.87 11.40 -33.60
C VAL L 422 95.18 12.55 -34.57
N ASP L 423 94.15 13.33 -34.92
CA ASP L 423 94.29 14.28 -36.02
C ASP L 423 95.08 15.52 -35.61
N GLY L 424 94.74 16.12 -34.47
CA GLY L 424 95.43 17.31 -34.02
C GLY L 424 95.62 17.34 -32.52
N GLY L 425 95.64 16.16 -31.90
CA GLY L 425 95.72 16.10 -30.45
C GLY L 425 97.08 16.49 -29.91
N LEU L 426 98.14 16.14 -30.65
CA LEU L 426 99.48 16.54 -30.23
C LEU L 426 99.73 18.02 -30.46
N THR L 427 99.05 18.63 -31.43
CA THR L 427 99.24 20.05 -31.71
C THR L 427 98.68 20.91 -30.59
N GLN L 428 97.65 20.41 -29.91
CA GLN L 428 97.10 21.12 -28.75
C GLN L 428 98.06 21.07 -27.57
N ILE L 429 98.79 19.97 -27.41
CA ILE L 429 99.72 19.83 -26.29
C ILE L 429 100.96 20.70 -26.47
N ASP L 430 101.45 20.83 -27.72
CA ASP L 430 102.77 21.43 -27.97
C ASP L 430 102.84 22.89 -27.57
N LYS L 431 101.75 23.63 -27.70
CA LYS L 431 101.74 25.01 -27.24
C LYS L 431 101.71 25.11 -25.72
N TYR L 432 101.11 24.12 -25.05
CA TYR L 432 101.13 24.05 -23.60
C TYR L 432 102.23 23.14 -23.06
N LEU L 433 103.18 22.75 -23.90
CA LEU L 433 104.24 21.82 -23.52
C LEU L 433 105.52 22.52 -23.11
N TYR L 434 105.98 23.50 -23.89
CA TYR L 434 107.32 24.05 -23.72
C TYR L 434 107.30 25.10 -22.61
N SER L 435 107.27 24.61 -21.37
CA SER L 435 107.50 25.42 -20.20
C SER L 435 108.75 25.02 -19.45
N SER L 436 109.40 23.93 -19.89
CA SER L 436 110.69 23.44 -19.36
C SER L 436 110.61 23.11 -17.86
N GLU L 437 109.49 22.54 -17.45
CA GLU L 437 109.29 22.14 -16.07
C GLU L 437 109.13 20.63 -15.97
N ASP L 438 109.43 20.11 -14.78
CA ASP L 438 109.26 18.67 -14.54
C ASP L 438 107.79 18.28 -14.53
N TYR L 439 106.99 18.99 -13.73
CA TYR L 439 105.61 18.58 -13.49
C TYR L 439 104.71 18.88 -14.68
N ILE L 440 105.02 19.93 -15.45
CA ILE L 440 104.16 20.34 -16.55
C ILE L 440 104.27 19.35 -17.71
N LYS L 441 105.50 19.01 -18.09
CA LYS L 441 105.68 18.10 -19.21
C LYS L 441 105.36 16.67 -18.86
N SER L 442 105.57 16.25 -17.61
CA SER L 442 105.27 14.88 -17.22
C SER L 442 103.77 14.62 -17.14
N GLY L 443 102.97 15.65 -16.92
CA GLY L 443 101.53 15.50 -16.97
C GLY L 443 101.01 15.63 -18.39
N ALA L 444 101.66 16.47 -19.19
CA ALA L 444 101.20 16.69 -20.55
C ALA L 444 101.57 15.53 -21.46
N LEU L 445 102.79 15.00 -21.32
CA LEU L 445 103.22 13.90 -22.18
C LEU L 445 102.67 12.55 -21.71
N LEU L 446 102.27 12.45 -20.45
CA LEU L 446 101.42 11.32 -20.05
C LEU L 446 100.04 11.46 -20.66
N ALA L 447 99.56 12.69 -20.79
CA ALA L 447 98.27 12.92 -21.43
C ALA L 447 98.33 12.70 -22.94
N CYS L 448 99.52 12.72 -23.53
CA CYS L 448 99.65 12.39 -24.95
C CYS L 448 99.36 10.92 -25.21
N GLY L 449 99.67 10.04 -24.25
CA GLY L 449 99.25 8.66 -24.36
C GLY L 449 97.76 8.49 -24.23
N ILE L 450 97.10 9.41 -23.51
CA ILE L 450 95.65 9.38 -23.36
C ILE L 450 94.96 9.82 -24.65
N VAL L 451 95.59 10.74 -25.40
CA VAL L 451 94.99 11.25 -26.63
C VAL L 451 94.91 10.16 -27.69
N ASN L 452 96.03 9.47 -27.92
CA ASN L 452 96.08 8.38 -28.90
C ASN L 452 95.73 7.02 -28.30
N SER L 453 95.08 7.00 -27.14
CA SER L 453 94.65 5.76 -26.54
C SER L 453 93.46 5.18 -27.31
N GLY L 454 93.54 3.88 -27.62
CA GLY L 454 92.57 3.24 -28.47
C GLY L 454 92.81 3.41 -29.95
N VAL L 455 93.80 4.21 -30.34
CA VAL L 455 94.13 4.38 -31.76
C VAL L 455 95.06 3.27 -32.23
N ARG L 456 96.13 3.04 -31.46
CA ARG L 456 97.24 2.08 -31.68
C ARG L 456 97.83 2.13 -33.11
N ASN L 457 97.70 3.27 -33.80
CA ASN L 457 98.29 3.43 -35.11
C ASN L 457 99.70 3.99 -34.93
N GLU L 458 100.31 4.50 -36.00
CA GLU L 458 101.63 5.11 -35.87
C GLU L 458 101.45 6.56 -35.41
N CYS L 459 101.54 6.76 -34.10
CA CYS L 459 101.65 8.09 -33.52
C CYS L 459 102.98 8.27 -32.80
N ASP L 460 103.26 7.39 -31.83
CA ASP L 460 104.53 7.33 -31.11
C ASP L 460 104.68 5.97 -30.42
N PRO L 461 105.08 4.91 -31.13
CA PRO L 461 105.43 3.66 -30.45
C PRO L 461 106.71 3.80 -29.64
N ALA L 462 107.70 4.51 -30.16
CA ALA L 462 108.86 4.91 -29.39
C ALA L 462 109.30 6.34 -29.72
N LEU L 463 108.42 7.14 -30.32
CA LEU L 463 108.82 8.45 -30.83
C LEU L 463 108.86 9.49 -29.70
N ALA L 464 107.71 9.77 -29.10
CA ALA L 464 107.61 10.88 -28.15
C ALA L 464 107.90 10.44 -26.72
N LEU L 465 107.15 9.46 -26.20
CA LEU L 465 107.24 9.12 -24.80
C LEU L 465 108.46 8.27 -24.45
N LEU L 466 109.06 7.60 -25.44
CA LEU L 466 110.34 6.95 -25.17
C LEU L 466 111.46 7.98 -25.07
N SER L 467 111.38 9.03 -25.88
CA SER L 467 112.31 10.16 -25.75
C SER L 467 112.04 10.95 -24.48
N ASP L 468 110.79 10.99 -24.02
CA ASP L 468 110.49 11.57 -22.72
C ASP L 468 111.09 10.74 -21.60
N TYR L 469 111.14 9.43 -21.78
CA TYR L 469 111.60 8.57 -20.69
C TYR L 469 113.11 8.63 -20.53
N VAL L 470 113.85 8.65 -21.64
CA VAL L 470 115.32 8.68 -21.56
C VAL L 470 115.88 10.02 -21.14
N LEU L 471 115.02 11.01 -20.88
CA LEU L 471 115.40 12.27 -20.25
C LEU L 471 115.67 12.12 -18.76
N HIS L 472 115.38 10.94 -18.18
CA HIS L 472 115.31 10.78 -16.73
C HIS L 472 116.69 10.80 -16.09
N ASN L 473 116.83 11.65 -15.07
CA ASN L 473 117.83 11.55 -14.01
C ASN L 473 117.22 12.03 -12.70
N SER L 474 115.90 11.99 -12.61
CA SER L 474 115.16 12.93 -11.78
C SER L 474 113.79 12.34 -11.47
N ASN L 475 112.85 13.23 -11.15
CA ASN L 475 111.47 12.96 -10.77
C ASN L 475 110.65 12.59 -12.01
N THR L 476 109.32 12.82 -11.97
CA THR L 476 108.27 12.22 -12.78
C THR L 476 108.47 12.15 -14.30
N MET L 477 109.49 12.81 -14.85
CA MET L 477 110.04 12.39 -16.13
C MET L 477 110.41 10.91 -16.11
N ARG L 478 111.01 10.47 -15.00
CA ARG L 478 111.26 9.05 -14.76
C ARG L 478 109.95 8.27 -14.65
N LEU L 479 108.89 8.89 -14.11
CA LEU L 479 107.65 8.17 -13.83
C LEU L 479 106.63 8.31 -14.96
N GLY L 480 106.25 9.54 -15.28
CA GLY L 480 105.08 9.80 -16.10
C GLY L 480 105.23 9.48 -17.58
N SER L 481 106.38 8.97 -18.01
CA SER L 481 106.58 8.70 -19.42
C SER L 481 106.22 7.26 -19.79
N ILE L 482 106.45 6.31 -18.88
CA ILE L 482 106.12 4.91 -19.18
C ILE L 482 104.63 4.63 -19.05
N PHE L 483 103.89 5.49 -18.34
CA PHE L 483 102.50 5.18 -18.02
C PHE L 483 101.58 5.45 -19.20
N GLY L 484 101.82 6.53 -19.94
CA GLY L 484 100.90 6.92 -20.99
C GLY L 484 100.97 6.03 -22.21
N LEU L 485 102.16 5.52 -22.54
CA LEU L 485 102.30 4.70 -23.74
C LEU L 485 101.74 3.29 -23.51
N GLY L 486 101.93 2.75 -22.30
CA GLY L 486 101.26 1.50 -21.96
C GLY L 486 99.77 1.66 -21.80
N LEU L 487 99.32 2.88 -21.50
CA LEU L 487 97.88 3.17 -21.51
C LEU L 487 97.36 3.21 -22.94
N ALA L 488 98.15 3.75 -23.87
CA ALA L 488 97.72 3.85 -25.25
C ALA L 488 97.74 2.48 -25.93
N TYR L 489 98.75 1.67 -25.63
CA TYR L 489 98.90 0.35 -26.24
C TYR L 489 98.44 -0.76 -25.29
N ALA L 490 97.47 -0.45 -24.42
CA ALA L 490 96.90 -1.46 -23.54
C ALA L 490 96.08 -2.48 -24.31
N GLY L 491 95.45 -2.06 -25.41
CA GLY L 491 94.69 -3.00 -26.22
C GLY L 491 95.57 -3.93 -27.03
N SER L 492 96.82 -3.56 -27.24
CA SER L 492 97.75 -4.39 -27.99
C SER L 492 98.50 -5.34 -27.06
N ASN L 493 99.02 -6.42 -27.65
CA ASN L 493 99.92 -7.31 -26.96
C ASN L 493 101.24 -7.36 -27.73
N ARG L 494 101.73 -6.18 -28.13
CA ARG L 494 102.99 -6.09 -28.83
C ARG L 494 104.15 -6.38 -27.87
N GLU L 495 105.14 -7.10 -28.37
CA GLU L 495 106.26 -7.54 -27.55
C GLU L 495 107.40 -6.53 -27.52
N ASP L 496 107.53 -5.71 -28.57
CA ASP L 496 108.73 -4.90 -28.76
C ASP L 496 108.86 -3.79 -27.70
N VAL L 497 107.85 -2.94 -27.55
CA VAL L 497 107.95 -1.84 -26.60
C VAL L 497 107.78 -2.34 -25.18
N LEU L 498 107.23 -3.54 -25.01
CA LEU L 498 107.31 -4.23 -23.72
C LEU L 498 108.77 -4.53 -23.36
N THR L 499 109.57 -4.92 -24.35
CA THR L 499 110.99 -5.12 -24.12
C THR L 499 111.78 -3.82 -24.14
N LEU L 500 111.21 -2.75 -24.71
CA LEU L 500 111.81 -1.43 -24.52
C LEU L 500 111.61 -0.93 -23.09
N LEU L 501 110.47 -1.25 -22.49
CA LEU L 501 110.14 -0.75 -21.17
C LEU L 501 110.33 -1.79 -20.07
N LEU L 502 110.90 -2.95 -20.39
CA LEU L 502 111.37 -3.90 -19.39
C LEU L 502 112.67 -3.47 -18.69
N PRO L 503 113.65 -2.80 -19.34
CA PRO L 503 114.74 -2.21 -18.54
C PRO L 503 114.34 -1.07 -17.62
N VAL L 504 113.09 -0.58 -17.68
CA VAL L 504 112.58 0.25 -16.59
C VAL L 504 112.54 -0.57 -15.31
N MET L 505 112.07 -1.82 -15.41
CA MET L 505 112.09 -2.74 -14.27
C MET L 505 113.51 -3.20 -13.96
N GLY L 506 114.34 -3.37 -14.98
CA GLY L 506 115.69 -3.84 -14.82
C GLY L 506 116.74 -2.79 -14.53
N ASP L 507 116.34 -1.51 -14.40
CA ASP L 507 117.30 -0.46 -14.12
C ASP L 507 117.79 -0.53 -12.67
N SER L 508 116.91 -0.90 -11.75
CA SER L 508 117.09 -0.87 -10.29
C SER L 508 117.42 0.53 -9.77
N LYS L 509 117.09 1.58 -10.54
CA LYS L 509 117.02 2.92 -10.01
C LYS L 509 115.83 2.98 -9.06
N SER L 510 116.10 3.22 -7.78
CA SER L 510 115.19 2.77 -6.72
C SER L 510 114.08 3.76 -6.41
N SER L 511 113.68 4.58 -7.39
CA SER L 511 112.45 5.35 -7.27
C SER L 511 111.27 4.38 -7.19
N MET L 512 110.63 4.33 -6.03
CA MET L 512 109.70 3.25 -5.72
C MET L 512 108.39 3.39 -6.48
N GLU L 513 107.87 4.61 -6.59
CA GLU L 513 106.60 4.81 -7.30
C GLU L 513 106.75 4.62 -8.80
N VAL L 514 107.97 4.74 -9.33
CA VAL L 514 108.20 4.53 -10.75
C VAL L 514 108.11 3.04 -11.08
N ALA L 515 108.75 2.20 -10.26
CA ALA L 515 108.69 0.76 -10.46
C ALA L 515 107.31 0.19 -10.18
N GLY L 516 106.52 0.85 -9.33
CA GLY L 516 105.18 0.38 -9.04
C GLY L 516 104.24 0.56 -10.20
N VAL L 517 104.24 1.75 -10.80
CA VAL L 517 103.43 1.99 -11.99
C VAL L 517 104.03 1.36 -13.23
N THR L 518 105.29 0.92 -13.17
CA THR L 518 105.87 0.13 -14.24
C THR L 518 105.17 -1.23 -14.34
N ALA L 519 104.85 -1.83 -13.19
CA ALA L 519 104.04 -3.04 -13.17
C ALA L 519 102.63 -2.76 -13.67
N LEU L 520 102.10 -1.58 -13.35
CA LEU L 520 100.77 -1.21 -13.83
C LEU L 520 100.78 -0.89 -15.31
N ALA L 521 101.89 -0.35 -15.83
CA ALA L 521 101.97 -0.03 -17.25
C ALA L 521 102.09 -1.30 -18.10
N CYS L 522 102.93 -2.25 -17.67
CA CYS L 522 103.05 -3.50 -18.41
C CYS L 522 101.86 -4.41 -18.15
N GLY L 523 101.17 -4.24 -17.02
CA GLY L 523 99.99 -5.03 -16.75
C GLY L 523 98.83 -4.70 -17.66
N MET L 524 98.70 -3.43 -18.05
CA MET L 524 97.63 -3.03 -18.96
C MET L 524 97.84 -3.58 -20.37
N ILE L 525 99.07 -3.93 -20.72
CA ILE L 525 99.36 -4.37 -22.08
C ILE L 525 98.91 -5.81 -22.29
N ALA L 526 99.45 -6.75 -21.51
CA ALA L 526 99.28 -8.17 -21.78
C ALA L 526 98.44 -8.85 -20.71
N VAL L 527 97.72 -9.89 -21.13
CA VAL L 527 96.97 -10.75 -20.22
C VAL L 527 97.36 -12.21 -20.33
N GLY L 528 98.15 -12.58 -21.33
CA GLY L 528 98.44 -13.98 -21.60
C GLY L 528 99.88 -14.39 -21.36
N SER L 529 100.65 -14.42 -22.45
CA SER L 529 102.01 -14.94 -22.49
C SER L 529 103.03 -13.99 -21.90
N CYS L 530 104.31 -14.22 -22.25
CA CYS L 530 105.49 -13.49 -21.77
C CYS L 530 105.63 -13.64 -20.25
N ASN L 531 105.97 -14.88 -19.87
CA ASN L 531 106.30 -15.23 -18.49
C ASN L 531 107.54 -14.48 -17.98
N GLY L 532 108.37 -13.94 -18.87
CA GLY L 532 109.50 -13.13 -18.46
C GLY L 532 109.12 -11.81 -17.81
N ASP L 533 107.90 -11.31 -18.06
CA ASP L 533 107.38 -10.20 -17.27
C ASP L 533 107.17 -10.60 -15.82
N VAL L 534 106.68 -11.82 -15.61
CA VAL L 534 106.52 -12.33 -14.25
C VAL L 534 107.88 -12.56 -13.61
N THR L 535 108.87 -12.95 -14.41
CA THR L 535 110.24 -13.06 -13.92
C THR L 535 110.82 -11.69 -13.57
N SER L 536 110.63 -10.70 -14.45
CA SER L 536 111.21 -9.37 -14.25
C SER L 536 110.61 -8.65 -13.04
N THR L 537 109.32 -8.83 -12.79
CA THR L 537 108.69 -8.17 -11.63
C THR L 537 109.15 -8.78 -10.32
N ILE L 538 109.23 -10.11 -10.24
CA ILE L 538 109.55 -10.72 -8.95
C ILE L 538 111.02 -10.60 -8.60
N LEU L 539 111.89 -10.30 -9.56
CA LEU L 539 113.30 -10.08 -9.24
C LEU L 539 113.48 -8.85 -8.38
N GLN L 540 112.95 -7.70 -8.83
CA GLN L 540 113.02 -6.50 -8.02
C GLN L 540 112.12 -6.58 -6.79
N THR L 541 111.08 -7.41 -6.83
CA THR L 541 110.24 -7.62 -5.66
C THR L 541 111.01 -8.34 -4.55
N ILE L 542 111.78 -9.37 -4.91
CA ILE L 542 112.60 -10.06 -3.93
C ILE L 542 113.80 -9.19 -3.52
N MET L 543 114.27 -8.31 -4.41
CA MET L 543 115.35 -7.41 -4.02
C MET L 543 114.88 -6.33 -3.06
N GLU L 544 113.72 -5.73 -3.31
CA GLU L 544 113.30 -4.55 -2.55
C GLU L 544 112.38 -4.89 -1.38
N LYS L 545 111.29 -5.61 -1.65
CA LYS L 545 110.26 -5.81 -0.64
C LYS L 545 110.70 -6.77 0.47
N SER L 546 111.70 -7.61 0.20
CA SER L 546 112.24 -8.46 1.25
C SER L 546 112.99 -7.65 2.30
N GLU L 547 113.67 -6.59 1.87
CA GLU L 547 114.39 -5.72 2.81
C GLU L 547 113.53 -4.56 3.27
N THR L 548 112.28 -4.84 3.64
CA THR L 548 111.34 -3.86 4.19
C THR L 548 110.15 -4.62 4.74
N GLU L 549 109.39 -3.96 5.60
CA GLU L 549 108.10 -4.44 6.10
C GLU L 549 107.10 -3.29 6.11
N LEU L 550 107.07 -2.54 5.03
CA LEU L 550 106.50 -1.19 5.02
C LEU L 550 105.45 -1.06 3.93
N LYS L 551 105.13 0.19 3.59
CA LYS L 551 103.93 0.67 2.92
C LYS L 551 103.51 -0.05 1.65
N ASP L 552 102.23 0.10 1.30
CA ASP L 552 101.58 -0.62 0.21
C ASP L 552 101.93 -0.07 -1.18
N THR L 553 102.85 0.87 -1.29
CA THR L 553 103.42 1.23 -2.59
C THR L 553 104.12 0.01 -3.21
N TYR L 554 104.77 -0.79 -2.36
CA TYR L 554 105.15 -2.16 -2.72
C TYR L 554 103.94 -2.98 -3.12
N ALA L 555 102.90 -2.98 -2.28
CA ALA L 555 101.88 -4.02 -2.30
C ALA L 555 100.72 -3.71 -3.25
N ARG L 556 100.35 -2.45 -3.40
CA ARG L 556 99.20 -2.11 -4.25
C ARG L 556 99.53 -2.06 -5.73
N TRP L 557 100.80 -2.10 -6.11
CA TRP L 557 101.17 -1.83 -7.49
C TRP L 557 101.96 -2.96 -8.14
N LEU L 558 102.86 -3.60 -7.41
CA LEU L 558 103.73 -4.62 -8.00
C LEU L 558 103.05 -5.98 -8.21
N PRO L 559 102.27 -6.54 -7.28
CA PRO L 559 101.58 -7.80 -7.64
C PRO L 559 100.38 -7.59 -8.53
N LEU L 560 99.94 -6.34 -8.74
CA LEU L 560 98.74 -6.10 -9.53
C LEU L 560 99.00 -6.30 -11.02
N GLY L 561 100.18 -5.90 -11.50
CA GLY L 561 100.53 -6.15 -12.88
C GLY L 561 100.74 -7.63 -13.16
N LEU L 562 101.12 -8.39 -12.13
CA LEU L 562 101.14 -9.84 -12.24
C LEU L 562 99.74 -10.39 -12.48
N GLY L 563 98.76 -9.89 -11.73
CA GLY L 563 97.39 -10.32 -11.94
C GLY L 563 96.81 -9.85 -13.25
N LEU L 564 97.26 -8.69 -13.74
CA LEU L 564 96.79 -8.21 -15.03
C LEU L 564 97.44 -8.97 -16.17
N ASN L 565 98.65 -9.49 -15.96
CA ASN L 565 99.30 -10.32 -16.95
C ASN L 565 98.76 -11.76 -16.94
N HIS L 566 97.92 -12.10 -15.98
CA HIS L 566 97.29 -13.43 -15.92
C HIS L 566 95.83 -13.31 -15.53
N LEU L 567 95.10 -12.44 -16.23
CA LEU L 567 93.69 -12.22 -15.94
C LEU L 567 92.82 -13.16 -16.75
N GLY L 568 91.77 -13.68 -16.12
CA GLY L 568 90.68 -14.35 -16.81
C GLY L 568 90.91 -15.75 -17.31
N LYS L 569 91.27 -16.68 -16.41
CA LYS L 569 91.28 -18.11 -16.72
C LYS L 569 91.16 -18.89 -15.43
N GLY L 570 90.18 -19.80 -15.38
CA GLY L 570 89.92 -20.56 -14.17
C GLY L 570 90.62 -21.90 -14.16
N GLU L 571 91.81 -21.94 -14.76
CA GLU L 571 92.55 -23.18 -14.89
C GLU L 571 93.19 -23.61 -13.57
N ALA L 572 93.43 -22.65 -12.65
CA ALA L 572 94.11 -22.86 -11.37
C ALA L 572 95.51 -23.44 -11.54
N ILE L 573 96.19 -23.11 -12.64
CA ILE L 573 97.61 -23.36 -12.81
C ILE L 573 98.33 -22.07 -12.45
N GLU L 574 97.68 -20.94 -12.73
CA GLU L 574 98.26 -19.63 -12.43
C GLU L 574 98.41 -19.38 -10.94
N ALA L 575 97.53 -19.97 -10.13
CA ALA L 575 97.73 -19.95 -8.69
C ALA L 575 98.89 -20.86 -8.28
N ILE L 576 99.03 -22.00 -8.96
CA ILE L 576 100.17 -22.87 -8.71
C ILE L 576 101.45 -22.23 -9.20
N LEU L 577 101.36 -21.43 -10.27
CA LEU L 577 102.52 -20.67 -10.74
C LEU L 577 102.92 -19.59 -9.74
N ALA L 578 101.99 -18.70 -9.41
CA ALA L 578 102.35 -17.47 -8.72
C ALA L 578 102.61 -17.69 -7.23
N ALA L 579 101.77 -18.48 -6.56
CA ALA L 579 101.86 -18.59 -5.11
C ALA L 579 103.06 -19.43 -4.69
N LEU L 580 103.45 -20.41 -5.50
CA LEU L 580 104.67 -21.17 -5.24
C LEU L 580 105.92 -20.45 -5.71
N GLU L 581 105.77 -19.34 -6.41
CA GLU L 581 106.89 -18.52 -6.87
C GLU L 581 107.32 -17.51 -5.82
N VAL L 582 106.38 -17.03 -5.01
CA VAL L 582 106.65 -15.98 -4.03
C VAL L 582 106.37 -16.57 -2.65
N VAL L 583 106.73 -17.86 -2.47
CA VAL L 583 106.71 -18.48 -1.15
C VAL L 583 107.66 -17.71 -0.24
N SER L 584 107.08 -17.03 0.77
CA SER L 584 107.75 -15.93 1.43
C SER L 584 107.03 -15.61 2.74
N GLU L 585 107.44 -14.50 3.36
CA GLU L 585 106.85 -14.03 4.60
C GLU L 585 105.43 -13.48 4.34
N PRO L 586 104.56 -13.44 5.38
CA PRO L 586 103.15 -13.12 5.12
C PRO L 586 102.87 -11.70 4.63
N PHE L 587 103.77 -10.74 4.86
CA PHE L 587 103.53 -9.41 4.29
C PHE L 587 103.88 -9.36 2.80
N ARG L 588 104.72 -10.28 2.33
CA ARG L 588 104.84 -10.53 0.89
C ARG L 588 103.84 -11.57 0.41
N SER L 589 103.29 -12.40 1.31
CA SER L 589 102.18 -13.27 0.97
C SER L 589 100.83 -12.57 1.06
N PHE L 590 100.85 -11.24 1.23
CA PHE L 590 99.73 -10.40 0.81
C PHE L 590 99.39 -10.61 -0.65
N ALA L 591 100.41 -10.85 -1.49
CA ALA L 591 100.26 -11.09 -2.92
C ALA L 591 99.67 -12.45 -3.26
N ASN L 592 99.40 -13.30 -2.26
CA ASN L 592 98.82 -14.61 -2.52
C ASN L 592 97.40 -14.49 -3.08
N THR L 593 96.61 -13.57 -2.57
CA THR L 593 95.24 -13.40 -3.00
C THR L 593 95.10 -12.58 -4.28
N LEU L 594 96.18 -11.97 -4.77
CA LEU L 594 96.07 -11.13 -5.96
C LEU L 594 95.97 -11.96 -7.22
N VAL L 595 97.01 -12.72 -7.54
CA VAL L 595 97.07 -13.44 -8.80
C VAL L 595 96.20 -14.70 -8.73
N ASP L 596 95.76 -15.08 -7.52
CA ASP L 596 94.75 -16.12 -7.35
C ASP L 596 93.46 -15.77 -8.07
N VAL L 597 92.89 -14.60 -7.76
CA VAL L 597 91.53 -14.27 -8.16
C VAL L 597 91.50 -13.25 -9.29
N CYS L 598 92.64 -12.66 -9.66
CA CYS L 598 92.66 -11.85 -10.88
C CYS L 598 92.50 -12.71 -12.12
N ALA L 599 92.87 -13.99 -12.05
CA ALA L 599 92.55 -14.97 -13.07
C ALA L 599 91.09 -15.44 -13.00
N TYR L 600 90.34 -14.93 -12.03
CA TYR L 600 89.01 -15.38 -11.68
C TYR L 600 88.04 -14.20 -11.81
N ALA L 601 88.02 -13.61 -13.00
CA ALA L 601 87.24 -12.40 -13.25
C ALA L 601 85.73 -12.65 -13.08
N GLY L 602 85.18 -13.64 -13.77
CA GLY L 602 83.77 -13.93 -13.60
C GLY L 602 83.29 -15.26 -14.13
N SER L 603 82.60 -16.01 -13.26
CA SER L 603 82.06 -17.34 -13.47
C SER L 603 81.27 -17.75 -12.23
N GLY L 604 80.78 -18.98 -12.19
CA GLY L 604 80.39 -19.58 -10.93
C GLY L 604 81.42 -20.58 -10.43
N ASN L 605 82.29 -20.16 -9.50
CA ASN L 605 83.26 -21.07 -8.89
C ASN L 605 83.21 -20.94 -7.37
N VAL L 606 82.00 -21.09 -6.83
CA VAL L 606 81.62 -20.88 -5.41
C VAL L 606 82.59 -21.53 -4.41
N LEU L 607 83.23 -22.63 -4.81
CA LEU L 607 84.31 -23.23 -4.04
C LEU L 607 85.50 -22.29 -3.86
N LYS L 608 85.73 -21.37 -4.80
CA LYS L 608 86.72 -20.33 -4.56
C LYS L 608 86.15 -19.26 -3.63
N VAL L 609 84.84 -19.03 -3.66
CA VAL L 609 84.29 -17.92 -2.91
C VAL L 609 84.25 -18.28 -1.42
N GLN L 610 84.22 -19.58 -1.09
CA GLN L 610 84.32 -19.97 0.31
C GLN L 610 85.76 -19.90 0.81
N GLN L 611 86.76 -20.21 -0.03
CA GLN L 611 88.14 -19.99 0.39
C GLN L 611 88.51 -18.52 0.28
N LEU L 612 87.66 -17.73 -0.38
CA LEU L 612 87.72 -16.28 -0.32
C LEU L 612 87.15 -15.75 0.99
N LEU L 613 86.58 -16.62 1.83
CA LEU L 613 86.09 -16.22 3.15
C LEU L 613 86.75 -16.99 4.28
N HIS L 614 86.81 -18.32 4.19
CA HIS L 614 87.02 -19.15 5.37
C HIS L 614 88.45 -19.12 5.90
N ILE L 615 89.45 -18.80 5.09
CA ILE L 615 90.82 -18.79 5.60
C ILE L 615 91.07 -17.57 6.48
N CYS L 616 91.01 -16.38 5.90
CA CYS L 616 91.16 -15.13 6.65
C CYS L 616 89.79 -14.47 6.84
N SER L 617 88.99 -15.03 7.75
CA SER L 617 87.64 -14.50 7.92
C SER L 617 87.63 -13.27 8.84
N GLU L 618 87.85 -13.47 10.14
CA GLU L 618 88.00 -12.34 11.04
C GLU L 618 89.30 -12.38 11.85
N HIS L 619 89.42 -13.32 12.79
CA HIS L 619 90.56 -13.58 13.70
C HIS L 619 90.88 -12.46 14.68
N PHE L 620 90.24 -11.28 14.50
CA PHE L 620 90.34 -10.00 15.20
C PHE L 620 91.69 -9.28 15.01
N ASP L 621 92.75 -10.04 14.67
CA ASP L 621 93.97 -9.62 13.97
C ASP L 621 94.57 -8.29 14.38
N SER L 622 95.26 -8.21 15.52
CA SER L 622 95.67 -6.93 16.10
C SER L 622 96.73 -6.26 15.21
N LYS L 623 96.23 -5.69 14.11
CA LYS L 623 96.93 -4.73 13.24
C LYS L 623 98.13 -5.35 12.53
N GLU L 624 97.98 -6.58 12.04
CA GLU L 624 99.06 -7.24 11.31
C GLU L 624 98.71 -7.54 9.86
N LYS L 625 97.68 -8.34 9.60
CA LYS L 625 97.32 -8.67 8.22
C LYS L 625 95.99 -8.06 7.78
N GLU L 626 95.58 -6.94 8.38
CA GLU L 626 94.34 -6.24 8.07
C GLU L 626 94.27 -5.79 6.60
N GLU L 627 95.41 -5.57 5.95
CA GLU L 627 95.41 -5.26 4.53
C GLU L 627 95.01 -6.48 3.71
N ASP L 628 95.39 -7.68 4.18
CA ASP L 628 95.13 -8.89 3.40
C ASP L 628 93.66 -9.27 3.42
N LYS L 629 92.99 -9.07 4.54
CA LYS L 629 91.55 -9.34 4.60
C LYS L 629 90.76 -8.28 3.85
N ASP L 630 91.31 -7.08 3.70
CA ASP L 630 90.70 -6.12 2.79
C ASP L 630 90.89 -6.54 1.35
N LYS L 631 92.09 -7.02 1.00
CA LYS L 631 92.36 -7.43 -0.37
C LYS L 631 91.72 -8.78 -0.69
N LYS L 632 91.53 -9.64 0.32
CA LYS L 632 90.70 -10.83 0.11
C LYS L 632 89.25 -10.43 -0.14
N GLU L 633 88.80 -9.35 0.51
CA GLU L 633 87.46 -8.84 0.22
C GLU L 633 87.43 -8.10 -1.11
N LYS L 634 88.57 -7.51 -1.52
CA LYS L 634 88.69 -6.87 -2.83
C LYS L 634 88.45 -7.86 -3.95
N LYS L 635 88.87 -9.09 -3.76
CA LYS L 635 88.67 -10.09 -4.80
C LYS L 635 87.31 -10.77 -4.68
N ASP L 636 86.55 -10.46 -3.63
CA ASP L 636 85.13 -10.83 -3.59
C ASP L 636 84.29 -9.91 -4.45
N LYS L 637 84.84 -8.74 -4.80
CA LYS L 637 84.08 -7.73 -5.54
C LYS L 637 83.87 -8.17 -6.98
N ASP L 638 84.92 -8.68 -7.62
CA ASP L 638 84.75 -9.40 -8.87
C ASP L 638 84.38 -10.85 -8.55
N LYS L 639 84.11 -11.64 -9.60
CA LYS L 639 83.40 -12.94 -9.55
C LYS L 639 81.97 -12.74 -9.02
N LYS L 640 81.48 -11.51 -9.13
CA LYS L 640 80.17 -11.13 -8.64
C LYS L 640 79.49 -10.21 -9.64
N GLU L 641 80.29 -9.57 -10.50
CA GLU L 641 79.79 -8.55 -11.42
C GLU L 641 79.46 -9.11 -12.79
N ALA L 642 79.66 -10.41 -13.01
CA ALA L 642 79.11 -11.06 -14.20
C ALA L 642 78.67 -12.53 -14.04
N PRO L 643 77.82 -12.90 -13.04
CA PRO L 643 76.90 -14.02 -13.30
C PRO L 643 75.55 -13.52 -13.77
N ALA L 644 75.50 -12.23 -14.12
CA ALA L 644 74.31 -11.50 -14.56
C ALA L 644 73.22 -11.54 -13.48
N ASP L 645 73.53 -10.86 -12.36
CA ASP L 645 72.61 -10.41 -11.32
C ASP L 645 72.14 -11.57 -10.43
N MET L 646 72.58 -12.80 -10.73
CA MET L 646 72.21 -13.97 -9.95
C MET L 646 72.89 -13.93 -8.59
N GLY L 647 74.12 -13.44 -8.54
CA GLY L 647 74.84 -13.34 -7.29
C GLY L 647 74.99 -11.91 -6.83
N ALA L 648 74.53 -10.98 -7.65
CA ALA L 648 74.59 -9.56 -7.28
C ALA L 648 73.62 -9.25 -6.16
N HIS L 649 72.42 -9.84 -6.19
CA HIS L 649 71.51 -9.73 -5.07
C HIS L 649 72.06 -10.44 -3.85
N GLN L 650 72.76 -11.54 -4.07
CA GLN L 650 73.38 -12.25 -2.96
C GLN L 650 74.62 -11.51 -2.46
N GLY L 651 75.27 -10.77 -3.35
CA GLY L 651 76.43 -9.99 -2.93
C GLY L 651 76.04 -8.81 -2.05
N VAL L 652 74.95 -8.13 -2.40
CA VAL L 652 74.51 -7.00 -1.60
C VAL L 652 73.80 -7.48 -0.34
N ALA L 653 73.32 -8.72 -0.32
CA ALA L 653 72.71 -9.26 0.89
C ALA L 653 73.78 -9.64 1.91
N VAL L 654 74.87 -10.27 1.45
CA VAL L 654 75.93 -10.67 2.36
C VAL L 654 76.72 -9.47 2.84
N LEU L 655 77.24 -8.66 1.92
CA LEU L 655 78.16 -7.59 2.29
C LEU L 655 77.48 -6.41 2.94
N GLY L 656 76.15 -6.36 2.91
CA GLY L 656 75.44 -5.37 3.69
C GLY L 656 75.32 -5.82 5.13
N ILE L 657 75.11 -7.11 5.33
CA ILE L 657 74.89 -7.63 6.67
C ILE L 657 76.20 -7.97 7.37
N ALA L 658 77.07 -8.72 6.68
CA ALA L 658 78.17 -9.40 7.36
C ALA L 658 79.28 -8.45 7.76
N LEU L 659 79.62 -7.49 6.91
CA LEU L 659 80.81 -6.68 7.18
C LEU L 659 80.47 -5.35 7.86
N ILE L 660 79.67 -4.54 7.18
CA ILE L 660 79.28 -3.24 7.73
C ILE L 660 78.40 -3.41 8.97
N ALA L 661 78.03 -4.65 9.25
CA ALA L 661 77.19 -4.95 10.41
C ALA L 661 78.01 -5.56 11.53
N MET L 662 78.55 -6.75 11.29
CA MET L 662 79.36 -7.44 12.28
C MET L 662 80.81 -7.57 11.82
N GLY L 663 81.44 -6.43 11.54
CA GLY L 663 82.81 -6.40 11.09
C GLY L 663 83.70 -5.53 11.97
N GLU L 664 84.75 -4.98 11.38
CA GLU L 664 85.67 -4.11 12.10
C GLU L 664 86.49 -3.26 11.15
N GLU L 665 87.66 -3.75 10.77
CA GLU L 665 88.53 -3.03 9.86
C GLU L 665 88.23 -3.43 8.41
N ILE L 666 87.67 -4.63 8.27
CA ILE L 666 87.29 -5.14 6.96
C ILE L 666 86.09 -4.38 6.43
N GLY L 667 85.07 -4.21 7.26
CA GLY L 667 83.85 -3.54 6.86
C GLY L 667 83.94 -2.03 6.85
N ALA L 668 84.26 -1.43 8.01
CA ALA L 668 84.16 0.00 8.22
C ALA L 668 85.33 0.78 7.66
N GLU L 669 86.19 0.17 6.87
CA GLU L 669 87.28 0.90 6.21
C GLU L 669 87.22 0.75 4.69
N MET L 670 86.87 -0.43 4.20
CA MET L 670 87.15 -0.81 2.83
C MET L 670 86.00 -1.48 2.09
N ALA L 671 85.04 -2.08 2.79
CA ALA L 671 84.08 -2.98 2.15
C ALA L 671 82.95 -2.27 1.40
N LEU L 672 83.08 -0.98 1.12
CA LEU L 672 82.11 -0.29 0.30
C LEU L 672 82.55 -0.21 -1.15
N ARG L 673 83.82 -0.51 -1.43
CA ARG L 673 84.31 -0.52 -2.82
C ARG L 673 83.73 -1.64 -3.66
N THR L 674 82.99 -2.58 -3.05
CA THR L 674 82.15 -3.50 -3.81
C THR L 674 81.13 -2.74 -4.63
N PHE L 675 80.43 -1.80 -3.98
CA PHE L 675 79.38 -1.03 -4.64
C PHE L 675 79.99 -0.06 -5.64
N GLY L 676 81.24 0.34 -5.42
CA GLY L 676 82.04 1.04 -6.41
C GLY L 676 82.70 0.13 -7.43
N HIS L 677 82.35 -1.16 -7.45
CA HIS L 677 82.88 -2.08 -8.45
C HIS L 677 81.80 -2.98 -9.04
N LEU L 678 80.68 -3.19 -8.32
CA LEU L 678 79.67 -4.13 -8.77
C LEU L 678 78.88 -3.58 -9.96
N LEU L 679 78.31 -2.41 -9.80
CA LEU L 679 77.56 -1.81 -10.90
C LEU L 679 77.88 -0.32 -10.98
N ARG L 680 77.60 0.28 -12.13
CA ARG L 680 77.74 1.73 -12.27
C ARG L 680 76.43 2.27 -12.85
N TYR L 681 75.38 1.46 -12.78
CA TYR L 681 74.09 1.88 -13.30
C TYR L 681 73.31 2.75 -12.34
N GLY L 682 73.23 2.35 -11.08
CA GLY L 682 72.49 3.09 -10.09
C GLY L 682 71.07 2.63 -9.93
N GLU L 683 70.67 2.36 -8.69
CA GLU L 683 69.33 1.94 -8.32
C GLU L 683 69.21 2.21 -6.83
N PRO L 684 68.03 2.59 -6.33
CA PRO L 684 67.95 3.16 -4.96
C PRO L 684 68.10 2.14 -3.84
N THR L 685 68.35 0.87 -4.13
CA THR L 685 68.65 -0.06 -3.04
C THR L 685 70.01 0.22 -2.44
N LEU L 686 71.07 0.11 -3.25
CA LEU L 686 72.41 0.37 -2.73
C LEU L 686 72.72 1.85 -2.71
N ARG L 687 72.08 2.65 -3.58
CA ARG L 687 72.32 4.08 -3.59
C ARG L 687 71.78 4.76 -2.33
N ARG L 688 70.84 4.12 -1.63
CA ARG L 688 70.39 4.65 -0.35
C ARG L 688 71.00 3.92 0.84
N ALA L 689 71.56 2.73 0.62
CA ALA L 689 72.20 1.98 1.69
C ALA L 689 73.56 2.52 2.07
N VAL L 690 74.24 3.20 1.15
CA VAL L 690 75.54 3.81 1.43
C VAL L 690 75.40 5.07 2.29
N PRO L 691 74.44 6.00 2.08
CA PRO L 691 74.29 7.08 3.07
C PRO L 691 73.72 6.64 4.42
N LEU L 692 73.29 5.38 4.56
CA LEU L 692 73.05 4.85 5.90
C LEU L 692 74.35 4.77 6.69
N ALA L 693 75.46 4.56 6.01
CA ALA L 693 76.78 4.57 6.62
C ALA L 693 77.62 5.78 6.20
N LEU L 694 77.02 6.76 5.53
CA LEU L 694 77.74 7.98 5.18
C LEU L 694 77.19 9.23 5.86
N ALA L 695 75.87 9.40 5.92
CA ALA L 695 75.29 10.47 6.74
C ALA L 695 75.65 10.29 8.19
N LEU L 696 75.68 9.04 8.65
CA LEU L 696 76.46 8.65 9.82
C LEU L 696 77.90 8.51 9.36
N ILE L 697 78.69 9.57 9.55
CA ILE L 697 80.07 9.57 9.07
C ILE L 697 80.92 8.62 9.90
N SER L 698 80.56 8.43 11.17
CA SER L 698 81.33 7.68 12.19
C SER L 698 82.75 8.24 12.29
N VAL L 699 82.84 9.48 12.76
CA VAL L 699 84.05 10.29 12.66
C VAL L 699 85.19 9.85 13.56
N SER L 700 84.98 8.84 14.41
CA SER L 700 86.01 8.39 15.34
C SER L 700 87.21 7.76 14.64
N ASN L 701 87.01 7.16 13.47
CA ASN L 701 88.09 6.59 12.70
C ASN L 701 88.80 7.70 11.92
N PRO L 702 89.89 7.39 11.20
CA PRO L 702 90.38 8.38 10.21
C PRO L 702 89.41 8.51 9.06
N ARG L 703 88.39 9.37 9.25
CA ARG L 703 87.12 9.43 8.53
C ARG L 703 87.21 9.50 7.00
N LEU L 704 88.40 9.79 6.47
CA LEU L 704 88.62 9.66 5.02
C LEU L 704 88.58 8.22 4.55
N ASN L 705 88.58 7.24 5.46
CA ASN L 705 88.15 5.90 5.10
C ASN L 705 86.69 5.88 4.69
N ILE L 706 85.81 6.41 5.54
CA ILE L 706 84.40 6.55 5.19
C ILE L 706 84.21 7.63 4.12
N LEU L 707 85.08 8.63 4.08
CA LEU L 707 84.99 9.58 3.00
C LEU L 707 85.65 9.08 1.72
N ASP L 708 86.45 8.00 1.78
CA ASP L 708 86.74 7.28 0.54
C ASP L 708 85.50 6.58 0.03
N THR L 709 84.66 6.11 0.94
CA THR L 709 83.41 5.49 0.56
C THR L 709 82.39 6.52 0.11
N LEU L 710 82.60 7.78 0.49
CA LEU L 710 81.85 8.88 -0.14
C LEU L 710 82.22 9.02 -1.60
N SER L 711 83.51 8.88 -1.90
CA SER L 711 84.07 9.27 -3.20
C SER L 711 83.53 8.39 -4.32
N LYS L 712 83.68 7.08 -4.19
CA LYS L 712 83.18 6.17 -5.20
C LYS L 712 81.83 5.58 -4.83
N PHE L 713 81.09 6.23 -3.95
CA PHE L 713 79.65 6.13 -3.97
C PHE L 713 79.08 6.73 -5.24
N SER L 714 79.72 7.78 -5.76
CA SER L 714 79.40 8.37 -7.05
C SER L 714 80.19 7.76 -8.17
N HIS L 715 80.57 6.50 -8.03
CA HIS L 715 81.16 5.70 -9.09
C HIS L 715 80.08 5.01 -9.93
N ASP L 716 78.88 5.58 -9.95
CA ASP L 716 77.83 5.15 -10.84
C ASP L 716 77.68 6.22 -11.92
N ALA L 717 77.88 5.81 -13.16
CA ALA L 717 77.77 6.68 -14.32
C ALA L 717 76.29 6.73 -14.74
N ASP L 718 76.00 7.20 -15.98
CA ASP L 718 74.65 7.47 -16.51
C ASP L 718 73.93 8.48 -15.62
N PRO L 719 74.17 9.81 -15.82
CA PRO L 719 73.70 10.88 -14.91
C PRO L 719 72.26 10.79 -14.39
N GLU L 720 72.08 11.11 -13.12
CA GLU L 720 70.83 10.81 -12.43
C GLU L 720 70.34 11.99 -11.59
N VAL L 721 69.36 11.71 -10.74
CA VAL L 721 68.81 12.64 -9.76
C VAL L 721 69.58 12.57 -8.44
N SER L 722 70.76 11.94 -8.46
CA SER L 722 71.54 11.72 -7.24
C SER L 722 72.17 13.00 -6.71
N TYR L 723 72.03 14.12 -7.44
CA TYR L 723 72.43 15.45 -7.01
C TYR L 723 71.82 15.85 -5.67
N ASN L 724 70.63 15.32 -5.36
CA ASN L 724 69.99 15.56 -4.07
C ASN L 724 70.84 15.07 -2.91
N SER L 725 71.54 13.94 -3.10
CA SER L 725 72.37 13.41 -2.04
C SER L 725 73.69 14.18 -1.92
N ILE L 726 74.33 14.44 -3.07
CA ILE L 726 75.71 14.94 -3.03
C ILE L 726 75.76 16.41 -2.66
N PHE L 727 74.83 17.21 -3.20
CA PHE L 727 74.83 18.63 -2.89
C PHE L 727 74.40 18.89 -1.45
N ALA L 728 73.48 18.09 -0.92
CA ALA L 728 73.08 18.25 0.47
C ALA L 728 74.15 17.75 1.43
N MET L 729 74.92 16.76 1.00
CA MET L 729 76.06 16.33 1.81
C MET L 729 77.25 17.26 1.59
N GLY L 730 77.30 17.94 0.45
CA GLY L 730 78.28 18.99 0.26
C GLY L 730 77.99 20.22 1.09
N MET L 731 76.72 20.43 1.45
CA MET L 731 76.37 21.57 2.30
C MET L 731 76.81 21.32 3.74
N VAL L 732 76.62 20.11 4.25
CA VAL L 732 77.18 19.74 5.54
C VAL L 732 78.67 19.40 5.40
N GLY L 733 79.16 19.22 4.17
CA GLY L 733 80.55 18.90 3.93
C GLY L 733 81.47 20.07 3.74
N SER L 734 80.96 21.31 3.77
CA SER L 734 81.83 22.46 3.68
C SER L 734 82.48 22.77 5.03
N GLY L 735 81.65 23.09 6.04
CA GLY L 735 82.15 23.35 7.38
C GLY L 735 82.62 22.09 8.09
N THR L 736 81.68 21.20 8.42
CA THR L 736 82.04 19.89 8.92
C THR L 736 82.50 19.02 7.75
N ASN L 737 83.07 17.86 8.06
CA ASN L 737 83.76 16.97 7.11
C ASN L 737 84.81 17.78 6.32
N ASN L 738 85.81 18.22 7.08
CA ASN L 738 86.54 19.46 6.85
C ASN L 738 87.11 19.59 5.44
N ALA L 739 87.08 20.83 4.93
CA ALA L 739 87.43 21.11 3.54
C ALA L 739 88.94 21.07 3.28
N ARG L 740 89.76 20.88 4.32
CA ARG L 740 91.18 20.69 4.09
C ARG L 740 91.48 19.39 3.39
N LEU L 741 90.63 18.38 3.59
CA LEU L 741 90.95 17.03 3.14
C LEU L 741 90.12 16.56 1.95
N ALA L 742 88.81 16.83 1.98
CA ALA L 742 87.92 16.22 0.99
C ALA L 742 87.09 17.25 0.21
N ALA L 743 87.46 18.53 0.23
CA ALA L 743 86.75 19.50 -0.61
C ALA L 743 87.02 19.23 -2.07
N MET L 744 88.19 18.66 -2.38
CA MET L 744 88.40 18.06 -3.70
C MET L 744 87.44 16.89 -3.92
N LEU L 745 87.21 16.09 -2.88
CA LEU L 745 86.60 14.78 -3.06
C LEU L 745 85.11 14.85 -3.32
N ARG L 746 84.38 15.65 -2.54
CA ARG L 746 82.93 15.74 -2.68
C ARG L 746 82.54 16.33 -4.02
N GLN L 747 83.32 17.30 -4.49
CA GLN L 747 83.12 17.82 -5.83
C GLN L 747 83.72 16.93 -6.90
N LEU L 748 84.69 16.08 -6.55
CA LEU L 748 85.06 15.01 -7.48
C LEU L 748 83.91 14.03 -7.64
N ALA L 749 83.19 13.75 -6.55
CA ALA L 749 82.01 12.91 -6.62
C ALA L 749 80.86 13.64 -7.30
N GLN L 750 80.76 14.95 -7.11
CA GLN L 750 79.68 15.72 -7.71
C GLN L 750 79.86 15.83 -9.22
N TYR L 751 81.08 16.04 -9.69
CA TYR L 751 81.30 16.36 -11.08
C TYR L 751 81.50 15.12 -11.95
N HIS L 752 81.52 13.93 -11.35
CA HIS L 752 81.81 12.73 -12.12
C HIS L 752 80.55 12.06 -12.65
N ALA L 753 79.41 12.25 -11.99
CA ALA L 753 78.17 11.64 -12.47
C ALA L 753 77.73 12.26 -13.79
N LYS L 754 77.77 13.58 -13.89
CA LYS L 754 77.58 14.28 -15.16
C LYS L 754 78.94 14.48 -15.83
N ASP L 755 79.52 13.38 -16.30
CA ASP L 755 80.87 13.46 -16.85
C ASP L 755 80.84 14.14 -18.24
N PRO L 756 80.49 13.48 -19.40
CA PRO L 756 79.58 14.18 -20.33
C PRO L 756 78.11 13.85 -20.08
N ASN L 757 77.27 14.34 -20.99
CA ASN L 757 75.90 13.84 -21.12
C ASN L 757 75.89 12.34 -21.38
N ASN L 758 76.85 11.87 -22.17
CA ASN L 758 76.85 10.53 -22.73
C ASN L 758 78.17 9.87 -22.38
N LEU L 759 78.46 8.74 -23.03
CA LEU L 759 79.71 7.99 -22.89
C LEU L 759 79.90 7.55 -21.44
N PHE L 760 78.95 6.72 -20.98
CA PHE L 760 78.99 6.19 -19.63
C PHE L 760 79.23 4.69 -19.59
N MET L 761 79.52 4.07 -20.74
CA MET L 761 79.71 2.62 -20.74
C MET L 761 81.12 2.25 -20.28
N VAL L 762 81.26 2.02 -18.98
CA VAL L 762 82.51 1.62 -18.34
C VAL L 762 82.30 0.39 -17.49
N ARG L 763 81.40 -0.49 -17.90
CA ARG L 763 80.82 -1.44 -16.98
C ARG L 763 81.01 -2.88 -17.43
N LEU L 764 81.84 -3.11 -18.43
CA LEU L 764 82.42 -4.42 -18.77
C LEU L 764 81.37 -5.44 -19.20
N ALA L 765 80.39 -4.94 -19.96
CA ALA L 765 79.34 -5.83 -20.43
C ALA L 765 78.89 -5.38 -21.81
N GLN L 766 79.20 -6.18 -22.82
CA GLN L 766 78.91 -5.82 -24.19
C GLN L 766 78.02 -6.89 -24.80
N GLY L 767 77.15 -6.46 -25.71
CA GLY L 767 76.27 -7.34 -26.45
C GLY L 767 75.16 -7.84 -25.57
N LEU L 768 75.47 -8.82 -24.71
CA LEU L 768 74.62 -9.09 -23.56
C LEU L 768 75.46 -9.14 -22.29
N THR L 769 76.58 -9.88 -22.33
CA THR L 769 77.29 -10.14 -21.08
C THR L 769 78.81 -10.24 -21.17
N HIS L 770 79.42 -10.08 -22.35
CA HIS L 770 80.84 -10.39 -22.39
C HIS L 770 81.68 -9.19 -21.96
N LEU L 771 82.90 -9.49 -21.53
CA LEU L 771 83.64 -8.60 -20.65
C LEU L 771 84.18 -7.37 -21.39
N GLY L 772 85.11 -7.58 -22.31
CA GLY L 772 85.73 -6.46 -23.01
C GLY L 772 86.61 -5.60 -22.13
N LYS L 773 87.75 -6.16 -21.69
CA LYS L 773 88.57 -5.55 -20.65
C LYS L 773 89.39 -4.39 -21.20
N GLY L 774 89.26 -3.20 -20.59
CA GLY L 774 88.28 -2.90 -19.54
C GLY L 774 88.65 -3.01 -18.07
N THR L 775 88.78 -4.25 -17.57
CA THR L 775 89.12 -4.47 -16.16
C THR L 775 90.54 -4.01 -15.86
N LEU L 776 91.42 -4.08 -16.85
CA LEU L 776 92.83 -3.75 -16.66
C LEU L 776 93.05 -2.27 -16.43
N THR L 777 92.07 -1.44 -16.76
CA THR L 777 92.19 0.00 -16.68
C THR L 777 91.47 0.58 -15.46
N LEU L 778 90.43 -0.11 -14.98
CA LEU L 778 89.68 0.36 -13.82
C LEU L 778 90.32 -0.09 -12.52
N CYS L 779 90.44 -1.42 -12.35
CA CYS L 779 90.94 -2.11 -11.16
C CYS L 779 92.24 -1.58 -10.55
N PRO L 780 93.16 -0.96 -11.30
CA PRO L 780 94.20 -0.15 -10.62
C PRO L 780 93.68 0.95 -9.70
N TYR L 781 92.53 1.59 -9.98
CA TYR L 781 92.11 2.68 -9.11
C TYR L 781 91.56 2.17 -7.78
N HIS L 782 90.73 1.14 -7.82
CA HIS L 782 90.19 0.62 -6.57
C HIS L 782 91.23 -0.17 -5.80
N SER L 783 92.31 -0.59 -6.47
CA SER L 783 93.48 -1.05 -5.75
C SER L 783 94.32 0.11 -5.23
N ASP L 784 94.21 1.29 -5.86
CA ASP L 784 95.01 2.43 -5.45
C ASP L 784 94.48 3.04 -4.16
N ARG L 785 93.16 3.05 -3.98
CA ARG L 785 92.57 3.72 -2.83
C ARG L 785 92.69 2.91 -1.55
N GLN L 786 93.91 2.55 -1.15
CA GLN L 786 94.16 1.82 0.09
C GLN L 786 95.37 2.43 0.81
N LEU L 787 95.15 3.43 1.65
CA LEU L 787 93.91 4.19 1.75
C LEU L 787 94.12 5.69 1.60
N MET L 788 95.02 6.22 2.41
CA MET L 788 95.24 7.66 2.57
C MET L 788 96.59 8.00 1.96
N SER L 789 96.98 9.28 1.99
CA SER L 789 98.27 9.85 1.59
C SER L 789 98.48 9.82 0.07
N GLN L 790 97.51 9.27 -0.66
CA GLN L 790 97.50 9.37 -2.11
C GLN L 790 96.39 10.31 -2.53
N VAL L 791 95.69 10.89 -1.54
CA VAL L 791 94.81 12.01 -1.78
C VAL L 791 95.57 13.31 -1.97
N ALA L 792 96.87 13.32 -1.69
CA ALA L 792 97.69 14.52 -1.76
C ALA L 792 98.81 14.43 -2.81
N VAL L 793 99.57 13.35 -2.82
CA VAL L 793 100.83 13.27 -3.56
C VAL L 793 100.77 12.24 -4.69
N ALA L 794 100.65 10.95 -4.34
CA ALA L 794 100.97 9.90 -5.29
C ALA L 794 99.78 9.44 -6.12
N GLY L 795 98.58 9.42 -5.54
CA GLY L 795 97.42 8.93 -6.27
C GLY L 795 96.85 9.92 -7.26
N LEU L 796 97.38 11.14 -7.30
CA LEU L 796 96.97 12.12 -8.31
C LEU L 796 97.42 11.71 -9.71
N LEU L 797 98.43 10.84 -9.83
CA LEU L 797 98.68 10.18 -11.10
C LEU L 797 97.52 9.28 -11.48
N THR L 798 96.93 8.61 -10.48
CA THR L 798 95.90 7.62 -10.71
C THR L 798 94.50 8.23 -10.80
N VAL L 799 94.11 9.03 -9.79
CA VAL L 799 92.71 9.40 -9.54
C VAL L 799 92.10 10.20 -10.70
N LEU L 800 92.92 10.90 -11.48
CA LEU L 800 92.39 11.59 -12.65
C LEU L 800 92.15 10.62 -13.79
N VAL L 801 93.18 9.88 -14.18
CA VAL L 801 93.22 9.22 -15.47
C VAL L 801 93.42 7.70 -15.32
N SER L 802 92.91 7.09 -14.25
CA SER L 802 93.02 5.65 -14.08
C SER L 802 92.25 4.90 -15.15
N PHE L 803 90.93 5.02 -15.15
CA PHE L 803 90.07 4.23 -16.03
C PHE L 803 89.69 5.08 -17.24
N LEU L 804 90.11 4.63 -18.41
CA LEU L 804 89.96 5.36 -19.66
C LEU L 804 89.56 4.41 -20.77
N ASP L 805 88.66 3.47 -20.47
CA ASP L 805 88.20 2.53 -21.48
C ASP L 805 86.71 2.73 -21.74
N VAL L 806 86.31 3.93 -21.98
CA VAL L 806 84.90 4.18 -22.21
C VAL L 806 84.63 3.96 -23.69
N ARG L 807 83.71 3.05 -23.99
CA ARG L 807 83.41 2.68 -25.37
C ARG L 807 81.95 3.05 -25.59
N ASN L 808 81.62 3.48 -26.82
CA ASN L 808 81.15 4.85 -27.04
C ASN L 808 79.98 5.19 -26.13
N ILE L 809 78.72 5.02 -26.55
CA ILE L 809 77.57 4.85 -25.66
C ILE L 809 76.43 4.06 -26.30
N ILE L 810 75.96 4.56 -27.46
CA ILE L 810 74.59 4.46 -27.91
C ILE L 810 74.48 3.51 -29.09
N LEU L 811 73.33 2.83 -29.19
CA LEU L 811 73.08 1.99 -30.37
C LEU L 811 72.17 2.70 -31.37
N GLY L 812 72.46 3.96 -31.58
CA GLY L 812 71.82 4.68 -32.65
C GLY L 812 72.81 5.22 -33.65
N LYS L 813 72.81 4.56 -34.81
CA LYS L 813 73.40 4.87 -36.12
C LYS L 813 72.95 3.75 -37.03
N SER L 814 73.07 3.90 -38.35
CA SER L 814 72.53 2.88 -39.23
C SER L 814 73.56 2.33 -40.22
N HIS L 815 74.41 3.20 -40.76
CA HIS L 815 75.59 2.85 -41.56
C HIS L 815 75.31 2.14 -42.87
N TYR L 816 74.04 2.01 -43.29
CA TYR L 816 73.72 1.55 -44.63
C TYR L 816 74.36 2.49 -45.64
N VAL L 817 75.11 1.91 -46.57
CA VAL L 817 76.50 2.28 -46.91
C VAL L 817 76.79 3.78 -46.90
N LEU L 818 75.85 4.60 -47.34
CA LEU L 818 76.08 6.04 -47.43
C LEU L 818 75.94 6.74 -46.08
N TYR L 819 75.45 6.01 -45.06
CA TYR L 819 75.11 6.54 -43.74
C TYR L 819 74.11 7.69 -43.84
N GLY L 820 72.90 7.32 -44.27
CA GLY L 820 71.82 8.29 -44.34
C GLY L 820 70.58 7.83 -43.59
N LEU L 821 70.47 6.53 -43.34
CA LEU L 821 69.30 5.98 -42.68
C LEU L 821 69.31 6.32 -41.19
N VAL L 822 68.13 6.39 -40.58
CA VAL L 822 68.11 6.75 -39.16
C VAL L 822 67.73 5.56 -38.28
N ALA L 823 66.43 5.25 -38.15
CA ALA L 823 65.74 3.96 -38.00
C ALA L 823 64.30 4.24 -37.59
N ALA L 824 63.55 3.19 -37.29
CA ALA L 824 62.48 3.30 -36.31
C ALA L 824 62.71 2.30 -35.18
N MET L 825 63.52 2.69 -34.20
CA MET L 825 63.89 1.79 -33.09
C MET L 825 62.94 1.96 -31.92
N GLN L 826 62.82 0.92 -31.10
CA GLN L 826 61.77 0.97 -30.09
C GLN L 826 62.30 0.52 -28.74
N PRO L 827 62.74 1.47 -27.89
CA PRO L 827 63.52 1.14 -26.69
C PRO L 827 62.67 0.70 -25.51
N ARG L 828 63.14 -0.33 -24.79
CA ARG L 828 62.41 -1.00 -23.73
C ARG L 828 63.33 -1.52 -22.61
N MET L 829 62.77 -1.66 -21.40
CA MET L 829 63.30 -2.43 -20.26
C MET L 829 63.55 -3.87 -20.75
N LEU L 830 64.73 -4.42 -20.40
CA LEU L 830 65.30 -5.60 -21.06
C LEU L 830 64.49 -6.89 -20.91
N VAL L 831 64.91 -7.91 -21.65
CA VAL L 831 64.27 -9.19 -21.82
C VAL L 831 64.15 -9.94 -20.50
N THR L 832 63.15 -10.81 -20.42
CA THR L 832 62.98 -11.74 -19.30
C THR L 832 62.76 -13.13 -19.87
N PHE L 833 62.53 -13.20 -21.19
CA PHE L 833 62.00 -14.41 -21.81
C PHE L 833 63.04 -15.52 -21.86
N ASP L 834 62.73 -16.64 -21.21
CA ASP L 834 63.70 -17.73 -21.13
C ASP L 834 63.15 -18.97 -21.85
N GLU L 835 62.02 -19.49 -21.39
CA GLU L 835 61.25 -20.46 -22.17
C GLU L 835 59.77 -20.30 -21.82
N GLU L 836 59.02 -19.76 -22.78
CA GLU L 836 57.57 -19.58 -22.69
C GLU L 836 57.00 -19.92 -24.07
N LEU L 837 55.77 -19.47 -24.32
CA LEU L 837 55.11 -19.75 -25.59
C LEU L 837 55.81 -19.08 -26.75
N ARG L 838 55.85 -19.79 -27.88
CA ARG L 838 56.43 -19.27 -29.11
C ARG L 838 55.39 -18.46 -29.87
N PRO L 839 55.76 -17.27 -30.39
CA PRO L 839 57.06 -16.61 -30.19
C PRO L 839 57.06 -15.82 -28.89
N LEU L 840 58.20 -15.45 -28.46
CA LEU L 840 58.22 -14.85 -27.15
C LEU L 840 58.36 -13.34 -27.28
N PRO L 841 57.52 -12.57 -26.59
CA PRO L 841 57.68 -11.11 -26.62
C PRO L 841 58.94 -10.68 -25.87
N VAL L 842 59.81 -10.00 -26.61
CA VAL L 842 61.17 -9.76 -26.14
C VAL L 842 61.17 -8.78 -24.97
N SER L 843 60.33 -7.76 -25.00
CA SER L 843 60.34 -6.84 -23.87
C SER L 843 58.96 -6.23 -23.57
N VAL L 844 58.96 -5.25 -22.65
CA VAL L 844 57.78 -4.96 -21.82
C VAL L 844 57.51 -3.46 -21.64
N ARG L 845 58.36 -2.59 -22.14
CA ARG L 845 58.29 -1.17 -21.79
C ARG L 845 58.00 -0.29 -23.01
N VAL L 846 56.92 -0.58 -23.73
CA VAL L 846 56.69 -0.16 -25.11
C VAL L 846 56.57 1.37 -25.28
N GLY L 847 56.44 2.10 -24.16
CA GLY L 847 56.23 3.54 -24.14
C GLY L 847 57.25 4.41 -24.85
N GLN L 848 58.54 4.17 -24.62
CA GLN L 848 59.57 4.96 -25.31
C GLN L 848 59.66 4.53 -26.77
N ALA L 849 59.78 5.53 -27.65
CA ALA L 849 59.82 5.31 -29.10
C ALA L 849 60.65 6.41 -29.75
N VAL L 850 61.84 6.08 -30.21
CA VAL L 850 62.76 7.02 -30.84
C VAL L 850 63.03 6.57 -32.28
N ASP L 851 63.89 7.29 -32.99
CA ASP L 851 64.23 6.89 -34.36
C ASP L 851 65.73 6.61 -34.51
N VAL L 852 66.56 7.48 -33.93
CA VAL L 852 67.98 7.57 -34.20
C VAL L 852 68.64 7.74 -32.83
N VAL L 853 69.83 8.35 -32.76
CA VAL L 853 70.92 8.20 -31.80
C VAL L 853 70.61 8.17 -30.30
N GLY L 854 69.34 8.10 -29.91
CA GLY L 854 68.95 7.97 -28.50
C GLY L 854 69.59 6.87 -27.68
N GLN L 855 69.35 6.91 -26.37
CA GLN L 855 70.28 6.48 -25.34
C GLN L 855 70.33 4.96 -25.19
N ALA L 856 71.28 4.51 -24.36
CA ALA L 856 71.40 3.10 -24.04
C ALA L 856 70.63 2.83 -22.76
N GLY L 857 71.00 3.41 -21.63
CA GLY L 857 70.30 3.11 -20.38
C GLY L 857 70.71 1.78 -19.77
N LYS L 858 70.14 1.48 -18.59
CA LYS L 858 70.55 0.28 -17.89
C LYS L 858 70.04 -1.00 -18.59
N PRO L 859 68.70 -1.37 -18.57
CA PRO L 859 68.45 -2.68 -19.20
C PRO L 859 67.77 -2.53 -20.57
N LYS L 860 68.50 -2.20 -21.62
CA LYS L 860 67.79 -1.91 -22.87
C LYS L 860 68.29 -2.77 -24.03
N THR L 861 67.45 -3.72 -24.43
CA THR L 861 67.54 -4.38 -25.73
C THR L 861 66.54 -3.72 -26.69
N ILE L 862 67.04 -2.72 -27.42
CA ILE L 862 66.15 -1.91 -28.25
C ILE L 862 65.91 -2.62 -29.58
N THR L 863 64.64 -2.81 -29.93
CA THR L 863 64.27 -3.51 -31.15
C THR L 863 63.74 -2.53 -32.18
N GLY L 864 63.47 -3.05 -33.38
CA GLY L 864 63.02 -2.22 -34.48
C GLY L 864 61.92 -2.90 -35.26
N PHE L 865 61.21 -2.12 -36.07
CA PHE L 865 60.05 -2.57 -36.82
C PHE L 865 60.05 -1.98 -38.23
N GLN L 866 58.87 -2.01 -38.89
CA GLN L 866 58.60 -1.37 -40.20
C GLN L 866 59.23 -2.20 -41.33
N THR L 867 59.50 -3.47 -41.02
CA THR L 867 60.01 -4.51 -41.93
C THR L 867 61.30 -4.02 -42.60
N HIS L 868 62.31 -3.78 -41.78
CA HIS L 868 63.65 -3.47 -42.27
C HIS L 868 64.55 -4.68 -42.09
N THR L 869 64.02 -5.72 -41.42
CA THR L 869 64.51 -7.08 -41.15
C THR L 869 65.63 -7.13 -40.12
N THR L 870 66.27 -5.98 -39.84
CA THR L 870 67.39 -5.83 -38.91
C THR L 870 68.35 -7.02 -38.82
N PRO L 871 68.81 -7.55 -39.96
CA PRO L 871 69.13 -8.99 -40.04
C PRO L 871 70.48 -9.38 -39.48
N VAL L 872 71.25 -8.38 -39.08
CA VAL L 872 72.71 -8.42 -39.01
C VAL L 872 73.27 -9.51 -38.11
N LEU L 873 73.03 -9.40 -36.80
CA LEU L 873 73.55 -10.39 -35.86
C LEU L 873 72.44 -10.80 -34.90
N LEU L 874 71.38 -9.99 -34.87
CA LEU L 874 70.16 -10.22 -34.08
C LEU L 874 70.49 -10.29 -32.58
N ALA L 875 71.55 -9.60 -32.18
CA ALA L 875 71.71 -9.47 -30.74
C ALA L 875 71.58 -8.02 -30.32
N HIS L 876 72.62 -7.21 -30.58
CA HIS L 876 72.73 -5.79 -30.94
C HIS L 876 74.22 -5.48 -30.81
N GLY L 877 74.61 -4.22 -30.69
CA GLY L 877 76.01 -3.88 -30.62
C GLY L 877 76.45 -2.57 -31.24
N GLU L 878 75.51 -1.67 -31.50
CA GLU L 878 75.69 -0.22 -31.64
C GLU L 878 76.42 0.17 -32.92
N ARG L 879 76.65 -0.77 -33.82
CA ARG L 879 76.99 -0.44 -35.19
C ARG L 879 76.27 -1.40 -36.13
N ALA L 880 74.94 -1.48 -36.00
CA ALA L 880 74.14 -2.31 -36.88
C ALA L 880 74.25 -1.89 -38.34
N GLU L 881 74.00 -2.82 -39.26
CA GLU L 881 74.23 -2.60 -40.69
C GLU L 881 72.93 -2.38 -41.45
N LEU L 882 71.85 -3.08 -41.07
CA LEU L 882 70.47 -2.73 -41.42
C LEU L 882 70.15 -2.75 -42.91
N ALA L 883 70.07 -3.93 -43.52
CA ALA L 883 69.65 -4.05 -44.92
C ALA L 883 68.16 -3.82 -45.11
N THR L 884 67.61 -4.15 -46.27
CA THR L 884 66.24 -3.78 -46.58
C THR L 884 65.55 -4.88 -47.39
N GLU L 885 64.37 -5.30 -46.94
CA GLU L 885 63.62 -6.37 -47.59
C GLU L 885 62.18 -6.39 -47.06
N GLU L 886 61.21 -6.54 -47.98
CA GLU L 886 59.79 -6.51 -47.61
C GLU L 886 58.95 -7.50 -48.42
N PHE L 887 59.31 -8.77 -48.49
CA PHE L 887 58.56 -9.72 -49.34
C PHE L 887 57.42 -10.37 -48.56
N LEU L 888 56.66 -9.58 -47.81
CA LEU L 888 55.46 -10.17 -47.21
C LEU L 888 54.13 -9.48 -47.53
N PRO L 889 53.77 -9.18 -48.81
CA PRO L 889 52.32 -8.98 -48.92
C PRO L 889 51.62 -10.19 -49.53
N PRO M 21 26.75 -41.27 -10.07
CA PRO M 21 27.68 -42.34 -10.42
C PRO M 21 29.10 -41.84 -10.66
N ILE M 22 29.56 -40.90 -9.84
CA ILE M 22 30.87 -40.28 -10.07
C ILE M 22 31.69 -40.35 -8.81
N ARG M 23 32.68 -41.26 -8.79
CA ARG M 23 33.60 -41.39 -7.68
C ARG M 23 34.92 -41.85 -8.25
N ALA M 24 36.00 -41.15 -7.93
CA ALA M 24 37.24 -41.50 -8.60
C ALA M 24 38.46 -41.46 -7.68
N LEU M 25 38.28 -41.83 -6.42
CA LEU M 25 39.40 -41.81 -5.48
C LEU M 25 39.47 -43.10 -4.69
N ASP M 26 40.68 -43.67 -4.63
CA ASP M 26 40.97 -44.87 -3.85
C ASP M 26 42.48 -44.84 -3.68
N GLU M 27 42.96 -45.13 -2.46
CA GLU M 27 44.36 -44.96 -2.04
C GLU M 27 45.42 -45.53 -2.99
N GLY M 28 45.09 -46.62 -3.68
CA GLY M 28 45.98 -47.11 -4.72
C GLY M 28 46.09 -46.15 -5.90
N ASP M 29 45.00 -45.47 -6.22
CA ASP M 29 45.01 -44.53 -7.34
C ASP M 29 45.69 -43.22 -6.99
N ILE M 30 45.91 -42.96 -5.70
CA ILE M 30 46.74 -41.83 -5.29
C ILE M 30 48.18 -42.01 -5.75
N ALA M 31 48.72 -43.23 -5.69
CA ALA M 31 50.10 -43.49 -6.07
C ALA M 31 50.32 -43.43 -7.58
N LEU M 32 49.25 -43.40 -8.38
CA LEU M 32 49.35 -43.13 -9.81
C LEU M 32 49.85 -41.73 -10.09
N LEU M 33 49.35 -40.73 -9.36
CA LEU M 33 49.50 -39.33 -9.69
C LEU M 33 50.92 -38.81 -9.52
N LYS M 34 51.54 -39.07 -8.38
CA LYS M 34 52.80 -38.43 -8.02
C LYS M 34 54.01 -39.23 -8.46
N THR M 35 53.87 -39.96 -9.57
CA THR M 35 55.02 -40.65 -10.14
C THR M 35 54.99 -40.44 -11.66
N TYR M 36 53.86 -39.97 -12.17
CA TYR M 36 53.66 -39.70 -13.59
C TYR M 36 54.02 -38.25 -13.89
N GLY M 37 55.10 -38.07 -14.64
CA GLY M 37 55.46 -36.74 -15.09
C GLY M 37 56.45 -36.10 -14.17
N GLN M 38 57.71 -36.05 -14.62
CA GLN M 38 58.86 -35.49 -13.93
C GLN M 38 59.04 -36.13 -12.56
N SER M 39 59.31 -37.44 -12.54
CA SER M 39 59.63 -38.11 -11.29
C SER M 39 61.06 -37.79 -10.87
N THR M 40 61.86 -37.30 -11.81
CA THR M 40 63.26 -36.94 -11.59
C THR M 40 63.44 -35.66 -10.79
N TYR M 41 62.72 -34.59 -11.16
CA TYR M 41 62.97 -33.27 -10.60
C TYR M 41 61.81 -32.76 -9.75
N SER M 42 60.88 -33.62 -9.35
CA SER M 42 59.73 -33.13 -8.59
C SER M 42 60.12 -32.76 -7.16
N ARG M 43 60.56 -33.75 -6.38
CA ARG M 43 61.09 -33.45 -5.05
C ARG M 43 62.47 -32.83 -5.12
N GLN M 44 63.18 -33.06 -6.23
CA GLN M 44 64.54 -32.55 -6.38
C GLN M 44 64.56 -31.03 -6.45
N ILE M 45 63.51 -30.44 -7.02
CA ILE M 45 63.41 -28.99 -7.07
C ILE M 45 62.65 -28.45 -5.86
N LYS M 46 61.88 -29.28 -5.17
CA LYS M 46 60.96 -28.79 -4.16
C LYS M 46 61.65 -28.56 -2.82
N GLN M 47 62.38 -29.57 -2.34
CA GLN M 47 63.03 -29.47 -1.05
C GLN M 47 64.20 -28.49 -1.06
N VAL M 48 64.74 -28.18 -2.24
CA VAL M 48 65.71 -27.09 -2.36
C VAL M 48 65.03 -25.77 -2.04
N GLU M 49 63.79 -25.58 -2.52
CA GLU M 49 63.04 -24.39 -2.16
C GLU M 49 62.56 -24.46 -0.70
N ASP M 50 62.38 -25.67 -0.18
CA ASP M 50 61.88 -25.81 1.18
C ASP M 50 62.95 -25.44 2.20
N ASP M 51 64.14 -26.03 2.09
CA ASP M 51 65.15 -25.79 3.10
C ASP M 51 65.84 -24.45 2.95
N ILE M 52 65.70 -23.77 1.81
CA ILE M 52 66.23 -22.43 1.72
C ILE M 52 65.32 -21.45 2.47
N GLN M 53 64.01 -21.71 2.49
CA GLN M 53 63.13 -20.89 3.31
C GLN M 53 63.30 -21.20 4.78
N GLN M 54 63.69 -22.43 5.10
CA GLN M 54 64.19 -22.71 6.44
C GLN M 54 65.48 -21.95 6.70
N LEU M 55 66.31 -21.81 5.69
CA LEU M 55 67.57 -21.11 5.86
C LEU M 55 67.39 -19.59 5.87
N LEU M 56 66.29 -19.08 5.31
CA LEU M 56 65.93 -17.68 5.54
C LEU M 56 65.68 -17.41 7.01
N LYS M 57 65.06 -18.37 7.69
CA LYS M 57 64.84 -18.23 9.12
C LYS M 57 66.15 -18.34 9.90
N LYS M 58 66.96 -19.35 9.59
CA LYS M 58 68.11 -19.67 10.42
C LYS M 58 69.23 -18.65 10.25
N ILE M 59 69.18 -17.80 9.23
CA ILE M 59 70.08 -16.66 9.20
C ILE M 59 69.61 -15.59 10.19
N ASN M 60 68.29 -15.42 10.32
CA ASN M 60 67.75 -14.28 11.06
C ASN M 60 67.99 -14.42 12.56
N GLU M 61 67.75 -15.60 13.12
CA GLU M 61 68.04 -15.78 14.54
C GLU M 61 69.53 -15.95 14.80
N LEU M 62 70.32 -16.21 13.76
CA LEU M 62 71.77 -16.25 13.96
C LEU M 62 72.37 -14.85 13.93
N THR M 63 71.76 -13.92 13.20
CA THR M 63 72.18 -12.52 13.27
C THR M 63 71.91 -11.93 14.65
N GLY M 64 70.63 -11.78 14.99
CA GLY M 64 70.18 -11.19 16.25
C GLY M 64 70.82 -9.87 16.65
N ILE M 65 70.73 -8.85 15.79
CA ILE M 65 71.51 -7.64 15.94
C ILE M 65 70.62 -6.41 16.11
N LYS M 66 69.49 -6.60 16.82
CA LYS M 66 68.41 -5.62 16.98
C LYS M 66 68.89 -4.25 17.50
N GLU M 67 69.62 -4.26 18.62
CA GLU M 67 70.41 -3.11 19.11
C GLU M 67 69.61 -1.82 19.34
N SER M 68 68.67 -1.83 20.29
CA SER M 68 67.89 -0.64 20.60
C SER M 68 68.63 0.26 21.59
N ASP M 69 69.83 0.69 21.23
CA ASP M 69 70.67 1.52 22.09
C ASP M 69 70.15 2.94 22.22
N THR M 70 69.79 3.34 23.44
CA THR M 70 69.29 4.67 23.69
C THR M 70 69.54 5.03 25.15
N GLY M 71 69.48 6.33 25.44
CA GLY M 71 69.72 6.81 26.79
C GLY M 71 71.16 7.20 27.04
N LEU M 72 72.08 6.40 26.54
CA LEU M 72 73.51 6.62 26.77
C LEU M 72 74.00 7.86 26.03
N ALA M 73 74.87 8.62 26.69
CA ALA M 73 75.57 9.74 26.09
C ALA M 73 76.73 9.20 25.24
N PRO M 74 77.44 10.06 24.52
CA PRO M 74 78.79 9.70 24.09
C PRO M 74 79.67 9.34 25.28
N PRO M 75 80.31 8.16 25.25
CA PRO M 75 81.09 7.68 26.41
C PRO M 75 82.48 8.29 26.51
N ALA M 76 82.52 9.62 26.52
CA ALA M 76 83.79 10.32 26.73
C ALA M 76 83.61 11.54 27.64
N LEU M 77 82.44 11.72 28.26
CA LEU M 77 82.17 12.90 29.08
C LEU M 77 81.63 12.57 30.47
N TRP M 78 80.91 11.48 30.66
CA TRP M 78 80.30 11.19 31.95
C TRP M 78 81.26 10.49 32.91
N ASP M 79 82.50 10.27 32.50
CA ASP M 79 83.49 9.48 33.23
C ASP M 79 83.78 10.07 34.61
N LEU M 80 83.68 11.39 34.73
CA LEU M 80 83.91 12.05 36.01
C LEU M 80 82.74 11.78 36.97
N ALA M 81 81.51 11.78 36.46
CA ALA M 81 80.35 11.59 37.32
C ALA M 81 80.27 10.16 37.84
N ALA M 82 80.42 9.16 36.95
CA ALA M 82 80.24 7.77 37.35
C ALA M 82 81.58 7.16 37.75
N ASP M 83 82.25 7.85 38.67
CA ASP M 83 83.40 7.30 39.37
C ASP M 83 83.06 7.12 40.84
N LYS M 84 82.62 8.20 41.47
CA LYS M 84 82.14 8.16 42.85
C LYS M 84 80.87 8.97 43.05
N GLN M 85 80.63 9.99 42.22
CA GLN M 85 79.55 10.95 42.47
C GLN M 85 78.19 10.30 42.26
N THR M 86 78.10 9.36 41.32
CA THR M 86 76.87 8.61 41.13
C THR M 86 76.59 7.72 42.34
N LEU M 87 77.63 7.11 42.90
CA LEU M 87 77.47 6.38 44.15
C LEU M 87 77.25 7.35 45.31
N GLN M 88 77.76 8.58 45.19
CA GLN M 88 77.50 9.61 46.19
C GLN M 88 76.11 10.20 46.04
N SER M 89 75.44 9.98 44.91
CA SER M 89 74.09 10.48 44.71
C SER M 89 73.05 9.37 44.69
N GLU M 90 73.28 8.29 45.45
CA GLU M 90 72.26 7.29 45.69
C GLU M 90 71.63 7.41 47.07
N GLN M 91 72.42 7.21 48.11
CA GLN M 91 71.93 7.23 49.49
C GLN M 91 71.70 8.62 50.07
N PRO M 92 72.57 9.63 49.89
CA PRO M 92 72.21 10.96 50.40
C PRO M 92 71.12 11.66 49.61
N LEU M 93 70.92 11.31 48.34
CA LEU M 93 69.91 12.01 47.55
C LEU M 93 68.51 11.50 47.85
N GLN M 94 67.53 12.35 47.58
CA GLN M 94 66.17 12.16 48.05
C GLN M 94 65.23 11.90 46.87
N VAL M 95 64.15 11.16 47.14
CA VAL M 95 63.15 10.74 46.18
C VAL M 95 61.86 11.51 46.49
N ALA M 96 62.04 12.76 46.95
CA ALA M 96 60.93 13.59 47.43
C ALA M 96 59.90 13.88 46.35
N ARG M 97 58.64 14.05 46.77
CA ARG M 97 57.53 14.28 45.88
C ARG M 97 57.06 15.73 45.95
N CYS M 98 56.31 16.14 44.93
CA CYS M 98 55.70 17.46 44.88
C CYS M 98 54.20 17.34 45.11
N THR M 99 53.62 18.39 45.71
CA THR M 99 52.24 18.36 46.20
C THR M 99 51.65 19.75 45.98
N LYS M 100 50.55 20.03 46.67
CA LYS M 100 49.97 21.36 46.72
C LYS M 100 49.52 21.65 48.15
N ILE M 101 49.50 22.94 48.49
CA ILE M 101 49.19 23.39 49.84
C ILE M 101 47.81 24.04 49.85
N ILE M 102 46.98 23.68 50.84
CA ILE M 102 45.71 24.36 51.01
C ILE M 102 45.90 25.67 51.78
N ASN M 103 46.37 25.58 53.02
CA ASN M 103 46.53 26.79 53.83
C ASN M 103 47.58 26.57 54.92
N ALA M 104 47.59 27.48 55.89
CA ALA M 104 48.47 27.41 57.05
C ALA M 104 47.74 28.03 58.23
N ASP M 105 48.30 27.85 59.43
CA ASP M 105 47.76 28.46 60.63
C ASP M 105 48.86 29.24 61.35
N SER M 106 48.44 30.10 62.28
CA SER M 106 49.36 31.03 62.91
C SER M 106 50.14 30.35 64.04
N GLU M 107 51.31 30.92 64.33
CA GLU M 107 52.27 30.58 65.40
C GLU M 107 52.94 29.23 65.23
N ASP M 108 52.55 28.45 64.23
CA ASP M 108 52.96 27.07 64.03
C ASP M 108 52.94 26.84 62.53
N PRO M 109 53.52 25.73 62.05
CA PRO M 109 53.22 25.32 60.67
C PRO M 109 51.75 25.03 60.45
N LYS M 110 51.24 23.96 61.07
CA LYS M 110 49.89 23.41 60.84
C LYS M 110 49.51 23.40 59.35
N TYR M 111 50.41 22.84 58.54
CA TYR M 111 50.27 22.91 57.09
C TYR M 111 49.34 21.82 56.58
N ILE M 112 48.34 22.20 55.80
CA ILE M 112 47.38 21.25 55.25
C ILE M 112 47.67 21.10 53.76
N ILE M 113 47.99 19.88 53.35
CA ILE M 113 48.59 19.61 52.05
C ILE M 113 47.86 18.44 51.40
N ASN M 114 47.48 18.59 50.13
CA ASN M 114 46.87 17.52 49.36
C ASN M 114 47.79 17.04 48.24
N VAL M 115 47.41 15.90 47.67
CA VAL M 115 48.08 15.34 46.51
C VAL M 115 47.18 15.32 45.28
N LYS M 116 45.85 15.23 45.47
CA LYS M 116 44.72 15.08 44.54
C LYS M 116 44.63 13.63 44.04
N GLN M 117 45.63 12.79 44.29
CA GLN M 117 45.57 11.37 44.02
C GLN M 117 45.76 10.54 45.26
N PHE M 118 46.65 10.97 46.15
CA PHE M 118 46.86 10.29 47.41
C PHE M 118 45.92 10.93 48.42
N ALA M 119 46.24 10.81 49.71
CA ALA M 119 45.43 11.39 50.77
C ALA M 119 45.84 12.85 51.01
N LYS M 120 45.27 13.45 52.06
CA LYS M 120 45.60 14.80 52.48
C LYS M 120 46.24 14.74 53.86
N PHE M 121 47.48 15.20 53.97
CA PHE M 121 48.22 15.15 55.22
C PHE M 121 48.21 16.49 55.92
N VAL M 122 48.59 16.47 57.20
CA VAL M 122 48.86 17.67 57.98
C VAL M 122 50.23 17.48 58.62
N VAL M 123 51.21 18.24 58.15
CA VAL M 123 52.63 17.95 58.39
C VAL M 123 53.32 19.20 58.91
N ASP M 124 54.64 19.07 59.08
CA ASP M 124 55.53 20.09 59.60
C ASP M 124 56.48 20.54 58.51
N LEU M 125 56.98 21.77 58.65
CA LEU M 125 58.09 22.25 57.85
C LEU M 125 59.40 21.66 58.37
N SER M 126 60.40 21.60 57.48
CA SER M 126 61.71 21.10 57.84
C SER M 126 62.64 22.25 58.22
N ASP M 127 63.94 21.95 58.36
CA ASP M 127 64.89 22.97 58.80
C ASP M 127 65.41 23.81 57.65
N GLN M 128 65.44 23.27 56.44
CA GLN M 128 66.06 23.93 55.30
C GLN M 128 65.13 24.91 54.60
N VAL M 129 63.99 25.25 55.19
CA VAL M 129 63.03 26.13 54.55
C VAL M 129 63.04 27.49 55.25
N ALA M 130 62.67 28.51 54.49
CA ALA M 130 62.29 29.78 55.07
C ALA M 130 60.78 29.80 55.26
N PRO M 131 60.27 30.09 56.47
CA PRO M 131 58.83 29.98 56.71
C PRO M 131 57.99 31.08 56.08
N THR M 132 58.57 31.96 55.27
CA THR M 132 57.79 32.98 54.58
C THR M 132 57.25 32.47 53.25
N ASP M 133 58.07 31.78 52.48
CA ASP M 133 57.70 31.36 51.12
C ASP M 133 57.01 30.01 51.10
N ILE M 134 55.99 29.85 51.94
CA ILE M 134 55.19 28.63 52.03
C ILE M 134 53.75 29.09 51.78
N GLU M 135 53.59 30.02 50.84
CA GLU M 135 52.29 30.55 50.44
C GLU M 135 51.35 29.44 49.97
N GLU M 136 50.05 29.76 49.97
CA GLU M 136 49.03 28.78 49.67
C GLU M 136 48.98 28.48 48.18
N GLY M 137 48.59 27.25 47.84
CA GLY M 137 48.51 26.83 46.46
C GLY M 137 49.86 26.68 45.78
N MET M 138 50.92 26.44 46.55
CA MET M 138 52.27 26.36 46.02
C MET M 138 52.73 24.91 45.96
N ARG M 139 53.35 24.55 44.83
CA ARG M 139 53.99 23.25 44.73
C ARG M 139 55.25 23.21 45.58
N VAL M 140 55.38 22.19 46.41
CA VAL M 140 56.48 22.09 47.37
C VAL M 140 57.01 20.67 47.39
N GLY M 141 58.32 20.55 47.56
CA GLY M 141 58.97 19.25 47.67
C GLY M 141 58.76 18.63 49.05
N VAL M 142 58.20 17.43 49.07
CA VAL M 142 57.73 16.80 50.30
C VAL M 142 58.48 15.50 50.51
N ASP M 143 58.96 15.30 51.73
CA ASP M 143 59.64 14.07 52.16
C ASP M 143 58.74 12.85 51.99
N ARG M 144 59.37 11.67 51.89
CA ARG M 144 58.62 10.42 51.78
C ARG M 144 58.32 9.78 53.13
N ASN M 145 59.13 10.02 54.16
CA ASN M 145 58.94 9.35 55.43
C ASN M 145 58.07 10.17 56.38
N LYS M 146 58.53 11.37 56.73
CA LYS M 146 57.81 12.24 57.64
C LYS M 146 57.09 13.37 56.91
N TYR M 147 57.26 13.45 55.59
CA TYR M 147 56.44 14.28 54.70
C TYR M 147 56.62 15.76 54.97
N GLN M 148 57.84 16.17 55.30
CA GLN M 148 58.13 17.56 55.57
C GLN M 148 58.45 18.31 54.28
N ILE M 149 58.07 19.59 54.26
CA ILE M 149 58.34 20.44 53.12
C ILE M 149 59.83 20.74 53.06
N HIS M 150 60.45 20.54 51.90
CA HIS M 150 61.86 20.83 51.73
C HIS M 150 62.13 21.93 50.72
N ILE M 151 61.60 21.83 49.50
CA ILE M 151 61.90 22.77 48.43
C ILE M 151 60.60 23.26 47.80
N PRO M 152 60.34 24.56 47.79
CA PRO M 152 59.20 25.07 47.01
C PRO M 152 59.54 25.14 45.53
N LEU M 153 58.49 25.11 44.71
CA LEU M 153 58.63 24.97 43.27
C LEU M 153 58.07 26.19 42.55
N PRO M 154 58.53 26.44 41.33
CA PRO M 154 57.80 27.35 40.43
C PRO M 154 56.46 26.75 40.04
N PRO M 155 55.49 27.58 39.68
CA PRO M 155 54.15 27.06 39.37
C PRO M 155 54.13 26.26 38.07
N LYS M 156 53.11 25.42 37.97
CA LYS M 156 52.96 24.52 36.83
C LYS M 156 52.42 25.29 35.63
N ILE M 157 53.05 25.11 34.49
CA ILE M 157 52.51 25.60 33.23
C ILE M 157 51.90 24.43 32.49
N ASP M 158 50.87 24.71 31.69
CA ASP M 158 50.15 23.64 31.01
C ASP M 158 51.00 23.10 29.86
N PRO M 159 51.17 21.78 29.75
CA PRO M 159 52.16 21.24 28.81
C PRO M 159 51.70 21.17 27.36
N THR M 160 50.39 21.14 27.09
CA THR M 160 49.92 20.91 25.73
C THR M 160 49.53 22.16 24.98
N VAL M 161 49.31 23.29 25.67
CA VAL M 161 49.11 24.55 24.96
C VAL M 161 50.45 25.05 24.43
N THR M 162 51.54 24.73 25.13
CA THR M 162 52.88 24.99 24.62
C THR M 162 53.14 24.19 23.35
N MET M 163 52.54 23.00 23.23
CA MET M 163 52.69 22.20 22.03
C MET M 163 51.97 22.80 20.84
N MET M 164 50.91 23.58 21.07
CA MET M 164 50.08 24.08 19.99
C MET M 164 50.21 25.58 19.76
N GLN M 165 51.04 26.28 20.53
CA GLN M 165 51.48 27.60 20.11
C GLN M 165 52.43 27.41 18.93
N VAL M 166 52.13 28.07 17.81
CA VAL M 166 52.65 27.60 16.52
C VAL M 166 54.15 27.89 16.39
N GLU M 167 54.59 29.10 16.76
CA GLU M 167 56.00 29.53 16.75
C GLU M 167 56.67 29.35 15.39
N GLU M 168 55.90 29.48 14.31
CA GLU M 168 56.35 29.06 13.00
C GLU M 168 55.51 29.76 11.95
N LYS M 169 56.14 30.17 10.86
CA LYS M 169 55.47 30.90 9.79
C LYS M 169 55.18 29.95 8.63
N PRO M 170 53.92 29.69 8.30
CA PRO M 170 53.63 29.09 6.99
C PRO M 170 53.60 30.16 5.92
N ASP M 171 54.22 29.86 4.78
CA ASP M 171 54.55 30.87 3.78
C ASP M 171 53.46 30.93 2.72
N VAL M 172 52.42 31.71 3.01
CA VAL M 172 51.39 32.05 2.03
C VAL M 172 51.14 33.54 2.11
N THR M 173 51.38 34.25 1.02
CA THR M 173 51.13 35.67 0.92
C THR M 173 49.68 35.88 0.48
N TYR M 174 49.13 37.06 0.78
CA TYR M 174 47.78 37.43 0.36
C TYR M 174 47.60 37.48 -1.15
N SER M 175 48.70 37.54 -1.92
CA SER M 175 48.66 37.48 -3.37
C SER M 175 48.36 36.09 -3.92
N ASP M 176 48.13 35.09 -3.06
CA ASP M 176 47.79 33.75 -3.52
C ASP M 176 46.35 33.38 -3.22
N VAL M 177 45.54 34.33 -2.77
CA VAL M 177 44.17 34.05 -2.33
C VAL M 177 43.27 34.79 -3.33
N GLY M 178 43.68 34.79 -4.59
CA GLY M 178 42.95 35.52 -5.61
C GLY M 178 41.55 34.99 -5.83
N GLY M 179 40.69 35.86 -6.35
CA GLY M 179 39.28 35.57 -6.46
C GLY M 179 38.46 35.92 -5.23
N CYS M 180 39.09 36.50 -4.22
CA CYS M 180 38.46 36.79 -2.94
C CYS M 180 38.79 38.21 -2.48
N LYS M 181 38.58 39.19 -3.38
CA LYS M 181 38.90 40.57 -3.08
C LYS M 181 38.03 41.17 -1.98
N GLU M 182 36.84 40.62 -1.75
CA GLU M 182 35.94 41.15 -0.75
C GLU M 182 35.88 40.32 0.53
N GLN M 183 36.14 39.02 0.45
CA GLN M 183 36.16 38.21 1.66
C GLN M 183 37.38 38.49 2.51
N ILE M 184 38.51 38.81 1.88
CA ILE M 184 39.66 39.27 2.64
C ILE M 184 39.40 40.63 3.24
N GLU M 185 38.65 41.48 2.51
CA GLU M 185 38.31 42.82 2.98
C GLU M 185 37.46 42.77 4.25
N LYS M 186 36.55 41.79 4.35
CA LYS M 186 35.81 41.61 5.59
C LYS M 186 36.71 41.06 6.68
N LEU M 187 37.61 40.14 6.32
CA LEU M 187 38.48 39.51 7.29
C LEU M 187 39.62 40.41 7.72
N ARG M 188 40.00 41.39 6.88
CA ARG M 188 41.01 42.36 7.27
C ARG M 188 40.49 43.27 8.38
N GLU M 189 39.18 43.53 8.38
CA GLU M 189 38.58 44.46 9.33
C GLU M 189 38.62 43.92 10.76
N VAL M 190 38.41 42.61 10.92
CA VAL M 190 38.25 42.06 12.26
C VAL M 190 39.61 41.78 12.89
N VAL M 191 40.52 41.16 12.15
CA VAL M 191 41.75 40.67 12.74
C VAL M 191 42.82 41.75 12.74
N GLU M 192 43.17 42.25 11.56
CA GLU M 192 44.40 43.01 11.42
C GLU M 192 44.25 44.45 11.89
N THR M 193 43.16 45.11 11.53
CA THR M 193 43.00 46.54 11.76
C THR M 193 42.86 47.02 13.21
N PRO M 194 42.24 46.32 14.17
CA PRO M 194 42.34 46.81 15.55
C PRO M 194 43.69 46.56 16.19
N LEU M 195 44.47 45.61 15.68
CA LEU M 195 45.77 45.32 16.24
C LEU M 195 46.84 46.30 15.78
N LEU M 196 46.55 47.11 14.76
CA LEU M 196 47.50 48.07 14.23
C LEU M 196 47.01 49.51 14.30
N HIS M 197 45.70 49.73 14.25
CA HIS M 197 45.12 51.04 14.45
C HIS M 197 43.96 50.92 15.42
N PRO M 198 44.24 50.87 16.73
CA PRO M 198 43.13 50.82 17.70
C PRO M 198 42.63 52.20 18.08
N GLU M 199 42.45 53.06 17.08
CA GLU M 199 42.10 54.46 17.32
C GLU M 199 40.76 54.81 16.70
N ARG M 200 40.55 54.53 15.41
CA ARG M 200 39.36 54.95 14.69
C ARG M 200 38.10 54.26 15.18
N PHE M 201 38.24 53.11 15.83
CA PHE M 201 37.09 52.48 16.45
C PHE M 201 36.62 53.27 17.67
N VAL M 202 37.57 53.74 18.48
CA VAL M 202 37.24 54.54 19.65
C VAL M 202 36.93 55.98 19.24
N ASN M 203 37.71 56.53 18.30
CA ASN M 203 37.52 57.91 17.88
C ASN M 203 36.27 58.12 17.03
N LEU M 204 35.55 57.06 16.67
CA LEU M 204 34.19 57.20 16.16
C LEU M 204 33.15 56.67 17.15
N GLY M 205 33.52 55.68 17.95
CA GLY M 205 32.64 55.19 18.99
C GLY M 205 32.02 53.84 18.69
N ILE M 206 32.79 52.96 18.04
CA ILE M 206 32.32 51.61 17.73
C ILE M 206 33.27 50.61 18.37
N GLU M 207 32.88 49.34 18.31
CA GLU M 207 33.68 48.24 18.80
C GLU M 207 33.83 47.20 17.71
N PRO M 208 35.01 46.61 17.53
CA PRO M 208 35.17 45.60 16.49
C PRO M 208 34.54 44.29 16.92
N PRO M 209 34.10 43.47 15.97
CA PRO M 209 33.66 42.12 16.31
C PRO M 209 34.82 41.26 16.74
N LYS M 210 34.51 40.20 17.49
CA LYS M 210 35.54 39.36 18.08
C LYS M 210 35.44 37.89 17.67
N GLY M 211 34.46 37.53 16.83
CA GLY M 211 34.33 36.16 16.38
C GLY M 211 33.87 36.05 14.94
N VAL M 212 34.62 35.31 14.12
CA VAL M 212 34.32 35.19 12.70
C VAL M 212 34.29 33.71 12.35
N LEU M 213 33.19 33.27 11.73
CA LEU M 213 33.05 31.93 11.21
C LEU M 213 33.25 31.96 9.70
N LEU M 214 33.79 30.87 9.17
CA LEU M 214 34.01 30.71 7.74
C LEU M 214 33.28 29.46 7.28
N PHE M 215 32.43 29.58 6.27
CA PHE M 215 31.62 28.45 5.85
C PHE M 215 31.43 28.50 4.34
N GLY M 216 31.20 27.34 3.75
CA GLY M 216 31.05 27.22 2.33
C GLY M 216 31.42 25.83 1.82
N PRO M 217 31.55 25.70 0.50
CA PRO M 217 31.89 24.41 -0.11
C PRO M 217 33.33 24.03 0.20
N PRO M 218 33.69 22.75 0.15
CA PRO M 218 35.06 22.35 0.45
C PRO M 218 36.00 22.68 -0.68
N GLY M 219 37.28 22.83 -0.32
CA GLY M 219 38.29 23.17 -1.30
C GLY M 219 38.18 24.58 -1.86
N THR M 220 37.52 25.47 -1.14
CA THR M 220 37.25 26.80 -1.65
C THR M 220 38.30 27.82 -1.18
N GLY M 221 39.02 27.52 -0.11
CA GLY M 221 40.02 28.44 0.38
C GLY M 221 39.89 28.81 1.83
N LYS M 222 39.25 27.95 2.62
CA LYS M 222 39.11 28.18 4.06
C LYS M 222 40.47 28.19 4.75
N THR M 223 41.28 27.15 4.49
CA THR M 223 42.55 27.00 5.19
C THR M 223 43.55 28.05 4.72
N LEU M 224 43.44 28.50 3.47
CA LEU M 224 44.37 29.49 2.92
C LEU M 224 44.31 30.81 3.66
N CYS M 225 43.09 31.28 3.94
CA CYS M 225 42.94 32.54 4.66
C CYS M 225 43.43 32.43 6.09
N ALA M 226 43.31 31.24 6.69
CA ALA M 226 43.89 31.04 8.01
C ALA M 226 45.40 30.86 7.94
N ARG M 227 45.89 30.25 6.86
CA ARG M 227 47.32 30.05 6.71
C ARG M 227 48.01 31.36 6.36
N ALA M 228 47.32 32.26 5.68
CA ALA M 228 47.96 33.52 5.27
C ALA M 228 47.98 34.54 6.38
N VAL M 229 47.02 34.51 7.31
CA VAL M 229 47.07 35.46 8.41
C VAL M 229 48.05 35.03 9.48
N ALA M 230 48.46 33.76 9.51
CA ALA M 230 49.55 33.36 10.37
C ALA M 230 50.88 33.91 9.90
N ASN M 231 50.99 34.21 8.61
CA ASN M 231 52.17 34.90 8.09
C ASN M 231 52.24 36.33 8.63
N ARG M 232 51.25 37.15 8.30
CA ARG M 232 51.23 38.56 8.68
C ARG M 232 50.32 38.78 9.89
N THR M 233 50.85 38.43 11.06
CA THR M 233 50.10 38.62 12.29
C THR M 233 50.76 39.59 13.27
N ASP M 234 52.06 39.45 13.50
CA ASP M 234 52.83 40.19 14.52
C ASP M 234 52.18 40.06 15.90
N ALA M 235 51.70 38.86 16.23
CA ALA M 235 50.94 38.64 17.45
C ALA M 235 50.99 37.17 17.82
N CYS M 236 50.42 36.86 18.99
CA CYS M 236 50.26 35.48 19.42
C CYS M 236 49.17 34.79 18.59
N PHE M 237 49.52 33.66 17.99
CA PHE M 237 48.60 32.87 17.19
C PHE M 237 48.62 31.44 17.67
N ILE M 238 47.44 30.87 17.92
CA ILE M 238 47.32 29.52 18.47
C ILE M 238 46.47 28.70 17.53
N ARG M 239 47.09 27.74 16.84
CA ARG M 239 46.36 26.63 16.24
C ARG M 239 45.85 25.74 17.35
N VAL M 240 44.63 25.23 17.21
CA VAL M 240 44.07 24.30 18.17
C VAL M 240 43.67 23.03 17.43
N ILE M 241 44.28 21.92 17.80
CA ILE M 241 43.86 20.62 17.27
C ILE M 241 42.52 20.27 17.89
N GLY M 242 41.53 20.01 17.05
CA GLY M 242 40.16 19.87 17.51
C GLY M 242 39.89 18.63 18.34
N SER M 243 40.49 17.50 18.01
CA SER M 243 40.14 16.27 18.70
C SER M 243 41.02 16.02 19.92
N GLU M 244 41.89 16.95 20.27
CA GLU M 244 42.52 16.91 21.58
C GLU M 244 41.53 17.28 22.68
N LEU M 245 40.48 18.02 22.34
CA LEU M 245 39.44 18.36 23.30
C LEU M 245 38.63 17.15 23.73
N VAL M 246 38.58 16.11 22.91
CA VAL M 246 37.87 14.89 23.24
C VAL M 246 38.88 13.92 23.87
N GLN M 247 38.59 13.47 25.09
CA GLN M 247 39.49 12.63 25.85
C GLN M 247 38.78 11.35 26.28
N LYS M 248 39.54 10.49 26.95
CA LYS M 248 39.01 9.24 27.48
C LYS M 248 38.37 9.43 28.84
N TYR M 249 38.92 10.32 29.66
CA TYR M 249 38.43 10.50 31.02
C TYR M 249 37.32 11.53 31.08
N VAL M 250 36.52 11.44 32.12
CA VAL M 250 35.37 12.32 32.31
C VAL M 250 35.84 13.64 32.88
N GLY M 251 35.51 14.74 32.20
CA GLY M 251 35.83 16.07 32.65
C GLY M 251 37.21 16.54 32.26
N GLU M 252 38.02 15.67 31.67
CA GLU M 252 39.38 16.03 31.29
C GLU M 252 39.38 17.02 30.13
N GLY M 253 38.48 16.84 29.18
CA GLY M 253 38.41 17.76 28.05
C GLY M 253 37.92 19.14 28.44
N ALA M 254 37.10 19.22 29.49
CA ALA M 254 36.63 20.52 29.96
C ALA M 254 37.74 21.27 30.68
N ARG M 255 38.69 20.55 31.28
CA ARG M 255 39.79 21.21 31.95
C ARG M 255 40.79 21.76 30.94
N MET M 256 40.88 21.12 29.77
CA MET M 256 41.76 21.62 28.71
C MET M 256 41.25 22.93 28.13
N VAL M 257 39.94 23.16 28.21
CA VAL M 257 39.36 24.41 27.74
C VAL M 257 39.79 25.56 28.64
N ARG M 258 39.86 25.30 29.95
CA ARG M 258 40.09 26.36 30.93
C ARG M 258 41.50 26.90 30.82
N GLU M 259 42.48 26.01 30.72
CA GLU M 259 43.89 26.42 30.63
C GLU M 259 44.16 27.22 29.36
N LEU M 260 43.37 26.99 28.32
CA LEU M 260 43.50 27.78 27.10
C LEU M 260 42.97 29.20 27.30
N PHE M 261 41.88 29.36 28.02
CA PHE M 261 41.28 30.67 28.24
C PHE M 261 41.77 31.35 29.50
N GLU M 262 42.86 30.87 30.10
CA GLU M 262 43.53 31.62 31.16
C GLU M 262 44.78 32.32 30.67
N MET M 263 45.63 31.62 29.92
CA MET M 263 46.91 32.18 29.49
C MET M 263 46.71 33.21 28.38
N ALA M 264 45.57 33.16 27.70
CA ALA M 264 45.22 34.17 26.72
C ALA M 264 44.98 35.50 27.40
N ARG M 265 44.48 35.48 28.63
CA ARG M 265 44.29 36.70 29.39
C ARG M 265 45.60 37.29 29.90
N THR M 266 46.65 36.47 29.99
CA THR M 266 47.92 36.96 30.56
C THR M 266 48.61 37.91 29.60
N LYS M 267 48.99 37.42 28.42
CA LYS M 267 49.51 38.28 27.37
C LYS M 267 48.37 39.04 26.73
N LYS M 268 48.72 40.06 25.94
CA LYS M 268 47.71 40.89 25.29
C LYS M 268 47.50 40.43 23.85
N ALA M 269 46.22 40.29 23.49
CA ALA M 269 45.75 40.18 22.10
C ALA M 269 46.34 38.96 21.38
N CYS M 270 45.99 37.78 21.88
CA CYS M 270 46.40 36.56 21.22
C CYS M 270 45.27 36.00 20.38
N LEU M 271 45.64 35.42 19.24
CA LEU M 271 44.70 34.86 18.27
C LEU M 271 44.54 33.38 18.52
N ILE M 272 43.30 32.90 18.48
CA ILE M 272 42.98 31.50 18.64
C ILE M 272 42.20 31.04 17.42
N PHE M 273 42.72 30.04 16.72
CA PHE M 273 42.08 29.49 15.54
C PHE M 273 41.62 28.07 15.84
N PHE M 274 40.30 27.89 15.88
CA PHE M 274 39.73 26.56 15.85
C PHE M 274 39.57 26.12 14.40
N ASP M 275 39.37 24.82 14.21
CA ASP M 275 39.19 24.31 12.86
C ASP M 275 38.34 23.05 12.93
N GLU M 276 37.31 23.00 12.10
CA GLU M 276 36.30 21.94 12.06
C GLU M 276 35.66 21.72 13.43
N ILE M 277 34.92 22.73 13.84
CA ILE M 277 34.19 22.71 15.11
C ILE M 277 32.89 21.93 14.97
N ASP M 278 32.66 21.35 13.79
CA ASP M 278 31.62 20.34 13.63
C ASP M 278 31.90 19.11 14.50
N ALA M 279 33.17 18.79 14.71
CA ALA M 279 33.54 17.59 15.44
C ALA M 279 33.34 17.73 16.95
N ILE M 280 33.55 18.93 17.49
CA ILE M 280 33.59 19.11 18.93
C ILE M 280 32.23 19.53 19.48
N GLY M 281 31.19 19.32 18.68
CA GLY M 281 29.83 19.54 19.14
C GLY M 281 28.98 20.31 18.15
N GLY M 282 27.89 19.70 17.73
CA GLY M 282 27.04 20.34 16.75
C GLY M 282 25.59 20.47 17.16
N ALA M 283 25.13 19.61 18.06
CA ALA M 283 23.72 19.62 18.44
C ALA M 283 23.60 19.05 19.84
N ARG M 284 22.66 19.58 20.60
CA ARG M 284 22.39 19.09 21.94
C ARG M 284 21.02 18.43 21.95
N PHE M 285 21.00 17.10 22.06
CA PHE M 285 19.77 16.33 22.13
C PHE M 285 19.93 15.28 23.22
N ASP M 286 18.79 14.77 23.70
CA ASP M 286 18.72 13.56 24.53
C ASP M 286 17.36 12.90 24.38
N ASP M 287 17.28 11.85 23.56
CA ASP M 287 16.06 11.06 23.45
C ASP M 287 16.24 9.61 23.87
N GLY M 288 17.39 9.01 23.58
CA GLY M 288 17.66 7.64 23.94
C GLY M 288 18.36 7.55 25.27
N ALA M 289 18.40 8.68 25.98
CA ALA M 289 19.03 8.83 27.31
C ALA M 289 20.50 8.43 27.27
N GLY M 290 21.29 9.22 26.58
CA GLY M 290 22.72 8.98 26.52
C GLY M 290 23.28 9.44 25.19
N GLY M 291 24.53 9.04 24.97
CA GLY M 291 25.22 9.33 23.72
C GLY M 291 26.48 10.16 23.96
N ASP M 292 26.58 11.27 23.23
CA ASP M 292 27.74 12.16 23.27
C ASP M 292 27.68 13.07 24.49
N ASN M 293 27.70 12.47 25.68
CA ASN M 293 27.55 13.25 26.90
C ASN M 293 28.81 14.04 27.22
N GLU M 294 29.97 13.37 27.24
CA GLU M 294 31.23 14.02 27.60
C GLU M 294 31.62 15.09 26.58
N VAL M 295 31.20 14.92 25.32
CA VAL M 295 31.45 15.95 24.32
C VAL M 295 30.67 17.22 24.62
N GLN M 296 29.46 17.08 25.18
CA GLN M 296 28.65 18.25 25.50
C GLN M 296 29.23 19.04 26.68
N ARG M 297 29.86 18.37 27.63
CA ARG M 297 30.44 19.07 28.78
C ARG M 297 31.62 19.93 28.34
N THR M 298 32.46 19.41 27.45
CA THR M 298 33.54 20.21 26.88
C THR M 298 33.00 21.33 26.01
N MET M 299 31.90 21.07 25.30
CA MET M 299 31.36 22.07 24.37
C MET M 299 30.66 23.20 25.12
N LEU M 300 29.98 22.89 26.22
CA LEU M 300 29.34 23.93 27.01
C LEU M 300 30.31 24.71 27.86
N GLU M 301 31.44 24.10 28.24
CA GLU M 301 32.50 24.84 28.91
C GLU M 301 33.14 25.85 27.97
N LEU M 302 33.19 25.53 26.68
CA LEU M 302 33.68 26.47 25.67
C LEU M 302 32.76 27.68 25.57
N ILE M 303 31.45 27.47 25.78
CA ILE M 303 30.49 28.55 25.64
C ILE M 303 30.61 29.54 26.81
N ASN M 304 30.76 29.03 28.03
CA ASN M 304 30.72 29.92 29.18
C ASN M 304 32.02 30.69 29.36
N GLN M 305 33.12 30.24 28.75
CA GLN M 305 34.32 31.06 28.69
C GLN M 305 34.41 31.84 27.39
N LEU M 306 33.33 31.88 26.61
CA LEU M 306 33.21 32.69 25.41
C LEU M 306 32.32 33.91 25.65
N ASP M 307 31.13 33.68 26.20
CA ASP M 307 30.31 34.72 26.80
C ASP M 307 29.88 34.29 28.20
N GLY M 308 29.42 35.26 28.98
CA GLY M 308 28.98 35.04 30.33
C GLY M 308 29.57 36.10 31.24
N PHE M 309 29.66 35.77 32.52
CA PHE M 309 30.42 36.61 33.44
C PHE M 309 31.90 36.56 33.09
N ASP M 310 32.62 37.62 33.47
CA ASP M 310 34.01 37.91 33.12
C ASP M 310 34.22 37.85 31.61
N PRO M 311 33.83 38.89 30.86
CA PRO M 311 34.14 38.93 29.43
C PRO M 311 35.64 38.94 29.17
N ARG M 312 36.04 38.35 28.05
CA ARG M 312 37.43 37.99 27.83
C ARG M 312 38.31 39.17 27.45
N GLY M 313 37.75 40.22 26.84
CA GLY M 313 38.59 41.29 26.36
C GLY M 313 39.20 41.01 25.01
N ASN M 314 40.53 40.99 24.93
CA ASN M 314 41.23 40.92 23.65
C ASN M 314 41.60 39.48 23.32
N ILE M 315 40.59 38.69 22.99
CA ILE M 315 40.77 37.34 22.47
C ILE M 315 39.88 37.20 21.24
N LYS M 316 40.50 36.97 20.09
CA LYS M 316 39.80 36.85 18.83
C LYS M 316 39.73 35.37 18.44
N VAL M 317 38.54 34.92 18.05
CA VAL M 317 38.28 33.52 17.76
C VAL M 317 37.91 33.39 16.29
N LEU M 318 38.60 32.51 15.57
CA LEU M 318 38.29 32.18 14.19
C LEU M 318 37.89 30.71 14.11
N MET M 319 36.78 30.45 13.42
CA MET M 319 36.33 29.09 13.20
C MET M 319 36.08 28.88 11.71
N ALA M 320 36.13 27.63 11.29
CA ALA M 320 35.90 27.27 9.90
C ALA M 320 35.25 25.91 9.83
N THR M 321 34.27 25.76 8.94
CA THR M 321 33.58 24.49 8.80
C THR M 321 33.15 24.28 7.36
N ASN M 322 32.82 23.04 7.05
CA ASN M 322 32.28 22.66 5.77
C ASN M 322 30.78 22.43 5.82
N ARG M 323 30.27 22.09 7.00
CA ARG M 323 28.86 21.75 7.20
C ARG M 323 28.32 22.71 8.25
N PRO M 324 27.95 23.93 7.86
CA PRO M 324 27.52 24.92 8.87
C PRO M 324 26.09 24.74 9.32
N ASP M 325 25.32 23.89 8.65
CA ASP M 325 23.91 23.72 8.99
C ASP M 325 23.76 23.01 10.32
N THR M 326 24.67 22.09 10.63
CA THR M 326 24.51 21.19 11.76
C THR M 326 25.19 21.71 13.02
N LEU M 327 25.27 23.02 13.19
CA LEU M 327 25.89 23.58 14.38
C LEU M 327 24.84 24.09 15.36
N ASP M 328 25.26 24.17 16.61
CA ASP M 328 24.39 24.54 17.71
C ASP M 328 24.00 26.01 17.60
N PRO M 329 22.72 26.36 17.74
CA PRO M 329 22.34 27.78 17.82
C PRO M 329 22.92 28.54 19.01
N ALA M 330 23.45 27.85 20.02
CA ALA M 330 24.19 28.54 21.07
C ALA M 330 25.49 29.14 20.55
N LEU M 331 26.09 28.55 19.52
CA LEU M 331 27.25 29.15 18.87
C LEU M 331 26.87 30.11 17.75
N MET M 332 25.67 29.97 17.18
CA MET M 332 25.23 30.86 16.12
C MET M 332 24.87 32.25 16.61
N ARG M 333 24.79 32.47 17.92
CA ARG M 333 24.42 33.77 18.44
C ARG M 333 25.57 34.75 18.26
N PRO M 334 25.32 35.94 17.72
CA PRO M 334 26.34 36.99 17.74
C PRO M 334 26.64 37.42 19.17
N GLY M 335 27.88 37.85 19.39
CA GLY M 335 28.47 37.94 20.70
C GLY M 335 29.42 36.79 20.97
N ARG M 336 29.21 35.65 20.31
CA ARG M 336 30.16 34.56 20.27
C ARG M 336 30.80 34.42 18.91
N LEU M 337 29.99 34.42 17.85
CA LEU M 337 30.46 34.42 16.46
C LEU M 337 29.71 35.52 15.73
N ASP M 338 30.42 36.57 15.35
CA ASP M 338 29.78 37.82 14.96
C ASP M 338 29.70 38.05 13.45
N ARG M 339 30.68 37.58 12.69
CA ARG M 339 30.71 37.83 11.26
C ARG M 339 30.67 36.51 10.52
N LYS M 340 29.74 36.39 9.58
CA LYS M 340 29.57 35.16 8.79
C LYS M 340 30.12 35.41 7.40
N ILE M 341 31.43 35.24 7.27
CA ILE M 341 32.08 35.30 5.96
C ILE M 341 31.87 33.97 5.26
N GLU M 342 31.30 34.00 4.07
CA GLU M 342 31.13 32.80 3.28
C GLU M 342 31.97 32.89 2.00
N PHE M 343 32.35 31.72 1.50
CA PHE M 343 33.17 31.61 0.31
C PHE M 343 32.32 30.99 -0.79
N SER M 344 32.36 31.59 -1.97
CA SER M 344 31.58 31.15 -3.10
C SER M 344 32.52 30.78 -4.26
N LEU M 345 31.92 30.51 -5.40
CA LEU M 345 32.77 30.19 -6.53
C LEU M 345 33.10 31.46 -7.32
N PRO M 346 34.34 31.61 -7.78
CA PRO M 346 34.71 32.80 -8.54
C PRO M 346 34.03 32.80 -9.90
N ASP M 347 33.50 33.96 -10.31
CA ASP M 347 32.62 33.98 -11.46
C ASP M 347 33.32 33.79 -12.81
N LEU M 348 34.09 34.77 -13.28
CA LEU M 348 35.08 34.55 -14.34
C LEU M 348 36.38 35.29 -14.05
N GLU M 349 36.27 36.50 -13.50
CA GLU M 349 37.45 37.31 -13.24
C GLU M 349 38.27 36.72 -12.11
N GLY M 350 37.62 36.00 -11.20
CA GLY M 350 38.36 35.30 -10.17
C GLY M 350 39.19 34.16 -10.74
N ARG M 351 38.58 33.34 -11.60
CA ARG M 351 39.26 32.14 -12.10
C ARG M 351 40.42 32.50 -13.02
N THR M 352 40.25 33.52 -13.86
CA THR M 352 41.34 33.97 -14.73
C THR M 352 42.53 34.48 -13.93
N HIS M 353 42.27 35.02 -12.74
CA HIS M 353 43.36 35.36 -11.85
C HIS M 353 43.96 34.14 -11.16
N ILE M 354 43.16 33.08 -10.97
CA ILE M 354 43.66 31.88 -10.29
C ILE M 354 44.59 31.08 -11.20
N PHE M 355 44.25 30.98 -12.49
CA PHE M 355 45.12 30.31 -13.45
C PHE M 355 46.47 30.99 -13.57
N LYS M 356 46.50 32.33 -13.48
CA LYS M 356 47.77 33.03 -13.53
C LYS M 356 48.59 32.87 -12.26
N ILE M 357 47.97 32.45 -11.16
CA ILE M 357 48.74 32.16 -9.95
C ILE M 357 49.38 30.78 -10.04
N HIS M 358 48.60 29.76 -10.32
CA HIS M 358 49.06 28.38 -10.23
C HIS M 358 49.81 27.91 -11.47
N ALA M 359 49.93 28.75 -12.49
CA ALA M 359 50.65 28.35 -13.70
C ALA M 359 51.72 29.34 -14.10
N ARG M 360 52.08 30.28 -13.23
CA ARG M 360 53.17 31.19 -13.55
C ARG M 360 54.53 30.56 -13.32
N SER M 361 54.63 29.58 -12.42
CA SER M 361 55.90 28.97 -12.05
C SER M 361 56.11 27.64 -12.76
N MET M 362 55.65 27.53 -13.99
CA MET M 362 55.80 26.29 -14.76
C MET M 362 56.11 26.62 -16.20
N SER M 363 56.82 25.70 -16.85
CA SER M 363 57.29 25.91 -18.21
C SER M 363 56.14 25.74 -19.19
N VAL M 364 55.60 26.86 -19.68
CA VAL M 364 54.48 26.86 -20.59
C VAL M 364 54.87 27.59 -21.87
N GLU M 365 54.02 27.46 -22.88
CA GLU M 365 54.13 28.31 -24.06
C GLU M 365 53.74 29.73 -23.68
N ARG M 366 54.51 30.70 -24.16
CA ARG M 366 54.37 32.09 -23.75
C ARG M 366 53.31 32.84 -24.52
N ASP M 367 52.42 32.14 -25.22
CA ASP M 367 51.42 32.79 -26.05
C ASP M 367 50.00 32.30 -25.80
N ILE M 368 49.79 31.40 -24.83
CA ILE M 368 48.47 30.84 -24.61
C ILE M 368 47.59 31.85 -23.86
N ARG M 369 46.28 31.66 -23.99
CA ARG M 369 45.31 32.46 -23.27
C ARG M 369 44.64 31.60 -22.20
N PHE M 370 44.27 32.24 -21.10
CA PHE M 370 43.70 31.56 -19.95
C PHE M 370 42.19 31.78 -19.83
N GLU M 371 41.64 32.79 -20.50
CA GLU M 371 40.21 33.07 -20.40
C GLU M 371 39.39 31.98 -21.07
N LEU M 372 39.95 31.33 -22.09
CA LEU M 372 39.29 30.18 -22.69
C LEU M 372 39.25 29.00 -21.74
N LEU M 373 40.25 28.89 -20.86
CA LEU M 373 40.25 27.81 -19.88
C LEU M 373 39.26 28.08 -18.76
N ALA M 374 39.07 29.36 -18.40
CA ALA M 374 38.14 29.70 -17.33
C ALA M 374 36.69 29.56 -17.76
N ARG M 375 36.43 29.56 -19.06
CA ARG M 375 35.10 29.21 -19.55
C ARG M 375 34.74 27.78 -19.18
N LEU M 376 35.64 26.85 -19.49
CA LEU M 376 35.37 25.41 -19.42
C LEU M 376 35.41 24.86 -18.01
N CYS M 377 35.50 25.71 -16.99
CA CYS M 377 35.41 25.29 -15.60
C CYS M 377 34.28 26.09 -14.93
N PRO M 378 33.01 25.77 -15.25
CA PRO M 378 31.90 26.65 -14.84
C PRO M 378 31.66 26.65 -13.34
N ASN M 379 31.52 25.47 -12.76
CA ASN M 379 31.31 25.30 -11.33
C ASN M 379 32.52 24.55 -10.81
N SER M 380 33.58 25.30 -10.48
CA SER M 380 34.82 24.71 -10.05
C SER M 380 35.39 25.53 -8.89
N THR M 381 36.27 24.90 -8.13
CA THR M 381 36.88 25.49 -6.97
C THR M 381 38.35 25.79 -7.25
N GLY M 382 39.00 26.43 -6.28
CA GLY M 382 40.43 26.70 -6.43
C GLY M 382 41.28 25.44 -6.37
N ALA M 383 40.79 24.40 -5.71
CA ALA M 383 41.51 23.14 -5.71
C ALA M 383 41.41 22.45 -7.05
N GLU M 384 40.26 22.54 -7.71
CA GLU M 384 40.08 21.88 -9.00
C GLU M 384 40.86 22.58 -10.10
N ILE M 385 41.04 23.89 -9.99
CA ILE M 385 41.80 24.63 -10.99
C ILE M 385 43.28 24.26 -10.91
N ARG M 386 43.79 24.09 -9.69
CA ARG M 386 45.19 23.70 -9.53
C ARG M 386 45.43 22.28 -9.99
N SER M 387 44.42 21.41 -9.88
CA SER M 387 44.56 20.04 -10.35
C SER M 387 44.65 19.99 -11.88
N VAL M 388 44.01 20.93 -12.57
CA VAL M 388 44.15 21.02 -14.02
C VAL M 388 45.56 21.47 -14.38
N CYS M 389 46.11 22.41 -13.61
CA CYS M 389 47.45 22.91 -13.89
C CYS M 389 48.52 21.84 -13.64
N THR M 390 48.30 20.96 -12.67
CA THR M 390 49.26 19.89 -12.44
C THR M 390 49.11 18.78 -13.47
N GLU M 391 47.89 18.52 -13.91
CA GLU M 391 47.65 17.40 -14.82
C GLU M 391 48.15 17.71 -16.23
N ALA M 392 48.11 18.97 -16.63
CA ALA M 392 48.53 19.34 -17.99
C ALA M 392 50.02 19.13 -18.19
N GLY M 393 50.82 19.34 -17.14
CA GLY M 393 52.23 19.00 -17.21
C GLY M 393 52.47 17.51 -17.23
N MET M 394 51.55 16.72 -16.67
CA MET M 394 51.70 15.28 -16.69
C MET M 394 51.51 14.72 -18.10
N PHE M 395 50.70 15.40 -18.93
CA PHE M 395 50.61 15.00 -20.34
C PHE M 395 51.89 15.31 -21.09
N ALA M 396 52.64 16.32 -20.64
CA ALA M 396 53.91 16.64 -21.28
C ALA M 396 54.98 15.60 -20.98
N ILE M 397 54.81 14.85 -19.89
CA ILE M 397 55.74 13.76 -19.58
C ILE M 397 55.25 12.45 -20.18
N ARG M 398 53.97 12.35 -20.54
CA ARG M 398 53.50 11.26 -21.37
C ARG M 398 54.14 11.31 -22.75
N ALA M 399 54.19 12.50 -23.34
CA ALA M 399 55.04 12.73 -24.51
C ALA M 399 56.43 13.10 -24.01
N ARG M 400 57.28 13.61 -24.90
CA ARG M 400 58.62 14.00 -24.49
C ARG M 400 58.75 15.48 -24.80
N ARG M 401 58.27 16.31 -23.89
CA ARG M 401 58.32 17.76 -24.02
C ARG M 401 58.84 18.35 -22.73
N LYS M 402 59.18 19.65 -22.79
CA LYS M 402 59.55 20.40 -21.61
C LYS M 402 58.81 21.73 -21.52
N ILE M 403 57.79 21.93 -22.36
CA ILE M 403 56.92 23.10 -22.27
C ILE M 403 55.51 22.63 -22.59
N ALA M 404 54.54 23.34 -22.02
CA ALA M 404 53.13 22.97 -22.15
C ALA M 404 52.50 23.70 -23.33
N THR M 405 51.69 22.98 -24.09
CA THR M 405 50.98 23.56 -25.23
C THR M 405 49.53 23.84 -24.83
N GLU M 406 48.77 24.40 -25.77
CA GLU M 406 47.37 24.69 -25.53
C GLU M 406 46.55 23.42 -25.40
N LYS M 407 46.82 22.43 -26.25
CA LYS M 407 46.10 21.16 -26.20
C LYS M 407 46.47 20.31 -25.00
N ASP M 408 47.57 20.62 -24.32
CA ASP M 408 47.86 19.97 -23.05
C ASP M 408 46.82 20.33 -22.00
N PHE M 409 46.44 21.61 -21.95
CA PHE M 409 45.43 22.04 -21.00
C PHE M 409 44.04 21.58 -21.40
N LEU M 410 43.76 21.53 -22.71
CA LEU M 410 42.44 21.17 -23.18
C LEU M 410 42.13 19.70 -22.92
N GLU M 411 43.15 18.84 -22.97
CA GLU M 411 42.95 17.45 -22.58
C GLU M 411 42.86 17.31 -21.07
N ALA M 412 43.47 18.23 -20.33
CA ALA M 412 43.44 18.15 -18.88
C ALA M 412 42.07 18.54 -18.32
N VAL M 413 41.36 19.43 -19.01
CA VAL M 413 40.00 19.79 -18.59
C VAL M 413 39.07 18.60 -18.76
N ASN M 414 39.22 17.88 -19.87
CA ASN M 414 38.40 16.68 -20.09
C ASN M 414 38.78 15.57 -19.13
N LYS M 415 40.04 15.53 -18.68
CA LYS M 415 40.46 14.50 -17.75
C LYS M 415 39.92 14.75 -16.34
N VAL M 416 39.90 16.01 -15.91
CA VAL M 416 39.51 16.32 -14.55
C VAL M 416 38.00 16.45 -14.42
N ILE M 417 37.40 17.35 -15.20
CA ILE M 417 35.99 17.67 -15.04
C ILE M 417 35.12 16.71 -15.85
N LYS M 418 35.34 16.68 -17.17
CA LYS M 418 34.42 15.99 -18.08
C LYS M 418 34.46 14.47 -17.93
N SER M 419 35.49 13.92 -17.29
CA SER M 419 35.52 12.49 -17.02
C SER M 419 34.63 12.10 -15.85
N TYR M 420 34.15 13.07 -15.08
CA TYR M 420 33.33 12.80 -13.89
C TYR M 420 32.07 13.65 -13.82
N ALA M 421 32.03 14.82 -14.44
CA ALA M 421 30.87 15.70 -14.33
C ALA M 421 29.76 15.38 -15.31
N LYS M 422 30.08 14.85 -16.49
CA LYS M 422 29.06 14.56 -17.49
C LYS M 422 29.50 13.41 -18.39
N PHE M 423 28.57 12.51 -18.67
CA PHE M 423 28.80 11.44 -19.64
C PHE M 423 27.65 11.24 -20.61
N SER M 424 26.45 11.73 -20.30
CA SER M 424 25.31 11.67 -21.19
C SER M 424 25.18 12.91 -22.06
N ALA M 425 25.65 14.06 -21.57
CA ALA M 425 25.45 15.32 -22.27
C ALA M 425 26.49 15.59 -23.34
N THR M 426 27.66 14.95 -23.27
CA THR M 426 28.70 15.22 -24.27
C THR M 426 28.47 14.48 -25.59
N PRO M 427 28.23 13.11 -25.64
CA PRO M 427 28.02 12.50 -26.97
C PRO M 427 26.67 12.85 -27.54
N ARG M 428 25.63 12.73 -26.72
CA ARG M 428 24.27 13.06 -27.13
C ARG M 428 24.01 14.49 -26.70
N TYR M 429 24.66 15.41 -27.43
CA TYR M 429 24.67 16.83 -27.12
C TYR M 429 23.67 17.62 -27.95
N MET M 430 23.15 17.04 -29.03
CA MET M 430 22.41 17.79 -30.04
C MET M 430 21.02 18.19 -29.58
N THR M 431 20.97 19.04 -28.54
CA THR M 431 19.77 19.75 -28.13
C THR M 431 20.06 21.23 -27.92
N TYR M 432 21.31 21.66 -28.11
CA TYR M 432 21.81 22.91 -27.54
C TYR M 432 22.54 23.83 -28.52
N ASN M 433 23.06 23.32 -29.62
CA ASN M 433 23.87 24.14 -30.53
C ASN M 433 23.04 25.12 -31.34
N PRO N 30 70.64 28.27 13.34
CA PRO N 30 71.58 27.84 12.30
C PRO N 30 70.86 27.52 10.98
N THR N 31 71.57 26.89 10.05
CA THR N 31 70.98 26.57 8.76
C THR N 31 70.38 25.17 8.73
N ARG N 32 70.97 24.23 9.46
CA ARG N 32 70.65 22.81 9.36
C ARG N 32 70.31 22.25 10.73
N VAL N 33 69.36 22.92 11.41
CA VAL N 33 68.99 22.69 12.80
C VAL N 33 68.55 21.26 13.07
N GLY N 34 69.28 20.57 13.95
CA GLY N 34 68.96 19.22 14.37
C GLY N 34 69.24 18.12 13.38
N LYS N 35 69.74 18.48 12.18
CA LYS N 35 70.03 17.66 11.01
C LYS N 35 68.98 16.58 10.70
N LYS N 36 67.72 16.92 10.94
CA LYS N 36 66.52 16.12 10.63
C LYS N 36 66.55 14.75 11.31
N LYS N 37 66.49 14.79 12.65
CA LYS N 37 66.08 13.71 13.55
C LYS N 37 66.98 12.48 13.55
N LYS N 38 68.15 12.54 12.88
CA LYS N 38 69.23 11.54 13.00
C LYS N 38 68.80 10.15 12.53
N LYS N 39 67.76 10.06 11.70
CA LYS N 39 67.01 8.83 11.53
C LYS N 39 67.19 8.25 10.14
N THR N 40 67.50 6.96 10.10
CA THR N 40 67.62 6.20 8.86
C THR N 40 66.25 5.64 8.49
N LYS N 41 66.20 4.70 7.55
CA LYS N 41 64.96 4.02 7.21
C LYS N 41 65.22 2.53 7.13
N GLY N 42 64.24 1.73 7.57
CA GLY N 42 64.31 0.31 7.39
C GLY N 42 63.31 -0.18 6.36
N PRO N 43 63.79 -0.49 5.16
CA PRO N 43 62.91 -1.09 4.14
C PRO N 43 62.78 -2.59 4.32
N ASP N 44 62.15 -3.25 3.34
CA ASP N 44 61.91 -4.69 3.43
C ASP N 44 63.20 -5.48 3.25
N ALA N 45 63.14 -6.76 3.63
CA ALA N 45 64.23 -7.69 3.42
C ALA N 45 63.85 -8.85 2.51
N ALA N 46 62.65 -8.86 1.95
CA ALA N 46 62.20 -9.92 1.07
C ALA N 46 62.72 -9.66 -0.35
N SER N 47 62.19 -10.41 -1.33
CA SER N 47 62.63 -10.39 -2.73
C SER N 47 64.12 -10.66 -2.84
N LYS N 48 64.55 -11.85 -2.39
CA LYS N 48 65.96 -12.20 -2.42
C LYS N 48 66.45 -12.44 -3.84
N LEU N 49 65.63 -13.07 -4.67
CA LEU N 49 65.97 -13.39 -6.05
C LEU N 49 64.67 -13.71 -6.76
N PRO N 50 63.96 -12.72 -7.33
CA PRO N 50 62.72 -12.98 -8.06
C PRO N 50 62.96 -13.37 -9.52
N LEU N 51 63.90 -14.29 -9.74
CA LEU N 51 64.28 -14.72 -11.10
C LEU N 51 64.24 -16.24 -11.08
N VAL N 52 63.05 -16.78 -11.26
CA VAL N 52 62.80 -18.21 -11.36
C VAL N 52 62.16 -18.44 -12.72
N THR N 53 62.53 -17.58 -13.67
CA THR N 53 61.91 -17.36 -14.98
C THR N 53 61.73 -18.53 -15.95
N PRO N 54 62.41 -19.70 -15.85
CA PRO N 54 61.92 -20.86 -16.63
C PRO N 54 60.47 -21.25 -16.34
N HIS N 55 60.00 -21.12 -15.09
CA HIS N 55 58.61 -21.31 -14.68
C HIS N 55 58.09 -22.72 -14.98
N THR N 56 58.98 -23.69 -15.08
CA THR N 56 58.61 -25.06 -15.42
C THR N 56 59.68 -25.97 -14.85
N GLN N 57 59.42 -27.28 -14.93
CA GLN N 57 60.35 -28.26 -14.39
C GLN N 57 61.51 -28.41 -15.38
N CYS N 58 62.45 -27.47 -15.28
CA CYS N 58 63.65 -27.45 -16.09
C CYS N 58 64.84 -27.47 -15.16
N ARG N 59 65.99 -27.89 -15.68
CA ARG N 59 67.20 -27.99 -14.86
C ARG N 59 67.77 -26.62 -14.49
N LEU N 60 67.40 -25.57 -15.25
CA LEU N 60 67.81 -24.21 -14.91
C LEU N 60 67.31 -23.81 -13.53
N LYS N 61 66.03 -24.01 -13.26
CA LYS N 61 65.49 -23.74 -11.93
C LYS N 61 66.06 -24.69 -10.89
N LEU N 62 66.51 -25.87 -11.31
CA LEU N 62 67.31 -26.69 -10.41
C LEU N 62 68.70 -26.10 -10.23
N LEU N 63 69.27 -25.52 -11.28
CA LEU N 63 70.57 -24.89 -11.15
C LEU N 63 70.50 -23.54 -10.45
N LYS N 64 69.45 -22.75 -10.70
CA LYS N 64 69.38 -21.40 -10.15
C LYS N 64 69.17 -21.43 -8.63
N LEU N 65 68.28 -22.31 -8.16
CA LEU N 65 67.98 -22.36 -6.74
C LEU N 65 69.12 -22.95 -5.93
N GLU N 66 69.91 -23.86 -6.51
CA GLU N 66 71.10 -24.35 -5.84
C GLU N 66 72.18 -23.28 -5.71
N ARG N 67 72.21 -22.30 -6.62
CA ARG N 67 73.09 -21.16 -6.43
C ARG N 67 72.64 -20.33 -5.24
N ILE N 68 71.33 -20.16 -5.06
CA ILE N 68 70.81 -19.43 -3.91
C ILE N 68 71.10 -20.20 -2.62
N LYS N 69 71.09 -21.53 -2.70
CA LYS N 69 71.50 -22.36 -1.57
C LYS N 69 72.98 -22.16 -1.25
N ASP N 70 73.80 -21.91 -2.27
CA ASP N 70 75.23 -21.75 -2.05
C ASP N 70 75.55 -20.46 -1.31
N TYR N 71 74.89 -19.36 -1.68
CA TYR N 71 75.22 -18.08 -1.08
C TYR N 71 74.66 -17.97 0.35
N LEU N 72 73.47 -18.51 0.61
CA LEU N 72 72.91 -18.39 1.95
C LEU N 72 73.58 -19.32 2.95
N LEU N 73 74.03 -20.50 2.51
CA LEU N 73 74.83 -21.34 3.40
C LEU N 73 76.16 -20.70 3.73
N MET N 74 76.78 -20.05 2.74
CA MET N 74 78.04 -19.35 2.99
C MET N 74 77.83 -18.12 3.87
N GLU N 75 76.68 -17.46 3.71
CA GLU N 75 76.36 -16.34 4.60
C GLU N 75 76.11 -16.84 6.02
N GLU N 76 75.56 -18.05 6.14
CA GLU N 76 75.43 -18.67 7.45
C GLU N 76 76.78 -19.00 8.05
N GLU N 77 77.65 -19.62 7.26
CA GLU N 77 78.93 -20.11 7.78
C GLU N 77 79.91 -18.97 8.03
N PHE N 78 79.77 -17.85 7.33
CA PHE N 78 80.66 -16.72 7.57
C PHE N 78 80.31 -16.01 8.87
N ILE N 79 79.00 -15.85 9.13
CA ILE N 79 78.62 -15.26 10.40
C ILE N 79 78.75 -16.28 11.53
N ARG N 80 78.73 -17.59 11.19
CA ARG N 80 79.06 -18.61 12.18
C ARG N 80 80.53 -18.52 12.58
N ASN N 81 81.40 -18.27 11.61
CA ASN N 81 82.79 -17.94 11.92
C ASN N 81 82.94 -16.57 12.56
N GLN N 82 81.95 -15.68 12.37
CA GLN N 82 82.07 -14.36 12.96
C GLN N 82 81.87 -14.40 14.47
N GLU N 83 80.87 -15.14 14.96
CA GLU N 83 80.76 -15.26 16.40
C GLU N 83 81.70 -16.31 16.99
N GLN N 84 82.47 -17.00 16.15
CA GLN N 84 83.39 -18.01 16.65
C GLN N 84 84.75 -17.40 17.00
N MET N 85 85.41 -16.77 16.03
CA MET N 85 86.80 -16.37 16.17
C MET N 85 86.92 -14.94 16.70
N LYS N 86 86.34 -14.70 17.87
CA LYS N 86 86.43 -13.41 18.57
C LYS N 86 87.19 -13.62 19.88
N PRO N 87 88.50 -13.37 19.89
CA PRO N 87 89.24 -13.43 21.16
C PRO N 87 89.26 -12.10 21.89
N LEU N 88 88.47 -11.12 21.45
CA LEU N 88 88.41 -9.81 22.09
C LEU N 88 87.46 -9.89 23.28
N GLU N 89 88.01 -9.70 24.46
CA GLU N 89 87.21 -9.44 25.64
C GLU N 89 87.77 -8.25 26.41
N GLU N 90 86.93 -7.22 26.56
CA GLU N 90 87.19 -6.14 27.51
C GLU N 90 85.94 -5.80 28.29
N LYS N 91 84.77 -6.07 27.70
CA LYS N 91 83.44 -6.24 28.28
C LYS N 91 82.75 -4.98 28.77
N GLN N 92 83.49 -3.92 29.13
CA GLN N 92 83.06 -2.54 28.94
C GLN N 92 84.22 -1.56 28.90
N GLU N 93 85.44 -2.08 29.12
CA GLU N 93 86.54 -1.32 29.73
C GLU N 93 86.05 -0.56 30.97
N GLU N 94 85.32 -1.24 31.86
CA GLU N 94 84.95 -0.85 33.23
C GLU N 94 83.91 0.27 33.28
N GLU N 95 83.59 0.85 32.12
CA GLU N 95 82.74 2.04 32.11
C GLU N 95 81.27 1.66 32.10
N ARG N 96 80.83 0.92 31.09
CA ARG N 96 79.41 0.58 30.96
C ARG N 96 79.03 -0.57 31.89
N SER N 97 80.02 -1.32 32.39
CA SER N 97 79.75 -2.50 33.19
C SER N 97 79.28 -2.12 34.58
N LYS N 98 79.93 -1.13 35.18
CA LYS N 98 79.41 -0.57 36.42
C LYS N 98 78.15 0.23 36.19
N VAL N 99 78.03 0.86 35.01
CA VAL N 99 76.81 1.59 34.63
C VAL N 99 75.62 0.65 34.52
N ASP N 100 75.82 -0.52 33.91
CA ASP N 100 74.77 -1.54 33.87
C ASP N 100 74.45 -2.09 35.25
N ASP N 101 75.39 -1.96 36.20
CA ASP N 101 75.10 -2.24 37.60
C ASP N 101 74.69 -1.00 38.37
N LEU N 102 74.98 0.19 37.85
CA LEU N 102 74.53 1.43 38.47
C LEU N 102 73.02 1.58 38.35
N ARG N 103 72.49 1.35 37.14
CA ARG N 103 71.07 1.29 36.94
C ARG N 103 70.49 0.04 37.62
N GLY N 104 69.23 0.13 38.00
CA GLY N 104 68.56 -1.01 38.56
C GLY N 104 68.30 -2.09 37.53
N THR N 105 68.15 -3.32 38.01
CA THR N 105 67.86 -4.41 37.08
C THR N 105 66.39 -4.41 36.67
N PRO N 106 65.38 -4.23 37.58
CA PRO N 106 64.03 -3.95 37.06
C PRO N 106 63.88 -2.52 36.57
N MET N 107 64.29 -2.26 35.33
CA MET N 107 64.16 -0.92 34.79
C MET N 107 62.70 -0.59 34.48
N SER N 108 62.25 0.55 34.97
CA SER N 108 60.87 0.97 34.85
C SER N 108 60.74 2.11 33.85
N VAL N 109 59.51 2.52 33.59
CA VAL N 109 59.18 3.46 32.53
C VAL N 109 58.42 4.63 33.14
N GLY N 110 58.90 5.86 32.89
CA GLY N 110 58.26 7.05 33.41
C GLY N 110 57.92 8.07 32.34
N THR N 111 57.47 9.25 32.75
CA THR N 111 57.03 10.29 31.83
C THR N 111 57.43 11.65 32.38
N LEU N 112 58.07 12.46 31.54
CA LEU N 112 58.45 13.81 31.94
C LEU N 112 57.22 14.72 32.01
N GLU N 113 57.19 15.60 33.01
CA GLU N 113 56.23 16.69 33.05
C GLU N 113 56.89 18.03 32.77
N GLU N 114 57.90 18.40 33.56
CA GLU N 114 58.68 19.61 33.36
C GLU N 114 60.16 19.30 33.55
N ILE N 115 61.01 20.26 33.23
CA ILE N 115 62.45 20.10 33.26
C ILE N 115 63.04 21.17 34.17
N ILE N 116 63.44 20.78 35.37
CA ILE N 116 64.22 21.65 36.25
C ILE N 116 65.67 21.25 36.04
N ASP N 117 66.43 22.11 35.36
CA ASP N 117 67.70 21.76 34.73
C ASP N 117 68.90 21.82 35.67
N ASP N 118 68.69 21.74 36.99
CA ASP N 118 69.80 21.72 37.94
C ASP N 118 70.25 20.31 38.28
N ASN N 119 70.15 19.41 37.29
CA ASN N 119 70.29 17.96 37.41
C ASN N 119 69.31 17.35 38.41
N HIS N 120 68.14 17.99 38.57
CA HIS N 120 67.11 17.51 39.49
C HIS N 120 65.77 17.87 38.87
N ALA N 121 65.17 16.96 38.11
CA ALA N 121 63.97 17.28 37.34
C ALA N 121 62.74 16.65 38.00
N ILE N 122 61.59 16.85 37.37
CA ILE N 122 60.31 16.30 37.82
C ILE N 122 59.79 15.34 36.77
N VAL N 123 59.22 14.22 37.23
CA VAL N 123 58.68 13.19 36.33
C VAL N 123 57.26 12.87 36.75
N SER N 124 56.65 11.90 36.07
CA SER N 124 55.32 11.42 36.42
C SER N 124 55.25 9.94 36.12
N THR N 125 54.67 9.19 37.03
CA THR N 125 54.49 7.75 36.86
C THR N 125 53.17 7.49 36.14
N SER N 126 52.76 6.23 36.09
CA SER N 126 51.49 5.88 35.43
C SER N 126 50.31 6.33 36.26
N VAL N 127 50.39 6.19 37.58
CA VAL N 127 49.30 6.65 38.44
C VAL N 127 49.29 8.17 38.59
N GLY N 128 50.39 8.84 38.26
CA GLY N 128 50.52 10.26 38.48
C GLY N 128 51.32 10.63 39.71
N SER N 129 52.00 9.68 40.35
CA SER N 129 52.90 10.01 41.44
C SER N 129 54.14 10.70 40.88
N GLU N 130 54.35 11.94 41.30
CA GLU N 130 55.37 12.81 40.71
C GLU N 130 56.51 12.98 41.69
N HIS N 131 57.74 12.84 41.20
CA HIS N 131 58.90 12.68 42.07
C HIS N 131 59.99 13.65 41.66
N TYR N 132 60.57 14.35 42.64
CA TYR N 132 61.70 15.25 42.40
C TYR N 132 62.99 14.42 42.27
N VAL N 133 63.14 13.80 41.10
CA VAL N 133 64.26 12.91 40.89
C VAL N 133 65.44 13.68 40.30
N SER N 134 66.62 13.10 40.45
CA SER N 134 67.82 13.68 39.90
C SER N 134 68.09 13.07 38.54
N ILE N 135 69.15 13.54 37.88
CA ILE N 135 69.64 12.89 36.69
C ILE N 135 70.96 12.23 37.05
N LEU N 136 70.88 10.94 37.36
CA LEU N 136 72.04 10.06 37.30
C LEU N 136 72.41 9.95 35.82
N SER N 137 73.69 10.20 35.56
CA SER N 137 74.33 10.87 34.41
C SER N 137 74.28 10.04 33.12
N PHE N 138 75.21 10.32 32.19
CA PHE N 138 75.38 9.75 30.85
C PHE N 138 74.11 9.89 30.00
N VAL N 139 73.36 10.96 30.25
CA VAL N 139 72.21 11.32 29.42
C VAL N 139 72.39 12.77 29.00
N ASP N 140 72.50 13.01 27.70
CA ASP N 140 72.55 14.38 27.17
C ASP N 140 71.17 15.00 27.30
N LYS N 141 71.12 16.20 27.88
CA LYS N 141 69.88 16.95 28.03
C LYS N 141 69.52 17.70 26.75
N ASP N 142 69.45 16.99 25.63
CA ASP N 142 69.18 17.59 24.34
C ASP N 142 68.08 16.90 23.56
N LEU N 143 67.61 15.72 23.98
CA LEU N 143 66.58 14.97 23.27
C LEU N 143 65.50 14.53 24.24
N LEU N 144 65.35 15.28 25.33
CA LEU N 144 64.32 14.97 26.31
C LEU N 144 63.38 16.17 26.37
N GLU N 145 62.11 15.90 26.12
CA GLU N 145 61.06 16.90 26.00
C GLU N 145 59.89 16.42 26.85
N PRO N 146 59.09 17.32 27.45
CA PRO N 146 57.88 16.88 28.15
C PRO N 146 56.89 16.17 27.26
N GLY N 147 56.73 14.86 27.51
CA GLY N 147 56.05 13.95 26.61
C GLY N 147 56.90 12.76 26.23
N CYS N 148 58.21 12.95 26.14
CA CYS N 148 59.12 11.84 25.89
C CYS N 148 59.26 10.99 27.15
N SER N 149 59.06 9.68 26.99
CA SER N 149 59.08 8.76 28.11
C SER N 149 60.52 8.37 28.46
N VAL N 150 60.76 8.22 29.76
CA VAL N 150 62.11 8.00 30.27
C VAL N 150 62.21 6.67 31.01
N LEU N 151 63.38 6.38 31.55
CA LEU N 151 63.66 5.14 32.25
C LEU N 151 64.04 5.45 33.69
N LEU N 152 63.44 4.73 34.63
CA LEU N 152 63.54 5.07 36.04
C LEU N 152 63.95 3.86 36.87
N ASN N 153 64.19 4.13 38.15
CA ASN N 153 64.59 3.13 39.13
C ASN N 153 63.41 2.85 40.06
N HIS N 154 63.60 1.93 41.01
CA HIS N 154 62.62 1.70 42.06
C HIS N 154 63.09 2.16 43.43
N LYS N 155 64.36 1.96 43.75
CA LYS N 155 64.84 2.27 45.08
C LYS N 155 65.00 3.78 45.27
N VAL N 156 65.45 4.48 44.24
CA VAL N 156 65.57 5.94 44.27
C VAL N 156 64.83 6.61 43.14
N HIS N 157 64.19 5.84 42.24
CA HIS N 157 63.40 6.31 41.11
C HIS N 157 64.18 7.19 40.14
N ALA N 158 65.50 7.07 40.11
CA ALA N 158 66.33 8.03 39.41
C ALA N 158 66.30 7.80 37.91
N VAL N 159 66.51 8.88 37.15
CA VAL N 159 66.56 8.80 35.70
C VAL N 159 67.86 8.12 35.29
N ILE N 160 67.73 6.97 34.65
CA ILE N 160 68.89 6.22 34.17
C ILE N 160 69.07 6.39 32.67
N GLY N 161 68.02 6.13 31.90
CA GLY N 161 68.06 6.33 30.46
C GLY N 161 66.82 7.07 29.96
N VAL N 162 66.59 7.01 28.66
CA VAL N 162 65.36 7.55 28.08
C VAL N 162 64.82 6.57 27.06
N LEU N 163 63.52 6.28 27.13
CA LEU N 163 62.92 5.30 26.24
C LEU N 163 62.72 5.88 24.86
N MET N 164 63.11 5.12 23.84
CA MET N 164 63.07 5.59 22.47
C MET N 164 61.97 4.84 21.70
N ASP N 165 61.48 5.48 20.64
CA ASP N 165 60.62 5.03 19.55
C ASP N 165 59.16 4.87 19.93
N ASP N 166 58.89 4.56 21.22
CA ASP N 166 57.63 4.60 21.97
C ASP N 166 56.38 4.27 21.14
N THR N 167 56.44 3.28 20.24
CA THR N 167 55.30 2.98 19.37
C THR N 167 54.31 2.11 20.11
N ASP N 168 53.04 2.48 20.07
CA ASP N 168 52.00 1.62 20.60
C ASP N 168 51.85 0.41 19.69
N PRO N 169 51.89 -0.81 20.23
CA PRO N 169 51.90 -2.00 19.37
C PRO N 169 50.55 -2.32 18.75
N LEU N 170 50.02 -1.40 17.97
CA LEU N 170 48.84 -1.64 17.14
C LEU N 170 49.17 -1.15 15.74
N VAL N 171 50.09 -0.18 15.65
CA VAL N 171 50.51 0.35 14.37
C VAL N 171 51.66 -0.47 13.80
N THR N 172 52.46 -1.11 14.64
CA THR N 172 53.55 -1.96 14.17
C THR N 172 53.05 -3.26 13.56
N VAL N 173 51.82 -3.66 13.88
CA VAL N 173 51.19 -4.78 13.20
C VAL N 173 50.95 -4.44 11.73
N MET N 174 50.65 -3.18 11.44
CA MET N 174 50.31 -2.75 10.09
C MET N 174 51.52 -2.42 9.24
N LYS N 175 52.69 -2.91 9.61
CA LYS N 175 53.93 -2.65 8.88
C LYS N 175 54.32 -3.91 8.12
N VAL N 176 54.24 -3.84 6.79
CA VAL N 176 54.47 -5.01 5.94
C VAL N 176 55.96 -5.26 5.79
N GLU N 177 56.37 -6.52 5.99
CA GLU N 177 57.75 -6.92 5.81
C GLU N 177 57.98 -7.81 4.61
N LYS N 178 56.94 -8.33 3.97
CA LYS N 178 57.08 -9.33 2.93
C LYS N 178 56.41 -8.88 1.65
N ALA N 179 57.08 -9.09 0.53
CA ALA N 179 56.48 -8.86 -0.78
C ALA N 179 55.65 -10.09 -1.16
N PRO N 180 54.31 -9.98 -1.14
CA PRO N 180 53.48 -11.19 -1.19
C PRO N 180 53.44 -11.92 -2.52
N GLN N 181 53.21 -11.21 -3.61
CA GLN N 181 52.94 -11.87 -4.89
C GLN N 181 53.84 -11.35 -5.99
N GLU N 182 53.51 -11.69 -7.24
CA GLU N 182 54.37 -11.38 -8.36
C GLU N 182 54.20 -9.93 -8.80
N THR N 183 54.95 -9.56 -9.83
CA THR N 183 55.13 -8.18 -10.23
C THR N 183 54.01 -7.81 -11.21
N TYR N 184 54.19 -6.73 -11.97
CA TYR N 184 53.16 -6.24 -12.90
C TYR N 184 52.87 -7.23 -14.02
N ALA N 185 53.81 -8.14 -14.30
CA ALA N 185 53.59 -9.17 -15.31
C ALA N 185 52.67 -10.30 -14.83
N ASP N 186 52.20 -10.24 -13.59
CA ASP N 186 51.25 -11.22 -13.08
C ASP N 186 49.83 -10.97 -13.57
N ILE N 187 49.40 -9.73 -13.58
CA ILE N 187 48.01 -9.42 -13.87
C ILE N 187 47.82 -9.34 -15.38
N GLY N 188 46.58 -9.56 -15.82
CA GLY N 188 46.32 -9.88 -17.20
C GLY N 188 45.93 -8.74 -18.11
N GLY N 189 46.62 -7.62 -18.00
CA GLY N 189 46.47 -6.58 -18.99
C GLY N 189 45.52 -5.50 -18.53
N LEU N 190 46.09 -4.43 -17.98
CA LEU N 190 45.30 -3.32 -17.49
C LEU N 190 46.07 -2.02 -17.74
N ASP N 191 46.87 -2.01 -18.81
CA ASP N 191 48.04 -1.17 -18.97
C ASP N 191 47.74 0.32 -19.05
N ASN N 192 46.51 0.71 -19.40
CA ASN N 192 46.17 2.12 -19.39
C ASN N 192 46.13 2.65 -17.97
N GLN N 193 45.65 1.85 -17.03
CA GLN N 193 45.56 2.26 -15.65
C GLN N 193 46.76 1.81 -14.82
N ILE N 194 47.61 0.95 -15.38
CA ILE N 194 48.88 0.65 -14.72
C ILE N 194 49.82 1.84 -14.85
N GLN N 195 49.77 2.50 -16.00
CA GLN N 195 50.61 3.66 -16.25
C GLN N 195 50.13 4.87 -15.45
N GLU N 196 48.89 4.86 -14.99
CA GLU N 196 48.38 5.96 -14.17
C GLU N 196 48.97 5.92 -12.77
N ILE N 197 48.91 4.75 -12.11
CA ILE N 197 49.38 4.63 -10.74
C ILE N 197 50.89 4.69 -10.68
N LYS N 198 51.57 4.38 -11.79
CA LYS N 198 53.03 4.47 -11.80
C LYS N 198 53.49 5.92 -11.86
N GLU N 199 52.66 6.80 -12.46
CA GLU N 199 52.98 8.22 -12.51
C GLU N 199 52.96 8.89 -11.14
N SER N 200 52.29 8.30 -10.16
CA SER N 200 52.13 8.96 -8.86
C SER N 200 52.90 8.26 -7.75
N VAL N 201 53.39 7.05 -7.96
CA VAL N 201 54.02 6.31 -6.88
C VAL N 201 55.47 5.99 -7.23
N GLU N 202 55.68 5.27 -8.34
CA GLU N 202 57.01 4.76 -8.64
C GLU N 202 57.88 5.81 -9.32
N LEU N 203 57.38 6.40 -10.41
CA LEU N 203 58.13 7.39 -11.17
C LEU N 203 58.54 8.65 -10.39
N PRO N 204 57.74 9.23 -9.48
CA PRO N 204 58.29 10.36 -8.69
C PRO N 204 59.38 9.94 -7.72
N LEU N 205 59.42 8.68 -7.32
CA LEU N 205 60.44 8.28 -6.36
C LEU N 205 61.72 7.85 -7.07
N THR N 206 61.59 7.20 -8.22
CA THR N 206 62.78 6.76 -8.95
C THR N 206 63.44 7.91 -9.69
N HIS N 207 62.67 8.72 -10.40
CA HIS N 207 63.22 9.75 -11.28
C HIS N 207 62.49 11.08 -11.10
N PRO N 208 62.73 11.80 -9.98
CA PRO N 208 62.12 13.12 -9.87
C PRO N 208 62.95 14.23 -10.49
N GLU N 209 63.45 14.02 -11.70
CA GLU N 209 64.10 15.09 -12.43
C GLU N 209 63.17 15.76 -13.43
N TYR N 210 62.10 15.07 -13.83
CA TYR N 210 61.15 15.64 -14.77
C TYR N 210 60.30 16.73 -14.13
N TYR N 211 60.04 16.60 -12.83
CA TYR N 211 59.05 17.47 -12.20
C TYR N 211 59.63 18.83 -11.85
N GLU N 212 60.93 18.91 -11.58
CA GLU N 212 61.56 20.19 -11.29
C GLU N 212 61.68 21.06 -12.52
N GLU N 213 61.67 20.47 -13.71
CA GLU N 213 61.71 21.26 -14.94
C GLU N 213 60.41 21.99 -15.20
N MET N 214 59.31 21.57 -14.57
CA MET N 214 58.07 22.31 -14.62
C MET N 214 57.54 22.70 -13.24
N GLY N 215 58.25 22.35 -12.17
CA GLY N 215 57.86 22.78 -10.84
C GLY N 215 56.55 22.20 -10.34
N ILE N 216 56.15 21.05 -10.87
CA ILE N 216 54.84 20.47 -10.60
C ILE N 216 55.02 19.34 -9.59
N LYS N 217 54.36 19.45 -8.45
CA LYS N 217 54.39 18.39 -7.47
C LYS N 217 53.57 17.21 -7.97
N PRO N 218 54.00 15.98 -7.68
CA PRO N 218 53.24 14.81 -8.12
C PRO N 218 51.95 14.67 -7.34
N PRO N 219 50.94 14.00 -7.89
CA PRO N 219 49.69 13.79 -7.17
C PRO N 219 49.87 12.87 -5.97
N LYS N 220 48.99 13.05 -4.99
CA LYS N 220 49.11 12.38 -3.69
C LYS N 220 48.12 11.25 -3.49
N GLY N 221 46.82 11.52 -3.64
CA GLY N 221 45.78 10.55 -3.32
C GLY N 221 45.24 9.90 -4.58
N VAL N 222 44.95 8.60 -4.47
CA VAL N 222 44.45 7.79 -5.58
C VAL N 222 43.29 6.94 -5.07
N ILE N 223 42.15 7.00 -5.77
CA ILE N 223 41.01 6.14 -5.49
C ILE N 223 40.96 5.03 -6.53
N LEU N 224 40.83 3.79 -6.05
CA LEU N 224 40.54 2.64 -6.90
C LEU N 224 39.08 2.25 -6.71
N TYR N 225 38.29 2.37 -7.77
CA TYR N 225 36.87 2.09 -7.62
C TYR N 225 36.36 1.36 -8.85
N GLY N 226 35.28 0.61 -8.65
CA GLY N 226 34.69 -0.20 -9.69
C GLY N 226 33.92 -1.38 -9.13
N PRO N 227 33.42 -2.25 -10.02
CA PRO N 227 32.72 -3.44 -9.57
C PRO N 227 33.65 -4.40 -8.86
N PRO N 228 33.14 -5.27 -7.99
CA PRO N 228 34.01 -6.19 -7.27
C PRO N 228 34.55 -7.28 -8.16
N GLY N 229 35.73 -7.79 -7.80
CA GLY N 229 36.38 -8.83 -8.55
C GLY N 229 37.15 -8.36 -9.76
N THR N 230 37.73 -7.17 -9.71
CA THR N 230 38.30 -6.56 -10.91
C THR N 230 39.81 -6.44 -10.85
N GLY N 231 40.41 -6.34 -9.66
CA GLY N 231 41.86 -6.24 -9.61
C GLY N 231 42.38 -5.15 -8.69
N LYS N 232 41.52 -4.66 -7.81
CA LYS N 232 41.91 -3.57 -6.90
C LYS N 232 42.98 -4.05 -5.91
N THR N 233 42.76 -5.21 -5.29
CA THR N 233 43.69 -5.70 -4.28
C THR N 233 44.99 -6.16 -4.91
N LEU N 234 44.94 -6.65 -6.16
CA LEU N 234 46.16 -7.05 -6.86
C LEU N 234 47.06 -5.86 -7.14
N LEU N 235 46.48 -4.74 -7.52
CA LEU N 235 47.26 -3.59 -7.94
C LEU N 235 48.01 -2.97 -6.77
N ALA N 236 47.49 -3.12 -5.55
CA ALA N 236 48.26 -2.70 -4.39
C ALA N 236 49.38 -3.67 -4.07
N LYS N 237 49.13 -4.97 -4.23
CA LYS N 237 50.13 -5.96 -3.88
C LYS N 237 51.30 -5.96 -4.86
N ALA N 238 51.02 -5.62 -6.12
CA ALA N 238 52.10 -5.54 -7.10
C ALA N 238 52.96 -4.31 -6.88
N VAL N 239 52.37 -3.21 -6.40
CA VAL N 239 53.14 -2.04 -6.03
C VAL N 239 53.98 -2.33 -4.79
N ALA N 240 53.39 -3.02 -3.81
CA ALA N 240 54.13 -3.37 -2.60
C ALA N 240 55.21 -4.40 -2.87
N ASN N 241 55.10 -5.16 -3.96
CA ASN N 241 56.19 -6.03 -4.38
C ASN N 241 57.35 -5.21 -4.92
N GLN N 242 57.12 -4.48 -6.00
CA GLN N 242 58.16 -3.71 -6.66
C GLN N 242 58.11 -2.29 -6.10
N THR N 243 58.90 -2.04 -5.07
CA THR N 243 59.03 -0.73 -4.47
C THR N 243 60.40 -0.61 -3.81
N SER N 244 60.66 0.58 -3.29
CA SER N 244 61.88 0.81 -2.51
C SER N 244 61.60 1.41 -1.15
N ALA N 245 60.54 2.19 -1.00
CA ALA N 245 60.16 2.74 0.29
C ALA N 245 59.38 1.69 1.07
N THR N 246 58.97 2.02 2.29
CA THR N 246 58.26 1.03 3.07
C THR N 246 56.77 1.08 2.74
N PHE N 247 56.00 0.25 3.44
CA PHE N 247 54.62 0.00 3.04
C PHE N 247 53.78 -0.20 4.29
N LEU N 248 52.57 0.34 4.27
CA LEU N 248 51.64 0.21 5.38
C LEU N 248 50.27 -0.18 4.84
N ARG N 249 49.67 -1.20 5.43
CA ARG N 249 48.33 -1.63 5.06
C ARG N 249 47.37 -1.33 6.20
N VAL N 250 46.15 -0.92 5.84
CA VAL N 250 45.11 -0.64 6.81
C VAL N 250 43.83 -1.33 6.34
N VAL N 251 43.34 -2.27 7.13
CA VAL N 251 42.15 -3.01 6.78
C VAL N 251 40.93 -2.31 7.39
N GLY N 252 40.39 -1.33 6.67
CA GLY N 252 39.05 -0.80 6.89
C GLY N 252 38.73 -0.27 8.27
N SER N 253 37.91 -1.05 8.99
CA SER N 253 37.60 -0.80 10.40
C SER N 253 38.74 -1.35 11.26
N GLU N 254 39.86 -0.65 11.20
CA GLU N 254 41.04 -1.07 11.96
C GLU N 254 41.33 0.00 13.01
N LEU N 255 41.02 1.25 12.65
CA LEU N 255 41.25 2.41 13.49
C LEU N 255 40.02 2.79 14.30
N ILE N 256 39.17 1.82 14.62
CA ILE N 256 37.93 2.07 15.34
C ILE N 256 38.00 1.41 16.70
N GLN N 257 37.87 2.21 17.75
CA GLN N 257 37.84 1.69 19.11
C GLN N 257 36.62 2.22 19.85
N LYS N 258 36.56 2.01 21.17
CA LYS N 258 35.36 2.34 21.94
C LYS N 258 35.58 3.37 23.03
N TYR N 259 36.80 3.85 23.23
CA TYR N 259 37.12 4.71 24.38
C TYR N 259 36.98 6.20 24.06
N LEU N 260 36.29 6.54 22.98
CA LEU N 260 35.80 7.88 22.61
C LEU N 260 36.91 8.84 22.17
N GLY N 261 38.17 8.49 22.40
CA GLY N 261 39.27 9.30 21.94
C GLY N 261 40.36 8.39 21.41
N ASP N 262 40.16 7.09 21.60
CA ASP N 262 41.10 6.09 21.13
C ASP N 262 41.08 5.97 19.61
N GLY N 263 39.94 6.27 18.99
CA GLY N 263 39.80 6.33 17.56
C GLY N 263 40.72 7.33 16.86
N PRO N 264 40.53 8.63 17.11
CA PRO N 264 41.38 9.62 16.44
C PRO N 264 42.82 9.64 16.89
N LYS N 265 43.14 9.09 18.06
CA LYS N 265 44.51 9.07 18.55
C LYS N 265 45.38 8.12 17.78
N LEU N 266 44.82 7.00 17.33
CA LEU N 266 45.59 6.04 16.53
C LEU N 266 45.89 6.55 15.14
N VAL N 267 45.05 7.47 14.63
CA VAL N 267 45.28 8.03 13.30
C VAL N 267 46.47 8.97 13.31
N ARG N 268 46.64 9.71 14.41
CA ARG N 268 47.79 10.59 14.55
C ARG N 268 49.09 9.79 14.58
N GLU N 269 49.11 8.69 15.33
CA GLU N 269 50.30 7.86 15.42
C GLU N 269 50.56 7.11 14.12
N LEU N 270 49.52 6.91 13.31
CA LEU N 270 49.69 6.22 12.02
C LEU N 270 50.51 7.08 11.07
N PHE N 271 50.13 8.34 10.92
CA PHE N 271 50.86 9.23 10.02
C PHE N 271 52.17 9.70 10.64
N ARG N 272 52.28 9.66 11.97
CA ARG N 272 53.52 10.00 12.63
C ARG N 272 54.61 8.99 12.32
N VAL N 273 54.27 7.70 12.36
CA VAL N 273 55.24 6.65 12.06
C VAL N 273 55.65 6.70 10.59
N ALA N 274 54.69 6.98 9.71
CA ALA N 274 54.98 7.05 8.27
C ALA N 274 55.85 8.27 7.96
N GLU N 275 55.67 9.35 8.71
CA GLU N 275 56.47 10.55 8.49
C GLU N 275 57.88 10.38 9.04
N GLU N 276 58.00 9.77 10.23
CA GLU N 276 59.30 9.58 10.86
C GLU N 276 60.17 8.62 10.08
N HIS N 277 59.57 7.59 9.48
CA HIS N 277 60.31 6.67 8.65
C HIS N 277 60.46 7.23 7.24
N ALA N 278 60.77 6.33 6.30
CA ALA N 278 61.06 6.56 4.88
C ALA N 278 60.02 7.42 4.17
N PRO N 279 60.38 8.05 3.05
CA PRO N 279 59.35 8.67 2.20
C PRO N 279 58.45 7.63 1.57
N SER N 280 57.51 7.10 2.34
CA SER N 280 56.78 5.90 2.00
C SER N 280 55.30 6.17 1.73
N ILE N 281 54.60 5.11 1.36
CA ILE N 281 53.20 5.20 0.97
C ILE N 281 52.36 4.43 1.99
N VAL N 282 51.09 4.79 2.09
CA VAL N 282 50.14 4.19 3.01
C VAL N 282 48.94 3.70 2.21
N PHE N 283 48.61 2.43 2.36
CA PHE N 283 47.46 1.84 1.66
C PHE N 283 46.35 1.56 2.66
N ILE N 284 45.26 2.31 2.54
CA ILE N 284 44.09 2.15 3.40
C ILE N 284 42.98 1.60 2.52
N ASP N 285 42.59 0.36 2.76
CA ASP N 285 41.62 -0.29 1.91
C ASP N 285 40.25 -0.31 2.59
N GLU N 286 39.21 -0.40 1.77
CA GLU N 286 37.80 -0.42 2.14
C GLU N 286 37.43 0.83 2.95
N ILE N 287 37.52 1.96 2.26
CA ILE N 287 37.18 3.24 2.85
C ILE N 287 35.72 3.59 2.66
N ASP N 288 34.88 2.64 2.28
CA ASP N 288 33.44 2.82 2.30
C ASP N 288 32.86 2.66 3.70
N ALA N 289 33.62 2.09 4.62
CA ALA N 289 33.26 2.03 6.03
C ALA N 289 33.92 3.15 6.82
N ILE N 290 34.40 4.18 6.14
CA ILE N 290 35.08 5.28 6.81
C ILE N 290 34.48 6.60 6.32
N GLY N 291 33.61 6.54 5.33
CA GLY N 291 32.97 7.77 4.91
C GLY N 291 31.62 7.59 4.25
N THR N 292 30.61 8.31 4.76
CA THR N 292 29.33 8.44 4.04
C THR N 292 28.74 9.81 4.35
N LYS N 293 29.08 10.79 3.51
CA LYS N 293 28.43 12.09 3.28
C LYS N 293 28.26 13.00 4.49
N ARG N 294 28.73 12.57 5.67
CA ARG N 294 28.84 13.35 6.91
C ARG N 294 27.52 14.02 7.28
N TYR N 295 26.56 13.19 7.63
CA TYR N 295 25.27 13.66 8.08
C TYR N 295 25.20 13.62 9.60
N ASP N 296 24.31 14.43 10.17
CA ASP N 296 24.15 14.53 11.62
C ASP N 296 22.86 13.84 12.02
N SER N 297 22.92 13.02 13.06
CA SER N 297 21.77 12.20 13.43
C SER N 297 21.78 11.93 14.94
N ASN N 298 21.08 10.88 15.32
CA ASN N 298 20.52 10.71 16.65
C ASN N 298 21.27 9.70 17.52
N SER N 299 22.27 9.02 16.97
CA SER N 299 22.96 7.99 17.73
C SER N 299 24.27 8.54 18.29
N GLY N 300 24.56 8.19 19.53
CA GLY N 300 25.76 8.69 20.18
C GLY N 300 27.03 7.95 19.85
N GLY N 301 26.95 6.66 19.53
CA GLY N 301 28.12 5.95 19.05
C GLY N 301 28.43 6.22 17.61
N GLU N 302 27.50 6.84 16.90
CA GLU N 302 27.66 7.27 15.52
C GLU N 302 28.64 8.42 15.39
N ARG N 303 28.80 9.21 16.44
CA ARG N 303 29.60 10.43 16.36
C ARG N 303 31.09 10.16 16.53
N GLU N 304 31.46 9.31 17.48
CA GLU N 304 32.85 8.88 17.61
C GLU N 304 33.31 8.10 16.38
N ILE N 305 32.36 7.44 15.69
CA ILE N 305 32.60 7.03 14.32
C ILE N 305 32.85 8.24 13.43
N GLN N 306 31.94 9.21 13.47
CA GLN N 306 31.98 10.32 12.51
C GLN N 306 33.11 11.30 12.81
N ARG N 307 33.57 11.34 14.06
CA ARG N 307 34.59 12.32 14.45
C ARG N 307 36.00 11.85 14.06
N THR N 308 36.27 10.55 14.23
CA THR N 308 37.54 9.97 13.81
C THR N 308 37.74 10.14 12.31
N MET N 309 36.67 9.99 11.56
CA MET N 309 36.69 10.09 10.11
C MET N 309 36.71 11.54 9.64
N LEU N 310 36.55 12.49 10.56
CA LEU N 310 36.59 13.92 10.23
C LEU N 310 37.96 14.51 10.52
N GLU N 311 38.76 13.88 11.37
CA GLU N 311 40.11 14.36 11.62
C GLU N 311 41.15 13.66 10.76
N LEU N 312 40.81 12.51 10.16
CA LEU N 312 41.60 11.97 9.06
C LEU N 312 41.65 12.96 7.91
N LEU N 313 40.54 13.65 7.67
CA LEU N 313 40.47 14.81 6.78
C LEU N 313 41.48 15.87 7.19
N ASN N 314 41.68 16.08 8.49
CA ASN N 314 42.58 17.14 8.96
C ASN N 314 44.04 16.77 8.79
N GLN N 315 44.41 15.53 9.11
CA GLN N 315 45.78 15.07 8.97
C GLN N 315 46.21 14.95 7.51
N LEU N 316 45.25 14.76 6.61
CA LEU N 316 45.56 14.47 5.22
C LEU N 316 45.98 15.74 4.47
N ASP N 317 45.07 16.71 4.38
CA ASP N 317 45.31 17.95 3.63
C ASP N 317 44.74 19.14 4.41
N GLY N 318 45.05 19.21 5.69
CA GLY N 318 44.55 20.28 6.52
C GLY N 318 45.56 21.40 6.71
N PHE N 319 46.26 21.37 7.84
CA PHE N 319 47.21 22.42 8.20
C PHE N 319 48.52 22.16 7.45
N ASP N 320 49.56 22.94 7.76
CA ASP N 320 50.67 23.36 6.89
C ASP N 320 51.21 22.36 5.89
N SER N 321 51.66 21.20 6.35
CA SER N 321 52.50 20.36 5.51
C SER N 321 52.02 18.92 5.54
N ARG N 322 52.58 18.13 4.64
CA ARG N 322 52.24 16.72 4.46
C ARG N 322 53.45 15.82 4.54
N GLY N 323 54.57 16.24 3.98
CA GLY N 323 55.70 15.36 3.80
C GLY N 323 55.54 14.52 2.55
N ASP N 324 56.41 13.52 2.42
CA ASP N 324 56.36 12.61 1.28
C ASP N 324 55.64 11.34 1.74
N VAL N 325 54.32 11.46 1.86
CA VAL N 325 53.45 10.36 2.23
C VAL N 325 52.35 10.27 1.18
N LYS N 326 52.25 9.14 0.51
CA LYS N 326 51.22 8.90 -0.50
C LYS N 326 50.15 8.00 0.10
N VAL N 327 48.91 8.21 -0.33
CA VAL N 327 47.76 7.48 0.20
C VAL N 327 47.01 6.84 -0.96
N ILE N 328 46.75 5.54 -0.87
CA ILE N 328 46.00 4.81 -1.88
C ILE N 328 44.77 4.22 -1.21
N MET N 329 43.59 4.50 -1.77
CA MET N 329 42.31 4.14 -1.18
C MET N 329 41.48 3.37 -2.19
N ALA N 330 40.62 2.48 -1.70
CA ALA N 330 39.89 1.60 -2.60
C ALA N 330 38.53 1.21 -2.02
N THR N 331 37.50 1.26 -2.86
CA THR N 331 36.16 0.81 -2.54
C THR N 331 35.57 0.03 -3.71
N ASN N 332 34.32 -0.41 -3.50
CA ASN N 332 33.47 -0.90 -4.56
C ASN N 332 32.48 0.17 -5.04
N ARG N 333 31.86 0.87 -4.10
CA ARG N 333 30.95 1.96 -4.42
C ARG N 333 31.61 3.30 -4.12
N ILE N 334 31.34 4.28 -4.96
CA ILE N 334 31.98 5.58 -4.85
C ILE N 334 31.00 6.71 -4.55
N GLU N 335 29.72 6.56 -4.90
CA GLU N 335 28.77 7.67 -4.77
C GLU N 335 28.33 7.89 -3.34
N THR N 336 28.51 6.90 -2.47
CA THR N 336 28.12 7.01 -1.08
C THR N 336 29.24 7.52 -0.19
N LEU N 337 30.16 8.29 -0.73
CA LEU N 337 31.29 8.80 0.03
C LEU N 337 31.07 10.25 0.43
N ASP N 338 31.90 10.71 1.34
CA ASP N 338 31.88 12.10 1.76
C ASP N 338 32.54 12.96 0.68
N PRO N 339 31.86 13.99 0.16
CA PRO N 339 32.48 14.84 -0.86
C PRO N 339 33.67 15.65 -0.38
N ALA N 340 33.90 15.75 0.93
CA ALA N 340 35.09 16.41 1.44
C ALA N 340 36.36 15.61 1.16
N LEU N 341 36.24 14.29 0.99
CA LEU N 341 37.40 13.46 0.67
C LEU N 341 37.66 13.35 -0.82
N ILE N 342 36.64 13.53 -1.65
CA ILE N 342 36.78 13.32 -3.08
C ILE N 342 37.45 14.51 -3.76
N ARG N 343 37.51 15.66 -3.08
CA ARG N 343 38.01 16.88 -3.71
C ARG N 343 39.52 16.78 -3.93
N PRO N 344 40.02 17.43 -4.98
CA PRO N 344 41.47 17.48 -5.18
C PRO N 344 42.16 18.28 -4.08
N GLY N 345 43.45 18.06 -3.98
CA GLY N 345 44.20 18.48 -2.80
C GLY N 345 44.35 17.30 -1.87
N ARG N 346 43.31 16.49 -1.78
CA ARG N 346 43.37 15.25 -1.02
C ARG N 346 43.62 14.05 -1.93
N ILE N 347 42.77 13.91 -2.95
CA ILE N 347 42.86 12.82 -3.91
C ILE N 347 42.81 13.42 -5.30
N ASP N 348 43.84 13.19 -6.09
CA ASP N 348 43.96 13.81 -7.39
C ASP N 348 43.69 12.86 -8.54
N ARG N 349 43.53 11.57 -8.27
CA ARG N 349 43.28 10.58 -9.31
C ARG N 349 42.06 9.75 -8.95
N LYS N 350 41.15 9.64 -9.89
CA LYS N 350 40.00 8.74 -9.80
C LYS N 350 40.11 7.73 -10.92
N ILE N 351 40.22 6.45 -10.58
CA ILE N 351 40.54 5.41 -11.54
C ILE N 351 39.41 4.38 -11.57
N GLU N 352 38.78 4.24 -12.74
CA GLU N 352 37.76 3.22 -12.93
C GLU N 352 38.41 1.88 -13.25
N PHE N 353 37.86 0.82 -12.68
CA PHE N 353 38.22 -0.55 -13.04
C PHE N 353 36.99 -1.24 -13.61
N PRO N 354 36.74 -1.13 -14.91
CA PRO N 354 35.56 -1.77 -15.49
C PRO N 354 35.79 -3.25 -15.72
N LEU N 355 34.69 -3.96 -15.96
CA LEU N 355 34.73 -5.36 -16.32
C LEU N 355 35.40 -5.52 -17.68
N PRO N 356 36.12 -6.62 -17.93
CA PRO N 356 36.99 -6.69 -19.12
C PRO N 356 36.27 -6.75 -20.46
N ASP N 357 37.06 -6.95 -21.52
CA ASP N 357 36.63 -6.88 -22.90
C ASP N 357 36.74 -8.26 -23.54
N GLU N 358 36.66 -8.33 -24.86
CA GLU N 358 36.98 -9.57 -25.54
C GLU N 358 38.44 -9.67 -25.99
N LYS N 359 39.30 -8.75 -25.57
CA LYS N 359 40.70 -8.75 -25.98
C LYS N 359 41.67 -8.97 -24.84
N THR N 360 41.58 -8.17 -23.77
CA THR N 360 42.44 -8.39 -22.62
C THR N 360 41.98 -9.56 -21.76
N LYS N 361 40.76 -10.05 -22.01
CA LYS N 361 40.28 -11.26 -21.34
C LYS N 361 41.09 -12.48 -21.77
N LYS N 362 41.62 -12.46 -22.99
CA LYS N 362 42.52 -13.50 -23.46
C LYS N 362 43.75 -13.60 -22.58
N ARG N 363 44.26 -12.44 -22.13
CA ARG N 363 45.43 -12.41 -21.27
C ARG N 363 45.11 -12.96 -19.88
N ILE N 364 43.84 -12.86 -19.46
CA ILE N 364 43.47 -13.42 -18.17
C ILE N 364 43.50 -14.94 -18.22
N PHE N 365 42.91 -15.52 -19.29
CA PHE N 365 42.91 -16.97 -19.46
C PHE N 365 44.32 -17.49 -19.74
N GLN N 366 45.16 -16.68 -20.37
CA GLN N 366 46.52 -17.14 -20.68
C GLN N 366 47.37 -17.26 -19.42
N ILE N 367 47.25 -16.32 -18.50
CA ILE N 367 48.12 -16.31 -17.32
C ILE N 367 47.66 -17.36 -16.31
N HIS N 368 46.35 -17.50 -16.12
CA HIS N 368 45.84 -18.48 -15.18
C HIS N 368 45.90 -19.91 -15.71
N THR N 369 46.31 -20.11 -16.96
CA THR N 369 46.59 -21.44 -17.50
C THR N 369 48.06 -21.56 -17.86
N SER N 370 48.93 -21.05 -16.98
CA SER N 370 50.36 -21.07 -17.25
C SER N 370 50.94 -22.45 -17.01
N ARG N 371 50.81 -22.95 -15.78
CA ARG N 371 51.50 -24.16 -15.35
C ARG N 371 50.54 -25.34 -15.20
N MET N 372 49.59 -25.46 -16.12
CA MET N 372 48.70 -26.60 -16.13
C MET N 372 48.78 -27.32 -17.47
N THR N 373 48.67 -28.65 -17.41
CA THR N 373 48.79 -29.49 -18.60
C THR N 373 47.57 -29.29 -19.48
N LEU N 374 47.77 -28.59 -20.59
CA LEU N 374 46.68 -28.16 -21.47
C LEU N 374 46.65 -29.05 -22.70
N ALA N 375 45.55 -29.75 -22.90
CA ALA N 375 45.36 -30.55 -24.10
C ALA N 375 45.15 -29.65 -25.31
N ASP N 376 45.54 -30.13 -26.48
CA ASP N 376 45.52 -29.32 -27.68
C ASP N 376 44.14 -29.21 -28.32
N ASP N 377 43.12 -29.84 -27.74
CA ASP N 377 41.77 -29.76 -28.31
C ASP N 377 41.10 -28.43 -28.03
N VAL N 378 41.57 -27.68 -27.04
CA VAL N 378 40.82 -26.54 -26.53
C VAL N 378 41.03 -25.33 -27.43
N THR N 379 40.04 -24.44 -27.42
CA THR N 379 40.16 -23.10 -27.97
C THR N 379 39.78 -22.13 -26.86
N LEU N 380 40.66 -21.16 -26.59
CA LEU N 380 40.39 -20.20 -25.53
C LEU N 380 39.25 -19.27 -25.90
N ASP N 381 39.08 -18.99 -27.20
CA ASP N 381 38.08 -18.05 -27.65
C ASP N 381 36.68 -18.62 -27.71
N ASP N 382 36.49 -19.87 -27.28
CA ASP N 382 35.14 -20.44 -27.22
C ASP N 382 34.32 -19.78 -26.13
N LEU N 383 34.85 -19.75 -24.91
CA LEU N 383 34.10 -19.19 -23.79
C LEU N 383 34.16 -17.67 -23.75
N ILE N 384 35.16 -17.07 -24.40
CA ILE N 384 35.29 -15.62 -24.37
C ILE N 384 34.21 -14.96 -25.22
N MET N 385 34.12 -15.35 -26.49
CA MET N 385 33.26 -14.66 -27.44
C MET N 385 31.79 -14.98 -27.23
N ALA N 386 31.48 -16.20 -26.79
CA ALA N 386 30.10 -16.64 -26.70
C ALA N 386 29.35 -15.94 -25.57
N LYS N 387 30.04 -15.77 -24.45
CA LYS N 387 29.49 -15.08 -23.29
C LYS N 387 30.31 -13.80 -23.05
N ASP N 388 29.62 -12.67 -22.89
CA ASP N 388 30.31 -11.40 -22.70
C ASP N 388 30.00 -10.70 -21.37
N ASP N 389 30.13 -11.43 -20.28
CA ASP N 389 29.87 -10.88 -18.94
C ASP N 389 30.52 -11.76 -17.87
N LEU N 390 31.49 -11.22 -17.15
CA LEU N 390 32.16 -12.01 -16.13
C LEU N 390 33.48 -11.35 -15.75
N SER N 391 33.85 -11.47 -14.48
CA SER N 391 34.98 -10.74 -13.94
C SER N 391 36.28 -11.53 -14.09
N GLY N 392 37.38 -10.90 -13.68
CA GLY N 392 38.66 -11.59 -13.65
C GLY N 392 38.74 -12.65 -12.58
N ALA N 393 38.06 -12.42 -11.46
CA ALA N 393 37.99 -13.44 -10.41
C ALA N 393 37.11 -14.61 -10.81
N ASP N 394 36.23 -14.43 -11.79
CA ASP N 394 35.48 -15.55 -12.34
C ASP N 394 36.41 -16.50 -13.09
N ILE N 395 37.39 -15.95 -13.79
CA ILE N 395 38.25 -16.74 -14.68
C ILE N 395 39.19 -17.62 -13.88
N LYS N 396 39.65 -17.13 -12.73
CA LYS N 396 40.46 -17.98 -11.84
C LYS N 396 39.65 -19.13 -11.27
N ALA N 397 38.36 -18.91 -11.02
CA ALA N 397 37.52 -20.00 -10.54
C ALA N 397 37.24 -21.02 -11.63
N ILE N 398 37.19 -20.59 -12.89
CA ILE N 398 36.98 -21.52 -13.98
C ILE N 398 38.20 -22.42 -14.17
N CYS N 399 39.40 -21.84 -14.03
CA CYS N 399 40.62 -22.61 -14.23
C CYS N 399 40.83 -23.63 -13.10
N THR N 400 40.42 -23.28 -11.88
CA THR N 400 40.53 -24.23 -10.79
C THR N 400 39.45 -25.30 -10.85
N GLU N 401 38.24 -24.96 -11.30
CA GLU N 401 37.18 -25.94 -11.36
C GLU N 401 37.41 -26.96 -12.46
N ALA N 402 37.93 -26.51 -13.61
CA ALA N 402 38.21 -27.42 -14.71
C ALA N 402 39.34 -28.38 -14.36
N GLY N 403 40.30 -27.92 -13.54
CA GLY N 403 41.31 -28.82 -13.04
C GLY N 403 40.77 -29.85 -12.08
N LEU N 404 39.74 -29.49 -11.31
CA LEU N 404 39.09 -30.45 -10.44
C LEU N 404 38.27 -31.47 -11.23
N MET N 405 37.77 -31.07 -12.40
CA MET N 405 37.02 -32.00 -13.23
C MET N 405 37.90 -33.07 -13.85
N ALA N 406 39.19 -32.79 -14.05
CA ALA N 406 40.08 -33.79 -14.62
C ALA N 406 40.36 -34.90 -13.62
N LEU N 407 40.59 -34.54 -12.35
CA LEU N 407 40.73 -35.55 -11.31
C LEU N 407 39.40 -36.22 -11.02
N ARG N 408 38.30 -35.54 -11.31
CA ARG N 408 36.97 -36.12 -11.10
C ARG N 408 36.71 -37.26 -12.06
N GLU N 409 37.26 -37.19 -13.27
CA GLU N 409 37.18 -38.29 -14.21
C GLU N 409 38.56 -38.82 -14.60
N ARG N 410 39.51 -38.79 -13.65
CA ARG N 410 40.75 -39.57 -13.69
C ARG N 410 41.67 -39.14 -14.84
N ARG N 411 41.98 -37.85 -14.89
CA ARG N 411 42.78 -37.30 -15.98
C ARG N 411 43.82 -36.32 -15.45
N MET N 412 44.85 -36.10 -16.27
CA MET N 412 45.83 -35.03 -16.05
C MET N 412 45.62 -33.86 -16.98
N LYS N 413 45.49 -34.12 -18.28
CA LYS N 413 45.23 -33.07 -19.25
C LYS N 413 43.79 -32.58 -19.12
N VAL N 414 43.57 -31.36 -19.61
CA VAL N 414 42.28 -30.68 -19.48
C VAL N 414 41.77 -30.37 -20.88
N THR N 415 40.59 -30.90 -21.20
CA THR N 415 39.99 -30.70 -22.51
C THR N 415 38.87 -29.67 -22.47
N ASN N 416 38.19 -29.53 -23.61
CA ASN N 416 37.09 -28.59 -23.75
C ASN N 416 35.92 -28.98 -22.86
N GLU N 417 35.71 -30.28 -22.64
CA GLU N 417 34.59 -30.75 -21.84
C GLU N 417 34.71 -30.39 -20.37
N ASP N 418 35.94 -30.16 -19.89
CA ASP N 418 36.10 -29.59 -18.55
C ASP N 418 35.58 -28.16 -18.52
N PHE N 419 35.96 -27.36 -19.52
CA PHE N 419 35.53 -25.97 -19.55
C PHE N 419 34.07 -25.82 -19.88
N LYS N 420 33.45 -26.81 -20.53
CA LYS N 420 32.00 -26.74 -20.74
C LYS N 420 31.26 -26.89 -19.42
N LYS N 421 31.72 -27.79 -18.56
CA LYS N 421 31.07 -27.98 -17.27
C LYS N 421 31.49 -26.91 -16.27
N SER N 422 32.71 -26.38 -16.41
CA SER N 422 33.19 -25.39 -15.45
C SER N 422 32.55 -24.03 -15.68
N LYS N 423 32.39 -23.62 -16.95
CA LYS N 423 31.78 -22.34 -17.27
C LYS N 423 30.31 -22.32 -16.87
N GLU N 424 29.65 -23.48 -16.86
CA GLU N 424 28.34 -23.56 -16.25
C GLU N 424 28.42 -23.34 -14.75
N ASN N 425 29.13 -24.21 -14.03
CA ASN N 425 29.08 -24.33 -12.59
C ASN N 425 29.55 -23.07 -11.86
N VAL N 426 30.46 -22.31 -12.45
CA VAL N 426 30.90 -21.06 -11.82
C VAL N 426 29.84 -19.97 -11.98
N LEU N 427 29.24 -19.85 -13.16
CA LEU N 427 28.37 -18.72 -13.46
C LEU N 427 26.97 -18.84 -12.89
N TYR N 428 26.58 -19.97 -12.32
CA TYR N 428 25.23 -20.11 -11.77
C TYR N 428 25.21 -19.58 -10.34
N LYS N 429 25.56 -18.31 -10.16
CA LYS N 429 25.47 -17.69 -8.86
C LYS N 429 24.97 -16.26 -9.01
N LYS N 430 24.62 -15.89 -10.24
CA LYS N 430 24.12 -14.58 -10.64
C LYS N 430 22.81 -14.77 -11.40
N GLN N 431 21.79 -14.03 -10.98
CA GLN N 431 20.38 -14.26 -11.32
C GLN N 431 20.06 -14.20 -12.82
N GLU N 432 18.84 -14.63 -13.15
CA GLU N 432 18.44 -14.97 -14.51
C GLU N 432 18.49 -13.80 -15.48
N GLY N 433 17.83 -12.69 -15.18
CA GLY N 433 17.81 -11.57 -16.10
C GLY N 433 17.15 -10.31 -15.62
N THR N 434 17.03 -9.36 -16.56
CA THR N 434 16.51 -8.00 -16.51
C THR N 434 15.70 -7.91 -17.82
N PRO N 435 14.95 -6.83 -18.12
CA PRO N 435 13.55 -7.02 -18.58
C PRO N 435 13.36 -7.74 -19.91
N GLU N 436 12.11 -8.14 -20.15
CA GLU N 436 11.67 -8.89 -21.32
C GLU N 436 11.76 -8.01 -22.57
N GLY N 437 11.46 -8.55 -23.76
CA GLY N 437 11.71 -7.87 -25.02
C GLY N 437 10.83 -6.68 -25.32
N LEU N 438 10.86 -5.68 -24.44
CA LEU N 438 10.23 -4.40 -24.70
C LEU N 438 11.09 -3.67 -25.72
N TYR N 439 12.38 -3.60 -25.44
CA TYR N 439 13.30 -2.90 -26.32
C TYR N 439 13.70 -3.80 -27.49
N LEU N 440 13.98 -3.17 -28.62
CA LEU N 440 14.37 -3.87 -29.83
C LEU N 440 15.13 -2.94 -30.77
N LEU O 3 87.00 -97.90 61.56
CA LEU O 3 86.55 -96.55 61.24
C LEU O 3 87.10 -95.53 62.22
N GLU O 4 88.25 -94.95 61.89
CA GLU O 4 88.81 -93.89 62.72
C GLU O 4 87.93 -92.64 62.64
N GLU O 5 87.51 -92.28 61.43
CA GLU O 5 86.66 -91.12 61.20
C GLU O 5 85.17 -91.48 61.15
N GLY O 6 84.82 -92.71 60.76
CA GLY O 6 83.43 -93.06 60.53
C GLY O 6 82.62 -93.16 61.80
N LYS O 7 83.20 -93.73 62.86
CA LYS O 7 82.52 -93.75 64.17
C LYS O 7 82.41 -92.36 64.76
N ALA O 8 83.32 -91.46 64.38
CA ALA O 8 83.34 -90.14 64.98
C ALA O 8 82.61 -89.10 64.13
N GLY O 9 82.44 -89.37 62.84
CA GLY O 9 81.61 -88.51 62.01
C GLY O 9 80.15 -88.56 62.39
N SER O 10 79.74 -89.68 63.01
CA SER O 10 78.40 -89.79 63.59
C SER O 10 78.36 -89.39 65.05
N GLY O 11 79.50 -89.25 65.71
CA GLY O 11 79.52 -88.97 67.13
C GLY O 11 79.81 -87.53 67.53
N LEU O 12 80.84 -86.94 66.91
CA LEU O 12 81.32 -85.62 67.30
C LEU O 12 81.27 -84.63 66.14
N ARG O 13 80.86 -85.08 64.96
CA ARG O 13 80.56 -84.21 63.83
C ARG O 13 79.08 -84.17 63.49
N GLN O 14 78.36 -85.28 63.70
CA GLN O 14 76.91 -85.28 63.50
C GLN O 14 76.22 -84.39 64.53
N TYR O 15 76.85 -84.16 65.67
CA TYR O 15 76.33 -83.17 66.62
C TYR O 15 76.40 -81.76 66.04
N TYR O 16 77.51 -81.42 65.40
CA TYR O 16 77.67 -80.06 64.89
C TYR O 16 76.84 -79.83 63.63
N LEU O 17 76.96 -80.72 62.65
CA LEU O 17 76.38 -80.44 61.34
C LEU O 17 74.86 -80.56 61.36
N SER O 18 74.30 -81.32 62.30
CA SER O 18 72.87 -81.26 62.48
C SER O 18 72.45 -79.98 63.19
N LYS O 19 73.34 -79.41 64.01
CA LYS O 19 73.01 -78.20 64.74
C LYS O 19 73.06 -76.98 63.83
N ILE O 20 74.03 -76.92 62.91
CA ILE O 20 74.14 -75.78 62.00
C ILE O 20 73.11 -75.82 60.90
N GLU O 21 72.33 -76.90 60.79
CA GLU O 21 71.32 -77.00 59.75
C GLU O 21 70.19 -76.00 59.98
N GLU O 22 69.59 -76.02 61.17
CA GLU O 22 68.54 -75.07 61.48
C GLU O 22 69.08 -73.66 61.65
N LEU O 23 70.36 -73.53 62.05
CA LEU O 23 70.99 -72.23 62.08
C LEU O 23 71.19 -71.67 60.67
N GLN O 24 71.30 -72.55 59.67
CA GLN O 24 71.35 -72.11 58.29
C GLN O 24 69.95 -71.77 57.77
N LEU O 25 68.93 -72.44 58.28
CA LEU O 25 67.56 -72.23 57.80
C LEU O 25 67.02 -70.86 58.21
N ILE O 26 67.30 -70.44 59.44
CA ILE O 26 66.70 -69.21 59.94
C ILE O 26 67.38 -67.99 59.32
N VAL O 27 68.70 -68.06 59.14
CA VAL O 27 69.44 -67.02 58.42
C VAL O 27 68.96 -66.93 56.97
N ASN O 28 68.66 -68.08 56.36
CA ASN O 28 67.99 -68.08 55.07
C ASN O 28 66.59 -67.47 55.17
N ASP O 29 65.90 -67.71 56.29
CA ASP O 29 64.51 -67.28 56.42
C ASP O 29 64.41 -65.78 56.66
N LYS O 30 65.29 -65.22 57.49
CA LYS O 30 65.18 -63.81 57.83
C LYS O 30 65.60 -62.91 56.68
N SER O 31 66.47 -63.41 55.78
CA SER O 31 66.91 -62.60 54.66
C SER O 31 65.78 -62.36 53.66
N GLN O 32 64.92 -63.35 53.46
CA GLN O 32 63.69 -63.13 52.72
C GLN O 32 62.77 -62.17 53.47
N ASN O 33 62.78 -62.25 54.80
CA ASN O 33 61.96 -61.37 55.61
C ASN O 33 62.54 -59.96 55.66
N LEU O 34 63.87 -59.84 55.61
CA LEU O 34 64.49 -58.53 55.77
C LEU O 34 64.29 -57.67 54.53
N ARG O 35 64.58 -58.21 53.34
CA ARG O 35 64.45 -57.45 52.10
C ARG O 35 63.00 -57.12 51.79
N ARG O 36 62.06 -57.89 52.34
CA ARG O 36 60.67 -57.50 52.29
C ARG O 36 60.41 -56.26 53.14
N LEU O 37 60.98 -56.24 54.35
CA LEU O 37 60.89 -55.06 55.21
C LEU O 37 61.61 -53.86 54.61
N GLN O 38 62.70 -54.11 53.87
CA GLN O 38 63.42 -53.03 53.19
C GLN O 38 62.54 -52.31 52.19
N ALA O 39 61.89 -53.06 51.29
CA ALA O 39 61.11 -52.45 50.23
C ALA O 39 59.84 -51.79 50.76
N GLN O 40 59.29 -52.32 51.86
CA GLN O 40 58.14 -51.65 52.47
C GLN O 40 58.52 -50.32 53.10
N ARG O 41 59.74 -50.21 53.62
CA ARG O 41 60.20 -48.92 54.12
C ARG O 41 60.53 -47.97 52.97
N ASN O 42 61.00 -48.51 51.84
CA ASN O 42 61.33 -47.65 50.70
C ASN O 42 60.08 -47.05 50.07
N GLU O 43 58.93 -47.69 50.24
CA GLU O 43 57.69 -47.11 49.74
C GLU O 43 57.28 -45.90 50.58
N LEU O 44 57.28 -46.05 51.90
CA LEU O 44 56.82 -44.97 52.78
C LEU O 44 57.79 -43.80 52.79
N ASN O 45 59.08 -44.06 52.60
CA ASN O 45 60.02 -42.94 52.47
C ASN O 45 59.83 -42.23 51.14
N ALA O 46 59.43 -42.96 50.11
CA ALA O 46 59.13 -42.32 48.82
C ALA O 46 57.86 -41.49 48.89
N LYS O 47 56.95 -41.80 49.82
CA LYS O 47 55.76 -40.98 49.99
C LYS O 47 56.09 -39.69 50.72
N VAL O 48 56.80 -39.80 51.85
CA VAL O 48 56.99 -38.66 52.74
C VAL O 48 57.95 -37.65 52.11
N ARG O 49 59.00 -38.14 51.44
CA ARG O 49 59.94 -37.24 50.77
C ARG O 49 59.29 -36.50 49.61
N LEU O 50 58.38 -37.16 48.90
CA LEU O 50 57.64 -36.50 47.84
C LEU O 50 56.63 -35.50 48.40
N LEU O 51 56.01 -35.82 49.54
CA LEU O 51 55.01 -34.93 50.10
C LEU O 51 55.64 -33.70 50.75
N ARG O 52 56.79 -33.87 51.42
CA ARG O 52 57.46 -32.72 52.02
C ARG O 52 58.06 -31.82 50.95
N GLU O 53 58.56 -32.40 49.86
CA GLU O 53 59.00 -31.60 48.73
C GLU O 53 57.82 -30.90 48.06
N GLU O 54 56.65 -31.54 48.05
CA GLU O 54 55.45 -30.89 47.54
C GLU O 54 55.01 -29.74 48.43
N LEU O 55 55.25 -29.83 49.74
CA LEU O 55 54.74 -28.80 50.64
C LEU O 55 55.63 -27.58 50.65
N GLN O 56 56.93 -27.75 50.43
CA GLN O 56 57.86 -26.62 50.51
C GLN O 56 57.76 -25.73 49.28
N LEU O 57 57.57 -26.32 48.10
CA LEU O 57 57.50 -25.56 46.86
C LEU O 57 56.20 -24.77 46.76
N LEU O 58 55.15 -25.22 47.44
CA LEU O 58 53.90 -24.46 47.43
C LEU O 58 53.96 -23.27 48.39
N GLN O 59 54.81 -23.36 49.40
CA GLN O 59 55.01 -22.24 50.31
C GLN O 59 56.02 -21.27 49.69
N GLU O 60 55.56 -20.53 48.69
CA GLU O 60 56.41 -19.63 47.92
C GLU O 60 55.56 -18.60 47.20
N GLN O 61 56.04 -17.34 47.15
CA GLN O 61 55.30 -16.24 46.57
C GLN O 61 55.04 -16.47 45.08
N GLY O 62 53.87 -16.03 44.62
CA GLY O 62 53.45 -16.29 43.26
C GLY O 62 54.09 -15.37 42.25
N SER O 63 53.92 -15.73 40.98
CA SER O 63 54.51 -14.97 39.88
C SER O 63 53.52 -13.95 39.33
N TYR O 64 54.04 -13.04 38.52
CA TYR O 64 53.25 -12.03 37.84
C TYR O 64 53.12 -12.40 36.37
N VAL O 65 51.98 -12.06 35.79
CA VAL O 65 51.74 -12.25 34.36
C VAL O 65 51.81 -10.88 33.69
N GLY O 66 52.52 -10.82 32.57
CA GLY O 66 52.66 -9.57 31.83
C GLY O 66 52.91 -9.86 30.37
N GLU O 67 52.34 -9.00 29.52
CA GLU O 67 52.42 -9.19 28.08
C GLU O 67 53.66 -8.49 27.53
N VAL O 68 54.43 -9.20 26.73
CA VAL O 68 55.62 -8.65 26.11
C VAL O 68 55.22 -7.83 24.90
N VAL O 69 55.64 -6.56 24.85
CA VAL O 69 55.42 -5.75 23.67
C VAL O 69 56.35 -6.19 22.55
N ARG O 70 57.66 -6.03 22.78
CA ARG O 70 58.71 -6.49 21.89
C ARG O 70 60.01 -6.43 22.68
N ALA O 71 61.02 -7.14 22.18
CA ALA O 71 62.24 -7.32 22.95
C ALA O 71 63.24 -6.20 22.66
N MET O 72 64.07 -5.93 23.66
CA MET O 72 65.26 -5.11 23.49
C MET O 72 66.40 -6.02 23.07
N ASP O 73 67.63 -5.51 23.10
CA ASP O 73 68.78 -6.33 22.81
C ASP O 73 69.42 -6.78 24.11
N LYS O 74 70.14 -7.90 24.05
CA LYS O 74 70.89 -8.49 25.16
C LYS O 74 70.00 -8.83 26.36
N LYS O 75 69.07 -9.77 26.14
CA LYS O 75 68.30 -10.43 27.20
C LYS O 75 67.41 -9.45 27.96
N LYS O 76 66.84 -8.50 27.24
CA LYS O 76 65.92 -7.52 27.82
C LYS O 76 64.69 -7.40 26.94
N VAL O 77 63.53 -7.23 27.58
CA VAL O 77 62.25 -7.12 26.89
C VAL O 77 61.53 -5.87 27.37
N LEU O 78 60.27 -5.69 26.94
CA LEU O 78 59.51 -4.49 27.27
C LEU O 78 58.09 -4.93 27.62
N VAL O 79 57.76 -4.92 28.92
CA VAL O 79 56.54 -5.56 29.43
C VAL O 79 55.78 -4.58 30.33
N LYS O 80 54.52 -4.32 29.98
CA LYS O 80 53.53 -3.80 30.91
C LYS O 80 52.81 -4.98 31.54
N VAL O 81 52.55 -4.93 32.85
CA VAL O 81 52.12 -6.17 33.49
C VAL O 81 50.62 -6.42 33.30
N HIS O 82 49.75 -6.01 34.22
CA HIS O 82 48.52 -5.31 33.85
C HIS O 82 48.49 -3.85 34.35
N PRO O 83 48.44 -3.58 35.71
CA PRO O 83 47.94 -2.27 36.15
C PRO O 83 49.03 -1.26 36.43
N GLU O 84 50.07 -1.20 35.63
CA GLU O 84 51.24 -0.39 35.97
C GLU O 84 51.86 0.14 34.70
N GLY O 85 53.01 0.77 34.83
CA GLY O 85 53.79 1.19 33.69
C GLY O 85 54.53 0.02 33.07
N LYS O 86 55.26 0.32 32.01
CA LYS O 86 56.02 -0.71 31.33
C LYS O 86 57.34 -0.94 32.06
N PHE O 87 57.99 -2.06 31.73
CA PHE O 87 59.22 -2.43 32.41
C PHE O 87 60.20 -3.07 31.44
N VAL O 88 61.48 -2.83 31.67
CA VAL O 88 62.55 -3.51 30.95
C VAL O 88 63.25 -4.41 31.95
N VAL O 89 63.13 -5.73 31.75
CA VAL O 89 63.58 -6.68 32.75
C VAL O 89 64.59 -7.63 32.13
N ASP O 90 65.07 -8.59 32.91
CA ASP O 90 66.04 -9.58 32.46
C ASP O 90 65.38 -10.95 32.37
N VAL O 91 65.98 -11.82 31.56
CA VAL O 91 65.44 -13.13 31.30
C VAL O 91 66.12 -14.14 32.22
N ASP O 92 65.57 -15.34 32.27
CA ASP O 92 66.16 -16.43 33.03
C ASP O 92 67.14 -17.20 32.15
N LYS O 93 67.59 -18.37 32.62
CA LYS O 93 68.53 -19.17 31.84
C LYS O 93 67.84 -19.90 30.71
N ASN O 94 66.70 -20.55 31.00
CA ASN O 94 66.09 -21.48 30.07
C ASN O 94 65.36 -20.81 28.92
N ILE O 95 65.03 -19.54 29.03
CA ILE O 95 64.33 -18.83 27.97
C ILE O 95 65.33 -17.99 27.20
N ASP O 96 64.99 -17.69 25.94
CA ASP O 96 65.90 -17.02 25.03
C ASP O 96 65.19 -15.84 24.38
N ILE O 97 65.99 -15.02 23.69
CA ILE O 97 65.44 -13.89 22.96
C ILE O 97 64.63 -14.36 21.76
N ASN O 98 65.14 -15.37 21.06
CA ASN O 98 64.47 -15.88 19.86
C ASN O 98 63.18 -16.63 20.19
N ASP O 99 63.02 -17.07 21.44
CA ASP O 99 61.79 -17.70 21.88
C ASP O 99 60.68 -16.71 22.18
N VAL O 100 61.01 -15.42 22.28
CA VAL O 100 60.04 -14.41 22.69
C VAL O 100 59.14 -14.07 21.51
N THR O 101 57.87 -14.38 21.62
CA THR O 101 56.90 -13.87 20.67
C THR O 101 56.43 -12.48 21.13
N PRO O 102 56.25 -11.54 20.20
CA PRO O 102 55.57 -10.30 20.56
C PRO O 102 54.10 -10.57 20.83
N ASN O 103 53.56 -9.80 21.77
CA ASN O 103 52.20 -9.94 22.31
C ASN O 103 51.98 -11.33 22.89
N CYS O 104 52.91 -11.74 23.76
CA CYS O 104 52.86 -13.01 24.46
C CYS O 104 53.05 -12.78 25.95
N ARG O 105 52.34 -13.54 26.76
CA ARG O 105 52.46 -13.40 28.21
C ARG O 105 53.60 -14.24 28.74
N VAL O 106 54.22 -13.74 29.80
CA VAL O 106 55.31 -14.43 30.47
C VAL O 106 55.04 -14.46 31.96
N ALA O 107 55.76 -15.33 32.66
CA ALA O 107 55.72 -15.37 34.11
C ALA O 107 56.82 -14.45 34.65
N LEU O 108 56.44 -13.51 35.50
CA LEU O 108 57.37 -12.54 36.06
C LEU O 108 57.47 -12.78 37.56
N ARG O 109 58.70 -12.97 38.04
CA ARG O 109 58.93 -13.13 39.46
C ARG O 109 58.67 -11.83 40.20
N ASN O 110 57.99 -11.92 41.33
CA ASN O 110 57.82 -10.75 42.18
C ASN O 110 59.03 -10.47 43.06
N ASP O 111 60.07 -11.30 42.94
CA ASP O 111 61.28 -11.13 43.74
C ASP O 111 62.10 -9.94 43.26
N SER O 112 62.58 -10.01 42.01
CA SER O 112 63.41 -8.95 41.47
C SER O 112 62.95 -8.52 40.08
N TYR O 113 61.70 -8.84 39.73
CA TYR O 113 61.15 -8.68 38.38
C TYR O 113 62.02 -9.37 37.34
N THR O 114 62.36 -10.62 37.61
CA THR O 114 63.05 -11.45 36.65
C THR O 114 62.04 -12.33 35.93
N LEU O 115 62.32 -12.59 34.66
CA LEU O 115 61.43 -13.45 33.88
C LEU O 115 61.59 -14.90 34.31
N HIS O 116 60.48 -15.62 34.28
CA HIS O 116 60.43 -16.98 34.79
C HIS O 116 60.10 -18.01 33.72
N LYS O 117 59.02 -17.82 32.98
CA LYS O 117 58.59 -18.80 31.99
C LYS O 117 57.66 -18.14 31.00
N ILE O 118 57.80 -18.50 29.73
CA ILE O 118 56.85 -18.09 28.70
C ILE O 118 55.51 -18.76 28.98
N LEU O 119 54.44 -17.96 29.06
CA LEU O 119 53.12 -18.49 29.35
C LEU O 119 52.35 -18.66 28.06
N PRO O 120 51.96 -19.88 27.69
CA PRO O 120 51.12 -20.08 26.50
C PRO O 120 49.68 -19.69 26.75
N ASN O 121 48.83 -20.06 25.78
CA ASN O 121 47.38 -19.86 25.82
C ASN O 121 47.05 -18.36 25.92
N LYS O 122 47.35 -17.68 24.82
CA LYS O 122 47.31 -16.23 24.73
C LYS O 122 45.92 -15.66 24.98
N VAL O 123 45.87 -14.35 25.26
CA VAL O 123 44.68 -13.63 25.71
C VAL O 123 43.52 -13.77 24.72
N ASP O 124 42.45 -14.41 25.19
CA ASP O 124 41.28 -14.71 24.36
C ASP O 124 40.15 -15.12 25.29
N PRO O 125 39.30 -14.17 25.71
CA PRO O 125 38.27 -14.51 26.70
C PRO O 125 36.97 -14.96 26.08
N LEU O 126 36.98 -15.27 24.78
CA LEU O 126 35.72 -15.51 24.08
C LEU O 126 35.86 -16.68 23.09
N VAL O 127 36.72 -17.64 23.41
CA VAL O 127 36.72 -18.92 22.71
C VAL O 127 36.04 -20.01 23.53
N SER O 128 35.14 -19.63 24.44
CA SER O 128 34.22 -20.59 25.03
C SER O 128 33.25 -21.12 23.97
N LEU O 129 32.71 -20.22 23.15
CA LEU O 129 31.77 -20.64 22.11
C LEU O 129 32.48 -21.35 20.96
N MET O 130 33.70 -20.92 20.65
CA MET O 130 34.42 -21.50 19.52
C MET O 130 35.22 -22.73 19.97
N MET O 131 35.61 -23.54 18.98
CA MET O 131 36.34 -24.81 19.09
C MET O 131 35.78 -25.74 20.18
N VAL O 132 34.59 -26.28 19.92
CA VAL O 132 33.93 -27.22 20.81
C VAL O 132 34.84 -28.40 21.13
N GLU O 133 34.97 -28.71 22.42
CA GLU O 133 35.94 -29.70 22.88
C GLU O 133 35.54 -31.11 22.47
N LYS O 134 34.33 -31.51 22.83
CA LYS O 134 33.85 -32.86 22.58
C LYS O 134 33.08 -32.91 21.26
N VAL O 135 33.31 -33.97 20.48
CA VAL O 135 32.41 -34.28 19.37
C VAL O 135 32.00 -35.75 19.50
N PRO O 136 31.05 -36.11 20.40
CA PRO O 136 30.35 -37.37 20.20
C PRO O 136 29.06 -37.16 19.42
N ASP O 137 29.18 -36.46 18.29
CA ASP O 137 28.02 -36.07 17.50
C ASP O 137 27.56 -37.21 16.61
N SER O 138 26.73 -36.89 15.63
CA SER O 138 26.17 -37.88 14.72
C SER O 138 27.26 -38.43 13.81
N THR O 139 26.95 -39.46 13.03
CA THR O 139 27.95 -40.13 12.23
C THR O 139 27.91 -39.58 10.81
N TYR O 140 28.66 -40.23 9.93
CA TYR O 140 28.83 -39.78 8.57
C TYR O 140 27.81 -40.38 7.61
N GLU O 141 27.26 -41.55 7.94
CA GLU O 141 26.45 -42.32 7.00
C GLU O 141 24.95 -42.18 7.21
N MET O 142 24.51 -41.50 8.27
CA MET O 142 23.09 -41.30 8.50
C MET O 142 22.53 -40.08 7.77
N ILE O 143 23.27 -39.53 6.81
CA ILE O 143 22.78 -38.41 6.03
C ILE O 143 21.76 -38.90 5.00
N GLY O 144 22.11 -39.96 4.27
CA GLY O 144 21.12 -40.70 3.52
C GLY O 144 20.50 -40.05 2.30
N GLY O 145 21.28 -39.82 1.26
CA GLY O 145 20.70 -39.42 -0.01
C GLY O 145 21.12 -38.04 -0.48
N LEU O 146 22.32 -37.63 -0.15
CA LEU O 146 22.86 -36.35 -0.59
C LEU O 146 24.24 -36.55 -1.19
N ASP O 147 24.44 -37.66 -1.89
CA ASP O 147 25.78 -38.12 -2.25
C ASP O 147 26.46 -37.22 -3.27
N LYS O 148 25.69 -36.58 -4.15
CA LYS O 148 26.24 -35.55 -5.04
C LYS O 148 26.74 -34.37 -4.23
N GLN O 149 26.01 -33.99 -3.19
CA GLN O 149 26.40 -32.85 -2.36
C GLN O 149 27.59 -33.20 -1.47
N ILE O 150 27.67 -34.45 -1.02
CA ILE O 150 28.69 -34.85 -0.07
C ILE O 150 30.05 -34.95 -0.74
N LYS O 151 30.10 -35.50 -1.95
CA LYS O 151 31.38 -35.76 -2.61
C LYS O 151 32.06 -34.48 -3.06
N GLU O 152 31.28 -33.41 -3.27
CA GLU O 152 31.89 -32.12 -3.61
C GLU O 152 32.63 -31.52 -2.42
N ILE O 153 32.17 -31.82 -1.20
CA ILE O 153 32.81 -31.30 -0.01
C ILE O 153 34.13 -32.03 0.27
N LYS O 154 34.23 -33.29 -0.14
CA LYS O 154 35.51 -33.99 -0.10
C LYS O 154 36.55 -33.31 -0.98
N GLU O 155 36.12 -32.77 -2.13
CA GLU O 155 37.04 -32.19 -3.09
C GLU O 155 37.65 -30.89 -2.57
N VAL O 156 36.94 -30.19 -1.69
CA VAL O 156 37.35 -28.86 -1.27
C VAL O 156 37.96 -28.85 0.12
N ILE O 157 37.68 -29.85 0.94
CA ILE O 157 38.13 -29.87 2.34
C ILE O 157 39.09 -31.02 2.59
N GLU O 158 38.69 -32.25 2.25
CA GLU O 158 39.54 -33.40 2.53
C GLU O 158 40.77 -33.42 1.62
N LEU O 159 40.55 -33.33 0.31
CA LEU O 159 41.58 -33.43 -0.71
C LEU O 159 42.70 -32.39 -0.62
N PRO O 160 42.46 -31.08 -0.32
CA PRO O 160 43.62 -30.20 -0.14
C PRO O 160 44.39 -30.46 1.14
N VAL O 161 43.73 -30.93 2.19
CA VAL O 161 44.41 -31.21 3.44
C VAL O 161 45.20 -32.51 3.34
N LYS O 162 44.58 -33.56 2.81
CA LYS O 162 45.24 -34.86 2.78
C LYS O 162 46.34 -34.90 1.73
N HIS O 163 46.10 -34.34 0.55
CA HIS O 163 47.05 -34.41 -0.56
C HIS O 163 47.21 -33.03 -1.20
N PRO O 164 48.06 -32.17 -0.63
CA PRO O 164 48.29 -30.86 -1.25
C PRO O 164 49.19 -30.92 -2.47
N GLU O 165 49.93 -32.00 -2.66
CA GLU O 165 50.89 -32.06 -3.76
C GLU O 165 50.22 -32.31 -5.10
N LEU O 166 48.94 -32.68 -5.09
CA LEU O 166 48.21 -32.83 -6.33
C LEU O 166 47.97 -31.49 -7.00
N PHE O 167 47.60 -30.48 -6.22
CA PHE O 167 47.39 -29.14 -6.74
C PHE O 167 48.70 -28.46 -7.10
N GLU O 168 49.81 -28.92 -6.53
CA GLU O 168 51.12 -28.48 -6.97
C GLU O 168 51.40 -28.99 -8.37
N ALA O 169 51.21 -30.29 -8.60
CA ALA O 169 51.53 -30.88 -9.89
C ALA O 169 50.54 -30.46 -10.96
N LEU O 170 49.27 -30.25 -10.59
CA LEU O 170 48.29 -29.83 -11.58
C LEU O 170 48.41 -28.35 -11.91
N GLY O 171 48.87 -27.54 -10.96
CA GLY O 171 49.16 -26.15 -11.25
C GLY O 171 47.99 -25.20 -11.13
N ILE O 172 47.14 -25.36 -10.10
CA ILE O 172 46.04 -24.45 -9.84
C ILE O 172 46.06 -24.08 -8.37
N ALA O 173 45.34 -23.00 -8.04
CA ALA O 173 45.17 -22.62 -6.66
C ALA O 173 44.12 -23.51 -6.00
N GLN O 174 44.20 -23.59 -4.67
CA GLN O 174 43.25 -24.52 -4.07
C GLN O 174 42.02 -23.79 -3.57
N PRO O 175 40.83 -24.40 -3.64
CA PRO O 175 39.62 -23.70 -3.22
C PRO O 175 39.46 -23.68 -1.71
N LYS O 176 38.73 -22.66 -1.24
CA LYS O 176 38.53 -22.47 0.19
C LYS O 176 37.13 -22.04 0.60
N GLY O 177 36.21 -21.81 -0.33
CA GLY O 177 34.90 -21.26 -0.03
C GLY O 177 33.78 -22.22 -0.37
N VAL O 178 32.87 -22.42 0.60
CA VAL O 178 31.74 -23.33 0.48
C VAL O 178 30.48 -22.59 0.92
N LEU O 179 29.45 -22.62 0.08
CA LEU O 179 28.14 -22.10 0.45
C LEU O 179 27.09 -23.21 0.35
N LEU O 180 26.24 -23.31 1.37
CA LEU O 180 25.19 -24.32 1.44
C LEU O 180 23.85 -23.61 1.49
N TYR O 181 22.94 -23.97 0.59
CA TYR O 181 21.66 -23.29 0.56
C TYR O 181 20.49 -24.20 0.23
N GLY O 182 19.27 -23.70 0.43
CA GLY O 182 18.08 -24.46 0.13
C GLY O 182 16.93 -24.11 1.05
N PRO O 183 15.80 -24.80 0.87
CA PRO O 183 14.65 -24.61 1.76
C PRO O 183 14.93 -25.17 3.14
N PRO O 184 14.20 -24.74 4.17
CA PRO O 184 14.51 -25.20 5.53
C PRO O 184 14.17 -26.67 5.74
N GLY O 185 15.00 -27.34 6.53
CA GLY O 185 14.84 -28.75 6.81
C GLY O 185 15.36 -29.66 5.72
N THR O 186 16.59 -29.42 5.25
CA THR O 186 17.14 -30.22 4.16
C THR O 186 18.58 -30.60 4.48
N GLY O 187 18.84 -30.90 5.74
CA GLY O 187 20.12 -31.48 6.10
C GLY O 187 21.32 -30.56 6.05
N LYS O 188 21.13 -29.29 6.38
CA LYS O 188 22.24 -28.35 6.32
C LYS O 188 23.16 -28.42 7.52
N THR O 189 22.66 -28.84 8.68
CA THR O 189 23.44 -28.78 9.89
C THR O 189 24.02 -30.14 10.30
N LEU O 190 23.43 -31.23 9.82
CA LEU O 190 24.04 -32.55 10.00
C LEU O 190 25.39 -32.60 9.29
N LEU O 191 25.41 -32.09 8.07
CA LEU O 191 26.59 -32.08 7.23
C LEU O 191 27.70 -31.23 7.82
N ALA O 192 27.36 -30.23 8.64
CA ALA O 192 28.37 -29.60 9.46
C ALA O 192 28.84 -30.54 10.56
N ARG O 193 27.92 -31.22 11.23
CA ARG O 193 28.29 -32.08 12.35
C ARG O 193 28.89 -33.39 11.87
N ALA O 194 28.55 -33.84 10.67
CA ALA O 194 29.15 -35.06 10.14
C ALA O 194 30.60 -34.84 9.76
N VAL O 195 30.90 -33.66 9.18
CA VAL O 195 32.28 -33.31 8.90
C VAL O 195 33.07 -33.14 10.18
N ALA O 196 32.46 -32.49 11.18
CA ALA O 196 33.16 -32.22 12.44
C ALA O 196 33.42 -33.50 13.23
N HIS O 197 32.70 -34.58 12.94
CA HIS O 197 32.98 -35.85 13.61
C HIS O 197 34.15 -36.59 12.97
N HIS O 198 34.50 -36.25 11.74
CA HIS O 198 35.49 -37.02 10.98
C HIS O 198 36.59 -36.16 10.38
N THR O 199 36.78 -34.94 10.88
CA THR O 199 37.64 -34.00 10.18
C THR O 199 39.13 -34.25 10.40
N ASP O 200 39.49 -34.84 11.56
CA ASP O 200 40.88 -34.97 12.03
C ASP O 200 41.61 -33.63 11.95
N CYS O 201 40.95 -32.60 12.48
CA CYS O 201 41.39 -31.22 12.28
C CYS O 201 40.71 -30.33 13.31
N THR O 202 41.14 -29.07 13.37
CA THR O 202 40.54 -28.12 14.26
C THR O 202 39.23 -27.60 13.67
N PHE O 203 38.18 -27.59 14.48
CA PHE O 203 36.85 -27.18 14.03
C PHE O 203 36.38 -26.01 14.88
N ILE O 204 36.19 -24.85 14.24
CA ILE O 204 35.86 -23.62 14.95
C ILE O 204 34.42 -23.22 14.64
N ARG O 205 33.54 -23.33 15.62
CA ARG O 205 32.13 -23.05 15.41
C ARG O 205 31.82 -21.59 15.72
N VAL O 206 31.34 -20.85 14.71
CA VAL O 206 30.92 -19.48 14.92
C VAL O 206 29.47 -19.32 14.46
N SER O 207 28.56 -19.06 15.39
CA SER O 207 27.23 -18.71 14.96
C SER O 207 27.22 -17.28 14.43
N GLY O 208 26.31 -17.00 13.51
CA GLY O 208 26.42 -15.77 12.76
C GLY O 208 25.75 -14.55 13.37
N SER O 209 25.71 -14.45 14.69
CA SER O 209 25.00 -13.32 15.28
C SER O 209 25.64 -12.73 16.54
N GLU O 210 26.79 -13.23 16.98
CA GLU O 210 27.41 -12.70 18.18
C GLU O 210 28.53 -11.70 17.87
N LEU O 211 28.52 -11.12 16.68
CA LEU O 211 29.62 -10.27 16.26
C LEU O 211 29.17 -8.81 16.32
N VAL O 212 28.36 -8.48 17.32
CA VAL O 212 27.54 -7.28 17.31
C VAL O 212 27.81 -6.42 18.55
N GLN O 213 28.41 -7.05 19.58
CA GLN O 213 27.87 -7.14 20.95
C GLN O 213 27.19 -5.84 21.39
N LYS O 214 27.94 -4.80 21.75
CA LYS O 214 27.27 -3.56 22.17
C LYS O 214 28.06 -2.26 22.05
N PHE O 215 29.37 -2.35 21.83
CA PHE O 215 30.21 -1.17 21.72
C PHE O 215 30.89 -1.19 20.36
N ILE O 216 30.98 -0.03 19.72
CA ILE O 216 31.46 0.00 18.35
C ILE O 216 32.96 -0.17 18.32
N GLY O 217 33.42 -1.00 17.39
CA GLY O 217 34.84 -1.22 17.20
C GLY O 217 35.31 -2.50 17.85
N GLU O 218 34.87 -2.75 19.09
CA GLU O 218 35.16 -4.03 19.71
C GLU O 218 34.19 -5.10 19.25
N GLY O 219 33.00 -4.70 18.78
CA GLY O 219 32.12 -5.63 18.11
C GLY O 219 32.64 -6.11 16.78
N ALA O 220 33.61 -5.41 16.20
CA ALA O 220 34.25 -5.85 14.98
C ALA O 220 35.53 -6.63 15.23
N ARG O 221 36.51 -6.04 15.94
CA ARG O 221 37.90 -6.50 15.99
C ARG O 221 38.09 -7.93 16.48
N MET O 222 37.13 -8.50 17.21
CA MET O 222 37.26 -9.88 17.62
C MET O 222 37.12 -10.84 16.45
N VAL O 223 36.48 -10.42 15.36
CA VAL O 223 36.50 -11.20 14.13
C VAL O 223 37.93 -11.25 13.58
N ARG O 224 38.65 -10.14 13.67
CA ARG O 224 40.06 -10.15 13.32
C ARG O 224 40.86 -10.98 14.32
N GLU O 225 40.45 -10.97 15.58
CA GLU O 225 41.09 -11.82 16.57
C GLU O 225 40.63 -13.27 16.47
N LEU O 226 39.47 -13.51 15.87
CA LEU O 226 39.01 -14.87 15.62
C LEU O 226 39.91 -15.58 14.62
N PHE O 227 40.09 -14.99 13.44
CA PHE O 227 40.78 -15.69 12.37
C PHE O 227 42.28 -15.77 12.65
N VAL O 228 42.83 -14.82 13.39
CA VAL O 228 44.25 -14.90 13.70
C VAL O 228 44.50 -15.94 14.80
N MET O 229 43.46 -16.33 15.55
CA MET O 229 43.59 -17.45 16.44
C MET O 229 43.53 -18.78 15.69
N ALA O 230 42.93 -18.78 14.50
CA ALA O 230 42.94 -19.97 13.65
C ALA O 230 44.30 -20.25 13.03
N ARG O 231 45.21 -19.26 13.02
CA ARG O 231 46.57 -19.52 12.58
C ARG O 231 47.34 -20.36 13.59
N GLU O 232 46.91 -20.38 14.85
CA GLU O 232 47.58 -21.19 15.86
C GLU O 232 47.39 -22.67 15.60
N HIS O 233 46.14 -23.09 15.38
CA HIS O 233 45.85 -24.45 14.97
C HIS O 233 45.82 -24.42 13.44
N ALA O 234 46.99 -24.69 12.85
CA ALA O 234 47.26 -24.21 11.49
C ALA O 234 46.39 -24.86 10.40
N PRO O 235 45.97 -26.13 10.48
CA PRO O 235 44.80 -26.51 9.70
C PRO O 235 43.55 -26.28 10.53
N SER O 236 42.53 -25.70 9.91
CA SER O 236 41.30 -25.44 10.64
C SER O 236 40.13 -25.32 9.66
N ILE O 237 38.93 -25.54 10.19
CA ILE O 237 37.68 -25.33 9.48
C ILE O 237 36.80 -24.45 10.36
N ILE O 238 36.35 -23.33 9.83
CA ILE O 238 35.48 -22.39 10.53
C ILE O 238 34.12 -22.41 9.87
N PHE O 239 33.07 -22.47 10.67
CA PHE O 239 31.71 -22.67 10.15
C PHE O 239 30.83 -21.49 10.52
N MET O 240 29.91 -21.13 9.61
CA MET O 240 28.96 -20.04 9.80
C MET O 240 27.57 -20.62 10.01
N ASP O 241 26.88 -20.15 11.04
CA ASP O 241 25.47 -20.45 11.22
C ASP O 241 24.62 -19.31 10.68
N GLU O 242 23.87 -19.61 9.59
CA GLU O 242 22.68 -18.87 9.19
C GLU O 242 22.98 -17.39 8.89
N ILE O 243 23.68 -17.17 7.78
CA ILE O 243 24.00 -15.81 7.34
C ILE O 243 22.77 -15.34 6.57
N ASP O 244 21.75 -14.95 7.35
CA ASP O 244 20.70 -14.05 6.94
C ASP O 244 20.78 -12.82 7.82
N SER O 245 21.62 -12.89 8.85
CA SER O 245 22.18 -11.82 9.67
C SER O 245 23.32 -11.17 8.89
N ILE O 246 24.30 -10.62 9.62
CA ILE O 246 25.44 -9.84 9.13
C ILE O 246 26.07 -10.47 7.88
N GLY O 247 26.08 -9.71 6.79
CA GLY O 247 26.39 -10.26 5.49
C GLY O 247 25.25 -10.10 4.52
N SER O 248 24.25 -9.29 4.87
CA SER O 248 23.07 -9.16 4.03
C SER O 248 23.29 -8.19 2.87
N SER O 249 23.45 -6.90 3.16
CA SER O 249 23.49 -5.92 2.08
C SER O 249 24.05 -4.60 2.58
N ARG O 250 24.94 -4.01 1.79
CA ARG O 250 25.36 -2.64 2.02
C ARG O 250 24.23 -1.71 1.60
N LEU O 251 23.47 -1.22 2.58
CA LEU O 251 22.42 -0.25 2.30
C LEU O 251 22.98 1.16 2.29
N GLU O 252 22.11 2.15 2.28
CA GLU O 252 22.48 3.55 2.20
C GLU O 252 22.95 4.05 3.57
N GLY O 253 23.27 5.34 3.60
CA GLY O 253 23.56 6.03 4.84
C GLY O 253 22.27 6.50 5.51
N GLY O 254 22.33 7.69 6.08
CA GLY O 254 21.17 8.22 6.77
C GLY O 254 20.94 7.49 8.08
N SER O 255 19.75 7.71 8.65
CA SER O 255 19.33 6.95 9.82
C SER O 255 18.56 5.70 9.39
N GLY O 256 19.19 4.95 8.50
CA GLY O 256 18.61 3.73 7.97
C GLY O 256 19.72 2.77 7.59
N GLY O 257 19.31 1.53 7.33
CA GLY O 257 20.26 0.45 7.24
C GLY O 257 20.93 0.26 8.58
N ASP O 258 22.20 -0.11 8.56
CA ASP O 258 23.04 -0.06 9.76
C ASP O 258 24.49 0.04 9.33
N SER O 259 25.25 0.90 10.00
CA SER O 259 26.67 0.95 9.75
C SER O 259 27.41 -0.21 10.41
N GLU O 260 27.09 -0.52 11.66
CA GLU O 260 27.93 -1.40 12.46
C GLU O 260 27.83 -2.85 11.98
N VAL O 261 26.68 -3.24 11.43
CA VAL O 261 26.56 -4.53 10.75
C VAL O 261 27.51 -4.59 9.56
N GLN O 262 27.63 -3.49 8.83
CA GLN O 262 28.57 -3.44 7.72
C GLN O 262 30.01 -3.38 8.22
N ARG O 263 30.24 -2.72 9.35
CA ARG O 263 31.60 -2.59 9.89
C ARG O 263 32.18 -3.94 10.25
N THR O 264 31.34 -4.84 10.77
CA THR O 264 31.79 -6.20 11.01
C THR O 264 31.93 -6.99 9.72
N MET O 265 31.03 -6.75 8.76
CA MET O 265 31.00 -7.51 7.52
C MET O 265 32.23 -7.23 6.65
N LEU O 266 32.72 -6.00 6.67
CA LEU O 266 33.90 -5.66 5.88
C LEU O 266 35.15 -6.37 6.39
N GLU O 267 35.19 -6.71 7.68
CA GLU O 267 36.33 -7.45 8.19
C GLU O 267 36.27 -8.92 7.77
N LEU O 268 35.07 -9.50 7.72
CA LEU O 268 34.90 -10.84 7.15
C LEU O 268 35.23 -10.84 5.67
N LEU O 269 34.97 -9.71 5.01
CA LEU O 269 35.23 -9.52 3.60
C LEU O 269 36.73 -9.40 3.31
N ASN O 270 37.56 -9.27 4.36
CA ASN O 270 38.94 -8.89 4.15
C ASN O 270 39.98 -9.73 4.88
N GLN O 271 39.61 -10.46 5.94
CA GLN O 271 40.65 -11.25 6.59
C GLN O 271 40.97 -12.50 5.78
N LEU O 272 40.07 -12.92 4.89
CA LEU O 272 40.36 -13.99 3.96
C LEU O 272 40.69 -13.49 2.55
N ASP O 273 40.56 -12.19 2.29
CA ASP O 273 40.88 -11.67 0.95
C ASP O 273 41.57 -10.31 1.01
N GLY O 274 42.40 -10.07 2.02
CA GLY O 274 43.07 -8.79 2.11
C GLY O 274 44.43 -8.76 1.42
N PHE O 275 45.34 -7.96 1.97
CA PHE O 275 46.71 -7.94 1.49
C PHE O 275 47.43 -9.27 1.73
N GLU O 276 47.09 -9.96 2.81
CA GLU O 276 47.73 -11.21 3.18
C GLU O 276 46.74 -12.35 2.96
N ALA O 277 47.06 -13.22 2.01
CA ALA O 277 46.23 -14.39 1.75
C ALA O 277 46.56 -15.48 2.76
N THR O 278 45.51 -16.05 3.36
CA THR O 278 45.70 -17.10 4.35
C THR O 278 45.78 -18.46 3.67
N LYS O 279 46.34 -19.43 4.38
CA LYS O 279 46.45 -20.80 3.89
C LYS O 279 45.95 -21.76 4.96
N ASN O 280 45.47 -22.93 4.52
CA ASN O 280 45.04 -24.05 5.36
C ASN O 280 43.89 -23.70 6.30
N ILE O 281 43.12 -22.69 5.95
CA ILE O 281 41.93 -22.30 6.70
C ILE O 281 40.77 -22.26 5.72
N LYS O 282 39.73 -23.03 6.00
CA LYS O 282 38.59 -23.18 5.10
C LYS O 282 37.32 -22.77 5.82
N VAL O 283 36.42 -22.10 5.10
CA VAL O 283 35.17 -21.61 5.67
C VAL O 283 34.00 -22.32 5.00
N ILE O 284 32.94 -22.52 5.77
CA ILE O 284 31.69 -23.09 5.29
C ILE O 284 30.57 -22.19 5.77
N MET O 285 29.74 -21.72 4.84
CA MET O 285 28.63 -20.84 5.16
C MET O 285 27.35 -21.51 4.72
N ALA O 286 26.32 -21.44 5.56
CA ALA O 286 25.07 -22.16 5.31
C ALA O 286 23.89 -21.32 5.74
N THR O 287 22.98 -21.07 4.81
CA THR O 287 21.79 -20.24 5.02
C THR O 287 20.84 -20.45 3.87
N ASN O 288 19.61 -20.00 4.04
CA ASN O 288 18.69 -19.82 2.94
C ASN O 288 18.80 -18.38 2.43
N ARG O 289 17.84 -17.96 1.59
CA ARG O 289 17.71 -16.58 1.09
C ARG O 289 18.95 -16.15 0.31
N ILE O 290 19.13 -16.81 -0.84
CA ILE O 290 20.34 -16.72 -1.63
C ILE O 290 20.51 -15.35 -2.26
N ASP O 291 19.43 -14.70 -2.66
CA ASP O 291 19.53 -13.47 -3.42
C ASP O 291 19.70 -12.22 -2.56
N ILE O 292 19.61 -12.34 -1.23
CA ILE O 292 19.67 -11.16 -0.38
C ILE O 292 20.92 -11.10 0.47
N LEU O 293 21.90 -11.97 0.24
CA LEU O 293 23.21 -11.70 0.81
C LEU O 293 24.08 -11.01 -0.24
N ASP O 294 25.08 -10.30 0.24
CA ASP O 294 25.70 -9.23 -0.54
C ASP O 294 26.60 -9.77 -1.64
N SER O 295 26.64 -9.05 -2.75
CA SER O 295 27.41 -9.46 -3.93
C SER O 295 28.84 -8.95 -3.87
N ALA O 296 29.49 -9.14 -2.74
CA ALA O 296 30.92 -8.93 -2.61
C ALA O 296 31.61 -10.10 -1.92
N LEU O 297 30.87 -10.89 -1.14
CA LEU O 297 31.35 -12.17 -0.64
C LEU O 297 30.79 -13.33 -1.44
N LEU O 298 29.86 -13.09 -2.35
CA LEU O 298 29.41 -14.11 -3.28
C LEU O 298 30.31 -14.23 -4.50
N ARG O 299 31.31 -13.36 -4.64
CA ARG O 299 32.18 -13.42 -5.81
C ARG O 299 33.12 -14.62 -5.68
N PRO O 300 33.45 -15.28 -6.81
CA PRO O 300 34.15 -16.57 -6.73
C PRO O 300 35.61 -16.46 -6.34
N GLY O 301 36.13 -15.28 -6.02
CA GLY O 301 37.35 -15.23 -5.25
C GLY O 301 37.15 -15.62 -3.80
N ARG O 302 35.94 -15.44 -3.27
CA ARG O 302 35.64 -15.72 -1.88
C ARG O 302 35.07 -17.12 -1.69
N ILE O 303 33.91 -17.38 -2.28
CA ILE O 303 33.23 -18.66 -2.13
C ILE O 303 33.28 -19.38 -3.46
N ASP O 304 33.87 -20.57 -3.44
CA ASP O 304 34.15 -21.33 -4.64
C ASP O 304 33.07 -22.37 -4.95
N ARG O 305 32.39 -22.87 -3.93
CA ARG O 305 31.40 -23.93 -4.09
C ARG O 305 30.08 -23.44 -3.55
N LYS O 306 29.07 -23.37 -4.40
CA LYS O 306 27.71 -23.10 -3.98
C LYS O 306 26.88 -24.34 -4.22
N ILE O 307 26.32 -24.88 -3.13
CA ILE O 307 25.74 -26.22 -3.13
C ILE O 307 24.29 -26.11 -2.67
N GLU O 308 23.37 -26.55 -3.53
CA GLU O 308 21.96 -26.51 -3.21
C GLU O 308 21.58 -27.72 -2.35
N PHE O 309 20.35 -27.69 -1.85
CA PHE O 309 19.76 -28.82 -1.14
C PHE O 309 18.29 -28.88 -1.50
N PRO O 310 17.94 -29.53 -2.60
CA PRO O 310 16.53 -29.62 -2.99
C PRO O 310 15.80 -30.59 -2.10
N PRO O 311 14.47 -30.50 -2.02
CA PRO O 311 13.69 -31.50 -1.30
C PRO O 311 13.82 -32.87 -1.95
N PRO O 312 13.87 -33.94 -1.16
CA PRO O 312 14.31 -35.23 -1.69
C PRO O 312 13.28 -35.90 -2.58
N ASN O 313 13.78 -36.79 -3.43
CA ASN O 313 12.94 -37.54 -4.34
C ASN O 313 12.26 -38.70 -3.61
N GLU O 314 11.37 -39.37 -4.33
CA GLU O 314 10.67 -40.52 -3.77
C GLU O 314 11.62 -41.67 -3.47
N GLU O 315 12.65 -41.85 -4.29
CA GLU O 315 13.71 -42.79 -3.96
C GLU O 315 14.54 -42.30 -2.79
N ALA O 316 14.67 -40.98 -2.64
CA ALA O 316 15.45 -40.42 -1.56
C ALA O 316 14.65 -40.25 -0.26
N ARG O 317 13.33 -40.09 -0.36
CA ARG O 317 12.51 -40.07 0.86
C ARG O 317 12.45 -41.45 1.51
N LEU O 318 12.65 -42.50 0.72
CA LEU O 318 12.67 -43.85 1.27
C LEU O 318 13.89 -44.06 2.15
N ASP O 319 15.05 -43.55 1.72
CA ASP O 319 16.29 -43.80 2.45
C ASP O 319 16.35 -43.01 3.74
N ILE O 320 15.78 -41.79 3.74
CA ILE O 320 15.67 -41.02 4.97
C ILE O 320 14.73 -41.71 5.95
N LEU O 321 13.67 -42.33 5.42
CA LEU O 321 12.72 -43.04 6.27
C LEU O 321 13.32 -44.30 6.87
N LYS O 322 14.30 -44.92 6.19
CA LYS O 322 14.91 -46.13 6.73
C LYS O 322 15.88 -45.83 7.85
N ILE O 323 16.44 -44.61 7.89
CA ILE O 323 17.43 -44.30 8.93
C ILE O 323 16.75 -44.07 10.27
N HIS O 324 15.65 -43.33 10.28
CA HIS O 324 15.00 -43.00 11.54
C HIS O 324 14.03 -44.08 12.01
N SER O 325 13.63 -44.99 11.12
CA SER O 325 12.86 -46.15 11.52
C SER O 325 13.74 -47.37 11.77
N ARG O 326 15.05 -47.16 11.87
CA ARG O 326 15.97 -48.26 12.15
C ARG O 326 15.77 -48.81 13.55
N LYS O 327 15.91 -47.96 14.56
CA LYS O 327 15.65 -48.37 15.94
C LYS O 327 14.16 -48.51 16.23
N MET O 328 13.31 -47.93 15.40
CA MET O 328 11.88 -48.21 15.51
C MET O 328 11.62 -49.65 15.11
N ASN O 329 10.61 -50.23 15.74
CA ASN O 329 10.36 -51.67 15.66
C ASN O 329 9.02 -51.88 14.97
N LEU O 330 9.07 -52.31 13.72
CA LEU O 330 7.88 -52.53 12.92
C LEU O 330 7.49 -54.00 12.95
N THR O 331 6.21 -54.29 12.72
CA THR O 331 5.80 -55.67 12.90
C THR O 331 6.06 -56.51 11.65
N ARG O 332 5.22 -56.33 10.63
CA ARG O 332 5.18 -57.05 9.35
C ARG O 332 4.08 -56.44 8.50
N GLY O 333 3.99 -56.85 7.24
CA GLY O 333 2.91 -56.42 6.36
C GLY O 333 2.87 -54.93 6.11
N ILE O 334 4.04 -54.28 6.13
CA ILE O 334 4.13 -52.83 6.15
C ILE O 334 5.06 -52.41 5.01
N ASN O 335 4.66 -51.38 4.28
CA ASN O 335 5.39 -50.94 3.10
C ASN O 335 5.79 -49.48 3.29
N LEU O 336 7.10 -49.23 3.32
CA LEU O 336 7.59 -47.88 3.47
C LEU O 336 7.50 -47.11 2.16
N ARG O 337 7.52 -47.81 1.03
CA ARG O 337 7.42 -47.13 -0.27
C ARG O 337 6.05 -46.54 -0.50
N LYS O 338 5.00 -47.19 0.01
CA LYS O 338 3.67 -46.61 -0.05
C LYS O 338 3.58 -45.36 0.81
N ILE O 339 4.21 -45.39 1.98
CA ILE O 339 4.23 -44.24 2.86
C ILE O 339 5.10 -43.13 2.27
N ALA O 340 6.17 -43.50 1.57
CA ALA O 340 7.02 -42.51 0.93
C ALA O 340 6.31 -41.82 -0.24
N GLU O 341 5.36 -42.50 -0.88
CA GLU O 341 4.57 -41.88 -1.92
C GLU O 341 3.44 -41.02 -1.37
N LEU O 342 3.20 -41.06 -0.07
CA LEU O 342 2.20 -40.21 0.56
C LEU O 342 2.73 -38.83 0.90
N MET O 343 3.95 -38.49 0.46
CA MET O 343 4.57 -37.20 0.76
C MET O 343 4.86 -36.51 -0.57
N PRO O 344 3.92 -35.75 -1.10
CA PRO O 344 4.19 -35.01 -2.34
C PRO O 344 5.07 -33.79 -2.11
N GLY O 345 6.37 -34.03 -2.01
CA GLY O 345 7.33 -32.97 -1.79
C GLY O 345 7.53 -32.62 -0.34
N ALA O 346 7.90 -33.61 0.47
CA ALA O 346 8.21 -33.35 1.86
C ALA O 346 9.59 -32.71 2.00
N SER O 347 9.85 -32.15 3.18
CA SER O 347 11.12 -31.48 3.40
C SER O 347 12.24 -32.48 3.62
N GLY O 348 11.95 -33.58 4.30
CA GLY O 348 12.97 -34.54 4.64
C GLY O 348 13.24 -34.53 6.13
N ALA O 349 13.28 -33.34 6.71
CA ALA O 349 13.37 -33.22 8.16
C ALA O 349 12.05 -33.56 8.83
N GLU O 350 10.94 -33.43 8.12
CA GLU O 350 9.64 -33.79 8.65
C GLU O 350 9.33 -35.27 8.48
N VAL O 351 10.26 -36.05 7.91
CA VAL O 351 10.14 -37.49 7.96
C VAL O 351 10.30 -37.99 9.38
N LYS O 352 11.17 -37.32 10.16
CA LYS O 352 11.29 -37.61 11.59
C LYS O 352 9.99 -37.33 12.33
N GLY O 353 9.30 -36.26 11.96
CA GLY O 353 8.04 -35.94 12.61
C GLY O 353 6.98 -37.00 12.36
N VAL O 354 7.04 -37.67 11.21
CA VAL O 354 6.20 -38.83 10.99
C VAL O 354 6.66 -39.98 11.88
N CYS O 355 7.98 -40.18 11.99
CA CYS O 355 8.52 -41.30 12.75
C CYS O 355 8.29 -41.13 14.25
N THR O 356 8.32 -39.90 14.76
CA THR O 356 8.06 -39.70 16.19
C THR O 356 6.58 -39.83 16.52
N GLU O 357 5.71 -39.26 15.68
CA GLU O 357 4.29 -39.25 16.01
C GLU O 357 3.64 -40.61 15.77
N ALA O 358 4.18 -41.42 14.86
CA ALA O 358 3.67 -42.77 14.68
C ALA O 358 4.02 -43.64 15.88
N GLY O 359 5.24 -43.53 16.38
CA GLY O 359 5.61 -44.22 17.61
C GLY O 359 4.95 -43.65 18.84
N MET O 360 4.48 -42.41 18.76
CA MET O 360 3.77 -41.82 19.88
C MET O 360 2.39 -42.43 20.06
N TYR O 361 1.77 -42.86 18.96
CA TYR O 361 0.46 -43.51 19.04
C TYR O 361 0.54 -44.82 19.80
N ALA O 362 1.65 -45.53 19.69
CA ALA O 362 1.83 -46.75 20.48
C ALA O 362 2.10 -46.45 21.94
N LEU O 363 2.64 -45.28 22.26
CA LEU O 363 2.95 -44.96 23.65
C LEU O 363 1.69 -44.73 24.46
N ARG O 364 0.70 -44.04 23.89
CA ARG O 364 -0.55 -43.83 24.59
C ARG O 364 -1.41 -45.08 24.67
N GLU O 365 -1.07 -46.13 23.93
CA GLU O 365 -1.77 -47.41 24.00
C GLU O 365 -1.05 -48.41 24.88
N ARG O 366 0.06 -48.01 25.52
CA ARG O 366 0.94 -48.88 26.29
C ARG O 366 1.39 -50.08 25.46
N ARG O 367 1.79 -49.80 24.22
CA ARG O 367 2.11 -50.82 23.24
C ARG O 367 3.47 -50.50 22.64
N VAL O 368 4.20 -51.53 22.24
CA VAL O 368 5.43 -51.35 21.48
C VAL O 368 5.26 -51.66 20.01
N HIS O 369 4.15 -52.27 19.60
CA HIS O 369 3.97 -52.65 18.21
C HIS O 369 3.45 -51.47 17.39
N VAL O 370 4.08 -51.27 16.23
CA VAL O 370 3.77 -50.17 15.34
C VAL O 370 3.30 -50.74 14.02
N THR O 371 2.07 -50.42 13.63
CA THR O 371 1.48 -50.91 12.40
C THR O 371 1.56 -49.84 11.31
N GLN O 372 1.11 -50.21 10.12
CA GLN O 372 1.07 -49.26 9.01
C GLN O 372 -0.03 -48.24 9.21
N GLU O 373 -1.08 -48.61 9.96
CA GLU O 373 -2.15 -47.67 10.27
C GLU O 373 -1.66 -46.53 11.15
N ASP O 374 -0.64 -46.77 11.96
CA ASP O 374 -0.08 -45.71 12.81
C ASP O 374 0.62 -44.65 11.98
N PHE O 375 1.23 -45.03 10.86
CA PHE O 375 1.89 -44.06 10.00
C PHE O 375 0.88 -43.23 9.21
N GLU O 376 -0.17 -43.88 8.70
CA GLU O 376 -1.12 -43.20 7.83
C GLU O 376 -1.94 -42.17 8.58
N MET O 377 -2.16 -42.38 9.88
CA MET O 377 -2.71 -41.32 10.71
C MET O 377 -1.69 -40.24 11.01
N ALA O 378 -0.41 -40.58 11.04
CA ALA O 378 0.63 -39.60 11.33
C ALA O 378 0.99 -38.75 10.12
N VAL O 379 0.65 -39.19 8.90
CA VAL O 379 0.89 -38.38 7.72
C VAL O 379 -0.03 -37.16 7.72
N ALA O 380 -1.30 -37.36 8.03
CA ALA O 380 -2.26 -36.25 8.05
C ALA O 380 -2.02 -35.33 9.23
N LYS O 381 -1.36 -35.82 10.29
CA LYS O 381 -1.08 -34.97 11.44
C LYS O 381 0.09 -34.03 11.16
N VAL O 382 1.17 -34.56 10.59
CA VAL O 382 2.36 -33.74 10.34
C VAL O 382 2.14 -32.81 9.15
N MET O 383 1.67 -33.35 8.03
CA MET O 383 1.42 -32.54 6.86
C MET O 383 0.18 -31.67 7.05
N GLN O 384 0.34 -30.37 6.82
CA GLN O 384 -0.76 -29.43 6.96
C GLN O 384 -0.77 -28.54 5.72
N LYS O 385 -1.59 -27.49 5.78
CA LYS O 385 -1.69 -26.53 4.69
C LYS O 385 -1.77 -25.13 5.29
N ASP O 386 -1.69 -24.12 4.41
CA ASP O 386 -1.91 -22.75 4.84
C ASP O 386 -3.38 -22.47 5.13
N SER O 387 -4.28 -23.14 4.42
CA SER O 387 -5.74 -23.03 4.57
C SER O 387 -6.21 -21.59 4.34
N GLU O 388 -5.95 -21.10 3.13
CA GLU O 388 -6.30 -19.73 2.76
C GLU O 388 -7.81 -19.57 2.63
N LYS O 389 -8.41 -18.89 3.60
CA LYS O 389 -9.85 -18.79 3.66
C LYS O 389 -10.34 -17.63 2.80
N ASN O 390 -11.68 -17.57 2.69
CA ASN O 390 -12.65 -16.61 2.16
C ASN O 390 -12.69 -16.53 0.64
N MET O 391 -11.67 -17.03 -0.06
CA MET O 391 -11.60 -17.29 -1.52
C MET O 391 -11.68 -16.02 -2.37
N SER O 392 -11.97 -14.86 -1.75
CA SER O 392 -12.09 -13.60 -2.44
C SER O 392 -10.71 -13.11 -2.83
N ILE O 393 -9.73 -13.45 -1.99
CA ILE O 393 -8.33 -13.17 -2.31
C ILE O 393 -7.90 -14.00 -3.51
N LYS O 394 -8.41 -15.23 -3.61
CA LYS O 394 -8.04 -16.10 -4.71
C LYS O 394 -8.63 -15.63 -6.02
N LYS O 395 -9.85 -15.07 -5.98
CA LYS O 395 -10.56 -14.79 -7.20
C LYS O 395 -10.45 -13.32 -7.60
N LEU O 396 -9.92 -12.49 -6.69
CA LEU O 396 -9.35 -11.22 -7.11
C LEU O 396 -8.11 -11.46 -7.95
N TRP O 397 -7.44 -12.58 -7.71
CA TRP O 397 -6.14 -12.90 -8.26
C TRP O 397 -6.17 -14.19 -9.08
N LYS O 398 -7.22 -14.37 -9.87
CA LYS O 398 -7.37 -15.54 -10.73
C LYS O 398 -6.36 -15.49 -11.86
N ASP P 39 87.23 -75.98 61.39
CA ASP P 39 86.24 -76.38 60.40
C ASP P 39 84.83 -76.10 60.87
N LEU P 40 84.32 -77.03 61.68
CA LEU P 40 82.89 -77.08 61.96
C LEU P 40 82.52 -76.20 63.13
N TYR P 41 83.43 -76.03 64.09
CA TYR P 41 83.20 -75.14 65.22
C TYR P 41 83.21 -73.69 64.79
N SER P 42 84.04 -73.34 63.79
CA SER P 42 84.07 -71.98 63.30
C SER P 42 82.84 -71.67 62.46
N ARG P 43 82.30 -72.67 61.75
CA ARG P 43 81.05 -72.46 61.01
C ARG P 43 79.89 -72.27 61.95
N TYR P 44 79.91 -72.95 63.10
CA TYR P 44 78.81 -72.85 64.04
C TYR P 44 78.84 -71.53 64.80
N LYS P 45 80.04 -70.98 65.02
CA LYS P 45 80.12 -69.69 65.68
C LYS P 45 79.68 -68.56 64.74
N LYS P 46 80.05 -68.64 63.46
CA LYS P 46 79.68 -67.58 62.52
C LYS P 46 78.20 -67.59 62.20
N LEU P 47 77.55 -68.77 62.21
CA LEU P 47 76.11 -68.80 62.03
C LEU P 47 75.39 -68.28 63.27
N GLN P 48 76.01 -68.41 64.44
CA GLN P 48 75.47 -67.75 65.63
C GLN P 48 75.57 -66.24 65.52
N GLN P 49 76.70 -65.75 64.99
CA GLN P 49 76.93 -64.31 64.91
C GLN P 49 76.01 -63.68 63.87
N GLU P 50 75.95 -64.25 62.67
CA GLU P 50 75.16 -63.68 61.58
C GLU P 50 73.66 -63.71 61.88
N LEU P 51 73.21 -64.70 62.64
CA LEU P 51 71.79 -64.76 63.03
C LEU P 51 71.45 -63.63 63.99
N GLU P 52 72.30 -63.40 64.98
CA GLU P 52 72.04 -62.31 65.92
C GLU P 52 72.33 -60.96 65.31
N PHE P 53 73.07 -60.93 64.19
CA PHE P 53 73.29 -59.68 63.48
C PHE P 53 72.01 -59.21 62.80
N LEU P 54 71.45 -60.04 61.91
CA LEU P 54 70.36 -59.54 61.09
C LEU P 54 69.03 -59.50 61.83
N GLU P 55 68.97 -60.00 63.07
CA GLU P 55 67.87 -59.65 63.95
C GLU P 55 67.90 -58.19 64.32
N VAL P 56 69.11 -57.64 64.53
CA VAL P 56 69.24 -56.24 64.91
C VAL P 56 68.89 -55.33 63.74
N GLN P 57 69.35 -55.68 62.53
CA GLN P 57 68.95 -54.89 61.37
C GLN P 57 67.50 -55.14 60.99
N GLU P 58 66.89 -56.25 61.43
CA GLU P 58 65.45 -56.38 61.33
C GLU P 58 64.75 -55.43 62.30
N GLU P 59 65.36 -55.20 63.46
CA GLU P 59 64.76 -54.32 64.46
C GLU P 59 64.83 -52.85 64.03
N TYR P 60 65.82 -52.50 63.19
CA TYR P 60 65.94 -51.13 62.72
C TYR P 60 64.81 -50.79 61.75
N ILE P 61 64.47 -51.71 60.85
CA ILE P 61 63.46 -51.42 59.84
C ILE P 61 62.07 -51.44 60.49
N LYS P 62 61.93 -52.15 61.60
CA LYS P 62 60.69 -52.12 62.36
C LYS P 62 60.45 -50.73 62.94
N ASP P 63 61.53 -50.05 63.34
CA ASP P 63 61.37 -48.72 63.93
C ASP P 63 61.10 -47.67 62.86
N GLU P 64 61.79 -47.75 61.73
CA GLU P 64 61.69 -46.71 60.71
C GLU P 64 60.33 -46.75 60.02
N GLN P 65 59.83 -47.95 59.73
CA GLN P 65 58.49 -48.05 59.14
C GLN P 65 57.42 -47.63 60.14
N LYS P 66 57.67 -47.84 61.44
CA LYS P 66 56.82 -47.25 62.47
C LYS P 66 57.02 -45.75 62.55
N ASN P 67 58.23 -45.26 62.29
CA ASN P 67 58.50 -43.83 62.38
C ASN P 67 57.92 -43.07 61.21
N LEU P 68 58.00 -43.64 59.99
CA LEU P 68 57.51 -42.95 58.81
C LEU P 68 55.99 -42.87 58.76
N LYS P 69 55.28 -43.69 59.53
CA LYS P 69 53.84 -43.55 59.63
C LYS P 69 53.47 -42.25 60.35
N LYS P 70 54.24 -41.87 61.37
CA LYS P 70 53.97 -40.63 62.08
C LYS P 70 54.32 -39.42 61.24
N GLU P 71 55.45 -39.48 60.53
CA GLU P 71 55.87 -38.36 59.68
C GLU P 71 54.91 -38.16 58.52
N PHE P 72 54.29 -39.25 58.05
CA PHE P 72 53.28 -39.13 57.01
C PHE P 72 52.00 -38.52 57.55
N LEU P 73 51.73 -38.66 58.85
CA LEU P 73 50.56 -38.03 59.43
C LEU P 73 50.81 -36.55 59.72
N HIS P 74 52.03 -36.19 60.13
CA HIS P 74 52.35 -34.78 60.32
C HIS P 74 52.44 -34.05 58.98
N ALA P 75 52.78 -34.76 57.91
CA ALA P 75 52.70 -34.16 56.59
C ALA P 75 51.25 -33.96 56.18
N GLN P 76 50.36 -34.87 56.57
CA GLN P 76 48.94 -34.70 56.30
C GLN P 76 48.35 -33.54 57.10
N GLU P 77 48.83 -33.36 58.34
CA GLU P 77 48.25 -32.34 59.21
C GLU P 77 48.58 -30.94 58.74
N GLU P 78 49.85 -30.68 58.44
CA GLU P 78 50.28 -29.36 57.99
C GLU P 78 49.77 -29.01 56.60
N VAL P 79 49.44 -30.00 55.78
CA VAL P 79 48.76 -29.72 54.52
C VAL P 79 47.30 -29.38 54.77
N LYS P 80 46.60 -30.20 55.55
CA LYS P 80 45.16 -30.03 55.72
C LYS P 80 44.77 -28.94 56.71
N ARG P 81 45.70 -28.08 57.11
CA ARG P 81 45.36 -26.83 57.79
C ARG P 81 45.86 -25.62 57.04
N ILE P 82 46.03 -25.74 55.73
CA ILE P 82 46.27 -24.59 54.87
C ILE P 82 44.94 -23.97 54.45
N GLN P 83 43.82 -24.66 54.67
CA GLN P 83 42.52 -24.23 54.23
C GLN P 83 41.66 -23.67 55.36
N SER P 84 42.21 -23.51 56.56
CA SER P 84 41.49 -22.88 57.66
C SER P 84 42.27 -21.63 58.04
N ILE P 85 42.03 -20.56 57.28
CA ILE P 85 42.72 -19.27 57.36
C ILE P 85 41.67 -18.28 56.89
N PRO P 86 41.64 -17.02 57.39
CA PRO P 86 40.76 -16.02 56.77
C PRO P 86 41.21 -15.65 55.37
N LEU P 87 40.84 -16.49 54.42
CA LEU P 87 41.36 -16.43 53.05
C LEU P 87 40.73 -15.29 52.26
N VAL P 88 41.43 -14.89 51.21
CA VAL P 88 40.91 -13.92 50.26
C VAL P 88 40.25 -14.66 49.11
N ILE P 89 39.38 -13.96 48.38
CA ILE P 89 38.56 -14.56 47.34
C ILE P 89 39.03 -14.03 45.99
N GLY P 90 39.27 -14.94 45.06
CA GLY P 90 39.59 -14.57 43.70
C GLY P 90 38.74 -15.32 42.71
N GLN P 91 39.12 -15.31 41.44
CA GLN P 91 38.39 -16.06 40.41
C GLN P 91 39.39 -16.81 39.52
N PHE P 92 39.04 -18.05 39.18
CA PHE P 92 39.86 -18.83 38.28
C PHE P 92 39.75 -18.29 36.86
N LEU P 93 40.90 -18.17 36.18
CA LEU P 93 40.92 -17.63 34.84
C LEU P 93 41.36 -18.64 33.79
N GLU P 94 42.55 -19.21 33.92
CA GLU P 94 43.10 -20.11 32.92
C GLU P 94 43.90 -21.21 33.61
N ALA P 95 44.03 -22.34 32.92
CA ALA P 95 44.84 -23.46 33.38
C ALA P 95 45.97 -23.70 32.40
N VAL P 96 47.20 -23.74 32.92
CA VAL P 96 48.37 -23.92 32.05
C VAL P 96 48.60 -25.39 31.74
N ASP P 97 48.87 -26.17 32.77
CA ASP P 97 49.39 -27.51 32.65
C ASP P 97 48.89 -28.30 33.85
N GLN P 98 49.59 -29.38 34.18
CA GLN P 98 49.40 -30.02 35.48
C GLN P 98 49.71 -29.02 36.59
N ASN P 99 48.78 -28.93 37.55
CA ASN P 99 48.77 -28.20 38.82
C ASN P 99 49.44 -26.83 38.85
N THR P 100 49.23 -26.01 37.82
CA THR P 100 49.68 -24.62 37.83
C THR P 100 48.75 -23.81 36.93
N ALA P 101 48.30 -22.65 37.40
CA ALA P 101 47.22 -21.92 36.74
C ALA P 101 47.42 -20.41 36.85
N ILE P 102 46.60 -19.67 36.08
CA ILE P 102 46.45 -18.23 36.24
C ILE P 102 45.15 -17.96 36.97
N VAL P 103 45.23 -17.17 38.05
CA VAL P 103 44.05 -16.75 38.78
C VAL P 103 44.05 -15.23 38.90
N GLY P 104 42.89 -14.63 38.67
CA GLY P 104 42.69 -13.21 38.90
C GLY P 104 41.98 -13.00 40.22
N SER P 105 42.49 -12.06 41.00
CA SER P 105 41.95 -11.79 42.33
C SER P 105 40.90 -10.70 42.26
N THR P 106 40.18 -10.54 43.37
CA THR P 106 39.28 -9.40 43.53
C THR P 106 40.04 -8.12 43.87
N THR P 107 41.34 -8.20 44.13
CA THR P 107 42.19 -7.02 44.19
C THR P 107 42.71 -6.60 42.82
N GLY P 108 42.35 -7.30 41.76
CA GLY P 108 42.93 -7.05 40.46
C GLY P 108 44.36 -7.59 40.41
N SER P 109 45.12 -7.08 39.44
CA SER P 109 46.57 -7.32 39.28
C SER P 109 46.87 -8.82 39.14
N ASN P 110 46.45 -9.35 37.98
CA ASN P 110 46.41 -10.77 37.67
C ASN P 110 47.72 -11.49 37.98
N TYR P 111 47.61 -12.70 38.53
CA TYR P 111 48.72 -13.43 39.14
C TYR P 111 49.01 -14.72 38.38
N TYR P 112 49.95 -15.49 38.93
CA TYR P 112 50.32 -16.79 38.38
C TYR P 112 50.94 -17.62 39.50
N VAL P 113 50.19 -18.60 40.02
CA VAL P 113 50.59 -19.36 41.19
C VAL P 113 50.47 -20.85 40.90
N ARG P 114 51.06 -21.65 41.79
CA ARG P 114 50.85 -23.09 41.84
C ARG P 114 49.64 -23.41 42.70
N ILE P 115 49.06 -24.59 42.48
CA ILE P 115 47.85 -24.97 43.20
C ILE P 115 48.14 -26.21 44.03
N LEU P 116 47.15 -26.70 44.77
CA LEU P 116 47.34 -27.78 45.73
C LEU P 116 47.41 -29.14 45.03
N SER P 117 47.30 -30.21 45.82
CA SER P 117 47.27 -31.56 45.29
C SER P 117 45.97 -32.29 45.65
N THR P 118 44.97 -31.56 46.14
CA THR P 118 43.77 -32.15 46.72
C THR P 118 42.52 -31.93 45.89
N ILE P 119 42.39 -30.75 45.27
CA ILE P 119 41.15 -30.36 44.61
C ILE P 119 40.96 -31.19 43.35
N ASP P 120 39.78 -31.79 43.22
CA ASP P 120 39.41 -32.44 41.97
C ASP P 120 39.25 -31.39 40.88
N ARG P 121 39.92 -31.61 39.75
CA ARG P 121 40.09 -30.59 38.72
C ARG P 121 38.87 -30.44 37.81
N GLU P 122 37.74 -31.04 38.16
CA GLU P 122 36.52 -30.94 37.38
C GLU P 122 35.58 -29.86 37.91
N LEU P 123 36.13 -28.81 38.53
CA LEU P 123 35.33 -27.72 39.06
C LEU P 123 35.86 -26.36 38.62
N LEU P 124 36.69 -26.34 37.58
CA LEU P 124 37.42 -25.15 37.19
C LEU P 124 37.36 -24.96 35.69
N LYS P 125 36.17 -25.15 35.08
CA LYS P 125 36.21 -25.37 33.63
C LYS P 125 36.41 -24.09 32.82
N PRO P 126 35.52 -23.00 32.84
CA PRO P 126 36.06 -21.71 32.38
C PRO P 126 36.38 -20.72 33.49
N ASN P 127 35.87 -20.95 34.69
CA ASN P 127 35.68 -19.94 35.72
C ASN P 127 35.22 -20.65 36.99
N ALA P 128 35.60 -20.08 38.13
CA ALA P 128 35.14 -20.55 39.43
C ALA P 128 35.41 -19.47 40.46
N SER P 129 34.46 -19.28 41.37
CA SER P 129 34.73 -18.52 42.58
C SER P 129 35.65 -19.34 43.47
N VAL P 130 36.86 -18.86 43.69
CA VAL P 130 37.89 -19.65 44.34
C VAL P 130 38.43 -18.89 45.55
N ALA P 131 39.11 -19.63 46.43
CA ALA P 131 39.76 -19.07 47.59
C ALA P 131 41.27 -19.04 47.36
N LEU P 132 41.91 -18.00 47.88
CA LEU P 132 43.32 -17.78 47.66
C LEU P 132 44.04 -17.56 48.98
N HIS P 133 45.31 -17.95 49.02
CA HIS P 133 46.18 -17.72 50.15
C HIS P 133 46.49 -16.23 50.27
N LYS P 134 46.87 -15.80 51.47
CA LYS P 134 47.30 -14.43 51.69
C LYS P 134 48.67 -14.17 51.07
N HIS P 135 49.68 -14.90 51.52
CA HIS P 135 51.05 -14.63 51.10
C HIS P 135 51.38 -15.30 49.77
N SER P 136 51.36 -16.63 49.75
CA SER P 136 51.76 -17.37 48.56
C SER P 136 50.72 -17.32 47.46
N ASN P 137 49.49 -16.93 47.81
CA ASN P 137 48.41 -16.59 46.88
C ASN P 137 47.98 -17.81 46.05
N ALA P 138 48.20 -19.01 46.58
CA ALA P 138 47.89 -20.24 45.87
C ALA P 138 46.39 -20.51 45.89
N LEU P 139 45.95 -21.39 44.99
CA LEU P 139 44.58 -21.88 45.07
C LEU P 139 44.44 -22.82 46.24
N VAL P 140 43.34 -22.67 46.97
CA VAL P 140 43.12 -23.42 48.20
C VAL P 140 41.81 -24.20 48.08
N ASP P 141 40.74 -23.53 47.68
CA ASP P 141 39.43 -24.16 47.66
C ASP P 141 38.56 -23.47 46.62
N VAL P 142 37.59 -24.22 46.10
CA VAL P 142 36.60 -23.70 45.16
C VAL P 142 35.30 -23.47 45.92
N LEU P 143 34.79 -22.25 45.85
CA LEU P 143 33.53 -21.91 46.48
C LEU P 143 32.37 -22.50 45.68
N PRO P 144 31.22 -22.72 46.32
CA PRO P 144 30.02 -23.09 45.57
C PRO P 144 29.57 -21.95 44.68
N PRO P 145 29.44 -22.18 43.38
CA PRO P 145 29.09 -21.10 42.45
C PRO P 145 27.63 -20.67 42.61
N GLU P 146 27.31 -19.55 41.99
CA GLU P 146 25.97 -18.98 42.11
C GLU P 146 25.23 -18.89 40.78
N ALA P 147 25.90 -18.46 39.70
CA ALA P 147 25.29 -18.13 38.40
C ALA P 147 24.09 -17.22 38.56
N ASP P 148 24.30 -16.11 39.26
CA ASP P 148 23.22 -15.33 39.87
C ASP P 148 23.25 -13.90 39.33
N SER P 149 22.68 -13.69 38.14
CA SER P 149 22.64 -12.34 37.60
C SER P 149 21.27 -11.92 37.08
N SER P 150 20.54 -12.82 36.43
CA SER P 150 19.33 -12.49 35.67
C SER P 150 18.22 -13.47 35.99
N ILE P 151 17.99 -13.65 37.29
CA ILE P 151 17.30 -14.81 37.83
C ILE P 151 15.80 -14.72 37.53
N MET P 152 15.28 -15.73 36.84
CA MET P 152 13.84 -15.88 36.65
C MET P 152 13.40 -17.28 37.07
N MET P 153 14.19 -17.96 37.89
CA MET P 153 13.99 -19.38 38.19
C MET P 153 12.92 -19.48 39.27
N LEU P 154 11.69 -19.80 38.86
CA LEU P 154 10.62 -20.05 39.82
C LEU P 154 10.89 -21.40 40.47
N THR P 155 11.56 -21.40 41.62
CA THR P 155 11.94 -22.60 42.33
C THR P 155 11.66 -22.43 43.81
N SER P 156 10.93 -23.38 44.40
CA SER P 156 10.90 -23.66 45.84
C SER P 156 10.43 -22.44 46.64
N ASP P 157 9.12 -22.16 46.52
CA ASP P 157 8.44 -21.03 47.16
C ASP P 157 9.01 -19.71 46.67
N GLN P 158 8.66 -19.32 45.45
CA GLN P 158 7.39 -19.75 44.85
C GLN P 158 7.43 -20.07 43.36
N LYS P 159 7.40 -21.35 43.01
CA LYS P 159 6.82 -21.72 41.73
C LYS P 159 5.30 -21.94 41.71
N PRO P 160 4.69 -22.85 42.57
CA PRO P 160 3.43 -23.49 42.14
C PRO P 160 2.19 -22.60 42.12
N ASP P 161 1.75 -22.26 43.33
CA ASP P 161 0.52 -21.57 43.69
C ASP P 161 -0.75 -22.16 43.06
N VAL P 162 -0.73 -23.41 42.62
CA VAL P 162 -1.86 -24.04 41.92
C VAL P 162 -1.62 -25.55 41.93
N MET P 163 -2.71 -26.32 41.96
CA MET P 163 -2.62 -27.75 41.79
C MET P 163 -2.99 -28.14 40.36
N TYR P 164 -2.81 -29.43 40.05
CA TYR P 164 -3.00 -29.92 38.69
C TYR P 164 -4.47 -30.06 38.32
N ALA P 165 -5.34 -30.29 39.29
CA ALA P 165 -6.76 -30.50 39.02
C ALA P 165 -7.57 -29.21 39.15
N ASP P 166 -6.90 -28.06 39.12
CA ASP P 166 -7.62 -26.79 39.22
C ASP P 166 -8.24 -26.40 37.88
N ILE P 167 -7.61 -26.78 36.78
CA ILE P 167 -8.07 -26.39 35.45
C ILE P 167 -9.30 -27.23 35.09
N GLY P 168 -10.37 -26.56 34.66
CA GLY P 168 -11.60 -27.26 34.38
C GLY P 168 -11.74 -27.78 32.97
N GLY P 169 -11.45 -29.07 32.79
CA GLY P 169 -11.84 -29.78 31.58
C GLY P 169 -11.08 -29.48 30.32
N MET P 170 -9.76 -29.30 30.41
CA MET P 170 -8.92 -29.30 29.22
C MET P 170 -8.31 -30.67 28.99
N ASP P 171 -9.17 -31.69 28.97
CA ASP P 171 -8.74 -33.06 29.18
C ASP P 171 -7.99 -33.63 27.97
N ILE P 172 -8.32 -33.18 26.77
CA ILE P 172 -7.52 -33.53 25.60
C ILE P 172 -6.17 -32.85 25.69
N GLN P 173 -6.16 -31.63 26.22
CA GLN P 173 -4.97 -30.79 26.20
C GLN P 173 -4.12 -30.93 27.45
N LYS P 174 -4.74 -31.24 28.60
CA LYS P 174 -3.96 -31.63 29.77
C LYS P 174 -3.24 -32.94 29.55
N GLN P 175 -3.82 -33.83 28.75
CA GLN P 175 -3.17 -35.09 28.43
C GLN P 175 -2.07 -34.89 27.40
N GLU P 176 -2.19 -33.89 26.54
CA GLU P 176 -1.26 -33.73 25.43
C GLU P 176 0.03 -33.05 25.86
N VAL P 177 -0.06 -31.99 26.67
CA VAL P 177 1.12 -31.30 27.16
C VAL P 177 1.91 -32.22 28.09
N ARG P 178 1.21 -33.06 28.85
CA ARG P 178 1.84 -33.98 29.78
C ARG P 178 2.68 -35.03 29.07
N GLU P 179 2.29 -35.40 27.84
CA GLU P 179 3.05 -36.39 27.08
C GLU P 179 4.40 -35.85 26.62
N ALA P 180 4.51 -34.55 26.40
CA ALA P 180 5.74 -33.99 25.84
C ALA P 180 6.71 -33.50 26.90
N VAL P 181 6.23 -33.19 28.10
CA VAL P 181 7.07 -32.57 29.11
C VAL P 181 7.17 -33.44 30.35
N GLU P 182 6.01 -33.71 30.99
CA GLU P 182 6.02 -34.40 32.26
C GLU P 182 6.34 -35.88 32.09
N LEU P 183 5.86 -36.48 31.01
CA LEU P 183 6.12 -37.91 30.79
C LEU P 183 7.56 -38.22 30.42
N PRO P 184 8.25 -37.52 29.50
CA PRO P 184 9.65 -37.90 29.24
C PRO P 184 10.60 -37.55 30.36
N LEU P 185 10.19 -36.68 31.28
CA LEU P 185 11.04 -36.30 32.39
C LEU P 185 11.16 -37.42 33.40
N THR P 186 10.08 -38.17 33.65
CA THR P 186 10.08 -39.24 34.62
C THR P 186 10.24 -40.62 34.00
N HIS P 187 9.34 -40.97 33.09
CA HIS P 187 9.36 -42.29 32.46
C HIS P 187 10.10 -42.22 31.13
N PHE P 188 11.41 -41.96 31.23
CA PHE P 188 12.25 -41.86 30.06
C PHE P 188 12.51 -43.22 29.41
N GLU P 189 12.31 -44.30 30.17
CA GLU P 189 12.60 -45.64 29.66
C GLU P 189 11.60 -46.08 28.59
N LEU P 190 10.41 -45.48 28.56
CA LEU P 190 9.41 -45.86 27.58
C LEU P 190 9.79 -45.42 26.18
N TYR P 191 10.42 -44.25 26.07
CA TYR P 191 10.86 -43.77 24.76
C TYR P 191 12.04 -44.57 24.25
N LYS P 192 12.96 -44.95 25.14
CA LYS P 192 14.08 -45.80 24.76
C LYS P 192 13.63 -47.22 24.48
N GLN P 193 12.48 -47.64 25.01
CA GLN P 193 11.91 -48.94 24.69
C GLN P 193 11.48 -49.04 23.24
N ILE P 194 11.13 -47.91 22.62
CA ILE P 194 10.75 -47.89 21.22
C ILE P 194 11.79 -47.20 20.35
N GLY P 195 12.52 -46.22 20.88
CA GLY P 195 13.41 -45.42 20.06
C GLY P 195 12.67 -44.26 19.41
N ILE P 196 12.10 -43.40 20.25
CA ILE P 196 11.18 -42.37 19.78
C ILE P 196 11.89 -41.04 19.59
N ASP P 197 12.86 -40.74 20.49
CA ASP P 197 13.44 -39.41 20.67
C ASP P 197 12.34 -38.39 20.95
N PRO P 198 11.93 -38.29 22.22
CA PRO P 198 10.69 -37.57 22.55
C PRO P 198 10.74 -36.12 22.13
N PRO P 199 9.59 -35.51 21.83
CA PRO P 199 9.58 -34.22 21.13
C PRO P 199 10.12 -33.07 21.96
N ARG P 200 10.60 -32.06 21.24
CA ARG P 200 11.38 -30.98 21.82
C ARG P 200 10.52 -29.81 22.28
N GLY P 201 9.65 -29.31 21.40
CA GLY P 201 8.92 -28.09 21.68
C GLY P 201 7.45 -28.24 21.40
N VAL P 202 6.66 -27.37 22.03
CA VAL P 202 5.21 -27.35 21.89
C VAL P 202 4.76 -25.92 21.66
N LEU P 203 3.88 -25.73 20.68
CA LEU P 203 3.31 -24.43 20.35
C LEU P 203 1.85 -24.45 20.73
N MET P 204 1.47 -23.61 21.68
CA MET P 204 0.08 -23.40 22.04
C MET P 204 -0.42 -22.12 21.40
N TYR P 205 -1.70 -22.10 21.04
CA TYR P 205 -2.28 -20.91 20.45
C TYR P 205 -3.78 -20.92 20.67
N GLY P 206 -4.35 -19.72 20.73
CA GLY P 206 -5.77 -19.57 20.92
C GLY P 206 -6.17 -18.14 21.27
N PRO P 207 -7.45 -17.95 21.54
CA PRO P 207 -7.94 -16.62 21.93
C PRO P 207 -7.41 -16.18 23.28
N PRO P 208 -7.35 -14.88 23.55
CA PRO P 208 -6.73 -14.40 24.80
C PRO P 208 -7.58 -14.58 26.04
N GLY P 209 -7.44 -15.73 26.71
CA GLY P 209 -8.20 -15.97 27.92
C GLY P 209 -8.83 -17.33 28.00
N CYS P 210 -8.34 -18.27 27.20
CA CYS P 210 -8.80 -19.65 27.24
C CYS P 210 -8.00 -20.51 28.23
N GLY P 211 -7.29 -19.89 29.16
CA GLY P 211 -6.54 -20.65 30.14
C GLY P 211 -5.22 -21.18 29.59
N LYS P 212 -4.33 -20.27 29.19
CA LYS P 212 -3.06 -20.68 28.60
C LYS P 212 -1.94 -20.65 29.62
N THR P 213 -1.75 -19.50 30.27
CA THR P 213 -0.67 -19.34 31.24
C THR P 213 -0.95 -20.14 32.51
N MET P 214 -2.23 -20.38 32.82
CA MET P 214 -2.60 -21.23 33.95
C MET P 214 -2.12 -22.65 33.75
N LEU P 215 -2.17 -23.15 32.52
CA LEU P 215 -1.65 -24.48 32.23
C LEU P 215 -0.13 -24.53 32.40
N ALA P 216 0.56 -23.45 32.07
CA ALA P 216 2.01 -23.40 32.30
C ALA P 216 2.31 -23.33 33.79
N LYS P 217 1.47 -22.64 34.56
CA LYS P 217 1.66 -22.61 36.01
C LYS P 217 1.33 -23.95 36.64
N ALA P 218 0.41 -24.71 36.05
CA ALA P 218 0.03 -26.00 36.61
C ALA P 218 1.12 -27.04 36.40
N VAL P 219 1.91 -26.90 35.35
CA VAL P 219 3.04 -27.80 35.13
C VAL P 219 4.12 -27.54 36.16
N ALA P 220 4.33 -26.27 36.52
CA ALA P 220 5.42 -25.88 37.43
C ALA P 220 5.24 -26.42 38.84
N HIS P 221 4.01 -26.75 39.25
CA HIS P 221 3.80 -27.36 40.56
C HIS P 221 4.32 -28.79 40.57
N HIS P 222 3.74 -29.65 39.72
CA HIS P 222 3.96 -31.08 39.79
C HIS P 222 5.07 -31.54 38.86
N THR P 223 6.06 -30.69 38.64
CA THR P 223 7.29 -31.08 37.98
C THR P 223 8.44 -31.02 38.98
N THR P 224 9.56 -31.62 38.59
CA THR P 224 10.80 -31.54 39.33
C THR P 224 11.87 -30.87 38.49
N ALA P 225 11.47 -29.87 37.71
CA ALA P 225 12.33 -29.21 36.76
C ALA P 225 12.72 -27.83 37.27
N ALA P 226 13.44 -27.09 36.43
CA ALA P 226 13.80 -25.70 36.70
C ALA P 226 12.97 -24.86 35.74
N PHE P 227 11.79 -24.44 36.21
CA PHE P 227 10.87 -23.70 35.35
C PHE P 227 11.35 -22.27 35.14
N ILE P 228 11.39 -21.85 33.88
CA ILE P 228 11.86 -20.52 33.50
C ILE P 228 10.78 -19.93 32.60
N ARG P 229 10.15 -18.85 33.05
CA ARG P 229 9.19 -18.14 32.22
C ARG P 229 9.77 -16.79 31.82
N VAL P 230 9.63 -16.45 30.54
CA VAL P 230 10.21 -15.24 29.95
C VAL P 230 9.16 -14.59 29.07
N VAL P 231 8.89 -13.31 29.33
CA VAL P 231 7.98 -12.55 28.46
C VAL P 231 8.71 -12.23 27.16
N GLY P 232 7.99 -12.29 26.05
CA GLY P 232 8.60 -12.02 24.76
C GLY P 232 8.70 -10.57 24.37
N SER P 233 8.88 -9.67 25.35
CA SER P 233 8.85 -8.24 25.08
C SER P 233 10.08 -7.48 25.58
N GLU P 234 10.85 -8.03 26.52
CA GLU P 234 11.98 -7.28 27.04
C GLU P 234 13.26 -7.45 26.24
N PHE P 235 13.20 -8.08 25.06
CA PHE P 235 14.37 -8.16 24.20
C PHE P 235 14.12 -7.56 22.82
N VAL P 236 13.04 -6.81 22.64
CA VAL P 236 12.75 -6.15 21.38
C VAL P 236 13.11 -4.68 21.57
N GLN P 237 13.97 -4.42 22.56
CA GLN P 237 14.28 -3.09 23.03
C GLN P 237 15.33 -2.42 22.14
N LYS P 238 15.86 -1.29 22.59
CA LYS P 238 16.94 -0.57 21.94
C LYS P 238 18.28 -1.18 22.29
N TYR P 239 19.37 -0.43 22.05
CA TYR P 239 20.76 -0.84 22.33
C TYR P 239 21.13 -2.09 21.53
N LEU P 240 21.29 -1.85 20.23
CA LEU P 240 21.55 -2.84 19.18
C LEU P 240 22.60 -3.87 19.58
N GLY P 241 22.16 -5.12 19.73
CA GLY P 241 22.99 -6.23 20.14
C GLY P 241 22.58 -6.84 21.48
N GLU P 242 21.83 -6.09 22.29
CA GLU P 242 21.41 -6.58 23.59
C GLU P 242 20.29 -7.61 23.46
N GLY P 243 19.42 -7.40 22.48
CA GLY P 243 18.34 -8.31 22.15
C GLY P 243 18.77 -9.75 21.91
N PRO P 244 19.64 -9.99 20.92
CA PRO P 244 20.13 -11.36 20.69
C PRO P 244 21.00 -11.91 21.81
N ARG P 245 21.59 -11.07 22.66
CA ARG P 245 22.40 -11.63 23.73
C ARG P 245 21.54 -12.11 24.89
N MET P 246 20.37 -11.50 25.09
CA MET P 246 19.46 -11.98 26.12
C MET P 246 18.88 -13.36 25.79
N VAL P 247 18.83 -13.71 24.51
CA VAL P 247 18.49 -15.08 24.13
C VAL P 247 19.60 -16.03 24.55
N ARG P 248 20.86 -15.61 24.39
CA ARG P 248 21.99 -16.42 24.83
C ARG P 248 22.06 -16.50 26.35
N ASP P 249 21.63 -15.44 27.04
CA ASP P 249 21.72 -15.42 28.50
C ASP P 249 20.75 -16.41 29.13
N VAL P 250 19.65 -16.72 28.44
CA VAL P 250 18.70 -17.70 28.95
C VAL P 250 19.28 -19.10 28.82
N PHE P 251 19.74 -19.46 27.62
CA PHE P 251 20.08 -20.84 27.35
C PHE P 251 21.41 -21.25 27.99
N ARG P 252 22.35 -20.31 28.12
CA ARG P 252 23.56 -20.60 28.89
C ARG P 252 23.24 -20.78 30.37
N LEU P 253 22.22 -20.08 30.87
CA LEU P 253 21.74 -20.33 32.22
C LEU P 253 20.93 -21.61 32.29
N ALA P 254 20.32 -22.01 31.18
CA ALA P 254 19.50 -23.22 31.19
C ALA P 254 20.34 -24.47 31.05
N LYS P 255 21.21 -24.52 30.04
CA LYS P 255 21.96 -25.74 29.75
C LYS P 255 23.05 -26.00 30.79
N GLU P 256 23.44 -24.98 31.55
CA GLU P 256 24.29 -25.20 32.71
C GLU P 256 23.51 -25.85 33.86
N ASN P 257 22.19 -25.74 33.85
CA ASN P 257 21.39 -26.20 34.98
C ASN P 257 20.72 -27.53 34.68
N ALA P 258 19.80 -27.91 35.55
CA ALA P 258 18.99 -29.12 35.57
C ALA P 258 18.16 -29.31 34.30
N PRO P 259 17.52 -30.49 34.12
CA PRO P 259 16.35 -30.55 33.23
C PRO P 259 15.36 -29.43 33.49
N ALA P 260 15.15 -28.59 32.49
CA ALA P 260 14.52 -27.31 32.70
C ALA P 260 13.46 -27.05 31.64
N ILE P 261 12.54 -26.14 31.96
CA ILE P 261 11.46 -25.74 31.09
C ILE P 261 11.60 -24.26 30.81
N ILE P 262 11.62 -23.90 29.54
CA ILE P 262 11.78 -22.51 29.11
C ILE P 262 10.45 -22.10 28.48
N PHE P 263 9.66 -21.33 29.22
CA PHE P 263 8.34 -20.92 28.79
C PHE P 263 8.42 -19.48 28.28
N ILE P 264 8.47 -19.32 26.97
CA ILE P 264 8.35 -18.00 26.37
C ILE P 264 6.88 -17.65 26.31
N ASP P 265 6.52 -16.50 26.90
CA ASP P 265 5.11 -16.20 27.15
C ASP P 265 4.38 -15.85 25.87
N GLU P 266 4.85 -14.85 25.14
CA GLU P 266 4.20 -14.42 23.91
C GLU P 266 5.24 -14.23 22.82
N ILE P 267 4.98 -14.80 21.65
CA ILE P 267 5.72 -14.41 20.44
C ILE P 267 4.69 -14.08 19.36
N ASP P 268 3.53 -13.57 19.77
CA ASP P 268 2.67 -12.83 18.84
C ASP P 268 3.23 -11.42 18.57
N ALA P 269 4.32 -11.08 19.26
CA ALA P 269 5.40 -10.19 18.83
C ALA P 269 6.27 -10.93 17.82
N ILE P 270 7.55 -10.58 17.76
CA ILE P 270 8.43 -10.95 16.65
C ILE P 270 8.53 -12.46 16.46
N ALA P 271 7.91 -12.94 15.37
CA ALA P 271 7.97 -14.36 15.02
C ALA P 271 7.92 -14.62 13.52
N THR P 272 8.09 -13.62 12.67
CA THR P 272 7.72 -13.78 11.27
C THR P 272 8.68 -12.99 10.37
N LYS P 273 9.30 -13.68 9.41
CA LYS P 273 10.18 -12.96 8.47
C LYS P 273 9.37 -12.36 7.33
N ARG P 274 8.93 -13.23 6.40
CA ARG P 274 7.98 -12.96 5.32
C ARG P 274 8.33 -11.84 4.34
N PHE P 275 9.48 -11.19 4.52
CA PHE P 275 10.00 -10.19 3.59
C PHE P 275 11.47 -9.98 3.90
N ASP P 276 12.21 -9.50 2.90
CA ASP P 276 13.56 -9.01 3.10
C ASP P 276 13.50 -7.51 3.43
N ALA P 277 13.97 -7.16 4.62
CA ALA P 277 13.86 -5.78 5.09
C ALA P 277 14.91 -4.92 4.41
N GLN P 278 14.48 -4.09 3.46
CA GLN P 278 15.35 -3.07 2.87
C GLN P 278 15.19 -1.75 3.61
N THR P 279 15.26 -1.81 4.94
CA THR P 279 15.12 -0.65 5.82
C THR P 279 16.15 -0.74 6.93
N GLY P 280 16.08 0.20 7.86
CA GLY P 280 16.85 0.12 9.07
C GLY P 280 16.00 -0.33 10.24
N ALA P 281 16.67 -0.94 11.22
CA ALA P 281 16.11 -1.40 12.49
C ALA P 281 14.99 -2.43 12.35
N ASP P 282 14.84 -3.01 11.16
CA ASP P 282 13.95 -4.14 10.95
C ASP P 282 14.71 -5.43 10.77
N ARG P 283 15.96 -5.34 10.33
CA ARG P 283 16.82 -6.52 10.33
C ARG P 283 17.28 -6.87 11.73
N GLU P 284 17.31 -5.90 12.64
CA GLU P 284 17.53 -6.21 14.04
C GLU P 284 16.34 -6.94 14.62
N VAL P 285 15.14 -6.55 14.19
CA VAL P 285 13.93 -7.30 14.52
C VAL P 285 13.99 -8.70 13.93
N GLN P 286 14.48 -8.81 12.70
CA GLN P 286 14.49 -10.08 12.00
C GLN P 286 15.54 -11.04 12.55
N ARG P 287 16.66 -10.53 13.04
CA ARG P 287 17.78 -11.39 13.40
C ARG P 287 17.62 -12.02 14.78
N ILE P 288 16.67 -11.57 15.59
CA ILE P 288 16.45 -12.22 16.88
C ILE P 288 15.84 -13.60 16.66
N LEU P 289 15.01 -13.74 15.63
CA LEU P 289 14.56 -15.06 15.21
C LEU P 289 15.71 -15.94 14.76
N LEU P 290 16.68 -15.34 14.05
CA LEU P 290 17.83 -16.09 13.58
C LEU P 290 18.69 -16.58 14.73
N GLU P 291 18.80 -15.78 15.80
CA GLU P 291 19.46 -16.24 17.01
C GLU P 291 18.61 -17.27 17.74
N LEU P 292 17.29 -17.13 17.68
CA LEU P 292 16.42 -18.10 18.32
C LEU P 292 16.49 -19.45 17.62
N LEU P 293 16.59 -19.44 16.29
CA LEU P 293 16.70 -20.71 15.56
C LEU P 293 18.05 -21.37 15.76
N ASN P 294 19.11 -20.58 15.94
CA ASN P 294 20.46 -21.14 16.03
C ASN P 294 20.67 -21.91 17.32
N GLN P 295 19.97 -21.54 18.39
CA GLN P 295 20.12 -22.22 19.66
C GLN P 295 18.87 -23.02 20.04
N MET P 296 18.01 -23.29 19.05
CA MET P 296 16.88 -24.21 19.20
C MET P 296 17.13 -25.52 18.46
N ASP P 297 17.43 -25.44 17.16
CA ASP P 297 17.75 -26.59 16.34
C ASP P 297 19.01 -26.28 15.52
N GLY P 298 20.05 -25.84 16.22
CA GLY P 298 21.34 -25.59 15.61
C GLY P 298 22.18 -26.83 15.74
N PHE P 299 23.11 -26.86 16.68
CA PHE P 299 23.80 -28.11 16.98
C PHE P 299 22.92 -29.01 17.83
N ASP P 300 23.54 -30.04 18.42
CA ASP P 300 22.83 -31.09 19.15
C ASP P 300 22.09 -30.52 20.35
N GLN P 301 22.84 -30.05 21.36
CA GLN P 301 22.34 -29.25 22.48
C GLN P 301 21.19 -29.95 23.23
N ASN P 302 21.27 -31.27 23.30
CA ASN P 302 20.11 -32.14 23.41
C ASN P 302 19.54 -32.16 24.83
N VAL P 303 20.40 -32.32 25.83
CA VAL P 303 20.01 -32.92 27.11
C VAL P 303 19.06 -32.04 27.90
N ASN P 304 17.78 -32.45 27.87
CA ASN P 304 16.75 -32.07 28.84
C ASN P 304 16.43 -30.57 28.82
N VAL P 305 16.36 -29.98 27.64
CA VAL P 305 15.89 -28.61 27.48
C VAL P 305 14.57 -28.64 26.72
N LYS P 306 13.56 -27.96 27.26
CA LYS P 306 12.22 -27.95 26.68
C LYS P 306 11.75 -26.52 26.53
N VAL P 307 11.06 -26.25 25.43
CA VAL P 307 10.63 -24.90 25.06
C VAL P 307 9.13 -24.92 24.82
N ILE P 308 8.41 -24.02 25.50
CA ILE P 308 6.97 -23.87 25.36
C ILE P 308 6.69 -22.44 24.94
N MET P 309 5.87 -22.28 23.91
CA MET P 309 5.49 -20.95 23.42
C MET P 309 3.97 -20.85 23.36
N ALA P 310 3.47 -19.62 23.38
CA ALA P 310 2.03 -19.38 23.42
C ALA P 310 1.71 -18.11 22.65
N THR P 311 0.77 -18.19 21.71
CA THR P 311 0.37 -17.03 20.91
C THR P 311 -1.12 -16.91 20.67
N ASN P 312 -1.46 -15.93 19.84
CA ASN P 312 -2.71 -15.87 19.09
C ASN P 312 -2.52 -16.65 17.79
N ARG P 313 -3.35 -16.34 16.78
CA ARG P 313 -3.38 -16.98 15.45
C ARG P 313 -1.99 -17.23 14.87
N ALA P 314 -1.74 -18.49 14.53
CA ALA P 314 -0.40 -18.98 14.23
C ALA P 314 -0.06 -18.98 12.74
N ASP P 315 -0.98 -18.54 11.88
CA ASP P 315 -0.66 -18.42 10.46
C ASP P 315 0.29 -17.27 10.15
N THR P 316 0.43 -16.33 11.09
CA THR P 316 1.24 -15.14 10.83
C THR P 316 2.73 -15.47 10.83
N LEU P 317 3.15 -16.37 11.71
CA LEU P 317 4.55 -16.49 12.07
C LEU P 317 5.34 -17.26 11.01
N ASP P 318 6.62 -17.47 11.32
CA ASP P 318 7.57 -17.98 10.34
C ASP P 318 7.32 -19.46 10.05
N PRO P 319 7.25 -19.86 8.79
CA PRO P 319 7.23 -21.31 8.48
C PRO P 319 8.53 -22.03 8.81
N ALA P 320 9.64 -21.30 9.00
CA ALA P 320 10.89 -21.93 9.42
C ALA P 320 10.80 -22.43 10.86
N LEU P 321 9.97 -21.78 11.69
CA LEU P 321 9.74 -22.29 13.03
C LEU P 321 8.91 -23.57 13.02
N LEU P 322 7.99 -23.70 12.08
CA LEU P 322 6.95 -24.71 12.17
C LEU P 322 7.38 -26.07 11.64
N ARG P 323 8.66 -26.28 11.35
CA ARG P 323 9.03 -27.63 10.95
C ARG P 323 9.15 -28.53 12.19
N PRO P 324 8.71 -29.77 12.10
CA PRO P 324 8.89 -30.69 13.23
C PRO P 324 10.36 -31.07 13.37
N GLY P 325 10.74 -31.37 14.61
CA GLY P 325 12.12 -31.37 15.03
C GLY P 325 12.48 -30.11 15.79
N ARG P 326 11.70 -29.04 15.60
CA ARG P 326 11.83 -27.80 16.34
C ARG P 326 10.57 -27.46 17.13
N LEU P 327 9.40 -27.58 16.50
CA LEU P 327 8.11 -27.24 17.11
C LEU P 327 7.11 -28.36 16.84
N ASP P 328 7.50 -29.57 17.26
CA ASP P 328 6.78 -30.82 17.00
C ASP P 328 5.29 -30.78 17.33
N ARG P 329 4.89 -30.02 18.35
CA ARG P 329 3.53 -30.07 18.84
C ARG P 329 2.78 -28.78 18.50
N LYS P 330 1.53 -28.95 18.04
CA LYS P 330 0.63 -27.84 17.75
C LYS P 330 -0.67 -28.11 18.48
N ILE P 331 -1.06 -27.23 19.40
CA ILE P 331 -2.26 -27.42 20.20
C ILE P 331 -3.15 -26.19 20.05
N GLU P 332 -4.39 -26.41 19.63
CA GLU P 332 -5.36 -25.36 19.45
C GLU P 332 -6.30 -25.29 20.65
N PHE P 333 -6.68 -24.07 21.03
CA PHE P 333 -7.56 -23.87 22.17
C PHE P 333 -8.91 -23.35 21.71
N PRO P 334 -9.99 -24.09 21.92
CA PRO P 334 -11.34 -23.53 21.76
C PRO P 334 -11.68 -22.67 22.98
N LEU P 335 -12.85 -22.02 22.94
CA LEU P 335 -13.12 -21.08 24.04
C LEU P 335 -13.49 -21.79 25.35
N PRO P 336 -14.78 -22.04 25.68
CA PRO P 336 -15.25 -23.41 25.94
C PRO P 336 -16.18 -23.88 24.83
N ASP P 337 -16.74 -25.06 25.00
CA ASP P 337 -18.05 -25.37 24.46
C ASP P 337 -18.98 -25.71 25.63
N ARG P 338 -20.16 -26.23 25.31
CA ARG P 338 -20.99 -26.87 26.32
C ARG P 338 -20.27 -28.11 26.85
N ARG P 339 -20.55 -28.46 28.11
CA ARG P 339 -19.90 -29.42 29.02
C ARG P 339 -18.59 -28.89 29.57
N GLN P 340 -18.11 -27.76 29.07
CA GLN P 340 -16.95 -27.12 29.65
C GLN P 340 -17.31 -25.87 30.42
N LYS P 341 -18.44 -25.24 30.09
CA LYS P 341 -19.00 -24.22 30.97
C LYS P 341 -19.45 -24.83 32.29
N ARG P 342 -19.90 -26.09 32.27
CA ARG P 342 -20.31 -26.74 33.51
C ARG P 342 -19.10 -27.02 34.40
N LEU P 343 -18.00 -27.45 33.81
CA LEU P 343 -16.84 -27.83 34.61
C LEU P 343 -16.15 -26.63 35.23
N ILE P 344 -16.12 -25.49 34.55
CA ILE P 344 -15.48 -24.32 35.13
C ILE P 344 -16.38 -23.67 36.15
N PHE P 345 -17.70 -23.67 35.91
CA PHE P 345 -18.64 -23.17 36.91
C PHE P 345 -18.65 -24.04 38.15
N SER P 346 -18.40 -25.33 38.00
CA SER P 346 -18.36 -26.22 39.16
C SER P 346 -17.14 -25.94 40.02
N THR P 347 -15.96 -25.87 39.40
CA THR P 347 -14.70 -25.79 40.15
C THR P 347 -14.50 -24.43 40.80
N ILE P 348 -14.96 -23.35 40.15
CA ILE P 348 -14.83 -22.03 40.77
C ILE P 348 -15.79 -21.89 41.93
N THR P 349 -17.03 -22.35 41.76
CA THR P 349 -17.99 -22.31 42.86
C THR P 349 -17.83 -23.47 43.84
N SER P 350 -16.92 -24.41 43.59
CA SER P 350 -16.58 -25.41 44.59
C SER P 350 -15.86 -24.76 45.76
N LYS P 351 -14.84 -23.95 45.47
CA LYS P 351 -14.10 -23.23 46.49
C LYS P 351 -14.72 -21.83 46.68
N MET P 352 -16.03 -21.82 46.87
CA MET P 352 -16.79 -20.59 47.02
C MET P 352 -18.10 -20.94 47.70
N ASN P 353 -18.37 -20.32 48.85
CA ASN P 353 -19.60 -20.60 49.58
C ASN P 353 -20.76 -19.89 48.88
N LEU P 354 -21.45 -20.62 48.01
CA LEU P 354 -22.64 -20.09 47.35
C LEU P 354 -23.87 -20.27 48.23
N SER P 355 -24.22 -21.53 48.52
CA SER P 355 -25.20 -21.93 49.52
C SER P 355 -26.59 -21.36 49.24
N GLU P 356 -27.08 -21.59 48.03
CA GLU P 356 -28.43 -21.20 47.66
C GLU P 356 -29.10 -22.35 46.93
N GLU P 357 -30.35 -22.10 46.53
CA GLU P 357 -31.08 -22.99 45.62
C GLU P 357 -31.23 -22.34 44.25
N VAL P 358 -30.33 -21.42 43.92
CA VAL P 358 -30.34 -20.75 42.62
C VAL P 358 -29.42 -21.53 41.70
N ASP P 359 -29.99 -22.11 40.66
CA ASP P 359 -29.24 -23.02 39.80
C ASP P 359 -28.40 -22.24 38.80
N LEU P 360 -27.13 -22.63 38.67
CA LEU P 360 -26.19 -21.95 37.78
C LEU P 360 -26.30 -22.39 36.34
N GLU P 361 -26.89 -23.56 36.07
CA GLU P 361 -26.94 -24.10 34.71
C GLU P 361 -27.87 -23.31 33.79
N ASP P 362 -28.73 -22.45 34.35
CA ASP P 362 -29.44 -21.45 33.55
C ASP P 362 -28.50 -20.49 32.84
N TYR P 363 -27.25 -20.38 33.30
CA TYR P 363 -26.20 -19.65 32.62
C TYR P 363 -25.22 -20.55 31.89
N VAL P 364 -25.28 -21.86 32.09
CA VAL P 364 -24.58 -22.77 31.19
C VAL P 364 -25.25 -22.77 29.82
N ALA P 365 -26.58 -22.89 29.79
CA ALA P 365 -27.33 -23.04 28.55
C ALA P 365 -27.46 -21.75 27.76
N ARG P 366 -26.86 -20.67 28.21
CA ARG P 366 -26.93 -19.43 27.46
C ARG P 366 -25.98 -19.46 26.26
N PRO P 367 -26.38 -18.84 25.17
CA PRO P 367 -25.43 -18.30 24.18
C PRO P 367 -24.75 -17.03 24.67
N ASP P 368 -24.14 -16.26 23.76
CA ASP P 368 -23.13 -15.23 24.06
C ASP P 368 -21.91 -15.88 24.73
N LYS P 369 -21.19 -16.61 23.89
CA LYS P 369 -19.99 -17.36 24.29
C LYS P 369 -18.98 -16.49 25.03
N ILE P 370 -18.54 -17.00 26.18
CA ILE P 370 -17.74 -16.25 27.14
C ILE P 370 -16.34 -16.85 27.17
N SER P 371 -15.33 -16.00 27.12
CA SER P 371 -13.96 -16.46 27.29
C SER P 371 -13.74 -16.90 28.73
N GLY P 372 -12.84 -17.88 28.90
CA GLY P 372 -12.61 -18.53 30.18
C GLY P 372 -12.12 -17.62 31.28
N ALA P 373 -11.49 -16.50 30.93
CA ALA P 373 -11.09 -15.54 31.94
C ALA P 373 -12.29 -14.77 32.49
N ASP P 374 -13.34 -14.60 31.69
CA ASP P 374 -14.48 -13.82 32.13
C ASP P 374 -15.45 -14.62 32.98
N ILE P 375 -15.39 -15.95 32.92
CA ILE P 375 -16.09 -16.78 33.92
C ILE P 375 -15.55 -16.48 35.32
N ASN P 376 -14.23 -16.34 35.43
CA ASN P 376 -13.60 -15.97 36.70
C ASN P 376 -14.05 -14.58 37.16
N SER P 377 -14.36 -13.69 36.21
CA SER P 377 -14.81 -12.36 36.58
C SER P 377 -16.24 -12.38 37.11
N ILE P 378 -17.07 -13.31 36.65
CA ILE P 378 -18.47 -13.34 37.07
C ILE P 378 -18.58 -13.75 38.54
N CYS P 379 -17.90 -14.82 38.92
CA CYS P 379 -18.04 -15.34 40.28
C CYS P 379 -17.37 -14.43 41.30
N GLN P 380 -16.33 -13.71 40.89
CA GLN P 380 -15.72 -12.74 41.80
C GLN P 380 -16.53 -11.46 41.90
N GLU P 381 -17.25 -11.07 40.85
CA GLU P 381 -18.04 -9.84 40.91
C GLU P 381 -19.26 -10.03 41.82
N SER P 382 -19.93 -11.16 41.71
CA SER P 382 -21.03 -11.47 42.62
C SER P 382 -20.56 -11.67 44.05
N GLY P 383 -19.28 -12.02 44.25
CA GLY P 383 -18.71 -11.98 45.58
C GLY P 383 -18.63 -10.56 46.11
N MET P 384 -18.24 -9.61 45.25
CA MET P 384 -18.28 -8.21 45.64
C MET P 384 -19.71 -7.70 45.77
N LEU P 385 -20.61 -8.17 44.92
CA LEU P 385 -21.96 -7.63 44.86
C LEU P 385 -22.89 -8.25 45.93
N ALA P 386 -22.32 -8.90 46.93
CA ALA P 386 -23.04 -9.28 48.15
C ALA P 386 -22.34 -8.81 49.42
N VAL P 387 -21.01 -8.85 49.44
CA VAL P 387 -20.25 -8.45 50.63
C VAL P 387 -20.30 -6.94 50.81
N ARG P 388 -20.23 -6.19 49.71
CA ARG P 388 -20.32 -4.73 49.78
C ARG P 388 -21.69 -4.27 50.26
N GLU P 389 -22.72 -5.08 50.02
CA GLU P 389 -24.06 -4.84 50.55
C GLU P 389 -24.28 -5.48 51.90
N ASN P 390 -23.20 -5.93 52.56
CA ASN P 390 -23.18 -6.53 53.90
C ASN P 390 -24.05 -7.79 53.96
N ARG P 391 -23.62 -8.80 53.21
CA ARG P 391 -24.20 -10.13 53.26
C ARG P 391 -23.10 -11.14 53.55
N TYR P 392 -23.35 -12.04 54.49
CA TYR P 392 -22.38 -13.08 54.80
C TYR P 392 -22.54 -14.29 53.88
N ILE P 393 -23.45 -14.23 52.92
CA ILE P 393 -23.62 -15.28 51.94
C ILE P 393 -24.15 -14.64 50.66
N VAL P 394 -23.74 -15.20 49.52
CA VAL P 394 -24.35 -14.82 48.25
C VAL P 394 -25.81 -15.25 48.27
N LEU P 395 -26.70 -14.34 47.90
CA LEU P 395 -28.12 -14.66 47.77
C LEU P 395 -28.52 -14.88 46.32
N ALA P 396 -27.63 -14.59 45.38
CA ALA P 396 -27.75 -14.90 43.95
C ALA P 396 -28.93 -14.19 43.29
N LYS P 397 -29.37 -13.08 43.89
CA LYS P 397 -30.13 -12.09 43.15
C LYS P 397 -29.23 -11.05 42.52
N ASP P 398 -27.99 -10.94 43.01
CA ASP P 398 -26.94 -10.15 42.39
C ASP P 398 -26.29 -10.86 41.21
N PHE P 399 -26.43 -12.18 41.15
CA PHE P 399 -25.74 -12.98 40.13
C PHE P 399 -26.25 -12.69 38.73
N GLU P 400 -27.51 -12.25 38.63
CA GLU P 400 -28.03 -11.76 37.35
C GLU P 400 -27.33 -10.49 36.93
N LYS P 401 -27.12 -9.56 37.87
CA LYS P 401 -26.53 -8.27 37.54
C LYS P 401 -25.06 -8.38 37.21
N ALA P 402 -24.34 -9.29 37.89
CA ALA P 402 -22.93 -9.48 37.57
C ALA P 402 -22.76 -10.17 36.23
N TYR P 403 -23.73 -10.99 35.83
CA TYR P 403 -23.70 -11.60 34.51
C TYR P 403 -23.94 -10.57 33.42
N LYS P 404 -24.91 -9.68 33.63
CA LYS P 404 -25.23 -8.67 32.63
C LYS P 404 -24.19 -7.57 32.57
N THR P 405 -23.37 -7.42 33.61
CA THR P 405 -22.36 -6.37 33.62
C THR P 405 -21.21 -6.70 32.66
N VAL P 406 -20.60 -7.87 32.84
CA VAL P 406 -19.40 -8.22 32.08
C VAL P 406 -19.71 -8.61 30.65
N ILE P 407 -20.95 -8.96 30.34
CA ILE P 407 -21.28 -9.37 28.99
C ILE P 407 -21.37 -8.17 28.04
N LYS P 408 -21.51 -6.96 28.58
CA LYS P 408 -21.65 -5.76 27.76
C LYS P 408 -20.26 -5.28 27.37
N LYS P 409 -19.68 -5.94 26.37
CA LYS P 409 -18.46 -5.46 25.72
C LYS P 409 -18.67 -5.52 24.20
N ASP P 410 -19.36 -4.51 23.68
CA ASP P 410 -19.37 -4.21 22.25
C ASP P 410 -19.39 -2.70 22.07
N GLU P 411 -18.55 -2.01 22.84
CA GLU P 411 -18.80 -0.72 23.48
C GLU P 411 -19.50 0.35 22.64
N GLN P 412 -18.86 0.81 21.56
CA GLN P 412 -19.51 1.85 20.77
C GLN P 412 -19.84 1.39 19.36
N GLU P 413 -18.82 1.07 18.54
CA GLU P 413 -18.91 0.63 17.14
C GLU P 413 -19.62 1.67 16.22
N HIS P 414 -19.97 2.83 16.76
CA HIS P 414 -20.52 4.02 16.10
C HIS P 414 -21.84 3.80 15.37
N GLU P 415 -22.47 2.62 15.55
CA GLU P 415 -23.64 2.17 14.78
C GLU P 415 -23.38 2.35 13.29
N PHE P 416 -22.25 1.82 12.85
CA PHE P 416 -21.72 2.13 11.53
C PHE P 416 -20.75 1.03 11.17
N TYR P 417 -20.64 0.76 9.86
CA TYR P 417 -20.12 -0.46 9.25
C TYR P 417 -20.57 -1.73 9.96
N LYS P 418 -21.85 -1.75 10.35
CA LYS P 418 -22.52 -2.82 11.10
C LYS P 418 -21.77 -3.33 12.31
N MET Q 15 47.40 41.41 136.84
CA MET Q 15 46.20 42.22 136.60
C MET Q 15 45.00 41.30 136.39
N ALA Q 16 45.05 40.11 136.99
CA ALA Q 16 44.70 38.83 136.37
C ALA Q 16 43.56 38.82 135.36
N ASP Q 17 42.32 39.16 135.75
CA ASP Q 17 41.14 38.96 134.90
C ASP Q 17 40.06 40.00 135.15
N PRO Q 18 40.25 41.27 134.67
CA PRO Q 18 39.27 42.33 134.92
C PRO Q 18 38.25 42.52 133.79
N ARG Q 19 37.63 41.43 133.36
CA ARG Q 19 36.51 41.37 132.40
C ARG Q 19 36.83 41.83 130.98
N ASP Q 20 38.04 42.32 130.72
CA ASP Q 20 38.37 42.79 129.38
C ASP Q 20 39.55 42.02 128.79
N LYS Q 21 40.56 41.76 129.62
CA LYS Q 21 41.63 40.83 129.23
C LYS Q 21 41.05 39.43 129.02
N ALA Q 22 39.96 39.13 129.72
CA ALA Q 22 39.05 38.08 129.29
C ALA Q 22 38.53 38.36 127.88
N LEU Q 23 37.79 39.45 127.70
CA LEU Q 23 36.97 39.61 126.49
C LEU Q 23 37.81 39.95 125.26
N GLN Q 24 38.97 40.59 125.45
CA GLN Q 24 39.85 40.85 124.33
C GLN Q 24 40.53 39.57 123.84
N ASP Q 25 40.65 38.58 124.74
CA ASP Q 25 41.23 37.30 124.35
C ASP Q 25 40.31 36.52 123.41
N TYR Q 26 39.02 36.43 123.77
CA TYR Q 26 38.05 35.65 123.01
C TYR Q 26 37.90 36.16 121.58
N ARG Q 27 38.11 37.46 121.38
CA ARG Q 27 38.10 38.01 120.03
C ARG Q 27 39.35 37.62 119.26
N LYS Q 28 40.53 37.71 119.89
CA LYS Q 28 41.76 37.46 119.14
C LYS Q 28 42.03 35.98 118.95
N LYS Q 29 41.41 35.14 119.80
CA LYS Q 29 41.51 33.70 119.56
C LYS Q 29 40.56 33.26 118.46
N LEU Q 30 39.36 33.86 118.42
CA LEU Q 30 38.37 33.44 117.42
C LEU Q 30 38.63 34.10 116.07
N LEU Q 31 39.33 35.24 116.05
CA LEU Q 31 39.76 35.81 114.78
C LEU Q 31 40.86 34.97 114.16
N GLU Q 32 41.61 34.26 114.99
CA GLU Q 32 42.74 33.47 114.50
C GLU Q 32 42.26 32.12 113.98
N HIS Q 33 41.19 31.58 114.57
CA HIS Q 33 40.68 30.28 114.17
C HIS Q 33 39.93 30.37 112.84
N LYS Q 34 39.18 31.45 112.64
CA LYS Q 34 38.45 31.62 111.38
C LYS Q 34 39.39 32.04 110.25
N GLU Q 35 40.52 32.66 110.61
CA GLU Q 35 41.56 32.94 109.63
C GLU Q 35 42.20 31.66 109.12
N ILE Q 36 42.45 30.71 110.02
CA ILE Q 36 43.19 29.52 109.63
C ILE Q 36 42.25 28.44 109.09
N ASP Q 37 40.96 28.52 109.39
CA ASP Q 37 39.98 27.61 108.80
C ASP Q 37 39.63 28.02 107.37
N GLY Q 38 39.84 29.28 107.01
CA GLY Q 38 39.53 29.80 105.70
C GLY Q 38 40.43 29.27 104.59
N ARG Q 39 41.75 29.29 104.82
CA ARG Q 39 42.71 28.79 103.84
C ARG Q 39 42.62 27.28 103.72
N LEU Q 40 42.12 26.61 104.76
CA LEU Q 40 41.92 25.17 104.71
C LEU Q 40 40.82 24.80 103.72
N LYS Q 41 39.72 25.57 103.72
CA LYS Q 41 38.63 25.31 102.79
C LYS Q 41 39.03 25.67 101.36
N GLU Q 42 39.85 26.71 101.20
CA GLU Q 42 40.28 27.15 99.88
C GLU Q 42 41.25 26.17 99.25
N LEU Q 43 42.16 25.64 100.05
CA LEU Q 43 43.15 24.70 99.53
C LEU Q 43 42.55 23.33 99.26
N ARG Q 44 41.57 22.90 100.08
CA ARG Q 44 40.89 21.64 99.81
C ARG Q 44 40.03 21.73 98.57
N GLU Q 45 39.51 22.92 98.26
CA GLU Q 45 38.74 23.11 97.04
C GLU Q 45 39.63 23.01 95.82
N GLN Q 46 40.89 23.42 95.95
CA GLN Q 46 41.83 23.34 94.83
C GLN Q 46 42.26 21.90 94.56
N LEU Q 47 42.30 21.08 95.61
CA LEU Q 47 42.66 19.68 95.41
C LEU Q 47 41.51 18.91 94.79
N LYS Q 48 40.28 19.36 95.05
CA LYS Q 48 39.10 18.76 94.44
C LYS Q 48 39.07 19.04 92.93
N GLU Q 49 39.60 20.20 92.54
CA GLU Q 49 39.52 20.61 91.13
C GLU Q 49 40.50 19.83 90.27
N LEU Q 50 41.70 19.57 90.79
CA LEU Q 50 42.74 18.92 90.00
C LEU Q 50 42.45 17.43 89.78
N THR Q 51 41.63 16.85 90.67
CA THR Q 51 41.25 15.45 90.51
C THR Q 51 40.35 15.27 89.29
N LYS Q 52 39.53 16.28 89.00
CA LYS Q 52 38.73 16.32 87.79
C LYS Q 52 39.64 16.38 86.57
N GLN Q 53 40.74 17.13 86.67
CA GLN Q 53 41.71 17.18 85.58
C GLN Q 53 42.47 15.87 85.46
N TYR Q 54 42.78 15.24 86.59
CA TYR Q 54 43.51 13.98 86.56
C TYR Q 54 42.64 12.85 86.04
N GLU Q 55 41.32 12.97 86.22
CA GLU Q 55 40.35 12.04 85.66
C GLU Q 55 40.38 12.05 84.14
N LYS Q 56 40.50 13.24 83.55
CA LYS Q 56 40.53 13.34 82.10
C LYS Q 56 41.84 12.81 81.53
N SER Q 57 42.94 12.94 82.30
CA SER Q 57 44.22 12.42 81.83
C SER Q 57 44.24 10.89 81.83
N GLU Q 58 43.67 10.27 82.86
CA GLU Q 58 43.65 8.82 82.93
C GLU Q 58 42.64 8.23 81.96
N ASN Q 59 41.61 8.98 81.59
CA ASN Q 59 40.74 8.55 80.50
C ASN Q 59 41.48 8.57 79.17
N ASP Q 60 42.41 9.52 79.01
CA ASP Q 60 43.18 9.58 77.78
C ASP Q 60 44.23 8.48 77.71
N LEU Q 61 44.79 8.10 78.87
CA LEU Q 61 45.71 6.97 78.91
C LEU Q 61 44.99 5.67 78.62
N LYS Q 62 43.73 5.57 79.03
CA LYS Q 62 42.89 4.47 78.58
C LYS Q 62 42.57 4.58 77.10
N ALA Q 63 42.38 5.82 76.64
CA ALA Q 63 42.06 6.07 75.24
C ALA Q 63 43.33 6.17 74.40
N LEU Q 64 43.96 5.01 74.17
CA LEU Q 64 45.19 4.95 73.38
C LEU Q 64 45.43 3.56 72.84
N GLN Q 65 44.38 2.92 72.34
CA GLN Q 65 44.48 1.57 71.82
C GLN Q 65 43.28 1.23 70.93
N SER Q 66 42.84 2.21 70.15
CA SER Q 66 41.70 2.03 69.25
C SER Q 66 42.24 1.75 67.85
N VAL Q 67 43.05 0.68 67.74
CA VAL Q 67 43.65 0.29 66.48
C VAL Q 67 42.65 0.19 65.33
N GLY Q 68 41.45 0.73 65.52
CA GLY Q 68 40.47 0.67 64.45
C GLY Q 68 39.64 -0.59 64.31
N GLN Q 69 38.61 -0.51 63.47
CA GLN Q 69 37.88 -1.67 63.00
C GLN Q 69 37.53 -1.43 61.54
N ILE Q 70 37.45 -2.51 60.77
CA ILE Q 70 37.19 -2.45 59.34
C ILE Q 70 35.70 -2.63 59.10
N VAL Q 71 35.08 -1.70 58.38
CA VAL Q 71 33.65 -1.73 58.13
C VAL Q 71 33.39 -2.47 56.82
N GLY Q 72 32.55 -3.50 56.89
CA GLY Q 72 32.18 -4.28 55.72
C GLY Q 72 30.74 -4.72 55.84
N GLU Q 73 30.30 -5.46 54.82
CA GLU Q 73 28.94 -5.98 54.78
C GLU Q 73 28.95 -7.45 54.41
N VAL Q 74 28.03 -8.19 55.02
CA VAL Q 74 27.92 -9.62 54.78
C VAL Q 74 27.25 -9.85 53.43
N LEU Q 75 27.94 -10.57 52.55
CA LEU Q 75 27.38 -10.90 51.25
C LEU Q 75 26.48 -12.14 51.31
N LYS Q 76 27.01 -13.23 51.86
CA LYS Q 76 26.22 -14.44 52.07
C LYS Q 76 26.87 -15.25 53.18
N GLN Q 77 26.16 -16.30 53.60
CA GLN Q 77 26.61 -17.20 54.65
C GLN Q 77 27.16 -18.47 54.01
N LEU Q 78 28.44 -18.77 54.27
CA LEU Q 78 29.04 -19.97 53.71
C LEU Q 78 28.73 -21.20 54.56
N THR Q 79 29.23 -21.22 55.80
CA THR Q 79 28.94 -22.27 56.77
C THR Q 79 28.48 -21.61 58.06
N GLU Q 80 28.45 -22.41 59.14
CA GLU Q 80 28.04 -21.90 60.44
C GLU Q 80 29.00 -20.85 61.00
N GLU Q 81 30.29 -20.95 60.67
CA GLU Q 81 31.26 -19.97 61.13
C GLU Q 81 32.12 -19.41 60.00
N LYS Q 82 31.78 -19.70 58.75
CA LYS Q 82 32.40 -19.04 57.61
C LYS Q 82 31.36 -18.19 56.90
N PHE Q 83 31.75 -16.96 56.57
CA PHE Q 83 30.89 -16.01 55.90
C PHE Q 83 31.67 -15.40 54.74
N ILE Q 84 30.97 -14.64 53.90
CA ILE Q 84 31.60 -13.91 52.81
C ILE Q 84 31.26 -12.44 53.01
N VAL Q 85 32.29 -11.63 53.26
CA VAL Q 85 32.12 -10.20 53.45
C VAL Q 85 32.92 -9.48 52.38
N LYS Q 86 32.72 -8.16 52.31
CA LYS Q 86 33.42 -7.33 51.36
C LYS Q 86 33.61 -5.95 51.98
N ALA Q 87 34.81 -5.38 51.81
CA ALA Q 87 35.07 -4.03 52.28
C ALA Q 87 34.29 -3.02 51.44
N THR Q 88 34.18 -1.80 51.98
CA THR Q 88 33.39 -0.75 51.32
C THR Q 88 34.06 -0.25 50.05
N ASN Q 89 35.38 -0.42 49.92
CA ASN Q 89 36.09 -0.09 48.71
C ASN Q 89 37.07 -1.18 48.29
N GLY Q 90 37.09 -2.31 48.99
CA GLY Q 90 38.12 -3.30 48.76
C GLY Q 90 37.59 -4.66 48.34
N PRO Q 91 38.41 -5.69 48.53
CA PRO Q 91 38.08 -7.02 48.00
C PRO Q 91 37.16 -7.81 48.90
N ARG Q 92 36.93 -9.08 48.55
CA ARG Q 92 36.10 -9.98 49.31
C ARG Q 92 36.96 -10.90 50.17
N TYR Q 93 36.34 -11.45 51.22
CA TYR Q 93 37.05 -12.24 52.21
C TYR Q 93 36.16 -13.35 52.74
N VAL Q 94 36.79 -14.31 53.42
CA VAL Q 94 36.10 -15.37 54.16
C VAL Q 94 36.52 -15.27 55.61
N VAL Q 95 35.55 -15.09 56.51
CA VAL Q 95 35.83 -14.64 57.87
C VAL Q 95 35.12 -15.55 58.86
N GLY Q 96 35.27 -15.20 60.15
CA GLY Q 96 34.56 -15.85 61.23
C GLY Q 96 34.16 -14.83 62.28
N CYS Q 97 33.50 -15.33 63.33
CA CYS Q 97 33.02 -14.49 64.41
C CYS Q 97 33.95 -14.61 65.62
N ARG Q 98 33.58 -13.95 66.73
CA ARG Q 98 34.50 -13.97 67.85
C ARG Q 98 34.38 -15.24 68.68
N ARG Q 99 33.37 -15.31 69.55
CA ARG Q 99 33.02 -16.56 70.22
C ARG Q 99 31.51 -16.76 70.32
N GLN Q 100 30.80 -15.68 70.66
CA GLN Q 100 29.42 -15.73 71.14
C GLN Q 100 28.60 -14.61 70.50
N LEU Q 101 28.75 -14.43 69.20
CA LEU Q 101 28.26 -13.25 68.51
C LEU Q 101 26.78 -13.38 68.12
N ASP Q 102 26.13 -14.51 68.43
CA ASP Q 102 24.74 -14.82 68.08
C ASP Q 102 24.54 -14.75 66.57
N LYS Q 103 25.17 -15.72 65.91
CA LYS Q 103 25.39 -15.74 64.47
C LYS Q 103 24.10 -15.85 63.66
N SER Q 104 22.96 -16.16 64.28
CA SER Q 104 21.69 -16.20 63.56
C SER Q 104 21.24 -14.82 63.11
N LYS Q 105 21.69 -13.76 63.78
CA LYS Q 105 21.30 -12.40 63.39
C LYS Q 105 22.09 -11.91 62.19
N LEU Q 106 23.13 -12.62 61.76
CA LEU Q 106 23.94 -12.20 60.62
C LEU Q 106 23.24 -12.62 59.34
N LYS Q 107 22.17 -11.91 59.02
CA LYS Q 107 21.53 -12.22 57.75
C LYS Q 107 22.24 -11.48 56.62
N PRO Q 108 22.37 -12.11 55.44
CA PRO Q 108 23.16 -11.51 54.35
C PRO Q 108 22.57 -10.20 53.82
N GLY Q 109 23.30 -9.12 54.03
CA GLY Q 109 22.84 -7.79 53.68
C GLY Q 109 23.11 -6.81 54.80
N THR Q 110 23.44 -7.33 55.98
CA THR Q 110 23.72 -6.49 57.14
C THR Q 110 25.10 -5.85 57.02
N ARG Q 111 25.38 -4.92 57.93
CA ARG Q 111 26.66 -4.24 58.00
C ARG Q 111 27.36 -4.66 59.28
N VAL Q 112 28.58 -5.19 59.15
CA VAL Q 112 29.34 -5.68 60.29
C VAL Q 112 30.64 -4.89 60.38
N ALA Q 113 31.42 -5.19 61.41
CA ALA Q 113 32.71 -4.59 61.63
C ALA Q 113 33.76 -5.68 61.79
N LEU Q 114 34.92 -5.45 61.19
CA LEU Q 114 35.96 -6.46 61.13
C LEU Q 114 37.20 -6.00 61.88
N ASP Q 115 38.02 -6.97 62.27
CA ASP Q 115 39.33 -6.69 62.84
C ASP Q 115 40.28 -6.21 61.73
N MET Q 116 41.34 -5.52 62.15
CA MET Q 116 42.32 -5.03 61.18
C MET Q 116 43.21 -6.16 60.68
N THR Q 117 43.80 -6.93 61.60
CA THR Q 117 44.77 -7.96 61.26
C THR Q 117 44.19 -9.37 61.27
N THR Q 118 43.50 -9.74 62.35
CA THR Q 118 42.84 -11.04 62.42
C THR Q 118 41.67 -11.11 61.44
N LEU Q 119 41.05 -9.96 61.17
CA LEU Q 119 40.12 -9.69 60.09
C LEU Q 119 38.78 -10.41 60.30
N THR Q 120 38.54 -10.92 61.50
CA THR Q 120 37.29 -11.60 61.82
C THR Q 120 36.22 -10.60 62.26
N ILE Q 121 34.98 -11.08 62.37
CA ILE Q 121 33.83 -10.23 62.67
C ILE Q 121 33.84 -9.87 64.14
N MET Q 122 33.65 -8.58 64.45
CA MET Q 122 33.50 -8.11 65.82
C MET Q 122 32.05 -7.88 66.21
N ARG Q 123 31.33 -7.05 65.46
CA ARG Q 123 29.97 -6.68 65.82
C ARG Q 123 29.24 -6.16 64.59
N TYR Q 124 28.00 -6.57 64.42
CA TYR Q 124 27.14 -6.06 63.37
C TYR Q 124 26.60 -4.68 63.76
N LEU Q 125 26.23 -3.91 62.74
CA LEU Q 125 25.78 -2.54 62.93
C LEU Q 125 24.56 -2.26 62.06
N PRO Q 126 23.62 -1.45 62.53
CA PRO Q 126 22.50 -1.04 61.69
C PRO Q 126 22.92 0.03 60.68
N ARG Q 127 22.03 0.31 59.74
CA ARG Q 127 22.38 1.11 58.58
C ARG Q 127 21.26 2.07 58.21
N GLU Q 128 21.64 3.29 57.82
CA GLU Q 128 20.76 4.17 57.05
C GLU Q 128 21.65 5.06 56.18
N VAL Q 129 21.44 4.99 54.87
CA VAL Q 129 22.25 5.74 53.91
C VAL Q 129 21.42 5.91 52.63
N ASP Q 130 21.94 6.69 51.66
CA ASP Q 130 21.46 6.73 50.27
C ASP Q 130 20.01 7.13 50.10
N PRO Q 131 19.68 8.44 50.08
CA PRO Q 131 18.28 8.90 50.04
C PRO Q 131 17.39 8.43 48.89
N LEU Q 132 17.90 7.59 47.98
CA LEU Q 132 17.02 6.76 47.15
C LEU Q 132 16.18 5.82 48.01
N VAL Q 133 16.70 5.42 49.18
CA VAL Q 133 15.91 4.71 50.19
C VAL Q 133 14.75 5.59 50.66
N TYR Q 134 14.97 6.91 50.74
CA TYR Q 134 13.90 7.85 51.09
C TYR Q 134 12.92 8.10 49.95
N ASN Q 135 13.01 7.35 48.85
CA ASN Q 135 11.95 7.35 47.85
C ASN Q 135 11.02 6.16 47.99
N MET Q 136 11.39 5.15 48.79
CA MET Q 136 10.64 3.90 48.80
C MET Q 136 10.40 3.26 50.15
N SER Q 137 11.11 3.64 51.22
CA SER Q 137 11.13 2.81 52.43
C SER Q 137 10.65 3.49 53.70
N HIS Q 138 10.75 4.82 53.79
CA HIS Q 138 10.39 5.50 55.03
C HIS Q 138 8.87 5.54 55.19
N GLU Q 139 8.43 5.88 56.40
CA GLU Q 139 7.02 5.98 56.71
C GLU Q 139 6.59 7.44 56.77
N ASP Q 140 5.28 7.64 56.81
CA ASP Q 140 4.68 8.95 57.01
C ASP Q 140 3.40 8.78 57.81
N PRO Q 141 3.50 8.65 59.17
CA PRO Q 141 2.31 8.51 60.02
C PRO Q 141 1.69 9.85 60.43
N GLY Q 142 1.57 10.76 59.47
CA GLY Q 142 1.00 12.07 59.72
C GLY Q 142 -0.43 12.14 59.22
N ASN Q 143 -1.27 12.79 60.01
CA ASN Q 143 -2.70 12.88 59.73
C ASN Q 143 -3.11 14.31 59.40
N VAL Q 144 -4.23 14.43 58.71
CA VAL Q 144 -5.00 15.66 58.66
C VAL Q 144 -6.38 15.33 59.22
N SER Q 145 -7.01 16.34 59.82
CA SER Q 145 -8.27 16.09 60.53
C SER Q 145 -9.50 16.32 59.64
N TYR Q 146 -9.47 15.73 58.44
CA TYR Q 146 -10.58 15.55 57.49
C TYR Q 146 -11.31 16.82 57.06
N SER Q 147 -10.85 18.00 57.48
CA SER Q 147 -11.51 19.25 57.15
C SER Q 147 -10.53 20.28 56.61
N GLU Q 148 -9.25 19.95 56.56
CA GLU Q 148 -8.25 20.83 55.95
C GLU Q 148 -8.41 20.85 54.44
N ILE Q 149 -9.05 19.82 53.89
CA ILE Q 149 -9.41 19.76 52.48
C ILE Q 149 -10.93 19.88 52.42
N GLY Q 150 -11.46 20.38 51.31
CA GLY Q 150 -12.88 20.63 51.24
C GLY Q 150 -13.54 20.53 49.89
N GLY Q 151 -14.77 20.02 49.87
CA GLY Q 151 -15.60 20.06 48.68
C GLY Q 151 -15.56 18.81 47.83
N LEU Q 152 -15.28 17.67 48.45
CA LEU Q 152 -15.26 16.39 47.76
C LEU Q 152 -15.97 15.34 48.61
N SER Q 153 -17.14 15.71 49.15
CA SER Q 153 -17.78 14.96 50.23
C SER Q 153 -18.25 13.58 49.78
N GLU Q 154 -18.60 13.41 48.51
CA GLU Q 154 -19.02 12.11 48.02
C GLU Q 154 -17.84 11.16 47.90
N GLN Q 155 -16.64 11.70 47.68
CA GLN Q 155 -15.47 10.91 47.35
C GLN Q 155 -14.53 10.72 48.53
N ILE Q 156 -14.77 11.40 49.65
CA ILE Q 156 -14.09 11.08 50.91
C ILE Q 156 -14.44 9.65 51.33
N ARG Q 157 -15.69 9.25 51.08
CA ARG Q 157 -16.24 8.06 51.70
C ARG Q 157 -16.38 6.91 50.72
N GLU Q 158 -16.63 7.22 49.44
CA GLU Q 158 -16.72 6.19 48.41
C GLU Q 158 -15.38 5.45 48.26
N LEU Q 159 -14.29 6.16 48.52
CA LEU Q 159 -12.99 5.52 48.57
C LEU Q 159 -12.69 4.92 49.95
N ARG Q 160 -13.38 5.36 50.99
CA ARG Q 160 -13.08 4.93 52.35
C ARG Q 160 -13.38 3.46 52.62
N GLU Q 161 -14.66 3.07 52.54
CA GLU Q 161 -15.02 1.70 52.90
C GLU Q 161 -14.73 0.69 51.80
N VAL Q 162 -14.37 1.13 50.59
CA VAL Q 162 -13.89 0.18 49.60
C VAL Q 162 -12.45 -0.24 49.92
N ILE Q 163 -11.77 0.50 50.79
CA ILE Q 163 -10.48 0.11 51.31
C ILE Q 163 -10.59 -0.41 52.75
N GLU Q 164 -11.45 0.22 53.54
CA GLU Q 164 -11.53 -0.08 54.97
C GLU Q 164 -12.12 -1.47 55.23
N LEU Q 165 -13.31 -1.72 54.68
CA LEU Q 165 -13.97 -3.01 54.87
C LEU Q 165 -13.19 -4.24 54.39
N PRO Q 166 -12.42 -4.22 53.30
CA PRO Q 166 -11.58 -5.42 53.05
C PRO Q 166 -10.42 -5.57 54.01
N LEU Q 167 -9.79 -4.47 54.47
CA LEU Q 167 -8.67 -4.64 55.38
C LEU Q 167 -9.12 -4.93 56.81
N THR Q 168 -10.21 -4.30 57.26
CA THR Q 168 -10.73 -4.56 58.60
C THR Q 168 -11.40 -5.92 58.69
N ASN Q 169 -11.98 -6.41 57.60
CA ASN Q 169 -12.78 -7.62 57.64
C ASN Q 169 -12.31 -8.57 56.55
N PRO Q 170 -11.26 -9.35 56.80
CA PRO Q 170 -10.90 -10.42 55.87
C PRO Q 170 -11.69 -11.69 56.09
N GLU Q 171 -12.49 -11.75 57.17
CA GLU Q 171 -13.24 -12.95 57.48
C GLU Q 171 -14.44 -13.14 56.57
N LEU Q 172 -15.03 -12.05 56.06
CA LEU Q 172 -16.04 -12.18 55.01
C LEU Q 172 -15.47 -12.69 53.71
N PHE Q 173 -14.16 -12.57 53.51
CA PHE Q 173 -13.48 -13.11 52.34
C PHE Q 173 -13.15 -14.59 52.50
N GLN Q 174 -13.74 -15.24 53.50
CA GLN Q 174 -13.88 -16.68 53.55
C GLN Q 174 -15.32 -17.11 53.77
N ARG Q 175 -16.22 -16.17 54.08
CA ARG Q 175 -17.64 -16.50 54.15
C ARG Q 175 -18.23 -16.68 52.77
N VAL Q 176 -17.60 -16.11 51.74
CA VAL Q 176 -17.84 -16.47 50.35
C VAL Q 176 -16.57 -16.88 49.64
N GLY Q 177 -15.49 -16.15 49.84
CA GLY Q 177 -14.14 -16.54 49.46
C GLY Q 177 -13.68 -15.90 48.17
N ILE Q 178 -13.06 -14.73 48.30
CA ILE Q 178 -12.23 -14.09 47.28
C ILE Q 178 -11.37 -13.01 47.95
N ILE Q 179 -10.09 -13.03 47.66
CA ILE Q 179 -9.08 -12.17 48.30
C ILE Q 179 -8.88 -10.76 47.70
N PRO Q 180 -8.83 -10.52 46.37
CA PRO Q 180 -8.37 -9.19 45.87
C PRO Q 180 -9.47 -8.18 45.55
N PRO Q 181 -10.02 -7.42 46.52
CA PRO Q 181 -10.39 -6.04 46.17
C PRO Q 181 -9.22 -5.06 46.24
N LYS Q 182 -8.49 -4.86 45.14
CA LYS Q 182 -7.20 -4.17 45.20
C LYS Q 182 -7.25 -2.72 44.71
N GLY Q 183 -8.31 -1.99 45.02
CA GLY Q 183 -8.19 -0.54 45.05
C GLY Q 183 -8.74 0.13 43.80
N CYS Q 184 -8.94 1.44 43.93
CA CYS Q 184 -9.58 2.26 42.91
C CYS Q 184 -8.57 3.00 42.06
N LEU Q 185 -9.06 3.57 40.96
CA LEU Q 185 -8.28 4.45 40.11
C LEU Q 185 -8.73 5.89 40.32
N LEU Q 186 -7.84 6.70 40.85
CA LEU Q 186 -8.07 8.13 41.04
C LEU Q 186 -7.54 8.84 39.80
N TYR Q 187 -8.44 9.24 38.92
CA TYR Q 187 -8.05 9.92 37.69
C TYR Q 187 -8.85 11.20 37.51
N GLY Q 188 -8.22 12.17 36.86
CA GLY Q 188 -8.82 13.46 36.62
C GLY Q 188 -7.79 14.53 36.35
N PRO Q 189 -7.89 15.66 37.05
CA PRO Q 189 -6.89 16.71 36.93
C PRO Q 189 -5.69 16.40 37.81
N PRO Q 190 -4.60 17.15 37.68
CA PRO Q 190 -3.61 17.18 38.77
C PRO Q 190 -4.21 17.78 40.04
N GLY Q 191 -4.68 19.04 39.95
CA GLY Q 191 -5.32 19.79 41.02
C GLY Q 191 -4.66 19.71 42.38
N THR Q 192 -5.48 19.61 43.42
CA THR Q 192 -4.95 19.19 44.71
C THR Q 192 -5.43 17.79 45.09
N GLY Q 193 -6.23 17.14 44.26
CA GLY Q 193 -6.87 15.87 44.61
C GLY Q 193 -5.94 14.69 44.82
N LYS Q 194 -4.87 14.61 44.03
CA LYS Q 194 -3.99 13.45 44.10
C LYS Q 194 -3.22 13.41 45.42
N THR Q 195 -2.84 14.57 45.93
CA THR Q 195 -2.04 14.62 47.15
C THR Q 195 -2.88 14.85 48.41
N LEU Q 196 -4.04 15.49 48.30
CA LEU Q 196 -4.74 15.90 49.52
C LEU Q 196 -5.75 14.86 49.99
N LEU Q 197 -6.53 14.26 49.08
CA LEU Q 197 -7.48 13.25 49.56
C LEU Q 197 -6.81 11.91 49.80
N ALA Q 198 -5.54 11.76 49.41
CA ALA Q 198 -4.74 10.66 49.94
C ALA Q 198 -4.53 10.83 51.44
N ARG Q 199 -4.47 12.07 51.92
CA ARG Q 199 -4.41 12.32 53.35
C ARG Q 199 -5.80 12.24 53.98
N ALA Q 200 -6.85 12.24 53.16
CA ALA Q 200 -8.19 12.01 53.71
C ALA Q 200 -8.39 10.54 54.06
N VAL Q 201 -7.72 9.65 53.34
CA VAL Q 201 -7.76 8.24 53.66
C VAL Q 201 -6.90 7.95 54.89
N ALA Q 202 -5.96 8.86 55.19
CA ALA Q 202 -5.08 8.81 56.36
C ALA Q 202 -5.80 9.11 57.68
N SER Q 203 -7.12 9.26 57.67
CA SER Q 203 -7.84 9.79 58.83
C SER Q 203 -8.00 8.77 59.96
N GLN Q 204 -8.05 7.49 59.58
CA GLN Q 204 -8.11 6.39 60.51
C GLN Q 204 -6.86 5.57 60.19
N LEU Q 205 -6.16 5.12 61.22
CA LEU Q 205 -4.95 4.34 61.03
C LEU Q 205 -4.14 4.89 59.85
N ASP Q 206 -4.31 4.27 58.69
CA ASP Q 206 -3.61 4.66 57.46
C ASP Q 206 -2.11 4.83 57.71
N CYS Q 207 -1.65 6.08 57.77
CA CYS Q 207 -0.25 6.37 58.06
C CYS Q 207 0.77 6.06 56.95
N ASN Q 208 1.22 4.81 56.94
CA ASN Q 208 2.19 4.28 55.98
C ASN Q 208 2.70 5.31 54.98
N PHE Q 209 1.92 5.52 53.93
CA PHE Q 209 2.22 6.45 52.83
C PHE Q 209 3.48 6.16 52.00
N LEU Q 210 4.66 6.29 52.60
CA LEU Q 210 5.95 6.06 51.93
C LEU Q 210 5.96 6.87 50.65
N LYS Q 211 6.00 6.19 49.49
CA LYS Q 211 5.94 6.94 48.24
C LYS Q 211 6.24 5.96 47.12
N VAL Q 212 5.52 6.10 46.01
CA VAL Q 212 5.82 5.38 44.78
C VAL Q 212 5.97 6.41 43.68
N VAL Q 213 7.21 6.61 43.23
CA VAL Q 213 7.48 7.57 42.17
C VAL Q 213 7.13 7.02 40.80
N SER Q 214 6.95 5.71 40.71
CA SER Q 214 6.63 5.06 39.43
C SER Q 214 7.75 5.32 38.43
N SER Q 215 8.99 5.07 38.85
CA SER Q 215 10.13 5.28 37.97
C SER Q 215 11.38 4.47 38.33
N SER Q 216 11.60 4.23 39.63
CA SER Q 216 12.78 3.49 40.04
C SER Q 216 12.61 1.98 39.89
N ILE Q 217 11.40 1.51 39.68
CA ILE Q 217 11.11 0.08 39.53
C ILE Q 217 10.98 -0.28 38.04
N VAL Q 218 10.77 0.71 37.17
CA VAL Q 218 10.41 0.50 35.77
C VAL Q 218 11.61 0.20 34.89
N ASP Q 219 12.75 -0.13 35.51
CA ASP Q 219 13.94 -0.58 34.78
C ASP Q 219 13.61 -1.81 33.93
N LYS Q 220 14.34 -1.95 32.81
CA LYS Q 220 13.83 -2.66 31.65
C LYS Q 220 13.77 -4.18 31.87
N TYR Q 221 14.88 -4.80 32.27
CA TYR Q 221 14.82 -6.22 32.60
C TYR Q 221 14.18 -6.38 33.97
N ILE Q 222 13.15 -7.20 34.05
CA ILE Q 222 12.26 -7.22 35.22
C ILE Q 222 12.73 -8.23 36.24
N GLY Q 223 13.92 -8.81 36.03
CA GLY Q 223 14.56 -9.58 37.08
C GLY Q 223 15.03 -8.70 38.22
N GLU Q 224 15.41 -7.46 37.91
CA GLU Q 224 15.69 -6.48 38.96
C GLU Q 224 14.40 -5.90 39.52
N SER Q 225 13.41 -5.67 38.65
CA SER Q 225 12.16 -5.02 39.05
C SER Q 225 11.37 -5.87 40.03
N ALA Q 226 11.40 -7.20 39.88
CA ALA Q 226 10.73 -8.07 40.83
C ALA Q 226 11.41 -8.04 42.19
N ARG Q 227 12.73 -7.83 42.21
CA ARG Q 227 13.40 -7.56 43.47
C ARG Q 227 13.06 -6.16 43.99
N LEU Q 228 12.89 -5.20 43.06
CA LEU Q 228 12.44 -3.87 43.44
C LEU Q 228 10.99 -3.83 43.87
N ILE Q 229 10.19 -4.86 43.52
CA ILE Q 229 8.90 -5.05 44.15
C ILE Q 229 9.09 -5.33 45.64
N ARG Q 230 9.81 -6.42 45.95
CA ARG Q 230 9.93 -6.91 47.32
C ARG Q 230 10.88 -6.06 48.15
N GLU Q 231 11.65 -5.16 47.54
CA GLU Q 231 12.47 -4.22 48.29
C GLU Q 231 11.59 -3.25 49.06
N MET Q 232 10.47 -2.82 48.46
CA MET Q 232 9.55 -1.92 49.13
C MET Q 232 8.71 -2.64 50.16
N PHE Q 233 8.55 -3.96 50.02
CA PHE Q 233 7.84 -4.73 51.03
C PHE Q 233 8.70 -5.08 52.23
N ASN Q 234 9.97 -4.67 52.25
CA ASN Q 234 10.78 -4.85 53.45
C ASN Q 234 10.31 -3.97 54.59
N TYR Q 235 9.66 -2.84 54.30
CA TYR Q 235 8.96 -2.10 55.34
C TYR Q 235 7.48 -2.43 55.40
N ALA Q 236 6.87 -2.86 54.30
CA ALA Q 236 5.46 -3.24 54.34
C ALA Q 236 5.23 -4.56 55.07
N ARG Q 237 6.27 -5.35 55.29
CA ARG Q 237 6.18 -6.53 56.15
C ARG Q 237 6.23 -6.16 57.62
N ASP Q 238 6.72 -4.96 57.95
CA ASP Q 238 6.93 -4.58 59.35
C ASP Q 238 5.64 -4.27 60.09
N HIS Q 239 4.49 -4.31 59.41
CA HIS Q 239 3.23 -3.91 60.02
C HIS Q 239 2.09 -4.84 59.63
N GLN Q 240 0.89 -4.34 59.90
CA GLN Q 240 -0.48 -4.68 59.54
C GLN Q 240 -0.71 -4.12 58.13
N PRO Q 241 -1.94 -4.04 57.64
CA PRO Q 241 -2.04 -3.49 56.30
C PRO Q 241 -1.29 -2.16 56.14
N CYS Q 242 -0.11 -2.18 55.52
CA CYS Q 242 0.68 -0.97 55.25
C CYS Q 242 -0.01 -0.27 54.08
N ILE Q 243 0.10 1.05 53.94
CA ILE Q 243 -0.72 1.56 52.85
C ILE Q 243 0.28 2.21 51.90
N ILE Q 244 0.60 1.51 50.82
CA ILE Q 244 1.59 2.00 49.87
C ILE Q 244 0.97 3.11 49.05
N PHE Q 245 1.28 4.34 49.42
CA PHE Q 245 0.93 5.49 48.59
C PHE Q 245 1.72 5.39 47.29
N MET Q 246 1.02 5.59 46.17
CA MET Q 246 1.64 5.47 44.86
C MET Q 246 1.33 6.63 43.92
N ASP Q 247 2.32 7.51 43.77
CA ASP Q 247 2.26 8.65 42.89
C ASP Q 247 2.80 8.32 41.51
N GLU Q 248 2.19 9.00 40.56
CA GLU Q 248 2.44 8.97 39.11
C GLU Q 248 2.55 7.55 38.54
N ILE Q 249 1.48 6.78 38.77
CA ILE Q 249 1.39 5.42 38.28
C ILE Q 249 1.72 5.50 36.80
N ASP Q 250 0.94 6.29 36.06
CA ASP Q 250 1.23 6.46 34.65
C ASP Q 250 1.83 7.85 34.39
N ALA Q 251 3.15 7.92 34.53
CA ALA Q 251 3.93 9.09 34.12
C ALA Q 251 5.38 8.68 33.93
N ILE Q 252 5.93 8.98 32.76
CA ILE Q 252 7.33 8.78 32.46
C ILE Q 252 7.93 10.17 32.26
N GLY Q 253 9.27 10.24 32.30
CA GLY Q 253 9.96 11.49 32.05
C GLY Q 253 9.72 12.01 30.65
N GLY Q 254 8.94 13.07 30.53
CA GLY Q 254 8.45 13.52 29.24
C GLY Q 254 6.97 13.24 29.08
N ARG Q 255 6.60 12.63 27.95
CA ARG Q 255 5.22 12.33 27.64
C ARG Q 255 5.08 10.85 27.27
N ARG Q 256 3.84 10.38 27.21
CA ARG Q 256 3.55 9.00 26.82
C ARG Q 256 2.50 9.01 25.72
N PHE Q 257 2.90 8.60 24.52
CA PHE Q 257 2.03 8.41 23.37
C PHE Q 257 1.73 6.92 23.21
N SER Q 258 1.19 6.54 22.06
CA SER Q 258 0.94 5.14 21.74
C SER Q 258 2.25 4.45 21.35
N GLU Q 259 2.15 3.21 20.88
CA GLU Q 259 3.30 2.34 20.70
C GLU Q 259 4.16 2.73 19.50
N GLY Q 260 4.90 3.83 19.61
CA GLY Q 260 5.84 4.26 18.61
C GLY Q 260 7.28 4.22 19.11
N THR Q 261 7.76 5.37 19.59
CA THR Q 261 9.06 5.55 20.22
C THR Q 261 8.93 5.09 21.67
N SER Q 262 9.82 5.51 22.58
CA SER Q 262 9.83 4.99 23.96
C SER Q 262 8.62 5.48 24.77
N ALA Q 263 7.45 5.02 24.36
CA ALA Q 263 6.16 5.23 25.01
C ALA Q 263 5.44 3.89 25.04
N ASP Q 264 6.16 2.88 25.53
CA ASP Q 264 5.89 1.48 25.28
C ASP Q 264 5.48 0.78 26.57
N ARG Q 265 5.49 -0.55 26.56
CA ARG Q 265 5.16 -1.37 27.73
C ARG Q 265 6.17 -1.21 28.91
N GLU Q 266 7.12 -0.25 28.92
CA GLU Q 266 8.01 -0.02 30.07
C GLU Q 266 7.27 0.09 31.39
N ILE Q 267 6.07 0.67 31.37
CA ILE Q 267 5.15 0.53 32.50
C ILE Q 267 4.69 -0.92 32.64
N GLN Q 268 4.14 -1.49 31.56
CA GLN Q 268 3.39 -2.75 31.65
C GLN Q 268 4.29 -3.98 31.79
N ARG Q 269 5.60 -3.89 31.51
CA ARG Q 269 6.50 -4.94 31.96
C ARG Q 269 6.51 -5.00 33.48
N THR Q 270 6.48 -3.84 34.14
CA THR Q 270 6.38 -3.79 35.58
C THR Q 270 4.93 -3.96 36.03
N LEU Q 271 4.00 -3.24 35.39
CA LEU Q 271 2.65 -3.01 35.92
C LEU Q 271 1.83 -4.29 36.00
N MET Q 272 1.85 -5.10 34.96
CA MET Q 272 1.12 -6.37 35.00
C MET Q 272 1.77 -7.36 35.96
N GLU Q 273 3.06 -7.20 36.26
CA GLU Q 273 3.70 -8.03 37.26
C GLU Q 273 3.43 -7.54 38.69
N LEU Q 274 3.03 -6.28 38.86
CA LEU Q 274 2.75 -5.76 40.20
C LEU Q 274 1.47 -6.38 40.75
N LEU Q 275 0.38 -6.25 40.01
CA LEU Q 275 -0.94 -6.76 40.36
C LEU Q 275 -0.98 -8.29 40.40
N ASN Q 276 0.04 -8.95 39.86
CA ASN Q 276 0.33 -10.35 40.10
C ASN Q 276 1.07 -10.55 41.42
N GLN Q 277 2.16 -9.81 41.64
CA GLN Q 277 3.12 -10.15 42.70
C GLN Q 277 3.09 -9.24 43.91
N MET Q 278 2.61 -7.99 43.82
CA MET Q 278 2.56 -7.14 45.00
C MET Q 278 1.53 -7.64 46.00
N ASP Q 279 0.26 -7.63 45.61
CA ASP Q 279 -0.80 -8.03 46.51
C ASP Q 279 -1.93 -8.61 45.69
N GLY Q 280 -2.87 -9.27 46.35
CA GLY Q 280 -3.90 -9.99 45.64
C GLY Q 280 -3.56 -11.45 45.44
N PHE Q 281 -3.03 -11.78 44.26
CA PHE Q 281 -2.66 -13.15 43.95
C PHE Q 281 -1.46 -13.59 44.78
N ASP Q 282 -0.33 -12.91 44.63
CA ASP Q 282 0.81 -13.06 45.52
C ASP Q 282 0.80 -11.90 46.50
N THR Q 283 0.55 -12.19 47.77
CA THR Q 283 0.21 -11.15 48.73
C THR Q 283 0.83 -11.47 50.08
N LEU Q 284 0.67 -10.52 51.00
CA LEU Q 284 0.96 -10.75 52.41
C LEU Q 284 0.09 -9.81 53.24
N HIS Q 285 -0.89 -10.40 53.95
CA HIS Q 285 -1.59 -9.78 55.08
C HIS Q 285 -2.36 -8.52 54.69
N ARG Q 286 -3.19 -8.69 53.65
CA ARG Q 286 -4.27 -7.78 53.18
C ARG Q 286 -3.85 -6.30 53.13
N VAL Q 287 -2.63 -6.07 52.63
CA VAL Q 287 -2.11 -4.75 52.28
C VAL Q 287 -2.90 -4.18 51.12
N LYS Q 288 -3.17 -2.86 51.14
CA LYS Q 288 -4.07 -2.23 50.20
C LYS Q 288 -3.33 -1.26 49.29
N MET Q 289 -3.55 -1.39 47.98
CA MET Q 289 -2.98 -0.50 46.99
C MET Q 289 -4.03 0.50 46.51
N ILE Q 290 -3.59 1.71 46.18
CA ILE Q 290 -4.46 2.80 45.76
C ILE Q 290 -3.88 3.40 44.49
N MET Q 291 -4.40 2.99 43.33
CA MET Q 291 -3.94 3.52 42.05
C MET Q 291 -4.39 4.97 41.87
N ALA Q 292 -3.48 5.82 41.40
CA ALA Q 292 -3.78 7.24 41.23
C ALA Q 292 -2.83 7.85 40.21
N THR Q 293 -3.38 8.24 39.06
CA THR Q 293 -2.64 8.99 38.04
C THR Q 293 -3.64 9.72 37.15
N ASN Q 294 -3.12 10.67 36.38
CA ASN Q 294 -3.98 11.54 35.57
C ASN Q 294 -3.62 11.58 34.08
N ARG Q 295 -2.56 10.90 33.66
CA ARG Q 295 -2.17 10.87 32.25
C ARG Q 295 -2.92 9.90 31.33
N PRO Q 296 -3.08 8.62 31.69
CA PRO Q 296 -2.72 7.52 30.77
C PRO Q 296 -3.33 7.58 29.37
N ASP Q 297 -2.50 7.23 28.39
CA ASP Q 297 -2.93 7.01 27.01
C ASP Q 297 -3.05 5.53 26.68
N THR Q 298 -2.05 4.74 27.02
CA THR Q 298 -2.08 3.29 26.83
C THR Q 298 -2.32 2.60 28.16
N LEU Q 299 -3.17 1.56 28.13
CA LEU Q 299 -3.55 0.84 29.33
C LEU Q 299 -3.78 -0.63 28.98
N ASP Q 300 -3.98 -1.43 30.02
CA ASP Q 300 -4.30 -2.83 29.86
C ASP Q 300 -5.81 -3.02 29.75
N PRO Q 301 -6.31 -3.73 28.73
CA PRO Q 301 -7.72 -4.13 28.75
C PRO Q 301 -8.04 -5.16 29.83
N ALA Q 302 -7.04 -5.92 30.27
CA ALA Q 302 -7.21 -6.87 31.38
C ALA Q 302 -7.09 -6.20 32.74
N LEU Q 303 -6.87 -4.89 32.78
CA LEU Q 303 -6.80 -4.14 34.03
C LEU Q 303 -8.19 -3.90 34.62
N LEU Q 304 -9.24 -4.08 33.82
CA LEU Q 304 -10.61 -3.81 34.24
C LEU Q 304 -11.30 -5.01 34.86
N ARG Q 305 -10.54 -6.05 35.20
CA ARG Q 305 -11.08 -7.21 35.90
C ARG Q 305 -11.28 -6.87 37.36
N PRO Q 306 -12.15 -7.61 38.08
CA PRO Q 306 -12.21 -7.39 39.53
C PRO Q 306 -10.95 -7.87 40.22
N GLY Q 307 -10.12 -6.92 40.66
CA GLY Q 307 -8.87 -7.26 41.32
C GLY Q 307 -7.72 -6.37 40.95
N ARG Q 308 -7.90 -5.51 39.95
CA ARG Q 308 -6.91 -4.50 39.62
C ARG Q 308 -7.47 -3.09 39.76
N LEU Q 309 -8.61 -2.80 39.13
CA LEU Q 309 -9.28 -1.52 39.23
C LEU Q 309 -10.76 -1.74 39.50
N ASP Q 310 -11.04 -2.53 40.55
CA ASP Q 310 -12.34 -3.03 41.01
C ASP Q 310 -13.49 -2.03 40.93
N ARG Q 311 -13.22 -0.76 41.22
CA ARG Q 311 -14.15 0.31 40.91
C ARG Q 311 -13.33 1.55 40.58
N LYS Q 312 -13.79 2.34 39.61
CA LYS Q 312 -13.08 3.55 39.21
C LYS Q 312 -13.92 4.78 39.52
N ILE Q 313 -13.24 5.92 39.62
CA ILE Q 313 -13.92 7.15 40.01
C ILE Q 313 -13.16 8.33 39.37
N HIS Q 314 -13.93 9.32 38.92
CA HIS Q 314 -13.39 10.49 38.22
C HIS Q 314 -13.49 11.71 39.12
N ILE Q 315 -12.45 12.53 39.11
CA ILE Q 315 -12.41 13.80 39.83
C ILE Q 315 -12.68 14.92 38.83
N ASP Q 316 -13.59 15.81 39.18
CA ASP Q 316 -13.94 16.94 38.32
C ASP Q 316 -13.25 18.22 38.81
N LEU Q 317 -13.01 19.13 37.87
CA LEU Q 317 -12.27 20.34 38.21
C LEU Q 317 -13.15 21.42 38.86
N PRO Q 318 -14.34 21.84 38.28
CA PRO Q 318 -15.05 22.97 38.90
C PRO Q 318 -16.11 22.53 39.90
N ASN Q 319 -16.47 23.42 40.81
CA ASN Q 319 -17.77 23.35 41.46
C ASN Q 319 -18.48 24.69 41.56
N GLU Q 320 -17.73 25.81 41.61
CA GLU Q 320 -18.13 27.20 41.88
C GLU Q 320 -18.57 27.40 43.33
N GLN Q 321 -18.66 26.32 44.09
CA GLN Q 321 -18.97 26.37 45.51
C GLN Q 321 -17.96 25.62 46.36
N ALA Q 322 -17.29 24.60 45.82
CA ALA Q 322 -16.10 24.07 46.45
C ALA Q 322 -14.87 24.91 46.16
N ARG Q 323 -14.98 25.90 45.26
CA ARG Q 323 -14.04 27.01 45.26
C ARG Q 323 -13.98 27.64 46.64
N LEU Q 324 -15.16 28.07 47.13
CA LEU Q 324 -15.29 28.80 48.39
C LEU Q 324 -14.86 27.97 49.58
N ASP Q 325 -15.01 26.65 49.48
CA ASP Q 325 -14.40 25.75 50.47
C ASP Q 325 -12.89 25.86 50.45
N ILE Q 326 -12.29 25.65 49.28
CA ILE Q 326 -10.84 25.69 49.15
C ILE Q 326 -10.31 27.12 49.29
N LEU Q 327 -11.13 28.12 48.95
CA LEU Q 327 -10.73 29.52 49.11
C LEU Q 327 -10.54 29.87 50.58
N LYS Q 328 -11.54 29.58 51.42
CA LYS Q 328 -11.47 29.89 52.84
C LYS Q 328 -10.41 29.08 53.57
N ILE Q 329 -10.04 27.91 53.03
CA ILE Q 329 -8.87 27.20 53.52
C ILE Q 329 -7.61 28.04 53.25
N HIS Q 330 -7.46 28.53 52.02
CA HIS Q 330 -6.29 29.33 51.69
C HIS Q 330 -6.44 30.79 52.08
N ALA Q 331 -7.67 31.25 52.36
CA ALA Q 331 -7.86 32.52 53.05
C ALA Q 331 -7.96 32.31 54.56
N GLY Q 332 -6.98 31.58 55.08
CA GLY Q 332 -6.94 31.23 56.48
C GLY Q 332 -5.88 32.05 57.19
N PRO Q 333 -4.68 31.48 57.34
CA PRO Q 333 -3.60 32.18 58.05
C PRO Q 333 -2.97 33.33 57.26
N ILE Q 334 -3.80 34.28 56.84
CA ILE Q 334 -3.35 35.51 56.18
C ILE Q 334 -4.03 36.66 56.89
N THR Q 335 -3.25 37.67 57.30
CA THR Q 335 -3.77 38.76 58.12
C THR Q 335 -4.68 39.66 57.31
N LYS Q 336 -5.83 39.99 57.89
CA LYS Q 336 -6.87 40.78 57.24
C LYS Q 336 -7.73 41.40 58.36
N HIS Q 337 -8.87 41.96 57.97
CA HIS Q 337 -9.79 42.56 58.93
C HIS Q 337 -11.01 41.70 59.21
N GLY Q 338 -11.28 40.67 58.40
CA GLY Q 338 -12.62 40.14 58.32
C GLY Q 338 -13.52 40.98 57.46
N GLU Q 339 -12.94 41.84 56.64
CA GLU Q 339 -13.61 42.78 55.75
C GLU Q 339 -14.11 42.09 54.48
N ILE Q 340 -13.76 40.82 54.30
CA ILE Q 340 -13.78 40.16 53.00
C ILE Q 340 -15.18 39.64 52.72
N ASP Q 341 -15.71 39.98 51.55
CA ASP Q 341 -16.85 39.27 50.97
C ASP Q 341 -16.25 38.16 50.13
N TYR Q 342 -16.23 36.95 50.69
CA TYR Q 342 -15.56 35.82 50.05
C TYR Q 342 -16.33 35.33 48.83
N GLU Q 343 -17.65 35.50 48.80
CA GLU Q 343 -18.41 35.11 47.61
C GLU Q 343 -18.22 36.13 46.48
N ALA Q 344 -17.96 37.39 46.83
CA ALA Q 344 -17.62 38.39 45.82
C ALA Q 344 -16.29 38.08 45.15
N ILE Q 345 -15.40 37.35 45.82
CA ILE Q 345 -14.22 36.82 45.15
C ILE Q 345 -14.63 35.74 44.16
N VAL Q 346 -15.47 34.80 44.60
CA VAL Q 346 -15.76 33.57 43.86
C VAL Q 346 -16.52 33.86 42.57
N LYS Q 347 -17.51 34.77 42.63
CA LYS Q 347 -18.27 35.13 41.45
C LYS Q 347 -17.40 35.85 40.42
N LEU Q 348 -16.45 36.67 40.89
CA LEU Q 348 -15.49 37.29 40.00
C LEU Q 348 -14.31 36.37 39.68
N SER Q 349 -14.20 35.22 40.35
CA SER Q 349 -13.11 34.29 40.05
C SER Q 349 -13.54 33.34 38.96
N ASP Q 350 -12.61 33.08 38.03
CA ASP Q 350 -12.75 31.99 37.07
C ASP Q 350 -11.39 31.28 37.00
N GLY Q 351 -11.18 30.35 37.93
CA GLY Q 351 -9.91 29.63 37.96
C GLY Q 351 -10.01 28.20 37.51
N PHE Q 352 -11.04 27.50 37.99
CA PHE Q 352 -11.38 26.11 37.62
C PHE Q 352 -10.25 25.14 37.90
N ASN Q 353 -9.48 25.39 38.95
CA ASN Q 353 -8.40 24.50 39.35
C ASN Q 353 -8.10 24.75 40.82
N GLY Q 354 -8.14 23.67 41.62
CA GLY Q 354 -7.93 23.80 43.05
C GLY Q 354 -6.51 24.16 43.43
N ALA Q 355 -5.53 23.64 42.67
CA ALA Q 355 -4.14 24.01 42.93
C ALA Q 355 -3.83 25.43 42.48
N ASP Q 356 -4.61 25.97 41.55
CA ASP Q 356 -4.37 27.31 41.05
C ASP Q 356 -5.15 28.38 41.82
N LEU Q 357 -6.20 28.00 42.55
CA LEU Q 357 -6.80 28.92 43.49
C LEU Q 357 -5.92 29.11 44.72
N ARG Q 358 -5.05 28.14 45.00
CA ARG Q 358 -3.97 28.33 45.96
C ARG Q 358 -3.03 29.44 45.51
N ASN Q 359 -2.80 29.54 44.20
CA ASN Q 359 -1.97 30.60 43.66
C ASN Q 359 -2.67 31.96 43.70
N VAL Q 360 -4.01 31.97 43.72
CA VAL Q 360 -4.74 33.24 43.75
C VAL Q 360 -4.57 33.91 45.11
N CYS Q 361 -4.68 33.14 46.19
CA CYS Q 361 -4.46 33.70 47.53
C CYS Q 361 -3.00 34.05 47.78
N THR Q 362 -2.08 33.45 47.04
CA THR Q 362 -0.67 33.80 47.17
C THR Q 362 -0.40 35.18 46.59
N GLU Q 363 -0.92 35.46 45.41
CA GLU Q 363 -0.66 36.74 44.75
C GLU Q 363 -1.46 37.88 45.36
N ALA Q 364 -2.55 37.59 46.07
CA ALA Q 364 -3.26 38.65 46.79
C ALA Q 364 -2.41 39.18 47.95
N GLY Q 365 -1.56 38.33 48.52
CA GLY Q 365 -0.57 38.83 49.47
C GLY Q 365 0.52 39.63 48.81
N MET Q 366 0.79 39.36 47.53
CA MET Q 366 1.74 40.18 46.80
C MET Q 366 1.18 41.57 46.53
N PHE Q 367 -0.13 41.66 46.28
CA PHE Q 367 -0.79 42.96 46.25
C PHE Q 367 -0.89 43.59 47.63
N ALA Q 368 -0.75 42.80 48.70
CA ALA Q 368 -0.67 43.37 50.04
C ALA Q 368 0.73 43.83 50.37
N ILE Q 369 1.75 43.18 49.79
CA ILE Q 369 3.10 43.72 49.82
C ILE Q 369 3.14 45.06 49.09
N ARG Q 370 2.45 45.13 47.95
CA ARG Q 370 2.19 46.41 47.31
C ARG Q 370 1.31 47.28 48.21
N ALA Q 371 1.55 48.58 48.16
CA ALA Q 371 0.81 49.64 48.85
C ALA Q 371 0.81 49.51 50.38
N ASP Q 372 1.69 48.67 50.94
CA ASP Q 372 1.92 48.49 52.37
C ASP Q 372 0.63 48.11 53.13
N HIS Q 373 0.10 46.95 52.77
CA HIS Q 373 -1.06 46.38 53.45
C HIS Q 373 -0.58 45.24 54.35
N ASP Q 374 -0.49 45.50 55.66
CA ASP Q 374 -0.26 44.42 56.59
C ASP Q 374 -1.49 43.53 56.71
N PHE Q 375 -2.67 44.10 56.50
CA PHE Q 375 -3.90 43.35 56.31
C PHE Q 375 -4.01 42.97 54.83
N VAL Q 376 -5.16 42.43 54.43
CA VAL Q 376 -5.49 42.24 53.02
C VAL Q 376 -6.86 42.82 52.79
N VAL Q 377 -6.95 43.81 51.90
CA VAL Q 377 -8.23 44.45 51.61
C VAL Q 377 -8.96 43.55 50.62
N GLN Q 378 -10.27 43.75 50.46
CA GLN Q 378 -11.06 42.94 49.55
C GLN Q 378 -10.70 43.20 48.09
N GLU Q 379 -10.09 44.36 47.79
CA GLU Q 379 -9.67 44.65 46.43
C GLU Q 379 -8.48 43.78 46.01
N ASP Q 380 -7.65 43.36 46.96
CA ASP Q 380 -6.44 42.61 46.64
C ASP Q 380 -6.75 41.25 46.04
N PHE Q 381 -7.85 40.63 46.45
CA PHE Q 381 -8.26 39.38 45.81
C PHE Q 381 -8.80 39.62 44.41
N MET Q 382 -9.51 40.74 44.22
CA MET Q 382 -9.98 41.08 42.88
C MET Q 382 -8.81 41.50 41.99
N LYS Q 383 -7.77 42.08 42.58
CA LYS Q 383 -6.52 42.28 41.85
C LYS Q 383 -5.86 40.95 41.52
N ALA Q 384 -6.01 39.95 42.40
CA ALA Q 384 -5.30 38.69 42.23
C ALA Q 384 -5.91 37.83 41.13
N VAL Q 385 -7.23 37.89 40.95
CA VAL Q 385 -7.88 37.09 39.92
C VAL Q 385 -7.50 37.61 38.54
N ARG Q 386 -7.41 38.93 38.39
CA ARG Q 386 -7.07 39.51 37.10
C ARG Q 386 -5.61 39.25 36.72
N LYS Q 387 -4.75 39.00 37.70
CA LYS Q 387 -3.36 38.66 37.39
C LYS Q 387 -3.18 37.16 37.17
N VAL Q 388 -3.76 36.34 38.03
CA VAL Q 388 -3.51 34.90 37.98
C VAL Q 388 -4.28 34.25 36.83
N ALA Q 389 -5.58 34.49 36.75
CA ALA Q 389 -6.41 33.81 35.75
C ALA Q 389 -6.13 34.29 34.33
N ASP Q 390 -5.58 35.49 34.18
CA ASP Q 390 -5.13 35.91 32.86
C ASP Q 390 -3.85 35.18 32.47
N SER Q 391 -2.99 34.90 33.44
CA SER Q 391 -1.77 34.14 33.18
C SER Q 391 -2.07 32.68 32.87
N LYS Q 392 -3.19 32.16 33.34
CA LYS Q 392 -3.58 30.80 32.98
C LYS Q 392 -4.03 30.72 31.53
N LYS Q 393 -4.67 31.78 31.02
CA LYS Q 393 -5.22 31.77 29.67
C LYS Q 393 -4.12 31.83 28.60
N LEU Q 394 -2.91 32.25 28.96
CA LEU Q 394 -1.86 32.50 27.98
C LEU Q 394 -0.88 31.33 27.89
N GLU Q 395 -1.36 30.10 28.01
CA GLU Q 395 -0.53 28.91 27.87
C GLU Q 395 -1.19 27.96 26.89
N SER Q 396 -0.36 27.35 26.04
CA SER Q 396 -0.83 26.38 25.06
C SER Q 396 -0.74 24.97 25.63
N LYS Q 397 -0.90 23.96 24.77
CA LYS Q 397 -0.87 22.53 25.09
C LYS Q 397 -1.95 22.18 26.14
N LEU Q 398 -3.19 22.28 25.67
CA LEU Q 398 -4.37 22.09 26.51
C LEU Q 398 -5.15 20.82 26.17
N ASP Q 399 -4.46 19.72 25.91
CA ASP Q 399 -5.10 18.42 25.69
C ASP Q 399 -4.51 17.39 26.65
N TYR Q 400 -5.28 17.06 27.70
CA TYR Q 400 -4.88 16.06 28.69
C TYR Q 400 -6.13 15.34 29.17
N LYS Q 401 -6.13 14.02 29.11
CA LYS Q 401 -7.26 13.24 29.56
C LYS Q 401 -6.84 11.88 30.08
N PRO Q 402 -7.13 11.55 31.34
CA PRO Q 402 -6.85 10.20 31.83
C PRO Q 402 -7.87 9.20 31.32
N VAL Q 403 -7.39 8.02 30.95
CA VAL Q 403 -8.24 6.95 30.48
C VAL Q 403 -8.44 5.91 31.57
N GLU R 25 21.36 32.82 122.71
CA GLU R 25 22.77 33.15 122.56
C GLU R 25 23.15 34.32 123.46
N GLN R 26 22.15 34.86 124.17
CA GLN R 26 22.42 35.85 125.20
C GLN R 26 23.23 35.22 126.33
N ASP R 27 22.92 33.97 126.69
CA ASP R 27 23.76 33.23 127.61
C ASP R 27 25.08 32.82 126.96
N GLY R 28 25.12 32.71 125.63
CA GLY R 28 26.35 32.35 124.96
C GLY R 28 27.40 33.45 125.02
N ILE R 29 26.96 34.70 124.90
CA ILE R 29 27.87 35.82 125.11
C ILE R 29 27.96 36.17 126.59
N GLY R 30 26.84 36.05 127.31
CA GLY R 30 26.78 36.52 128.69
C GLY R 30 27.57 35.71 129.69
N GLU R 31 27.75 34.41 129.43
CA GLU R 31 28.61 33.60 130.29
C GLU R 31 30.09 33.89 130.07
N GLU R 32 30.44 34.47 128.92
CA GLU R 32 31.77 35.00 128.69
C GLU R 32 31.96 36.37 129.34
N VAL R 33 30.92 36.91 129.94
CA VAL R 33 30.98 38.21 130.62
C VAL R 33 31.17 38.04 132.12
N LEU R 34 30.52 37.06 132.75
CA LEU R 34 30.70 36.92 134.19
C LEU R 34 31.70 35.83 134.58
N LYS R 35 32.13 35.00 133.65
CA LYS R 35 33.23 34.07 133.92
C LYS R 35 34.53 34.60 133.34
N MET R 36 35.58 34.54 134.15
CA MET R 36 36.86 35.15 133.85
C MET R 36 37.86 34.20 133.22
N SER R 37 37.80 32.91 133.53
CA SER R 37 38.81 31.96 133.04
C SER R 37 38.23 30.76 132.31
N THR R 38 37.05 30.26 132.70
CA THR R 38 36.42 29.09 132.08
C THR R 38 36.09 29.36 130.62
N GLU R 39 35.54 30.54 130.35
CA GLU R 39 35.22 30.90 128.98
C GLU R 39 36.41 31.53 128.26
N GLU R 40 37.57 31.64 128.91
CA GLU R 40 38.71 32.25 128.23
C GLU R 40 39.96 31.36 128.15
N ILE R 41 40.37 30.76 129.27
CA ILE R 41 41.60 29.95 129.29
C ILE R 41 41.41 28.69 128.45
N ILE R 42 40.18 28.17 128.43
CA ILE R 42 39.87 27.05 127.55
C ILE R 42 39.87 27.49 126.10
N GLN R 43 39.40 28.71 125.84
CA GLN R 43 39.48 29.27 124.49
C GLN R 43 40.94 29.60 124.12
N ARG R 44 41.75 29.94 125.12
CA ARG R 44 43.20 29.98 124.92
C ARG R 44 43.73 28.58 124.67
N THR R 45 43.20 27.60 125.40
CA THR R 45 43.66 26.23 125.26
C THR R 45 43.26 25.65 123.91
N ARG R 46 41.98 25.78 123.54
CA ARG R 46 41.51 25.08 122.35
C ARG R 46 41.93 25.78 121.06
N LEU R 47 42.42 27.01 121.14
CA LEU R 47 43.04 27.62 119.97
C LEU R 47 44.47 27.16 119.79
N LEU R 48 45.29 27.29 120.85
CA LEU R 48 46.71 26.94 120.78
C LEU R 48 46.90 25.45 120.53
N ASP R 49 45.92 24.65 120.89
CA ASP R 49 45.89 23.24 120.49
C ASP R 49 45.53 23.11 119.02
N SER R 50 44.58 23.93 118.56
CA SER R 50 44.17 23.87 117.15
C SER R 50 45.26 24.46 116.25
N GLU R 51 45.81 25.61 116.65
CA GLU R 51 46.75 26.33 115.79
C GLU R 51 48.07 25.59 115.66
N ILE R 52 48.41 24.76 116.65
CA ILE R 52 49.62 23.95 116.50
C ILE R 52 49.29 22.65 115.73
N LYS R 53 48.00 22.42 115.46
CA LYS R 53 47.61 21.27 114.65
C LYS R 53 46.87 21.61 113.35
N ILE R 54 45.73 22.28 113.45
CA ILE R 54 44.80 22.52 112.35
C ILE R 54 45.44 23.48 111.37
N MET R 55 46.26 24.39 111.86
CA MET R 55 47.22 25.03 110.95
C MET R 55 48.24 24.00 110.45
N LYS R 56 48.97 23.38 111.37
CA LYS R 56 50.24 22.74 111.01
C LYS R 56 50.06 21.46 110.22
N SER R 57 49.44 20.44 110.82
CA SER R 57 49.39 19.13 110.18
C SER R 57 48.46 19.13 108.98
N GLU R 58 47.44 19.99 109.01
CA GLU R 58 46.45 19.99 107.93
C GLU R 58 47.00 20.62 106.65
N VAL R 59 47.58 21.83 106.75
CA VAL R 59 47.97 22.54 105.53
C VAL R 59 49.27 21.98 104.99
N LEU R 60 50.01 21.24 105.81
CA LEU R 60 51.26 20.65 105.34
C LEU R 60 51.00 19.33 104.65
N ARG R 61 49.93 18.63 105.05
CA ARG R 61 49.45 17.49 104.28
C ARG R 61 48.91 17.94 102.93
N VAL R 62 48.16 19.05 102.92
CA VAL R 62 47.62 19.60 101.69
C VAL R 62 48.75 20.11 100.79
N THR R 63 49.80 20.63 101.42
CA THR R 63 51.02 20.98 100.68
C THR R 63 51.66 19.73 100.07
N HIS R 64 51.69 18.62 100.82
CA HIS R 64 52.17 17.38 100.21
C HIS R 64 51.04 16.60 99.56
N GLU R 65 50.20 17.27 98.78
CA GLU R 65 49.32 16.59 97.82
C GLU R 65 49.44 17.34 96.51
N LEU R 66 49.60 18.67 96.62
CA LEU R 66 49.63 19.53 95.44
C LEU R 66 50.96 19.45 94.72
N GLN R 67 52.06 19.36 95.47
CA GLN R 67 53.39 19.25 94.86
C GLN R 67 53.54 17.90 94.15
N ALA R 68 52.85 16.87 94.64
CA ALA R 68 52.87 15.58 93.97
C ALA R 68 52.10 15.61 92.65
N MET R 69 50.90 16.20 92.66
CA MET R 69 50.05 16.18 91.47
C MET R 69 50.59 17.08 90.37
N LYS R 70 51.36 18.11 90.72
CA LYS R 70 52.07 18.87 89.70
C LYS R 70 53.27 18.09 89.16
N ASP R 71 53.84 17.19 89.97
CA ASP R 71 54.88 16.30 89.48
C ASP R 71 54.27 15.11 88.75
N LYS R 72 52.98 14.88 88.96
CA LYS R 72 52.08 14.05 88.16
C LYS R 72 51.69 14.84 86.92
N ILE R 73 50.41 14.79 86.54
CA ILE R 73 49.76 14.99 85.23
C ILE R 73 50.48 15.85 84.18
N LYS R 74 51.31 16.82 84.62
CA LYS R 74 52.35 17.42 83.76
C LYS R 74 53.12 16.36 82.98
N GLU R 75 53.52 15.27 83.64
CA GLU R 75 54.17 14.16 82.95
C GLU R 75 53.21 13.46 82.00
N ASN R 76 51.94 13.33 82.40
CA ASN R 76 50.93 12.77 81.50
C ASN R 76 50.68 13.69 80.31
N SER R 77 50.62 15.00 80.57
CA SER R 77 50.38 15.96 79.49
C SER R 77 51.60 16.08 78.58
N GLU R 78 52.79 15.84 79.13
CA GLU R 78 53.99 15.77 78.29
C GLU R 78 53.95 14.53 77.41
N LYS R 79 53.39 13.43 77.92
CA LYS R 79 53.31 12.21 77.15
C LYS R 79 52.27 12.32 76.04
N ILE R 80 51.17 13.02 76.30
CA ILE R 80 50.18 13.27 75.25
C ILE R 80 50.74 14.26 74.23
N LYS R 81 51.65 15.14 74.67
CA LYS R 81 52.27 16.10 73.76
C LYS R 81 53.16 15.41 72.74
N VAL R 82 53.80 14.31 73.13
CA VAL R 82 54.76 13.65 72.26
C VAL R 82 54.04 12.55 71.50
N ASN R 83 52.74 12.37 71.78
CA ASN R 83 51.94 11.36 71.13
C ASN R 83 50.94 11.97 70.14
N LYS R 84 51.09 13.26 69.83
CA LYS R 84 50.31 13.94 68.81
C LYS R 84 51.17 14.29 67.61
N THR R 85 52.11 13.42 67.27
CA THR R 85 53.17 13.69 66.32
C THR R 85 53.34 12.45 65.43
N LEU R 86 53.92 12.64 64.23
CA LEU R 86 53.94 13.91 63.47
C LEU R 86 52.73 14.19 62.53
N PRO R 87 52.29 13.26 61.66
CA PRO R 87 51.26 13.63 60.69
C PRO R 87 49.85 13.45 61.21
N TYR R 88 48.94 14.24 60.67
CA TYR R 88 47.51 14.12 60.94
C TYR R 88 46.83 13.80 59.62
N LEU R 89 46.32 12.58 59.49
CA LEU R 89 45.55 12.19 58.32
C LEU R 89 44.12 12.69 58.50
N VAL R 90 43.71 13.63 57.64
CA VAL R 90 42.37 14.17 57.78
C VAL R 90 41.34 13.15 57.27
N SER R 91 40.10 13.34 57.68
CA SER R 91 39.08 12.34 57.45
C SER R 91 37.71 13.01 57.50
N ASN R 92 36.67 12.18 57.56
CA ASN R 92 35.29 12.64 57.63
C ASN R 92 34.52 11.75 58.59
N VAL R 93 33.86 12.37 59.55
CA VAL R 93 32.98 11.65 60.45
C VAL R 93 31.59 11.60 59.83
N ILE R 94 31.02 10.41 59.72
CA ILE R 94 29.74 10.22 59.04
C ILE R 94 28.59 10.13 60.03
N GLU R 95 28.72 9.31 61.08
CA GLU R 95 27.72 9.31 62.13
C GLU R 95 28.41 8.99 63.46
N LEU R 96 27.61 9.03 64.53
CA LEU R 96 28.08 8.74 65.88
C LEU R 96 27.09 7.79 66.55
N LEU R 97 27.60 6.87 67.35
CA LEU R 97 26.79 5.92 68.09
C LEU R 97 27.27 5.88 69.54
N ASP R 98 26.62 5.03 70.34
CA ASP R 98 26.90 4.94 71.77
C ASP R 98 27.48 3.58 72.15
N VAL R 99 26.78 2.50 71.84
CA VAL R 99 27.26 1.16 72.20
C VAL R 99 27.45 0.32 70.95
N LYS R 120 30.14 7.86 71.68
CA LYS R 120 31.12 6.91 72.19
C LYS R 120 31.64 6.02 71.07
N CYS R 121 30.76 5.72 70.11
CA CYS R 121 31.10 4.98 68.91
C CYS R 121 30.94 5.89 67.70
N ALA R 122 31.83 5.74 66.72
CA ALA R 122 31.86 6.65 65.58
C ALA R 122 32.43 5.94 64.36
N VAL R 123 32.00 6.40 63.19
CA VAL R 123 32.43 5.85 61.91
C VAL R 123 33.22 6.92 61.17
N ILE R 124 34.42 6.56 60.73
CA ILE R 124 35.39 7.51 60.16
C ILE R 124 35.70 7.09 58.74
N LYS R 125 35.50 8.00 57.79
CA LYS R 125 35.94 7.82 56.42
C LYS R 125 37.10 8.77 56.15
N THR R 126 38.23 8.21 55.75
CA THR R 126 39.43 9.00 55.51
C THR R 126 39.41 9.61 54.12
N SER R 127 40.46 10.36 53.80
CA SER R 127 40.68 10.81 52.44
C SER R 127 41.35 9.75 51.57
N THR R 128 41.62 8.57 52.11
CA THR R 128 41.89 7.38 51.33
C THR R 128 40.63 6.63 50.97
N ARG R 129 39.45 7.20 51.31
CA ARG R 129 38.13 6.63 51.05
C ARG R 129 37.95 5.26 51.70
N GLN R 130 38.45 5.13 52.93
CA GLN R 130 38.35 3.90 53.69
C GLN R 130 37.53 4.16 54.95
N THR R 131 36.58 3.28 55.22
CA THR R 131 35.66 3.46 56.33
C THR R 131 36.18 2.67 57.54
N TYR R 132 36.34 3.36 58.66
CA TYR R 132 36.82 2.75 59.90
C TYR R 132 35.78 2.92 60.99
N PHE R 133 35.94 2.12 62.05
CA PHE R 133 35.05 2.18 63.20
C PHE R 133 35.88 2.09 64.47
N LEU R 134 35.44 2.82 65.49
CA LEU R 134 36.13 2.91 66.76
C LEU R 134 35.27 2.42 67.91
N PRO R 135 35.88 1.83 68.93
CA PRO R 135 35.18 1.72 70.22
C PRO R 135 35.38 2.96 71.08
N VAL R 136 36.51 3.65 70.91
CA VAL R 136 36.92 4.77 71.73
C VAL R 136 37.26 5.94 70.80
N ILE R 137 36.72 7.12 71.10
CA ILE R 137 36.84 8.25 70.17
C ILE R 137 38.26 8.82 70.20
N GLY R 138 38.67 9.35 71.35
CA GLY R 138 40.02 9.89 71.45
C GLY R 138 40.14 11.20 72.20
N LEU R 139 41.00 12.10 71.71
CA LEU R 139 41.35 13.32 72.43
C LEU R 139 40.44 14.49 72.06
N VAL R 140 39.13 14.26 72.06
CA VAL R 140 38.11 15.26 71.78
C VAL R 140 36.92 14.98 72.67
N ASP R 141 35.88 15.80 72.53
CA ASP R 141 34.61 15.58 73.22
C ASP R 141 33.53 15.27 72.19
N ALA R 142 32.68 14.31 72.55
CA ALA R 142 31.62 13.89 71.63
C ALA R 142 30.54 14.96 71.48
N GLU R 143 30.32 15.77 72.52
CA GLU R 143 29.39 16.88 72.41
C GLU R 143 29.95 18.02 71.56
N LYS R 144 31.27 18.11 71.44
CA LYS R 144 31.90 19.07 70.54
C LYS R 144 31.89 18.61 69.09
N LEU R 145 31.49 17.38 68.82
CA LEU R 145 31.51 16.84 67.47
C LEU R 145 30.09 16.71 66.93
N LYS R 146 30.03 16.32 65.66
CA LYS R 146 28.78 16.19 64.92
C LYS R 146 29.09 15.41 63.65
N PRO R 147 28.07 14.86 62.98
CA PRO R 147 28.31 14.26 61.66
C PRO R 147 28.79 15.29 60.65
N GLY R 148 29.92 14.98 60.00
CA GLY R 148 30.50 15.87 59.02
C GLY R 148 31.57 16.81 59.55
N ASP R 149 32.60 16.26 60.19
CA ASP R 149 33.69 17.05 60.74
C ASP R 149 35.02 16.65 60.10
N LEU R 150 35.90 17.63 59.94
CA LEU R 150 37.18 17.44 59.25
C LEU R 150 38.30 17.21 60.25
N VAL R 151 38.16 16.12 61.01
CA VAL R 151 39.02 15.86 62.15
C VAL R 151 40.37 15.36 61.69
N GLY R 152 41.38 15.54 62.54
CA GLY R 152 42.72 15.04 62.28
C GLY R 152 42.96 13.71 62.98
N VAL R 153 43.30 12.69 62.20
CA VAL R 153 43.33 11.31 62.66
C VAL R 153 44.73 10.75 62.44
N ASN R 154 45.22 9.97 63.41
CA ASN R 154 46.50 9.29 63.29
C ASN R 154 46.45 8.29 62.14
N LYS R 155 47.61 8.07 61.52
CA LYS R 155 47.71 7.18 60.37
C LYS R 155 47.51 5.72 60.79
N ASP R 156 48.40 5.22 61.64
CA ASP R 156 48.38 3.81 61.98
C ASP R 156 47.29 3.49 63.00
N SER R 157 47.21 4.30 64.07
CA SER R 157 46.26 4.01 65.14
C SER R 157 44.82 4.26 64.73
N TYR R 158 44.59 5.16 63.77
CA TYR R 158 43.27 5.62 63.33
C TYR R 158 42.45 6.13 64.51
N LEU R 159 42.96 7.18 65.14
CA LEU R 159 42.34 7.76 66.33
C LEU R 159 42.28 9.27 66.15
N ILE R 160 41.13 9.86 66.53
CA ILE R 160 40.88 11.27 66.32
C ILE R 160 41.74 12.09 67.28
N LEU R 161 42.46 13.06 66.73
CA LEU R 161 43.39 13.86 67.53
C LEU R 161 42.99 15.33 67.63
N GLU R 162 42.71 15.99 66.51
CA GLU R 162 42.32 17.41 66.55
C GLU R 162 41.02 17.58 65.78
N THR R 163 40.61 18.83 65.60
CA THR R 163 39.30 19.17 65.06
C THR R 163 39.37 19.84 63.70
N LEU R 164 40.12 20.96 63.61
CA LEU R 164 40.43 21.81 62.45
C LEU R 164 39.31 21.97 61.41
N PRO R 165 38.16 22.55 61.77
CA PRO R 165 37.02 22.55 60.85
C PRO R 165 37.04 23.70 59.86
N THR R 166 36.06 23.71 58.95
CA THR R 166 35.72 24.81 58.02
C THR R 166 36.91 25.20 57.15
N GLU R 167 37.29 24.27 56.28
CA GLU R 167 38.38 24.51 55.35
C GLU R 167 37.90 24.24 53.93
N TYR R 168 38.16 25.19 53.04
CA TYR R 168 37.68 25.17 51.67
C TYR R 168 38.88 25.25 50.72
N ASP R 169 38.67 24.86 49.47
CA ASP R 169 39.74 24.97 48.49
C ASP R 169 39.73 26.36 47.85
N SER R 170 40.70 26.60 46.98
CA SER R 170 40.77 27.89 46.29
C SER R 170 39.75 28.02 45.18
N ARG R 171 39.16 26.90 44.73
CA ARG R 171 38.24 26.94 43.60
C ARG R 171 36.93 27.61 43.99
N VAL R 172 36.42 27.32 45.19
CA VAL R 172 35.20 27.96 45.67
C VAL R 172 35.46 29.43 45.98
N LYS R 173 36.66 29.75 46.50
CA LYS R 173 37.01 31.13 46.81
C LYS R 173 37.13 31.99 45.56
N ALA R 174 37.47 31.38 44.43
CA ALA R 174 37.48 32.09 43.16
C ALA R 174 36.08 32.34 42.61
N MET R 175 35.07 31.62 43.11
CA MET R 175 33.71 31.77 42.57
C MET R 175 32.99 32.99 43.12
N GLU R 176 33.49 33.59 44.19
CA GLU R 176 32.90 34.81 44.72
C GLU R 176 33.31 35.99 43.86
N VAL R 177 32.35 36.82 43.48
CA VAL R 177 32.58 37.90 42.54
C VAL R 177 33.12 39.11 43.28
N ASP R 178 34.33 39.56 42.91
CA ASP R 178 34.88 40.82 43.37
C ASP R 178 34.89 41.87 42.27
N GLU R 179 34.27 41.57 41.12
CA GLU R 179 34.25 42.51 40.01
C GLU R 179 33.31 43.67 40.28
N ARG R 180 32.08 43.36 40.74
CA ARG R 180 30.95 44.27 40.92
C ARG R 180 30.69 45.02 39.62
N PRO R 181 30.01 44.39 38.64
CA PRO R 181 29.78 45.04 37.33
C PRO R 181 28.94 46.30 37.38
N THR R 182 28.79 46.97 36.24
CA THR R 182 28.26 48.33 36.20
C THR R 182 26.92 48.41 35.45
N GLU R 183 26.24 47.29 35.30
CA GLU R 183 25.01 47.25 34.51
C GLU R 183 23.84 47.81 35.32
N GLN R 184 23.05 48.68 34.71
CA GLN R 184 21.85 49.22 35.32
C GLN R 184 20.61 48.72 34.59
N TYR R 185 19.45 48.94 35.21
CA TYR R 185 18.20 48.55 34.57
C TYR R 185 17.85 49.43 33.39
N SER R 186 18.41 50.64 33.31
CA SER R 186 18.23 51.47 32.13
C SER R 186 18.92 50.88 30.91
N ASP R 187 19.97 50.08 31.11
CA ASP R 187 20.64 49.41 30.02
C ASP R 187 19.78 48.29 29.43
N ILE R 188 18.89 47.71 30.21
CA ILE R 188 18.01 46.64 29.78
C ILE R 188 16.73 47.25 29.26
N GLY R 189 16.26 46.77 28.12
CA GLY R 189 15.00 47.23 27.56
C GLY R 189 14.13 46.08 27.09
N GLY R 190 12.83 46.21 27.34
CA GLY R 190 11.85 45.29 26.81
C GLY R 190 11.47 44.13 27.69
N LEU R 191 11.93 44.10 28.94
CA LEU R 191 11.68 42.98 29.84
C LEU R 191 11.06 43.45 31.15
N ASP R 192 10.22 44.48 31.08
CA ASP R 192 9.73 45.16 32.27
C ASP R 192 8.80 44.30 33.12
N LYS R 193 8.15 43.30 32.53
CA LYS R 193 7.37 42.37 33.33
C LYS R 193 8.28 41.48 34.18
N GLN R 194 9.37 41.00 33.59
CA GLN R 194 10.29 40.11 34.28
C GLN R 194 11.18 40.84 35.27
N ILE R 195 11.34 42.16 35.13
CA ILE R 195 12.09 42.93 36.10
C ILE R 195 11.36 42.97 37.43
N GLN R 196 10.04 43.19 37.40
CA GLN R 196 9.25 43.21 38.63
C GLN R 196 9.18 41.83 39.25
N GLU R 197 8.95 40.80 38.43
CA GLU R 197 8.81 39.43 38.94
C GLU R 197 10.10 38.85 39.49
N LEU R 198 11.24 39.47 39.22
CA LEU R 198 12.49 39.09 39.87
C LEU R 198 12.65 39.80 41.21
N VAL R 199 12.38 41.10 41.24
CA VAL R 199 12.55 41.90 42.45
C VAL R 199 11.53 41.49 43.51
N GLU R 200 10.30 41.18 43.08
CA GLU R 200 9.28 40.68 44.00
C GLU R 200 9.61 39.28 44.54
N ALA R 201 10.54 38.57 43.92
CA ALA R 201 10.85 37.21 44.31
C ALA R 201 12.09 37.08 45.18
N ILE R 202 13.13 37.87 44.93
CA ILE R 202 14.44 37.67 45.54
C ILE R 202 14.88 38.90 46.31
N VAL R 203 14.72 40.08 45.73
CA VAL R 203 15.27 41.31 46.29
C VAL R 203 14.53 41.70 47.57
N LEU R 204 13.21 41.58 47.57
CA LEU R 204 12.41 41.89 48.75
C LEU R 204 12.60 40.93 49.93
N PRO R 205 12.77 39.61 49.75
CA PRO R 205 13.24 38.81 50.90
C PRO R 205 14.64 39.14 51.35
N MET R 206 15.48 39.70 50.48
CA MET R 206 16.81 40.13 50.94
C MET R 206 16.68 41.39 51.79
N ASN R 207 15.77 42.29 51.43
CA ASN R 207 15.62 43.55 52.15
C ASN R 207 14.66 43.43 53.32
N HIS R 208 13.41 43.07 53.04
CA HIS R 208 12.34 43.08 54.04
C HIS R 208 12.16 41.63 54.52
N LYS R 209 12.88 41.27 55.58
CA LYS R 209 12.66 39.97 56.18
C LYS R 209 11.33 39.92 56.92
N GLU R 210 10.89 41.05 57.47
CA GLU R 210 9.72 41.09 58.34
C GLU R 210 8.42 41.35 57.58
N LYS R 211 8.49 41.87 56.34
CA LYS R 211 7.27 42.04 55.56
C LYS R 211 6.70 40.70 55.12
N PHE R 212 7.55 39.70 54.96
CA PHE R 212 7.11 38.34 54.73
C PHE R 212 6.77 37.61 56.03
N GLU R 213 6.90 38.28 57.18
CA GLU R 213 6.55 37.72 58.47
C GLU R 213 5.18 38.18 58.96
N ASN R 214 4.94 39.50 58.97
CA ASN R 214 3.67 40.03 59.45
C ASN R 214 2.50 39.70 58.54
N LEU R 215 2.74 39.53 57.24
CA LEU R 215 1.67 39.06 56.36
C LEU R 215 1.47 37.56 56.50
N GLY R 216 2.55 36.81 56.73
CA GLY R 216 2.44 35.39 57.01
C GLY R 216 2.34 34.49 55.80
N ILE R 217 3.26 34.63 54.86
CA ILE R 217 3.42 33.70 53.75
C ILE R 217 4.88 33.29 53.67
N GLN R 218 5.21 32.49 52.66
CA GLN R 218 6.58 32.01 52.48
C GLN R 218 7.09 32.38 51.10
N PRO R 219 8.22 33.08 50.99
CA PRO R 219 8.80 33.37 49.68
C PRO R 219 9.51 32.15 49.12
N PRO R 220 9.37 31.87 47.83
CA PRO R 220 10.10 30.73 47.24
C PRO R 220 11.58 31.02 47.14
N LYS R 221 12.37 29.96 47.18
CA LYS R 221 13.83 30.07 47.11
C LYS R 221 14.38 29.56 45.78
N GLY R 222 13.52 29.27 44.81
CA GLY R 222 13.98 28.76 43.54
C GLY R 222 13.41 29.49 42.34
N VAL R 223 14.28 30.14 41.57
CA VAL R 223 13.90 30.90 40.38
C VAL R 223 14.64 30.34 39.18
N LEU R 224 13.90 29.97 38.14
CA LEU R 224 14.47 29.38 36.93
C LEU R 224 14.15 30.28 35.74
N MET R 225 15.17 30.60 34.96
CA MET R 225 15.00 31.29 33.69
C MET R 225 15.09 30.30 32.54
N TYR R 226 14.27 30.52 31.51
CA TYR R 226 14.31 29.70 30.31
C TYR R 226 13.77 30.52 29.15
N GLY R 227 14.01 30.02 27.94
CA GLY R 227 13.60 30.70 26.74
C GLY R 227 14.57 30.50 25.59
N PRO R 228 14.37 31.22 24.49
CA PRO R 228 15.31 31.14 23.37
C PRO R 228 16.65 31.72 23.75
N PRO R 229 17.75 31.20 23.20
CA PRO R 229 19.08 31.54 23.73
C PRO R 229 19.65 32.85 23.22
N GLY R 230 18.86 33.91 23.17
CA GLY R 230 19.39 35.20 22.77
C GLY R 230 18.69 36.35 23.47
N THR R 231 17.95 36.03 24.52
CA THR R 231 17.01 36.97 25.11
C THR R 231 17.61 37.78 26.25
N GLY R 232 18.72 37.36 26.84
CA GLY R 232 19.32 38.13 27.91
C GLY R 232 19.27 37.48 29.26
N LYS R 233 19.41 36.15 29.29
CA LYS R 233 19.42 35.40 30.54
C LYS R 233 20.62 35.78 31.39
N THR R 234 21.82 35.70 30.80
CA THR R 234 23.03 36.13 31.49
C THR R 234 23.05 37.64 31.66
N LEU R 235 22.45 38.37 30.71
CA LEU R 235 22.42 39.83 30.75
C LEU R 235 21.56 40.34 31.90
N LEU R 236 20.52 39.59 32.27
CA LEU R 236 19.68 40.00 33.40
C LEU R 236 20.39 39.77 34.73
N ALA R 237 21.08 38.64 34.86
CA ALA R 237 21.69 38.26 36.13
C ALA R 237 22.90 39.11 36.47
N ARG R 238 23.55 39.70 35.47
CA ARG R 238 24.70 40.56 35.75
C ARG R 238 24.26 41.87 36.38
N ALA R 239 23.09 42.38 36.01
CA ALA R 239 22.58 43.61 36.61
C ALA R 239 22.16 43.39 38.06
N CYS R 240 21.68 42.19 38.39
CA CYS R 240 21.30 41.91 39.76
C CYS R 240 22.51 41.75 40.66
N ALA R 241 23.61 41.24 40.10
CA ALA R 241 24.89 41.26 40.81
C ALA R 241 25.48 42.65 40.88
N ALA R 242 25.05 43.55 40.00
CA ALA R 242 25.63 44.88 39.92
C ALA R 242 25.07 45.81 41.01
N GLN R 243 23.75 45.92 41.08
CA GLN R 243 23.17 46.90 41.98
C GLN R 243 23.06 46.39 43.41
N THR R 244 23.00 45.08 43.62
CA THR R 244 22.91 44.52 44.95
C THR R 244 24.29 44.15 45.47
N LYS R 245 24.44 44.26 46.79
CA LYS R 245 25.70 44.00 47.47
C LYS R 245 25.70 42.64 48.18
N ALA R 246 24.66 41.84 48.00
CA ALA R 246 24.40 40.70 48.86
C ALA R 246 25.19 39.45 48.51
N THR R 247 26.51 39.58 48.38
CA THR R 247 27.49 38.49 48.28
C THR R 247 27.15 37.54 47.13
N PHE R 248 27.26 38.08 45.92
CA PHE R 248 26.90 37.32 44.73
C PHE R 248 27.88 36.19 44.50
N LEU R 249 27.36 35.00 44.24
CA LEU R 249 28.17 33.80 44.02
C LEU R 249 27.79 33.19 42.67
N LYS R 250 28.65 33.43 41.68
CA LYS R 250 28.44 32.83 40.37
C LYS R 250 28.88 31.38 40.37
N LEU R 251 28.26 30.59 39.49
CA LEU R 251 28.58 29.17 39.36
C LEU R 251 28.16 28.72 37.97
N ALA R 252 29.04 27.99 37.29
CA ALA R 252 28.72 27.48 35.97
C ALA R 252 28.24 26.04 36.04
N GLY R 253 27.69 25.57 34.94
CA GLY R 253 27.21 24.21 34.81
C GLY R 253 28.29 23.15 34.89
N PRO R 254 29.18 23.09 33.87
CA PRO R 254 30.16 21.99 33.84
C PRO R 254 31.31 22.11 34.83
N GLN R 255 31.27 23.06 35.75
CA GLN R 255 32.31 23.16 36.76
C GLN R 255 32.23 22.03 37.78
N LEU R 256 31.05 21.46 37.98
CA LEU R 256 30.87 20.44 38.99
C LEU R 256 31.37 19.07 38.56
N VAL R 257 31.66 18.88 37.27
CA VAL R 257 32.15 17.60 36.78
C VAL R 257 33.66 17.55 36.96
N GLN R 258 34.14 16.54 37.69
CA GLN R 258 35.56 16.35 37.90
C GLN R 258 35.94 14.93 37.53
N MET R 259 37.25 14.67 37.49
CA MET R 259 37.73 13.41 36.95
C MET R 259 37.72 12.29 37.98
N PHE R 260 38.23 12.56 39.18
CA PHE R 260 38.26 11.50 40.19
C PHE R 260 36.88 11.32 40.81
N ILE R 261 36.77 10.29 41.63
CA ILE R 261 35.48 9.88 42.16
C ILE R 261 35.07 10.80 43.31
N GLY R 262 33.82 11.23 43.31
CA GLY R 262 33.23 11.95 44.43
C GLY R 262 33.72 13.36 44.64
N ASP R 263 34.36 13.96 43.64
CA ASP R 263 34.88 15.31 43.83
C ASP R 263 33.82 16.39 43.60
N GLY R 264 32.81 16.10 42.79
CA GLY R 264 31.80 17.10 42.52
C GLY R 264 30.90 17.36 43.70
N ALA R 265 30.53 16.31 44.44
CA ALA R 265 29.72 16.48 45.64
C ALA R 265 30.49 17.19 46.75
N LYS R 266 31.82 17.08 46.72
CA LYS R 266 32.64 17.96 47.55
C LYS R 266 32.50 19.41 47.12
N LEU R 267 32.59 19.65 45.80
CA LEU R 267 32.51 21.01 45.28
C LEU R 267 31.10 21.57 45.38
N VAL R 268 30.08 20.72 45.35
CA VAL R 268 28.71 21.20 45.54
C VAL R 268 28.48 21.61 46.98
N ARG R 269 28.86 20.74 47.92
CA ARG R 269 28.50 20.95 49.31
C ARG R 269 29.34 22.04 49.97
N ASP R 270 30.60 22.18 49.58
CA ASP R 270 31.47 23.18 50.21
C ASP R 270 31.07 24.60 49.84
N ALA R 271 30.63 24.81 48.60
CA ALA R 271 30.18 26.14 48.19
C ALA R 271 28.86 26.50 48.85
N PHE R 272 28.01 25.51 49.10
CA PHE R 272 26.75 25.78 49.78
C PHE R 272 26.97 26.03 51.26
N ALA R 273 27.95 25.37 51.85
CA ALA R 273 28.33 25.69 53.22
C ALA R 273 29.04 27.03 53.30
N LEU R 274 29.74 27.42 52.23
CA LEU R 274 30.33 28.75 52.17
C LEU R 274 29.24 29.82 52.07
N ALA R 275 28.24 29.58 51.21
CA ALA R 275 27.17 30.55 51.04
C ALA R 275 26.20 30.56 52.22
N LYS R 276 26.26 29.56 53.10
CA LYS R 276 25.53 29.60 54.35
C LYS R 276 26.25 30.42 55.41
N GLU R 277 27.58 30.53 55.32
CA GLU R 277 28.34 31.33 56.27
C GLU R 277 28.01 32.82 56.14
N LYS R 278 27.90 33.30 54.91
CA LYS R 278 27.40 34.64 54.68
C LYS R 278 25.88 34.62 54.69
N ALA R 279 25.28 35.56 55.43
CA ALA R 279 23.82 35.63 55.49
C ALA R 279 23.19 36.02 54.16
N PRO R 280 23.47 37.19 53.56
CA PRO R 280 22.66 37.60 52.39
C PRO R 280 23.04 36.94 51.07
N SER R 281 23.96 35.97 51.09
CA SER R 281 24.56 35.44 49.86
C SER R 281 23.56 34.65 49.03
N ILE R 282 23.55 34.93 47.73
CA ILE R 282 22.67 34.25 46.78
C ILE R 282 23.51 33.68 45.65
N ILE R 283 23.02 32.60 45.06
CA ILE R 283 23.80 31.76 44.16
C ILE R 283 23.15 31.75 42.79
N PHE R 284 23.96 31.99 41.75
CA PHE R 284 23.53 31.89 40.37
C PHE R 284 24.18 30.68 39.72
N ILE R 285 23.39 29.90 39.01
CA ILE R 285 23.87 28.73 38.29
C ILE R 285 23.47 28.86 36.83
N ASP R 286 24.46 28.85 35.94
CA ASP R 286 24.23 28.94 34.51
C ASP R 286 24.43 27.58 33.87
N GLU R 287 23.66 27.32 32.81
CA GLU R 287 23.52 26.02 32.11
C GLU R 287 23.37 24.85 33.09
N LEU R 288 22.23 24.86 33.78
CA LEU R 288 21.88 23.75 34.66
C LEU R 288 21.60 22.48 33.87
N ASP R 289 21.25 22.60 32.59
CA ASP R 289 21.08 21.43 31.73
C ASP R 289 22.40 20.77 31.34
N ALA R 290 23.55 21.35 31.71
CA ALA R 290 24.83 20.68 31.50
C ALA R 290 24.95 19.45 32.39
N ILE R 291 24.31 19.47 33.56
CA ILE R 291 24.23 18.30 34.41
C ILE R 291 22.81 17.82 34.63
N GLY R 292 21.81 18.69 34.48
CA GLY R 292 20.42 18.35 34.74
C GLY R 292 19.81 17.57 33.61
N THR R 293 20.14 16.29 33.52
CA THR R 293 19.80 15.46 32.38
C THR R 293 18.97 14.28 32.89
N LYS R 294 18.20 13.67 31.99
CA LYS R 294 17.52 12.41 32.26
C LYS R 294 18.54 11.34 32.63
N ARG R 295 18.54 10.92 33.89
CA ARG R 295 19.50 9.93 34.36
C ARG R 295 19.20 8.55 33.79
N PHE R 296 20.22 7.88 33.29
CA PHE R 296 20.07 6.58 32.66
C PHE R 296 21.03 5.58 33.29
N ASP R 297 20.62 4.31 33.34
CA ASP R 297 21.45 3.27 33.92
C ASP R 297 22.56 2.83 32.98
N SER R 298 23.68 2.42 33.56
CA SER R 298 24.83 1.97 32.78
C SER R 298 25.60 0.89 33.53
N GLU R 299 26.79 0.56 33.02
CA GLU R 299 27.62 -0.47 33.64
C GLU R 299 29.09 -0.06 33.66
N LYS R 300 29.42 1.01 32.94
CA LYS R 300 30.79 1.48 32.86
C LYS R 300 30.92 2.90 33.43
N ALA R 301 30.54 3.07 34.69
CA ALA R 301 30.60 4.35 35.37
C ALA R 301 29.99 5.48 34.55
N GLY R 302 30.81 6.20 33.80
CA GLY R 302 30.36 7.29 32.98
C GLY R 302 29.56 8.31 33.79
N ASP R 303 28.25 8.34 33.55
CA ASP R 303 27.38 9.25 34.26
C ASP R 303 27.20 8.87 35.73
N ARG R 304 27.70 7.69 36.16
CA ARG R 304 27.44 7.23 37.52
C ARG R 304 28.38 7.86 38.56
N GLU R 305 28.61 9.15 38.42
CA GLU R 305 29.02 10.07 39.47
C GLU R 305 28.26 11.37 39.41
N VAL R 306 27.64 11.67 38.26
CA VAL R 306 26.96 12.94 38.04
C VAL R 306 25.70 13.01 38.89
N GLN R 307 24.99 11.88 39.05
CA GLN R 307 23.82 11.88 39.92
C GLN R 307 24.21 12.03 41.38
N ARG R 308 25.39 11.55 41.76
CA ARG R 308 25.90 11.83 43.09
C ARG R 308 26.25 13.31 43.27
N THR R 309 26.60 13.99 42.18
CA THR R 309 26.67 15.45 42.23
C THR R 309 25.29 16.07 42.08
N MET R 310 24.39 15.42 41.36
CA MET R 310 23.04 15.96 41.17
C MET R 310 22.22 15.82 42.45
N LEU R 311 22.24 14.64 43.07
CA LEU R 311 21.42 14.41 44.26
C LEU R 311 21.93 15.21 45.45
N GLU R 312 23.24 15.48 45.48
CA GLU R 312 23.79 16.36 46.50
C GLU R 312 23.24 17.78 46.38
N LEU R 313 23.03 18.23 45.14
CA LEU R 313 22.30 19.47 44.91
C LEU R 313 20.84 19.33 45.34
N LEU R 314 20.24 18.16 45.10
CA LEU R 314 18.86 17.96 45.52
C LEU R 314 18.74 17.75 47.02
N ASN R 315 19.74 17.11 47.65
CA ASN R 315 19.66 16.88 49.08
C ASN R 315 19.90 18.16 49.86
N GLN R 316 20.82 19.01 49.39
CA GLN R 316 21.10 20.25 50.11
C GLN R 316 19.96 21.24 49.97
N LEU R 317 19.30 21.28 48.80
CA LEU R 317 18.24 22.25 48.58
C LEU R 317 17.01 21.94 49.40
N ASP R 318 16.70 20.67 49.60
CA ASP R 318 15.71 20.25 50.58
C ASP R 318 16.29 20.12 51.97
N GLY R 319 17.60 20.39 52.14
CA GLY R 319 18.21 20.24 53.44
C GLY R 319 17.87 21.37 54.39
N PHE R 320 17.62 22.57 53.86
CA PHE R 320 17.30 23.72 54.69
C PHE R 320 15.90 24.23 54.37
N GLN R 321 15.30 24.86 55.37
CA GLN R 321 13.97 25.44 55.30
C GLN R 321 14.00 26.69 54.41
N PRO R 322 12.86 27.03 53.75
CA PRO R 322 12.92 28.03 52.67
C PRO R 322 13.05 29.49 53.09
N ASN R 323 13.45 29.77 54.33
CA ASN R 323 13.53 31.14 54.83
C ASN R 323 14.78 31.85 54.29
N THR R 324 15.13 32.96 54.95
CA THR R 324 16.28 33.79 54.62
C THR R 324 17.58 32.99 54.65
N GLN R 325 18.57 33.35 53.81
CA GLN R 325 18.54 34.46 52.82
C GLN R 325 19.29 33.98 51.57
N VAL R 326 19.18 32.68 51.26
CA VAL R 326 20.10 32.02 50.35
C VAL R 326 19.33 31.58 49.11
N LYS R 327 18.47 32.48 48.61
CA LYS R 327 17.80 32.35 47.31
C LYS R 327 18.75 31.90 46.20
N VAL R 328 18.27 30.99 45.34
CA VAL R 328 19.10 30.34 44.33
C VAL R 328 18.50 30.63 42.97
N ILE R 329 19.35 31.04 42.02
CA ILE R 329 18.93 31.38 40.66
C ILE R 329 19.56 30.37 39.71
N ALA R 330 18.75 29.86 38.77
CA ALA R 330 19.21 28.97 37.73
C ALA R 330 18.68 29.45 36.38
N ALA R 331 19.36 29.06 35.31
CA ALA R 331 18.98 29.49 33.96
C ALA R 331 19.48 28.48 32.95
N THR R 332 18.57 28.00 32.10
CA THR R 332 18.90 27.10 31.00
C THR R 332 18.33 27.63 29.70
N ASN R 333 18.79 27.06 28.59
CA ASN R 333 18.26 27.40 27.28
C ASN R 333 17.22 26.42 26.78
N ARG R 334 17.30 25.16 27.17
CA ARG R 334 16.32 24.16 26.77
C ARG R 334 15.74 23.50 28.01
N VAL R 335 14.42 23.48 28.09
CA VAL R 335 13.73 22.91 29.24
C VAL R 335 13.71 21.38 29.20
N ASP R 336 13.66 20.80 28.00
CA ASP R 336 13.38 19.39 27.80
C ASP R 336 14.52 18.45 28.19
N ILE R 337 15.64 18.97 28.70
CA ILE R 337 16.70 18.16 29.27
C ILE R 337 16.50 17.94 30.76
N LEU R 338 15.95 18.96 31.43
CA LEU R 338 15.87 19.00 32.88
C LEU R 338 14.89 17.97 33.42
N ASP R 339 14.99 17.73 34.73
CA ASP R 339 14.19 16.72 35.40
C ASP R 339 12.98 17.41 36.02
N PRO R 340 11.79 17.32 35.42
CA PRO R 340 10.67 18.18 35.87
C PRO R 340 10.05 17.75 37.18
N ALA R 341 9.95 16.45 37.42
CA ALA R 341 9.43 15.94 38.66
C ALA R 341 10.41 16.09 39.82
N LEU R 342 11.68 16.34 39.52
CA LEU R 342 12.67 16.56 40.57
C LEU R 342 12.64 17.98 41.12
N LEU R 343 12.01 18.93 40.42
CA LEU R 343 11.90 20.24 41.05
C LEU R 343 10.56 20.44 41.75
N ARG R 344 9.50 20.63 40.98
CA ARG R 344 8.12 20.21 41.25
C ARG R 344 7.41 20.81 42.47
N SER R 345 8.11 21.16 43.55
CA SER R 345 7.34 21.59 44.71
C SER R 345 7.96 22.72 45.55
N GLY R 346 9.23 22.56 45.91
CA GLY R 346 9.88 23.43 46.87
C GLY R 346 11.32 23.65 46.48
N ARG R 347 11.69 23.01 45.39
CA ARG R 347 12.96 23.18 44.70
C ARG R 347 12.85 24.39 43.78
N LEU R 348 13.71 24.48 42.77
CA LEU R 348 13.61 25.51 41.73
C LEU R 348 12.21 25.50 41.12
N ASP R 349 11.44 26.55 41.40
CA ASP R 349 9.99 26.48 41.22
C ASP R 349 9.42 27.63 40.40
N ARG R 350 9.92 28.84 40.58
CA ARG R 350 9.34 29.99 39.91
C ARG R 350 9.79 30.05 38.45
N LYS R 351 8.81 30.13 37.55
CA LYS R 351 9.07 30.12 36.11
C LYS R 351 9.12 31.56 35.62
N ILE R 352 10.29 32.00 35.19
CA ILE R 352 10.47 33.32 34.60
C ILE R 352 10.96 33.08 33.18
N GLU R 353 10.03 33.03 32.24
CA GLU R 353 10.41 32.83 30.85
C GLU R 353 10.77 34.16 30.20
N PHE R 354 11.64 34.09 29.20
CA PHE R 354 12.11 35.26 28.47
C PHE R 354 11.68 35.15 27.02
N PRO R 355 10.58 35.76 26.62
CA PRO R 355 10.13 35.68 25.23
C PRO R 355 10.96 36.59 24.33
N MET R 356 10.74 36.45 23.04
CA MET R 356 11.43 37.27 22.06
C MET R 356 10.82 38.67 22.05
N PRO R 357 11.62 39.71 21.74
CA PRO R 357 11.09 41.08 21.73
C PRO R 357 10.05 41.29 20.62
N ASN R 358 8.97 42.01 20.97
CA ASN R 358 7.77 41.92 20.15
C ASN R 358 7.82 42.81 18.91
N GLU R 359 7.66 44.12 19.08
CA GLU R 359 8.05 45.06 18.04
C GLU R 359 8.87 46.20 18.61
N GLU R 360 8.31 46.85 19.63
CA GLU R 360 8.93 48.05 20.19
C GLU R 360 10.08 47.69 21.11
N ALA R 361 10.07 46.48 21.65
CA ALA R 361 11.21 46.02 22.43
C ALA R 361 12.42 45.78 21.54
N ARG R 362 12.20 45.44 20.26
CA ARG R 362 13.31 45.46 19.32
C ARG R 362 13.78 46.88 19.06
N ALA R 363 12.85 47.82 18.87
CA ALA R 363 13.20 49.20 18.62
C ALA R 363 13.79 49.89 19.85
N ARG R 364 13.50 49.37 21.04
CA ARG R 364 14.12 49.90 22.25
C ARG R 364 15.58 49.50 22.33
N ILE R 365 15.88 48.21 22.11
CA ILE R 365 17.22 47.68 22.27
C ILE R 365 18.17 48.26 21.22
N MET R 366 17.67 48.43 19.99
CA MET R 366 18.48 49.06 18.95
C MET R 366 18.75 50.53 19.26
N GLN R 367 17.88 51.17 20.04
CA GLN R 367 18.16 52.52 20.50
C GLN R 367 19.15 52.51 21.67
N ILE R 368 19.16 51.44 22.46
CA ILE R 368 20.06 51.34 23.61
C ILE R 368 21.51 51.26 23.16
N HIS R 369 21.81 50.33 22.28
CA HIS R 369 23.20 50.12 21.87
C HIS R 369 23.70 51.20 20.92
N SER R 370 22.81 51.97 20.30
CA SER R 370 23.20 53.07 19.44
C SER R 370 23.37 54.38 20.20
N ARG R 371 23.60 54.29 21.51
CA ARG R 371 23.75 55.49 22.32
C ARG R 371 25.10 56.15 22.13
N LYS R 372 26.11 55.37 21.73
CA LYS R 372 27.50 55.80 21.75
C LYS R 372 28.03 56.23 20.40
N MET R 373 27.17 56.47 19.41
CA MET R 373 27.63 56.77 18.07
C MET R 373 27.01 58.06 17.55
N ASN R 374 27.50 58.48 16.38
CA ASN R 374 27.02 59.67 15.69
C ASN R 374 25.88 59.23 14.78
N VAL R 375 24.66 59.30 15.29
CA VAL R 375 23.48 58.97 14.51
C VAL R 375 22.88 60.27 13.98
N SER R 376 22.76 60.37 12.66
CA SER R 376 22.05 61.50 12.08
C SER R 376 20.57 61.40 12.42
N PRO R 377 19.93 62.50 12.80
CA PRO R 377 18.58 62.39 13.35
C PRO R 377 17.47 62.32 12.31
N ASP R 378 17.67 61.51 11.26
CA ASP R 378 16.58 61.03 10.43
C ASP R 378 16.71 59.50 10.37
N VAL R 379 16.33 58.85 11.47
CA VAL R 379 16.32 57.40 11.63
C VAL R 379 15.19 57.11 12.59
N ASN R 380 14.21 56.35 12.16
CA ASN R 380 13.14 55.90 13.04
C ASN R 380 13.33 54.43 13.32
N TYR R 381 13.45 54.08 14.61
CA TYR R 381 13.62 52.70 15.00
C TYR R 381 12.34 51.89 14.79
N GLU R 382 11.19 52.56 14.74
CA GLU R 382 9.95 51.88 14.36
C GLU R 382 9.98 51.45 12.90
N GLU R 383 10.64 52.23 12.06
CA GLU R 383 10.81 51.84 10.65
C GLU R 383 11.77 50.68 10.52
N LEU R 384 12.72 50.56 11.45
CA LEU R 384 13.60 49.40 11.46
C LEU R 384 12.88 48.15 11.95
N ALA R 385 11.94 48.30 12.89
CA ALA R 385 11.16 47.15 13.35
C ALA R 385 10.17 46.67 12.30
N ARG R 386 9.88 47.49 11.29
CA ARG R 386 9.08 47.04 10.16
C ARG R 386 9.79 45.91 9.40
N CYS R 387 11.07 46.10 9.09
CA CYS R 387 11.82 45.15 8.29
C CYS R 387 12.56 44.11 9.12
N THR R 388 12.90 44.41 10.38
CA THR R 388 13.54 43.43 11.25
C THR R 388 12.47 42.63 11.98
N ASP R 389 12.52 41.31 11.81
CA ASP R 389 11.52 40.44 12.42
C ASP R 389 12.21 39.13 12.78
N ASP R 390 11.66 38.47 13.82
CA ASP R 390 12.14 37.19 14.34
C ASP R 390 13.60 37.25 14.78
N PHE R 391 14.01 38.37 15.36
CA PHE R 391 15.36 38.52 15.87
C PHE R 391 15.34 38.44 17.39
N ASN R 392 16.45 37.97 17.96
CA ASN R 392 16.60 38.02 19.40
C ASN R 392 17.27 39.34 19.80
N GLY R 393 17.60 39.47 21.08
CA GLY R 393 18.24 40.68 21.55
C GLY R 393 19.66 40.83 21.05
N ALA R 394 20.36 39.72 20.85
CA ALA R 394 21.75 39.79 20.43
C ALA R 394 21.90 40.11 18.95
N GLN R 395 20.98 39.62 18.11
CA GLN R 395 21.01 40.00 16.70
C GLN R 395 20.63 41.46 16.51
N CYS R 396 19.80 42.01 17.39
CA CYS R 396 19.55 43.44 17.37
C CYS R 396 20.79 44.24 17.76
N LYS R 397 21.62 43.68 18.63
CA LYS R 397 22.91 44.31 18.92
C LYS R 397 23.85 44.17 17.74
N ALA R 398 23.75 43.07 16.98
CA ALA R 398 24.65 42.84 15.86
C ALA R 398 24.37 43.76 14.69
N VAL R 399 23.13 44.20 14.51
CA VAL R 399 22.82 45.20 13.50
C VAL R 399 23.47 46.52 13.86
N CYS R 400 23.48 46.85 15.15
CA CYS R 400 24.04 48.11 15.62
C CYS R 400 25.55 48.15 15.47
N VAL R 401 26.22 46.99 15.59
CA VAL R 401 27.67 46.97 15.47
C VAL R 401 28.09 47.05 14.01
N GLU R 402 27.42 46.29 13.14
CA GLU R 402 27.82 46.20 11.74
C GLU R 402 27.54 47.49 10.98
N ALA R 403 26.53 48.25 11.41
CA ALA R 403 26.21 49.50 10.73
C ALA R 403 27.28 50.55 10.95
N GLY R 404 27.99 50.48 12.08
CA GLY R 404 29.06 51.43 12.32
C GLY R 404 30.26 51.22 11.42
N MET R 405 30.49 49.99 10.99
CA MET R 405 31.63 49.69 10.14
C MET R 405 31.34 49.85 8.66
N ILE R 406 30.08 49.77 8.25
CA ILE R 406 29.74 50.04 6.85
C ILE R 406 29.97 51.52 6.53
N ALA R 407 29.66 52.40 7.49
CA ALA R 407 29.99 53.81 7.33
C ALA R 407 31.49 54.04 7.40
N LEU R 408 32.22 53.14 8.06
CA LEU R 408 33.67 53.24 8.10
C LEU R 408 34.31 52.83 6.77
N ARG R 409 33.60 52.06 5.94
CA ARG R 409 34.12 51.64 4.64
C ARG R 409 34.34 52.84 3.72
N ARG R 410 33.29 53.62 3.49
CA ARG R 410 33.37 54.81 2.67
C ARG R 410 33.83 56.03 3.45
N GLY R 411 34.19 55.86 4.72
CA GLY R 411 34.66 56.99 5.51
C GLY R 411 33.58 57.96 5.90
N ALA R 412 32.35 57.49 6.06
CA ALA R 412 31.27 58.37 6.49
C ALA R 412 31.44 58.76 7.96
N THR R 413 30.96 59.94 8.30
CA THR R 413 31.14 60.49 9.64
C THR R 413 29.95 60.21 10.56
N GLU R 414 28.75 60.06 10.01
CA GLU R 414 27.58 59.70 10.79
C GLU R 414 26.83 58.59 10.06
N LEU R 415 25.76 58.13 10.68
CA LEU R 415 24.98 57.01 10.16
C LEU R 415 23.76 57.52 9.40
N THR R 416 23.07 56.58 8.77
CA THR R 416 21.84 56.88 8.05
C THR R 416 20.94 55.64 8.12
N HIS R 417 19.69 55.81 7.69
CA HIS R 417 18.77 54.69 7.64
C HIS R 417 19.23 53.64 6.62
N GLU R 418 19.86 54.08 5.53
CA GLU R 418 20.42 53.15 4.56
C GLU R 418 21.58 52.36 5.14
N ASP R 419 22.32 52.95 6.09
CA ASP R 419 23.44 52.26 6.72
C ASP R 419 22.97 51.10 7.58
N TYR R 420 21.80 51.24 8.22
CA TYR R 420 21.29 50.13 9.00
C TYR R 420 20.74 49.02 8.12
N MET R 421 20.12 49.38 6.98
CA MET R 421 19.49 48.38 6.11
C MET R 421 20.52 47.44 5.50
N GLU R 422 21.71 47.93 5.20
CA GLU R 422 22.77 47.05 4.76
C GLU R 422 23.34 46.26 5.93
N GLY R 423 23.28 46.81 7.14
CA GLY R 423 23.71 46.06 8.30
C GLY R 423 22.74 44.96 8.68
N ILE R 424 21.49 45.09 8.28
CA ILE R 424 20.50 44.03 8.52
C ILE R 424 20.82 42.81 7.66
N LEU R 425 21.11 43.04 6.38
CA LEU R 425 21.37 41.92 5.46
C LEU R 425 22.68 41.23 5.78
N GLU R 426 23.62 41.94 6.39
CA GLU R 426 24.90 41.35 6.76
C GLU R 426 24.78 40.38 7.93
N VAL R 427 23.75 40.53 8.76
CA VAL R 427 23.57 39.65 9.91
C VAL R 427 23.25 38.23 9.46
N GLN R 428 22.25 38.08 8.61
CA GLN R 428 21.98 36.78 8.00
C GLN R 428 22.78 36.56 6.72
N ALA R 429 23.76 37.44 6.44
CA ALA R 429 24.75 37.29 5.37
C ALA R 429 24.09 37.21 3.99
N LYS R 430 23.43 38.30 3.61
CA LYS R 430 22.83 38.42 2.29
C LYS R 430 23.56 39.47 1.47
N LYS R 431 23.25 39.48 0.18
CA LYS R 431 23.79 40.45 -0.76
C LYS R 431 22.85 40.50 -1.96
N LYS R 432 22.90 41.60 -2.69
CA LYS R 432 21.96 41.84 -3.77
C LYS R 432 22.71 42.25 -5.05
N ALA R 433 22.18 41.81 -6.18
CA ALA R 433 22.68 42.13 -7.50
C ALA R 433 21.61 42.90 -8.28
N ASN R 434 21.87 43.10 -9.56
CA ASN R 434 20.82 43.44 -10.52
C ASN R 434 20.24 42.15 -11.09
N LEU R 435 19.02 41.84 -10.69
CA LEU R 435 18.44 40.52 -10.90
C LEU R 435 17.67 40.39 -12.21
N GLN R 436 17.69 41.44 -13.05
CA GLN R 436 17.19 41.54 -14.43
C GLN R 436 15.74 41.07 -14.61
N TYR R 437 14.97 40.95 -13.54
CA TYR R 437 13.53 40.78 -13.61
C TYR R 437 12.80 42.08 -13.39
N TYR R 438 13.46 43.02 -12.71
CA TYR R 438 12.79 44.07 -11.97
C TYR R 438 12.96 45.44 -12.59
N ALA R 439 13.23 45.48 -13.90
CA ALA R 439 13.30 46.69 -14.72
C ALA R 439 14.35 47.71 -14.26
N UNK S 1 -0.55 16.57 -1.31
CA UNK S 1 0.56 16.30 -2.20
C UNK S 1 1.76 15.74 -1.43
N UNK S 2 2.21 16.49 -0.44
CA UNK S 2 3.34 16.08 0.38
C UNK S 2 2.89 15.15 1.51
N UNK S 3 1.59 15.13 1.76
CA UNK S 3 1.03 14.28 2.80
C UNK S 3 1.46 12.82 2.61
N UNK S 4 1.30 12.31 1.39
CA UNK S 4 1.66 10.95 1.07
C UNK S 4 3.12 10.69 1.42
N UNK S 5 4.01 11.52 0.91
CA UNK S 5 5.43 11.39 1.16
C UNK S 5 5.75 11.51 2.65
N UNK S 6 5.09 12.45 3.31
CA UNK S 6 5.28 12.68 4.74
C UNK S 6 4.79 11.47 5.54
N UNK S 7 3.69 10.87 5.09
CA UNK S 7 3.12 9.71 5.77
C UNK S 7 3.92 8.45 5.47
N UNK S 8 4.26 8.25 4.20
CA UNK S 8 5.03 7.08 3.78
C UNK S 8 6.32 6.96 4.60
N UNK S 9 6.65 8.02 5.32
CA UNK S 9 7.86 8.05 6.15
C UNK S 9 7.66 7.49 7.55
N UNK S 10 8.76 6.99 8.12
CA UNK S 10 8.76 6.41 9.46
C UNK S 10 10.19 6.33 10.00
N UNK S 11 10.64 7.40 10.65
CA UNK S 11 11.99 7.44 11.21
C UNK S 11 12.10 6.50 12.42
N UNK S 12 13.32 6.03 12.69
CA UNK S 12 13.53 5.12 13.81
C UNK S 12 14.85 4.37 13.65
N UNK S 13 15.71 4.48 14.66
CA UNK S 13 17.00 3.82 14.62
C UNK S 13 17.39 3.24 15.98
N UNK S 14 18.48 2.48 16.00
CA UNK S 14 18.98 1.86 17.21
C UNK S 14 19.93 2.88 17.85
N UNK S 15 20.97 2.40 18.53
CA UNK S 15 21.90 3.32 19.17
C UNK S 15 23.31 2.79 19.47
N UNK S 16 24.16 2.64 18.45
CA UNK S 16 25.52 2.19 18.71
C UNK S 16 26.09 3.04 19.83
N UNK S 17 26.89 2.43 20.71
CA UNK S 17 27.46 3.18 21.84
C UNK S 17 28.98 3.17 21.91
N UNK S 18 29.51 3.92 22.87
CA UNK S 18 30.95 4.03 23.09
C UNK S 18 31.32 3.50 24.46
N UNK S 19 32.52 3.86 24.92
CA UNK S 19 33.00 3.41 26.22
C UNK S 19 33.80 4.51 26.91
N UNK S 20 33.16 5.22 27.83
CA UNK S 20 33.81 6.29 28.56
C UNK S 20 34.59 5.75 29.70
N UNK S 21 35.65 6.46 30.07
CA UNK S 21 36.50 6.04 31.18
C UNK S 21 36.18 6.75 32.50
N UNK S 22 36.74 6.21 33.59
CA UNK S 22 36.57 6.74 34.93
C UNK S 22 37.86 6.57 35.69
N UNK S 23 38.08 7.44 36.67
CA UNK S 23 39.29 7.40 37.49
C UNK S 23 39.72 5.96 37.76
N UNK S 24 40.71 5.80 38.64
CA UNK S 24 41.22 4.48 38.98
C UNK S 24 41.08 4.20 40.48
N UNK S 25 41.75 3.17 40.95
CA UNK S 25 41.71 2.79 42.37
C UNK S 25 42.84 3.43 43.16
N UNK S 26 43.55 2.63 43.94
CA UNK S 26 44.66 3.12 44.75
C UNK S 26 45.98 2.86 44.05
N UNK S 27 46.91 3.81 44.16
CA UNK S 27 48.22 3.67 43.55
C UNK S 27 49.32 4.27 44.43
N UNK S 28 50.08 3.40 45.09
CA UNK S 28 51.16 3.83 45.96
C UNK S 28 52.17 2.70 46.20
N UNK S 29 53.38 2.90 45.68
CA UNK S 29 54.44 1.90 45.82
C UNK S 29 55.51 2.39 46.79
N UNK S 30 56.76 2.40 46.31
CA UNK S 30 57.90 2.83 47.10
C UNK S 30 57.95 2.17 48.48
N UNK S 31 57.69 2.97 49.51
CA UNK S 31 57.70 2.49 50.89
C UNK S 31 58.94 1.67 51.24
N UNK S 32 60.11 2.24 50.94
CA UNK S 32 61.37 1.57 51.22
C UNK S 32 62.12 2.27 52.36
N UNK S 33 62.93 1.51 53.08
CA UNK S 33 63.70 2.05 54.20
C UNK S 33 64.85 2.92 53.70
N UNK S 34 64.50 4.11 53.21
CA UNK S 34 65.51 5.04 52.71
C UNK S 34 66.12 5.84 53.85
N UNK S 35 67.30 5.42 54.30
CA UNK S 35 68.00 6.10 55.38
C UNK S 35 69.23 6.86 54.87
N UNK S 36 69.19 8.18 54.99
CA UNK S 36 70.30 9.02 54.54
C UNK S 36 71.42 9.04 55.56
N SER T 5 -0.35 2.93 16.00
CA SER T 5 -1.08 1.99 15.15
C SER T 5 -1.58 2.67 13.89
N ALA T 6 -2.29 3.79 14.07
CA ALA T 6 -2.89 4.49 12.94
C ALA T 6 -3.06 5.97 13.34
N GLY T 7 -2.17 6.82 12.82
CA GLY T 7 -1.05 6.47 11.97
C GLY T 7 -1.20 6.48 10.45
N PHE T 8 -1.95 5.52 9.91
CA PHE T 8 -1.96 5.30 8.47
C PHE T 8 -2.93 6.20 7.72
N ASP T 9 -4.23 6.00 7.91
CA ASP T 9 -5.25 6.74 7.18
C ASP T 9 -5.88 7.81 8.08
N ARG T 10 -5.05 8.70 8.57
CA ARG T 10 -5.52 9.66 9.55
C ARG T 10 -5.45 11.08 9.00
N HIS T 11 -5.14 11.24 7.72
CA HIS T 11 -5.18 12.54 7.05
C HIS T 11 -6.35 12.63 6.09
N ILE T 12 -6.44 11.70 5.14
CA ILE T 12 -7.49 11.71 4.14
C ILE T 12 -8.36 10.47 4.30
N THR T 13 -9.38 10.37 3.45
CA THR T 13 -10.40 9.33 3.57
C THR T 13 -10.05 8.15 2.67
N ILE T 14 -9.20 7.27 3.20
CA ILE T 14 -8.93 5.96 2.62
C ILE T 14 -9.04 4.92 3.73
N PHE T 15 -8.81 3.66 3.37
CA PHE T 15 -8.98 2.58 4.32
C PHE T 15 -7.77 2.43 5.23
N SER T 16 -8.01 1.82 6.39
CA SER T 16 -6.97 1.36 7.28
C SER T 16 -6.76 -0.13 7.08
N PRO T 17 -5.60 -0.67 7.42
CA PRO T 17 -5.49 -2.11 7.59
C PRO T 17 -6.34 -2.55 8.78
N GLU T 18 -7.42 -3.28 8.48
CA GLU T 18 -8.28 -3.94 9.46
C GLU T 18 -8.94 -2.96 10.44
N GLY T 19 -9.98 -2.24 9.98
CA GLY T 19 -10.46 -2.19 8.60
C GLY T 19 -11.15 -0.87 8.31
N ARG T 20 -11.09 0.04 9.26
CA ARG T 20 -11.99 1.19 9.31
C ARG T 20 -11.34 2.41 8.65
N LEU T 21 -11.96 3.57 8.84
CA LEU T 21 -11.40 4.83 8.40
C LEU T 21 -11.74 5.91 9.42
N TYR T 22 -10.81 6.85 9.60
CA TYR T 22 -10.80 7.69 10.79
C TYR T 22 -11.39 9.09 10.59
N GLN T 23 -11.34 9.63 9.38
CA GLN T 23 -11.79 11.00 9.16
C GLN T 23 -13.30 11.15 9.31
N VAL T 24 -14.07 10.12 8.99
CA VAL T 24 -15.50 10.17 9.25
C VAL T 24 -15.79 10.05 10.74
N GLU T 25 -15.11 9.14 11.41
CA GLU T 25 -15.35 8.97 12.84
C GLU T 25 -14.62 10.01 13.70
N TYR T 26 -13.91 10.95 13.08
CA TYR T 26 -13.52 12.15 13.80
C TYR T 26 -14.60 13.22 13.76
N ALA T 27 -15.53 13.11 12.82
CA ALA T 27 -16.68 14.01 12.81
C ALA T 27 -17.68 13.66 13.90
N PHE T 28 -17.64 12.44 14.42
CA PHE T 28 -18.56 12.08 15.49
C PHE T 28 -18.21 12.77 16.79
N LYS T 29 -16.93 13.04 17.02
CA LYS T 29 -16.50 13.88 18.14
C LYS T 29 -16.37 15.33 17.74
N ALA T 30 -16.85 15.70 16.55
CA ALA T 30 -16.96 17.10 16.16
C ALA T 30 -18.28 17.72 16.55
N ILE T 31 -19.25 16.91 17.00
CA ILE T 31 -20.47 17.46 17.56
C ILE T 31 -20.18 18.11 18.91
N ASN T 32 -19.28 17.50 19.70
CA ASN T 32 -19.14 17.81 21.12
C ASN T 32 -18.51 19.16 21.41
N GLN T 33 -18.01 19.89 20.40
CA GLN T 33 -17.55 21.24 20.68
C GLN T 33 -18.69 22.25 20.79
N GLY T 34 -19.92 21.85 20.47
CA GLY T 34 -21.05 22.73 20.72
C GLY T 34 -21.33 22.93 22.19
N GLY T 35 -21.06 21.92 23.01
CA GLY T 35 -21.34 21.97 24.42
C GLY T 35 -22.83 21.99 24.70
N LEU T 36 -23.55 21.02 24.16
CA LEU T 36 -25.00 21.10 24.14
C LEU T 36 -25.54 19.68 24.11
N THR T 37 -26.83 19.53 24.42
CA THR T 37 -27.48 18.23 24.48
C THR T 37 -28.93 18.42 24.07
N SER T 38 -29.44 17.53 23.22
CA SER T 38 -30.83 17.59 22.78
C SER T 38 -31.50 16.24 23.00
N VAL T 39 -32.80 16.28 23.29
CA VAL T 39 -33.57 15.09 23.60
C VAL T 39 -34.86 15.11 22.80
N ALA T 40 -35.16 14.01 22.09
CA ALA T 40 -36.44 13.81 21.41
C ALA T 40 -37.11 12.56 21.98
N VAL T 41 -38.42 12.65 22.21
CA VAL T 41 -39.20 11.58 22.83
C VAL T 41 -40.46 11.35 22.02
N ARG T 42 -40.69 10.10 21.61
CA ARG T 42 -41.97 9.66 21.06
C ARG T 42 -42.54 8.59 21.97
N GLY T 43 -43.64 8.90 22.65
CA GLY T 43 -44.28 7.91 23.49
C GLY T 43 -45.59 7.37 22.95
N LYS T 44 -46.40 8.27 22.42
CA LYS T 44 -47.74 7.98 21.90
C LYS T 44 -47.99 8.97 20.78
N ASP T 45 -49.26 9.29 20.51
CA ASP T 45 -49.68 10.06 19.33
C ASP T 45 -49.13 11.48 19.19
N CYS T 46 -48.28 11.94 20.10
CA CYS T 46 -47.60 13.22 19.96
C CYS T 46 -46.09 13.00 19.82
N ALA T 47 -45.34 14.09 19.70
CA ALA T 47 -43.89 14.01 19.58
C ALA T 47 -43.29 15.31 20.10
N VAL T 48 -42.22 15.19 20.89
CA VAL T 48 -41.66 16.31 21.64
C VAL T 48 -40.17 16.42 21.36
N ILE T 49 -39.72 17.62 20.99
CA ILE T 49 -38.31 18.00 20.99
C ILE T 49 -38.08 18.84 22.23
N VAL T 50 -36.96 18.63 22.91
CA VAL T 50 -36.53 19.52 23.98
C VAL T 50 -35.01 19.73 23.88
N THR T 51 -34.59 20.98 24.01
CA THR T 51 -33.19 21.36 23.88
C THR T 51 -32.98 22.63 24.70
N GLN T 52 -31.90 22.67 25.48
CA GLN T 52 -31.58 23.87 26.24
C GLN T 52 -30.88 24.89 25.35
N LYS T 53 -30.94 26.15 25.77
CA LYS T 53 -30.10 27.19 25.19
C LYS T 53 -29.07 27.63 26.21
N LYS T 54 -28.01 28.24 25.71
CA LYS T 54 -26.92 28.73 26.56
C LYS T 54 -26.56 30.12 26.06
N VAL T 55 -27.02 31.14 26.78
CA VAL T 55 -26.80 32.54 26.41
C VAL T 55 -25.71 33.10 27.31
N PRO T 56 -24.50 33.34 26.82
CA PRO T 56 -23.41 33.82 27.67
C PRO T 56 -23.24 35.33 27.72
N ASP T 57 -24.18 36.11 27.18
CA ASP T 57 -23.98 37.55 27.09
C ASP T 57 -25.33 38.25 27.19
N LYS T 58 -25.33 39.41 27.84
CA LYS T 58 -26.52 40.25 27.89
C LYS T 58 -26.72 41.07 26.63
N LEU T 59 -25.63 41.38 25.92
CA LEU T 59 -25.76 42.08 24.64
C LEU T 59 -26.26 41.14 23.55
N LEU T 60 -26.05 39.84 23.73
CA LEU T 60 -26.55 38.84 22.81
C LEU T 60 -28.07 38.75 22.91
N ASP T 61 -28.72 38.57 21.77
CA ASP T 61 -30.18 38.61 21.70
C ASP T 61 -30.80 37.31 22.21
N SER T 62 -32.10 37.15 21.98
CA SER T 62 -32.80 35.96 22.44
C SER T 62 -33.48 35.25 21.28
N SER T 63 -33.96 36.02 20.30
CA SER T 63 -34.74 35.42 19.22
C SER T 63 -33.86 34.71 18.20
N THR T 64 -32.62 35.16 18.01
CA THR T 64 -31.73 34.60 17.01
C THR T 64 -30.85 33.49 17.56
N VAL T 65 -31.30 32.80 18.60
CA VAL T 65 -30.49 31.75 19.24
C VAL T 65 -31.08 30.36 18.98
N THR T 66 -32.38 30.26 18.68
CA THR T 66 -33.12 29.00 18.75
C THR T 66 -32.66 28.00 17.70
N HIS T 67 -32.38 26.77 18.15
CA HIS T 67 -31.99 25.68 17.28
C HIS T 67 -33.17 24.92 16.69
N LEU T 68 -34.40 25.26 17.08
CA LEU T 68 -35.57 24.65 16.48
C LEU T 68 -35.84 25.29 15.13
N PHE T 69 -35.92 24.46 14.11
CA PHE T 69 -35.98 24.91 12.72
C PHE T 69 -37.19 24.27 12.05
N LYS T 70 -38.03 25.10 11.47
CA LYS T 70 -39.24 24.62 10.80
C LYS T 70 -38.90 24.32 9.34
N ILE T 71 -38.96 23.04 8.97
CA ILE T 71 -38.64 22.64 7.61
C ILE T 71 -39.84 22.83 6.70
N THR T 72 -40.96 22.20 7.03
CA THR T 72 -42.19 22.39 6.27
C THR T 72 -43.25 22.69 7.31
N GLU T 73 -44.52 22.79 6.92
CA GLU T 73 -45.57 23.12 7.87
C GLU T 73 -45.87 21.99 8.84
N ASN T 74 -45.48 20.76 8.51
CA ASN T 74 -45.74 19.62 9.38
C ASN T 74 -44.47 18.92 9.81
N ILE T 75 -43.30 19.45 9.47
CA ILE T 75 -42.03 18.82 9.77
C ILE T 75 -41.11 19.86 10.41
N GLY T 76 -40.69 19.60 11.64
CA GLY T 76 -39.72 20.44 12.32
C GLY T 76 -38.48 19.64 12.70
N CYS T 77 -37.39 20.32 13.01
CA CYS T 77 -36.15 19.64 13.34
C CYS T 77 -35.36 20.43 14.37
N VAL T 78 -34.32 19.81 14.89
CA VAL T 78 -33.38 20.43 15.81
C VAL T 78 -31.97 20.06 15.37
N MET T 79 -31.02 20.95 15.60
CA MET T 79 -29.66 20.77 15.12
C MET T 79 -28.67 20.83 16.28
N THR T 80 -27.74 19.89 16.28
CA THR T 80 -26.62 19.87 17.20
C THR T 80 -25.32 19.99 16.39
N GLY T 81 -24.20 19.85 17.07
CA GLY T 81 -22.92 20.01 16.42
C GLY T 81 -22.50 21.47 16.36
N MET T 82 -21.54 21.73 15.49
CA MET T 82 -21.09 23.10 15.30
C MET T 82 -22.12 23.88 14.47
N THR T 83 -22.12 25.20 14.67
CA THR T 83 -23.25 26.03 14.28
C THR T 83 -23.32 26.25 12.76
N ALA T 84 -22.19 26.59 12.14
CA ALA T 84 -22.19 26.99 10.74
C ALA T 84 -22.48 25.80 9.82
N ASP T 85 -22.00 24.61 10.17
CA ASP T 85 -22.33 23.43 9.37
C ASP T 85 -23.77 23.00 9.57
N SER T 86 -24.40 23.40 10.67
CA SER T 86 -25.77 22.99 10.92
C SER T 86 -26.75 23.72 10.01
N ARG T 87 -26.53 25.01 9.79
CA ARG T 87 -27.50 25.80 9.02
C ARG T 87 -27.45 25.49 7.54
N SER T 88 -26.27 25.13 7.01
CA SER T 88 -26.19 24.74 5.62
C SER T 88 -26.83 23.38 5.38
N GLN T 89 -26.84 22.53 6.43
CA GLN T 89 -27.57 21.28 6.37
C GLN T 89 -29.07 21.53 6.32
N VAL T 90 -29.55 22.57 6.99
CA VAL T 90 -30.97 22.89 6.98
C VAL T 90 -31.40 23.45 5.63
N GLN T 91 -30.51 24.17 4.96
CA GLN T 91 -30.83 24.77 3.66
C GLN T 91 -31.07 23.69 2.60
N ARG T 92 -30.37 22.57 2.71
CA ARG T 92 -30.68 21.44 1.82
C ARG T 92 -31.98 20.77 2.22
N ALA T 93 -32.30 20.77 3.52
CA ALA T 93 -33.53 20.14 3.98
C ALA T 93 -34.75 20.93 3.56
N ARG T 94 -34.67 22.26 3.63
CA ARG T 94 -35.77 23.10 3.17
C ARG T 94 -35.92 23.02 1.65
N TYR T 95 -34.81 22.80 0.95
CA TYR T 95 -34.85 22.84 -0.51
C TYR T 95 -35.48 21.58 -1.08
N GLU T 96 -35.02 20.41 -0.65
CA GLU T 96 -35.51 19.17 -1.21
C GLU T 96 -36.87 18.78 -0.67
N ALA T 97 -37.34 19.40 0.40
CA ALA T 97 -38.72 19.21 0.83
C ALA T 97 -39.69 19.84 -0.14
N ALA T 98 -39.29 20.93 -0.79
CA ALA T 98 -40.14 21.59 -1.78
C ALA T 98 -40.06 20.93 -3.15
N ASN T 99 -38.97 20.24 -3.45
CA ASN T 99 -38.88 19.53 -4.73
C ASN T 99 -39.79 18.31 -4.76
N TRP T 100 -40.05 17.70 -3.61
CA TRP T 100 -40.97 16.58 -3.54
C TRP T 100 -42.38 17.03 -3.88
N LYS T 101 -42.80 18.17 -3.33
CA LYS T 101 -44.13 18.71 -3.62
C LYS T 101 -44.27 19.12 -5.07
N TYR T 102 -43.18 19.58 -5.68
CA TYR T 102 -43.23 20.02 -7.08
C TYR T 102 -43.21 18.85 -8.04
N LYS T 103 -42.31 17.87 -7.80
CA LYS T 103 -42.20 16.75 -8.71
C LYS T 103 -43.37 15.78 -8.55
N TYR T 104 -43.81 15.55 -7.31
CA TYR T 104 -44.67 14.41 -7.02
C TYR T 104 -46.06 14.78 -6.55
N GLY T 105 -46.27 16.02 -6.13
CA GLY T 105 -47.61 16.54 -5.94
C GLY T 105 -48.22 16.34 -4.58
N TYR T 106 -47.45 15.93 -3.57
CA TYR T 106 -48.01 15.75 -2.25
C TYR T 106 -46.92 16.00 -1.21
N GLU T 107 -47.33 15.98 0.05
CA GLU T 107 -46.42 16.30 1.15
C GLU T 107 -45.43 15.16 1.38
N ILE T 108 -44.17 15.52 1.59
CA ILE T 108 -43.11 14.52 1.72
C ILE T 108 -43.23 13.82 3.06
N PRO T 109 -43.04 12.50 3.12
CA PRO T 109 -42.98 11.83 4.42
C PRO T 109 -41.69 12.16 5.15
N VAL T 110 -41.76 12.11 6.48
CA VAL T 110 -40.58 12.33 7.31
C VAL T 110 -39.59 11.18 7.15
N ASP T 111 -40.06 9.99 6.75
CA ASP T 111 -39.16 8.88 6.51
C ASP T 111 -38.34 9.09 5.24
N MET T 112 -38.97 9.62 4.20
CA MET T 112 -38.30 9.81 2.92
C MET T 112 -37.27 10.92 2.95
N LEU T 113 -37.38 11.85 3.88
CA LEU T 113 -36.49 13.01 3.86
C LEU T 113 -35.10 12.66 4.38
N CYS T 114 -35.00 11.79 5.38
CA CYS T 114 -33.71 11.39 5.90
C CYS T 114 -32.93 10.51 4.94
N LYS T 115 -33.62 9.85 4.01
CA LYS T 115 -32.91 9.18 2.92
C LYS T 115 -32.23 10.20 2.02
N ARG T 116 -32.92 11.29 1.70
CA ARG T 116 -32.35 12.31 0.82
C ARG T 116 -31.26 13.11 1.51
N ILE T 117 -31.29 13.19 2.85
CA ILE T 117 -30.23 13.92 3.56
C ILE T 117 -28.98 13.06 3.68
N ALA T 118 -29.14 11.80 4.09
CA ALA T 118 -27.98 10.94 4.34
C ALA T 118 -27.27 10.55 3.06
N ASP T 119 -27.98 10.55 1.93
CA ASP T 119 -27.31 10.26 0.66
C ASP T 119 -26.43 11.42 0.21
N ILE T 120 -26.77 12.65 0.59
CA ILE T 120 -25.88 13.77 0.29
C ILE T 120 -24.65 13.71 1.19
N SER T 121 -24.83 13.30 2.45
CA SER T 121 -23.71 13.09 3.34
C SER T 121 -22.90 11.84 2.98
N GLN T 122 -23.43 10.99 2.11
CA GLN T 122 -22.76 9.78 1.68
C GLN T 122 -21.69 10.05 0.62
N VAL T 123 -21.99 10.96 -0.31
CA VAL T 123 -21.08 11.28 -1.40
C VAL T 123 -19.82 11.92 -0.88
N TYR T 124 -19.92 12.69 0.21
CA TYR T 124 -18.77 13.38 0.76
C TYR T 124 -17.80 12.42 1.44
N THR T 125 -18.27 11.24 1.81
CA THR T 125 -17.43 10.15 2.29
C THR T 125 -16.87 9.34 1.14
N GLN T 126 -17.71 8.98 0.17
CA GLN T 126 -17.28 8.20 -0.97
C GLN T 126 -16.31 9.00 -1.84
N ASN T 127 -16.76 10.13 -2.36
CA ASN T 127 -15.89 11.03 -3.09
C ASN T 127 -15.27 12.02 -2.11
N ALA T 128 -14.00 12.34 -2.34
CA ALA T 128 -13.25 13.16 -1.41
C ALA T 128 -13.42 14.63 -1.74
N GLU T 129 -12.55 15.46 -1.15
CA GLU T 129 -12.38 16.88 -1.47
C GLU T 129 -13.63 17.71 -1.13
N MET T 130 -14.20 17.43 0.05
CA MET T 130 -15.14 18.33 0.74
C MET T 130 -15.28 17.88 2.20
N ARG T 131 -15.26 18.82 3.13
CA ARG T 131 -15.33 18.48 4.54
C ARG T 131 -16.73 18.00 4.90
N PRO T 132 -16.86 16.87 5.60
CA PRO T 132 -18.16 16.22 5.71
C PRO T 132 -19.08 16.70 6.83
N LEU T 133 -19.18 18.02 7.06
CA LEU T 133 -20.34 18.67 7.72
C LEU T 133 -20.64 18.11 9.12
N GLY T 134 -19.74 18.41 10.06
CA GLY T 134 -19.83 17.81 11.37
C GLY T 134 -20.98 18.28 12.26
N CYS T 135 -22.20 17.89 11.89
CA CYS T 135 -23.39 18.22 12.67
C CYS T 135 -24.37 17.06 12.59
N CYS T 136 -25.32 17.05 13.52
CA CYS T 136 -26.32 15.99 13.60
C CYS T 136 -27.72 16.59 13.56
N MET T 137 -28.66 15.83 13.01
CA MET T 137 -30.02 16.31 12.77
C MET T 137 -31.02 15.30 13.32
N ILE T 138 -32.04 15.81 14.03
CA ILE T 138 -33.13 15.00 14.55
C ILE T 138 -34.44 15.55 13.98
N LEU T 139 -35.29 14.65 13.47
CA LEU T 139 -36.56 15.05 12.87
C LEU T 139 -37.74 14.51 13.67
N ILE T 140 -38.88 15.19 13.54
CA ILE T 140 -40.17 14.71 13.99
C ILE T 140 -41.21 15.04 12.93
N GLY T 141 -42.28 14.26 12.91
CA GLY T 141 -43.37 14.51 11.98
C GLY T 141 -44.50 13.53 12.20
N ILE T 142 -45.64 13.86 11.62
CA ILE T 142 -46.85 13.05 11.70
C ILE T 142 -47.07 12.37 10.36
N ASP T 143 -47.29 11.06 10.38
CA ASP T 143 -47.56 10.30 9.19
C ASP T 143 -48.96 9.69 9.29
N GLU T 144 -49.67 9.71 8.17
CA GLU T 144 -50.97 9.06 8.11
C GLU T 144 -50.80 7.55 8.15
N GLU T 145 -51.65 6.89 8.95
CA GLU T 145 -51.68 5.44 9.19
C GLU T 145 -50.37 4.91 9.77
N GLN T 146 -49.52 5.78 10.32
CA GLN T 146 -48.27 5.37 10.93
C GLN T 146 -47.99 6.05 12.25
N GLY T 147 -48.71 7.12 12.60
CA GLY T 147 -48.48 7.83 13.83
C GLY T 147 -47.32 8.79 13.72
N PRO T 148 -46.85 9.31 14.85
CA PRO T 148 -45.68 10.18 14.85
C PRO T 148 -44.38 9.38 14.80
N GLN T 149 -43.33 10.05 14.34
CA GLN T 149 -42.03 9.41 14.19
C GLN T 149 -40.93 10.34 14.66
N VAL T 150 -39.80 9.74 15.03
CA VAL T 150 -38.58 10.47 15.37
C VAL T 150 -37.44 9.83 14.60
N TYR T 151 -36.73 10.63 13.81
CA TYR T 151 -35.61 10.14 13.03
C TYR T 151 -34.34 10.89 13.41
N LYS T 152 -33.19 10.25 13.19
CA LYS T 152 -31.88 10.85 13.40
C LYS T 152 -31.02 10.59 12.18
N CYS T 153 -30.39 11.65 11.67
CA CYS T 153 -29.40 11.52 10.62
C CYS T 153 -28.01 11.72 11.21
N ASP T 154 -27.03 11.00 10.66
CA ASP T 154 -25.67 11.01 11.13
C ASP T 154 -24.74 11.62 10.09
N PRO T 155 -23.56 12.13 10.50
CA PRO T 155 -22.61 12.66 9.51
C PRO T 155 -22.01 11.60 8.60
N ALA T 156 -22.04 10.33 8.99
CA ALA T 156 -21.53 9.27 8.14
C ALA T 156 -22.47 8.90 7.00
N GLY T 157 -23.73 9.34 7.05
CA GLY T 157 -24.72 8.88 6.13
C GLY T 157 -25.62 7.79 6.67
N TYR T 158 -25.58 7.54 7.98
CA TYR T 158 -26.45 6.58 8.62
C TYR T 158 -27.71 7.28 9.11
N TYR T 159 -28.82 6.54 9.10
CA TYR T 159 -30.05 7.03 9.68
C TYR T 159 -30.81 5.84 10.26
N CYS T 160 -31.55 6.10 11.35
CA CYS T 160 -32.43 5.12 11.94
C CYS T 160 -33.48 5.86 12.75
N GLY T 161 -34.72 5.38 12.65
CA GLY T 161 -35.81 5.97 13.41
C GLY T 161 -36.04 5.21 14.69
N PHE T 162 -36.22 5.95 15.78
CA PHE T 162 -36.31 5.32 17.09
C PHE T 162 -37.01 6.23 18.08
N LYS T 163 -37.51 5.61 19.15
CA LYS T 163 -38.54 6.22 19.98
C LYS T 163 -37.98 7.32 20.87
N ALA T 164 -37.08 6.98 21.78
CA ALA T 164 -36.46 7.94 22.68
C ALA T 164 -35.06 8.24 22.17
N THR T 165 -34.72 9.54 22.10
CA THR T 165 -33.58 10.00 21.34
C THR T 165 -32.80 11.02 22.15
N ALA T 166 -31.47 10.86 22.19
CA ALA T 166 -30.58 11.85 22.76
C ALA T 166 -29.47 12.15 21.76
N ALA T 167 -28.84 13.31 21.93
CA ALA T 167 -27.76 13.74 21.06
C ALA T 167 -26.87 14.70 21.83
N GLY T 168 -25.92 15.31 21.10
CA GLY T 168 -25.04 16.29 21.72
C GLY T 168 -23.93 15.64 22.51
N VAL T 169 -23.72 16.12 23.73
CA VAL T 169 -22.61 15.65 24.55
C VAL T 169 -22.97 14.38 25.31
N LYS T 170 -24.23 14.25 25.74
CA LYS T 170 -24.57 13.29 26.78
C LYS T 170 -25.51 12.21 26.28
N GLN T 171 -25.19 11.58 25.14
CA GLN T 171 -26.00 10.47 24.65
C GLN T 171 -26.01 9.30 25.62
N THR T 172 -24.82 8.82 25.98
CA THR T 172 -24.68 7.58 26.73
C THR T 172 -25.22 7.67 28.15
N GLU T 173 -25.42 8.87 28.67
CA GLU T 173 -26.01 9.04 29.99
C GLU T 173 -27.52 9.24 29.89
N SER T 174 -27.98 9.92 28.85
CA SER T 174 -29.41 10.15 28.70
C SER T 174 -30.13 8.94 28.15
N THR T 175 -29.51 8.23 27.19
CA THR T 175 -30.11 7.02 26.67
C THR T 175 -30.11 5.91 27.70
N SER T 176 -29.14 5.90 28.61
CA SER T 176 -29.15 4.96 29.73
C SER T 176 -30.32 5.23 30.67
N PHE T 177 -30.69 6.50 30.83
CA PHE T 177 -31.88 6.82 31.61
C PHE T 177 -33.15 6.41 30.90
N LEU T 178 -33.19 6.57 29.57
CA LEU T 178 -34.40 6.31 28.81
C LEU T 178 -34.64 4.83 28.52
N GLU T 179 -33.60 4.00 28.56
CA GLU T 179 -33.81 2.56 28.48
C GLU T 179 -34.54 2.06 29.72
N LYS T 180 -34.13 2.52 30.90
CA LYS T 180 -34.86 2.18 32.12
C LYS T 180 -36.20 2.89 32.18
N LYS T 181 -36.33 4.02 31.48
CA LYS T 181 -37.61 4.71 31.46
C LYS T 181 -38.61 4.01 30.57
N VAL T 182 -38.28 3.81 29.30
CA VAL T 182 -39.18 3.10 28.38
C VAL T 182 -38.82 1.63 28.51
N LYS T 183 -39.30 1.03 29.58
CA LYS T 183 -39.43 -0.42 29.71
C LYS T 183 -40.76 -0.82 30.33
N LYS T 184 -41.35 0.02 31.18
CA LYS T 184 -42.68 -0.16 31.71
C LYS T 184 -43.69 0.30 30.66
N LYS T 185 -44.89 -0.28 30.73
CA LYS T 185 -45.91 -0.12 29.68
C LYS T 185 -46.85 1.04 29.96
N PHE T 186 -46.36 2.12 30.57
CA PHE T 186 -47.19 3.29 30.85
C PHE T 186 -47.61 3.98 29.57
N ASP T 187 -48.82 4.52 29.57
CA ASP T 187 -49.30 5.31 28.45
C ASP T 187 -48.62 6.67 28.46
N TRP T 188 -48.73 7.38 27.34
CA TRP T 188 -48.00 8.63 27.13
C TRP T 188 -48.99 9.71 26.67
N THR T 189 -49.69 10.30 27.63
CA THR T 189 -50.81 11.18 27.31
C THR T 189 -50.41 12.64 27.25
N PHE T 190 -49.36 12.95 26.48
CA PHE T 190 -48.93 14.28 26.05
C PHE T 190 -48.36 15.15 27.18
N GLU T 191 -48.54 14.75 28.43
CA GLU T 191 -47.81 15.33 29.55
C GLU T 191 -46.97 14.30 30.26
N GLN T 192 -47.26 13.01 30.08
CA GLN T 192 -46.30 11.99 30.43
C GLN T 192 -45.09 12.06 29.50
N THR T 193 -45.31 12.48 28.25
CA THR T 193 -44.21 12.64 27.30
C THR T 193 -43.31 13.80 27.69
N VAL T 194 -43.90 14.95 28.00
CA VAL T 194 -43.13 16.17 28.21
C VAL T 194 -42.37 16.10 29.53
N GLU T 195 -43.02 15.59 30.58
CA GLU T 195 -42.39 15.55 31.90
C GLU T 195 -41.21 14.59 31.93
N THR T 196 -41.29 13.49 31.18
CA THR T 196 -40.12 12.63 31.03
C THR T 196 -39.07 13.27 30.13
N ALA T 197 -39.51 14.06 29.15
CA ALA T 197 -38.56 14.76 28.29
C ALA T 197 -37.84 15.87 29.04
N ILE T 198 -38.47 16.42 30.07
CA ILE T 198 -37.78 17.41 30.90
C ILE T 198 -36.84 16.73 31.87
N THR T 199 -37.36 15.82 32.68
CA THR T 199 -36.61 15.26 33.80
C THR T 199 -35.46 14.36 33.37
N CYS T 200 -35.47 13.85 32.14
CA CYS T 200 -34.29 13.14 31.64
C CYS T 200 -33.14 14.11 31.41
N LEU T 201 -33.39 15.18 30.67
CA LEU T 201 -32.39 16.22 30.46
C LEU T 201 -32.06 16.96 31.75
N SER T 202 -33.02 17.06 32.67
CA SER T 202 -32.81 17.81 33.89
C SER T 202 -31.90 17.09 34.87
N THR T 203 -31.82 15.76 34.83
CA THR T 203 -30.96 15.01 35.72
C THR T 203 -29.63 14.61 35.09
N VAL T 204 -29.60 14.40 33.77
CA VAL T 204 -28.35 14.05 33.11
C VAL T 204 -27.42 15.25 33.04
N LEU T 205 -27.94 16.40 32.59
CA LEU T 205 -27.16 17.64 32.67
C LEU T 205 -27.00 18.12 34.09
N SER T 206 -27.92 17.74 34.98
CA SER T 206 -28.04 18.27 36.35
C SER T 206 -28.14 19.79 36.32
N ILE T 207 -29.29 20.27 35.82
CA ILE T 207 -29.62 21.69 35.74
C ILE T 207 -30.98 21.98 36.37
N ASP T 208 -31.99 21.15 36.05
CA ASP T 208 -33.37 21.23 36.54
C ASP T 208 -34.01 22.58 36.19
N PHE T 209 -33.74 22.99 34.96
CA PHE T 209 -33.59 24.36 34.46
C PHE T 209 -34.65 25.35 34.93
N LYS T 210 -34.20 26.60 35.10
CA LYS T 210 -35.05 27.78 35.15
C LYS T 210 -35.82 27.91 33.83
N PRO T 211 -37.05 28.45 33.85
CA PRO T 211 -37.91 28.42 32.65
C PRO T 211 -37.37 29.04 31.36
N SER T 212 -36.43 29.98 31.42
CA SER T 212 -36.05 30.72 30.21
C SER T 212 -34.77 30.21 29.56
N GLU T 213 -34.39 28.96 29.83
CA GLU T 213 -33.13 28.42 29.36
C GLU T 213 -33.26 27.29 28.33
N ILE T 214 -34.46 27.00 27.83
CA ILE T 214 -34.67 25.85 26.95
C ILE T 214 -35.46 26.26 25.72
N GLU T 215 -35.76 25.26 24.90
CA GLU T 215 -36.79 25.31 23.87
C GLU T 215 -37.53 23.98 23.85
N VAL T 216 -38.80 24.02 23.47
CA VAL T 216 -39.61 22.81 23.30
C VAL T 216 -40.41 22.94 22.01
N GLY T 217 -40.10 22.09 21.04
CA GLY T 217 -40.93 21.93 19.86
C GLY T 217 -41.84 20.72 20.04
N VAL T 218 -43.02 20.78 19.44
CA VAL T 218 -44.03 19.74 19.64
C VAL T 218 -44.78 19.52 18.34
N VAL T 219 -45.34 18.33 18.20
CA VAL T 219 -46.32 18.03 17.17
C VAL T 219 -47.21 16.93 17.73
N THR T 220 -48.48 16.94 17.33
CA THR T 220 -49.52 16.13 17.95
C THR T 220 -50.54 15.78 16.89
N VAL T 221 -51.16 14.60 16.99
CA VAL T 221 -52.29 14.35 16.10
C VAL T 221 -53.54 14.87 16.81
N GLU T 222 -53.62 16.19 16.91
CA GLU T 222 -54.84 16.98 16.88
C GLU T 222 -54.63 18.26 16.09
N ASN T 223 -53.37 18.70 15.98
CA ASN T 223 -52.99 19.84 15.16
C ASN T 223 -51.60 19.52 14.64
N PRO T 224 -51.51 18.98 13.42
CA PRO T 224 -50.23 18.48 12.91
C PRO T 224 -49.23 19.55 12.52
N LYS T 225 -49.54 20.83 12.69
CA LYS T 225 -48.58 21.89 12.42
C LYS T 225 -47.46 21.85 13.45
N PHE T 226 -46.24 22.13 12.99
CA PHE T 226 -45.11 22.22 13.92
C PHE T 226 -45.23 23.47 14.77
N ARG T 227 -44.98 23.32 16.06
CA ARG T 227 -45.32 24.35 17.02
C ARG T 227 -44.20 24.51 18.03
N ILE T 228 -43.74 25.75 18.21
CA ILE T 228 -42.75 26.11 19.21
C ILE T 228 -43.49 26.69 20.40
N LEU T 229 -43.20 26.16 21.60
CA LEU T 229 -43.97 26.51 22.78
C LEU T 229 -43.69 27.94 23.24
N THR T 230 -44.74 28.60 23.72
CA THR T 230 -44.62 29.91 24.32
C THR T 230 -43.91 29.79 25.67
N GLU T 231 -43.13 30.82 26.03
CA GLU T 231 -42.43 30.87 27.31
C GLU T 231 -43.38 30.78 28.50
N ALA T 232 -44.61 31.28 28.35
CA ALA T 232 -45.59 31.18 29.44
C ALA T 232 -46.03 29.75 29.68
N GLU T 233 -46.33 28.99 28.62
CA GLU T 233 -46.76 27.61 28.80
C GLU T 233 -45.62 26.64 29.06
N ILE T 234 -44.38 27.05 28.78
CA ILE T 234 -43.22 26.30 29.27
C ILE T 234 -43.20 26.32 30.79
N ASP T 235 -43.54 27.46 31.38
CA ASP T 235 -43.66 27.57 32.82
C ASP T 235 -44.83 26.73 33.34
N ALA T 236 -45.87 26.56 32.52
CA ALA T 236 -47.04 25.79 32.94
C ALA T 236 -46.72 24.31 33.03
N HIS T 237 -45.92 23.79 32.10
CA HIS T 237 -45.49 22.41 32.21
C HIS T 237 -44.41 22.23 33.26
N LEU T 238 -43.65 23.29 33.58
CA LEU T 238 -42.63 23.16 34.61
C LEU T 238 -43.26 23.15 35.99
N VAL T 239 -44.31 23.95 36.23
CA VAL T 239 -45.02 23.88 37.49
C VAL T 239 -45.94 22.67 37.57
N ALA T 240 -46.11 21.94 36.47
CA ALA T 240 -46.95 20.75 36.48
C ALA T 240 -46.21 19.55 37.05
N LEU T 241 -44.94 19.38 36.68
CA LEU T 241 -44.19 18.22 37.16
C LEU T 241 -43.78 18.40 38.62
N ALA T 242 -43.39 19.60 39.01
CA ALA T 242 -43.14 19.92 40.42
C ALA T 242 -44.42 20.56 40.96
N GLU T 243 -45.34 19.72 41.44
CA GLU T 243 -46.62 20.18 41.94
C GLU T 243 -46.46 20.96 43.24
N GLY U 4 5.25 -0.10 4.14
CA GLY U 4 4.29 -0.41 3.10
C GLY U 4 4.25 0.60 1.97
N TYR U 5 4.12 0.10 0.75
CA TYR U 5 4.01 0.91 -0.47
C TYR U 5 2.65 1.60 -0.48
N SER U 6 1.59 0.99 0.06
CA SER U 6 0.25 1.05 -0.53
C SER U 6 -0.36 2.43 -0.71
N PHE U 7 -0.94 3.00 0.35
CA PHE U 7 -1.35 4.42 0.45
C PHE U 7 -2.29 4.97 -0.63
N SER U 8 -2.68 4.17 -1.63
CA SER U 8 -3.23 4.65 -2.88
C SER U 8 -3.67 3.46 -3.73
N LEU U 9 -4.33 3.78 -4.85
CA LEU U 9 -5.02 2.78 -5.64
C LEU U 9 -4.54 2.70 -7.09
N THR U 10 -3.81 3.71 -7.56
CA THR U 10 -3.44 3.80 -8.97
C THR U 10 -2.03 3.26 -9.25
N THR U 11 -1.43 2.52 -8.33
CA THR U 11 -0.11 1.95 -8.57
C THR U 11 -0.03 0.56 -7.97
N PHE U 12 0.93 -0.21 -8.45
CA PHE U 12 1.14 -1.58 -8.01
C PHE U 12 2.16 -1.65 -6.88
N SER U 13 2.18 -2.77 -6.23
CA SER U 13 3.29 -3.10 -5.35
C SER U 13 4.39 -3.77 -6.16
N PRO U 14 5.65 -3.71 -5.71
CA PRO U 14 6.74 -4.36 -6.46
C PRO U 14 6.66 -5.87 -6.50
N SER U 15 5.92 -6.50 -5.60
CA SER U 15 5.83 -7.95 -5.55
C SER U 15 4.47 -8.46 -5.99
N GLY U 16 3.40 -7.97 -5.37
CA GLY U 16 2.09 -8.57 -5.58
C GLY U 16 1.03 -7.67 -6.19
N LYS U 17 -0.07 -7.49 -5.47
CA LYS U 17 -1.30 -6.95 -6.02
C LYS U 17 -1.68 -5.65 -5.33
N LEU U 18 -2.89 -5.19 -5.63
CA LEU U 18 -3.40 -3.94 -5.06
C LEU U 18 -3.79 -4.14 -3.60
N VAL U 19 -3.25 -3.28 -2.73
CA VAL U 19 -3.36 -3.53 -1.30
C VAL U 19 -4.62 -2.89 -0.73
N GLN U 20 -5.01 -1.73 -1.26
CA GLN U 20 -6.20 -1.03 -0.75
C GLN U 20 -7.49 -1.78 -1.02
N ILE U 21 -7.53 -2.61 -2.06
CA ILE U 21 -8.70 -3.44 -2.27
C ILE U 21 -8.74 -4.56 -1.25
N GLU U 22 -7.57 -5.06 -0.83
CA GLU U 22 -7.51 -6.05 0.23
C GLU U 22 -7.93 -5.47 1.57
N TYR U 23 -7.59 -4.20 1.82
CA TYR U 23 -8.03 -3.56 3.04
C TYR U 23 -9.52 -3.27 3.02
N ALA U 24 -10.09 -3.10 1.82
CA ALA U 24 -11.53 -2.90 1.72
C ALA U 24 -12.29 -4.18 2.03
N LEU U 25 -11.69 -5.33 1.77
CA LEU U 25 -12.30 -6.60 2.12
C LEU U 25 -12.27 -6.87 3.61
N ALA U 26 -11.38 -6.20 4.35
CA ALA U 26 -11.37 -6.33 5.80
C ALA U 26 -12.58 -5.71 6.45
N ALA U 27 -13.13 -4.65 5.87
CA ALA U 27 -14.38 -4.08 6.37
C ALA U 27 -15.58 -4.96 6.06
N VAL U 28 -15.48 -5.82 5.05
CA VAL U 28 -16.56 -6.76 4.77
C VAL U 28 -16.62 -7.83 5.84
N ALA U 29 -15.46 -8.32 6.28
CA ALA U 29 -15.43 -9.37 7.29
C ALA U 29 -15.80 -8.86 8.67
N GLY U 30 -15.75 -7.56 8.90
CA GLY U 30 -16.13 -7.00 10.18
C GLY U 30 -17.58 -6.55 10.23
N GLY U 31 -18.38 -7.00 9.27
CA GLY U 31 -19.78 -6.63 9.20
C GLY U 31 -20.68 -7.64 9.89
N ALA U 32 -21.98 -7.42 9.72
CA ALA U 32 -22.97 -8.33 10.29
C ALA U 32 -22.98 -9.64 9.51
N PRO U 33 -23.20 -10.77 10.17
CA PRO U 33 -23.19 -12.05 9.47
C PRO U 33 -24.44 -12.23 8.63
N SER U 34 -24.32 -13.09 7.62
CA SER U 34 -25.40 -13.35 6.68
C SER U 34 -25.22 -14.74 6.11
N VAL U 35 -26.29 -15.27 5.51
CA VAL U 35 -26.27 -16.61 4.95
C VAL U 35 -27.24 -16.67 3.78
N GLY U 36 -26.93 -17.54 2.83
CA GLY U 36 -27.78 -17.73 1.66
C GLY U 36 -27.66 -19.14 1.11
N ILE U 37 -28.79 -19.82 0.94
CA ILE U 37 -28.81 -21.23 0.57
C ILE U 37 -29.70 -21.40 -0.67
N LYS U 38 -29.16 -22.06 -1.69
CA LYS U 38 -29.88 -22.35 -2.93
C LYS U 38 -30.44 -23.77 -2.82
N ALA U 39 -31.77 -23.87 -2.75
CA ALA U 39 -32.45 -25.15 -2.67
C ALA U 39 -32.87 -25.59 -4.07
N ALA U 40 -33.68 -26.66 -4.12
CA ALA U 40 -34.07 -27.23 -5.41
C ALA U 40 -35.19 -26.44 -6.08
N ASN U 41 -36.02 -25.75 -5.30
CA ASN U 41 -37.11 -24.98 -5.86
C ASN U 41 -37.04 -23.49 -5.54
N GLY U 42 -36.03 -23.05 -4.82
CA GLY U 42 -35.93 -21.63 -4.48
C GLY U 42 -34.64 -21.34 -3.76
N VAL U 43 -34.43 -20.04 -3.52
CA VAL U 43 -33.24 -19.55 -2.82
C VAL U 43 -33.70 -18.80 -1.57
N VAL U 44 -33.04 -19.07 -0.45
CA VAL U 44 -33.38 -18.47 0.84
C VAL U 44 -32.27 -17.52 1.25
N LEU U 45 -32.62 -16.28 1.54
CA LEU U 45 -31.70 -15.32 2.13
C LEU U 45 -32.06 -15.08 3.59
N ALA U 46 -31.04 -14.99 4.44
CA ALA U 46 -31.25 -14.74 5.85
C ALA U 46 -30.05 -13.97 6.39
N THR U 47 -30.33 -13.00 7.26
CA THR U 47 -29.29 -12.13 7.79
C THR U 47 -29.54 -11.88 9.27
N GLU U 48 -28.58 -11.19 9.90
CA GLU U 48 -28.60 -10.89 11.32
C GLU U 48 -28.80 -9.40 11.52
N LYS U 49 -29.66 -9.05 12.47
CA LYS U 49 -30.07 -7.66 12.64
C LYS U 49 -30.39 -7.42 14.11
N LYS U 50 -29.41 -6.93 14.84
CA LYS U 50 -29.61 -6.59 16.25
C LYS U 50 -29.38 -5.11 16.48
N GLN U 51 -30.27 -4.49 17.23
CA GLN U 51 -30.13 -3.10 17.61
C GLN U 51 -29.19 -2.98 18.81
N LYS U 52 -28.59 -1.80 18.95
CA LYS U 52 -27.72 -1.55 20.09
C LYS U 52 -28.49 -1.30 21.37
N SER U 53 -29.78 -0.97 21.28
CA SER U 53 -30.59 -0.64 22.43
C SER U 53 -32.00 -1.14 22.22
N ILE U 54 -32.83 -1.00 23.25
CA ILE U 54 -34.25 -1.32 23.15
C ILE U 54 -35.05 -0.19 22.53
N LEU U 55 -34.41 0.92 22.18
CA LEU U 55 -35.11 2.09 21.66
C LEU U 55 -35.30 2.04 20.16
N TYR U 56 -34.46 1.27 19.45
CA TYR U 56 -34.45 1.32 18.00
C TYR U 56 -35.65 0.59 17.41
N ASP U 57 -36.39 1.29 16.56
CA ASP U 57 -37.53 0.68 15.87
C ASP U 57 -37.00 -0.28 14.81
N GLU U 58 -37.38 -1.55 14.93
CA GLU U 58 -36.85 -2.58 14.05
C GLU U 58 -37.54 -2.59 12.69
N ARG U 59 -38.78 -2.11 12.61
CA ARG U 59 -39.55 -2.14 11.39
C ARG U 59 -39.35 -0.88 10.54
N SER U 60 -38.24 -0.18 10.72
CA SER U 60 -37.98 1.06 9.98
C SER U 60 -37.07 0.84 8.78
N VAL U 61 -35.89 0.27 9.01
CA VAL U 61 -34.89 0.04 7.97
C VAL U 61 -34.78 -1.46 7.75
N HIS U 62 -34.81 -1.87 6.49
CA HIS U 62 -34.82 -3.29 6.14
C HIS U 62 -33.49 -3.72 5.55
N LYS U 63 -33.22 -5.03 5.65
CA LYS U 63 -31.99 -5.62 5.11
C LYS U 63 -32.26 -6.35 3.80
N VAL U 64 -33.15 -7.33 3.81
CA VAL U 64 -33.60 -7.98 2.59
C VAL U 64 -34.35 -6.95 1.76
N GLU U 65 -33.85 -6.69 0.55
CA GLU U 65 -34.34 -5.57 -0.25
C GLU U 65 -34.64 -6.04 -1.66
N PRO U 66 -35.89 -5.95 -2.13
CA PRO U 66 -36.20 -6.40 -3.49
C PRO U 66 -35.72 -5.41 -4.53
N ILE U 67 -35.28 -5.95 -5.66
CA ILE U 67 -34.88 -5.15 -6.81
C ILE U 67 -35.98 -5.15 -7.87
N THR U 68 -36.40 -6.33 -8.29
CA THR U 68 -37.51 -6.46 -9.22
C THR U 68 -38.50 -7.38 -8.51
N LYS U 69 -39.55 -7.83 -9.20
CA LYS U 69 -40.50 -8.73 -8.57
C LYS U 69 -40.02 -10.18 -8.49
N HIS U 70 -38.79 -10.46 -8.91
CA HIS U 70 -38.24 -11.80 -8.81
C HIS U 70 -36.78 -11.80 -8.38
N ILE U 71 -36.27 -10.68 -7.87
CA ILE U 71 -34.84 -10.54 -7.54
C ILE U 71 -34.72 -9.83 -6.21
N GLY U 72 -34.03 -10.46 -5.26
CA GLY U 72 -33.72 -9.86 -3.98
C GLY U 72 -32.23 -9.86 -3.72
N LEU U 73 -31.86 -9.25 -2.60
CA LEU U 73 -30.46 -8.87 -2.40
C LEU U 73 -30.21 -8.54 -0.94
N VAL U 74 -29.10 -9.06 -0.40
CA VAL U 74 -28.63 -8.76 0.95
C VAL U 74 -27.17 -8.33 0.87
N TYR U 75 -26.56 -8.12 2.03
CA TYR U 75 -25.21 -7.59 2.08
C TYR U 75 -24.54 -7.93 3.40
N SER U 76 -23.24 -7.63 3.46
CA SER U 76 -22.48 -7.69 4.69
C SER U 76 -21.35 -6.68 4.56
N GLY U 77 -21.47 -5.56 5.25
CA GLY U 77 -20.51 -4.48 5.13
C GLY U 77 -20.97 -3.23 5.84
N MET U 78 -21.02 -2.11 5.14
CA MET U 78 -21.57 -0.89 5.69
C MET U 78 -22.86 -0.50 4.96
N GLY U 79 -23.96 -0.47 5.71
CA GLY U 79 -25.26 -0.04 5.25
C GLY U 79 -25.35 1.29 4.55
N PRO U 80 -24.64 2.34 5.01
CA PRO U 80 -24.59 3.57 4.20
C PRO U 80 -24.02 3.44 2.79
N ASP U 81 -22.97 2.63 2.58
CA ASP U 81 -22.57 2.37 1.20
C ASP U 81 -23.51 1.42 0.47
N TYR U 82 -24.31 0.67 1.23
CA TYR U 82 -25.23 -0.29 0.61
C TYR U 82 -26.36 0.41 -0.13
N ARG U 83 -26.85 1.53 0.41
CA ARG U 83 -27.99 2.21 -0.18
C ARG U 83 -27.67 2.87 -1.52
N VAL U 84 -26.39 3.10 -1.82
CA VAL U 84 -26.02 3.71 -3.09
C VAL U 84 -26.22 2.75 -4.24
N LEU U 85 -25.59 1.58 -4.16
CA LEU U 85 -25.66 0.63 -5.26
C LEU U 85 -26.98 -0.11 -5.34
N VAL U 86 -27.81 -0.04 -4.30
CA VAL U 86 -29.19 -0.51 -4.44
C VAL U 86 -29.97 0.40 -5.36
N HIS U 87 -29.90 1.71 -5.11
CA HIS U 87 -30.55 2.68 -5.97
C HIS U 87 -29.94 2.71 -7.37
N ARG U 88 -28.67 2.35 -7.48
CA ARG U 88 -28.08 2.18 -8.79
C ARG U 88 -28.66 0.96 -9.51
N ALA U 89 -28.83 -0.15 -8.78
CA ALA U 89 -29.33 -1.38 -9.40
C ALA U 89 -30.82 -1.31 -9.72
N ARG U 90 -31.59 -0.46 -9.05
CA ARG U 90 -32.99 -0.26 -9.39
C ARG U 90 -33.12 0.38 -10.76
N LYS U 91 -32.46 1.53 -10.94
CA LYS U 91 -32.58 2.28 -12.18
C LYS U 91 -31.92 1.56 -13.34
N LEU U 92 -30.88 0.77 -13.05
CA LEU U 92 -30.25 -0.05 -14.08
C LEU U 92 -31.14 -1.20 -14.52
N ALA U 93 -31.95 -1.76 -13.60
CA ALA U 93 -32.85 -2.84 -13.98
C ALA U 93 -34.02 -2.34 -14.82
N GLN U 94 -34.39 -1.08 -14.68
CA GLN U 94 -35.47 -0.53 -15.50
C GLN U 94 -35.00 -0.24 -16.91
N GLN U 95 -33.71 0.02 -17.10
CA GLN U 95 -33.20 0.33 -18.43
C GLN U 95 -33.23 -0.88 -19.34
N TYR U 96 -33.08 -2.08 -18.77
CA TYR U 96 -33.27 -3.30 -19.55
C TYR U 96 -34.73 -3.44 -19.98
N TYR U 97 -35.65 -3.11 -19.07
CA TYR U 97 -37.06 -3.34 -19.34
C TYR U 97 -37.64 -2.33 -20.30
N LEU U 98 -37.06 -1.13 -20.38
CA LEU U 98 -37.53 -0.16 -21.35
C LEU U 98 -37.09 -0.53 -22.77
N VAL U 99 -35.97 -1.23 -22.89
CA VAL U 99 -35.45 -1.61 -24.20
C VAL U 99 -36.10 -2.91 -24.65
N TYR U 100 -36.00 -3.94 -23.81
CA TYR U 100 -36.33 -5.29 -24.24
C TYR U 100 -37.73 -5.73 -23.88
N GLN U 101 -38.42 -4.99 -23.00
CA GLN U 101 -39.78 -5.28 -22.53
C GLN U 101 -39.88 -6.68 -21.94
N GLU U 102 -38.94 -6.98 -21.03
CA GLU U 102 -38.80 -8.32 -20.50
C GLU U 102 -38.06 -8.21 -19.18
N PRO U 103 -38.47 -8.93 -18.13
CA PRO U 103 -37.77 -8.84 -16.85
C PRO U 103 -36.35 -9.38 -16.94
N ILE U 104 -35.41 -8.61 -16.38
CA ILE U 104 -33.97 -8.84 -16.59
C ILE U 104 -33.54 -10.11 -15.89
N PRO U 105 -32.79 -10.99 -16.55
CA PRO U 105 -32.29 -12.19 -15.87
C PRO U 105 -31.22 -11.85 -14.85
N THR U 106 -31.08 -12.77 -13.88
CA THR U 106 -30.21 -12.52 -12.73
C THR U 106 -28.74 -12.56 -13.10
N ALA U 107 -28.37 -13.24 -14.18
CA ALA U 107 -26.99 -13.23 -14.62
C ALA U 107 -26.60 -11.93 -15.32
N GLN U 108 -27.57 -11.07 -15.61
CA GLN U 108 -27.32 -9.85 -16.37
C GLN U 108 -27.05 -8.65 -15.49
N LEU U 109 -27.69 -8.56 -14.32
CA LEU U 109 -27.39 -7.49 -13.37
C LEU U 109 -25.97 -7.61 -12.86
N VAL U 110 -25.53 -8.84 -12.61
CA VAL U 110 -24.23 -9.07 -12.00
C VAL U 110 -23.11 -8.81 -13.00
N GLN U 111 -23.40 -8.86 -14.30
CA GLN U 111 -22.51 -8.28 -15.30
C GLN U 111 -22.36 -6.78 -15.08
N ARG U 112 -23.46 -6.10 -14.76
CA ARG U 112 -23.53 -4.65 -14.75
C ARG U 112 -23.30 -4.03 -13.39
N VAL U 113 -23.79 -4.67 -12.32
CA VAL U 113 -23.58 -4.14 -10.97
C VAL U 113 -22.11 -4.24 -10.58
N ALA U 114 -21.45 -5.33 -10.96
CA ALA U 114 -20.02 -5.46 -10.74
C ALA U 114 -19.22 -4.47 -11.57
N SER U 115 -19.74 -4.05 -12.73
CA SER U 115 -19.09 -3.00 -13.49
C SER U 115 -19.27 -1.63 -12.86
N VAL U 116 -20.28 -1.45 -12.02
CA VAL U 116 -20.39 -0.22 -11.25
C VAL U 116 -19.36 -0.20 -10.13
N MET U 117 -19.24 -1.32 -9.41
CA MET U 117 -18.25 -1.43 -8.33
C MET U 117 -16.83 -1.48 -8.90
N GLN U 118 -16.70 -1.86 -10.17
CA GLN U 118 -15.46 -1.69 -10.92
C GLN U 118 -15.01 -0.24 -10.94
N GLU U 119 -15.95 0.67 -11.24
CA GLU U 119 -15.58 2.02 -11.64
C GLU U 119 -15.07 2.85 -10.48
N TYR U 120 -15.42 2.51 -9.24
CA TYR U 120 -14.89 3.21 -8.10
C TYR U 120 -13.53 2.70 -7.67
N THR U 121 -13.04 1.63 -8.29
CA THR U 121 -11.67 1.17 -8.08
C THR U 121 -10.69 1.82 -9.04
N GLN U 122 -11.15 2.83 -9.79
CA GLN U 122 -10.29 3.53 -10.74
C GLN U 122 -9.53 4.63 -10.01
N SER U 123 -8.85 5.48 -10.78
CA SER U 123 -8.09 6.58 -10.22
C SER U 123 -9.02 7.72 -9.83
N GLY U 124 -8.60 8.52 -8.84
CA GLY U 124 -7.57 8.18 -7.87
C GLY U 124 -7.85 8.84 -6.53
N GLY U 125 -9.00 9.50 -6.45
CA GLY U 125 -9.39 10.23 -5.26
C GLY U 125 -10.68 9.70 -4.68
N VAL U 126 -11.16 8.60 -5.24
CA VAL U 126 -12.33 7.94 -4.75
C VAL U 126 -11.91 6.70 -3.96
N ARG U 127 -12.85 6.17 -3.18
CA ARG U 127 -12.61 4.96 -2.42
C ARG U 127 -13.48 3.83 -2.97
N PRO U 128 -13.05 2.60 -2.82
CA PRO U 128 -13.92 1.47 -3.19
C PRO U 128 -15.02 1.28 -2.16
N PHE U 129 -15.95 0.40 -2.49
CA PHE U 129 -16.99 0.04 -1.54
C PHE U 129 -16.42 -0.83 -0.43
N GLY U 130 -17.20 -0.97 0.64
CA GLY U 130 -16.85 -1.88 1.70
C GLY U 130 -17.96 -2.90 1.91
N VAL U 131 -18.63 -3.26 0.82
CA VAL U 131 -19.84 -4.07 0.87
C VAL U 131 -19.68 -5.22 -0.12
N SER U 132 -19.93 -6.44 0.35
CA SER U 132 -20.17 -7.57 -0.53
C SER U 132 -21.67 -7.85 -0.58
N LEU U 133 -22.10 -8.54 -1.63
CA LEU U 133 -23.52 -8.73 -1.87
C LEU U 133 -23.83 -10.21 -2.02
N LEU U 134 -25.12 -10.52 -1.97
CA LEU U 134 -25.64 -11.83 -2.36
C LEU U 134 -26.92 -11.57 -3.15
N ILE U 135 -26.98 -12.06 -4.38
CA ILE U 135 -28.07 -11.77 -5.30
C ILE U 135 -28.76 -13.06 -5.66
N CYS U 136 -30.09 -13.09 -5.54
CA CYS U 136 -30.90 -14.27 -5.77
C CYS U 136 -31.95 -14.00 -6.84
N GLY U 137 -32.55 -15.08 -7.33
CA GLY U 137 -33.62 -14.96 -8.30
C GLY U 137 -33.93 -16.25 -9.02
N TRP U 138 -35.17 -16.40 -9.49
CA TRP U 138 -35.63 -17.61 -10.17
C TRP U 138 -36.06 -17.23 -11.59
N ASN U 139 -35.09 -17.23 -12.50
CA ASN U 139 -35.34 -16.91 -13.91
C ASN U 139 -35.21 -18.18 -14.75
N GLU U 140 -36.22 -18.40 -15.61
CA GLU U 140 -36.28 -19.53 -16.55
C GLU U 140 -36.22 -20.87 -15.82
N GLY U 141 -37.04 -21.00 -14.78
CA GLY U 141 -37.12 -22.26 -14.05
C GLY U 141 -36.07 -22.41 -12.97
N ARG U 142 -34.80 -22.43 -13.37
CA ARG U 142 -33.72 -22.65 -12.43
C ARG U 142 -33.47 -21.41 -11.60
N PRO U 143 -33.34 -21.55 -10.28
CA PRO U 143 -32.98 -20.42 -9.43
C PRO U 143 -31.46 -20.20 -9.39
N TYR U 144 -31.08 -19.02 -8.90
CA TYR U 144 -29.69 -18.60 -8.94
C TYR U 144 -29.31 -17.92 -7.62
N LEU U 145 -28.02 -17.96 -7.31
CA LEU U 145 -27.49 -17.32 -6.11
C LEU U 145 -26.05 -16.90 -6.38
N PHE U 146 -25.81 -15.60 -6.47
CA PHE U 146 -24.50 -15.06 -6.85
C PHE U 146 -23.92 -14.29 -5.67
N GLN U 147 -22.69 -13.78 -5.87
CA GLN U 147 -22.01 -12.99 -4.85
C GLN U 147 -21.00 -12.07 -5.52
N SER U 148 -21.16 -10.77 -5.35
CA SER U 148 -20.19 -9.80 -5.82
C SER U 148 -19.27 -9.36 -4.69
N ASP U 149 -18.27 -8.58 -5.03
CA ASP U 149 -17.26 -8.12 -4.09
C ASP U 149 -16.86 -6.71 -4.47
N PRO U 150 -16.20 -5.97 -3.58
CA PRO U 150 -15.70 -4.63 -3.97
C PRO U 150 -14.64 -4.64 -5.04
N SER U 151 -13.97 -5.76 -5.31
CA SER U 151 -12.98 -5.78 -6.38
C SER U 151 -13.64 -5.82 -7.75
N GLY U 152 -14.82 -6.43 -7.86
CA GLY U 152 -15.54 -6.48 -9.12
C GLY U 152 -15.77 -7.87 -9.67
N ALA U 153 -15.30 -8.93 -9.01
CA ALA U 153 -15.53 -10.28 -9.49
C ALA U 153 -16.89 -10.78 -9.01
N TYR U 154 -17.28 -11.98 -9.45
CA TYR U 154 -18.55 -12.55 -9.02
C TYR U 154 -18.48 -14.06 -9.14
N PHE U 155 -19.55 -14.72 -8.67
CA PHE U 155 -19.54 -16.15 -8.43
C PHE U 155 -20.89 -16.76 -8.78
N ALA U 156 -21.07 -18.00 -8.32
CA ALA U 156 -22.34 -18.70 -8.37
C ALA U 156 -22.28 -19.76 -7.28
N TRP U 157 -22.97 -19.54 -6.17
CA TRP U 157 -22.85 -20.39 -5.00
C TRP U 157 -23.98 -21.40 -4.91
N LYS U 158 -23.67 -22.53 -4.26
CA LYS U 158 -24.71 -23.41 -3.74
C LYS U 158 -25.19 -22.94 -2.38
N ALA U 159 -24.24 -22.61 -1.50
CA ALA U 159 -24.53 -22.05 -0.19
C ALA U 159 -23.26 -21.38 0.33
N THR U 160 -23.43 -20.27 1.02
CA THR U 160 -22.28 -19.53 1.54
C THR U 160 -22.72 -18.68 2.72
N ALA U 161 -21.74 -18.03 3.35
CA ALA U 161 -22.00 -17.18 4.50
C ALA U 161 -20.92 -16.11 4.58
N MET U 162 -21.33 -14.86 4.72
CA MET U 162 -20.42 -13.74 4.86
C MET U 162 -20.58 -13.11 6.24
N GLY U 163 -19.78 -12.10 6.51
CA GLY U 163 -19.82 -11.41 7.77
C GLY U 163 -18.80 -11.94 8.77
N LYS U 164 -19.08 -11.69 10.04
CA LYS U 164 -18.22 -12.21 11.10
C LYS U 164 -18.44 -13.71 11.28
N ASN U 165 -17.36 -14.39 11.65
CA ASN U 165 -17.33 -15.83 11.96
C ASN U 165 -17.82 -16.67 10.78
N TYR U 166 -17.47 -16.25 9.57
CA TYR U 166 -17.89 -16.97 8.38
C TYR U 166 -17.20 -18.30 8.23
N VAL U 167 -16.00 -18.46 8.80
CA VAL U 167 -15.30 -19.74 8.73
C VAL U 167 -15.99 -20.80 9.57
N ASN U 168 -16.69 -20.41 10.64
CA ASN U 168 -17.45 -21.38 11.40
C ASN U 168 -18.74 -21.75 10.68
N GLY U 169 -19.36 -20.79 10.01
CA GLY U 169 -20.53 -21.09 9.21
C GLY U 169 -20.21 -21.85 7.96
N LYS U 170 -19.00 -21.67 7.41
CA LYS U 170 -18.61 -22.40 6.21
C LYS U 170 -18.35 -23.86 6.54
N THR U 171 -17.61 -24.13 7.62
CA THR U 171 -17.41 -25.50 8.06
C THR U 171 -18.69 -26.12 8.59
N PHE U 172 -19.65 -25.31 9.04
CA PHE U 172 -20.98 -25.83 9.29
C PHE U 172 -21.64 -26.28 8.01
N LEU U 173 -21.73 -25.37 7.02
CA LEU U 173 -22.42 -25.68 5.76
C LEU U 173 -21.70 -26.71 4.92
N GLU U 174 -20.38 -26.84 5.07
CA GLU U 174 -19.65 -27.90 4.38
C GLU U 174 -20.08 -29.25 4.93
N LYS U 175 -20.28 -29.34 6.24
CA LYS U 175 -20.85 -30.53 6.86
C LYS U 175 -22.35 -30.60 6.73
N ARG U 176 -23.02 -29.55 6.25
CA ARG U 176 -24.47 -29.56 6.28
C ARG U 176 -25.13 -29.70 4.93
N TYR U 177 -24.77 -28.85 3.95
CA TYR U 177 -25.58 -28.65 2.77
C TYR U 177 -25.51 -29.83 1.82
N ASN U 178 -26.68 -30.39 1.52
CA ASN U 178 -26.82 -31.44 0.54
C ASN U 178 -27.32 -30.86 -0.78
N GLU U 179 -27.65 -31.72 -1.74
CA GLU U 179 -28.04 -31.23 -3.05
C GLU U 179 -29.52 -30.91 -3.13
N ASP U 180 -30.39 -31.83 -2.72
CA ASP U 180 -31.82 -31.72 -2.97
C ASP U 180 -32.59 -31.59 -1.65
N LEU U 181 -33.11 -30.39 -1.39
CA LEU U 181 -34.12 -30.17 -0.38
C LEU U 181 -35.12 -29.16 -0.90
N GLU U 182 -36.27 -29.09 -0.24
CA GLU U 182 -37.26 -28.09 -0.58
C GLU U 182 -36.88 -26.75 0.05
N LEU U 183 -37.69 -25.73 -0.23
CA LEU U 183 -37.44 -24.41 0.36
C LEU U 183 -37.74 -24.42 1.85
N GLU U 184 -38.67 -25.25 2.30
CA GLU U 184 -39.04 -25.26 3.72
C GLU U 184 -37.95 -25.91 4.57
N ASP U 185 -37.27 -26.92 4.03
CA ASP U 185 -36.10 -27.46 4.70
C ASP U 185 -34.90 -26.53 4.58
N ALA U 186 -34.89 -25.67 3.57
CA ALA U 186 -33.77 -24.75 3.37
C ALA U 186 -33.76 -23.64 4.40
N ILE U 187 -34.93 -23.14 4.81
CA ILE U 187 -34.99 -22.11 5.84
C ILE U 187 -34.63 -22.71 7.19
N HIS U 188 -34.90 -24.01 7.37
CA HIS U 188 -34.61 -24.67 8.65
C HIS U 188 -33.12 -24.76 8.90
N THR U 189 -32.34 -25.02 7.85
CA THR U 189 -30.89 -25.00 7.96
C THR U 189 -30.29 -23.62 7.72
N ALA U 190 -31.10 -22.62 7.38
CA ALA U 190 -30.60 -21.26 7.25
C ALA U 190 -30.70 -20.47 8.54
N ILE U 191 -31.65 -20.80 9.41
CA ILE U 191 -31.64 -20.21 10.74
C ILE U 191 -30.70 -20.99 11.65
N LEU U 192 -30.59 -22.30 11.43
CA LEU U 192 -29.70 -23.12 12.22
C LEU U 192 -28.22 -22.80 11.96
N THR U 193 -27.89 -22.18 10.84
CA THR U 193 -26.55 -21.64 10.67
C THR U 193 -26.43 -20.20 11.16
N LEU U 194 -27.55 -19.49 11.30
CA LEU U 194 -27.50 -18.18 11.93
C LEU U 194 -27.38 -18.29 13.44
N LYS U 195 -27.88 -19.38 14.03
CA LYS U 195 -27.73 -19.60 15.46
C LYS U 195 -26.31 -19.95 15.85
N GLU U 196 -25.46 -20.31 14.88
CA GLU U 196 -24.07 -20.67 15.17
C GLU U 196 -23.28 -19.46 15.68
N SER U 197 -23.50 -18.29 15.07
CA SER U 197 -22.69 -17.11 15.38
C SER U 197 -23.52 -15.93 15.85
N PHE U 198 -24.78 -16.13 16.22
CA PHE U 198 -25.59 -15.00 16.67
C PHE U 198 -25.28 -14.69 18.13
N GLU U 199 -25.95 -13.66 18.64
CA GLU U 199 -25.85 -13.30 20.04
C GLU U 199 -26.88 -14.07 20.85
N GLY U 200 -27.14 -13.63 22.08
CA GLY U 200 -27.95 -14.37 23.03
C GLY U 200 -29.40 -14.64 22.64
N GLN U 201 -30.24 -13.61 22.65
CA GLN U 201 -31.63 -13.83 22.33
C GLN U 201 -31.82 -13.75 20.81
N MET U 202 -32.70 -14.61 20.30
CA MET U 202 -33.06 -14.60 18.89
C MET U 202 -34.58 -14.61 18.80
N THR U 203 -35.15 -13.44 18.59
CA THR U 203 -36.58 -13.22 18.53
C THR U 203 -37.03 -13.13 17.07
N GLU U 204 -38.27 -12.72 16.89
CA GLU U 204 -38.81 -12.44 15.56
C GLU U 204 -38.26 -11.15 14.96
N ASP U 205 -37.54 -10.34 15.73
CA ASP U 205 -36.98 -9.09 15.25
C ASP U 205 -35.47 -9.12 15.12
N ASN U 206 -34.81 -10.17 15.59
CA ASN U 206 -33.36 -10.25 15.45
C ASN U 206 -32.95 -10.74 14.07
N ILE U 207 -33.76 -11.56 13.43
CA ILE U 207 -33.48 -12.04 12.09
C ILE U 207 -34.45 -11.40 11.12
N GLU U 208 -34.14 -11.54 9.83
CA GLU U 208 -34.98 -10.98 8.78
C GLU U 208 -34.69 -11.77 7.51
N VAL U 209 -35.71 -12.47 7.00
CA VAL U 209 -35.53 -13.55 6.03
C VAL U 209 -36.39 -13.27 4.81
N GLY U 210 -35.79 -13.36 3.62
CA GLY U 210 -36.52 -13.31 2.37
C GLY U 210 -36.29 -14.54 1.52
N ILE U 211 -37.24 -14.87 0.63
CA ILE U 211 -37.19 -16.09 -0.17
C ILE U 211 -37.49 -15.77 -1.63
N CYS U 212 -37.10 -16.70 -2.49
CA CYS U 212 -37.52 -16.70 -3.90
C CYS U 212 -38.32 -17.96 -4.17
N ASN U 213 -39.54 -17.77 -4.66
CA ASN U 213 -40.28 -18.87 -5.25
C ASN U 213 -40.13 -18.78 -6.77
N GLU U 214 -40.84 -19.63 -7.49
CA GLU U 214 -41.08 -19.36 -8.90
C GLU U 214 -42.23 -18.37 -9.07
N ALA U 215 -43.02 -18.15 -8.02
CA ALA U 215 -44.07 -17.14 -8.01
C ALA U 215 -43.55 -15.75 -7.68
N GLY U 216 -42.25 -15.52 -7.73
CA GLY U 216 -41.68 -14.21 -7.53
C GLY U 216 -40.93 -14.11 -6.21
N PHE U 217 -40.36 -12.93 -6.00
CA PHE U 217 -39.60 -12.65 -4.79
C PHE U 217 -40.53 -12.18 -3.68
N ARG U 218 -40.20 -12.55 -2.44
CA ARG U 218 -41.02 -12.23 -1.29
C ARG U 218 -40.12 -12.19 -0.06
N ARG U 219 -40.36 -11.24 0.83
CA ARG U 219 -39.72 -11.23 2.13
C ARG U 219 -40.75 -11.58 3.20
N LEU U 220 -40.30 -12.23 4.27
CA LEU U 220 -41.21 -12.81 5.23
C LEU U 220 -41.56 -11.81 6.33
N THR U 221 -42.85 -11.70 6.62
CA THR U 221 -43.29 -10.89 7.74
C THR U 221 -42.99 -11.62 9.05
N PRO U 222 -42.83 -10.89 10.17
CA PRO U 222 -42.48 -11.56 11.44
C PRO U 222 -43.56 -12.45 12.02
N THR U 223 -44.76 -12.48 11.47
CA THR U 223 -45.77 -13.43 11.92
C THR U 223 -45.38 -14.85 11.56
N GLU U 224 -44.92 -15.06 10.31
CA GLU U 224 -44.46 -16.39 9.92
C GLU U 224 -43.13 -16.72 10.58
N VAL U 225 -42.24 -15.73 10.69
CA VAL U 225 -40.90 -15.97 11.20
C VAL U 225 -40.92 -16.29 12.69
N LYS U 226 -41.89 -15.74 13.43
CA LYS U 226 -42.10 -16.19 14.79
C LYS U 226 -42.62 -17.62 14.81
N ASP U 227 -43.61 -17.91 13.96
CA ASP U 227 -44.14 -19.26 13.86
C ASP U 227 -43.16 -20.23 13.21
N TYR U 228 -42.18 -19.75 12.45
CA TYR U 228 -41.19 -20.66 11.89
C TYR U 228 -40.12 -20.98 12.93
N LEU U 229 -39.65 -19.99 13.66
CA LEU U 229 -38.66 -20.22 14.72
C LEU U 229 -39.28 -20.80 15.98
N ALA U 230 -40.60 -20.96 16.04
CA ALA U 230 -41.26 -21.56 17.20
C ALA U 230 -40.96 -23.06 17.20
N ALA U 231 -39.92 -23.44 17.94
CA ALA U 231 -39.55 -24.81 18.28
C ALA U 231 -39.19 -25.68 17.08
N ILE U 232 -39.05 -25.11 15.89
CA ILE U 232 -38.53 -25.86 14.74
C ILE U 232 -37.02 -25.72 14.82
N ALA U 233 -36.40 -26.58 15.63
CA ALA U 233 -35.03 -26.48 16.13
C ALA U 233 -34.73 -25.09 16.69
N ARG V 3 12.58 6.48 -4.28
CA ARG V 3 12.88 5.62 -5.42
C ARG V 3 12.21 6.12 -6.70
N TYR V 4 11.81 5.18 -7.54
CA TYR V 4 11.15 5.48 -8.80
C TYR V 4 9.92 4.60 -8.99
N ASP V 5 9.29 4.23 -7.87
CA ASP V 5 8.07 3.45 -7.86
C ASP V 5 6.83 4.32 -7.73
N SER V 6 6.87 5.50 -8.34
CA SER V 6 5.76 6.44 -8.44
C SER V 6 4.81 5.98 -9.55
N ARG V 7 4.05 6.92 -10.12
CA ARG V 7 3.23 6.66 -11.29
C ARG V 7 4.04 6.14 -12.48
N THR V 8 3.33 5.72 -13.53
CA THR V 8 3.95 5.07 -14.68
C THR V 8 4.89 6.03 -15.41
N THR V 9 4.43 7.26 -15.66
CA THR V 9 5.35 8.38 -15.75
C THR V 9 5.91 8.53 -14.34
N ILE V 10 7.20 8.32 -14.12
CA ILE V 10 8.29 8.62 -15.03
C ILE V 10 9.16 7.45 -15.48
N PHE V 11 10.19 7.78 -16.26
CA PHE V 11 11.29 6.87 -16.52
C PHE V 11 12.19 6.75 -15.30
N SER V 12 12.81 5.60 -15.14
CA SER V 12 13.92 5.48 -14.21
C SER V 12 15.19 6.01 -14.89
N PRO V 13 16.22 6.34 -14.13
CA PRO V 13 17.54 6.52 -14.74
C PRO V 13 18.08 5.19 -15.22
N GLU V 14 18.94 5.28 -16.23
CA GLU V 14 19.75 4.26 -16.92
C GLU V 14 19.17 3.30 -17.98
N GLY V 15 17.87 3.12 -18.27
CA GLY V 15 16.64 3.79 -17.87
C GLY V 15 15.44 2.98 -18.33
N ARG V 16 14.53 2.68 -17.42
CA ARG V 16 13.43 1.79 -17.76
C ARG V 16 12.21 2.17 -16.92
N LEU V 17 11.21 1.29 -16.91
CA LEU V 17 9.87 1.60 -16.42
C LEU V 17 9.47 0.56 -15.38
N TYR V 18 9.53 0.94 -14.11
CA TYR V 18 9.37 -0.03 -13.04
C TYR V 18 7.93 -0.47 -12.87
N GLN V 19 6.96 0.41 -13.12
CA GLN V 19 5.56 0.04 -12.95
C GLN V 19 5.11 -0.95 -14.02
N VAL V 20 5.68 -0.86 -15.22
CA VAL V 20 5.38 -1.83 -16.26
C VAL V 20 5.97 -3.18 -15.92
N GLU V 21 7.17 -3.17 -15.33
CA GLU V 21 7.82 -4.42 -14.93
C GLU V 21 7.11 -5.09 -13.77
N TYR V 22 6.49 -4.30 -12.90
CA TYR V 22 5.74 -4.89 -11.79
C TYR V 22 4.48 -5.58 -12.28
N ALA V 23 3.87 -5.05 -13.32
CA ALA V 23 2.67 -5.67 -13.88
C ALA V 23 3.01 -6.92 -14.68
N MET V 24 4.15 -6.92 -15.37
CA MET V 24 4.53 -8.06 -16.17
C MET V 24 5.05 -9.23 -15.35
N GLU V 25 5.34 -9.02 -14.06
CA GLU V 25 5.66 -10.11 -13.16
C GLU V 25 4.46 -10.62 -12.39
N ALA V 26 3.36 -9.86 -12.40
CA ALA V 26 2.18 -10.23 -11.63
C ALA V 26 1.41 -11.38 -12.27
N ILE V 27 1.59 -11.60 -13.57
CA ILE V 27 0.80 -12.61 -14.29
C ILE V 27 1.34 -14.01 -14.03
N GLY V 28 2.58 -14.12 -13.54
CA GLY V 28 3.09 -15.43 -13.18
C GLY V 28 2.38 -16.07 -12.00
N HIS V 29 1.79 -15.26 -11.13
CA HIS V 29 0.97 -15.76 -10.04
C HIS V 29 -0.51 -15.72 -10.41
N ALA V 30 -0.86 -16.46 -11.45
CA ALA V 30 -2.21 -16.47 -11.98
C ALA V 30 -2.47 -17.85 -12.58
N GLY V 31 -3.47 -17.94 -13.45
CA GLY V 31 -3.80 -19.19 -14.10
C GLY V 31 -2.76 -19.60 -15.14
N THR V 32 -3.07 -20.70 -15.83
CA THR V 32 -2.19 -21.28 -16.82
C THR V 32 -2.96 -21.52 -18.10
N CYS V 33 -2.49 -20.93 -19.19
CA CYS V 33 -3.13 -21.08 -20.49
C CYS V 33 -2.07 -21.37 -21.53
N LEU V 34 -2.44 -22.14 -22.55
CA LEU V 34 -1.54 -22.46 -23.64
C LEU V 34 -2.32 -22.81 -24.89
N GLY V 35 -1.78 -22.44 -26.05
CA GLY V 35 -2.28 -22.89 -27.32
C GLY V 35 -1.16 -23.63 -28.06
N ILE V 36 -1.56 -24.54 -28.93
CA ILE V 36 -0.60 -25.43 -29.58
C ILE V 36 -0.68 -25.25 -31.09
N LEU V 37 0.32 -25.82 -31.77
CA LEU V 37 0.30 -25.90 -33.23
C LEU V 37 -0.83 -26.83 -33.66
N ALA V 38 -1.42 -26.52 -34.82
CA ALA V 38 -2.25 -27.50 -35.52
C ALA V 38 -2.34 -27.10 -36.99
N ASN V 39 -2.14 -28.08 -37.86
CA ASN V 39 -2.76 -28.00 -39.17
C ASN V 39 -4.25 -28.22 -39.02
N ASP V 40 -5.00 -27.62 -39.95
CA ASP V 40 -6.49 -27.57 -40.07
C ASP V 40 -7.23 -27.50 -38.73
N GLY V 41 -6.75 -26.62 -37.86
CA GLY V 41 -7.34 -26.44 -36.55
C GLY V 41 -6.47 -25.58 -35.68
N VAL V 42 -6.95 -25.35 -34.46
CA VAL V 42 -6.19 -24.70 -33.40
C VAL V 42 -6.90 -25.06 -32.09
N LEU V 43 -6.18 -24.97 -30.98
CA LEU V 43 -6.75 -25.33 -29.69
C LEU V 43 -6.27 -24.39 -28.60
N LEU V 44 -6.99 -24.43 -27.48
CA LEU V 44 -6.60 -23.76 -26.24
C LEU V 44 -6.76 -24.73 -25.08
N ALA V 45 -6.01 -24.47 -24.02
CA ALA V 45 -6.07 -25.31 -22.83
C ALA V 45 -5.88 -24.42 -21.61
N ALA V 46 -6.69 -24.65 -20.58
CA ALA V 46 -6.70 -23.80 -19.41
C ALA V 46 -6.85 -24.66 -18.16
N GLU V 47 -6.86 -24.00 -17.00
CA GLU V 47 -6.82 -24.66 -15.71
C GLU V 47 -7.88 -24.08 -14.78
N ARG V 48 -8.61 -24.96 -14.09
CA ARG V 48 -9.68 -24.56 -13.19
C ARG V 48 -9.08 -24.33 -11.81
N ARG V 49 -8.99 -23.07 -11.39
CA ARG V 49 -8.48 -22.74 -10.07
C ARG V 49 -9.61 -22.66 -9.06
N ASN V 50 -9.33 -23.16 -7.85
CA ASN V 50 -10.24 -23.13 -6.70
C ASN V 50 -11.56 -23.84 -7.01
N ILE V 51 -11.45 -25.16 -7.10
CA ILE V 51 -12.50 -26.04 -7.59
C ILE V 51 -13.30 -26.59 -6.41
N HIS V 52 -13.38 -25.80 -5.34
CA HIS V 52 -14.13 -26.11 -4.13
C HIS V 52 -15.58 -26.51 -4.44
N LYS V 53 -16.12 -27.38 -3.59
CA LYS V 53 -17.35 -28.12 -3.88
C LYS V 53 -18.62 -27.36 -3.54
N LEU V 54 -18.59 -26.03 -3.44
CA LEU V 54 -19.80 -25.25 -3.19
C LEU V 54 -19.99 -24.19 -4.26
N LEU V 55 -19.66 -24.51 -5.50
CA LEU V 55 -19.86 -23.60 -6.62
C LEU V 55 -20.73 -24.26 -7.67
N ASP V 56 -21.25 -23.44 -8.59
CA ASP V 56 -22.18 -23.90 -9.60
C ASP V 56 -21.56 -24.05 -10.98
N GLU V 57 -20.75 -23.07 -11.39
CA GLU V 57 -20.26 -22.90 -12.77
C GLU V 57 -21.41 -22.90 -13.76
N VAL V 58 -22.28 -21.91 -13.63
CA VAL V 58 -23.46 -21.81 -14.50
C VAL V 58 -23.11 -21.44 -15.93
N PHE V 59 -21.94 -20.85 -16.15
CA PHE V 59 -21.56 -20.41 -17.49
C PHE V 59 -20.87 -21.52 -18.27
N PHE V 60 -20.14 -22.40 -17.57
CA PHE V 60 -19.36 -23.51 -18.11
C PHE V 60 -18.29 -23.06 -19.10
N SER V 61 -17.91 -21.78 -19.03
CA SER V 61 -16.82 -21.22 -19.84
C SER V 61 -16.33 -20.00 -19.10
N GLU V 62 -15.15 -20.11 -18.48
CA GLU V 62 -14.63 -19.06 -17.61
C GLU V 62 -13.36 -18.43 -18.14
N LYS V 63 -12.36 -19.24 -18.47
CA LYS V 63 -11.14 -18.71 -19.08
C LYS V 63 -11.34 -18.32 -20.53
N ILE V 64 -12.28 -18.95 -21.24
CA ILE V 64 -12.43 -18.81 -22.68
C ILE V 64 -13.61 -17.92 -22.96
N TYR V 65 -13.43 -16.95 -23.86
CA TYR V 65 -14.51 -16.06 -24.28
C TYR V 65 -14.54 -16.03 -25.80
N LYS V 66 -15.55 -16.67 -26.39
CA LYS V 66 -15.79 -16.55 -27.82
C LYS V 66 -16.16 -15.11 -28.15
N LEU V 67 -15.47 -14.51 -29.11
CA LEU V 67 -15.55 -13.06 -29.22
C LEU V 67 -16.20 -12.56 -30.50
N ASN V 68 -15.76 -12.97 -31.69
CA ASN V 68 -16.50 -12.44 -32.84
C ASN V 68 -17.47 -13.44 -33.47
N GLU V 69 -16.95 -14.32 -34.31
CA GLU V 69 -17.59 -15.57 -34.75
C GLU V 69 -16.61 -16.71 -34.90
N ASP V 70 -15.34 -16.42 -35.14
CA ASP V 70 -14.32 -17.41 -35.47
C ASP V 70 -13.06 -17.14 -34.68
N MET V 71 -13.19 -16.46 -33.55
CA MET V 71 -12.08 -16.17 -32.67
C MET V 71 -12.54 -16.28 -31.22
N ALA V 72 -11.63 -16.71 -30.36
CA ALA V 72 -11.83 -16.70 -28.93
C ALA V 72 -10.53 -16.28 -28.28
N CYS V 73 -10.53 -16.22 -26.95
CA CYS V 73 -9.35 -15.77 -26.24
C CYS V 73 -9.33 -16.37 -24.86
N SER V 74 -8.12 -16.60 -24.36
CA SER V 74 -7.93 -16.95 -22.95
C SER V 74 -7.81 -15.66 -22.15
N VAL V 75 -7.44 -15.77 -20.87
CA VAL V 75 -7.25 -14.60 -20.03
C VAL V 75 -6.33 -15.01 -18.88
N ALA V 76 -5.50 -14.06 -18.42
CA ALA V 76 -4.60 -14.30 -17.30
C ALA V 76 -4.27 -12.96 -16.67
N GLY V 77 -4.68 -12.78 -15.42
CA GLY V 77 -4.39 -11.55 -14.72
C GLY V 77 -5.50 -11.05 -13.82
N ILE V 78 -5.53 -9.74 -13.56
CA ILE V 78 -6.51 -9.16 -12.65
C ILE V 78 -7.90 -9.24 -13.27
N THR V 79 -8.82 -9.90 -12.57
CA THR V 79 -10.16 -10.15 -13.07
C THR V 79 -10.99 -8.89 -13.21
N SER V 80 -10.68 -7.86 -12.42
CA SER V 80 -11.38 -6.60 -12.55
C SER V 80 -11.11 -5.95 -13.89
N ASP V 81 -9.87 -6.07 -14.37
CA ASP V 81 -9.53 -5.55 -15.69
C ASP V 81 -9.87 -6.52 -16.80
N ALA V 82 -10.19 -7.77 -16.47
CA ALA V 82 -10.48 -8.76 -17.50
C ALA V 82 -11.83 -8.53 -18.15
N ASN V 83 -12.85 -8.18 -17.36
CA ASN V 83 -14.17 -7.94 -17.90
C ASN V 83 -14.26 -6.64 -18.68
N VAL V 84 -13.36 -5.70 -18.42
CA VAL V 84 -13.34 -4.45 -19.17
C VAL V 84 -12.85 -4.69 -20.59
N LEU V 85 -11.81 -5.52 -20.72
CA LEU V 85 -11.18 -5.71 -22.03
C LEU V 85 -12.04 -6.56 -22.96
N THR V 86 -12.70 -7.59 -22.42
CA THR V 86 -13.49 -8.48 -23.27
C THR V 86 -14.73 -7.80 -23.80
N ASN V 87 -15.37 -6.94 -23.00
CA ASN V 87 -16.51 -6.18 -23.50
C ASN V 87 -16.06 -5.10 -24.46
N GLU V 88 -14.82 -4.61 -24.31
CA GLU V 88 -14.29 -3.67 -25.28
C GLU V 88 -13.90 -4.37 -26.57
N LEU V 89 -13.32 -5.57 -26.47
CA LEU V 89 -12.77 -6.24 -27.64
C LEU V 89 -13.87 -6.79 -28.54
N ARG V 90 -14.98 -7.27 -27.96
CA ARG V 90 -16.11 -7.67 -28.78
C ARG V 90 -16.74 -6.48 -29.49
N LEU V 91 -16.68 -5.32 -28.86
CA LEU V 91 -17.24 -4.10 -29.41
C LEU V 91 -16.35 -3.49 -30.49
N ILE V 92 -15.09 -3.92 -30.59
CA ILE V 92 -14.26 -3.51 -31.72
C ILE V 92 -14.69 -4.25 -32.99
N ALA V 93 -14.87 -5.57 -32.87
CA ALA V 93 -15.13 -6.43 -34.03
C ALA V 93 -16.47 -6.16 -34.68
N GLN V 94 -17.45 -5.68 -33.93
CA GLN V 94 -18.73 -5.32 -34.52
C GLN V 94 -18.72 -3.94 -35.14
N ARG V 95 -17.84 -3.05 -34.68
CA ARG V 95 -17.66 -1.76 -35.33
C ARG V 95 -17.02 -1.94 -36.70
N TYR V 96 -16.05 -2.85 -36.81
CA TYR V 96 -15.46 -3.18 -38.10
C TYR V 96 -16.48 -3.83 -39.02
N LEU V 97 -17.32 -4.70 -38.48
CA LEU V 97 -18.30 -5.42 -39.29
C LEU V 97 -19.41 -4.49 -39.78
N LEU V 98 -19.79 -3.51 -38.96
CA LEU V 98 -20.74 -2.50 -39.42
C LEU V 98 -20.15 -1.65 -40.54
N GLN V 99 -18.84 -1.45 -40.53
CA GLN V 99 -18.22 -0.53 -41.47
C GLN V 99 -17.94 -1.15 -42.83
N TYR V 100 -17.52 -2.42 -42.88
CA TYR V 100 -17.12 -3.04 -44.13
C TYR V 100 -17.99 -4.22 -44.56
N GLN V 101 -18.83 -4.75 -43.65
CA GLN V 101 -19.59 -5.99 -43.85
C GLN V 101 -18.68 -7.16 -44.22
N GLU V 102 -17.67 -7.37 -43.38
CA GLU V 102 -16.68 -8.44 -43.52
C GLU V 102 -16.05 -8.63 -42.14
N PRO V 103 -15.75 -9.86 -41.72
CA PRO V 103 -15.16 -10.06 -40.39
C PRO V 103 -13.75 -9.50 -40.28
N ILE V 104 -13.36 -9.25 -39.04
CA ILE V 104 -12.07 -8.61 -38.75
C ILE V 104 -10.95 -9.63 -38.94
N PRO V 105 -9.90 -9.30 -39.67
CA PRO V 105 -8.93 -10.33 -40.07
C PRO V 105 -7.84 -10.62 -39.05
N CYS V 106 -8.20 -10.74 -37.77
CA CYS V 106 -7.42 -11.46 -36.75
C CYS V 106 -6.05 -10.88 -36.39
N GLU V 107 -5.58 -9.84 -37.07
CA GLU V 107 -4.36 -9.15 -36.64
C GLU V 107 -4.65 -7.74 -36.16
N GLN V 108 -5.36 -6.95 -36.96
CA GLN V 108 -5.67 -5.59 -36.58
C GLN V 108 -6.76 -5.49 -35.53
N LEU V 109 -7.38 -6.62 -35.16
CA LEU V 109 -8.13 -6.67 -33.92
C LEU V 109 -7.20 -6.64 -32.72
N VAL V 110 -6.07 -7.36 -32.83
CA VAL V 110 -5.12 -7.43 -31.72
C VAL V 110 -4.43 -6.10 -31.52
N THR V 111 -4.03 -5.44 -32.62
CA THR V 111 -3.37 -4.15 -32.53
C THR V 111 -4.32 -3.05 -32.08
N ALA V 112 -5.63 -3.23 -32.30
CA ALA V 112 -6.60 -2.27 -31.80
C ALA V 112 -6.67 -2.32 -30.27
N LEU V 113 -6.55 -3.52 -29.69
CA LEU V 113 -6.52 -3.61 -28.23
C LEU V 113 -5.17 -3.16 -27.70
N CYS V 114 -4.08 -3.54 -28.37
CA CYS V 114 -2.74 -3.22 -27.91
C CYS V 114 -2.44 -1.74 -27.95
N ASP V 115 -3.15 -0.97 -28.77
CA ASP V 115 -3.05 0.48 -28.69
C ASP V 115 -3.84 1.04 -27.52
N ILE V 116 -4.91 0.38 -27.11
CA ILE V 116 -5.61 0.79 -25.90
C ILE V 116 -4.81 0.42 -24.67
N LYS V 117 -4.22 -0.77 -24.67
CA LYS V 117 -3.46 -1.23 -23.51
C LYS V 117 -2.17 -0.45 -23.33
N GLN V 118 -1.59 0.05 -24.43
CA GLN V 118 -0.43 0.90 -24.32
C GLN V 118 -0.76 2.26 -23.72
N ALA V 119 -1.91 2.83 -24.11
CA ALA V 119 -2.25 4.22 -23.81
C ALA V 119 -2.41 4.50 -22.33
N TYR V 120 -2.53 3.47 -21.49
CA TYR V 120 -2.54 3.68 -20.06
C TYR V 120 -1.14 3.68 -19.46
N THR V 121 -0.10 3.54 -20.28
CA THR V 121 1.26 3.65 -19.78
C THR V 121 1.85 5.03 -19.97
N GLN V 122 1.23 5.90 -20.77
CA GLN V 122 1.78 7.23 -21.00
C GLN V 122 0.94 8.33 -20.38
N PHE V 123 -0.36 8.14 -20.28
CA PHE V 123 -1.25 9.13 -19.68
C PHE V 123 -1.39 8.87 -18.20
N GLY V 124 -1.24 9.93 -17.40
CA GLY V 124 -1.35 9.81 -15.96
C GLY V 124 -2.68 10.27 -15.42
N GLY V 125 -3.08 9.72 -14.27
CA GLY V 125 -2.34 8.66 -13.60
C GLY V 125 -3.17 7.40 -13.54
N LYS V 126 -2.79 6.39 -14.32
CA LYS V 126 -3.53 5.15 -14.41
C LYS V 126 -2.57 3.97 -14.24
N ARG V 127 -3.13 2.86 -13.78
CA ARG V 127 -2.41 1.60 -13.86
C ARG V 127 -2.37 1.14 -15.30
N PRO V 128 -1.36 0.36 -15.67
CA PRO V 128 -1.48 -0.47 -16.88
C PRO V 128 -2.41 -1.63 -16.61
N PHE V 129 -2.90 -2.23 -17.69
CA PHE V 129 -3.68 -3.45 -17.57
C PHE V 129 -2.77 -4.59 -17.13
N GLY V 130 -3.13 -5.24 -16.03
CA GLY V 130 -2.36 -6.38 -15.57
C GLY V 130 -2.85 -7.69 -16.13
N VAL V 131 -3.11 -7.73 -17.44
CA VAL V 131 -3.74 -8.87 -18.08
C VAL V 131 -2.97 -9.20 -19.35
N SER V 132 -2.44 -10.41 -19.43
CA SER V 132 -2.00 -11.00 -20.68
C SER V 132 -2.99 -12.08 -21.08
N LEU V 133 -3.12 -12.28 -22.39
CA LEU V 133 -4.13 -13.20 -22.89
C LEU V 133 -3.73 -13.66 -24.28
N LEU V 134 -4.31 -14.78 -24.70
CA LEU V 134 -4.00 -15.42 -25.97
C LEU V 134 -5.03 -15.10 -27.03
N TYR V 135 -4.74 -15.53 -28.25
CA TYR V 135 -5.62 -15.32 -29.38
C TYR V 135 -5.59 -16.54 -30.28
N ILE V 136 -6.78 -16.99 -30.69
CA ILE V 136 -6.93 -18.02 -31.70
C ILE V 136 -7.92 -17.52 -32.73
N GLY V 137 -7.71 -17.90 -33.99
CA GLY V 137 -8.62 -17.44 -35.02
C GLY V 137 -8.22 -17.94 -36.40
N TRP V 138 -9.12 -17.66 -37.35
CA TRP V 138 -8.96 -18.01 -38.76
C TRP V 138 -9.33 -16.79 -39.60
N ASP V 139 -8.62 -16.60 -40.71
CA ASP V 139 -8.92 -15.50 -41.62
C ASP V 139 -8.80 -15.98 -43.06
N LYS V 140 -9.02 -15.06 -43.99
CA LYS V 140 -8.90 -15.35 -45.40
C LYS V 140 -7.45 -15.38 -45.87
N HIS V 141 -6.56 -14.68 -45.16
CA HIS V 141 -5.23 -14.39 -45.68
C HIS V 141 -4.16 -15.35 -45.17
N TYR V 142 -4.25 -15.81 -43.94
CA TYR V 142 -3.20 -16.66 -43.38
C TYR V 142 -3.70 -17.91 -42.69
N GLY V 143 -5.01 -18.03 -42.45
CA GLY V 143 -5.53 -19.22 -41.81
C GLY V 143 -5.44 -19.19 -40.31
N PHE V 144 -5.00 -20.29 -39.72
CA PHE V 144 -5.00 -20.43 -38.26
C PHE V 144 -3.81 -19.69 -37.66
N GLN V 145 -4.06 -18.96 -36.57
CA GLN V 145 -3.10 -18.01 -36.03
C GLN V 145 -3.07 -18.10 -34.51
N LEU V 146 -1.99 -17.60 -33.93
CA LEU V 146 -1.82 -17.50 -32.49
C LEU V 146 -1.14 -16.17 -32.15
N TYR V 147 -1.63 -15.50 -31.10
CA TYR V 147 -1.03 -14.25 -30.68
C TYR V 147 -1.00 -14.16 -29.17
N GLN V 148 -0.10 -13.31 -28.67
CA GLN V 148 0.27 -13.25 -27.26
C GLN V 148 0.27 -11.80 -26.81
N SER V 149 -0.67 -11.44 -25.94
CA SER V 149 -0.72 -10.07 -25.46
C SER V 149 0.20 -9.89 -24.25
N ASP V 150 0.55 -8.64 -23.99
CA ASP V 150 1.42 -8.24 -22.90
C ASP V 150 0.81 -7.01 -22.24
N PRO V 151 1.16 -6.73 -20.97
CA PRO V 151 0.68 -5.49 -20.34
C PRO V 151 1.19 -4.23 -21.00
N SER V 152 2.36 -4.25 -21.63
CA SER V 152 2.93 -3.08 -22.24
C SER V 152 2.30 -2.73 -23.59
N GLY V 153 1.43 -3.57 -24.11
CA GLY V 153 0.92 -3.39 -25.45
C GLY V 153 1.75 -4.06 -26.52
N ASN V 154 2.84 -4.71 -26.16
CA ASN V 154 3.60 -5.49 -27.12
C ASN V 154 2.88 -6.80 -27.40
N TYR V 155 3.07 -7.33 -28.60
CA TYR V 155 2.45 -8.60 -28.96
C TYR V 155 3.42 -9.38 -29.83
N GLY V 156 2.94 -10.51 -30.36
CA GLY V 156 3.75 -11.34 -31.23
C GLY V 156 3.05 -12.61 -31.64
N GLY V 157 3.25 -13.03 -32.88
CA GLY V 157 2.70 -14.29 -33.33
C GLY V 157 3.49 -15.47 -32.81
N TRP V 158 2.83 -16.62 -32.72
CA TRP V 158 3.47 -17.81 -32.18
C TRP V 158 2.92 -19.04 -32.88
N LYS V 159 3.57 -20.18 -32.62
CA LYS V 159 3.05 -21.48 -32.99
C LYS V 159 2.74 -22.34 -31.78
N ALA V 160 3.41 -22.11 -30.66
CA ALA V 160 3.07 -22.72 -29.37
C ALA V 160 3.64 -21.83 -28.28
N THR V 161 2.82 -21.52 -27.28
CA THR V 161 3.25 -20.62 -26.22
C THR V 161 2.44 -20.93 -24.96
N CYS V 162 2.81 -20.26 -23.87
CA CYS V 162 2.19 -20.51 -22.57
C CYS V 162 2.40 -19.29 -21.70
N ILE V 163 2.17 -19.47 -20.40
CA ILE V 163 2.28 -18.40 -19.41
C ILE V 163 3.54 -18.69 -18.58
N GLY V 164 4.00 -17.68 -17.84
CA GLY V 164 5.32 -17.65 -17.24
C GLY V 164 5.42 -18.38 -15.92
N ASN V 165 5.73 -17.65 -14.83
CA ASN V 165 6.23 -18.20 -13.55
C ASN V 165 5.39 -19.34 -12.98
N ASN V 166 4.12 -19.44 -13.36
CA ASN V 166 3.35 -20.66 -13.07
C ASN V 166 3.88 -21.83 -13.90
N SER V 167 4.01 -21.64 -15.21
CA SER V 167 4.22 -22.73 -16.14
C SER V 167 5.27 -22.37 -17.19
N ALA V 168 6.33 -21.68 -16.77
CA ALA V 168 7.39 -21.30 -17.71
C ALA V 168 8.24 -22.50 -18.12
N ALA V 169 8.22 -23.58 -17.36
CA ALA V 169 8.92 -24.80 -17.73
C ALA V 169 8.23 -25.57 -18.84
N ALA V 170 6.98 -25.22 -19.16
CA ALA V 170 6.28 -25.90 -20.25
C ALA V 170 6.85 -25.51 -21.61
N VAL V 171 7.40 -24.31 -21.72
CA VAL V 171 7.97 -23.85 -22.99
C VAL V 171 9.20 -24.68 -23.34
N SER V 172 9.96 -25.11 -22.33
CA SER V 172 11.03 -26.07 -22.56
C SER V 172 10.49 -27.42 -23.01
N MET V 173 9.32 -27.81 -22.52
CA MET V 173 8.73 -29.07 -22.96
C MET V 173 8.15 -28.97 -24.37
N LEU V 174 7.62 -27.80 -24.72
CA LEU V 174 7.06 -27.62 -26.06
C LEU V 174 8.13 -27.66 -27.14
N LYS V 175 9.36 -27.27 -26.82
CA LYS V 175 10.44 -27.37 -27.78
C LYS V 175 11.00 -28.78 -27.83
N GLN V 176 11.07 -29.46 -26.68
CA GLN V 176 11.63 -30.81 -26.63
C GLN V 176 10.72 -31.82 -27.29
N ASP V 177 9.40 -31.62 -27.22
CA ASP V 177 8.42 -32.48 -27.86
C ASP V 177 7.76 -31.78 -29.04
N TYR V 178 8.53 -31.00 -29.79
CA TYR V 178 7.98 -30.18 -30.86
C TYR V 178 7.69 -31.03 -32.09
N LYS V 179 6.61 -30.68 -32.78
CA LYS V 179 6.28 -31.26 -34.06
C LYS V 179 6.11 -30.15 -35.08
N GLU V 180 6.33 -30.49 -36.34
CA GLU V 180 6.19 -29.54 -37.43
C GLU V 180 5.76 -30.28 -38.68
N GLY V 181 4.58 -29.94 -39.20
CA GLY V 181 4.01 -30.70 -40.28
C GLY V 181 3.00 -31.73 -39.82
N GLU V 182 3.40 -32.63 -38.90
CA GLU V 182 2.52 -33.69 -38.41
C GLU V 182 1.62 -33.14 -37.30
N MET V 183 0.82 -32.14 -37.65
CA MET V 183 0.16 -31.28 -36.68
C MET V 183 -1.35 -31.44 -36.77
N THR V 184 -1.81 -32.68 -36.77
CA THR V 184 -3.24 -32.95 -36.68
C THR V 184 -3.74 -32.65 -35.29
N LEU V 185 -5.07 -32.63 -35.15
CA LEU V 185 -5.69 -32.26 -33.87
C LEU V 185 -5.47 -33.33 -32.82
N LYS V 186 -5.59 -34.61 -33.21
CA LYS V 186 -5.40 -35.69 -32.24
C LYS V 186 -3.94 -35.83 -31.85
N SER V 187 -3.02 -35.46 -32.73
CA SER V 187 -1.61 -35.43 -32.36
C SER V 187 -1.31 -34.28 -31.42
N ALA V 188 -2.13 -33.23 -31.46
CA ALA V 188 -1.91 -32.07 -30.60
C ALA V 188 -2.64 -32.18 -29.26
N LEU V 189 -3.80 -32.84 -29.24
CA LEU V 189 -4.50 -33.06 -27.97
C LEU V 189 -3.75 -34.01 -27.07
N ALA V 190 -3.05 -34.99 -27.65
CA ALA V 190 -2.19 -35.85 -26.85
C ALA V 190 -1.00 -35.08 -26.31
N LEU V 191 -0.53 -34.08 -27.05
CA LEU V 191 0.55 -33.23 -26.55
C LEU V 191 0.05 -32.29 -25.47
N ALA V 192 -1.23 -31.93 -25.49
CA ALA V 192 -1.74 -30.96 -24.54
C ALA V 192 -1.89 -31.56 -23.14
N ILE V 193 -2.43 -32.77 -23.06
CA ILE V 193 -2.62 -33.41 -21.75
C ILE V 193 -1.31 -33.84 -21.13
N LYS V 194 -0.26 -34.00 -21.94
CA LYS V 194 1.05 -34.33 -21.39
C LYS V 194 1.73 -33.10 -20.79
N VAL V 195 1.53 -31.93 -21.40
CA VAL V 195 2.16 -30.70 -20.90
C VAL V 195 1.50 -30.25 -19.61
N LEU V 196 0.17 -30.27 -19.56
CA LEU V 196 -0.55 -29.93 -18.34
C LEU V 196 -0.36 -30.95 -17.22
N ASN V 197 0.17 -32.13 -17.52
CA ASN V 197 0.41 -33.13 -16.49
C ASN V 197 1.51 -32.70 -15.54
N LYS V 198 2.62 -32.21 -16.08
CA LYS V 198 3.75 -31.82 -15.24
C LYS V 198 3.55 -30.45 -14.60
N THR V 199 3.00 -29.49 -15.34
CA THR V 199 2.93 -28.11 -14.85
C THR V 199 1.89 -27.97 -13.74
N MET V 200 0.70 -28.52 -13.94
CA MET V 200 -0.25 -28.64 -12.84
C MET V 200 0.27 -29.70 -11.88
N ASP V 201 0.73 -29.27 -10.70
CA ASP V 201 1.47 -30.16 -9.81
C ASP V 201 0.57 -31.18 -9.11
N VAL V 202 -0.75 -31.00 -9.16
CA VAL V 202 -1.66 -32.01 -8.65
C VAL V 202 -1.62 -33.23 -9.56
N SER V 203 -1.37 -34.40 -8.98
CA SER V 203 -1.16 -35.61 -9.76
C SER V 203 -2.49 -36.14 -10.32
N LYS V 204 -2.36 -36.98 -11.36
CA LYS V 204 -3.38 -37.82 -11.98
C LYS V 204 -4.42 -37.07 -12.80
N LEU V 205 -4.43 -35.73 -12.71
CA LEU V 205 -5.09 -34.81 -13.64
C LEU V 205 -6.59 -35.10 -13.77
N SER V 206 -7.30 -34.79 -12.69
CA SER V 206 -8.76 -34.86 -12.70
C SER V 206 -9.34 -33.92 -13.75
N ALA V 207 -10.44 -34.36 -14.37
CA ALA V 207 -11.03 -33.62 -15.49
C ALA V 207 -11.67 -32.31 -15.05
N GLU V 208 -12.00 -32.16 -13.77
CA GLU V 208 -12.65 -30.95 -13.30
C GLU V 208 -11.67 -29.81 -13.07
N LYS V 209 -10.37 -30.05 -13.24
CA LYS V 209 -9.37 -29.01 -13.07
C LYS V 209 -8.90 -28.41 -14.39
N VAL V 210 -9.32 -28.96 -15.52
CA VAL V 210 -8.81 -28.53 -16.81
C VAL V 210 -9.93 -28.00 -17.69
N GLU V 211 -9.58 -27.56 -18.89
CA GLU V 211 -10.53 -27.09 -19.90
C GLU V 211 -9.83 -27.13 -21.24
N ILE V 212 -10.54 -27.58 -22.27
CA ILE V 212 -10.00 -27.69 -23.63
C ILE V 212 -11.02 -27.11 -24.59
N ALA V 213 -10.59 -26.13 -25.40
CA ALA V 213 -11.44 -25.54 -26.43
C ALA V 213 -10.72 -25.61 -27.77
N THR V 214 -11.44 -25.98 -28.81
CA THR V 214 -10.88 -26.14 -30.14
C THR V 214 -11.60 -25.25 -31.14
N LEU V 215 -11.01 -25.15 -32.34
CA LEU V 215 -11.58 -24.38 -33.44
C LEU V 215 -11.13 -25.04 -34.74
N THR V 216 -12.09 -25.52 -35.53
CA THR V 216 -11.82 -26.18 -36.79
C THR V 216 -12.42 -25.38 -37.94
N ARG V 217 -12.34 -25.94 -39.14
CA ARG V 217 -12.86 -25.29 -40.35
C ARG V 217 -13.67 -26.34 -41.10
N GLU V 218 -15.00 -26.21 -41.06
CA GLU V 218 -15.90 -27.25 -41.57
C GLU V 218 -16.92 -26.61 -42.50
N ASN V 219 -16.82 -26.92 -43.79
CA ASN V 219 -17.76 -26.50 -44.85
C ASN V 219 -17.92 -24.99 -44.92
N GLY V 220 -16.87 -24.26 -44.58
CA GLY V 220 -16.94 -22.81 -44.54
C GLY V 220 -17.85 -22.28 -43.44
N LYS V 221 -17.66 -22.74 -42.21
CA LYS V 221 -18.50 -22.26 -41.11
C LYS V 221 -17.69 -21.88 -39.88
N THR V 222 -16.54 -22.55 -39.67
CA THR V 222 -15.62 -22.35 -38.55
C THR V 222 -16.35 -22.52 -37.21
N VAL V 223 -16.73 -23.76 -36.94
CA VAL V 223 -17.35 -24.07 -35.65
C VAL V 223 -16.32 -23.91 -34.54
N ILE V 224 -16.82 -23.59 -33.35
CA ILE V 224 -15.98 -23.41 -32.16
C ILE V 224 -16.50 -24.34 -31.07
N ARG V 225 -15.65 -25.26 -30.63
CA ARG V 225 -16.04 -26.30 -29.69
C ARG V 225 -15.44 -26.03 -28.32
N VAL V 226 -16.30 -25.92 -27.31
CA VAL V 226 -15.87 -26.04 -25.93
C VAL V 226 -16.32 -27.44 -25.49
N LEU V 227 -15.41 -28.41 -25.61
CA LEU V 227 -15.79 -29.80 -25.53
C LEU V 227 -16.08 -30.25 -24.10
N LYS V 228 -17.12 -31.04 -23.93
CA LYS V 228 -17.72 -31.33 -22.64
C LYS V 228 -16.86 -32.28 -21.81
N GLN V 229 -17.27 -32.47 -20.56
CA GLN V 229 -16.46 -33.19 -19.59
C GLN V 229 -16.45 -34.70 -19.83
N LYS V 230 -17.38 -35.22 -20.62
CA LYS V 230 -17.43 -36.66 -20.85
C LYS V 230 -16.29 -37.13 -21.74
N GLU V 231 -15.94 -36.35 -22.75
CA GLU V 231 -14.86 -36.71 -23.66
C GLU V 231 -13.50 -36.20 -23.20
N VAL V 232 -13.46 -35.41 -22.13
CA VAL V 232 -12.20 -35.16 -21.45
C VAL V 232 -11.73 -36.43 -20.77
N GLU V 233 -12.68 -37.23 -20.26
CA GLU V 233 -12.38 -38.43 -19.49
C GLU V 233 -11.62 -39.46 -20.33
N GLN V 234 -12.13 -39.75 -21.52
CA GLN V 234 -11.47 -40.72 -22.40
C GLN V 234 -10.20 -40.16 -23.03
N LEU V 235 -9.97 -38.86 -22.94
CA LEU V 235 -8.71 -38.28 -23.35
C LEU V 235 -7.65 -38.38 -22.27
N ILE V 236 -8.05 -38.29 -20.99
CA ILE V 236 -7.09 -38.42 -19.90
C ILE V 236 -6.64 -39.87 -19.75
N LYS V 237 -7.61 -40.80 -19.76
CA LYS V 237 -7.29 -42.22 -19.59
C LYS V 237 -6.50 -42.78 -20.76
N LYS V 238 -6.56 -42.13 -21.93
CA LYS V 238 -5.65 -42.50 -23.01
C LYS V 238 -4.21 -42.17 -22.64
N HIS V 239 -3.98 -41.00 -22.05
CA HIS V 239 -2.64 -40.62 -21.63
C HIS V 239 -2.17 -41.42 -20.43
N GLU V 240 -3.10 -41.82 -19.55
CA GLU V 240 -2.73 -42.69 -18.44
C GLU V 240 -2.37 -44.08 -18.93
N GLU V 241 -2.95 -44.51 -20.06
CA GLU V 241 -2.56 -45.78 -20.66
C GLU V 241 -1.18 -45.68 -21.28
N GLU V 242 -0.83 -44.51 -21.83
CA GLU V 242 0.45 -44.37 -22.52
C GLU V 242 1.63 -44.36 -21.55
N GLU V 243 1.38 -44.04 -20.28
CA GLU V 243 2.44 -44.17 -19.28
C GLU V 243 2.75 -45.63 -19.00
N ALA V 244 1.71 -46.47 -18.94
CA ALA V 244 1.92 -47.90 -18.72
C ALA V 244 2.53 -48.58 -19.95
N LYS V 245 2.34 -47.99 -21.13
CA LYS V 245 3.00 -48.51 -22.32
C LYS V 245 4.44 -48.04 -22.41
N ALA V 246 4.73 -46.83 -21.92
CA ALA V 246 6.07 -46.28 -22.02
C ALA V 246 7.07 -46.95 -21.08
N GLU V 247 6.60 -47.62 -20.03
CA GLU V 247 7.51 -48.29 -19.10
C GLU V 247 7.93 -49.67 -19.57
N ARG V 248 7.54 -50.08 -20.77
CA ARG V 248 8.02 -51.34 -21.33
C ARG V 248 9.50 -51.29 -21.69
N GLU V 249 10.03 -50.09 -21.98
CA GLU V 249 11.46 -49.94 -22.18
C GLU V 249 12.25 -50.13 -20.90
N LYS V 250 11.63 -49.89 -19.75
CA LYS V 250 12.28 -50.10 -18.46
C LYS V 250 12.30 -51.58 -18.10
N SER W 1 19.08 13.57 -7.22
CA SER W 1 18.34 14.62 -6.54
C SER W 1 17.08 14.99 -7.34
N TYR W 2 16.96 16.28 -7.67
CA TYR W 2 15.81 16.78 -8.40
C TYR W 2 15.81 16.29 -9.84
N ASP W 3 15.02 15.26 -10.15
CA ASP W 3 14.51 15.20 -11.51
C ASP W 3 12.99 15.06 -11.59
N ARG W 4 12.46 13.83 -11.42
CA ARG W 4 11.08 13.35 -11.19
C ARG W 4 9.95 14.24 -11.71
N ALA W 5 10.20 14.95 -12.82
CA ALA W 5 9.29 15.92 -13.42
C ALA W 5 9.92 16.37 -14.72
N ILE W 6 9.09 16.51 -15.76
CA ILE W 6 9.61 17.05 -17.02
C ILE W 6 9.52 18.57 -17.12
N THR W 7 9.02 19.25 -16.09
CA THR W 7 8.89 20.69 -16.14
C THR W 7 9.89 21.44 -15.27
N VAL W 8 10.65 20.74 -14.42
CA VAL W 8 11.58 21.41 -13.52
C VAL W 8 12.96 21.42 -14.15
N PHE W 9 13.74 22.42 -13.77
CA PHE W 9 15.11 22.55 -14.24
C PHE W 9 16.08 22.14 -13.14
N SER W 10 17.28 21.78 -13.57
CA SER W 10 18.37 21.55 -12.64
C SER W 10 18.94 22.89 -12.20
N PRO W 11 19.75 22.91 -11.14
CA PRO W 11 20.47 24.16 -10.82
C PRO W 11 21.51 24.55 -11.84
N ASP W 12 21.93 23.65 -12.73
CA ASP W 12 22.78 24.01 -13.86
C ASP W 12 22.05 23.89 -15.20
N GLY W 13 20.72 23.91 -15.18
CA GLY W 13 19.94 23.98 -16.40
C GLY W 13 19.89 22.69 -17.22
N HIS W 14 19.23 21.66 -16.68
CA HIS W 14 19.06 20.40 -17.41
C HIS W 14 17.64 19.88 -17.23
N LEU W 15 17.28 18.97 -18.12
CA LEU W 15 16.02 18.23 -18.08
C LEU W 15 16.40 16.75 -18.04
N PHE W 16 16.51 16.19 -16.83
CA PHE W 16 17.04 14.84 -16.71
C PHE W 16 16.07 13.79 -17.21
N GLN W 17 14.76 14.01 -17.04
CA GLN W 17 13.78 13.07 -17.54
C GLN W 17 13.74 13.04 -19.06
N VAL W 18 14.08 14.15 -19.71
CA VAL W 18 14.27 14.12 -21.15
C VAL W 18 15.55 13.39 -21.51
N GLU W 19 16.61 13.60 -20.71
CA GLU W 19 17.88 12.93 -20.95
C GLU W 19 17.82 11.45 -20.64
N TYR W 20 16.94 11.02 -19.74
CA TYR W 20 16.78 9.61 -19.46
C TYR W 20 16.06 8.88 -20.57
N ALA W 21 15.28 9.58 -21.39
CA ALA W 21 14.61 8.96 -22.52
C ALA W 21 15.61 8.53 -23.58
N GLN W 22 16.73 9.25 -23.71
CA GLN W 22 17.76 8.84 -24.65
C GLN W 22 18.53 7.62 -24.15
N GLU W 23 18.50 7.36 -22.84
CA GLU W 23 19.14 6.16 -22.32
C GLU W 23 18.36 4.90 -22.68
N ALA W 24 17.05 5.03 -22.90
CA ALA W 24 16.25 3.89 -23.33
C ALA W 24 16.48 3.56 -24.79
N VAL W 25 17.02 4.49 -25.58
CA VAL W 25 17.32 4.22 -26.97
C VAL W 25 18.49 3.26 -27.10
N LYS W 26 19.43 3.32 -26.15
CA LYS W 26 20.63 2.50 -26.18
C LYS W 26 20.39 1.04 -25.80
N LYS W 27 19.15 0.63 -25.51
CA LYS W 27 18.83 -0.77 -25.31
C LYS W 27 18.31 -1.45 -26.57
N GLY W 28 18.31 -0.74 -27.70
CA GLY W 28 17.74 -1.26 -28.92
C GLY W 28 18.79 -1.84 -29.86
N SER W 29 18.29 -2.58 -30.84
CA SER W 29 19.15 -3.15 -31.87
C SER W 29 19.64 -2.03 -32.79
N THR W 30 20.88 -2.16 -33.23
CA THR W 30 21.48 -1.13 -34.07
C THR W 30 20.90 -1.17 -35.48
N ALA W 31 20.76 0.00 -36.07
CA ALA W 31 20.32 0.14 -37.45
C ALA W 31 21.07 1.28 -38.11
N VAL W 32 21.68 1.01 -39.25
CA VAL W 32 22.48 2.00 -39.96
C VAL W 32 21.78 2.38 -41.26
N GLY W 33 22.29 3.44 -41.89
CA GLY W 33 21.73 3.90 -43.13
C GLY W 33 22.59 4.96 -43.78
N VAL W 34 22.84 4.81 -45.09
CA VAL W 34 23.60 5.78 -45.86
C VAL W 34 22.77 6.18 -47.07
N ARG W 35 23.12 7.33 -47.64
CA ARG W 35 22.61 7.73 -48.93
C ARG W 35 23.73 7.67 -49.96
N GLY W 36 23.35 7.50 -51.22
CA GLY W 36 24.30 7.33 -52.29
C GLY W 36 23.94 8.19 -53.49
N ARG W 37 24.33 7.70 -54.66
CA ARG W 37 24.04 8.41 -55.91
C ARG W 37 22.56 8.34 -56.25
N ASP W 38 22.03 7.13 -56.36
CA ASP W 38 20.62 6.97 -56.69
C ASP W 38 19.95 6.06 -55.67
N ILE W 39 20.66 5.03 -55.21
CA ILE W 39 20.10 3.99 -54.37
C ILE W 39 20.44 4.31 -52.91
N VAL W 40 19.40 4.53 -52.10
CA VAL W 40 19.55 4.65 -50.67
C VAL W 40 19.38 3.27 -50.04
N VAL W 41 20.01 3.06 -48.89
CA VAL W 41 20.03 1.75 -48.26
C VAL W 41 20.04 1.92 -46.75
N LEU W 42 19.34 1.03 -46.06
CA LEU W 42 19.37 0.97 -44.60
C LEU W 42 19.27 -0.49 -44.17
N GLY W 43 20.03 -0.85 -43.16
CA GLY W 43 20.04 -2.21 -42.67
C GLY W 43 19.93 -2.24 -41.17
N VAL W 44 19.41 -3.36 -40.67
CA VAL W 44 19.22 -3.57 -39.24
C VAL W 44 19.89 -4.88 -38.87
N GLU W 45 20.19 -5.04 -37.58
CA GLU W 45 20.83 -6.25 -37.09
C GLU W 45 20.01 -6.82 -35.93
N LYS W 46 20.52 -7.91 -35.36
CA LYS W 46 20.01 -8.57 -34.16
C LYS W 46 18.57 -9.05 -34.34
N LYS W 47 18.40 -9.99 -35.28
CA LYS W 47 17.10 -10.60 -35.48
C LYS W 47 16.76 -11.54 -34.32
N SER W 48 17.56 -12.61 -34.17
CA SER W 48 17.54 -13.54 -33.03
C SER W 48 16.17 -14.22 -32.88
N VAL W 49 15.83 -15.03 -33.87
CA VAL W 49 14.60 -15.81 -33.83
C VAL W 49 14.70 -16.87 -32.73
N ALA W 50 13.56 -17.19 -32.13
CA ALA W 50 13.50 -18.02 -30.93
C ALA W 50 12.72 -19.31 -31.15
N LYS W 51 12.84 -19.89 -32.35
CA LYS W 51 12.55 -21.30 -32.67
C LYS W 51 11.05 -21.63 -32.68
N LEU W 52 10.20 -20.71 -32.21
CA LEU W 52 8.80 -21.07 -32.06
C LEU W 52 7.83 -19.95 -32.41
N GLN W 53 8.27 -18.92 -33.15
CA GLN W 53 7.38 -17.84 -33.49
C GLN W 53 7.49 -17.49 -34.96
N ASP W 54 6.44 -16.82 -35.45
CA ASP W 54 6.45 -16.27 -36.79
C ASP W 54 7.18 -14.94 -36.79
N GLU W 55 7.98 -14.71 -37.82
CA GLU W 55 8.91 -13.59 -37.85
C GLU W 55 8.42 -12.41 -38.69
N ARG W 56 7.18 -12.46 -39.17
CA ARG W 56 6.64 -11.35 -39.94
C ARG W 56 5.93 -10.33 -39.08
N THR W 57 5.95 -10.49 -37.76
CA THR W 57 5.32 -9.56 -36.83
C THR W 57 6.34 -8.87 -35.93
N VAL W 58 7.62 -8.95 -36.28
CA VAL W 58 8.69 -8.41 -35.46
C VAL W 58 9.46 -7.43 -36.35
N ARG W 59 8.80 -6.95 -37.40
CA ARG W 59 9.45 -6.13 -38.41
C ARG W 59 9.76 -4.73 -37.89
N LYS W 60 11.00 -4.28 -38.12
CA LYS W 60 11.47 -2.98 -37.68
C LYS W 60 11.53 -1.95 -38.79
N ILE W 61 11.30 -2.34 -40.04
CA ILE W 61 11.41 -1.44 -41.18
C ILE W 61 10.05 -1.35 -41.84
N CYS W 62 9.48 -0.15 -41.86
CA CYS W 62 8.16 0.07 -42.44
C CYS W 62 8.22 1.27 -43.37
N ALA W 63 7.19 1.41 -44.20
CA ALA W 63 7.07 2.52 -45.13
C ALA W 63 5.89 3.39 -44.73
N LEU W 64 6.13 4.69 -44.65
CA LEU W 64 5.05 5.62 -44.34
C LEU W 64 4.21 5.90 -45.57
N ASP W 65 4.86 6.24 -46.68
CA ASP W 65 4.18 6.50 -47.95
C ASP W 65 4.90 5.67 -49.00
N ASP W 66 4.60 5.90 -50.29
CA ASP W 66 5.15 5.04 -51.34
C ASP W 66 6.63 5.28 -51.58
N ASN W 67 7.18 6.41 -51.14
CA ASN W 67 8.57 6.72 -51.42
C ASN W 67 9.29 7.27 -50.19
N VAL W 68 8.99 6.72 -49.02
CA VAL W 68 9.70 7.07 -47.80
C VAL W 68 9.69 5.86 -46.87
N CYS W 69 10.82 5.63 -46.21
CA CYS W 69 11.02 4.47 -45.35
C CYS W 69 11.12 4.91 -43.90
N MET W 70 11.36 3.92 -43.02
CA MET W 70 11.43 4.16 -41.59
C MET W 70 12.21 3.05 -40.92
N ALA W 71 13.15 3.43 -40.06
CA ALA W 71 13.84 2.50 -39.17
C ALA W 71 13.96 3.17 -37.80
N PHE W 72 13.80 2.38 -36.74
CA PHE W 72 13.70 2.95 -35.41
C PHE W 72 14.53 2.14 -34.42
N ALA W 73 14.53 2.62 -33.18
CA ALA W 73 15.13 1.94 -32.04
C ALA W 73 14.22 2.17 -30.84
N GLY W 74 14.73 1.89 -29.65
CA GLY W 74 13.96 2.12 -28.45
C GLY W 74 13.11 0.94 -28.07
N LEU W 75 11.87 1.19 -27.64
CA LEU W 75 10.95 0.14 -27.25
C LEU W 75 9.83 0.04 -28.27
N THR W 76 9.31 -1.18 -28.46
CA THR W 76 8.44 -1.48 -29.58
C THR W 76 7.06 -0.86 -29.46
N ALA W 77 6.60 -0.58 -28.24
CA ALA W 77 5.24 -0.08 -28.05
C ALA W 77 5.11 1.35 -28.56
N ASP W 78 6.03 2.22 -28.18
CA ASP W 78 5.94 3.63 -28.55
C ASP W 78 6.23 3.87 -30.01
N ALA W 79 6.92 2.94 -30.68
CA ALA W 79 7.15 3.10 -32.11
C ALA W 79 5.88 2.89 -32.91
N ARG W 80 5.00 1.99 -32.44
CA ARG W 80 3.79 1.67 -33.17
C ARG W 80 2.81 2.84 -33.22
N ILE W 81 2.82 3.69 -32.19
CA ILE W 81 1.95 4.85 -32.19
C ILE W 81 2.47 5.91 -33.15
N VAL W 82 3.79 6.11 -33.18
CA VAL W 82 4.39 7.12 -34.03
C VAL W 82 4.29 6.72 -35.50
N ILE W 83 4.47 5.43 -35.79
CA ILE W 83 4.34 4.95 -37.17
C ILE W 83 2.90 5.09 -37.65
N ASN W 84 1.93 4.68 -36.83
CA ASN W 84 0.53 4.74 -37.24
C ASN W 84 0.04 6.17 -37.34
N ARG W 85 0.60 7.08 -36.55
CA ARG W 85 0.21 8.48 -36.67
C ARG W 85 0.81 9.12 -37.90
N ALA W 86 2.06 8.77 -38.23
CA ALA W 86 2.75 9.38 -39.37
C ALA W 86 2.19 8.91 -40.70
N ARG W 87 1.57 7.72 -40.74
CA ARG W 87 0.89 7.28 -41.95
C ARG W 87 -0.33 8.13 -42.25
N VAL W 88 -0.97 8.65 -41.21
CA VAL W 88 -2.15 9.50 -41.40
C VAL W 88 -1.73 10.86 -41.94
N GLU W 89 -0.66 11.43 -41.38
CA GLU W 89 -0.24 12.78 -41.78
C GLU W 89 0.34 12.79 -43.19
N CYS W 90 1.11 11.76 -43.56
CA CYS W 90 1.63 11.70 -44.91
C CYS W 90 0.57 11.30 -45.93
N GLN W 91 -0.63 10.94 -45.49
CA GLN W 91 -1.76 10.72 -46.38
C GLN W 91 -2.72 11.90 -46.40
N SER W 92 -2.92 12.56 -45.25
CA SER W 92 -3.78 13.73 -45.18
C SER W 92 -3.11 14.97 -45.74
N HIS W 93 -1.78 14.99 -45.83
CA HIS W 93 -1.11 16.06 -46.55
C HIS W 93 -1.44 16.01 -48.02
N ARG W 94 -1.51 14.80 -48.59
CA ARG W 94 -1.81 14.62 -50.00
C ARG W 94 -3.24 15.04 -50.33
N LEU W 95 -4.16 14.92 -49.36
CA LEU W 95 -5.53 15.33 -49.58
C LEU W 95 -5.68 16.84 -49.57
N THR W 96 -5.02 17.52 -48.62
CA THR W 96 -5.14 18.97 -48.54
C THR W 96 -4.31 19.66 -49.60
N VAL W 97 -3.14 19.14 -49.92
CA VAL W 97 -2.27 19.68 -50.97
C VAL W 97 -1.92 18.52 -51.90
N GLU W 98 -2.21 18.67 -53.19
CA GLU W 98 -2.19 17.54 -54.12
C GLU W 98 -0.79 17.04 -54.48
N ASP W 99 0.27 17.57 -53.88
CA ASP W 99 1.61 17.06 -54.15
C ASP W 99 1.84 15.75 -53.41
N PRO W 100 2.88 14.99 -53.76
CA PRO W 100 3.40 13.98 -52.84
C PRO W 100 4.13 14.66 -51.69
N VAL W 101 4.31 13.90 -50.61
CA VAL W 101 4.86 14.44 -49.38
C VAL W 101 6.39 14.36 -49.46
N THR W 102 7.05 15.48 -49.19
CA THR W 102 8.50 15.49 -49.17
C THR W 102 9.01 14.77 -47.92
N VAL W 103 10.29 14.36 -47.99
CA VAL W 103 10.91 13.69 -46.85
C VAL W 103 11.18 14.67 -45.72
N GLU W 104 11.27 15.97 -46.02
CA GLU W 104 11.52 16.96 -44.99
C GLU W 104 10.25 17.28 -44.21
N TYR W 105 9.09 17.18 -44.85
CA TYR W 105 7.84 17.57 -44.19
C TYR W 105 7.42 16.56 -43.14
N ILE W 106 7.64 15.26 -43.40
CA ILE W 106 7.19 14.24 -42.47
C ILE W 106 8.08 14.18 -41.23
N THR W 107 9.33 14.61 -41.32
CA THR W 107 10.19 14.62 -40.16
C THR W 107 9.89 15.78 -39.23
N ARG W 108 9.40 16.90 -39.77
CA ARG W 108 8.96 17.99 -38.89
C ARG W 108 7.68 17.62 -38.17
N TYR W 109 6.84 16.77 -38.76
CA TYR W 109 5.64 16.35 -38.06
C TYR W 109 5.96 15.42 -36.91
N ILE W 110 6.91 14.50 -37.10
CA ILE W 110 7.28 13.57 -36.05
C ILE W 110 7.99 14.30 -34.91
N ALA W 111 8.84 15.27 -35.26
CA ALA W 111 9.56 16.01 -34.24
C ALA W 111 8.63 16.94 -33.45
N SER W 112 7.70 17.61 -34.15
CA SER W 112 6.78 18.50 -33.46
C SER W 112 5.73 17.76 -32.66
N LEU W 113 5.34 16.56 -33.10
CA LEU W 113 4.43 15.76 -32.28
C LEU W 113 5.14 15.23 -31.05
N LYS W 114 6.44 14.98 -31.14
CA LYS W 114 7.21 14.60 -29.98
C LYS W 114 7.61 15.82 -29.14
N GLN W 115 7.48 17.02 -29.72
CA GLN W 115 7.82 18.25 -29.01
C GLN W 115 6.79 18.56 -27.93
N ARG W 116 5.53 18.75 -28.33
CA ARG W 116 4.45 19.08 -27.42
C ARG W 116 4.11 17.95 -26.46
N TYR W 117 4.56 16.74 -26.77
CA TYR W 117 4.38 15.55 -25.96
C TYR W 117 5.38 15.48 -24.82
N THR W 118 6.34 16.42 -24.77
CA THR W 118 7.33 16.52 -23.72
C THR W 118 7.00 17.62 -22.73
N GLN W 119 6.17 18.59 -23.12
CA GLN W 119 6.02 19.82 -22.34
C GLN W 119 5.09 19.63 -21.15
N SER W 120 3.95 18.96 -21.34
CA SER W 120 2.92 18.87 -20.31
C SER W 120 3.22 17.72 -19.35
N ASN W 121 2.98 17.98 -18.06
CA ASN W 121 3.15 16.96 -17.04
C ASN W 121 2.14 15.83 -17.21
N GLY W 122 2.48 14.67 -16.66
CA GLY W 122 1.65 13.49 -16.83
C GLY W 122 1.62 12.98 -18.25
N ARG W 123 2.67 13.21 -19.03
CA ARG W 123 2.79 12.69 -20.38
C ARG W 123 4.21 12.15 -20.54
N ARG W 124 4.36 10.85 -20.44
CA ARG W 124 5.67 10.23 -20.57
C ARG W 124 6.16 10.31 -22.01
N PRO W 125 7.34 10.88 -22.27
CA PRO W 125 7.80 11.08 -23.64
C PRO W 125 8.14 9.76 -24.33
N PHE W 126 8.24 9.83 -25.66
CA PHE W 126 8.59 8.64 -26.43
C PHE W 126 10.07 8.32 -26.24
N GLY W 127 10.35 7.06 -25.92
CA GLY W 127 11.73 6.63 -25.77
C GLY W 127 12.28 5.97 -27.02
N ILE W 128 11.98 6.54 -28.18
CA ILE W 128 12.44 5.98 -29.45
C ILE W 128 13.22 7.05 -30.21
N SER W 129 14.10 6.58 -31.09
CA SER W 129 14.76 7.41 -32.08
C SER W 129 14.57 6.76 -33.43
N ALA W 130 14.40 7.58 -34.47
CA ALA W 130 13.98 7.08 -35.77
C ALA W 130 14.92 7.57 -36.86
N LEU W 131 14.95 6.80 -37.95
CA LEU W 131 15.68 7.15 -39.16
C LEU W 131 14.69 7.21 -40.31
N ILE W 132 14.59 8.37 -40.94
CA ILE W 132 13.69 8.59 -42.06
C ILE W 132 14.54 8.72 -43.32
N VAL W 133 14.39 7.77 -44.24
CA VAL W 133 15.19 7.72 -45.46
C VAL W 133 14.23 7.74 -46.64
N GLY W 134 14.39 8.75 -47.50
CA GLY W 134 13.57 8.81 -48.69
C GLY W 134 14.14 9.66 -49.80
N PHE W 135 14.26 9.08 -50.99
CA PHE W 135 14.67 9.82 -52.19
C PHE W 135 13.43 10.27 -52.96
N ASP W 136 12.59 11.04 -52.29
CA ASP W 136 11.27 11.39 -52.79
C ASP W 136 11.18 12.78 -53.37
N PHE W 137 11.82 13.77 -52.75
CA PHE W 137 11.63 15.17 -53.13
C PHE W 137 12.40 15.46 -54.42
N ASP W 138 11.77 15.08 -55.53
CA ASP W 138 12.18 15.39 -56.91
C ASP W 138 13.59 14.84 -57.21
N GLY W 139 13.71 13.52 -57.08
CA GLY W 139 14.93 12.83 -57.45
C GLY W 139 16.13 13.07 -56.58
N THR W 140 15.96 13.63 -55.38
CA THR W 140 17.09 13.92 -54.52
C THR W 140 17.13 12.98 -53.33
N PRO W 141 18.20 12.23 -53.13
CA PRO W 141 18.28 11.33 -51.98
C PRO W 141 18.62 12.05 -50.70
N ARG W 142 17.86 11.78 -49.65
CA ARG W 142 18.05 12.40 -48.35
C ARG W 142 17.83 11.36 -47.25
N LEU W 143 18.41 11.63 -46.08
CA LEU W 143 18.08 10.88 -44.88
C LEU W 143 18.23 11.79 -43.67
N TYR W 144 17.26 11.72 -42.78
CA TYR W 144 17.26 12.52 -41.56
C TYR W 144 17.27 11.57 -40.36
N GLN W 145 17.21 12.15 -39.16
CA GLN W 145 17.02 11.37 -37.95
C GLN W 145 16.26 12.21 -36.94
N THR W 146 15.81 11.55 -35.88
CA THR W 146 15.06 12.18 -34.81
C THR W 146 15.81 12.00 -33.49
N ASP W 147 15.15 12.40 -32.40
CA ASP W 147 15.71 12.38 -31.07
C ASP W 147 14.54 12.46 -30.10
N PRO W 148 14.63 11.83 -28.93
CA PRO W 148 13.51 11.90 -27.97
C PRO W 148 13.24 13.30 -27.43
N SER W 149 14.19 14.22 -27.53
CA SER W 149 13.90 15.61 -27.17
C SER W 149 13.01 16.27 -28.20
N GLY W 150 13.02 15.79 -29.44
CA GLY W 150 12.19 16.35 -30.49
C GLY W 150 12.96 17.25 -31.42
N THR W 151 14.16 16.85 -31.79
CA THR W 151 15.03 17.63 -32.67
C THR W 151 15.31 16.82 -33.92
N TYR W 152 14.65 17.15 -35.02
CA TYR W 152 14.93 16.53 -36.30
C TYR W 152 16.24 17.07 -36.84
N HIS W 153 17.02 16.20 -37.47
CA HIS W 153 18.37 16.58 -37.87
C HIS W 153 18.81 15.70 -39.04
N ALA W 154 19.69 16.25 -39.87
CA ALA W 154 20.12 15.61 -41.11
C ALA W 154 21.57 15.17 -41.00
N TRP W 155 21.81 13.89 -41.28
CA TRP W 155 23.17 13.38 -41.47
C TRP W 155 23.32 12.88 -42.91
N LYS W 156 24.52 12.39 -43.22
CA LYS W 156 24.79 11.69 -44.47
C LYS W 156 25.07 10.22 -44.26
N ALA W 157 25.36 9.79 -43.04
CA ALA W 157 25.52 8.39 -42.68
C ALA W 157 25.25 8.29 -41.19
N ASN W 158 24.47 7.29 -40.78
CA ASN W 158 23.91 7.29 -39.45
C ASN W 158 24.03 5.90 -38.82
N ALA W 159 24.11 5.89 -37.49
CA ALA W 159 24.06 4.68 -36.70
C ALA W 159 23.41 4.99 -35.36
N ILE W 160 22.58 4.05 -34.89
CA ILE W 160 21.87 4.18 -33.62
C ILE W 160 21.98 2.85 -32.88
N GLY W 161 21.30 2.77 -31.74
CA GLY W 161 21.20 1.52 -31.00
C GLY W 161 22.37 1.26 -30.08
N ARG W 162 22.41 0.02 -29.60
CA ARG W 162 23.41 -0.42 -28.63
C ARG W 162 24.72 -0.68 -29.35
N GLY W 163 25.56 0.35 -29.41
CA GLY W 163 26.84 0.24 -30.08
C GLY W 163 26.97 1.17 -31.26
N ALA W 164 26.33 2.33 -31.17
CA ALA W 164 26.39 3.32 -32.24
C ALA W 164 27.71 4.07 -32.27
N LYS W 165 28.41 4.15 -31.13
CA LYS W 165 29.63 4.96 -31.06
C LYS W 165 30.76 4.31 -31.86
N SER W 166 30.80 2.98 -31.88
CA SER W 166 31.82 2.29 -32.65
C SER W 166 31.54 2.40 -34.15
N VAL W 167 30.28 2.31 -34.54
CA VAL W 167 29.92 2.30 -35.96
C VAL W 167 30.06 3.70 -36.55
N ARG W 168 29.65 4.72 -35.79
CA ARG W 168 29.79 6.10 -36.26
C ARG W 168 31.25 6.52 -36.35
N GLU W 169 32.09 5.99 -35.46
CA GLU W 169 33.52 6.21 -35.61
C GLU W 169 34.10 5.40 -36.75
N PHE W 170 33.48 4.25 -37.06
CA PHE W 170 33.94 3.43 -38.17
C PHE W 170 33.64 4.07 -39.50
N LEU W 171 32.46 4.67 -39.64
CA LEU W 171 32.06 5.22 -40.93
C LEU W 171 32.78 6.52 -41.27
N GLU W 172 33.29 7.25 -40.26
CA GLU W 172 34.05 8.47 -40.54
C GLU W 172 35.37 8.15 -41.22
N LYS W 173 35.99 7.03 -40.89
CA LYS W 173 37.18 6.57 -41.57
C LYS W 173 36.87 5.71 -42.78
N ASN W 174 35.61 5.57 -43.15
CA ASN W 174 35.26 4.65 -44.23
C ASN W 174 34.43 5.31 -45.34
N TYR W 175 33.55 6.25 -44.99
CA TYR W 175 32.72 6.93 -45.99
C TYR W 175 33.61 7.87 -46.78
N THR W 176 33.93 7.46 -48.01
CA THR W 176 34.84 8.21 -48.85
C THR W 176 34.16 9.45 -49.41
N ASP W 177 34.96 10.49 -49.66
CA ASP W 177 34.47 11.63 -50.43
C ASP W 177 34.22 11.24 -51.88
N GLU W 178 34.96 10.24 -52.37
CA GLU W 178 34.57 9.50 -53.56
C GLU W 178 33.19 8.90 -53.36
N ALA W 179 32.23 9.36 -54.15
CA ALA W 179 30.85 8.90 -54.02
C ALA W 179 30.75 7.45 -54.45
N ILE W 180 30.07 6.64 -53.64
CA ILE W 180 30.02 5.21 -53.87
C ILE W 180 29.02 4.93 -54.98
N GLU W 181 29.50 4.97 -56.23
CA GLU W 181 28.71 4.56 -57.37
C GLU W 181 28.79 3.06 -57.53
N THR W 182 28.10 2.53 -58.55
CA THR W 182 27.91 1.10 -58.80
C THR W 182 27.31 0.44 -57.55
N ASP W 183 26.04 0.80 -57.31
CA ASP W 183 25.37 0.81 -56.01
C ASP W 183 25.50 -0.47 -55.19
N ASP W 184 25.85 -1.61 -55.80
CA ASP W 184 26.26 -2.78 -55.02
C ASP W 184 27.51 -2.50 -54.20
N LEU W 185 28.36 -1.59 -54.65
CA LEU W 185 29.46 -1.10 -53.82
C LEU W 185 28.94 -0.35 -52.60
N THR W 186 27.89 0.45 -52.77
CA THR W 186 27.30 1.16 -51.65
C THR W 186 26.58 0.22 -50.70
N ILE W 187 25.99 -0.86 -51.23
CA ILE W 187 25.38 -1.88 -50.37
C ILE W 187 26.44 -2.65 -49.62
N LYS W 188 27.57 -2.92 -50.28
CA LYS W 188 28.69 -3.58 -49.61
C LYS W 188 29.34 -2.72 -48.55
N LEU W 189 29.16 -1.40 -48.62
CA LEU W 189 29.62 -0.52 -47.54
C LEU W 189 28.80 -0.74 -46.28
N VAL W 190 27.49 -0.94 -46.43
CA VAL W 190 26.62 -1.15 -45.27
C VAL W 190 26.89 -2.52 -44.65
N ILE W 191 27.09 -3.54 -45.49
CA ILE W 191 27.39 -4.88 -44.99
C ILE W 191 28.76 -4.92 -44.34
N LYS W 192 29.70 -4.09 -44.81
CA LYS W 192 30.96 -3.93 -44.10
C LYS W 192 30.78 -3.15 -42.81
N ALA W 193 29.84 -2.20 -42.81
CA ALA W 193 29.55 -1.45 -41.59
C ALA W 193 28.81 -2.32 -40.58
N LEU W 194 27.83 -3.09 -41.04
CA LEU W 194 27.09 -4.01 -40.18
C LEU W 194 27.89 -5.26 -39.84
N LEU W 195 29.07 -5.44 -40.43
CA LEU W 195 29.94 -6.54 -40.04
C LEU W 195 30.48 -6.37 -38.62
N GLU W 196 30.51 -5.14 -38.10
CA GLU W 196 30.85 -4.89 -36.70
C GLU W 196 29.61 -4.94 -35.82
N VAL W 197 28.87 -6.05 -35.92
CA VAL W 197 27.67 -6.29 -35.14
C VAL W 197 28.07 -6.70 -33.73
N VAL W 198 27.08 -6.80 -32.83
CA VAL W 198 27.34 -7.18 -31.45
C VAL W 198 27.86 -8.61 -31.34
N GLN W 199 27.47 -9.48 -32.28
CA GLN W 199 28.06 -10.79 -32.39
C GLN W 199 28.54 -11.15 -33.79
N SER W 200 28.01 -10.50 -34.83
CA SER W 200 28.38 -10.70 -36.24
C SER W 200 28.20 -12.17 -36.67
N GLY W 201 26.96 -12.64 -36.53
CA GLY W 201 26.63 -13.99 -36.94
C GLY W 201 26.55 -14.16 -38.45
N GLY W 202 26.39 -13.08 -39.19
CA GLY W 202 26.31 -13.10 -40.63
C GLY W 202 24.91 -13.24 -41.18
N LYS W 203 24.09 -14.10 -40.57
CA LYS W 203 22.72 -14.32 -40.99
C LYS W 203 21.72 -13.56 -40.13
N ASN W 204 22.14 -12.48 -39.48
CA ASN W 204 21.27 -11.68 -38.64
C ASN W 204 21.14 -10.25 -39.17
N ILE W 205 21.37 -10.08 -40.46
CA ILE W 205 21.35 -8.77 -41.10
C ILE W 205 20.16 -8.73 -42.05
N GLU W 206 19.32 -7.70 -41.90
CA GLU W 206 18.16 -7.49 -42.74
C GLU W 206 18.32 -6.14 -43.44
N LEU W 207 18.99 -6.15 -44.58
CA LEU W 207 19.20 -4.93 -45.36
C LEU W 207 18.02 -4.68 -46.29
N ALA W 208 17.60 -3.43 -46.36
CA ALA W 208 16.51 -3.02 -47.24
C ALA W 208 16.96 -1.80 -48.03
N VAL W 209 16.89 -1.90 -49.36
CA VAL W 209 17.37 -0.83 -50.22
C VAL W 209 16.20 -0.19 -50.94
N MET W 210 16.47 0.89 -51.67
CA MET W 210 15.47 1.56 -52.48
C MET W 210 16.16 2.27 -53.62
N ARG W 211 15.79 1.94 -54.86
CA ARG W 211 16.42 2.48 -56.05
C ARG W 211 15.79 3.80 -56.51
N ARG W 212 15.07 4.49 -55.63
CA ARG W 212 14.50 5.83 -55.76
C ARG W 212 13.38 5.93 -56.79
N ASP W 213 13.05 4.87 -57.50
CA ASP W 213 11.98 4.89 -58.48
C ASP W 213 10.97 3.77 -58.24
N GLN W 214 11.42 2.61 -57.78
CA GLN W 214 10.55 1.49 -57.49
C GLN W 214 10.04 1.60 -56.05
N SER W 215 9.41 0.53 -55.57
CA SER W 215 8.98 0.45 -54.18
C SER W 215 10.12 -0.11 -53.33
N LEU W 216 9.81 -0.49 -52.10
CA LEU W 216 10.82 -1.09 -51.23
C LEU W 216 11.18 -2.49 -51.71
N LYS W 217 12.47 -2.81 -51.65
CA LYS W 217 13.00 -4.09 -52.12
C LYS W 217 13.69 -4.76 -50.93
N ILE W 218 12.95 -5.64 -50.25
CA ILE W 218 13.50 -6.37 -49.11
C ILE W 218 14.41 -7.47 -49.64
N LEU W 219 15.66 -7.48 -49.19
CA LEU W 219 16.61 -8.45 -49.69
C LEU W 219 16.41 -9.81 -49.04
N ASN W 220 16.70 -10.86 -49.79
CA ASN W 220 16.55 -12.24 -49.35
C ASN W 220 17.86 -12.75 -48.77
N PRO W 221 17.81 -13.77 -47.91
CA PRO W 221 19.06 -14.35 -47.38
C PRO W 221 19.74 -15.33 -48.33
N GLU W 222 19.81 -14.99 -49.59
CA GLU W 222 20.62 -15.61 -50.63
C GLU W 222 21.36 -14.58 -51.46
N GLU W 223 20.73 -13.45 -51.74
CA GLU W 223 21.42 -12.31 -52.33
C GLU W 223 22.32 -11.63 -51.33
N ILE W 224 21.87 -11.51 -50.07
CA ILE W 224 22.70 -10.94 -49.03
C ILE W 224 23.84 -11.86 -48.66
N GLU W 225 23.66 -13.17 -48.81
CA GLU W 225 24.77 -14.10 -48.61
C GLU W 225 25.81 -14.01 -49.70
N LYS W 226 25.42 -13.57 -50.91
CA LYS W 226 26.39 -13.36 -51.97
C LYS W 226 27.24 -12.13 -51.69
N TYR W 227 26.65 -11.09 -51.11
CA TYR W 227 27.41 -9.90 -50.76
C TYR W 227 28.32 -10.16 -49.55
N VAL W 228 27.93 -11.10 -48.68
CA VAL W 228 28.81 -11.48 -47.59
C VAL W 228 29.99 -12.31 -48.10
N ALA W 229 29.84 -12.96 -49.25
CA ALA W 229 30.93 -13.74 -49.81
C ALA W 229 32.00 -12.85 -50.44
N GLU W 230 31.59 -11.80 -51.15
CA GLU W 230 32.56 -10.90 -51.78
C GLU W 230 33.25 -10.01 -50.76
N ILE W 231 32.69 -9.85 -49.57
CA ILE W 231 33.39 -9.14 -48.51
C ILE W 231 34.55 -9.96 -48.00
N GLU W 232 34.41 -11.29 -47.97
CA GLU W 232 35.52 -12.16 -47.64
C GLU W 232 36.50 -12.32 -48.80
N LYS W 233 36.06 -12.02 -50.02
CA LYS W 233 36.97 -12.08 -51.16
C LYS W 233 37.97 -10.92 -51.12
N GLU W 234 37.51 -9.74 -50.74
CA GLU W 234 38.42 -8.61 -50.58
C GLU W 234 39.28 -8.73 -49.34
N LYS W 235 38.86 -9.55 -48.36
CA LYS W 235 39.63 -9.77 -47.15
C LYS W 235 40.80 -10.72 -47.35
N GLU W 236 40.89 -11.37 -48.51
CA GLU W 236 41.99 -12.29 -48.79
C GLU W 236 43.29 -11.58 -49.16
N GLU W 237 43.25 -10.27 -49.36
CA GLU W 237 44.44 -9.50 -49.72
C GLU W 237 45.28 -9.09 -48.51
N ASN W 238 44.88 -9.49 -47.30
CA ASN W 238 45.66 -9.13 -46.12
C ASN W 238 46.95 -9.94 -46.02
N GLU W 239 46.94 -11.18 -46.50
CA GLU W 239 48.13 -12.01 -46.45
C GLU W 239 49.08 -11.69 -47.60
N TYR X 7 11.46 25.46 -1.43
CA TYR X 7 10.64 26.40 -2.18
C TYR X 7 11.28 26.77 -3.52
N ASP X 8 12.21 25.94 -3.97
CA ASP X 8 12.96 26.25 -5.19
C ASP X 8 12.64 25.28 -6.31
N ARG X 9 11.47 24.65 -6.26
CA ARG X 9 11.02 23.73 -7.30
C ARG X 9 9.62 24.07 -7.79
N GLY X 10 9.28 25.35 -7.82
CA GLY X 10 7.96 25.73 -8.27
C GLY X 10 7.87 27.13 -8.81
N VAL X 11 7.21 27.29 -9.96
CA VAL X 11 6.99 28.61 -10.55
C VAL X 11 5.88 29.38 -9.86
N ASN X 12 5.23 28.77 -8.87
CA ASN X 12 4.09 29.36 -8.17
C ASN X 12 4.46 29.70 -6.72
N THR X 13 5.75 29.92 -6.47
CA THR X 13 6.23 30.03 -5.10
C THR X 13 7.35 31.06 -5.05
N PHE X 14 7.23 32.04 -4.15
CA PHE X 14 8.25 33.06 -3.97
C PHE X 14 9.30 32.60 -2.97
N SER X 15 10.33 33.42 -2.83
CA SER X 15 11.42 33.30 -1.89
C SER X 15 11.23 34.30 -0.75
N PRO X 16 11.89 34.10 0.40
CA PRO X 16 11.95 35.17 1.39
C PRO X 16 12.70 36.41 0.95
N GLU X 17 13.59 36.30 -0.04
CA GLU X 17 14.40 37.45 -0.45
C GLU X 17 13.74 38.15 -1.63
N GLY X 18 13.62 37.45 -2.75
CA GLY X 18 12.74 37.84 -3.84
C GLY X 18 11.73 36.72 -4.04
N ARG X 19 11.87 35.78 -5.00
CA ARG X 19 12.40 35.79 -6.38
C ARG X 19 12.16 34.39 -6.93
N LEU X 20 12.54 34.17 -8.17
CA LEU X 20 12.64 32.84 -8.79
C LEU X 20 14.08 32.70 -9.27
N PHE X 21 14.80 31.60 -8.97
CA PHE X 21 14.58 30.24 -8.42
C PHE X 21 13.75 29.29 -9.27
N GLN X 22 13.19 29.78 -10.35
CA GLN X 22 12.82 28.93 -11.48
C GLN X 22 13.24 29.55 -12.81
N VAL X 23 13.08 30.86 -12.94
CA VAL X 23 13.51 31.53 -14.16
C VAL X 23 15.00 31.79 -14.11
N GLU X 24 15.54 31.93 -12.90
CA GLU X 24 16.98 32.02 -12.70
C GLU X 24 17.69 30.77 -13.19
N TYR X 25 17.07 29.61 -13.02
CA TYR X 25 17.61 28.39 -13.59
C TYR X 25 17.44 28.36 -15.10
N ALA X 26 16.44 29.06 -15.62
CA ALA X 26 16.26 29.11 -17.07
C ALA X 26 17.28 30.04 -17.73
N ILE X 27 17.78 31.03 -17.00
CA ILE X 27 18.88 31.85 -17.51
C ILE X 27 20.15 31.02 -17.61
N GLU X 28 20.32 30.06 -16.70
CA GLU X 28 21.50 29.21 -16.71
C GLU X 28 21.51 28.26 -17.91
N ALA X 29 20.33 27.94 -18.45
CA ALA X 29 20.25 27.06 -19.61
C ALA X 29 20.78 27.71 -20.88
N ILE X 30 20.88 29.04 -20.91
CA ILE X 30 21.45 29.72 -22.06
C ILE X 30 22.96 29.52 -22.09
N LYS X 31 23.59 29.42 -20.91
CA LYS X 31 25.04 29.44 -20.75
C LYS X 31 25.73 28.27 -21.44
N LEU X 32 25.06 27.13 -21.57
CA LEU X 32 25.60 25.97 -22.25
C LEU X 32 25.26 25.93 -23.74
N GLY X 33 25.00 27.08 -24.35
CA GLY X 33 24.77 27.18 -25.78
C GLY X 33 26.03 27.52 -26.54
N SER X 34 25.84 28.15 -27.70
CA SER X 34 26.93 28.63 -28.52
C SER X 34 26.90 30.16 -28.58
N THR X 35 28.06 30.76 -28.83
CA THR X 35 28.15 32.20 -28.82
C THR X 35 27.55 32.81 -30.08
N ALA X 36 27.16 34.08 -29.98
CA ALA X 36 26.53 34.81 -31.08
C ALA X 36 26.69 36.30 -30.81
N ILE X 37 27.14 37.03 -31.83
CA ILE X 37 27.44 38.45 -31.69
C ILE X 37 26.64 39.23 -32.74
N GLY X 38 25.93 40.25 -32.29
CA GLY X 38 25.28 41.18 -33.20
C GLY X 38 25.65 42.61 -32.85
N ILE X 39 25.87 43.41 -33.90
CA ILE X 39 26.33 44.79 -33.75
C ILE X 39 25.43 45.70 -34.57
N GLN X 40 24.91 46.75 -33.96
CA GLN X 40 24.14 47.76 -34.67
C GLN X 40 25.04 48.88 -35.13
N THR X 41 24.94 49.22 -36.41
CA THR X 41 25.73 50.27 -37.03
C THR X 41 24.78 51.08 -37.91
N SER X 42 25.11 52.36 -38.12
CA SER X 42 24.25 53.23 -38.93
C SER X 42 24.14 52.78 -40.38
N GLU X 43 25.10 52.01 -40.89
CA GLU X 43 25.00 51.45 -42.23
C GLU X 43 24.20 50.15 -42.28
N GLY X 44 23.96 49.53 -41.14
CA GLY X 44 23.21 48.28 -41.11
C GLY X 44 23.63 47.45 -39.91
N VAL X 45 23.07 46.25 -39.83
CA VAL X 45 23.29 45.36 -38.70
C VAL X 45 23.97 44.10 -39.20
N CYS X 46 25.17 43.85 -38.69
CA CYS X 46 25.88 42.60 -38.94
C CYS X 46 25.61 41.63 -37.79
N LEU X 47 25.93 40.37 -38.03
CA LEU X 47 25.58 39.33 -37.07
C LEU X 47 26.48 38.12 -37.30
N ALA X 48 27.02 37.56 -36.23
CA ALA X 48 27.92 36.43 -36.30
C ALA X 48 27.53 35.37 -35.27
N VAL X 49 27.96 34.14 -35.51
CA VAL X 49 27.62 33.01 -34.64
C VAL X 49 28.71 31.95 -34.80
N GLU X 50 28.77 31.02 -33.84
CA GLU X 50 29.65 29.87 -33.90
C GLU X 50 28.81 28.60 -34.05
N LYS X 51 29.28 27.67 -34.88
CA LYS X 51 28.50 26.49 -35.24
C LYS X 51 28.63 25.33 -34.24
N ARG X 52 29.87 24.95 -33.91
CA ARG X 52 30.20 23.75 -33.13
C ARG X 52 29.62 22.49 -33.80
N ILE X 53 30.19 22.20 -34.96
CA ILE X 53 29.86 20.98 -35.71
C ILE X 53 30.54 19.80 -35.03
N THR X 54 29.78 18.74 -34.77
CA THR X 54 30.30 17.58 -34.07
C THR X 54 30.93 16.56 -35.02
N SER X 55 30.24 16.21 -36.10
CA SER X 55 30.69 15.13 -36.96
C SER X 55 30.90 15.63 -38.39
N PRO X 56 31.81 15.00 -39.14
CA PRO X 56 31.88 15.29 -40.58
C PRO X 56 30.71 14.73 -41.36
N LEU X 57 30.12 13.61 -40.92
CA LEU X 57 28.93 13.08 -41.56
C LEU X 57 27.70 13.92 -41.26
N MET X 58 27.77 14.69 -40.18
CA MET X 58 26.72 15.62 -39.81
C MET X 58 26.61 16.72 -40.85
N GLU X 59 25.43 16.86 -41.45
CA GLU X 59 25.25 17.81 -42.54
C GLU X 59 25.24 19.23 -41.97
N PRO X 60 26.04 20.15 -42.53
CA PRO X 60 26.24 21.44 -41.85
C PRO X 60 25.05 22.39 -41.97
N SER X 61 24.33 22.41 -43.09
CA SER X 61 23.28 23.40 -43.27
C SER X 61 21.99 23.02 -42.54
N SER X 62 21.94 21.85 -41.90
CA SER X 62 20.80 21.50 -41.06
C SER X 62 20.91 22.09 -39.66
N ILE X 63 22.07 22.62 -39.28
CA ILE X 63 22.23 23.34 -38.03
C ILE X 63 21.94 24.80 -38.33
N GLU X 64 20.83 25.31 -37.81
CA GLU X 64 20.50 26.71 -38.02
C GLU X 64 20.79 27.50 -36.75
N LYS X 65 21.37 28.66 -36.94
CA LYS X 65 21.55 29.65 -35.89
C LYS X 65 21.01 30.99 -36.31
N ILE X 66 21.14 31.33 -37.59
CA ILE X 66 20.46 32.47 -38.18
C ILE X 66 19.28 31.93 -38.97
N VAL X 67 18.07 32.37 -38.60
CA VAL X 67 16.89 32.11 -39.41
C VAL X 67 16.36 33.45 -39.89
N GLU X 68 15.63 33.39 -41.00
CA GLU X 68 15.04 34.58 -41.59
C GLU X 68 13.61 34.71 -41.09
N ILE X 69 13.39 35.68 -40.19
CA ILE X 69 12.03 35.93 -39.70
C ILE X 69 11.21 36.58 -40.80
N ASP X 70 11.76 37.60 -41.44
CA ASP X 70 11.09 38.29 -42.53
C ASP X 70 12.19 38.81 -43.46
N ALA X 71 11.77 39.33 -44.62
CA ALA X 71 12.72 39.81 -45.62
C ALA X 71 13.41 41.11 -45.24
N HIS X 72 13.26 41.60 -44.03
CA HIS X 72 14.11 42.68 -43.52
C HIS X 72 14.49 42.48 -42.07
N ILE X 73 14.29 41.28 -41.50
CA ILE X 73 14.55 40.99 -40.10
C ILE X 73 15.25 39.64 -40.01
N GLY X 74 16.42 39.62 -39.37
CA GLY X 74 17.11 38.38 -39.08
C GLY X 74 16.91 37.94 -37.64
N CYS X 75 17.61 36.86 -37.29
CA CYS X 75 17.49 36.30 -35.95
C CYS X 75 18.75 35.55 -35.56
N ALA X 76 18.90 35.36 -34.26
CA ALA X 76 19.98 34.56 -33.70
C ALA X 76 19.48 33.94 -32.41
N MET X 77 20.07 32.80 -32.04
CA MET X 77 19.55 32.05 -30.90
C MET X 77 20.70 31.36 -30.17
N SER X 78 20.42 30.96 -28.94
CA SER X 78 21.30 30.10 -28.16
C SER X 78 20.44 29.31 -27.18
N GLY X 79 21.07 28.40 -26.46
CA GLY X 79 20.33 27.62 -25.48
C GLY X 79 19.62 26.42 -26.08
N LEU X 80 18.42 26.14 -25.60
CA LEU X 80 17.71 24.93 -25.99
C LEU X 80 17.16 25.07 -27.40
N ILE X 81 17.49 24.11 -28.26
CA ILE X 81 17.07 24.14 -29.65
C ILE X 81 15.58 23.81 -29.77
N ALA X 82 15.07 22.95 -28.87
CA ALA X 82 13.68 22.49 -28.95
C ALA X 82 12.68 23.61 -28.70
N ASP X 83 12.99 24.54 -27.79
CA ASP X 83 12.09 25.66 -27.55
C ASP X 83 12.27 26.77 -28.56
N ALA X 84 13.37 26.77 -29.30
CA ALA X 84 13.65 27.85 -30.24
C ALA X 84 12.72 27.78 -31.45
N LYS X 85 12.46 26.58 -31.96
CA LYS X 85 11.62 26.41 -33.13
C LYS X 85 10.17 26.78 -32.87
N THR X 86 9.74 26.78 -31.61
CA THR X 86 8.41 27.27 -31.28
C THR X 86 8.34 28.80 -31.40
N LEU X 87 9.38 29.48 -30.93
CA LEU X 87 9.37 30.95 -30.96
C LEU X 87 9.55 31.50 -32.37
N ILE X 88 10.30 30.80 -33.23
CA ILE X 88 10.50 31.27 -34.60
C ILE X 88 9.21 31.13 -35.39
N ASP X 89 8.34 30.19 -35.01
CA ASP X 89 7.15 29.90 -35.79
C ASP X 89 6.14 31.04 -35.72
N LYS X 90 5.78 31.48 -34.51
CA LYS X 90 4.79 32.55 -34.41
C LYS X 90 5.40 33.90 -34.77
N ALA X 91 6.72 34.06 -34.59
CA ALA X 91 7.38 35.29 -35.00
C ALA X 91 7.35 35.48 -36.52
N ARG X 92 7.29 34.39 -37.27
CA ARG X 92 7.01 34.50 -38.70
C ARG X 92 5.54 34.75 -38.96
N VAL X 93 4.65 34.23 -38.11
CA VAL X 93 3.21 34.37 -38.33
C VAL X 93 2.74 35.77 -37.94
N GLU X 94 3.27 36.32 -36.84
CA GLU X 94 2.81 37.63 -36.37
C GLU X 94 3.25 38.76 -37.30
N THR X 95 4.41 38.63 -37.94
CA THR X 95 4.76 39.56 -39.00
C THR X 95 3.88 39.37 -40.24
N GLN X 96 3.35 38.17 -40.42
CA GLN X 96 2.51 37.90 -41.58
C GLN X 96 1.07 38.32 -41.35
N ASN X 97 0.56 38.20 -40.12
CA ASN X 97 -0.78 38.66 -39.82
C ASN X 97 -0.87 40.18 -39.87
N HIS X 98 0.22 40.85 -39.53
CA HIS X 98 0.23 42.31 -39.51
C HIS X 98 0.21 42.88 -40.93
N TRP X 99 0.93 42.25 -41.85
CA TRP X 99 0.89 42.70 -43.25
C TRP X 99 -0.46 42.41 -43.88
N PHE X 100 -1.15 41.37 -43.42
CA PHE X 100 -2.46 41.02 -43.97
C PHE X 100 -3.50 42.08 -43.64
N THR X 101 -3.41 42.70 -42.47
CA THR X 101 -4.42 43.65 -42.03
C THR X 101 -3.94 45.09 -42.03
N TYR X 102 -2.72 45.37 -42.49
CA TYR X 102 -2.26 46.76 -42.49
C TYR X 102 -1.52 47.18 -43.75
N ASN X 103 -1.18 46.27 -44.67
CA ASN X 103 -0.41 46.56 -45.89
C ASN X 103 0.92 47.24 -45.60
N GLU X 104 1.59 46.78 -44.55
CA GLU X 104 2.85 47.39 -44.17
C GLU X 104 3.71 46.36 -43.44
N THR X 105 4.98 46.68 -43.30
CA THR X 105 5.92 45.82 -42.62
C THR X 105 5.91 46.13 -41.13
N MET X 106 5.81 45.08 -40.32
CA MET X 106 5.89 45.24 -38.87
C MET X 106 7.30 45.67 -38.46
N THR X 107 7.36 46.67 -37.58
CA THR X 107 8.62 47.18 -37.07
C THR X 107 9.31 46.12 -36.21
N VAL X 108 10.63 46.27 -36.09
CA VAL X 108 11.47 45.28 -35.43
C VAL X 108 11.18 45.24 -33.92
N GLU X 109 10.84 46.39 -33.34
CA GLU X 109 10.51 46.44 -31.92
C GLU X 109 9.20 45.71 -31.63
N SER X 110 8.21 45.91 -32.47
CA SER X 110 6.89 45.33 -32.24
C SER X 110 6.78 43.88 -32.66
N VAL X 111 7.82 43.33 -33.30
CA VAL X 111 7.88 41.88 -33.45
C VAL X 111 8.03 41.22 -32.08
N THR X 112 8.98 41.71 -31.28
CA THR X 112 9.30 41.06 -30.03
C THR X 112 8.23 41.31 -28.97
N GLN X 113 7.41 42.34 -29.16
CA GLN X 113 6.23 42.54 -28.32
C GLN X 113 5.28 41.35 -28.44
N ALA X 114 5.10 40.84 -29.66
CA ALA X 114 4.26 39.66 -29.85
C ALA X 114 4.95 38.41 -29.32
N VAL X 115 6.27 38.36 -29.39
CA VAL X 115 7.01 37.18 -28.94
C VAL X 115 7.02 37.11 -27.42
N SER X 116 7.24 38.25 -26.76
CA SER X 116 7.30 38.28 -25.31
C SER X 116 5.94 38.08 -24.66
N ASN X 117 4.84 38.27 -25.41
CA ASN X 117 3.52 38.07 -24.83
C ASN X 117 3.19 36.60 -24.60
N LEU X 118 3.91 35.67 -25.20
CA LEU X 118 3.68 34.25 -24.97
C LEU X 118 4.73 33.61 -24.10
N ALA X 119 5.93 34.18 -24.02
CA ALA X 119 6.95 33.63 -23.13
C ALA X 119 6.60 33.88 -21.67
N LEU X 120 5.83 34.92 -21.39
CA LEU X 120 5.28 35.17 -20.06
C LEU X 120 3.87 34.59 -19.93
N GLN X 121 3.74 33.32 -20.30
CA GLN X 121 2.49 32.58 -20.16
C GLN X 121 2.75 31.17 -19.64
N PHE X 122 3.89 30.95 -18.99
CA PHE X 122 4.32 29.61 -18.64
C PHE X 122 3.50 29.03 -17.50
N GLY X 123 3.10 29.86 -16.55
CA GLY X 123 2.26 29.40 -15.47
C GLY X 123 1.13 30.37 -15.23
N GLU X 124 0.98 31.34 -16.12
CA GLU X 124 0.06 32.45 -15.96
C GLU X 124 -1.19 32.29 -16.82
N GLU X 125 -1.63 31.05 -17.02
CA GLU X 125 -2.84 30.75 -17.78
C GLU X 125 -3.93 30.30 -16.82
N ASP X 126 -5.09 30.96 -16.90
CA ASP X 126 -6.29 30.65 -16.12
C ASP X 126 -6.05 30.64 -14.61
N SER X 133 2.92 25.09 -17.29
CA SER X 133 4.12 24.62 -17.99
C SER X 133 5.37 25.33 -17.46
N ARG X 134 6.47 25.11 -18.13
CA ARG X 134 7.77 25.67 -17.75
C ARG X 134 8.08 26.89 -18.60
N PRO X 135 8.95 27.78 -18.11
CA PRO X 135 9.46 28.84 -18.97
C PRO X 135 10.43 28.29 -20.01
N PHE X 136 10.73 29.12 -21.00
CA PHE X 136 11.56 28.70 -22.12
C PHE X 136 13.03 28.78 -21.76
N GLY X 137 13.86 28.22 -22.62
CA GLY X 137 15.29 28.11 -22.36
C GLY X 137 16.18 28.71 -23.43
N VAL X 138 15.80 29.86 -23.97
CA VAL X 138 16.44 30.37 -25.18
C VAL X 138 16.43 31.90 -25.17
N ALA X 139 17.59 32.49 -25.41
CA ALA X 139 17.73 33.91 -25.65
C ALA X 139 17.79 34.17 -27.15
N LEU X 140 17.34 35.37 -27.54
CA LEU X 140 17.21 35.70 -28.96
C LEU X 140 17.81 37.07 -29.23
N LEU X 141 18.40 37.21 -30.41
CA LEU X 141 18.88 38.47 -30.93
C LEU X 141 18.14 38.79 -32.22
N PHE X 142 17.50 39.95 -32.26
CA PHE X 142 16.71 40.37 -33.42
C PHE X 142 17.34 41.61 -34.04
N GLY X 143 17.77 41.48 -35.29
CA GLY X 143 18.30 42.58 -36.05
C GLY X 143 17.44 42.86 -37.27
N GLY X 144 17.30 44.14 -37.60
CA GLY X 144 16.46 44.50 -38.72
C GLY X 144 16.53 46.00 -38.97
N VAL X 145 16.13 46.37 -40.18
CA VAL X 145 16.10 47.77 -40.61
C VAL X 145 14.65 48.11 -40.88
N ASP X 146 14.03 48.84 -39.95
CA ASP X 146 12.69 49.35 -40.13
C ASP X 146 12.75 50.83 -40.48
N GLU X 147 11.59 51.51 -40.44
CA GLU X 147 11.49 52.92 -40.81
C GLU X 147 12.26 53.85 -39.88
N LYS X 148 12.59 53.40 -38.67
CA LYS X 148 13.46 54.14 -37.78
C LYS X 148 14.93 53.79 -37.96
N GLY X 149 15.28 53.21 -39.11
CA GLY X 149 16.66 52.85 -39.38
C GLY X 149 16.97 51.42 -38.98
N PRO X 150 18.26 51.10 -38.85
CA PRO X 150 18.63 49.77 -38.36
C PRO X 150 18.43 49.65 -36.86
N GLN X 151 17.99 48.47 -36.44
CA GLN X 151 17.69 48.20 -35.04
C GLN X 151 18.32 46.89 -34.62
N LEU X 152 18.56 46.77 -33.31
CA LEU X 152 19.06 45.54 -32.72
C LEU X 152 18.47 45.40 -31.33
N PHE X 153 17.78 44.31 -31.08
CA PHE X 153 17.08 44.09 -29.82
C PHE X 153 17.50 42.78 -29.18
N HIS X 154 16.99 42.54 -27.98
CA HIS X 154 17.40 41.37 -27.20
C HIS X 154 16.29 41.03 -26.20
N MET X 155 16.09 39.73 -25.99
CA MET X 155 15.09 39.27 -25.02
C MET X 155 15.71 38.15 -24.20
N ASP X 156 14.89 37.52 -23.37
CA ASP X 156 15.33 36.50 -22.42
C ASP X 156 14.15 35.60 -22.13
N PRO X 157 14.37 34.47 -21.43
CA PRO X 157 13.22 33.69 -20.94
C PRO X 157 12.28 34.43 -20.00
N SER X 158 12.74 35.46 -19.28
CA SER X 158 11.86 36.18 -18.38
C SER X 158 11.03 37.24 -19.07
N GLY X 159 11.05 37.32 -20.40
CA GLY X 159 10.28 38.31 -21.13
C GLY X 159 10.78 39.72 -21.02
N THR X 160 11.92 39.95 -20.36
CA THR X 160 12.48 41.28 -20.22
C THR X 160 13.09 41.70 -21.55
N PHE X 161 12.54 42.75 -22.13
CA PHE X 161 12.87 43.16 -23.49
C PHE X 161 13.59 44.50 -23.47
N VAL X 162 14.63 44.63 -24.29
CA VAL X 162 15.52 45.79 -24.25
C VAL X 162 16.17 45.96 -25.61
N GLN X 163 16.64 47.18 -25.88
CA GLN X 163 17.41 47.48 -27.08
C GLN X 163 18.89 47.57 -26.73
N CYS X 164 19.72 46.94 -27.56
CA CYS X 164 21.16 46.96 -27.37
C CYS X 164 21.83 47.53 -28.62
N ASP X 165 23.01 48.10 -28.41
CA ASP X 165 23.82 48.60 -29.53
C ASP X 165 24.75 47.54 -30.07
N ALA X 166 25.30 46.69 -29.20
CA ALA X 166 26.12 45.57 -29.63
C ALA X 166 26.06 44.54 -28.51
N ARG X 167 25.63 43.32 -28.83
CA ARG X 167 25.31 42.33 -27.83
C ARG X 167 25.93 40.99 -28.20
N ALA X 168 26.43 40.28 -27.18
CA ALA X 168 26.98 38.95 -27.36
C ALA X 168 26.43 38.04 -26.26
N ILE X 169 25.83 36.92 -26.67
CA ILE X 169 25.16 36.02 -25.74
C ILE X 169 25.59 34.58 -25.99
N GLY X 170 25.11 33.69 -25.14
CA GLY X 170 25.39 32.27 -25.25
C GLY X 170 26.46 31.83 -24.27
N SER X 171 27.22 30.81 -24.62
CA SER X 171 28.49 30.59 -23.95
C SER X 171 29.48 31.67 -24.37
N ALA X 172 30.51 31.88 -23.54
CA ALA X 172 31.49 32.97 -23.68
C ALA X 172 30.83 34.33 -23.76
N SER X 173 29.70 34.49 -23.07
CA SER X 173 28.93 35.72 -23.21
C SER X 173 29.58 36.86 -22.45
N GLU X 174 29.92 36.63 -21.18
CA GLU X 174 30.50 37.69 -20.36
C GLU X 174 31.91 38.03 -20.83
N GLY X 175 32.67 37.02 -21.25
CA GLY X 175 34.01 37.26 -21.74
C GLY X 175 34.05 38.00 -23.06
N ALA X 176 32.99 37.86 -23.86
CA ALA X 176 32.91 38.65 -25.09
C ALA X 176 32.56 40.10 -24.79
N GLN X 177 31.69 40.34 -23.81
CA GLN X 177 31.18 41.69 -23.53
C GLN X 177 32.27 42.66 -23.12
N SER X 178 33.28 42.19 -22.37
CA SER X 178 34.34 43.08 -21.92
C SER X 178 35.21 43.54 -23.08
N SER X 179 35.52 42.65 -24.00
CA SER X 179 36.28 43.04 -25.19
C SER X 179 35.42 43.79 -26.19
N LEU X 180 34.11 43.53 -26.19
CA LEU X 180 33.22 44.18 -27.15
C LEU X 180 32.91 45.62 -26.77
N GLN X 181 32.90 45.93 -25.47
CA GLN X 181 32.71 47.31 -25.05
C GLN X 181 33.94 48.18 -25.31
N GLU X 182 35.08 47.57 -25.60
CA GLU X 182 36.31 48.33 -25.80
C GLU X 182 36.35 49.02 -27.15
N VAL X 183 35.95 48.32 -28.22
CA VAL X 183 36.19 48.79 -29.58
C VAL X 183 34.95 49.42 -30.21
N TYR X 184 33.81 49.41 -29.53
CA TYR X 184 32.60 49.96 -30.12
C TYR X 184 32.55 51.47 -29.95
N HIS X 185 32.11 52.15 -31.00
CA HIS X 185 31.81 53.57 -30.94
C HIS X 185 30.68 53.86 -31.92
N LYS X 186 30.24 55.12 -31.92
CA LYS X 186 29.02 55.47 -32.65
C LYS X 186 29.25 55.57 -34.15
N SER X 187 30.46 55.97 -34.57
CA SER X 187 30.73 56.29 -35.97
C SER X 187 31.36 55.12 -36.71
N MET X 188 30.98 53.89 -36.38
CA MET X 188 31.45 52.72 -37.09
C MET X 188 30.86 52.67 -38.50
N THR X 189 31.49 51.88 -39.35
CA THR X 189 30.91 51.49 -40.63
C THR X 189 30.61 49.99 -40.60
N LEU X 190 29.90 49.53 -41.64
CA LEU X 190 29.46 48.14 -41.65
C LEU X 190 30.61 47.19 -41.92
N LYS X 191 31.46 47.51 -42.91
CA LYS X 191 32.58 46.64 -43.23
C LYS X 191 33.66 46.65 -42.15
N GLU X 192 33.70 47.70 -41.32
CA GLU X 192 34.60 47.70 -40.19
C GLU X 192 34.06 46.84 -39.06
N ALA X 193 32.75 46.88 -38.83
CA ALA X 193 32.14 46.13 -37.74
C ALA X 193 32.12 44.64 -38.00
N ILE X 194 32.16 44.21 -39.26
CA ILE X 194 32.19 42.79 -39.57
C ILE X 194 33.53 42.18 -39.19
N LYS X 195 34.63 42.81 -39.63
CA LYS X 195 35.94 42.28 -39.26
C LYS X 195 36.28 42.54 -37.80
N SER X 196 35.63 43.52 -37.16
CA SER X 196 35.83 43.71 -35.74
C SER X 196 35.12 42.64 -34.92
N SER X 197 34.08 42.03 -35.48
CA SER X 197 33.27 41.09 -34.72
C SER X 197 33.95 39.73 -34.58
N LEU X 198 34.65 39.28 -35.62
CA LEU X 198 35.24 37.95 -35.59
C LEU X 198 36.71 37.95 -35.16
N ILE X 199 37.28 39.11 -34.88
CA ILE X 199 38.47 39.16 -34.04
C ILE X 199 38.11 38.66 -32.65
N ILE X 200 36.92 39.05 -32.16
CA ILE X 200 36.43 38.60 -30.86
C ILE X 200 36.16 37.11 -30.88
N LEU X 201 35.66 36.59 -32.02
CA LEU X 201 35.26 35.19 -32.10
C LEU X 201 36.45 34.24 -32.01
N LYS X 202 37.54 34.55 -32.71
CA LYS X 202 38.71 33.67 -32.67
C LYS X 202 39.47 33.77 -31.36
N GLN X 203 39.15 34.76 -30.52
CA GLN X 203 39.72 34.83 -29.18
C GLN X 203 38.88 34.13 -28.13
N VAL X 204 37.64 33.76 -28.45
CA VAL X 204 36.76 33.13 -27.47
C VAL X 204 36.41 31.70 -27.80
N MET X 205 36.73 31.22 -29.00
CA MET X 205 36.52 29.82 -29.33
C MET X 205 37.83 29.07 -29.27
N GLU X 206 37.72 27.75 -29.18
CA GLU X 206 38.88 26.89 -28.94
C GLU X 206 39.45 26.30 -30.21
N GLU X 207 38.67 26.16 -31.27
CA GLU X 207 39.18 25.65 -32.53
C GLU X 207 39.73 26.78 -33.37
N LYS X 208 40.54 26.43 -34.37
CA LYS X 208 41.08 27.43 -35.29
C LYS X 208 39.97 27.95 -36.18
N LEU X 209 39.91 29.26 -36.33
CA LEU X 209 38.83 29.89 -37.07
C LEU X 209 39.01 29.67 -38.57
N ASN X 210 38.04 29.01 -39.21
CA ASN X 210 38.07 28.84 -40.65
C ASN X 210 36.72 29.14 -41.28
N ALA X 211 36.55 28.80 -42.54
CA ALA X 211 35.31 29.07 -43.26
C ALA X 211 34.18 28.11 -42.89
N THR X 212 34.42 27.13 -42.04
CA THR X 212 33.42 26.15 -41.68
C THR X 212 32.96 26.23 -40.23
N ASN X 213 33.61 27.05 -39.40
CA ASN X 213 33.23 27.16 -37.99
C ASN X 213 32.16 28.21 -37.74
N ILE X 214 32.05 29.22 -38.61
CA ILE X 214 31.18 30.36 -38.35
C ILE X 214 30.31 30.59 -39.58
N GLU X 215 29.36 31.51 -39.42
CA GLU X 215 28.56 32.01 -40.54
C GLU X 215 28.08 33.41 -40.19
N LEU X 216 27.88 34.22 -41.24
CA LEU X 216 27.53 35.62 -41.07
C LEU X 216 26.16 35.90 -41.66
N ALA X 217 25.62 37.06 -41.28
CA ALA X 217 24.34 37.54 -41.78
C ALA X 217 24.29 39.05 -41.57
N THR X 218 24.03 39.78 -42.65
CA THR X 218 23.93 41.24 -42.60
C THR X 218 22.57 41.69 -43.09
N VAL X 219 22.27 42.96 -42.86
CA VAL X 219 21.08 43.60 -43.39
C VAL X 219 21.38 45.08 -43.58
N GLN X 220 20.88 45.63 -44.68
CA GLN X 220 21.13 47.02 -45.07
C GLN X 220 19.79 47.68 -45.38
N PRO X 221 19.74 49.03 -45.40
CA PRO X 221 18.47 49.68 -45.79
C PRO X 221 18.04 49.40 -47.22
N GLY X 222 18.88 49.69 -48.21
CA GLY X 222 18.53 49.44 -49.58
C GLY X 222 18.81 48.04 -50.06
N GLN X 223 19.37 47.20 -49.19
CA GLN X 223 19.76 45.84 -49.51
C GLN X 223 19.11 44.90 -48.49
N ASN X 224 17.78 45.00 -48.40
CA ASN X 224 16.99 44.21 -47.45
C ASN X 224 17.11 42.69 -47.68
N PHE X 225 17.59 42.27 -48.84
CA PHE X 225 17.95 40.90 -49.13
C PHE X 225 19.25 40.52 -48.37
N HIS X 226 19.69 39.27 -48.52
CA HIS X 226 21.05 38.81 -48.21
C HIS X 226 21.34 38.87 -46.71
N MET X 227 20.55 38.11 -45.95
CA MET X 227 20.84 37.84 -44.54
C MET X 227 21.70 36.59 -44.39
N PHE X 228 22.78 36.52 -45.15
CA PHE X 228 23.67 35.38 -45.24
C PHE X 228 24.89 35.83 -46.03
N THR X 229 26.01 35.13 -45.83
CA THR X 229 27.18 35.29 -46.68
C THR X 229 27.58 33.92 -47.19
N LYS X 230 27.70 33.80 -48.51
CA LYS X 230 27.95 32.50 -49.16
C LYS X 230 29.34 32.51 -49.78
N GLU X 231 30.33 32.14 -48.97
CA GLU X 231 31.74 31.95 -49.36
C GLU X 231 32.41 33.24 -49.88
N GLU X 232 31.75 34.39 -49.74
CA GLU X 232 32.47 35.64 -49.56
C GLU X 232 33.04 35.72 -48.16
N LEU X 233 32.49 34.91 -47.26
CA LEU X 233 33.04 34.69 -45.93
C LEU X 233 34.47 34.18 -45.96
N GLU X 234 34.87 33.49 -47.02
CA GLU X 234 36.26 33.08 -47.16
C GLU X 234 37.17 34.28 -47.40
N GLU X 235 36.66 35.33 -48.02
CA GLU X 235 37.46 36.52 -48.28
C GLU X 235 37.71 37.30 -47.00
N VAL X 236 36.75 37.31 -46.09
CA VAL X 236 36.88 38.06 -44.85
C VAL X 236 37.89 37.39 -43.92
N ILE X 237 37.87 36.05 -43.86
CA ILE X 237 38.72 35.32 -42.94
C ILE X 237 40.17 35.34 -43.40
N LYS X 238 40.40 35.26 -44.71
CA LYS X 238 41.78 35.22 -45.21
C LYS X 238 42.49 36.56 -45.07
N ASP X 239 41.76 37.64 -44.80
CA ASP X 239 42.36 38.96 -44.60
C ASP X 239 42.27 39.40 -43.14
N ILE X 240 42.29 38.45 -42.21
CA ILE X 240 42.26 38.78 -40.80
C ILE X 240 43.70 39.10 -40.36
N ASN Y 9 8.53 26.29 9.22
CA ASN Y 9 8.84 26.52 7.82
C ASN Y 9 7.87 25.80 6.88
N GLN Y 10 7.13 24.85 7.43
CA GLN Y 10 6.17 24.09 6.63
C GLN Y 10 4.94 24.91 6.27
N TYR Y 11 4.66 25.97 7.00
CA TYR Y 11 3.56 26.87 6.65
C TYR Y 11 3.93 27.84 5.54
N ASP Y 12 5.21 27.92 5.20
CA ASP Y 12 5.74 28.87 4.24
C ASP Y 12 5.80 28.27 2.85
N ASN Y 13 4.70 27.75 2.34
CA ASN Y 13 4.75 27.13 1.03
C ASN Y 13 3.67 27.61 0.08
N ASP Y 14 2.46 27.85 0.56
CA ASP Y 14 1.33 28.15 -0.31
C ASP Y 14 0.60 29.40 0.17
N VAL Y 15 -0.24 29.92 -0.71
CA VAL Y 15 -1.04 31.08 -0.37
C VAL Y 15 -2.22 30.68 0.51
N THR Y 16 -2.70 29.44 0.35
CA THR Y 16 -3.87 28.97 1.07
C THR Y 16 -3.58 28.74 2.55
N VAL Y 17 -2.35 28.33 2.88
CA VAL Y 17 -2.04 27.86 4.22
C VAL Y 17 -1.89 29.05 5.17
N TRP Y 18 -2.71 29.10 6.20
CA TRP Y 18 -2.56 30.09 7.26
C TRP Y 18 -1.44 29.69 8.20
N SER Y 19 -1.03 30.63 9.02
CA SER Y 19 0.01 30.38 10.00
C SER Y 19 -0.59 30.28 11.40
N PRO Y 20 0.12 29.65 12.34
CA PRO Y 20 -0.29 29.72 13.75
C PRO Y 20 -0.12 31.09 14.38
N GLN Y 21 0.53 32.04 13.70
CA GLN Y 21 0.51 33.43 14.12
C GLN Y 21 -0.52 34.25 13.36
N GLY Y 22 -1.14 33.69 12.32
CA GLY Y 22 -2.17 34.39 11.58
C GLY Y 22 -1.66 35.25 10.45
N ARG Y 23 -0.50 34.94 9.87
CA ARG Y 23 0.10 35.75 8.83
C ARG Y 23 0.50 34.86 7.67
N ILE Y 24 -0.04 35.13 6.49
CA ILE Y 24 0.31 34.34 5.31
C ILE Y 24 1.63 34.87 4.75
N HIS Y 25 2.63 33.99 4.68
CA HIS Y 25 3.98 34.45 4.35
C HIS Y 25 4.16 34.72 2.86
N GLN Y 26 3.33 34.13 2.00
CA GLN Y 26 3.51 34.33 0.57
C GLN Y 26 3.12 35.75 0.15
N ILE Y 27 2.11 36.34 0.79
CA ILE Y 27 1.82 37.75 0.58
C ILE Y 27 2.94 38.61 1.14
N GLU Y 28 3.49 38.22 2.29
CA GLU Y 28 4.60 38.94 2.90
C GLU Y 28 5.88 38.86 2.07
N TYR Y 29 6.01 37.86 1.21
CA TYR Y 29 7.19 37.76 0.36
C TYR Y 29 7.06 38.53 -0.93
N ALA Y 30 5.83 38.77 -1.40
CA ALA Y 30 5.64 39.55 -2.62
C ALA Y 30 5.90 41.03 -2.38
N MET Y 31 5.84 41.49 -1.12
CA MET Y 31 6.31 42.83 -0.80
C MET Y 31 7.80 42.98 -1.05
N GLU Y 32 8.56 41.89 -0.87
CA GLU Y 32 10.01 41.96 -1.05
C GLU Y 32 10.41 42.09 -2.50
N ALA Y 33 9.57 41.65 -3.43
CA ALA Y 33 9.85 41.84 -4.84
C ALA Y 33 9.70 43.29 -5.27
N VAL Y 34 8.92 44.08 -4.52
CA VAL Y 34 8.76 45.50 -4.83
C VAL Y 34 10.05 46.24 -4.49
N LYS Y 35 10.75 45.82 -3.44
CA LYS Y 35 11.99 46.47 -3.04
C LYS Y 35 13.16 46.15 -3.97
N GLN Y 36 13.00 45.20 -4.89
CA GLN Y 36 14.06 44.90 -5.85
C GLN Y 36 14.15 45.99 -6.92
N GLY Y 37 13.01 46.54 -7.34
CA GLY Y 37 12.99 47.56 -8.36
C GLY Y 37 13.49 48.90 -7.84
N SER Y 38 13.71 49.82 -8.78
CA SER Y 38 14.27 51.12 -8.43
C SER Y 38 13.19 52.02 -7.84
N ALA Y 39 13.62 53.18 -7.36
CA ALA Y 39 12.73 54.11 -6.69
C ALA Y 39 11.98 54.98 -7.69
N THR Y 40 10.79 55.41 -7.29
CA THR Y 40 9.99 56.35 -8.08
C THR Y 40 9.09 57.13 -7.13
N VAL Y 41 8.90 58.42 -7.46
CA VAL Y 41 8.25 59.38 -6.57
C VAL Y 41 7.11 60.04 -7.32
N GLY Y 42 5.93 60.05 -6.71
CA GLY Y 42 4.79 60.76 -7.26
C GLY Y 42 4.20 61.72 -6.25
N LEU Y 43 3.67 62.83 -6.75
CA LEU Y 43 3.11 63.88 -5.91
C LEU Y 43 2.15 64.72 -6.75
N LYS Y 44 1.45 65.64 -6.08
CA LYS Y 44 0.47 66.45 -6.78
C LYS Y 44 0.27 67.79 -6.08
N SER Y 45 -0.16 68.77 -6.86
CA SER Y 45 -0.62 70.08 -6.41
C SER Y 45 -2.14 70.11 -6.47
N LYS Y 46 -2.72 71.31 -6.32
CA LYS Y 46 -4.15 71.47 -6.56
C LYS Y 46 -4.51 71.23 -8.03
N THR Y 47 -3.61 71.55 -8.94
CA THR Y 47 -3.90 71.47 -10.37
C THR Y 47 -3.06 70.46 -11.13
N HIS Y 48 -1.88 70.07 -10.63
CA HIS Y 48 -0.99 69.25 -11.42
C HIS Y 48 -0.40 68.12 -10.59
N ALA Y 49 -0.41 66.93 -11.18
CA ALA Y 49 0.09 65.71 -10.56
C ALA Y 49 1.24 65.18 -11.40
N VAL Y 50 2.43 65.10 -10.80
CA VAL Y 50 3.65 64.71 -11.50
C VAL Y 50 4.26 63.52 -10.77
N LEU Y 51 4.55 62.45 -11.51
CA LEU Y 51 5.30 61.32 -10.97
C LEU Y 51 6.61 61.19 -11.71
N VAL Y 52 7.70 60.98 -10.97
CA VAL Y 52 9.05 60.92 -11.49
C VAL Y 52 9.67 59.60 -11.10
N ALA Y 53 10.25 58.90 -12.08
CA ALA Y 53 10.85 57.59 -11.86
C ALA Y 53 12.35 57.66 -12.11
N LEU Y 54 13.02 56.52 -11.92
CA LEU Y 54 14.46 56.41 -12.07
C LEU Y 54 14.79 55.18 -12.90
N LYS Y 55 15.43 55.39 -14.05
CA LYS Y 55 15.82 54.28 -14.90
C LYS Y 55 17.02 53.54 -14.33
N ARG Y 56 17.17 52.30 -14.75
CA ARG Y 56 18.33 51.48 -14.41
C ARG Y 56 18.90 50.86 -15.68
N ALA Y 57 20.21 50.96 -15.85
CA ALA Y 57 20.89 50.33 -16.97
C ALA Y 57 21.03 48.84 -16.74
N GLN Y 58 21.05 48.09 -17.84
CA GLN Y 58 21.35 46.66 -17.78
C GLN Y 58 22.84 46.42 -18.01
N SER Y 59 23.38 46.95 -19.09
CA SER Y 59 24.80 46.93 -19.37
C SER Y 59 25.29 48.36 -19.59
N GLU Y 60 26.55 48.47 -20.01
CA GLU Y 60 27.16 49.78 -20.23
C GLU Y 60 26.73 50.44 -21.53
N LEU Y 61 26.12 49.69 -22.45
CA LEU Y 61 25.72 50.28 -23.72
C LEU Y 61 24.36 49.81 -24.20
N ALA Y 62 23.58 49.12 -23.38
CA ALA Y 62 22.21 48.85 -23.72
C ALA Y 62 21.33 50.04 -23.35
N ALA Y 63 20.13 50.08 -23.89
CA ALA Y 63 19.19 51.13 -23.54
C ALA Y 63 18.67 50.92 -22.12
N HIS Y 64 18.31 52.01 -21.48
CA HIS Y 64 17.79 51.91 -20.13
C HIS Y 64 16.33 51.46 -20.16
N GLN Y 65 15.96 50.66 -19.18
CA GLN Y 65 14.60 50.12 -19.12
C GLN Y 65 13.62 51.19 -18.71
N LYS Y 66 12.53 51.32 -19.46
CA LYS Y 66 11.56 52.37 -19.19
C LYS Y 66 10.68 52.00 -18.00
N LYS Y 67 10.24 53.03 -17.29
CA LYS Y 67 9.39 52.87 -16.12
C LYS Y 67 8.01 53.46 -16.32
N ILE Y 68 7.91 54.73 -16.68
CA ILE Y 68 6.63 55.39 -16.84
C ILE Y 68 6.06 55.02 -18.20
N LEU Y 69 4.79 54.61 -18.22
CA LEU Y 69 4.15 54.28 -19.48
C LEU Y 69 2.75 54.89 -19.52
N HIS Y 70 2.41 55.41 -20.69
CA HIS Y 70 1.11 56.01 -20.94
C HIS Y 70 0.01 54.94 -20.88
N VAL Y 71 -1.15 55.35 -20.37
CA VAL Y 71 -2.30 54.45 -20.30
C VAL Y 71 -3.46 55.07 -21.07
N ASP Y 72 -3.90 56.24 -20.61
CA ASP Y 72 -5.00 56.95 -21.24
C ASP Y 72 -4.59 58.41 -21.33
N ASN Y 73 -5.45 59.25 -21.91
CA ASN Y 73 -5.16 60.66 -22.05
C ASN Y 73 -5.23 61.43 -20.73
N HIS Y 74 -5.71 60.78 -19.66
CA HIS Y 74 -5.77 61.40 -18.35
C HIS Y 74 -5.24 60.48 -17.26
N ILE Y 75 -4.61 59.36 -17.63
CA ILE Y 75 -4.09 58.39 -16.67
C ILE Y 75 -2.71 57.92 -17.12
N GLY Y 76 -1.73 58.02 -16.24
CA GLY Y 76 -0.44 57.42 -16.48
C GLY Y 76 0.09 56.79 -15.21
N ILE Y 77 0.82 55.68 -15.36
CA ILE Y 77 1.27 54.90 -14.22
C ILE Y 77 2.78 54.72 -14.25
N SER Y 78 3.34 54.46 -13.07
CA SER Y 78 4.73 54.07 -12.90
C SER Y 78 4.79 52.58 -12.59
N ILE Y 79 6.00 52.06 -12.35
CA ILE Y 79 6.16 50.62 -12.15
C ILE Y 79 7.33 50.37 -11.22
N ALA Y 80 7.21 49.30 -10.43
CA ALA Y 80 8.28 48.78 -9.58
C ALA Y 80 7.98 47.32 -9.28
N GLY Y 81 8.88 46.42 -9.65
CA GLY Y 81 8.66 45.01 -9.43
C GLY Y 81 8.83 44.18 -10.68
N LEU Y 82 8.10 43.07 -10.78
CA LEU Y 82 8.26 42.14 -11.88
C LEU Y 82 7.72 42.74 -13.18
N THR Y 83 8.51 42.61 -14.25
CA THR Y 83 8.06 43.04 -15.57
C THR Y 83 7.03 42.10 -16.17
N ALA Y 84 6.96 40.86 -15.67
CA ALA Y 84 5.94 39.94 -16.13
C ALA Y 84 4.55 40.36 -15.65
N ASP Y 85 4.46 40.73 -14.37
CA ASP Y 85 3.20 41.24 -13.83
C ASP Y 85 2.94 42.68 -14.24
N ALA Y 86 3.94 43.37 -14.80
CA ALA Y 86 3.75 44.75 -15.21
C ALA Y 86 2.87 44.84 -16.45
N ARG Y 87 3.29 44.20 -17.54
CA ARG Y 87 2.52 44.25 -18.78
C ARG Y 87 1.26 43.43 -18.72
N LEU Y 88 1.16 42.48 -17.78
CA LEU Y 88 -0.07 41.72 -17.64
C LEU Y 88 -1.17 42.56 -17.02
N LEU Y 89 -0.82 43.47 -16.11
CA LEU Y 89 -1.82 44.39 -15.56
C LEU Y 89 -2.07 45.57 -16.49
N CYS Y 90 -1.10 45.91 -17.34
CA CYS Y 90 -1.28 47.01 -18.28
C CYS Y 90 -2.32 46.66 -19.33
N ASN Y 91 -2.31 45.43 -19.82
CA ASN Y 91 -3.28 45.00 -20.82
C ASN Y 91 -4.67 44.89 -20.22
N PHE Y 92 -4.76 44.58 -18.92
CA PHE Y 92 -6.03 44.69 -18.23
C PHE Y 92 -6.41 46.15 -17.96
N MET Y 93 -5.40 47.01 -17.79
CA MET Y 93 -5.68 48.41 -17.53
C MET Y 93 -6.20 49.12 -18.77
N ARG Y 94 -5.60 48.85 -19.93
CA ARG Y 94 -6.00 49.55 -21.16
C ARG Y 94 -7.34 49.07 -21.66
N GLN Y 95 -7.70 47.82 -21.38
CA GLN Y 95 -8.98 47.30 -21.85
C GLN Y 95 -10.14 47.95 -21.12
N GLU Y 96 -9.98 48.21 -19.83
CA GLU Y 96 -11.05 48.84 -19.06
C GLU Y 96 -11.20 50.33 -19.37
N CYS Y 97 -10.12 50.98 -19.82
CA CYS Y 97 -10.20 52.40 -20.11
C CYS Y 97 -10.99 52.67 -21.39
N LEU Y 98 -10.86 51.81 -22.40
CA LEU Y 98 -11.55 52.04 -23.65
C LEU Y 98 -12.95 51.46 -23.67
N ASP Y 99 -13.31 50.63 -22.69
CA ASP Y 99 -14.69 50.15 -22.62
C ASP Y 99 -15.64 51.25 -22.16
N SER Y 100 -15.19 52.11 -21.24
CA SER Y 100 -16.02 53.24 -20.84
C SER Y 100 -16.10 54.28 -21.94
N ARG Y 101 -15.08 54.37 -22.78
CA ARG Y 101 -15.15 55.25 -23.95
C ARG Y 101 -16.11 54.69 -24.98
N PHE Y 102 -16.16 53.36 -25.11
CA PHE Y 102 -17.03 52.75 -26.10
C PHE Y 102 -18.48 52.66 -25.65
N VAL Y 103 -18.72 52.54 -24.35
CA VAL Y 103 -20.07 52.33 -23.86
C VAL Y 103 -20.64 53.65 -23.34
N PHE Y 104 -19.97 54.24 -22.37
CA PHE Y 104 -20.46 55.43 -21.68
C PHE Y 104 -20.08 56.72 -22.37
N ASP Y 105 -19.08 56.69 -23.26
CA ASP Y 105 -18.53 57.85 -23.97
C ASP Y 105 -18.04 58.92 -22.97
N ARG Y 106 -17.48 58.46 -21.86
CA ARG Y 106 -16.85 59.35 -20.90
C ARG Y 106 -15.54 58.72 -20.46
N PRO Y 107 -14.59 59.51 -20.01
CA PRO Y 107 -13.40 58.92 -19.37
C PRO Y 107 -13.74 58.36 -18.00
N LEU Y 108 -12.96 57.38 -17.57
CA LEU Y 108 -13.18 56.74 -16.28
C LEU Y 108 -12.81 57.66 -15.13
N PRO Y 109 -13.59 57.62 -14.05
CA PRO Y 109 -13.10 58.17 -12.79
C PRO Y 109 -11.94 57.31 -12.28
N VAL Y 110 -10.91 57.99 -11.77
CA VAL Y 110 -9.67 57.30 -11.42
C VAL Y 110 -9.86 56.44 -10.18
N SER Y 111 -10.70 56.90 -9.24
CA SER Y 111 -10.87 56.20 -7.97
C SER Y 111 -11.59 54.86 -8.12
N ARG Y 112 -12.45 54.71 -9.12
CA ARG Y 112 -13.16 53.46 -9.30
C ARG Y 112 -12.46 52.49 -10.25
N LEU Y 113 -11.47 52.96 -11.01
CA LEU Y 113 -10.67 52.05 -11.82
C LEU Y 113 -9.74 51.22 -10.94
N VAL Y 114 -9.22 51.83 -9.88
CA VAL Y 114 -8.29 51.14 -9.00
C VAL Y 114 -9.02 50.11 -8.14
N SER Y 115 -10.31 50.33 -7.89
CA SER Y 115 -11.13 49.32 -7.21
C SER Y 115 -11.31 48.08 -8.07
N LEU Y 116 -11.23 48.22 -9.40
CA LEU Y 116 -11.24 47.04 -10.26
C LEU Y 116 -9.93 46.26 -10.16
N ILE Y 117 -8.83 46.94 -9.84
CA ILE Y 117 -7.55 46.27 -9.71
C ILE Y 117 -7.51 45.43 -8.43
N GLY Y 118 -8.05 45.98 -7.34
CA GLY Y 118 -8.10 45.23 -6.09
C GLY Y 118 -9.01 44.03 -6.15
N SER Y 119 -10.05 44.10 -6.98
CA SER Y 119 -10.83 42.91 -7.26
C SER Y 119 -10.10 41.95 -8.20
N LYS Y 120 -9.19 42.48 -9.04
CA LYS Y 120 -8.45 41.65 -9.98
C LYS Y 120 -7.37 40.85 -9.28
N THR Y 121 -6.64 41.50 -8.37
CA THR Y 121 -5.54 40.88 -7.69
C THR Y 121 -5.96 40.09 -6.46
N GLN Y 122 -7.26 40.07 -6.12
CA GLN Y 122 -7.70 39.36 -4.91
C GLN Y 122 -7.83 37.84 -5.15
N ILE Y 123 -8.31 37.46 -6.32
CA ILE Y 123 -8.46 36.06 -6.61
C ILE Y 123 -7.11 35.31 -6.59
N PRO Y 124 -6.05 35.75 -7.34
CA PRO Y 124 -4.79 34.99 -7.18
C PRO Y 124 -4.13 35.15 -5.80
N THR Y 125 -4.64 35.99 -4.86
CA THR Y 125 -4.15 35.88 -3.47
C THR Y 125 -5.04 35.00 -2.59
N GLN Y 126 -6.01 34.30 -3.15
CA GLN Y 126 -6.75 33.36 -2.31
C GLN Y 126 -6.82 31.96 -2.90
N ARG Y 127 -7.01 31.83 -4.21
CA ARG Y 127 -7.17 30.51 -4.80
C ARG Y 127 -5.80 29.94 -5.19
N TYR Y 128 -5.66 28.63 -5.02
CA TYR Y 128 -4.41 27.96 -5.34
C TYR Y 128 -4.26 27.82 -6.85
N GLY Y 129 -3.04 27.98 -7.33
CA GLY Y 129 -2.76 27.81 -8.75
C GLY Y 129 -2.21 29.04 -9.44
N ARG Y 130 -2.02 30.12 -8.70
CA ARG Y 130 -1.49 31.35 -9.27
C ARG Y 130 -0.88 32.18 -8.15
N ARG Y 131 0.35 32.64 -8.35
CA ARG Y 131 1.02 33.45 -7.35
C ARG Y 131 0.43 34.85 -7.34
N PRO Y 132 0.61 35.59 -6.24
CA PRO Y 132 0.23 37.01 -6.25
C PRO Y 132 1.09 37.82 -7.21
N TYR Y 133 0.55 38.97 -7.63
CA TYR Y 133 1.22 39.80 -8.60
C TYR Y 133 2.28 40.64 -7.91
N GLY Y 134 3.54 40.40 -8.24
CA GLY Y 134 4.61 41.20 -7.65
C GLY Y 134 4.76 42.50 -8.40
N VAL Y 135 4.18 43.58 -7.86
CA VAL Y 135 4.02 44.81 -8.61
C VAL Y 135 3.86 45.98 -7.63
N GLY Y 136 4.27 47.17 -8.04
CA GLY Y 136 4.31 48.34 -7.18
C GLY Y 136 3.70 49.59 -7.80
N LEU Y 137 2.55 49.45 -8.46
CA LEU Y 137 1.96 50.49 -9.29
C LEU Y 137 1.67 51.79 -8.53
N LEU Y 138 2.20 52.89 -9.05
CA LEU Y 138 1.80 54.24 -8.68
C LEU Y 138 0.92 54.79 -9.79
N ILE Y 139 -0.18 55.45 -9.42
CA ILE Y 139 -1.20 55.87 -10.37
C ILE Y 139 -1.47 57.35 -10.18
N ALA Y 140 -1.41 58.10 -11.28
CA ALA Y 140 -1.83 59.50 -11.30
C ALA Y 140 -2.95 59.68 -12.31
N GLY Y 141 -3.90 60.56 -12.01
CA GLY Y 141 -5.05 60.67 -12.87
C GLY Y 141 -5.85 61.94 -12.67
N TYR Y 142 -6.89 62.07 -13.48
CA TYR Y 142 -7.84 63.17 -13.42
C TYR Y 142 -9.27 62.68 -13.60
N ASP Y 143 -10.02 62.67 -12.52
CA ASP Y 143 -11.47 62.61 -12.61
C ASP Y 143 -12.01 64.03 -12.61
N ASP Y 144 -13.31 64.20 -12.39
CA ASP Y 144 -13.91 65.52 -12.39
C ASP Y 144 -13.56 66.35 -11.17
N MET Y 145 -12.93 65.77 -10.16
CA MET Y 145 -12.64 66.46 -8.91
C MET Y 145 -11.14 66.62 -8.65
N GLY Y 146 -10.35 66.76 -9.71
CA GLY Y 146 -8.96 67.13 -9.57
C GLY Y 146 -7.99 65.97 -9.68
N PRO Y 147 -6.73 66.23 -9.37
CA PRO Y 147 -5.70 65.20 -9.51
C PRO Y 147 -5.73 64.21 -8.35
N HIS Y 148 -5.10 63.07 -8.58
CA HIS Y 148 -5.01 62.02 -7.57
C HIS Y 148 -3.66 61.33 -7.70
N ILE Y 149 -3.14 60.86 -6.56
CA ILE Y 149 -1.96 60.01 -6.53
C ILE Y 149 -2.33 58.74 -5.76
N PHE Y 150 -2.25 57.60 -6.43
CA PHE Y 150 -2.61 56.33 -5.87
C PHE Y 150 -1.41 55.39 -5.86
N GLN Y 151 -1.36 54.50 -4.88
CA GLN Y 151 -0.45 53.38 -4.92
C GLN Y 151 -1.21 52.09 -4.67
N THR Y 152 -0.64 51.00 -5.13
CA THR Y 152 -1.14 49.66 -4.87
C THR Y 152 -0.04 48.84 -4.19
N CYS Y 153 -0.36 47.60 -3.88
CA CYS Y 153 0.57 46.69 -3.25
C CYS Y 153 0.15 45.27 -3.59
N PRO Y 154 1.06 44.30 -3.54
CA PRO Y 154 0.66 42.91 -3.81
C PRO Y 154 -0.25 42.29 -2.76
N SER Y 155 -0.51 42.94 -1.64
CA SER Y 155 -1.56 42.53 -0.72
C SER Y 155 -2.92 43.08 -1.10
N ALA Y 156 -3.06 43.62 -2.32
CA ALA Y 156 -4.31 44.08 -2.92
C ALA Y 156 -4.96 45.24 -2.17
N ASN Y 157 -4.17 45.99 -1.41
CA ASN Y 157 -4.63 47.21 -0.79
C ASN Y 157 -4.20 48.39 -1.63
N TYR Y 158 -5.08 49.37 -1.79
CA TYR Y 158 -4.77 50.57 -2.53
C TYR Y 158 -4.97 51.79 -1.65
N PHE Y 159 -3.98 52.69 -1.69
CA PHE Y 159 -3.89 53.80 -0.74
C PHE Y 159 -3.96 55.10 -1.53
N ASP Y 160 -4.95 55.93 -1.22
CA ASP Y 160 -4.94 57.31 -1.71
C ASP Y 160 -3.93 58.10 -0.89
N CYS Y 161 -3.19 58.98 -1.57
CA CYS Y 161 -2.14 59.75 -0.92
C CYS Y 161 -1.89 61.02 -1.72
N ARG Y 162 -1.16 61.94 -1.11
CA ARG Y 162 -0.74 63.16 -1.77
C ARG Y 162 0.72 63.14 -2.19
N ALA Y 163 1.52 62.23 -1.65
CA ALA Y 163 2.90 62.02 -2.05
C ALA Y 163 3.29 60.62 -1.62
N MET Y 164 4.11 59.95 -2.43
CA MET Y 164 4.50 58.57 -2.13
C MET Y 164 5.77 58.23 -2.89
N SER Y 165 6.62 57.43 -2.26
CA SER Y 165 7.83 56.92 -2.88
C SER Y 165 7.99 55.45 -2.50
N ILE Y 166 8.15 54.59 -3.50
CA ILE Y 166 8.32 53.16 -3.29
C ILE Y 166 9.46 52.65 -4.14
N GLY Y 167 10.06 51.55 -3.70
CA GLY Y 167 11.17 50.95 -4.40
C GLY Y 167 12.41 50.78 -3.54
N ALA Y 168 13.57 50.71 -4.17
CA ALA Y 168 14.81 50.52 -3.44
C ALA Y 168 15.20 51.80 -2.71
N ARG Y 169 15.60 51.65 -1.44
CA ARG Y 169 15.96 52.68 -0.46
C ARG Y 169 15.08 53.92 -0.49
N SER Y 170 13.78 53.72 -0.67
CA SER Y 170 12.83 54.81 -0.81
C SER Y 170 12.40 55.42 0.52
N GLN Y 171 12.98 54.96 1.64
CA GLN Y 171 12.65 55.57 2.92
C GLN Y 171 13.23 56.97 3.04
N SER Y 172 14.43 57.18 2.49
CA SER Y 172 15.03 58.51 2.50
C SER Y 172 14.27 59.50 1.63
N ALA Y 173 13.57 59.02 0.61
CA ALA Y 173 12.72 59.90 -0.17
C ALA Y 173 11.46 60.29 0.58
N ARG Y 174 10.97 59.40 1.44
CA ARG Y 174 9.76 59.70 2.22
C ARG Y 174 10.03 60.79 3.25
N THR Y 175 11.24 60.83 3.80
CA THR Y 175 11.58 61.85 4.79
C THR Y 175 11.64 63.23 4.18
N TYR Y 176 12.05 63.33 2.91
CA TYR Y 176 12.03 64.62 2.23
C TYR Y 176 10.62 65.07 1.94
N LEU Y 177 9.72 64.14 1.66
CA LEU Y 177 8.36 64.50 1.29
C LEU Y 177 7.55 64.96 2.49
N GLU Y 178 7.85 64.44 3.68
CA GLU Y 178 7.04 64.78 4.84
C GLU Y 178 7.31 66.18 5.34
N ARG Y 179 8.55 66.66 5.20
CA ARG Y 179 8.90 67.99 5.65
C ARG Y 179 8.77 69.04 4.55
N HIS Y 180 8.17 68.69 3.41
CA HIS Y 180 7.91 69.64 2.35
C HIS Y 180 6.51 69.49 1.76
N MET Y 181 5.65 68.67 2.37
CA MET Y 181 4.30 68.47 1.86
C MET Y 181 3.40 69.67 2.06
N SER Y 182 3.76 70.60 2.94
CA SER Y 182 2.96 71.81 3.10
C SER Y 182 3.14 72.76 1.93
N GLU Y 183 4.25 72.65 1.21
CA GLU Y 183 4.57 73.54 0.10
C GLU Y 183 4.03 73.05 -1.24
N PHE Y 184 3.46 71.85 -1.30
CA PHE Y 184 3.16 71.24 -2.58
C PHE Y 184 1.87 71.73 -3.21
N MET Y 185 0.93 72.23 -2.40
CA MET Y 185 -0.38 72.56 -2.92
C MET Y 185 -0.41 73.85 -3.73
N GLU Y 186 0.57 74.74 -3.54
CA GLU Y 186 0.51 76.06 -4.13
C GLU Y 186 1.46 76.25 -5.30
N CYS Y 187 2.62 75.61 -5.29
CA CYS Y 187 3.65 75.86 -6.29
C CYS Y 187 3.30 75.23 -7.63
N ASN Y 188 3.76 75.86 -8.71
CA ASN Y 188 3.47 75.39 -10.06
C ASN Y 188 4.63 74.55 -10.60
N LEU Y 189 4.52 74.17 -11.88
CA LEU Y 189 5.28 73.06 -12.46
C LEU Y 189 6.76 73.34 -12.59
N ASN Y 190 7.17 74.62 -12.62
CA ASN Y 190 8.58 74.93 -12.79
C ASN Y 190 9.39 74.52 -11.56
N GLU Y 191 8.75 74.46 -10.39
CA GLU Y 191 9.41 73.95 -9.21
C GLU Y 191 8.75 72.70 -8.64
N LEU Y 192 7.47 72.44 -8.96
CA LEU Y 192 6.80 71.23 -8.47
C LEU Y 192 7.45 69.96 -9.00
N VAL Y 193 7.91 70.01 -10.27
CA VAL Y 193 8.67 68.90 -10.82
C VAL Y 193 10.02 68.78 -10.11
N LYS Y 194 10.71 69.89 -9.91
CA LYS Y 194 11.99 69.80 -9.21
C LYS Y 194 11.84 69.91 -7.70
N HIS Y 195 10.62 69.95 -7.17
CA HIS Y 195 10.45 69.48 -5.80
C HIS Y 195 10.51 67.96 -5.74
N GLY Y 196 10.01 67.29 -6.77
CA GLY Y 196 9.94 65.85 -6.79
C GLY Y 196 11.28 65.16 -7.04
N LEU Y 197 12.07 65.70 -7.96
CA LEU Y 197 13.34 65.07 -8.28
C LEU Y 197 14.48 65.53 -7.37
N ARG Y 198 14.19 66.40 -6.40
CA ARG Y 198 15.09 66.53 -5.25
C ARG Y 198 14.90 65.39 -4.27
N ALA Y 199 13.79 64.67 -4.35
CA ALA Y 199 13.58 63.53 -3.47
C ALA Y 199 14.25 62.26 -4.00
N LEU Y 200 14.48 62.19 -5.31
CA LEU Y 200 15.14 61.01 -5.87
C LEU Y 200 16.62 60.98 -5.55
N ARG Y 201 17.23 62.16 -5.35
CA ARG Y 201 18.68 62.22 -5.22
C ARG Y 201 19.17 61.82 -3.83
N GLU Y 202 18.27 61.51 -2.89
CA GLU Y 202 18.68 60.85 -1.66
C GLU Y 202 18.55 59.33 -1.75
N THR Y 203 17.87 58.82 -2.76
CA THR Y 203 17.81 57.39 -3.03
C THR Y 203 18.96 56.93 -3.92
N LEU Y 204 20.00 57.74 -4.05
CA LEU Y 204 21.20 57.41 -4.79
C LEU Y 204 22.38 57.29 -3.83
N PRO Y 205 23.35 56.44 -4.16
CA PRO Y 205 24.66 56.52 -3.51
C PRO Y 205 25.28 57.89 -3.76
N ALA Y 206 25.99 58.39 -2.75
CA ALA Y 206 26.42 59.78 -2.68
C ALA Y 206 27.52 60.16 -3.67
N GLU Y 207 27.94 59.35 -4.65
CA GLU Y 207 29.02 59.75 -5.54
C GLU Y 207 28.58 60.06 -6.96
N GLN Y 208 27.46 59.53 -7.43
CA GLN Y 208 26.99 59.83 -8.77
C GLN Y 208 25.77 60.73 -8.72
N ASP Y 209 25.43 61.30 -9.86
CA ASP Y 209 24.41 62.33 -9.96
C ASP Y 209 23.31 61.87 -10.91
N LEU Y 210 22.11 62.40 -10.71
CA LEU Y 210 20.98 62.14 -11.57
C LEU Y 210 21.22 62.83 -12.91
N THR Y 211 21.54 62.06 -13.94
CA THR Y 211 21.87 62.60 -15.24
C THR Y 211 20.61 62.71 -16.10
N THR Y 212 20.79 63.00 -17.39
CA THR Y 212 19.68 63.12 -18.31
C THR Y 212 19.27 61.79 -18.94
N LYS Y 213 20.10 60.75 -18.82
CA LYS Y 213 19.86 59.51 -19.52
C LYS Y 213 19.23 58.44 -18.64
N ASN Y 214 18.98 58.72 -17.36
CA ASN Y 214 18.52 57.71 -16.43
C ASN Y 214 17.27 58.12 -15.65
N VAL Y 215 16.51 59.09 -16.14
CA VAL Y 215 15.37 59.61 -15.41
C VAL Y 215 14.23 59.86 -16.39
N SER Y 216 13.00 59.63 -15.93
CA SER Y 216 11.80 59.94 -16.68
C SER Y 216 10.84 60.73 -15.81
N ILE Y 217 10.18 61.71 -16.44
CA ILE Y 217 9.21 62.56 -15.76
C ILE Y 217 7.95 62.58 -16.60
N GLY Y 218 6.82 62.22 -15.99
CA GLY Y 218 5.53 62.24 -16.66
C GLY Y 218 4.59 63.26 -15.96
N ILE Y 219 3.98 64.10 -16.77
CA ILE Y 219 3.11 65.15 -16.27
C ILE Y 219 1.74 64.99 -16.90
N VAL Y 220 0.71 64.91 -16.07
CA VAL Y 220 -0.67 65.07 -16.51
C VAL Y 220 -1.23 66.28 -15.77
N GLY Y 221 -2.01 67.09 -16.48
CA GLY Y 221 -2.47 68.35 -15.95
C GLY Y 221 -3.97 68.50 -16.08
N LYS Y 222 -4.50 69.57 -15.47
CA LYS Y 222 -5.92 69.86 -15.57
C LYS Y 222 -6.30 70.21 -17.00
N ASP Y 223 -5.49 71.05 -17.66
CA ASP Y 223 -5.65 71.33 -19.07
C ASP Y 223 -4.56 70.67 -19.92
N LEU Y 224 -3.85 69.69 -19.37
CA LEU Y 224 -2.72 69.08 -20.05
C LEU Y 224 -2.90 67.56 -20.11
N GLU Y 225 -2.78 67.00 -21.31
CA GLU Y 225 -2.80 65.57 -21.50
C GLU Y 225 -1.53 64.96 -20.92
N PHE Y 226 -1.61 63.68 -20.53
CA PHE Y 226 -0.47 62.99 -19.92
C PHE Y 226 0.66 62.82 -20.93
N THR Y 227 1.83 63.37 -20.59
CA THR Y 227 2.95 63.43 -21.51
C THR Y 227 4.20 62.91 -20.82
N ILE Y 228 4.93 62.04 -21.52
CA ILE Y 228 6.15 61.43 -21.01
C ILE Y 228 7.34 62.13 -21.64
N TYR Y 229 8.21 62.70 -20.80
CA TYR Y 229 9.43 63.34 -21.26
C TYR Y 229 10.61 62.49 -20.81
N ASP Y 230 11.54 62.22 -21.72
CA ASP Y 230 12.71 61.42 -21.40
C ASP Y 230 13.86 61.72 -22.34
N ASP Y 231 15.03 61.94 -21.73
CA ASP Y 231 16.37 61.89 -22.34
C ASP Y 231 16.72 63.06 -23.26
N ASP Y 232 15.73 63.86 -23.64
CA ASP Y 232 16.00 65.05 -24.46
C ASP Y 232 15.33 66.26 -23.85
N ASP Y 233 14.14 66.07 -23.31
CA ASP Y 233 13.34 67.14 -22.76
C ASP Y 233 13.46 67.24 -21.25
N VAL Y 234 14.33 66.43 -20.65
CA VAL Y 234 14.62 66.55 -19.22
C VAL Y 234 15.55 67.72 -18.95
N SER Y 235 16.32 68.15 -19.97
CA SER Y 235 17.24 69.27 -19.80
C SER Y 235 16.59 70.62 -19.47
N PRO Y 236 15.37 70.97 -19.92
CA PRO Y 236 14.72 72.15 -19.32
C PRO Y 236 14.22 71.94 -17.90
N PHE Y 237 14.24 70.72 -17.37
CA PHE Y 237 13.86 70.46 -15.99
C PHE Y 237 15.06 70.36 -15.06
N LEU Y 238 16.18 69.83 -15.54
CA LEU Y 238 17.39 69.72 -14.72
C LEU Y 238 18.18 71.01 -14.64
N GLU Y 239 17.83 72.02 -15.42
CA GLU Y 239 18.45 73.33 -15.26
C GLU Y 239 17.94 74.01 -14.00
N GLY Y 240 18.79 74.83 -13.39
CA GLY Y 240 18.42 75.54 -12.19
C GLY Y 240 18.36 74.66 -10.96
N LEU Y 241 19.39 73.85 -10.74
CA LEU Y 241 19.48 72.99 -9.58
C LEU Y 241 20.78 73.21 -8.84
N GLU Y 242 20.74 73.00 -7.53
CA GLU Y 242 21.94 72.99 -6.71
C GLU Y 242 22.49 71.57 -6.64
N GLU Y 243 23.70 71.44 -6.09
CA GLU Y 243 24.30 70.14 -5.89
C GLU Y 243 23.97 69.62 -4.49
N ARG Y 244 24.44 68.39 -4.21
CA ARG Y 244 24.29 67.82 -2.89
C ARG Y 244 25.29 68.46 -1.93
N PRO Y 245 24.92 68.68 -0.66
CA PRO Y 245 25.86 69.30 0.27
C PRO Y 245 26.96 68.34 0.73
N GLN Y 246 27.97 68.13 -0.12
CA GLN Y 246 29.06 67.22 0.20
C GLN Y 246 30.34 67.99 0.53
N THR Z 5 -2.26 20.58 14.84
CA THR Z 5 -0.87 20.89 14.60
C THR Z 5 -0.23 19.82 13.71
N GLY Z 6 -0.22 20.05 12.40
CA GLY Z 6 0.30 19.01 11.53
C GLY Z 6 -0.69 17.86 11.49
N TYR Z 7 -1.75 17.98 10.67
CA TYR Z 7 -3.19 17.86 10.92
C TYR Z 7 -3.81 19.24 11.07
N ASP Z 8 -3.11 20.29 10.62
CA ASP Z 8 -3.73 21.60 10.53
C ASP Z 8 -3.42 22.31 9.21
N LEU Z 9 -3.09 21.58 8.15
CA LEU Z 9 -2.73 22.23 6.90
C LEU Z 9 -3.95 22.57 6.05
N SER Z 10 -4.74 21.57 5.70
CA SER Z 10 -5.92 21.80 4.87
C SER Z 10 -7.09 22.26 5.72
N ALA Z 11 -8.06 22.88 5.06
CA ALA Z 11 -9.33 23.22 5.69
C ALA Z 11 -10.35 22.11 5.57
N SER Z 12 -10.02 21.02 4.90
CA SER Z 12 -10.92 19.89 4.72
C SER Z 12 -10.53 18.70 5.60
N THR Z 13 -9.64 18.90 6.56
CA THR Z 13 -9.19 17.82 7.43
C THR Z 13 -9.59 18.11 8.87
N PHE Z 14 -9.79 17.04 9.62
CA PHE Z 14 -10.17 17.10 11.02
C PHE Z 14 -8.97 16.82 11.92
N SER Z 15 -9.01 17.39 13.11
CA SER Z 15 -8.05 17.05 14.14
C SER Z 15 -8.43 15.72 14.78
N PRO Z 16 -7.51 15.09 15.51
CA PRO Z 16 -7.89 13.88 16.26
C PRO Z 16 -8.89 14.12 17.37
N ASP Z 17 -9.12 15.36 17.81
CA ASP Z 17 -10.18 15.63 18.78
C ASP Z 17 -11.40 16.29 18.16
N GLY Z 18 -11.33 16.74 16.91
CA GLY Z 18 -12.53 17.13 16.20
C GLY Z 18 -12.77 18.59 15.90
N ARG Z 19 -11.73 19.35 15.57
CA ARG Z 19 -11.91 20.73 15.15
C ARG Z 19 -10.94 21.06 14.02
N VAL Z 20 -11.25 22.13 13.29
CA VAL Z 20 -10.45 22.56 12.16
C VAL Z 20 -9.65 23.78 12.58
N PHE Z 21 -8.32 23.65 12.59
CA PHE Z 21 -7.47 24.73 13.04
C PHE Z 21 -7.31 25.84 12.01
N GLN Z 22 -7.54 25.55 10.74
CA GLN Z 22 -7.47 26.60 9.71
C GLN Z 22 -8.56 27.63 9.89
N VAL Z 23 -9.72 27.21 10.42
CA VAL Z 23 -10.71 28.19 10.83
C VAL Z 23 -10.26 28.88 12.11
N GLU Z 24 -9.60 28.13 13.01
CA GLU Z 24 -9.13 28.70 14.28
C GLU Z 24 -8.00 29.69 14.05
N TYR Z 25 -7.16 29.46 13.04
CA TYR Z 25 -6.06 30.37 12.77
C TYR Z 25 -6.54 31.67 12.18
N ALA Z 26 -7.58 31.63 11.35
CA ALA Z 26 -8.08 32.83 10.71
C ALA Z 26 -8.90 33.70 11.65
N MET Z 27 -9.37 33.15 12.78
CA MET Z 27 -10.15 33.95 13.70
C MET Z 27 -9.29 34.96 14.45
N LYS Z 28 -8.09 34.56 14.85
CA LYS Z 28 -7.22 35.45 15.61
C LYS Z 28 -6.34 36.31 14.72
N ALA Z 29 -6.54 36.24 13.40
CA ALA Z 29 -6.04 37.29 12.51
C ALA Z 29 -6.93 38.51 12.54
N VAL Z 30 -8.22 38.34 12.84
CA VAL Z 30 -9.12 39.46 13.06
C VAL Z 30 -8.78 40.16 14.38
N GLU Z 31 -8.19 39.42 15.32
CA GLU Z 31 -7.85 39.93 16.63
C GLU Z 31 -6.80 41.03 16.56
N ASN Z 32 -5.91 40.99 15.57
CA ASN Z 32 -4.84 41.97 15.46
C ASN Z 32 -5.29 43.30 14.85
N SER Z 33 -6.51 43.37 14.33
CA SER Z 33 -7.01 44.60 13.75
C SER Z 33 -7.56 45.52 14.83
N SER Z 34 -7.66 46.81 14.49
CA SER Z 34 -8.13 47.81 15.45
C SER Z 34 -9.63 47.63 15.73
N THR Z 35 -10.07 48.26 16.81
CA THR Z 35 -11.40 48.00 17.35
C THR Z 35 -12.47 48.76 16.57
N ALA Z 36 -13.50 48.05 16.15
CA ALA Z 36 -14.68 48.64 15.53
C ALA Z 36 -15.91 48.15 16.27
N ILE Z 37 -16.73 49.08 16.76
CA ILE Z 37 -17.86 48.74 17.61
C ILE Z 37 -19.15 49.07 16.89
N GLY Z 38 -20.23 48.47 17.37
CA GLY Z 38 -21.55 48.72 16.82
C GLY Z 38 -22.58 48.68 17.92
N ILE Z 39 -23.63 49.47 17.75
CA ILE Z 39 -24.65 49.64 18.78
C ILE Z 39 -25.92 50.13 18.10
N ARG Z 40 -27.07 49.76 18.66
CA ARG Z 40 -28.33 50.23 18.12
C ARG Z 40 -29.21 50.77 19.25
N CYS Z 41 -29.90 51.87 18.97
CA CYS Z 41 -30.87 52.44 19.87
C CYS Z 41 -32.25 51.94 19.49
N LYS Z 42 -33.29 52.54 20.06
CA LYS Z 42 -34.65 52.07 19.80
C LYS Z 42 -35.15 52.43 18.41
N ASP Z 43 -34.54 53.42 17.75
CA ASP Z 43 -34.95 53.82 16.41
C ASP Z 43 -33.75 54.10 15.52
N GLY Z 44 -32.76 53.23 15.56
CA GLY Z 44 -31.63 53.35 14.66
C GLY Z 44 -30.45 52.53 15.11
N VAL Z 45 -29.44 52.48 14.23
CA VAL Z 45 -28.19 51.78 14.46
C VAL Z 45 -27.06 52.79 14.27
N VAL Z 46 -26.12 52.82 15.20
CA VAL Z 46 -24.97 53.73 15.12
C VAL Z 46 -23.71 52.90 15.10
N PHE Z 47 -22.90 53.09 14.06
CA PHE Z 47 -21.60 52.45 13.93
C PHE Z 47 -20.50 53.36 14.47
N GLY Z 48 -19.32 52.78 14.62
CA GLY Z 48 -18.15 53.52 15.06
C GLY Z 48 -16.89 52.71 14.93
N VAL Z 49 -15.86 53.28 14.30
CA VAL Z 49 -14.63 52.56 13.97
C VAL Z 49 -13.44 53.38 14.45
N GLU Z 50 -12.63 52.79 15.33
CA GLU Z 50 -11.31 53.34 15.61
C GLU Z 50 -10.38 52.98 14.45
N LYS Z 51 -9.86 53.99 13.78
CA LYS Z 51 -8.99 53.80 12.62
C LYS Z 51 -7.74 54.63 12.79
N LEU Z 52 -6.58 53.99 12.65
CA LEU Z 52 -5.29 54.63 12.92
C LEU Z 52 -4.63 55.08 11.63
N VAL Z 53 -3.95 56.22 11.70
CA VAL Z 53 -3.22 56.77 10.57
C VAL Z 53 -1.91 56.00 10.42
N LEU Z 54 -1.60 55.58 9.18
CA LEU Z 54 -0.42 54.75 8.93
C LEU Z 54 0.89 55.46 9.24
N SER Z 55 1.29 56.46 8.43
CA SER Z 55 2.38 57.29 8.93
C SER Z 55 2.04 58.78 8.99
N LYS Z 56 2.00 59.45 7.84
CA LYS Z 56 1.52 60.82 7.78
C LYS Z 56 0.87 61.10 6.43
N LEU Z 57 1.22 60.29 5.43
CA LEU Z 57 0.91 60.59 4.05
C LEU Z 57 -0.49 60.12 3.64
N TYR Z 58 -1.21 59.48 4.56
CA TYR Z 58 -2.64 59.23 4.47
C TYR Z 58 -3.39 60.53 4.18
N GLU Z 59 -4.42 60.45 3.32
CA GLU Z 59 -5.01 61.69 2.86
C GLU Z 59 -6.45 61.84 3.37
N GLU Z 60 -6.65 61.50 4.65
CA GLU Z 60 -7.79 61.92 5.47
C GLU Z 60 -9.12 61.44 4.88
N GLY Z 61 -9.27 60.12 4.87
CA GLY Z 61 -10.51 59.56 4.37
C GLY Z 61 -10.31 58.42 3.40
N SER Z 62 -9.05 58.02 3.21
CA SER Z 62 -8.76 56.86 2.38
C SER Z 62 -9.11 55.59 3.12
N ASN Z 63 -9.15 54.48 2.35
CA ASN Z 63 -9.32 53.07 2.70
C ASN Z 63 -10.22 52.80 3.91
N LYS Z 64 -11.42 53.36 3.88
CA LYS Z 64 -12.31 53.34 5.02
C LYS Z 64 -12.87 51.94 5.27
N ARG Z 65 -13.35 51.73 6.49
CA ARG Z 65 -13.95 50.45 6.88
C ARG Z 65 -15.43 50.57 7.19
N LEU Z 66 -16.08 51.63 6.72
CA LEU Z 66 -17.52 51.81 6.82
C LEU Z 66 -18.08 51.80 5.40
N PHE Z 67 -18.53 50.64 4.96
CA PHE Z 67 -18.97 50.44 3.59
C PHE Z 67 -20.44 50.78 3.46
N ASN Z 68 -21.01 50.56 2.28
CA ASN Z 68 -22.40 50.90 2.02
C ASN Z 68 -22.93 49.87 1.04
N VAL Z 69 -23.59 48.84 1.57
CA VAL Z 69 -24.03 47.72 0.74
C VAL Z 69 -25.28 48.08 -0.04
N ASP Z 70 -26.32 48.52 0.65
CA ASP Z 70 -27.60 48.76 0.00
C ASP Z 70 -28.04 50.18 0.35
N ARG Z 71 -29.26 50.56 -0.01
CA ARG Z 71 -29.82 51.86 0.35
C ARG Z 71 -29.91 52.03 1.87
N HIS Z 72 -30.08 50.95 2.61
CA HIS Z 72 -30.23 50.99 4.05
C HIS Z 72 -29.29 50.04 4.80
N VAL Z 73 -28.29 49.49 4.12
CA VAL Z 73 -27.40 48.47 4.69
C VAL Z 73 -25.96 48.90 4.48
N GLY Z 74 -25.16 48.86 5.56
CA GLY Z 74 -23.73 49.09 5.45
C GLY Z 74 -22.96 48.16 6.37
N MET Z 75 -21.64 48.19 6.20
CA MET Z 75 -20.73 47.28 6.88
C MET Z 75 -19.76 48.05 7.78
N ALA Z 76 -19.17 47.32 8.73
CA ALA Z 76 -18.24 47.87 9.71
C ALA Z 76 -17.04 46.94 9.86
N VAL Z 77 -16.39 46.62 8.73
CA VAL Z 77 -15.41 45.54 8.64
C VAL Z 77 -14.18 45.79 9.51
N ALA Z 78 -13.47 44.70 9.82
CA ALA Z 78 -12.22 44.73 10.56
C ALA Z 78 -11.46 43.44 10.25
N GLY Z 79 -10.15 43.56 10.08
CA GLY Z 79 -9.32 42.43 9.72
C GLY Z 79 -8.48 42.72 8.49
N LEU Z 80 -8.37 41.75 7.58
CA LEU Z 80 -7.72 42.01 6.31
C LEU Z 80 -8.62 42.88 5.45
N LEU Z 81 -8.13 44.07 5.11
CA LEU Z 81 -8.98 45.05 4.45
C LEU Z 81 -9.27 44.66 3.00
N ALA Z 82 -8.30 44.07 2.31
CA ALA Z 82 -8.51 43.65 0.92
C ALA Z 82 -9.48 42.50 0.82
N ASP Z 83 -9.48 41.60 1.80
CA ASP Z 83 -10.42 40.49 1.82
C ASP Z 83 -11.84 40.98 2.13
N ALA Z 84 -11.97 42.09 2.84
CA ALA Z 84 -13.30 42.64 3.11
C ALA Z 84 -13.88 43.37 1.92
N ARG Z 85 -13.01 43.90 1.04
CA ARG Z 85 -13.50 44.59 -0.16
C ARG Z 85 -14.15 43.61 -1.13
N SER Z 86 -13.55 42.43 -1.30
CA SER Z 86 -14.15 41.42 -2.16
C SER Z 86 -15.42 40.85 -1.53
N LEU Z 87 -15.47 40.78 -0.21
CA LEU Z 87 -16.67 40.28 0.46
C LEU Z 87 -17.79 41.31 0.43
N ALA Z 88 -17.45 42.59 0.43
CA ALA Z 88 -18.48 43.62 0.35
C ALA Z 88 -19.14 43.65 -1.03
N ASP Z 89 -18.38 43.34 -2.07
CA ASP Z 89 -18.94 43.29 -3.42
C ASP Z 89 -19.89 42.12 -3.63
N ILE Z 90 -19.75 41.07 -2.82
CA ILE Z 90 -20.72 39.98 -2.85
C ILE Z 90 -22.06 40.44 -2.31
N ALA Z 91 -22.04 41.20 -1.21
CA ALA Z 91 -23.28 41.66 -0.60
C ALA Z 91 -23.94 42.75 -1.43
N ARG Z 92 -23.15 43.53 -2.17
CA ARG Z 92 -23.73 44.46 -3.14
C ARG Z 92 -24.43 43.71 -4.26
N GLU Z 93 -23.81 42.62 -4.71
CA GLU Z 93 -24.36 41.85 -5.82
C GLU Z 93 -25.53 41.00 -5.37
N GLU Z 94 -25.54 40.56 -4.11
CA GLU Z 94 -26.62 39.73 -3.61
C GLU Z 94 -27.90 40.53 -3.43
N ALA Z 95 -27.78 41.76 -2.94
CA ALA Z 95 -28.96 42.60 -2.74
C ALA Z 95 -29.56 43.09 -4.05
N SER Z 96 -28.77 43.10 -5.13
CA SER Z 96 -29.30 43.53 -6.42
C SER Z 96 -30.20 42.47 -7.04
N ASN Z 97 -29.87 41.19 -6.85
CA ASN Z 97 -30.70 40.14 -7.42
C ASN Z 97 -32.01 39.98 -6.68
N PHE Z 98 -32.04 40.32 -5.39
CA PHE Z 98 -33.29 40.30 -4.66
C PHE Z 98 -34.22 41.40 -5.12
N ARG Z 99 -33.66 42.54 -5.53
CA ARG Z 99 -34.47 43.61 -6.09
C ARG Z 99 -35.03 43.22 -7.46
N SER Z 100 -34.20 42.60 -8.29
CA SER Z 100 -34.61 42.25 -9.65
C SER Z 100 -35.53 41.04 -9.71
N ASN Z 101 -35.62 40.25 -8.64
CA ASN Z 101 -36.47 39.07 -8.66
C ASN Z 101 -37.70 39.22 -7.79
N PHE Z 102 -37.74 40.18 -6.88
CA PHE Z 102 -38.85 40.31 -5.95
C PHE Z 102 -39.39 41.72 -5.83
N GLY Z 103 -38.64 42.74 -6.22
CA GLY Z 103 -39.18 44.08 -6.36
C GLY Z 103 -39.20 44.94 -5.12
N TYR Z 104 -38.48 44.57 -4.07
CA TYR Z 104 -38.45 45.37 -2.86
C TYR Z 104 -37.10 45.17 -2.16
N ASN Z 105 -36.90 45.93 -1.09
CA ASN Z 105 -35.61 45.96 -0.42
C ASN Z 105 -35.34 44.66 0.32
N ILE Z 106 -34.07 44.33 0.44
CA ILE Z 106 -33.69 43.05 1.07
C ILE Z 106 -33.86 43.17 2.59
N PRO Z 107 -34.51 42.21 3.23
CA PRO Z 107 -34.51 42.17 4.69
C PRO Z 107 -33.14 41.79 5.21
N LEU Z 108 -32.78 42.38 6.35
CA LEU Z 108 -31.45 42.15 6.90
C LEU Z 108 -31.31 40.74 7.45
N LYS Z 109 -32.41 40.14 7.92
CA LYS Z 109 -32.36 38.76 8.38
C LYS Z 109 -32.10 37.78 7.25
N HIS Z 110 -32.58 38.09 6.05
CA HIS Z 110 -32.30 37.25 4.89
C HIS Z 110 -30.97 37.57 4.25
N LEU Z 111 -30.50 38.82 4.39
CA LEU Z 111 -29.23 39.20 3.77
C LEU Z 111 -28.05 38.57 4.50
N ALA Z 112 -28.10 38.53 5.83
CA ALA Z 112 -27.02 37.93 6.60
C ALA Z 112 -26.94 36.43 6.42
N ASP Z 113 -28.05 35.78 6.06
CA ASP Z 113 -28.01 34.35 5.79
C ASP Z 113 -27.31 34.07 4.47
N ARG Z 114 -27.54 34.91 3.46
CA ARG Z 114 -26.94 34.69 2.15
C ARG Z 114 -25.44 34.94 2.18
N VAL Z 115 -24.99 35.87 3.02
CA VAL Z 115 -23.57 36.17 3.10
C VAL Z 115 -22.85 35.10 3.91
N ALA Z 116 -23.44 34.67 5.03
CA ALA Z 116 -22.77 33.71 5.91
C ALA Z 116 -22.65 32.33 5.27
N MET Z 117 -23.60 31.96 4.42
CA MET Z 117 -23.45 30.72 3.65
C MET Z 117 -22.35 30.83 2.61
N TYR Z 118 -22.12 32.04 2.09
CA TYR Z 118 -21.01 32.24 1.16
C TYR Z 118 -19.66 32.21 1.86
N VAL Z 119 -19.60 32.71 3.09
CA VAL Z 119 -18.37 32.59 3.89
C VAL Z 119 -18.15 31.15 4.29
N HIS Z 120 -19.24 30.39 4.48
CA HIS Z 120 -19.15 28.99 4.88
C HIS Z 120 -18.51 28.13 3.80
N ALA Z 121 -18.71 28.48 2.53
CA ALA Z 121 -18.24 27.65 1.43
C ALA Z 121 -16.72 27.69 1.29
N TYR Z 122 -16.06 28.71 1.82
CA TYR Z 122 -14.60 28.78 1.78
C TYR Z 122 -13.95 28.10 2.97
N THR Z 123 -14.73 27.37 3.78
CA THR Z 123 -14.20 26.64 4.92
C THR Z 123 -14.33 25.13 4.75
N LEU Z 124 -14.48 24.67 3.52
CA LEU Z 124 -14.77 23.27 3.25
C LEU Z 124 -13.78 22.61 2.29
N TYR Z 125 -13.22 23.37 1.37
CA TYR Z 125 -12.38 22.80 0.33
C TYR Z 125 -10.90 23.08 0.61
N SER Z 126 -10.05 22.19 0.09
CA SER Z 126 -8.61 22.36 0.24
C SER Z 126 -8.03 23.33 -0.78
N ALA Z 127 -8.78 23.72 -1.80
CA ALA Z 127 -8.27 24.64 -2.79
C ALA Z 127 -8.26 26.08 -2.28
N VAL Z 128 -9.24 26.45 -1.47
CA VAL Z 128 -9.40 27.81 -0.99
C VAL Z 128 -9.20 27.82 0.52
N ARG Z 129 -8.98 29.01 1.06
CA ARG Z 129 -8.84 29.20 2.48
C ARG Z 129 -10.04 29.93 3.05
N PRO Z 130 -10.28 29.85 4.37
CA PRO Z 130 -11.31 30.70 4.97
C PRO Z 130 -10.92 32.17 4.93
N PHE Z 131 -11.94 33.02 5.01
CA PHE Z 131 -11.73 34.47 5.04
C PHE Z 131 -11.04 34.88 6.34
N GLY Z 132 -10.48 36.09 6.31
CA GLY Z 132 -9.87 36.65 7.50
C GLY Z 132 -10.56 37.93 7.91
N CYS Z 133 -11.89 37.95 7.85
CA CYS Z 133 -12.66 39.15 8.12
C CYS Z 133 -13.79 38.87 9.09
N SER Z 134 -14.14 39.88 9.86
CA SER Z 134 -15.37 39.91 10.63
C SER Z 134 -15.96 41.31 10.52
N PHE Z 135 -17.28 41.40 10.53
CA PHE Z 135 -17.93 42.65 10.18
C PHE Z 135 -19.29 42.73 10.85
N MET Z 136 -19.95 43.87 10.64
CA MET Z 136 -21.24 44.17 11.23
C MET Z 136 -22.23 44.48 10.11
N LEU Z 137 -23.52 44.31 10.41
CA LEU Z 137 -24.58 44.65 9.47
C LEU Z 137 -25.68 45.36 10.23
N GLY Z 138 -25.94 46.61 9.85
CA GLY Z 138 -26.98 47.39 10.51
C GLY Z 138 -27.93 47.97 9.48
N SER Z 139 -29.22 47.94 9.81
CA SER Z 139 -30.24 48.47 8.93
C SER Z 139 -31.40 49.00 9.76
N TYR Z 140 -32.32 49.68 9.08
CA TYR Z 140 -33.51 50.20 9.74
C TYR Z 140 -34.66 50.18 8.74
N SER Z 141 -35.84 49.85 9.25
CA SER Z 141 -37.06 49.85 8.44
C SER Z 141 -38.22 50.28 9.31
N VAL Z 142 -39.35 50.53 8.66
CA VAL Z 142 -40.56 50.90 9.39
C VAL Z 142 -41.43 49.69 9.73
N ASN Z 143 -41.30 48.60 8.99
CA ASN Z 143 -42.02 47.38 9.30
C ASN Z 143 -41.19 46.39 10.11
N ASP Z 144 -39.90 46.65 10.29
CA ASP Z 144 -39.02 45.74 11.00
C ASP Z 144 -38.18 46.40 12.10
N GLY Z 145 -38.11 47.72 12.14
CA GLY Z 145 -37.28 48.38 13.13
C GLY Z 145 -35.82 48.31 12.76
N ALA Z 146 -34.98 48.39 13.79
CA ALA Z 146 -33.53 48.35 13.63
C ALA Z 146 -33.00 46.97 14.03
N GLN Z 147 -32.04 46.47 13.25
CA GLN Z 147 -31.39 45.21 13.55
C GLN Z 147 -29.88 45.39 13.48
N LEU Z 148 -29.16 44.49 14.14
CA LEU Z 148 -27.71 44.55 14.18
C LEU Z 148 -27.17 43.13 14.24
N TYR Z 149 -26.31 42.78 13.28
CA TYR Z 149 -25.85 41.41 13.10
C TYR Z 149 -24.33 41.34 13.21
N MET Z 150 -23.80 40.13 13.10
CA MET Z 150 -22.42 39.84 13.47
C MET Z 150 -21.99 38.55 12.80
N ILE Z 151 -20.93 38.61 11.99
CA ILE Z 151 -20.49 37.47 11.20
C ILE Z 151 -19.00 37.23 11.49
N ASP Z 152 -18.69 36.04 11.97
CA ASP Z 152 -17.32 35.60 12.24
C ASP Z 152 -16.72 35.00 10.97
N PRO Z 153 -15.41 34.72 10.93
CA PRO Z 153 -14.86 34.01 9.77
C PRO Z 153 -15.38 32.59 9.58
N SER Z 154 -15.93 31.94 10.61
CA SER Z 154 -16.48 30.61 10.42
C SER Z 154 -17.83 30.62 9.72
N GLY Z 155 -18.63 31.67 9.92
CA GLY Z 155 -19.93 31.78 9.30
C GLY Z 155 -21.11 31.80 10.25
N VAL Z 156 -20.87 31.87 11.56
CA VAL Z 156 -21.95 31.95 12.53
C VAL Z 156 -22.48 33.38 12.53
N SER Z 157 -23.78 33.53 12.33
CA SER Z 157 -24.39 34.84 12.14
C SER Z 157 -25.69 34.92 12.91
N TYR Z 158 -25.72 35.77 13.94
CA TYR Z 158 -26.94 36.05 14.68
C TYR Z 158 -26.85 37.44 15.30
N GLY Z 159 -27.93 37.84 15.97
CA GLY Z 159 -28.12 39.23 16.33
C GLY Z 159 -27.70 39.61 17.73
N TYR Z 160 -27.29 40.87 17.87
CA TYR Z 160 -26.87 41.48 19.12
C TYR Z 160 -27.66 42.75 19.36
N TRP Z 161 -27.44 43.35 20.53
CA TRP Z 161 -27.74 44.77 20.73
C TRP Z 161 -26.50 45.64 20.62
N GLY Z 162 -25.34 45.10 20.96
CA GLY Z 162 -24.09 45.82 20.83
C GLY Z 162 -22.94 44.86 20.68
N CYS Z 163 -21.88 45.31 20.05
CA CYS Z 163 -20.74 44.43 19.77
C CYS Z 163 -19.46 45.25 19.59
N ALA Z 164 -18.36 44.52 19.48
CA ALA Z 164 -17.05 45.09 19.21
C ALA Z 164 -16.23 44.05 18.45
N ILE Z 165 -15.40 44.53 17.53
CA ILE Z 165 -14.54 43.65 16.73
C ILE Z 165 -13.15 44.27 16.68
N GLY Z 166 -12.16 43.55 17.18
CA GLY Z 166 -10.78 44.03 17.10
C GLY Z 166 -9.93 43.45 18.22
N LYS Z 167 -8.93 44.23 18.64
CA LYS Z 167 -8.17 43.88 19.84
C LYS Z 167 -9.07 43.89 21.07
N ALA Z 168 -9.71 45.02 21.33
CA ALA Z 168 -10.50 45.19 22.55
C ALA Z 168 -11.95 44.76 22.31
N ARG Z 169 -12.12 43.47 22.00
CA ARG Z 169 -13.46 42.93 21.89
C ARG Z 169 -14.10 42.77 23.27
N GLN Z 170 -13.35 42.25 24.23
CA GLN Z 170 -13.85 42.13 25.59
C GLN Z 170 -13.79 43.47 26.33
N ALA Z 171 -12.73 44.24 26.08
CA ALA Z 171 -12.51 45.49 26.82
C ALA Z 171 -13.47 46.59 26.40
N ALA Z 172 -14.18 46.45 25.28
CA ALA Z 172 -15.18 47.44 24.90
C ALA Z 172 -16.57 47.07 25.39
N LYS Z 173 -16.94 45.80 25.28
CA LYS Z 173 -18.28 45.35 25.67
C LYS Z 173 -18.49 45.32 27.17
N THR Z 174 -17.44 45.54 27.97
CA THR Z 174 -17.60 45.71 29.41
C THR Z 174 -18.39 46.98 29.71
N GLU Z 175 -18.09 48.07 29.00
CA GLU Z 175 -18.75 49.34 29.22
C GLU Z 175 -19.83 49.65 28.20
N ILE Z 176 -20.06 48.78 27.22
CA ILE Z 176 -21.25 48.93 26.38
C ILE Z 176 -22.49 48.54 27.17
N GLU Z 177 -22.41 47.45 27.94
CA GLU Z 177 -23.56 46.89 28.63
C GLU Z 177 -24.01 47.70 29.84
N LYS Z 178 -23.28 48.75 30.24
CA LYS Z 178 -23.74 49.66 31.27
C LYS Z 178 -24.47 50.87 30.70
N LEU Z 179 -25.02 50.74 29.50
CA LEU Z 179 -25.80 51.80 28.88
C LEU Z 179 -27.25 51.37 28.77
N GLN Z 180 -28.17 52.31 28.93
CA GLN Z 180 -29.60 52.04 28.79
C GLN Z 180 -30.01 52.28 27.34
N MET Z 181 -29.57 51.36 26.49
CA MET Z 181 -29.71 51.49 25.04
C MET Z 181 -31.12 51.21 24.53
N LYS Z 182 -32.01 50.68 25.38
CA LYS Z 182 -33.33 50.32 24.93
C LYS Z 182 -34.23 51.53 24.71
N GLU Z 183 -33.91 52.67 25.32
CA GLU Z 183 -34.77 53.84 25.25
C GLU Z 183 -34.09 55.11 24.77
N MET Z 184 -32.78 55.09 24.53
CA MET Z 184 -32.10 56.29 24.07
C MET Z 184 -32.41 56.56 22.60
N THR Z 185 -32.26 57.82 22.21
CA THR Z 185 -32.31 58.19 20.81
C THR Z 185 -30.91 58.14 20.22
N CYS Z 186 -30.83 57.86 18.92
CA CYS Z 186 -29.55 57.73 18.24
C CYS Z 186 -28.89 59.06 17.89
N ARG Z 187 -29.36 60.18 18.45
CA ARG Z 187 -28.52 61.38 18.49
C ARG Z 187 -27.75 61.45 19.79
N ASP Z 188 -28.32 60.96 20.88
CA ASP Z 188 -27.61 60.83 22.14
C ASP Z 188 -26.63 59.67 22.13
N ILE Z 189 -26.83 58.69 21.24
CA ILE Z 189 -25.91 57.57 21.14
C ILE Z 189 -24.57 58.01 20.57
N VAL Z 190 -24.58 58.98 19.64
CA VAL Z 190 -23.39 59.37 18.91
C VAL Z 190 -22.34 60.00 19.84
N LYS Z 191 -22.78 60.82 20.78
CA LYS Z 191 -21.86 61.34 21.78
C LYS Z 191 -21.43 60.30 22.79
N GLU Z 192 -22.14 59.17 22.88
CA GLU Z 192 -21.75 58.10 23.79
C GLU Z 192 -20.86 57.05 23.13
N VAL Z 193 -20.92 56.92 21.81
CA VAL Z 193 -20.03 55.99 21.11
C VAL Z 193 -18.59 56.50 21.17
N ALA Z 194 -18.41 57.81 21.07
CA ALA Z 194 -17.08 58.39 20.94
C ALA Z 194 -16.25 58.25 22.20
N LYS Z 195 -16.88 58.19 23.38
CA LYS Z 195 -16.12 57.95 24.59
C LYS Z 195 -15.73 56.49 24.77
N ILE Z 196 -16.47 55.56 24.15
CA ILE Z 196 -16.10 54.16 24.26
C ILE Z 196 -14.82 53.90 23.46
N ILE Z 197 -14.66 54.61 22.34
CA ILE Z 197 -13.45 54.50 21.54
C ILE Z 197 -12.27 55.11 22.29
N TYR Z 198 -12.45 56.28 22.89
CA TYR Z 198 -11.31 57.02 23.41
C TYR Z 198 -10.86 56.53 24.77
N ILE Z 199 -11.66 55.72 25.48
CA ILE Z 199 -11.21 55.13 26.73
C ILE Z 199 -10.11 54.11 26.46
N VAL Z 200 -10.36 53.17 25.56
CA VAL Z 200 -9.48 52.01 25.42
C VAL Z 200 -8.52 52.25 24.25
N HIS Z 201 -7.37 52.85 24.60
CA HIS Z 201 -6.12 52.83 23.82
C HIS Z 201 -6.28 53.42 22.42
N ASP Z 202 -6.54 54.72 22.38
CA ASP Z 202 -6.66 55.39 21.08
C ASP Z 202 -5.29 55.69 20.48
N GLU Z 203 -4.39 56.32 21.26
CA GLU Z 203 -3.04 56.60 20.79
C GLU Z 203 -1.99 56.42 21.88
N VAL Z 204 -2.21 55.47 22.79
CA VAL Z 204 -1.34 55.34 23.96
C VAL Z 204 0.01 54.75 23.57
N LYS Z 205 0.02 53.52 23.09
CA LYS Z 205 1.22 52.92 22.52
C LYS Z 205 1.24 52.99 21.01
N ASP Z 206 0.15 53.46 20.40
CA ASP Z 206 0.10 53.71 18.97
C ASP Z 206 0.46 55.17 18.70
N LYS Z 207 0.44 55.55 17.42
CA LYS Z 207 0.87 56.89 17.04
C LYS Z 207 -0.31 57.86 16.95
N ALA Z 208 -1.27 57.57 16.07
CA ALA Z 208 -2.37 58.49 15.83
C ALA Z 208 -3.58 57.69 15.37
N PHE Z 209 -4.69 58.39 15.19
CA PHE Z 209 -5.96 57.75 14.90
C PHE Z 209 -6.91 58.80 14.33
N GLU Z 210 -8.05 58.32 13.85
CA GLU Z 210 -9.12 59.20 13.42
C GLU Z 210 -10.43 58.44 13.56
N LEU Z 211 -11.45 59.11 14.09
CA LEU Z 211 -12.73 58.48 14.38
C LEU Z 211 -13.67 58.60 13.20
N GLU Z 212 -14.35 57.50 12.88
CA GLU Z 212 -15.38 57.46 11.85
C GLU Z 212 -16.67 56.94 12.47
N LEU Z 213 -17.78 57.61 12.17
CA LEU Z 213 -19.07 57.25 12.74
C LEU Z 213 -20.08 57.15 11.61
N SER Z 214 -20.59 55.95 11.37
CA SER Z 214 -21.67 55.77 10.41
C SER Z 214 -23.01 55.77 11.14
N TRP Z 215 -24.09 55.83 10.36
CA TRP Z 215 -25.33 56.36 10.92
C TRP Z 215 -26.55 56.02 10.06
N VAL Z 216 -27.53 55.35 10.66
CA VAL Z 216 -28.73 54.92 9.97
C VAL Z 216 -29.86 54.84 11.00
N GLY Z 217 -31.06 55.22 10.57
CA GLY Z 217 -32.19 55.10 11.48
C GLY Z 217 -33.35 55.97 11.03
N GLU Z 218 -34.16 56.37 12.01
CA GLU Z 218 -35.39 57.09 11.74
C GLU Z 218 -35.13 58.51 11.28
N LEU Z 219 -34.04 59.13 11.76
CA LEU Z 219 -33.78 60.52 11.42
C LEU Z 219 -33.28 60.65 9.98
N THR Z 220 -32.68 59.59 9.45
CA THR Z 220 -32.22 59.58 8.07
C THR Z 220 -33.27 59.08 7.10
N ASN Z 221 -34.47 58.74 7.61
CA ASN Z 221 -35.58 58.17 6.83
C ASN Z 221 -35.17 56.88 6.10
N GLY Z 222 -34.39 56.05 6.79
CA GLY Z 222 -33.92 54.81 6.23
C GLY Z 222 -32.62 54.89 5.47
N ARG Z 223 -32.12 56.09 5.20
CA ARG Z 223 -30.86 56.23 4.49
C ARG Z 223 -29.69 55.85 5.40
N HIS Z 224 -28.60 55.43 4.77
CA HIS Z 224 -27.37 55.15 5.49
C HIS Z 224 -26.27 56.09 4.98
N GLU Z 225 -25.71 56.88 5.89
CA GLU Z 225 -24.65 57.80 5.52
C GLU Z 225 -23.80 58.08 6.75
N ILE Z 226 -22.69 58.77 6.52
CA ILE Z 226 -21.80 59.16 7.61
C ILE Z 226 -22.46 60.31 8.38
N VAL Z 227 -22.06 60.48 9.64
CA VAL Z 227 -22.61 61.51 10.51
C VAL Z 227 -22.21 62.89 10.00
N PRO Z 228 -23.04 63.90 10.24
CA PRO Z 228 -22.56 65.29 10.16
C PRO Z 228 -21.98 65.75 11.50
N LYS Z 229 -20.94 65.07 11.95
CA LYS Z 229 -20.20 65.51 13.13
C LYS Z 229 -18.85 66.08 12.76
N ASP Z 230 -18.58 66.25 11.47
CA ASP Z 230 -17.74 67.36 11.04
C ASP Z 230 -18.44 68.68 11.32
N ILE Z 231 -19.77 68.69 11.22
CA ILE Z 231 -20.58 69.81 11.69
C ILE Z 231 -20.64 69.75 13.21
N ARG Z 232 -20.16 70.81 13.86
CA ARG Z 232 -20.20 71.12 15.29
C ARG Z 232 -19.26 70.28 16.15
N GLU Z 233 -18.69 69.21 15.57
CA GLU Z 233 -17.52 68.48 16.10
C GLU Z 233 -17.78 67.93 17.51
N GLU Z 234 -19.04 67.60 17.80
CA GLU Z 234 -19.47 67.42 19.18
C GLU Z 234 -19.04 66.09 19.78
N ALA Z 235 -18.64 65.13 18.97
CA ALA Z 235 -18.20 63.84 19.49
C ALA Z 235 -16.90 63.97 20.25
N GLU Z 236 -15.93 64.68 19.67
CA GLU Z 236 -14.64 64.84 20.32
C GLU Z 236 -14.69 65.86 21.44
N LYS Z 237 -15.62 66.82 21.37
CA LYS Z 237 -15.76 67.81 22.43
C LYS Z 237 -16.33 67.19 23.70
N TYR Z 238 -17.15 66.15 23.55
CA TYR Z 238 -17.79 65.53 24.69
C TYR Z 238 -16.99 64.35 25.23
N ALA Z 239 -16.20 63.70 24.39
CA ALA Z 239 -15.45 62.53 24.82
C ALA Z 239 -14.10 62.90 25.42
N LYS Z 240 -13.48 63.98 24.96
CA LYS Z 240 -12.19 64.38 25.54
C LYS Z 240 -12.34 65.04 26.90
N GLU Z 241 -13.56 65.36 27.32
CA GLU Z 241 -13.80 65.83 28.68
C GLU Z 241 -13.78 64.70 29.70
N SER Z 242 -13.70 63.44 29.26
CA SER Z 242 -13.64 62.28 30.15
C SER Z 242 -12.21 61.90 30.52
N LEU Z 243 -11.29 62.87 30.52
CA LEU Z 243 -9.92 62.59 30.91
C LEU Z 243 -9.79 62.32 32.41
N LYS Z 244 -10.69 62.88 33.21
CA LYS Z 244 -10.71 62.63 34.64
C LYS Z 244 -12.14 62.40 35.13
N THR AA 34 -64.00 32.80 -21.93
CA THR AA 34 -63.36 32.97 -20.63
C THR AA 34 -63.51 34.40 -20.17
N THR AA 35 -64.01 34.60 -18.96
CA THR AA 35 -64.16 35.92 -18.38
C THR AA 35 -63.81 35.87 -16.91
N ILE AA 36 -62.86 36.69 -16.49
CA ILE AA 36 -62.40 36.73 -15.12
C ILE AA 36 -62.59 38.13 -14.56
N MET AA 37 -62.66 38.22 -13.24
CA MET AA 37 -63.11 39.44 -12.58
C MET AA 37 -62.43 39.55 -11.22
N ALA AA 38 -62.06 40.77 -10.84
CA ALA AA 38 -61.42 41.00 -9.56
C ALA AA 38 -61.73 42.43 -9.10
N VAL AA 39 -62.27 42.55 -7.89
CA VAL AA 39 -62.64 43.85 -7.31
C VAL AA 39 -62.16 43.86 -5.87
N GLN AA 40 -61.38 44.89 -5.51
CA GLN AA 40 -60.99 45.06 -4.12
C GLN AA 40 -62.00 45.94 -3.39
N PHE AA 41 -62.01 45.81 -2.08
CA PHE AA 41 -62.86 46.63 -1.22
C PHE AA 41 -62.04 46.98 0.02
N ASP AA 42 -62.71 47.45 1.07
CA ASP AA 42 -62.01 47.96 2.25
C ASP AA 42 -61.31 46.84 3.01
N GLY AA 43 -61.98 45.71 3.19
CA GLY AA 43 -61.38 44.58 3.86
C GLY AA 43 -60.38 43.83 3.00
N GLY AA 44 -60.83 43.31 1.87
CA GLY AA 44 -59.97 42.53 0.99
C GLY AA 44 -60.40 42.65 -0.45
N VAL AA 45 -60.42 41.51 -1.15
CA VAL AA 45 -60.71 41.46 -2.58
C VAL AA 45 -61.83 40.44 -2.82
N VAL AA 46 -62.42 40.52 -4.00
CA VAL AA 46 -63.47 39.61 -4.46
C VAL AA 46 -63.11 39.13 -5.86
N LEU AA 47 -63.08 37.83 -6.06
CA LEU AA 47 -62.75 37.24 -7.36
C LEU AA 47 -63.97 36.54 -7.95
N GLY AA 48 -63.89 36.26 -9.25
CA GLY AA 48 -64.98 35.60 -9.94
C GLY AA 48 -64.65 35.21 -11.37
N ALA AA 49 -65.21 34.09 -11.84
CA ALA AA 49 -64.92 33.60 -13.18
C ALA AA 49 -66.03 32.64 -13.63
N ASP AA 50 -66.06 32.42 -14.94
CA ASP AA 50 -66.93 31.43 -15.58
C ASP AA 50 -66.21 30.09 -15.62
N SER AA 51 -66.74 29.09 -16.34
CA SER AA 51 -65.92 27.90 -16.49
C SER AA 51 -65.55 27.53 -17.93
N ARG AA 52 -66.49 26.92 -18.68
CA ARG AA 52 -66.54 26.69 -20.13
C ARG AA 52 -65.23 26.63 -20.90
N THR AA 53 -64.34 25.71 -20.55
CA THR AA 53 -63.11 25.52 -21.31
C THR AA 53 -63.45 24.91 -22.67
N THR AA 54 -63.28 25.68 -23.73
CA THR AA 54 -63.69 25.30 -25.07
C THR AA 54 -62.49 24.95 -25.93
N THR AA 55 -62.80 24.37 -27.09
CA THR AA 55 -61.82 24.15 -28.15
C THR AA 55 -62.57 24.15 -29.48
N GLY AA 56 -62.21 25.09 -30.36
CA GLY AA 56 -62.98 25.31 -31.55
C GLY AA 56 -64.36 25.87 -31.22
N SER AA 57 -65.40 25.05 -31.42
CA SER AA 57 -66.74 25.38 -30.98
C SER AA 57 -67.30 24.29 -30.07
N TYR AA 58 -66.44 23.44 -29.53
CA TYR AA 58 -66.83 22.34 -28.68
C TYR AA 58 -66.33 22.59 -27.26
N ILE AA 59 -67.23 22.51 -26.30
CA ILE AA 59 -66.85 22.62 -24.89
C ILE AA 59 -66.19 21.31 -24.47
N ALA AA 60 -64.92 21.38 -24.06
CA ALA AA 60 -64.23 20.23 -23.54
C ALA AA 60 -64.51 20.02 -22.06
N ASN AA 61 -64.35 21.07 -21.27
CA ASN AA 61 -64.60 21.02 -19.84
C ASN AA 61 -65.78 21.94 -19.52
N ARG AA 62 -66.76 21.40 -18.80
CA ARG AA 62 -68.02 22.10 -18.59
C ARG AA 62 -68.02 22.89 -17.29
N VAL AA 63 -67.28 22.43 -16.30
CA VAL AA 63 -67.09 23.15 -15.04
C VAL AA 63 -65.61 23.12 -14.69
N THR AA 64 -65.05 24.28 -14.34
CA THR AA 64 -63.61 24.45 -14.34
C THR AA 64 -63.23 25.42 -13.22
N ASP AA 65 -62.20 25.06 -12.45
CA ASP AA 65 -61.61 25.97 -11.46
C ASP AA 65 -60.65 26.92 -12.20
N LYS AA 66 -61.17 28.06 -12.61
CA LYS AA 66 -60.34 29.06 -13.27
C LYS AA 66 -59.50 29.87 -12.29
N LEU AA 67 -59.77 29.78 -10.99
CA LEU AA 67 -59.00 30.47 -9.98
C LEU AA 67 -58.21 29.45 -9.18
N THR AA 68 -56.96 29.78 -8.86
CA THR AA 68 -56.03 28.82 -8.31
C THR AA 68 -55.37 29.36 -7.05
N PRO AA 69 -55.36 28.60 -5.96
CA PRO AA 69 -54.64 29.03 -4.76
C PRO AA 69 -53.13 28.92 -4.95
N ILE AA 70 -52.41 29.94 -4.48
CA ILE AA 70 -50.96 29.92 -4.44
C ILE AA 70 -50.53 29.83 -2.99
N HIS AA 71 -50.96 30.81 -2.20
CA HIS AA 71 -50.70 30.82 -0.76
C HIS AA 71 -52.07 30.80 -0.09
N ASP AA 72 -52.10 30.89 1.24
CA ASP AA 72 -53.37 30.88 1.96
C ASP AA 72 -54.17 32.17 1.76
N ARG AA 73 -53.54 33.24 1.31
CA ARG AA 73 -54.21 34.52 1.16
C ARG AA 73 -54.14 35.08 -0.26
N ILE AA 74 -53.45 34.41 -1.17
CA ILE AA 74 -53.20 34.95 -2.50
C ILE AA 74 -53.75 33.97 -3.53
N PHE AA 75 -54.69 34.45 -4.35
CA PHE AA 75 -55.20 33.69 -5.47
C PHE AA 75 -54.75 34.31 -6.79
N CYS AA 76 -54.94 33.56 -7.87
CA CYS AA 76 -54.81 34.11 -9.21
C CYS AA 76 -55.88 33.47 -10.09
N CYS AA 77 -56.38 34.23 -11.04
CA CYS AA 77 -57.30 33.73 -12.04
C CYS AA 77 -56.64 33.85 -13.41
N ARG AA 78 -56.70 32.77 -14.18
CA ARG AA 78 -55.86 32.61 -15.36
C ARG AA 78 -56.70 32.67 -16.62
N SER AA 79 -56.06 33.12 -17.71
CA SER AA 79 -56.71 33.21 -19.00
C SER AA 79 -55.67 33.06 -20.10
N GLY AA 80 -56.12 32.62 -21.26
CA GLY AA 80 -55.23 32.35 -22.37
C GLY AA 80 -55.16 30.88 -22.68
N SER AA 81 -53.97 30.39 -23.02
CA SER AA 81 -53.79 28.97 -23.24
C SER AA 81 -53.84 28.22 -21.92
N ALA AA 82 -54.50 27.06 -21.93
CA ALA AA 82 -54.70 26.31 -20.70
C ALA AA 82 -53.41 25.66 -20.22
N ALA AA 83 -52.66 25.05 -21.14
CA ALA AA 83 -51.45 24.34 -20.75
C ALA AA 83 -50.33 25.29 -20.36
N ASP AA 84 -50.36 26.53 -20.87
CA ASP AA 84 -49.33 27.48 -20.51
C ASP AA 84 -49.54 28.03 -19.11
N THR AA 85 -50.78 28.39 -18.77
CA THR AA 85 -51.06 29.01 -17.48
C THR AA 85 -50.99 28.01 -16.34
N GLN AA 86 -51.25 26.72 -16.60
CA GLN AA 86 -51.11 25.72 -15.55
C GLN AA 86 -49.65 25.46 -15.22
N ALA AA 87 -48.76 25.57 -16.20
CA ALA AA 87 -47.34 25.36 -15.94
C ALA AA 87 -46.73 26.52 -15.19
N VAL AA 88 -47.19 27.75 -15.45
CA VAL AA 88 -46.65 28.91 -14.76
C VAL AA 88 -47.12 28.94 -13.31
N ALA AA 89 -48.39 28.61 -13.07
CA ALA AA 89 -48.95 28.66 -11.73
C ALA AA 89 -48.35 27.61 -10.80
N ASP AA 90 -47.84 26.52 -11.36
CA ASP AA 90 -47.13 25.55 -10.54
C ASP AA 90 -45.75 26.03 -10.14
N ALA AA 91 -45.06 26.75 -11.04
CA ALA AA 91 -43.71 27.21 -10.74
C ALA AA 91 -43.71 28.36 -9.76
N VAL AA 92 -44.70 29.24 -9.85
CA VAL AA 92 -44.79 30.37 -8.93
C VAL AA 92 -45.15 29.89 -7.54
N THR AA 93 -46.03 28.88 -7.45
CA THR AA 93 -46.36 28.28 -6.16
C THR AA 93 -45.15 27.57 -5.57
N TYR AA 94 -44.31 26.99 -6.42
CA TYR AA 94 -43.06 26.38 -5.96
C TYR AA 94 -42.09 27.43 -5.45
N GLN AA 95 -41.96 28.56 -6.15
CA GLN AA 95 -40.97 29.55 -5.77
C GLN AA 95 -41.43 30.39 -4.60
N LEU AA 96 -42.68 30.85 -4.61
CA LEU AA 96 -43.19 31.67 -3.51
C LEU AA 96 -43.39 30.84 -2.25
N GLY AA 97 -43.81 29.59 -2.41
CA GLY AA 97 -43.98 28.72 -1.24
C GLY AA 97 -42.66 28.38 -0.58
N PHE AA 98 -41.60 28.26 -1.37
CA PHE AA 98 -40.27 28.07 -0.81
C PHE AA 98 -39.75 29.35 -0.18
N HIS AA 99 -40.13 30.50 -0.72
CA HIS AA 99 -39.54 31.77 -0.30
C HIS AA 99 -40.07 32.24 1.05
N SER AA 100 -41.32 31.96 1.37
CA SER AA 100 -41.90 32.42 2.61
C SER AA 100 -41.47 31.60 3.82
N ILE AA 101 -41.04 30.35 3.61
CA ILE AA 101 -40.59 29.52 4.72
C ILE AA 101 -39.23 30.00 5.22
N GLU AA 102 -38.40 30.52 4.32
CA GLU AA 102 -37.10 31.06 4.73
C GLU AA 102 -37.25 32.32 5.54
N LEU AA 103 -38.13 33.22 5.13
CA LEU AA 103 -38.31 34.48 5.85
C LEU AA 103 -39.10 34.31 7.14
N ASN AA 104 -39.83 33.20 7.28
CA ASN AA 104 -40.74 32.94 8.40
C ASN AA 104 -41.78 34.06 8.53
N GLU AA 105 -42.27 34.52 7.39
CA GLU AA 105 -43.22 35.61 7.29
C GLU AA 105 -44.23 35.29 6.19
N PRO AA 106 -45.46 35.78 6.31
CA PRO AA 106 -46.40 35.69 5.19
C PRO AA 106 -45.94 36.55 4.04
N PRO AA 107 -46.05 36.05 2.81
CA PRO AA 107 -45.54 36.80 1.66
C PRO AA 107 -46.44 37.98 1.29
N LEU AA 108 -45.86 38.88 0.51
CA LEU AA 108 -46.57 40.04 0.01
C LEU AA 108 -47.28 39.71 -1.30
N VAL AA 109 -48.40 40.38 -1.54
CA VAL AA 109 -49.11 40.18 -2.79
C VAL AA 109 -48.33 40.78 -3.96
N HIS AA 110 -47.63 41.90 -3.70
CA HIS AA 110 -46.78 42.49 -4.73
C HIS AA 110 -45.57 41.61 -5.04
N THR AA 111 -45.13 40.82 -4.07
CA THR AA 111 -44.05 39.87 -4.32
C THR AA 111 -44.48 38.77 -5.28
N ALA AA 112 -45.72 38.29 -5.11
CA ALA AA 112 -46.24 37.24 -5.99
C ALA AA 112 -46.48 37.75 -7.40
N ALA AA 113 -46.93 38.99 -7.53
CA ALA AA 113 -47.18 39.55 -8.86
C ALA AA 113 -45.88 39.83 -9.60
N SER AA 114 -44.78 40.01 -8.87
CA SER AA 114 -43.49 40.21 -9.51
C SER AA 114 -42.99 38.92 -10.14
N LEU AA 115 -43.32 37.77 -9.55
CA LEU AA 115 -42.82 36.50 -10.06
C LEU AA 115 -43.49 36.10 -11.36
N PHE AA 116 -44.77 36.46 -11.54
CA PHE AA 116 -45.40 36.23 -12.83
C PHE AA 116 -44.83 37.14 -13.90
N LYS AA 117 -44.38 38.34 -13.53
CA LYS AA 117 -43.80 39.26 -14.49
C LYS AA 117 -42.45 38.76 -14.98
N GLU AA 118 -41.67 38.14 -14.09
CA GLU AA 118 -40.33 37.68 -14.45
C GLU AA 118 -40.36 36.46 -15.37
N MET AA 119 -41.49 35.76 -15.46
CA MET AA 119 -41.61 34.64 -16.37
C MET AA 119 -42.35 34.99 -17.66
N CYS AA 120 -43.38 35.84 -17.59
CA CYS AA 120 -44.14 36.18 -18.78
C CYS AA 120 -43.36 37.12 -19.68
N TYR AA 121 -42.62 38.06 -19.10
CA TYR AA 121 -41.80 38.95 -19.93
C TYR AA 121 -40.59 38.23 -20.49
N ARG AA 122 -40.00 37.32 -19.73
CA ARG AA 122 -38.85 36.57 -20.20
C ARG AA 122 -39.25 35.58 -21.29
N TYR AA 123 -40.23 34.74 -21.00
CA TYR AA 123 -40.71 33.77 -21.99
C TYR AA 123 -41.91 34.32 -22.77
N ARG AA 124 -41.76 35.53 -23.30
CA ARG AA 124 -42.72 35.99 -24.28
C ARG AA 124 -42.35 35.43 -25.65
N GLU AA 125 -43.29 35.56 -26.60
CA GLU AA 125 -43.35 34.88 -27.88
C GLU AA 125 -43.44 33.35 -27.74
N ASP AA 126 -43.74 32.86 -26.54
CA ASP AA 126 -43.88 31.43 -26.25
C ASP AA 126 -45.11 31.12 -25.42
N LEU AA 127 -45.68 32.09 -24.71
CA LEU AA 127 -46.80 31.87 -23.82
C LEU AA 127 -47.90 32.87 -24.13
N MET AA 128 -49.13 32.50 -23.80
CA MET AA 128 -50.29 33.36 -23.91
C MET AA 128 -51.03 33.28 -22.58
N ALA AA 129 -50.71 34.19 -21.68
CA ALA AA 129 -51.22 34.15 -20.31
C ALA AA 129 -51.92 35.46 -19.96
N GLY AA 130 -53.05 35.34 -19.28
CA GLY AA 130 -53.86 36.47 -18.87
C GLY AA 130 -54.01 36.60 -17.37
N ILE AA 131 -52.91 36.46 -16.64
CA ILE AA 131 -52.96 36.30 -15.20
C ILE AA 131 -53.36 37.58 -14.50
N ILE AA 132 -54.33 37.49 -13.60
CA ILE AA 132 -54.69 38.55 -12.67
C ILE AA 132 -54.48 38.04 -11.26
N ILE AA 133 -53.67 38.76 -10.48
CA ILE AA 133 -53.29 38.35 -9.14
C ILE AA 133 -54.02 39.24 -8.15
N ALA AA 134 -54.68 38.62 -7.17
CA ALA AA 134 -55.37 39.36 -6.12
C ALA AA 134 -55.25 38.61 -4.81
N GLY AA 135 -55.36 39.36 -3.72
CA GLY AA 135 -55.31 38.74 -2.41
C GLY AA 135 -55.08 39.76 -1.33
N TRP AA 136 -55.31 39.33 -0.09
CA TRP AA 136 -55.11 40.16 1.08
C TRP AA 136 -53.68 40.03 1.59
N ASP AA 137 -53.17 41.12 2.15
CA ASP AA 137 -51.84 41.17 2.72
C ASP AA 137 -51.91 41.91 4.05
N PRO AA 138 -51.16 41.47 5.06
CA PRO AA 138 -51.20 42.17 6.35
C PRO AA 138 -50.60 43.56 6.33
N GLN AA 139 -49.62 43.80 5.46
CA GLN AA 139 -48.99 45.11 5.42
C GLN AA 139 -49.86 46.14 4.69
N GLU AA 140 -50.57 45.72 3.64
CA GLU AA 140 -51.25 46.66 2.77
C GLU AA 140 -52.74 46.42 2.59
N GLY AA 141 -53.28 45.28 3.01
CA GLY AA 141 -54.68 45.02 2.79
C GLY AA 141 -54.93 44.35 1.44
N GLY AA 142 -56.09 44.63 0.87
CA GLY AA 142 -56.45 44.05 -0.41
C GLY AA 142 -55.70 44.72 -1.56
N GLN AA 143 -55.24 43.90 -2.49
CA GLN AA 143 -54.54 44.37 -3.68
C GLN AA 143 -54.98 43.57 -4.89
N VAL AA 144 -55.00 44.23 -6.04
CA VAL AA 144 -55.34 43.60 -7.32
C VAL AA 144 -54.29 44.03 -8.34
N TYR AA 145 -53.63 43.06 -8.97
CA TYR AA 145 -52.66 43.32 -10.00
C TYR AA 145 -53.09 42.67 -11.31
N SER AA 146 -52.63 43.23 -12.42
CA SER AA 146 -53.01 42.77 -13.74
C SER AA 146 -51.76 42.54 -14.57
N VAL AA 147 -51.59 41.31 -15.05
CA VAL AA 147 -50.48 40.94 -15.93
C VAL AA 147 -51.09 40.42 -17.23
N PRO AA 148 -51.16 41.26 -18.27
CA PRO AA 148 -51.73 40.81 -19.55
C PRO AA 148 -50.76 39.98 -20.36
N MET AA 149 -51.14 39.70 -21.63
CA MET AA 149 -50.34 38.87 -22.52
C MET AA 149 -48.96 39.46 -22.83
N GLY AA 150 -48.79 40.76 -22.67
CA GLY AA 150 -47.50 41.38 -22.92
C GLY AA 150 -46.44 41.03 -21.89
N GLY AA 151 -46.72 41.35 -20.63
CA GLY AA 151 -45.77 41.07 -19.57
C GLY AA 151 -45.62 42.21 -18.58
N MET AA 152 -46.42 43.27 -18.76
CA MET AA 152 -46.39 44.39 -17.84
C MET AA 152 -47.17 44.08 -16.57
N MET AA 153 -46.96 44.90 -15.55
CA MET AA 153 -47.59 44.74 -14.25
C MET AA 153 -48.09 46.09 -13.76
N VAL AA 154 -49.33 46.14 -13.30
CA VAL AA 154 -49.93 47.38 -12.84
C VAL AA 154 -50.98 47.06 -11.77
N ARG AA 155 -51.05 47.91 -10.75
CA ARG AA 155 -52.07 47.80 -9.72
C ARG AA 155 -53.31 48.57 -10.13
N GLN AA 156 -54.48 47.97 -9.88
CA GLN AA 156 -55.75 48.57 -10.25
C GLN AA 156 -56.73 48.44 -9.09
N SER AA 157 -57.81 49.23 -9.16
CA SER AA 157 -58.89 49.07 -8.20
C SER AA 157 -59.76 47.87 -8.55
N PHE AA 158 -60.18 47.77 -9.80
CA PHE AA 158 -60.86 46.58 -10.31
C PHE AA 158 -60.19 46.16 -11.60
N ALA AA 159 -60.37 44.90 -11.97
CA ALA AA 159 -59.69 44.36 -13.14
C ALA AA 159 -60.57 43.32 -13.82
N ILE AA 160 -60.58 43.37 -15.15
CA ILE AA 160 -61.28 42.40 -15.98
C ILE AA 160 -60.25 41.70 -16.85
N GLY AA 161 -60.69 40.64 -17.51
CA GLY AA 161 -59.79 39.89 -18.39
C GLY AA 161 -60.51 38.75 -19.05
N GLY AA 162 -59.88 38.22 -20.09
CA GLY AA 162 -60.44 37.14 -20.85
C GLY AA 162 -61.03 37.61 -22.17
N SER AA 163 -61.57 36.64 -22.91
CA SER AA 163 -62.13 36.94 -24.22
C SER AA 163 -63.45 37.69 -24.11
N GLY AA 164 -64.29 37.31 -23.15
CA GLY AA 164 -65.57 37.96 -22.97
C GLY AA 164 -65.54 39.25 -22.17
N SER AA 165 -64.36 39.73 -21.79
CA SER AA 165 -64.26 40.94 -20.99
C SER AA 165 -64.49 42.20 -21.80
N SER AA 166 -64.45 42.13 -23.12
CA SER AA 166 -64.64 43.32 -23.95
C SER AA 166 -66.08 43.81 -23.94
N TYR AA 167 -67.02 42.96 -23.56
CA TYR AA 167 -68.44 43.27 -23.69
C TYR AA 167 -68.98 44.00 -22.47
N ILE AA 168 -68.27 43.96 -21.34
CA ILE AA 168 -68.73 44.55 -20.10
C ILE AA 168 -67.87 45.74 -19.68
N TYR AA 169 -66.99 46.21 -20.57
CA TYR AA 169 -66.12 47.33 -20.26
C TYR AA 169 -66.89 48.63 -20.10
N GLY AA 170 -68.03 48.78 -20.78
CA GLY AA 170 -68.85 49.96 -20.62
C GLY AA 170 -69.77 49.86 -19.42
N TYR AA 171 -70.07 48.64 -19.00
CA TYR AA 171 -70.92 48.48 -17.83
C TYR AA 171 -70.13 48.60 -16.54
N VAL AA 172 -68.87 48.15 -16.54
CA VAL AA 172 -68.13 48.03 -15.29
C VAL AA 172 -67.67 49.37 -14.75
N ASP AA 173 -67.53 50.39 -15.61
CA ASP AA 173 -67.08 51.70 -15.16
C ASP AA 173 -68.23 52.68 -14.94
N ALA AA 174 -69.41 52.41 -15.48
CA ALA AA 174 -70.59 53.19 -15.15
C ALA AA 174 -71.28 52.71 -13.88
N THR AA 175 -70.93 51.52 -13.40
CA THR AA 175 -71.55 50.93 -12.22
C THR AA 175 -70.65 51.01 -11.00
N TYR AA 176 -69.33 51.04 -11.19
CA TYR AA 176 -68.37 51.05 -10.10
C TYR AA 176 -68.46 52.34 -9.29
N ARG AA 177 -68.27 52.20 -7.98
CA ARG AA 177 -68.39 53.31 -7.05
C ARG AA 177 -67.38 53.11 -5.94
N GLU AA 178 -66.67 54.16 -5.58
CA GLU AA 178 -65.62 54.06 -4.57
C GLU AA 178 -66.24 53.95 -3.18
N GLY AA 179 -65.76 52.97 -2.41
CA GLY AA 179 -66.22 52.78 -1.05
C GLY AA 179 -67.35 51.78 -0.93
N MET AA 180 -67.16 50.60 -1.51
CA MET AA 180 -68.14 49.53 -1.40
C MET AA 180 -67.86 48.67 -0.19
N THR AA 181 -68.88 47.93 0.23
CA THR AA 181 -68.74 46.91 1.25
C THR AA 181 -68.43 45.58 0.58
N LYS AA 182 -68.35 44.52 1.38
CA LYS AA 182 -68.09 43.20 0.82
C LYS AA 182 -69.32 42.67 0.08
N GLU AA 183 -70.50 42.81 0.68
CA GLU AA 183 -71.72 42.29 0.08
C GLU AA 183 -72.13 43.03 -1.18
N GLU AA 184 -71.71 44.29 -1.33
CA GLU AA 184 -71.95 44.99 -2.57
C GLU AA 184 -71.06 44.46 -3.69
N CYS AA 185 -69.83 44.09 -3.36
CA CYS AA 185 -68.90 43.61 -4.38
C CYS AA 185 -69.27 42.21 -4.87
N LEU AA 186 -69.80 41.38 -3.99
CA LEU AA 186 -70.33 40.08 -4.43
C LEU AA 186 -71.55 40.27 -5.30
N GLN AA 187 -72.36 41.29 -5.01
CA GLN AA 187 -73.46 41.63 -5.90
C GLN AA 187 -72.94 42.27 -7.18
N PHE AA 188 -71.83 43.00 -7.11
CA PHE AA 188 -71.30 43.70 -8.27
C PHE AA 188 -70.74 42.73 -9.30
N THR AA 189 -69.90 41.79 -8.86
CA THR AA 189 -69.28 40.87 -9.79
C THR AA 189 -70.23 39.79 -10.29
N ALA AA 190 -71.32 39.52 -9.56
CA ALA AA 190 -72.29 38.55 -10.03
C ALA AA 190 -73.07 39.07 -11.22
N ASN AA 191 -73.48 40.34 -11.17
CA ASN AA 191 -74.16 40.94 -12.31
C ASN AA 191 -73.17 41.24 -13.43
N ALA AA 192 -71.91 41.51 -13.09
CA ALA AA 192 -70.94 41.86 -14.12
C ALA AA 192 -70.52 40.65 -14.93
N LEU AA 193 -70.37 39.49 -14.29
CA LEU AA 193 -70.00 38.29 -15.03
C LEU AA 193 -71.16 37.78 -15.87
N ALA AA 194 -72.39 37.87 -15.34
CA ALA AA 194 -73.56 37.31 -16.01
C ALA AA 194 -73.91 38.03 -17.31
N LEU AA 195 -73.45 39.27 -17.48
CA LEU AA 195 -73.63 39.96 -18.75
C LEU AA 195 -72.62 39.50 -19.79
N ALA AA 196 -71.38 39.21 -19.37
CA ALA AA 196 -70.43 38.58 -20.29
C ALA AA 196 -70.79 37.11 -20.50
N MET AA 197 -71.31 36.46 -19.46
CA MET AA 197 -71.82 35.10 -19.53
C MET AA 197 -73.25 35.04 -20.04
N GLU AA 198 -73.73 36.09 -20.70
CA GLU AA 198 -75.10 36.09 -21.21
C GLU AA 198 -75.27 35.04 -22.29
N ARG AA 199 -74.53 35.16 -23.39
CA ARG AA 199 -74.52 34.06 -24.35
C ARG AA 199 -73.14 33.75 -24.94
N ASP AA 200 -72.18 34.69 -24.93
CA ASP AA 200 -70.92 34.69 -25.67
C ASP AA 200 -70.14 33.38 -25.58
N GLY AA 201 -69.78 32.85 -26.75
CA GLY AA 201 -69.48 31.44 -26.94
C GLY AA 201 -68.31 30.89 -26.14
N SER AA 202 -67.39 31.75 -25.72
CA SER AA 202 -66.30 31.32 -24.86
C SER AA 202 -66.62 31.50 -23.38
N SER AA 203 -67.87 31.84 -23.03
CA SER AA 203 -68.22 32.16 -21.67
C SER AA 203 -69.60 31.60 -21.34
N GLY AA 204 -69.90 31.57 -20.04
CA GLY AA 204 -71.13 31.04 -19.51
C GLY AA 204 -70.82 29.93 -18.52
N GLY AA 205 -71.77 29.00 -18.39
CA GLY AA 205 -71.55 27.85 -17.53
C GLY AA 205 -72.03 28.08 -16.12
N VAL AA 206 -71.11 28.36 -15.21
CA VAL AA 206 -71.44 28.53 -13.79
C VAL AA 206 -70.50 29.59 -13.22
N ILE AA 207 -70.94 30.26 -12.16
CA ILE AA 207 -70.18 31.34 -11.54
C ILE AA 207 -69.48 30.80 -10.30
N ARG AA 208 -68.16 30.95 -10.25
CA ARG AA 208 -67.38 30.63 -9.07
C ARG AA 208 -66.83 31.91 -8.46
N LEU AA 209 -67.22 32.19 -7.22
CA LEU AA 209 -66.82 33.41 -6.54
C LEU AA 209 -65.90 33.07 -5.37
N ALA AA 210 -65.12 34.06 -4.95
CA ALA AA 210 -64.20 33.90 -3.84
C ALA AA 210 -63.95 35.25 -3.20
N ALA AA 211 -64.00 35.28 -1.87
CA ALA AA 211 -63.74 36.49 -1.10
C ALA AA 211 -62.60 36.23 -0.14
N ILE AA 212 -61.57 37.07 -0.22
CA ILE AA 212 -60.37 36.93 0.59
C ILE AA 212 -60.29 38.12 1.52
N ALA AA 213 -60.18 37.85 2.83
CA ALA AA 213 -60.06 38.90 3.82
C ALA AA 213 -59.05 38.45 4.87
N GLU AA 214 -59.00 39.19 5.98
CA GLU AA 214 -58.10 38.83 7.07
C GLU AA 214 -58.56 37.58 7.80
N SER AA 215 -59.86 37.35 7.86
CA SER AA 215 -60.39 36.21 8.61
C SER AA 215 -60.13 34.90 7.88
N GLY AA 216 -60.67 34.77 6.68
CA GLY AA 216 -60.52 33.55 5.93
C GLY AA 216 -60.81 33.76 4.46
N VAL AA 217 -61.04 32.64 3.78
CA VAL AA 217 -61.37 32.64 2.36
C VAL AA 217 -62.72 31.95 2.19
N GLU AA 218 -63.70 32.69 1.72
CA GLU AA 218 -65.03 32.15 1.47
C GLU AA 218 -65.22 31.94 -0.03
N ARG AA 219 -65.37 30.69 -0.44
CA ARG AA 219 -65.59 30.34 -1.83
C ARG AA 219 -66.99 29.76 -1.98
N GLN AA 220 -67.68 30.15 -3.05
CA GLN AA 220 -69.03 29.69 -3.29
C GLN AA 220 -69.28 29.58 -4.78
N VAL AA 221 -70.27 28.75 -5.13
CA VAL AA 221 -70.64 28.49 -6.51
C VAL AA 221 -72.07 28.94 -6.70
N LEU AA 222 -72.29 29.79 -7.70
CA LEU AA 222 -73.59 30.43 -7.91
C LEU AA 222 -74.23 29.88 -9.19
N LEU AA 223 -75.50 29.51 -9.08
CA LEU AA 223 -76.28 29.07 -10.24
C LEU AA 223 -77.76 29.34 -9.95
N GLY AA 224 -78.47 29.83 -10.96
CA GLY AA 224 -79.87 30.17 -10.79
C GLY AA 224 -80.10 31.42 -9.97
N THR BA 43 -61.27 5.56 -32.90
CA THR BA 43 -60.78 5.56 -31.53
C THR BA 43 -61.78 6.24 -30.61
N THR BA 44 -62.25 5.50 -29.60
CA THR BA 44 -63.22 6.01 -28.64
C THR BA 44 -62.89 5.43 -27.28
N ILE BA 45 -62.44 6.28 -26.36
CA ILE BA 45 -62.15 5.87 -24.99
C ILE BA 45 -62.99 6.74 -24.05
N ALA BA 46 -63.30 6.17 -22.88
CA ALA BA 46 -64.18 6.85 -21.94
C ALA BA 46 -63.91 6.31 -20.54
N GLY BA 47 -64.29 7.10 -19.54
CA GLY BA 47 -64.14 6.71 -18.16
C GLY BA 47 -65.24 7.32 -17.32
N VAL BA 48 -65.44 6.75 -16.13
CA VAL BA 48 -66.51 7.17 -15.23
C VAL BA 48 -66.07 6.83 -13.81
N VAL BA 49 -66.68 7.50 -12.83
CA VAL BA 49 -66.43 7.24 -11.42
C VAL BA 49 -67.76 6.89 -10.77
N TYR BA 50 -67.90 5.64 -10.33
CA TYR BA 50 -69.10 5.24 -9.61
C TYR BA 50 -68.84 5.34 -8.12
N LYS BA 51 -69.76 4.78 -7.32
CA LYS BA 51 -69.75 4.98 -5.88
C LYS BA 51 -68.57 4.33 -5.17
N ASP BA 52 -67.88 3.38 -5.81
CA ASP BA 52 -66.75 2.72 -5.18
C ASP BA 52 -65.46 2.78 -5.99
N GLY BA 53 -65.52 2.99 -7.29
CA GLY BA 53 -64.32 2.99 -8.09
C GLY BA 53 -64.48 3.62 -9.46
N ILE BA 54 -63.70 3.13 -10.41
CA ILE BA 54 -63.57 3.71 -11.74
C ILE BA 54 -63.69 2.60 -12.77
N VAL BA 55 -64.53 2.81 -13.78
CA VAL BA 55 -64.65 1.90 -14.92
C VAL BA 55 -64.11 2.61 -16.15
N LEU BA 56 -63.19 1.96 -16.84
CA LEU BA 56 -62.63 2.47 -18.09
C LEU BA 56 -63.11 1.64 -19.26
N GLY BA 57 -63.13 2.25 -20.44
CA GLY BA 57 -63.57 1.58 -21.64
C GLY BA 57 -62.82 2.08 -22.86
N ALA BA 58 -62.67 1.22 -23.84
CA ALA BA 58 -61.92 1.53 -25.06
C ALA BA 58 -62.42 0.65 -26.19
N ASP BA 59 -61.73 0.68 -27.32
CA ASP BA 59 -62.07 -0.15 -28.46
C ASP BA 59 -60.83 -0.82 -29.05
N THR BA 60 -60.98 -1.54 -30.16
CA THR BA 60 -59.95 -2.44 -30.68
C THR BA 60 -59.72 -2.24 -32.17
N ARG BA 61 -59.52 -0.99 -32.60
CA ARG BA 61 -59.16 -0.74 -33.98
C ARG BA 61 -58.08 0.33 -34.07
N ALA BA 62 -57.03 0.05 -34.84
CA ALA BA 62 -56.05 1.03 -35.26
C ALA BA 62 -56.01 1.05 -36.77
N THR BA 63 -56.15 2.22 -37.37
CA THR BA 63 -56.19 2.38 -38.82
C THR BA 63 -54.98 3.14 -39.32
N GLU BA 64 -54.63 2.88 -40.57
CA GLU BA 64 -53.61 3.62 -41.29
C GLU BA 64 -54.25 4.22 -42.53
N GLY BA 65 -54.35 5.55 -42.56
CA GLY BA 65 -55.12 6.18 -43.62
C GLY BA 65 -56.59 5.93 -43.40
N MET BA 66 -57.25 5.35 -44.39
CA MET BA 66 -58.64 4.93 -44.25
C MET BA 66 -58.76 3.41 -44.41
N VAL BA 67 -57.71 2.69 -44.06
CA VAL BA 67 -57.66 1.23 -44.15
C VAL BA 67 -57.46 0.68 -42.74
N VAL BA 68 -58.28 -0.30 -42.37
CA VAL BA 68 -58.21 -0.91 -41.05
C VAL BA 68 -56.93 -1.73 -40.97
N ALA BA 69 -55.98 -1.30 -40.14
CA ALA BA 69 -54.73 -2.02 -40.01
C ALA BA 69 -54.85 -3.16 -39.00
N ASP BA 70 -55.50 -2.91 -37.88
CA ASP BA 70 -55.61 -3.89 -36.80
C ASP BA 70 -57.07 -4.07 -36.41
N LYS BA 71 -57.48 -5.32 -36.24
CA LYS BA 71 -58.81 -5.65 -35.77
C LYS BA 71 -58.86 -5.90 -34.27
N ASN BA 72 -57.72 -5.97 -33.60
CA ASN BA 72 -57.68 -6.21 -32.16
C ASN BA 72 -56.42 -5.54 -31.63
N CYS BA 73 -56.58 -4.33 -31.09
CA CYS BA 73 -55.50 -3.58 -30.50
C CYS BA 73 -55.85 -3.23 -29.05
N SER BA 74 -54.86 -3.30 -28.18
CA SER BA 74 -55.06 -3.00 -26.76
C SER BA 74 -54.78 -1.52 -26.53
N LYS BA 75 -55.77 -0.80 -26.00
CA LYS BA 75 -55.64 0.62 -25.75
C LYS BA 75 -55.65 0.96 -24.27
N ILE BA 76 -55.81 -0.02 -23.40
CA ILE BA 76 -55.77 0.18 -21.95
C ILE BA 76 -54.41 -0.32 -21.48
N HIS BA 77 -53.64 0.57 -20.87
CA HIS BA 77 -52.25 0.29 -20.53
C HIS BA 77 -52.07 0.20 -19.02
N PHE BA 78 -51.14 -0.67 -18.62
CA PHE BA 78 -50.82 -0.82 -17.21
C PHE BA 78 -49.93 0.33 -16.74
N ILE BA 79 -50.21 0.82 -15.54
CA ILE BA 79 -49.36 1.81 -14.87
C ILE BA 79 -48.87 1.30 -13.53
N SER BA 80 -49.79 0.97 -12.64
CA SER BA 80 -49.49 0.44 -11.32
C SER BA 80 -50.58 -0.54 -10.99
N PRO BA 81 -50.44 -1.35 -9.94
CA PRO BA 81 -51.54 -2.24 -9.52
C PRO BA 81 -52.82 -1.54 -9.03
N ASN BA 82 -52.89 -0.21 -9.02
CA ASN BA 82 -54.15 0.49 -8.83
C ASN BA 82 -54.49 1.49 -9.91
N ILE BA 83 -53.58 1.79 -10.83
CA ILE BA 83 -53.77 2.85 -11.82
C ILE BA 83 -53.65 2.25 -13.22
N TYR BA 84 -54.59 2.58 -14.09
CA TYR BA 84 -54.52 2.26 -15.51
C TYR BA 84 -54.75 3.53 -16.32
N CYS BA 85 -54.44 3.44 -17.62
CA CYS BA 85 -54.48 4.60 -18.48
C CYS BA 85 -54.86 4.20 -19.90
N CYS BA 86 -55.84 4.90 -20.46
CA CYS BA 86 -56.25 4.68 -21.84
C CYS BA 86 -55.53 5.66 -22.76
N GLY BA 87 -55.17 5.17 -23.94
CA GLY BA 87 -54.36 5.95 -24.87
C GLY BA 87 -55.14 6.34 -26.11
N ALA BA 88 -54.88 7.54 -26.60
CA ALA BA 88 -55.52 8.05 -27.80
C ALA BA 88 -54.57 9.01 -28.51
N GLY BA 89 -54.67 9.07 -29.82
CA GLY BA 89 -53.80 9.92 -30.61
C GLY BA 89 -52.81 9.11 -31.43
N THR BA 90 -51.56 9.57 -31.50
CA THR BA 90 -50.51 8.81 -32.17
C THR BA 90 -50.17 7.58 -31.34
N ALA BA 91 -50.21 6.41 -31.97
CA ALA BA 91 -50.13 5.15 -31.24
C ALA BA 91 -48.75 4.92 -30.63
N ALA BA 92 -47.69 5.21 -31.40
CA ALA BA 92 -46.34 5.02 -30.87
C ALA BA 92 -45.96 6.08 -29.86
N ASP BA 93 -46.58 7.27 -29.92
CA ASP BA 93 -46.33 8.29 -28.92
C ASP BA 93 -46.97 7.92 -27.59
N THR BA 94 -48.16 7.32 -27.62
CA THR BA 94 -48.81 6.93 -26.38
C THR BA 94 -48.15 5.71 -25.75
N ASP BA 95 -47.61 4.81 -26.58
CA ASP BA 95 -47.01 3.59 -26.05
C ASP BA 95 -45.69 3.88 -25.34
N MET BA 96 -44.83 4.68 -25.96
CA MET BA 96 -43.52 4.98 -25.36
C MET BA 96 -43.63 5.94 -24.19
N THR BA 97 -44.72 6.69 -24.09
CA THR BA 97 -44.89 7.57 -22.94
C THR BA 97 -45.42 6.80 -21.74
N THR BA 98 -46.40 5.91 -21.96
CA THR BA 98 -47.01 5.18 -20.86
C THR BA 98 -46.10 4.11 -20.27
N GLN BA 99 -45.02 3.76 -20.94
CA GLN BA 99 -44.06 2.81 -20.39
C GLN BA 99 -42.98 3.50 -19.56
N LEU BA 100 -42.65 4.74 -19.91
CA LEU BA 100 -41.63 5.47 -19.16
C LEU BA 100 -42.14 5.86 -17.77
N ILE BA 101 -43.35 6.40 -17.71
CA ILE BA 101 -43.89 6.88 -16.44
C ILE BA 101 -44.24 5.70 -15.54
N SER BA 102 -44.69 4.59 -16.13
CA SER BA 102 -44.91 3.38 -15.36
C SER BA 102 -43.61 2.79 -14.84
N SER BA 103 -42.49 3.05 -15.52
CA SER BA 103 -41.20 2.63 -14.98
C SER BA 103 -40.74 3.54 -13.85
N ASN BA 104 -41.09 4.82 -13.89
CA ASN BA 104 -40.70 5.73 -12.82
C ASN BA 104 -41.50 5.50 -11.55
N LEU BA 105 -42.79 5.16 -11.67
CA LEU BA 105 -43.59 4.90 -10.48
C LEU BA 105 -43.20 3.59 -9.82
N GLU BA 106 -42.78 2.60 -10.61
CA GLU BA 106 -42.22 1.38 -10.03
C GLU BA 106 -40.91 1.67 -9.33
N LEU BA 107 -40.12 2.59 -9.89
CA LEU BA 107 -38.94 3.09 -9.21
C LEU BA 107 -39.30 3.89 -7.96
N HIS BA 108 -40.40 4.66 -8.01
CA HIS BA 108 -40.76 5.52 -6.90
C HIS BA 108 -41.34 4.74 -5.73
N SER BA 109 -42.31 3.87 -6.00
CA SER BA 109 -43.04 3.21 -4.93
C SER BA 109 -42.20 2.14 -4.24
N LEU BA 110 -41.32 1.48 -4.99
CA LEU BA 110 -40.45 0.47 -4.37
C LEU BA 110 -39.39 1.14 -3.51
N SER BA 111 -38.95 2.34 -3.89
CA SER BA 111 -38.07 3.11 -3.01
C SER BA 111 -38.84 3.67 -1.81
N THR BA 112 -40.09 4.06 -2.03
CA THR BA 112 -40.89 4.61 -0.93
C THR BA 112 -41.35 3.51 0.02
N GLY BA 113 -41.88 2.42 -0.54
CA GLY BA 113 -42.39 1.33 0.26
C GLY BA 113 -43.88 1.33 0.50
N ARG BA 114 -44.65 2.05 -0.32
CA ARG BA 114 -46.10 2.09 -0.17
C ARG BA 114 -46.74 2.28 -1.54
N LEU BA 115 -48.06 2.36 -1.52
CA LEU BA 115 -48.87 2.41 -2.73
C LEU BA 115 -48.75 3.78 -3.39
N PRO BA 116 -48.69 3.84 -4.73
CA PRO BA 116 -48.57 5.14 -5.40
C PRO BA 116 -49.85 5.94 -5.34
N ARG BA 117 -49.74 7.20 -5.77
CA ARG BA 117 -50.86 8.12 -5.84
C ARG BA 117 -51.14 8.49 -7.29
N VAL BA 118 -52.41 8.73 -7.60
CA VAL BA 118 -52.81 9.12 -8.94
C VAL BA 118 -52.32 10.52 -9.25
N VAL BA 119 -52.26 11.39 -8.23
CA VAL BA 119 -51.77 12.75 -8.42
C VAL BA 119 -50.27 12.79 -8.73
N THR BA 120 -49.54 11.73 -8.41
CA THR BA 120 -48.13 11.68 -8.79
C THR BA 120 -48.00 11.39 -10.28
N ALA BA 121 -48.80 10.45 -10.79
CA ALA BA 121 -48.79 10.16 -12.22
C ALA BA 121 -49.39 11.31 -13.02
N ASN BA 122 -50.26 12.11 -12.41
CA ASN BA 122 -50.76 13.31 -13.08
C ASN BA 122 -49.65 14.34 -13.24
N ARG BA 123 -48.81 14.49 -12.21
CA ARG BA 123 -47.79 15.53 -12.26
C ARG BA 123 -46.64 15.15 -13.19
N MET BA 124 -46.35 13.86 -13.31
CA MET BA 124 -45.26 13.43 -14.20
C MET BA 124 -45.63 13.60 -15.66
N LEU BA 125 -46.89 13.35 -16.02
CA LEU BA 125 -47.30 13.39 -17.42
C LEU BA 125 -47.41 14.81 -17.93
N LYS BA 126 -48.05 15.70 -17.17
CA LYS BA 126 -48.25 17.07 -17.65
C LYS BA 126 -46.97 17.88 -17.63
N GLN BA 127 -45.98 17.48 -16.83
CA GLN BA 127 -44.70 18.16 -16.83
C GLN BA 127 -43.79 17.66 -17.94
N MET BA 128 -43.94 16.41 -18.34
CA MET BA 128 -43.17 15.90 -19.48
C MET BA 128 -43.70 16.44 -20.79
N LEU BA 129 -45.02 16.37 -20.99
CA LEU BA 129 -45.63 16.78 -22.25
C LEU BA 129 -45.55 18.28 -22.49
N PHE BA 130 -45.43 19.08 -21.44
CA PHE BA 130 -45.26 20.52 -21.63
C PHE BA 130 -43.86 20.84 -22.16
N ARG BA 131 -42.88 19.98 -21.87
CA ARG BA 131 -41.51 20.26 -22.29
C ARG BA 131 -41.34 20.02 -23.79
N TYR BA 132 -42.13 19.13 -24.37
CA TYR BA 132 -42.04 18.86 -25.80
C TYR BA 132 -42.91 19.77 -26.63
N GLN BA 133 -43.60 20.73 -26.00
CA GLN BA 133 -44.37 21.79 -26.65
C GLN BA 133 -45.48 21.23 -27.55
N GLY BA 134 -46.07 20.11 -27.16
CA GLY BA 134 -47.13 19.51 -27.94
C GLY BA 134 -46.69 18.76 -29.17
N TYR BA 135 -45.39 18.50 -29.33
CA TYR BA 135 -44.93 17.73 -30.49
C TYR BA 135 -45.32 16.27 -30.35
N ILE BA 136 -45.22 15.72 -29.16
CA ILE BA 136 -45.68 14.35 -28.90
C ILE BA 136 -47.20 14.37 -28.80
N GLY BA 137 -47.86 13.71 -29.74
CA GLY BA 137 -49.31 13.69 -29.74
C GLY BA 137 -49.87 12.56 -28.91
N ALA BA 138 -50.26 12.87 -27.68
CA ALA BA 138 -50.77 11.88 -26.74
C ALA BA 138 -51.99 12.44 -26.04
N ALA BA 139 -53.09 11.69 -26.09
CA ALA BA 139 -54.32 12.04 -25.41
C ALA BA 139 -54.66 10.91 -24.45
N LEU BA 140 -54.61 11.19 -23.15
CA LEU BA 140 -54.68 10.13 -22.15
C LEU BA 140 -55.84 10.35 -21.20
N VAL BA 141 -56.40 9.25 -20.73
CA VAL BA 141 -57.39 9.22 -19.66
C VAL BA 141 -56.77 8.46 -18.50
N LEU BA 142 -56.55 9.15 -17.39
CA LEU BA 142 -55.85 8.59 -16.25
C LEU BA 142 -56.86 8.31 -15.14
N GLY BA 143 -56.82 7.10 -14.60
CA GLY BA 143 -57.74 6.73 -13.54
C GLY BA 143 -57.17 5.72 -12.57
N GLY BA 144 -57.48 5.88 -11.29
CA GLY BA 144 -57.01 4.95 -10.27
C GLY BA 144 -57.62 5.27 -8.93
N VAL BA 145 -57.40 4.36 -7.99
CA VAL BA 145 -57.93 4.46 -6.64
C VAL BA 145 -56.77 4.56 -5.66
N ASP BA 146 -56.72 5.65 -4.91
CA ASP BA 146 -55.69 5.89 -3.91
C ASP BA 146 -56.24 5.64 -2.51
N VAL BA 147 -55.45 6.02 -1.51
CA VAL BA 147 -55.95 6.09 -0.14
C VAL BA 147 -57.04 7.14 -0.04
N THR BA 148 -56.88 8.26 -0.74
CA THR BA 148 -57.86 9.33 -0.75
C THR BA 148 -59.10 9.00 -1.58
N GLY BA 149 -59.10 7.91 -2.33
CA GLY BA 149 -60.25 7.51 -3.11
C GLY BA 149 -59.97 7.48 -4.59
N PRO BA 150 -61.01 7.29 -5.40
CA PRO BA 150 -60.83 7.26 -6.85
C PRO BA 150 -60.60 8.65 -7.42
N HIS BA 151 -59.81 8.71 -8.50
CA HIS BA 151 -59.49 9.96 -9.17
C HIS BA 151 -59.39 9.73 -10.67
N LEU BA 152 -60.07 10.58 -11.43
CA LEU BA 152 -60.11 10.46 -12.88
C LEU BA 152 -59.61 11.75 -13.50
N TYR BA 153 -58.73 11.65 -14.50
CA TYR BA 153 -58.15 12.81 -15.14
C TYR BA 153 -58.24 12.66 -16.65
N SER BA 154 -58.07 13.78 -17.35
CA SER BA 154 -58.01 13.81 -18.80
C SER BA 154 -56.84 14.70 -19.20
N ILE BA 155 -55.94 14.17 -20.02
CA ILE BA 155 -54.69 14.84 -20.37
C ILE BA 155 -54.65 15.03 -21.88
N TYR BA 156 -54.40 16.27 -22.30
CA TYR BA 156 -54.24 16.84 -23.62
C TYR BA 156 -52.76 16.96 -23.97
N PRO BA 157 -52.38 16.85 -25.25
CA PRO BA 157 -50.95 16.73 -25.58
C PRO BA 157 -50.12 17.98 -25.40
N HIS BA 158 -50.72 19.12 -25.03
CA HIS BA 158 -49.94 20.30 -24.68
C HIS BA 158 -49.64 20.38 -23.19
N GLY BA 159 -50.33 19.61 -22.37
CA GLY BA 159 -50.07 19.58 -20.94
C GLY BA 159 -51.18 20.11 -20.05
N SER BA 160 -52.41 20.22 -20.54
CA SER BA 160 -53.53 20.70 -19.74
C SER BA 160 -54.30 19.51 -19.19
N THR BA 161 -54.54 19.51 -17.88
CA THR BA 161 -55.19 18.40 -17.20
C THR BA 161 -56.48 18.89 -16.53
N ASP BA 162 -57.47 17.99 -16.47
CA ASP BA 162 -58.77 18.29 -15.91
C ASP BA 162 -59.22 17.11 -15.05
N LYS BA 163 -59.56 17.39 -13.80
CA LYS BA 163 -60.20 16.40 -12.95
C LYS BA 163 -61.71 16.45 -13.17
N LEU BA 164 -62.28 15.35 -13.64
CA LEU BA 164 -63.69 15.27 -13.98
C LEU BA 164 -64.27 13.93 -13.54
N PRO BA 165 -65.57 13.87 -13.25
CA PRO BA 165 -66.19 12.58 -12.95
C PRO BA 165 -66.38 11.67 -14.16
N TYR BA 166 -66.42 12.22 -15.37
CA TYR BA 166 -66.53 11.40 -16.57
C TYR BA 166 -65.93 12.16 -17.75
N VAL BA 167 -65.14 11.46 -18.56
CA VAL BA 167 -64.45 12.05 -19.70
C VAL BA 167 -64.57 11.12 -20.90
N THR BA 168 -64.42 11.71 -22.09
CA THR BA 168 -64.26 10.96 -23.33
C THR BA 168 -63.12 11.58 -24.12
N MET BA 169 -62.31 10.75 -24.76
CA MET BA 169 -61.26 11.21 -25.66
C MET BA 169 -61.30 10.35 -26.92
N GLY BA 170 -60.64 10.85 -27.96
CA GLY BA 170 -60.55 10.13 -29.22
C GLY BA 170 -61.37 10.80 -30.30
N SER BA 171 -61.41 10.13 -31.46
CA SER BA 171 -62.15 10.66 -32.60
C SER BA 171 -63.65 10.54 -32.40
N GLY BA 172 -64.11 9.44 -31.81
CA GLY BA 172 -65.52 9.24 -31.55
C GLY BA 172 -65.93 9.68 -30.17
N SER BA 173 -65.18 10.62 -29.59
CA SER BA 173 -65.49 11.12 -28.26
C SER BA 173 -66.75 11.97 -28.25
N LEU BA 174 -67.14 12.53 -29.40
CA LEU BA 174 -68.36 13.33 -29.45
C LEU BA 174 -69.59 12.46 -29.31
N ALA BA 175 -69.54 11.24 -29.83
CA ALA BA 175 -70.69 10.34 -29.74
C ALA BA 175 -70.82 9.75 -28.35
N ALA BA 176 -69.69 9.41 -27.72
CA ALA BA 176 -69.74 8.77 -26.41
C ALA BA 176 -70.14 9.76 -25.31
N MET BA 177 -69.81 11.03 -25.48
CA MET BA 177 -70.14 12.05 -24.49
C MET BA 177 -71.63 12.33 -24.43
N ALA BA 178 -72.34 12.21 -25.55
CA ALA BA 178 -73.78 12.44 -25.55
C ALA BA 178 -74.53 11.35 -24.80
N VAL BA 179 -73.94 10.16 -24.70
CA VAL BA 179 -74.56 9.09 -23.93
C VAL BA 179 -74.40 9.35 -22.44
N PHE BA 180 -73.27 9.94 -22.04
CA PHE BA 180 -73.02 10.23 -20.64
C PHE BA 180 -73.99 11.29 -20.12
N GLU BA 181 -74.01 12.46 -20.75
CA GLU BA 181 -74.81 13.60 -20.29
C GLU BA 181 -76.31 13.29 -20.29
N ASP BA 182 -76.76 12.36 -21.12
CA ASP BA 182 -78.15 11.94 -21.10
C ASP BA 182 -78.41 11.01 -19.92
N LYS BA 183 -77.43 10.18 -19.52
CA LYS BA 183 -77.72 9.07 -18.62
C LYS BA 183 -76.77 8.97 -17.43
N PHE BA 184 -75.98 10.01 -17.14
CA PHE BA 184 -75.14 9.97 -15.95
C PHE BA 184 -75.91 10.46 -14.73
N ARG BA 185 -75.70 9.78 -13.61
CA ARG BA 185 -76.20 10.20 -12.33
C ARG BA 185 -75.10 9.87 -11.31
N PRO BA 186 -74.96 10.67 -10.25
CA PRO BA 186 -73.86 10.43 -9.31
C PRO BA 186 -74.12 9.22 -8.43
N ASP BA 187 -73.02 8.55 -8.08
CA ASP BA 187 -72.98 7.39 -7.18
C ASP BA 187 -73.84 6.24 -7.70
N MET BA 188 -73.44 5.73 -8.87
CA MET BA 188 -74.09 4.56 -9.43
C MET BA 188 -73.54 3.29 -8.78
N GLU BA 189 -74.14 2.17 -9.14
CA GLU BA 189 -73.71 0.88 -8.62
C GLU BA 189 -72.69 0.26 -9.57
N GLU BA 190 -72.37 -1.02 -9.35
CA GLU BA 190 -71.35 -1.69 -10.14
C GLU BA 190 -71.83 -1.98 -11.55
N GLU BA 191 -72.89 -2.78 -11.67
CA GLU BA 191 -73.39 -3.16 -12.99
C GLU BA 191 -74.11 -2.02 -13.69
N GLU BA 192 -74.59 -1.03 -12.94
CA GLU BA 192 -75.17 0.16 -13.56
C GLU BA 192 -74.11 0.98 -14.27
N ALA BA 193 -72.92 1.10 -13.66
CA ALA BA 193 -71.83 1.85 -14.29
C ALA BA 193 -71.20 1.07 -15.44
N LYS BA 194 -71.12 -0.25 -15.33
CA LYS BA 194 -70.58 -1.06 -16.43
C LYS BA 194 -71.52 -1.05 -17.62
N ASN BA 195 -72.82 -0.93 -17.39
CA ASN BA 195 -73.77 -0.86 -18.50
C ASN BA 195 -73.70 0.48 -19.21
N LEU BA 196 -73.33 1.56 -18.51
CA LEU BA 196 -73.29 2.87 -19.12
C LEU BA 196 -72.09 3.03 -20.03
N VAL BA 197 -70.95 2.47 -19.65
CA VAL BA 197 -69.71 2.63 -20.43
C VAL BA 197 -69.80 1.82 -21.71
N SER BA 198 -70.24 0.57 -21.62
CA SER BA 198 -70.38 -0.28 -22.80
C SER BA 198 -71.46 0.24 -23.75
N GLU BA 199 -72.45 0.95 -23.21
CA GLU BA 199 -73.39 1.67 -24.06
C GLU BA 199 -72.75 2.86 -24.74
N ALA BA 200 -71.89 3.59 -24.02
CA ALA BA 200 -71.30 4.81 -24.57
C ALA BA 200 -70.21 4.52 -25.59
N ILE BA 201 -69.46 3.43 -25.40
CA ILE BA 201 -68.44 3.05 -26.37
C ILE BA 201 -69.08 2.56 -27.65
N ALA BA 202 -70.20 1.84 -27.53
CA ALA BA 202 -70.88 1.30 -28.71
C ALA BA 202 -71.50 2.39 -29.57
N ALA BA 203 -71.80 3.56 -28.98
CA ALA BA 203 -72.27 4.68 -29.78
C ALA BA 203 -71.18 5.21 -30.70
N GLY BA 204 -69.93 5.17 -30.26
CA GLY BA 204 -68.83 5.54 -31.13
C GLY BA 204 -68.44 4.47 -32.13
N ILE BA 205 -68.77 3.22 -31.85
CA ILE BA 205 -68.42 2.14 -32.77
C ILE BA 205 -69.31 2.19 -34.01
N PHE BA 206 -70.60 2.51 -33.83
CA PHE BA 206 -71.50 2.70 -34.94
C PHE BA 206 -71.44 4.13 -35.50
N ASN BA 207 -70.42 4.89 -35.11
CA ASN BA 207 -69.97 6.07 -35.83
C ASN BA 207 -68.67 5.68 -36.53
N ASP BA 208 -68.20 6.54 -37.45
CA ASP BA 208 -67.03 6.20 -38.23
C ASP BA 208 -65.78 6.26 -37.37
N LEU BA 209 -64.73 5.56 -37.82
CA LEU BA 209 -63.56 5.19 -37.03
C LEU BA 209 -63.98 4.51 -35.73
N GLY BA 210 -64.84 3.51 -35.88
CA GLY BA 210 -65.30 2.72 -34.76
C GLY BA 210 -64.32 1.60 -34.51
N SER BA 211 -64.80 0.36 -34.50
CA SER BA 211 -63.90 -0.73 -34.20
C SER BA 211 -64.37 -2.03 -34.81
N GLY BA 212 -63.41 -2.94 -34.96
CA GLY BA 212 -63.69 -4.35 -35.18
C GLY BA 212 -64.01 -4.92 -33.83
N SER BA 213 -65.25 -4.68 -33.40
CA SER BA 213 -65.56 -4.35 -32.01
C SER BA 213 -65.27 -5.48 -31.05
N ASN BA 214 -64.41 -5.18 -30.08
CA ASN BA 214 -64.24 -5.95 -28.86
C ASN BA 214 -64.20 -4.89 -27.77
N ILE BA 215 -65.36 -4.63 -27.15
CA ILE BA 215 -65.44 -3.58 -26.15
C ILE BA 215 -64.67 -4.00 -24.90
N ASP BA 216 -63.71 -3.18 -24.51
CA ASP BA 216 -62.83 -3.49 -23.39
C ASP BA 216 -63.33 -2.77 -22.13
N LEU BA 217 -63.14 -3.43 -21.00
CA LEU BA 217 -63.46 -2.83 -19.71
C LEU BA 217 -62.35 -3.14 -18.72
N CYS BA 218 -62.00 -2.15 -17.91
CA CYS BA 218 -61.08 -2.31 -16.79
C CYS BA 218 -61.76 -1.71 -15.56
N VAL BA 219 -62.13 -2.55 -14.62
CA VAL BA 219 -62.82 -2.11 -13.41
C VAL BA 219 -61.79 -2.01 -12.30
N ILE BA 220 -61.67 -0.82 -11.71
CA ILE BA 220 -60.76 -0.57 -10.60
C ILE BA 220 -61.59 -0.24 -9.39
N SER BA 221 -61.47 -1.04 -8.34
CA SER BA 221 -62.15 -0.79 -7.08
C SER BA 221 -61.12 -0.62 -5.98
N LYS BA 222 -61.60 -0.56 -4.73
CA LYS BA 222 -60.70 -0.38 -3.60
C LYS BA 222 -59.86 -1.61 -3.32
N ASN BA 223 -60.36 -2.80 -3.62
CA ASN BA 223 -59.61 -4.02 -3.40
C ASN BA 223 -59.55 -4.94 -4.62
N LYS BA 224 -60.63 -5.00 -5.40
CA LYS BA 224 -60.74 -5.93 -6.52
C LYS BA 224 -60.39 -5.20 -7.82
N LEU BA 225 -59.67 -5.90 -8.69
CA LEU BA 225 -59.23 -5.35 -9.97
C LEU BA 225 -59.65 -6.30 -11.09
N ASP BA 226 -60.39 -5.78 -12.06
CA ASP BA 226 -60.88 -6.57 -13.18
C ASP BA 226 -60.34 -6.03 -14.50
N PHE BA 227 -60.28 -6.90 -15.49
CA PHE BA 227 -59.75 -6.54 -16.81
C PHE BA 227 -60.33 -7.50 -17.82
N LEU BA 228 -61.19 -7.01 -18.71
CA LEU BA 228 -62.00 -7.85 -19.57
C LEU BA 228 -61.78 -7.44 -21.03
N ARG BA 229 -61.03 -8.26 -21.77
CA ARG BA 229 -60.85 -7.96 -23.18
C ARG BA 229 -62.08 -8.38 -24.01
N PRO BA 230 -62.60 -9.66 -23.96
CA PRO BA 230 -63.76 -9.91 -24.84
C PRO BA 230 -65.10 -9.69 -24.13
N TYR BA 231 -65.36 -8.46 -23.69
CA TYR BA 231 -66.57 -8.22 -22.91
C TYR BA 231 -67.81 -8.19 -23.80
N THR BA 232 -67.70 -7.66 -25.01
CA THR BA 232 -68.85 -7.58 -25.91
C THR BA 232 -68.35 -7.65 -27.35
N VAL BA 233 -68.88 -8.62 -28.10
CA VAL BA 233 -68.58 -8.73 -29.52
C VAL BA 233 -69.89 -8.51 -30.28
N PRO BA 234 -70.20 -7.27 -30.67
CA PRO BA 234 -71.45 -7.04 -31.40
C PRO BA 234 -71.31 -7.27 -32.91
N ASN BA 235 -70.09 -7.17 -33.42
CA ASN BA 235 -69.84 -7.30 -34.85
C ASN BA 235 -69.23 -8.66 -35.15
N LYS BA 236 -69.80 -9.36 -36.12
CA LYS BA 236 -69.32 -10.66 -36.58
C LYS BA 236 -68.98 -10.60 -38.06
N LYS BA 237 -68.00 -11.40 -38.46
CA LYS BA 237 -67.69 -11.56 -39.87
C LYS BA 237 -68.54 -12.70 -40.43
N GLY BA 238 -69.15 -12.45 -41.61
CA GLY BA 238 -69.97 -13.46 -42.23
C GLY BA 238 -69.15 -14.63 -42.76
N THR BA 239 -69.84 -15.74 -42.99
CA THR BA 239 -69.18 -16.94 -43.45
C THR BA 239 -68.82 -16.83 -44.93
N ARG BA 240 -67.86 -17.64 -45.33
CA ARG BA 240 -67.38 -17.69 -46.71
C ARG BA 240 -68.12 -18.81 -47.44
N LEU BA 241 -68.87 -18.46 -48.47
CA LEU BA 241 -69.77 -19.38 -49.15
C LEU BA 241 -69.19 -19.93 -50.44
N GLY BA 242 -67.90 -19.72 -50.70
CA GLY BA 242 -67.28 -20.11 -51.95
C GLY BA 242 -66.21 -21.16 -51.75
N ARG BA 243 -66.02 -21.99 -52.77
CA ARG BA 243 -64.93 -22.95 -52.77
C ARG BA 243 -63.66 -22.29 -53.28
N TYR BA 244 -62.59 -22.41 -52.50
CA TYR BA 244 -61.30 -21.82 -52.81
C TYR BA 244 -60.21 -22.87 -52.67
N ARG BA 245 -60.43 -24.02 -53.30
CA ARG BA 245 -59.55 -25.17 -53.17
C ARG BA 245 -58.21 -24.89 -53.82
N CYS BA 246 -57.20 -24.62 -52.99
CA CYS BA 246 -55.83 -24.46 -53.47
C CYS BA 246 -55.25 -25.83 -53.80
N GLU BA 247 -54.74 -25.98 -55.01
CA GLU BA 247 -54.23 -27.26 -55.46
C GLU BA 247 -52.77 -27.43 -55.08
N LYS BA 248 -52.39 -28.68 -54.83
CA LYS BA 248 -51.02 -29.00 -54.46
C LYS BA 248 -50.18 -29.09 -55.74
N GLY BA 249 -49.75 -27.94 -56.22
CA GLY BA 249 -48.94 -27.89 -57.43
C GLY BA 249 -49.45 -26.92 -58.47
N THR BA 250 -50.34 -26.02 -58.09
CA THR BA 250 -50.89 -25.03 -59.00
C THR BA 250 -50.05 -23.77 -59.10
N THR BA 251 -48.78 -23.82 -58.67
CA THR BA 251 -47.89 -22.68 -58.75
C THR BA 251 -46.53 -23.15 -59.27
N ALA BA 252 -46.05 -22.53 -60.34
CA ALA BA 252 -44.78 -22.89 -60.92
C ALA BA 252 -43.63 -22.38 -60.06
N VAL BA 253 -42.62 -23.23 -59.87
CA VAL BA 253 -41.45 -22.91 -59.06
C VAL BA 253 -40.21 -22.98 -59.95
N LEU BA 254 -39.40 -21.93 -59.91
CA LEU BA 254 -38.17 -21.90 -60.69
C LEU BA 254 -37.05 -22.65 -60.00
N THR BA 255 -36.80 -22.37 -58.72
CA THR BA 255 -35.66 -22.93 -58.00
C THR BA 255 -36.07 -23.24 -56.57
N GLU BA 256 -35.80 -24.46 -56.13
CA GLU BA 256 -36.03 -24.87 -54.75
C GLU BA 256 -34.71 -24.97 -54.00
N LYS BA 257 -34.81 -25.01 -52.68
CA LYS BA 257 -33.64 -25.06 -51.81
C LYS BA 257 -34.05 -25.63 -50.47
N ILE BA 258 -33.29 -26.60 -49.97
CA ILE BA 258 -33.58 -27.28 -48.71
C ILE BA 258 -32.40 -27.07 -47.78
N THR BA 259 -32.67 -26.66 -46.54
CA THR BA 259 -31.65 -26.48 -45.52
C THR BA 259 -32.15 -27.08 -44.22
N PRO BA 260 -31.61 -28.23 -43.79
CA PRO BA 260 -32.07 -28.83 -42.54
C PRO BA 260 -31.60 -28.06 -41.32
N LEU BA 261 -32.15 -28.43 -40.17
CA LEU BA 261 -31.81 -27.79 -38.90
C LEU BA 261 -31.59 -28.89 -37.86
N GLU BA 262 -31.50 -28.47 -36.59
CA GLU BA 262 -31.33 -29.41 -35.49
C GLU BA 262 -32.00 -28.89 -34.22
N SER CA 1 -44.67 9.59 -53.14
CA SER CA 1 -44.08 9.97 -51.86
C SER CA 1 -42.67 9.42 -51.72
N ILE CA 2 -42.12 9.56 -50.52
CA ILE CA 2 -40.79 9.01 -50.24
C ILE CA 2 -40.85 7.48 -50.19
N MET CA 3 -41.96 6.94 -49.67
CA MET CA 3 -42.15 5.49 -49.67
C MET CA 3 -42.31 4.94 -51.08
N SER CA 4 -42.84 5.74 -52.00
CA SER CA 4 -43.06 5.32 -53.39
C SER CA 4 -41.87 5.61 -54.29
N TYR CA 5 -40.68 5.77 -53.71
CA TYR CA 5 -39.51 6.10 -54.52
C TYR CA 5 -38.84 4.86 -55.10
N ASN CA 6 -38.94 3.71 -54.42
CA ASN CA 6 -38.35 2.48 -54.91
C ASN CA 6 -39.30 1.30 -54.94
N GLY CA 7 -40.47 1.41 -54.31
CA GLY CA 7 -41.41 0.31 -54.29
C GLY CA 7 -41.00 -0.78 -53.32
N GLY CA 8 -41.82 -1.82 -53.28
CA GLY CA 8 -41.56 -2.96 -52.42
C GLY CA 8 -42.84 -3.56 -51.87
N ALA CA 9 -42.75 -4.83 -51.47
CA ALA CA 9 -43.89 -5.54 -50.89
C ALA CA 9 -43.34 -6.69 -50.06
N VAL CA 10 -43.69 -6.73 -48.77
CA VAL CA 10 -43.27 -7.80 -47.87
C VAL CA 10 -44.51 -8.36 -47.20
N MET CA 11 -44.70 -9.67 -47.28
CA MET CA 11 -45.85 -10.35 -46.71
C MET CA 11 -45.39 -11.50 -45.83
N ALA CA 12 -46.02 -11.64 -44.66
CA ALA CA 12 -45.82 -12.78 -43.80
C ALA CA 12 -47.16 -13.42 -43.49
N MET CA 13 -47.15 -14.73 -43.25
CA MET CA 13 -48.39 -15.45 -43.03
C MET CA 13 -48.14 -16.63 -42.09
N LYS CA 14 -49.03 -16.81 -41.12
CA LYS CA 14 -48.89 -17.81 -40.08
C LYS CA 14 -49.64 -19.07 -40.47
N GLY CA 15 -49.01 -20.23 -40.27
CA GLY CA 15 -49.63 -21.51 -40.54
C GLY CA 15 -49.98 -22.29 -39.29
N LYS CA 16 -49.94 -23.61 -39.38
CA LYS CA 16 -50.25 -24.45 -38.22
C LYS CA 16 -49.06 -24.57 -37.29
N ASN CA 17 -47.96 -25.15 -37.77
CA ASN CA 17 -46.73 -25.27 -37.01
C ASN CA 17 -45.58 -24.55 -37.70
N CYS CA 18 -45.89 -23.76 -38.73
CA CYS CA 18 -44.88 -23.17 -39.60
C CYS CA 18 -45.30 -21.75 -39.93
N VAL CA 19 -44.38 -21.01 -40.54
CA VAL CA 19 -44.62 -19.62 -40.90
C VAL CA 19 -43.87 -19.33 -42.20
N ALA CA 20 -44.46 -18.48 -43.04
CA ALA CA 20 -43.90 -18.16 -44.33
C ALA CA 20 -43.73 -16.66 -44.49
N ILE CA 21 -42.81 -16.28 -45.36
CA ILE CA 21 -42.53 -14.87 -45.65
C ILE CA 21 -42.11 -14.77 -47.11
N ALA CA 22 -42.51 -13.67 -47.75
CA ALA CA 22 -42.24 -13.49 -49.17
C ALA CA 22 -42.02 -12.02 -49.46
N ALA CA 23 -41.28 -11.76 -50.54
CA ALA CA 23 -40.99 -10.39 -50.96
C ALA CA 23 -40.75 -10.40 -52.47
N ASP CA 24 -40.60 -9.20 -53.01
CA ASP CA 24 -40.32 -9.02 -54.43
C ASP CA 24 -38.81 -8.93 -54.66
N ARG CA 25 -38.44 -8.74 -55.92
CA ARG CA 25 -37.03 -8.70 -56.30
C ARG CA 25 -36.62 -7.43 -57.03
N ARG CA 26 -37.56 -6.57 -57.41
CA ARG CA 26 -37.24 -5.43 -58.25
C ARG CA 26 -36.58 -4.32 -57.45
N PHE CA 27 -35.45 -3.83 -57.94
CA PHE CA 27 -34.81 -2.63 -57.45
C PHE CA 27 -34.86 -1.57 -58.53
N GLY CA 28 -35.21 -0.34 -58.15
CA GLY CA 28 -35.25 0.72 -59.14
C GLY CA 28 -35.60 2.08 -58.61
N ILE CA 29 -35.22 3.10 -59.39
CA ILE CA 29 -35.62 4.48 -59.17
C ILE CA 29 -37.02 4.58 -59.76
N GLN CA 30 -37.73 5.70 -59.51
CA GLN CA 30 -39.17 5.95 -59.63
C GLN CA 30 -39.90 5.25 -60.78
N ALA CA 31 -39.30 5.26 -61.97
CA ALA CA 31 -39.87 4.55 -63.10
C ALA CA 31 -38.86 3.65 -63.80
N GLN CA 32 -37.59 3.72 -63.44
CA GLN CA 32 -36.54 2.96 -64.09
C GLN CA 32 -36.01 1.91 -63.13
N MET CA 33 -36.14 0.64 -63.51
CA MET CA 33 -35.53 -0.43 -62.74
C MET CA 33 -34.02 -0.42 -62.91
N VAL CA 34 -33.33 -1.11 -62.02
CA VAL CA 34 -31.89 -1.28 -62.08
C VAL CA 34 -31.50 -2.75 -62.10
N THR CA 35 -31.98 -3.53 -61.13
CA THR CA 35 -31.62 -4.93 -61.03
C THR CA 35 -32.77 -5.71 -60.41
N THR CA 36 -32.70 -7.04 -60.54
CA THR CA 36 -33.75 -7.94 -60.08
C THR CA 36 -33.25 -8.91 -59.00
N ASP CA 37 -32.24 -8.50 -58.24
CA ASP CA 37 -31.69 -9.37 -57.20
C ASP CA 37 -31.44 -8.59 -55.92
N PHE CA 38 -32.35 -7.70 -55.58
CA PHE CA 38 -32.22 -6.88 -54.38
C PHE CA 38 -32.78 -7.64 -53.19
N GLN CA 39 -31.95 -7.90 -52.21
CA GLN CA 39 -32.36 -8.67 -51.04
C GLN CA 39 -33.18 -7.80 -50.09
N LYS CA 40 -34.34 -8.29 -49.69
CA LYS CA 40 -35.20 -7.60 -48.75
C LYS CA 40 -35.55 -8.47 -47.54
N ILE CA 41 -35.09 -9.70 -47.49
CA ILE CA 41 -35.31 -10.59 -46.35
C ILE CA 41 -33.95 -10.99 -45.80
N PHE CA 42 -33.75 -10.77 -44.51
CA PHE CA 42 -32.45 -10.99 -43.89
C PHE CA 42 -32.57 -11.97 -42.74
N PRO CA 43 -31.73 -13.00 -42.68
CA PRO CA 43 -31.78 -13.93 -41.55
C PRO CA 43 -31.18 -13.32 -40.30
N MET CA 44 -31.92 -13.41 -39.19
CA MET CA 44 -31.46 -12.96 -37.88
C MET CA 44 -31.57 -14.17 -36.96
N GLY CA 45 -30.56 -15.03 -37.00
CA GLY CA 45 -30.61 -16.29 -36.30
C GLY CA 45 -31.43 -17.33 -37.04
N ASP CA 46 -31.37 -18.56 -36.55
CA ASP CA 46 -32.08 -19.66 -37.17
C ASP CA 46 -33.56 -19.60 -36.82
N ARG CA 47 -34.39 -20.01 -37.79
CA ARG CA 47 -35.85 -20.09 -37.69
C ARG CA 47 -36.49 -18.75 -37.34
N LEU CA 48 -35.88 -17.65 -37.78
CA LEU CA 48 -36.37 -16.32 -37.45
C LEU CA 48 -35.82 -15.35 -38.49
N TYR CA 49 -36.68 -14.79 -39.32
CA TYR CA 49 -36.29 -13.89 -40.39
C TYR CA 49 -36.90 -12.50 -40.15
N ILE CA 50 -36.51 -11.56 -40.98
CA ILE CA 50 -37.06 -10.21 -40.97
C ILE CA 50 -37.14 -9.71 -42.40
N GLY CA 51 -38.18 -8.96 -42.71
CA GLY CA 51 -38.37 -8.37 -44.02
C GLY CA 51 -38.49 -6.86 -43.92
N LEU CA 52 -37.90 -6.17 -44.89
CA LEU CA 52 -37.89 -4.72 -44.90
C LEU CA 52 -38.42 -4.20 -46.23
N ALA CA 53 -39.14 -3.08 -46.17
CA ALA CA 53 -39.71 -2.47 -47.37
C ALA CA 53 -39.84 -0.97 -47.15
N GLY CA 54 -39.62 -0.21 -48.21
CA GLY CA 54 -39.68 1.23 -48.12
C GLY CA 54 -38.58 1.89 -48.92
N LEU CA 55 -37.92 2.89 -48.34
CA LEU CA 55 -36.80 3.53 -49.00
C LEU CA 55 -35.59 2.61 -48.96
N ALA CA 56 -34.94 2.42 -50.11
CA ALA CA 56 -33.87 1.44 -50.24
C ALA CA 56 -32.61 1.81 -49.47
N THR CA 57 -32.45 3.08 -49.09
CA THR CA 57 -31.36 3.47 -48.21
C THR CA 57 -31.55 2.87 -46.82
N ASP CA 58 -32.73 3.11 -46.22
CA ASP CA 58 -32.99 2.67 -44.86
C ASP CA 58 -33.19 1.16 -44.76
N VAL CA 59 -33.45 0.48 -45.87
CA VAL CA 59 -33.49 -0.98 -45.85
C VAL CA 59 -32.10 -1.54 -45.56
N GLN CA 60 -31.09 -1.08 -46.29
CA GLN CA 60 -29.74 -1.54 -46.06
C GLN CA 60 -29.12 -0.97 -44.80
N THR CA 61 -29.64 0.15 -44.31
CA THR CA 61 -29.04 0.77 -43.13
C THR CA 61 -29.51 0.12 -41.84
N VAL CA 62 -30.82 -0.05 -41.69
CA VAL CA 62 -31.38 -0.60 -40.46
C VAL CA 62 -31.01 -2.07 -40.31
N ALA CA 63 -30.92 -2.81 -41.43
CA ALA CA 63 -30.53 -4.21 -41.38
C ALA CA 63 -29.09 -4.40 -40.95
N GLN CA 64 -28.24 -3.38 -41.08
CA GLN CA 64 -26.89 -3.43 -40.55
C GLN CA 64 -26.82 -2.96 -39.10
N ARG CA 65 -27.64 -1.97 -38.74
CA ARG CA 65 -27.67 -1.51 -37.35
C ARG CA 65 -28.31 -2.54 -36.44
N LEU CA 66 -29.32 -3.26 -36.94
CA LEU CA 66 -29.92 -4.31 -36.13
C LEU CA 66 -28.99 -5.51 -35.98
N LYS CA 67 -28.21 -5.80 -37.02
CA LYS CA 67 -27.21 -6.85 -36.93
C LYS CA 67 -26.08 -6.44 -35.99
N PHE CA 68 -25.82 -5.14 -35.88
CA PHE CA 68 -24.83 -4.64 -34.94
C PHE CA 68 -25.25 -4.90 -33.50
N ARG CA 69 -26.54 -4.74 -33.20
CA ARG CA 69 -27.02 -4.91 -31.84
C ARG CA 69 -27.35 -6.36 -31.51
N LEU CA 70 -27.62 -7.19 -32.53
CA LEU CA 70 -27.97 -8.57 -32.26
C LEU CA 70 -26.76 -9.38 -31.83
N ASN CA 71 -25.62 -9.20 -32.50
CA ASN CA 71 -24.43 -9.97 -32.17
C ASN CA 71 -23.86 -9.59 -30.82
N LEU CA 72 -24.02 -8.32 -30.40
CA LEU CA 72 -23.63 -7.96 -29.05
C LEU CA 72 -24.59 -8.51 -28.01
N TYR CA 73 -25.84 -8.78 -28.39
CA TYR CA 73 -26.79 -9.38 -27.47
C TYR CA 73 -26.53 -10.88 -27.29
N GLU CA 74 -26.22 -11.57 -28.38
CA GLU CA 74 -26.03 -13.01 -28.35
C GLU CA 74 -24.66 -13.44 -27.85
N LEU CA 75 -23.82 -12.51 -27.42
CA LEU CA 75 -22.55 -12.83 -26.80
C LEU CA 75 -22.52 -12.53 -25.31
N LYS CA 76 -23.23 -11.50 -24.86
CA LYS CA 76 -23.41 -11.29 -23.43
C LYS CA 76 -24.29 -12.36 -22.81
N GLU CA 77 -25.18 -12.93 -23.61
CA GLU CA 77 -26.02 -14.04 -23.19
C GLU CA 77 -25.79 -15.22 -24.14
N GLY CA 78 -25.62 -16.41 -23.58
CA GLY CA 78 -25.38 -17.58 -24.40
C GLY CA 78 -26.58 -18.04 -25.20
N ARG CA 79 -27.77 -17.62 -24.81
CA ARG CA 79 -28.99 -18.01 -25.49
C ARG CA 79 -29.15 -17.24 -26.80
N GLN CA 80 -30.12 -17.67 -27.60
CA GLN CA 80 -30.54 -16.92 -28.77
C GLN CA 80 -31.64 -15.94 -28.36
N ILE CA 81 -32.13 -15.19 -29.33
CA ILE CA 81 -33.11 -14.14 -29.07
C ILE CA 81 -34.52 -14.69 -29.26
N LYS CA 82 -35.43 -14.28 -28.40
CA LYS CA 82 -36.84 -14.61 -28.55
C LYS CA 82 -37.49 -13.66 -29.56
N PRO CA 83 -38.56 -14.11 -30.23
CA PRO CA 83 -39.20 -13.23 -31.23
C PRO CA 83 -39.89 -12.02 -30.63
N TYR CA 84 -40.34 -12.10 -29.37
CA TYR CA 84 -40.85 -10.90 -28.70
C TYR CA 84 -39.73 -9.93 -28.39
N THR CA 85 -38.53 -10.43 -28.14
CA THR CA 85 -37.42 -9.58 -27.74
C THR CA 85 -36.91 -8.75 -28.92
N LEU CA 86 -36.93 -9.32 -30.12
CA LEU CA 86 -36.46 -8.59 -31.31
C LEU CA 86 -37.42 -7.46 -31.66
N MET CA 87 -38.72 -7.68 -31.44
CA MET CA 87 -39.71 -6.63 -31.73
C MET CA 87 -39.52 -5.43 -30.82
N SER CA 88 -39.14 -5.67 -29.56
CA SER CA 88 -38.82 -4.56 -28.67
C SER CA 88 -37.50 -3.90 -29.05
N MET CA 89 -36.60 -4.65 -29.67
CA MET CA 89 -35.30 -4.10 -30.07
C MET CA 89 -35.44 -3.18 -31.28
N VAL CA 90 -36.25 -3.58 -32.25
CA VAL CA 90 -36.44 -2.78 -33.46
C VAL CA 90 -37.22 -1.51 -33.13
N ALA CA 91 -38.22 -1.62 -32.26
CA ALA CA 91 -39.02 -0.46 -31.87
C ALA CA 91 -38.21 0.56 -31.09
N ASN CA 92 -37.15 0.12 -30.41
CA ASN CA 92 -36.26 1.07 -29.78
C ASN CA 92 -35.41 1.78 -30.81
N LEU CA 93 -35.00 1.08 -31.87
CA LEU CA 93 -34.09 1.65 -32.85
C LEU CA 93 -34.80 2.68 -33.71
N LEU CA 94 -36.07 2.47 -34.01
CA LEU CA 94 -36.81 3.40 -34.84
C LEU CA 94 -37.24 4.65 -34.05
N TYR CA 95 -37.50 4.49 -32.76
CA TYR CA 95 -38.00 5.61 -31.97
C TYR CA 95 -36.89 6.61 -31.60
N GLU CA 96 -35.63 6.17 -31.62
CA GLU CA 96 -34.52 7.10 -31.37
C GLU CA 96 -34.43 8.16 -32.45
N LYS CA 97 -34.75 7.80 -33.69
CA LYS CA 97 -34.95 8.79 -34.76
C LYS CA 97 -36.43 9.14 -34.82
N ARG CA 98 -36.89 9.82 -33.77
CA ARG CA 98 -38.29 10.20 -33.70
C ARG CA 98 -38.62 11.28 -34.73
N PHE CA 99 -37.75 12.25 -34.89
CA PHE CA 99 -37.97 13.34 -35.82
C PHE CA 99 -37.02 13.32 -37.01
N GLY CA 100 -36.11 12.35 -37.08
CA GLY CA 100 -35.31 12.12 -38.25
C GLY CA 100 -35.49 10.74 -38.85
N PRO CA 101 -36.74 10.29 -39.03
CA PRO CA 101 -37.02 8.85 -39.03
C PRO CA 101 -36.55 8.12 -40.27
N TYR CA 102 -36.26 6.84 -40.08
CA TYR CA 102 -35.97 5.96 -41.21
C TYR CA 102 -37.27 5.66 -41.96
N TYR CA 103 -37.17 5.57 -43.28
CA TYR CA 103 -38.35 5.34 -44.12
C TYR CA 103 -38.41 3.87 -44.50
N THR CA 104 -38.83 3.05 -43.52
CA THR CA 104 -39.06 1.64 -43.75
C THR CA 104 -40.09 1.14 -42.77
N GLU CA 105 -40.67 -0.02 -43.07
CA GLU CA 105 -41.66 -0.67 -42.22
C GLU CA 105 -41.29 -2.14 -42.09
N PRO CA 106 -40.72 -2.55 -40.96
CA PRO CA 106 -40.22 -3.92 -40.83
C PRO CA 106 -41.34 -4.92 -40.60
N VAL CA 107 -41.08 -6.15 -41.05
CA VAL CA 107 -41.95 -7.30 -40.84
C VAL CA 107 -41.10 -8.43 -40.29
N ILE CA 108 -41.47 -8.93 -39.11
CA ILE CA 108 -40.72 -9.96 -38.42
C ILE CA 108 -41.54 -11.25 -38.41
N ALA CA 109 -40.94 -12.34 -38.85
CA ALA CA 109 -41.57 -13.64 -38.85
C ALA CA 109 -40.58 -14.68 -38.37
N GLY CA 110 -41.05 -15.61 -37.54
CA GLY CA 110 -40.17 -16.65 -37.04
C GLY CA 110 -40.89 -17.52 -36.04
N LEU CA 111 -40.18 -18.55 -35.61
CA LEU CA 111 -40.68 -19.51 -34.64
C LEU CA 111 -40.08 -19.24 -33.27
N ASP CA 112 -40.66 -19.86 -32.26
CA ASP CA 112 -40.09 -19.82 -30.92
C ASP CA 112 -38.81 -20.67 -30.89
N PRO CA 113 -37.77 -20.23 -30.19
CA PRO CA 113 -36.54 -21.04 -30.12
C PRO CA 113 -36.68 -22.29 -29.27
N LYS CA 114 -37.62 -22.33 -28.33
CA LYS CA 114 -37.82 -23.50 -27.49
C LYS CA 114 -38.97 -24.36 -28.01
N THR CA 115 -40.16 -23.80 -28.12
CA THR CA 115 -41.32 -24.51 -28.62
C THR CA 115 -41.40 -24.34 -30.14
N PHE CA 116 -42.53 -24.69 -30.73
CA PHE CA 116 -42.76 -24.56 -32.16
C PHE CA 116 -43.64 -23.38 -32.50
N LYS CA 117 -43.84 -22.48 -31.55
CA LYS CA 117 -44.88 -21.46 -31.68
C LYS CA 117 -44.44 -20.38 -32.67
N PRO CA 118 -45.21 -20.12 -33.73
CA PRO CA 118 -44.83 -19.07 -34.68
C PRO CA 118 -45.13 -17.68 -34.12
N PHE CA 119 -44.62 -16.69 -34.83
CA PHE CA 119 -44.78 -15.29 -34.42
C PHE CA 119 -44.68 -14.40 -35.63
N ILE CA 120 -45.64 -13.50 -35.79
CA ILE CA 120 -45.61 -12.48 -36.84
C ILE CA 120 -45.97 -11.13 -36.23
N CYS CA 121 -45.31 -10.08 -36.70
CA CYS CA 121 -45.63 -8.72 -36.30
C CYS CA 121 -45.12 -7.77 -37.38
N SER CA 122 -45.61 -6.53 -37.31
CA SER CA 122 -45.14 -5.48 -38.19
C SER CA 122 -45.11 -4.17 -37.40
N LEU CA 123 -44.29 -3.25 -37.87
CA LEU CA 123 -44.10 -1.98 -37.19
C LEU CA 123 -44.31 -0.83 -38.17
N ASP CA 124 -44.55 0.34 -37.62
CA ASP CA 124 -44.68 1.56 -38.40
C ASP CA 124 -43.30 2.15 -38.62
N LEU CA 125 -43.25 3.34 -39.22
CA LEU CA 125 -41.97 3.98 -39.47
C LEU CA 125 -41.39 4.67 -38.24
N ILE CA 126 -42.14 4.72 -37.14
CA ILE CA 126 -41.66 5.25 -35.88
C ILE CA 126 -41.72 4.25 -34.75
N GLY CA 127 -42.15 3.02 -35.01
CA GLY CA 127 -42.00 1.96 -34.03
C GLY CA 127 -43.24 1.59 -33.24
N CYS CA 128 -44.38 1.46 -33.90
CA CYS CA 128 -45.59 0.97 -33.24
C CYS CA 128 -45.71 -0.52 -33.49
N PRO CA 129 -45.54 -1.37 -32.49
CA PRO CA 129 -45.67 -2.81 -32.71
C PRO CA 129 -47.12 -3.23 -32.88
N MET CA 130 -47.32 -4.29 -33.66
CA MET CA 130 -48.67 -4.75 -33.96
C MET CA 130 -48.59 -6.24 -34.29
N VAL CA 131 -49.00 -7.07 -33.35
CA VAL CA 131 -48.98 -8.51 -33.54
C VAL CA 131 -50.36 -8.97 -34.02
N THR CA 132 -50.37 -9.96 -34.92
CA THR CA 132 -51.61 -10.54 -35.40
C THR CA 132 -51.56 -12.05 -35.29
N ASP CA 133 -52.55 -12.74 -35.84
CA ASP CA 133 -52.59 -14.19 -35.84
C ASP CA 133 -52.70 -14.80 -37.23
N ASP CA 134 -52.96 -14.00 -38.26
CA ASP CA 134 -53.16 -14.51 -39.61
C ASP CA 134 -52.10 -14.05 -40.60
N PHE CA 135 -51.90 -12.75 -40.74
CA PHE CA 135 -50.97 -12.21 -41.73
C PHE CA 135 -50.63 -10.78 -41.37
N VAL CA 136 -49.45 -10.34 -41.84
CA VAL CA 136 -49.07 -8.93 -41.85
C VAL CA 136 -48.50 -8.61 -43.22
N VAL CA 137 -48.74 -7.40 -43.69
CA VAL CA 137 -48.25 -6.93 -44.98
C VAL CA 137 -47.64 -5.55 -44.83
N SER CA 138 -46.72 -5.22 -45.72
CA SER CA 138 -46.08 -3.91 -45.74
C SER CA 138 -45.54 -3.66 -47.15
N GLY CA 139 -45.49 -2.38 -47.51
CA GLY CA 139 -44.97 -1.95 -48.79
C GLY CA 139 -45.90 -0.95 -49.44
N THR CA 140 -45.65 -0.71 -50.72
CA THR CA 140 -46.46 0.27 -51.45
C THR CA 140 -47.82 -0.28 -51.83
N CYS CA 141 -47.87 -1.52 -52.32
CA CYS CA 141 -49.12 -2.15 -52.75
C CYS CA 141 -49.83 -2.87 -51.61
N ALA CA 142 -50.10 -2.13 -50.53
CA ALA CA 142 -50.66 -2.74 -49.34
C ALA CA 142 -52.12 -3.12 -49.53
N GLU CA 143 -52.91 -2.25 -50.18
CA GLU CA 143 -54.35 -2.46 -50.29
C GLU CA 143 -54.69 -3.66 -51.16
N GLN CA 144 -53.85 -3.96 -52.14
CA GLN CA 144 -54.06 -5.17 -52.95
C GLN CA 144 -53.75 -6.42 -52.14
N MET CA 145 -52.82 -6.32 -51.18
CA MET CA 145 -52.46 -7.49 -50.40
C MET CA 145 -53.50 -7.81 -49.32
N TYR CA 146 -54.25 -6.81 -48.87
CA TYR CA 146 -55.35 -7.11 -47.95
C TYR CA 146 -56.50 -7.82 -48.67
N GLY CA 147 -56.70 -7.51 -49.95
CA GLY CA 147 -57.80 -8.13 -50.68
C GLY CA 147 -57.59 -9.61 -50.95
N MET CA 148 -56.33 -10.04 -51.04
CA MET CA 148 -56.05 -11.45 -51.28
C MET CA 148 -56.01 -12.27 -50.01
N CYS CA 149 -55.52 -11.70 -48.92
CA CYS CA 149 -55.32 -12.46 -47.69
C CYS CA 149 -56.61 -12.63 -46.91
N GLU CA 150 -57.54 -11.68 -47.02
CA GLU CA 150 -58.81 -11.80 -46.30
C GLU CA 150 -59.71 -12.89 -46.89
N SER CA 151 -59.47 -13.30 -48.13
CA SER CA 151 -60.33 -14.28 -48.78
C SER CA 151 -59.70 -15.67 -48.88
N LEU CA 152 -58.37 -15.77 -48.82
CA LEU CA 152 -57.70 -17.04 -49.04
C LEU CA 152 -57.16 -17.69 -47.77
N TRP CA 153 -57.09 -16.97 -46.67
CA TRP CA 153 -56.45 -17.50 -45.47
C TRP CA 153 -57.37 -18.49 -44.75
N GLU CA 154 -56.78 -19.60 -44.32
CA GLU CA 154 -57.42 -20.61 -43.50
C GLU CA 154 -56.65 -20.74 -42.21
N PRO CA 155 -57.33 -21.07 -41.09
CA PRO CA 155 -56.66 -21.08 -39.78
C PRO CA 155 -55.54 -22.09 -39.61
N ASN CA 156 -55.81 -23.37 -39.85
CA ASN CA 156 -54.85 -24.45 -39.59
C ASN CA 156 -54.45 -25.06 -40.92
N MET CA 157 -53.23 -24.77 -41.37
CA MET CA 157 -52.79 -25.13 -42.70
C MET CA 157 -51.44 -25.84 -42.65
N ASP CA 158 -51.32 -26.92 -43.43
CA ASP CA 158 -50.07 -27.62 -43.61
C ASP CA 158 -49.10 -26.76 -44.41
N PRO CA 159 -47.80 -27.06 -44.41
CA PRO CA 159 -46.86 -26.30 -45.25
C PRO CA 159 -47.08 -26.44 -46.76
N ASP CA 160 -47.90 -27.40 -47.21
CA ASP CA 160 -48.22 -27.49 -48.62
C ASP CA 160 -49.18 -26.38 -49.03
N HIS CA 161 -50.33 -26.29 -48.38
CA HIS CA 161 -51.33 -25.28 -48.74
C HIS CA 161 -50.93 -23.88 -48.30
N LEU CA 162 -50.09 -23.75 -47.27
CA LEU CA 162 -49.62 -22.44 -46.86
C LEU CA 162 -48.71 -21.83 -47.92
N PHE CA 163 -47.91 -22.66 -48.58
CA PHE CA 163 -47.09 -22.17 -49.68
C PHE CA 163 -47.94 -21.76 -50.87
N GLU CA 164 -48.99 -22.52 -51.18
CA GLU CA 164 -49.84 -22.22 -52.32
C GLU CA 164 -50.73 -21.01 -52.07
N THR CA 165 -51.02 -20.69 -50.82
CA THR CA 165 -51.86 -19.53 -50.54
C THR CA 165 -51.05 -18.23 -50.62
N ILE CA 166 -49.85 -18.23 -50.05
CA ILE CA 166 -49.01 -17.05 -50.09
C ILE CA 166 -48.42 -16.84 -51.49
N SER CA 167 -48.39 -17.88 -52.32
CA SER CA 167 -47.95 -17.71 -53.70
C SER CA 167 -49.00 -16.97 -54.51
N GLN CA 168 -50.25 -17.40 -54.44
CA GLN CA 168 -51.32 -16.75 -55.18
C GLN CA 168 -51.65 -15.36 -54.64
N ALA CA 169 -51.36 -15.11 -53.36
CA ALA CA 169 -51.59 -13.78 -52.81
C ALA CA 169 -50.55 -12.79 -53.31
N MET CA 170 -49.30 -13.23 -53.44
CA MET CA 170 -48.24 -12.32 -53.89
C MET CA 170 -48.30 -12.09 -55.40
N LEU CA 171 -48.63 -13.12 -56.18
CA LEU CA 171 -48.60 -12.96 -57.62
C LEU CA 171 -49.74 -12.08 -58.12
N ASN CA 172 -50.94 -12.27 -57.58
CA ASN CA 172 -52.08 -11.53 -58.07
C ASN CA 172 -52.12 -10.08 -57.60
N ALA CA 173 -51.43 -9.77 -56.49
CA ALA CA 173 -51.44 -8.40 -55.97
C ALA CA 173 -50.33 -7.55 -56.52
N VAL CA 174 -49.14 -8.13 -56.69
CA VAL CA 174 -48.00 -7.36 -57.19
C VAL CA 174 -48.14 -7.09 -58.69
N ASP CA 175 -48.76 -8.01 -59.43
CA ASP CA 175 -49.05 -7.76 -60.85
C ASP CA 175 -50.06 -6.64 -61.05
N ARG CA 176 -50.87 -6.32 -60.04
CA ARG CA 176 -51.70 -5.13 -60.07
C ARG CA 176 -50.90 -3.87 -59.75
N ASP CA 177 -49.78 -4.00 -59.04
CA ASP CA 177 -48.92 -2.86 -58.77
C ASP CA 177 -48.01 -2.61 -59.97
N ALA CA 178 -47.63 -1.35 -60.14
CA ALA CA 178 -46.76 -0.95 -61.24
C ALA CA 178 -45.29 -0.91 -60.85
N VAL CA 179 -44.97 -0.42 -59.66
CA VAL CA 179 -43.58 -0.20 -59.26
C VAL CA 179 -43.03 -1.38 -58.46
N SER CA 180 -43.70 -2.53 -58.51
CA SER CA 180 -43.24 -3.73 -57.83
C SER CA 180 -43.39 -4.92 -58.76
N GLY CA 181 -42.44 -5.84 -58.68
CA GLY CA 181 -42.49 -7.04 -59.50
C GLY CA 181 -41.15 -7.65 -59.77
N MET CA 182 -40.97 -8.15 -61.00
CA MET CA 182 -39.71 -8.66 -61.54
C MET CA 182 -39.19 -9.86 -60.74
N GLY CA 183 -40.09 -10.65 -60.17
CA GLY CA 183 -39.68 -11.83 -59.42
C GLY CA 183 -40.11 -11.81 -57.97
N VAL CA 184 -40.50 -12.96 -57.44
CA VAL CA 184 -40.94 -13.11 -56.06
C VAL CA 184 -40.20 -14.29 -55.45
N ILE CA 185 -39.54 -14.06 -54.32
CA ILE CA 185 -38.88 -15.12 -53.55
C ILE CA 185 -39.70 -15.40 -52.30
N VAL CA 186 -39.81 -16.67 -51.95
CA VAL CA 186 -40.65 -17.12 -50.84
C VAL CA 186 -39.80 -17.97 -49.91
N HIS CA 187 -39.77 -17.60 -48.63
CA HIS CA 187 -39.17 -18.43 -47.59
C HIS CA 187 -40.28 -19.09 -46.77
N ILE CA 188 -40.20 -20.40 -46.62
CA ILE CA 188 -41.10 -21.15 -45.75
C ILE CA 188 -40.25 -21.99 -44.80
N ILE CA 189 -40.38 -21.71 -43.51
CA ILE CA 189 -39.55 -22.35 -42.49
C ILE CA 189 -40.45 -23.18 -41.59
N GLU CA 190 -39.83 -24.10 -40.86
CA GLU CA 190 -40.51 -24.97 -39.92
C GLU CA 190 -39.50 -25.43 -38.88
N LYS CA 191 -39.91 -26.38 -38.04
CA LYS CA 191 -39.04 -26.87 -36.98
C LYS CA 191 -37.87 -27.68 -37.53
N ASP CA 192 -38.08 -28.41 -38.62
CA ASP CA 192 -37.06 -29.33 -39.12
C ASP CA 192 -36.15 -28.71 -40.15
N LYS CA 193 -36.66 -27.85 -41.02
CA LYS CA 193 -35.87 -27.37 -42.14
C LYS CA 193 -36.37 -25.99 -42.58
N ILE CA 194 -35.64 -25.42 -43.53
CA ILE CA 194 -35.96 -24.13 -44.14
C ILE CA 194 -35.98 -24.32 -45.64
N THR CA 195 -37.09 -23.96 -46.28
CA THR CA 195 -37.25 -24.10 -47.71
C THR CA 195 -37.39 -22.73 -48.35
N THR CA 196 -36.57 -22.46 -49.37
CA THR CA 196 -36.60 -21.22 -50.12
C THR CA 196 -36.95 -21.54 -51.57
N ARG CA 197 -37.99 -20.90 -52.08
CA ARG CA 197 -38.38 -21.09 -53.47
C ARG CA 197 -38.58 -19.73 -54.14
N THR CA 198 -38.29 -19.70 -55.44
CA THR CA 198 -38.57 -18.54 -56.28
C THR CA 198 -39.66 -18.90 -57.28
N LEU CA 199 -40.49 -17.91 -57.61
CA LEU CA 199 -41.68 -18.15 -58.41
C LEU CA 199 -41.51 -17.61 -59.81
N LYS CA 200 -42.32 -18.13 -60.72
CA LYS CA 200 -42.33 -17.71 -62.12
C LYS CA 200 -43.36 -16.60 -62.28
N ALA CA 201 -42.89 -15.36 -62.33
CA ALA CA 201 -43.76 -14.20 -62.37
C ALA CA 201 -43.54 -13.43 -63.67
N ARG CA 202 -44.40 -12.43 -63.89
CA ARG CA 202 -44.29 -11.58 -65.06
C ARG CA 202 -43.10 -10.65 -64.92
N MET CA 203 -42.27 -10.59 -65.95
CA MET CA 203 -41.04 -9.80 -65.93
C MET CA 203 -41.20 -8.46 -66.65
N ASP CA 204 -42.41 -7.93 -66.71
CA ASP CA 204 -42.65 -6.66 -67.36
C ASP CA 204 -42.79 -5.51 -66.35
N MET DA 1 -26.11 14.40 -66.53
CA MET DA 1 -25.74 15.18 -67.71
C MET DA 1 -24.58 14.52 -68.45
N GLU DA 2 -23.56 14.12 -67.72
CA GLU DA 2 -22.44 13.38 -68.27
C GLU DA 2 -22.64 11.88 -68.09
N TYR DA 3 -21.85 11.10 -68.81
CA TYR DA 3 -22.19 9.72 -69.12
C TYR DA 3 -21.19 8.74 -68.52
N LEU DA 4 -21.69 7.57 -68.12
CA LEU DA 4 -20.88 6.47 -67.64
C LEU DA 4 -21.42 5.18 -68.25
N ILE DA 5 -20.61 4.12 -68.18
CA ILE DA 5 -21.01 2.81 -68.69
C ILE DA 5 -20.24 1.73 -67.94
N GLY DA 6 -20.87 0.58 -67.75
CA GLY DA 6 -20.41 -0.44 -66.84
C GLY DA 6 -20.37 -1.88 -67.34
N ILE DA 7 -19.90 -2.14 -68.57
CA ILE DA 7 -19.99 -3.48 -69.15
C ILE DA 7 -19.11 -4.46 -68.37
N GLN DA 8 -19.74 -5.49 -67.81
CA GLN DA 8 -19.09 -6.52 -67.02
C GLN DA 8 -18.89 -7.79 -67.85
N GLY DA 9 -17.69 -8.37 -67.75
CA GLY DA 9 -17.40 -9.60 -68.45
C GLY DA 9 -17.16 -10.76 -67.51
N PRO DA 10 -16.80 -11.93 -68.07
CA PRO DA 10 -16.53 -13.08 -67.20
C PRO DA 10 -15.25 -12.95 -66.39
N ASP DA 11 -14.23 -12.28 -66.94
CA ASP DA 11 -12.99 -12.08 -66.20
C ASP DA 11 -12.44 -10.67 -66.40
N TYR DA 12 -13.30 -9.73 -66.76
CA TYR DA 12 -12.87 -8.37 -67.03
C TYR DA 12 -14.02 -7.41 -66.74
N VAL DA 13 -13.69 -6.15 -66.51
CA VAL DA 13 -14.67 -5.09 -66.36
C VAL DA 13 -14.32 -3.98 -67.34
N LEU DA 14 -15.25 -3.69 -68.26
CA LEU DA 14 -15.06 -2.66 -69.25
C LEU DA 14 -15.82 -1.40 -68.82
N VAL DA 15 -15.09 -0.32 -68.59
CA VAL DA 15 -15.69 0.95 -68.18
C VAL DA 15 -15.23 2.05 -69.12
N ALA DA 16 -16.08 3.07 -69.26
CA ALA DA 16 -15.77 4.23 -70.08
C ALA DA 16 -16.62 5.40 -69.60
N SER DA 17 -16.08 6.61 -69.84
CA SER DA 17 -16.77 7.85 -69.50
C SER DA 17 -16.52 8.86 -70.61
N ASP DA 18 -17.00 10.08 -70.41
CA ASP DA 18 -16.78 11.17 -71.34
C ASP DA 18 -15.74 12.14 -70.78
N ARG DA 19 -15.42 13.16 -71.58
CA ARG DA 19 -14.32 14.07 -71.29
C ARG DA 19 -14.76 15.52 -71.44
N VAL DA 20 -15.90 15.88 -70.85
CA VAL DA 20 -16.49 17.21 -71.02
C VAL DA 20 -16.64 17.86 -69.65
N ALA DA 21 -16.23 19.12 -69.55
CA ALA DA 21 -16.27 19.93 -68.33
C ALA DA 21 -16.96 21.25 -68.59
N ALA DA 22 -18.15 21.19 -69.18
CA ALA DA 22 -18.84 22.36 -69.71
C ALA DA 22 -19.34 23.29 -68.61
N SER DA 23 -19.56 24.57 -68.98
CA SER DA 23 -20.12 25.57 -68.08
C SER DA 23 -21.29 26.29 -68.77
N ASN DA 24 -22.45 25.66 -68.73
CA ASN DA 24 -23.81 26.17 -68.90
C ASN DA 24 -24.18 26.63 -70.31
N ILE DA 25 -23.19 27.02 -71.13
CA ILE DA 25 -23.30 27.05 -72.58
C ILE DA 25 -22.00 26.52 -73.18
N VAL DA 26 -20.88 27.04 -72.69
CA VAL DA 26 -19.57 26.79 -73.26
C VAL DA 26 -19.02 25.47 -72.77
N GLN DA 27 -17.98 24.98 -73.43
CA GLN DA 27 -17.29 23.74 -73.08
C GLN DA 27 -15.85 24.13 -72.76
N MET DA 28 -15.56 24.29 -71.47
CA MET DA 28 -14.27 24.85 -71.07
C MET DA 28 -13.13 23.86 -71.27
N LYS DA 29 -13.40 22.57 -71.16
CA LYS DA 29 -12.34 21.57 -71.20
C LYS DA 29 -12.84 20.33 -71.91
N ASP DA 30 -12.06 19.85 -72.87
CA ASP DA 30 -12.46 18.71 -73.70
C ASP DA 30 -11.54 17.51 -73.54
N ASP DA 31 -10.75 17.47 -72.47
CA ASP DA 31 -9.93 16.32 -72.14
C ASP DA 31 -9.99 16.03 -70.65
N HIS DA 32 -11.16 16.23 -70.06
CA HIS DA 32 -11.34 16.03 -68.63
C HIS DA 32 -11.38 14.55 -68.30
N ASP DA 33 -10.88 14.20 -67.13
CA ASP DA 33 -10.81 12.82 -66.68
C ASP DA 33 -11.68 12.65 -65.45
N LYS DA 34 -12.50 11.61 -65.44
CA LYS DA 34 -13.38 11.29 -64.32
C LYS DA 34 -13.04 9.94 -63.71
N MET DA 35 -11.82 9.46 -63.92
CA MET DA 35 -11.41 8.12 -63.53
C MET DA 35 -10.37 8.22 -62.41
N PHE DA 36 -10.67 7.58 -61.29
CA PHE DA 36 -9.88 7.68 -60.07
C PHE DA 36 -9.37 6.30 -59.70
N LYS DA 37 -8.05 6.10 -59.81
CA LYS DA 37 -7.43 4.83 -59.46
C LYS DA 37 -7.37 4.73 -57.94
N MET DA 38 -8.33 4.01 -57.36
CA MET DA 38 -8.35 3.82 -55.91
C MET DA 38 -7.20 2.92 -55.46
N SER DA 39 -6.97 1.83 -56.16
CA SER DA 39 -5.88 0.92 -55.84
C SER DA 39 -5.41 0.28 -57.13
N GLU DA 40 -4.66 -0.81 -57.01
CA GLU DA 40 -4.11 -1.49 -58.18
C GLU DA 40 -5.12 -2.39 -58.88
N LYS DA 41 -6.32 -2.53 -58.34
CA LYS DA 41 -7.34 -3.29 -59.05
C LYS DA 41 -8.73 -2.67 -58.95
N ILE DA 42 -8.87 -1.45 -58.46
CA ILE DA 42 -10.16 -0.82 -58.21
C ILE DA 42 -10.14 0.58 -58.81
N LEU DA 43 -11.10 0.87 -59.68
CA LEU DA 43 -11.30 2.22 -60.20
C LEU DA 43 -12.48 2.89 -59.52
N LEU DA 44 -12.76 4.13 -59.93
CA LEU DA 44 -13.85 4.91 -59.37
C LEU DA 44 -14.33 5.91 -60.41
N LEU DA 45 -15.63 5.92 -60.66
CA LEU DA 45 -16.27 6.89 -61.54
C LEU DA 45 -17.24 7.74 -60.73
N CYS DA 46 -17.20 9.06 -60.96
CA CYS DA 46 -17.95 10.00 -60.14
C CYS DA 46 -18.66 11.02 -61.01
N VAL DA 47 -19.97 11.15 -60.81
CA VAL DA 47 -20.80 12.10 -61.54
C VAL DA 47 -21.69 12.82 -60.54
N GLY DA 48 -21.65 14.14 -60.54
CA GLY DA 48 -22.48 14.89 -59.61
C GLY DA 48 -22.38 16.39 -59.72
N GLU DA 49 -22.24 17.05 -58.58
CA GLU DA 49 -22.26 18.52 -58.51
C GLU DA 49 -20.90 19.09 -58.92
N ALA DA 50 -20.70 20.37 -58.67
CA ALA DA 50 -19.44 21.02 -59.04
C ALA DA 50 -18.31 20.62 -58.10
N GLY DA 51 -18.47 20.89 -56.81
CA GLY DA 51 -17.42 20.62 -55.86
C GLY DA 51 -17.53 19.28 -55.17
N ASP DA 52 -18.74 18.71 -55.16
CA ASP DA 52 -18.97 17.47 -54.42
C ASP DA 52 -18.30 16.26 -55.06
N THR DA 53 -18.00 16.33 -56.35
CA THR DA 53 -17.33 15.21 -57.00
C THR DA 53 -15.88 15.10 -56.57
N VAL DA 54 -15.16 16.22 -56.54
CA VAL DA 54 -13.73 16.18 -56.25
C VAL DA 54 -13.49 15.99 -54.76
N GLN DA 55 -14.30 16.64 -53.92
CA GLN DA 55 -14.05 16.62 -52.48
C GLN DA 55 -14.35 15.26 -51.86
N PHE DA 56 -15.43 14.60 -52.29
CA PHE DA 56 -15.77 13.33 -51.67
C PHE DA 56 -14.93 12.18 -52.21
N ALA DA 57 -14.71 12.15 -53.53
CA ALA DA 57 -14.04 10.99 -54.13
C ALA DA 57 -12.56 10.96 -53.78
N GLU DA 58 -11.94 12.12 -53.56
CA GLU DA 58 -10.58 12.13 -53.05
C GLU DA 58 -10.52 11.79 -51.57
N TYR DA 59 -11.61 12.02 -50.83
CA TYR DA 59 -11.66 11.58 -49.44
C TYR DA 59 -11.69 10.06 -49.36
N ILE DA 60 -12.30 9.41 -50.34
CA ILE DA 60 -12.24 7.95 -50.42
C ILE DA 60 -10.91 7.51 -51.00
N GLN DA 61 -10.35 8.29 -51.92
CA GLN DA 61 -9.07 7.94 -52.56
C GLN DA 61 -7.93 7.91 -51.56
N LYS DA 62 -7.85 8.91 -50.69
CA LYS DA 62 -6.81 8.97 -49.68
C LYS DA 62 -7.22 8.29 -48.37
N ASN DA 63 -8.16 7.36 -48.41
CA ASN DA 63 -8.51 6.56 -47.25
C ASN DA 63 -8.38 5.07 -47.52
N VAL DA 64 -8.49 4.65 -48.78
CA VAL DA 64 -8.19 3.27 -49.14
C VAL DA 64 -6.68 3.04 -49.21
N GLN DA 65 -5.93 4.06 -49.64
CA GLN DA 65 -4.47 3.98 -49.63
C GLN DA 65 -3.92 3.88 -48.21
N LEU DA 66 -4.65 4.41 -47.22
CA LEU DA 66 -4.23 4.26 -45.84
C LEU DA 66 -4.36 2.81 -45.38
N TYR DA 67 -5.38 2.11 -45.85
CA TYR DA 67 -5.54 0.69 -45.52
C TYR DA 67 -4.44 -0.16 -46.12
N LYS DA 68 -3.96 0.22 -47.31
CA LYS DA 68 -2.90 -0.55 -47.97
C LYS DA 68 -1.58 -0.41 -47.23
N MET DA 69 -1.24 0.82 -46.82
CA MET DA 69 0.05 1.06 -46.18
C MET DA 69 0.09 0.54 -44.76
N ARG DA 70 -1.04 0.48 -44.07
CA ARG DA 70 -1.08 0.12 -42.66
C ARG DA 70 -1.20 -1.38 -42.41
N ASN DA 71 -1.93 -2.10 -43.26
CA ASN DA 71 -2.14 -3.52 -43.07
C ASN DA 71 -1.31 -4.40 -44.00
N GLY DA 72 -0.60 -3.80 -44.96
CA GLY DA 72 0.25 -4.57 -45.85
C GLY DA 72 -0.43 -5.21 -47.03
N TYR DA 73 -1.76 -5.34 -47.00
CA TYR DA 73 -2.47 -5.88 -48.15
C TYR DA 73 -3.59 -4.94 -48.58
N GLU DA 74 -4.41 -5.40 -49.53
CA GLU DA 74 -5.31 -4.54 -50.28
C GLU DA 74 -6.76 -4.93 -49.98
N LEU DA 75 -7.64 -3.93 -50.01
CA LEU DA 75 -9.07 -4.19 -49.85
C LEU DA 75 -9.61 -5.02 -51.02
N SER DA 76 -10.63 -5.82 -50.71
CA SER DA 76 -11.43 -6.43 -51.75
C SER DA 76 -12.31 -5.37 -52.39
N PRO DA 77 -12.73 -5.56 -53.65
CA PRO DA 77 -13.67 -4.61 -54.26
C PRO DA 77 -15.03 -4.58 -53.60
N THR DA 78 -15.44 -5.65 -52.91
CA THR DA 78 -16.71 -5.63 -52.21
C THR DA 78 -16.64 -4.77 -50.96
N ALA DA 79 -15.58 -4.94 -50.16
CA ALA DA 79 -15.46 -4.17 -48.93
C ALA DA 79 -15.16 -2.71 -49.21
N ALA DA 80 -14.43 -2.43 -50.28
CA ALA DA 80 -14.18 -1.05 -50.67
C ALA DA 80 -15.46 -0.37 -51.15
N ALA DA 81 -16.32 -1.11 -51.84
CA ALA DA 81 -17.58 -0.54 -52.31
C ALA DA 81 -18.58 -0.33 -51.19
N ASN DA 82 -18.53 -1.15 -50.15
CA ASN DA 82 -19.49 -1.09 -49.06
C ASN DA 82 -19.02 -0.16 -47.95
N PHE DA 83 -17.84 0.41 -48.09
CA PHE DA 83 -17.37 1.52 -47.26
C PHE DA 83 -17.77 2.86 -47.81
N THR DA 84 -17.84 2.98 -49.14
CA THR DA 84 -18.30 4.22 -49.76
C THR DA 84 -19.76 4.49 -49.46
N ARG DA 85 -20.56 3.43 -49.38
CA ARG DA 85 -21.98 3.58 -49.05
C ARG DA 85 -22.16 4.03 -47.60
N ARG DA 86 -21.21 3.69 -46.72
CA ARG DA 86 -21.31 4.08 -45.33
C ARG DA 86 -21.13 5.58 -45.14
N ASN DA 87 -20.32 6.21 -45.98
CA ASN DA 87 -20.00 7.62 -45.79
C ASN DA 87 -21.08 8.55 -46.34
N LEU DA 88 -21.83 8.14 -47.37
CA LEU DA 88 -22.94 8.98 -47.81
C LEU DA 88 -24.09 8.94 -46.81
N ALA DA 89 -24.43 7.74 -46.34
CA ALA DA 89 -25.59 7.57 -45.46
C ALA DA 89 -25.37 8.22 -44.10
N ASP DA 90 -24.13 8.24 -43.61
CA ASP DA 90 -23.85 8.93 -42.37
C ASP DA 90 -23.85 10.44 -42.53
N CYS DA 91 -23.50 10.93 -43.71
CA CYS DA 91 -23.42 12.36 -43.99
C CYS DA 91 -24.56 12.77 -44.91
N LEU DA 92 -25.75 12.20 -44.68
CA LEU DA 92 -26.94 12.53 -45.45
C LEU DA 92 -27.94 13.35 -44.66
N ARG DA 93 -28.16 13.02 -43.40
CA ARG DA 93 -29.06 13.79 -42.54
C ARG DA 93 -28.32 14.88 -41.78
N SER DA 94 -27.58 15.70 -42.52
CA SER DA 94 -26.75 16.73 -41.92
C SER DA 94 -26.84 18.00 -42.78
N ARG DA 95 -26.11 19.03 -42.38
CA ARG DA 95 -26.15 20.30 -43.08
C ARG DA 95 -25.41 20.26 -44.42
N THR DA 96 -24.52 19.28 -44.62
CA THR DA 96 -23.73 19.17 -45.84
C THR DA 96 -24.00 17.80 -46.46
N PRO DA 97 -25.00 17.69 -47.33
CA PRO DA 97 -25.18 16.43 -48.06
C PRO DA 97 -24.40 16.44 -49.37
N TYR DA 98 -23.83 15.29 -49.69
CA TYR DA 98 -23.07 15.13 -50.93
C TYR DA 98 -23.98 14.58 -52.01
N HIS DA 99 -23.98 15.23 -53.16
CA HIS DA 99 -24.88 14.86 -54.26
C HIS DA 99 -24.02 14.40 -55.43
N VAL DA 100 -23.64 13.12 -55.41
CA VAL DA 100 -22.83 12.51 -56.46
C VAL DA 100 -23.42 11.15 -56.79
N ASN DA 101 -23.12 10.68 -58.00
CA ASN DA 101 -23.52 9.36 -58.45
C ASN DA 101 -22.26 8.58 -58.84
N LEU DA 102 -22.16 7.34 -58.39
CA LEU DA 102 -20.94 6.57 -58.51
C LEU DA 102 -21.23 5.22 -59.15
N LEU DA 103 -20.18 4.61 -59.67
CA LEU DA 103 -20.20 3.18 -59.96
C LEU DA 103 -18.78 2.66 -59.80
N LEU DA 104 -18.65 1.50 -59.16
CA LEU DA 104 -17.36 0.96 -58.78
C LEU DA 104 -17.01 -0.28 -59.60
N ALA DA 105 -15.74 -0.39 -59.96
CA ALA DA 105 -15.24 -1.44 -60.81
C ALA DA 105 -14.00 -2.03 -60.17
N GLY DA 106 -14.04 -3.33 -59.88
CA GLY DA 106 -12.92 -3.96 -59.21
C GLY DA 106 -12.79 -5.41 -59.60
N TYR DA 107 -11.57 -5.92 -59.46
CA TYR DA 107 -11.27 -7.31 -59.67
C TYR DA 107 -10.74 -7.91 -58.37
N ASP DA 108 -11.16 -9.14 -58.09
CA ASP DA 108 -10.72 -9.85 -56.90
C ASP DA 108 -9.98 -11.11 -57.32
N GLU DA 109 -8.98 -11.49 -56.53
CA GLU DA 109 -8.26 -12.73 -56.79
C GLU DA 109 -9.08 -13.96 -56.42
N HIS DA 110 -10.03 -13.82 -55.50
CA HIS DA 110 -10.85 -14.93 -55.06
C HIS DA 110 -12.27 -14.89 -55.61
N GLU DA 111 -12.77 -13.70 -55.95
CA GLU DA 111 -14.15 -13.55 -56.41
C GLU DA 111 -14.24 -13.13 -57.88
N GLY DA 112 -13.13 -12.86 -58.53
CA GLY DA 112 -13.16 -12.43 -59.91
C GLY DA 112 -13.53 -10.97 -60.04
N PRO DA 113 -14.03 -10.58 -61.20
CA PRO DA 113 -14.40 -9.19 -61.41
C PRO DA 113 -15.75 -8.87 -60.78
N ALA DA 114 -15.97 -7.59 -60.51
CA ALA DA 114 -17.19 -7.15 -59.85
C ALA DA 114 -17.52 -5.72 -60.27
N LEU DA 115 -18.82 -5.42 -60.25
CA LEU DA 115 -19.34 -4.10 -60.56
C LEU DA 115 -20.38 -3.73 -59.52
N TYR DA 116 -20.36 -2.46 -59.08
CA TYR DA 116 -21.33 -1.99 -58.12
C TYR DA 116 -21.94 -0.68 -58.59
N TYR DA 117 -23.22 -0.50 -58.30
CA TYR DA 117 -23.97 0.71 -58.64
C TYR DA 117 -24.20 1.55 -57.39
N MET DA 118 -24.29 2.85 -57.58
CA MET DA 118 -24.46 3.77 -56.46
C MET DA 118 -25.38 4.92 -56.85
N ASP DA 119 -26.40 5.16 -56.05
CA ASP DA 119 -27.30 6.29 -56.22
C ASP DA 119 -26.74 7.47 -55.42
N TYR DA 120 -27.36 8.64 -55.58
CA TYR DA 120 -27.04 9.76 -54.69
C TYR DA 120 -27.75 9.66 -53.35
N LEU DA 121 -28.57 8.62 -53.15
CA LEU DA 121 -29.16 8.33 -51.86
C LEU DA 121 -28.53 7.10 -51.21
N ALA DA 122 -27.35 6.68 -51.67
CA ALA DA 122 -26.53 5.61 -51.09
C ALA DA 122 -27.28 4.27 -51.08
N ALA DA 123 -27.55 3.78 -52.29
CA ALA DA 123 -28.16 2.47 -52.50
C ALA DA 123 -27.21 1.62 -53.32
N LEU DA 124 -26.75 0.51 -52.72
CA LEU DA 124 -25.87 -0.40 -53.41
C LEU DA 124 -26.64 -1.33 -54.33
N ALA DA 125 -25.94 -1.82 -55.36
CA ALA DA 125 -26.48 -2.81 -56.26
C ALA DA 125 -25.33 -3.60 -56.86
N LYS DA 126 -25.65 -4.78 -57.39
CA LYS DA 126 -24.69 -5.65 -58.05
C LYS DA 126 -25.22 -5.90 -59.45
N ALA DA 127 -24.66 -5.20 -60.44
CA ALA DA 127 -25.28 -5.20 -61.76
C ALA DA 127 -24.36 -5.82 -62.81
N PRO DA 128 -24.93 -6.50 -63.80
CA PRO DA 128 -24.12 -6.94 -64.95
C PRO DA 128 -23.74 -5.81 -65.90
N PHE DA 129 -24.40 -4.66 -65.79
CA PHE DA 129 -24.08 -3.44 -66.54
C PHE DA 129 -24.86 -2.30 -65.92
N ALA DA 130 -24.31 -1.09 -66.04
CA ALA DA 130 -24.95 0.09 -65.46
C ALA DA 130 -24.51 1.32 -66.23
N ALA DA 131 -25.20 2.43 -65.99
CA ALA DA 131 -24.91 3.69 -66.64
C ALA DA 131 -25.49 4.81 -65.80
N HIS DA 132 -25.11 6.05 -66.15
CA HIS DA 132 -25.61 7.24 -65.47
C HIS DA 132 -25.86 8.34 -66.49
N GLY DA 133 -26.40 9.45 -66.00
CA GLY DA 133 -26.65 10.61 -66.84
C GLY DA 133 -27.90 10.49 -67.67
N TYR DA 134 -28.14 11.53 -68.46
CA TYR DA 134 -29.30 11.52 -69.36
C TYR DA 134 -29.12 10.54 -70.50
N GLY DA 135 -27.87 10.28 -70.89
CA GLY DA 135 -27.58 9.29 -71.91
C GLY DA 135 -27.75 7.86 -71.47
N ALA DA 136 -28.01 7.61 -70.18
CA ALA DA 136 -28.26 6.26 -69.70
C ALA DA 136 -29.57 5.71 -70.24
N PHE DA 137 -30.51 6.58 -70.58
CA PHE DA 137 -31.81 6.13 -71.08
C PHE DA 137 -31.69 5.57 -72.49
N LEU DA 138 -31.00 6.28 -73.37
CA LEU DA 138 -31.00 5.92 -74.78
C LEU DA 138 -30.10 4.73 -75.10
N THR DA 139 -29.21 4.35 -74.20
CA THR DA 139 -28.15 3.42 -74.52
C THR DA 139 -28.26 2.07 -73.85
N LEU DA 140 -28.94 1.96 -72.72
CA LEU DA 140 -28.87 0.72 -71.97
C LEU DA 140 -29.73 -0.38 -72.56
N SER DA 141 -30.79 -0.02 -73.31
CA SER DA 141 -31.62 -1.04 -73.94
C SER DA 141 -30.90 -1.65 -75.14
N ILE DA 142 -29.99 -0.90 -75.77
CA ILE DA 142 -29.07 -1.49 -76.73
C ILE DA 142 -28.18 -2.51 -76.04
N LEU DA 143 -27.64 -2.14 -74.89
CA LEU DA 143 -26.82 -3.04 -74.11
C LEU DA 143 -27.64 -4.15 -73.46
N ASP DA 144 -28.93 -3.93 -73.25
CA ASP DA 144 -29.82 -5.01 -72.81
C ASP DA 144 -30.15 -5.97 -73.94
N ARG DA 145 -30.01 -5.53 -75.19
CA ARG DA 145 -30.38 -6.36 -76.33
C ARG DA 145 -29.32 -7.40 -76.64
N TYR DA 146 -28.05 -7.00 -76.65
CA TYR DA 146 -26.97 -7.83 -77.17
C TYR DA 146 -26.06 -8.39 -76.08
N TYR DA 147 -26.43 -8.29 -74.81
CA TYR DA 147 -25.56 -8.76 -73.75
C TYR DA 147 -25.59 -10.28 -73.65
N THR DA 148 -24.43 -10.87 -73.38
CA THR DA 148 -24.28 -12.28 -73.12
C THR DA 148 -23.37 -12.39 -71.90
N PRO DA 149 -23.74 -13.22 -70.92
CA PRO DA 149 -22.87 -13.39 -69.74
C PRO DA 149 -21.52 -14.01 -70.04
N THR DA 150 -21.39 -14.76 -71.13
CA THR DA 150 -20.12 -15.29 -71.59
C THR DA 150 -19.79 -14.58 -72.90
N ILE DA 151 -19.14 -13.43 -72.78
CA ILE DA 151 -18.80 -12.61 -73.94
C ILE DA 151 -17.30 -12.31 -73.87
N SER DA 152 -16.65 -12.24 -75.03
CA SER DA 152 -15.23 -11.98 -75.08
C SER DA 152 -14.96 -10.49 -74.90
N ARG DA 153 -13.70 -10.17 -74.58
CA ARG DA 153 -13.32 -8.78 -74.38
C ARG DA 153 -13.22 -8.01 -75.70
N GLU DA 154 -13.15 -8.70 -76.83
CA GLU DA 154 -13.12 -8.02 -78.12
C GLU DA 154 -14.52 -7.67 -78.61
N ARG DA 155 -15.50 -8.54 -78.36
CA ARG DA 155 -16.88 -8.22 -78.69
C ARG DA 155 -17.46 -7.17 -77.76
N ALA DA 156 -16.93 -7.04 -76.55
CA ALA DA 156 -17.41 -6.02 -75.63
C ALA DA 156 -17.03 -4.62 -76.09
N VAL DA 157 -15.86 -4.48 -76.71
CA VAL DA 157 -15.46 -3.19 -77.27
C VAL DA 157 -16.33 -2.86 -78.48
N GLU DA 158 -16.64 -3.86 -79.30
CA GLU DA 158 -17.55 -3.67 -80.42
C GLU DA 158 -18.96 -3.37 -79.95
N LEU DA 159 -19.38 -4.00 -78.85
CA LEU DA 159 -20.67 -3.68 -78.26
C LEU DA 159 -20.66 -2.29 -77.63
N LEU DA 160 -19.50 -1.87 -77.11
CA LEU DA 160 -19.38 -0.51 -76.59
C LEU DA 160 -19.44 0.51 -77.71
N ARG DA 161 -18.90 0.17 -78.88
CA ARG DA 161 -18.95 1.09 -80.02
C ARG DA 161 -20.36 1.19 -80.58
N LYS DA 162 -21.14 0.10 -80.54
CA LYS DA 162 -22.55 0.18 -80.89
C LYS DA 162 -23.32 1.03 -79.89
N CYS DA 163 -22.91 0.98 -78.62
CA CYS DA 163 -23.62 1.68 -77.56
C CYS DA 163 -23.44 3.19 -77.64
N LEU DA 164 -22.36 3.66 -78.27
CA LEU DA 164 -22.03 5.08 -78.29
C LEU DA 164 -22.40 5.77 -79.59
N GLU DA 165 -22.67 5.03 -80.66
CA GLU DA 165 -23.03 5.67 -81.92
C GLU DA 165 -24.47 6.19 -81.89
N GLU DA 166 -25.36 5.52 -81.16
CA GLU DA 166 -26.72 6.04 -81.02
C GLU DA 166 -26.75 7.24 -80.08
N LEU DA 167 -25.82 7.32 -79.14
CA LEU DA 167 -25.66 8.51 -78.33
C LEU DA 167 -25.09 9.66 -79.16
N GLN DA 168 -24.39 9.36 -80.24
CA GLN DA 168 -23.97 10.37 -81.19
C GLN DA 168 -25.11 10.84 -82.07
N LYS DA 169 -26.15 10.01 -82.24
CA LYS DA 169 -27.21 10.26 -83.20
C LYS DA 169 -28.39 11.02 -82.63
N ARG DA 170 -29.01 10.53 -81.55
CA ARG DA 170 -30.25 11.10 -81.06
C ARG DA 170 -30.11 11.73 -79.68
N PHE DA 171 -28.93 12.25 -79.35
CA PHE DA 171 -28.76 12.91 -78.07
C PHE DA 171 -28.29 14.33 -78.33
N ILE DA 172 -28.88 15.29 -77.61
CA ILE DA 172 -28.71 16.69 -77.98
C ILE DA 172 -27.33 17.21 -77.62
N LEU DA 173 -26.68 16.64 -76.61
CA LEU DA 173 -25.38 17.18 -76.25
C LEU DA 173 -24.30 16.64 -77.18
N ASN DA 174 -23.13 17.27 -77.14
CA ASN DA 174 -22.12 17.05 -78.16
C ASN DA 174 -21.38 15.72 -77.90
N LEU DA 175 -20.62 15.66 -76.81
CA LEU DA 175 -19.88 14.50 -76.29
C LEU DA 175 -18.99 13.84 -77.35
N PRO DA 176 -17.88 14.46 -77.77
CA PRO DA 176 -17.11 13.89 -78.89
C PRO DA 176 -16.17 12.75 -78.53
N THR DA 177 -15.55 12.79 -77.36
CA THR DA 177 -14.49 11.84 -77.01
C THR DA 177 -14.86 11.03 -75.79
N PHE DA 178 -14.33 9.82 -75.72
CA PHE DA 178 -14.69 8.87 -74.67
C PHE DA 178 -13.46 8.03 -74.31
N SER DA 179 -12.93 8.23 -73.11
CA SER DA 179 -11.81 7.43 -72.64
C SER DA 179 -12.30 6.09 -72.08
N VAL DA 180 -11.49 5.04 -72.30
CA VAL DA 180 -11.87 3.66 -72.01
C VAL DA 180 -10.76 2.99 -71.20
N ARG DA 181 -11.14 2.32 -70.12
CA ARG DA 181 -10.23 1.46 -69.36
C ARG DA 181 -10.66 0.01 -69.50
N ILE DA 182 -9.83 -0.87 -68.93
CA ILE DA 182 -10.14 -2.29 -68.78
C ILE DA 182 -9.37 -2.82 -67.58
N ILE DA 183 -10.01 -3.71 -66.82
CA ILE DA 183 -9.44 -4.28 -65.60
C ILE DA 183 -9.47 -5.79 -65.73
N ASP DA 184 -8.33 -6.44 -65.48
CA ASP DA 184 -8.24 -7.88 -65.56
C ASP DA 184 -7.40 -8.38 -64.39
N LYS DA 185 -6.93 -9.62 -64.48
CA LYS DA 185 -6.07 -10.19 -63.44
C LYS DA 185 -4.71 -9.51 -63.38
N ASN DA 186 -4.29 -8.84 -64.44
CA ASN DA 186 -3.00 -8.16 -64.44
C ASN DA 186 -3.07 -6.77 -63.83
N GLY DA 187 -4.22 -6.12 -63.95
CA GLY DA 187 -4.39 -4.80 -63.36
C GLY DA 187 -5.29 -3.93 -64.23
N ILE DA 188 -5.06 -2.62 -64.17
CA ILE DA 188 -5.76 -1.67 -65.00
C ILE DA 188 -4.93 -1.41 -66.24
N HIS DA 189 -5.47 -1.76 -67.40
CA HIS DA 189 -4.85 -1.46 -68.68
C HIS DA 189 -5.63 -0.34 -69.35
N ASP DA 190 -4.91 0.59 -69.96
CA ASP DA 190 -5.54 1.73 -70.63
C ASP DA 190 -5.70 1.41 -72.11
N LEU DA 191 -6.94 1.30 -72.55
CA LEU DA 191 -7.20 1.14 -73.97
C LEU DA 191 -7.12 2.49 -74.67
N ASP DA 192 -7.21 2.44 -76.00
CA ASP DA 192 -7.13 3.65 -76.81
C ASP DA 192 -8.38 4.52 -76.64
N ASN DA 193 -8.21 5.80 -76.89
CA ASN DA 193 -9.29 6.77 -76.77
C ASN DA 193 -10.26 6.61 -77.94
N ILE DA 194 -11.53 6.90 -77.68
CA ILE DA 194 -12.58 6.75 -78.67
C ILE DA 194 -13.08 8.14 -79.06
N SER DA 195 -13.00 8.45 -80.34
CA SER DA 195 -13.50 9.70 -80.90
C SER DA 195 -14.40 9.40 -82.07
N PHE DA 196 -15.11 10.41 -82.55
CA PHE DA 196 -16.14 10.23 -83.58
C PHE DA 196 -16.00 11.24 -84.71
N PRO DA 197 -15.58 10.82 -85.90
CA PRO DA 197 -15.87 11.61 -87.10
C PRO DA 197 -17.36 11.54 -87.43
N LYS DA 198 -18.07 12.65 -87.25
CA LYS DA 198 -19.53 12.64 -87.30
C LYS DA 198 -20.04 12.48 -88.72
N GLN DA 199 -19.70 13.42 -89.60
CA GLN DA 199 -20.14 13.37 -90.98
C GLN DA 199 -18.97 13.20 -91.93
N THR EA 59 -17.51 42.89 -67.08
CA THR EA 59 -16.45 42.05 -66.54
C THR EA 59 -16.01 41.02 -67.56
N THR EA 60 -14.75 41.07 -67.98
CA THR EA 60 -14.23 40.11 -68.94
C THR EA 60 -12.74 39.89 -68.68
N THR EA 61 -12.38 38.66 -68.35
CA THR EA 61 -10.99 38.25 -68.19
C THR EA 61 -10.71 37.08 -69.11
N LEU EA 62 -9.44 36.88 -69.45
CA LEU EA 62 -9.04 35.69 -70.19
C LEU EA 62 -7.60 35.37 -69.83
N ALA EA 63 -7.22 34.12 -70.09
CA ALA EA 63 -5.87 33.65 -69.85
C ALA EA 63 -5.60 32.47 -70.77
N PHE EA 64 -4.39 32.44 -71.34
CA PHE EA 64 -3.99 31.31 -72.16
C PHE EA 64 -2.48 31.14 -72.07
N LYS EA 65 -2.04 29.89 -72.07
CA LYS EA 65 -0.62 29.57 -72.03
C LYS EA 65 -0.18 29.03 -73.38
N PHE EA 66 1.11 29.22 -73.67
CA PHE EA 66 1.70 28.82 -74.94
C PHE EA 66 3.15 28.48 -74.68
N ARG EA 67 3.97 28.47 -75.74
CA ARG EA 67 5.38 28.11 -75.62
C ARG EA 67 6.14 29.07 -74.70
N HIS EA 68 5.96 30.37 -74.88
CA HIS EA 68 6.64 31.35 -74.04
C HIS EA 68 5.70 31.90 -72.96
N GLY EA 69 5.29 31.02 -72.07
CA GLY EA 69 4.58 31.45 -70.87
C GLY EA 69 3.09 31.69 -71.02
N VAL EA 70 2.55 32.53 -70.12
CA VAL EA 70 1.11 32.72 -69.96
C VAL EA 70 0.80 34.19 -70.20
N ILE EA 71 -0.30 34.47 -70.89
CA ILE EA 71 -0.80 35.81 -71.14
C ILE EA 71 -2.05 36.03 -70.31
N VAL EA 72 -2.10 37.14 -69.57
CA VAL EA 72 -3.26 37.51 -68.75
C VAL EA 72 -3.75 38.87 -69.20
N ALA EA 73 -5.06 38.98 -69.42
CA ALA EA 73 -5.66 40.25 -69.84
C ALA EA 73 -7.05 40.38 -69.24
N ALA EA 74 -7.46 41.62 -69.00
CA ALA EA 74 -8.74 41.91 -68.38
C ALA EA 74 -9.14 43.34 -68.70
N ASP EA 75 -10.42 43.66 -68.41
CA ASP EA 75 -10.93 45.01 -68.54
C ASP EA 75 -10.79 45.75 -67.21
N SER EA 76 -11.46 46.90 -67.09
CA SER EA 76 -11.33 47.69 -65.87
C SER EA 76 -12.64 48.32 -65.42
N ARG EA 77 -13.78 47.83 -65.90
CA ARG EA 77 -15.07 48.44 -65.59
C ARG EA 77 -15.79 47.63 -64.52
N ALA EA 78 -16.19 48.32 -63.44
CA ALA EA 78 -17.03 47.74 -62.40
C ALA EA 78 -18.27 48.58 -62.24
N THR EA 79 -19.43 47.93 -62.27
CA THR EA 79 -20.72 48.61 -62.25
C THR EA 79 -21.45 48.33 -60.95
N ALA EA 80 -22.63 48.94 -60.83
CA ALA EA 80 -23.52 48.71 -59.69
C ALA EA 80 -24.95 48.83 -60.22
N GLY EA 81 -25.53 47.68 -60.58
CA GLY EA 81 -26.80 47.68 -61.25
C GLY EA 81 -26.67 48.16 -62.68
N ALA EA 82 -27.28 49.31 -62.99
CA ALA EA 82 -27.09 49.96 -64.27
C ALA EA 82 -26.19 51.19 -64.16
N TYR EA 83 -25.51 51.34 -63.04
CA TYR EA 83 -24.68 52.50 -62.75
C TYR EA 83 -23.21 52.07 -62.73
N ILE EA 84 -22.40 52.72 -63.54
CA ILE EA 84 -20.96 52.44 -63.56
C ILE EA 84 -20.32 53.10 -62.35
N ALA EA 85 -19.69 52.30 -61.50
CA ALA EA 85 -18.98 52.84 -60.35
C ALA EA 85 -17.66 53.49 -60.77
N SER EA 86 -16.78 52.72 -61.40
CA SER EA 86 -15.46 53.21 -61.77
C SER EA 86 -15.08 52.67 -63.14
N GLN EA 87 -13.96 53.18 -63.65
CA GLN EA 87 -13.39 52.75 -64.91
C GLN EA 87 -11.93 52.33 -64.78
N THR EA 88 -11.36 52.38 -63.58
CA THR EA 88 -9.95 52.09 -63.34
C THR EA 88 -9.78 50.99 -62.32
N VAL EA 89 -10.60 49.95 -62.41
CA VAL EA 89 -10.52 48.84 -61.46
C VAL EA 89 -9.47 47.85 -61.94
N LYS EA 90 -8.50 47.55 -61.08
CA LYS EA 90 -7.43 46.61 -61.40
C LYS EA 90 -7.94 45.21 -61.06
N LYS EA 91 -8.35 44.47 -62.09
CA LYS EA 91 -8.98 43.16 -61.89
C LYS EA 91 -8.00 42.01 -61.89
N VAL EA 92 -6.70 42.27 -62.01
CA VAL EA 92 -5.70 41.22 -61.95
C VAL EA 92 -4.88 41.46 -60.69
N ILE EA 93 -5.10 40.64 -59.68
CA ILE EA 93 -4.52 40.83 -58.36
C ILE EA 93 -3.13 40.21 -58.33
N GLU EA 94 -2.14 41.02 -57.98
CA GLU EA 94 -0.74 40.59 -57.94
C GLU EA 94 -0.50 39.87 -56.62
N ILE EA 95 -0.52 38.54 -56.67
CA ILE EA 95 -0.37 37.75 -55.46
C ILE EA 95 1.08 37.75 -54.99
N ASN EA 96 1.98 37.34 -55.87
CA ASN EA 96 3.40 37.21 -55.55
C ASN EA 96 4.20 37.77 -56.70
N PRO EA 97 5.54 37.87 -56.61
CA PRO EA 97 6.34 38.08 -57.82
C PRO EA 97 6.37 36.89 -58.77
N TYR EA 98 5.75 35.75 -58.42
CA TYR EA 98 5.71 34.60 -59.30
C TYR EA 98 4.31 34.02 -59.46
N LEU EA 99 3.28 34.68 -58.93
CA LEU EA 99 1.90 34.22 -59.07
C LEU EA 99 0.99 35.40 -59.38
N LEU EA 100 -0.08 35.12 -60.10
CA LEU EA 100 -1.07 36.13 -60.45
C LEU EA 100 -2.46 35.56 -60.27
N GLY EA 101 -3.39 36.42 -59.89
CA GLY EA 101 -4.78 36.02 -59.72
C GLY EA 101 -5.70 37.06 -60.32
N THR EA 102 -6.89 36.62 -60.70
CA THR EA 102 -7.86 37.45 -61.39
C THR EA 102 -9.04 37.78 -60.47
N MET EA 103 -9.92 38.65 -60.96
CA MET EA 103 -11.12 39.07 -60.24
C MET EA 103 -12.29 38.95 -61.20
N ALA EA 104 -13.23 38.06 -60.90
CA ALA EA 104 -14.35 37.82 -61.79
C ALA EA 104 -15.54 37.37 -60.95
N GLY EA 105 -16.44 38.30 -60.66
CA GLY EA 105 -17.63 37.99 -59.90
C GLY EA 105 -17.42 38.28 -58.43
N GLY EA 106 -17.99 39.37 -57.95
CA GLY EA 106 -17.80 39.75 -56.56
C GLY EA 106 -16.52 40.54 -56.37
N ALA EA 107 -16.61 41.72 -55.80
CA ALA EA 107 -15.42 42.55 -55.64
C ALA EA 107 -14.62 42.13 -54.42
N ALA EA 108 -15.23 42.18 -53.24
CA ALA EA 108 -14.51 41.88 -52.01
C ALA EA 108 -14.28 40.38 -51.82
N ASP EA 109 -15.06 39.54 -52.49
CA ASP EA 109 -14.88 38.10 -52.36
C ASP EA 109 -13.60 37.65 -53.05
N CYS EA 110 -13.31 38.17 -54.23
CA CYS EA 110 -12.05 37.85 -54.89
C CYS EA 110 -10.90 38.63 -54.28
N SER EA 111 -11.17 39.73 -53.58
CA SER EA 111 -10.11 40.53 -53.00
C SER EA 111 -9.63 39.96 -51.68
N PHE EA 112 -10.55 39.43 -50.87
CA PHE EA 112 -10.18 38.93 -49.55
C PHE EA 112 -9.44 37.61 -49.63
N TRP EA 113 -10.03 36.63 -50.33
CA TRP EA 113 -9.54 35.25 -50.26
C TRP EA 113 -8.23 35.07 -51.00
N GLU EA 114 -7.96 35.88 -52.03
CA GLU EA 114 -6.65 35.81 -52.65
C GLU EA 114 -5.60 36.51 -51.80
N ARG EA 115 -5.97 37.54 -51.05
CA ARG EA 115 -5.05 38.12 -50.09
C ARG EA 115 -4.77 37.15 -48.94
N LEU EA 116 -5.77 36.35 -48.57
CA LEU EA 116 -5.55 35.31 -47.57
C LEU EA 116 -4.68 34.19 -48.14
N LEU EA 117 -4.79 33.94 -49.45
CA LEU EA 117 -3.91 32.96 -50.08
C LEU EA 117 -2.48 33.45 -50.15
N ALA EA 118 -2.30 34.76 -50.40
CA ALA EA 118 -0.96 35.34 -50.39
C ALA EA 118 -0.38 35.37 -48.99
N ARG EA 119 -1.24 35.45 -47.97
CA ARG EA 119 -0.79 35.29 -46.59
C ARG EA 119 -0.30 33.87 -46.32
N GLN EA 120 -0.88 32.89 -47.01
CA GLN EA 120 -0.54 31.50 -46.75
C GLN EA 120 0.70 31.04 -47.51
N CYS EA 121 0.89 31.56 -48.73
CA CYS EA 121 2.01 31.11 -49.56
C CYS EA 121 3.34 31.64 -49.06
N ARG EA 122 3.33 32.77 -48.34
CA ARG EA 122 4.57 33.30 -47.80
C ARG EA 122 5.07 32.47 -46.62
N ILE EA 123 4.15 31.97 -45.80
CA ILE EA 123 4.52 31.14 -44.66
C ILE EA 123 5.05 29.79 -45.14
N TYR EA 124 4.48 29.28 -46.23
CA TYR EA 124 4.97 28.04 -46.84
C TYR EA 124 6.38 28.20 -47.38
N GLU EA 125 6.72 29.40 -47.86
CA GLU EA 125 8.08 29.65 -48.34
C GLU EA 125 9.07 29.74 -47.19
N LEU EA 126 8.66 30.29 -46.05
CA LEU EA 126 9.58 30.43 -44.93
C LEU EA 126 9.81 29.11 -44.22
N ARG EA 127 8.78 28.26 -44.14
CA ARG EA 127 8.92 27.00 -43.42
C ARG EA 127 9.68 25.94 -44.21
N ASN EA 128 9.72 26.07 -45.54
CA ASN EA 128 10.28 25.03 -46.37
C ASN EA 128 11.38 25.50 -47.31
N LYS EA 129 11.71 26.80 -47.29
CA LYS EA 129 12.82 27.40 -48.05
C LYS EA 129 12.67 27.17 -49.55
N GLU EA 130 11.43 27.21 -50.03
CA GLU EA 130 11.13 26.90 -51.43
C GLU EA 130 9.79 27.53 -51.77
N ARG EA 131 9.66 27.99 -53.01
CA ARG EA 131 8.40 28.53 -53.49
C ARG EA 131 7.34 27.44 -53.58
N ILE EA 132 6.10 27.87 -53.54
CA ILE EA 132 4.96 26.97 -53.63
C ILE EA 132 4.72 26.65 -55.10
N SER EA 133 4.12 25.50 -55.38
CA SER EA 133 3.80 25.15 -56.74
C SER EA 133 2.44 25.72 -57.12
N VAL EA 134 2.15 25.70 -58.43
CA VAL EA 134 0.92 26.31 -58.94
C VAL EA 134 -0.28 25.43 -58.59
N ALA EA 135 -0.12 24.11 -58.66
CA ALA EA 135 -1.20 23.20 -58.30
C ALA EA 135 -1.46 23.21 -56.80
N ALA EA 136 -0.48 23.57 -55.99
CA ALA EA 136 -0.69 23.63 -54.55
C ALA EA 136 -1.55 24.83 -54.16
N ALA EA 137 -1.28 25.99 -54.76
CA ALA EA 137 -1.99 27.21 -54.38
C ALA EA 137 -3.42 27.20 -54.86
N SER EA 138 -3.69 26.59 -56.02
CA SER EA 138 -5.06 26.47 -56.49
C SER EA 138 -5.86 25.50 -55.65
N LYS EA 139 -5.20 24.51 -55.05
CA LYS EA 139 -5.90 23.55 -54.21
C LYS EA 139 -6.23 24.15 -52.85
N LEU EA 140 -5.32 24.95 -52.29
CA LEU EA 140 -5.59 25.60 -51.00
C LEU EA 140 -6.72 26.61 -51.11
N LEU EA 141 -6.83 27.28 -52.26
CA LEU EA 141 -7.92 28.21 -52.45
C LEU EA 141 -9.25 27.50 -52.59
N ALA EA 142 -9.24 26.29 -53.17
CA ALA EA 142 -10.48 25.56 -53.38
C ALA EA 142 -11.07 25.04 -52.07
N ASN EA 143 -10.21 24.69 -51.11
CA ASN EA 143 -10.72 24.15 -49.85
C ASN EA 143 -11.25 25.24 -48.94
N MET EA 144 -10.73 26.46 -49.03
CA MET EA 144 -11.21 27.53 -48.18
C MET EA 144 -12.59 28.00 -48.60
N VAL EA 145 -12.86 28.01 -49.90
CA VAL EA 145 -14.15 28.48 -50.40
C VAL EA 145 -15.22 27.42 -50.21
N TYR EA 146 -14.84 26.14 -50.29
CA TYR EA 146 -15.79 25.03 -50.20
C TYR EA 146 -16.46 24.93 -48.83
N GLN EA 147 -15.82 25.44 -47.78
CA GLN EA 147 -16.43 25.41 -46.46
C GLN EA 147 -17.60 26.39 -46.34
N TYR EA 148 -17.68 27.37 -47.24
CA TYR EA 148 -18.77 28.33 -47.26
C TYR EA 148 -19.70 28.07 -48.45
N LYS EA 149 -19.85 26.81 -48.82
CA LYS EA 149 -20.66 26.46 -49.97
C LYS EA 149 -22.14 26.61 -49.65
N GLY EA 150 -22.87 27.31 -50.51
CA GLY EA 150 -24.27 27.55 -50.32
C GLY EA 150 -24.62 28.80 -49.55
N MET EA 151 -23.65 29.38 -48.85
CA MET EA 151 -23.92 30.59 -48.07
C MET EA 151 -23.99 31.85 -48.92
N GLY EA 152 -23.61 31.78 -50.19
CA GLY EA 152 -23.81 32.90 -51.07
C GLY EA 152 -22.55 33.65 -51.49
N LEU EA 153 -21.45 32.93 -51.67
CA LEU EA 153 -20.25 33.56 -52.22
C LEU EA 153 -20.30 33.58 -53.74
N SER EA 154 -19.50 34.47 -54.33
CA SER EA 154 -19.34 34.55 -55.77
C SER EA 154 -17.86 34.73 -56.05
N MET EA 155 -17.28 33.80 -56.81
CA MET EA 155 -15.85 33.80 -57.07
C MET EA 155 -15.56 32.90 -58.27
N GLY EA 156 -14.89 33.45 -59.28
CA GLY EA 156 -14.58 32.70 -60.47
C GLY EA 156 -13.17 32.95 -60.98
N THR EA 157 -12.23 33.12 -60.06
CA THR EA 157 -10.90 33.58 -60.40
C THR EA 157 -10.08 32.51 -61.11
N MET EA 158 -8.90 32.91 -61.57
CA MET EA 158 -7.93 32.03 -62.22
C MET EA 158 -6.58 32.19 -61.54
N ILE EA 159 -5.77 31.13 -61.62
CA ILE EA 159 -4.44 31.12 -61.01
C ILE EA 159 -3.42 30.90 -62.11
N CYS EA 160 -2.43 31.79 -62.17
CA CYS EA 160 -1.37 31.72 -63.17
C CYS EA 160 -0.01 31.75 -62.47
N GLY EA 161 0.99 31.20 -63.13
CA GLY EA 161 2.33 31.23 -62.61
C GLY EA 161 3.19 30.14 -63.19
N TRP EA 162 4.49 30.38 -63.14
CA TRP EA 162 5.48 29.40 -63.58
C TRP EA 162 5.77 28.43 -62.45
N ASP EA 163 6.07 27.19 -62.82
CA ASP EA 163 6.31 26.14 -61.84
C ASP EA 163 7.54 25.36 -62.29
N LYS EA 164 7.97 24.41 -61.44
CA LYS EA 164 9.05 23.51 -61.82
C LYS EA 164 8.63 22.57 -62.93
N ARG EA 165 7.33 22.29 -63.04
CA ARG EA 165 6.80 21.54 -64.17
C ARG EA 165 6.60 22.40 -65.42
N GLY EA 166 6.86 23.70 -65.33
CA GLY EA 166 6.70 24.59 -66.46
C GLY EA 166 5.67 25.67 -66.20
N PRO EA 167 4.80 25.92 -67.16
CA PRO EA 167 3.70 26.87 -66.94
C PRO EA 167 2.65 26.29 -66.02
N GLY EA 168 1.71 27.13 -65.64
CA GLY EA 168 0.63 26.71 -64.76
C GLY EA 168 -0.61 27.55 -64.95
N LEU EA 169 -1.77 26.89 -65.10
CA LEU EA 169 -3.01 27.60 -65.33
C LEU EA 169 -4.16 26.75 -64.80
N TYR EA 170 -4.77 27.22 -63.71
CA TYR EA 170 -5.91 26.54 -63.10
C TYR EA 170 -7.06 27.52 -62.97
N TYR EA 171 -8.26 26.95 -62.83
CA TYR EA 171 -9.49 27.72 -62.76
C TYR EA 171 -10.29 27.29 -61.54
N VAL EA 172 -10.62 28.25 -60.68
CA VAL EA 172 -11.27 27.97 -59.40
C VAL EA 172 -12.59 28.72 -59.35
N ASP EA 173 -13.68 27.99 -59.09
CA ASP EA 173 -14.99 28.56 -58.88
C ASP EA 173 -15.33 28.65 -57.40
N SER EA 174 -16.37 29.44 -57.11
CA SER EA 174 -16.98 29.42 -55.79
C SER EA 174 -17.88 28.21 -55.60
N GLU EA 175 -18.28 27.55 -56.70
CA GLU EA 175 -19.09 26.35 -56.61
C GLU EA 175 -18.27 25.13 -56.25
N GLY EA 176 -16.98 25.15 -56.55
CA GLY EA 176 -16.09 24.06 -56.24
C GLY EA 176 -15.40 23.40 -57.42
N ASN EA 177 -15.39 24.05 -58.59
CA ASN EA 177 -14.75 23.49 -59.77
C ASN EA 177 -13.28 23.91 -59.80
N ARG EA 178 -12.39 22.93 -59.76
CA ARG EA 178 -10.95 23.15 -59.88
C ARG EA 178 -10.47 22.32 -61.07
N ILE EA 179 -10.23 22.98 -62.20
CA ILE EA 179 -9.80 22.30 -63.41
C ILE EA 179 -8.56 23.00 -63.95
N SER EA 180 -7.73 22.23 -64.65
CA SER EA 180 -6.61 22.78 -65.39
C SER EA 180 -7.04 23.02 -66.83
N GLY EA 181 -6.11 23.46 -67.66
CA GLY EA 181 -6.41 23.69 -69.05
C GLY EA 181 -5.36 24.57 -69.70
N ALA EA 182 -5.61 24.87 -70.97
CA ALA EA 182 -4.73 25.70 -71.77
C ALA EA 182 -5.27 27.09 -72.02
N THR EA 183 -6.56 27.21 -72.31
CA THR EA 183 -7.20 28.51 -72.54
C THR EA 183 -8.42 28.65 -71.65
N PHE EA 184 -8.63 29.85 -71.15
CA PHE EA 184 -9.80 30.17 -70.35
C PHE EA 184 -10.25 31.59 -70.63
N SER EA 185 -11.52 31.86 -70.34
CA SER EA 185 -12.09 33.20 -70.45
C SER EA 185 -13.26 33.29 -69.48
N VAL EA 186 -13.16 34.19 -68.50
CA VAL EA 186 -14.11 34.27 -67.41
C VAL EA 186 -14.73 35.66 -67.40
N GLY EA 187 -16.04 35.74 -67.13
CA GLY EA 187 -16.72 37.01 -67.00
C GLY EA 187 -18.10 37.02 -67.60
N SER EA 188 -18.78 38.17 -67.54
CA SER EA 188 -20.08 38.29 -68.18
C SER EA 188 -19.94 38.33 -69.70
N GLY EA 189 -18.91 39.01 -70.19
CA GLY EA 189 -18.64 39.05 -71.61
C GLY EA 189 -17.56 38.06 -72.00
N SER EA 190 -17.49 36.95 -71.29
CA SER EA 190 -16.49 35.94 -71.57
C SER EA 190 -16.80 35.16 -72.84
N VAL EA 191 -18.09 34.94 -73.13
CA VAL EA 191 -18.48 34.13 -74.27
C VAL EA 191 -18.24 34.85 -75.59
N TYR EA 192 -18.06 36.18 -75.54
CA TYR EA 192 -17.67 36.91 -76.74
C TYR EA 192 -16.18 36.79 -77.00
N ALA EA 193 -15.42 36.34 -76.02
CA ALA EA 193 -13.97 36.25 -76.12
C ALA EA 193 -13.46 34.88 -76.50
N TYR EA 194 -14.28 33.82 -76.35
CA TYR EA 194 -13.83 32.49 -76.73
C TYR EA 194 -13.66 32.35 -78.23
N GLY EA 195 -14.55 32.95 -79.01
CA GLY EA 195 -14.53 32.71 -80.45
C GLY EA 195 -13.40 33.43 -81.15
N VAL EA 196 -13.16 34.69 -80.78
CA VAL EA 196 -12.09 35.46 -81.41
C VAL EA 196 -10.71 34.98 -80.95
N MET EA 197 -10.61 34.39 -79.75
CA MET EA 197 -9.34 33.86 -79.29
C MET EA 197 -9.01 32.54 -79.98
N ASP EA 198 -9.98 31.62 -80.04
CA ASP EA 198 -9.72 30.30 -80.60
C ASP EA 198 -9.52 30.32 -82.10
N ARG EA 199 -10.01 31.35 -82.79
CA ARG EA 199 -9.76 31.48 -84.21
C ARG EA 199 -8.31 31.85 -84.48
N GLY EA 200 -7.68 32.56 -83.56
CA GLY EA 200 -6.28 32.93 -83.69
C GLY EA 200 -5.31 32.23 -82.78
N TYR EA 201 -5.78 31.31 -81.93
CA TYR EA 201 -4.89 30.66 -80.97
C TYR EA 201 -4.03 29.60 -81.62
N SER EA 202 -2.77 29.57 -81.23
CA SER EA 202 -1.86 28.48 -81.54
C SER EA 202 -0.86 28.36 -80.41
N TYR EA 203 -0.30 27.16 -80.25
CA TYR EA 203 0.71 26.97 -79.22
C TYR EA 203 2.05 27.60 -79.60
N ASP EA 204 2.32 27.75 -80.89
CA ASP EA 204 3.61 28.24 -81.38
C ASP EA 204 3.51 29.68 -81.87
N LEU EA 205 2.69 30.50 -81.22
CA LEU EA 205 2.60 31.89 -81.57
C LEU EA 205 3.83 32.65 -81.07
N GLU EA 206 4.09 33.79 -81.70
CA GLU EA 206 5.18 34.64 -81.27
C GLU EA 206 4.76 35.50 -80.08
N VAL EA 207 5.74 36.18 -79.49
CA VAL EA 207 5.48 36.98 -78.31
C VAL EA 207 4.70 38.24 -78.67
N GLU EA 208 5.12 38.93 -79.73
CA GLU EA 208 4.39 40.10 -80.19
C GLU EA 208 3.06 39.73 -80.82
N GLN EA 209 2.95 38.52 -81.37
CA GLN EA 209 1.68 38.06 -81.91
C GLN EA 209 0.70 37.73 -80.80
N ALA EA 210 1.18 37.16 -79.70
CA ALA EA 210 0.30 36.82 -78.59
C ALA EA 210 -0.17 38.06 -77.85
N TYR EA 211 0.62 39.14 -77.89
CA TYR EA 211 0.19 40.40 -77.29
C TYR EA 211 -0.98 41.00 -78.07
N ASP EA 212 -0.94 40.90 -79.40
CA ASP EA 212 -1.99 41.47 -80.22
C ASP EA 212 -3.25 40.62 -80.22
N LEU EA 213 -3.14 39.33 -79.92
CA LEU EA 213 -4.32 38.47 -79.91
C LEU EA 213 -5.19 38.75 -78.69
N ALA EA 214 -4.57 38.84 -77.51
CA ALA EA 214 -5.33 39.10 -76.30
C ALA EA 214 -5.84 40.53 -76.24
N ARG EA 215 -5.11 41.47 -76.84
CA ARG EA 215 -5.56 42.86 -76.87
C ARG EA 215 -6.75 43.01 -77.82
N ARG EA 216 -6.77 42.22 -78.90
CA ARG EA 216 -7.92 42.19 -79.79
C ARG EA 216 -9.13 41.57 -79.12
N ALA EA 217 -8.92 40.51 -78.34
CA ALA EA 217 -10.03 39.72 -77.82
C ALA EA 217 -10.78 40.46 -76.72
N ILE EA 218 -10.08 41.25 -75.91
CA ILE EA 218 -10.77 42.08 -74.91
C ILE EA 218 -11.57 43.18 -75.59
N TYR EA 219 -11.04 43.73 -76.69
CA TYR EA 219 -11.71 44.81 -77.40
C TYR EA 219 -13.02 44.36 -78.05
N GLN EA 220 -13.04 43.16 -78.60
CA GLN EA 220 -14.27 42.63 -79.16
C GLN EA 220 -15.28 42.26 -78.09
N ALA EA 221 -14.81 41.95 -76.88
CA ALA EA 221 -15.72 41.63 -75.79
C ALA EA 221 -16.35 42.89 -75.21
N THR EA 222 -15.57 43.95 -75.04
CA THR EA 222 -16.10 45.21 -74.54
C THR EA 222 -16.98 45.91 -75.56
N TYR EA 223 -16.87 45.55 -76.84
CA TYR EA 223 -17.72 46.14 -77.85
C TYR EA 223 -19.16 45.66 -77.73
N ARG EA 224 -19.36 44.34 -77.68
CA ARG EA 224 -20.72 43.80 -77.65
C ARG EA 224 -21.34 43.87 -76.25
N ASP EA 225 -20.55 43.60 -75.22
CA ASP EA 225 -21.08 43.61 -73.86
C ASP EA 225 -21.26 45.04 -73.37
N ALA EA 226 -22.25 45.24 -72.51
CA ALA EA 226 -22.48 46.52 -71.88
C ALA EA 226 -21.77 46.66 -70.55
N TYR EA 227 -21.46 45.55 -69.88
CA TYR EA 227 -20.80 45.56 -68.59
C TYR EA 227 -19.28 45.43 -68.70
N SER EA 228 -18.70 45.85 -69.82
CA SER EA 228 -17.27 45.68 -70.03
C SER EA 228 -16.74 46.90 -70.77
N GLY EA 229 -15.66 47.46 -70.25
CA GLY EA 229 -15.06 48.62 -70.88
C GLY EA 229 -13.93 49.15 -70.04
N GLY EA 230 -13.56 50.40 -70.29
CA GLY EA 230 -12.50 51.04 -69.54
C GLY EA 230 -11.15 50.95 -70.22
N ALA EA 231 -10.21 50.26 -69.58
CA ALA EA 231 -8.89 50.04 -70.14
C ALA EA 231 -8.66 48.55 -70.30
N VAL EA 232 -7.58 48.20 -71.00
CA VAL EA 232 -7.21 46.82 -71.25
C VAL EA 232 -5.84 46.58 -70.64
N ASN EA 233 -5.82 45.87 -69.52
CA ASN EA 233 -4.56 45.50 -68.89
C ASN EA 233 -4.00 44.23 -69.54
N LEU EA 234 -2.69 44.07 -69.44
CA LEU EA 234 -2.02 42.97 -70.13
C LEU EA 234 -0.77 42.61 -69.37
N TYR EA 235 -0.71 41.39 -68.84
CA TYR EA 235 0.46 40.89 -68.13
C TYR EA 235 1.06 39.72 -68.88
N HIS EA 236 2.34 39.45 -68.60
CA HIS EA 236 3.07 38.35 -69.23
C HIS EA 236 3.84 37.61 -68.16
N VAL EA 237 3.59 36.31 -68.03
CA VAL EA 237 4.27 35.47 -67.07
C VAL EA 237 5.47 34.84 -67.75
N ARG EA 238 6.66 35.22 -67.31
CA ARG EA 238 7.91 34.65 -67.79
C ARG EA 238 8.35 33.58 -66.79
N GLU EA 239 9.43 32.87 -67.11
CA GLU EA 239 9.92 31.79 -66.27
C GLU EA 239 10.40 32.30 -64.91
N ASP EA 240 11.11 33.43 -64.89
CA ASP EA 240 11.56 34.00 -63.63
C ASP EA 240 10.43 34.65 -62.84
N GLY EA 241 9.50 35.31 -63.53
CA GLY EA 241 8.41 35.98 -62.86
C GLY EA 241 7.58 36.75 -63.88
N TRP EA 242 6.45 37.26 -63.40
CA TRP EA 242 5.56 37.99 -64.28
C TRP EA 242 6.10 39.39 -64.58
N ILE EA 243 5.62 39.96 -65.67
CA ILE EA 243 6.03 41.29 -66.11
C ILE EA 243 4.82 42.02 -66.68
N ARG EA 244 4.64 43.28 -66.28
CA ARG EA 244 3.55 44.09 -66.81
C ARG EA 244 3.89 44.56 -68.22
N VAL EA 245 3.01 44.27 -69.18
CA VAL EA 245 3.27 44.65 -70.56
C VAL EA 245 2.84 46.09 -70.80
N SER EA 246 1.54 46.35 -70.70
CA SER EA 246 0.98 47.65 -71.08
C SER EA 246 -0.41 47.78 -70.47
N SER EA 247 -1.03 48.94 -70.72
CA SER EA 247 -2.40 49.20 -70.31
C SER EA 247 -2.95 50.24 -71.26
N ASP EA 248 -3.88 49.84 -72.12
CA ASP EA 248 -4.35 50.68 -73.22
C ASP EA 248 -5.84 50.98 -73.06
N ASN EA 249 -6.23 52.19 -73.44
CA ASN EA 249 -7.62 52.58 -73.42
C ASN EA 249 -8.35 51.95 -74.61
N VAL EA 250 -9.66 51.72 -74.43
CA VAL EA 250 -10.47 51.14 -75.49
C VAL EA 250 -10.67 52.15 -76.61
N ALA EA 251 -10.88 53.42 -76.26
CA ALA EA 251 -11.07 54.46 -77.27
C ALA EA 251 -9.82 54.72 -78.09
N ASP EA 252 -8.64 54.45 -77.54
CA ASP EA 252 -7.42 54.53 -78.33
C ASP EA 252 -7.29 53.37 -79.30
N LEU EA 253 -7.77 52.18 -78.90
CA LEU EA 253 -7.74 51.03 -79.79
C LEU EA 253 -8.77 51.15 -80.90
N HIS EA 254 -9.87 51.87 -80.66
CA HIS EA 254 -10.89 52.05 -81.68
C HIS EA 254 -10.38 52.87 -82.86
N GLU EA 255 -9.52 53.86 -82.59
CA GLU EA 255 -8.91 54.62 -83.67
C GLU EA 255 -7.86 53.81 -84.40
N LYS EA 256 -7.26 52.82 -83.74
CA LYS EA 256 -6.21 51.99 -84.30
C LYS EA 256 -6.79 50.82 -85.12
N TYR EA 257 -7.83 50.18 -84.59
CA TYR EA 257 -8.34 48.97 -85.21
C TYR EA 257 -9.27 49.29 -86.38
N SER EA 258 -10.16 50.27 -86.21
CA SER EA 258 -11.07 50.64 -87.29
C SER EA 258 -10.37 51.40 -88.42
N GLY EA 259 -9.23 52.01 -88.13
CA GLY EA 259 -8.48 52.72 -89.16
C GLY EA 259 -7.63 51.79 -90.00
N ARG FA 28 -43.69 42.32 -39.83
CA ARG FA 28 -42.66 41.83 -38.93
C ARG FA 28 -41.47 42.80 -38.88
N PHE FA 29 -40.54 42.55 -37.97
CA PHE FA 29 -39.43 43.46 -37.75
C PHE FA 29 -38.44 43.42 -38.92
N SER FA 30 -38.05 44.60 -39.38
CA SER FA 30 -37.02 44.76 -40.40
C SER FA 30 -35.87 45.60 -39.85
N PRO FA 31 -34.62 45.17 -40.04
CA PRO FA 31 -33.51 45.79 -39.32
C PRO FA 31 -32.83 46.96 -40.04
N TYR FA 32 -33.24 47.28 -41.26
CA TYR FA 32 -32.58 48.29 -42.06
C TYR FA 32 -33.53 49.43 -42.40
N VAL FA 33 -32.97 50.63 -42.56
CA VAL FA 33 -33.71 51.80 -43.04
C VAL FA 33 -32.69 52.73 -43.69
N PHE FA 34 -33.15 53.55 -44.62
CA PHE FA 34 -32.29 54.46 -45.35
C PHE FA 34 -32.42 55.87 -44.77
N ASN FA 35 -31.29 56.55 -44.61
CA ASN FA 35 -31.27 57.85 -43.98
C ASN FA 35 -30.78 58.99 -44.88
N GLY FA 36 -30.24 58.69 -46.05
CA GLY FA 36 -29.76 59.73 -46.93
C GLY FA 36 -28.40 60.27 -46.53
N GLY FA 37 -27.91 61.19 -47.32
CA GLY FA 37 -26.60 61.79 -47.13
C GLY FA 37 -25.82 61.81 -48.42
N THR FA 38 -24.84 62.71 -48.49
CA THR FA 38 -24.00 62.84 -49.66
C THR FA 38 -22.60 63.25 -49.22
N ILE FA 39 -21.59 62.50 -49.64
CA ILE FA 39 -20.21 62.70 -49.23
C ILE FA 39 -19.37 62.92 -50.47
N LEU FA 40 -18.47 63.90 -50.42
CA LEU FA 40 -17.60 64.24 -51.54
C LEU FA 40 -16.16 64.33 -51.06
N ALA FA 41 -15.25 63.76 -51.84
CA ALA FA 41 -13.83 63.85 -51.54
C ALA FA 41 -13.03 64.09 -52.82
N ILE FA 42 -12.01 64.94 -52.71
CA ILE FA 42 -11.14 65.29 -53.83
C ILE FA 42 -9.70 65.22 -53.34
N ALA FA 43 -8.88 64.39 -53.98
CA ALA FA 43 -7.46 64.30 -53.67
C ALA FA 43 -6.71 65.38 -54.43
N GLY FA 44 -6.11 66.32 -53.70
CA GLY FA 44 -5.29 67.35 -54.28
C GLY FA 44 -3.85 66.91 -54.46
N GLU FA 45 -3.02 67.85 -54.89
CA GLU FA 45 -1.60 67.57 -55.04
C GLU FA 45 -0.91 67.49 -53.69
N ASP FA 46 -1.28 68.37 -52.76
CA ASP FA 46 -0.72 68.38 -51.42
C ASP FA 46 -1.81 68.65 -50.40
N PHE FA 47 -3.04 68.27 -50.71
CA PHE FA 47 -4.17 68.54 -49.84
C PHE FA 47 -5.25 67.51 -50.11
N ALA FA 48 -6.30 67.56 -49.30
CA ALA FA 48 -7.47 66.71 -49.48
C ALA FA 48 -8.67 67.43 -48.88
N ILE FA 49 -9.78 67.41 -49.61
CA ILE FA 49 -11.00 68.11 -49.23
C ILE FA 49 -12.11 67.09 -49.05
N VAL FA 50 -12.75 67.11 -47.89
CA VAL FA 50 -13.87 66.23 -47.58
C VAL FA 50 -15.08 67.09 -47.27
N ALA FA 51 -16.18 66.84 -47.98
CA ALA FA 51 -17.38 67.65 -47.84
C ALA FA 51 -18.60 66.75 -47.69
N SER FA 52 -19.58 67.25 -46.93
CA SER FA 52 -20.82 66.53 -46.69
C SER FA 52 -21.89 67.51 -46.23
N ASP FA 53 -23.14 67.08 -46.36
CA ASP FA 53 -24.28 67.82 -45.86
C ASP FA 53 -24.63 67.38 -44.44
N THR FA 54 -25.51 68.15 -43.79
CA THR FA 54 -25.85 67.88 -42.39
C THR FA 54 -27.32 67.56 -42.20
N ARG FA 55 -27.99 67.08 -43.25
CA ARG FA 55 -29.40 66.75 -43.15
C ARG FA 55 -29.58 65.28 -42.83
N LEU FA 56 -30.30 64.99 -41.76
CA LEU FA 56 -30.64 63.63 -41.37
C LEU FA 56 -32.14 63.45 -41.50
N SER FA 57 -32.55 62.50 -42.33
CA SER FA 57 -33.95 62.30 -42.67
C SER FA 57 -34.29 60.82 -42.61
N GLU FA 58 -35.58 60.53 -42.63
CA GLU FA 58 -36.07 59.15 -42.69
C GLU FA 58 -37.47 59.18 -43.27
N GLY FA 59 -37.68 58.46 -44.37
CA GLY FA 59 -38.98 58.42 -45.01
C GLY FA 59 -39.37 59.74 -45.63
N PHE FA 60 -40.31 60.43 -45.01
CA PHE FA 60 -40.75 61.75 -45.45
C PHE FA 60 -40.74 62.72 -44.28
N SER FA 61 -39.73 62.60 -43.43
CA SER FA 61 -39.59 63.47 -42.27
C SER FA 61 -38.14 63.88 -42.11
N ILE FA 62 -37.93 65.01 -41.45
CA ILE FA 62 -36.60 65.54 -41.19
C ILE FA 62 -36.36 65.42 -39.69
N HIS FA 63 -35.35 64.65 -39.31
CA HIS FA 63 -34.99 64.57 -37.90
C HIS FA 63 -34.29 65.83 -37.43
N THR FA 64 -33.21 66.21 -38.10
CA THR FA 64 -32.47 67.41 -37.73
C THR FA 64 -31.85 68.01 -38.97
N ARG FA 65 -31.41 69.26 -38.84
CA ARG FA 65 -30.70 69.96 -39.90
C ARG FA 65 -29.24 70.19 -39.54
N ASP FA 66 -28.75 69.53 -38.49
CA ASP FA 66 -27.36 69.70 -38.04
C ASP FA 66 -26.85 68.32 -37.61
N SER FA 67 -26.25 67.61 -38.55
CA SER FA 67 -25.66 66.30 -38.31
C SER FA 67 -24.58 66.05 -39.36
N PRO FA 68 -23.36 66.54 -39.17
CA PRO FA 68 -22.33 66.39 -40.19
C PRO FA 68 -21.81 64.96 -40.25
N LYS FA 69 -21.27 64.62 -41.42
CA LYS FA 69 -20.74 63.28 -41.68
C LYS FA 69 -19.22 63.24 -41.61
N CYS FA 70 -18.57 64.36 -41.35
CA CYS FA 70 -17.11 64.39 -41.24
C CYS FA 70 -16.68 63.90 -39.87
N TYR FA 71 -15.58 63.15 -39.84
CA TYR FA 71 -15.04 62.62 -38.60
C TYR FA 71 -13.52 62.70 -38.66
N LYS FA 72 -12.93 63.52 -37.79
CA LYS FA 72 -11.48 63.66 -37.74
C LYS FA 72 -10.89 62.47 -37.00
N LEU FA 73 -10.35 61.52 -37.73
CA LEU FA 73 -9.74 60.36 -37.10
C LEU FA 73 -8.39 60.71 -36.50
N THR FA 74 -7.45 61.13 -37.33
CA THR FA 74 -6.15 61.61 -36.92
C THR FA 74 -6.00 63.06 -37.37
N ASP FA 75 -4.78 63.58 -37.26
CA ASP FA 75 -4.48 64.91 -37.75
C ASP FA 75 -4.28 64.95 -39.26
N LYS FA 76 -4.33 63.80 -39.93
CA LYS FA 76 -4.17 63.77 -41.38
C LYS FA 76 -5.19 62.89 -42.08
N THR FA 77 -6.27 62.47 -41.41
CA THR FA 77 -7.22 61.54 -42.02
C THR FA 77 -8.62 61.84 -41.53
N VAL FA 78 -9.54 62.07 -42.47
CA VAL FA 78 -10.95 62.32 -42.19
C VAL FA 78 -11.77 61.28 -42.94
N ILE FA 79 -12.73 60.67 -42.26
CA ILE FA 79 -13.58 59.63 -42.84
C ILE FA 79 -15.01 60.18 -42.94
N GLY FA 80 -15.73 59.72 -43.95
CA GLY FA 80 -17.14 60.02 -44.09
C GLY FA 80 -17.96 58.76 -44.14
N CYS FA 81 -19.13 58.80 -43.51
CA CYS FA 81 -20.00 57.64 -43.36
C CYS FA 81 -21.42 58.02 -43.73
N SER FA 82 -21.97 57.36 -44.75
CA SER FA 82 -23.35 57.54 -45.17
C SER FA 82 -24.14 56.24 -44.96
N GLY FA 83 -25.40 56.27 -45.34
CA GLY FA 83 -26.23 55.08 -45.27
C GLY FA 83 -27.04 55.00 -44.00
N PHE FA 84 -27.12 53.79 -43.42
CA PHE FA 84 -27.87 53.58 -42.20
C PHE FA 84 -27.13 54.20 -41.01
N HIS FA 85 -27.80 55.12 -40.31
CA HIS FA 85 -27.14 55.94 -39.31
C HIS FA 85 -26.79 55.17 -38.05
N GLY FA 86 -27.52 54.11 -37.73
CA GLY FA 86 -27.17 53.31 -36.57
C GLY FA 86 -25.87 52.54 -36.74
N ASP FA 87 -25.57 52.12 -37.96
CA ASP FA 87 -24.29 51.49 -38.22
C ASP FA 87 -23.17 52.51 -38.35
N CYS FA 88 -23.49 53.75 -38.71
CA CYS FA 88 -22.48 54.80 -38.79
C CYS FA 88 -21.97 55.18 -37.41
N LEU FA 89 -22.85 55.18 -36.41
CA LEU FA 89 -22.41 55.49 -35.04
C LEU FA 89 -21.62 54.33 -34.45
N THR FA 90 -21.93 53.10 -34.84
CA THR FA 90 -21.21 51.95 -34.33
C THR FA 90 -19.83 51.84 -34.96
N LEU FA 91 -19.76 51.93 -36.29
CA LEU FA 91 -18.51 51.72 -37.01
C LEU FA 91 -17.49 52.83 -36.73
N THR FA 92 -17.97 54.03 -36.41
CA THR FA 92 -17.06 55.12 -36.05
C THR FA 92 -16.35 54.84 -34.74
N LYS FA 93 -17.08 54.31 -33.76
CA LYS FA 93 -16.49 54.06 -32.45
C LYS FA 93 -15.60 52.82 -32.43
N ILE FA 94 -15.79 51.90 -33.38
CA ILE FA 94 -14.91 50.74 -33.47
C ILE FA 94 -13.55 51.15 -34.02
N ILE FA 95 -13.53 52.04 -35.01
CA ILE FA 95 -12.29 52.50 -35.62
C ILE FA 95 -11.49 53.34 -34.64
N GLU FA 96 -12.16 54.22 -33.89
CA GLU FA 96 -11.49 55.06 -32.91
C GLU FA 96 -10.92 54.25 -31.74
N ALA FA 97 -11.49 53.09 -31.45
CA ALA FA 97 -10.90 52.21 -30.45
C ALA FA 97 -9.62 51.57 -30.97
N ARG FA 98 -9.63 51.14 -32.24
CA ARG FA 98 -8.47 50.45 -32.80
C ARG FA 98 -7.33 51.40 -33.15
N LEU FA 99 -7.60 52.71 -33.22
CA LEU FA 99 -6.51 53.67 -33.36
C LEU FA 99 -5.65 53.69 -32.11
N LYS FA 100 -6.27 53.63 -30.94
CA LYS FA 100 -5.52 53.55 -29.69
C LYS FA 100 -4.85 52.20 -29.53
N MET FA 101 -5.50 51.14 -30.02
CA MET FA 101 -4.93 49.80 -29.92
C MET FA 101 -3.72 49.64 -30.82
N TYR FA 102 -3.67 50.35 -31.94
CA TYR FA 102 -2.48 50.35 -32.77
C TYR FA 102 -1.34 51.09 -32.08
N LYS FA 103 -1.65 52.21 -31.43
CA LYS FA 103 -0.62 53.15 -31.02
C LYS FA 103 0.20 52.63 -29.84
N HIS FA 104 -0.47 52.08 -28.83
CA HIS FA 104 0.25 51.60 -27.67
C HIS FA 104 0.96 50.28 -27.94
N SER FA 105 0.61 49.61 -29.03
CA SER FA 105 1.31 48.43 -29.49
C SER FA 105 2.46 48.75 -30.44
N ASN FA 106 2.53 49.97 -30.98
CA ASN FA 106 3.51 50.28 -32.00
C ASN FA 106 4.23 51.61 -31.81
N ASN FA 107 3.83 52.43 -30.84
CA ASN FA 107 4.46 53.73 -30.50
C ASN FA 107 4.45 54.70 -31.69
N LYS FA 108 3.39 54.64 -32.49
CA LYS FA 108 3.22 55.52 -33.64
C LYS FA 108 1.75 55.51 -34.03
N ALA FA 109 1.39 56.45 -34.91
CA ALA FA 109 0.03 56.55 -35.40
C ALA FA 109 -0.11 55.83 -36.74
N MET FA 110 -1.34 55.50 -37.10
CA MET FA 110 -1.59 54.84 -38.37
C MET FA 110 -1.41 55.81 -39.53
N THR FA 111 -1.10 55.25 -40.70
CA THR FA 111 -1.02 56.03 -41.91
C THR FA 111 -2.40 56.11 -42.55
N THR FA 112 -2.48 56.74 -43.72
CA THR FA 112 -3.75 56.75 -44.44
C THR FA 112 -4.05 55.40 -45.05
N GLY FA 113 -3.05 54.78 -45.68
CA GLY FA 113 -3.23 53.46 -46.28
C GLY FA 113 -3.42 52.35 -45.29
N ALA FA 114 -2.92 52.51 -44.06
CA ALA FA 114 -3.11 51.47 -43.05
C ALA FA 114 -4.54 51.41 -42.56
N ILE FA 115 -5.24 52.56 -42.52
CA ILE FA 115 -6.62 52.58 -42.07
C ILE FA 115 -7.52 51.93 -43.10
N ALA FA 116 -7.25 52.17 -44.39
CA ALA FA 116 -8.02 51.54 -45.46
C ALA FA 116 -7.80 50.03 -45.50
N ALA FA 117 -6.62 49.56 -45.11
CA ALA FA 117 -6.40 48.13 -45.02
C ALA FA 117 -7.08 47.54 -43.80
N MET FA 118 -7.16 48.31 -42.71
CA MET FA 118 -7.82 47.80 -41.51
C MET FA 118 -9.33 47.80 -41.66
N LEU FA 119 -9.87 48.81 -42.34
CA LEU FA 119 -11.31 48.93 -42.51
C LEU FA 119 -11.88 47.83 -43.41
N SER FA 120 -11.08 47.35 -44.36
CA SER FA 120 -11.55 46.29 -45.25
C SER FA 120 -11.73 44.98 -44.52
N THR FA 121 -10.93 44.73 -43.48
CA THR FA 121 -11.11 43.51 -42.69
C THR FA 121 -12.30 43.62 -41.74
N ILE FA 122 -12.60 44.84 -41.28
CA ILE FA 122 -13.73 45.03 -40.37
C ILE FA 122 -15.05 44.87 -41.12
N LEU FA 123 -15.11 45.42 -42.34
CA LEU FA 123 -16.33 45.32 -43.13
C LEU FA 123 -16.60 43.90 -43.61
N TYR FA 124 -15.54 43.13 -43.86
CA TYR FA 124 -15.75 41.75 -44.28
C TYR FA 124 -16.06 40.83 -43.11
N SER FA 125 -15.74 41.27 -41.88
CA SER FA 125 -15.94 40.43 -40.69
C SER FA 125 -17.42 40.18 -40.40
N ARG FA 126 -18.32 40.98 -40.95
CA ARG FA 126 -19.75 40.74 -40.85
C ARG FA 126 -20.32 40.55 -42.24
N ARG FA 127 -19.69 39.66 -43.01
CA ARG FA 127 -20.04 39.45 -44.41
C ARG FA 127 -21.49 39.00 -44.58
N PHE FA 128 -21.97 38.16 -43.67
CA PHE FA 128 -23.32 37.61 -43.80
C PHE FA 128 -24.34 38.36 -42.94
N PHE FA 129 -23.98 39.54 -42.46
CA PHE FA 129 -24.91 40.51 -41.89
C PHE FA 129 -24.27 41.88 -42.06
N PRO FA 130 -24.36 42.48 -43.24
CA PRO FA 130 -23.45 43.57 -43.58
C PRO FA 130 -23.87 44.91 -43.01
N TYR FA 131 -22.87 45.75 -42.80
CA TYR FA 131 -23.10 47.16 -42.53
C TYR FA 131 -23.69 47.84 -43.75
N TYR FA 132 -24.71 48.66 -43.54
CA TYR FA 132 -25.30 49.43 -44.64
C TYR FA 132 -24.70 50.84 -44.65
N VAL FA 133 -23.38 50.89 -44.88
CA VAL FA 133 -22.60 52.11 -44.80
C VAL FA 133 -21.71 52.20 -46.03
N TYR FA 134 -21.76 53.34 -46.71
CA TYR FA 134 -20.81 53.69 -47.74
C TYR FA 134 -19.73 54.57 -47.13
N ASN FA 135 -18.47 54.25 -47.40
CA ASN FA 135 -17.34 54.89 -46.75
C ASN FA 135 -16.40 55.50 -47.76
N ILE FA 136 -15.89 56.69 -47.44
CA ILE FA 136 -14.84 57.35 -48.21
C ILE FA 136 -13.80 57.87 -47.21
N ILE FA 137 -12.54 57.50 -47.41
CA ILE FA 137 -11.44 57.99 -46.58
C ILE FA 137 -10.59 58.90 -47.43
N GLY FA 138 -10.42 60.13 -46.97
CA GLY FA 138 -9.53 61.08 -47.62
C GLY FA 138 -8.51 61.61 -46.63
N GLY FA 139 -7.31 61.85 -47.14
CA GLY FA 139 -6.26 62.35 -46.29
C GLY FA 139 -4.93 62.35 -47.01
N LEU FA 140 -3.87 62.57 -46.24
CA LEU FA 140 -2.51 62.68 -46.76
C LEU FA 140 -1.75 61.38 -46.55
N ASP FA 141 -0.89 61.06 -47.51
CA ASP FA 141 -0.04 59.88 -47.42
C ASP FA 141 1.24 60.25 -46.69
N GLU FA 142 2.24 59.36 -46.73
CA GLU FA 142 3.52 59.64 -46.11
C GLU FA 142 4.43 60.49 -46.98
N GLU FA 143 4.05 60.75 -48.22
CA GLU FA 143 4.81 61.65 -49.08
C GLU FA 143 4.28 63.07 -49.07
N GLY FA 144 3.12 63.31 -48.46
CA GLY FA 144 2.54 64.63 -48.42
C GLY FA 144 1.54 64.94 -49.50
N LYS FA 145 1.06 63.94 -50.22
CA LYS FA 145 0.12 64.12 -51.32
C LYS FA 145 -1.26 63.66 -50.91
N GLY FA 146 -2.25 64.02 -51.72
CA GLY FA 146 -3.62 63.63 -51.44
C GLY FA 146 -3.87 62.18 -51.76
N ALA FA 147 -4.84 61.59 -51.06
CA ALA FA 147 -5.21 60.20 -51.26
C ALA FA 147 -6.66 60.02 -50.86
N VAL FA 148 -7.45 59.43 -51.76
CA VAL FA 148 -8.86 59.18 -51.53
C VAL FA 148 -9.14 57.70 -51.76
N TYR FA 149 -9.69 57.04 -50.76
CA TYR FA 149 -10.07 55.64 -50.84
C TYR FA 149 -11.59 55.53 -50.74
N SER FA 150 -12.19 54.84 -51.71
CA SER FA 150 -13.62 54.60 -51.71
C SER FA 150 -13.90 53.16 -51.31
N PHE FA 151 -15.12 52.91 -50.84
CA PHE FA 151 -15.46 51.62 -50.26
C PHE FA 151 -16.83 51.17 -50.74
N ASP FA 152 -17.16 49.93 -50.42
CA ASP FA 152 -18.46 49.32 -50.62
C ASP FA 152 -18.89 48.72 -49.30
N PRO FA 153 -20.18 48.40 -49.12
CA PRO FA 153 -20.61 47.83 -47.83
C PRO FA 153 -20.07 46.44 -47.49
N VAL FA 154 -19.33 45.78 -48.37
CA VAL FA 154 -18.72 44.51 -48.04
C VAL FA 154 -17.20 44.60 -47.80
N GLY FA 155 -16.53 45.59 -48.37
CA GLY FA 155 -15.15 45.83 -47.99
C GLY FA 155 -14.09 45.86 -49.07
N SER FA 156 -14.48 46.06 -50.33
CA SER FA 156 -13.52 46.21 -51.41
C SER FA 156 -13.20 47.69 -51.61
N TYR FA 157 -11.94 47.99 -51.92
CA TYR FA 157 -11.52 49.37 -52.00
C TYR FA 157 -10.48 49.55 -53.10
N GLN FA 158 -10.28 50.82 -53.47
CA GLN FA 158 -9.25 51.22 -54.40
C GLN FA 158 -8.93 52.68 -54.17
N ARG FA 159 -7.74 53.08 -54.60
CA ARG FA 159 -7.31 54.47 -54.49
C ARG FA 159 -7.73 55.24 -55.73
N ASP FA 160 -8.43 56.35 -55.52
CA ASP FA 160 -8.93 57.18 -56.61
C ASP FA 160 -8.49 58.62 -56.39
N SER FA 161 -8.80 59.47 -57.37
CA SER FA 161 -8.53 60.89 -57.26
C SER FA 161 -9.73 61.67 -56.74
N PHE FA 162 -10.94 61.23 -57.05
CA PHE FA 162 -12.16 61.88 -56.58
C PHE FA 162 -13.30 60.87 -56.63
N LYS FA 163 -14.09 60.85 -55.56
CA LYS FA 163 -15.30 60.03 -55.51
C LYS FA 163 -16.39 60.82 -54.82
N ALA FA 164 -17.64 60.41 -55.09
CA ALA FA 164 -18.81 61.03 -54.50
C ALA FA 164 -19.76 59.90 -54.10
N GLY FA 165 -19.93 59.71 -52.80
CA GLY FA 165 -20.80 58.65 -52.32
C GLY FA 165 -22.05 59.18 -51.64
N GLY FA 166 -23.09 58.34 -51.57
CA GLY FA 166 -24.32 58.74 -50.93
C GLY FA 166 -25.53 58.68 -51.83
N SER FA 167 -26.58 59.41 -51.48
CA SER FA 167 -27.81 59.38 -52.24
C SER FA 167 -27.70 60.14 -53.55
N ALA FA 168 -26.93 61.23 -53.58
CA ALA FA 168 -26.74 62.03 -54.78
C ALA FA 168 -25.45 61.67 -55.51
N SER FA 169 -25.07 60.40 -55.47
CA SER FA 169 -23.81 59.97 -56.07
C SER FA 169 -23.86 60.03 -57.59
N ALA FA 170 -25.03 59.76 -58.18
CA ALA FA 170 -25.15 59.78 -59.63
C ALA FA 170 -25.19 61.19 -60.20
N MET FA 171 -25.49 62.19 -59.38
CA MET FA 171 -25.60 63.56 -59.84
C MET FA 171 -24.29 64.33 -59.74
N LEU FA 172 -23.23 63.72 -59.25
CA LEU FA 172 -21.97 64.41 -59.03
C LEU FA 172 -20.80 63.82 -59.79
N GLN FA 173 -20.82 62.51 -60.04
CA GLN FA 173 -19.73 61.88 -60.80
C GLN FA 173 -19.59 62.34 -62.26
N PRO FA 174 -20.65 62.56 -63.07
CA PRO FA 174 -20.40 63.01 -64.44
C PRO FA 174 -19.86 64.43 -64.53
N LEU FA 175 -20.18 65.30 -63.58
CA LEU FA 175 -19.70 66.67 -63.66
C LEU FA 175 -18.23 66.76 -63.28
N LEU FA 176 -17.79 65.98 -62.31
CA LEU FA 176 -16.40 66.01 -61.90
C LEU FA 176 -15.50 65.32 -62.92
N ASP FA 177 -16.06 64.44 -63.75
CA ASP FA 177 -15.30 63.90 -64.87
C ASP FA 177 -14.99 64.97 -65.90
N ASN FA 178 -15.89 65.95 -66.05
CA ASN FA 178 -15.66 67.03 -67.00
C ASN FA 178 -14.64 68.02 -66.46
N GLN FA 179 -14.75 68.40 -65.18
CA GLN FA 179 -13.94 69.49 -64.65
C GLN FA 179 -12.59 69.01 -64.11
N VAL FA 180 -12.58 67.92 -63.35
CA VAL FA 180 -11.34 67.42 -62.77
C VAL FA 180 -10.63 66.46 -63.71
N GLY FA 181 -11.34 65.46 -64.21
CA GLY FA 181 -10.73 64.47 -65.07
C GLY FA 181 -10.54 64.89 -66.50
N PHE FA 182 -11.17 66.00 -66.91
CA PHE FA 182 -11.13 66.56 -68.27
C PHE FA 182 -11.57 65.56 -69.32
N LYS FA 183 -12.53 64.71 -68.99
CA LYS FA 183 -13.02 63.72 -69.93
C LYS FA 183 -13.96 64.36 -70.94
N ASN FA 184 -13.98 63.80 -72.14
CA ASN FA 184 -14.78 64.23 -73.29
C ASN FA 184 -14.51 65.69 -73.67
N MET FA 185 -13.30 66.17 -73.47
CA MET FA 185 -12.91 67.52 -73.83
C MET FA 185 -11.84 67.49 -74.91
N GLN FA 186 -11.83 68.53 -75.74
CA GLN FA 186 -10.87 68.66 -76.84
C GLN FA 186 -10.17 70.00 -76.74
N ASN FA 187 -8.86 69.98 -76.95
CA ASN FA 187 -7.98 71.17 -76.98
C ASN FA 187 -8.02 71.92 -75.65
N VAL FA 188 -7.79 71.18 -74.57
CA VAL FA 188 -7.76 71.73 -73.21
C VAL FA 188 -6.59 71.10 -72.47
N GLU FA 189 -5.69 71.94 -71.97
CA GLU FA 189 -4.51 71.45 -71.27
C GLU FA 189 -4.90 70.89 -69.90
N HIS FA 190 -4.04 70.02 -69.39
CA HIS FA 190 -4.28 69.35 -68.11
C HIS FA 190 -3.48 70.06 -67.02
N VAL FA 191 -4.01 71.19 -66.57
CA VAL FA 191 -3.45 71.90 -65.43
C VAL FA 191 -3.93 71.18 -64.16
N PRO FA 192 -3.07 70.96 -63.18
CA PRO FA 192 -3.55 70.37 -61.92
C PRO FA 192 -4.42 71.35 -61.15
N LEU FA 193 -5.38 70.78 -60.43
CA LEU FA 193 -6.36 71.60 -59.73
C LEU FA 193 -5.72 72.26 -58.51
N SER FA 194 -5.81 73.59 -58.45
CA SER FA 194 -5.29 74.33 -57.32
C SER FA 194 -6.25 74.22 -56.14
N LEU FA 195 -5.84 74.79 -55.01
CA LEU FA 195 -6.69 74.73 -53.82
C LEU FA 195 -7.90 75.66 -53.96
N ASP FA 196 -7.69 76.88 -54.47
CA ASP FA 196 -8.78 77.83 -54.56
C ASP FA 196 -9.78 77.45 -55.62
N ARG FA 197 -9.31 76.87 -56.74
CA ARG FA 197 -10.22 76.41 -57.78
C ARG FA 197 -11.02 75.20 -57.30
N ALA FA 198 -10.43 74.36 -56.47
CA ALA FA 198 -11.15 73.21 -55.94
C ALA FA 198 -12.21 73.60 -54.92
N MET FA 199 -12.06 74.74 -54.25
CA MET FA 199 -13.07 75.15 -53.28
C MET FA 199 -14.36 75.57 -53.96
N ARG FA 200 -14.26 76.32 -55.05
CA ARG FA 200 -15.46 76.75 -55.75
C ARG FA 200 -16.11 75.65 -56.57
N LEU FA 201 -15.37 74.59 -56.90
CA LEU FA 201 -16.01 73.44 -57.55
C LEU FA 201 -16.85 72.67 -56.56
N VAL FA 202 -16.42 72.58 -55.31
CA VAL FA 202 -17.21 71.92 -54.28
C VAL FA 202 -18.44 72.74 -53.95
N LYS FA 203 -18.30 74.07 -53.90
CA LYS FA 203 -19.42 74.93 -53.56
C LYS FA 203 -20.46 74.99 -54.68
N ASP FA 204 -20.08 74.67 -55.92
CA ASP FA 204 -21.03 74.71 -57.02
C ASP FA 204 -21.79 73.40 -57.22
N VAL FA 205 -21.18 72.26 -56.89
CA VAL FA 205 -21.84 70.98 -57.15
C VAL FA 205 -22.95 70.73 -56.14
N PHE FA 206 -22.78 71.19 -54.90
CA PHE FA 206 -23.82 70.96 -53.89
C PHE FA 206 -25.01 71.89 -54.04
N ILE FA 207 -24.83 73.05 -54.68
CA ILE FA 207 -25.97 73.89 -54.99
C ILE FA 207 -26.83 73.24 -56.07
N SER FA 208 -26.18 72.69 -57.11
CA SER FA 208 -26.93 72.03 -58.17
C SER FA 208 -27.51 70.69 -57.72
N ALA FA 209 -26.88 70.03 -56.76
CA ALA FA 209 -27.39 68.75 -56.30
C ALA FA 209 -28.57 68.91 -55.34
N ALA FA 210 -28.58 69.99 -54.55
CA ALA FA 210 -29.68 70.20 -53.62
C ALA FA 210 -30.96 70.62 -54.31
N GLU FA 211 -30.88 71.05 -55.57
CA GLU FA 211 -32.08 71.40 -56.32
C GLU FA 211 -32.87 70.16 -56.71
N ARG FA 212 -32.19 69.15 -57.24
CA ARG FA 212 -32.87 67.98 -57.78
C ARG FA 212 -33.00 66.83 -56.79
N ASP FA 213 -32.17 66.79 -55.76
CA ASP FA 213 -32.26 65.75 -54.74
C ASP FA 213 -33.00 66.28 -53.53
N VAL FA 214 -33.75 65.40 -52.87
CA VAL FA 214 -34.50 65.77 -51.68
C VAL FA 214 -33.78 65.41 -50.39
N TYR FA 215 -32.74 64.57 -50.46
CA TYR FA 215 -32.00 64.16 -49.28
C TYR FA 215 -30.77 65.03 -49.03
N THR FA 216 -30.75 66.24 -49.57
CA THR FA 216 -29.54 67.05 -49.54
C THR FA 216 -29.91 68.50 -49.29
N GLY FA 217 -29.31 69.11 -48.27
CA GLY FA 217 -29.47 70.53 -48.06
C GLY FA 217 -29.09 70.94 -46.65
N ASP FA 218 -29.55 72.15 -46.30
CA ASP FA 218 -29.59 72.78 -44.98
C ASP FA 218 -28.23 73.26 -44.45
N ALA FA 219 -27.12 72.82 -45.06
CA ALA FA 219 -25.76 73.22 -44.73
C ALA FA 219 -24.77 72.55 -45.68
N LEU FA 220 -23.48 72.86 -45.52
CA LEU FA 220 -22.42 72.14 -46.22
C LEU FA 220 -21.15 72.24 -45.37
N ARG FA 221 -20.82 71.16 -44.67
CA ARG FA 221 -19.59 71.10 -43.90
C ARG FA 221 -18.44 70.68 -44.80
N ILE FA 222 -17.38 71.48 -44.81
CA ILE FA 222 -16.21 71.24 -45.66
C ILE FA 222 -14.98 71.14 -44.76
N CYS FA 223 -14.24 70.05 -44.88
CA CYS FA 223 -13.00 69.86 -44.14
C CYS FA 223 -11.84 69.83 -45.12
N ILE FA 224 -10.80 70.62 -44.84
CA ILE FA 224 -9.62 70.72 -45.67
C ILE FA 224 -8.44 70.16 -44.89
N VAL FA 225 -7.79 69.14 -45.44
CA VAL FA 225 -6.67 68.47 -44.78
C VAL FA 225 -5.40 68.87 -45.50
N THR FA 226 -4.54 69.63 -44.83
CA THR FA 226 -3.25 70.02 -45.38
C THR FA 226 -2.13 69.59 -44.44
N LYS FA 227 -0.91 70.03 -44.72
CA LYS FA 227 0.23 69.73 -43.85
C LYS FA 227 0.27 70.57 -42.60
N GLU FA 228 -0.65 71.53 -42.44
CA GLU FA 228 -0.66 72.43 -41.30
C GLU FA 228 -1.83 72.18 -40.36
N GLY FA 229 -2.62 71.13 -40.61
CA GLY FA 229 -3.74 70.80 -39.77
C GLY FA 229 -4.99 70.59 -40.60
N ILE FA 230 -6.15 70.70 -39.93
CA ILE FA 230 -7.44 70.49 -40.56
C ILE FA 230 -8.27 71.75 -40.35
N ARG FA 231 -8.69 72.37 -41.46
CA ARG FA 231 -9.58 73.51 -41.43
C ARG FA 231 -11.02 73.05 -41.66
N GLU FA 232 -11.96 73.86 -41.18
CA GLU FA 232 -13.37 73.61 -41.39
C GLU FA 232 -14.06 74.87 -41.91
N GLU FA 233 -15.15 74.66 -42.63
CA GLU FA 233 -15.89 75.75 -43.24
C GLU FA 233 -17.32 75.27 -43.50
N THR FA 234 -18.29 76.15 -43.23
CA THR FA 234 -19.70 75.80 -43.35
C THR FA 234 -20.37 76.78 -44.32
N VAL FA 235 -21.04 76.24 -45.33
CA VAL FA 235 -21.76 77.02 -46.32
C VAL FA 235 -23.22 76.60 -46.27
N SER FA 236 -24.12 77.58 -46.16
CA SER FA 236 -25.54 77.28 -46.09
C SER FA 236 -26.10 76.92 -47.46
N LEU FA 237 -27.18 76.15 -47.45
CA LEU FA 237 -27.92 75.79 -48.65
C LEU FA 237 -29.39 76.16 -48.46
N ARG FA 238 -30.22 75.74 -49.41
CA ARG FA 238 -31.65 75.97 -49.31
C ARG FA 238 -32.27 75.03 -48.28
N LYS FA 239 -33.29 75.53 -47.59
CA LYS FA 239 -33.80 74.89 -46.39
C LYS FA 239 -35.08 74.10 -46.60
N ASP FA 240 -35.55 73.96 -47.83
CA ASP FA 240 -36.80 73.25 -48.08
C ASP FA 240 -36.68 71.74 -47.89
N THR GA 45 -38.49 41.27 -29.22
CA THR GA 45 -39.92 41.51 -29.26
C THR GA 45 -40.40 41.65 -30.70
N GLN GA 46 -41.29 40.74 -31.11
CA GLN GA 46 -41.83 40.76 -32.46
C GLN GA 46 -43.21 41.39 -32.56
N ASN GA 47 -43.98 41.37 -31.46
CA ASN GA 47 -45.33 41.91 -31.49
C ASN GA 47 -45.57 42.79 -30.27
N PRO GA 48 -45.64 44.11 -30.45
CA PRO GA 48 -45.93 45.01 -29.32
C PRO GA 48 -47.38 44.91 -28.90
N MET GA 49 -47.61 44.49 -27.65
CA MET GA 49 -48.98 44.32 -27.18
C MET GA 49 -49.56 45.64 -26.69
N VAL GA 50 -48.99 46.20 -25.63
CA VAL GA 50 -49.51 47.41 -24.99
C VAL GA 50 -48.55 48.54 -25.31
N THR GA 51 -49.01 49.50 -26.09
CA THR GA 51 -48.14 50.56 -26.60
C THR GA 51 -48.57 51.91 -26.04
N GLY GA 52 -47.66 52.86 -26.15
CA GLY GA 52 -47.90 54.25 -25.85
C GLY GA 52 -48.12 55.07 -27.11
N THR GA 53 -47.71 56.33 -27.06
CA THR GA 53 -47.91 57.26 -28.16
C THR GA 53 -46.88 58.38 -28.03
N SER GA 54 -47.14 59.50 -28.71
CA SER GA 54 -46.18 60.59 -28.90
C SER GA 54 -45.71 61.19 -27.58
N VAL GA 55 -44.42 61.54 -27.54
CA VAL GA 55 -43.78 62.18 -26.40
C VAL GA 55 -43.07 63.42 -26.92
N LEU GA 56 -43.26 64.56 -26.25
CA LEU GA 56 -42.69 65.82 -26.68
C LEU GA 56 -41.51 66.21 -25.79
N GLY GA 57 -40.74 67.17 -26.27
CA GLY GA 57 -39.60 67.69 -25.52
C GLY GA 57 -38.94 68.87 -26.21
N VAL GA 58 -38.60 69.90 -25.43
CA VAL GA 58 -38.00 71.11 -25.99
C VAL GA 58 -37.17 71.77 -24.90
N LYS GA 59 -36.05 72.37 -25.30
CA LYS GA 59 -35.17 73.07 -24.39
C LYS GA 59 -35.71 74.48 -24.11
N PHE GA 60 -35.21 75.07 -23.03
CA PHE GA 60 -35.41 76.49 -22.78
C PHE GA 60 -34.18 77.01 -22.04
N GLU GA 61 -34.30 78.23 -21.49
CA GLU GA 61 -33.20 78.86 -20.79
C GLU GA 61 -32.96 78.18 -19.44
N GLY GA 62 -32.02 77.25 -19.41
CA GLY GA 62 -31.67 76.58 -18.18
C GLY GA 62 -32.57 75.43 -17.80
N GLY GA 63 -32.95 74.59 -18.76
CA GLY GA 63 -33.75 73.44 -18.44
C GLY GA 63 -34.39 72.86 -19.68
N VAL GA 64 -34.93 71.65 -19.51
CA VAL GA 64 -35.60 70.91 -20.57
C VAL GA 64 -36.94 70.44 -20.03
N VAL GA 65 -38.01 70.65 -20.79
CA VAL GA 65 -39.36 70.23 -20.41
C VAL GA 65 -39.80 69.09 -21.33
N ILE GA 66 -40.43 68.07 -20.73
CA ILE GA 66 -40.88 66.88 -21.44
C ILE GA 66 -42.30 66.56 -20.97
N ALA GA 67 -43.21 66.33 -21.91
CA ALA GA 67 -44.59 65.98 -21.59
C ALA GA 67 -45.03 64.77 -22.39
N ALA GA 68 -45.90 63.97 -21.77
CA ALA GA 68 -46.52 62.82 -22.42
C ALA GA 68 -47.81 62.50 -21.68
N ASP GA 69 -48.66 61.70 -22.32
CA ASP GA 69 -49.96 61.38 -21.73
C ASP GA 69 -49.85 60.11 -20.88
N MET GA 70 -51.00 59.59 -20.46
CA MET GA 70 -51.10 58.54 -19.45
C MET GA 70 -52.00 57.42 -19.93
N LEU GA 71 -51.75 56.92 -21.14
CA LEU GA 71 -52.64 55.96 -21.78
C LEU GA 71 -51.90 54.68 -22.14
N GLY GA 72 -52.56 53.54 -21.91
CA GLY GA 72 -51.99 52.22 -22.09
C GLY GA 72 -52.70 51.37 -23.12
N SER GA 73 -52.99 51.92 -24.30
CA SER GA 73 -53.89 51.29 -25.27
C SER GA 73 -53.34 49.97 -25.80
N TYR GA 74 -54.27 49.04 -26.07
CA TYR GA 74 -54.01 47.74 -26.68
C TYR GA 74 -54.70 47.73 -28.03
N GLY GA 75 -53.95 48.01 -29.09
CA GLY GA 75 -54.54 48.11 -30.42
C GLY GA 75 -55.42 49.33 -30.55
N SER GA 76 -56.73 49.11 -30.60
CA SER GA 76 -57.69 50.21 -30.57
C SER GA 76 -58.34 50.38 -29.20
N LEU GA 77 -58.36 49.34 -28.38
CA LEU GA 77 -58.91 49.44 -27.04
C LEU GA 77 -57.93 50.16 -26.12
N ALA GA 78 -58.43 51.15 -25.40
CA ALA GA 78 -57.66 51.85 -24.37
C ALA GA 78 -57.88 51.10 -23.06
N ARG GA 79 -57.01 50.14 -22.79
CA ARG GA 79 -57.22 49.25 -21.66
C ARG GA 79 -56.80 49.89 -20.35
N PHE GA 80 -55.72 50.67 -20.36
CA PHE GA 80 -55.13 51.21 -19.14
C PHE GA 80 -55.17 52.73 -19.21
N ARG GA 81 -56.03 53.33 -18.39
CA ARG GA 81 -56.24 54.77 -18.42
C ARG GA 81 -55.33 55.54 -17.48
N ASN GA 82 -54.52 54.85 -16.67
CA ASN GA 82 -53.76 55.55 -15.64
C ASN GA 82 -52.42 54.83 -15.48
N ILE GA 83 -51.41 55.29 -16.23
CA ILE GA 83 -50.04 54.82 -16.12
C ILE GA 83 -49.12 56.02 -16.22
N SER GA 84 -47.89 55.84 -15.77
CA SER GA 84 -46.87 56.87 -15.85
C SER GA 84 -45.84 56.46 -16.90
N ARG GA 85 -45.56 57.36 -17.84
CA ARG GA 85 -44.67 57.08 -18.94
C ARG GA 85 -43.41 57.93 -18.88
N ILE GA 86 -43.15 58.58 -17.75
CA ILE GA 86 -41.97 59.42 -17.57
C ILE GA 86 -41.25 58.95 -16.31
N MET GA 87 -39.96 58.64 -16.46
CA MET GA 87 -39.14 58.16 -15.35
C MET GA 87 -38.18 59.25 -14.91
N ARG GA 88 -38.14 59.50 -13.60
CA ARG GA 88 -37.23 60.49 -13.03
C ARG GA 88 -35.93 59.80 -12.66
N VAL GA 89 -34.89 60.03 -13.46
CA VAL GA 89 -33.55 59.57 -13.13
C VAL GA 89 -33.02 60.63 -12.15
N ASN GA 90 -31.92 60.31 -11.45
CA ASN GA 90 -31.56 60.81 -10.11
C ASN GA 90 -31.76 62.30 -9.80
N ASN GA 91 -31.00 63.20 -10.43
CA ASN GA 91 -31.18 64.63 -10.15
C ASN GA 91 -31.08 65.53 -11.36
N SER GA 92 -30.54 65.08 -12.48
CA SER GA 92 -30.30 65.97 -13.60
C SER GA 92 -30.92 65.46 -14.90
N THR GA 93 -30.83 64.17 -15.16
CA THR GA 93 -31.37 63.58 -16.38
C THR GA 93 -32.72 62.94 -16.10
N MET GA 94 -33.43 62.62 -17.17
CA MET GA 94 -34.86 62.33 -17.11
C MET GA 94 -35.28 61.67 -18.40
N LEU GA 95 -36.18 60.69 -18.31
CA LEU GA 95 -36.50 59.82 -19.43
C LEU GA 95 -38.00 59.68 -19.63
N GLY GA 96 -38.42 59.88 -20.87
CA GLY GA 96 -39.75 59.50 -21.30
C GLY GA 96 -39.65 58.65 -22.55
N ALA GA 97 -40.63 57.77 -22.72
CA ALA GA 97 -40.53 56.76 -23.77
C ALA GA 97 -41.87 56.53 -24.44
N SER GA 98 -41.79 55.94 -25.63
CA SER GA 98 -42.96 55.49 -26.36
C SER GA 98 -42.79 54.02 -26.71
N GLY GA 99 -43.67 53.48 -27.56
CA GLY GA 99 -43.56 52.09 -27.94
C GLY GA 99 -44.13 51.16 -26.88
N ASP GA 100 -43.59 49.95 -26.82
CA ASP GA 100 -44.10 48.91 -25.93
C ASP GA 100 -43.80 49.27 -24.48
N TYR GA 101 -44.81 49.09 -23.63
CA TYR GA 101 -44.71 49.48 -22.23
C TYR GA 101 -44.11 48.39 -21.36
N ALA GA 102 -44.25 47.12 -21.75
CA ALA GA 102 -43.60 46.05 -21.01
C ALA GA 102 -42.09 46.10 -21.18
N ASP GA 103 -41.62 46.55 -22.34
CA ASP GA 103 -40.19 46.77 -22.51
C ASP GA 103 -39.72 47.99 -21.72
N PHE GA 104 -40.62 48.96 -21.50
CA PHE GA 104 -40.23 50.14 -20.74
C PHE GA 104 -40.07 49.84 -19.26
N GLN GA 105 -40.87 48.92 -18.71
CA GLN GA 105 -40.68 48.48 -17.34
C GLN GA 105 -39.37 47.71 -17.16
N TYR GA 106 -38.86 47.09 -18.22
CA TYR GA 106 -37.56 46.44 -18.15
C TYR GA 106 -36.44 47.45 -18.06
N LEU GA 107 -36.50 48.50 -18.88
CA LEU GA 107 -35.46 49.53 -18.83
C LEU GA 107 -35.60 50.40 -17.59
N LYS GA 108 -36.82 50.52 -17.06
CA LYS GA 108 -37.00 51.18 -15.77
C LYS GA 108 -36.35 50.37 -14.65
N GLN GA 109 -36.31 49.05 -14.80
CA GLN GA 109 -35.69 48.18 -13.81
C GLN GA 109 -34.17 48.24 -13.88
N VAL GA 110 -33.60 48.30 -15.08
CA VAL GA 110 -32.15 48.26 -15.24
C VAL GA 110 -31.51 49.61 -14.94
N LEU GA 111 -32.07 50.69 -15.51
CA LEU GA 111 -31.58 52.04 -15.22
C LEU GA 111 -31.74 52.42 -13.77
N GLY GA 112 -32.79 51.91 -13.10
CA GLY GA 112 -32.94 52.16 -11.69
C GLY GA 112 -31.86 51.50 -10.85
N GLN GA 113 -31.33 50.38 -11.33
CA GLN GA 113 -30.29 49.67 -10.58
C GLN GA 113 -28.93 50.35 -10.73
N MET GA 114 -28.61 50.84 -11.93
CA MET GA 114 -27.28 51.38 -12.21
C MET GA 114 -27.05 52.70 -11.48
N VAL GA 115 -28.12 53.48 -11.27
CA VAL GA 115 -27.98 54.74 -10.54
C VAL GA 115 -27.72 54.47 -9.07
N ILE GA 116 -28.37 53.46 -8.51
CA ILE GA 116 -28.14 53.06 -7.13
C ILE GA 116 -26.72 52.52 -6.97
N ASP GA 117 -26.23 51.78 -7.97
CA ASP GA 117 -24.91 51.16 -7.90
C ASP GA 117 -23.77 52.17 -7.89
N GLU GA 118 -23.99 53.39 -8.41
CA GLU GA 118 -22.94 54.40 -8.31
C GLU GA 118 -23.05 55.24 -7.05
N GLU GA 119 -24.28 55.52 -6.59
CA GLU GA 119 -24.47 56.33 -5.40
C GLU GA 119 -23.98 55.64 -4.13
N LEU GA 120 -23.93 54.30 -4.12
CA LEU GA 120 -23.42 53.61 -2.95
C LEU GA 120 -21.90 53.66 -2.86
N LEU GA 121 -21.23 53.98 -3.97
CA LEU GA 121 -19.79 54.20 -3.92
C LEU GA 121 -19.47 55.51 -3.21
N GLY GA 122 -20.22 56.57 -3.53
CA GLY GA 122 -20.02 57.84 -2.87
C GLY GA 122 -18.73 58.55 -3.23
N ASP GA 123 -18.21 58.33 -4.43
CA ASP GA 123 -16.97 58.93 -4.87
C ASP GA 123 -17.15 60.30 -5.51
N GLY GA 124 -18.29 60.94 -5.33
CA GLY GA 124 -18.51 62.26 -5.87
C GLY GA 124 -18.74 62.32 -7.35
N HIS GA 125 -19.19 61.22 -7.96
CA HIS GA 125 -19.46 61.17 -9.38
C HIS GA 125 -20.87 60.68 -9.64
N SER GA 126 -21.40 61.03 -10.81
CA SER GA 126 -22.72 60.62 -11.22
C SER GA 126 -22.74 60.50 -12.74
N TYR GA 127 -23.80 59.89 -13.26
CA TYR GA 127 -23.95 59.80 -14.70
C TYR GA 127 -24.41 61.14 -15.26
N SER GA 128 -23.70 61.63 -16.27
CA SER GA 128 -24.15 62.78 -17.01
C SER GA 128 -25.33 62.39 -17.88
N PRO GA 129 -26.17 63.35 -18.29
CA PRO GA 129 -27.25 63.03 -19.24
C PRO GA 129 -26.75 62.55 -20.59
N ARG GA 130 -25.54 62.96 -21.00
CA ARG GA 130 -24.96 62.43 -22.22
C ARG GA 130 -24.46 61.00 -22.07
N ALA GA 131 -24.05 60.61 -20.87
CA ALA GA 131 -23.57 59.25 -20.65
C ALA GA 131 -24.72 58.24 -20.65
N ILE GA 132 -25.89 58.66 -20.17
CA ILE GA 132 -27.08 57.81 -20.27
C ILE GA 132 -27.48 57.65 -21.74
N HIS GA 133 -27.36 58.73 -22.51
CA HIS GA 133 -27.66 58.68 -23.93
C HIS GA 133 -26.66 57.80 -24.69
N SER GA 134 -25.43 57.70 -24.20
CA SER GA 134 -24.45 56.83 -24.83
C SER GA 134 -24.71 55.36 -24.49
N TRP GA 135 -25.03 55.07 -23.23
CA TRP GA 135 -25.26 53.70 -22.82
C TRP GA 135 -26.52 53.13 -23.44
N LEU GA 136 -27.56 53.95 -23.56
CA LEU GA 136 -28.85 53.48 -24.04
C LEU GA 136 -28.81 53.17 -25.52
N THR GA 137 -27.97 53.89 -26.27
CA THR GA 137 -27.83 53.61 -27.70
C THR GA 137 -27.13 52.27 -27.93
N ARG GA 138 -26.09 51.99 -27.16
CA ARG GA 138 -25.39 50.71 -27.29
C ARG GA 138 -26.24 49.55 -26.81
N ALA GA 139 -27.17 49.81 -25.89
CA ALA GA 139 -28.09 48.76 -25.47
C ALA GA 139 -29.09 48.43 -26.57
N MET GA 140 -29.55 49.44 -27.30
CA MET GA 140 -30.52 49.20 -28.35
C MET GA 140 -29.88 48.61 -29.61
N TYR GA 141 -28.65 49.02 -29.91
CA TYR GA 141 -27.99 48.49 -31.11
C TYR GA 141 -27.58 47.05 -30.93
N SER GA 142 -27.11 46.68 -29.73
CA SER GA 142 -26.75 45.30 -29.47
C SER GA 142 -27.96 44.40 -29.40
N ARG GA 143 -29.15 44.98 -29.12
CA ARG GA 143 -30.35 44.17 -29.03
C ARG GA 143 -30.93 43.86 -30.40
N ARG GA 144 -30.87 44.81 -31.34
CA ARG GA 144 -31.37 44.56 -32.69
C ARG GA 144 -30.44 43.67 -33.50
N SER GA 145 -29.17 43.56 -33.11
CA SER GA 145 -28.24 42.71 -33.85
C SER GA 145 -28.54 41.23 -33.64
N LYS GA 146 -29.19 40.88 -32.54
CA LYS GA 146 -29.65 39.53 -32.28
C LYS GA 146 -31.03 39.26 -32.88
N MET GA 147 -31.57 40.22 -33.63
CA MET GA 147 -32.89 40.15 -34.28
C MET GA 147 -34.01 39.91 -33.27
N ASN GA 148 -33.88 40.55 -32.10
CA ASN GA 148 -34.89 40.46 -31.05
C ASN GA 148 -34.99 41.81 -30.35
N PRO GA 149 -35.50 42.82 -31.04
CA PRO GA 149 -35.32 44.21 -30.58
C PRO GA 149 -36.26 44.58 -29.45
N LEU GA 150 -36.05 45.77 -28.91
CA LEU GA 150 -36.93 46.38 -27.92
C LEU GA 150 -37.80 47.42 -28.62
N TRP GA 151 -39.12 47.23 -28.58
CA TRP GA 151 -40.05 48.13 -29.28
C TRP GA 151 -40.25 49.39 -28.45
N ASN GA 152 -39.30 50.32 -28.59
CA ASN GA 152 -39.38 51.58 -27.87
C ASN GA 152 -38.89 52.72 -28.75
N THR GA 153 -39.20 53.93 -28.29
CA THR GA 153 -38.66 55.16 -28.87
C THR GA 153 -38.54 56.14 -27.72
N MET GA 154 -37.32 56.55 -27.40
CA MET GA 154 -37.04 57.16 -26.11
C MET GA 154 -36.45 58.56 -26.27
N VAL GA 155 -36.84 59.45 -25.36
CA VAL GA 155 -36.39 60.83 -25.35
C VAL GA 155 -35.75 61.10 -23.99
N ILE GA 156 -34.50 61.55 -24.00
CA ILE GA 156 -33.74 61.81 -22.79
C ILE GA 156 -33.56 63.32 -22.64
N GLY GA 157 -34.04 63.86 -21.56
CA GLY GA 157 -33.84 65.27 -21.23
C GLY GA 157 -32.98 65.40 -19.98
N GLY GA 158 -32.02 66.31 -20.04
CA GLY GA 158 -31.10 66.48 -18.93
C GLY GA 158 -30.55 67.88 -18.87
N TYR GA 159 -30.10 68.25 -17.68
CA TYR GA 159 -29.51 69.56 -17.44
C TYR GA 159 -28.36 69.41 -16.47
N ALA GA 160 -27.14 69.59 -16.95
CA ALA GA 160 -25.95 69.48 -16.11
C ALA GA 160 -24.91 70.50 -16.55
N ASP GA 161 -24.16 71.01 -15.57
CA ASP GA 161 -23.08 71.98 -15.77
C ASP GA 161 -23.55 73.25 -16.47
N GLY GA 162 -24.77 73.68 -16.13
CA GLY GA 162 -25.35 74.85 -16.77
C GLY GA 162 -25.73 74.65 -18.23
N GLU GA 163 -25.82 73.41 -18.69
CA GLU GA 163 -26.10 73.12 -20.09
C GLU GA 163 -27.29 72.18 -20.20
N SER GA 164 -28.21 72.51 -21.09
CA SER GA 164 -29.34 71.64 -21.34
C SER GA 164 -28.93 70.49 -22.25
N PHE GA 165 -29.75 69.44 -22.26
CA PHE GA 165 -29.49 68.28 -23.09
C PHE GA 165 -30.81 67.65 -23.49
N LEU GA 166 -30.90 67.25 -24.75
CA LEU GA 166 -32.13 66.66 -25.28
C LEU GA 166 -31.73 65.65 -26.34
N GLY GA 167 -31.91 64.37 -26.04
CA GLY GA 167 -31.42 63.31 -26.91
C GLY GA 167 -32.53 62.38 -27.34
N TYR GA 168 -32.36 61.81 -28.53
CA TYR GA 168 -33.32 60.90 -29.15
C TYR GA 168 -32.70 59.52 -29.26
N VAL GA 169 -33.49 58.49 -29.01
CA VAL GA 169 -33.07 57.11 -29.14
C VAL GA 169 -34.13 56.34 -29.92
N ASP GA 170 -33.74 55.72 -31.02
CA ASP GA 170 -34.64 54.94 -31.85
C ASP GA 170 -34.55 53.47 -31.46
N MET GA 171 -35.51 52.69 -31.94
CA MET GA 171 -35.46 51.23 -31.82
C MET GA 171 -34.26 50.67 -32.58
N LEU GA 172 -33.95 51.22 -33.75
CA LEU GA 172 -32.88 50.72 -34.60
C LEU GA 172 -31.52 51.30 -34.24
N GLY GA 173 -31.38 51.95 -33.09
CA GLY GA 173 -30.10 52.49 -32.68
C GLY GA 173 -29.73 53.81 -33.33
N VAL GA 174 -30.71 54.54 -33.85
CA VAL GA 174 -30.45 55.84 -34.46
C VAL GA 174 -30.59 56.90 -33.38
N ALA GA 175 -29.53 57.68 -33.16
CA ALA GA 175 -29.50 58.64 -32.08
C ALA GA 175 -28.91 59.95 -32.57
N TYR GA 176 -29.45 61.05 -32.05
CA TYR GA 176 -28.96 62.39 -32.37
C TYR GA 176 -29.39 63.34 -31.25
N GLU GA 177 -29.01 64.60 -31.41
CA GLU GA 177 -29.42 65.67 -30.51
C GLU GA 177 -30.19 66.73 -31.29
N ALA GA 178 -31.07 67.43 -30.59
CA ALA GA 178 -31.94 68.41 -31.23
C ALA GA 178 -32.42 69.39 -30.17
N PRO GA 179 -32.72 70.64 -30.55
CA PRO GA 179 -33.36 71.55 -29.60
C PRO GA 179 -34.83 71.25 -29.34
N SER GA 180 -35.46 70.42 -30.16
CA SER GA 180 -36.84 70.00 -29.95
C SER GA 180 -37.03 68.62 -30.55
N LEU GA 181 -37.77 67.78 -29.84
CA LEU GA 181 -38.01 66.41 -30.27
C LEU GA 181 -39.49 66.07 -30.19
N ALA GA 182 -39.88 65.13 -31.03
CA ALA GA 182 -41.24 64.63 -31.08
C ALA GA 182 -41.23 63.25 -31.70
N THR GA 183 -41.98 62.32 -31.09
CA THR GA 183 -42.01 60.94 -31.52
C THR GA 183 -43.39 60.60 -32.09
N GLY GA 184 -43.43 59.49 -32.82
CA GLY GA 184 -44.71 58.96 -33.30
C GLY GA 184 -45.36 59.86 -34.32
N TYR GA 185 -46.65 60.11 -34.13
CA TYR GA 185 -47.35 61.08 -34.97
C TYR GA 185 -47.02 62.51 -34.60
N GLY GA 186 -46.45 62.74 -33.41
CA GLY GA 186 -46.03 64.07 -33.03
C GLY GA 186 -44.91 64.63 -33.88
N ALA GA 187 -44.11 63.77 -34.51
CA ALA GA 187 -43.11 64.22 -35.46
C ALA GA 187 -43.72 64.75 -36.74
N TYR GA 188 -44.98 64.42 -37.03
CA TYR GA 188 -45.69 64.99 -38.16
C TYR GA 188 -46.53 66.19 -37.79
N LEU GA 189 -46.93 66.31 -36.52
CA LEU GA 189 -47.93 67.27 -36.10
C LEU GA 189 -47.38 68.38 -35.22
N ALA GA 190 -46.78 68.03 -34.08
CA ALA GA 190 -46.26 69.04 -33.19
C ALA GA 190 -44.89 69.55 -33.62
N GLN GA 191 -44.14 68.71 -34.34
CA GLN GA 191 -42.81 69.10 -34.80
C GLN GA 191 -42.77 70.31 -35.75
N PRO GA 192 -43.71 70.53 -36.69
CA PRO GA 192 -43.69 71.82 -37.39
C PRO GA 192 -44.01 73.02 -36.52
N LEU GA 193 -44.78 72.84 -35.45
CA LEU GA 193 -45.01 73.94 -34.52
C LEU GA 193 -43.78 74.22 -33.67
N LEU GA 194 -42.96 73.21 -33.42
CA LEU GA 194 -41.74 73.41 -32.63
C LEU GA 194 -40.71 74.19 -33.42
N ARG GA 195 -40.45 73.77 -34.66
CA ARG GA 195 -39.39 74.39 -35.46
C ARG GA 195 -39.77 75.78 -35.96
N GLU GA 196 -41.06 76.11 -35.99
CA GLU GA 196 -41.48 77.42 -36.44
C GLU GA 196 -41.09 78.50 -35.43
N VAL GA 197 -41.27 78.22 -34.14
CA VAL GA 197 -40.98 79.21 -33.13
C VAL GA 197 -39.48 79.31 -32.88
N LEU GA 198 -38.78 78.18 -32.93
CA LEU GA 198 -37.35 78.17 -32.63
C LEU GA 198 -36.50 78.80 -33.73
N GLU GA 199 -37.03 78.97 -34.93
CA GLU GA 199 -36.31 79.69 -35.96
C GLU GA 199 -36.58 81.19 -35.90
N LYS GA 200 -37.80 81.59 -35.54
CA LYS GA 200 -38.09 83.01 -35.33
C LYS GA 200 -37.54 83.52 -34.01
N GLN GA 201 -37.26 82.63 -33.07
CA GLN GA 201 -36.69 83.00 -31.78
C GLN GA 201 -35.89 81.83 -31.24
N PRO GA 202 -34.57 81.91 -31.21
CA PRO GA 202 -33.76 80.72 -30.91
C PRO GA 202 -33.79 80.30 -29.45
N VAL GA 203 -33.91 81.23 -28.52
CA VAL GA 203 -33.94 80.90 -27.09
C VAL GA 203 -35.32 81.20 -26.54
N LEU GA 204 -35.70 80.46 -25.50
CA LEU GA 204 -37.00 80.60 -24.89
C LEU GA 204 -36.87 80.59 -23.38
N SER GA 205 -37.80 81.27 -22.71
CA SER GA 205 -37.88 81.21 -21.26
C SER GA 205 -38.67 79.98 -20.84
N GLN GA 206 -38.86 79.82 -19.53
CA GLN GA 206 -39.59 78.66 -19.03
C GLN GA 206 -41.09 78.79 -19.27
N THR GA 207 -41.63 80.00 -19.07
CA THR GA 207 -43.06 80.20 -19.26
C THR GA 207 -43.44 80.19 -20.74
N GLU GA 208 -42.53 80.63 -21.60
CA GLU GA 208 -42.79 80.55 -23.04
C GLU GA 208 -42.74 79.11 -23.53
N ALA GA 209 -41.86 78.30 -22.95
CA ALA GA 209 -41.74 76.90 -23.36
C ALA GA 209 -42.90 76.07 -22.85
N ARG GA 210 -43.31 76.29 -21.59
CA ARG GA 210 -44.37 75.49 -21.01
C ARG GA 210 -45.72 75.79 -21.63
N ASP GA 211 -45.95 77.05 -22.02
CA ASP GA 211 -47.18 77.40 -22.71
C ASP GA 211 -47.21 76.81 -24.11
N LEU GA 212 -46.04 76.65 -24.74
CA LEU GA 212 -45.99 76.13 -26.10
C LEU GA 212 -46.24 74.63 -26.14
N VAL GA 213 -45.90 73.92 -25.08
CA VAL GA 213 -46.13 72.47 -25.04
C VAL GA 213 -47.62 72.18 -24.90
N GLU GA 214 -48.32 72.96 -24.07
CA GLU GA 214 -49.76 72.79 -23.88
C GLU GA 214 -50.55 73.10 -25.14
N ARG GA 215 -50.01 73.95 -26.02
CA ARG GA 215 -50.63 74.16 -27.31
C ARG GA 215 -50.46 72.94 -28.21
N CYS GA 216 -49.26 72.33 -28.20
CA CYS GA 216 -49.02 71.15 -29.02
C CYS GA 216 -49.72 69.92 -28.45
N MET GA 217 -49.80 69.80 -27.13
CA MET GA 217 -50.56 68.70 -26.53
C MET GA 217 -52.05 68.86 -26.74
N ARG GA 218 -52.52 70.10 -26.94
CA ARG GA 218 -53.91 70.31 -27.29
C ARG GA 218 -54.20 69.80 -28.70
N VAL GA 219 -53.25 70.01 -29.61
CA VAL GA 219 -53.43 69.66 -31.02
C VAL GA 219 -53.51 68.14 -31.18
N LEU GA 220 -52.63 67.40 -30.52
CA LEU GA 220 -52.59 65.94 -30.63
C LEU GA 220 -53.86 65.28 -30.09
N TYR GA 221 -54.60 65.95 -29.21
CA TYR GA 221 -55.89 65.43 -28.80
C TYR GA 221 -56.92 65.46 -29.92
N TYR GA 222 -56.80 66.39 -30.87
CA TYR GA 222 -57.80 66.51 -31.91
C TYR GA 222 -57.67 65.43 -32.98
N ARG GA 223 -56.46 65.05 -33.37
CA ARG GA 223 -56.32 64.22 -34.55
C ARG GA 223 -55.49 62.95 -34.37
N ASP GA 224 -55.00 62.65 -33.18
CA ASP GA 224 -54.38 61.35 -32.95
C ASP GA 224 -55.42 60.43 -32.34
N ALA GA 225 -55.59 59.26 -32.95
CA ALA GA 225 -56.60 58.32 -32.48
C ALA GA 225 -56.22 57.61 -31.20
N ARG GA 226 -54.97 57.73 -30.75
CA ARG GA 226 -54.51 57.10 -29.52
C ARG GA 226 -54.16 58.13 -28.46
N SER GA 227 -54.74 59.32 -28.54
CA SER GA 227 -54.48 60.37 -27.57
C SER GA 227 -55.34 60.16 -26.34
N TYR GA 228 -55.15 61.02 -25.34
CA TYR GA 228 -55.80 60.87 -24.04
C TYR GA 228 -55.78 62.22 -23.35
N ASN GA 229 -56.94 62.63 -22.82
CA ASN GA 229 -57.10 64.00 -22.31
C ASN GA 229 -56.71 64.09 -20.83
N ARG GA 230 -55.54 63.55 -20.50
CA ARG GA 230 -55.00 63.61 -19.14
C ARG GA 230 -53.51 63.30 -19.27
N PHE GA 231 -52.68 64.30 -19.04
CA PHE GA 231 -51.24 64.15 -19.28
C PHE GA 231 -50.48 64.77 -18.12
N GLN GA 232 -49.17 64.56 -18.12
CA GLN GA 232 -48.31 65.10 -17.07
C GLN GA 232 -47.08 65.72 -17.70
N ILE GA 233 -46.54 66.73 -17.03
CA ILE GA 233 -45.45 67.55 -17.54
C ILE GA 233 -44.28 67.42 -16.58
N ALA GA 234 -43.12 67.06 -17.10
CA ALA GA 234 -41.90 66.91 -16.32
C ALA GA 234 -40.87 67.93 -16.79
N THR GA 235 -40.10 68.46 -15.84
CA THR GA 235 -39.19 69.57 -16.11
C THR GA 235 -37.96 69.45 -15.24
N VAL GA 236 -36.78 69.53 -15.86
CA VAL GA 236 -35.51 69.60 -15.13
C VAL GA 236 -35.06 71.04 -15.08
N THR GA 237 -34.44 71.42 -13.97
CA THR GA 237 -33.84 72.74 -13.78
C THR GA 237 -32.51 72.52 -13.09
N GLU GA 238 -31.93 73.60 -12.55
CA GLU GA 238 -30.83 73.44 -11.62
C GLU GA 238 -31.30 72.97 -10.26
N LYS GA 239 -32.58 73.09 -9.95
CA LYS GA 239 -33.13 72.63 -8.69
C LYS GA 239 -33.40 71.13 -8.67
N GLY GA 240 -33.51 70.49 -9.83
CA GLY GA 240 -33.70 69.06 -9.91
C GLY GA 240 -34.89 68.71 -10.79
N VAL GA 241 -35.25 67.43 -10.75
CA VAL GA 241 -36.33 66.90 -11.57
C VAL GA 241 -37.66 67.15 -10.87
N GLU GA 242 -38.62 67.69 -11.60
CA GLU GA 242 -39.94 67.96 -11.06
C GLU GA 242 -41.00 67.52 -12.06
N ILE GA 243 -41.98 66.76 -11.58
CA ILE GA 243 -43.03 66.18 -12.42
C ILE GA 243 -44.36 66.72 -11.94
N GLU GA 244 -45.11 67.36 -12.84
CA GLU GA 244 -46.42 67.90 -12.50
C GLU GA 244 -47.48 66.81 -12.59
N GLY GA 245 -48.66 67.12 -12.06
CA GLY GA 245 -49.72 66.15 -11.92
C GLY GA 245 -50.49 65.88 -13.21
N PRO GA 246 -51.60 65.17 -13.09
CA PRO GA 246 -52.39 64.83 -14.29
C PRO GA 246 -53.18 66.00 -14.84
N LEU GA 247 -52.52 66.83 -15.64
CA LEU GA 247 -53.18 68.00 -16.20
C LEU GA 247 -54.08 67.60 -17.37
N SER GA 248 -54.98 68.51 -17.73
CA SER GA 248 -55.93 68.29 -18.81
C SER GA 248 -55.84 69.44 -19.80
N THR GA 249 -56.59 69.32 -20.89
CA THR GA 249 -56.59 70.30 -21.97
C THR GA 249 -57.87 71.12 -21.94
N GLU GA 250 -57.97 72.04 -22.89
CA GLU GA 250 -59.16 72.86 -23.10
C GLU GA 250 -59.48 72.86 -24.58
N THR GA 251 -60.60 72.27 -24.95
CA THR GA 251 -60.93 72.01 -26.34
C THR GA 251 -61.92 73.04 -26.86
N ASN GA 252 -62.02 73.12 -28.18
CA ASN GA 252 -62.98 73.97 -28.86
C ASN GA 252 -63.77 73.13 -29.84
N TRP GA 253 -65.09 73.32 -29.86
CA TRP GA 253 -65.96 72.56 -30.76
C TRP GA 253 -66.99 73.48 -31.41
N ASP GA 254 -66.62 74.73 -31.68
CA ASP GA 254 -67.55 75.68 -32.28
C ASP GA 254 -67.79 75.42 -33.76
N ILE GA 255 -66.94 74.64 -34.42
CA ILE GA 255 -67.17 74.30 -35.82
C ILE GA 255 -68.17 73.17 -35.99
N ALA GA 256 -68.64 72.58 -34.90
CA ALA GA 256 -69.66 71.54 -34.99
C ALA GA 256 -71.03 72.12 -35.35
N HIS GA 257 -71.27 73.39 -35.01
CA HIS GA 257 -72.53 74.03 -35.35
C HIS GA 257 -72.60 74.40 -36.83
N MET GA 258 -71.47 74.43 -37.52
CA MET GA 258 -71.49 74.56 -38.96
C MET GA 258 -71.93 73.25 -39.60
N ILE GA 259 -72.27 73.33 -40.88
CA ILE GA 259 -72.69 72.14 -41.60
C ILE GA 259 -71.48 71.32 -42.03
N SER HA 4 -101.52 69.65 -101.36
CA SER HA 4 -101.64 68.46 -102.20
C SER HA 4 -101.21 67.22 -101.42
N SER HA 5 -101.61 66.05 -101.92
CA SER HA 5 -101.25 64.75 -101.32
C SER HA 5 -100.20 64.10 -102.20
N ALA HA 6 -98.93 64.32 -101.87
CA ALA HA 6 -97.80 63.83 -102.65
C ALA HA 6 -97.10 62.71 -101.89
N GLY HA 7 -96.96 61.56 -102.53
CA GLY HA 7 -96.31 60.41 -101.92
C GLY HA 7 -97.11 59.81 -100.78
N PHE HA 8 -96.65 60.00 -99.55
CA PHE HA 8 -97.35 59.58 -98.36
C PHE HA 8 -97.31 60.67 -97.30
N ASP HA 9 -97.47 61.92 -97.73
CA ASP HA 9 -97.42 63.05 -96.81
C ASP HA 9 -98.64 63.12 -95.90
N ARG HA 10 -99.79 62.64 -96.37
CA ARG HA 10 -100.99 62.61 -95.57
C ARG HA 10 -101.00 61.46 -94.56
N HIS HA 11 -100.04 60.54 -94.61
CA HIS HA 11 -100.03 59.37 -93.77
C HIS HA 11 -98.90 59.36 -92.75
N ILE HA 12 -97.68 59.71 -93.16
CA ILE HA 12 -96.54 59.66 -92.26
C ILE HA 12 -95.89 61.04 -92.16
N THR HA 13 -94.82 61.13 -91.37
CA THR HA 13 -94.18 62.41 -91.07
C THR HA 13 -93.05 62.67 -92.07
N ILE HA 14 -93.45 63.11 -93.26
CA ILE HA 14 -92.52 63.58 -94.29
C ILE HA 14 -92.99 64.94 -94.75
N PHE HA 15 -92.14 65.60 -95.54
CA PHE HA 15 -92.49 66.91 -96.07
C PHE HA 15 -93.43 66.78 -97.26
N SER HA 16 -94.39 67.68 -97.31
CA SER HA 16 -95.27 67.84 -98.45
C SER HA 16 -94.64 68.88 -99.36
N PRO HA 17 -95.21 69.18 -100.54
CA PRO HA 17 -94.90 70.46 -101.17
C PRO HA 17 -95.34 71.63 -100.31
N GLU HA 18 -94.71 72.78 -100.57
CA GLU HA 18 -94.82 74.02 -99.79
C GLU HA 18 -94.36 73.85 -98.35
N GLY HA 19 -93.49 72.87 -98.08
CA GLY HA 19 -92.85 72.72 -96.79
C GLY HA 19 -93.73 72.28 -95.64
N ARG HA 20 -95.00 71.98 -95.88
CA ARG HA 20 -95.88 71.59 -94.81
C ARG HA 20 -95.68 70.13 -94.43
N LEU HA 21 -96.35 69.73 -93.35
CA LEU HA 21 -96.38 68.36 -92.88
C LEU HA 21 -97.62 68.20 -92.01
N TYR HA 22 -98.43 67.20 -92.31
CA TYR HA 22 -99.80 67.20 -91.82
C TYR HA 22 -100.03 66.32 -90.59
N GLN HA 23 -99.17 65.32 -90.36
CA GLN HA 23 -99.40 64.40 -89.26
C GLN HA 23 -99.13 65.00 -87.89
N VAL HA 24 -98.52 66.18 -87.81
CA VAL HA 24 -98.36 66.88 -86.55
C VAL HA 24 -99.42 67.95 -86.35
N GLU HA 25 -99.79 68.66 -87.41
CA GLU HA 25 -100.90 69.60 -87.27
C GLU HA 25 -102.27 68.93 -87.32
N TYR HA 26 -102.33 67.61 -87.52
CA TYR HA 26 -103.52 66.87 -87.16
C TYR HA 26 -103.59 66.63 -85.66
N ALA HA 27 -102.43 66.58 -85.00
CA ALA HA 27 -102.39 66.38 -83.56
C ALA HA 27 -102.74 67.65 -82.79
N PHE HA 28 -102.74 68.80 -83.44
CA PHE HA 28 -103.07 70.03 -82.75
C PHE HA 28 -104.56 70.09 -82.41
N LYS HA 29 -105.41 69.47 -83.23
CA LYS HA 29 -106.81 69.29 -82.89
C LYS HA 29 -107.11 67.86 -82.45
N ALA HA 30 -106.08 67.11 -82.08
CA ALA HA 30 -106.29 65.90 -81.30
C ALA HA 30 -106.56 66.23 -79.83
N ILE HA 31 -106.20 67.44 -79.40
CA ILE HA 31 -106.59 67.92 -78.08
C ILE HA 31 -108.10 68.13 -78.01
N ASN HA 32 -108.70 68.62 -79.10
CA ASN HA 32 -110.06 69.15 -79.08
C ASN HA 32 -111.15 68.09 -78.93
N GLN HA 33 -110.83 66.80 -78.92
CA GLN HA 33 -111.82 65.78 -78.61
C GLN HA 33 -111.97 65.54 -77.12
N GLY HA 34 -111.30 66.31 -76.28
CA GLY HA 34 -111.47 66.15 -74.86
C GLY HA 34 -112.73 66.80 -74.31
N GLY HA 35 -113.19 67.86 -74.95
CA GLY HA 35 -114.30 68.64 -74.43
C GLY HA 35 -113.93 69.34 -73.16
N LEU HA 36 -112.82 70.07 -73.18
CA LEU HA 36 -112.21 70.57 -71.96
C LEU HA 36 -111.52 71.89 -72.29
N THR HA 37 -111.31 72.70 -71.26
CA THR HA 37 -110.63 73.97 -71.39
C THR HA 37 -109.89 74.27 -70.08
N SER HA 38 -108.62 74.64 -70.19
CA SER HA 38 -107.80 74.93 -69.02
C SER HA 38 -107.22 76.33 -69.14
N VAL HA 39 -107.19 77.03 -68.01
CA VAL HA 39 -106.75 78.43 -67.94
C VAL HA 39 -105.68 78.56 -66.87
N ALA HA 40 -104.54 79.16 -67.22
CA ALA HA 40 -103.48 79.49 -66.28
C ALA HA 40 -103.21 80.98 -66.31
N VAL HA 41 -103.04 81.59 -65.14
CA VAL HA 41 -102.85 83.03 -65.00
C VAL HA 41 -101.67 83.28 -64.08
N ARG HA 42 -100.70 84.07 -64.54
CA ARG HA 42 -99.61 84.59 -63.71
C ARG HA 42 -99.78 86.10 -63.61
N GLY HA 43 -99.91 86.62 -62.39
CA GLY HA 43 -100.02 88.05 -62.23
C GLY HA 43 -99.13 88.68 -61.17
N LYS HA 44 -98.62 87.86 -60.25
CA LYS HA 44 -98.16 88.35 -58.96
C LYS HA 44 -97.00 87.52 -58.48
N ASP HA 45 -96.80 87.46 -57.16
CA ASP HA 45 -95.93 86.47 -56.54
C ASP HA 45 -96.60 85.09 -56.41
N CYS HA 46 -97.66 84.83 -57.17
CA CYS HA 46 -98.40 83.58 -57.16
C CYS HA 46 -98.63 83.10 -58.59
N ALA HA 47 -99.25 81.94 -58.72
CA ALA HA 47 -99.63 81.38 -60.02
C ALA HA 47 -100.80 80.44 -59.82
N VAL HA 48 -101.79 80.52 -60.72
CA VAL HA 48 -103.07 79.84 -60.55
C VAL HA 48 -103.38 79.01 -61.79
N ILE HA 49 -103.70 77.73 -61.59
CA ILE HA 49 -104.31 76.88 -62.59
C ILE HA 49 -105.79 76.79 -62.27
N VAL HA 50 -106.65 76.81 -63.30
CA VAL HA 50 -108.06 76.51 -63.13
C VAL HA 50 -108.52 75.69 -64.34
N THR HA 51 -109.26 74.61 -64.06
CA THR HA 51 -109.69 73.65 -65.06
C THR HA 51 -110.95 72.97 -64.53
N GLN HA 52 -111.93 72.76 -65.41
CA GLN HA 52 -113.17 72.13 -64.97
C GLN HA 52 -113.06 70.61 -65.02
N LYS HA 53 -113.94 69.94 -64.27
CA LYS HA 53 -114.19 68.53 -64.42
C LYS HA 53 -115.54 68.32 -65.07
N LYS HA 54 -115.69 67.16 -65.72
CA LYS HA 54 -116.93 66.81 -66.40
C LYS HA 54 -117.33 65.42 -65.94
N VAL HA 55 -118.28 65.36 -65.00
CA VAL HA 55 -118.74 64.09 -64.44
C VAL HA 55 -120.12 63.79 -64.99
N PRO HA 56 -120.25 62.84 -65.92
CA PRO HA 56 -121.55 62.52 -66.51
C PRO HA 56 -122.31 61.39 -65.81
N ASP HA 57 -121.73 60.76 -64.79
CA ASP HA 57 -122.31 59.57 -64.20
C ASP HA 57 -122.24 59.66 -62.68
N LYS HA 58 -123.31 59.22 -62.02
CA LYS HA 58 -123.29 59.12 -60.57
C LYS HA 58 -122.53 57.89 -60.10
N LEU HA 59 -122.36 56.88 -60.96
CA LEU HA 59 -121.50 55.75 -60.63
C LEU HA 59 -120.04 56.12 -60.73
N LEU HA 60 -119.72 57.10 -61.56
CA LEU HA 60 -118.36 57.59 -61.70
C LEU HA 60 -117.96 58.36 -60.44
N ASP HA 61 -116.71 58.17 -60.01
CA ASP HA 61 -116.24 58.72 -58.74
C ASP HA 61 -115.95 60.22 -58.87
N SER HA 62 -115.37 60.79 -57.84
CA SER HA 62 -115.05 62.21 -57.80
C SER HA 62 -113.57 62.48 -57.61
N SER HA 63 -112.89 61.67 -56.79
CA SER HA 63 -111.48 61.90 -56.51
C SER HA 63 -110.58 61.41 -57.65
N THR HA 64 -111.05 60.50 -58.49
CA THR HA 64 -110.25 59.92 -59.55
C THR HA 64 -110.53 60.56 -60.90
N VAL HA 65 -110.91 61.84 -60.88
CA VAL HA 65 -111.21 62.60 -62.09
C VAL HA 65 -110.18 63.69 -62.32
N THR HA 66 -109.34 63.98 -61.34
CA THR HA 66 -108.56 65.21 -61.28
C THR HA 66 -107.46 65.25 -62.34
N HIS HA 67 -107.42 66.33 -63.11
CA HIS HA 67 -106.38 66.55 -64.09
C HIS HA 67 -105.18 67.30 -63.53
N LEU HA 68 -105.30 67.89 -62.35
CA LEU HA 68 -104.15 68.48 -61.69
C LEU HA 68 -103.20 67.38 -61.22
N PHE HA 69 -101.96 67.46 -61.67
CA PHE HA 69 -100.96 66.43 -61.42
C PHE HA 69 -99.77 67.08 -60.73
N LYS HA 70 -99.31 66.44 -59.65
CA LYS HA 70 -98.21 66.95 -58.86
C LYS HA 70 -96.93 66.30 -59.34
N ILE HA 71 -96.12 67.05 -60.08
CA ILE HA 71 -94.86 66.53 -60.58
C ILE HA 71 -93.84 66.41 -59.47
N THR HA 72 -93.49 67.54 -58.85
CA THR HA 72 -92.61 67.55 -57.70
C THR HA 72 -93.34 68.38 -56.65
N GLU HA 73 -92.73 68.66 -55.51
CA GLU HA 73 -93.38 69.44 -54.47
C GLU HA 73 -93.59 70.89 -54.87
N ASN HA 74 -92.76 71.42 -55.76
CA ASN HA 74 -92.85 72.82 -56.18
C ASN HA 74 -93.42 72.99 -57.58
N ILE HA 75 -93.66 71.90 -58.30
CA ILE HA 75 -94.08 71.96 -59.70
C ILE HA 75 -95.35 71.13 -59.84
N GLY HA 76 -96.43 71.78 -60.28
CA GLY HA 76 -97.65 71.08 -60.63
C GLY HA 76 -98.01 71.33 -62.07
N CYS HA 77 -98.91 70.52 -62.64
CA CYS HA 77 -99.26 70.69 -64.04
C CYS HA 77 -100.70 70.27 -64.27
N VAL HA 78 -101.23 70.69 -65.41
CA VAL HA 78 -102.55 70.29 -65.87
C VAL HA 78 -102.41 69.73 -67.28
N MET HA 79 -103.25 68.74 -67.59
CA MET HA 79 -103.18 68.04 -68.86
C MET HA 79 -104.49 68.22 -69.62
N THR HA 80 -104.39 68.56 -70.89
CA THR HA 80 -105.53 68.59 -71.80
C THR HA 80 -105.30 67.59 -72.92
N GLY HA 81 -106.33 67.36 -73.70
CA GLY HA 81 -106.30 66.36 -74.74
C GLY HA 81 -106.88 65.04 -74.29
N MET HA 82 -106.47 63.98 -74.97
CA MET HA 82 -106.94 62.65 -74.62
C MET HA 82 -106.25 62.15 -73.36
N THR HA 83 -106.97 61.32 -72.61
CA THR HA 83 -106.56 60.97 -71.25
C THR HA 83 -105.38 60.00 -71.25
N ALA HA 84 -105.37 59.05 -72.19
CA ALA HA 84 -104.35 58.00 -72.18
C ALA HA 84 -102.97 58.54 -72.53
N ASP HA 85 -102.87 59.46 -73.49
CA ASP HA 85 -101.57 60.06 -73.79
C ASP HA 85 -101.17 61.06 -72.72
N SER HA 86 -102.12 61.58 -71.96
CA SER HA 86 -101.80 62.59 -70.96
C SER HA 86 -101.06 61.99 -69.78
N ARG HA 87 -101.55 60.86 -69.24
CA ARG HA 87 -100.94 60.27 -68.07
C ARG HA 87 -99.60 59.62 -68.36
N SER HA 88 -99.35 59.21 -69.61
CA SER HA 88 -98.04 58.68 -69.95
C SER HA 88 -97.01 59.78 -70.11
N GLN HA 89 -97.46 60.98 -70.49
CA GLN HA 89 -96.56 62.13 -70.56
C GLN HA 89 -96.12 62.56 -69.18
N VAL HA 90 -96.99 62.41 -68.17
CA VAL HA 90 -96.66 62.79 -66.81
C VAL HA 90 -95.69 61.79 -66.19
N GLN HA 91 -95.72 60.53 -66.63
CA GLN HA 91 -94.78 59.53 -66.12
C GLN HA 91 -93.35 59.85 -66.53
N ARG HA 92 -93.15 60.51 -67.67
CA ARG HA 92 -91.82 60.98 -68.01
C ARG HA 92 -91.46 62.22 -67.20
N ALA HA 93 -92.44 63.08 -66.92
CA ALA HA 93 -92.17 64.32 -66.20
C ALA HA 93 -91.85 64.05 -64.74
N ARG HA 94 -92.49 63.04 -64.14
CA ARG HA 94 -92.13 62.65 -62.79
C ARG HA 94 -90.78 61.97 -62.74
N TYR HA 95 -90.40 61.30 -63.83
CA TYR HA 95 -89.17 60.52 -63.84
C TYR HA 95 -87.95 61.41 -63.99
N GLU HA 96 -87.96 62.28 -64.99
CA GLU HA 96 -86.79 63.09 -65.31
C GLU HA 96 -86.66 64.31 -64.43
N ALA HA 97 -87.68 64.65 -63.64
CA ALA HA 97 -87.49 65.63 -62.58
C ALA HA 97 -86.67 65.05 -61.43
N ALA HA 98 -86.71 63.74 -61.23
CA ALA HA 98 -85.92 63.12 -60.19
C ALA HA 98 -84.50 62.82 -60.66
N ASN HA 99 -84.29 62.68 -61.97
CA ASN HA 99 -82.94 62.46 -62.47
C ASN HA 99 -82.10 63.73 -62.36
N TRP HA 100 -82.74 64.90 -62.40
CA TRP HA 100 -82.04 66.15 -62.16
C TRP HA 100 -81.51 66.21 -60.73
N LYS HA 101 -82.35 65.79 -59.77
CA LYS HA 101 -81.95 65.80 -58.36
C LYS HA 101 -80.84 64.79 -58.08
N TYR HA 102 -80.82 63.68 -58.80
CA TYR HA 102 -79.80 62.66 -58.58
C TYR HA 102 -78.48 63.04 -59.25
N LYS HA 103 -78.54 63.46 -60.51
CA LYS HA 103 -77.31 63.77 -61.23
C LYS HA 103 -76.68 65.08 -60.77
N TYR HA 104 -77.49 66.09 -60.48
CA TYR HA 104 -76.99 67.44 -60.33
C TYR HA 104 -77.09 67.98 -58.91
N GLY HA 105 -77.94 67.39 -58.07
CA GLY HA 105 -77.89 67.65 -56.65
C GLY HA 105 -78.78 68.76 -56.14
N TYR HA 106 -79.69 69.28 -56.95
CA TYR HA 106 -80.59 70.33 -56.49
C TYR HA 106 -81.91 70.22 -57.26
N GLU HA 107 -82.82 71.15 -56.97
CA GLU HA 107 -84.16 71.09 -57.52
C GLU HA 107 -84.17 71.63 -58.95
N ILE HA 108 -84.96 70.97 -59.81
CA ILE HA 108 -85.01 71.32 -61.22
C ILE HA 108 -85.78 72.62 -61.43
N PRO HA 109 -85.29 73.52 -62.27
CA PRO HA 109 -86.10 74.69 -62.63
C PRO HA 109 -87.26 74.28 -63.53
N VAL HA 110 -88.32 75.07 -63.47
CA VAL HA 110 -89.49 74.83 -64.31
C VAL HA 110 -89.17 75.14 -65.78
N ASP HA 111 -88.19 75.99 -66.05
CA ASP HA 111 -87.79 76.27 -67.42
C ASP HA 111 -87.02 75.11 -68.02
N MET HA 112 -86.18 74.46 -67.21
CA MET HA 112 -85.37 73.35 -67.71
C MET HA 112 -86.20 72.10 -67.96
N LEU HA 113 -87.27 71.91 -67.21
CA LEU HA 113 -88.08 70.70 -67.36
C LEU HA 113 -88.93 70.76 -68.62
N CYS HA 114 -89.41 71.94 -68.99
CA CYS HA 114 -90.24 72.07 -70.18
C CYS HA 114 -89.42 71.91 -71.46
N LYS HA 115 -88.10 72.10 -71.38
CA LYS HA 115 -87.24 71.78 -72.51
C LYS HA 115 -87.17 70.27 -72.74
N ARG HA 116 -86.93 69.51 -71.65
CA ARG HA 116 -86.68 68.08 -71.76
C ARG HA 116 -87.95 67.32 -72.16
N ILE HA 117 -89.12 67.82 -71.77
CA ILE HA 117 -90.37 67.20 -72.20
C ILE HA 117 -90.60 67.42 -73.69
N ALA HA 118 -90.33 68.64 -74.17
CA ALA HA 118 -90.53 68.94 -75.59
C ALA HA 118 -89.49 68.25 -76.47
N ASP HA 119 -88.32 67.93 -75.91
CA ASP HA 119 -87.31 67.21 -76.68
C ASP HA 119 -87.69 65.75 -76.88
N ILE HA 120 -88.53 65.19 -75.99
CA ILE HA 120 -89.02 63.84 -76.21
C ILE HA 120 -90.08 63.83 -77.30
N SER HA 121 -90.91 64.87 -77.35
CA SER HA 121 -91.88 65.00 -78.43
C SER HA 121 -91.25 65.36 -79.76
N GLN HA 122 -89.96 65.71 -79.76
CA GLN HA 122 -89.25 66.00 -80.99
C GLN HA 122 -89.03 64.74 -81.82
N VAL HA 123 -88.54 63.68 -81.18
CA VAL HA 123 -88.11 62.48 -81.88
C VAL HA 123 -89.28 61.76 -82.52
N TYR HA 124 -90.47 61.88 -81.93
CA TYR HA 124 -91.66 61.27 -82.50
C TYR HA 124 -92.09 61.96 -83.79
N THR HA 125 -91.77 63.25 -83.90
CA THR HA 125 -91.93 63.95 -85.17
C THR HA 125 -90.78 63.62 -86.12
N GLN HA 126 -89.57 63.49 -85.59
CA GLN HA 126 -88.40 63.20 -86.41
C GLN HA 126 -88.44 61.78 -86.95
N ASN HA 127 -88.54 60.79 -86.07
CA ASN HA 127 -88.60 59.40 -86.48
C ASN HA 127 -90.01 59.04 -86.95
N ALA HA 128 -90.10 58.05 -87.82
CA ALA HA 128 -91.37 57.54 -88.31
C ALA HA 128 -91.80 56.32 -87.51
N GLU HA 129 -93.02 55.85 -87.82
CA GLU HA 129 -93.70 54.72 -87.15
C GLU HA 129 -93.82 54.92 -85.64
N MET HA 130 -93.85 56.17 -85.17
CA MET HA 130 -93.90 56.48 -83.74
C MET HA 130 -94.92 57.61 -83.56
N ARG HA 131 -95.98 57.31 -82.81
CA ARG HA 131 -97.16 58.18 -82.76
C ARG HA 131 -96.90 59.40 -81.87
N PRO HA 132 -97.15 60.61 -82.37
CA PRO HA 132 -96.66 61.81 -81.68
C PRO HA 132 -97.55 62.41 -80.59
N LEU HA 133 -98.12 61.60 -79.71
CA LEU HA 133 -98.62 61.97 -78.37
C LEU HA 133 -99.53 63.20 -78.36
N GLY HA 134 -100.73 63.02 -78.90
CA GLY HA 134 -101.66 64.13 -79.02
C GLY HA 134 -102.25 64.65 -77.72
N CYS HA 135 -101.42 65.29 -76.90
CA CYS HA 135 -101.86 65.93 -75.66
C CYS HA 135 -101.02 67.17 -75.41
N CYS HA 136 -101.42 67.95 -74.41
CA CYS HA 136 -100.79 69.24 -74.12
C CYS HA 136 -100.57 69.39 -72.63
N MET HA 137 -99.47 70.04 -72.26
CA MET HA 137 -99.07 70.19 -70.87
C MET HA 137 -98.80 71.66 -70.56
N ILE HA 138 -99.28 72.11 -69.40
CA ILE HA 138 -99.06 73.47 -68.90
C ILE HA 138 -98.46 73.37 -67.51
N LEU HA 139 -97.35 74.08 -67.28
CA LEU HA 139 -96.62 74.00 -66.02
C LEU HA 139 -96.75 75.29 -65.22
N ILE HA 140 -96.56 75.17 -63.91
CA ILE HA 140 -96.36 76.31 -63.01
C ILE HA 140 -95.28 75.94 -62.00
N GLY HA 141 -94.71 76.98 -61.39
CA GLY HA 141 -93.72 76.77 -60.36
C GLY HA 141 -93.09 78.08 -59.96
N ILE HA 142 -92.32 78.02 -58.87
CA ILE HA 142 -91.62 79.18 -58.32
C ILE HA 142 -90.13 79.01 -58.55
N ASP HA 143 -89.52 80.00 -59.19
CA ASP HA 143 -88.08 80.07 -59.33
C ASP HA 143 -87.57 81.17 -58.41
N GLU HA 144 -86.52 80.85 -57.66
CA GLU HA 144 -85.90 81.86 -56.79
C GLU HA 144 -85.15 82.87 -57.63
N GLU HA 145 -85.28 84.14 -57.23
CA GLU HA 145 -84.79 85.34 -57.92
C GLU HA 145 -85.37 85.51 -59.33
N GLN HA 146 -86.46 84.81 -59.65
CA GLN HA 146 -87.12 84.96 -60.94
C GLN HA 146 -88.63 85.03 -60.84
N GLY HA 147 -89.23 84.78 -59.67
CA GLY HA 147 -90.66 84.81 -59.53
C GLY HA 147 -91.34 83.57 -60.06
N PRO HA 148 -92.66 83.59 -60.16
CA PRO HA 148 -93.38 82.46 -60.73
C PRO HA 148 -93.34 82.45 -62.25
N GLN HA 149 -93.52 81.25 -62.80
CA GLN HA 149 -93.50 81.09 -64.25
C GLN HA 149 -94.63 80.17 -64.67
N VAL HA 150 -95.08 80.34 -65.92
CA VAL HA 150 -96.07 79.49 -66.55
C VAL HA 150 -95.52 79.08 -67.91
N TYR HA 151 -95.37 77.78 -68.13
CA TYR HA 151 -94.89 77.26 -69.40
C TYR HA 151 -95.96 76.39 -70.05
N LYS HA 152 -95.75 76.11 -71.34
CA LYS HA 152 -96.71 75.35 -72.13
C LYS HA 152 -95.97 74.59 -73.20
N CYS HA 153 -96.25 73.29 -73.32
CA CYS HA 153 -95.60 72.43 -74.29
C CYS HA 153 -96.59 72.02 -75.37
N ASP HA 154 -96.07 71.78 -76.57
CA ASP HA 154 -96.85 71.37 -77.73
C ASP HA 154 -96.52 69.94 -78.12
N PRO HA 155 -97.41 69.26 -78.86
CA PRO HA 155 -97.03 67.97 -79.44
C PRO HA 155 -95.93 68.08 -80.49
N ALA HA 156 -95.76 69.24 -81.11
CA ALA HA 156 -94.71 69.45 -82.09
C ALA HA 156 -93.33 69.60 -81.47
N GLY HA 157 -93.24 69.76 -80.15
CA GLY HA 157 -91.98 70.03 -79.50
C GLY HA 157 -91.70 71.49 -79.26
N TYR HA 158 -92.67 72.36 -79.51
CA TYR HA 158 -92.50 73.79 -79.31
C TYR HA 158 -92.96 74.19 -77.92
N TYR HA 159 -92.17 75.01 -77.25
CA TYR HA 159 -92.53 75.52 -75.94
C TYR HA 159 -92.32 77.01 -75.89
N CYS HA 160 -92.99 77.64 -74.93
CA CYS HA 160 -92.79 79.05 -74.62
C CYS HA 160 -93.25 79.27 -73.19
N GLY HA 161 -92.91 80.44 -72.67
CA GLY HA 161 -93.40 80.87 -71.37
C GLY HA 161 -94.16 82.16 -71.52
N PHE HA 162 -95.32 82.25 -70.88
CA PHE HA 162 -96.17 83.42 -71.01
C PHE HA 162 -97.11 83.50 -69.82
N LYS HA 163 -97.75 84.67 -69.70
CA LYS HA 163 -98.40 85.11 -68.46
C LYS HA 163 -99.80 84.57 -68.28
N ALA HA 164 -100.62 84.60 -69.33
CA ALA HA 164 -102.00 84.13 -69.25
C ALA HA 164 -102.21 83.10 -70.35
N THR HA 165 -102.76 81.95 -69.97
CA THR HA 165 -102.76 80.77 -70.81
C THR HA 165 -104.17 80.24 -70.96
N ALA HA 166 -104.52 79.83 -72.18
CA ALA HA 166 -105.71 79.03 -72.43
C ALA HA 166 -105.32 77.80 -73.23
N ALA HA 167 -106.11 76.74 -73.06
CA ALA HA 167 -105.85 75.49 -73.77
C ALA HA 167 -107.18 74.75 -73.92
N GLY HA 168 -107.10 73.54 -74.46
CA GLY HA 168 -108.30 72.76 -74.69
C GLY HA 168 -108.99 73.19 -75.97
N VAL HA 169 -110.29 73.49 -75.86
CA VAL HA 169 -111.11 73.76 -77.04
C VAL HA 169 -111.16 75.24 -77.37
N LYS HA 170 -111.17 76.10 -76.34
CA LYS HA 170 -111.61 77.47 -76.53
C LYS HA 170 -110.49 78.48 -76.32
N GLN HA 171 -109.33 78.25 -76.94
CA GLN HA 171 -108.20 79.18 -76.81
C GLN HA 171 -108.52 80.53 -77.42
N THR HA 172 -109.07 80.54 -78.64
CA THR HA 172 -109.24 81.75 -79.42
C THR HA 172 -110.25 82.71 -78.82
N GLU HA 173 -111.16 82.22 -77.98
CA GLU HA 173 -112.10 83.08 -77.29
C GLU HA 173 -111.57 83.53 -75.94
N SER HA 174 -110.75 82.70 -75.29
CA SER HA 174 -110.25 83.03 -73.97
C SER HA 174 -109.01 83.92 -74.03
N THR HA 175 -108.11 83.65 -74.97
CA THR HA 175 -106.93 84.49 -75.14
C THR HA 175 -107.29 85.88 -75.66
N SER HA 176 -108.38 85.98 -76.41
CA SER HA 176 -108.88 87.29 -76.80
C SER HA 176 -109.45 88.05 -75.60
N PHE HA 177 -109.99 87.32 -74.61
CA PHE HA 177 -110.51 87.96 -73.42
C PHE HA 177 -109.39 88.44 -72.51
N LEU HA 178 -108.27 87.71 -72.46
CA LEU HA 178 -107.21 88.03 -71.53
C LEU HA 178 -106.30 89.15 -72.03
N GLU HA 179 -106.21 89.35 -73.35
CA GLU HA 179 -105.49 90.51 -73.87
C GLU HA 179 -106.22 91.80 -73.55
N LYS HA 180 -107.57 91.76 -73.61
CA LYS HA 180 -108.35 92.89 -73.12
C LYS HA 180 -108.25 93.01 -71.61
N LYS HA 181 -108.04 91.88 -70.92
CA LYS HA 181 -107.82 91.93 -69.48
C LYS HA 181 -106.41 92.43 -69.17
N VAL HA 182 -105.39 91.77 -69.70
CA VAL HA 182 -104.01 92.19 -69.47
C VAL HA 182 -103.67 93.15 -70.61
N LYS HA 183 -104.14 94.38 -70.46
CA LYS HA 183 -103.55 95.55 -71.11
C LYS HA 183 -103.40 96.72 -70.16
N LYS HA 184 -104.29 96.86 -69.19
CA LYS HA 184 -104.09 97.73 -68.03
C LYS HA 184 -103.57 96.81 -66.92
N LYS HA 185 -102.25 96.82 -66.74
CA LYS HA 185 -101.60 95.93 -65.79
C LYS HA 185 -101.88 96.42 -64.38
N PHE HA 186 -103.03 96.02 -63.86
CA PHE HA 186 -103.48 96.44 -62.53
C PHE HA 186 -102.78 95.63 -61.45
N ASP HA 187 -103.14 95.89 -60.20
CA ASP HA 187 -102.52 95.23 -59.07
C ASP HA 187 -103.07 93.81 -58.95
N TRP HA 188 -102.28 92.83 -59.35
CA TRP HA 188 -102.65 91.42 -59.19
C TRP HA 188 -102.27 91.02 -57.77
N THR HA 189 -103.27 90.72 -56.95
CA THR HA 189 -103.09 90.63 -55.50
C THR HA 189 -103.58 89.30 -54.93
N PHE HA 190 -103.44 88.21 -55.70
CA PHE HA 190 -103.75 86.81 -55.36
C PHE HA 190 -105.25 86.53 -55.27
N GLU HA 191 -106.08 87.58 -55.25
CA GLU HA 191 -107.50 87.41 -55.50
C GLU HA 191 -107.95 88.10 -56.77
N GLN HA 192 -107.19 89.08 -57.25
CA GLN HA 192 -107.36 89.57 -58.61
C GLN HA 192 -106.98 88.50 -59.62
N THR HA 193 -106.01 87.64 -59.26
CA THR HA 193 -105.59 86.56 -60.16
C THR HA 193 -106.65 85.46 -60.24
N VAL HA 194 -107.22 85.08 -59.09
CA VAL HA 194 -108.20 84.01 -59.05
C VAL HA 194 -109.52 84.45 -59.69
N GLU HA 195 -109.90 85.72 -59.52
CA GLU HA 195 -111.16 86.20 -60.05
C GLU HA 195 -111.17 86.25 -61.57
N THR HA 196 -110.07 86.72 -62.18
CA THR HA 196 -109.99 86.69 -63.63
C THR HA 196 -109.81 85.27 -64.15
N ALA HA 197 -109.25 84.38 -63.34
CA ALA HA 197 -109.18 82.97 -63.72
C ALA HA 197 -110.55 82.33 -63.76
N ILE HA 198 -111.48 82.82 -62.95
CA ILE HA 198 -112.85 82.30 -62.97
C ILE HA 198 -113.69 83.01 -64.01
N THR HA 199 -113.67 84.35 -64.01
CA THR HA 199 -114.56 85.13 -64.87
C THR HA 199 -114.21 85.03 -66.35
N CYS HA 200 -113.01 84.58 -66.70
CA CYS HA 200 -112.74 84.26 -68.10
C CYS HA 200 -113.47 82.99 -68.50
N LEU HA 201 -113.27 81.92 -67.72
CA LEU HA 201 -113.89 80.63 -68.00
C LEU HA 201 -115.39 80.66 -67.77
N SER HA 202 -115.88 81.50 -66.86
CA SER HA 202 -117.32 81.61 -66.62
C SER HA 202 -118.04 82.43 -67.66
N THR HA 203 -117.31 83.05 -68.60
CA THR HA 203 -117.93 83.78 -69.69
C THR HA 203 -117.63 83.21 -71.06
N VAL HA 204 -116.50 82.51 -71.24
CA VAL HA 204 -116.28 81.78 -72.48
C VAL HA 204 -117.21 80.58 -72.57
N LEU HA 205 -117.27 79.78 -71.50
CA LEU HA 205 -118.24 78.71 -71.44
C LEU HA 205 -119.64 79.22 -71.12
N SER HA 206 -119.73 80.35 -70.41
CA SER HA 206 -120.97 81.03 -70.04
C SER HA 206 -121.93 80.11 -69.27
N ILE HA 207 -121.48 79.70 -68.08
CA ILE HA 207 -122.19 78.73 -67.27
C ILE HA 207 -122.65 79.31 -65.95
N ASP HA 208 -121.75 80.03 -65.25
CA ASP HA 208 -121.95 80.59 -63.90
C ASP HA 208 -122.32 79.47 -62.91
N PHE HA 209 -121.31 78.64 -62.69
CA PHE HA 209 -121.44 77.25 -62.31
C PHE HA 209 -121.42 77.02 -60.79
N LYS HA 210 -121.84 75.81 -60.42
CA LYS HA 210 -121.88 75.32 -59.05
C LYS HA 210 -120.46 75.22 -58.48
N PRO HA 211 -120.28 75.32 -57.15
CA PRO HA 211 -118.93 75.19 -56.58
C PRO HA 211 -118.17 73.87 -56.77
N SER HA 212 -118.76 72.86 -57.41
CA SER HA 212 -118.15 71.53 -57.46
C SER HA 212 -118.00 71.01 -58.88
N GLU HA 213 -117.48 71.81 -59.81
CA GLU HA 213 -117.12 71.31 -61.12
C GLU HA 213 -115.72 71.70 -61.58
N ILE HA 214 -114.96 72.46 -60.81
CA ILE HA 214 -113.62 72.87 -61.22
C ILE HA 214 -112.59 72.40 -60.19
N GLU HA 215 -111.33 72.48 -60.59
CA GLU HA 215 -110.20 72.38 -59.68
C GLU HA 215 -109.37 73.65 -59.77
N VAL HA 216 -108.66 73.98 -58.69
CA VAL HA 216 -107.74 75.11 -58.69
C VAL HA 216 -106.41 74.64 -58.11
N GLY HA 217 -105.37 74.66 -58.92
CA GLY HA 217 -104.02 74.48 -58.44
C GLY HA 217 -103.37 75.83 -58.22
N VAL HA 218 -102.54 75.94 -57.19
CA VAL HA 218 -101.97 77.22 -56.82
C VAL HA 218 -100.54 76.99 -56.32
N VAL HA 219 -99.71 78.02 -56.52
CA VAL HA 219 -98.40 78.11 -55.89
C VAL HA 219 -98.14 79.58 -55.67
N THR HA 220 -97.42 79.91 -54.59
CA THR HA 220 -97.30 81.29 -54.12
C THR HA 220 -95.93 81.43 -53.47
N VAL HA 221 -95.32 82.63 -53.54
CA VAL HA 221 -94.14 82.84 -52.73
C VAL HA 221 -94.60 83.36 -51.38
N GLU HA 222 -95.24 82.48 -50.62
CA GLU HA 222 -95.20 82.38 -49.17
C GLU HA 222 -95.20 80.94 -48.72
N ASN HA 223 -95.70 80.05 -49.57
CA ASN HA 223 -95.71 78.60 -49.35
C ASN HA 223 -95.49 77.99 -50.73
N PRO HA 224 -94.24 77.68 -51.07
CA PRO HA 224 -93.92 77.23 -52.44
C PRO HA 224 -94.37 75.82 -52.77
N LYS HA 225 -95.01 75.11 -51.86
CA LYS HA 225 -95.53 73.78 -52.16
C LYS HA 225 -96.71 73.87 -53.11
N PHE HA 226 -96.83 72.90 -54.00
CA PHE HA 226 -98.01 72.81 -54.85
C PHE HA 226 -99.22 72.42 -54.00
N ARG HA 227 -100.37 72.99 -54.34
CA ARG HA 227 -101.50 73.00 -53.43
C ARG HA 227 -102.79 72.95 -54.22
N ILE HA 228 -103.61 71.94 -53.97
CA ILE HA 228 -104.91 71.78 -54.61
C ILE HA 228 -105.97 72.24 -53.62
N LEU HA 229 -106.85 73.14 -54.09
CA LEU HA 229 -107.81 73.78 -53.20
C LEU HA 229 -108.94 72.84 -52.81
N THR HA 230 -109.54 73.13 -51.66
CA THR HA 230 -110.62 72.35 -51.07
C THR HA 230 -111.96 72.93 -51.55
N GLU HA 231 -112.96 72.04 -51.69
CA GLU HA 231 -114.32 72.40 -52.11
C GLU HA 231 -114.93 73.51 -51.25
N ALA HA 232 -114.59 73.57 -49.96
CA ALA HA 232 -115.06 74.64 -49.10
C ALA HA 232 -114.44 75.98 -49.50
N GLU HA 233 -113.12 76.02 -49.68
CA GLU HA 233 -112.45 77.27 -50.01
C GLU HA 233 -112.54 77.62 -51.48
N ILE HA 234 -112.86 76.66 -52.35
CA ILE HA 234 -113.27 77.00 -53.72
C ILE HA 234 -114.57 77.78 -53.68
N ASP HA 235 -115.50 77.37 -52.81
CA ASP HA 235 -116.76 78.08 -52.63
C ASP HA 235 -116.56 79.45 -51.99
N ALA HA 236 -115.47 79.64 -51.25
CA ALA HA 236 -115.19 80.94 -50.64
C ALA HA 236 -114.81 81.97 -51.69
N HIS HA 237 -114.01 81.58 -52.68
CA HIS HA 237 -113.68 82.51 -53.75
C HIS HA 237 -114.82 82.68 -54.74
N LEU HA 238 -115.71 81.70 -54.84
CA LEU HA 238 -116.79 81.79 -55.82
C LEU HA 238 -117.87 82.77 -55.38
N VAL HA 239 -118.23 82.76 -54.10
CA VAL HA 239 -119.19 83.74 -53.59
C VAL HA 239 -118.55 85.09 -53.36
N ALA HA 240 -117.22 85.18 -53.40
CA ALA HA 240 -116.53 86.45 -53.22
C ALA HA 240 -116.62 87.34 -54.46
N LEU HA 241 -116.92 86.76 -55.62
CA LEU HA 241 -117.10 87.53 -56.85
C LEU HA 241 -118.56 87.72 -57.21
N ALA HA 242 -119.46 87.56 -56.25
CA ALA HA 242 -120.90 87.71 -56.49
C ALA HA 242 -121.34 89.15 -56.28
N GLU HA 243 -120.74 90.05 -57.05
CA GLU HA 243 -121.10 91.46 -57.04
C GLU HA 243 -121.30 91.97 -58.47
N GLU IA 2 -88.30 47.06 -81.32
CA GLU IA 2 -89.01 47.36 -82.54
C GLU IA 2 -88.65 46.37 -83.65
N ARG IA 3 -89.12 46.64 -84.87
CA ARG IA 3 -88.87 45.74 -85.99
C ARG IA 3 -87.45 45.90 -86.52
N GLY IA 4 -87.01 47.13 -86.73
CA GLY IA 4 -85.74 47.35 -87.40
C GLY IA 4 -85.94 47.48 -88.90
N TYR IA 5 -86.78 48.44 -89.31
CA TYR IA 5 -87.19 48.56 -90.70
C TYR IA 5 -86.02 48.97 -91.61
N SER IA 6 -85.36 50.08 -91.28
CA SER IA 6 -84.07 50.50 -91.87
C SER IA 6 -84.14 50.68 -93.38
N PHE IA 7 -85.02 51.59 -93.82
CA PHE IA 7 -85.05 51.98 -95.22
C PHE IA 7 -85.20 53.50 -95.31
N SER IA 8 -84.40 54.11 -96.19
CA SER IA 8 -84.46 55.55 -96.36
C SER IA 8 -85.72 55.95 -97.13
N LEU IA 9 -86.14 57.19 -96.92
CA LEU IA 9 -87.33 57.73 -97.57
C LEU IA 9 -87.00 58.61 -98.76
N THR IA 10 -85.79 58.48 -99.32
CA THR IA 10 -85.33 59.35 -100.38
C THR IA 10 -84.65 58.53 -101.47
N THR IA 11 -85.12 58.68 -102.71
CA THR IA 11 -84.49 58.07 -103.87
C THR IA 11 -84.42 59.12 -104.98
N PHE IA 12 -83.80 58.73 -106.09
CA PHE IA 12 -83.64 59.66 -107.20
C PHE IA 12 -84.91 59.75 -108.04
N SER IA 13 -85.13 60.93 -108.60
CA SER IA 13 -86.12 61.12 -109.64
C SER IA 13 -85.58 60.55 -110.94
N PRO IA 14 -86.46 60.28 -111.92
CA PRO IA 14 -85.95 59.98 -113.27
C PRO IA 14 -85.19 61.13 -113.91
N SER IA 15 -85.52 62.37 -113.56
CA SER IA 15 -84.73 63.52 -113.98
C SER IA 15 -83.39 63.60 -113.26
N GLY IA 16 -83.30 63.04 -112.06
CA GLY IA 16 -82.05 63.03 -111.31
C GLY IA 16 -82.00 63.93 -110.10
N LYS IA 17 -83.14 64.48 -109.66
CA LYS IA 17 -83.18 65.35 -108.50
C LYS IA 17 -83.69 64.61 -107.28
N LEU IA 18 -83.31 65.09 -106.11
CA LEU IA 18 -83.79 64.55 -104.84
C LEU IA 18 -84.99 65.39 -104.40
N VAL IA 19 -86.14 64.74 -104.26
CA VAL IA 19 -87.41 65.45 -104.17
C VAL IA 19 -87.62 66.01 -102.76
N GLN IA 20 -87.33 65.21 -101.73
CA GLN IA 20 -87.67 65.60 -100.37
C GLN IA 20 -86.74 66.69 -99.84
N ILE IA 21 -85.52 66.79 -100.35
CA ILE IA 21 -84.62 67.86 -99.93
C ILE IA 21 -85.09 69.20 -100.50
N GLU IA 22 -85.60 69.19 -101.73
CA GLU IA 22 -86.12 70.42 -102.32
C GLU IA 22 -87.42 70.85 -101.65
N TYR IA 23 -88.16 69.91 -101.05
CA TYR IA 23 -89.36 70.29 -100.30
C TYR IA 23 -88.99 70.91 -98.96
N ALA IA 24 -87.88 70.47 -98.36
CA ALA IA 24 -87.48 71.00 -97.06
C ALA IA 24 -86.96 72.42 -97.14
N LEU IA 25 -86.48 72.85 -98.32
CA LEU IA 25 -86.04 74.24 -98.47
C LEU IA 25 -87.23 75.19 -98.54
N ALA IA 26 -88.41 74.67 -98.91
CA ALA IA 26 -89.60 75.51 -98.93
C ALA IA 26 -90.04 75.87 -97.51
N ALA IA 27 -89.86 74.96 -96.56
CA ALA IA 27 -90.15 75.28 -95.16
C ALA IA 27 -89.11 76.21 -94.57
N VAL IA 28 -87.90 76.21 -95.13
CA VAL IA 28 -86.87 77.15 -94.70
C VAL IA 28 -87.22 78.55 -95.17
N ALA IA 29 -87.65 78.68 -96.43
CA ALA IA 29 -87.96 79.98 -96.99
C ALA IA 29 -89.22 80.60 -96.40
N GLY IA 30 -90.07 79.81 -95.75
CA GLY IA 30 -91.25 80.36 -95.11
C GLY IA 30 -91.07 80.57 -93.62
N GLY IA 31 -89.82 80.71 -93.18
CA GLY IA 31 -89.52 80.92 -91.78
C GLY IA 31 -89.36 82.40 -91.44
N ALA IA 32 -88.90 82.64 -90.23
CA ALA IA 32 -88.66 84.01 -89.79
C ALA IA 32 -87.42 84.57 -90.48
N PRO IA 33 -87.44 85.82 -90.92
CA PRO IA 33 -86.30 86.37 -91.65
C PRO IA 33 -85.12 86.67 -90.74
N SER IA 34 -83.93 86.70 -91.35
CA SER IA 34 -82.69 86.93 -90.63
C SER IA 34 -81.68 87.54 -91.59
N VAL IA 35 -80.61 88.08 -91.02
CA VAL IA 35 -79.56 88.73 -91.81
C VAL IA 35 -78.25 88.65 -91.04
N GLY IA 36 -77.17 88.43 -91.78
CA GLY IA 36 -75.84 88.40 -91.18
C GLY IA 36 -74.81 89.10 -92.06
N ILE IA 37 -74.01 89.98 -91.46
CA ILE IA 37 -73.08 90.83 -92.21
C ILE IA 37 -71.69 90.68 -91.59
N LYS IA 38 -70.70 90.36 -92.42
CA LYS IA 38 -69.32 90.28 -91.99
C LYS IA 38 -68.66 91.64 -92.20
N ALA IA 39 -68.28 92.30 -91.11
CA ALA IA 39 -67.61 93.58 -91.18
C ALA IA 39 -66.10 93.39 -91.12
N ALA IA 40 -65.37 94.49 -91.09
CA ALA IA 40 -63.91 94.43 -91.11
C ALA IA 40 -63.32 94.06 -89.76
N ASN IA 41 -64.07 94.22 -88.68
CA ASN IA 41 -63.59 93.86 -87.35
C ASN IA 41 -64.57 93.00 -86.57
N GLY IA 42 -65.69 92.60 -87.18
CA GLY IA 42 -66.66 91.80 -86.46
C GLY IA 42 -67.70 91.22 -87.40
N VAL IA 43 -68.54 90.36 -86.82
CA VAL IA 43 -69.68 89.76 -87.52
C VAL IA 43 -70.94 90.14 -86.76
N VAL IA 44 -71.94 90.62 -87.50
CA VAL IA 44 -73.20 91.07 -86.93
C VAL IA 44 -74.30 90.11 -87.35
N LEU IA 45 -75.03 89.59 -86.37
CA LEU IA 45 -76.22 88.79 -86.63
C LEU IA 45 -77.45 89.51 -86.11
N ALA IA 46 -78.54 89.37 -86.85
CA ALA IA 46 -79.81 89.96 -86.46
C ALA IA 46 -80.93 89.05 -86.94
N THR IA 47 -82.09 89.16 -86.30
CA THR IA 47 -83.22 88.29 -86.60
C THR IA 47 -84.51 89.04 -86.32
N GLU IA 48 -85.63 88.36 -86.57
CA GLU IA 48 -86.97 88.93 -86.44
C GLU IA 48 -87.76 88.08 -85.45
N LYS IA 49 -88.06 88.65 -84.29
CA LYS IA 49 -88.67 87.93 -83.18
C LYS IA 49 -89.95 88.66 -82.77
N LYS IA 50 -91.07 88.32 -83.41
CA LYS IA 50 -92.37 88.86 -83.03
C LYS IA 50 -93.23 87.76 -82.45
N GLN IA 51 -93.90 88.06 -81.36
CA GLN IA 51 -94.86 87.14 -80.76
C GLN IA 51 -96.21 87.24 -81.45
N LYS IA 52 -96.97 86.16 -81.39
CA LYS IA 52 -98.31 86.17 -81.96
C LYS IA 52 -99.32 86.85 -81.06
N SER IA 53 -98.96 87.16 -79.81
CA SER IA 53 -99.86 87.77 -78.85
C SER IA 53 -99.09 88.78 -78.02
N ILE IA 54 -99.81 89.54 -77.20
CA ILE IA 54 -99.20 90.42 -76.22
C ILE IA 54 -98.94 89.71 -74.90
N LEU IA 55 -99.19 88.40 -74.86
CA LEU IA 55 -99.02 87.61 -73.65
C LEU IA 55 -97.66 86.96 -73.55
N TYR IA 56 -96.97 86.76 -74.68
CA TYR IA 56 -95.77 85.95 -74.73
C TYR IA 56 -94.59 86.70 -74.12
N ASP IA 57 -93.93 86.06 -73.15
CA ASP IA 57 -92.73 86.62 -72.54
C ASP IA 57 -91.57 86.57 -73.54
N GLU IA 58 -90.65 87.51 -73.39
CA GLU IA 58 -89.51 87.62 -74.29
C GLU IA 58 -88.21 87.12 -73.68
N ARG IA 59 -88.16 86.92 -72.36
CA ARG IA 59 -86.96 86.47 -71.68
C ARG IA 59 -86.93 84.96 -71.50
N SER IA 60 -87.70 84.21 -72.29
CA SER IA 60 -87.78 82.76 -72.16
C SER IA 60 -87.01 82.04 -73.26
N VAL IA 61 -87.30 82.35 -74.52
CA VAL IA 61 -86.70 81.68 -75.66
C VAL IA 61 -85.85 82.70 -76.40
N HIS IA 62 -84.63 82.31 -76.75
CA HIS IA 62 -83.71 83.18 -77.45
C HIS IA 62 -83.48 82.69 -78.87
N LYS IA 63 -83.11 83.61 -79.76
CA LYS IA 63 -82.80 83.30 -81.15
C LYS IA 63 -81.29 83.24 -81.38
N VAL IA 64 -80.59 84.34 -81.10
CA VAL IA 64 -79.13 84.33 -81.08
C VAL IA 64 -78.67 83.43 -79.95
N GLU IA 65 -77.86 82.43 -80.27
CA GLU IA 65 -77.49 81.42 -79.30
C GLU IA 65 -75.99 81.15 -79.38
N PRO IA 66 -75.27 81.22 -78.26
CA PRO IA 66 -73.84 80.93 -78.28
C PRO IA 66 -73.56 79.42 -78.33
N ILE IA 67 -72.44 79.09 -78.95
CA ILE IA 67 -71.93 77.72 -78.97
C ILE IA 67 -70.69 77.58 -78.11
N THR IA 68 -69.69 78.40 -78.36
CA THR IA 68 -68.56 78.60 -77.46
C THR IA 68 -68.59 80.09 -77.10
N LYS IA 69 -67.56 80.55 -76.39
CA LYS IA 69 -67.51 81.97 -76.02
C LYS IA 69 -67.05 82.87 -77.17
N HIS IA 70 -66.82 82.31 -78.36
CA HIS IA 70 -66.50 83.12 -79.53
C HIS IA 70 -67.28 82.65 -80.77
N ILE IA 71 -68.29 81.80 -80.60
CA ILE IA 71 -69.06 81.25 -81.71
C ILE IA 71 -70.53 81.37 -81.38
N GLY IA 72 -71.30 82.00 -82.26
CA GLY IA 72 -72.75 82.04 -82.16
C GLY IA 72 -73.39 81.44 -83.40
N LEU IA 73 -74.73 81.37 -83.35
CA LEU IA 73 -75.45 80.59 -84.34
C LEU IA 73 -76.94 80.95 -84.37
N VAL IA 74 -77.45 81.34 -85.55
CA VAL IA 74 -78.88 81.66 -85.70
C VAL IA 74 -79.50 80.79 -86.79
N TYR IA 75 -80.77 81.03 -87.10
CA TYR IA 75 -81.51 80.12 -87.97
C TYR IA 75 -82.67 80.81 -88.64
N SER IA 76 -83.18 80.16 -89.67
CA SER IA 76 -84.43 80.56 -90.33
C SER IA 76 -85.11 79.28 -90.80
N GLY IA 77 -86.22 78.93 -90.15
CA GLY IA 77 -86.94 77.72 -90.46
C GLY IA 77 -88.03 77.44 -89.46
N MET IA 78 -88.09 76.21 -88.95
CA MET IA 78 -89.07 75.85 -87.95
C MET IA 78 -88.40 75.72 -86.58
N GLY IA 79 -89.16 76.08 -85.55
CA GLY IA 79 -88.68 76.23 -84.20
C GLY IA 79 -88.02 75.04 -83.52
N PRO IA 80 -88.76 73.95 -83.28
CA PRO IA 80 -88.23 72.89 -82.41
C PRO IA 80 -87.09 72.08 -83.02
N ASP IA 81 -86.95 72.04 -84.35
CA ASP IA 81 -85.82 71.34 -84.94
C ASP IA 81 -84.50 72.06 -84.73
N TYR IA 82 -84.55 73.34 -84.35
CA TYR IA 82 -83.33 74.11 -84.14
C TYR IA 82 -82.58 73.64 -82.90
N ARG IA 83 -83.31 73.37 -81.81
CA ARG IA 83 -82.68 73.03 -80.53
C ARG IA 83 -82.00 71.67 -80.54
N VAL IA 84 -82.28 70.82 -81.52
CA VAL IA 84 -81.62 69.52 -81.60
C VAL IA 84 -80.15 69.69 -81.99
N LEU IA 85 -79.90 70.34 -83.12
CA LEU IA 85 -78.53 70.52 -83.59
C LEU IA 85 -77.74 71.55 -82.78
N VAL IA 86 -78.42 72.41 -82.02
CA VAL IA 86 -77.70 73.27 -81.08
C VAL IA 86 -77.05 72.45 -79.98
N HIS IA 87 -77.85 71.60 -79.32
CA HIS IA 87 -77.32 70.70 -78.31
C HIS IA 87 -76.36 69.68 -78.90
N ARG IA 88 -76.54 69.33 -80.18
CA ARG IA 88 -75.57 68.49 -80.85
C ARG IA 88 -74.25 69.22 -81.06
N ALA IA 89 -74.31 70.51 -81.40
CA ALA IA 89 -73.09 71.26 -81.65
C ALA IA 89 -72.36 71.61 -80.36
N ARG IA 90 -73.08 71.67 -79.24
CA ARG IA 90 -72.44 71.90 -77.95
C ARG IA 90 -71.56 70.73 -77.55
N LYS IA 91 -72.11 69.51 -77.60
CA LYS IA 91 -71.36 68.32 -77.23
C LYS IA 91 -70.26 68.02 -78.24
N LEU IA 92 -70.44 68.42 -79.49
CA LEU IA 92 -69.42 68.24 -80.50
C LEU IA 92 -68.26 69.19 -80.32
N ALA IA 93 -68.53 70.44 -79.90
CA ALA IA 93 -67.46 71.41 -79.74
C ALA IA 93 -66.61 71.14 -78.51
N GLN IA 94 -67.17 70.48 -77.50
CA GLN IA 94 -66.39 70.14 -76.32
C GLN IA 94 -65.44 68.99 -76.60
N GLN IA 95 -65.80 68.11 -77.53
CA GLN IA 95 -64.94 66.96 -77.84
C GLN IA 95 -63.67 67.39 -78.56
N TYR IA 96 -63.71 68.50 -79.30
CA TYR IA 96 -62.48 69.08 -79.81
C TYR IA 96 -61.62 69.62 -78.67
N TYR IA 97 -62.26 70.23 -77.67
CA TYR IA 97 -61.52 70.82 -76.57
C TYR IA 97 -60.96 69.77 -75.63
N LEU IA 98 -61.61 68.61 -75.51
CA LEU IA 98 -61.08 67.55 -74.67
C LEU IA 98 -59.85 66.89 -75.28
N VAL IA 99 -59.75 66.88 -76.61
CA VAL IA 99 -58.60 66.28 -77.27
C VAL IA 99 -57.46 67.28 -77.40
N TYR IA 100 -57.74 68.48 -77.88
CA TYR IA 100 -56.69 69.40 -78.29
C TYR IA 100 -56.41 70.52 -77.30
N GLN IA 101 -57.24 70.66 -76.26
CA GLN IA 101 -57.09 71.68 -75.20
C GLN IA 101 -57.07 73.09 -75.78
N GLU IA 102 -57.96 73.34 -76.74
CA GLU IA 102 -57.92 74.58 -77.50
C GLU IA 102 -59.29 74.78 -78.11
N PRO IA 103 -59.83 76.00 -78.10
CA PRO IA 103 -61.18 76.22 -78.64
C PRO IA 103 -61.23 76.02 -80.15
N ILE IA 104 -62.37 75.53 -80.61
CA ILE IA 104 -62.49 75.04 -81.98
C ILE IA 104 -62.56 76.21 -82.95
N PRO IA 105 -61.85 76.17 -84.08
CA PRO IA 105 -62.05 77.19 -85.11
C PRO IA 105 -63.40 77.01 -85.78
N THR IA 106 -63.92 78.12 -86.31
CA THR IA 106 -65.26 78.12 -86.89
C THR IA 106 -65.33 77.35 -88.19
N ALA IA 107 -64.21 77.19 -88.89
CA ALA IA 107 -64.23 76.37 -90.10
C ALA IA 107 -64.38 74.89 -89.76
N GLN IA 108 -63.71 74.45 -88.70
CA GLN IA 108 -63.73 73.04 -88.32
C GLN IA 108 -65.08 72.63 -87.74
N LEU IA 109 -65.79 73.56 -87.09
CA LEU IA 109 -67.11 73.25 -86.55
C LEU IA 109 -68.12 72.99 -87.65
N VAL IA 110 -68.07 73.77 -88.73
CA VAL IA 110 -69.01 73.60 -89.83
C VAL IA 110 -68.69 72.34 -90.64
N GLN IA 111 -67.45 71.86 -90.57
CA GLN IA 111 -67.10 70.57 -91.18
C GLN IA 111 -67.87 69.41 -90.56
N ARG IA 112 -68.24 69.53 -89.28
CA ARG IA 112 -68.85 68.43 -88.56
C ARG IA 112 -70.34 68.59 -88.33
N VAL IA 113 -70.82 69.84 -88.21
CA VAL IA 113 -72.25 70.07 -88.05
C VAL IA 113 -72.98 69.74 -89.35
N ALA IA 114 -72.37 70.07 -90.50
CA ALA IA 114 -72.94 69.70 -91.79
C ALA IA 114 -72.92 68.19 -92.03
N SER IA 115 -71.99 67.48 -91.41
CA SER IA 115 -72.00 66.02 -91.51
C SER IA 115 -73.14 65.42 -90.70
N VAL IA 116 -73.55 66.08 -89.63
CA VAL IA 116 -74.71 65.63 -88.86
C VAL IA 116 -75.98 65.82 -89.69
N MET IA 117 -76.11 66.97 -90.35
CA MET IA 117 -77.27 67.21 -91.22
C MET IA 117 -77.22 66.36 -92.48
N GLN IA 118 -76.05 65.87 -92.85
CA GLN IA 118 -75.96 64.89 -93.94
C GLN IA 118 -76.57 63.57 -93.54
N GLU IA 119 -76.39 63.19 -92.27
CA GLU IA 119 -76.72 61.84 -91.82
C GLU IA 119 -78.22 61.59 -91.77
N TYR IA 120 -79.04 62.63 -91.56
CA TYR IA 120 -80.48 62.43 -91.56
C TYR IA 120 -81.08 62.43 -92.97
N THR IA 121 -80.30 62.74 -93.99
CA THR IA 121 -80.77 62.68 -95.36
C THR IA 121 -80.59 61.32 -95.98
N GLN IA 122 -79.56 60.58 -95.57
CA GLN IA 122 -79.22 59.30 -96.18
C GLN IA 122 -79.75 58.11 -95.38
N SER IA 123 -79.86 58.23 -94.07
CA SER IA 123 -80.20 57.10 -93.22
C SER IA 123 -81.69 56.75 -93.34
N GLY IA 124 -82.10 55.76 -92.55
CA GLY IA 124 -83.36 55.07 -92.79
C GLY IA 124 -84.54 55.66 -92.02
N GLY IA 125 -85.56 56.06 -92.78
CA GLY IA 125 -86.86 56.40 -92.22
C GLY IA 125 -86.97 57.77 -91.59
N VAL IA 126 -85.87 58.47 -91.38
CA VAL IA 126 -85.93 59.80 -90.80
C VAL IA 126 -86.09 60.82 -91.91
N ARG IA 127 -86.51 62.02 -91.55
CA ARG IA 127 -86.68 63.10 -92.50
C ARG IA 127 -85.55 64.13 -92.37
N PRO IA 128 -85.20 64.82 -93.44
CA PRO IA 128 -84.14 65.84 -93.35
C PRO IA 128 -84.62 67.06 -92.56
N PHE IA 129 -83.65 67.91 -92.21
CA PHE IA 129 -83.95 69.09 -91.40
C PHE IA 129 -84.78 70.10 -92.19
N GLY IA 130 -85.36 71.04 -91.45
CA GLY IA 130 -86.12 72.12 -92.04
C GLY IA 130 -85.58 73.44 -91.53
N VAL IA 131 -84.30 73.44 -91.19
CA VAL IA 131 -83.63 74.59 -90.59
C VAL IA 131 -82.33 74.82 -91.34
N SER IA 132 -82.15 76.02 -91.87
CA SER IA 132 -80.85 76.48 -92.33
C SER IA 132 -80.24 77.36 -91.24
N LEU IA 133 -78.92 77.51 -91.29
CA LEU IA 133 -78.19 78.16 -90.21
C LEU IA 133 -77.37 79.33 -90.73
N LEU IA 134 -76.85 80.10 -89.79
CA LEU IA 134 -75.79 81.07 -90.03
C LEU IA 134 -74.83 80.98 -88.87
N ILE IA 135 -73.58 80.64 -89.15
CA ILE IA 135 -72.59 80.37 -88.11
C ILE IA 135 -71.48 81.40 -88.22
N CYS IA 136 -71.10 81.98 -87.09
CA CYS IA 136 -70.22 83.13 -87.03
C CYS IA 136 -69.08 82.87 -86.05
N GLY IA 137 -68.12 83.80 -86.03
CA GLY IA 137 -67.02 83.71 -85.10
C GLY IA 137 -65.75 84.39 -85.56
N TRP IA 138 -64.97 84.90 -84.62
CA TRP IA 138 -63.72 85.61 -84.89
C TRP IA 138 -62.57 84.80 -84.30
N ASN IA 139 -62.06 83.86 -85.10
CA ASN IA 139 -60.94 83.02 -84.69
C ASN IA 139 -59.73 83.35 -85.55
N GLU IA 140 -58.57 83.48 -84.90
CA GLU IA 140 -57.27 83.79 -85.51
C GLU IA 140 -57.32 85.08 -86.32
N GLY IA 141 -57.63 86.17 -85.61
CA GLY IA 141 -57.65 87.49 -86.22
C GLY IA 141 -58.86 87.77 -87.07
N ARG IA 142 -58.95 87.09 -88.23
CA ARG IA 142 -60.04 87.35 -89.16
C ARG IA 142 -61.33 86.70 -88.66
N PRO IA 143 -62.45 87.40 -88.80
CA PRO IA 143 -63.75 86.81 -88.47
C PRO IA 143 -64.32 86.02 -89.63
N TYR IA 144 -65.31 85.19 -89.32
CA TYR IA 144 -65.89 84.28 -90.29
C TYR IA 144 -67.41 84.30 -90.20
N LEU IA 145 -68.04 83.91 -91.32
CA LEU IA 145 -69.51 83.87 -91.39
C LEU IA 145 -69.89 82.81 -92.42
N PHE IA 146 -70.47 81.71 -91.95
CA PHE IA 146 -70.83 80.59 -92.80
C PHE IA 146 -72.34 80.37 -92.78
N GLN IA 147 -72.82 79.58 -93.74
CA GLN IA 147 -74.23 79.25 -93.87
C GLN IA 147 -74.37 77.79 -94.28
N SER IA 148 -75.14 77.02 -93.52
CA SER IA 148 -75.37 75.61 -93.82
C SER IA 148 -76.85 75.37 -94.09
N ASP IA 149 -77.11 74.58 -95.11
CA ASP IA 149 -78.46 74.27 -95.58
C ASP IA 149 -78.90 72.87 -95.12
N PRO IA 150 -80.19 72.56 -95.18
CA PRO IA 150 -80.64 71.20 -94.83
C PRO IA 150 -80.19 70.10 -95.79
N SER IA 151 -79.61 70.43 -96.95
CA SER IA 151 -79.07 69.37 -97.80
C SER IA 151 -77.79 68.78 -97.21
N GLY IA 152 -77.01 69.60 -96.53
CA GLY IA 152 -75.74 69.16 -95.97
C GLY IA 152 -74.53 69.92 -96.46
N ALA IA 153 -74.67 70.82 -97.43
CA ALA IA 153 -73.55 71.62 -97.92
C ALA IA 153 -73.36 72.83 -97.02
N TYR IA 154 -72.41 73.68 -97.39
CA TYR IA 154 -72.18 74.93 -96.69
C TYR IA 154 -71.47 75.91 -97.62
N PHE IA 155 -71.43 77.18 -97.18
CA PHE IA 155 -70.89 78.25 -98.00
C PHE IA 155 -70.11 79.20 -97.08
N ALA IA 156 -69.69 80.32 -97.65
CA ALA IA 156 -68.92 81.34 -96.94
C ALA IA 156 -69.33 82.70 -97.50
N TRP IA 157 -70.15 83.43 -96.75
CA TRP IA 157 -70.75 84.66 -97.23
C TRP IA 157 -70.02 85.89 -96.69
N LYS IA 158 -70.19 87.00 -97.42
CA LYS IA 158 -69.88 88.32 -96.89
C LYS IA 158 -71.10 88.92 -96.19
N ALA IA 159 -72.24 88.88 -96.86
CA ALA IA 159 -73.50 89.32 -96.28
C ALA IA 159 -74.63 88.57 -96.98
N THR IA 160 -75.55 88.05 -96.20
CA THR IA 160 -76.63 87.24 -96.75
C THR IA 160 -77.87 87.39 -95.88
N ALA IA 161 -78.97 86.82 -96.35
CA ALA IA 161 -80.25 86.91 -95.65
C ALA IA 161 -81.06 85.66 -95.93
N MET IA 162 -81.52 85.01 -94.85
CA MET IA 162 -82.38 83.84 -94.94
C MET IA 162 -83.72 84.16 -94.31
N GLY IA 163 -84.74 83.41 -94.71
CA GLY IA 163 -86.09 83.62 -94.26
C GLY IA 163 -87.00 84.10 -95.37
N LYS IA 164 -88.10 84.74 -94.96
CA LYS IA 164 -89.01 85.31 -95.94
C LYS IA 164 -88.42 86.58 -96.56
N ASN IA 165 -88.82 86.83 -97.81
CA ASN IA 165 -88.41 87.99 -98.61
C ASN IA 165 -86.89 88.09 -98.74
N TYR IA 166 -86.23 86.93 -98.88
CA TYR IA 166 -84.77 86.91 -98.94
C TYR IA 166 -84.24 87.43 -100.27
N VAL IA 167 -85.03 87.35 -101.34
CA VAL IA 167 -84.59 87.89 -102.62
C VAL IA 167 -84.62 89.40 -102.63
N ASN IA 168 -85.40 90.04 -101.75
CA ASN IA 168 -85.37 91.48 -101.63
C ASN IA 168 -84.20 91.94 -100.79
N GLY IA 169 -83.91 91.21 -99.70
CA GLY IA 169 -82.75 91.52 -98.89
C GLY IA 169 -81.43 91.19 -99.55
N LYS IA 170 -81.44 90.24 -100.49
CA LYS IA 170 -80.21 89.91 -101.22
C LYS IA 170 -79.78 91.04 -102.13
N THR IA 171 -80.75 91.70 -102.78
CA THR IA 171 -80.43 92.84 -103.62
C THR IA 171 -80.12 94.08 -102.77
N PHE IA 172 -80.72 94.19 -101.59
CA PHE IA 172 -80.51 95.36 -100.76
C PHE IA 172 -79.13 95.33 -100.11
N LEU IA 173 -78.66 94.14 -99.70
CA LEU IA 173 -77.33 94.04 -99.14
C LEU IA 173 -76.26 94.25 -100.21
N GLU IA 174 -76.56 93.86 -101.45
CA GLU IA 174 -75.61 94.08 -102.53
C GLU IA 174 -75.49 95.55 -102.88
N LYS IA 175 -76.57 96.32 -102.71
CA LYS IA 175 -76.55 97.74 -103.00
C LYS IA 175 -76.11 98.59 -101.82
N ARG IA 176 -75.87 97.99 -100.66
CA ARG IA 176 -75.51 98.76 -99.47
C ARG IA 176 -74.17 98.36 -98.88
N TYR IA 177 -73.81 97.08 -98.90
CA TYR IA 177 -72.54 96.67 -98.33
C TYR IA 177 -71.39 97.04 -99.28
N ASN IA 178 -70.17 96.92 -98.76
CA ASN IA 178 -68.97 97.33 -99.47
C ASN IA 178 -67.83 96.42 -99.04
N GLU IA 179 -66.60 96.88 -99.27
CA GLU IA 179 -65.44 96.08 -98.87
C GLU IA 179 -65.27 96.06 -97.35
N ASP IA 180 -65.33 97.22 -96.70
CA ASP IA 180 -65.17 97.26 -95.25
C ASP IA 180 -66.10 98.28 -94.63
N LEU IA 181 -66.48 98.00 -93.39
CA LEU IA 181 -67.17 98.93 -92.50
C LEU IA 181 -66.64 98.72 -91.10
N GLU IA 182 -67.16 99.49 -90.16
CA GLU IA 182 -66.98 99.13 -88.77
C GLU IA 182 -68.14 98.24 -88.33
N LEU IA 183 -67.97 97.61 -87.16
CA LEU IA 183 -69.04 96.80 -86.60
C LEU IA 183 -70.23 97.66 -86.22
N GLU IA 184 -69.97 98.88 -85.72
CA GLU IA 184 -71.04 99.79 -85.35
C GLU IA 184 -71.76 100.35 -86.57
N ASP IA 185 -71.08 100.41 -87.72
CA ASP IA 185 -71.77 100.74 -88.95
C ASP IA 185 -72.48 99.53 -89.54
N ALA IA 186 -72.01 98.33 -89.21
CA ALA IA 186 -72.58 97.12 -89.78
C ALA IA 186 -73.93 96.78 -89.15
N ILE IA 187 -74.14 97.12 -87.88
CA ILE IA 187 -75.45 96.90 -87.26
C ILE IA 187 -76.47 97.86 -87.84
N HIS IA 188 -76.02 99.04 -88.29
CA HIS IA 188 -76.94 100.04 -88.83
C HIS IA 188 -77.52 99.58 -90.16
N THR IA 189 -76.69 98.96 -91.00
CA THR IA 189 -77.18 98.37 -92.25
C THR IA 189 -77.74 96.97 -92.06
N ALA IA 190 -77.73 96.44 -90.83
CA ALA IA 190 -78.34 95.14 -90.57
C ALA IA 190 -79.76 95.25 -90.04
N ILE IA 191 -80.12 96.40 -89.47
CA ILE IA 191 -81.50 96.63 -89.08
C ILE IA 191 -82.28 97.23 -90.23
N LEU IA 192 -81.61 98.06 -91.03
CA LEU IA 192 -82.23 98.66 -92.20
C LEU IA 192 -82.57 97.63 -93.28
N THR IA 193 -81.90 96.48 -93.29
CA THR IA 193 -82.33 95.37 -94.13
C THR IA 193 -83.36 94.49 -93.43
N LEU IA 194 -83.44 94.55 -92.10
CA LEU IA 194 -84.50 93.88 -91.37
C LEU IA 194 -85.74 94.75 -91.21
N LYS IA 195 -85.59 96.07 -91.36
CA LYS IA 195 -86.74 96.96 -91.42
C LYS IA 195 -87.46 96.89 -92.75
N GLU IA 196 -86.84 96.26 -93.75
CA GLU IA 196 -87.49 96.09 -95.05
C GLU IA 196 -88.70 95.16 -94.94
N SER IA 197 -88.58 94.09 -94.16
CA SER IA 197 -89.61 93.07 -94.09
C SER IA 197 -90.26 92.96 -92.73
N PHE IA 198 -90.04 93.91 -91.83
CA PHE IA 198 -90.65 93.86 -90.51
C PHE IA 198 -92.08 94.38 -90.57
N GLU IA 199 -92.74 94.39 -89.42
CA GLU IA 199 -94.10 94.89 -89.31
C GLU IA 199 -94.06 96.41 -89.10
N GLY IA 200 -95.20 96.98 -88.72
CA GLY IA 200 -95.31 98.42 -88.62
C GLY IA 200 -94.60 99.02 -87.42
N GLN IA 201 -94.24 98.21 -86.44
CA GLN IA 201 -93.55 98.67 -85.25
C GLN IA 201 -92.31 97.84 -85.00
N MET IA 202 -91.21 98.51 -84.66
CA MET IA 202 -89.95 97.85 -84.33
C MET IA 202 -89.45 98.40 -83.00
N THR IA 203 -89.43 97.55 -81.99
CA THR IA 203 -89.04 97.94 -80.64
C THR IA 203 -87.80 97.15 -80.23
N GLU IA 204 -87.45 97.25 -78.94
CA GLU IA 204 -86.35 96.47 -78.40
C GLU IA 204 -86.66 94.99 -78.29
N ASP IA 205 -87.94 94.61 -78.39
CA ASP IA 205 -88.36 93.23 -78.23
C ASP IA 205 -88.87 92.61 -79.52
N ASN IA 206 -88.87 93.37 -80.62
CA ASN IA 206 -89.23 92.81 -81.91
C ASN IA 206 -88.02 92.26 -82.65
N ILE IA 207 -86.84 92.86 -82.44
CA ILE IA 207 -85.61 92.38 -83.04
C ILE IA 207 -84.72 91.81 -81.93
N GLU IA 208 -83.65 91.15 -82.34
CA GLU IA 208 -82.73 90.53 -81.39
C GLU IA 208 -81.39 90.33 -82.08
N VAL IA 209 -80.33 90.95 -81.55
CA VAL IA 209 -79.07 91.16 -82.25
C VAL IA 209 -77.92 90.58 -81.44
N GLY IA 210 -77.07 89.79 -82.08
CA GLY IA 210 -75.82 89.36 -81.48
C GLY IA 210 -74.64 89.73 -82.34
N ILE IA 211 -73.50 89.96 -81.69
CA ILE IA 211 -72.30 90.45 -82.35
C ILE IA 211 -71.13 89.50 -82.06
N CYS IA 212 -70.02 89.73 -82.77
CA CYS IA 212 -68.79 88.96 -82.59
C CYS IA 212 -67.60 89.91 -82.65
N ASN IA 213 -67.19 90.43 -81.50
CA ASN IA 213 -65.93 91.13 -81.45
C ASN IA 213 -64.79 90.13 -81.31
N GLU IA 214 -63.56 90.62 -81.40
CA GLU IA 214 -62.41 89.76 -81.12
C GLU IA 214 -62.29 89.45 -79.63
N ALA IA 215 -62.92 90.25 -78.77
CA ALA IA 215 -63.01 89.96 -77.35
C ALA IA 215 -63.86 88.73 -77.05
N GLY IA 216 -64.66 88.25 -77.99
CA GLY IA 216 -65.45 87.05 -77.83
C GLY IA 216 -66.83 87.23 -78.40
N PHE IA 217 -67.69 86.26 -78.14
CA PHE IA 217 -69.08 86.33 -78.58
C PHE IA 217 -69.91 87.06 -77.54
N ARG IA 218 -70.89 87.81 -78.01
CA ARG IA 218 -71.70 88.65 -77.13
C ARG IA 218 -73.05 88.87 -77.80
N ARG IA 219 -74.13 88.54 -77.09
CA ARG IA 219 -75.46 88.90 -77.54
C ARG IA 219 -75.96 90.09 -76.72
N LEU IA 220 -76.78 90.91 -77.34
CA LEU IA 220 -77.11 92.22 -76.80
C LEU IA 220 -78.38 92.18 -75.96
N THR IA 221 -78.31 92.83 -74.80
CA THR IA 221 -79.50 93.04 -73.98
C THR IA 221 -80.38 94.09 -74.64
N PRO IA 222 -81.69 94.13 -74.32
CA PRO IA 222 -82.57 95.15 -74.92
C PRO IA 222 -82.26 96.59 -74.54
N THR IA 223 -81.37 96.84 -73.56
CA THR IA 223 -80.97 98.21 -73.26
C THR IA 223 -80.18 98.82 -74.40
N GLU IA 224 -79.22 98.06 -74.95
CA GLU IA 224 -78.45 98.57 -76.09
C GLU IA 224 -79.29 98.65 -77.35
N VAL IA 225 -80.16 97.67 -77.57
CA VAL IA 225 -80.94 97.62 -78.80
C VAL IA 225 -82.01 98.71 -78.82
N LYS IA 226 -82.50 99.12 -77.65
CA LYS IA 226 -83.36 100.29 -77.58
C LYS IA 226 -82.57 101.56 -77.83
N ASP IA 227 -81.37 101.65 -77.25
CA ASP IA 227 -80.51 102.79 -77.48
C ASP IA 227 -79.91 102.80 -78.88
N TYR IA 228 -79.83 101.66 -79.56
CA TYR IA 228 -79.28 101.66 -80.92
C TYR IA 228 -80.33 102.12 -81.93
N LEU IA 229 -81.57 101.66 -81.79
CA LEU IA 229 -82.65 102.12 -82.65
C LEU IA 229 -83.28 103.43 -82.16
N ALA IA 230 -82.67 104.09 -81.17
CA ALA IA 230 -83.15 105.38 -80.67
C ALA IA 230 -82.77 106.45 -81.69
N ALA IA 231 -83.64 106.57 -82.72
CA ALA IA 231 -83.63 107.58 -83.78
C ALA IA 231 -82.40 107.54 -84.68
N ILE IA 232 -81.50 106.58 -84.49
CA ILE IA 232 -80.41 106.34 -85.46
C ILE IA 232 -80.95 105.29 -86.42
N ALA IA 233 -81.74 105.77 -87.39
CA ALA IA 233 -82.60 104.96 -88.26
C ALA IA 233 -83.42 103.92 -87.48
N SER JA 1 -92.59 49.09 -92.83
CA SER JA 1 -93.69 48.44 -93.52
C SER JA 1 -93.25 47.96 -94.91
N ARG JA 2 -94.19 47.93 -95.85
CA ARG JA 2 -93.92 47.47 -97.21
C ARG JA 2 -94.23 48.51 -98.28
N ARG JA 3 -95.31 49.27 -98.12
CA ARG JA 3 -95.73 50.25 -99.11
C ARG JA 3 -94.93 51.56 -99.04
N TYR JA 4 -94.01 51.68 -98.09
CA TYR JA 4 -93.24 52.90 -97.89
C TYR JA 4 -91.83 52.79 -98.44
N ASP JA 5 -91.43 51.62 -98.94
CA ASP JA 5 -90.05 51.36 -99.33
C ASP JA 5 -89.80 51.81 -100.75
N SER JA 6 -88.56 52.24 -101.01
CA SER JA 6 -88.08 52.49 -102.35
C SER JA 6 -87.45 51.22 -102.91
N ARG JA 7 -87.24 51.21 -104.23
CA ARG JA 7 -86.81 49.97 -104.88
C ARG JA 7 -85.31 49.77 -104.74
N THR JA 8 -84.52 50.58 -105.46
CA THR JA 8 -83.06 50.71 -105.38
C THR JA 8 -82.26 49.43 -105.64
N THR JA 9 -82.92 48.31 -105.92
CA THR JA 9 -82.20 47.03 -105.97
C THR JA 9 -82.74 46.07 -107.03
N ILE JA 10 -83.73 46.47 -107.83
CA ILE JA 10 -84.52 45.53 -108.62
C ILE JA 10 -84.19 45.70 -110.09
N PHE JA 11 -83.88 44.60 -110.76
CA PHE JA 11 -83.57 44.56 -112.17
C PHE JA 11 -84.80 44.93 -113.02
N SER JA 12 -84.51 45.30 -114.26
CA SER JA 12 -85.54 45.48 -115.27
C SER JA 12 -85.91 44.12 -115.85
N PRO JA 13 -87.07 44.02 -116.50
CA PRO JA 13 -87.35 42.81 -117.30
C PRO JA 13 -86.39 42.59 -118.45
N GLU JA 14 -85.79 43.66 -118.98
CA GLU JA 14 -84.74 43.52 -120.00
C GLU JA 14 -83.35 43.37 -119.39
N GLY JA 15 -83.18 43.69 -118.11
CA GLY JA 15 -81.93 43.45 -117.42
C GLY JA 15 -81.18 44.70 -116.98
N ARG JA 16 -81.63 45.88 -117.36
CA ARG JA 16 -80.91 47.09 -116.99
C ARG JA 16 -81.24 47.49 -115.55
N LEU JA 17 -80.52 48.50 -115.05
CA LEU JA 17 -80.69 48.99 -113.70
C LEU JA 17 -81.53 50.26 -113.70
N TYR JA 18 -82.41 50.35 -112.70
CA TYR JA 18 -83.41 51.41 -112.65
C TYR JA 18 -82.88 52.68 -111.98
N GLN JA 19 -82.14 52.54 -110.88
CA GLN JA 19 -81.65 53.70 -110.14
C GLN JA 19 -80.24 54.10 -110.53
N VAL JA 20 -79.43 53.16 -111.00
CA VAL JA 20 -78.03 53.46 -111.31
C VAL JA 20 -77.94 54.32 -112.56
N GLU JA 21 -78.82 54.09 -113.54
CA GLU JA 21 -78.85 54.93 -114.74
C GLU JA 21 -79.31 56.34 -114.45
N TYR JA 22 -80.08 56.55 -113.38
CA TYR JA 22 -80.54 57.89 -113.04
C TYR JA 22 -79.43 58.71 -112.40
N ALA JA 23 -78.61 58.08 -111.56
CA ALA JA 23 -77.54 58.80 -110.88
C ALA JA 23 -76.39 59.13 -111.84
N MET JA 24 -76.24 58.37 -112.92
CA MET JA 24 -75.22 58.67 -113.92
C MET JA 24 -75.63 59.78 -114.86
N GLU JA 25 -76.85 60.31 -114.75
CA GLU JA 25 -77.29 61.42 -115.56
C GLU JA 25 -77.35 62.74 -114.81
N ALA JA 26 -77.39 62.72 -113.47
CA ALA JA 26 -77.37 63.96 -112.72
C ALA JA 26 -75.98 64.57 -112.67
N ILE JA 27 -74.95 63.76 -112.88
CA ILE JA 27 -73.58 64.27 -112.90
C ILE JA 27 -73.34 65.09 -114.16
N GLY JA 28 -74.02 64.74 -115.26
CA GLY JA 28 -73.88 65.52 -116.48
C GLY JA 28 -74.46 66.91 -116.39
N HIS JA 29 -75.42 67.12 -115.49
CA HIS JA 29 -75.95 68.45 -115.20
C HIS JA 29 -75.26 69.04 -113.97
N ALA JA 30 -73.94 69.13 -114.06
CA ALA JA 30 -73.12 69.65 -112.96
C ALA JA 30 -71.88 70.30 -113.57
N GLY JA 31 -70.85 70.48 -112.74
CA GLY JA 31 -69.65 71.16 -113.16
C GLY JA 31 -68.80 70.34 -114.12
N THR JA 32 -67.72 70.96 -114.57
CA THR JA 32 -66.83 70.39 -115.58
C THR JA 32 -65.44 70.22 -114.97
N CYS JA 33 -64.89 69.01 -115.11
CA CYS JA 33 -63.55 68.70 -114.65
C CYS JA 33 -62.84 67.85 -115.70
N LEU JA 34 -61.54 68.05 -115.83
CA LEU JA 34 -60.77 67.29 -116.80
C LEU JA 34 -59.33 67.17 -116.32
N GLY JA 35 -58.58 66.28 -116.98
CA GLY JA 35 -57.17 66.10 -116.69
C GLY JA 35 -56.44 65.74 -117.97
N ILE JA 36 -55.11 65.82 -117.90
CA ILE JA 36 -54.27 65.54 -119.06
C ILE JA 36 -52.91 65.10 -118.57
N LEU JA 37 -52.38 64.04 -119.20
CA LEU JA 37 -51.04 63.59 -118.92
C LEU JA 37 -50.00 64.49 -119.57
N ALA JA 38 -48.80 64.46 -118.99
CA ALA JA 38 -47.60 65.03 -119.59
C ALA JA 38 -46.47 64.03 -119.45
N ASN JA 39 -45.36 64.32 -120.11
CA ASN JA 39 -44.18 63.48 -119.92
C ASN JA 39 -43.53 63.71 -118.56
N ASP JA 40 -43.76 64.87 -117.96
CA ASP JA 40 -43.18 65.22 -116.67
C ASP JA 40 -44.20 65.97 -115.81
N GLY JA 41 -45.47 65.62 -115.92
CA GLY JA 41 -46.46 66.22 -115.05
C GLY JA 41 -47.85 65.70 -115.34
N VAL JA 42 -48.81 66.28 -114.61
CA VAL JA 42 -50.22 66.02 -114.80
C VAL JA 42 -50.96 67.22 -114.20
N LEU JA 43 -52.13 67.54 -114.75
CA LEU JA 43 -52.85 68.73 -114.33
C LEU JA 43 -54.34 68.44 -114.25
N LEU JA 44 -55.05 69.33 -113.55
CA LEU JA 44 -56.50 69.29 -113.43
C LEU JA 44 -57.07 70.67 -113.69
N ALA JA 45 -58.28 70.69 -114.24
CA ALA JA 45 -59.00 71.94 -114.51
C ALA JA 45 -60.43 71.78 -114.00
N ALA JA 46 -61.04 72.91 -113.63
CA ALA JA 46 -62.35 72.86 -113.01
C ALA JA 46 -63.15 74.10 -113.40
N GLU JA 47 -64.47 73.98 -113.25
CA GLU JA 47 -65.41 75.06 -113.54
C GLU JA 47 -66.01 75.55 -112.22
N ARG JA 48 -66.06 76.88 -112.06
CA ARG JA 48 -66.62 77.48 -110.85
C ARG JA 48 -68.14 77.57 -110.99
N ARG JA 49 -68.84 77.04 -110.01
CA ARG JA 49 -70.27 77.30 -109.85
C ARG JA 49 -70.48 78.32 -108.75
N ASN JA 50 -71.59 79.06 -108.86
CA ASN JA 50 -71.99 80.10 -107.90
C ASN JA 50 -70.91 81.18 -107.77
N ILE JA 51 -70.78 81.96 -108.84
CA ILE JA 51 -69.74 82.97 -108.95
C ILE JA 51 -70.29 84.32 -108.53
N HIS JA 52 -71.31 84.30 -107.68
CA HIS JA 52 -71.91 85.51 -107.11
C HIS JA 52 -70.90 86.32 -106.31
N LYS JA 53 -71.12 87.63 -106.25
CA LYS JA 53 -70.13 88.58 -105.75
C LYS JA 53 -70.27 88.86 -104.25
N LEU JA 54 -70.78 87.92 -103.47
CA LEU JA 54 -70.87 88.07 -102.02
C LEU JA 54 -70.33 86.82 -101.33
N LEU JA 55 -69.31 86.20 -101.92
CA LEU JA 55 -68.69 85.02 -101.33
C LEU JA 55 -67.24 85.32 -101.00
N ASP JA 56 -66.62 84.41 -100.25
CA ASP JA 56 -65.29 84.62 -99.71
C ASP JA 56 -64.20 83.82 -100.42
N GLU JA 57 -64.43 82.52 -100.63
CA GLU JA 57 -63.46 81.56 -101.18
C GLU JA 57 -62.15 81.60 -100.42
N VAL JA 58 -62.23 81.26 -99.12
CA VAL JA 58 -61.07 81.30 -98.24
C VAL JA 58 -60.42 79.94 -98.07
N PHE JA 59 -60.86 78.92 -98.79
CA PHE JA 59 -60.36 77.57 -98.58
C PHE JA 59 -59.11 77.27 -99.39
N PHE JA 60 -58.77 78.12 -100.37
CA PHE JA 60 -57.71 78.02 -101.37
C PHE JA 60 -57.92 76.86 -102.35
N SER JA 61 -59.00 76.09 -102.23
CA SER JA 61 -59.31 74.94 -103.06
C SER JA 61 -60.75 74.51 -102.81
N GLU JA 62 -61.54 74.34 -103.86
CA GLU JA 62 -62.91 73.88 -103.72
C GLU JA 62 -63.16 72.57 -104.44
N LYS JA 63 -62.82 72.49 -105.73
CA LYS JA 63 -62.97 71.23 -106.46
C LYS JA 63 -61.83 70.26 -106.16
N ILE JA 64 -60.64 70.79 -105.92
CA ILE JA 64 -59.45 69.96 -105.70
C ILE JA 64 -59.35 69.66 -104.22
N TYR JA 65 -59.04 68.41 -103.89
CA TYR JA 65 -58.81 67.99 -102.51
C TYR JA 65 -57.50 67.21 -102.48
N LYS JA 66 -56.45 67.84 -101.96
CA LYS JA 66 -55.15 67.19 -101.79
C LYS JA 66 -55.30 66.09 -100.76
N LEU JA 67 -55.23 64.84 -101.21
CA LEU JA 67 -55.75 63.75 -100.39
C LEU JA 67 -54.70 62.99 -99.59
N ASN JA 68 -53.60 62.49 -100.19
CA ASN JA 68 -52.65 61.81 -99.32
C ASN JA 68 -51.42 62.67 -99.02
N GLU JA 69 -50.46 62.67 -99.95
CA GLU JA 69 -49.40 63.68 -100.06
C GLU JA 69 -49.06 63.99 -101.51
N ASP JA 70 -49.31 63.06 -102.42
CA ASP JA 70 -48.87 63.12 -103.81
C ASP JA 70 -50.02 62.86 -104.75
N MET JA 71 -51.25 62.98 -104.23
CA MET JA 71 -52.45 62.74 -105.00
C MET JA 71 -53.51 63.77 -104.63
N ALA JA 72 -54.37 64.08 -105.59
CA ALA JA 72 -55.51 64.95 -105.38
C ALA JA 72 -56.64 64.44 -106.25
N CYS JA 73 -57.81 65.08 -106.13
CA CYS JA 73 -58.96 64.66 -106.90
C CYS JA 73 -59.88 65.84 -107.13
N SER JA 74 -60.47 65.89 -108.32
CA SER JA 74 -61.59 66.78 -108.58
C SER JA 74 -62.86 66.11 -108.07
N VAL JA 75 -64.01 66.75 -108.29
CA VAL JA 75 -65.27 66.19 -107.84
C VAL JA 75 -66.38 66.72 -108.73
N ALA JA 76 -67.46 65.94 -108.86
CA ALA JA 76 -68.61 66.32 -109.65
C ALA JA 76 -69.83 65.58 -109.12
N GLY JA 77 -70.97 66.26 -109.15
CA GLY JA 77 -72.20 65.67 -108.67
C GLY JA 77 -72.76 66.36 -107.44
N ILE JA 78 -73.34 65.57 -106.54
CA ILE JA 78 -73.94 66.12 -105.31
C ILE JA 78 -72.82 66.52 -104.37
N THR JA 79 -72.75 67.81 -104.05
CA THR JA 79 -71.68 68.31 -103.19
C THR JA 79 -71.86 67.89 -101.75
N SER JA 80 -73.11 67.72 -101.31
CA SER JA 80 -73.36 67.26 -99.95
C SER JA 80 -72.96 65.80 -99.76
N ASP JA 81 -73.15 64.97 -100.79
CA ASP JA 81 -72.73 63.58 -100.73
C ASP JA 81 -71.22 63.43 -100.90
N ALA JA 82 -70.54 64.45 -101.42
CA ALA JA 82 -69.14 64.32 -101.77
C ALA JA 82 -68.20 64.39 -100.59
N ASN JA 83 -68.61 65.03 -99.50
CA ASN JA 83 -67.72 65.17 -98.35
C ASN JA 83 -67.55 63.87 -97.58
N VAL JA 84 -68.49 62.95 -97.72
CA VAL JA 84 -68.38 61.65 -97.05
C VAL JA 84 -67.28 60.82 -97.70
N LEU JA 85 -67.18 60.88 -99.03
CA LEU JA 85 -66.20 60.06 -99.74
C LEU JA 85 -64.78 60.55 -99.54
N THR JA 86 -64.58 61.86 -99.42
CA THR JA 86 -63.23 62.39 -99.30
C THR JA 86 -62.63 62.12 -97.93
N ASN JA 87 -63.45 62.24 -96.87
CA ASN JA 87 -62.96 61.95 -95.53
C ASN JA 87 -62.69 60.47 -95.34
N GLU JA 88 -63.41 59.61 -96.08
CA GLU JA 88 -63.11 58.19 -96.05
C GLU JA 88 -61.84 57.89 -96.84
N LEU JA 89 -61.66 58.54 -97.98
CA LEU JA 89 -60.57 58.20 -98.89
C LEU JA 89 -59.22 58.65 -98.36
N ARG JA 90 -59.18 59.78 -97.65
CA ARG JA 90 -57.97 60.15 -96.92
C ARG JA 90 -57.69 59.17 -95.80
N LEU JA 91 -58.73 58.59 -95.22
CA LEU JA 91 -58.59 57.65 -94.14
C LEU JA 91 -58.20 56.25 -94.62
N ILE JA 92 -58.54 55.90 -95.86
CA ILE JA 92 -58.05 54.65 -96.44
C ILE JA 92 -56.56 54.76 -96.76
N ALA JA 93 -56.14 55.89 -97.33
CA ALA JA 93 -54.74 56.08 -97.70
C ALA JA 93 -53.83 56.22 -96.48
N GLN JA 94 -54.38 56.51 -95.31
CA GLN JA 94 -53.57 56.73 -94.13
C GLN JA 94 -53.42 55.48 -93.28
N ARG JA 95 -54.42 54.60 -93.25
CA ARG JA 95 -54.25 53.31 -92.59
C ARG JA 95 -53.37 52.35 -93.38
N TYR JA 96 -53.19 52.61 -94.68
CA TYR JA 96 -52.19 51.87 -95.44
C TYR JA 96 -50.79 52.22 -94.97
N LEU JA 97 -50.55 53.50 -94.70
CA LEU JA 97 -49.23 53.93 -94.27
C LEU JA 97 -48.93 53.47 -92.85
N LEU JA 98 -49.95 53.30 -92.02
CA LEU JA 98 -49.73 52.68 -90.72
C LEU JA 98 -49.35 51.20 -90.86
N GLN JA 99 -49.82 50.55 -91.93
CA GLN JA 99 -49.66 49.11 -92.08
C GLN JA 99 -48.33 48.73 -92.73
N TYR JA 100 -47.88 49.46 -93.74
CA TYR JA 100 -46.66 49.10 -94.47
C TYR JA 100 -45.55 50.13 -94.36
N GLN JA 101 -45.86 51.38 -93.95
CA GLN JA 101 -44.94 52.52 -93.97
C GLN JA 101 -44.37 52.76 -95.38
N GLU JA 102 -45.27 52.81 -96.35
CA GLU JA 102 -44.98 53.12 -97.74
C GLU JA 102 -46.26 53.80 -98.23
N PRO JA 103 -46.16 54.82 -99.07
CA PRO JA 103 -47.38 55.45 -99.59
C PRO JA 103 -48.18 54.51 -100.49
N ILE JA 104 -49.47 54.82 -100.60
CA ILE JA 104 -50.39 53.95 -101.34
C ILE JA 104 -50.17 54.13 -102.83
N PRO JA 105 -50.00 53.04 -103.60
CA PRO JA 105 -49.54 53.18 -104.98
C PRO JA 105 -50.64 53.47 -105.99
N CYS JA 106 -51.60 54.34 -105.67
CA CYS JA 106 -52.45 55.07 -106.62
C CYS JA 106 -53.44 54.23 -107.42
N GLU JA 107 -53.44 52.90 -107.29
CA GLU JA 107 -54.47 52.08 -107.92
C GLU JA 107 -55.38 51.43 -106.90
N GLN JA 108 -54.81 50.72 -105.93
CA GLN JA 108 -55.63 50.05 -104.93
C GLN JA 108 -56.23 50.99 -103.91
N LEU JA 109 -55.86 52.27 -103.93
CA LEU JA 109 -56.67 53.29 -103.28
C LEU JA 109 -57.99 53.46 -103.99
N VAL JA 110 -57.96 53.47 -105.33
CA VAL JA 110 -59.16 53.71 -106.12
C VAL JA 110 -60.10 52.51 -106.02
N THR JA 111 -59.54 51.29 -106.05
CA THR JA 111 -60.38 50.10 -105.91
C THR JA 111 -60.94 49.97 -104.51
N ALA JA 112 -60.27 50.54 -103.50
CA ALA JA 112 -60.81 50.56 -102.16
C ALA JA 112 -62.03 51.46 -102.05
N LEU JA 113 -62.04 52.58 -102.78
CA LEU JA 113 -63.24 53.40 -102.81
C LEU JA 113 -64.32 52.77 -103.69
N CYS JA 114 -63.92 52.24 -104.84
CA CYS JA 114 -64.87 51.67 -105.80
C CYS JA 114 -65.56 50.43 -105.28
N ASP JA 115 -65.02 49.78 -104.25
CA ASP JA 115 -65.77 48.73 -103.58
C ASP JA 115 -66.77 49.31 -102.59
N ILE JA 116 -66.46 50.47 -102.00
CA ILE JA 116 -67.39 51.12 -101.09
C ILE JA 116 -68.53 51.76 -101.87
N LYS JA 117 -68.21 52.41 -102.99
CA LYS JA 117 -69.24 53.03 -103.82
C LYS JA 117 -70.13 52.00 -104.49
N GLN JA 118 -69.59 50.81 -104.77
CA GLN JA 118 -70.40 49.75 -105.36
C GLN JA 118 -71.44 49.23 -104.39
N ALA JA 119 -71.06 49.05 -103.12
CA ALA JA 119 -71.82 48.28 -102.14
C ALA JA 119 -73.18 48.87 -101.79
N TYR JA 120 -73.46 50.12 -102.15
CA TYR JA 120 -74.79 50.65 -101.92
C TYR JA 120 -75.75 50.33 -103.06
N THR JA 121 -75.24 49.97 -104.24
CA THR JA 121 -76.08 49.40 -105.28
C THR JA 121 -76.51 47.98 -104.94
N GLN JA 122 -75.67 47.25 -104.22
CA GLN JA 122 -76.02 45.96 -103.65
C GLN JA 122 -76.64 46.16 -102.28
N PHE JA 123 -76.52 45.11 -101.45
CA PHE JA 123 -77.28 44.86 -100.22
C PHE JA 123 -77.44 46.08 -99.33
N GLY JA 124 -78.62 46.17 -98.72
CA GLY JA 124 -79.03 47.35 -97.98
C GLY JA 124 -79.86 48.27 -98.85
N GLY JA 125 -81.01 48.70 -98.36
CA GLY JA 125 -81.81 49.64 -99.13
C GLY JA 125 -81.35 51.05 -98.84
N LYS JA 126 -80.45 51.56 -99.68
CA LYS JA 126 -79.83 52.86 -99.46
C LYS JA 126 -79.63 53.55 -100.80
N ARG JA 127 -79.36 54.83 -100.73
CA ARG JA 127 -79.18 55.66 -101.91
C ARG JA 127 -77.74 55.57 -102.38
N PRO JA 128 -77.49 55.33 -103.67
CA PRO JA 128 -76.11 55.26 -104.17
C PRO JA 128 -75.48 56.64 -104.25
N PHE JA 129 -74.15 56.64 -104.40
CA PHE JA 129 -73.42 57.89 -104.53
C PHE JA 129 -73.59 58.47 -105.92
N GLY JA 130 -74.03 59.71 -105.98
CA GLY JA 130 -74.13 60.40 -107.27
C GLY JA 130 -72.90 61.23 -107.57
N VAL JA 131 -71.72 60.67 -107.37
CA VAL JA 131 -70.46 61.40 -107.51
C VAL JA 131 -69.52 60.61 -108.42
N SER JA 132 -69.12 61.21 -109.53
CA SER JA 132 -67.96 60.78 -110.29
C SER JA 132 -66.83 61.76 -110.04
N LEU JA 133 -65.60 61.25 -109.98
CA LEU JA 133 -64.49 62.12 -109.63
C LEU JA 133 -63.20 61.60 -110.26
N LEU JA 134 -62.26 62.51 -110.47
CA LEU JA 134 -61.01 62.22 -111.14
C LEU JA 134 -59.93 61.81 -110.14
N TYR JA 135 -58.75 61.49 -110.67
CA TYR JA 135 -57.62 61.08 -109.85
C TYR JA 135 -56.33 61.50 -110.55
N ILE JA 136 -55.38 62.03 -109.77
CA ILE JA 136 -54.03 62.29 -110.24
C ILE JA 136 -53.07 61.74 -109.21
N GLY JA 137 -51.87 61.38 -109.65
CA GLY JA 137 -50.88 60.92 -108.68
C GLY JA 137 -49.64 60.36 -109.34
N TRP JA 138 -48.75 59.86 -108.48
CA TRP JA 138 -47.47 59.31 -108.89
C TRP JA 138 -47.14 58.13 -107.99
N ASP JA 139 -46.55 57.09 -108.57
CA ASP JA 139 -46.12 55.92 -107.81
C ASP JA 139 -44.72 55.50 -108.26
N LYS JA 140 -44.20 54.47 -107.60
CA LYS JA 140 -42.90 53.92 -107.98
C LYS JA 140 -42.99 53.06 -109.24
N HIS JA 141 -44.15 52.48 -109.51
CA HIS JA 141 -44.27 51.40 -110.48
C HIS JA 141 -44.70 51.85 -111.86
N TYR JA 142 -45.51 52.90 -111.98
CA TYR JA 142 -45.98 53.35 -113.28
C TYR JA 142 -45.81 54.84 -113.53
N GLY JA 143 -45.83 55.68 -112.50
CA GLY JA 143 -45.62 57.10 -112.69
C GLY JA 143 -46.92 57.89 -112.67
N PHE JA 144 -47.07 58.81 -113.62
CA PHE JA 144 -48.18 59.74 -113.62
C PHE JA 144 -49.43 59.07 -114.19
N GLN JA 145 -50.57 59.27 -113.53
CA GLN JA 145 -51.76 58.49 -113.78
C GLN JA 145 -53.02 59.34 -113.69
N LEU JA 146 -54.03 58.94 -114.45
CA LEU JA 146 -55.39 59.47 -114.34
C LEU JA 146 -56.36 58.32 -114.19
N TYR JA 147 -57.42 58.53 -113.42
CA TYR JA 147 -58.47 57.52 -113.27
C TYR JA 147 -59.83 58.19 -113.23
N GLN JA 148 -60.87 57.39 -113.43
CA GLN JA 148 -62.22 57.88 -113.71
C GLN JA 148 -63.22 57.07 -112.89
N SER JA 149 -63.60 57.59 -111.73
CA SER JA 149 -64.57 56.91 -110.89
C SER JA 149 -65.98 57.09 -111.43
N ASP JA 150 -66.86 56.18 -111.06
CA ASP JA 150 -68.24 56.13 -111.53
C ASP JA 150 -69.13 55.75 -110.37
N PRO JA 151 -70.42 56.09 -110.43
CA PRO JA 151 -71.36 55.59 -109.41
C PRO JA 151 -71.53 54.08 -109.42
N SER JA 152 -71.34 53.45 -110.57
CA SER JA 152 -71.42 51.99 -110.65
C SER JA 152 -70.25 51.31 -109.95
N GLY JA 153 -69.11 52.00 -109.86
CA GLY JA 153 -67.90 51.40 -109.33
C GLY JA 153 -66.85 51.12 -110.37
N ASN JA 154 -67.14 51.36 -111.64
CA ASN JA 154 -66.16 51.15 -112.70
C ASN JA 154 -65.11 52.24 -112.67
N TYR JA 155 -63.87 51.87 -112.99
CA TYR JA 155 -62.79 52.84 -113.12
C TYR JA 155 -61.98 52.52 -114.37
N GLY JA 156 -61.41 53.57 -114.96
CA GLY JA 156 -60.58 53.40 -116.13
C GLY JA 156 -59.38 54.32 -116.11
N GLY JA 157 -58.24 53.85 -116.59
CA GLY JA 157 -57.05 54.68 -116.63
C GLY JA 157 -56.92 55.44 -117.93
N TRP JA 158 -57.20 56.73 -117.90
CA TRP JA 158 -57.29 57.54 -119.10
C TRP JA 158 -56.04 58.39 -119.30
N LYS JA 159 -55.79 58.79 -120.55
CA LYS JA 159 -54.75 59.75 -120.84
C LYS JA 159 -55.27 61.18 -120.88
N ALA JA 160 -56.52 61.37 -121.30
CA ALA JA 160 -57.16 62.68 -121.30
C ALA JA 160 -58.66 62.43 -121.30
N THR JA 161 -59.32 62.76 -120.19
CA THR JA 161 -60.74 62.51 -120.03
C THR JA 161 -61.41 63.75 -119.46
N CYS JA 162 -62.74 63.73 -119.39
CA CYS JA 162 -63.51 64.87 -118.92
C CYS JA 162 -64.87 64.38 -118.45
N ILE JA 163 -65.79 65.31 -118.26
CA ILE JA 163 -67.15 65.03 -117.83
C ILE JA 163 -68.03 65.01 -119.09
N GLY JA 164 -69.19 64.39 -118.99
CA GLY JA 164 -70.01 64.06 -120.14
C GLY JA 164 -70.97 65.17 -120.51
N ASN JA 165 -72.27 65.00 -120.24
CA ASN JA 165 -73.37 65.84 -120.75
C ASN JA 165 -73.16 67.35 -120.57
N ASN JA 166 -72.35 67.76 -119.59
CA ASN JA 166 -71.94 69.17 -119.51
C ASN JA 166 -70.95 69.51 -120.63
N SER JA 167 -69.95 68.66 -120.85
CA SER JA 167 -68.81 68.99 -121.70
C SER JA 167 -68.42 67.81 -122.57
N ALA JA 168 -69.40 67.15 -123.17
CA ALA JA 168 -69.14 65.96 -123.98
C ALA JA 168 -68.45 66.29 -125.30
N ALA JA 169 -68.56 67.53 -125.78
CA ALA JA 169 -67.85 67.94 -126.98
C ALA JA 169 -66.35 68.09 -126.76
N ALA JA 170 -65.91 68.16 -125.51
CA ALA JA 170 -64.48 68.25 -125.22
C ALA JA 170 -63.78 66.94 -125.56
N VAL JA 171 -64.45 65.82 -125.32
CA VAL JA 171 -63.87 64.50 -125.61
C VAL JA 171 -63.68 64.34 -127.11
N SER JA 172 -64.61 64.87 -127.91
CA SER JA 172 -64.42 64.92 -129.36
C SER JA 172 -63.29 65.88 -129.73
N MET JA 173 -63.08 66.92 -128.92
CA MET JA 173 -61.96 67.84 -129.18
C MET JA 173 -60.63 67.25 -128.75
N LEU JA 174 -60.61 66.50 -127.64
CA LEU JA 174 -59.37 65.94 -127.14
C LEU JA 174 -58.83 64.83 -128.05
N LYS JA 175 -59.71 64.15 -128.79
CA LYS JA 175 -59.22 63.19 -129.76
C LYS JA 175 -58.62 63.86 -130.98
N GLN JA 176 -58.91 65.13 -131.20
CA GLN JA 176 -58.39 65.83 -132.38
C GLN JA 176 -57.06 66.51 -132.09
N ASP JA 177 -56.85 67.01 -130.87
CA ASP JA 177 -55.75 67.92 -130.61
C ASP JA 177 -54.72 67.41 -129.61
N TYR JA 178 -55.00 66.34 -128.86
CA TYR JA 178 -54.02 65.78 -127.95
C TYR JA 178 -53.15 64.80 -128.72
N LYS JA 179 -51.92 65.20 -129.00
CA LYS JA 179 -51.00 64.37 -129.75
C LYS JA 179 -50.21 63.46 -128.81
N GLU JA 180 -50.03 62.22 -129.22
CA GLU JA 180 -49.38 61.21 -128.39
C GLU JA 180 -47.87 61.45 -128.36
N GLY JA 181 -47.26 61.10 -127.23
CA GLY JA 181 -45.82 61.15 -127.07
C GLY JA 181 -45.30 62.41 -126.42
N GLU JA 182 -45.47 63.56 -127.07
CA GLU JA 182 -45.05 64.84 -126.48
C GLU JA 182 -46.31 65.58 -126.02
N MET JA 183 -46.41 65.79 -124.72
CA MET JA 183 -47.60 66.39 -124.12
C MET JA 183 -47.22 67.28 -122.94
N THR JA 184 -46.08 67.96 -123.03
CA THR JA 184 -45.45 68.65 -121.91
C THR JA 184 -46.32 69.79 -121.37
N LEU JA 185 -45.86 70.37 -120.25
CA LEU JA 185 -46.71 71.19 -119.38
C LEU JA 185 -47.17 72.46 -120.07
N LYS JA 186 -46.24 73.17 -120.72
CA LYS JA 186 -46.63 74.38 -121.45
C LYS JA 186 -47.49 74.06 -122.65
N SER JA 187 -47.29 72.88 -123.27
CA SER JA 187 -48.18 72.45 -124.33
C SER JA 187 -49.53 71.98 -123.77
N ALA JA 188 -49.53 71.42 -122.57
CA ALA JA 188 -50.77 70.91 -121.99
C ALA JA 188 -51.62 72.02 -121.37
N LEU JA 189 -50.99 73.05 -120.81
CA LEU JA 189 -51.74 74.18 -120.27
C LEU JA 189 -52.42 74.97 -121.36
N ALA JA 190 -51.73 75.19 -122.48
CA ALA JA 190 -52.32 75.90 -123.61
C ALA JA 190 -53.40 75.07 -124.28
N LEU JA 191 -53.32 73.74 -124.18
CA LEU JA 191 -54.37 72.88 -124.70
C LEU JA 191 -55.60 72.93 -123.79
N ALA JA 192 -55.39 73.09 -122.49
CA ALA JA 192 -56.50 73.06 -121.55
C ALA JA 192 -57.32 74.34 -121.60
N ILE JA 193 -56.64 75.48 -121.75
CA ILE JA 193 -57.34 76.76 -121.82
C ILE JA 193 -58.09 76.91 -123.14
N LYS JA 194 -57.67 76.19 -124.17
CA LYS JA 194 -58.41 76.19 -125.44
C LYS JA 194 -59.73 75.43 -125.31
N VAL JA 195 -59.75 74.37 -124.50
CA VAL JA 195 -60.95 73.54 -124.38
C VAL JA 195 -62.02 74.26 -123.58
N LEU JA 196 -61.64 74.86 -122.44
CA LEU JA 196 -62.61 75.57 -121.61
C LEU JA 196 -63.08 76.88 -122.22
N ASN JA 197 -62.42 77.35 -123.28
CA ASN JA 197 -62.91 78.49 -124.03
C ASN JA 197 -64.23 78.15 -124.73
N LYS JA 198 -64.37 76.93 -125.23
CA LYS JA 198 -65.58 76.55 -125.96
C LYS JA 198 -66.67 76.03 -125.03
N THR JA 199 -66.30 75.19 -124.07
CA THR JA 199 -67.30 74.50 -123.24
C THR JA 199 -67.99 75.47 -122.29
N MET JA 200 -67.21 76.24 -121.54
CA MET JA 200 -67.76 77.35 -120.78
C MET JA 200 -68.14 78.46 -121.75
N ASP JA 201 -69.44 78.76 -121.85
CA ASP JA 201 -69.95 79.70 -122.83
C ASP JA 201 -69.71 81.16 -122.46
N VAL JA 202 -69.07 81.43 -121.31
CA VAL JA 202 -68.70 82.80 -120.96
C VAL JA 202 -67.57 83.24 -121.87
N SER JA 203 -67.76 84.39 -122.53
CA SER JA 203 -66.75 84.91 -123.43
C SER JA 203 -65.55 85.44 -122.66
N LYS JA 204 -64.40 85.45 -123.32
CA LYS JA 204 -63.11 86.01 -122.90
C LYS JA 204 -62.46 85.27 -121.73
N LEU JA 205 -63.14 84.27 -121.16
CA LEU JA 205 -62.63 83.35 -120.15
C LEU JA 205 -62.12 84.10 -118.91
N SER JA 206 -63.10 84.65 -118.18
CA SER JA 206 -62.81 85.34 -116.92
C SER JA 206 -62.13 84.38 -115.94
N ALA JA 207 -60.99 84.84 -115.38
CA ALA JA 207 -60.13 83.99 -114.57
C ALA JA 207 -60.76 83.57 -113.24
N GLU JA 208 -61.81 84.25 -112.79
CA GLU JA 208 -62.51 83.85 -111.58
C GLU JA 208 -63.45 82.68 -111.80
N LYS JA 209 -63.63 82.24 -113.05
CA LYS JA 209 -64.51 81.14 -113.37
C LYS JA 209 -63.77 79.84 -113.64
N VAL JA 210 -62.46 79.80 -113.43
CA VAL JA 210 -61.65 78.61 -113.67
C VAL JA 210 -60.83 78.30 -112.42
N GLU JA 211 -60.16 77.15 -112.47
CA GLU JA 211 -59.32 76.67 -111.38
C GLU JA 211 -58.40 75.59 -111.94
N ILE JA 212 -57.09 75.74 -111.74
CA ILE JA 212 -56.10 74.84 -112.31
C ILE JA 212 -55.13 74.42 -111.22
N ALA JA 213 -54.94 73.10 -111.07
CA ALA JA 213 -53.93 72.55 -110.17
C ALA JA 213 -53.07 71.55 -110.94
N THR JA 214 -51.78 71.52 -110.62
CA THR JA 214 -50.81 70.68 -111.31
C THR JA 214 -50.06 69.79 -110.31
N LEU JA 215 -49.19 68.95 -110.86
CA LEU JA 215 -48.35 68.07 -110.06
C LEU JA 215 -47.08 67.76 -110.85
N THR JA 216 -45.93 68.05 -110.25
CA THR JA 216 -44.64 67.77 -110.86
C THR JA 216 -43.77 66.98 -109.89
N ARG JA 217 -43.16 65.91 -110.40
CA ARG JA 217 -42.15 65.18 -109.64
C ARG JA 217 -40.86 65.98 -109.69
N GLU JA 218 -40.51 66.61 -108.57
CA GLU JA 218 -39.45 67.61 -108.53
C GLU JA 218 -38.49 67.28 -107.39
N ASN JA 219 -37.32 66.73 -107.74
CA ASN JA 219 -36.20 66.48 -106.83
C ASN JA 219 -36.58 65.57 -105.67
N GLY JA 220 -37.46 64.60 -105.95
CA GLY JA 220 -37.90 63.67 -104.91
C GLY JA 220 -38.84 64.28 -103.89
N LYS JA 221 -39.79 65.09 -104.33
CA LYS JA 221 -40.73 65.73 -103.41
C LYS JA 221 -42.18 65.53 -103.80
N THR JA 222 -42.49 65.53 -105.10
CA THR JA 222 -43.83 65.46 -105.68
C THR JA 222 -44.72 66.58 -105.12
N VAL JA 223 -44.36 67.81 -105.50
CA VAL JA 223 -45.17 68.95 -105.08
C VAL JA 223 -46.51 68.94 -105.81
N ILE JA 224 -47.51 69.53 -105.16
CA ILE JA 224 -48.84 69.70 -105.73
C ILE JA 224 -49.10 71.19 -105.77
N ARG JA 225 -49.04 71.77 -106.96
CA ARG JA 225 -49.11 73.21 -107.14
C ARG JA 225 -50.50 73.63 -107.56
N VAL JA 226 -51.24 74.27 -106.66
CA VAL JA 226 -52.48 74.95 -106.98
C VAL JA 226 -52.08 76.37 -107.35
N LEU JA 227 -51.97 76.63 -108.65
CA LEU JA 227 -51.43 77.90 -109.12
C LEU JA 227 -52.43 79.03 -108.94
N LYS JA 228 -51.93 80.18 -108.50
CA LYS JA 228 -52.78 81.29 -108.08
C LYS JA 228 -53.39 82.00 -109.29
N GLN JA 229 -54.32 82.91 -108.98
CA GLN JA 229 -55.09 83.60 -110.02
C GLN JA 229 -54.30 84.66 -110.76
N LYS JA 230 -53.11 85.03 -110.27
CA LYS JA 230 -52.32 86.04 -110.97
C LYS JA 230 -51.72 85.50 -112.26
N GLU JA 231 -51.27 84.24 -112.23
CA GLU JA 231 -50.69 83.61 -113.41
C GLU JA 231 -51.72 82.86 -114.25
N VAL JA 232 -52.99 82.84 -113.83
CA VAL JA 232 -54.06 82.43 -114.73
C VAL JA 232 -54.23 83.50 -115.80
N GLU JA 233 -54.02 84.77 -115.43
CA GLU JA 233 -54.28 85.93 -116.30
C GLU JA 233 -53.43 85.89 -117.56
N GLN JA 234 -52.11 85.76 -117.39
CA GLN JA 234 -51.21 85.72 -118.54
C GLN JA 234 -51.32 84.40 -119.31
N LEU JA 235 -51.85 83.34 -118.67
CA LEU JA 235 -52.11 82.11 -119.40
C LEU JA 235 -53.31 82.27 -120.33
N ILE JA 236 -54.27 83.12 -119.95
CA ILE JA 236 -55.40 83.40 -120.83
C ILE JA 236 -54.96 84.27 -121.99
N LYS JA 237 -54.16 85.31 -121.71
CA LYS JA 237 -53.71 86.24 -122.75
C LYS JA 237 -52.77 85.59 -123.75
N LYS JA 238 -52.10 84.50 -123.37
CA LYS JA 238 -51.35 83.71 -124.35
C LYS JA 238 -52.30 83.04 -125.33
N HIS JA 239 -53.41 82.51 -124.84
CA HIS JA 239 -54.43 81.96 -125.73
C HIS JA 239 -55.19 83.06 -126.46
N GLU JA 240 -55.34 84.23 -125.83
CA GLU JA 240 -55.93 85.37 -126.51
C GLU JA 240 -55.03 85.90 -127.61
N GLU JA 241 -53.72 85.72 -127.47
CA GLU JA 241 -52.79 86.09 -128.53
C GLU JA 241 -52.92 85.17 -129.73
N GLU JA 242 -53.34 83.92 -129.53
CA GLU JA 242 -53.43 82.94 -130.60
C GLU JA 242 -54.56 83.21 -131.57
N GLU JA 243 -55.48 84.12 -131.25
CA GLU JA 243 -56.47 84.57 -132.23
C GLU JA 243 -55.82 85.41 -133.32
N ALA JA 244 -54.76 86.14 -132.98
CA ALA JA 244 -54.09 87.00 -133.95
C ALA JA 244 -53.36 86.18 -135.01
N LYS JA 245 -52.83 85.03 -134.63
CA LYS JA 245 -52.26 84.12 -135.62
C LYS JA 245 -53.37 83.38 -136.37
N ALA JA 246 -54.51 83.15 -135.71
CA ALA JA 246 -55.62 82.41 -136.32
C ALA JA 246 -56.34 83.18 -137.42
N GLU JA 247 -56.14 84.49 -137.51
CA GLU JA 247 -56.76 85.30 -138.55
C GLU JA 247 -55.80 85.64 -139.69
N ARG JA 248 -54.55 85.19 -139.61
CA ARG JA 248 -53.59 85.48 -140.68
C ARG JA 248 -53.84 84.63 -141.92
N GLU JA 249 -54.42 83.45 -141.75
CA GLU JA 249 -54.68 82.57 -142.88
C GLU JA 249 -55.81 83.06 -143.77
N LYS JA 250 -56.69 83.92 -143.27
CA LYS JA 250 -57.77 84.46 -144.08
C LYS JA 250 -57.46 85.89 -144.50
N SER KA 1 -96.38 41.33 -114.08
CA SER KA 1 -97.16 41.21 -112.86
C SER KA 1 -96.24 41.03 -111.65
N TYR KA 2 -96.46 39.94 -110.92
CA TYR KA 2 -95.68 39.65 -109.71
C TYR KA 2 -94.26 39.24 -110.07
N ASP KA 3 -93.30 40.17 -109.95
CA ASP KA 3 -91.96 39.68 -109.63
C ASP KA 3 -91.32 40.37 -108.42
N ARG KA 4 -90.79 41.59 -108.59
CA ARG KA 4 -90.33 42.63 -107.64
C ARG KA 4 -89.90 42.15 -106.26
N ALA KA 5 -89.34 40.93 -106.19
CA ALA KA 5 -88.95 40.26 -104.95
C ALA KA 5 -88.24 38.98 -105.34
N ILE KA 6 -87.16 38.65 -104.64
CA ILE KA 6 -86.49 37.38 -104.89
C ILE KA 6 -87.02 36.23 -104.04
N THR KA 7 -88.01 36.48 -103.19
CA THR KA 7 -88.55 35.42 -102.33
C THR KA 7 -89.93 34.93 -102.75
N VAL KA 8 -90.59 35.59 -103.69
CA VAL KA 8 -91.93 35.20 -104.07
C VAL KA 8 -91.86 34.30 -105.29
N PHE KA 9 -92.86 33.44 -105.42
CA PHE KA 9 -92.98 32.53 -106.55
C PHE KA 9 -94.05 33.03 -107.51
N SER KA 10 -93.94 32.58 -108.75
CA SER KA 10 -94.97 32.81 -109.75
C SER KA 10 -96.09 31.82 -109.51
N PRO KA 11 -97.27 32.03 -110.11
CA PRO KA 11 -98.31 30.99 -110.05
C PRO KA 11 -97.95 29.73 -110.82
N ASP KA 12 -96.95 29.75 -111.70
CA ASP KA 12 -96.43 28.54 -112.31
C ASP KA 12 -95.02 28.21 -111.85
N GLY KA 13 -94.60 28.75 -110.69
CA GLY KA 13 -93.34 28.37 -110.09
C GLY KA 13 -92.09 28.91 -110.77
N HIS KA 14 -91.88 30.22 -110.70
CA HIS KA 14 -90.69 30.84 -111.26
C HIS KA 14 -90.15 31.89 -110.31
N LEU KA 15 -88.89 32.25 -110.53
CA LEU KA 15 -88.20 33.34 -109.83
C LEU KA 15 -87.72 34.29 -110.91
N PHE KA 16 -88.54 35.31 -111.21
CA PHE KA 16 -88.25 36.17 -112.36
C PHE KA 16 -87.07 37.08 -112.11
N GLN KA 17 -86.87 37.54 -110.85
CA GLN KA 17 -85.73 38.36 -110.54
C GLN KA 17 -84.42 37.60 -110.63
N VAL KA 18 -84.45 36.29 -110.41
CA VAL KA 18 -83.28 35.46 -110.67
C VAL KA 18 -83.10 35.30 -112.17
N GLU KA 19 -84.20 35.14 -112.91
CA GLU KA 19 -84.13 34.98 -114.36
C GLU KA 19 -83.75 36.28 -115.05
N TYR KA 20 -84.04 37.43 -114.44
CA TYR KA 20 -83.63 38.70 -115.02
C TYR KA 20 -82.13 38.95 -114.87
N ALA KA 21 -81.49 38.29 -113.90
CA ALA KA 21 -80.05 38.43 -113.74
C ALA KA 21 -79.30 37.78 -114.89
N GLN KA 22 -79.86 36.73 -115.48
CA GLN KA 22 -79.23 36.11 -116.63
C GLN KA 22 -79.39 36.98 -117.88
N GLU KA 23 -80.37 37.88 -117.90
CA GLU KA 23 -80.51 38.79 -119.03
C GLU KA 23 -79.41 39.85 -119.03
N ALA KA 24 -78.86 40.17 -117.87
CA ALA KA 24 -77.75 41.11 -117.81
C ALA KA 24 -76.44 40.49 -118.27
N VAL KA 25 -76.36 39.15 -118.31
CA VAL KA 25 -75.15 38.49 -118.80
C VAL KA 25 -75.04 38.66 -120.31
N LYS KA 26 -76.16 38.74 -121.01
CA LYS KA 26 -76.18 38.84 -122.47
C LYS KA 26 -75.80 40.23 -122.98
N LYS KA 27 -75.46 41.18 -122.12
CA LYS KA 27 -74.94 42.47 -122.55
C LYS KA 27 -73.42 42.50 -122.55
N GLY KA 28 -72.77 41.39 -122.26
CA GLY KA 28 -71.33 41.35 -122.13
C GLY KA 28 -70.63 40.87 -123.39
N SER KA 29 -69.32 41.09 -123.42
CA SER KA 29 -68.49 40.61 -124.51
C SER KA 29 -68.35 39.10 -124.43
N THR KA 30 -68.33 38.45 -125.58
CA THR KA 30 -68.26 37.00 -125.63
C THR KA 30 -66.87 36.51 -125.25
N ALA KA 31 -66.82 35.38 -124.56
CA ALA KA 31 -65.56 34.73 -124.22
C ALA KA 31 -65.75 33.23 -124.32
N VAL KA 32 -64.86 32.57 -125.05
CA VAL KA 32 -64.95 31.14 -125.28
C VAL KA 32 -63.80 30.45 -124.58
N GLY KA 33 -63.87 29.13 -124.51
CA GLY KA 33 -62.84 28.33 -123.88
C GLY KA 33 -63.01 26.85 -124.11
N VAL KA 34 -61.94 26.17 -124.50
CA VAL KA 34 -61.95 24.73 -124.70
C VAL KA 34 -60.83 24.12 -123.87
N ARG KA 35 -60.95 22.83 -123.62
CA ARG KA 35 -59.86 22.04 -123.05
C ARG KA 35 -59.33 21.09 -124.12
N GLY KA 36 -58.07 20.71 -123.98
CA GLY KA 36 -57.40 19.87 -124.95
C GLY KA 36 -56.65 18.74 -124.28
N ARG KA 37 -55.58 18.32 -124.95
CA ARG KA 37 -54.74 17.25 -124.42
C ARG KA 37 -53.93 17.71 -123.22
N ASP KA 38 -53.15 18.78 -123.40
CA ASP KA 38 -52.34 19.29 -122.31
C ASP KA 38 -52.59 20.78 -122.13
N ILE KA 39 -52.78 21.49 -123.23
CA ILE KA 39 -52.87 22.95 -123.24
C ILE KA 39 -54.33 23.35 -123.25
N VAL KA 40 -54.76 24.04 -122.21
CA VAL KA 40 -56.09 24.65 -122.16
C VAL KA 40 -55.97 26.08 -122.69
N VAL KA 41 -57.06 26.59 -123.25
CA VAL KA 41 -57.03 27.90 -123.90
C VAL KA 41 -58.39 28.57 -123.71
N LEU KA 42 -58.37 29.89 -123.53
CA LEU KA 42 -59.57 30.69 -123.48
C LEU KA 42 -59.28 32.04 -124.11
N GLY KA 43 -60.24 32.54 -124.87
CA GLY KA 43 -60.07 33.81 -125.57
C GLY KA 43 -61.30 34.68 -125.37
N VAL KA 44 -61.07 36.00 -125.47
CA VAL KA 44 -62.13 36.98 -125.31
C VAL KA 44 -62.09 37.88 -126.55
N GLU KA 45 -63.21 38.56 -126.79
CA GLU KA 45 -63.33 39.46 -127.92
C GLU KA 45 -63.78 40.83 -127.43
N LYS KA 46 -63.97 41.73 -128.40
CA LYS KA 46 -64.54 43.08 -128.21
C LYS KA 46 -63.70 43.93 -127.24
N LYS KA 47 -62.46 44.19 -127.66
CA LYS KA 47 -61.61 45.07 -126.87
C LYS KA 47 -62.07 46.52 -127.00
N SER KA 48 -62.01 47.07 -128.21
CA SER KA 48 -62.57 48.37 -128.59
C SER KA 48 -61.97 49.51 -127.77
N VAL KA 49 -60.66 49.72 -127.97
CA VAL KA 49 -59.97 50.83 -127.32
C VAL KA 49 -60.47 52.16 -127.87
N ALA KA 50 -60.48 53.18 -127.03
CA ALA KA 50 -61.12 54.46 -127.31
C ALA KA 50 -60.13 55.62 -127.33
N LYS KA 51 -58.90 55.36 -127.82
CA LYS KA 51 -57.94 56.35 -128.32
C LYS KA 51 -57.30 57.20 -127.21
N LEU KA 52 -57.80 57.11 -125.98
CA LEU KA 52 -57.32 58.04 -124.95
C LEU KA 52 -57.19 57.40 -123.58
N GLN KA 53 -57.16 56.07 -123.47
CA GLN KA 53 -57.04 55.44 -122.17
C GLN KA 53 -55.98 54.36 -122.19
N ASP KA 54 -55.50 54.02 -121.00
CA ASP KA 54 -54.59 52.90 -120.81
C ASP KA 54 -55.42 51.62 -120.75
N GLU KA 55 -54.91 50.57 -121.39
CA GLU KA 55 -55.67 49.35 -121.59
C GLU KA 55 -55.29 48.23 -120.64
N ARG KA 56 -54.46 48.51 -119.63
CA ARG KA 56 -54.10 47.48 -118.66
C ARG KA 56 -55.03 47.48 -117.46
N THR KA 57 -56.09 48.29 -117.47
CA THR KA 57 -57.06 48.35 -116.38
C THR KA 57 -58.43 47.90 -116.84
N VAL KA 58 -58.52 47.26 -117.99
CA VAL KA 58 -59.80 46.86 -118.57
C VAL KA 58 -59.73 45.33 -118.78
N ARG KA 59 -58.83 44.69 -118.04
CA ARG KA 59 -58.53 43.28 -118.25
C ARG KA 59 -59.67 42.40 -117.76
N LYS KA 60 -60.06 41.43 -118.59
CA LYS KA 60 -61.15 40.52 -118.29
C LYS KA 60 -60.68 39.13 -117.89
N ILE KA 61 -59.37 38.85 -117.98
CA ILE KA 61 -58.83 37.53 -117.69
C ILE KA 61 -57.87 37.67 -116.52
N CYS KA 62 -58.17 37.00 -115.42
CA CYS KA 62 -57.34 37.06 -114.23
C CYS KA 62 -57.09 35.64 -113.72
N ALA KA 63 -56.12 35.52 -112.83
CA ALA KA 63 -55.76 34.24 -112.23
C ALA KA 63 -56.07 34.29 -110.74
N LEU KA 64 -56.78 33.27 -110.26
CA LEU KA 64 -57.09 33.18 -108.84
C LEU KA 64 -55.89 32.66 -108.06
N ASP KA 65 -55.31 31.56 -108.53
CA ASP KA 65 -54.14 30.96 -107.91
C ASP KA 65 -53.12 30.73 -109.02
N ASP KA 66 -52.04 30.01 -108.74
CA ASP KA 66 -50.97 29.84 -109.72
C ASP KA 66 -51.35 28.95 -110.88
N ASN KA 67 -52.39 28.12 -110.74
CA ASN KA 67 -52.73 27.17 -111.78
C ASN KA 67 -54.24 27.12 -112.02
N VAL KA 68 -54.89 28.28 -111.97
CA VAL KA 68 -56.32 28.38 -112.30
C VAL KA 68 -56.58 29.77 -112.86
N CYS KA 69 -57.41 29.84 -113.89
CA CYS KA 69 -57.70 31.08 -114.59
C CYS KA 69 -59.15 31.49 -114.36
N MET KA 70 -59.54 32.58 -115.01
CA MET KA 70 -60.88 33.14 -114.84
C MET KA 70 -61.23 34.02 -116.04
N ALA KA 71 -62.42 33.79 -116.59
CA ALA KA 71 -62.99 34.69 -117.58
C ALA KA 71 -64.47 34.86 -117.25
N PHE KA 72 -64.98 36.08 -117.45
CA PHE KA 72 -66.32 36.41 -116.97
C PHE KA 72 -67.09 37.20 -118.03
N ALA KA 73 -68.33 37.50 -117.68
CA ALA KA 73 -69.21 38.37 -118.46
C ALA KA 73 -70.01 39.22 -117.49
N GLY KA 74 -71.07 39.85 -117.99
CA GLY KA 74 -71.93 40.62 -117.13
C GLY KA 74 -71.46 42.05 -116.98
N LEU KA 75 -71.53 42.59 -115.77
CA LEU KA 75 -71.11 43.96 -115.50
C LEU KA 75 -69.84 43.94 -114.67
N THR KA 76 -68.99 44.96 -114.87
CA THR KA 76 -67.62 44.94 -114.36
C THR KA 76 -67.54 45.10 -112.84
N ALA KA 77 -68.54 45.73 -112.23
CA ALA KA 77 -68.47 46.00 -110.80
C ALA KA 77 -68.60 44.73 -109.97
N ASP KA 78 -69.60 43.91 -110.29
CA ASP KA 78 -69.87 42.71 -109.51
C ASP KA 78 -68.81 41.63 -109.74
N ALA KA 79 -68.09 41.68 -110.85
CA ALA KA 79 -67.03 40.71 -111.07
C ALA KA 79 -65.84 40.96 -110.16
N ARG KA 80 -65.57 42.23 -109.83
CA ARG KA 80 -64.41 42.58 -109.02
C ARG KA 80 -64.56 42.07 -107.59
N ILE KA 81 -65.78 42.00 -107.08
CA ILE KA 81 -66.00 41.48 -105.73
C ILE KA 81 -65.81 39.97 -105.70
N VAL KA 82 -66.30 39.28 -106.73
CA VAL KA 82 -66.21 37.82 -106.77
C VAL KA 82 -64.77 37.38 -107.00
N ILE KA 83 -64.03 38.10 -107.84
CA ILE KA 83 -62.62 37.80 -108.08
C ILE KA 83 -61.80 38.01 -106.81
N ASN KA 84 -62.01 39.14 -106.13
CA ASN KA 84 -61.23 39.45 -104.94
C ASN KA 84 -61.58 38.53 -103.78
N ARG KA 85 -62.82 38.04 -103.73
CA ARG KA 85 -63.19 37.10 -102.68
C ARG KA 85 -62.62 35.72 -102.97
N ALA KA 86 -62.60 35.30 -104.23
CA ALA KA 86 -62.12 33.97 -104.58
C ALA KA 86 -60.62 33.84 -104.44
N ARG KA 87 -59.88 34.95 -104.53
CA ARG KA 87 -58.44 34.91 -104.27
C ARG KA 87 -58.16 34.61 -102.81
N VAL KA 88 -59.05 35.03 -101.91
CA VAL KA 88 -58.87 34.78 -100.49
C VAL KA 88 -59.12 33.32 -100.17
N GLU KA 89 -60.18 32.74 -100.76
CA GLU KA 89 -60.55 31.37 -100.45
C GLU KA 89 -59.56 30.38 -101.04
N CYS KA 90 -59.06 30.64 -102.25
CA CYS KA 90 -58.06 29.75 -102.83
C CYS KA 90 -56.69 29.93 -102.20
N GLN KA 91 -56.52 30.93 -101.33
CA GLN KA 91 -55.31 31.06 -100.55
C GLN KA 91 -55.48 30.57 -99.12
N SER KA 92 -56.66 30.79 -98.52
CA SER KA 92 -56.94 30.30 -97.18
C SER KA 92 -57.22 28.80 -97.15
N HIS KA 93 -57.58 28.20 -98.28
CA HIS KA 93 -57.65 26.75 -98.35
C HIS KA 93 -56.27 26.14 -98.19
N ARG KA 94 -55.26 26.76 -98.81
CA ARG KA 94 -53.90 26.26 -98.74
C ARG KA 94 -53.34 26.36 -97.32
N LEU KA 95 -53.79 27.33 -96.54
CA LEU KA 95 -53.32 27.47 -95.16
C LEU KA 95 -53.94 26.41 -94.26
N THR KA 96 -55.24 26.15 -94.40
CA THR KA 96 -55.88 25.17 -93.54
C THR KA 96 -55.55 23.74 -93.97
N VAL KA 97 -55.44 23.49 -95.27
CA VAL KA 97 -55.08 22.19 -95.81
C VAL KA 97 -53.93 22.40 -96.77
N GLU KA 98 -52.80 21.72 -96.53
CA GLU KA 98 -51.54 22.05 -97.20
C GLU KA 98 -51.47 21.66 -98.68
N ASP KA 99 -52.55 21.16 -99.27
CA ASP KA 99 -52.55 20.86 -100.69
C ASP KA 99 -52.70 22.14 -101.51
N PRO KA 100 -52.41 22.09 -102.82
CA PRO KA 100 -52.93 23.12 -103.71
C PRO KA 100 -54.43 22.93 -103.91
N VAL KA 101 -55.08 23.99 -104.37
CA VAL KA 101 -56.52 24.02 -104.49
C VAL KA 101 -56.93 23.43 -105.83
N THR KA 102 -57.84 22.47 -105.80
CA THR KA 102 -58.35 21.88 -107.03
C THR KA 102 -59.25 22.87 -107.76
N VAL KA 103 -59.45 22.62 -109.05
CA VAL KA 103 -60.32 23.47 -109.85
C VAL KA 103 -61.78 23.23 -109.49
N GLU KA 104 -62.11 22.08 -108.92
CA GLU KA 104 -63.48 21.79 -108.55
C GLU KA 104 -63.87 22.49 -107.25
N TYR KA 105 -62.90 22.69 -106.35
CA TYR KA 105 -63.21 23.25 -105.04
C TYR KA 105 -63.53 24.73 -105.14
N ILE KA 106 -62.83 25.46 -106.00
CA ILE KA 106 -63.03 26.90 -106.08
C ILE KA 106 -64.34 27.25 -106.78
N THR KA 107 -64.86 26.37 -107.64
CA THR KA 107 -66.13 26.64 -108.29
C THR KA 107 -67.31 26.39 -107.37
N ARG KA 108 -67.17 25.47 -106.41
CA ARG KA 108 -68.22 25.31 -105.41
C ARG KA 108 -68.26 26.48 -104.45
N TYR KA 109 -67.12 27.14 -104.21
CA TYR KA 109 -67.14 28.31 -103.35
C TYR KA 109 -67.82 29.48 -104.02
N ILE KA 110 -67.58 29.68 -105.32
CA ILE KA 110 -68.20 30.79 -106.05
C ILE KA 110 -69.69 30.56 -106.20
N ALA KA 111 -70.09 29.31 -106.45
CA ALA KA 111 -71.51 29.01 -106.60
C ALA KA 111 -72.25 29.10 -105.28
N SER KA 112 -71.65 28.62 -104.20
CA SER KA 112 -72.31 28.69 -102.90
C SER KA 112 -72.32 30.10 -102.33
N LEU KA 113 -71.32 30.92 -102.64
CA LEU KA 113 -71.36 32.31 -102.23
C LEU KA 113 -72.42 33.08 -103.02
N LYS KA 114 -72.66 32.69 -104.26
CA LYS KA 114 -73.74 33.28 -105.03
C LYS KA 114 -75.08 32.65 -104.68
N GLN KA 115 -75.07 31.51 -104.00
CA GLN KA 115 -76.29 30.83 -103.60
C GLN KA 115 -77.01 31.58 -102.49
N ARG KA 116 -76.34 31.74 -101.34
CA ARG KA 116 -76.90 32.43 -100.17
C ARG KA 116 -77.11 33.92 -100.40
N TYR KA 117 -76.48 34.47 -101.44
CA TYR KA 117 -76.60 35.86 -101.84
C TYR KA 117 -77.87 36.10 -102.65
N THR KA 118 -78.61 35.04 -102.97
CA THR KA 118 -79.86 35.12 -103.70
C THR KA 118 -81.07 34.97 -102.78
N GLN KA 119 -80.88 34.38 -101.60
CA GLN KA 119 -82.00 33.94 -100.77
C GLN KA 119 -82.62 35.09 -99.99
N SER KA 120 -81.81 35.95 -99.39
CA SER KA 120 -82.30 36.98 -98.49
C SER KA 120 -82.72 38.23 -99.26
N ASN KA 121 -83.83 38.83 -98.83
CA ASN KA 121 -84.32 40.06 -99.44
C ASN KA 121 -83.38 41.22 -99.16
N GLY KA 122 -83.44 42.23 -100.02
CA GLY KA 122 -82.54 43.34 -99.93
C GLY KA 122 -81.11 43.00 -100.26
N ARG KA 123 -80.90 41.97 -101.09
CA ARG KA 123 -79.56 41.60 -101.56
C ARG KA 123 -79.66 41.33 -103.06
N ARG KA 124 -79.25 42.30 -103.86
CA ARG KA 124 -79.32 42.15 -105.31
C ARG KA 124 -78.29 41.13 -105.78
N PRO KA 125 -78.71 40.10 -106.52
CA PRO KA 125 -77.77 39.02 -106.91
C PRO KA 125 -76.74 39.50 -107.92
N PHE KA 126 -75.68 38.70 -108.07
CA PHE KA 126 -74.64 39.03 -109.03
C PHE KA 126 -75.15 38.77 -110.45
N GLY KA 127 -74.99 39.76 -111.32
CA GLY KA 127 -75.37 39.60 -112.71
C GLY KA 127 -74.21 39.21 -113.61
N ILE KA 128 -73.37 38.29 -113.14
CA ILE KA 128 -72.23 37.84 -113.91
C ILE KA 128 -72.30 36.32 -114.08
N SER KA 129 -71.64 35.85 -115.13
CA SER KA 129 -71.37 34.44 -115.33
C SER KA 129 -69.89 34.28 -115.61
N ALA KA 130 -69.31 33.18 -115.10
CA ALA KA 130 -67.87 33.04 -115.09
C ALA KA 130 -67.46 31.71 -115.72
N LEU KA 131 -66.23 31.69 -116.23
CA LEU KA 131 -65.59 30.49 -116.75
C LEU KA 131 -64.32 30.24 -115.96
N ILE KA 132 -64.24 29.07 -115.33
CA ILE KA 132 -63.09 28.69 -114.53
C ILE KA 132 -62.37 27.57 -115.26
N VAL KA 133 -61.15 27.85 -115.69
CA VAL KA 133 -60.36 26.91 -116.48
C VAL KA 133 -59.06 26.65 -115.74
N GLY KA 134 -58.80 25.39 -115.41
CA GLY KA 134 -57.56 25.05 -114.77
C GLY KA 134 -57.17 23.59 -114.90
N PHE KA 135 -55.96 23.33 -115.39
CA PHE KA 135 -55.39 21.99 -115.43
C PHE KA 135 -54.53 21.75 -114.21
N ASP KA 136 -55.16 21.87 -113.04
CA ASP KA 136 -54.45 21.88 -111.77
C ASP KA 136 -54.52 20.56 -111.01
N PHE KA 137 -55.68 19.91 -111.00
CA PHE KA 137 -55.89 18.74 -110.14
C PHE KA 137 -55.18 17.52 -110.74
N ASP KA 138 -53.86 17.48 -110.48
CA ASP KA 138 -52.98 16.34 -110.77
C ASP KA 138 -52.95 16.02 -112.27
N GLY KA 139 -52.54 17.02 -113.06
CA GLY KA 139 -52.33 16.85 -114.48
C GLY KA 139 -53.57 16.63 -115.32
N THR KA 140 -54.75 16.94 -114.80
CA THR KA 140 -55.97 16.71 -115.55
C THR KA 140 -56.59 18.04 -115.98
N PRO KA 141 -56.79 18.26 -117.28
CA PRO KA 141 -57.40 19.51 -117.72
C PRO KA 141 -58.91 19.51 -117.54
N ARG KA 142 -59.42 20.59 -116.97
CA ARG KA 142 -60.84 20.74 -116.72
C ARG KA 142 -61.26 22.19 -116.98
N LEU KA 143 -62.55 22.37 -117.25
CA LEU KA 143 -63.13 23.70 -117.28
C LEU KA 143 -64.59 23.60 -116.85
N TYR KA 144 -65.00 24.53 -116.00
CA TYR KA 144 -66.36 24.59 -115.50
C TYR KA 144 -66.97 25.92 -115.92
N GLN KA 145 -68.21 26.15 -115.48
CA GLN KA 145 -68.84 27.45 -115.63
C GLN KA 145 -69.81 27.67 -114.48
N THR KA 146 -70.27 28.92 -114.36
CA THR KA 146 -71.20 29.33 -113.32
C THR KA 146 -72.48 29.85 -113.96
N ASP KA 147 -73.35 30.40 -113.11
CA ASP KA 147 -74.66 30.89 -113.51
C ASP KA 147 -75.12 31.83 -112.40
N PRO KA 148 -75.86 32.89 -112.72
CA PRO KA 148 -76.35 33.80 -111.66
C PRO KA 148 -77.31 33.16 -110.67
N SER KA 149 -77.93 32.03 -111.00
CA SER KA 149 -78.72 31.30 -110.02
C SER KA 149 -77.84 30.62 -108.99
N GLY KA 150 -76.60 30.32 -109.34
CA GLY KA 150 -75.68 29.69 -108.42
C GLY KA 150 -75.52 28.20 -108.66
N THR KA 151 -75.44 27.82 -109.93
CA THR KA 151 -75.32 26.41 -110.33
C THR KA 151 -74.00 26.25 -111.08
N TYR KA 152 -73.00 25.67 -110.41
CA TYR KA 152 -71.75 25.35 -111.08
C TYR KA 152 -71.95 24.12 -111.95
N HIS KA 153 -71.30 24.12 -113.10
CA HIS KA 153 -71.56 23.08 -114.09
C HIS KA 153 -70.36 22.93 -115.00
N ALA KA 154 -70.17 21.72 -115.52
CA ALA KA 154 -68.99 21.36 -116.31
C ALA KA 154 -69.37 21.17 -117.77
N TRP KA 155 -68.67 21.87 -118.66
CA TRP KA 155 -68.73 21.60 -120.08
C TRP KA 155 -67.37 21.13 -120.58
N LYS KA 156 -67.29 20.85 -121.88
CA LYS KA 156 -66.03 20.60 -122.55
C LYS KA 156 -65.66 21.69 -123.55
N ALA KA 157 -66.61 22.54 -123.93
CA ALA KA 157 -66.37 23.70 -124.76
C ALA KA 157 -67.49 24.69 -124.48
N ASN KA 158 -67.16 25.96 -124.30
CA ASN KA 158 -68.11 26.90 -123.72
C ASN KA 158 -68.07 28.21 -124.49
N ALA KA 159 -69.23 28.89 -124.47
CA ALA KA 159 -69.36 30.24 -125.01
C ALA KA 159 -70.41 30.99 -124.20
N ILE KA 160 -70.13 32.26 -123.94
CA ILE KA 160 -71.02 33.14 -123.18
C ILE KA 160 -71.12 34.47 -123.90
N GLY KA 161 -71.83 35.41 -123.29
CA GLY KA 161 -71.88 36.77 -123.79
C GLY KA 161 -72.93 36.98 -124.86
N ARG KA 162 -72.82 38.14 -125.50
CA ARG KA 162 -73.78 38.59 -126.51
C ARG KA 162 -73.50 37.86 -127.83
N GLY KA 163 -74.16 36.72 -128.01
CA GLY KA 163 -73.96 35.93 -129.21
C GLY KA 163 -73.41 34.55 -128.93
N ALA KA 164 -73.77 34.01 -127.76
CA ALA KA 164 -73.31 32.68 -127.39
C ALA KA 164 -74.04 31.57 -128.12
N LYS KA 165 -75.26 31.82 -128.60
CA LYS KA 165 -76.05 30.77 -129.22
C LYS KA 165 -75.48 30.36 -130.57
N SER KA 166 -74.92 31.33 -131.30
CA SER KA 166 -74.30 31.01 -132.58
C SER KA 166 -73.00 30.25 -132.39
N VAL KA 167 -72.20 30.63 -131.38
CA VAL KA 167 -70.90 30.02 -131.19
C VAL KA 167 -71.03 28.61 -130.63
N ARG KA 168 -71.98 28.42 -129.69
CA ARG KA 168 -72.21 27.09 -129.13
C ARG KA 168 -72.79 26.15 -130.17
N GLU KA 169 -73.59 26.65 -131.10
CA GLU KA 169 -74.04 25.83 -132.22
C GLU KA 169 -72.91 25.61 -133.21
N PHE KA 170 -71.96 26.55 -133.29
CA PHE KA 170 -70.83 26.38 -134.19
C PHE KA 170 -69.87 25.31 -133.70
N LEU KA 171 -69.62 25.26 -132.39
CA LEU KA 171 -68.64 24.34 -131.85
C LEU KA 171 -69.14 22.89 -131.82
N GLU KA 172 -70.47 22.68 -131.82
CA GLU KA 172 -70.99 21.33 -131.85
C GLU KA 172 -70.73 20.66 -133.19
N LYS KA 173 -70.73 21.42 -134.27
CA LYS KA 173 -70.35 20.92 -135.58
C LYS KA 173 -68.85 21.04 -135.85
N ASN KA 174 -68.07 21.46 -134.86
CA ASN KA 174 -66.67 21.70 -135.11
C ASN KA 174 -65.74 20.96 -134.15
N TYR KA 175 -66.13 20.81 -132.88
CA TYR KA 175 -65.32 20.11 -131.90
C TYR KA 175 -65.33 18.62 -132.23
N THR KA 176 -64.23 18.15 -132.80
CA THR KA 176 -64.15 16.77 -133.24
C THR KA 176 -63.96 15.83 -132.06
N ASP KA 177 -64.47 14.60 -132.22
CA ASP KA 177 -64.14 13.54 -131.27
C ASP KA 177 -62.67 13.17 -131.37
N GLU KA 178 -62.07 13.34 -132.54
CA GLU KA 178 -60.63 13.42 -132.68
C GLU KA 178 -60.10 14.53 -131.80
N ALA KA 179 -59.30 14.16 -130.80
CA ALA KA 179 -58.77 15.13 -129.85
C ALA KA 179 -57.75 16.03 -130.54
N ILE KA 180 -57.87 17.33 -130.32
CA ILE KA 180 -57.05 18.28 -131.04
C ILE KA 180 -55.66 18.30 -130.41
N GLU KA 181 -54.79 17.43 -130.89
CA GLU KA 181 -53.39 17.44 -130.50
C GLU KA 181 -52.64 18.45 -131.36
N THR KA 182 -51.33 18.56 -131.12
CA THR KA 182 -50.46 19.58 -131.71
C THR KA 182 -51.03 20.98 -131.45
N ASP KA 183 -50.96 21.35 -130.16
CA ASP KA 183 -51.85 22.31 -129.50
C ASP KA 183 -52.04 23.65 -130.20
N ASP KA 184 -51.16 24.01 -131.14
CA ASP KA 184 -51.44 25.14 -132.03
C ASP KA 184 -52.67 24.86 -132.90
N LEU KA 185 -52.96 23.59 -133.18
CA LEU KA 185 -54.22 23.23 -133.82
C LEU KA 185 -55.40 23.54 -132.90
N THR KA 186 -55.24 23.28 -131.60
CA THR KA 186 -56.31 23.59 -130.65
C THR KA 186 -56.47 25.09 -130.46
N ILE KA 187 -55.38 25.84 -130.54
CA ILE KA 187 -55.47 27.30 -130.48
C ILE KA 187 -56.12 27.84 -131.74
N LYS KA 188 -55.82 27.23 -132.90
CA LYS KA 188 -56.46 27.63 -134.14
C LYS KA 188 -57.94 27.29 -134.18
N LEU KA 189 -58.39 26.34 -133.35
CA LEU KA 189 -59.82 26.08 -133.20
C LEU KA 189 -60.53 27.25 -132.53
N VAL KA 190 -59.89 27.84 -131.52
CA VAL KA 190 -60.48 28.98 -130.82
C VAL KA 190 -60.51 30.21 -131.70
N ILE KA 191 -59.44 30.44 -132.46
CA ILE KA 191 -59.39 31.57 -133.37
C ILE KA 191 -60.38 31.40 -134.52
N LYS KA 192 -60.63 30.15 -134.93
CA LYS KA 192 -61.71 29.90 -135.87
C LYS KA 192 -63.07 30.08 -135.22
N ALA KA 193 -63.17 29.76 -133.92
CA ALA KA 193 -64.42 29.96 -133.20
C ALA KA 193 -64.66 31.45 -132.95
N LEU KA 194 -63.63 32.17 -132.54
CA LEU KA 194 -63.72 33.61 -132.33
C LEU KA 194 -63.72 34.40 -133.63
N LEU KA 195 -63.54 33.74 -134.77
CA LEU KA 195 -63.70 34.40 -136.06
C LEU KA 195 -65.14 34.82 -136.33
N GLU KA 196 -66.10 34.17 -135.69
CA GLU KA 196 -67.50 34.59 -135.75
C GLU KA 196 -67.82 35.61 -134.65
N VAL KA 197 -67.03 36.67 -134.60
CA VAL KA 197 -67.20 37.75 -133.64
C VAL KA 197 -68.34 38.65 -134.10
N VAL KA 198 -68.73 39.60 -133.23
CA VAL KA 198 -69.83 40.52 -133.55
C VAL KA 198 -69.46 41.42 -134.73
N GLN KA 199 -68.18 41.72 -134.91
CA GLN KA 199 -67.72 42.41 -136.11
C GLN KA 199 -66.54 41.74 -136.80
N SER KA 200 -65.77 40.90 -136.09
CA SER KA 200 -64.61 40.15 -136.61
C SER KA 200 -63.58 41.09 -137.24
N GLY KA 201 -63.09 42.02 -136.41
CA GLY KA 201 -62.05 42.93 -136.86
C GLY KA 201 -60.68 42.30 -136.98
N GLY KA 202 -60.47 41.16 -136.35
CA GLY KA 202 -59.20 40.44 -136.39
C GLY KA 202 -58.23 40.82 -135.30
N LYS KA 203 -58.12 42.12 -135.01
CA LYS KA 203 -57.22 42.62 -133.99
C LYS KA 203 -57.93 42.92 -132.68
N ASN KA 204 -59.09 42.30 -132.43
CA ASN KA 204 -59.86 42.49 -131.22
C ASN KA 204 -59.97 41.21 -130.42
N ILE KA 205 -59.02 40.29 -130.60
CA ILE KA 205 -59.03 38.99 -129.95
C ILE KA 205 -57.87 38.93 -128.98
N GLU KA 206 -58.15 38.58 -127.73
CA GLU KA 206 -57.15 38.46 -126.69
C GLU KA 206 -57.19 37.02 -126.17
N LEU KA 207 -56.43 36.14 -126.83
CA LEU KA 207 -56.38 34.74 -126.44
C LEU KA 207 -55.31 34.54 -125.38
N ALA KA 208 -55.64 33.74 -124.36
CA ALA KA 208 -54.72 33.41 -123.29
C ALA KA 208 -54.72 31.91 -123.11
N VAL KA 209 -53.54 31.30 -123.18
CA VAL KA 209 -53.42 29.85 -123.11
C VAL KA 209 -52.69 29.47 -121.82
N MET KA 210 -52.64 28.17 -121.55
CA MET KA 210 -51.90 27.65 -120.41
C MET KA 210 -51.47 26.22 -120.71
N ARG KA 211 -50.16 25.96 -120.65
CA ARG KA 211 -49.60 24.66 -120.99
C ARG KA 211 -49.56 23.70 -119.81
N ARG KA 212 -50.37 23.96 -118.78
CA ARG KA 212 -50.63 23.11 -117.60
C ARG KA 212 -49.45 22.95 -116.67
N ASP KA 213 -48.29 23.49 -116.99
CA ASP KA 213 -47.11 23.40 -116.14
C ASP KA 213 -46.51 24.76 -115.83
N GLN KA 214 -46.55 25.69 -116.78
CA GLN KA 214 -46.03 27.03 -116.60
C GLN KA 214 -47.13 27.91 -116.01
N SER KA 215 -46.88 29.22 -115.99
CA SER KA 215 -47.87 30.19 -115.57
C SER KA 215 -48.72 30.59 -116.77
N LEU KA 216 -49.50 31.66 -116.62
CA LEU KA 216 -50.31 32.17 -117.72
C LEU KA 216 -49.42 32.81 -118.78
N LYS KA 217 -49.76 32.55 -120.05
CA LYS KA 217 -49.00 33.04 -121.18
C LYS KA 217 -49.94 33.89 -122.04
N ILE KA 218 -49.90 35.20 -121.81
CA ILE KA 218 -50.73 36.12 -122.58
C ILE KA 218 -50.11 36.30 -123.96
N LEU KA 219 -50.89 36.03 -125.00
CA LEU KA 219 -50.38 36.10 -126.36
C LEU KA 219 -50.28 37.54 -126.83
N ASN KA 220 -49.29 37.80 -127.69
CA ASN KA 220 -49.03 39.12 -128.24
C ASN KA 220 -49.73 39.27 -129.58
N PRO KA 221 -50.01 40.52 -130.00
CA PRO KA 221 -50.61 40.72 -131.33
C PRO KA 221 -49.61 40.68 -132.48
N GLU KA 222 -48.72 39.71 -132.45
CA GLU KA 222 -47.85 39.30 -133.54
C GLU KA 222 -47.83 37.79 -133.70
N GLU KA 223 -47.87 37.05 -132.59
CA GLU KA 223 -48.07 35.61 -132.64
C GLU KA 223 -49.51 35.27 -132.98
N ILE KA 224 -50.47 36.04 -132.45
CA ILE KA 224 -51.87 35.83 -132.78
C ILE KA 224 -52.17 36.25 -134.21
N GLU KA 225 -51.41 37.22 -134.75
CA GLU KA 225 -51.55 37.57 -136.16
C GLU KA 225 -51.01 36.49 -137.08
N LYS KA 226 -50.05 35.69 -136.60
CA LYS KA 226 -49.56 34.57 -137.40
C LYS KA 226 -50.60 33.46 -137.48
N TYR KA 227 -51.34 33.24 -136.38
CA TYR KA 227 -52.40 32.23 -136.40
C TYR KA 227 -53.60 32.70 -137.21
N VAL KA 228 -53.81 34.02 -137.31
CA VAL KA 228 -54.85 34.52 -138.18
C VAL KA 228 -54.46 34.39 -139.65
N ALA KA 229 -53.15 34.31 -139.94
CA ALA KA 229 -52.71 34.15 -141.31
C ALA KA 229 -52.91 32.74 -141.81
N GLU KA 230 -52.62 31.74 -140.96
CA GLU KA 230 -52.79 30.35 -141.37
C GLU KA 230 -54.26 29.94 -141.44
N ILE KA 231 -55.14 30.69 -140.79
CA ILE KA 231 -56.57 30.43 -140.93
C ILE KA 231 -57.04 30.85 -142.33
N GLU KA 232 -56.45 31.90 -142.88
CA GLU KA 232 -56.72 32.28 -144.26
C GLU KA 232 -55.99 31.39 -145.26
N LYS KA 233 -54.94 30.68 -144.82
CA LYS KA 233 -54.26 29.76 -145.71
C LYS KA 233 -55.10 28.51 -145.96
N GLU KA 234 -55.78 28.02 -144.93
CA GLU KA 234 -56.69 26.90 -145.10
C GLU KA 234 -57.97 27.31 -145.82
N LYS KA 235 -58.31 28.60 -145.81
CA LYS KA 235 -59.49 29.10 -146.50
C LYS KA 235 -59.30 29.22 -148.00
N GLU KA 236 -58.07 29.05 -148.50
CA GLU KA 236 -57.80 29.14 -149.92
C GLU KA 236 -58.22 27.89 -150.70
N GLU KA 237 -58.60 26.82 -150.00
CA GLU KA 237 -59.01 25.58 -150.64
C GLU KA 237 -60.47 25.58 -151.06
N ASN KA 238 -61.20 26.67 -150.85
CA ASN KA 238 -62.61 26.73 -151.24
C ASN KA 238 -62.77 26.85 -152.75
N GLU KA 239 -61.84 27.52 -153.42
CA GLU KA 239 -61.91 27.69 -154.86
C GLU KA 239 -61.39 26.45 -155.58
N TYR LA 7 -105.13 42.29 -103.77
CA TYR LA 7 -104.19 41.70 -102.82
C TYR LA 7 -103.57 40.43 -103.39
N ASP LA 8 -104.30 39.32 -103.19
CA ASP LA 8 -103.97 37.99 -103.72
C ASP LA 8 -102.62 37.47 -103.23
N ARG LA 9 -102.50 37.42 -101.90
CA ARG LA 9 -101.71 36.43 -101.18
C ARG LA 9 -100.21 36.51 -101.48
N GLY LA 10 -99.58 37.50 -100.85
CA GLY LA 10 -98.14 37.68 -100.93
C GLY LA 10 -97.36 36.70 -100.08
N VAL LA 11 -96.38 37.20 -99.31
CA VAL LA 11 -95.32 36.36 -98.74
C VAL LA 11 -95.86 35.42 -97.66
N ASN LA 12 -96.56 35.94 -96.65
CA ASN LA 12 -96.97 35.11 -95.52
C ASN LA 12 -98.34 35.57 -95.05
N THR LA 13 -99.39 34.99 -95.64
CA THR LA 13 -100.77 35.40 -95.36
C THR LA 13 -101.69 34.26 -95.77
N PHE LA 14 -102.64 33.92 -94.91
CA PHE LA 14 -103.55 32.82 -95.17
C PHE LA 14 -104.54 33.13 -96.29
N SER LA 15 -104.93 32.08 -97.00
CA SER LA 15 -106.07 32.12 -97.91
C SER LA 15 -107.36 32.30 -97.11
N PRO LA 16 -108.41 32.84 -97.76
CA PRO LA 16 -109.75 32.75 -97.15
C PRO LA 16 -110.29 31.34 -97.06
N GLU LA 17 -109.72 30.38 -97.78
CA GLU LA 17 -110.17 29.00 -97.74
C GLU LA 17 -109.10 28.06 -97.18
N GLY LA 18 -107.90 28.05 -97.74
CA GLY LA 18 -106.96 27.00 -97.42
C GLY LA 18 -105.52 27.41 -97.21
N ARG LA 19 -104.62 26.76 -97.96
CA ARG LA 19 -103.19 26.78 -97.68
C ARG LA 19 -102.57 28.13 -98.03
N LEU LA 20 -101.29 28.26 -97.66
CA LEU LA 20 -100.48 29.35 -98.16
C LEU LA 20 -100.16 29.12 -99.63
N PHE LA 21 -100.31 30.15 -100.45
CA PHE LA 21 -100.06 29.99 -101.87
C PHE LA 21 -98.58 30.01 -102.22
N GLN LA 22 -97.73 30.57 -101.35
CA GLN LA 22 -96.29 30.45 -101.55
C GLN LA 22 -95.85 29.00 -101.43
N VAL LA 23 -96.45 28.26 -100.49
CA VAL LA 23 -96.18 26.83 -100.38
C VAL LA 23 -96.86 26.09 -101.53
N GLU LA 24 -98.05 26.55 -101.93
CA GLU LA 24 -98.76 25.93 -103.04
C GLU LA 24 -98.04 26.14 -104.37
N TYR LA 25 -97.41 27.31 -104.56
CA TYR LA 25 -96.65 27.54 -105.78
C TYR LA 25 -95.28 26.85 -105.73
N ALA LA 26 -94.83 26.44 -104.54
CA ALA LA 26 -93.60 25.69 -104.44
C ALA LA 26 -93.76 24.27 -104.97
N ILE LA 27 -94.99 23.73 -104.91
CA ILE LA 27 -95.25 22.42 -105.47
C ILE LA 27 -95.18 22.46 -106.98
N GLU LA 28 -95.61 23.57 -107.59
CA GLU LA 28 -95.63 23.71 -109.04
C GLU LA 28 -94.23 23.84 -109.62
N ALA LA 29 -93.25 24.30 -108.84
CA ALA LA 29 -91.88 24.41 -109.33
C ALA LA 29 -91.23 23.04 -109.53
N ILE LA 30 -91.77 21.99 -108.91
CA ILE LA 30 -91.25 20.64 -109.11
C ILE LA 30 -91.64 20.13 -110.50
N LYS LA 31 -92.77 20.61 -111.03
CA LYS LA 31 -93.31 20.15 -112.31
C LYS LA 31 -92.38 20.47 -113.48
N LEU LA 32 -91.57 21.52 -113.39
CA LEU LA 32 -90.58 21.81 -114.42
C LEU LA 32 -89.25 21.13 -114.18
N GLY LA 33 -89.20 20.14 -113.28
CA GLY LA 33 -87.99 19.40 -113.02
C GLY LA 33 -87.81 18.23 -113.97
N SER LA 34 -86.98 17.30 -113.56
CA SER LA 34 -86.72 16.08 -114.32
C SER LA 34 -87.34 14.88 -113.59
N THR LA 35 -87.84 13.93 -114.36
CA THR LA 35 -88.55 12.80 -113.77
C THR LA 35 -87.59 11.81 -113.12
N ALA LA 36 -88.11 11.05 -112.18
CA ALA LA 36 -87.35 10.09 -111.39
C ALA LA 36 -88.32 9.09 -110.78
N ILE LA 37 -87.89 7.83 -110.72
CA ILE LA 37 -88.71 6.73 -110.21
C ILE LA 37 -87.92 5.98 -109.15
N GLY LA 38 -88.54 5.76 -107.99
CA GLY LA 38 -87.98 4.89 -106.97
C GLY LA 38 -88.97 3.83 -106.54
N ILE LA 39 -88.51 2.58 -106.45
CA ILE LA 39 -89.37 1.43 -106.13
C ILE LA 39 -88.75 0.66 -104.98
N GLN LA 40 -89.54 0.39 -103.95
CA GLN LA 40 -89.10 -0.43 -102.83
C GLN LA 40 -89.48 -1.89 -103.08
N THR LA 41 -88.50 -2.78 -102.90
CA THR LA 41 -88.69 -4.21 -103.02
C THR LA 41 -88.07 -4.83 -101.77
N SER LA 42 -88.56 -6.00 -101.36
CA SER LA 42 -88.02 -6.67 -100.18
C SER LA 42 -86.58 -7.11 -100.35
N GLU LA 43 -86.10 -7.25 -101.58
CA GLU LA 43 -84.70 -7.54 -101.84
C GLU LA 43 -83.81 -6.30 -101.82
N GLY LA 44 -84.38 -5.12 -102.05
CA GLY LA 44 -83.59 -3.90 -102.07
C GLY LA 44 -84.38 -2.78 -102.72
N VAL LA 45 -83.72 -1.64 -102.83
CA VAL LA 45 -84.35 -0.43 -103.36
C VAL LA 45 -83.66 -0.06 -104.65
N CYS LA 46 -84.41 -0.08 -105.76
CA CYS LA 46 -83.92 0.38 -107.05
C CYS LA 46 -84.42 1.79 -107.30
N LEU LA 47 -83.76 2.49 -108.22
CA LEU LA 47 -84.03 3.91 -108.41
C LEU LA 47 -83.54 4.30 -109.79
N ALA LA 48 -84.21 5.29 -110.39
CA ALA LA 48 -83.87 5.75 -111.73
C ALA LA 48 -84.18 7.23 -111.87
N VAL LA 49 -83.57 7.86 -112.89
CA VAL LA 49 -83.77 9.28 -113.16
C VAL LA 49 -83.46 9.52 -114.64
N GLU LA 50 -83.94 10.64 -115.16
CA GLU LA 50 -83.58 11.09 -116.50
C GLU LA 50 -82.67 12.31 -116.39
N LYS LA 51 -81.57 12.30 -117.14
CA LYS LA 51 -80.56 13.34 -116.99
C LYS LA 51 -80.97 14.67 -117.63
N ARG LA 52 -81.61 14.60 -118.81
CA ARG LA 52 -81.95 15.76 -119.65
C ARG LA 52 -80.69 16.54 -120.01
N ILE LA 53 -79.84 15.90 -120.81
CA ILE LA 53 -78.62 16.49 -121.32
C ILE LA 53 -78.96 17.25 -122.60
N THR LA 54 -78.55 18.51 -122.69
CA THR LA 54 -78.90 19.35 -123.82
C THR LA 54 -77.84 19.32 -124.92
N SER LA 55 -76.58 19.54 -124.57
CA SER LA 55 -75.53 19.66 -125.57
C SER LA 55 -74.56 18.48 -125.49
N PRO LA 56 -73.94 18.11 -126.61
CA PRO LA 56 -72.84 17.13 -126.52
C PRO LA 56 -71.61 17.70 -125.87
N LEU LA 57 -71.37 19.01 -126.02
CA LEU LA 57 -70.23 19.64 -125.35
C LEU LA 57 -70.46 19.74 -123.86
N MET LA 58 -71.73 19.82 -123.46
CA MET LA 58 -72.14 19.70 -122.06
C MET LA 58 -71.75 18.33 -121.53
N GLU LA 59 -70.94 18.31 -120.48
CA GLU LA 59 -70.37 17.06 -120.00
C GLU LA 59 -71.45 16.24 -119.30
N PRO LA 60 -71.56 14.94 -119.62
CA PRO LA 60 -72.70 14.16 -119.09
C PRO LA 60 -72.58 13.85 -117.61
N SER LA 61 -71.41 13.47 -117.13
CA SER LA 61 -71.26 12.99 -115.76
C SER LA 61 -71.16 14.11 -114.73
N SER LA 62 -71.36 15.36 -115.14
CA SER LA 62 -71.42 16.46 -114.20
C SER LA 62 -72.81 16.67 -113.62
N ILE LA 63 -73.84 16.25 -114.33
CA ILE LA 63 -75.20 16.33 -113.82
C ILE LA 63 -75.39 15.19 -112.83
N GLU LA 64 -75.59 15.52 -111.57
CA GLU LA 64 -75.91 14.50 -110.58
C GLU LA 64 -77.38 14.63 -110.20
N LYS LA 65 -78.02 13.49 -110.02
CA LYS LA 65 -79.35 13.39 -109.47
C LYS LA 65 -79.41 12.41 -108.31
N ILE LA 66 -78.65 11.32 -108.41
CA ILE LA 66 -78.42 10.42 -107.30
C ILE LA 66 -77.12 10.83 -106.61
N VAL LA 67 -77.20 11.16 -105.33
CA VAL LA 67 -76.00 11.40 -104.55
C VAL LA 67 -75.92 10.34 -103.45
N GLU LA 68 -74.83 10.33 -102.71
CA GLU LA 68 -74.63 9.37 -101.64
C GLU LA 68 -74.66 10.13 -100.32
N ILE LA 69 -75.77 10.02 -99.59
CA ILE LA 69 -75.87 10.62 -98.28
C ILE LA 69 -74.98 9.87 -97.29
N ASP LA 70 -75.08 8.55 -97.29
CA ASP LA 70 -74.23 7.70 -96.49
C ASP LA 70 -74.08 6.39 -97.25
N ALA LA 71 -73.22 5.49 -96.74
CA ALA LA 71 -72.93 4.24 -97.43
C ALA LA 71 -74.10 3.27 -97.48
N HIS LA 72 -75.20 3.56 -96.78
CA HIS LA 72 -76.40 2.74 -96.88
C HIS LA 72 -77.63 3.58 -97.19
N ILE LA 73 -77.47 4.83 -97.59
CA ILE LA 73 -78.58 5.73 -97.88
C ILE LA 73 -78.31 6.42 -99.20
N GLY LA 74 -79.21 6.22 -100.17
CA GLY LA 74 -79.16 6.92 -101.43
C GLY LA 74 -80.11 8.10 -101.45
N CYS LA 75 -80.19 8.74 -102.61
CA CYS LA 75 -81.02 9.93 -102.75
C CYS LA 75 -81.42 10.13 -104.21
N ALA LA 76 -82.39 11.01 -104.40
CA ALA LA 76 -82.85 11.45 -105.72
C ALA LA 76 -83.47 12.82 -105.55
N MET LA 77 -83.36 13.64 -106.58
CA MET LA 77 -83.83 15.02 -106.52
C MET LA 77 -84.48 15.41 -107.84
N SER LA 78 -85.32 16.44 -107.76
CA SER LA 78 -85.92 17.03 -108.95
C SER LA 78 -86.22 18.50 -108.65
N GLY LA 79 -86.56 19.25 -109.69
CA GLY LA 79 -86.88 20.65 -109.52
C GLY LA 79 -85.66 21.55 -109.53
N LEU LA 80 -85.53 22.39 -108.52
CA LEU LA 80 -84.42 23.33 -108.46
C LEU LA 80 -83.14 22.65 -107.98
N ILE LA 81 -82.11 22.74 -108.80
CA ILE LA 81 -80.81 22.18 -108.43
C ILE LA 81 -80.11 23.09 -107.43
N ALA LA 82 -80.34 24.40 -107.54
CA ALA LA 82 -79.67 25.39 -106.69
C ALA LA 82 -80.04 25.26 -105.23
N ASP LA 83 -81.27 24.88 -104.91
CA ASP LA 83 -81.68 24.70 -103.53
C ASP LA 83 -81.40 23.30 -103.00
N ALA LA 84 -81.21 22.32 -103.89
CA ALA LA 84 -81.02 20.95 -103.45
C ALA LA 84 -79.65 20.72 -102.84
N LYS LA 85 -78.64 21.50 -103.25
CA LYS LA 85 -77.31 21.36 -102.70
C LYS LA 85 -77.23 21.80 -101.24
N THR LA 86 -78.18 22.64 -100.78
CA THR LA 86 -78.25 22.98 -99.37
C THR LA 86 -78.81 21.83 -98.54
N LEU LA 87 -79.79 21.11 -99.09
CA LEU LA 87 -80.42 20.01 -98.36
C LEU LA 87 -79.49 18.82 -98.22
N ILE LA 88 -78.76 18.47 -99.29
CA ILE LA 88 -77.85 17.33 -99.28
C ILE LA 88 -76.67 17.59 -98.34
N ASP LA 89 -76.33 18.86 -98.12
CA ASP LA 89 -75.17 19.20 -97.30
C ASP LA 89 -75.38 18.80 -95.84
N LYS LA 90 -76.45 19.28 -95.21
CA LYS LA 90 -76.69 18.96 -93.81
C LYS LA 90 -77.26 17.56 -93.62
N ALA LA 91 -77.83 16.97 -94.68
CA ALA LA 91 -78.23 15.57 -94.61
C ALA LA 91 -77.02 14.65 -94.50
N ARG LA 92 -75.88 15.05 -95.08
CA ARG LA 92 -74.64 14.31 -94.87
C ARG LA 92 -74.02 14.63 -93.52
N VAL LA 93 -74.25 15.84 -93.00
CA VAL LA 93 -73.62 16.25 -91.75
C VAL LA 93 -74.30 15.60 -90.55
N GLU LA 94 -75.63 15.64 -90.50
CA GLU LA 94 -76.31 15.19 -89.30
C GLU LA 94 -76.52 13.68 -89.24
N THR LA 95 -76.24 12.95 -90.32
CA THR LA 95 -76.03 11.51 -90.16
C THR LA 95 -74.63 11.23 -89.64
N GLN LA 96 -73.69 12.12 -89.91
CA GLN LA 96 -72.33 11.97 -89.41
C GLN LA 96 -72.23 12.38 -87.95
N ASN LA 97 -73.04 13.34 -87.51
CA ASN LA 97 -73.11 13.70 -86.11
C ASN LA 97 -73.73 12.59 -85.27
N HIS LA 98 -74.63 11.81 -85.87
CA HIS LA 98 -75.27 10.71 -85.17
C HIS LA 98 -74.29 9.58 -84.92
N TRP LA 99 -73.41 9.30 -85.88
CA TRP LA 99 -72.38 8.29 -85.68
C TRP LA 99 -71.34 8.75 -84.66
N PHE LA 100 -71.12 10.06 -84.55
CA PHE LA 100 -70.13 10.58 -83.62
C PHE LA 100 -70.55 10.38 -82.17
N THR LA 101 -71.85 10.46 -81.88
CA THR LA 101 -72.32 10.40 -80.52
C THR LA 101 -73.08 9.13 -80.16
N TYR LA 102 -73.22 8.18 -81.09
CA TYR LA 102 -73.95 6.96 -80.79
C TYR LA 102 -73.31 5.68 -81.30
N ASN LA 103 -72.21 5.77 -82.06
CA ASN LA 103 -71.52 4.62 -82.67
C ASN LA 103 -72.41 3.75 -83.53
N GLU LA 104 -73.43 4.34 -84.16
CA GLU LA 104 -74.39 3.54 -84.91
C GLU LA 104 -74.89 4.33 -86.10
N THR LA 105 -75.51 3.60 -87.03
CA THR LA 105 -76.04 4.22 -88.24
C THR LA 105 -77.42 4.78 -87.96
N MET LA 106 -77.64 6.01 -88.42
CA MET LA 106 -78.97 6.62 -88.33
C MET LA 106 -79.92 5.90 -89.28
N THR LA 107 -81.13 5.64 -88.80
CA THR LA 107 -82.15 4.99 -89.61
C THR LA 107 -82.64 5.92 -90.72
N VAL LA 108 -83.24 5.30 -91.74
CA VAL LA 108 -83.61 6.03 -92.95
C VAL LA 108 -84.75 6.99 -92.69
N GLU LA 109 -85.66 6.64 -91.77
CA GLU LA 109 -86.78 7.52 -91.45
C GLU LA 109 -86.33 8.75 -90.68
N SER LA 110 -85.45 8.56 -89.70
CA SER LA 110 -85.01 9.65 -88.84
C SER LA 110 -83.98 10.56 -89.49
N VAL LA 111 -83.51 10.23 -90.69
CA VAL LA 111 -82.76 11.22 -91.47
C VAL LA 111 -83.68 12.38 -91.85
N THR LA 112 -84.83 12.07 -92.43
CA THR LA 112 -85.66 13.09 -93.03
C THR LA 112 -86.47 13.84 -91.99
N GLN LA 113 -86.54 13.32 -90.76
CA GLN LA 113 -87.03 14.10 -89.63
C GLN LA 113 -86.20 15.37 -89.47
N ALA LA 114 -84.87 15.22 -89.51
CA ALA LA 114 -83.98 16.37 -89.40
C ALA LA 114 -83.99 17.22 -90.66
N VAL LA 115 -84.24 16.61 -91.82
CA VAL LA 115 -84.28 17.36 -93.06
C VAL LA 115 -85.56 18.17 -93.15
N SER LA 116 -86.68 17.60 -92.69
CA SER LA 116 -87.95 18.31 -92.72
C SER LA 116 -88.06 19.37 -91.63
N ASN LA 117 -87.15 19.41 -90.65
CA ASN LA 117 -87.16 20.52 -89.71
C ASN LA 117 -86.69 21.80 -90.37
N LEU LA 118 -85.71 21.71 -91.28
CA LEU LA 118 -85.09 22.91 -91.81
C LEU LA 118 -85.91 23.54 -92.94
N ALA LA 119 -86.75 22.75 -93.63
CA ALA LA 119 -87.55 23.30 -94.70
C ALA LA 119 -88.74 24.09 -94.19
N LEU LA 120 -89.17 23.84 -92.94
CA LEU LA 120 -90.28 24.55 -92.34
C LEU LA 120 -89.79 25.74 -91.52
N GLN LA 121 -88.90 26.54 -92.10
CA GLN LA 121 -88.24 27.63 -91.40
C GLN LA 121 -88.13 28.88 -92.25
N PHE LA 122 -88.95 28.98 -93.29
CA PHE LA 122 -88.91 30.15 -94.16
C PHE LA 122 -89.60 31.33 -93.48
N GLY LA 123 -89.09 32.52 -93.75
CA GLY LA 123 -89.59 33.75 -93.17
C GLY LA 123 -88.47 34.55 -92.56
N GLU LA 124 -88.83 35.40 -91.60
CA GLU LA 124 -87.87 36.29 -90.95
C GLU LA 124 -87.53 35.83 -89.54
N GLU LA 125 -88.12 34.74 -89.05
CA GLU LA 125 -87.80 34.24 -87.73
C GLU LA 125 -86.44 33.54 -87.73
N ASP LA 126 -85.79 33.55 -86.57
CA ASP LA 126 -84.48 32.95 -86.43
C ASP LA 126 -84.51 31.76 -85.47
N SER LA 133 -85.53 32.22 -95.86
CA SER LA 133 -86.48 33.30 -96.08
C SER LA 133 -87.66 32.83 -96.92
N ARG LA 134 -87.35 32.26 -98.08
CA ARG LA 134 -88.35 31.72 -99.01
C ARG LA 134 -88.41 30.20 -98.87
N PRO LA 135 -89.55 29.60 -99.22
CA PRO LA 135 -89.60 28.13 -99.23
C PRO LA 135 -88.82 27.54 -100.40
N PHE LA 136 -88.57 26.25 -100.31
CA PHE LA 136 -87.73 25.56 -101.29
C PHE LA 136 -88.56 25.08 -102.47
N GLY LA 137 -87.87 24.68 -103.53
CA GLY LA 137 -88.51 24.24 -104.75
C GLY LA 137 -88.07 22.88 -105.23
N VAL LA 138 -87.91 21.92 -104.32
CA VAL LA 138 -87.25 20.66 -104.63
C VAL LA 138 -87.88 19.53 -103.82
N ALA LA 139 -88.26 18.46 -104.51
CA ALA LA 139 -88.72 17.23 -103.89
C ALA LA 139 -87.59 16.22 -103.86
N LEU LA 140 -87.71 15.24 -102.95
CA LEU LA 140 -86.64 14.29 -102.72
C LEU LA 140 -87.21 12.88 -102.56
N LEU LA 141 -86.41 11.90 -102.96
CA LEU LA 141 -86.68 10.50 -102.71
C LEU LA 141 -85.47 9.88 -102.03
N PHE LA 142 -85.69 9.21 -100.90
CA PHE LA 142 -84.62 8.62 -100.10
C PHE LA 142 -84.76 7.12 -100.08
N GLY LA 143 -83.76 6.42 -100.61
CA GLY LA 143 -83.66 4.99 -100.49
C GLY LA 143 -82.62 4.60 -99.46
N GLY LA 144 -82.84 3.45 -98.83
CA GLY LA 144 -81.93 2.99 -97.80
C GLY LA 144 -82.32 1.70 -97.13
N VAL LA 145 -81.35 1.03 -96.55
CA VAL LA 145 -81.56 -0.25 -95.86
C VAL LA 145 -81.19 -0.04 -94.40
N ASP LA 146 -82.18 0.15 -93.55
CA ASP LA 146 -81.96 0.24 -92.11
C ASP LA 146 -82.22 -1.13 -91.47
N GLU LA 147 -82.33 -1.14 -90.14
CA GLU LA 147 -82.55 -2.38 -89.39
C GLU LA 147 -83.91 -3.01 -89.67
N LYS LA 148 -84.87 -2.24 -90.18
CA LYS LA 148 -86.16 -2.77 -90.59
C LYS LA 148 -86.20 -3.14 -92.07
N GLY LA 149 -85.06 -3.50 -92.64
CA GLY LA 149 -84.99 -3.87 -94.04
C GLY LA 149 -84.79 -2.67 -94.93
N PRO LA 150 -85.21 -2.77 -96.19
CA PRO LA 150 -85.15 -1.62 -97.09
C PRO LA 150 -86.35 -0.70 -96.93
N GLN LA 151 -86.10 0.60 -97.10
CA GLN LA 151 -87.12 1.62 -96.94
C GLN LA 151 -87.10 2.57 -98.13
N LEU LA 152 -88.19 3.33 -98.27
CA LEU LA 152 -88.29 4.36 -99.30
C LEU LA 152 -89.22 5.45 -98.79
N PHE LA 153 -88.77 6.70 -98.88
CA PHE LA 153 -89.50 7.83 -98.33
C PHE LA 153 -89.54 8.96 -99.34
N HIS LA 154 -90.37 9.97 -99.05
CA HIS LA 154 -90.53 11.12 -99.92
C HIS LA 154 -90.95 12.34 -99.13
N MET LA 155 -90.39 13.49 -99.48
CA MET LA 155 -90.75 14.75 -98.87
C MET LA 155 -91.05 15.78 -99.96
N ASP LA 156 -91.68 16.87 -99.55
CA ASP LA 156 -92.07 17.98 -100.41
C ASP LA 156 -91.64 19.27 -99.74
N PRO LA 157 -91.68 20.41 -100.44
CA PRO LA 157 -91.41 21.70 -99.77
C PRO LA 157 -92.39 22.08 -98.68
N SER LA 158 -93.56 21.44 -98.57
CA SER LA 158 -94.48 21.73 -97.48
C SER LA 158 -94.09 21.02 -96.18
N GLY LA 159 -93.02 20.24 -96.17
CA GLY LA 159 -92.65 19.46 -95.01
C GLY LA 159 -93.48 18.21 -94.77
N THR LA 160 -94.44 17.94 -95.64
CA THR LA 160 -95.30 16.76 -95.49
C THR LA 160 -94.50 15.51 -95.84
N PHE LA 161 -94.19 14.73 -94.82
CA PHE LA 161 -93.29 13.60 -94.96
C PHE LA 161 -94.06 12.29 -94.79
N VAL LA 162 -93.80 11.33 -95.67
CA VAL LA 162 -94.60 10.12 -95.76
C VAL LA 162 -93.73 9.00 -96.33
N GLN LA 163 -94.10 7.76 -96.03
CA GLN LA 163 -93.44 6.58 -96.58
C GLN LA 163 -94.20 6.10 -97.82
N CYS LA 164 -93.46 5.80 -98.88
CA CYS LA 164 -94.03 5.23 -100.10
C CYS LA 164 -93.40 3.88 -100.38
N ASP LA 165 -94.13 3.07 -101.15
CA ASP LA 165 -93.61 1.79 -101.62
C ASP LA 165 -93.06 1.88 -103.03
N ALA LA 166 -93.58 2.79 -103.84
CA ALA LA 166 -93.12 3.03 -105.21
C ALA LA 166 -93.62 4.40 -105.61
N ARG LA 167 -92.72 5.29 -105.98
CA ARG LA 167 -93.07 6.69 -106.18
C ARG LA 167 -92.30 7.27 -107.35
N ALA LA 168 -93.00 8.06 -108.16
CA ALA LA 168 -92.39 8.79 -109.26
C ALA LA 168 -92.70 10.27 -109.11
N ILE LA 169 -91.67 11.11 -109.17
CA ILE LA 169 -91.84 12.54 -109.04
C ILE LA 169 -91.06 13.26 -110.14
N GLY LA 170 -91.47 14.50 -110.39
CA GLY LA 170 -90.84 15.31 -111.42
C GLY LA 170 -91.80 15.72 -112.51
N SER LA 171 -91.28 16.05 -113.68
CA SER LA 171 -92.15 16.30 -114.82
C SER LA 171 -92.78 15.00 -115.31
N ALA LA 172 -94.03 15.10 -115.75
CA ALA LA 172 -94.87 13.99 -116.18
C ALA LA 172 -94.99 12.91 -115.11
N SER LA 173 -95.00 13.32 -113.84
CA SER LA 173 -95.15 12.38 -112.74
C SER LA 173 -96.58 11.89 -112.57
N GLU LA 174 -97.55 12.65 -113.08
CA GLU LA 174 -98.95 12.23 -112.98
C GLU LA 174 -99.24 11.04 -113.88
N GLY LA 175 -98.78 11.10 -115.13
CA GLY LA 175 -98.92 9.95 -116.02
C GLY LA 175 -98.04 8.78 -115.68
N ALA LA 176 -96.95 9.03 -114.93
CA ALA LA 176 -96.10 7.94 -114.49
C ALA LA 176 -96.78 7.12 -113.40
N GLN LA 177 -97.41 7.78 -112.42
CA GLN LA 177 -98.02 7.09 -111.28
C GLN LA 177 -99.26 6.31 -111.67
N SER LA 178 -99.88 6.59 -112.82
CA SER LA 178 -101.06 5.83 -113.22
C SER LA 178 -100.68 4.42 -113.64
N SER LA 179 -99.69 4.29 -114.53
CA SER LA 179 -99.28 2.97 -115.01
C SER LA 179 -98.43 2.25 -113.98
N LEU LA 180 -97.82 2.99 -113.05
CA LEU LA 180 -96.93 2.38 -112.06
C LEU LA 180 -97.70 1.58 -111.02
N GLN LA 181 -98.94 1.95 -110.74
CA GLN LA 181 -99.73 1.23 -109.76
C GLN LA 181 -100.26 -0.09 -110.29
N GLU LA 182 -100.21 -0.30 -111.60
CA GLU LA 182 -100.66 -1.56 -112.17
C GLU LA 182 -99.55 -2.62 -112.13
N VAL LA 183 -98.30 -2.21 -112.39
CA VAL LA 183 -97.20 -3.16 -112.50
C VAL LA 183 -96.59 -3.52 -111.17
N TYR LA 184 -97.06 -2.94 -110.07
CA TYR LA 184 -96.47 -3.18 -108.76
C TYR LA 184 -97.28 -4.22 -107.99
N HIS LA 185 -96.57 -5.09 -107.28
CA HIS LA 185 -97.18 -5.99 -106.31
C HIS LA 185 -96.16 -6.25 -105.20
N LYS LA 186 -96.62 -6.93 -104.15
CA LYS LA 186 -95.83 -7.06 -102.93
C LYS LA 186 -94.68 -8.04 -103.06
N SER LA 187 -94.73 -8.96 -104.02
CA SER LA 187 -93.75 -10.05 -104.12
C SER LA 187 -92.81 -9.86 -105.32
N MET LA 188 -92.39 -8.63 -105.55
CA MET LA 188 -91.42 -8.35 -106.61
C MET LA 188 -90.04 -8.86 -106.21
N THR LA 189 -89.15 -8.95 -107.19
CA THR LA 189 -87.73 -9.15 -106.95
C THR LA 189 -86.97 -7.96 -107.51
N LEU LA 190 -85.72 -7.82 -107.08
CA LEU LA 190 -84.93 -6.65 -107.47
C LEU LA 190 -84.52 -6.71 -108.94
N LYS LA 191 -84.24 -7.89 -109.47
CA LYS LA 191 -83.92 -8.00 -110.89
C LYS LA 191 -85.16 -7.77 -111.75
N GLU LA 192 -86.35 -8.03 -111.21
CA GLU LA 192 -87.58 -7.76 -111.95
C GLU LA 192 -87.95 -6.29 -111.91
N ALA LA 193 -87.73 -5.62 -110.78
CA ALA LA 193 -88.20 -4.26 -110.59
C ALA LA 193 -87.38 -3.23 -111.36
N ILE LA 194 -86.13 -3.56 -111.69
CA ILE LA 194 -85.28 -2.61 -112.41
C ILE LA 194 -85.76 -2.46 -113.85
N LYS LA 195 -85.97 -3.58 -114.55
CA LYS LA 195 -86.49 -3.50 -115.90
C LYS LA 195 -87.97 -3.11 -115.91
N SER LA 196 -88.69 -3.31 -114.81
CA SER LA 196 -90.06 -2.85 -114.73
C SER LA 196 -90.15 -1.33 -114.63
N SER LA 197 -89.09 -0.67 -114.17
CA SER LA 197 -89.08 0.78 -114.00
C SER LA 197 -88.70 1.51 -115.28
N LEU LA 198 -87.74 0.99 -116.03
CA LEU LA 198 -87.27 1.69 -117.22
C LEU LA 198 -88.19 1.51 -118.42
N ILE LA 199 -89.11 0.53 -118.37
CA ILE LA 199 -90.19 0.50 -119.35
C ILE LA 199 -91.11 1.71 -119.15
N ILE LA 200 -91.35 2.08 -117.90
CA ILE LA 200 -92.12 3.28 -117.59
C ILE LA 200 -91.34 4.54 -118.00
N LEU LA 201 -90.00 4.49 -117.95
CA LEU LA 201 -89.18 5.64 -118.30
C LEU LA 201 -89.27 5.97 -119.78
N LYS LA 202 -89.12 4.98 -120.66
CA LYS LA 202 -89.12 5.28 -122.09
C LYS LA 202 -90.54 5.55 -122.62
N GLN LA 203 -91.57 5.25 -121.84
CA GLN LA 203 -92.94 5.59 -122.20
C GLN LA 203 -93.35 6.97 -121.73
N VAL LA 204 -92.52 7.66 -120.93
CA VAL LA 204 -92.84 9.01 -120.50
C VAL LA 204 -91.86 10.05 -121.02
N MET LA 205 -90.66 9.67 -121.44
CA MET LA 205 -89.75 10.59 -122.10
C MET LA 205 -89.84 10.39 -123.61
N GLU LA 206 -89.13 11.24 -124.35
CA GLU LA 206 -89.24 11.26 -125.80
C GLU LA 206 -87.99 10.83 -126.53
N GLU LA 207 -86.82 10.88 -125.89
CA GLU LA 207 -85.59 10.49 -126.56
C GLU LA 207 -85.45 8.97 -126.56
N LYS LA 208 -84.57 8.49 -127.43
CA LYS LA 208 -84.27 7.06 -127.48
C LYS LA 208 -83.48 6.67 -126.24
N LEU LA 209 -83.93 5.61 -125.57
CA LEU LA 209 -83.36 5.21 -124.29
C LEU LA 209 -82.01 4.56 -124.50
N ASN LA 210 -80.94 5.26 -124.12
CA ASN LA 210 -79.60 4.70 -124.21
C ASN LA 210 -78.86 4.79 -122.89
N ALA LA 211 -77.56 4.53 -122.90
CA ALA LA 211 -76.75 4.54 -121.69
C ALA LA 211 -76.38 5.95 -121.23
N THR LA 212 -76.78 6.99 -121.95
CA THR LA 212 -76.48 8.36 -121.57
C THR LA 212 -77.70 9.13 -121.07
N ASN LA 213 -78.91 8.61 -121.29
CA ASN LA 213 -80.10 9.32 -120.84
C ASN LA 213 -80.35 9.10 -119.35
N ILE LA 214 -80.26 7.85 -118.90
CA ILE LA 214 -80.70 7.47 -117.57
C ILE LA 214 -79.52 6.91 -116.78
N GLU LA 215 -79.75 6.74 -115.47
CA GLU LA 215 -78.79 6.11 -114.58
C GLU LA 215 -79.56 5.47 -113.44
N LEU LA 216 -78.95 4.46 -112.83
CA LEU LA 216 -79.62 3.64 -111.83
C LEU LA 216 -78.92 3.76 -110.49
N ALA LA 217 -79.61 3.28 -109.45
CA ALA LA 217 -79.08 3.30 -108.09
C ALA LA 217 -79.76 2.19 -107.30
N THR LA 218 -78.98 1.21 -106.87
CA THR LA 218 -79.49 0.08 -106.11
C THR LA 218 -78.76 -0.03 -104.78
N VAL LA 219 -79.50 -0.39 -103.73
CA VAL LA 219 -78.92 -0.66 -102.42
C VAL LA 219 -79.53 -1.95 -101.89
N GLN LA 220 -78.69 -2.80 -101.33
CA GLN LA 220 -79.07 -4.13 -100.86
C GLN LA 220 -78.69 -4.28 -99.40
N PRO LA 221 -79.29 -5.23 -98.68
CA PRO LA 221 -78.79 -5.54 -97.33
C PRO LA 221 -77.37 -6.09 -97.32
N GLY LA 222 -77.10 -7.16 -98.06
CA GLY LA 222 -75.76 -7.73 -98.11
C GLY LA 222 -74.80 -7.00 -99.03
N GLN LA 223 -75.30 -6.07 -99.82
CA GLN LA 223 -74.49 -5.33 -100.78
C GLN LA 223 -74.70 -3.84 -100.52
N ASN LA 224 -74.35 -3.40 -99.31
CA ASN LA 224 -74.37 -1.98 -98.98
C ASN LA 224 -73.42 -1.15 -99.85
N PHE LA 225 -72.45 -1.80 -100.51
CA PHE LA 225 -71.65 -1.16 -101.54
C PHE LA 225 -72.50 -0.97 -102.81
N HIS LA 226 -71.97 -0.18 -103.76
CA HIS LA 226 -72.45 -0.08 -105.15
C HIS LA 226 -73.87 0.48 -105.23
N MET LA 227 -73.98 1.77 -104.88
CA MET LA 227 -75.21 2.52 -105.09
C MET LA 227 -75.29 3.16 -106.47
N PHE LA 228 -74.46 2.72 -107.42
CA PHE LA 228 -74.40 3.39 -108.71
C PHE LA 228 -73.88 2.43 -109.76
N THR LA 229 -74.74 2.03 -110.68
CA THR LA 229 -74.33 1.18 -111.79
C THR LA 229 -73.73 2.05 -112.90
N LYS LA 230 -72.69 1.52 -113.54
CA LYS LA 230 -71.97 2.28 -114.56
C LYS LA 230 -71.55 1.33 -115.67
N GLU LA 231 -72.26 1.41 -116.81
CA GLU LA 231 -72.03 0.65 -118.04
C GLU LA 231 -72.19 -0.87 -117.92
N GLU LA 232 -72.56 -1.35 -116.73
CA GLU LA 232 -73.33 -2.58 -116.62
C GLU LA 232 -74.78 -2.31 -116.97
N LEU LA 233 -75.18 -1.05 -116.91
CA LEU LA 233 -76.49 -0.57 -117.36
C LEU LA 233 -76.68 -0.77 -118.86
N GLU LA 234 -75.59 -0.87 -119.64
CA GLU LA 234 -75.70 -1.16 -121.06
C GLU LA 234 -76.25 -2.56 -121.31
N GLU LA 235 -76.00 -3.49 -120.39
CA GLU LA 235 -76.54 -4.84 -120.52
C GLU LA 235 -78.04 -4.86 -120.30
N VAL LA 236 -78.55 -4.01 -119.39
CA VAL LA 236 -79.96 -4.05 -119.03
C VAL LA 236 -80.81 -3.47 -120.16
N ILE LA 237 -80.25 -2.53 -120.94
CA ILE LA 237 -81.01 -1.90 -122.02
C ILE LA 237 -81.23 -2.89 -123.16
N LYS LA 238 -80.19 -3.63 -123.54
CA LYS LA 238 -80.31 -4.57 -124.65
C LYS LA 238 -81.11 -5.82 -124.29
N ASP LA 239 -81.29 -6.10 -123.00
CA ASP LA 239 -82.12 -7.22 -122.59
C ASP LA 239 -83.60 -6.93 -122.75
N ILE LA 240 -84.00 -5.67 -122.73
CA ILE LA 240 -85.40 -5.30 -122.94
C ILE LA 240 -85.52 -4.78 -124.37
N ASN MA 9 -111.97 44.84 -98.63
CA ASN MA 9 -110.98 43.79 -98.83
C ASN MA 9 -109.58 44.23 -98.40
N GLN MA 10 -109.38 45.54 -98.25
CA GLN MA 10 -108.09 46.08 -97.87
C GLN MA 10 -107.77 45.82 -96.40
N TYR MA 11 -108.77 45.54 -95.57
CA TYR MA 11 -108.53 45.16 -94.19
C TYR MA 11 -108.14 43.70 -94.05
N ASP MA 12 -108.26 42.92 -95.11
CA ASP MA 12 -108.03 41.48 -95.08
C ASP MA 12 -106.60 41.15 -95.52
N ASN MA 13 -105.61 41.74 -94.86
CA ASN MA 13 -104.25 41.48 -95.28
C ASN MA 13 -103.31 41.09 -94.15
N ASP MA 14 -103.47 41.67 -92.97
CA ASP MA 14 -102.52 41.47 -91.89
C ASP MA 14 -103.25 41.13 -90.60
N VAL MA 15 -102.47 40.63 -89.65
CA VAL MA 15 -103.02 40.30 -88.34
C VAL MA 15 -103.23 41.57 -87.51
N THR MA 16 -102.40 42.60 -87.76
CA THR MA 16 -102.45 43.82 -86.97
C THR MA 16 -103.69 44.65 -87.29
N VAL MA 17 -104.17 44.60 -88.53
CA VAL MA 17 -105.19 45.53 -89.00
C VAL MA 17 -106.56 45.08 -88.46
N TRP MA 18 -107.20 45.96 -87.69
CA TRP MA 18 -108.57 45.74 -87.26
C TRP MA 18 -109.54 46.05 -88.40
N SER MA 19 -110.77 45.62 -88.22
CA SER MA 19 -111.81 45.88 -89.20
C SER MA 19 -112.77 46.94 -88.69
N PRO MA 20 -113.51 47.61 -89.59
CA PRO MA 20 -114.59 48.48 -89.15
C PRO MA 20 -115.78 47.74 -88.55
N GLN MA 21 -115.82 46.41 -88.62
CA GLN MA 21 -116.78 45.61 -87.87
C GLN MA 21 -116.17 45.04 -86.60
N GLY MA 22 -114.86 45.18 -86.40
CA GLY MA 22 -114.22 44.71 -85.20
C GLY MA 22 -113.80 43.25 -85.21
N ARG MA 23 -113.54 42.69 -86.39
CA ARG MA 23 -113.18 41.28 -86.52
C ARG MA 23 -111.94 41.15 -87.37
N ILE MA 24 -110.89 40.55 -86.82
CA ILE MA 24 -109.66 40.35 -87.56
C ILE MA 24 -109.83 39.12 -88.44
N HIS MA 25 -109.68 39.29 -89.75
CA HIS MA 25 -110.01 38.21 -90.67
C HIS MA 25 -108.94 37.14 -90.75
N GLN MA 26 -107.69 37.47 -90.37
CA GLN MA 26 -106.62 36.48 -90.48
C GLN MA 26 -106.75 35.38 -89.42
N ILE MA 27 -107.25 35.72 -88.24
CA ILE MA 27 -107.60 34.70 -87.25
C ILE MA 27 -108.80 33.89 -87.74
N GLU MA 28 -109.77 34.56 -88.37
CA GLU MA 28 -110.94 33.88 -88.91
C GLU MA 28 -110.59 32.96 -90.08
N TYR MA 29 -109.46 33.17 -90.75
CA TYR MA 29 -109.06 32.30 -91.84
C TYR MA 29 -108.26 31.10 -91.37
N ALA MA 30 -107.59 31.20 -90.22
CA ALA MA 30 -106.86 30.06 -89.69
C ALA MA 30 -107.78 29.00 -89.12
N MET MA 31 -109.02 29.35 -88.79
CA MET MA 31 -110.02 28.35 -88.48
C MET MA 31 -110.33 27.47 -89.69
N GLU MA 32 -110.24 28.03 -90.89
CA GLU MA 32 -110.57 27.28 -92.09
C GLU MA 32 -109.52 26.23 -92.43
N ALA MA 33 -108.27 26.42 -91.98
CA ALA MA 33 -107.25 25.40 -92.17
C ALA MA 33 -107.48 24.18 -91.29
N VAL MA 34 -108.21 24.33 -90.19
CA VAL MA 34 -108.53 23.20 -89.33
C VAL MA 34 -109.53 22.28 -90.03
N LYS MA 35 -110.45 22.86 -90.80
CA LYS MA 35 -111.45 22.07 -91.51
C LYS MA 35 -110.88 21.31 -92.70
N GLN MA 36 -109.64 21.59 -93.09
CA GLN MA 36 -109.02 20.84 -94.19
C GLN MA 36 -108.62 19.44 -93.74
N GLY MA 37 -108.15 19.29 -92.50
CA GLY MA 37 -107.73 18.01 -91.99
C GLY MA 37 -108.90 17.09 -91.69
N SER MA 38 -108.58 15.83 -91.44
CA SER MA 38 -109.62 14.83 -91.23
C SER MA 38 -110.17 14.94 -89.81
N ALA MA 39 -111.21 14.15 -89.56
CA ALA MA 39 -111.92 14.21 -88.29
C ALA MA 39 -111.22 13.36 -87.24
N THR MA 40 -111.39 13.76 -85.98
CA THR MA 40 -110.88 13.01 -84.83
C THR MA 40 -111.76 13.31 -83.63
N VAL MA 41 -111.97 12.28 -82.80
CA VAL MA 41 -112.95 12.32 -81.72
C VAL MA 41 -112.26 11.92 -80.42
N GLY MA 42 -112.42 12.74 -79.39
CA GLY MA 42 -111.91 12.42 -78.07
C GLY MA 42 -113.01 12.50 -77.03
N LEU MA 43 -112.91 11.64 -76.02
CA LEU MA 43 -113.91 11.56 -74.96
C LEU MA 43 -113.26 10.91 -73.74
N LYS MA 44 -114.01 10.88 -72.63
CA LYS MA 44 -113.49 10.33 -71.39
C LYS MA 44 -114.60 9.82 -70.50
N SER MA 45 -114.24 8.86 -69.65
CA SER MA 45 -115.05 8.34 -68.56
C SER MA 45 -114.54 8.93 -67.24
N LYS MA 46 -115.01 8.39 -66.13
CA LYS MA 46 -114.45 8.74 -64.83
C LYS MA 46 -113.00 8.29 -64.72
N THR MA 47 -112.63 7.18 -65.34
CA THR MA 47 -111.30 6.62 -65.19
C THR MA 47 -110.47 6.60 -66.47
N HIS MA 48 -111.08 6.64 -67.64
CA HIS MA 48 -110.33 6.45 -68.87
C HIS MA 48 -110.72 7.46 -69.93
N ALA MA 49 -109.69 8.02 -70.57
CA ALA MA 49 -109.85 9.04 -71.61
C ALA MA 49 -109.25 8.48 -72.90
N VAL MA 50 -110.09 8.35 -73.93
CA VAL MA 50 -109.70 7.75 -75.19
C VAL MA 50 -109.99 8.75 -76.31
N LEU MA 51 -108.99 9.01 -77.15
CA LEU MA 51 -109.17 9.82 -78.35
C LEU MA 51 -108.89 8.96 -79.58
N VAL MA 52 -109.76 9.06 -80.57
CA VAL MA 52 -109.71 8.23 -81.78
C VAL MA 52 -109.64 9.15 -82.98
N ALA MA 53 -108.69 8.90 -83.87
CA ALA MA 53 -108.49 9.72 -85.07
C ALA MA 53 -108.77 8.89 -86.32
N LEU MA 54 -108.63 9.54 -87.47
CA LEU MA 54 -108.91 8.93 -88.76
C LEU MA 54 -107.76 9.25 -89.72
N LYS MA 55 -107.08 8.22 -90.20
CA LYS MA 55 -105.99 8.42 -91.13
C LYS MA 55 -106.52 8.75 -92.52
N ARG MA 56 -105.66 9.37 -93.33
CA ARG MA 56 -105.95 9.66 -94.72
C ARG MA 56 -104.78 9.19 -95.58
N ALA MA 57 -105.09 8.47 -96.65
CA ALA MA 57 -104.07 8.06 -97.59
C ALA MA 57 -103.65 9.21 -98.49
N GLN MA 58 -102.40 9.16 -98.95
CA GLN MA 58 -101.92 10.11 -99.95
C GLN MA 58 -102.07 9.54 -101.35
N SER MA 59 -101.56 8.34 -101.57
CA SER MA 59 -101.75 7.60 -102.80
C SER MA 59 -102.32 6.23 -102.48
N GLU MA 60 -102.42 5.39 -103.51
CA GLU MA 60 -102.99 4.06 -103.35
C GLU MA 60 -102.03 3.07 -102.70
N LEU MA 61 -100.74 3.39 -102.61
CA LEU MA 61 -99.80 2.45 -102.00
C LEU MA 61 -98.78 3.11 -101.10
N ALA MA 62 -98.94 4.38 -100.78
CA ALA MA 62 -98.11 4.99 -99.75
C ALA MA 62 -98.69 4.68 -98.38
N ALA MA 63 -97.86 4.88 -97.35
CA ALA MA 63 -98.33 4.70 -96.00
C ALA MA 63 -99.27 5.83 -95.60
N HIS MA 64 -100.20 5.52 -94.71
CA HIS MA 64 -101.14 6.54 -94.26
C HIS MA 64 -100.46 7.47 -93.26
N GLN MA 65 -100.84 8.74 -93.32
CA GLN MA 65 -100.23 9.74 -92.45
C GLN MA 65 -100.76 9.59 -91.03
N LYS MA 66 -99.83 9.56 -90.06
CA LYS MA 66 -100.22 9.35 -88.68
C LYS MA 66 -100.80 10.62 -88.07
N LYS MA 67 -101.72 10.44 -87.13
CA LYS MA 67 -102.38 11.53 -86.44
C LYS MA 67 -102.04 11.58 -84.97
N ILE MA 68 -102.27 10.50 -84.24
CA ILE MA 68 -102.03 10.48 -82.80
C ILE MA 68 -100.54 10.28 -82.56
N LEU MA 69 -99.95 11.10 -81.70
CA LEU MA 69 -98.54 10.95 -81.38
C LEU MA 69 -98.35 11.07 -79.88
N HIS MA 70 -97.48 10.21 -79.35
CA HIS MA 70 -97.14 10.20 -77.93
C HIS MA 70 -96.39 11.47 -77.56
N VAL MA 71 -96.64 11.94 -76.33
CA VAL MA 71 -95.95 13.13 -75.82
C VAL MA 71 -95.22 12.76 -74.54
N ASP MA 72 -95.98 12.32 -73.54
CA ASP MA 72 -95.43 11.95 -72.25
C ASP MA 72 -96.11 10.65 -71.84
N ASN MA 73 -95.73 10.10 -70.69
CA ASN MA 73 -96.32 8.86 -70.21
C ASN MA 73 -97.74 9.04 -69.70
N HIS MA 74 -98.22 10.28 -69.59
CA HIS MA 74 -99.58 10.55 -69.16
C HIS MA 74 -100.26 11.57 -70.06
N ILE MA 75 -99.67 11.93 -71.20
CA ILE MA 75 -100.20 12.93 -72.10
C ILE MA 75 -100.04 12.44 -73.53
N GLY MA 76 -101.13 12.43 -74.29
CA GLY MA 76 -101.05 12.19 -75.73
C GLY MA 76 -102.02 13.11 -76.44
N ILE MA 77 -101.63 13.52 -77.65
CA ILE MA 77 -102.39 14.51 -78.40
C ILE MA 77 -102.74 13.99 -79.78
N SER MA 78 -103.80 14.56 -80.34
CA SER MA 78 -104.20 14.35 -81.72
C SER MA 78 -103.84 15.58 -82.55
N ILE MA 79 -104.18 15.57 -83.83
CA ILE MA 79 -103.77 16.65 -84.72
C ILE MA 79 -104.81 16.84 -85.81
N ALA MA 80 -104.97 18.10 -86.24
CA ALA MA 80 -105.78 18.46 -87.40
C ALA MA 80 -105.32 19.84 -87.88
N GLY MA 81 -104.89 19.90 -89.13
CA GLY MA 81 -104.39 21.16 -89.67
C GLY MA 81 -103.02 21.03 -90.30
N LEU MA 82 -102.23 22.09 -90.26
CA LEU MA 82 -100.93 22.12 -90.92
C LEU MA 82 -99.94 21.23 -90.21
N THR MA 83 -99.22 20.42 -90.98
CA THR MA 83 -98.15 19.60 -90.43
C THR MA 83 -96.92 20.40 -90.08
N ALA MA 84 -96.78 21.61 -90.63
CA ALA MA 84 -95.67 22.48 -90.26
C ALA MA 84 -95.85 23.01 -88.84
N ASP MA 85 -97.06 23.47 -88.51
CA ASP MA 85 -97.35 23.91 -87.17
C ASP MA 85 -97.55 22.74 -86.20
N ALA MA 86 -97.69 21.52 -86.71
CA ALA MA 86 -97.88 20.36 -85.85
C ALA MA 86 -96.60 20.01 -85.10
N ARG MA 87 -95.53 19.73 -85.84
CA ARG MA 87 -94.27 19.35 -85.20
C ARG MA 87 -93.58 20.53 -84.55
N LEU MA 88 -93.92 21.77 -84.92
CA LEU MA 88 -93.34 22.92 -84.27
C LEU MA 88 -93.89 23.10 -82.86
N LEU MA 89 -95.18 22.77 -82.66
CA LEU MA 89 -95.73 22.80 -81.31
C LEU MA 89 -95.37 21.56 -80.52
N CYS MA 90 -95.11 20.45 -81.20
CA CYS MA 90 -94.73 19.22 -80.49
C CYS MA 90 -93.37 19.36 -79.84
N ASN MA 91 -92.43 19.99 -80.51
CA ASN MA 91 -91.10 20.20 -79.95
C ASN MA 91 -91.13 21.19 -78.80
N PHE MA 92 -92.08 22.14 -78.83
CA PHE MA 92 -92.32 22.97 -77.66
C PHE MA 92 -93.06 22.20 -76.58
N MET MA 93 -93.88 21.23 -76.97
CA MET MA 93 -94.64 20.46 -76.00
C MET MA 93 -93.73 19.50 -75.23
N ARG MA 94 -92.82 18.83 -75.93
CA ARG MA 94 -91.96 17.84 -75.27
C ARG MA 94 -90.92 18.49 -74.40
N GLN MA 95 -90.50 19.71 -74.72
CA GLN MA 95 -89.48 20.39 -73.93
C GLN MA 95 -90.03 20.79 -72.57
N GLU MA 96 -91.29 21.21 -72.52
CA GLU MA 96 -91.89 21.62 -71.25
C GLU MA 96 -92.21 20.43 -70.36
N CYS MA 97 -92.47 19.26 -70.96
CA CYS MA 97 -92.81 18.09 -70.15
C CYS MA 97 -91.60 17.54 -69.39
N LEU MA 98 -90.42 17.58 -69.99
CA LEU MA 98 -89.24 17.05 -69.34
C LEU MA 98 -88.55 18.05 -68.44
N ASP MA 99 -88.91 19.34 -68.53
CA ASP MA 99 -88.34 20.31 -67.61
C ASP MA 99 -88.92 20.15 -66.20
N SER MA 100 -90.20 19.83 -66.10
CA SER MA 100 -90.78 19.56 -64.79
C SER MA 100 -90.27 18.25 -64.22
N ARG MA 101 -89.93 17.30 -65.08
CA ARG MA 101 -89.30 16.07 -64.60
C ARG MA 101 -87.88 16.34 -64.11
N PHE MA 102 -87.18 17.27 -64.76
CA PHE MA 102 -85.80 17.55 -64.40
C PHE MA 102 -85.71 18.47 -63.19
N VAL MA 103 -86.68 19.35 -62.99
CA VAL MA 103 -86.59 20.34 -61.92
C VAL MA 103 -87.43 19.90 -60.73
N PHE MA 104 -88.72 19.70 -60.97
CA PHE MA 104 -89.66 19.41 -59.89
C PHE MA 104 -89.77 17.92 -59.56
N ASP MA 105 -89.30 17.05 -60.48
CA ASP MA 105 -89.38 15.59 -60.37
C ASP MA 105 -90.83 15.13 -60.19
N ARG MA 106 -91.74 15.80 -60.85
CA ARG MA 106 -93.14 15.41 -60.90
C ARG MA 106 -93.64 15.55 -62.33
N PRO MA 107 -94.67 14.80 -62.71
CA PRO MA 107 -95.30 15.07 -63.99
C PRO MA 107 -96.12 16.35 -63.95
N LEU MA 108 -96.28 16.96 -65.11
CA LEU MA 108 -97.03 18.21 -65.21
C LEU MA 108 -98.52 17.99 -64.99
N PRO MA 109 -99.18 18.92 -64.31
CA PRO MA 109 -100.64 18.98 -64.40
C PRO MA 109 -101.05 19.39 -65.80
N VAL MA 110 -102.09 18.73 -66.31
CA VAL MA 110 -102.46 18.89 -67.72
C VAL MA 110 -103.08 20.26 -67.96
N SER MA 111 -103.82 20.78 -66.97
CA SER MA 111 -104.54 22.04 -67.13
C SER MA 111 -103.61 23.24 -67.23
N ARG MA 112 -102.43 23.19 -66.61
CA ARG MA 112 -101.51 24.31 -66.67
C ARG MA 112 -100.50 24.22 -67.81
N LEU MA 113 -100.36 23.05 -68.43
CA LEU MA 113 -99.53 22.95 -69.63
C LEU MA 113 -100.20 23.63 -70.82
N VAL MA 114 -101.52 23.53 -70.90
CA VAL MA 114 -102.25 24.10 -72.02
C VAL MA 114 -102.30 25.62 -71.90
N SER MA 115 -102.20 26.15 -70.68
CA SER MA 115 -102.10 27.59 -70.48
C SER MA 115 -100.77 28.13 -71.00
N LEU MA 116 -99.75 27.28 -71.06
CA LEU MA 116 -98.49 27.70 -71.70
C LEU MA 116 -98.64 27.77 -73.21
N ILE MA 117 -99.54 26.96 -73.78
CA ILE MA 117 -99.75 26.98 -75.23
C ILE MA 117 -100.48 28.25 -75.64
N GLY MA 118 -101.47 28.66 -74.86
CA GLY MA 118 -102.18 29.90 -75.16
C GLY MA 118 -101.34 31.13 -75.01
N SER MA 119 -100.34 31.08 -74.12
CA SER MA 119 -99.35 32.14 -74.08
C SER MA 119 -98.36 32.03 -75.24
N LYS MA 120 -98.17 30.82 -75.77
CA LYS MA 120 -97.22 30.61 -76.87
C LYS MA 120 -97.81 31.10 -78.19
N THR MA 121 -99.07 30.81 -78.43
CA THR MA 121 -99.71 31.15 -79.68
C THR MA 121 -100.29 32.56 -79.68
N GLN MA 122 -100.17 33.31 -78.57
CA GLN MA 122 -100.75 34.66 -78.52
C GLN MA 122 -99.86 35.70 -79.20
N ILE MA 123 -98.54 35.57 -79.05
CA ILE MA 123 -97.64 36.50 -79.66
C ILE MA 123 -97.74 36.48 -81.20
N PRO MA 124 -97.62 35.30 -81.90
CA PRO MA 124 -97.81 35.41 -83.37
C PRO MA 124 -99.25 35.75 -83.79
N THR MA 125 -100.26 35.85 -82.89
CA THR MA 125 -101.52 36.46 -83.30
C THR MA 125 -101.63 37.95 -82.97
N GLN MA 126 -100.55 38.58 -82.53
CA GLN MA 126 -100.62 40.03 -82.36
C GLN MA 126 -99.49 40.78 -83.05
N ARG MA 127 -98.27 40.26 -83.01
CA ARG MA 127 -97.15 40.97 -83.58
C ARG MA 127 -96.98 40.61 -85.06
N TYR MA 128 -96.60 41.59 -85.86
CA TYR MA 128 -96.41 41.38 -87.30
C TYR MA 128 -95.12 40.62 -87.54
N GLY MA 129 -95.15 39.72 -88.52
CA GLY MA 129 -93.97 38.99 -88.90
C GLY MA 129 -94.10 37.49 -88.77
N ARG MA 130 -95.26 36.99 -88.32
CA ARG MA 130 -95.47 35.56 -88.15
C ARG MA 130 -96.96 35.29 -88.20
N ARG MA 131 -97.37 34.33 -89.01
CA ARG MA 131 -98.76 33.98 -89.13
C ARG MA 131 -99.21 33.21 -87.88
N PRO MA 132 -100.52 33.17 -87.62
CA PRO MA 132 -101.02 32.29 -86.55
C PRO MA 132 -100.82 30.82 -86.89
N TYR MA 133 -100.80 29.99 -85.86
CA TYR MA 133 -100.53 28.57 -86.03
C TYR MA 133 -101.81 27.89 -86.46
N GLY MA 134 -101.82 27.34 -87.68
CA GLY MA 134 -102.99 26.61 -88.13
C GLY MA 134 -102.97 25.20 -87.61
N VAL MA 135 -103.73 24.94 -86.55
CA VAL MA 135 -103.58 23.70 -85.80
C VAL MA 135 -104.87 23.45 -85.02
N GLY MA 136 -105.17 22.17 -84.76
CA GLY MA 136 -106.41 21.76 -84.14
C GLY MA 136 -106.25 20.78 -82.99
N LEU MA 137 -105.27 21.03 -82.11
CA LEU MA 137 -104.85 20.07 -81.08
C LEU MA 137 -105.98 19.65 -80.14
N LEU MA 138 -106.18 18.34 -80.05
CA LEU MA 138 -106.96 17.71 -78.98
C LEU MA 138 -105.99 17.09 -77.99
N ILE MA 139 -106.25 17.28 -76.69
CA ILE MA 139 -105.32 16.90 -75.64
C ILE MA 139 -106.04 16.03 -74.63
N ALA MA 140 -105.46 14.86 -74.32
CA ALA MA 140 -105.92 14.00 -73.24
C ALA MA 140 -104.80 13.82 -72.23
N GLY MA 141 -105.16 13.74 -70.96
CA GLY MA 141 -104.12 13.68 -69.94
C GLY MA 141 -104.60 13.20 -68.60
N TYR MA 142 -103.65 13.12 -67.67
CA TYR MA 142 -103.89 12.75 -66.28
C TYR MA 142 -103.09 13.62 -65.34
N ASP MA 143 -103.77 14.52 -64.65
CA ASP MA 143 -103.22 15.14 -63.45
C ASP MA 143 -103.68 14.31 -62.25
N ASP MA 144 -103.54 14.88 -61.05
CA ASP MA 144 -103.93 14.14 -59.84
C ASP MA 144 -105.43 14.05 -59.66
N MET MA 145 -106.23 14.75 -60.47
CA MET MA 145 -107.67 14.78 -60.30
C MET MA 145 -108.42 14.16 -61.50
N GLY MA 146 -107.82 13.16 -62.13
CA GLY MA 146 -108.53 12.37 -63.11
C GLY MA 146 -108.24 12.76 -64.55
N PRO MA 147 -108.99 12.18 -65.48
CA PRO MA 147 -108.74 12.43 -66.89
C PRO MA 147 -109.28 13.78 -67.34
N HIS MA 148 -108.77 14.23 -68.49
CA HIS MA 148 -109.20 15.50 -69.08
C HIS MA 148 -109.21 15.36 -70.59
N ILE MA 149 -110.12 16.08 -71.24
CA ILE MA 149 -110.14 16.23 -72.68
C ILE MA 149 -110.13 17.71 -73.00
N PHE MA 150 -109.09 18.16 -73.69
CA PHE MA 150 -108.89 19.56 -74.03
C PHE MA 150 -108.87 19.73 -75.54
N GLN MA 151 -109.31 20.89 -76.00
CA GLN MA 151 -109.08 21.30 -77.37
C GLN MA 151 -108.49 22.69 -77.38
N THR MA 152 -107.79 23.01 -78.46
CA THR MA 152 -107.28 24.34 -78.73
C THR MA 152 -107.85 24.83 -80.06
N CYS MA 153 -107.45 26.04 -80.42
CA CYS MA 153 -107.88 26.65 -81.67
C CYS MA 153 -106.84 27.69 -82.06
N PRO MA 154 -106.74 28.04 -83.35
CA PRO MA 154 -105.78 29.08 -83.75
C PRO MA 154 -106.12 30.48 -83.24
N SER MA 155 -107.28 30.71 -82.64
CA SER MA 155 -107.56 31.95 -81.94
C SER MA 155 -107.06 31.92 -80.49
N ALA MA 156 -106.21 30.94 -80.15
CA ALA MA 156 -105.51 30.81 -78.86
C ALA MA 156 -106.47 30.64 -77.68
N ASN MA 157 -107.68 30.17 -77.93
CA ASN MA 157 -108.61 29.79 -76.87
C ASN MA 157 -108.53 28.29 -76.65
N TYR MA 158 -108.56 27.87 -75.39
CA TYR MA 158 -108.54 26.46 -75.06
C TYR MA 158 -109.77 26.12 -74.23
N PHE MA 159 -110.43 25.02 -74.59
CA PHE MA 159 -111.74 24.67 -74.05
C PHE MA 159 -111.63 23.32 -73.35
N ASP MA 160 -111.95 23.30 -72.06
CA ASP MA 160 -112.13 22.02 -71.37
C ASP MA 160 -113.48 21.46 -71.79
N CYS MA 161 -113.52 20.14 -71.98
CA CYS MA 161 -114.73 19.47 -72.45
C CYS MA 161 -114.68 18.01 -72.03
N ARG MA 162 -115.82 17.34 -72.15
CA ARG MA 162 -115.92 15.93 -71.89
C ARG MA 162 -116.00 15.10 -73.17
N ALA MA 163 -116.31 15.72 -74.30
CA ALA MA 163 -116.29 15.07 -75.60
C ALA MA 163 -116.16 16.15 -76.65
N MET MA 164 -115.44 15.87 -77.73
CA MET MA 164 -115.22 16.87 -78.77
C MET MA 164 -114.80 16.18 -80.06
N SER MA 165 -115.26 16.73 -81.18
CA SER MA 165 -114.87 16.27 -82.50
C SER MA 165 -114.60 17.47 -83.38
N ILE MA 166 -113.43 17.50 -84.01
CA ILE MA 166 -113.03 18.60 -84.88
C ILE MA 166 -112.44 18.03 -86.17
N GLY MA 167 -112.52 18.82 -87.24
CA GLY MA 167 -112.00 18.41 -88.52
C GLY MA 167 -113.04 18.46 -89.63
N ALA MA 168 -112.82 17.69 -90.68
CA ALA MA 168 -113.74 17.69 -91.81
C ALA MA 168 -115.03 16.96 -91.44
N ARG MA 169 -116.17 17.58 -91.82
CA ARG MA 169 -117.56 17.19 -91.55
C ARG MA 169 -117.80 16.64 -90.14
N SER MA 170 -117.17 17.26 -89.15
CA SER MA 170 -117.24 16.77 -87.77
C SER MA 170 -118.50 17.23 -87.04
N GLN MA 171 -119.42 17.91 -87.73
CA GLN MA 171 -120.67 18.29 -87.09
C GLN MA 171 -121.55 17.07 -86.84
N SER MA 172 -121.55 16.11 -87.78
CA SER MA 172 -122.32 14.89 -87.59
C SER MA 172 -121.79 14.03 -86.46
N ALA MA 173 -120.49 14.13 -86.16
CA ALA MA 173 -119.96 13.44 -85.00
C ALA MA 173 -120.38 14.08 -83.70
N ARG MA 174 -120.57 15.42 -83.70
CA ARG MA 174 -120.99 16.11 -82.49
C ARG MA 174 -122.43 15.75 -82.11
N THR MA 175 -123.28 15.50 -83.10
CA THR MA 175 -124.67 15.14 -82.82
C THR MA 175 -124.76 13.76 -82.17
N TYR MA 176 -123.86 12.85 -82.52
CA TYR MA 176 -123.84 11.55 -81.87
C TYR MA 176 -123.35 11.66 -80.43
N LEU MA 177 -122.44 12.58 -80.16
CA LEU MA 177 -121.88 12.69 -78.82
C LEU MA 177 -122.83 13.35 -77.84
N GLU MA 178 -123.71 14.23 -78.32
CA GLU MA 178 -124.59 14.95 -77.42
C GLU MA 178 -125.72 14.06 -76.90
N ARG MA 179 -126.18 13.12 -77.71
CA ARG MA 179 -127.26 12.22 -77.30
C ARG MA 179 -126.74 10.93 -76.68
N HIS MA 180 -125.43 10.84 -76.40
CA HIS MA 180 -124.88 9.68 -75.71
C HIS MA 180 -123.88 10.08 -74.63
N MET MA 181 -123.79 11.37 -74.30
CA MET MA 181 -122.84 11.83 -73.28
C MET MA 181 -123.26 11.43 -71.87
N SER MA 182 -124.53 11.06 -71.66
CA SER MA 182 -124.94 10.61 -70.33
C SER MA 182 -124.43 9.20 -70.04
N GLU MA 183 -124.10 8.43 -71.08
CA GLU MA 183 -123.66 7.06 -70.93
C GLU MA 183 -122.14 6.92 -70.77
N PHE MA 184 -121.39 8.02 -70.91
CA PHE MA 184 -119.95 7.91 -71.03
C PHE MA 184 -119.24 7.78 -69.69
N MET MA 185 -119.85 8.23 -68.60
CA MET MA 185 -119.15 8.27 -67.33
C MET MA 185 -119.03 6.92 -66.67
N GLU MA 186 -119.86 5.95 -67.04
CA GLU MA 186 -119.93 4.68 -66.32
C GLU MA 186 -119.31 3.52 -67.06
N CYS MA 187 -119.39 3.50 -68.39
CA CYS MA 187 -118.98 2.35 -69.17
C CYS MA 187 -117.45 2.25 -69.25
N ASN MA 188 -116.95 1.02 -69.35
CA ASN MA 188 -115.53 0.76 -69.42
C ASN MA 188 -115.05 0.61 -70.86
N LEU MA 189 -113.78 0.25 -71.01
CA LEU MA 189 -113.03 0.43 -72.26
C LEU MA 189 -113.49 -0.48 -73.37
N ASN MA 190 -114.15 -1.60 -73.06
CA ASN MA 190 -114.58 -2.52 -74.10
C ASN MA 190 -115.68 -1.90 -74.96
N GLU MA 191 -116.46 -0.98 -74.41
CA GLU MA 191 -117.42 -0.25 -75.19
C GLU MA 191 -117.16 1.25 -75.26
N LEU MA 192 -116.39 1.82 -74.32
CA LEU MA 192 -116.07 3.24 -74.36
C LEU MA 192 -115.27 3.60 -75.59
N VAL MA 193 -114.36 2.71 -76.01
CA VAL MA 193 -113.65 2.90 -77.26
C VAL MA 193 -114.60 2.81 -78.45
N LYS MA 194 -115.46 1.79 -78.45
CA LYS MA 194 -116.41 1.69 -79.55
C LYS MA 194 -117.69 2.48 -79.32
N HIS MA 195 -117.78 3.25 -78.23
CA HIS MA 195 -118.69 4.40 -78.28
C HIS MA 195 -118.10 5.52 -79.12
N GLY MA 196 -116.77 5.67 -79.09
CA GLY MA 196 -116.10 6.74 -79.79
C GLY MA 196 -116.01 6.55 -81.29
N LEU MA 197 -115.70 5.33 -81.72
CA LEU MA 197 -115.55 5.07 -83.14
C LEU MA 197 -116.87 4.74 -83.83
N ARG MA 198 -117.98 4.74 -83.09
CA ARG MA 198 -119.27 4.87 -83.76
C ARG MA 198 -119.56 6.31 -84.15
N ALA MA 199 -118.83 7.27 -83.58
CA ALA MA 199 -119.02 8.67 -83.97
C ALA MA 199 -118.22 9.02 -85.22
N LEU MA 200 -117.14 8.28 -85.51
CA LEU MA 200 -116.36 8.57 -86.70
C LEU MA 200 -117.08 8.12 -87.97
N ARG MA 201 -117.93 7.11 -87.87
CA ARG MA 201 -118.53 6.52 -89.06
C ARG MA 201 -119.67 7.34 -89.63
N GLU MA 202 -120.06 8.45 -89.00
CA GLU MA 202 -120.94 9.42 -89.64
C GLU MA 202 -120.16 10.54 -90.32
N THR MA 203 -118.87 10.66 -90.05
CA THR MA 203 -118.01 11.59 -90.76
C THR MA 203 -117.40 10.96 -92.02
N LEU MA 204 -117.96 9.87 -92.48
CA LEU MA 204 -117.56 9.20 -93.70
C LEU MA 204 -118.66 9.29 -94.73
N PRO MA 205 -118.32 9.34 -96.02
CA PRO MA 205 -119.31 9.07 -97.06
C PRO MA 205 -119.88 7.66 -96.90
N ALA MA 206 -121.17 7.53 -97.20
CA ALA MA 206 -121.97 6.37 -96.83
C ALA MA 206 -121.62 5.09 -97.60
N GLU MA 207 -120.59 4.99 -98.42
CA GLU MA 207 -120.34 3.76 -99.17
C GLU MA 207 -119.14 2.96 -98.69
N GLN MA 208 -118.17 3.59 -98.03
CA GLN MA 208 -117.01 2.86 -97.52
C GLN MA 208 -117.09 2.74 -96.00
N ASP MA 209 -116.26 1.85 -95.47
CA ASP MA 209 -116.31 1.48 -94.06
C ASP MA 209 -114.96 1.79 -93.41
N LEU MA 210 -115.00 2.01 -92.10
CA LEU MA 210 -113.81 2.23 -91.30
C LEU MA 210 -113.06 0.91 -91.19
N THR MA 211 -111.94 0.79 -91.92
CA THR MA 211 -111.17 -0.44 -91.96
C THR MA 211 -110.11 -0.45 -90.87
N THR MA 212 -109.20 -1.41 -90.92
CA THR MA 212 -108.14 -1.52 -89.94
C THR MA 212 -106.90 -0.70 -90.31
N LYS MA 213 -106.81 -0.24 -91.55
CA LYS MA 213 -105.60 0.41 -92.04
C LYS MA 213 -105.68 1.94 -92.02
N ASN MA 214 -106.82 2.50 -91.61
CA ASN MA 214 -107.02 3.94 -91.72
C ASN MA 214 -107.47 4.58 -90.41
N VAL MA 215 -107.25 3.93 -89.27
CA VAL MA 215 -107.74 4.43 -88.00
C VAL MA 215 -106.68 4.20 -86.92
N SER MA 216 -106.60 5.15 -85.99
CA SER MA 216 -105.72 5.04 -84.83
C SER MA 216 -106.51 5.31 -83.56
N ILE MA 217 -106.20 4.56 -82.51
CA ILE MA 217 -106.86 4.70 -81.22
C ILE MA 217 -105.77 4.78 -80.17
N GLY MA 218 -105.78 5.84 -79.37
CA GLY MA 218 -104.83 6.02 -78.29
C GLY MA 218 -105.58 6.05 -76.93
N ILE MA 219 -105.07 5.26 -76.01
CA ILE MA 219 -105.70 5.13 -74.69
C ILE MA 219 -104.67 5.49 -73.63
N VAL MA 220 -105.02 6.44 -72.77
CA VAL MA 220 -104.30 6.67 -71.52
C VAL MA 220 -105.28 6.40 -70.38
N GLY MA 221 -104.79 5.77 -69.32
CA GLY MA 221 -105.65 5.32 -68.25
C GLY MA 221 -105.15 5.79 -66.91
N LYS MA 222 -105.96 5.55 -65.88
CA LYS MA 222 -105.58 5.88 -64.52
C LYS MA 222 -104.40 5.02 -64.06
N ASP MA 223 -104.47 3.73 -64.34
CA ASP MA 223 -103.34 2.83 -64.12
C ASP MA 223 -102.67 2.40 -65.41
N LEU MA 224 -102.91 3.12 -66.51
CA LEU MA 224 -102.43 2.72 -67.82
C LEU MA 224 -101.66 3.88 -68.45
N GLU MA 225 -100.44 3.59 -68.89
CA GLU MA 225 -99.64 4.56 -69.63
C GLU MA 225 -100.25 4.76 -71.02
N PHE MA 226 -100.00 5.94 -71.60
CA PHE MA 226 -100.55 6.29 -72.90
C PHE MA 226 -99.98 5.39 -74.00
N THR MA 227 -100.86 4.68 -74.69
CA THR MA 227 -100.45 3.67 -75.66
C THR MA 227 -101.19 3.89 -76.96
N ILE MA 228 -100.45 3.84 -78.07
CA ILE MA 228 -100.99 4.03 -79.41
C ILE MA 228 -101.12 2.68 -80.08
N TYR MA 229 -102.34 2.34 -80.48
CA TYR MA 229 -102.61 1.11 -81.22
C TYR MA 229 -102.98 1.48 -82.64
N ASP MA 230 -102.38 0.79 -83.61
CA ASP MA 230 -102.66 1.06 -85.01
C ASP MA 230 -102.35 -0.16 -85.87
N ASP MA 231 -103.31 -0.50 -86.73
CA ASP MA 231 -103.19 -1.35 -87.92
C ASP MA 231 -103.02 -2.83 -87.64
N ASP MA 232 -102.75 -3.21 -86.39
CA ASP MA 232 -102.65 -4.62 -86.04
C ASP MA 232 -103.49 -4.92 -84.81
N ASP MA 233 -103.50 -3.98 -83.87
CA ASP MA 233 -104.19 -4.12 -82.61
C ASP MA 233 -105.55 -3.46 -82.61
N VAL MA 234 -105.97 -2.91 -83.75
CA VAL MA 234 -107.31 -2.36 -83.88
C VAL MA 234 -108.34 -3.48 -84.05
N SER MA 235 -107.90 -4.65 -84.51
CA SER MA 235 -108.81 -5.78 -84.70
C SER MA 235 -109.49 -6.31 -83.43
N PRO MA 236 -108.88 -6.30 -82.24
CA PRO MA 236 -109.70 -6.55 -81.04
C PRO MA 236 -110.67 -5.44 -80.67
N PHE MA 237 -110.58 -4.28 -81.31
CA PHE MA 237 -111.53 -3.18 -81.07
C PHE MA 237 -112.65 -3.13 -82.10
N LEU MA 238 -112.35 -3.48 -83.35
CA LEU MA 238 -113.35 -3.47 -84.41
C LEU MA 238 -114.23 -4.71 -84.41
N GLU MA 239 -113.91 -5.71 -83.61
CA GLU MA 239 -114.80 -6.85 -83.46
C GLU MA 239 -116.00 -6.47 -82.61
N GLY MA 240 -117.14 -7.11 -82.88
CA GLY MA 240 -118.36 -6.84 -82.15
C GLY MA 240 -118.99 -5.50 -82.50
N LEU MA 241 -119.14 -5.23 -83.80
CA LEU MA 241 -119.77 -4.02 -84.28
C LEU MA 241 -120.90 -4.35 -85.25
N GLU MA 242 -121.90 -3.48 -85.28
CA GLU MA 242 -122.95 -3.55 -86.27
C GLU MA 242 -122.57 -2.71 -87.49
N GLU MA 243 -123.34 -2.83 -88.55
CA GLU MA 243 -123.13 -2.02 -89.74
C GLU MA 243 -123.98 -0.76 -89.68
N ARG MA 244 -123.83 0.08 -90.70
CA ARG MA 244 -124.65 1.27 -90.81
C ARG MA 244 -126.04 0.89 -91.31
N PRO MA 245 -127.10 1.55 -90.83
CA PRO MA 245 -128.45 1.20 -91.28
C PRO MA 245 -128.75 1.68 -92.69
N GLN MA 246 -128.25 0.95 -93.68
CA GLN MA 246 -128.46 1.32 -95.08
C GLN MA 246 -129.47 0.39 -95.75
N THR NA 5 -111.11 56.32 -92.28
CA THR NA 5 -111.45 55.36 -93.32
C THR NA 5 -110.43 55.40 -94.45
N GLY NA 6 -109.41 54.54 -94.39
CA GLY NA 6 -108.39 54.64 -95.40
C GLY NA 6 -107.56 55.87 -95.16
N TYR NA 7 -106.58 55.82 -94.24
CA TYR NA 7 -106.32 56.67 -93.07
C TYR NA 7 -106.85 55.99 -91.81
N ASP NA 8 -107.14 54.68 -91.87
CA ASP NA 8 -107.43 53.93 -90.66
C ASP NA 8 -106.71 52.58 -90.60
N LEU NA 9 -105.58 52.44 -91.30
CA LEU NA 9 -104.90 51.14 -91.32
C LEU NA 9 -103.96 50.98 -90.12
N SER NA 10 -102.99 51.87 -89.99
CA SER NA 10 -102.04 51.78 -88.90
C SER NA 10 -102.61 52.39 -87.63
N ALA NA 11 -102.01 52.01 -86.50
CA ALA NA 11 -102.32 52.62 -85.23
C ALA NA 11 -101.43 53.82 -84.93
N SER NA 12 -100.49 54.13 -85.82
CA SER NA 12 -99.59 55.26 -85.65
C SER NA 12 -99.94 56.42 -86.57
N THR NA 13 -101.11 56.39 -87.19
CA THR NA 13 -101.53 57.45 -88.11
C THR NA 13 -102.75 58.16 -87.56
N PHE NA 14 -102.88 59.43 -87.92
CA PHE NA 14 -103.99 60.27 -87.51
C PHE NA 14 -104.99 60.43 -88.65
N SER NA 15 -106.23 60.66 -88.27
CA SER NA 15 -107.26 61.03 -89.22
C SER NA 15 -107.12 62.51 -89.58
N PRO NA 16 -107.75 62.96 -90.67
CA PRO NA 16 -107.75 64.40 -90.95
C PRO NA 16 -108.51 65.24 -89.92
N ASP NA 17 -109.34 64.66 -89.08
CA ASP NA 17 -109.96 65.42 -87.99
C ASP NA 17 -109.35 65.12 -86.62
N GLY NA 18 -108.50 64.11 -86.50
CA GLY NA 18 -107.70 63.98 -85.29
C GLY NA 18 -108.01 62.84 -84.34
N ARG NA 19 -108.35 61.66 -84.84
CA ARG NA 19 -108.53 60.50 -83.98
C ARG NA 19 -108.02 59.26 -84.67
N VAL NA 20 -107.75 58.23 -83.88
CA VAL NA 20 -107.20 56.97 -84.38
C VAL NA 20 -108.33 55.95 -84.40
N PHE NA 21 -108.68 55.47 -85.60
CA PHE NA 21 -109.79 54.55 -85.75
C PHE NA 21 -109.44 53.12 -85.34
N GLN NA 22 -108.15 52.77 -85.34
CA GLN NA 22 -107.75 51.43 -84.90
C GLN NA 22 -108.01 51.24 -83.41
N VAL NA 23 -107.94 52.31 -82.62
CA VAL NA 23 -108.41 52.25 -81.25
C VAL NA 23 -109.94 52.20 -81.24
N GLU NA 24 -110.57 52.94 -82.15
CA GLU NA 24 -112.04 52.99 -82.20
C GLU NA 24 -112.62 51.65 -82.66
N TYR NA 25 -111.91 50.94 -83.53
CA TYR NA 25 -112.40 49.65 -84.01
C TYR NA 25 -112.30 48.59 -82.93
N ALA NA 26 -111.27 48.63 -82.10
CA ALA NA 26 -111.09 47.63 -81.07
C ALA NA 26 -112.02 47.84 -79.88
N MET NA 27 -112.59 49.02 -79.73
CA MET NA 27 -113.50 49.27 -78.61
C MET NA 27 -114.82 48.54 -78.79
N LYS NA 28 -115.37 48.53 -80.00
CA LYS NA 28 -116.64 47.89 -80.24
C LYS NA 28 -116.51 46.41 -80.59
N ALA NA 29 -115.31 45.85 -80.49
CA ALA NA 29 -115.15 44.41 -80.41
C ALA NA 29 -115.42 43.90 -79.01
N VAL NA 30 -115.22 44.74 -77.99
CA VAL NA 30 -115.62 44.42 -76.63
C VAL NA 30 -117.14 44.45 -76.50
N GLU NA 31 -117.80 45.23 -77.36
CA GLU NA 31 -119.25 45.39 -77.33
C GLU NA 31 -119.97 44.09 -77.65
N ASN NA 32 -119.38 43.22 -78.47
CA ASN NA 32 -120.03 41.99 -78.86
C ASN NA 32 -119.93 40.88 -77.81
N SER NA 33 -119.15 41.08 -76.76
CA SER NA 33 -119.04 40.08 -75.71
C SER NA 33 -120.19 40.22 -74.71
N SER NA 34 -120.42 39.14 -73.96
CA SER NA 34 -121.52 39.10 -73.01
C SER NA 34 -121.24 40.01 -71.82
N THR NA 35 -122.30 40.31 -71.07
CA THR NA 35 -122.25 41.35 -70.06
C THR NA 35 -121.59 40.84 -68.78
N ALA NA 36 -120.62 41.60 -68.29
CA ALA NA 36 -119.98 41.34 -67.00
C ALA NA 36 -120.04 42.62 -66.18
N ILE NA 37 -120.60 42.54 -64.98
CA ILE NA 37 -120.84 43.72 -64.17
C ILE NA 37 -119.98 43.66 -62.91
N GLY NA 38 -119.82 44.81 -62.29
CA GLY NA 38 -119.05 44.91 -61.06
C GLY NA 38 -119.66 45.97 -60.17
N ILE NA 39 -119.55 45.75 -58.86
CA ILE NA 39 -120.19 46.59 -57.87
C ILE NA 39 -119.44 46.42 -56.56
N ARG NA 40 -119.41 47.48 -55.75
CA ARG NA 40 -118.77 47.40 -54.44
C ARG NA 40 -119.69 47.97 -53.38
N CYS NA 41 -119.72 47.31 -52.23
CA CYS NA 41 -120.45 47.78 -51.06
C CYS NA 41 -119.49 48.54 -50.16
N LYS NA 42 -119.92 48.83 -48.94
CA LYS NA 42 -119.09 49.63 -48.04
C LYS NA 42 -117.91 48.85 -47.48
N ASP NA 43 -117.96 47.53 -47.50
CA ASP NA 43 -116.86 46.71 -46.99
C ASP NA 43 -116.58 45.51 -47.91
N GLY NA 44 -116.55 45.76 -49.21
CA GLY NA 44 -116.16 44.71 -50.13
C GLY NA 44 -116.55 45.04 -51.56
N VAL NA 45 -116.09 44.19 -52.46
CA VAL NA 45 -116.36 44.29 -53.89
C VAL NA 45 -116.96 42.96 -54.33
N VAL NA 46 -118.05 43.01 -55.08
CA VAL NA 46 -118.73 41.81 -55.58
C VAL NA 46 -118.73 41.86 -57.10
N PHE NA 47 -118.16 40.83 -57.73
CA PHE NA 47 -118.17 40.68 -59.17
C PHE NA 47 -119.35 39.82 -59.61
N GLY NA 48 -119.59 39.81 -60.92
CA GLY NA 48 -120.64 39.00 -61.50
C GLY NA 48 -120.56 38.98 -63.01
N VAL NA 49 -120.57 37.80 -63.60
CA VAL NA 49 -120.35 37.61 -65.04
C VAL NA 49 -121.47 36.76 -65.61
N GLU NA 50 -122.21 37.30 -66.58
CA GLU NA 50 -123.07 36.48 -67.40
C GLU NA 50 -122.22 35.73 -68.43
N LYS NA 51 -122.24 34.40 -68.36
CA LYS NA 51 -121.43 33.58 -69.25
C LYS NA 51 -122.31 32.51 -69.87
N LEU NA 52 -122.26 32.41 -71.20
CA LEU NA 52 -123.15 31.54 -71.95
C LEU NA 52 -122.44 30.23 -72.33
N VAL NA 53 -123.19 29.15 -72.30
CA VAL NA 53 -122.69 27.83 -72.69
C VAL NA 53 -122.61 27.76 -74.20
N LEU NA 54 -121.48 27.29 -74.74
CA LEU NA 54 -121.26 27.26 -76.18
C LEU NA 54 -122.22 26.34 -76.91
N SER NA 55 -122.09 25.01 -76.76
CA SER NA 55 -123.19 24.19 -77.23
C SER NA 55 -123.78 23.27 -76.17
N LYS NA 56 -123.07 22.20 -75.82
CA LYS NA 56 -123.46 21.36 -74.70
C LYS NA 56 -122.24 20.72 -74.05
N LEU NA 57 -121.14 20.66 -74.81
CA LEU NA 57 -120.00 19.84 -74.43
C LEU NA 57 -119.04 20.57 -73.51
N TYR NA 58 -119.33 21.84 -73.19
CA TYR NA 58 -118.71 22.58 -72.11
C TYR NA 58 -118.79 21.81 -70.81
N GLU NA 59 -117.73 21.85 -70.00
CA GLU NA 59 -117.68 20.96 -68.86
C GLU NA 59 -117.76 21.74 -67.54
N GLU NA 60 -118.65 22.73 -67.51
CA GLU NA 60 -119.17 23.34 -66.28
C GLU NA 60 -118.06 23.96 -65.43
N GLY NA 61 -117.44 25.00 -65.98
CA GLY NA 61 -116.40 25.68 -65.24
C GLY NA 61 -115.16 25.93 -66.05
N SER NA 62 -115.19 25.58 -67.33
CA SER NA 62 -114.08 25.87 -68.21
C SER NA 62 -114.06 27.36 -68.56
N ASN NA 63 -112.92 27.77 -69.13
CA ASN NA 63 -112.56 29.08 -69.72
C ASN NA 63 -113.21 30.30 -69.05
N LYS NA 64 -113.06 30.38 -67.73
CA LYS NA 64 -113.76 31.38 -66.94
C LYS NA 64 -113.20 32.78 -67.18
N ARG NA 65 -114.00 33.78 -66.85
CA ARG NA 65 -113.61 35.17 -66.99
C ARG NA 65 -113.49 35.88 -65.66
N LEU NA 66 -113.34 35.13 -64.57
CA LEU NA 66 -113.06 35.69 -63.25
C LEU NA 66 -111.69 35.19 -62.82
N PHE NA 67 -110.67 36.01 -63.07
CA PHE NA 67 -109.29 35.62 -62.85
C PHE NA 67 -108.89 35.94 -61.42
N ASN NA 68 -107.62 35.75 -61.10
CA ASN NA 68 -107.12 35.94 -59.74
C ASN NA 68 -105.68 36.42 -59.86
N VAL NA 69 -105.49 37.74 -59.81
CA VAL NA 69 -104.18 38.32 -60.07
C VAL NA 69 -103.29 38.19 -58.84
N ASP NA 70 -103.75 38.67 -57.69
CA ASP NA 70 -102.92 38.71 -56.51
C ASP NA 70 -103.70 38.03 -55.39
N ARG NA 71 -103.18 38.09 -54.16
CA ARG NA 71 -103.88 37.56 -52.99
C ARG NA 71 -105.22 38.26 -52.77
N HIS NA 72 -105.34 39.53 -53.16
CA HIS NA 72 -106.54 40.31 -52.95
C HIS NA 72 -107.05 40.99 -54.23
N VAL NA 73 -106.53 40.61 -55.39
CA VAL NA 73 -106.86 41.28 -56.65
C VAL NA 73 -107.30 40.23 -57.67
N GLY NA 74 -108.44 40.48 -58.33
CA GLY NA 74 -108.87 39.65 -59.43
C GLY NA 74 -109.48 40.48 -60.54
N MET NA 75 -109.74 39.80 -61.66
CA MET NA 75 -110.22 40.43 -62.87
C MET NA 75 -111.60 39.92 -63.27
N ALA NA 76 -112.26 40.69 -64.11
CA ALA NA 76 -113.62 40.40 -64.58
C ALA NA 76 -113.71 40.64 -66.09
N VAL NA 77 -112.81 40.01 -66.85
CA VAL NA 77 -112.57 40.34 -68.26
C VAL NA 77 -113.79 40.09 -69.14
N ALA NA 78 -113.79 40.74 -70.30
CA ALA NA 78 -114.80 40.57 -71.33
C ALA NA 78 -114.23 41.03 -72.66
N GLY NA 79 -114.53 40.29 -73.72
CA GLY NA 79 -113.98 40.58 -75.03
C GLY NA 79 -113.31 39.37 -75.64
N LEU NA 80 -112.16 39.56 -76.26
CA LEU NA 80 -111.37 38.42 -76.74
C LEU NA 80 -110.75 37.71 -75.55
N LEU NA 81 -111.12 36.45 -75.35
CA LEU NA 81 -110.71 35.74 -74.14
C LEU NA 81 -109.23 35.40 -74.15
N ALA NA 82 -108.68 35.06 -75.31
CA ALA NA 82 -107.26 34.73 -75.40
C ALA NA 82 -106.38 35.95 -75.18
N ASP NA 83 -106.83 37.13 -75.63
CA ASP NA 83 -106.09 38.36 -75.39
C ASP NA 83 -106.13 38.77 -73.92
N ALA NA 84 -107.18 38.38 -73.19
CA ALA NA 84 -107.25 38.68 -71.78
C ALA NA 84 -106.37 37.76 -70.94
N ARG NA 85 -106.10 36.55 -71.44
CA ARG NA 85 -105.23 35.64 -70.71
C ARG NA 85 -103.80 36.13 -70.70
N SER NA 86 -103.33 36.65 -71.83
CA SER NA 86 -101.98 37.20 -71.89
C SER NA 86 -101.88 38.49 -71.08
N LEU NA 87 -102.96 39.26 -71.02
CA LEU NA 87 -102.97 40.48 -70.24
C LEU NA 87 -103.04 40.21 -68.75
N ALA NA 88 -103.69 39.10 -68.36
CA ALA NA 88 -103.75 38.74 -66.95
C ALA NA 88 -102.40 38.29 -66.43
N ASP NA 89 -101.59 37.65 -67.28
CA ASP NA 89 -100.26 37.22 -66.87
C ASP NA 89 -99.31 38.38 -66.69
N ILE NA 90 -99.58 39.52 -67.32
CA ILE NA 90 -98.79 40.72 -67.08
C ILE NA 90 -99.06 41.25 -65.67
N ALA NA 91 -100.32 41.25 -65.25
CA ALA NA 91 -100.66 41.75 -63.93
C ALA NA 91 -100.22 40.81 -62.83
N ARG NA 92 -100.17 39.51 -63.11
CA ARG NA 92 -99.57 38.56 -62.17
C ARG NA 92 -98.08 38.83 -62.02
N GLU NA 93 -97.41 39.13 -63.13
CA GLU NA 93 -95.97 39.37 -63.10
C GLU NA 93 -95.64 40.73 -62.53
N GLU NA 94 -96.53 41.71 -62.71
CA GLU NA 94 -96.27 43.06 -62.21
C GLU NA 94 -96.39 43.11 -60.69
N ALA NA 95 -97.36 42.40 -60.13
CA ALA NA 95 -97.53 42.40 -58.68
C ALA NA 95 -96.45 41.61 -57.97
N SER NA 96 -95.77 40.70 -58.67
CA SER NA 96 -94.70 39.94 -58.05
C SER NA 96 -93.45 40.77 -57.86
N ASN NA 97 -93.15 41.68 -58.79
CA ASN NA 97 -91.97 42.51 -58.66
C ASN NA 97 -92.14 43.58 -57.59
N PHE NA 98 -93.38 44.02 -57.35
CA PHE NA 98 -93.61 44.96 -56.27
C PHE NA 98 -93.41 44.31 -54.91
N ARG NA 99 -93.72 43.01 -54.81
CA ARG NA 99 -93.46 42.27 -53.59
C ARG NA 99 -91.96 42.10 -53.36
N SER NA 100 -91.23 41.75 -54.42
CA SER NA 100 -89.81 41.48 -54.30
C SER NA 100 -88.96 42.73 -54.16
N ASN NA 101 -89.50 43.91 -54.46
CA ASN NA 101 -88.72 45.14 -54.36
C ASN NA 101 -89.16 46.02 -53.20
N PHE NA 102 -90.34 45.80 -52.63
CA PHE NA 102 -90.85 46.66 -51.58
C PHE NA 102 -91.40 45.91 -50.37
N GLY NA 103 -91.72 44.63 -50.49
CA GLY NA 103 -92.02 43.82 -49.34
C GLY NA 103 -93.43 43.84 -48.82
N TYR NA 104 -94.38 44.35 -49.60
CA TYR NA 104 -95.77 44.38 -49.16
C TYR NA 104 -96.68 44.31 -50.38
N ASN NA 105 -97.99 44.23 -50.12
CA ASN NA 105 -98.95 44.00 -51.17
C ASN NA 105 -99.11 45.22 -52.05
N ILE NA 106 -99.45 44.99 -53.32
CA ILE NA 106 -99.56 46.08 -54.28
C ILE NA 106 -100.85 46.87 -54.02
N PRO NA 107 -100.79 48.19 -53.93
CA PRO NA 107 -102.02 48.98 -53.90
C PRO NA 107 -102.72 48.94 -55.25
N LEU NA 108 -104.05 48.95 -55.21
CA LEU NA 108 -104.82 48.83 -56.44
C LEU NA 108 -104.72 50.09 -57.28
N LYS NA 109 -104.53 51.25 -56.65
CA LYS NA 109 -104.35 52.50 -57.38
C LYS NA 109 -103.04 52.51 -58.16
N HIS NA 110 -102.00 51.86 -57.64
CA HIS NA 110 -100.75 51.75 -58.35
C HIS NA 110 -100.74 50.61 -59.35
N LEU NA 111 -101.53 49.56 -59.09
CA LEU NA 111 -101.55 48.41 -59.98
C LEU NA 111 -102.25 48.75 -61.30
N ALA NA 112 -103.35 49.49 -61.22
CA ALA NA 112 -104.08 49.88 -62.43
C ALA NA 112 -103.30 50.85 -63.29
N ASP NA 113 -102.39 51.62 -62.70
CA ASP NA 113 -101.56 52.51 -63.49
C ASP NA 113 -100.51 51.74 -64.27
N ARG NA 114 -99.95 50.68 -63.68
CA ARG NA 114 -98.92 49.91 -64.36
C ARG NA 114 -99.50 49.10 -65.51
N VAL NA 115 -100.76 48.66 -65.36
CA VAL NA 115 -101.38 47.86 -66.42
C VAL NA 115 -101.83 48.76 -67.56
N ALA NA 116 -102.42 49.91 -67.25
CA ALA NA 116 -102.95 50.79 -68.28
C ALA NA 116 -101.86 51.43 -69.13
N MET NA 117 -100.68 51.67 -68.55
CA MET NA 117 -99.55 52.12 -69.35
C MET NA 117 -99.04 51.01 -70.26
N TYR NA 118 -99.19 49.75 -69.86
CA TYR NA 118 -98.80 48.64 -70.73
C TYR NA 118 -99.79 48.45 -71.87
N VAL NA 119 -101.08 48.70 -71.62
CA VAL NA 119 -102.07 48.67 -72.68
C VAL NA 119 -101.86 49.86 -73.62
N HIS NA 120 -101.38 50.97 -73.08
CA HIS NA 120 -101.15 52.18 -73.87
C HIS NA 120 -100.06 51.97 -74.91
N ALA NA 121 -99.06 51.14 -74.59
CA ALA NA 121 -97.92 50.96 -75.47
C ALA NA 121 -98.25 50.21 -76.75
N TYR NA 122 -99.35 49.45 -76.76
CA TYR NA 122 -99.78 48.75 -77.97
C TYR NA 122 -100.71 49.60 -78.84
N THR NA 123 -100.84 50.89 -78.53
CA THR NA 123 -101.67 51.80 -79.31
C THR NA 123 -100.83 52.87 -79.99
N LEU NA 124 -99.54 52.64 -80.16
CA LEU NA 124 -98.63 53.66 -80.66
C LEU NA 124 -97.82 53.22 -81.88
N TYR NA 125 -97.53 51.93 -82.01
CA TYR NA 125 -96.65 51.44 -83.04
C TYR NA 125 -97.44 50.76 -84.15
N SER NA 126 -96.88 50.77 -85.35
CA SER NA 126 -97.51 50.10 -86.48
C SER NA 126 -97.24 48.61 -86.51
N ALA NA 127 -96.32 48.11 -85.70
CA ALA NA 127 -96.02 46.69 -85.70
C ALA NA 127 -97.06 45.89 -84.93
N VAL NA 128 -97.62 46.47 -83.87
CA VAL NA 128 -98.57 45.79 -83.02
C VAL NA 128 -99.92 46.49 -83.12
N ARG NA 129 -100.95 45.80 -82.65
CA ARG NA 129 -102.30 46.33 -82.63
C ARG NA 129 -102.73 46.61 -81.19
N PRO NA 130 -103.74 47.46 -80.99
CA PRO NA 130 -104.32 47.59 -79.65
C PRO NA 130 -105.03 46.32 -79.22
N PHE NA 131 -105.16 46.17 -77.90
CA PHE NA 131 -105.87 45.04 -77.32
C PHE NA 131 -107.35 45.11 -77.63
N GLY NA 132 -108.01 43.96 -77.49
CA GLY NA 132 -109.44 43.90 -77.66
C GLY NA 132 -110.15 43.48 -76.39
N CYS NA 133 -109.70 44.01 -75.25
CA CYS NA 133 -110.21 43.59 -73.96
C CYS NA 133 -110.57 44.79 -73.11
N SER NA 134 -111.56 44.60 -72.25
CA SER NA 134 -111.85 45.51 -71.16
C SER NA 134 -112.19 44.68 -69.94
N PHE NA 135 -111.85 45.19 -68.76
CA PHE NA 135 -111.88 44.36 -67.56
C PHE NA 135 -112.09 45.22 -66.34
N MET NA 136 -112.18 44.57 -65.19
CA MET NA 136 -112.43 45.21 -63.91
C MET NA 136 -111.31 44.82 -62.95
N LEU NA 137 -111.10 45.66 -61.94
CA LEU NA 137 -110.14 45.37 -60.89
C LEU NA 137 -110.76 45.71 -59.54
N GLY NA 138 -110.90 44.72 -58.69
CA GLY NA 138 -111.47 44.93 -57.37
C GLY NA 138 -110.57 44.38 -56.29
N SER NA 139 -110.44 45.13 -55.20
CA SER NA 139 -109.61 44.72 -54.09
C SER NA 139 -110.19 45.26 -52.79
N TYR NA 140 -109.63 44.79 -51.68
CA TYR NA 140 -110.05 45.27 -50.37
C TYR NA 140 -108.86 45.26 -49.43
N SER NA 141 -108.79 46.27 -48.58
CA SER NA 141 -107.73 46.38 -47.59
C SER NA 141 -108.32 47.02 -46.34
N VAL NA 142 -107.52 46.98 -45.25
CA VAL NA 142 -107.94 47.60 -44.01
C VAL NA 142 -107.45 49.05 -43.89
N ASN NA 143 -106.40 49.41 -44.61
CA ASN NA 143 -105.92 50.78 -44.62
C ASN NA 143 -106.44 51.58 -45.81
N ASP NA 144 -107.09 50.92 -46.77
CA ASP NA 144 -107.57 51.59 -47.97
C ASP NA 144 -109.03 51.31 -48.29
N GLY NA 145 -109.65 50.33 -47.66
CA GLY NA 145 -111.03 50.01 -47.98
C GLY NA 145 -111.14 49.24 -49.29
N ALA NA 146 -112.29 49.36 -49.92
CA ALA NA 146 -112.57 48.68 -51.18
C ALA NA 146 -112.48 49.67 -52.33
N GLN NA 147 -111.90 49.22 -53.44
CA GLN NA 147 -111.81 50.02 -54.65
C GLN NA 147 -112.27 49.20 -55.84
N LEU NA 148 -112.67 49.90 -56.90
CA LEU NA 148 -113.17 49.26 -58.10
C LEU NA 148 -112.77 50.10 -59.30
N TYR NA 149 -112.06 49.49 -60.25
CA TYR NA 149 -111.46 50.21 -61.36
C TYR NA 149 -111.98 49.65 -62.69
N MET NA 150 -111.52 50.27 -63.77
CA MET NA 150 -112.13 50.08 -65.10
C MET NA 150 -111.13 50.49 -66.15
N ILE NA 151 -110.78 49.56 -67.05
CA ILE NA 151 -109.77 49.81 -68.07
C ILE NA 151 -110.35 49.50 -69.43
N ASP NA 152 -110.36 50.49 -70.31
CA ASP NA 152 -110.79 50.37 -71.69
C ASP NA 152 -109.64 49.87 -72.56
N PRO NA 153 -109.89 49.51 -73.83
CA PRO NA 153 -108.75 49.19 -74.72
C PRO NA 153 -107.83 50.36 -75.02
N SER NA 154 -108.27 51.61 -74.85
CA SER NA 154 -107.36 52.73 -75.09
C SER NA 154 -106.37 52.94 -73.96
N GLY NA 155 -106.74 52.60 -72.73
CA GLY NA 155 -105.87 52.77 -71.59
C GLY NA 155 -106.35 53.75 -70.54
N VAL NA 156 -107.55 54.27 -70.66
CA VAL NA 156 -108.09 55.19 -69.66
C VAL NA 156 -108.54 54.37 -68.46
N SER NA 157 -108.05 54.72 -67.28
CA SER NA 157 -108.27 53.91 -66.09
C SER NA 157 -108.57 54.82 -64.90
N TYR NA 158 -109.80 54.74 -64.40
CA TYR NA 158 -110.18 55.45 -63.19
C TYR NA 158 -111.34 54.71 -62.52
N GLY NA 159 -111.75 55.23 -61.36
CA GLY NA 159 -112.59 54.48 -60.45
C GLY NA 159 -114.08 54.74 -60.57
N TYR NA 160 -114.86 53.71 -60.24
CA TYR NA 160 -116.31 53.74 -60.24
C TYR NA 160 -116.83 53.25 -58.88
N TRP NA 161 -118.14 53.34 -58.71
CA TRP NA 161 -118.83 52.54 -57.72
C TRP NA 161 -119.49 51.30 -58.32
N GLY NA 162 -119.89 51.37 -59.58
CA GLY NA 162 -120.47 50.23 -60.26
C GLY NA 162 -120.28 50.38 -61.75
N CYS NA 163 -120.24 49.24 -62.45
CA CYS NA 163 -119.98 49.26 -63.88
C CYS NA 163 -120.55 48.02 -64.55
N ALA NA 164 -120.48 48.03 -65.88
CA ALA NA 164 -120.89 46.90 -66.71
C ALA NA 164 -120.05 46.91 -67.97
N ILE NA 165 -119.71 45.72 -68.47
CA ILE NA 165 -118.91 45.58 -69.69
C ILE NA 165 -119.56 44.50 -70.55
N GLY NA 166 -119.98 44.86 -71.74
CA GLY NA 166 -120.51 43.87 -72.67
C GLY NA 166 -121.48 44.53 -73.65
N LYS NA 167 -122.47 43.74 -74.08
CA LYS NA 167 -123.57 44.29 -74.87
C LYS NA 167 -124.36 45.32 -74.05
N ALA NA 168 -124.87 44.90 -72.91
CA ALA NA 168 -125.73 45.74 -72.10
C ALA NA 168 -124.91 46.57 -71.10
N ARG NA 169 -124.06 47.43 -71.64
CA ARG NA 169 -123.32 48.35 -70.78
C ARG NA 169 -124.24 49.45 -70.27
N GLN NA 170 -125.07 50.02 -71.16
CA GLN NA 170 -126.02 51.03 -70.74
C GLN NA 170 -127.24 50.40 -70.07
N ALA NA 171 -127.68 49.25 -70.57
CA ALA NA 171 -128.90 48.63 -70.08
C ALA NA 171 -128.74 48.00 -68.69
N ALA NA 172 -127.51 47.83 -68.21
CA ALA NA 172 -127.31 47.34 -66.85
C ALA NA 172 -127.15 48.46 -65.85
N LYS NA 173 -126.40 49.50 -66.20
CA LYS NA 173 -126.14 50.61 -65.28
C LYS NA 173 -127.34 51.50 -65.06
N THR NA 174 -128.42 51.30 -65.82
CA THR NA 174 -129.67 51.99 -65.53
C THR NA 174 -130.24 51.56 -64.19
N GLU NA 175 -130.19 50.26 -63.90
CA GLU NA 175 -130.73 49.72 -62.65
C GLU NA 175 -129.67 49.43 -61.61
N ILE NA 176 -128.40 49.66 -61.91
CA ILE NA 176 -127.39 49.62 -60.86
C ILE NA 176 -127.52 50.86 -59.98
N GLU NA 177 -127.73 52.02 -60.59
CA GLU NA 177 -127.74 53.29 -59.87
C GLU NA 177 -128.97 53.52 -59.02
N LYS NA 178 -129.98 52.63 -59.08
CA LYS NA 178 -131.11 52.72 -58.17
C LYS NA 178 -130.93 51.83 -56.94
N LEU NA 179 -129.68 51.53 -56.59
CA LEU NA 179 -129.38 50.77 -55.39
C LEU NA 179 -128.66 51.66 -54.38
N GLN NA 180 -128.92 51.43 -53.09
CA GLN NA 180 -128.26 52.18 -52.03
C GLN NA 180 -127.00 51.42 -51.60
N MET NA 181 -126.02 51.46 -52.49
CA MET NA 181 -124.80 50.67 -52.36
C MET NA 181 -123.83 51.23 -51.32
N LYS NA 182 -124.05 52.44 -50.83
CA LYS NA 182 -123.11 53.04 -49.89
C LYS NA 182 -123.18 52.42 -48.50
N GLU NA 183 -124.28 51.76 -48.16
CA GLU NA 183 -124.45 51.23 -46.81
C GLU NA 183 -124.80 49.75 -46.74
N MET NA 184 -124.98 49.07 -47.88
CA MET NA 184 -125.31 47.65 -47.84
C MET NA 184 -124.08 46.82 -47.51
N THR NA 185 -124.33 45.63 -46.99
CA THR NA 185 -123.27 44.65 -46.80
C THR NA 185 -123.17 43.77 -48.04
N CYS NA 186 -121.96 43.27 -48.30
CA CYS NA 186 -121.72 42.45 -49.48
C CYS NA 186 -122.19 41.01 -49.36
N ARG NA 187 -123.00 40.68 -48.35
CA ARG NA 187 -123.80 39.47 -48.43
C ARG NA 187 -125.18 39.76 -49.02
N ASP NA 188 -125.73 40.93 -48.73
CA ASP NA 188 -126.96 41.38 -49.36
C ASP NA 188 -126.74 41.81 -50.80
N ILE NA 189 -125.51 42.15 -51.18
CA ILE NA 189 -125.22 42.53 -52.56
C ILE NA 189 -125.33 41.33 -53.49
N VAL NA 190 -124.95 40.14 -53.01
CA VAL NA 190 -124.84 38.94 -53.84
C VAL NA 190 -126.21 38.52 -54.37
N LYS NA 191 -127.25 38.60 -53.53
CA LYS NA 191 -128.59 38.34 -54.01
C LYS NA 191 -129.14 39.46 -54.87
N GLU NA 192 -128.51 40.64 -54.87
CA GLU NA 192 -128.95 41.73 -55.72
C GLU NA 192 -128.21 41.77 -57.05
N VAL NA 193 -127.01 41.21 -57.12
CA VAL NA 193 -126.28 41.14 -58.39
C VAL NA 193 -126.98 40.18 -59.34
N ALA NA 194 -127.51 39.08 -58.81
CA ALA NA 194 -128.06 38.01 -59.65
C ALA NA 194 -129.32 38.43 -60.39
N LYS NA 195 -130.10 39.36 -59.83
CA LYS NA 195 -131.26 39.83 -60.55
C LYS NA 195 -130.90 40.83 -61.65
N ILE NA 196 -129.77 41.51 -61.53
CA ILE NA 196 -129.35 42.44 -62.59
C ILE NA 196 -128.96 41.67 -63.83
N ILE NA 197 -128.35 40.50 -63.64
CA ILE NA 197 -127.99 39.63 -64.76
C ILE NA 197 -129.24 39.07 -65.42
N TYR NA 198 -130.20 38.60 -64.62
CA TYR NA 198 -131.30 37.84 -65.18
C TYR NA 198 -132.40 38.71 -65.78
N ILE NA 199 -132.40 40.02 -65.48
CA ILE NA 199 -133.35 40.91 -66.14
C ILE NA 199 -133.02 41.05 -67.62
N VAL NA 200 -131.78 41.38 -67.94
CA VAL NA 200 -131.42 41.78 -69.30
C VAL NA 200 -130.82 40.58 -70.03
N HIS NA 201 -131.71 39.83 -70.68
CA HIS NA 201 -131.42 38.90 -71.78
C HIS NA 201 -130.43 37.81 -71.40
N ASP NA 202 -130.87 36.93 -70.49
CA ASP NA 202 -130.02 35.82 -70.09
C ASP NA 202 -130.04 34.69 -71.12
N GLU NA 203 -131.24 34.25 -71.52
CA GLU NA 203 -131.37 33.21 -72.54
C GLU NA 203 -132.54 33.47 -73.49
N VAL NA 204 -132.84 34.73 -73.77
CA VAL NA 204 -134.05 35.06 -74.53
C VAL NA 204 -133.88 34.72 -76.01
N LYS NA 205 -132.93 35.37 -76.68
CA LYS NA 205 -132.56 35.00 -78.03
C LYS NA 205 -131.30 34.15 -78.06
N ASP NA 206 -130.66 33.95 -76.91
CA ASP NA 206 -129.53 33.04 -76.79
C ASP NA 206 -130.02 31.68 -76.35
N LYS NA 207 -129.10 30.74 -76.18
CA LYS NA 207 -129.48 29.36 -75.86
C LYS NA 207 -129.46 29.11 -74.36
N ALA NA 208 -128.31 29.28 -73.72
CA ALA NA 208 -128.16 28.95 -72.31
C ALA NA 208 -127.07 29.83 -71.72
N PHE NA 209 -126.88 29.69 -70.41
CA PHE NA 209 -125.97 30.56 -69.67
C PHE NA 209 -125.65 29.89 -68.34
N GLU NA 210 -124.68 30.49 -67.63
CA GLU NA 210 -124.38 30.07 -66.28
C GLU NA 210 -123.78 31.27 -65.55
N LEU NA 211 -124.22 31.49 -64.32
CA LEU NA 211 -123.81 32.66 -63.56
C LEU NA 211 -122.57 32.36 -62.74
N GLU NA 212 -121.62 33.29 -62.74
CA GLU NA 212 -120.42 33.23 -61.92
C GLU NA 212 -120.34 34.49 -61.07
N LEU NA 213 -120.04 34.32 -59.79
CA LEU NA 213 -119.98 35.44 -58.86
C LEU NA 213 -118.67 35.35 -58.09
N SER NA 214 -117.79 36.33 -58.28
CA SER NA 214 -116.57 36.43 -57.51
C SER NA 214 -116.80 37.37 -56.33
N TRP NA 215 -115.84 37.38 -55.42
CA TRP NA 215 -116.15 37.83 -54.07
C TRP NA 215 -114.91 38.17 -53.25
N VAL NA 216 -114.85 39.38 -52.73
CA VAL NA 216 -113.71 39.86 -51.96
C VAL NA 216 -114.21 40.94 -51.00
N GLY NA 217 -113.66 40.95 -49.79
CA GLY NA 217 -114.04 42.00 -48.86
C GLY NA 217 -113.69 41.61 -47.44
N GLU NA 218 -114.45 42.20 -46.50
CA GLU NA 218 -114.15 42.05 -45.09
C GLU NA 218 -114.45 40.65 -44.57
N LEU NA 219 -115.44 39.98 -45.16
CA LEU NA 219 -115.83 38.66 -44.66
C LEU NA 219 -114.81 37.60 -45.08
N THR NA 220 -114.09 37.85 -46.17
CA THR NA 220 -113.05 36.94 -46.62
C THR NA 220 -111.69 37.26 -46.01
N ASN NA 221 -111.61 38.28 -45.15
CA ASN NA 221 -110.37 38.78 -44.54
C ASN NA 221 -109.34 39.17 -45.59
N GLY NA 222 -109.79 39.80 -46.67
CA GLY NA 222 -108.92 40.23 -47.73
C GLY NA 222 -108.70 39.21 -48.82
N ARG NA 223 -109.13 37.97 -48.63
CA ARG NA 223 -108.98 36.95 -49.66
C ARG NA 223 -109.93 37.20 -50.82
N HIS NA 224 -109.55 36.71 -51.99
CA HIS NA 224 -110.40 36.76 -53.16
C HIS NA 224 -110.70 35.34 -53.62
N GLU NA 225 -111.98 34.99 -53.65
CA GLU NA 225 -112.39 33.66 -54.09
C GLU NA 225 -113.81 33.73 -54.62
N ILE NA 226 -114.24 32.62 -55.22
CA ILE NA 226 -115.60 32.52 -55.72
C ILE NA 226 -116.56 32.37 -54.53
N VAL NA 227 -117.82 32.73 -54.75
CA VAL NA 227 -118.84 32.65 -53.70
C VAL NA 227 -119.12 31.20 -53.33
N PRO NA 228 -119.50 30.94 -52.09
CA PRO NA 228 -120.17 29.66 -51.77
C PRO NA 228 -121.68 29.77 -51.97
N LYS NA 229 -122.10 30.07 -53.20
CA LYS NA 229 -123.51 30.04 -53.56
C LYS NA 229 -123.85 28.84 -54.42
N ASP NA 230 -122.90 27.92 -54.60
CA ASP NA 230 -123.26 26.52 -54.76
C ASP NA 230 -123.85 26.00 -53.46
N ILE NA 231 -123.37 26.52 -52.32
CA ILE NA 231 -124.01 26.29 -51.04
C ILE NA 231 -125.26 27.15 -50.96
N ARG NA 232 -126.42 26.50 -50.78
CA ARG NA 232 -127.76 27.04 -50.53
C ARG NA 232 -128.40 27.70 -51.75
N GLU NA 233 -127.62 27.94 -52.81
CA GLU NA 233 -128.11 28.25 -54.17
C GLU NA 233 -129.00 29.50 -54.20
N GLU NA 234 -128.74 30.43 -53.29
CA GLU NA 234 -129.70 31.48 -52.96
C GLU NA 234 -129.78 32.59 -54.00
N ALA NA 235 -128.78 32.70 -54.87
CA ALA NA 235 -128.81 33.73 -55.90
C ALA NA 235 -129.90 33.47 -56.91
N GLU NA 236 -130.01 32.23 -57.38
CA GLU NA 236 -131.01 31.89 -58.38
C GLU NA 236 -132.39 31.74 -57.75
N LYS NA 237 -132.46 31.41 -56.46
CA LYS NA 237 -133.75 31.29 -55.79
C LYS NA 237 -134.39 32.65 -55.58
N TYR NA 238 -133.57 33.69 -55.43
CA TYR NA 238 -134.09 35.02 -55.16
C TYR NA 238 -134.29 35.83 -56.44
N ALA NA 239 -133.52 35.53 -57.49
CA ALA NA 239 -133.62 36.29 -58.72
C ALA NA 239 -134.69 35.76 -59.67
N LYS NA 240 -134.96 34.45 -59.65
CA LYS NA 240 -136.00 33.90 -60.50
C LYS NA 240 -137.40 34.18 -59.98
N GLU NA 241 -137.54 34.71 -58.77
CA GLU NA 241 -138.82 35.18 -58.26
C GLU NA 241 -139.22 36.53 -58.83
N SER NA 242 -138.32 37.19 -59.58
CA SER NA 242 -138.59 38.48 -60.20
C SER NA 242 -139.18 38.33 -61.60
N LEU NA 243 -139.87 37.23 -61.88
CA LEU NA 243 -140.50 37.04 -63.18
C LEU NA 243 -141.69 37.97 -63.37
N LYS NA 244 -142.35 38.37 -62.28
CA LYS NA 244 -143.45 39.31 -62.35
C LYS NA 244 -143.35 40.35 -61.24
N THR OA 34 -66.41 54.52 -34.64
CA THR OA 34 -67.78 54.80 -35.04
C THR OA 34 -68.75 54.05 -34.14
N THR OA 35 -69.71 54.76 -33.57
CA THR OA 35 -70.72 54.15 -32.72
C THR OA 35 -72.05 54.83 -32.99
N ILE OA 36 -73.06 54.04 -33.36
CA ILE OA 36 -74.38 54.53 -33.67
C ILE OA 36 -75.40 53.89 -32.74
N MET OA 37 -76.54 54.54 -32.60
CA MET OA 37 -77.48 54.20 -31.55
C MET OA 37 -78.89 54.54 -32.01
N ALA OA 38 -79.85 53.68 -31.67
CA ALA OA 38 -81.24 53.92 -32.04
C ALA OA 38 -82.15 53.25 -31.02
N VAL OA 39 -83.06 54.02 -30.43
CA VAL OA 39 -84.00 53.55 -29.43
C VAL OA 39 -85.39 54.08 -29.78
N GLN OA 40 -86.37 53.19 -29.89
CA GLN OA 40 -87.74 53.63 -30.08
C GLN OA 40 -88.44 53.80 -28.73
N PHE OA 41 -89.49 54.59 -28.73
CA PHE OA 41 -90.31 54.80 -27.54
C PHE OA 41 -91.77 54.86 -28.01
N ASP OA 42 -92.65 55.35 -27.15
CA ASP OA 42 -94.09 55.30 -27.43
C ASP OA 42 -94.46 56.22 -28.60
N GLY OA 43 -93.92 57.43 -28.60
CA GLY OA 43 -94.19 58.37 -29.68
C GLY OA 43 -93.45 58.02 -30.96
N GLY OA 44 -92.12 58.00 -30.89
CA GLY OA 44 -91.29 57.74 -32.07
C GLY OA 44 -89.99 57.08 -31.70
N VAL OA 45 -88.90 57.55 -32.31
CA VAL OA 45 -87.57 56.97 -32.14
C VAL OA 45 -86.60 58.06 -31.73
N VAL OA 46 -85.44 57.63 -31.24
CA VAL OA 46 -84.35 58.50 -30.84
C VAL OA 46 -83.05 57.96 -31.44
N LEU OA 47 -82.33 58.80 -32.17
CA LEU OA 47 -81.08 58.41 -32.80
C LEU OA 47 -79.90 59.13 -32.15
N GLY OA 48 -78.70 58.61 -32.42
CA GLY OA 48 -77.50 59.20 -31.87
C GLY OA 48 -76.22 58.59 -32.41
N ALA OA 49 -75.17 59.40 -32.55
CA ALA OA 49 -73.90 58.94 -33.09
C ALA OA 49 -72.77 59.87 -32.67
N ASP OA 50 -71.54 59.36 -32.81
CA ASP OA 50 -70.31 60.11 -32.61
C ASP OA 50 -69.91 60.77 -33.94
N SER OA 51 -68.72 61.35 -34.03
CA SER OA 51 -68.32 61.78 -35.36
C SER OA 51 -67.06 61.14 -35.93
N ARG OA 52 -65.87 61.60 -35.48
CA ARG OA 52 -64.52 61.02 -35.61
C ARG OA 52 -64.25 60.09 -36.79
N THR OA 53 -64.42 60.58 -38.01
CA THR OA 53 -64.06 59.79 -39.19
C THR OA 53 -62.54 59.67 -39.27
N THR OA 54 -62.02 58.46 -39.05
CA THR OA 54 -60.59 58.22 -38.95
C THR OA 54 -60.08 57.50 -40.18
N THR OA 55 -58.75 57.45 -40.28
CA THR OA 55 -58.06 56.64 -41.27
C THR OA 55 -56.70 56.25 -40.68
N GLY OA 56 -56.47 54.94 -40.53
CA GLY OA 56 -55.32 54.48 -39.79
C GLY OA 56 -55.42 54.84 -38.32
N SER OA 57 -54.59 55.77 -37.88
CA SER OA 57 -54.69 56.35 -36.54
C SER OA 57 -54.81 57.86 -36.60
N TYR OA 58 -55.16 58.40 -37.76
CA TYR OA 58 -55.30 59.84 -37.97
C TYR OA 58 -56.76 60.17 -38.22
N ILE OA 59 -57.27 61.13 -37.46
CA ILE OA 59 -58.62 61.63 -37.67
C ILE OA 59 -58.62 62.53 -38.90
N ALA OA 60 -59.38 62.15 -39.91
CA ALA OA 60 -59.53 62.97 -41.10
C ALA OA 60 -60.62 64.02 -40.92
N ASN OA 61 -61.80 63.60 -40.47
CA ASN OA 61 -62.91 64.50 -40.22
C ASN OA 61 -63.22 64.51 -38.73
N ARG OA 62 -63.29 65.69 -38.15
CA ARG OA 62 -63.39 65.85 -36.70
C ARG OA 62 -64.82 65.94 -36.24
N VAL OA 63 -65.71 66.49 -37.07
CA VAL OA 63 -67.13 66.54 -36.79
C VAL OA 63 -67.87 66.12 -38.07
N THR OA 64 -68.84 65.21 -37.92
CA THR OA 64 -69.37 64.46 -39.05
C THR OA 64 -70.85 64.18 -38.83
N ASP OA 65 -71.67 64.41 -39.85
CA ASP OA 65 -73.07 64.01 -39.84
C ASP OA 65 -73.14 62.53 -40.19
N LYS OA 66 -73.14 61.68 -39.16
CA LYS OA 66 -73.26 60.25 -39.38
C LYS OA 66 -74.70 59.81 -39.64
N LEU OA 67 -75.68 60.69 -39.39
CA LEU OA 67 -77.07 60.38 -39.65
C LEU OA 67 -77.55 61.22 -40.82
N THR OA 68 -78.35 60.60 -41.70
CA THR OA 68 -78.68 61.19 -42.98
C THR OA 68 -80.18 61.19 -43.19
N PRO OA 69 -80.78 62.32 -43.57
CA PRO OA 69 -82.21 62.32 -43.91
C PRO OA 69 -82.46 61.65 -45.25
N ILE OA 70 -83.52 60.85 -45.31
CA ILE OA 70 -83.99 60.26 -46.56
C ILE OA 70 -85.31 60.92 -46.91
N HIS OA 71 -86.28 60.79 -46.01
CA HIS OA 71 -87.57 61.43 -46.17
C HIS OA 71 -87.72 62.38 -44.99
N ASP OA 72 -88.88 63.04 -44.85
CA ASP OA 72 -89.10 63.97 -43.75
C ASP OA 72 -89.24 63.27 -42.41
N ARG OA 73 -89.52 61.97 -42.40
CA ARG OA 73 -89.74 61.24 -41.16
C ARG OA 73 -88.80 60.06 -40.98
N ILE OA 74 -87.94 59.76 -41.95
CA ILE OA 74 -87.12 58.56 -41.94
C ILE OA 74 -85.65 58.97 -42.02
N PHE OA 75 -84.89 58.58 -41.01
CA PHE OA 75 -83.44 58.77 -41.01
C PHE OA 75 -82.74 57.43 -41.13
N CYS OA 76 -81.44 57.48 -41.40
CA CYS OA 76 -80.57 56.33 -41.26
C CYS OA 76 -79.23 56.79 -40.74
N CYS OA 77 -78.60 55.93 -39.95
CA CYS OA 77 -77.25 56.16 -39.46
C CYS OA 77 -76.34 55.07 -40.01
N ARG OA 78 -75.20 55.49 -40.56
CA ARG OA 78 -74.39 54.63 -41.39
C ARG OA 78 -73.08 54.27 -40.71
N SER OA 79 -72.56 53.10 -41.05
CA SER OA 79 -71.30 52.63 -40.50
C SER OA 79 -70.63 51.72 -41.52
N GLY OA 80 -69.30 51.62 -41.39
CA GLY OA 80 -68.52 50.84 -42.34
C GLY OA 80 -67.64 51.72 -43.20
N SER OA 81 -67.52 51.40 -44.47
CA SER OA 81 -66.76 52.25 -45.39
C SER OA 81 -67.54 53.52 -45.68
N ALA OA 82 -66.82 54.64 -45.73
CA ALA OA 82 -67.49 55.93 -45.89
C ALA OA 82 -68.00 56.10 -47.32
N ALA OA 83 -67.19 55.75 -48.32
CA ALA OA 83 -67.58 55.96 -49.70
C ALA OA 83 -68.66 54.98 -50.15
N ASP OA 84 -68.76 53.83 -49.49
CA ASP OA 84 -69.79 52.86 -49.84
C ASP OA 84 -71.16 53.30 -49.33
N THR OA 85 -71.23 53.74 -48.07
CA THR OA 85 -72.50 54.10 -47.46
C THR OA 85 -73.06 55.40 -48.00
N GLN OA 86 -72.20 56.32 -48.46
CA GLN OA 86 -72.70 57.54 -49.06
C GLN OA 86 -73.31 57.28 -50.44
N ALA OA 87 -72.80 56.30 -51.16
CA ALA OA 87 -73.35 55.98 -52.47
C ALA OA 87 -74.69 55.27 -52.35
N VAL OA 88 -74.86 54.44 -51.32
CA VAL OA 88 -76.11 53.71 -51.15
C VAL OA 88 -77.21 54.65 -50.69
N ALA OA 89 -76.88 55.56 -49.77
CA ALA OA 89 -77.87 56.48 -49.21
C ALA OA 89 -78.39 57.47 -50.23
N ASP OA 90 -77.59 57.76 -51.27
CA ASP OA 90 -78.09 58.61 -52.34
C ASP OA 90 -79.06 57.87 -53.25
N ALA OA 91 -78.82 56.58 -53.50
CA ALA OA 91 -79.68 55.82 -54.38
C ALA OA 91 -81.01 55.49 -53.74
N VAL OA 92 -81.01 55.22 -52.44
CA VAL OA 92 -82.26 54.91 -51.74
C VAL OA 92 -83.13 56.16 -51.63
N THR OA 93 -82.50 57.32 -51.41
CA THR OA 93 -83.22 58.58 -51.40
C THR OA 93 -83.79 58.91 -52.77
N TYR OA 94 -83.06 58.52 -53.83
CA TYR OA 94 -83.58 58.66 -55.19
C TYR OA 94 -84.77 57.75 -55.45
N GLN OA 95 -84.69 56.51 -55.00
CA GLN OA 95 -85.75 55.55 -55.31
C GLN OA 95 -86.97 55.75 -54.43
N LEU OA 96 -86.77 55.94 -53.12
CA LEU OA 96 -87.90 56.14 -52.22
C LEU OA 96 -88.55 57.50 -52.43
N GLY OA 97 -87.75 58.53 -52.73
CA GLY OA 97 -88.31 59.84 -53.00
C GLY OA 97 -89.12 59.88 -54.27
N PHE OA 98 -88.73 59.09 -55.28
CA PHE OA 98 -89.53 58.95 -56.48
C PHE OA 98 -90.79 58.12 -56.23
N HIS OA 99 -90.71 57.15 -55.31
CA HIS OA 99 -91.79 56.20 -55.15
C HIS OA 99 -92.98 56.79 -54.40
N SER OA 100 -92.74 57.70 -53.45
CA SER OA 100 -93.82 58.27 -52.67
C SER OA 100 -94.62 59.33 -53.43
N ILE OA 101 -94.03 59.95 -54.45
CA ILE OA 101 -94.75 60.95 -55.23
C ILE OA 101 -95.79 60.28 -56.12
N GLU OA 102 -95.51 59.06 -56.59
CA GLU OA 102 -96.48 58.33 -57.40
C GLU OA 102 -97.68 57.89 -56.58
N LEU OA 103 -97.45 57.39 -55.36
CA LEU OA 103 -98.54 56.93 -54.53
C LEU OA 103 -99.33 58.07 -53.89
N ASN OA 104 -98.75 59.28 -53.85
CA ASN OA 104 -99.31 60.46 -53.17
C ASN OA 104 -99.58 60.14 -51.69
N GLU OA 105 -98.66 59.41 -51.08
CA GLU OA 105 -98.76 58.96 -49.70
C GLU OA 105 -97.38 59.06 -49.06
N PRO OA 106 -97.32 59.28 -47.75
CA PRO OA 106 -96.05 59.17 -47.04
C PRO OA 106 -95.58 57.73 -47.01
N PRO OA 107 -94.29 57.49 -47.23
CA PRO OA 107 -93.79 56.12 -47.32
C PRO OA 107 -93.70 55.44 -45.96
N LEU OA 108 -93.62 54.12 -46.00
CA LEU OA 108 -93.48 53.31 -44.81
C LEU OA 108 -92.02 53.17 -44.44
N VAL OA 109 -91.75 53.03 -43.14
CA VAL OA 109 -90.37 52.81 -42.69
C VAL OA 109 -89.90 51.43 -43.08
N HIS OA 110 -90.81 50.45 -43.08
CA HIS OA 110 -90.45 49.10 -43.53
C HIS OA 110 -90.18 49.06 -45.03
N THR OA 111 -90.79 49.97 -45.79
CA THR OA 111 -90.50 50.06 -47.21
C THR OA 111 -89.08 50.56 -47.45
N ALA OA 112 -88.63 51.53 -46.65
CA ALA OA 112 -87.28 52.06 -46.80
C ALA OA 112 -86.23 51.05 -46.38
N ALA OA 113 -86.51 50.24 -45.34
CA ALA OA 113 -85.55 49.25 -44.89
C ALA OA 113 -85.44 48.10 -45.88
N SER OA 114 -86.48 47.87 -46.69
CA SER OA 114 -86.42 46.84 -47.71
C SER OA 114 -85.48 47.24 -48.84
N LEU OA 115 -85.38 48.54 -49.14
CA LEU OA 115 -84.55 48.99 -50.24
C LEU OA 115 -83.07 48.88 -49.94
N PHE OA 116 -82.68 49.07 -48.68
CA PHE OA 116 -81.29 48.82 -48.29
C PHE OA 116 -80.95 47.34 -48.34
N LYS OA 117 -81.93 46.48 -48.09
CA LYS OA 117 -81.69 45.04 -48.13
C LYS OA 117 -81.47 44.57 -49.57
N GLU OA 118 -82.19 45.16 -50.51
CA GLU OA 118 -82.09 44.74 -51.91
C GLU OA 118 -80.78 45.17 -52.56
N MET OA 119 -80.05 46.11 -51.97
CA MET OA 119 -78.76 46.49 -52.49
C MET OA 119 -77.60 45.88 -51.73
N CYS OA 120 -77.71 45.74 -50.40
CA CYS OA 120 -76.61 45.18 -49.62
C CYS OA 120 -76.49 43.68 -49.82
N TYR OA 121 -77.61 42.98 -49.96
CA TYR OA 121 -77.55 41.54 -50.21
C TYR OA 121 -77.12 41.25 -51.64
N ARG OA 122 -77.57 42.07 -52.59
CA ARG OA 122 -77.18 41.87 -53.98
C ARG OA 122 -75.71 42.20 -54.19
N TYR OA 123 -75.30 43.39 -53.79
CA TYR OA 123 -73.90 43.78 -53.92
C TYR OA 123 -73.10 43.49 -52.66
N ARG OA 124 -73.21 42.26 -52.17
CA ARG OA 124 -72.29 41.82 -51.14
C ARG OA 124 -71.01 41.35 -51.81
N GLU OA 125 -69.97 41.13 -50.97
CA GLU OA 125 -68.56 41.00 -51.34
C GLU OA 125 -68.00 42.22 -52.05
N ASP OA 126 -68.72 43.35 -52.01
CA ASP OA 126 -68.31 44.60 -52.62
C ASP OA 126 -68.49 45.80 -51.72
N LEU OA 127 -69.34 45.70 -50.70
CA LEU OA 127 -69.66 46.82 -49.82
C LEU OA 127 -69.50 46.39 -48.37
N MET OA 128 -69.23 47.37 -47.51
CA MET OA 128 -69.16 47.17 -46.07
C MET OA 128 -70.03 48.25 -45.44
N ALA OA 129 -71.29 47.92 -45.19
CA ALA OA 129 -72.28 48.89 -44.74
C ALA OA 129 -72.92 48.42 -43.44
N GLY OA 130 -73.11 49.35 -42.51
CA GLY OA 130 -73.69 49.08 -41.21
C GLY OA 130 -74.98 49.84 -40.95
N ILE OA 131 -75.87 49.85 -41.94
CA ILE OA 131 -77.01 50.76 -41.93
C ILE OA 131 -78.03 50.36 -40.88
N ILE OA 132 -78.46 51.33 -40.08
CA ILE OA 132 -79.59 51.18 -39.17
C ILE OA 132 -80.65 52.21 -39.57
N ILE OA 133 -81.86 51.76 -39.85
CA ILE OA 133 -82.94 52.60 -40.34
C ILE OA 133 -83.94 52.78 -39.21
N ALA OA 134 -84.29 54.03 -38.93
CA ALA OA 134 -85.29 54.34 -37.91
C ALA OA 134 -86.12 55.53 -38.37
N GLY OA 135 -87.34 55.61 -37.83
CA GLY OA 135 -88.19 56.73 -38.15
C GLY OA 135 -89.63 56.45 -37.77
N TRP OA 136 -90.41 57.52 -37.75
CA TRP OA 136 -91.84 57.45 -37.44
C TRP OA 136 -92.63 57.20 -38.72
N ASP OA 137 -93.74 56.48 -38.55
CA ASP OA 137 -94.65 56.18 -39.64
C ASP OA 137 -96.08 56.35 -39.13
N PRO OA 138 -96.98 56.89 -39.96
CA PRO OA 138 -98.37 57.08 -39.50
C PRO OA 138 -99.13 55.79 -39.29
N GLN OA 139 -98.80 54.73 -40.02
CA GLN OA 139 -99.52 53.48 -39.88
C GLN OA 139 -99.08 52.71 -38.63
N GLU OA 140 -97.80 52.78 -38.29
CA GLU OA 140 -97.25 51.91 -37.25
C GLU OA 140 -96.54 52.63 -36.12
N GLY OA 141 -96.24 53.92 -36.24
CA GLY OA 141 -95.51 54.60 -35.18
C GLY OA 141 -94.01 54.49 -35.39
N GLY OA 142 -93.29 54.48 -34.27
CA GLY OA 142 -91.84 54.38 -34.32
C GLY OA 142 -91.38 52.97 -34.64
N GLN OA 143 -90.38 52.88 -35.51
CA GLN OA 143 -89.78 51.60 -35.90
C GLN OA 143 -88.28 51.73 -35.99
N VAL OA 144 -87.58 50.65 -35.67
CA VAL OA 144 -86.12 50.58 -35.77
C VAL OA 144 -85.77 49.28 -36.47
N TYR OA 145 -85.02 49.39 -37.57
CA TYR OA 145 -84.54 48.22 -38.30
C TYR OA 145 -83.02 48.20 -38.32
N SER OA 146 -82.46 47.01 -38.46
CA SER OA 146 -81.02 46.81 -38.43
C SER OA 146 -80.60 46.00 -39.65
N VAL OA 147 -79.72 46.58 -40.45
CA VAL OA 147 -79.15 45.91 -41.62
C VAL OA 147 -77.63 45.86 -41.43
N PRO OA 148 -77.10 44.74 -40.97
CA PRO OA 148 -75.64 44.63 -40.77
C PRO OA 148 -74.88 44.39 -42.06
N MET OA 149 -73.58 44.10 -41.94
CA MET OA 149 -72.70 43.89 -43.09
C MET OA 149 -73.12 42.71 -43.96
N GLY OA 150 -73.88 41.76 -43.42
CA GLY OA 150 -74.32 40.61 -44.20
C GLY OA 150 -75.36 40.97 -45.24
N GLY OA 151 -76.49 41.52 -44.79
CA GLY OA 151 -77.56 41.87 -45.70
C GLY OA 151 -78.93 41.49 -45.19
N MET OA 152 -78.99 40.97 -43.97
CA MET OA 152 -80.27 40.62 -43.36
C MET OA 152 -80.97 41.86 -42.82
N MET OA 153 -82.26 41.70 -42.53
CA MET OA 153 -83.10 42.77 -42.03
C MET OA 153 -83.94 42.25 -40.87
N VAL OA 154 -83.99 43.00 -39.78
CA VAL OA 154 -84.73 42.58 -38.59
C VAL OA 154 -85.18 43.83 -37.83
N ARG OA 155 -86.39 43.77 -37.29
CA ARG OA 155 -86.90 44.84 -36.44
C ARG OA 155 -86.50 44.60 -35.00
N GLN OA 156 -86.10 45.66 -34.30
CA GLN OA 156 -85.66 45.57 -32.92
C GLN OA 156 -86.28 46.70 -32.12
N SER OA 157 -86.24 46.54 -30.79
CA SER OA 157 -86.65 47.63 -29.90
C SER OA 157 -85.58 48.70 -29.83
N PHE OA 158 -84.34 48.30 -29.56
CA PHE OA 158 -83.19 49.19 -29.63
C PHE OA 158 -82.11 48.53 -30.47
N ALA OA 159 -81.20 49.34 -30.98
CA ALA OA 159 -80.19 48.82 -31.90
C ALA OA 159 -78.89 49.60 -31.72
N ILE OA 160 -77.78 48.86 -31.74
CA ILE OA 160 -76.44 49.44 -31.68
C ILE OA 160 -75.71 49.06 -32.96
N GLY OA 161 -74.56 49.67 -33.16
CA GLY OA 161 -73.77 49.36 -34.35
C GLY OA 161 -72.49 50.17 -34.37
N GLY OA 162 -71.57 49.74 -35.22
CA GLY OA 162 -70.28 50.37 -35.34
C GLY OA 162 -69.19 49.58 -34.65
N SER OA 163 -67.98 50.13 -34.72
CA SER OA 163 -66.82 49.46 -34.14
C SER OA 163 -66.84 49.53 -32.61
N GLY OA 164 -67.24 50.67 -32.06
CA GLY OA 164 -67.29 50.84 -30.63
C GLY OA 164 -68.52 50.31 -29.95
N SER OA 165 -69.42 49.66 -30.69
CA SER OA 165 -70.66 49.14 -30.11
C SER OA 165 -70.45 47.88 -29.28
N SER OA 166 -69.30 47.23 -29.40
CA SER OA 166 -69.05 46.00 -28.65
C SER OA 166 -68.83 46.26 -27.16
N TYR OA 167 -68.49 47.49 -26.79
CA TYR OA 167 -68.10 47.80 -25.43
C TYR OA 167 -69.28 48.15 -24.54
N ILE OA 168 -70.44 48.46 -25.13
CA ILE OA 168 -71.61 48.88 -24.36
C ILE OA 168 -72.73 47.86 -24.46
N TYR OA 169 -72.45 46.67 -25.01
CA TYR OA 169 -73.47 45.64 -25.14
C TYR OA 169 -73.93 45.10 -23.79
N GLY OA 170 -73.07 45.12 -22.78
CA GLY OA 170 -73.47 44.69 -21.46
C GLY OA 170 -74.16 45.78 -20.68
N TYR OA 171 -73.89 47.04 -21.04
CA TYR OA 171 -74.55 48.14 -20.36
C TYR OA 171 -75.95 48.39 -20.92
N VAL OA 172 -76.14 48.17 -22.22
CA VAL OA 172 -77.37 48.61 -22.87
C VAL OA 172 -78.55 47.70 -22.54
N ASP OA 173 -78.31 46.45 -22.16
CA ASP OA 173 -79.39 45.54 -21.83
C ASP OA 173 -79.65 45.44 -20.33
N ALA OA 174 -78.71 45.85 -19.50
CA ALA OA 174 -78.97 45.95 -18.07
C ALA OA 174 -79.63 47.26 -17.69
N THR OA 175 -79.62 48.24 -18.59
CA THR OA 175 -80.18 49.56 -18.33
C THR OA 175 -81.54 49.77 -19.01
N TYR OA 176 -81.78 49.07 -20.12
CA TYR OA 176 -83.01 49.25 -20.88
C TYR OA 176 -84.22 48.77 -20.10
N ARG OA 177 -85.33 49.48 -20.27
CA ARG OA 177 -86.57 49.20 -19.56
C ARG OA 177 -87.73 49.50 -20.48
N GLU OA 178 -88.70 48.61 -20.52
CA GLU OA 178 -89.83 48.77 -21.42
C GLU OA 178 -90.78 49.85 -20.90
N GLY OA 179 -91.16 50.77 -21.79
CA GLY OA 179 -92.08 51.82 -21.45
C GLY OA 179 -91.41 53.11 -21.02
N MET OA 180 -90.46 53.58 -21.82
CA MET OA 180 -89.80 54.84 -21.54
C MET OA 180 -90.53 56.00 -22.18
N THR OA 181 -90.26 57.20 -21.69
CA THR OA 181 -90.73 58.42 -22.31
C THR OA 181 -89.68 58.92 -23.29
N LYS OA 182 -89.92 60.08 -23.88
CA LYS OA 182 -88.95 60.64 -24.82
C LYS OA 182 -87.73 61.17 -24.09
N GLU OA 183 -87.94 61.88 -22.98
CA GLU OA 183 -86.84 62.48 -22.24
C GLU OA 183 -85.96 61.44 -21.55
N GLU OA 184 -86.51 60.25 -21.25
CA GLU OA 184 -85.68 59.19 -20.73
C GLU OA 184 -84.77 58.60 -21.80
N CYS OA 185 -85.26 58.52 -23.04
CA CYS OA 185 -84.47 57.94 -24.12
C CYS OA 185 -83.35 58.86 -24.56
N LEU OA 186 -83.57 60.18 -24.51
CA LEU OA 186 -82.48 61.12 -24.76
C LEU OA 186 -81.44 61.04 -23.65
N GLN OA 187 -81.89 60.80 -22.41
CA GLN OA 187 -80.94 60.55 -21.33
C GLN OA 187 -80.28 59.18 -21.49
N PHE OA 188 -81.01 58.21 -22.05
CA PHE OA 188 -80.48 56.86 -22.17
C PHE OA 188 -79.36 56.79 -23.20
N THR OA 189 -79.59 57.34 -24.39
CA THR OA 189 -78.58 57.26 -25.45
C THR OA 189 -77.40 58.19 -25.21
N ALA OA 190 -77.58 59.24 -24.41
CA ALA OA 190 -76.46 60.12 -24.11
C ALA OA 190 -75.44 59.44 -23.21
N ASN OA 191 -75.91 58.72 -22.20
CA ASN OA 191 -74.99 57.96 -21.35
C ASN OA 191 -74.47 56.73 -22.07
N ALA OA 192 -75.26 56.17 -23.00
CA ALA OA 192 -74.84 54.96 -23.68
C ALA OA 192 -73.74 55.24 -24.69
N LEU OA 193 -73.84 56.36 -25.42
CA LEU OA 193 -72.81 56.69 -26.38
C LEU OA 193 -71.52 57.12 -25.69
N ALA OA 194 -71.63 57.87 -24.59
CA ALA OA 194 -70.46 58.42 -23.90
C ALA OA 194 -69.56 57.35 -23.29
N LEU OA 195 -70.10 56.16 -23.03
CA LEU OA 195 -69.26 55.06 -22.57
C LEU OA 195 -68.49 54.41 -23.71
N ALA OA 196 -69.10 54.31 -24.89
CA ALA OA 196 -68.34 53.90 -26.06
C ALA OA 196 -67.41 55.00 -26.54
N MET OA 197 -67.85 56.25 -26.41
CA MET OA 197 -67.06 57.43 -26.68
C MET OA 197 -66.16 57.82 -25.52
N GLU OA 198 -65.90 56.90 -24.58
CA GLU OA 198 -65.05 57.23 -23.44
C GLU OA 198 -63.63 57.51 -23.89
N ARG OA 199 -62.98 56.52 -24.50
CA ARG OA 199 -61.69 56.81 -25.13
C ARG OA 199 -61.48 56.14 -26.48
N ASP OA 200 -62.18 55.04 -26.79
CA ASP OA 200 -61.95 54.11 -27.91
C ASP OA 200 -61.69 54.79 -29.24
N GLY OA 201 -60.58 54.40 -29.87
CA GLY OA 201 -59.89 55.21 -30.88
C GLY OA 201 -60.70 55.53 -32.12
N SER OA 202 -61.71 54.73 -32.44
CA SER OA 202 -62.58 55.03 -33.56
C SER OA 202 -63.81 55.82 -33.14
N SER OA 203 -63.88 56.28 -31.89
CA SER OA 203 -65.07 56.92 -31.37
C SER OA 203 -64.69 58.09 -30.48
N GLY OA 204 -65.68 58.93 -30.19
CA GLY OA 204 -65.53 60.13 -29.40
C GLY OA 204 -65.98 61.33 -30.20
N GLY OA 205 -65.40 62.49 -29.88
CA GLY OA 205 -65.70 63.69 -30.64
C GLY OA 205 -66.85 64.48 -30.05
N VAL OA 206 -68.03 64.36 -30.66
CA VAL OA 206 -69.20 65.11 -30.23
C VAL OA 206 -70.43 64.24 -30.45
N ILE OA 207 -71.48 64.49 -29.68
CA ILE OA 207 -72.71 63.71 -29.74
C ILE OA 207 -73.74 64.46 -30.57
N ARG OA 208 -74.25 63.81 -31.61
CA ARG OA 208 -75.36 64.34 -32.41
C ARG OA 208 -76.58 63.47 -32.16
N LEU OA 209 -77.64 64.10 -31.65
CA LEU OA 209 -78.88 63.39 -31.33
C LEU OA 209 -80.00 63.86 -32.24
N ALA OA 210 -81.01 63.03 -32.37
CA ALA OA 210 -82.17 63.34 -33.19
C ALA OA 210 -83.38 62.58 -32.66
N ALA OA 211 -84.51 63.27 -32.55
CA ALA OA 211 -85.76 62.69 -32.10
C ALA OA 211 -86.82 62.89 -33.18
N ILE OA 212 -87.42 61.79 -33.62
CA ILE OA 212 -88.41 61.81 -34.69
C ILE OA 212 -89.75 61.40 -34.08
N ALA OA 213 -90.76 62.24 -34.28
CA ALA OA 213 -92.10 61.94 -33.79
C ALA OA 213 -93.10 62.40 -34.85
N GLU OA 214 -94.38 62.41 -34.46
CA GLU OA 214 -95.43 62.86 -35.37
C GLU OA 214 -95.36 64.36 -35.61
N SER OA 215 -94.92 65.12 -34.61
CA SER OA 215 -94.90 66.58 -34.73
C SER OA 215 -93.79 67.04 -35.67
N GLY OA 216 -92.55 66.74 -35.33
CA GLY OA 216 -91.43 67.16 -36.12
C GLY OA 216 -90.19 66.38 -35.82
N VAL OA 217 -89.06 66.93 -36.25
CA VAL OA 217 -87.75 66.32 -36.02
C VAL OA 217 -86.90 67.31 -35.24
N GLU OA 218 -86.52 66.94 -34.03
CA GLU OA 218 -85.67 67.78 -33.19
C GLU OA 218 -84.25 67.22 -33.19
N ARG OA 219 -83.32 67.98 -33.75
CA ARG OA 219 -81.92 67.60 -33.79
C ARG OA 219 -81.11 68.55 -32.92
N GLN OA 220 -80.17 68.00 -32.16
CA GLN OA 220 -79.35 68.79 -31.27
C GLN OA 220 -77.96 68.18 -31.17
N VAL OA 221 -77.00 69.02 -30.79
CA VAL OA 221 -75.60 68.66 -30.66
C VAL OA 221 -75.20 68.83 -29.20
N LEU OA 222 -74.64 67.78 -28.61
CA LEU OA 222 -74.35 67.75 -27.18
C LEU OA 222 -72.84 67.76 -26.97
N LEU OA 223 -72.37 68.62 -26.08
CA LEU OA 223 -70.97 68.67 -25.69
C LEU OA 223 -70.88 69.26 -24.29
N GLY OA 224 -70.02 68.68 -23.46
CA GLY OA 224 -69.88 69.11 -22.08
C GLY OA 224 -71.05 68.73 -21.21
N THR PA 43 -46.07 67.51 -51.82
CA THR PA 43 -47.40 68.02 -52.18
C THR PA 43 -48.17 68.44 -50.94
N THR PA 44 -48.55 69.71 -50.90
CA THR PA 44 -49.31 70.26 -49.77
C THR PA 44 -50.31 71.26 -50.31
N ILE PA 45 -51.59 70.93 -50.22
CA ILE PA 45 -52.67 71.82 -50.62
C ILE PA 45 -53.58 72.05 -49.43
N ALA PA 46 -54.24 73.22 -49.41
CA ALA PA 46 -55.08 73.59 -48.29
C ALA PA 46 -56.11 74.60 -48.75
N GLY PA 47 -57.19 74.71 -47.97
CA GLY PA 47 -58.23 75.67 -48.26
C GLY PA 47 -58.88 76.14 -46.97
N VAL PA 48 -59.59 77.27 -47.06
CA VAL PA 48 -60.20 77.89 -45.90
C VAL PA 48 -61.39 78.70 -46.39
N VAL PA 49 -62.33 78.99 -45.49
CA VAL PA 49 -63.50 79.81 -45.79
C VAL PA 49 -63.49 80.98 -44.83
N TYR PA 50 -63.29 82.19 -45.34
CA TYR PA 50 -63.36 83.38 -44.52
C TYR PA 50 -64.75 83.98 -44.63
N LYS PA 51 -64.92 85.20 -44.13
CA LYS PA 51 -66.23 85.82 -43.96
C LYS PA 51 -66.91 86.15 -45.29
N ASP PA 52 -66.16 86.22 -46.40
CA ASP PA 52 -66.75 86.54 -47.68
C ASP PA 52 -66.49 85.52 -48.77
N GLY PA 53 -65.45 84.71 -48.66
CA GLY PA 53 -65.13 83.76 -49.71
C GLY PA 53 -64.20 82.65 -49.28
N ILE PA 54 -63.41 82.16 -50.25
CA ILE PA 54 -62.57 80.99 -50.09
C ILE PA 54 -61.18 81.31 -50.61
N VAL PA 55 -60.16 80.98 -49.83
CA VAL PA 55 -58.76 81.11 -50.24
C VAL PA 55 -58.18 79.71 -50.37
N LEU PA 56 -57.59 79.41 -51.52
CA LEU PA 56 -56.92 78.14 -51.76
C LEU PA 56 -55.42 78.35 -51.84
N GLY PA 57 -54.69 77.29 -51.54
CA GLY PA 57 -53.23 77.35 -51.57
C GLY PA 57 -52.65 76.01 -51.98
N ALA PA 58 -51.47 76.06 -52.60
CA ALA PA 58 -50.81 74.87 -53.11
C ALA PA 58 -49.31 75.14 -53.19
N ASP PA 59 -48.58 74.22 -53.80
CA ASP PA 59 -47.14 74.37 -53.99
C ASP PA 59 -46.73 74.01 -55.42
N THR PA 60 -45.44 74.03 -55.71
CA THR PA 60 -44.93 73.97 -57.08
C THR PA 60 -43.82 72.93 -57.22
N ARG PA 61 -44.04 71.71 -56.75
CA ARG PA 61 -43.08 70.63 -56.98
C ARG PA 61 -43.80 69.35 -57.33
N ALA PA 62 -43.34 68.70 -58.40
CA ALA PA 62 -43.70 67.33 -58.71
C ALA PA 62 -42.43 66.50 -58.80
N THR PA 63 -42.40 65.39 -58.08
CA THR PA 63 -41.22 64.54 -58.02
C THR PA 63 -41.49 63.19 -58.66
N GLU PA 64 -40.41 62.56 -59.15
CA GLU PA 64 -40.44 61.20 -59.64
C GLU PA 64 -39.45 60.39 -58.82
N GLY PA 65 -39.96 59.45 -58.04
CA GLY PA 65 -39.10 58.76 -57.10
C GLY PA 65 -38.74 59.70 -55.97
N MET PA 66 -37.44 59.89 -55.75
CA MET PA 66 -36.96 60.87 -54.79
C MET PA 66 -36.13 61.95 -55.48
N VAL PA 67 -36.44 62.21 -56.75
CA VAL PA 67 -35.74 63.20 -57.56
C VAL PA 67 -36.76 64.26 -57.97
N VAL PA 68 -36.40 65.53 -57.79
CA VAL PA 68 -37.30 66.63 -58.12
C VAL PA 68 -37.39 66.74 -59.63
N ALA PA 69 -38.57 66.43 -60.18
CA ALA PA 69 -38.75 66.50 -61.62
C ALA PA 69 -39.08 67.91 -62.08
N ASP PA 70 -39.95 68.61 -61.36
CA ASP PA 70 -40.40 69.93 -61.75
C ASP PA 70 -40.22 70.90 -60.58
N LYS PA 71 -39.70 72.08 -60.90
CA LYS PA 71 -39.55 73.15 -59.92
C LYS PA 71 -40.70 74.14 -59.95
N ASN PA 72 -41.59 74.05 -60.95
CA ASN PA 72 -42.72 74.97 -61.05
C ASN PA 72 -43.85 74.21 -61.75
N CYS PA 73 -44.77 73.68 -60.95
CA CYS PA 73 -45.94 72.97 -61.45
C CYS PA 73 -47.20 73.63 -60.92
N SER PA 74 -48.22 73.71 -61.76
CA SER PA 74 -49.49 74.32 -61.37
C SER PA 74 -50.41 73.24 -60.83
N LYS PA 75 -50.87 73.42 -59.60
CA LYS PA 75 -51.74 72.45 -58.94
C LYS PA 75 -53.14 72.98 -58.71
N ILE PA 76 -53.40 74.24 -59.06
CA ILE PA 76 -54.74 74.84 -58.94
C ILE PA 76 -55.34 74.86 -60.34
N HIS PA 77 -56.47 74.19 -60.50
CA HIS PA 77 -57.06 73.96 -61.82
C HIS PA 77 -58.35 74.75 -61.97
N PHE PA 78 -58.60 75.20 -63.18
CA PHE PA 78 -59.83 75.91 -63.49
C PHE PA 78 -61.00 74.93 -63.63
N ILE PA 79 -62.15 75.32 -63.10
CA ILE PA 79 -63.40 74.58 -63.26
C ILE PA 79 -64.47 75.45 -63.89
N SER PA 80 -64.81 76.56 -63.27
CA SER PA 80 -65.78 77.51 -63.75
C SER PA 80 -65.31 78.87 -63.33
N PRO PA 81 -65.90 79.96 -63.84
CA PRO PA 81 -65.53 81.30 -63.36
C PRO PA 81 -65.87 81.60 -61.90
N ASN PA 82 -66.43 80.66 -61.13
CA ASN PA 82 -66.51 80.80 -59.69
C ASN PA 82 -65.92 79.65 -58.91
N ILE PA 83 -65.53 78.55 -59.55
CA ILE PA 83 -65.10 77.33 -58.86
C ILE PA 83 -63.70 76.98 -59.34
N TYR PA 84 -62.80 76.70 -58.39
CA TYR PA 84 -61.48 76.15 -58.67
C TYR PA 84 -61.27 74.89 -57.85
N CYS PA 85 -60.22 74.15 -58.19
CA CYS PA 85 -59.98 72.85 -57.57
C CYS PA 85 -58.49 72.58 -57.51
N CYS PA 86 -58.01 72.19 -56.34
CA CYS PA 86 -56.62 71.80 -56.15
C CYS PA 86 -56.47 70.29 -56.28
N GLY PA 87 -55.38 69.86 -56.89
CA GLY PA 87 -55.17 68.46 -57.20
C GLY PA 87 -54.05 67.86 -56.37
N ALA PA 88 -54.23 66.60 -55.97
CA ALA PA 88 -53.23 65.88 -55.21
C ALA PA 88 -53.34 64.40 -55.53
N GLY PA 89 -52.20 63.70 -55.45
CA GLY PA 89 -52.17 62.29 -55.79
C GLY PA 89 -51.43 62.02 -57.08
N THR PA 90 -51.94 61.11 -57.90
CA THR PA 90 -51.36 60.87 -59.21
C THR PA 90 -51.65 62.05 -60.12
N ALA PA 91 -50.59 62.59 -60.73
CA ALA PA 91 -50.69 63.87 -61.43
C ALA PA 91 -51.52 63.75 -62.70
N ALA PA 92 -51.32 62.68 -63.48
CA ALA PA 92 -52.09 62.52 -64.71
C ALA PA 92 -53.54 62.10 -64.43
N ASP PA 93 -53.79 61.47 -63.29
CA ASP PA 93 -55.17 61.14 -62.92
C ASP PA 93 -55.95 62.39 -62.53
N THR PA 94 -55.30 63.32 -61.83
CA THR PA 94 -55.99 64.54 -61.44
C THR PA 94 -56.20 65.48 -62.63
N ASP PA 95 -55.27 65.47 -63.59
CA ASP PA 95 -55.38 66.38 -64.73
C ASP PA 95 -56.51 65.97 -65.66
N MET PA 96 -56.59 64.69 -66.00
CA MET PA 96 -57.62 64.23 -66.92
C MET PA 96 -58.99 64.18 -66.29
N THR PA 97 -59.07 64.15 -64.96
CA THR PA 97 -60.38 64.19 -64.30
C THR PA 97 -60.90 65.61 -64.22
N THR PA 98 -60.04 66.57 -63.87
CA THR PA 98 -60.47 67.95 -63.69
C THR PA 98 -60.79 68.65 -65.00
N GLN PA 99 -60.39 68.09 -66.14
CA GLN PA 99 -60.75 68.66 -67.44
C GLN PA 99 -62.07 68.12 -67.96
N LEU PA 100 -62.41 66.88 -67.61
CA LEU PA 100 -63.67 66.31 -68.06
C LEU PA 100 -64.86 66.97 -67.37
N ILE PA 101 -64.79 67.13 -66.05
CA ILE PA 101 -65.90 67.68 -65.30
C ILE PA 101 -66.06 69.17 -65.59
N SER PA 102 -64.94 69.86 -65.81
CA SER PA 102 -65.00 71.26 -66.24
C SER PA 102 -65.59 71.40 -67.64
N SER PA 103 -65.46 70.37 -68.47
CA SER PA 103 -66.13 70.38 -69.77
C SER PA 103 -67.62 70.13 -69.64
N ASN PA 104 -68.03 69.32 -68.66
CA ASN PA 104 -69.45 69.04 -68.49
C ASN PA 104 -70.20 70.22 -67.88
N LEU PA 105 -69.55 70.96 -66.97
CA LEU PA 105 -70.21 72.13 -66.39
C LEU PA 105 -70.32 73.28 -67.38
N GLU PA 106 -69.35 73.40 -68.29
CA GLU PA 106 -69.49 74.35 -69.38
C GLU PA 106 -70.60 73.94 -70.32
N LEU PA 107 -70.77 72.63 -70.52
CA LEU PA 107 -71.92 72.11 -71.25
C LEU PA 107 -73.21 72.34 -70.46
N HIS PA 108 -73.17 72.22 -69.13
CA HIS PA 108 -74.38 72.33 -68.34
C HIS PA 108 -74.86 73.77 -68.21
N SER PA 109 -73.95 74.69 -67.86
CA SER PA 109 -74.37 76.05 -67.55
C SER PA 109 -74.75 76.83 -68.80
N LEU PA 110 -74.09 76.54 -69.92
CA LEU PA 110 -74.45 77.22 -71.16
C LEU PA 110 -75.79 76.73 -71.68
N SER PA 111 -76.12 75.46 -71.44
CA SER PA 111 -77.46 74.98 -71.74
C SER PA 111 -78.48 75.53 -70.77
N THR PA 112 -78.10 75.68 -69.50
CA THR PA 112 -79.02 76.19 -68.50
C THR PA 112 -79.21 77.70 -68.63
N GLY PA 113 -78.11 78.43 -68.78
CA GLY PA 113 -78.17 79.87 -68.90
C GLY PA 113 -77.91 80.64 -67.63
N ARG PA 114 -77.29 80.02 -66.62
CA ARG PA 114 -77.00 80.69 -65.37
C ARG PA 114 -75.73 80.12 -64.77
N LEU PA 115 -75.37 80.64 -63.61
CA LEU PA 115 -74.12 80.32 -62.93
C LEU PA 115 -74.19 78.91 -62.34
N PRO PA 116 -73.10 78.14 -62.41
CA PRO PA 116 -73.11 76.78 -61.86
C PRO PA 116 -73.14 76.78 -60.33
N ARG PA 117 -73.33 75.59 -59.78
CA ARG PA 117 -73.34 75.36 -58.35
C ARG PA 117 -72.18 74.45 -57.97
N VAL PA 118 -71.64 74.66 -56.77
CA VAL PA 118 -70.54 73.84 -56.28
C VAL PA 118 -71.02 72.43 -55.95
N VAL PA 119 -72.28 72.31 -55.52
CA VAL PA 119 -72.86 71.00 -55.23
C VAL PA 119 -73.07 70.17 -56.47
N THR PA 120 -73.12 70.80 -57.66
CA THR PA 120 -73.19 70.03 -58.90
C THR PA 120 -71.85 69.40 -59.22
N ALA PA 121 -70.76 70.15 -59.05
CA ALA PA 121 -69.42 69.61 -59.25
C ALA PA 121 -69.05 68.60 -58.17
N ASN PA 122 -69.65 68.72 -56.99
CA ASN PA 122 -69.46 67.72 -55.95
C ASN PA 122 -70.09 66.40 -56.35
N ARG PA 123 -71.28 66.46 -56.95
CA ARG PA 123 -72.00 65.23 -57.28
C ARG PA 123 -71.40 64.53 -58.48
N MET PA 124 -70.82 65.27 -59.42
CA MET PA 124 -70.22 64.66 -60.59
C MET PA 124 -68.93 63.92 -60.24
N LEU PA 125 -68.14 64.46 -59.32
CA LEU PA 125 -66.85 63.88 -59.00
C LEU PA 125 -66.99 62.60 -58.18
N LYS PA 126 -67.83 62.64 -57.14
CA LYS PA 126 -67.95 61.48 -56.27
C LYS PA 126 -68.71 60.33 -56.92
N GLN PA 127 -69.51 60.61 -57.94
CA GLN PA 127 -70.20 59.56 -58.67
C GLN PA 127 -69.31 58.95 -59.75
N MET PA 128 -68.38 59.72 -60.30
CA MET PA 128 -67.44 59.16 -61.26
C MET PA 128 -66.38 58.30 -60.57
N LEU PA 129 -65.79 58.82 -59.48
CA LEU PA 129 -64.71 58.13 -58.81
C LEU PA 129 -65.18 56.86 -58.09
N PHE PA 130 -66.46 56.78 -57.73
CA PHE PA 130 -66.96 55.55 -57.13
C PHE PA 130 -67.07 54.44 -58.16
N ARG PA 131 -67.25 54.80 -59.43
CA ARG PA 131 -67.42 53.79 -60.47
C ARG PA 131 -66.10 53.09 -60.80
N TYR PA 132 -64.98 53.78 -60.62
CA TYR PA 132 -63.68 53.19 -60.88
C TYR PA 132 -63.09 52.45 -59.69
N GLN PA 133 -63.84 52.39 -58.57
CA GLN PA 133 -63.51 51.60 -57.38
C GLN PA 133 -62.17 52.01 -56.76
N GLY PA 134 -61.83 53.30 -56.86
CA GLY PA 134 -60.60 53.78 -56.29
C GLY PA 134 -59.35 53.50 -57.10
N TYR PA 135 -59.50 53.04 -58.35
CA TYR PA 135 -58.34 52.80 -59.19
C TYR PA 135 -57.69 54.11 -59.62
N ILE PA 136 -58.51 55.10 -59.95
CA ILE PA 136 -57.99 56.43 -60.28
C ILE PA 136 -57.63 57.12 -58.97
N GLY PA 137 -56.34 57.40 -58.80
CA GLY PA 137 -55.88 58.05 -57.57
C GLY PA 137 -55.95 59.56 -57.67
N ALA PA 138 -57.01 60.14 -57.13
CA ALA PA 138 -57.22 61.57 -57.18
C ALA PA 138 -57.68 62.07 -55.82
N ALA PA 139 -56.98 63.07 -55.29
CA ALA PA 139 -57.35 63.71 -54.03
C ALA PA 139 -57.57 65.18 -54.31
N LEU PA 140 -58.80 65.64 -54.16
CA LEU PA 140 -59.19 66.96 -54.62
C LEU PA 140 -59.74 67.80 -53.49
N VAL PA 141 -59.49 69.11 -53.59
CA VAL PA 141 -60.08 70.11 -52.71
C VAL PA 141 -60.93 71.00 -53.60
N LEU PA 142 -62.24 70.99 -53.39
CA LEU PA 142 -63.18 71.70 -54.23
C LEU PA 142 -63.70 72.93 -53.48
N GLY PA 143 -63.65 74.09 -54.13
CA GLY PA 143 -64.11 75.30 -53.51
C GLY PA 143 -64.67 76.31 -54.50
N GLY PA 144 -65.74 77.01 -54.10
CA GLY PA 144 -66.34 78.01 -54.96
C GLY PA 144 -67.43 78.75 -54.22
N VAL PA 145 -67.90 79.82 -54.86
CA VAL PA 145 -68.94 80.67 -54.30
C VAL PA 145 -70.16 80.62 -55.21
N ASP PA 146 -71.28 80.19 -54.64
CA ASP PA 146 -72.55 80.09 -55.35
C ASP PA 146 -73.46 81.25 -54.97
N VAL PA 147 -74.72 81.16 -55.40
CA VAL PA 147 -75.76 82.05 -54.90
C VAL PA 147 -75.97 81.81 -53.42
N THR PA 148 -75.90 80.54 -52.98
CA THR PA 148 -76.06 80.19 -51.58
C THR PA 148 -74.84 80.52 -50.74
N GLY PA 149 -73.73 80.93 -51.34
CA GLY PA 149 -72.55 81.30 -50.60
C GLY PA 149 -71.36 80.43 -50.90
N PRO PA 150 -70.28 80.59 -50.14
CA PRO PA 150 -69.09 79.77 -50.37
C PRO PA 150 -69.27 78.35 -49.85
N HIS PA 151 -68.62 77.41 -50.53
CA HIS PA 151 -68.68 76.00 -50.16
C HIS PA 151 -67.35 75.34 -50.43
N LEU PA 152 -66.85 74.60 -49.43
CA LEU PA 152 -65.56 73.95 -49.51
C LEU PA 152 -65.74 72.46 -49.27
N TYR PA 153 -65.11 71.64 -50.12
CA TYR PA 153 -65.24 70.19 -50.02
C TYR PA 153 -63.86 69.55 -50.07
N SER PA 154 -63.82 68.28 -49.64
CA SER PA 154 -62.61 67.47 -49.74
C SER PA 154 -63.02 66.10 -50.28
N ILE PA 155 -62.36 65.68 -51.35
CA ILE PA 155 -62.72 64.46 -52.07
C ILE PA 155 -61.54 63.51 -52.05
N TYR PA 156 -61.79 62.27 -51.63
CA TYR PA 156 -60.96 61.09 -51.50
C TYR PA 156 -61.16 60.18 -52.71
N PRO PA 157 -60.14 59.42 -53.14
CA PRO PA 157 -60.23 58.72 -54.43
C PRO PA 157 -61.19 57.53 -54.46
N HIS PA 158 -61.81 57.16 -53.35
CA HIS PA 158 -62.85 56.15 -53.38
C HIS PA 158 -64.25 56.72 -53.54
N GLY PA 159 -64.41 58.02 -53.33
CA GLY PA 159 -65.68 58.68 -53.50
C GLY PA 159 -66.34 59.24 -52.26
N SER PA 160 -65.59 59.44 -51.18
CA SER PA 160 -66.13 60.00 -49.94
C SER PA 160 -65.85 61.50 -49.89
N THR PA 161 -66.89 62.28 -49.64
CA THR PA 161 -66.81 63.73 -49.65
C THR PA 161 -67.19 64.29 -48.29
N ASP PA 162 -66.55 65.40 -47.91
CA ASP PA 162 -66.76 66.05 -46.63
C ASP PA 162 -66.85 67.55 -46.83
N LYS PA 163 -67.94 68.15 -46.35
CA LYS PA 163 -68.04 69.61 -46.30
C LYS PA 163 -67.40 70.10 -45.00
N LEU PA 164 -66.36 70.91 -45.12
CA LEU PA 164 -65.61 71.40 -43.97
C LEU PA 164 -65.23 72.85 -44.18
N PRO PA 165 -65.06 73.61 -43.09
CA PRO PA 165 -64.57 74.99 -43.24
C PRO PA 165 -63.10 75.10 -43.59
N TYR PA 166 -62.29 74.08 -43.32
CA TYR PA 166 -60.88 74.10 -43.69
C TYR PA 166 -60.40 72.66 -43.85
N VAL PA 167 -59.63 72.41 -44.91
CA VAL PA 167 -59.13 71.08 -45.24
C VAL PA 167 -57.67 71.17 -45.67
N THR PA 168 -56.96 70.07 -45.52
CA THR PA 168 -55.64 69.89 -46.10
C THR PA 168 -55.58 68.52 -46.76
N MET PA 169 -54.92 68.44 -47.91
CA MET PA 169 -54.67 67.18 -48.59
C MET PA 169 -53.22 67.15 -49.05
N GLY PA 170 -52.74 65.97 -49.40
CA GLY PA 170 -51.40 65.80 -49.89
C GLY PA 170 -50.52 65.10 -48.88
N SER PA 171 -49.24 64.98 -49.24
CA SER PA 171 -48.26 64.32 -48.37
C SER PA 171 -47.92 65.17 -47.16
N GLY PA 172 -47.82 66.48 -47.33
CA GLY PA 172 -47.52 67.36 -46.22
C GLY PA 172 -48.76 67.95 -45.60
N SER PA 173 -49.89 67.24 -45.71
CA SER PA 173 -51.14 67.70 -45.13
C SER PA 173 -51.13 67.64 -43.62
N LEU PA 174 -50.28 66.79 -43.03
CA LEU PA 174 -50.21 66.69 -41.58
C LEU PA 174 -49.59 67.96 -40.98
N ALA PA 175 -48.62 68.55 -41.69
CA ALA PA 175 -47.98 69.75 -41.19
C ALA PA 175 -48.86 70.97 -41.35
N ALA PA 176 -49.59 71.06 -42.45
CA ALA PA 176 -50.42 72.24 -42.71
C ALA PA 176 -51.64 72.27 -41.81
N MET PA 177 -52.16 71.10 -41.42
CA MET PA 177 -53.34 71.02 -40.57
C MET PA 177 -53.06 71.50 -39.15
N ALA PA 178 -51.84 71.29 -38.65
CA ALA PA 178 -51.50 71.75 -37.31
C ALA PA 178 -51.45 73.27 -37.22
N VAL PA 179 -51.18 73.94 -38.34
CA VAL PA 179 -51.19 75.40 -38.36
C VAL PA 179 -52.62 75.92 -38.31
N PHE PA 180 -53.56 75.21 -38.95
CA PHE PA 180 -54.96 75.63 -38.94
C PHE PA 180 -55.56 75.54 -37.55
N GLU PA 181 -55.52 74.37 -36.92
CA GLU PA 181 -56.16 74.12 -35.64
C GLU PA 181 -55.58 74.99 -34.53
N ASP PA 182 -54.32 75.43 -34.67
CA ASP PA 182 -53.74 76.35 -33.71
C ASP PA 182 -54.27 77.77 -33.93
N LYS PA 183 -54.55 78.16 -35.18
CA LYS PA 183 -54.74 79.58 -35.49
C LYS PA 183 -56.00 79.86 -36.31
N PHE PA 184 -56.93 78.92 -36.42
CA PHE PA 184 -58.19 79.20 -37.12
C PHE PA 184 -59.19 79.81 -36.16
N ARG PA 185 -59.92 80.81 -36.65
CA ARG PA 185 -61.04 81.40 -35.97
C ARG PA 185 -62.09 81.69 -37.03
N PRO PA 186 -63.37 81.60 -36.70
CA PRO PA 186 -64.40 81.80 -37.72
C PRO PA 186 -64.56 83.25 -38.11
N ASP PA 187 -64.91 83.46 -39.40
CA ASP PA 187 -65.18 84.77 -40.01
C ASP PA 187 -63.97 85.70 -39.91
N MET PA 188 -62.89 85.29 -40.54
CA MET PA 188 -61.71 86.14 -40.64
C MET PA 188 -61.88 87.17 -41.74
N GLU PA 189 -60.91 88.06 -41.84
CA GLU PA 189 -60.93 89.09 -42.87
C GLU PA 189 -60.16 88.60 -44.10
N GLU PA 190 -59.89 89.52 -45.02
CA GLU PA 190 -59.25 89.14 -46.28
C GLU PA 190 -57.76 88.84 -46.07
N GLU PA 191 -57.00 89.81 -45.60
CA GLU PA 191 -55.57 89.61 -45.42
C GLU PA 191 -55.25 88.72 -44.23
N GLU PA 192 -56.17 88.60 -43.28
CA GLU PA 192 -55.97 87.66 -42.19
C GLU PA 192 -56.05 86.22 -42.67
N ALA PA 193 -56.97 85.94 -43.60
CA ALA PA 193 -57.09 84.59 -44.15
C ALA PA 193 -55.97 84.27 -45.13
N LYS PA 194 -55.52 85.27 -45.90
CA LYS PA 194 -54.40 85.06 -46.81
C LYS PA 194 -53.11 84.82 -46.06
N ASN PA 195 -52.95 85.41 -44.88
CA ASN PA 195 -51.77 85.20 -44.08
C ASN PA 195 -51.76 83.81 -43.45
N LEU PA 196 -52.93 83.23 -43.18
CA LEU PA 196 -53.00 81.93 -42.54
C LEU PA 196 -52.64 80.81 -43.51
N VAL PA 197 -53.08 80.93 -44.77
CA VAL PA 197 -52.85 79.87 -45.75
C VAL PA 197 -51.39 79.82 -46.16
N SER PA 198 -50.79 80.99 -46.43
CA SER PA 198 -49.38 81.04 -46.80
C SER PA 198 -48.47 80.63 -45.65
N GLU PA 199 -48.94 80.81 -44.41
CA GLU PA 199 -48.24 80.25 -43.27
C GLU PA 199 -48.37 78.74 -43.21
N ALA PA 200 -49.56 78.22 -43.53
CA ALA PA 200 -49.79 76.78 -43.40
C ALA PA 200 -49.13 75.99 -44.52
N ILE PA 201 -49.06 76.56 -45.72
CA ILE PA 201 -48.38 75.88 -46.82
C ILE PA 201 -46.88 75.85 -46.58
N ALA PA 202 -46.33 76.93 -46.01
CA ALA PA 202 -44.90 76.99 -45.76
C ALA PA 202 -44.45 76.01 -44.69
N ALA PA 203 -45.35 75.60 -43.80
CA ALA PA 203 -45.01 74.56 -42.83
C ALA PA 203 -44.80 73.22 -43.51
N GLY PA 204 -45.53 72.94 -44.58
CA GLY PA 204 -45.29 71.73 -45.35
C GLY PA 204 -44.09 71.81 -46.28
N ILE PA 205 -43.68 73.03 -46.65
CA ILE PA 205 -42.55 73.19 -47.55
C ILE PA 205 -41.25 72.88 -46.81
N PHE PA 206 -41.15 73.30 -45.55
CA PHE PA 206 -40.02 72.96 -44.71
C PHE PA 206 -40.17 71.60 -44.03
N ASN PA 207 -41.13 70.80 -44.48
CA ASN PA 207 -41.17 69.36 -44.27
C ASN PA 207 -40.79 68.72 -45.60
N ASP PA 208 -40.54 67.41 -45.58
CA ASP PA 208 -40.07 66.73 -46.78
C ASP PA 208 -41.22 66.61 -47.78
N LEU PA 209 -40.84 66.43 -49.05
CA LEU PA 209 -41.73 66.60 -50.21
C LEU PA 209 -42.40 67.96 -50.17
N GLY PA 210 -41.58 68.99 -49.97
CA GLY PA 210 -42.04 70.36 -49.95
C GLY PA 210 -42.08 70.89 -51.37
N SER PA 211 -41.41 72.00 -51.62
CA SER PA 211 -41.47 72.57 -52.95
C SER PA 211 -40.24 73.41 -53.25
N GLY PA 212 -40.01 73.59 -54.55
CA GLY PA 212 -39.14 74.61 -55.07
C GLY PA 212 -39.94 75.89 -55.05
N SER PA 213 -40.03 76.47 -53.85
CA SER PA 213 -41.26 77.09 -53.37
C SER PA 213 -41.68 78.30 -54.17
N ASN PA 214 -42.89 78.22 -54.72
CA ASN PA 214 -43.65 79.36 -55.21
C ASN PA 214 -45.04 79.14 -54.66
N ILE PA 215 -45.34 79.76 -53.52
CA ILE PA 215 -46.62 79.56 -52.86
C ILE PA 215 -47.73 80.18 -53.69
N ASP PA 216 -48.71 79.38 -54.06
CA ASP PA 216 -49.78 79.82 -54.92
C ASP PA 216 -51.02 80.16 -54.09
N LEU PA 217 -51.75 81.18 -54.55
CA LEU PA 217 -53.02 81.53 -53.93
C LEU PA 217 -54.05 81.81 -54.99
N CYS PA 218 -55.28 81.36 -54.73
CA CYS PA 218 -56.44 81.67 -55.55
C CYS PA 218 -57.52 82.16 -54.62
N VAL PA 219 -57.85 83.44 -54.71
CA VAL PA 219 -58.87 84.04 -53.85
C VAL PA 219 -60.17 84.12 -54.63
N ILE PA 220 -61.22 83.50 -54.09
CA ILE PA 220 -62.54 83.50 -54.70
C ILE PA 220 -63.47 84.26 -53.77
N SER PA 221 -64.05 85.35 -54.26
CA SER PA 221 -65.02 86.12 -53.50
C SER PA 221 -66.35 86.13 -54.25
N LYS PA 222 -67.28 86.95 -53.77
CA LYS PA 222 -68.60 87.02 -54.39
C LYS PA 222 -68.55 87.70 -55.75
N ASN PA 223 -67.64 88.63 -55.97
CA ASN PA 223 -67.53 89.32 -57.24
C ASN PA 223 -66.11 89.34 -57.81
N LYS PA 224 -65.09 89.44 -56.96
CA LYS PA 224 -63.71 89.56 -57.40
C LYS PA 224 -63.02 88.21 -57.35
N LEU PA 225 -62.20 87.93 -58.36
CA LEU PA 225 -61.47 86.68 -58.49
C LEU PA 225 -60.00 86.96 -58.68
N ASP PA 226 -59.17 86.39 -57.81
CA ASP PA 226 -57.74 86.59 -57.86
C ASP PA 226 -57.00 85.27 -58.06
N PHE PA 227 -55.80 85.36 -58.62
CA PHE PA 227 -55.01 84.17 -58.92
C PHE PA 227 -53.55 84.60 -58.97
N LEU PA 228 -52.76 84.14 -58.01
CA LEU PA 228 -51.40 84.65 -57.80
C LEU PA 228 -50.41 83.50 -57.82
N ARG PA 229 -49.65 83.38 -58.92
CA ARG PA 229 -48.63 82.35 -58.96
C ARG PA 229 -47.38 82.74 -58.17
N PRO PA 230 -46.70 83.93 -58.41
CA PRO PA 230 -45.51 84.15 -57.57
C PRO PA 230 -45.80 84.94 -56.30
N TYR PA 231 -46.62 84.39 -55.41
CA TYR PA 231 -47.02 85.14 -54.23
C TYR PA 231 -45.91 85.20 -53.19
N THR PA 232 -45.14 84.13 -53.04
CA THR PA 232 -44.06 84.08 -52.07
C THR PA 232 -42.95 83.18 -52.58
N VAL PA 233 -41.75 83.71 -52.66
CA VAL PA 233 -40.57 82.92 -53.03
C VAL PA 233 -39.63 82.92 -51.83
N PRO PA 234 -39.73 81.96 -50.92
CA PRO PA 234 -38.83 81.94 -49.77
C PRO PA 234 -37.51 81.25 -50.06
N ASN PA 235 -37.48 80.38 -51.06
CA ASN PA 235 -36.29 79.61 -51.40
C ASN PA 235 -35.63 80.19 -52.63
N LYS PA 236 -34.33 80.43 -52.55
CA LYS PA 236 -33.53 80.93 -53.67
C LYS PA 236 -32.39 79.97 -53.97
N LYS PA 237 -32.00 79.92 -55.23
CA LYS PA 237 -30.83 79.17 -55.64
C LYS PA 237 -29.60 80.06 -55.54
N GLY PA 238 -28.54 79.53 -54.94
CA GLY PA 238 -27.31 80.30 -54.80
C GLY PA 238 -26.61 80.51 -56.12
N THR PA 239 -25.73 81.51 -56.13
CA THR PA 239 -25.02 81.87 -57.34
C THR PA 239 -23.92 80.86 -57.65
N ARG PA 240 -23.51 80.82 -58.91
CA ARG PA 240 -22.47 79.92 -59.37
C ARG PA 240 -21.15 80.68 -59.37
N LEU PA 241 -20.19 80.20 -58.58
CA LEU PA 241 -18.94 80.92 -58.33
C LEU PA 241 -17.78 80.39 -59.16
N GLY PA 242 -18.05 79.54 -60.15
CA GLY PA 242 -17.00 78.90 -60.92
C GLY PA 242 -17.05 79.31 -62.39
N ARG PA 243 -15.88 79.29 -63.02
CA ARG PA 243 -15.79 79.53 -64.45
C ARG PA 243 -16.02 78.23 -65.20
N TYR PA 244 -16.96 78.26 -66.14
CA TYR PA 244 -17.34 77.10 -66.94
C TYR PA 244 -17.35 77.47 -68.40
N ARG PA 245 -16.25 78.08 -68.85
CA ARG PA 245 -16.13 78.62 -70.20
C ARG PA 245 -16.11 77.48 -71.21
N CYS PA 246 -17.23 77.29 -71.89
CA CYS PA 246 -17.31 76.32 -72.98
C CYS PA 246 -16.61 76.90 -74.21
N GLU PA 247 -15.68 76.16 -74.77
CA GLU PA 247 -14.89 76.64 -75.89
C GLU PA 247 -15.59 76.34 -77.21
N LYS PA 248 -15.38 77.21 -78.18
CA LYS PA 248 -15.97 77.04 -79.51
C LYS PA 248 -15.09 76.08 -80.31
N GLY PA 249 -15.31 74.80 -80.08
CA GLY PA 249 -14.55 73.78 -80.79
C GLY PA 249 -13.92 72.74 -79.88
N THR PA 250 -14.38 72.66 -78.63
CA THR PA 250 -13.85 71.69 -77.68
C THR PA 250 -14.57 70.35 -77.74
N THR PA 251 -15.30 70.07 -78.83
CA THR PA 251 -16.00 68.81 -78.99
C THR PA 251 -15.77 68.29 -80.40
N ALA PA 252 -15.27 67.07 -80.52
CA ALA PA 252 -15.00 66.48 -81.82
C ALA PA 252 -16.29 66.05 -82.50
N VAL PA 253 -16.40 66.33 -83.78
CA VAL PA 253 -17.59 66.03 -84.58
C VAL PA 253 -17.17 65.08 -85.70
N LEU PA 254 -17.90 63.98 -85.84
CA LEU PA 254 -17.63 63.01 -86.89
C LEU PA 254 -18.23 63.44 -88.22
N THR PA 255 -19.51 63.80 -88.23
CA THR PA 255 -20.22 64.09 -89.46
C THR PA 255 -21.19 65.25 -89.24
N GLU PA 256 -21.11 66.26 -90.10
CA GLU PA 256 -22.03 67.39 -90.06
C GLU PA 256 -23.03 67.28 -91.21
N LYS PA 257 -24.12 68.04 -91.09
CA LYS PA 257 -25.18 68.03 -92.09
C LYS PA 257 -25.95 69.33 -91.99
N ILE PA 258 -26.19 69.98 -93.13
CA ILE PA 258 -26.89 71.26 -93.20
C ILE PA 258 -28.12 71.09 -94.06
N THR PA 259 -29.27 71.55 -93.57
CA THR PA 259 -30.51 71.52 -94.31
C THR PA 259 -31.22 72.86 -94.16
N PRO PA 260 -31.26 73.69 -95.19
CA PRO PA 260 -31.92 75.00 -95.08
C PRO PA 260 -33.44 74.86 -95.04
N LEU PA 261 -34.08 75.97 -94.72
CA LEU PA 261 -35.54 76.04 -94.63
C LEU PA 261 -36.02 77.28 -95.35
N GLU PA 262 -37.30 77.60 -95.17
CA GLU PA 262 -37.88 78.79 -95.76
C GLU PA 262 -38.98 79.38 -94.87
N SER QA 1 -35.79 46.96 -64.70
CA SER QA 1 -37.22 47.09 -64.95
C SER QA 1 -37.54 46.96 -66.43
N ILE QA 2 -38.80 47.27 -66.78
CA ILE QA 2 -39.20 47.25 -68.18
C ILE QA 2 -38.59 48.41 -68.93
N MET QA 3 -38.44 49.56 -68.26
CA MET QA 3 -37.76 50.71 -68.87
C MET QA 3 -36.28 50.43 -69.08
N SER QA 4 -35.68 49.58 -68.25
CA SER QA 4 -34.26 49.27 -68.35
C SER QA 4 -33.98 48.06 -69.23
N TYR QA 5 -34.91 47.73 -70.13
CA TYR QA 5 -34.73 46.56 -70.99
C TYR QA 5 -33.91 46.88 -72.24
N ASN QA 6 -33.97 48.12 -72.73
CA ASN QA 6 -33.21 48.51 -73.91
C ASN QA 6 -32.38 49.77 -73.71
N GLY QA 7 -32.61 50.53 -72.65
CA GLY QA 7 -31.86 51.76 -72.43
C GLY QA 7 -32.34 52.89 -73.31
N GLY QA 8 -31.68 54.02 -73.16
CA GLY QA 8 -31.99 55.20 -73.96
C GLY QA 8 -31.81 56.47 -73.16
N ALA QA 9 -31.64 57.58 -73.88
CA ALA QA 9 -31.47 58.90 -73.28
C ALA QA 9 -31.85 59.94 -74.32
N VAL QA 10 -32.82 60.79 -73.99
CA VAL QA 10 -33.25 61.87 -74.87
C VAL QA 10 -33.20 63.17 -74.08
N MET QA 11 -32.51 64.17 -74.62
CA MET QA 11 -32.34 65.46 -73.98
C MET QA 11 -32.76 66.57 -74.94
N ALA QA 12 -33.49 67.56 -74.43
CA ALA QA 12 -33.80 68.77 -75.18
C ALA QA 12 -33.37 69.97 -74.36
N MET QA 13 -33.02 71.06 -75.05
CA MET QA 13 -32.51 72.25 -74.37
C MET QA 13 -32.88 73.49 -75.17
N LYS QA 14 -33.34 74.52 -74.47
CA LYS QA 14 -33.84 75.74 -75.07
C LYS QA 14 -32.74 76.78 -75.12
N GLY QA 15 -32.61 77.46 -76.26
CA GLY QA 15 -31.64 78.51 -76.41
C GLY QA 15 -32.26 79.89 -76.49
N LYS QA 16 -31.63 80.81 -77.22
CA LYS QA 16 -32.15 82.16 -77.35
C LYS QA 16 -33.27 82.22 -78.39
N ASN QA 17 -32.95 81.93 -79.64
CA ASN QA 17 -33.93 81.88 -80.71
C ASN QA 17 -34.01 80.50 -81.33
N CYS QA 18 -33.38 79.52 -80.71
CA CYS QA 18 -33.21 78.19 -81.28
C CYS QA 18 -33.40 77.15 -80.19
N VAL QA 19 -33.49 75.90 -80.60
CA VAL QA 19 -33.70 74.79 -79.67
C VAL QA 19 -32.96 73.57 -80.22
N ALA QA 20 -32.42 72.77 -79.32
CA ALA QA 20 -31.63 71.60 -79.68
C ALA QA 20 -32.20 70.35 -79.02
N ILE QA 21 -31.92 69.21 -79.64
CA ILE QA 21 -32.36 67.91 -79.15
C ILE QA 21 -31.29 66.89 -79.51
N ALA QA 22 -31.09 65.91 -78.63
CA ALA QA 22 -30.05 64.92 -78.82
C ALA QA 22 -30.50 63.59 -78.24
N ALA QA 23 -29.93 62.51 -78.76
CA ALA QA 23 -30.24 61.17 -78.31
C ALA QA 23 -29.03 60.27 -78.58
N ASP QA 24 -29.12 59.04 -78.10
CA ASP QA 24 -28.09 58.04 -78.31
C ASP QA 24 -28.40 57.20 -79.54
N ARG QA 25 -27.53 56.23 -79.82
CA ARG QA 25 -27.66 55.40 -81.00
C ARG QA 25 -27.71 53.91 -80.71
N ARG QA 26 -27.46 53.49 -79.47
CA ARG QA 26 -27.33 52.07 -79.16
C ARG QA 26 -28.70 51.40 -79.11
N PHE QA 27 -28.84 50.29 -79.84
CA PHE QA 27 -29.97 49.39 -79.71
C PHE QA 27 -29.49 48.06 -79.16
N GLY QA 28 -30.23 47.52 -78.21
CA GLY QA 28 -29.83 46.25 -77.65
C GLY QA 28 -30.76 45.66 -76.61
N ILE QA 29 -30.64 44.35 -76.42
CA ILE QA 29 -31.30 43.63 -75.34
C ILE QA 29 -30.40 43.84 -74.12
N GLN QA 30 -30.88 43.46 -72.93
CA GLN QA 30 -30.44 43.84 -71.58
C GLN QA 30 -28.93 44.06 -71.39
N ALA QA 31 -28.11 43.16 -71.92
CA ALA QA 31 -26.67 43.34 -71.88
C ALA QA 31 -26.01 43.19 -73.24
N GLN QA 32 -26.73 42.78 -74.26
CA GLN QA 32 -26.19 42.54 -75.58
C GLN QA 32 -26.72 43.60 -76.55
N MET QA 33 -25.80 44.38 -77.12
CA MET QA 33 -26.20 45.30 -78.16
C MET QA 33 -26.53 44.55 -79.45
N VAL QA 34 -27.20 45.24 -80.36
CA VAL QA 34 -27.52 44.71 -81.68
C VAL QA 34 -27.00 45.61 -82.79
N THR QA 35 -27.33 46.89 -82.75
CA THR QA 35 -26.93 47.82 -83.79
C THR QA 35 -26.76 49.21 -83.21
N THR QA 36 -26.11 50.09 -83.98
CA THR QA 36 -25.80 51.45 -83.54
C THR QA 36 -26.45 52.50 -84.43
N ASP QA 37 -27.59 52.18 -85.03
CA ASP QA 37 -28.27 53.11 -85.93
C ASP QA 37 -29.76 53.12 -85.67
N PHE QA 38 -30.15 53.04 -84.40
CA PHE QA 38 -31.55 53.00 -84.03
C PHE QA 38 -32.07 54.44 -83.90
N GLN QA 39 -33.05 54.79 -84.71
CA GLN QA 39 -33.59 56.14 -84.71
C GLN QA 39 -34.51 56.36 -83.52
N LYS QA 40 -34.27 57.44 -82.78
CA LYS QA 40 -35.11 57.79 -81.65
C LYS QA 40 -35.66 59.21 -81.74
N ILE QA 41 -35.32 59.95 -82.80
CA ILE QA 41 -35.83 61.29 -83.04
C ILE QA 41 -36.54 61.29 -84.37
N PHE QA 42 -37.81 61.72 -84.36
CA PHE QA 42 -38.64 61.65 -85.55
C PHE QA 42 -39.15 63.03 -85.92
N PRO QA 43 -39.03 63.45 -87.18
CA PRO QA 43 -39.57 64.75 -87.58
C PRO QA 43 -41.09 64.71 -87.71
N MET QA 44 -41.75 65.67 -87.08
CA MET QA 44 -43.20 65.82 -87.17
C MET QA 44 -43.42 67.25 -87.68
N GLY QA 45 -43.35 67.42 -89.00
CA GLY QA 45 -43.39 68.74 -89.59
C GLY QA 45 -42.05 69.46 -89.48
N ASP QA 46 -41.97 70.60 -90.16
CA ASP QA 46 -40.75 71.39 -90.16
C ASP QA 46 -40.60 72.16 -88.86
N ARG QA 47 -39.34 72.30 -88.42
CA ARG QA 47 -38.94 73.05 -87.22
C ARG QA 47 -39.62 72.53 -85.95
N LEU QA 48 -39.91 71.23 -85.91
CA LEU QA 48 -40.60 70.64 -84.77
C LEU QA 48 -40.31 69.14 -84.78
N TYR QA 49 -39.57 68.67 -83.78
CA TYR QA 49 -39.18 67.27 -83.67
C TYR QA 49 -39.78 66.65 -82.42
N ILE QA 50 -39.60 65.34 -82.29
CA ILE QA 50 -40.02 64.61 -81.11
C ILE QA 50 -38.99 63.51 -80.84
N GLY QA 51 -38.73 63.25 -79.57
CA GLY QA 51 -37.80 62.20 -79.16
C GLY QA 51 -38.50 61.21 -78.25
N LEU QA 52 -38.15 59.93 -78.42
CA LEU QA 52 -38.77 58.86 -77.66
C LEU QA 52 -37.70 58.01 -77.00
N ALA QA 53 -38.00 57.52 -75.81
CA ALA QA 53 -37.07 56.70 -75.05
C ALA QA 53 -37.86 55.78 -74.13
N GLY QA 54 -37.36 54.56 -73.96
CA GLY QA 54 -38.03 53.57 -73.14
C GLY QA 54 -37.96 52.19 -73.76
N LEU QA 55 -39.09 51.50 -73.77
CA LEU QA 55 -39.17 50.19 -74.41
C LEU QA 55 -39.18 50.36 -75.92
N ALA QA 56 -38.32 49.61 -76.61
CA ALA QA 56 -38.11 49.81 -78.05
C ALA QA 56 -39.32 49.40 -78.89
N THR QA 57 -40.24 48.60 -78.33
CA THR QA 57 -41.49 48.32 -79.01
C THR QA 57 -42.35 49.57 -79.10
N ASP QA 58 -42.60 50.20 -77.96
CA ASP QA 58 -43.48 51.36 -77.90
C ASP QA 58 -42.87 52.60 -78.53
N VAL QA 59 -41.55 52.64 -78.73
CA VAL QA 59 -40.94 53.73 -79.46
C VAL QA 59 -41.36 53.70 -80.92
N GLN QA 60 -41.25 52.53 -81.56
CA GLN QA 60 -41.67 52.42 -82.96
C GLN QA 60 -43.18 52.38 -83.11
N THR QA 61 -43.93 52.07 -82.05
CA THR QA 61 -45.37 51.96 -82.18
C THR QA 61 -46.04 53.32 -82.08
N VAL QA 62 -45.68 54.10 -81.05
CA VAL QA 62 -46.33 55.39 -80.82
C VAL QA 62 -45.94 56.38 -81.90
N ALA QA 63 -44.71 56.29 -82.41
CA ALA QA 63 -44.26 57.17 -83.48
C ALA QA 63 -44.99 56.92 -84.79
N GLN QA 64 -45.58 55.74 -84.97
CA GLN QA 64 -46.43 55.48 -86.13
C GLN QA 64 -47.88 55.86 -85.87
N ARG QA 65 -48.36 55.68 -84.62
CA ARG QA 65 -49.72 56.09 -84.29
C ARG QA 65 -49.86 57.60 -84.27
N LEU QA 66 -48.82 58.30 -83.83
CA LEU QA 66 -48.86 59.76 -83.82
C LEU QA 66 -48.77 60.31 -85.23
N LYS QA 67 -47.99 59.64 -86.09
CA LYS QA 67 -47.94 60.02 -87.50
C LYS QA 67 -49.26 59.73 -88.20
N PHE QA 68 -50.00 58.72 -87.72
CA PHE QA 68 -51.32 58.42 -88.26
C PHE QA 68 -52.31 59.56 -87.98
N ARG QA 69 -52.21 60.16 -86.79
CA ARG QA 69 -53.15 61.21 -86.42
C ARG QA 69 -52.71 62.58 -86.89
N LEU QA 70 -51.41 62.77 -87.15
CA LEU QA 70 -50.93 64.08 -87.56
C LEU QA 70 -51.33 64.38 -89.00
N ASN QA 71 -51.18 63.40 -89.89
CA ASN QA 71 -51.51 63.62 -91.30
C ASN QA 71 -53.01 63.81 -91.52
N LEU QA 72 -53.84 63.18 -90.70
CA LEU QA 72 -55.27 63.44 -90.77
C LEU QA 72 -55.61 64.81 -90.21
N TYR QA 73 -54.78 65.35 -89.32
CA TYR QA 73 -55.02 66.69 -88.78
C TYR QA 73 -54.60 67.76 -89.78
N GLU QA 74 -53.49 67.56 -90.47
CA GLU QA 74 -52.95 68.56 -91.39
C GLU QA 74 -53.62 68.54 -92.76
N LEU QA 75 -54.64 67.73 -92.95
CA LEU QA 75 -55.43 67.75 -94.17
C LEU QA 75 -56.83 68.29 -93.98
N LYS QA 76 -57.43 68.08 -92.80
CA LYS QA 76 -58.68 68.75 -92.49
C LYS QA 76 -58.48 70.24 -92.28
N GLU QA 77 -57.28 70.63 -91.86
CA GLU QA 77 -56.89 72.03 -91.73
C GLU QA 77 -55.67 72.28 -92.58
N GLY QA 78 -55.68 73.38 -93.33
CA GLY QA 78 -54.56 73.70 -94.19
C GLY QA 78 -53.32 74.14 -93.46
N ARG QA 79 -53.45 74.55 -92.20
CA ARG QA 79 -52.33 75.00 -91.40
C ARG QA 79 -51.50 73.81 -90.92
N GLN QA 80 -50.34 74.13 -90.36
CA GLN QA 80 -49.53 73.14 -89.66
C GLN QA 80 -49.95 73.11 -88.19
N ILE QA 81 -49.30 72.26 -87.41
CA ILE QA 81 -49.67 72.05 -86.02
C ILE QA 81 -48.82 72.95 -85.13
N LYS QA 82 -49.45 73.51 -84.10
CA LYS QA 82 -48.74 74.27 -83.09
C LYS QA 82 -48.09 73.33 -82.07
N PRO QA 83 -46.99 73.76 -81.44
CA PRO QA 83 -46.32 72.87 -80.47
C PRO QA 83 -47.15 72.60 -79.21
N TYR QA 84 -48.03 73.51 -78.82
CA TYR QA 84 -48.96 73.20 -77.74
C TYR QA 84 -49.99 72.17 -78.15
N THR QA 85 -50.36 72.16 -79.42
CA THR QA 85 -51.40 71.26 -79.89
C THR QA 85 -50.91 69.81 -79.94
N LEU QA 86 -49.63 69.61 -80.28
CA LEU QA 86 -49.10 68.26 -80.34
C LEU QA 86 -48.98 67.65 -78.95
N MET QA 87 -48.68 68.48 -77.94
CA MET QA 87 -48.57 68.00 -76.56
C MET QA 87 -49.92 67.50 -76.05
N SER QA 88 -51.00 68.17 -76.45
CA SER QA 88 -52.32 67.69 -76.09
C SER QA 88 -52.69 66.45 -76.88
N MET QA 89 -52.13 66.28 -78.07
CA MET QA 89 -52.43 65.11 -78.89
C MET QA 89 -51.75 63.87 -78.33
N VAL QA 90 -50.50 63.99 -77.91
CA VAL QA 90 -49.76 62.84 -77.38
C VAL QA 90 -50.33 62.42 -76.02
N ALA QA 91 -50.72 63.40 -75.20
CA ALA QA 91 -51.30 63.09 -73.89
C ALA QA 91 -52.65 62.41 -74.01
N ASN QA 92 -53.37 62.64 -75.10
CA ASN QA 92 -54.59 61.89 -75.34
C ASN QA 92 -54.28 60.45 -75.72
N LEU QA 93 -53.21 60.25 -76.48
CA LEU QA 93 -52.91 58.91 -76.99
C LEU QA 93 -52.39 58.00 -75.89
N LEU QA 94 -51.65 58.56 -74.93
CA LEU QA 94 -51.12 57.75 -73.85
C LEU QA 94 -52.18 57.44 -72.79
N TYR QA 95 -53.14 58.33 -72.60
CA TYR QA 95 -54.13 58.15 -71.55
C TYR QA 95 -55.21 57.15 -71.94
N GLU QA 96 -55.41 56.91 -73.24
CA GLU QA 96 -56.35 55.89 -73.68
C GLU QA 96 -55.92 54.50 -73.25
N LYS QA 97 -54.62 54.24 -73.21
CA LYS QA 97 -54.07 53.05 -72.57
C LYS QA 97 -53.70 53.40 -71.13
N ARG QA 98 -54.74 53.64 -70.34
CA ARG QA 98 -54.53 54.01 -68.94
C ARG QA 98 -54.02 52.82 -68.14
N PHE QA 99 -54.58 51.63 -68.38
CA PHE QA 99 -54.18 50.45 -67.65
C PHE QA 99 -53.46 49.43 -68.51
N GLY QA 100 -53.27 49.72 -69.79
CA GLY QA 100 -52.43 48.92 -70.66
C GLY QA 100 -51.27 49.70 -71.26
N PRO QA 101 -50.53 50.47 -70.44
CA PRO QA 101 -49.83 51.64 -70.96
C PRO QA 101 -48.61 51.31 -71.82
N TYR QA 102 -48.31 52.23 -72.73
CA TYR QA 102 -47.07 52.16 -73.48
C TYR QA 102 -45.90 52.54 -72.57
N TYR QA 103 -44.77 51.86 -72.75
CA TYR QA 103 -43.60 52.10 -71.92
C TYR QA 103 -42.62 53.01 -72.67
N THR QA 104 -42.97 54.30 -72.70
CA THR QA 104 -42.10 55.32 -73.27
C THR QA 104 -42.40 56.65 -72.60
N GLU QA 105 -41.46 57.58 -72.74
CA GLU QA 105 -41.61 58.93 -72.21
C GLU QA 105 -41.21 59.92 -73.30
N PRO QA 106 -42.16 60.57 -73.95
CA PRO QA 106 -41.84 61.42 -75.09
C PRO QA 106 -41.26 62.76 -74.67
N VAL QA 107 -40.44 63.31 -75.56
CA VAL QA 107 -39.85 64.64 -75.42
C VAL QA 107 -40.10 65.39 -76.71
N ILE QA 108 -40.76 66.55 -76.61
CA ILE QA 108 -41.15 67.35 -77.77
C ILE QA 108 -40.35 68.63 -77.75
N ALA QA 109 -39.69 68.95 -78.86
CA ALA QA 109 -38.94 70.18 -79.00
C ALA QA 109 -39.21 70.77 -80.39
N GLY QA 110 -39.37 72.08 -80.44
CA GLY QA 110 -39.62 72.73 -81.71
C GLY QA 110 -39.89 74.20 -81.52
N LEU QA 111 -40.03 74.89 -82.66
CA LEU QA 111 -40.29 76.32 -82.69
C LEU QA 111 -41.76 76.58 -83.00
N ASP QA 112 -42.16 77.82 -82.79
CA ASP QA 112 -43.49 78.24 -83.19
C ASP QA 112 -43.55 78.33 -84.73
N PRO QA 113 -44.66 77.92 -85.34
CA PRO QA 113 -44.75 78.03 -86.80
C PRO QA 113 -44.90 79.45 -87.32
N LYS QA 114 -45.39 80.38 -86.50
CA LYS QA 114 -45.53 81.78 -86.91
C LYS QA 114 -44.37 82.62 -86.43
N THR QA 115 -44.15 82.66 -85.12
CA THR QA 115 -43.06 83.42 -84.53
C THR QA 115 -41.82 82.53 -84.44
N PHE QA 116 -40.81 82.97 -83.69
CA PHE QA 116 -39.58 82.22 -83.49
C PHE QA 116 -39.53 81.54 -82.14
N LYS QA 117 -40.66 81.47 -81.44
CA LYS QA 117 -40.66 81.09 -80.03
C LYS QA 117 -40.42 79.60 -79.87
N PRO QA 118 -39.39 79.19 -79.14
CA PRO QA 118 -39.15 77.76 -78.93
C PRO QA 118 -40.13 77.16 -77.93
N PHE QA 119 -40.11 75.83 -77.86
CA PHE QA 119 -41.00 75.11 -76.98
C PHE QA 119 -40.38 73.76 -76.64
N ILE QA 120 -40.34 73.44 -75.35
CA ILE QA 120 -39.90 72.12 -74.89
C ILE QA 120 -40.88 71.62 -73.84
N CYS QA 121 -41.12 70.31 -73.86
CA CYS QA 121 -41.96 69.66 -72.86
C CYS QA 121 -41.60 68.18 -72.83
N SER QA 122 -42.04 67.52 -71.77
CA SER QA 122 -41.89 66.08 -71.63
C SER QA 122 -43.12 65.53 -70.94
N LEU QA 123 -43.38 64.25 -71.16
CA LEU QA 123 -44.56 63.60 -70.62
C LEU QA 123 -44.16 62.34 -69.88
N ASP QA 124 -45.05 61.87 -69.03
CA ASP QA 124 -44.86 60.62 -68.32
C ASP QA 124 -45.36 59.47 -69.17
N LEU QA 125 -45.37 58.26 -68.62
CA LEU QA 125 -45.83 57.10 -69.37
C LEU QA 125 -47.35 57.01 -69.45
N ILE QA 126 -48.07 57.87 -68.73
CA ILE QA 126 -49.52 57.93 -68.81
C ILE QA 126 -50.04 59.29 -69.23
N GLY QA 127 -49.15 60.24 -69.54
CA GLY QA 127 -49.57 61.47 -70.18
C GLY QA 127 -49.71 62.69 -69.29
N CYS QA 128 -48.73 62.93 -68.42
CA CYS QA 128 -48.71 64.16 -67.63
C CYS QA 128 -47.82 65.17 -68.33
N PRO QA 129 -48.36 66.26 -68.87
CA PRO QA 129 -47.52 67.24 -69.54
C PRO QA 129 -46.75 68.08 -68.54
N MET QA 130 -45.57 68.53 -68.96
CA MET QA 130 -44.70 69.29 -68.07
C MET QA 130 -43.81 70.18 -68.95
N VAL QA 131 -44.12 71.46 -69.00
CA VAL QA 131 -43.35 72.41 -69.78
C VAL QA 131 -42.31 73.08 -68.88
N THR QA 132 -41.13 73.34 -69.43
CA THR QA 132 -40.09 74.06 -68.71
C THR QA 132 -39.55 75.20 -69.55
N ASP QA 133 -38.47 75.83 -69.10
CA ASP QA 133 -37.84 76.91 -69.84
C ASP QA 133 -36.37 76.68 -70.12
N ASP QA 134 -35.75 75.66 -69.53
CA ASP QA 134 -34.33 75.41 -69.69
C ASP QA 134 -34.01 74.09 -70.38
N PHE QA 135 -34.52 72.97 -69.88
CA PHE QA 135 -34.20 71.66 -70.42
C PHE QA 135 -35.22 70.64 -69.93
N VAL QA 136 -35.37 69.58 -70.71
CA VAL QA 136 -36.08 68.37 -70.29
C VAL QA 136 -35.23 67.17 -70.68
N VAL QA 137 -35.29 66.13 -69.84
CA VAL QA 137 -34.53 64.91 -70.07
C VAL QA 137 -35.45 63.71 -69.84
N SER QA 138 -35.12 62.60 -70.49
CA SER QA 138 -35.86 61.35 -70.35
C SER QA 138 -34.95 60.20 -70.71
N GLY QA 139 -35.20 59.05 -70.10
CA GLY QA 139 -34.46 57.84 -70.37
C GLY QA 139 -34.05 57.16 -69.08
N THR QA 140 -33.13 56.21 -69.21
CA THR QA 140 -32.68 55.45 -68.05
C THR QA 140 -31.70 56.24 -67.20
N CYS QA 141 -30.74 56.90 -67.84
CA CYS QA 141 -29.72 57.68 -67.14
C CYS QA 141 -30.16 59.12 -66.87
N ALA QA 142 -31.30 59.25 -66.20
CA ALA QA 142 -31.88 60.58 -65.98
C ALA QA 142 -31.11 61.39 -64.96
N GLU QA 143 -30.68 60.74 -63.86
CA GLU QA 143 -30.05 61.47 -62.76
C GLU QA 143 -28.69 62.03 -63.14
N GLN QA 144 -27.98 61.37 -64.07
CA GLN QA 144 -26.73 61.92 -64.56
C GLN QA 144 -26.97 63.13 -65.45
N MET QA 145 -28.11 63.16 -66.13
CA MET QA 145 -28.39 64.28 -67.04
C MET QA 145 -28.85 65.52 -66.27
N TYR QA 146 -29.43 65.35 -65.08
CA TYR QA 146 -29.73 66.53 -64.27
C TYR QA 146 -28.47 67.16 -63.71
N GLY QA 147 -27.44 66.35 -63.43
CA GLY QA 147 -26.22 66.89 -62.85
C GLY QA 147 -25.43 67.74 -63.83
N MET QA 148 -25.55 67.48 -65.13
CA MET QA 148 -24.83 68.25 -66.12
C MET QA 148 -25.58 69.51 -66.53
N CYS QA 149 -26.90 69.45 -66.61
CA CYS QA 149 -27.67 70.58 -67.12
C CYS QA 149 -27.87 71.67 -66.08
N GLU QA 150 -27.88 71.32 -64.79
CA GLU QA 150 -28.05 72.33 -63.76
C GLU QA 150 -26.81 73.20 -63.59
N SER QA 151 -25.65 72.75 -64.07
CA SER QA 151 -24.41 73.49 -63.90
C SER QA 151 -23.94 74.18 -65.16
N LEU QA 152 -24.35 73.72 -66.33
CA LEU QA 152 -23.82 74.24 -67.59
C LEU QA 152 -24.79 75.15 -68.33
N TRP QA 153 -26.07 75.18 -67.96
CA TRP QA 153 -27.04 75.93 -68.73
C TRP QA 153 -26.95 77.42 -68.45
N GLU QA 154 -27.03 78.21 -69.52
CA GLU QA 154 -27.09 79.66 -69.47
C GLU QA 154 -28.38 80.10 -70.14
N PRO QA 155 -28.98 81.23 -69.69
CA PRO QA 155 -30.29 81.63 -70.20
C PRO QA 155 -30.34 81.98 -71.68
N ASN QA 156 -29.51 82.91 -72.13
CA ASN QA 156 -29.57 83.42 -73.50
C ASN QA 156 -28.30 83.00 -74.23
N MET QA 157 -28.42 82.03 -75.13
CA MET QA 157 -27.28 81.39 -75.75
C MET QA 157 -27.44 81.37 -77.27
N ASP QA 158 -26.35 81.69 -77.97
CA ASP QA 158 -26.29 81.57 -79.42
C ASP QA 158 -26.28 80.09 -79.81
N PRO QA 159 -26.55 79.76 -81.09
CA PRO QA 159 -26.45 78.36 -81.51
C PRO QA 159 -25.04 77.77 -81.45
N ASP QA 160 -24.01 78.58 -81.29
CA ASP QA 160 -22.66 78.04 -81.13
C ASP QA 160 -22.49 77.42 -79.75
N HIS QA 161 -22.73 78.19 -78.70
CA HIS QA 161 -22.55 77.70 -77.33
C HIS QA 161 -23.64 76.73 -76.92
N LEU QA 162 -24.82 76.82 -77.52
CA LEU QA 162 -25.88 75.86 -77.20
C LEU QA 162 -25.52 74.48 -77.68
N PHE QA 163 -24.86 74.39 -78.84
CA PHE QA 163 -24.39 73.09 -79.32
C PHE QA 163 -23.29 72.53 -78.43
N GLU QA 164 -22.39 73.39 -77.96
CA GLU QA 164 -21.28 72.93 -77.13
C GLU QA 164 -21.72 72.55 -75.73
N THR QA 165 -22.83 73.10 -75.25
CA THR QA 165 -23.32 72.76 -73.92
C THR QA 165 -24.05 71.42 -73.92
N ILE QA 166 -24.91 71.20 -74.91
CA ILE QA 166 -25.64 69.95 -74.99
C ILE QA 166 -24.72 68.81 -75.45
N SER QA 167 -23.57 69.13 -76.06
CA SER QA 167 -22.62 68.08 -76.40
C SER QA 167 -21.91 67.56 -75.16
N GLN QA 168 -21.40 68.46 -74.32
CA GLN QA 168 -20.73 68.04 -73.09
C GLN QA 168 -21.67 67.46 -72.06
N ALA QA 169 -22.96 67.83 -72.12
CA ALA QA 169 -23.93 67.24 -71.21
C ALA QA 169 -24.25 65.80 -71.58
N MET QA 170 -24.35 65.51 -72.88
CA MET QA 170 -24.67 64.16 -73.31
C MET QA 170 -23.47 63.22 -73.21
N LEU QA 171 -22.26 63.70 -73.51
CA LEU QA 171 -21.12 62.81 -73.51
C LEU QA 171 -20.72 62.39 -72.10
N ASN QA 172 -20.72 63.33 -71.16
CA ASN QA 172 -20.27 63.03 -69.81
C ASN QA 172 -21.28 62.23 -69.00
N ALA QA 173 -22.56 62.29 -69.36
CA ALA QA 173 -23.59 61.58 -68.61
C ALA QA 173 -23.83 60.17 -69.14
N VAL QA 174 -23.80 59.99 -70.45
CA VAL QA 174 -24.07 58.68 -71.03
C VAL QA 174 -22.86 57.75 -70.84
N ASP QA 175 -21.64 58.31 -70.82
CA ASP QA 175 -20.46 57.50 -70.51
C ASP QA 175 -20.46 57.00 -69.08
N ARG QA 176 -21.20 57.65 -68.18
CA ARG QA 176 -21.43 57.11 -66.84
C ARG QA 176 -22.48 56.02 -66.85
N ASP QA 177 -23.38 56.02 -67.83
CA ASP QA 177 -24.36 54.94 -67.94
C ASP QA 177 -23.74 53.74 -68.64
N ALA QA 178 -24.26 52.56 -68.30
CA ALA QA 178 -23.76 51.31 -68.86
C ALA QA 178 -24.56 50.86 -70.08
N VAL QA 179 -25.88 50.99 -70.04
CA VAL QA 179 -26.74 50.44 -71.08
C VAL QA 179 -27.08 51.49 -72.14
N SER QA 180 -26.35 52.60 -72.18
CA SER QA 180 -26.56 53.63 -73.18
C SER QA 180 -25.21 54.08 -73.72
N GLY QA 181 -25.18 54.39 -75.01
CA GLY QA 181 -23.95 54.85 -75.63
C GLY QA 181 -23.88 54.59 -77.11
N MET QA 182 -22.68 54.23 -77.57
CA MET QA 182 -22.40 53.77 -78.94
C MET QA 182 -22.72 54.83 -79.98
N GLY QA 183 -22.60 56.11 -79.61
CA GLY QA 183 -22.85 57.20 -80.54
C GLY QA 183 -23.96 58.13 -80.11
N VAL QA 184 -23.78 59.43 -80.36
CA VAL QA 184 -24.76 60.45 -80.01
C VAL QA 184 -25.01 61.31 -81.24
N ILE QA 185 -26.27 61.46 -81.63
CA ILE QA 185 -26.67 62.34 -82.72
C ILE QA 185 -27.36 63.56 -82.10
N VAL QA 186 -27.08 64.74 -82.67
CA VAL QA 186 -27.57 66.01 -82.15
C VAL QA 186 -28.26 66.76 -83.28
N HIS QA 187 -29.50 67.15 -83.06
CA HIS QA 187 -30.22 68.05 -83.96
C HIS QA 187 -30.29 69.43 -83.33
N ILE QA 188 -29.89 70.45 -84.09
CA ILE QA 188 -30.01 71.84 -83.69
C ILE QA 188 -30.73 72.60 -84.80
N ILE QA 189 -31.91 73.12 -84.49
CA ILE QA 189 -32.76 73.77 -85.48
C ILE QA 189 -32.88 75.24 -85.13
N GLU QA 190 -33.30 76.03 -86.11
CA GLU QA 190 -33.53 77.45 -85.94
C GLU QA 190 -34.52 77.91 -87.01
N LYS QA 191 -34.70 79.23 -87.13
CA LYS QA 191 -35.66 79.77 -88.08
C LYS QA 191 -35.21 79.56 -89.52
N ASP QA 192 -33.91 79.61 -89.78
CA ASP QA 192 -33.41 79.59 -91.14
C ASP QA 192 -33.08 78.19 -91.64
N LYS QA 193 -32.54 77.33 -90.78
CA LYS QA 193 -32.05 76.04 -91.24
C LYS QA 193 -32.11 75.02 -90.12
N ILE QA 194 -31.78 73.78 -90.48
CA ILE QA 194 -31.72 72.65 -89.55
C ILE QA 194 -30.35 72.02 -89.69
N THR QA 195 -29.62 71.89 -88.59
CA THR QA 195 -28.29 71.31 -88.58
C THR QA 195 -28.29 70.03 -87.77
N THR QA 196 -27.80 68.95 -88.37
CA THR QA 196 -27.67 67.65 -87.73
C THR QA 196 -26.21 67.26 -87.66
N ARG QA 197 -25.72 66.98 -86.46
CA ARG QA 197 -24.35 66.55 -86.29
C ARG QA 197 -24.28 65.30 -85.43
N THR QA 198 -23.29 64.46 -85.71
CA THR QA 198 -22.98 63.29 -84.90
C THR QA 198 -21.65 63.50 -84.21
N LEU QA 199 -21.53 62.95 -83.00
CA LEU QA 199 -20.39 63.22 -82.15
C LEU QA 199 -19.47 62.01 -82.07
N LYS QA 200 -18.22 62.27 -81.69
CA LYS QA 200 -17.22 61.23 -81.54
C LYS QA 200 -17.24 60.77 -80.08
N ALA QA 201 -17.87 59.63 -79.82
CA ALA QA 201 -18.06 59.13 -78.47
C ALA QA 201 -17.35 57.80 -78.31
N ARG QA 202 -17.34 57.32 -77.06
CA ARG QA 202 -16.73 56.02 -76.76
C ARG QA 202 -17.62 54.91 -77.26
N MET QA 203 -17.03 53.96 -77.98
CA MET QA 203 -17.77 52.86 -78.60
C MET QA 203 -17.68 51.57 -77.79
N ASP QA 204 -17.48 51.68 -76.48
CA ASP QA 204 -17.40 50.50 -75.63
C ASP QA 204 -18.71 50.25 -74.87
N MET RA 1 -32.37 28.60 -78.65
CA MET RA 1 -31.81 27.26 -78.61
C MET RA 1 -31.26 26.85 -79.98
N GLU RA 2 -32.04 27.09 -81.02
CA GLU RA 2 -31.61 26.85 -82.39
C GLU RA 2 -31.05 28.13 -83.00
N TYR RA 3 -30.35 27.98 -84.12
CA TYR RA 3 -29.39 28.98 -84.58
C TYR RA 3 -29.80 29.57 -85.92
N LEU RA 4 -29.48 30.85 -86.09
CA LEU RA 4 -29.66 31.57 -87.35
C LEU RA 4 -28.42 32.42 -87.60
N ILE RA 5 -28.30 32.89 -88.85
CA ILE RA 5 -27.18 33.74 -89.23
C ILE RA 5 -27.60 34.59 -90.42
N GLY RA 6 -27.06 35.82 -90.49
CA GLY RA 6 -27.54 36.85 -91.39
C GLY RA 6 -26.52 37.62 -92.20
N ILE RA 7 -25.51 36.95 -92.78
CA ILE RA 7 -24.42 37.66 -93.45
C ILE RA 7 -24.93 38.41 -94.68
N GLN RA 8 -24.77 39.74 -94.67
CA GLN RA 8 -25.22 40.63 -95.74
C GLN RA 8 -24.04 41.04 -96.61
N GLY RA 9 -24.24 40.99 -97.93
CA GLY RA 9 -23.21 41.39 -98.87
C GLY RA 9 -23.59 42.64 -99.64
N PRO RA 10 -22.73 43.04 -100.58
CA PRO RA 10 -23.06 44.22 -101.40
C PRO RA 10 -24.20 44.00 -102.37
N ASP RA 11 -24.35 42.79 -102.90
CA ASP RA 11 -25.44 42.49 -103.81
C ASP RA 11 -26.05 41.12 -103.53
N TYR RA 12 -25.88 40.61 -102.32
CA TYR RA 12 -26.36 39.29 -101.98
C TYR RA 12 -26.65 39.24 -100.48
N VAL RA 13 -27.49 38.30 -100.09
CA VAL RA 13 -27.77 38.02 -98.68
C VAL RA 13 -27.51 36.55 -98.43
N LEU RA 14 -26.58 36.25 -97.54
CA LEU RA 14 -26.23 34.88 -97.19
C LEU RA 14 -26.90 34.52 -95.86
N VAL RA 15 -27.79 33.54 -95.89
CA VAL RA 15 -28.48 33.09 -94.70
C VAL RA 15 -28.30 31.59 -94.53
N ALA RA 16 -28.35 31.14 -93.28
CA ALA RA 16 -28.26 29.72 -92.97
C ALA RA 16 -28.89 29.47 -91.61
N SER RA 17 -29.37 28.24 -91.42
CA SER RA 17 -29.98 27.80 -90.18
C SER RA 17 -29.54 26.37 -89.91
N ASP RA 18 -30.08 25.79 -88.84
CA ASP RA 18 -29.83 24.41 -88.49
C ASP RA 18 -31.04 23.54 -88.82
N ARG RA 19 -30.90 22.24 -88.59
CA ARG RA 19 -31.88 21.25 -89.03
C ARG RA 19 -32.24 20.30 -87.89
N VAL RA 20 -32.54 20.85 -86.71
CA VAL RA 20 -32.78 20.05 -85.51
C VAL RA 20 -34.17 20.35 -84.97
N ALA RA 21 -34.91 19.30 -84.64
CA ALA RA 21 -36.29 19.37 -84.14
C ALA RA 21 -36.43 18.56 -82.85
N ALA RA 22 -35.52 18.80 -81.90
CA ALA RA 22 -35.34 17.97 -80.72
C ALA RA 22 -36.53 18.09 -79.76
N SER RA 23 -36.68 17.05 -78.91
CA SER RA 23 -37.71 17.03 -77.86
C SER RA 23 -37.06 16.64 -76.53
N ASN RA 24 -36.46 17.63 -75.88
CA ASN RA 24 -36.11 17.75 -74.45
C ASN RA 24 -34.99 16.83 -73.97
N ILE RA 25 -34.77 15.69 -74.63
CA ILE RA 25 -33.52 14.94 -74.59
C ILE RA 25 -33.19 14.46 -75.99
N VAL RA 26 -34.19 13.85 -76.65
CA VAL RA 26 -34.00 13.16 -77.91
C VAL RA 26 -34.02 14.16 -79.06
N GLN RA 27 -33.58 13.71 -80.23
CA GLN RA 27 -33.57 14.50 -81.45
C GLN RA 27 -34.45 13.78 -82.45
N MET RA 28 -35.71 14.21 -82.56
CA MET RA 28 -36.69 13.46 -83.34
C MET RA 28 -36.46 13.58 -84.83
N LYS RA 29 -35.91 14.71 -85.28
CA LYS RA 29 -35.79 14.96 -86.72
C LYS RA 29 -34.50 15.71 -86.97
N ASP RA 30 -33.72 15.23 -87.94
CA ASP RA 30 -32.41 15.78 -88.24
C ASP RA 30 -32.33 16.35 -89.65
N ASP RA 31 -33.46 16.60 -90.30
CA ASP RA 31 -33.50 17.26 -91.59
C ASP RA 31 -34.63 18.29 -91.61
N HIS RA 32 -34.85 18.96 -90.49
CA HIS RA 32 -35.91 19.94 -90.38
C HIS RA 32 -35.55 21.22 -91.12
N ASP RA 33 -36.56 21.87 -91.67
CA ASP RA 33 -36.36 23.10 -92.44
C ASP RA 33 -37.07 24.24 -91.74
N LYS RA 34 -36.36 25.36 -91.61
CA LYS RA 34 -36.90 26.56 -90.98
C LYS RA 34 -36.95 27.73 -91.96
N MET RA 35 -36.95 27.43 -93.26
CA MET RA 35 -36.83 28.45 -94.30
C MET RA 35 -38.15 28.52 -95.07
N PHE RA 36 -38.73 29.72 -95.11
CA PHE RA 36 -40.06 29.93 -95.68
C PHE RA 36 -39.95 30.92 -96.82
N LYS RA 37 -40.17 30.45 -98.04
CA LYS RA 37 -40.13 31.29 -99.22
C LYS RA 37 -41.39 32.15 -99.26
N MET RA 38 -41.27 33.39 -98.81
CA MET RA 38 -42.42 34.30 -98.82
C MET RA 38 -42.78 34.70 -100.24
N SER RA 39 -41.79 35.03 -101.06
CA SER RA 39 -42.02 35.40 -102.44
C SER RA 39 -40.79 34.98 -103.25
N GLU RA 40 -40.66 35.51 -104.46
CA GLU RA 40 -39.56 35.16 -105.34
C GLU RA 40 -38.27 35.88 -105.00
N LYS RA 41 -38.27 36.80 -104.02
CA LYS RA 41 -37.03 37.41 -103.60
C LYS RA 41 -36.95 37.61 -102.09
N ILE RA 42 -37.85 37.03 -101.30
CA ILE RA 42 -37.91 37.26 -99.87
C ILE RA 42 -38.02 35.91 -99.16
N LEU RA 43 -37.10 35.64 -98.23
CA LEU RA 43 -37.17 34.48 -97.38
C LEU RA 43 -37.67 34.86 -95.99
N LEU RA 44 -37.76 33.86 -95.12
CA LEU RA 44 -38.22 34.06 -93.75
C LEU RA 44 -37.62 32.98 -92.86
N LEU RA 45 -37.01 33.40 -91.76
CA LEU RA 45 -36.48 32.50 -90.75
C LEU RA 45 -37.22 32.71 -89.44
N CYS RA 46 -37.59 31.62 -88.78
CA CYS RA 46 -38.46 31.70 -87.61
C CYS RA 46 -37.94 30.78 -86.51
N VAL RA 47 -37.74 31.35 -85.32
CA VAL RA 47 -37.28 30.63 -84.14
C VAL RA 47 -38.16 31.02 -82.97
N GLY RA 48 -38.74 30.04 -82.29
CA GLY RA 48 -39.58 30.34 -81.15
C GLY RA 48 -40.15 29.14 -80.45
N GLU RA 49 -41.45 29.19 -80.16
CA GLU RA 49 -42.12 28.17 -79.37
C GLU RA 49 -42.45 26.95 -80.24
N ALA RA 50 -43.28 26.06 -79.71
CA ALA RA 50 -43.64 24.85 -80.44
C ALA RA 50 -44.61 25.15 -81.57
N GLY RA 51 -45.77 25.70 -81.23
CA GLY RA 51 -46.79 25.95 -82.22
C GLY RA 51 -46.77 27.34 -82.81
N ASP RA 52 -46.16 28.29 -82.10
CA ASP RA 52 -46.20 29.67 -82.52
C ASP RA 52 -45.33 29.94 -83.75
N THR RA 53 -44.36 29.07 -84.03
CA THR RA 53 -43.54 29.26 -85.23
C THR RA 53 -44.32 28.94 -86.49
N VAL RA 54 -45.04 27.83 -86.50
CA VAL RA 54 -45.72 27.41 -87.72
C VAL RA 54 -46.98 28.23 -87.95
N GLN RA 55 -47.72 28.55 -86.89
CA GLN RA 55 -49.01 29.21 -87.04
C GLN RA 55 -48.85 30.66 -87.49
N PHE RA 56 -47.88 31.39 -86.94
CA PHE RA 56 -47.75 32.79 -87.30
C PHE RA 56 -47.06 32.97 -88.64
N ALA RA 57 -46.00 32.21 -88.91
CA ALA RA 57 -45.21 32.45 -90.11
C ALA RA 57 -45.95 32.02 -91.37
N GLU RA 58 -46.83 31.02 -91.27
CA GLU RA 58 -47.69 30.70 -92.39
C GLU RA 58 -48.83 31.70 -92.55
N TYR RA 59 -49.21 32.39 -91.48
CA TYR RA 59 -50.18 33.47 -91.61
C TYR RA 59 -49.60 34.63 -92.39
N ILE RA 60 -48.29 34.85 -92.26
CA ILE RA 60 -47.62 35.86 -93.08
C ILE RA 60 -47.36 35.31 -94.48
N GLN RA 61 -47.09 34.00 -94.59
CA GLN RA 61 -46.80 33.37 -95.87
C GLN RA 61 -47.99 33.43 -96.81
N LYS RA 62 -49.17 33.12 -96.31
CA LYS RA 62 -50.39 33.17 -97.11
C LYS RA 62 -51.08 34.53 -97.07
N ASN RA 63 -50.34 35.59 -96.77
CA ASN RA 63 -50.88 36.94 -96.85
C ASN RA 63 -50.05 37.83 -97.75
N VAL RA 64 -48.77 37.52 -97.94
CA VAL RA 64 -47.96 38.21 -98.94
C VAL RA 64 -48.28 37.69 -100.35
N GLN RA 65 -48.60 36.40 -100.46
CA GLN RA 65 -49.03 35.84 -101.74
C GLN RA 65 -50.37 36.41 -102.19
N LEU RA 66 -51.19 36.86 -101.25
CA LEU RA 66 -52.44 37.53 -101.61
C LEU RA 66 -52.17 38.88 -102.26
N TYR RA 67 -51.13 39.59 -101.79
CA TYR RA 67 -50.78 40.87 -102.39
C TYR RA 67 -50.24 40.70 -103.80
N LYS RA 68 -49.55 39.59 -104.07
CA LYS RA 68 -49.00 39.34 -105.39
C LYS RA 68 -50.09 39.06 -106.41
N MET RA 69 -51.07 38.24 -106.02
CA MET RA 69 -52.12 37.84 -106.96
C MET RA 69 -53.12 38.96 -107.21
N ARG RA 70 -53.32 39.85 -106.24
CA ARG RA 70 -54.36 40.86 -106.34
C ARG RA 70 -53.89 42.15 -107.02
N ASN RA 71 -52.63 42.54 -106.83
CA ASN RA 71 -52.12 43.78 -107.39
C ASN RA 71 -51.21 43.57 -108.60
N GLY RA 72 -50.87 42.33 -108.93
CA GLY RA 72 -50.07 42.05 -110.10
C GLY RA 72 -48.58 42.18 -109.91
N TYR RA 73 -48.12 42.86 -108.86
CA TYR RA 73 -46.70 42.98 -108.60
C TYR RA 73 -46.37 42.54 -107.18
N GLU RA 74 -45.13 42.72 -106.77
CA GLU RA 74 -44.58 42.08 -105.58
C GLU RA 74 -44.21 43.15 -104.55
N LEU RA 75 -44.33 42.79 -103.27
CA LEU RA 75 -43.90 43.67 -102.20
C LEU RA 75 -42.40 43.90 -102.23
N SER RA 76 -41.99 45.08 -101.78
CA SER RA 76 -40.60 45.32 -101.48
C SER RA 76 -40.24 44.59 -100.19
N PRO RA 77 -38.95 44.25 -100.01
CA PRO RA 77 -38.54 43.64 -98.73
C PRO RA 77 -38.69 44.55 -97.53
N THR RA 78 -38.68 45.87 -97.72
CA THR RA 78 -38.89 46.78 -96.60
C THR RA 78 -40.35 46.78 -96.15
N ALA RA 79 -41.27 46.86 -97.10
CA ALA RA 79 -42.69 46.90 -96.74
C ALA RA 79 -43.18 45.56 -96.23
N ALA RA 80 -42.61 44.46 -96.74
CA ALA RA 80 -42.95 43.14 -96.23
C ALA RA 80 -42.43 42.95 -94.82
N ALA RA 81 -41.26 43.49 -94.51
CA ALA RA 81 -40.70 43.37 -93.17
C ALA RA 81 -41.44 44.24 -92.16
N ASN RA 82 -41.99 45.36 -92.58
CA ASN RA 82 -42.63 46.32 -91.70
C ASN RA 82 -44.11 46.02 -91.54
N PHE RA 83 -44.62 45.02 -92.26
CA PHE RA 83 -45.94 44.44 -92.04
C PHE RA 83 -45.92 43.34 -91.00
N THR RA 84 -44.82 42.58 -90.93
CA THR RA 84 -44.69 41.54 -89.91
C THR RA 84 -44.59 42.14 -88.52
N ARG RA 85 -43.96 43.31 -88.40
CA ARG RA 85 -43.86 43.98 -87.11
C ARG RA 85 -45.22 44.49 -86.65
N ARG RA 86 -46.11 44.79 -87.60
CA ARG RA 86 -47.43 45.29 -87.24
C ARG RA 86 -48.29 44.22 -86.59
N ASN RA 87 -48.10 42.95 -86.98
CA ASN RA 87 -48.96 41.88 -86.48
C ASN RA 87 -48.56 41.38 -85.10
N LEU RA 88 -47.27 41.45 -84.74
CA LEU RA 88 -46.91 41.10 -83.36
C LEU RA 88 -47.38 42.15 -82.38
N ALA RA 89 -47.16 43.42 -82.70
CA ALA RA 89 -47.47 44.50 -81.77
C ALA RA 89 -48.98 44.66 -81.55
N ASP RA 90 -49.78 44.36 -82.56
CA ASP RA 90 -51.23 44.40 -82.38
C ASP RA 90 -51.72 43.21 -81.59
N CYS RA 91 -51.05 42.07 -81.67
CA CYS RA 91 -51.45 40.85 -81.00
C CYS RA 91 -50.48 40.55 -79.85
N LEU RA 92 -50.06 41.59 -79.15
CA LEU RA 92 -49.18 41.46 -78.00
C LEU RA 92 -49.88 41.72 -76.68
N ARG RA 93 -50.74 42.72 -76.61
CA ARG RA 93 -51.51 43.01 -75.40
C ARG RA 93 -52.85 42.27 -75.41
N SER RA 94 -52.81 40.97 -75.64
CA SER RA 94 -54.03 40.18 -75.76
C SER RA 94 -53.80 38.84 -75.05
N ARG RA 95 -54.81 37.98 -75.10
CA ARG RA 95 -54.75 36.70 -74.43
C ARG RA 95 -53.84 35.71 -75.13
N THR RA 96 -53.54 35.93 -76.41
CA THR RA 96 -52.69 35.03 -77.19
C THR RA 96 -51.50 35.82 -77.72
N PRO RA 97 -50.40 35.88 -76.98
CA PRO RA 97 -49.18 36.48 -77.53
C PRO RA 97 -48.33 35.45 -78.24
N TYR RA 98 -47.73 35.87 -79.36
CA TYR RA 98 -46.86 35.01 -80.13
C TYR RA 98 -45.42 35.24 -79.71
N HIS RA 99 -44.71 34.15 -79.41
CA HIS RA 99 -43.34 34.22 -78.91
C HIS RA 99 -42.42 33.57 -79.93
N VAL RA 100 -42.03 34.35 -80.93
CA VAL RA 100 -41.12 33.89 -81.98
C VAL RA 100 -40.07 34.97 -82.22
N ASN RA 101 -38.95 34.55 -82.79
CA ASN RA 101 -37.87 35.45 -83.17
C ASN RA 101 -37.60 35.27 -84.65
N LEU RA 102 -37.49 36.37 -85.38
CA LEU RA 102 -37.44 36.35 -86.82
C LEU RA 102 -36.23 37.12 -87.32
N LEU RA 103 -35.86 36.83 -88.57
CA LEU RA 103 -35.00 37.74 -89.33
C LEU RA 103 -35.36 37.60 -90.79
N LEU RA 104 -35.44 38.72 -91.48
CA LEU RA 104 -35.93 38.75 -92.85
C LEU RA 104 -34.82 39.08 -93.83
N ALA RA 105 -34.87 38.42 -94.99
CA ALA RA 105 -33.85 38.52 -96.01
C ALA RA 105 -34.53 38.77 -97.34
N GLY RA 106 -34.22 39.89 -97.99
CA GLY RA 106 -34.87 40.22 -99.24
C GLY RA 106 -33.95 41.02 -100.14
N TYR RA 107 -34.24 40.93 -101.43
CA TYR RA 107 -33.55 41.71 -102.44
C TYR RA 107 -34.56 42.61 -103.14
N ASP RA 108 -34.15 43.84 -103.43
CA ASP RA 108 -34.99 44.79 -104.13
C ASP RA 108 -34.32 45.20 -105.43
N GLU RA 109 -35.16 45.44 -106.45
CA GLU RA 109 -34.63 45.90 -107.74
C GLU RA 109 -34.17 47.34 -107.68
N HIS RA 110 -34.71 48.14 -106.75
CA HIS RA 110 -34.33 49.55 -106.63
C HIS RA 110 -33.44 49.84 -105.44
N GLU RA 111 -33.51 49.00 -104.39
CA GLU RA 111 -32.75 49.23 -103.17
C GLU RA 111 -31.66 48.22 -102.93
N GLY RA 112 -31.56 47.18 -103.77
CA GLY RA 112 -30.57 46.15 -103.57
C GLY RA 112 -30.97 45.18 -102.49
N PRO RA 113 -30.00 44.49 -101.91
CA PRO RA 113 -30.30 43.52 -100.86
C PRO RA 113 -30.53 44.19 -99.52
N ALA RA 114 -31.26 43.50 -98.65
CA ALA RA 114 -31.62 44.05 -97.35
C ALA RA 114 -31.76 42.94 -96.33
N LEU RA 115 -31.51 43.28 -95.07
CA LEU RA 115 -31.64 42.38 -93.94
C LEU RA 115 -32.36 43.09 -92.82
N TYR RA 116 -33.27 42.40 -92.15
CA TYR RA 116 -33.99 42.99 -91.02
C TYR RA 116 -33.96 42.03 -89.84
N TYR RA 117 -33.88 42.60 -88.64
CA TYR RA 117 -33.86 41.86 -87.39
C TYR RA 117 -35.21 42.02 -86.69
N MET RA 118 -35.59 41.00 -85.92
CA MET RA 118 -36.87 41.00 -85.24
C MET RA 118 -36.74 40.34 -83.88
N ASP RA 119 -37.21 41.02 -82.85
CA ASP RA 119 -37.27 40.49 -81.50
C ASP RA 119 -38.62 39.82 -81.30
N TYR RA 120 -38.79 39.14 -80.16
CA TYR RA 120 -40.13 38.66 -79.80
C TYR RA 120 -41.00 39.75 -79.19
N LEU RA 121 -40.47 40.96 -79.04
CA LEU RA 121 -41.25 42.11 -78.64
C LEU RA 121 -41.47 43.09 -79.79
N ALA RA 122 -41.28 42.64 -81.04
CA ALA RA 122 -41.56 43.38 -82.27
C ALA RA 122 -40.75 44.69 -82.35
N ALA RA 123 -39.44 44.52 -82.43
CA ALA RA 123 -38.51 45.63 -82.62
C ALA RA 123 -37.76 45.42 -83.93
N LEU RA 124 -37.94 46.34 -84.86
CA LEU RA 124 -37.24 46.26 -86.14
C LEU RA 124 -35.81 46.79 -86.02
N ALA RA 125 -34.96 46.30 -86.91
CA ALA RA 125 -33.59 46.78 -87.04
C ALA RA 125 -33.11 46.55 -88.46
N LYS RA 126 -32.06 47.26 -88.82
CA LYS RA 126 -31.43 47.13 -90.13
C LYS RA 126 -29.96 46.81 -89.87
N ALA RA 127 -29.60 45.54 -90.02
CA ALA RA 127 -28.29 45.11 -89.56
C ALA RA 127 -27.43 44.61 -90.72
N PRO RA 128 -26.11 44.83 -90.64
CA PRO RA 128 -25.21 44.19 -91.61
C PRO RA 128 -24.99 42.71 -91.37
N PHE RA 129 -25.37 42.20 -90.20
CA PHE RA 129 -25.37 40.78 -89.85
C PHE RA 129 -26.14 40.60 -88.55
N ALA RA 130 -26.73 39.43 -88.38
CA ALA RA 130 -27.52 39.14 -87.19
C ALA RA 130 -27.52 37.64 -86.96
N ALA RA 131 -27.99 37.26 -85.76
CA ALA RA 131 -28.07 35.87 -85.36
C ALA RA 131 -29.08 35.74 -84.24
N HIS RA 132 -29.43 34.49 -83.93
CA HIS RA 132 -30.36 34.18 -82.84
C HIS RA 132 -29.89 32.95 -82.09
N GLY RA 133 -30.60 32.63 -81.01
CA GLY RA 133 -30.32 31.45 -80.23
C GLY RA 133 -29.16 31.65 -79.27
N TYR RA 134 -28.86 30.56 -78.55
CA TYR RA 134 -27.73 30.60 -77.62
C TYR RA 134 -26.40 30.63 -78.35
N GLY RA 135 -26.35 30.08 -79.55
CA GLY RA 135 -25.15 30.13 -80.37
C GLY RA 135 -24.86 31.49 -80.97
N ALA RA 136 -25.77 32.45 -80.81
CA ALA RA 136 -25.52 33.81 -81.30
C ALA RA 136 -24.42 34.50 -80.52
N PHE RA 137 -24.20 34.09 -79.27
CA PHE RA 137 -23.18 34.71 -78.43
C PHE RA 137 -21.78 34.33 -78.90
N LEU RA 138 -21.55 33.04 -79.16
CA LEU RA 138 -20.21 32.55 -79.40
C LEU RA 138 -19.71 32.87 -80.81
N THR RA 139 -20.60 33.24 -81.71
CA THR RA 139 -20.25 33.29 -83.14
C THR RA 139 -20.22 34.68 -83.73
N LEU RA 140 -20.91 35.66 -83.15
CA LEU RA 140 -21.04 36.93 -83.84
C LEU RA 140 -19.79 37.79 -83.72
N SER RA 141 -18.98 37.59 -82.66
CA SER RA 141 -17.75 38.35 -82.54
C SER RA 141 -16.70 37.87 -83.52
N ILE RA 142 -16.77 36.59 -83.93
CA ILE RA 142 -15.99 36.12 -85.06
C ILE RA 142 -16.41 36.85 -86.32
N LEU RA 143 -17.73 36.96 -86.52
CA LEU RA 143 -18.27 37.66 -87.67
C LEU RA 143 -18.07 39.17 -87.54
N ASP RA 144 -17.94 39.69 -86.32
CA ASP RA 144 -17.58 41.08 -86.12
C ASP RA 144 -16.11 41.33 -86.39
N ARG RA 145 -15.27 40.30 -86.34
CA ARG RA 145 -13.84 40.46 -86.52
C ARG RA 145 -13.47 40.60 -87.99
N TYR RA 146 -14.03 39.74 -88.85
CA TYR RA 146 -13.57 39.62 -90.22
C TYR RA 146 -14.53 40.21 -91.24
N TYR RA 147 -15.53 40.97 -90.82
CA TYR RA 147 -16.51 41.50 -91.76
C TYR RA 147 -15.94 42.68 -92.53
N THR RA 148 -16.28 42.75 -93.81
CA THR RA 148 -15.95 43.85 -94.69
C THR RA 148 -17.22 44.19 -95.45
N PRO RA 149 -17.58 45.48 -95.55
CA PRO RA 149 -18.78 45.84 -96.31
C PRO RA 149 -18.68 45.56 -97.79
N THR RA 150 -17.48 45.48 -98.34
CA THR RA 150 -17.26 45.07 -99.73
C THR RA 150 -16.55 43.72 -99.69
N ILE RA 151 -17.35 42.66 -99.61
CA ILE RA 151 -16.84 41.29 -99.53
C ILE RA 151 -17.49 40.47 -100.63
N SER RA 152 -16.73 39.53 -101.19
CA SER RA 152 -17.26 38.70 -102.26
C SER RA 152 -18.13 37.59 -101.70
N ARG RA 153 -18.93 36.98 -102.58
CA ARG RA 153 -19.81 35.89 -102.15
C ARG RA 153 -19.06 34.60 -101.88
N GLU RA 154 -17.83 34.47 -102.36
CA GLU RA 154 -17.03 33.29 -102.09
C GLU RA 154 -16.33 33.37 -100.74
N ARG RA 155 -15.85 34.56 -100.36
CA ARG RA 155 -15.28 34.75 -99.04
C ARG RA 155 -16.34 34.72 -97.94
N ALA RA 156 -17.59 35.04 -98.27
CA ALA RA 156 -18.65 34.99 -97.29
C ALA RA 156 -18.98 33.56 -96.88
N VAL RA 157 -18.88 32.63 -97.82
CA VAL RA 157 -19.08 31.21 -97.49
C VAL RA 157 -17.93 30.70 -96.64
N GLU RA 158 -16.70 31.14 -96.95
CA GLU RA 158 -15.55 30.80 -96.13
C GLU RA 158 -15.63 31.44 -94.75
N LEU RA 159 -16.16 32.67 -94.68
CA LEU RA 159 -16.40 33.29 -93.39
C LEU RA 159 -17.53 32.60 -92.64
N LEU RA 160 -18.51 32.07 -93.37
CA LEU RA 160 -19.57 31.30 -92.73
C LEU RA 160 -19.03 29.99 -92.18
N ARG RA 161 -18.07 29.38 -92.88
CA ARG RA 161 -17.49 28.13 -92.40
C ARG RA 161 -16.60 28.37 -91.18
N LYS RA 162 -15.94 29.53 -91.10
CA LYS RA 162 -15.22 29.88 -89.87
C LYS RA 162 -16.19 30.13 -88.73
N CYS RA 163 -17.38 30.66 -89.04
CA CYS RA 163 -18.36 31.01 -88.02
C CYS RA 163 -18.99 29.79 -87.37
N LEU RA 164 -19.00 28.65 -88.07
CA LEU RA 164 -19.69 27.45 -87.60
C LEU RA 164 -18.77 26.42 -86.97
N GLU RA 165 -17.45 26.52 -87.19
CA GLU RA 165 -16.55 25.55 -86.60
C GLU RA 165 -16.35 25.79 -85.10
N GLU RA 166 -16.40 27.05 -84.67
CA GLU RA 166 -16.31 27.32 -83.24
C GLU RA 166 -17.61 26.96 -82.53
N LEU RA 167 -18.73 27.01 -83.25
CA LEU RA 167 -19.98 26.48 -82.70
C LEU RA 167 -19.95 24.97 -82.61
N GLN RA 168 -19.12 24.30 -83.42
CA GLN RA 168 -18.89 22.88 -83.27
C GLN RA 168 -17.97 22.57 -82.10
N LYS RA 169 -17.16 23.54 -81.67
CA LYS RA 169 -16.11 23.30 -80.69
C LYS RA 169 -16.55 23.55 -79.25
N ARG RA 170 -17.07 24.74 -78.94
CA ARG RA 170 -17.33 25.13 -77.57
C ARG RA 170 -18.82 25.33 -77.29
N PHE RA 171 -19.69 24.62 -77.99
CA PHE RA 171 -21.12 24.75 -77.73
C PHE RA 171 -21.65 23.37 -77.39
N ILE RA 172 -22.48 23.29 -76.34
CA ILE RA 172 -22.82 22.01 -75.76
C ILE RA 172 -23.78 21.22 -76.63
N LEU RA 173 -24.59 21.88 -77.44
CA LEU RA 173 -25.54 21.13 -78.24
C LEU RA 173 -24.85 20.56 -79.48
N ASN RA 174 -25.54 19.62 -80.13
CA ASN RA 174 -24.89 18.81 -81.16
C ASN RA 174 -24.77 19.58 -82.48
N LEU RA 175 -25.91 19.90 -83.09
CA LEU RA 175 -26.08 20.68 -84.32
C LEU RA 175 -25.19 20.24 -85.47
N PRO RA 176 -25.44 19.08 -86.10
CA PRO RA 176 -24.48 18.57 -87.09
C PRO RA 176 -24.60 19.19 -88.48
N THR RA 177 -25.81 19.52 -88.94
CA THR RA 177 -26.03 19.92 -90.32
C THR RA 177 -26.60 21.34 -90.38
N PHE RA 178 -26.31 22.03 -91.48
CA PHE RA 178 -26.69 23.43 -91.64
C PHE RA 178 -27.00 23.71 -93.10
N SER RA 179 -28.28 23.96 -93.39
CA SER RA 179 -28.69 24.32 -94.74
C SER RA 179 -28.44 25.80 -95.01
N VAL RA 180 -28.06 26.11 -96.26
CA VAL RA 180 -27.59 27.43 -96.66
C VAL RA 180 -28.34 27.87 -97.91
N ARG RA 181 -28.86 29.10 -97.89
CA ARG RA 181 -29.41 29.74 -99.09
C ARG RA 181 -28.55 30.91 -99.51
N ILE RA 182 -28.91 31.49 -100.65
CA ILE RA 182 -28.32 32.74 -101.13
C ILE RA 182 -29.36 33.43 -102.02
N ILE RA 183 -29.42 34.76 -101.91
CA ILE RA 183 -30.40 35.58 -102.64
C ILE RA 183 -29.64 36.62 -103.43
N ASP RA 184 -29.93 36.74 -104.72
CA ASP RA 184 -29.26 37.72 -105.57
C ASP RA 184 -30.32 38.33 -106.49
N LYS RA 185 -29.86 38.99 -107.55
CA LYS RA 185 -30.76 39.59 -108.54
C LYS RA 185 -31.53 38.55 -109.33
N ASN RA 186 -31.05 37.30 -109.37
CA ASN RA 186 -31.74 36.26 -110.11
C ASN RA 186 -32.82 35.58 -109.27
N GLY RA 187 -32.66 35.54 -107.95
CA GLY RA 187 -33.66 34.96 -107.09
C GLY RA 187 -33.01 34.26 -105.91
N ILE RA 188 -33.69 33.23 -105.41
CA ILE RA 188 -33.17 32.40 -104.34
C ILE RA 188 -32.49 31.19 -104.96
N HIS RA 189 -31.19 31.06 -104.74
CA HIS RA 189 -30.43 29.90 -105.17
C HIS RA 189 -30.11 29.07 -103.94
N ASP RA 190 -30.20 27.75 -104.08
CA ASP RA 190 -29.93 26.85 -102.99
C ASP RA 190 -28.49 26.36 -103.08
N LEU RA 191 -27.67 26.74 -102.11
CA LEU RA 191 -26.32 26.23 -102.04
C LEU RA 191 -26.33 24.83 -101.42
N ASP RA 192 -25.15 24.21 -101.42
CA ASP RA 192 -25.01 22.86 -100.89
C ASP RA 192 -25.13 22.85 -99.36
N ASN RA 193 -25.52 21.70 -98.84
CA ASN RA 193 -25.69 21.53 -97.41
C ASN RA 193 -24.33 21.45 -96.73
N ILE RA 194 -24.28 21.91 -95.49
CA ILE RA 194 -23.05 21.97 -94.72
C ILE RA 194 -23.15 20.96 -93.58
N SER RA 195 -22.21 20.01 -93.54
CA SER RA 195 -22.14 19.02 -92.48
C SER RA 195 -20.72 19.01 -91.92
N PHE RA 196 -20.53 18.32 -90.81
CA PHE RA 196 -19.26 18.35 -90.09
C PHE RA 196 -18.77 16.96 -89.72
N PRO RA 197 -17.71 16.45 -90.34
CA PRO RA 197 -16.94 15.37 -89.73
C PRO RA 197 -16.16 15.88 -88.53
N LYS RA 198 -16.57 15.46 -87.33
CA LYS RA 198 -16.06 16.09 -86.10
C LYS RA 198 -14.62 15.67 -85.81
N GLN RA 199 -14.39 14.38 -85.65
CA GLN RA 199 -13.06 13.87 -85.37
C GLN RA 199 -12.56 12.99 -86.49
N THR SA 59 -46.59 3.41 -71.01
CA THR SA 59 -47.02 3.85 -72.33
C THR SA 59 -45.84 3.89 -73.29
N THR SA 60 -45.91 3.09 -74.35
CA THR SA 60 -44.85 3.06 -75.35
C THR SA 60 -45.44 2.73 -76.71
N THR SA 61 -45.30 3.65 -77.65
CA THR SA 61 -45.70 3.44 -79.04
C THR SA 61 -44.51 3.70 -79.93
N LEU SA 62 -44.54 3.12 -81.13
CA LEU SA 62 -43.53 3.44 -82.14
C LEU SA 62 -44.15 3.25 -83.52
N ALA SA 63 -43.51 3.87 -84.51
CA ALA SA 63 -43.94 3.76 -85.89
C ALA SA 63 -42.74 4.02 -86.79
N PHE SA 64 -42.62 3.24 -87.84
CA PHE SA 64 -41.58 3.45 -88.83
C PHE SA 64 -42.06 2.98 -90.19
N LYS SA 65 -41.66 3.71 -91.22
CA LYS SA 65 -42.00 3.37 -92.60
C LYS SA 65 -40.77 2.85 -93.33
N PHE SA 66 -41.01 2.02 -94.32
CA PHE SA 66 -39.95 1.40 -95.10
C PHE SA 66 -40.48 1.16 -96.50
N ARG SA 67 -39.84 0.26 -97.25
CA ARG SA 67 -40.23 -0.02 -98.62
C ARG SA 67 -41.65 -0.55 -98.72
N HIS SA 68 -42.00 -1.53 -97.89
CA HIS SA 68 -43.34 -2.10 -97.91
C HIS SA 68 -44.21 -1.53 -96.78
N GLY SA 69 -44.46 -0.23 -96.85
CA GLY SA 69 -45.42 0.39 -95.96
C GLY SA 69 -44.94 0.77 -94.58
N VAL SA 70 -45.88 0.86 -93.63
CA VAL SA 70 -45.64 1.41 -92.31
C VAL SA 70 -45.98 0.34 -91.28
N ILE SA 71 -45.16 0.24 -90.23
CA ILE SA 71 -45.38 -0.67 -89.11
C ILE SA 71 -45.77 0.15 -87.89
N VAL SA 72 -46.86 -0.25 -87.23
CA VAL SA 72 -47.35 0.41 -86.02
C VAL SA 72 -47.40 -0.63 -84.90
N ALA SA 73 -46.85 -0.26 -83.74
CA ALA SA 73 -46.84 -1.16 -82.59
C ALA SA 73 -46.96 -0.34 -81.30
N ALA SA 74 -47.57 -0.96 -80.30
CA ALA SA 74 -47.83 -0.30 -79.02
C ALA SA 74 -48.03 -1.35 -77.93
N ASP SA 75 -48.02 -0.88 -76.69
CA ASP SA 75 -48.32 -1.72 -75.54
C ASP SA 75 -49.81 -1.62 -75.20
N SER SA 76 -50.20 -2.12 -74.02
CA SER SA 76 -51.60 -2.10 -73.66
C SER SA 76 -51.84 -1.77 -72.20
N ARG SA 77 -50.87 -1.19 -71.51
CA ARG SA 77 -50.99 -0.91 -70.08
C ARG SA 77 -51.33 0.55 -69.83
N ALA SA 78 -52.39 0.79 -69.08
CA ALA SA 78 -52.77 2.12 -68.63
C ALA SA 78 -52.88 2.12 -67.12
N THR SA 79 -52.21 3.08 -66.48
CA THR SA 79 -52.11 3.13 -65.04
C THR SA 79 -52.87 4.34 -64.49
N ALA SA 80 -52.85 4.46 -63.16
CA ALA SA 80 -53.45 5.61 -62.48
C ALA SA 80 -52.59 5.85 -61.22
N GLY SA 81 -51.62 6.74 -61.35
CA GLY SA 81 -50.64 6.94 -60.31
C GLY SA 81 -49.68 5.76 -60.24
N ALA SA 82 -49.72 5.02 -59.14
CA ALA SA 82 -48.97 3.78 -59.00
C ALA SA 82 -49.87 2.56 -59.12
N TYR SA 83 -51.10 2.75 -59.56
CA TYR SA 83 -52.11 1.70 -59.65
C TYR SA 83 -52.40 1.40 -61.11
N ILE SA 84 -52.25 0.15 -61.50
CA ILE SA 84 -52.56 -0.26 -62.87
C ILE SA 84 -54.07 -0.39 -63.01
N ALA SA 85 -54.65 0.39 -63.92
CA ALA SA 85 -56.08 0.29 -64.18
C ALA SA 85 -56.42 -0.96 -64.97
N SER SA 86 -55.84 -1.11 -66.17
CA SER SA 86 -56.14 -2.22 -67.04
C SER SA 86 -54.88 -2.72 -67.72
N GLN SA 87 -55.01 -3.84 -68.42
CA GLN SA 87 -53.93 -4.43 -69.19
C GLN SA 87 -54.32 -4.68 -70.64
N THR SA 88 -55.54 -4.31 -71.05
CA THR SA 88 -56.07 -4.58 -72.38
C THR SA 88 -56.51 -3.30 -73.07
N VAL SA 89 -55.74 -2.23 -72.92
CA VAL SA 89 -56.09 -0.95 -73.52
C VAL SA 89 -55.59 -0.94 -74.96
N LYS SA 90 -56.50 -0.68 -75.89
CA LYS SA 90 -56.16 -0.60 -77.32
C LYS SA 90 -55.69 0.82 -77.60
N LYS SA 91 -54.37 1.00 -77.70
CA LYS SA 91 -53.77 2.32 -77.84
C LYS SA 91 -53.59 2.75 -79.29
N VAL SA 92 -54.01 1.94 -80.25
CA VAL SA 92 -53.94 2.32 -81.66
C VAL SA 92 -55.36 2.46 -82.16
N ILE SA 93 -55.79 3.70 -82.37
CA ILE SA 93 -57.18 4.00 -82.68
C ILE SA 93 -57.37 3.88 -84.19
N GLU SA 94 -58.33 3.05 -84.59
CA GLU SA 94 -58.62 2.79 -85.99
C GLU SA 94 -59.50 3.91 -86.52
N ILE SA 95 -58.88 4.87 -87.20
CA ILE SA 95 -59.62 6.04 -87.69
C ILE SA 95 -60.47 5.65 -88.90
N ASN SA 96 -59.83 5.11 -89.92
CA ASN SA 96 -60.50 4.78 -91.17
C ASN SA 96 -60.01 3.41 -91.61
N PRO SA 97 -60.56 2.83 -92.69
CA PRO SA 97 -59.88 1.69 -93.32
C PRO SA 97 -58.57 2.04 -94.02
N TYR SA 98 -58.19 3.33 -94.08
CA TYR SA 98 -56.94 3.72 -94.70
C TYR SA 98 -56.11 4.66 -93.82
N LEU SA 99 -56.52 4.90 -92.58
CA LEU SA 99 -55.76 5.74 -91.65
C LEU SA 99 -55.73 5.10 -90.28
N LEU SA 100 -54.65 5.38 -89.54
CA LEU SA 100 -54.48 4.88 -88.19
C LEU SA 100 -53.95 5.99 -87.30
N GLY SA 101 -54.35 5.96 -86.04
CA GLY SA 101 -53.88 6.92 -85.06
C GLY SA 101 -53.53 6.23 -83.76
N THR SA 102 -52.64 6.87 -83.01
CA THR SA 102 -52.11 6.29 -81.78
C THR SA 102 -52.65 7.05 -80.56
N MET SA 103 -52.34 6.52 -79.38
CA MET SA 103 -52.76 7.11 -78.11
C MET SA 103 -51.52 7.18 -77.22
N ALA SA 104 -51.09 8.41 -76.89
CA ALA SA 104 -49.87 8.58 -76.10
C ALA SA 104 -50.03 9.86 -75.29
N GLY SA 105 -50.38 9.72 -74.02
CA GLY SA 105 -50.52 10.86 -73.14
C GLY SA 105 -51.95 11.33 -73.09
N GLY SA 106 -52.65 11.03 -72.00
CA GLY SA 106 -54.05 11.40 -71.89
C GLY SA 106 -54.94 10.38 -72.56
N ALA SA 107 -55.92 9.85 -71.84
CA ALA SA 107 -56.78 8.82 -72.41
C ALA SA 107 -57.89 9.43 -73.25
N ALA SA 108 -58.72 10.29 -72.64
CA ALA SA 108 -59.85 10.86 -73.35
C ALA SA 108 -59.45 11.94 -74.32
N ASP SA 109 -58.27 12.55 -74.13
CA ASP SA 109 -57.83 13.59 -75.04
C ASP SA 109 -57.46 13.02 -76.41
N CYS SA 110 -56.76 11.88 -76.42
CA CYS SA 110 -56.47 11.24 -77.69
C CYS SA 110 -57.68 10.50 -78.25
N SER SA 111 -58.66 10.18 -77.39
CA SER SA 111 -59.83 9.44 -77.84
C SER SA 111 -60.85 10.36 -78.50
N PHE SA 112 -61.02 11.57 -77.95
CA PHE SA 112 -62.04 12.47 -78.45
C PHE SA 112 -61.63 13.08 -79.79
N TRP SA 113 -60.44 13.69 -79.84
CA TRP SA 113 -60.07 14.52 -80.97
C TRP SA 113 -59.76 13.71 -82.22
N GLU SA 114 -59.34 12.46 -82.07
CA GLU SA 114 -59.20 11.61 -83.24
C GLU SA 114 -60.54 11.11 -83.74
N ARG SA 115 -61.50 10.91 -82.83
CA ARG SA 115 -62.85 10.60 -83.26
C ARG SA 115 -63.49 11.80 -83.95
N LEU SA 116 -63.16 13.01 -83.51
CA LEU SA 116 -63.63 14.20 -84.20
C LEU SA 116 -62.93 14.36 -85.54
N LEU SA 117 -61.69 13.89 -85.66
CA LEU SA 117 -61.01 13.91 -86.94
C LEU SA 117 -61.61 12.89 -87.90
N ALA SA 118 -62.01 11.72 -87.39
CA ALA SA 118 -62.69 10.74 -88.21
C ALA SA 118 -64.08 11.21 -88.62
N ARG SA 119 -64.70 12.06 -87.80
CA ARG SA 119 -65.95 12.70 -88.20
C ARG SA 119 -65.72 13.68 -89.35
N GLN SA 120 -64.54 14.29 -89.41
CA GLN SA 120 -64.27 15.30 -90.42
C GLN SA 120 -63.81 14.70 -91.74
N CYS SA 121 -63.06 13.60 -91.70
CA CYS SA 121 -62.53 13.02 -92.93
C CYS SA 121 -63.59 12.33 -93.75
N ARG SA 122 -64.68 11.88 -93.11
CA ARG SA 122 -65.75 11.25 -93.86
C ARG SA 122 -66.55 12.27 -94.66
N ILE SA 123 -66.76 13.47 -94.10
CA ILE SA 123 -67.48 14.52 -94.80
C ILE SA 123 -66.66 15.02 -95.99
N TYR SA 124 -65.34 15.07 -95.82
CA TYR SA 124 -64.44 15.44 -96.92
C TYR SA 124 -64.50 14.44 -98.06
N GLU SA 125 -64.72 13.16 -97.74
CA GLU SA 125 -64.84 12.15 -98.78
C GLU SA 125 -66.16 12.27 -99.52
N LEU SA 126 -67.23 12.65 -98.82
CA LEU SA 126 -68.54 12.75 -99.48
C LEU SA 126 -68.63 14.00 -100.34
N ARG SA 127 -68.02 15.09 -99.91
CA ARG SA 127 -68.14 16.34 -100.65
C ARG SA 127 -67.24 16.37 -101.88
N ASN SA 128 -66.20 15.56 -101.93
CA ASN SA 128 -65.21 15.65 -102.98
C ASN SA 128 -64.98 14.33 -103.72
N LYS SA 129 -65.65 13.25 -103.31
CA LYS SA 129 -65.61 11.94 -103.98
C LYS SA 129 -64.19 11.37 -104.04
N GLU SA 130 -63.42 11.61 -102.99
CA GLU SA 130 -62.01 11.23 -102.96
C GLU SA 130 -61.56 11.16 -101.52
N ARG SA 131 -60.67 10.21 -101.23
CA ARG SA 131 -60.10 10.11 -99.89
C ARG SA 131 -59.23 11.31 -99.57
N ILE SA 132 -59.05 11.55 -98.29
CA ILE SA 132 -58.23 12.65 -97.81
C ILE SA 132 -56.77 12.19 -97.84
N SER SA 133 -55.86 13.16 -97.95
CA SER SA 133 -54.44 12.82 -97.93
C SER SA 133 -53.94 12.78 -96.49
N VAL SA 134 -52.74 12.22 -96.33
CA VAL SA 134 -52.18 12.04 -94.99
C VAL SA 134 -51.73 13.38 -94.41
N ALA SA 135 -51.14 14.23 -95.25
CA ALA SA 135 -50.73 15.55 -94.79
C ALA SA 135 -51.91 16.46 -94.49
N ALA SA 136 -53.07 16.20 -95.09
CA ALA SA 136 -54.24 17.01 -94.82
C ALA SA 136 -54.81 16.70 -93.44
N ALA SA 137 -54.89 15.42 -93.08
CA ALA SA 137 -55.51 15.03 -91.82
C ALA SA 137 -54.65 15.39 -90.63
N SER SA 138 -53.32 15.34 -90.79
CA SER SA 138 -52.44 15.76 -89.71
C SER SA 138 -52.48 17.26 -89.50
N LYS SA 139 -52.77 18.02 -90.56
CA LYS SA 139 -52.85 19.46 -90.42
C LYS SA 139 -54.15 19.89 -89.76
N LEU SA 140 -55.27 19.21 -90.08
CA LEU SA 140 -56.55 19.53 -89.46
C LEU SA 140 -56.54 19.21 -87.97
N LEU SA 141 -55.81 18.16 -87.58
CA LEU SA 141 -55.70 17.84 -86.17
C LEU SA 141 -54.85 18.85 -85.42
N ALA SA 142 -53.85 19.43 -86.10
CA ALA SA 142 -52.97 20.39 -85.44
C ALA SA 142 -53.67 21.71 -85.16
N ASN SA 143 -54.61 22.11 -86.02
CA ASN SA 143 -55.28 23.39 -85.82
C ASN SA 143 -56.36 23.30 -84.74
N MET SA 144 -56.96 22.13 -84.54
CA MET SA 144 -58.00 22.00 -83.53
C MET SA 144 -57.40 22.02 -82.13
N VAL SA 145 -56.22 21.44 -81.96
CA VAL SA 145 -55.61 21.38 -80.64
C VAL SA 145 -54.96 22.71 -80.29
N TYR SA 146 -54.46 23.45 -81.30
CA TYR SA 146 -53.77 24.72 -81.06
C TYR SA 146 -54.67 25.79 -80.49
N GLN SA 147 -55.98 25.71 -80.70
CA GLN SA 147 -56.89 26.69 -80.13
C GLN SA 147 -57.06 26.52 -78.63
N TYR SA 148 -56.69 25.37 -78.07
CA TYR SA 148 -56.73 25.12 -76.64
C TYR SA 148 -55.33 25.08 -76.05
N LYS SA 149 -54.42 25.87 -76.62
CA LYS SA 149 -53.03 25.86 -76.17
C LYS SA 149 -52.92 26.55 -74.81
N GLY SA 150 -52.26 25.89 -73.87
CA GLY SA 150 -52.07 26.41 -72.54
C GLY SA 150 -53.15 26.06 -71.56
N MET SA 151 -54.30 25.58 -72.03
CA MET SA 151 -55.40 25.23 -71.13
C MET SA 151 -55.19 23.88 -70.45
N GLY SA 152 -54.20 23.10 -70.87
CA GLY SA 152 -53.87 21.88 -70.15
C GLY SA 152 -54.25 20.59 -70.84
N LEU SA 153 -54.11 20.55 -72.17
CA LEU SA 153 -54.30 19.29 -72.88
C LEU SA 153 -53.01 18.49 -72.90
N SER SA 154 -53.15 17.19 -73.14
CA SER SA 154 -52.00 16.29 -73.31
C SER SA 154 -52.31 15.38 -74.48
N MET SA 155 -51.46 15.41 -75.50
CA MET SA 155 -51.69 14.66 -76.73
C MET SA 155 -50.38 14.57 -77.50
N GLY SA 156 -49.97 13.34 -77.82
CA GLY SA 156 -48.73 13.12 -78.54
C GLY SA 156 -48.86 12.09 -79.63
N THR SA 157 -50.00 12.04 -80.30
CA THR SA 157 -50.34 10.96 -81.20
C THR SA 157 -49.53 11.02 -82.50
N MET SA 158 -49.69 9.98 -83.30
CA MET SA 158 -49.06 9.87 -84.62
C MET SA 158 -50.12 9.55 -85.65
N ILE SA 159 -49.86 9.92 -86.90
CA ILE SA 159 -50.79 9.69 -88.00
C ILE SA 159 -50.10 8.84 -89.04
N CYS SA 160 -50.73 7.72 -89.41
CA CYS SA 160 -50.19 6.80 -90.40
C CYS SA 160 -51.22 6.57 -91.49
N GLY SA 161 -50.73 6.20 -92.67
CA GLY SA 161 -51.62 5.88 -93.76
C GLY SA 161 -50.93 6.01 -95.10
N TRP SA 162 -51.48 5.30 -96.07
CA TRP SA 162 -51.01 5.37 -97.45
C TRP SA 162 -51.64 6.55 -98.15
N ASP SA 163 -50.89 7.13 -99.08
CA ASP SA 163 -51.34 8.33 -99.78
C ASP SA 163 -51.02 8.15 -101.26
N LYS SA 164 -51.47 9.10 -102.09
CA LYS SA 164 -51.11 9.10 -103.49
C LYS SA 164 -49.62 9.38 -103.70
N ARG SA 165 -49.00 10.08 -102.74
CA ARG SA 165 -47.55 10.26 -102.75
C ARG SA 165 -46.80 9.06 -102.18
N GLY SA 166 -47.52 8.03 -101.71
CA GLY SA 166 -46.89 6.85 -101.17
C GLY SA 166 -47.26 6.64 -99.71
N PRO SA 167 -46.26 6.32 -98.88
CA PRO SA 167 -46.51 6.20 -97.45
C PRO SA 167 -46.72 7.57 -96.82
N GLY SA 168 -47.11 7.55 -95.54
CA GLY SA 168 -47.32 8.79 -94.81
C GLY SA 168 -47.14 8.60 -93.32
N LEU SA 169 -46.37 9.49 -92.70
CA LEU SA 169 -46.08 9.38 -91.28
C LEU SA 169 -45.81 10.76 -90.72
N TYR SA 170 -46.74 11.27 -89.91
CA TYR SA 170 -46.60 12.56 -89.28
C TYR SA 170 -46.77 12.41 -87.77
N TYR SA 171 -46.27 13.41 -87.04
CA TYR SA 171 -46.27 13.41 -85.59
C TYR SA 171 -46.86 14.71 -85.08
N VAL SA 172 -47.90 14.60 -84.26
CA VAL SA 172 -48.66 15.76 -83.79
C VAL SA 172 -48.60 15.80 -82.26
N ASP SA 173 -48.17 16.94 -81.73
CA ASP SA 173 -48.17 17.19 -80.29
C ASP SA 173 -49.37 18.05 -79.89
N SER SA 174 -49.62 18.07 -78.58
CA SER SA 174 -50.54 19.04 -78.02
C SER SA 174 -49.90 20.41 -77.88
N GLU SA 175 -48.57 20.48 -77.94
CA GLU SA 175 -47.87 21.76 -77.87
C GLU SA 175 -47.91 22.49 -79.21
N GLY SA 176 -48.06 21.77 -80.30
CA GLY SA 176 -48.14 22.36 -81.62
C GLY SA 176 -47.08 21.92 -82.60
N ASN SA 177 -46.37 20.82 -82.33
CA ASN SA 177 -45.33 20.34 -83.22
C ASN SA 177 -45.94 19.39 -84.24
N ARG SA 178 -45.84 19.75 -85.52
CA ARG SA 178 -46.28 18.90 -86.62
C ARG SA 178 -45.08 18.69 -87.53
N ILE SA 179 -44.48 17.50 -87.44
CA ILE SA 179 -43.29 17.16 -88.22
C ILE SA 179 -43.52 15.84 -88.93
N SER SA 180 -42.88 15.69 -90.08
CA SER SA 180 -42.83 14.42 -90.77
C SER SA 180 -41.58 13.65 -90.35
N GLY SA 181 -41.36 12.50 -90.96
CA GLY SA 181 -40.18 11.72 -90.65
C GLY SA 181 -40.34 10.30 -91.10
N ALA SA 182 -39.32 9.51 -90.79
CA ALA SA 182 -39.26 8.09 -91.14
C ALA SA 182 -39.48 7.16 -89.96
N THR SA 183 -38.89 7.47 -88.81
CA THR SA 183 -39.04 6.68 -87.60
C THR SA 183 -39.47 7.57 -86.45
N PHE SA 184 -40.35 7.04 -85.61
CA PHE SA 184 -40.79 7.74 -84.41
C PHE SA 184 -41.03 6.73 -83.29
N SER SA 185 -40.99 7.23 -82.06
CA SER SA 185 -41.28 6.42 -80.88
C SER SA 185 -41.77 7.36 -79.79
N VAL SA 186 -43.02 7.18 -79.35
CA VAL SA 186 -43.68 8.11 -78.45
C VAL SA 186 -44.10 7.35 -77.18
N GLY SA 187 -43.94 8.00 -76.03
CA GLY SA 187 -44.38 7.42 -74.78
C GLY SA 187 -43.44 7.69 -73.62
N SER SA 188 -43.77 7.17 -72.43
CA SER SA 188 -42.87 7.29 -71.30
C SER SA 188 -41.65 6.40 -71.47
N GLY SA 189 -41.84 5.20 -72.02
CA GLY SA 189 -40.74 4.31 -72.29
C GLY SA 189 -40.33 4.36 -73.75
N SER SA 190 -40.49 5.53 -74.36
CA SER SA 190 -40.11 5.69 -75.76
C SER SA 190 -38.62 5.71 -75.96
N VAL SA 191 -37.88 6.28 -75.00
CA VAL SA 191 -36.43 6.44 -75.15
C VAL SA 191 -35.71 5.11 -75.04
N TYR SA 192 -36.35 4.08 -74.50
CA TYR SA 192 -35.79 2.75 -74.49
C TYR SA 192 -35.98 2.06 -75.83
N ALA SA 193 -36.87 2.59 -76.67
CA ALA SA 193 -37.21 1.98 -77.94
C ALA SA 193 -36.45 2.58 -79.12
N TYR SA 194 -35.86 3.77 -78.97
CA TYR SA 194 -35.11 4.36 -80.08
C TYR SA 194 -33.83 3.60 -80.37
N GLY SA 195 -33.16 3.11 -79.34
CA GLY SA 195 -31.84 2.52 -79.55
C GLY SA 195 -31.91 1.14 -80.16
N VAL SA 196 -32.83 0.31 -79.69
CA VAL SA 196 -32.97 -1.03 -80.23
C VAL SA 196 -33.58 -1.03 -81.62
N MET SA 197 -34.37 -0.01 -81.95
CA MET SA 197 -34.94 0.09 -83.29
C MET SA 197 -33.90 0.55 -84.30
N ASP SA 198 -33.15 1.60 -83.97
CA ASP SA 198 -32.19 2.17 -84.91
C ASP SA 198 -30.99 1.28 -85.15
N ARG SA 199 -30.70 0.37 -84.22
CA ARG SA 199 -29.63 -0.59 -84.43
C ARG SA 199 -30.01 -1.62 -85.49
N GLY SA 200 -31.30 -1.92 -85.60
CA GLY SA 200 -31.79 -2.86 -86.59
C GLY SA 200 -32.57 -2.28 -87.74
N TYR SA 201 -32.73 -0.95 -87.79
CA TYR SA 201 -33.56 -0.35 -88.83
C TYR SA 201 -32.81 -0.28 -90.15
N SER SA 202 -33.54 -0.59 -91.23
CA SER SA 202 -33.08 -0.34 -92.58
C SER SA 202 -34.31 -0.09 -93.44
N TYR SA 203 -34.11 0.64 -94.54
CA TYR SA 203 -35.22 0.90 -95.44
C TYR SA 203 -35.58 -0.33 -96.27
N ASP SA 204 -34.65 -1.24 -96.48
CA ASP SA 204 -34.85 -2.41 -97.34
C ASP SA 204 -35.02 -3.68 -96.52
N LEU SA 205 -35.66 -3.58 -95.36
CA LEU SA 205 -35.94 -4.76 -94.57
C LEU SA 205 -37.07 -5.57 -95.18
N GLU SA 206 -37.11 -6.85 -94.83
CA GLU SA 206 -38.18 -7.72 -95.29
C GLU SA 206 -39.41 -7.53 -94.43
N VAL SA 207 -40.52 -8.15 -94.87
CA VAL SA 207 -41.78 -7.99 -94.17
C VAL SA 207 -41.77 -8.78 -92.85
N GLU SA 208 -41.30 -10.02 -92.91
CA GLU SA 208 -41.18 -10.82 -91.69
C GLU SA 208 -40.07 -10.31 -90.79
N GLN SA 209 -39.05 -9.67 -91.37
CA GLN SA 209 -37.99 -9.08 -90.55
C GLN SA 209 -38.49 -7.83 -89.84
N ALA SA 210 -39.32 -7.03 -90.50
CA ALA SA 210 -39.85 -5.82 -89.87
C ALA SA 210 -40.85 -6.14 -88.78
N TYR SA 211 -41.53 -7.29 -88.89
CA TYR SA 211 -42.44 -7.71 -87.82
C TYR SA 211 -41.68 -8.07 -86.56
N ASP SA 212 -40.52 -8.71 -86.72
CA ASP SA 212 -39.73 -9.12 -85.56
C ASP SA 212 -38.98 -7.96 -84.93
N LEU SA 213 -38.71 -6.90 -85.70
CA LEU SA 213 -37.98 -5.76 -85.15
C LEU SA 213 -38.85 -4.94 -84.21
N ALA SA 214 -40.09 -4.66 -84.63
CA ALA SA 214 -40.99 -3.88 -83.78
C ALA SA 214 -41.49 -4.69 -82.59
N ARG SA 215 -41.63 -6.00 -82.75
CA ARG SA 215 -42.04 -6.85 -81.64
C ARG SA 215 -40.92 -6.95 -80.59
N ARG SA 216 -39.67 -6.95 -81.05
CA ARG SA 216 -38.55 -6.90 -80.12
C ARG SA 216 -38.46 -5.57 -79.40
N ALA SA 217 -38.73 -4.47 -80.10
CA ALA SA 217 -38.49 -3.14 -79.54
C ALA SA 217 -39.50 -2.77 -78.46
N ILE SA 218 -40.74 -3.24 -78.59
CA ILE SA 218 -41.72 -3.02 -77.53
C ILE SA 218 -41.37 -3.85 -76.31
N TYR SA 219 -40.83 -5.05 -76.51
CA TYR SA 219 -40.49 -5.95 -75.41
C TYR SA 219 -39.35 -5.39 -74.57
N GLN SA 220 -38.34 -4.80 -75.22
CA GLN SA 220 -37.25 -4.18 -74.47
C GLN SA 220 -37.70 -2.92 -73.76
N ALA SA 221 -38.72 -2.23 -74.27
CA ALA SA 221 -39.22 -1.04 -73.61
C ALA SA 221 -40.05 -1.39 -72.39
N THR SA 222 -40.91 -2.42 -72.49
CA THR SA 222 -41.70 -2.84 -71.34
C THR SA 222 -40.86 -3.53 -70.27
N TYR SA 223 -39.66 -3.98 -70.62
CA TYR SA 223 -38.78 -4.59 -69.63
C TYR SA 223 -38.23 -3.56 -68.66
N ARG SA 224 -37.64 -2.48 -69.18
CA ARG SA 224 -37.02 -1.50 -68.31
C ARG SA 224 -38.02 -0.54 -67.68
N ASP SA 225 -39.04 -0.13 -68.45
CA ASP SA 225 -40.02 0.81 -67.93
C ASP SA 225 -40.99 0.09 -66.99
N ALA SA 226 -41.49 0.83 -66.01
CA ALA SA 226 -42.50 0.32 -65.11
C ALA SA 226 -43.92 0.62 -65.57
N TYR SA 227 -44.10 1.65 -66.39
CA TYR SA 227 -45.42 2.05 -66.88
C TYR SA 227 -45.74 1.45 -68.24
N SER SA 228 -45.15 0.29 -68.56
CA SER SA 228 -45.36 -0.31 -69.88
C SER SA 228 -45.42 -1.81 -69.73
N GLY SA 229 -46.44 -2.42 -70.32
CA GLY SA 229 -46.59 -3.85 -70.25
C GLY SA 229 -47.89 -4.28 -70.89
N GLY SA 230 -48.33 -5.49 -70.54
CA GLY SA 230 -49.57 -6.01 -71.07
C GLY SA 230 -49.39 -6.88 -72.30
N ALA SA 231 -49.92 -6.44 -73.43
CA ALA SA 231 -49.77 -7.13 -74.70
C ALA SA 231 -49.05 -6.22 -75.69
N VAL SA 232 -48.68 -6.79 -76.82
CA VAL SA 232 -47.97 -6.07 -77.87
C VAL SA 232 -48.83 -6.15 -79.13
N ASN SA 233 -49.48 -5.05 -79.47
CA ASN SA 233 -50.25 -4.98 -80.70
C ASN SA 233 -49.33 -4.64 -81.87
N LEU SA 234 -49.75 -5.03 -83.07
CA LEU SA 234 -48.91 -4.86 -84.25
C LEU SA 234 -49.80 -4.73 -85.47
N TYR SA 235 -49.74 -3.58 -86.13
CA TYR SA 235 -50.50 -3.34 -87.35
C TYR SA 235 -49.55 -3.13 -88.52
N HIS SA 236 -50.06 -3.33 -89.73
CA HIS SA 236 -49.30 -3.16 -90.95
C HIS SA 236 -50.13 -2.38 -91.95
N VAL SA 237 -49.59 -1.26 -92.42
CA VAL SA 237 -50.27 -0.41 -93.39
C VAL SA 237 -49.80 -0.83 -94.78
N ARG SA 238 -50.71 -1.38 -95.57
CA ARG SA 238 -50.46 -1.75 -96.95
C ARG SA 238 -50.98 -0.63 -97.83
N GLU SA 239 -50.74 -0.72 -99.15
CA GLU SA 239 -51.16 0.30 -100.10
C GLU SA 239 -52.67 0.44 -100.16
N ASP SA 240 -53.40 -0.67 -100.15
CA ASP SA 240 -54.86 -0.63 -100.19
C ASP SA 240 -55.44 -0.20 -98.84
N GLY SA 241 -54.84 -0.65 -97.74
CA GLY SA 241 -55.36 -0.32 -96.43
C GLY SA 241 -54.57 -1.07 -95.37
N TRP SA 242 -54.83 -0.73 -94.12
CA TRP SA 242 -54.12 -1.34 -93.02
C TRP SA 242 -54.64 -2.75 -92.76
N ILE SA 243 -53.81 -3.55 -92.10
CA ILE SA 243 -54.14 -4.93 -91.76
C ILE SA 243 -53.58 -5.24 -90.39
N ARG SA 244 -54.40 -5.88 -89.55
CA ARG SA 244 -53.96 -6.31 -88.23
C ARG SA 244 -53.07 -7.53 -88.34
N VAL SA 245 -51.87 -7.45 -87.79
CA VAL SA 245 -50.94 -8.58 -87.87
C VAL SA 245 -51.20 -9.58 -86.76
N SER SA 246 -51.00 -9.16 -85.51
CA SER SA 246 -51.06 -10.07 -84.38
C SER SA 246 -51.19 -9.26 -83.09
N SER SA 247 -51.27 -9.97 -81.98
CA SER SA 247 -51.30 -9.36 -80.66
C SER SA 247 -50.77 -10.40 -79.68
N ASP SA 248 -49.58 -10.16 -79.14
CA ASP SA 248 -48.87 -11.16 -78.35
C ASP SA 248 -48.66 -10.67 -76.93
N ASN SA 249 -48.73 -11.59 -75.98
CA ASN SA 249 -48.48 -11.27 -74.58
C ASN SA 249 -46.97 -11.13 -74.36
N VAL SA 250 -46.62 -10.31 -73.36
CA VAL SA 250 -45.21 -10.10 -73.04
C VAL SA 250 -44.62 -11.35 -72.39
N ALA SA 251 -45.40 -12.01 -71.52
CA ALA SA 251 -44.93 -13.22 -70.86
C ALA SA 251 -44.75 -14.38 -71.83
N ASP SA 252 -45.46 -14.40 -72.94
CA ASP SA 252 -45.22 -15.39 -73.98
C ASP SA 252 -43.93 -15.10 -74.74
N LEU SA 253 -43.62 -13.82 -74.94
CA LEU SA 253 -42.39 -13.45 -75.61
C LEU SA 253 -41.17 -13.69 -74.73
N HIS SA 254 -41.34 -13.63 -73.41
CA HIS SA 254 -40.22 -13.86 -72.50
C HIS SA 254 -39.74 -15.31 -72.55
N GLU SA 255 -40.66 -16.26 -72.74
CA GLU SA 255 -40.26 -17.65 -72.92
C GLU SA 255 -39.62 -17.89 -74.29
N LYS SA 256 -39.95 -17.06 -75.27
CA LYS SA 256 -39.45 -17.20 -76.63
C LYS SA 256 -38.09 -16.53 -76.80
N TYR SA 257 -37.93 -15.34 -76.23
CA TYR SA 257 -36.72 -14.56 -76.45
C TYR SA 257 -35.57 -15.02 -75.56
N SER SA 258 -35.85 -15.28 -74.29
CA SER SA 258 -34.82 -15.72 -73.37
C SER SA 258 -34.41 -17.17 -73.61
N GLY SA 259 -35.26 -17.97 -74.25
CA GLY SA 259 -34.94 -19.34 -74.56
C GLY SA 259 -34.10 -19.47 -75.81
N ARG TA 28 -61.38 29.16 -47.70
CA ARG TA 28 -62.26 29.57 -48.80
C ARG TA 28 -63.09 28.38 -49.28
N PHE TA 29 -64.05 28.65 -50.17
CA PHE TA 29 -64.97 27.62 -50.64
C PHE TA 29 -64.27 26.62 -51.55
N SER TA 30 -64.52 25.34 -51.29
CA SER TA 30 -64.03 24.25 -52.12
C SER TA 30 -65.22 23.44 -52.63
N PRO TA 31 -65.27 23.12 -53.92
CA PRO TA 31 -66.49 22.58 -54.52
C PRO TA 31 -66.60 21.06 -54.51
N TYR TA 32 -65.58 20.34 -54.04
CA TYR TA 32 -65.54 18.89 -54.13
C TYR TA 32 -65.45 18.28 -52.73
N VAL TA 33 -66.00 17.07 -52.58
CA VAL TA 33 -65.86 16.29 -51.37
C VAL TA 33 -66.03 14.83 -51.78
N PHE TA 34 -65.45 13.92 -50.99
CA PHE TA 34 -65.50 12.49 -51.28
C PHE TA 34 -66.55 11.83 -50.41
N ASN TA 35 -67.34 10.93 -51.01
CA ASN TA 35 -68.44 10.29 -50.31
C ASN TA 35 -68.31 8.78 -50.17
N GLY TA 36 -67.37 8.15 -50.84
CA GLY TA 36 -67.22 6.72 -50.75
C GLY TA 36 -68.21 5.96 -51.61
N GLY TA 37 -68.09 4.65 -51.58
CA GLY TA 37 -68.92 3.76 -52.36
C GLY TA 37 -68.08 2.73 -53.08
N THR TA 38 -68.71 1.62 -53.44
CA THR TA 38 -68.04 0.53 -54.14
C THR TA 38 -69.03 -0.12 -55.09
N ILE TA 39 -68.65 -0.22 -56.36
CA ILE TA 39 -69.53 -0.73 -57.41
C ILE TA 39 -68.83 -1.90 -58.08
N LEU TA 40 -69.58 -2.98 -58.31
CA LEU TA 40 -69.05 -4.19 -58.93
C LEU TA 40 -69.94 -4.62 -60.09
N ALA TA 41 -69.32 -5.01 -61.20
CA ALA TA 41 -70.06 -5.51 -62.35
C ALA TA 41 -69.33 -6.70 -62.96
N ILE TA 42 -70.10 -7.70 -63.37
CA ILE TA 42 -69.58 -8.92 -63.99
C ILE TA 42 -70.42 -9.21 -65.22
N ALA TA 43 -69.77 -9.30 -66.38
CA ALA TA 43 -70.44 -9.67 -67.62
C ALA TA 43 -70.49 -11.19 -67.73
N GLY TA 44 -71.71 -11.73 -67.71
CA GLY TA 44 -71.91 -13.15 -67.89
C GLY TA 44 -72.02 -13.53 -69.36
N GLU TA 45 -72.31 -14.80 -69.59
CA GLU TA 45 -72.51 -15.28 -70.96
C GLU TA 45 -73.83 -14.80 -71.52
N ASP TA 46 -74.88 -14.80 -70.70
CA ASP TA 46 -76.20 -14.34 -71.11
C ASP TA 46 -76.85 -13.53 -69.99
N PHE TA 47 -76.03 -12.89 -69.16
CA PHE TA 47 -76.54 -12.15 -68.02
C PHE TA 47 -75.52 -11.07 -67.65
N ALA TA 48 -75.90 -10.24 -66.69
CA ALA TA 48 -75.03 -9.22 -66.15
C ALA TA 48 -75.46 -8.92 -64.72
N ILE TA 49 -74.48 -8.82 -63.83
CA ILE TA 49 -74.73 -8.62 -62.41
C ILE TA 49 -74.10 -7.30 -61.98
N VAL TA 50 -74.89 -6.42 -61.38
CA VAL TA 50 -74.43 -5.13 -60.88
C VAL TA 50 -74.68 -5.10 -59.38
N ALA TA 51 -73.63 -4.82 -58.61
CA ALA TA 51 -73.71 -4.84 -57.16
C ALA TA 51 -73.08 -3.58 -56.58
N SER TA 52 -73.63 -3.12 -55.46
CA SER TA 52 -73.14 -1.94 -54.76
C SER TA 52 -73.61 -1.96 -53.32
N ASP TA 53 -72.93 -1.19 -52.49
CA ASP TA 53 -73.32 -0.99 -51.10
C ASP TA 53 -74.22 0.24 -50.98
N THR TA 54 -74.83 0.40 -49.80
CA THR TA 54 -75.79 1.47 -49.58
C THR TA 54 -75.35 2.43 -48.49
N ARG TA 55 -74.06 2.52 -48.23
CA ARG TA 55 -73.54 3.41 -47.19
C ARG TA 55 -73.12 4.74 -47.80
N LEU TA 56 -73.69 5.82 -47.28
CA LEU TA 56 -73.34 7.18 -47.69
C LEU TA 56 -72.66 7.87 -46.51
N SER TA 57 -71.42 8.29 -46.71
CA SER TA 57 -70.62 8.86 -45.63
C SER TA 57 -69.93 10.12 -46.12
N GLU TA 58 -69.38 10.87 -45.17
CA GLU TA 58 -68.59 12.06 -45.48
C GLU TA 58 -67.66 12.33 -44.30
N GLY TA 59 -66.36 12.35 -44.56
CA GLY TA 59 -65.40 12.61 -43.51
C GLY TA 59 -65.33 11.47 -42.52
N PHE TA 60 -65.85 11.69 -41.32
CA PHE TA 60 -65.91 10.67 -40.27
C PHE TA 60 -67.32 10.58 -39.72
N SER TA 61 -68.30 10.68 -40.60
CA SER TA 61 -69.70 10.61 -40.21
C SER TA 61 -70.46 9.77 -41.22
N ILE TA 62 -71.57 9.20 -40.77
CA ILE TA 62 -72.45 8.39 -41.61
C ILE TA 62 -73.74 9.16 -41.80
N HIS TA 63 -74.04 9.51 -43.05
CA HIS TA 63 -75.32 10.17 -43.33
C HIS TA 63 -76.46 9.18 -43.24
N THR TA 64 -76.40 8.10 -44.00
CA THR TA 64 -77.46 7.10 -43.98
C THR TA 64 -76.86 5.73 -44.25
N ARG TA 65 -77.65 4.69 -43.96
CA ARG TA 65 -77.28 3.32 -44.25
C ARG TA 65 -78.14 2.72 -45.36
N ASP TA 66 -78.90 3.56 -46.06
CA ASP TA 66 -79.78 3.08 -47.14
C ASP TA 66 -79.71 4.11 -48.27
N SER TA 67 -78.80 3.87 -49.21
CA SER TA 67 -78.62 4.71 -50.38
C SER TA 67 -77.96 3.89 -51.48
N PRO TA 68 -78.72 3.11 -52.25
CA PRO TA 68 -78.11 2.25 -53.25
C PRO TA 68 -77.61 3.04 -54.45
N LYS TA 69 -76.64 2.45 -55.13
CA LYS TA 69 -76.01 3.07 -56.30
C LYS TA 69 -76.52 2.49 -57.62
N CYS TA 70 -77.43 1.53 -57.57
CA CYS TA 70 -77.99 0.94 -58.78
C CYS TA 70 -79.07 1.84 -59.35
N TYR TA 71 -79.11 1.95 -60.68
CA TYR TA 71 -80.11 2.76 -61.36
C TYR TA 71 -80.57 2.03 -62.60
N LYS TA 72 -81.84 1.63 -62.64
CA LYS TA 72 -82.40 0.94 -63.79
C LYS TA 72 -82.71 1.96 -64.87
N LEU TA 73 -81.84 2.04 -65.88
CA LEU TA 73 -82.06 2.97 -66.98
C LEU TA 73 -83.15 2.46 -67.91
N THR TA 74 -82.92 1.31 -68.52
CA THR TA 74 -83.87 0.62 -69.36
C THR TA 74 -84.17 -0.74 -68.75
N ASP TA 75 -84.87 -1.58 -69.50
CA ASP TA 75 -85.12 -2.94 -69.08
C ASP TA 75 -83.92 -3.86 -69.30
N LYS TA 76 -82.83 -3.35 -69.89
CA LYS TA 76 -81.65 -4.16 -70.12
C LYS TA 76 -80.35 -3.45 -69.75
N THR TA 77 -80.40 -2.33 -69.02
CA THR TA 77 -79.20 -1.56 -68.73
C THR TA 77 -79.30 -0.94 -67.35
N VAL TA 78 -78.31 -1.21 -66.50
CA VAL TA 78 -78.22 -0.66 -65.16
C VAL TA 78 -76.88 0.06 -65.04
N ILE TA 79 -76.90 1.29 -64.51
CA ILE TA 79 -75.70 2.09 -64.35
C ILE TA 79 -75.39 2.25 -62.86
N GLY TA 80 -74.11 2.36 -62.55
CA GLY TA 80 -73.69 2.66 -61.19
C GLY TA 80 -72.85 3.91 -61.16
N CYS TA 81 -73.03 4.71 -60.09
CA CYS TA 81 -72.38 6.00 -59.97
C CYS TA 81 -71.78 6.13 -58.58
N SER TA 82 -70.47 6.31 -58.51
CA SER TA 82 -69.76 6.54 -57.26
C SER TA 82 -69.14 7.93 -57.26
N GLY TA 83 -68.42 8.25 -56.19
CA GLY TA 83 -67.73 9.51 -56.10
C GLY TA 83 -68.51 10.60 -55.40
N PHE TA 84 -68.46 11.81 -55.94
CA PHE TA 84 -69.17 12.94 -55.36
C PHE TA 84 -70.67 12.80 -55.61
N HIS TA 85 -71.44 12.78 -54.52
CA HIS TA 85 -72.86 12.43 -54.60
C HIS TA 85 -73.71 13.50 -55.25
N GLY TA 86 -73.29 14.77 -55.17
CA GLY TA 86 -74.04 15.83 -55.83
C GLY TA 86 -73.97 15.74 -57.33
N ASP TA 87 -72.85 15.28 -57.88
CA ASP TA 87 -72.75 15.06 -59.31
C ASP TA 87 -73.44 13.77 -59.73
N CYS TA 88 -73.56 12.80 -58.82
CA CYS TA 88 -74.27 11.57 -59.14
C CYS TA 88 -75.76 11.80 -59.30
N LEU TA 89 -76.33 12.71 -58.51
CA LEU TA 89 -77.75 13.01 -58.66
C LEU TA 89 -78.01 13.84 -59.91
N THR TA 90 -77.04 14.67 -60.30
CA THR TA 90 -77.21 15.47 -61.50
C THR TA 90 -77.06 14.63 -62.76
N LEU TA 91 -75.99 13.84 -62.84
CA LEU TA 91 -75.68 13.07 -64.04
C LEU TA 91 -76.71 11.99 -64.31
N THR TA 92 -77.35 11.47 -63.26
CA THR TA 92 -78.41 10.47 -63.45
C THR TA 92 -79.62 11.08 -64.14
N LYS TA 93 -80.01 12.30 -63.75
CA LYS TA 93 -81.18 12.93 -64.32
C LYS TA 93 -80.94 13.46 -65.73
N ILE TA 94 -79.69 13.72 -66.09
CA ILE TA 94 -79.38 14.15 -67.46
C ILE TA 94 -79.52 12.97 -68.42
N ILE TA 95 -79.07 11.80 -68.01
CA ILE TA 95 -79.14 10.61 -68.86
C ILE TA 95 -80.58 10.18 -69.06
N GLU TA 96 -81.38 10.20 -67.98
CA GLU TA 96 -82.79 9.83 -68.06
C GLU TA 96 -83.61 10.79 -68.91
N ALA TA 97 -83.16 12.05 -69.03
CA ALA TA 97 -83.83 12.97 -69.95
C ALA TA 97 -83.51 12.62 -71.39
N ARG TA 98 -82.25 12.28 -71.68
CA ARG TA 98 -81.84 11.99 -73.04
C ARG TA 98 -82.31 10.63 -73.53
N LEU TA 99 -82.73 9.74 -72.62
CA LEU TA 99 -83.36 8.49 -73.05
C LEU TA 99 -84.70 8.77 -73.72
N LYS TA 100 -85.47 9.72 -73.17
CA LYS TA 100 -86.73 10.11 -73.77
C LYS TA 100 -86.49 10.91 -75.05
N MET TA 101 -85.42 11.70 -75.08
CA MET TA 101 -85.11 12.50 -76.26
C MET TA 101 -84.66 11.62 -77.42
N TYR TA 102 -84.02 10.49 -77.13
CA TYR TA 102 -83.69 9.53 -78.18
C TYR TA 102 -84.95 8.88 -78.74
N LYS TA 103 -85.89 8.54 -77.86
CA LYS TA 103 -86.96 7.62 -78.23
C LYS TA 103 -87.99 8.28 -79.13
N HIS TA 104 -88.40 9.50 -78.80
CA HIS TA 104 -89.41 10.17 -79.61
C HIS TA 104 -88.82 10.69 -80.92
N SER TA 105 -87.51 10.76 -81.03
CA SER TA 105 -86.83 11.08 -82.28
C SER TA 105 -86.52 9.85 -83.12
N ASN TA 106 -86.61 8.64 -82.57
CA ASN TA 106 -86.19 7.45 -83.29
C ASN TA 106 -87.14 6.28 -83.19
N ASN TA 107 -88.20 6.35 -82.37
CA ASN TA 107 -89.23 5.31 -82.21
C ASN TA 107 -88.65 3.98 -81.75
N LYS TA 108 -87.60 4.05 -80.92
CA LYS TA 108 -86.97 2.87 -80.37
C LYS TA 108 -86.16 3.29 -79.14
N ALA TA 109 -85.72 2.29 -78.38
CA ALA TA 109 -84.91 2.53 -77.19
C ALA TA 109 -83.43 2.40 -77.52
N MET TA 110 -82.59 2.98 -76.66
CA MET TA 110 -81.16 2.90 -76.86
C MET TA 110 -80.65 1.49 -76.56
N THR TA 111 -79.52 1.15 -77.17
CA THR TA 111 -78.85 -0.10 -76.89
C THR TA 111 -77.92 0.10 -75.70
N THR TA 112 -77.17 -0.95 -75.35
CA THR TA 112 -76.17 -0.81 -74.30
C THR TA 112 -74.97 -0.01 -74.79
N GLY TA 113 -74.49 -0.31 -75.99
CA GLY TA 113 -73.35 0.41 -76.55
C GLY TA 113 -73.66 1.84 -76.94
N ALA TA 114 -74.93 2.15 -77.20
CA ALA TA 114 -75.27 3.53 -77.55
C ALA TA 114 -75.21 4.44 -76.34
N ILE TA 115 -75.52 3.92 -75.15
CA ILE TA 115 -75.49 4.73 -73.94
C ILE TA 115 -74.04 5.04 -73.57
N ALA TA 116 -73.14 4.07 -73.73
CA ALA TA 116 -71.73 4.30 -73.45
C ALA TA 116 -71.11 5.28 -74.43
N ALA TA 117 -71.61 5.33 -75.66
CA ALA TA 117 -71.14 6.34 -76.61
C ALA TA 117 -71.70 7.72 -76.27
N MET TA 118 -72.94 7.76 -75.75
CA MET TA 118 -73.53 9.04 -75.40
C MET TA 118 -72.92 9.61 -74.12
N LEU TA 119 -72.62 8.74 -73.16
CA LEU TA 119 -72.08 9.17 -71.88
C LEU TA 119 -70.68 9.75 -72.02
N SER TA 120 -69.90 9.25 -72.99
CA SER TA 120 -68.55 9.75 -73.20
C SER TA 120 -68.54 11.19 -73.69
N THR TA 121 -69.56 11.58 -74.46
CA THR TA 121 -69.65 12.96 -74.91
C THR TA 121 -70.13 13.89 -73.80
N ILE TA 122 -70.95 13.38 -72.88
CA ILE TA 122 -71.45 14.19 -71.79
C ILE TA 122 -70.33 14.47 -70.78
N LEU TA 123 -69.53 13.46 -70.49
CA LEU TA 123 -68.43 13.63 -69.54
C LEU TA 123 -67.33 14.52 -70.09
N TYR TA 124 -67.10 14.50 -71.40
CA TYR TA 124 -66.09 15.39 -71.97
C TYR TA 124 -66.61 16.81 -72.12
N SER TA 125 -67.93 17.01 -72.11
CA SER TA 125 -68.51 18.34 -72.32
C SER TA 125 -68.20 19.31 -71.19
N ARG TA 126 -67.78 18.80 -70.03
CA ARG TA 126 -67.33 19.64 -68.93
C ARG TA 126 -65.88 19.28 -68.61
N ARG TA 127 -65.04 19.26 -69.65
CA ARG TA 127 -63.65 18.83 -69.52
C ARG TA 127 -62.86 19.69 -68.54
N PHE TA 128 -63.12 20.99 -68.52
CA PHE TA 128 -62.36 21.90 -67.68
C PHE TA 128 -63.09 22.24 -66.38
N PHE TA 129 -64.13 21.47 -66.04
CA PHE TA 129 -64.72 21.45 -64.71
C PHE TA 129 -65.37 20.09 -64.55
N PRO TA 130 -64.60 19.05 -64.21
CA PRO TA 130 -65.06 17.68 -64.42
C PRO TA 130 -66.00 17.18 -63.35
N TYR TA 131 -66.85 16.24 -63.75
CA TYR TA 131 -67.62 15.46 -62.79
C TYR TA 131 -66.69 14.56 -62.00
N TYR TA 132 -66.89 14.50 -60.69
CA TYR TA 132 -66.12 13.60 -59.84
C TYR TA 132 -66.90 12.31 -59.60
N VAL TA 133 -67.14 11.60 -60.71
CA VAL TA 133 -67.98 10.41 -60.73
C VAL TA 133 -67.25 9.31 -61.50
N TYR TA 134 -67.14 8.13 -60.88
CA TYR TA 134 -66.72 6.93 -61.57
C TYR TA 134 -67.95 6.14 -61.98
N ASN TA 135 -67.98 5.72 -63.24
CA ASN TA 135 -69.17 5.10 -63.83
C ASN TA 135 -68.86 3.72 -64.36
N ILE TA 136 -69.81 2.81 -64.16
CA ILE TA 136 -69.77 1.47 -64.74
C ILE TA 136 -71.16 1.17 -65.30
N ILE TA 137 -71.24 0.81 -66.58
CA ILE TA 137 -72.48 0.42 -67.21
C ILE TA 137 -72.42 -1.08 -67.50
N GLY TA 138 -73.40 -1.81 -66.96
CA GLY TA 138 -73.53 -3.22 -67.27
C GLY TA 138 -74.91 -3.51 -67.81
N GLY TA 139 -74.97 -4.47 -68.73
CA GLY TA 139 -76.24 -4.84 -69.32
C GLY TA 139 -76.03 -5.78 -70.49
N LEU TA 140 -77.11 -5.98 -71.23
CA LEU TA 140 -77.14 -6.91 -72.35
C LEU TA 140 -77.00 -6.17 -73.68
N ASP TA 141 -76.31 -6.81 -74.62
CA ASP TA 141 -76.15 -6.26 -75.96
C ASP TA 141 -77.33 -6.68 -76.83
N GLU TA 142 -77.22 -6.47 -78.14
CA GLU TA 142 -78.27 -6.89 -79.04
C GLU TA 142 -78.18 -8.37 -79.41
N GLU TA 143 -77.12 -9.05 -79.01
CA GLU TA 143 -77.01 -10.49 -79.22
C GLU TA 143 -77.48 -11.31 -78.04
N GLY TA 144 -77.73 -10.67 -76.89
CA GLY TA 144 -78.15 -11.37 -75.70
C GLY TA 144 -77.05 -11.75 -74.75
N LYS TA 145 -75.86 -11.19 -74.89
CA LYS TA 145 -74.72 -11.50 -74.04
C LYS TA 145 -74.44 -10.36 -73.09
N GLY TA 146 -73.61 -10.64 -72.10
CA GLY TA 146 -73.25 -9.62 -71.14
C GLY TA 146 -72.27 -8.62 -71.69
N ALA TA 147 -72.31 -7.41 -71.15
CA ALA TA 147 -71.42 -6.34 -71.58
C ALA TA 147 -71.22 -5.37 -70.42
N VAL TA 148 -69.96 -5.09 -70.09
CA VAL TA 148 -69.61 -4.18 -69.02
C VAL TA 148 -68.70 -3.10 -69.57
N TYR TA 149 -69.08 -1.84 -69.40
CA TYR TA 149 -68.29 -0.70 -69.81
C TYR TA 149 -67.85 0.07 -68.58
N SER TA 150 -66.55 0.33 -68.47
CA SER TA 150 -66.00 1.11 -67.37
C SER TA 150 -65.63 2.50 -67.88
N PHE TA 151 -65.55 3.45 -66.96
CA PHE TA 151 -65.37 4.84 -67.31
C PHE TA 151 -64.34 5.50 -66.40
N ASP TA 152 -63.98 6.72 -66.76
CA ASP TA 152 -63.14 7.61 -65.98
C ASP TA 152 -63.87 8.94 -65.88
N PRO TA 153 -63.47 9.82 -64.94
CA PRO TA 153 -64.19 11.10 -64.81
C PRO TA 153 -64.04 12.07 -65.98
N VAL TA 154 -63.24 11.77 -67.00
CA VAL TA 154 -63.18 12.64 -68.18
C VAL TA 154 -63.88 12.04 -69.39
N GLY TA 155 -64.04 10.73 -69.48
CA GLY TA 155 -64.91 10.18 -70.50
C GLY TA 155 -64.33 9.13 -71.44
N SER TA 156 -63.23 8.49 -71.06
CA SER TA 156 -62.68 7.39 -71.86
C SER TA 156 -63.24 6.07 -71.36
N TYR TA 157 -63.50 5.14 -72.28
CA TYR TA 157 -64.16 3.90 -71.91
C TYR TA 157 -63.63 2.75 -72.75
N GLN TA 158 -63.93 1.54 -72.28
CA GLN TA 158 -63.63 0.31 -73.00
C GLN TA 158 -64.56 -0.77 -72.49
N ARG TA 159 -64.74 -1.80 -73.31
CA ARG TA 159 -65.57 -2.94 -72.94
C ARG TA 159 -64.71 -3.98 -72.24
N ASP TA 160 -65.15 -4.40 -71.05
CA ASP TA 160 -64.42 -5.36 -70.25
C ASP TA 160 -65.36 -6.50 -69.87
N SER TA 161 -64.80 -7.50 -69.19
CA SER TA 161 -65.59 -8.61 -68.66
C SER TA 161 -66.00 -8.40 -67.22
N PHE TA 162 -65.17 -7.71 -66.43
CA PHE TA 162 -65.47 -7.43 -65.03
C PHE TA 162 -64.63 -6.25 -64.60
N LYS TA 163 -65.28 -5.32 -63.89
CA LYS TA 163 -64.60 -4.17 -63.29
C LYS TA 163 -65.17 -3.93 -61.90
N ALA TA 164 -64.38 -3.25 -61.08
CA ALA TA 164 -64.79 -2.88 -59.73
C ALA TA 164 -64.35 -1.46 -59.48
N GLY TA 165 -65.31 -0.54 -59.39
CA GLY TA 165 -64.99 0.85 -59.18
C GLY TA 165 -65.40 1.35 -57.81
N GLY TA 166 -64.77 2.44 -57.37
CA GLY TA 166 -65.10 3.02 -56.08
C GLY TA 166 -63.93 3.10 -55.12
N SER TA 167 -64.22 3.19 -53.84
CA SER TA 167 -63.18 3.33 -52.83
C SER TA 167 -62.42 2.03 -52.60
N ALA TA 168 -63.11 0.89 -52.67
CA ALA TA 168 -62.50 -0.41 -52.48
C ALA TA 168 -62.13 -1.08 -53.79
N SER TA 169 -61.73 -0.29 -54.79
CA SER TA 169 -61.43 -0.83 -56.11
C SER TA 169 -60.16 -1.66 -56.10
N ALA TA 170 -59.19 -1.27 -55.28
CA ALA TA 170 -57.92 -2.00 -55.24
C ALA TA 170 -58.04 -3.31 -54.49
N MET TA 171 -59.07 -3.49 -53.67
CA MET TA 171 -59.23 -4.70 -52.88
C MET TA 171 -60.05 -5.76 -53.58
N LEU TA 172 -60.54 -5.50 -54.79
CA LEU TA 172 -61.42 -6.44 -55.48
C LEU TA 172 -60.88 -6.90 -56.83
N GLN TA 173 -60.10 -6.06 -57.52
CA GLN TA 173 -59.52 -6.46 -58.80
C GLN TA 173 -58.53 -7.63 -58.74
N PRO TA 174 -57.61 -7.77 -57.77
CA PRO TA 174 -56.72 -8.95 -57.82
C PRO TA 174 -57.43 -10.26 -57.53
N LEU TA 175 -58.50 -10.26 -56.75
CA LEU TA 175 -59.18 -11.52 -56.45
C LEU TA 175 -60.00 -12.01 -57.62
N LEU TA 176 -60.62 -11.09 -58.36
CA LEU TA 176 -61.41 -11.49 -59.52
C LEU TA 176 -60.53 -11.91 -60.68
N ASP TA 177 -59.27 -11.45 -60.71
CA ASP TA 177 -58.33 -11.98 -61.69
C ASP TA 177 -58.01 -13.44 -61.44
N ASN TA 178 -58.04 -13.86 -60.18
CA ASN TA 178 -57.77 -15.25 -59.85
C ASN TA 178 -58.97 -16.13 -60.17
N GLN TA 179 -60.17 -15.69 -59.81
CA GLN TA 179 -61.35 -16.54 -59.91
C GLN TA 179 -62.01 -16.48 -61.28
N VAL TA 180 -62.19 -15.28 -61.83
CA VAL TA 180 -62.86 -15.13 -63.12
C VAL TA 180 -61.88 -15.23 -64.26
N GLY TA 181 -60.80 -14.46 -64.21
CA GLY TA 181 -59.83 -14.44 -65.29
C GLY TA 181 -58.86 -15.60 -65.29
N PHE TA 182 -58.80 -16.35 -64.19
CA PHE TA 182 -57.90 -17.50 -64.00
C PHE TA 182 -56.44 -17.14 -64.20
N LYS TA 183 -56.06 -15.93 -63.82
CA LYS TA 183 -54.68 -15.49 -63.97
C LYS TA 183 -53.81 -16.10 -62.88
N ASN TA 184 -52.53 -16.31 -63.21
CA ASN TA 184 -51.51 -16.90 -62.35
C ASN TA 184 -51.89 -18.29 -61.84
N MET TA 185 -52.65 -19.06 -62.62
CA MET TA 185 -53.04 -20.40 -62.25
C MET TA 185 -52.45 -21.41 -63.23
N GLN TA 186 -52.20 -22.61 -62.73
CA GLN TA 186 -51.63 -23.69 -63.52
C GLN TA 186 -52.52 -24.92 -63.41
N ASN TA 187 -52.73 -25.59 -64.56
CA ASN TA 187 -53.49 -26.83 -64.67
C ASN TA 187 -54.93 -26.67 -64.19
N VAL TA 188 -55.60 -25.64 -64.71
CA VAL TA 188 -56.99 -25.35 -64.38
C VAL TA 188 -57.71 -24.99 -65.68
N GLU TA 189 -58.78 -25.72 -65.98
CA GLU TA 189 -59.53 -25.49 -67.21
C GLU TA 189 -60.32 -24.19 -67.11
N HIS TA 190 -60.66 -23.63 -68.28
CA HIS TA 190 -61.38 -22.37 -68.36
C HIS TA 190 -62.85 -22.66 -68.62
N VAL TA 191 -63.55 -23.02 -67.55
CA VAL TA 191 -65.00 -23.18 -67.60
C VAL TA 191 -65.62 -21.78 -67.51
N PRO TA 192 -66.62 -21.45 -68.31
CA PRO TA 192 -67.29 -20.15 -68.16
C PRO TA 192 -68.08 -20.09 -66.86
N LEU TA 193 -68.15 -18.89 -66.30
CA LEU TA 193 -68.79 -18.70 -65.02
C LEU TA 193 -70.31 -18.81 -65.15
N SER TA 194 -70.90 -19.72 -64.38
CA SER TA 194 -72.34 -19.89 -64.37
C SER TA 194 -72.99 -18.77 -63.57
N LEU TA 195 -74.32 -18.76 -63.56
CA LEU TA 195 -75.04 -17.74 -62.81
C LEU TA 195 -74.95 -17.98 -61.31
N ASP TA 196 -75.11 -19.23 -60.88
CA ASP TA 196 -75.10 -19.52 -59.44
C ASP TA 196 -73.72 -19.38 -58.84
N ARG TA 197 -72.67 -19.74 -59.60
CA ARG TA 197 -71.31 -19.56 -59.12
C ARG TA 197 -70.94 -18.09 -59.04
N ALA TA 198 -71.47 -17.28 -59.95
CA ALA TA 198 -71.19 -15.84 -59.93
C ALA TA 198 -71.89 -15.15 -58.77
N MET TA 199 -72.99 -15.69 -58.26
CA MET TA 199 -73.69 -15.05 -57.15
C MET TA 199 -72.88 -15.17 -55.86
N ARG TA 200 -72.31 -16.35 -55.60
CA ARG TA 200 -71.54 -16.53 -54.39
C ARG TA 200 -70.17 -15.88 -54.45
N LEU TA 201 -69.66 -15.58 -55.65
CA LEU TA 201 -68.42 -14.82 -55.74
C LEU TA 201 -68.65 -13.36 -55.38
N VAL TA 202 -69.81 -12.82 -55.75
CA VAL TA 202 -70.14 -11.45 -55.37
C VAL TA 202 -70.40 -11.36 -53.87
N LYS TA 203 -71.07 -12.37 -53.29
CA LYS TA 203 -71.36 -12.34 -51.87
C LYS TA 203 -70.12 -12.55 -51.01
N ASP TA 204 -69.06 -13.13 -51.56
CA ASP TA 204 -67.84 -13.33 -50.78
C ASP TA 204 -66.88 -12.16 -50.84
N VAL TA 205 -66.85 -11.41 -51.94
CA VAL TA 205 -65.87 -10.33 -52.04
C VAL TA 205 -66.27 -9.13 -51.20
N PHE TA 206 -67.57 -8.88 -51.04
CA PHE TA 206 -68.01 -7.75 -50.23
C PHE TA 206 -67.91 -8.01 -48.74
N ILE TA 207 -67.93 -9.27 -48.31
CA ILE TA 207 -67.66 -9.57 -46.91
C ILE TA 207 -66.20 -9.30 -46.58
N SER TA 208 -65.29 -9.71 -47.47
CA SER TA 208 -63.87 -9.48 -47.24
C SER TA 208 -63.49 -8.02 -47.41
N ALA TA 209 -64.22 -7.28 -48.25
CA ALA TA 209 -63.89 -5.87 -48.46
C ALA TA 209 -64.41 -4.99 -47.34
N ALA TA 210 -65.54 -5.36 -46.73
CA ALA TA 210 -66.09 -4.56 -45.63
C ALA TA 210 -65.27 -4.68 -44.36
N GLU TA 211 -64.42 -5.70 -44.26
CA GLU TA 211 -63.56 -5.84 -43.09
C GLU TA 211 -62.45 -4.80 -43.08
N ARG TA 212 -61.78 -4.63 -44.22
CA ARG TA 212 -60.60 -3.77 -44.28
C ARG TA 212 -60.91 -2.35 -44.73
N ASP TA 213 -62.03 -2.12 -45.41
CA ASP TA 213 -62.40 -0.79 -45.84
C ASP TA 213 -63.43 -0.22 -44.87
N VAL TA 214 -63.37 1.10 -44.66
CA VAL TA 214 -64.31 1.78 -43.77
C VAL TA 214 -65.47 2.42 -44.52
N TYR TA 215 -65.38 2.55 -45.83
CA TYR TA 215 -66.43 3.17 -46.64
C TYR TA 215 -67.39 2.15 -47.20
N THR TA 216 -67.47 0.95 -46.62
CA THR TA 216 -68.23 -0.14 -47.22
C THR TA 216 -68.95 -0.92 -46.12
N GLY TA 217 -70.26 -1.08 -46.27
CA GLY TA 217 -70.99 -1.94 -45.38
C GLY TA 217 -72.49 -1.65 -45.42
N ASP TA 218 -73.16 -2.16 -44.39
CA ASP TA 218 -74.54 -1.91 -43.96
C ASP TA 218 -75.62 -2.56 -44.82
N ALA TA 219 -75.26 -3.03 -46.02
CA ALA TA 219 -76.13 -3.73 -46.97
C ALA TA 219 -75.35 -4.16 -48.20
N LEU TA 220 -76.02 -4.85 -49.13
CA LEU TA 220 -75.45 -5.13 -50.44
C LEU TA 220 -76.60 -5.30 -51.43
N ARG TA 221 -76.84 -4.28 -52.24
CA ARG TA 221 -77.84 -4.34 -53.28
C ARG TA 221 -77.26 -5.00 -54.53
N ILE TA 222 -77.93 -6.05 -55.01
CA ILE TA 222 -77.48 -6.81 -56.17
C ILE TA 222 -78.57 -6.78 -57.21
N CYS TA 223 -78.23 -6.37 -58.43
CA CYS TA 223 -79.17 -6.36 -59.54
C CYS TA 223 -78.69 -7.34 -60.60
N ILE TA 224 -79.59 -8.21 -61.05
CA ILE TA 224 -79.29 -9.23 -62.05
C ILE TA 224 -80.09 -8.90 -63.30
N VAL TA 225 -79.39 -8.72 -64.42
CA VAL TA 225 -80.02 -8.36 -65.69
C VAL TA 225 -79.96 -9.58 -66.59
N THR TA 226 -81.13 -10.14 -66.89
CA THR TA 226 -81.24 -11.26 -67.82
C THR TA 226 -82.20 -10.93 -68.94
N LYS TA 227 -82.54 -11.91 -69.77
CA LYS TA 227 -83.49 -11.71 -70.85
C LYS TA 227 -84.94 -11.68 -70.38
N GLU TA 228 -85.19 -11.92 -69.09
CA GLU TA 228 -86.54 -11.97 -68.56
C GLU TA 228 -86.85 -10.80 -67.65
N GLY TA 229 -85.95 -9.82 -67.53
CA GLY TA 229 -86.17 -8.66 -66.71
C GLY TA 229 -85.00 -8.41 -65.80
N ILE TA 230 -85.24 -7.65 -64.74
CA ILE TA 230 -84.21 -7.28 -63.77
C ILE TA 230 -84.66 -7.74 -62.40
N ARG TA 231 -83.87 -8.61 -61.77
CA ARG TA 231 -84.10 -9.05 -60.41
C ARG TA 231 -83.27 -8.23 -59.44
N GLU TA 232 -83.73 -8.17 -58.19
CA GLU TA 232 -82.99 -7.49 -57.13
C GLU TA 232 -82.88 -8.41 -55.92
N GLU TA 233 -81.85 -8.17 -55.13
CA GLU TA 233 -81.56 -8.98 -53.96
C GLU TA 233 -80.69 -8.16 -53.01
N THR TA 234 -81.00 -8.25 -51.72
CA THR TA 234 -80.30 -7.47 -50.70
C THR TA 234 -79.71 -8.41 -49.66
N VAL TA 235 -78.40 -8.26 -49.42
CA VAL TA 235 -77.67 -9.07 -48.44
C VAL TA 235 -77.07 -8.11 -47.42
N SER TA 236 -77.31 -8.38 -46.14
CA SER TA 236 -76.80 -7.52 -45.08
C SER TA 236 -75.31 -7.75 -44.87
N LEU TA 237 -74.64 -6.73 -44.35
CA LEU TA 237 -73.24 -6.78 -43.96
C LEU TA 237 -73.11 -6.33 -42.52
N ARG TA 238 -71.86 -6.16 -42.07
CA ARG TA 238 -71.60 -5.68 -40.73
C ARG TA 238 -71.87 -4.18 -40.65
N LYS TA 239 -72.34 -3.75 -39.49
CA LYS TA 239 -72.93 -2.42 -39.33
C LYS TA 239 -72.02 -1.41 -38.67
N ASP TA 240 -70.77 -1.76 -38.40
CA ASP TA 240 -69.86 -0.84 -37.72
C ASP TA 240 -69.41 0.32 -38.61
N THR UA 45 -71.61 33.45 -52.16
CA THR UA 45 -71.23 33.87 -50.82
C THR UA 45 -69.92 33.20 -50.40
N GLN UA 46 -68.91 34.03 -50.14
CA GLN UA 46 -67.61 33.53 -49.72
C GLN UA 46 -67.38 33.61 -48.23
N ASN UA 47 -68.06 34.52 -47.54
CA ASN UA 47 -67.86 34.69 -46.11
C ASN UA 47 -69.19 34.79 -45.39
N PRO UA 48 -69.59 33.76 -44.65
CA PRO UA 48 -70.85 33.83 -43.89
C PRO UA 48 -70.72 34.75 -42.68
N MET UA 49 -71.52 35.81 -42.66
CA MET UA 49 -71.44 36.78 -41.57
C MET UA 49 -72.24 36.31 -40.36
N VAL UA 50 -73.55 36.22 -40.51
CA VAL UA 50 -74.46 35.89 -39.40
C VAL UA 50 -74.98 34.48 -39.64
N THR UA 51 -74.59 33.55 -38.78
CA THR UA 51 -74.89 32.15 -38.98
C THR UA 51 -75.81 31.63 -37.89
N GLY UA 52 -76.41 30.49 -38.17
CA GLY UA 52 -77.19 29.74 -37.22
C GLY UA 52 -76.42 28.57 -36.66
N THR UA 53 -77.14 27.49 -36.34
CA THR UA 53 -76.54 26.31 -35.73
C THR UA 53 -77.46 25.11 -36.01
N SER UA 54 -77.28 24.04 -35.24
CA SER UA 54 -77.90 22.74 -35.50
C SER UA 54 -79.42 22.80 -35.52
N VAL UA 55 -80.00 22.02 -36.43
CA VAL UA 55 -81.44 21.88 -36.60
C VAL UA 55 -81.76 20.39 -36.58
N LEU UA 56 -82.75 19.99 -35.80
CA LEU UA 56 -83.12 18.59 -35.63
C LEU UA 56 -84.40 18.29 -36.38
N GLY UA 57 -84.65 16.99 -36.56
CA GLY UA 57 -85.85 16.53 -37.23
C GLY UA 57 -86.00 15.02 -37.20
N VAL UA 58 -87.21 14.52 -36.92
CA VAL UA 58 -87.43 13.09 -36.82
C VAL UA 58 -88.91 12.82 -37.13
N LYS UA 59 -89.17 11.70 -37.79
CA LYS UA 59 -90.52 11.29 -38.13
C LYS UA 59 -91.20 10.64 -36.94
N PHE UA 60 -92.53 10.56 -36.99
CA PHE UA 60 -93.30 9.74 -36.07
C PHE UA 60 -94.52 9.23 -36.81
N GLU UA 61 -95.47 8.68 -36.05
CA GLU UA 61 -96.68 8.13 -36.63
C GLU UA 61 -97.60 9.23 -37.14
N GLY UA 62 -97.52 9.52 -38.43
CA GLY UA 62 -98.38 10.52 -39.03
C GLY UA 62 -97.92 11.95 -38.85
N GLY UA 63 -96.63 12.22 -39.01
CA GLY UA 63 -96.14 13.58 -38.91
C GLY UA 63 -94.65 13.61 -38.72
N VAL UA 64 -94.11 14.82 -38.89
CA VAL UA 64 -92.68 15.09 -38.75
C VAL UA 64 -92.53 16.29 -37.82
N VAL UA 65 -91.64 16.19 -36.85
CA VAL UA 65 -91.37 17.27 -35.90
C VAL UA 65 -89.96 17.80 -36.16
N ILE UA 66 -89.83 19.14 -36.14
CA ILE UA 66 -88.57 19.83 -36.40
C ILE UA 66 -88.40 20.92 -35.35
N ALA UA 67 -87.22 20.98 -34.73
CA ALA UA 67 -86.91 21.99 -33.73
C ALA UA 67 -85.57 22.64 -34.01
N ALA UA 68 -85.48 23.92 -33.68
CA ALA UA 68 -84.25 24.69 -33.78
C ALA UA 68 -84.35 25.87 -32.81
N ASP UA 69 -83.20 26.47 -32.53
CA ASP UA 69 -83.15 27.57 -31.58
C ASP UA 69 -83.34 28.91 -32.30
N MET UA 70 -83.12 30.01 -31.58
CA MET UA 70 -83.49 31.35 -32.00
C MET UA 70 -82.32 32.30 -31.84
N LEU UA 71 -81.16 31.92 -32.36
CA LEU UA 71 -79.94 32.67 -32.14
C LEU UA 71 -79.30 33.09 -33.45
N GLY UA 72 -78.80 34.33 -33.47
CA GLY UA 72 -78.24 34.96 -34.66
C GLY UA 72 -76.78 35.35 -34.54
N SER UA 73 -75.93 34.44 -34.05
CA SER UA 73 -74.56 34.77 -33.66
C SER UA 73 -73.70 35.23 -34.84
N TYR UA 74 -72.80 36.15 -34.55
CA TYR UA 74 -71.79 36.66 -35.48
C TYR UA 74 -70.43 36.26 -34.94
N GLY UA 75 -69.88 35.17 -35.48
CA GLY UA 75 -68.63 34.65 -34.98
C GLY UA 75 -68.77 34.05 -33.60
N SER UA 76 -68.22 34.74 -32.59
CA SER UA 76 -68.44 34.37 -31.21
C SER UA 76 -69.47 35.25 -30.50
N LEU UA 77 -69.70 36.45 -31.00
CA LEU UA 77 -70.72 37.33 -30.43
C LEU UA 77 -72.11 36.87 -30.85
N ALA UA 78 -73.01 36.74 -29.87
CA ALA UA 78 -74.41 36.44 -30.12
C ALA UA 78 -75.13 37.78 -30.27
N ARG UA 79 -75.20 38.26 -31.51
CA ARG UA 79 -75.71 39.60 -31.74
C ARG UA 79 -77.23 39.64 -31.72
N PHE UA 80 -77.89 38.61 -32.24
CA PHE UA 80 -79.34 38.60 -32.40
C PHE UA 80 -79.93 37.48 -31.57
N ARG UA 81 -80.62 37.83 -30.49
CA ARG UA 81 -81.14 36.86 -29.56
C ARG UA 81 -82.56 36.40 -29.90
N ASN UA 82 -83.19 36.98 -30.91
CA ASN UA 82 -84.61 36.70 -31.16
C ASN UA 82 -84.84 36.74 -32.67
N ILE UA 83 -84.71 35.58 -33.31
CA ILE UA 83 -85.02 35.39 -34.72
C ILE UA 83 -85.75 34.06 -34.87
N SER UA 84 -86.43 33.91 -36.00
CA SER UA 84 -87.13 32.68 -36.33
C SER UA 84 -86.37 31.99 -37.46
N ARG UA 85 -86.06 30.71 -37.26
CA ARG UA 85 -85.27 29.94 -38.22
C ARG UA 85 -86.08 28.81 -38.84
N ILE UA 86 -87.39 28.83 -38.67
CA ILE UA 86 -88.29 27.81 -39.23
C ILE UA 86 -89.36 28.51 -40.04
N MET UA 87 -89.50 28.11 -41.30
CA MET UA 87 -90.48 28.71 -42.20
C MET UA 87 -91.63 27.74 -42.44
N ARG UA 88 -92.85 28.23 -42.28
CA ARG UA 88 -94.04 27.42 -42.52
C ARG UA 88 -94.46 27.57 -43.98
N VAL UA 89 -94.20 26.52 -44.76
CA VAL UA 89 -94.69 26.47 -46.14
C VAL UA 89 -96.14 25.98 -46.00
N ASN UA 90 -96.94 26.12 -47.06
CA ASN UA 90 -98.39 26.30 -47.06
C ASN UA 90 -99.25 25.46 -46.09
N ASN UA 91 -99.33 24.15 -46.29
CA ASN UA 91 -100.13 23.33 -45.39
C ASN UA 91 -99.53 21.99 -45.04
N SER UA 92 -98.56 21.49 -45.79
CA SER UA 92 -98.06 20.14 -45.56
C SER UA 92 -96.56 20.08 -45.36
N THR UA 93 -95.80 20.85 -46.12
CA THR UA 93 -94.35 20.88 -46.02
C THR UA 93 -93.90 22.08 -45.20
N MET UA 94 -92.63 22.04 -44.81
CA MET UA 94 -92.12 22.89 -43.74
C MET UA 94 -90.60 22.88 -43.77
N LEU UA 95 -89.98 24.03 -43.51
CA LEU UA 95 -88.56 24.20 -43.75
C LEU UA 95 -87.87 24.83 -42.55
N GLY UA 96 -86.77 24.21 -42.14
CA GLY UA 96 -85.83 24.83 -41.23
C GLY UA 96 -84.43 24.75 -41.81
N ALA UA 97 -83.60 25.72 -41.45
CA ALA UA 97 -82.31 25.86 -42.10
C ALA UA 97 -81.23 26.24 -41.11
N SER UA 98 -79.99 26.01 -41.54
CA SER UA 98 -78.81 26.45 -40.81
C SER UA 98 -77.94 27.28 -41.73
N GLY UA 99 -76.72 27.59 -41.30
CA GLY UA 99 -75.82 28.36 -42.13
C GLY UA 99 -76.15 29.85 -42.09
N ASP UA 100 -75.83 30.53 -43.19
CA ASP UA 100 -75.98 31.98 -43.26
C ASP UA 100 -77.46 32.37 -43.27
N TYR UA 101 -77.79 33.37 -42.47
CA TYR UA 101 -79.17 33.79 -42.30
C TYR UA 101 -79.63 34.79 -43.34
N ALA UA 102 -78.70 35.58 -43.90
CA ALA UA 102 -79.06 36.48 -44.99
C ALA UA 102 -79.40 35.71 -46.25
N ASP UA 103 -78.76 34.56 -46.47
CA ASP UA 103 -79.15 33.70 -47.57
C ASP UA 103 -80.49 33.02 -47.30
N PHE UA 104 -80.82 32.82 -46.03
CA PHE UA 104 -82.10 32.20 -45.69
C PHE UA 104 -83.27 33.13 -45.94
N GLN UA 105 -83.08 34.44 -45.72
CA GLN UA 105 -84.12 35.41 -46.06
C GLN UA 105 -84.35 35.50 -47.56
N TYR UA 106 -83.33 35.17 -48.37
CA TYR UA 106 -83.51 35.14 -49.81
C TYR UA 106 -84.37 33.96 -50.23
N LEU UA 107 -84.11 32.78 -49.66
CA LEU UA 107 -84.91 31.61 -50.00
C LEU UA 107 -86.29 31.69 -49.37
N LYS UA 108 -86.43 32.40 -48.26
CA LYS UA 108 -87.75 32.69 -47.70
C LYS UA 108 -88.54 33.60 -48.64
N GLN UA 109 -87.85 34.46 -49.37
CA GLN UA 109 -88.50 35.36 -50.31
C GLN UA 109 -88.95 34.63 -51.58
N VAL UA 110 -88.13 33.71 -52.07
CA VAL UA 110 -88.43 33.05 -53.34
C VAL UA 110 -89.46 31.93 -53.16
N LEU UA 111 -89.28 31.09 -52.14
CA LEU UA 111 -90.25 30.04 -51.85
C LEU UA 111 -91.60 30.61 -51.44
N GLY UA 112 -91.62 31.77 -50.79
CA GLY UA 112 -92.88 32.41 -50.47
C GLY UA 112 -93.63 32.87 -51.71
N GLN UA 113 -92.91 33.21 -52.78
CA GLN UA 113 -93.56 33.68 -53.99
C GLN UA 113 -94.14 32.53 -54.80
N MET UA 114 -93.43 31.39 -54.86
CA MET UA 114 -93.84 30.28 -55.72
C MET UA 114 -95.10 29.60 -55.20
N VAL UA 115 -95.29 29.60 -53.88
CA VAL UA 115 -96.49 29.00 -53.30
C VAL UA 115 -97.70 29.87 -53.61
N ILE UA 116 -97.53 31.20 -53.56
CA ILE UA 116 -98.61 32.11 -53.92
C ILE UA 116 -98.94 31.99 -55.40
N ASP UA 117 -97.92 31.79 -56.24
CA ASP UA 117 -98.12 31.72 -57.68
C ASP UA 117 -98.92 30.49 -58.12
N GLU UA 118 -98.95 29.42 -57.33
CA GLU UA 118 -99.78 28.29 -57.67
C GLU UA 118 -101.19 28.40 -57.09
N GLU UA 119 -101.32 28.95 -55.89
CA GLU UA 119 -102.62 29.08 -55.24
C GLU UA 119 -103.54 30.05 -55.98
N LEU UA 120 -102.99 31.00 -56.72
CA LEU UA 120 -103.83 31.92 -57.47
C LEU UA 120 -104.40 31.27 -58.73
N LEU UA 121 -103.80 30.17 -59.19
CA LEU UA 121 -104.39 29.43 -60.29
C LEU UA 121 -105.66 28.71 -59.84
N GLY UA 122 -105.62 28.07 -58.67
CA GLY UA 122 -106.79 27.40 -58.14
C GLY UA 122 -107.18 26.15 -58.87
N ASP UA 123 -106.23 25.45 -59.48
CA ASP UA 123 -106.50 24.25 -60.26
C ASP UA 123 -106.50 22.98 -59.40
N GLY UA 124 -106.58 23.10 -58.08
CA GLY UA 124 -106.63 21.93 -57.22
C GLY UA 124 -105.32 21.20 -57.07
N HIS UA 125 -104.20 21.87 -57.28
CA HIS UA 125 -102.89 21.27 -57.14
C HIS UA 125 -102.03 22.11 -56.20
N SER UA 126 -101.03 21.45 -55.62
CA SER UA 126 -100.09 22.10 -54.72
C SER UA 126 -98.75 21.39 -54.84
N TYR UA 127 -97.72 22.00 -54.27
CA TYR UA 127 -96.41 21.37 -54.24
C TYR UA 127 -96.37 20.28 -53.17
N SER UA 128 -95.95 19.09 -53.57
CA SER UA 128 -95.69 18.04 -52.60
C SER UA 128 -94.41 18.38 -51.84
N PRO UA 129 -94.24 17.82 -50.64
CA PRO UA 129 -92.95 18.01 -49.93
C PRO UA 129 -91.75 17.43 -50.66
N ARG UA 130 -91.95 16.41 -51.48
CA ARG UA 130 -90.87 15.89 -52.31
C ARG UA 130 -90.53 16.81 -53.47
N ALA UA 131 -91.51 17.55 -53.99
CA ALA UA 131 -91.24 18.46 -55.10
C ALA UA 131 -90.46 19.69 -54.65
N ILE UA 132 -90.68 20.14 -53.41
CA ILE UA 132 -89.87 21.21 -52.84
C ILE UA 132 -88.44 20.72 -52.65
N HIS UA 133 -88.28 19.47 -52.22
CA HIS UA 133 -86.96 18.88 -52.05
C HIS UA 133 -86.25 18.69 -53.39
N SER UA 134 -87.00 18.50 -54.47
CA SER UA 134 -86.39 18.40 -55.78
C SER UA 134 -85.96 19.76 -56.33
N TRP UA 135 -86.80 20.78 -56.15
CA TRP UA 135 -86.48 22.11 -56.65
C TRP UA 135 -85.32 22.72 -55.90
N LEU UA 136 -85.27 22.51 -54.59
CA LEU UA 136 -84.25 23.15 -53.77
C LEU UA 136 -82.87 22.57 -54.03
N THR UA 137 -82.80 21.28 -54.39
CA THR UA 137 -81.52 20.66 -54.72
C THR UA 137 -80.96 21.23 -56.01
N ARG UA 138 -81.82 21.40 -57.03
CA ARG UA 138 -81.36 21.97 -58.29
C ARG UA 138 -81.00 23.44 -58.16
N ALA UA 139 -81.60 24.13 -57.19
CA ALA UA 139 -81.23 25.51 -56.93
C ALA UA 139 -79.85 25.60 -56.31
N MET UA 140 -79.52 24.67 -55.41
CA MET UA 140 -78.23 24.71 -54.76
C MET UA 140 -77.11 24.20 -55.66
N TYR UA 141 -77.41 23.21 -56.51
CA TYR UA 141 -76.37 22.67 -57.39
C TYR UA 141 -76.02 23.66 -58.50
N SER UA 142 -77.01 24.36 -59.03
CA SER UA 142 -76.74 25.35 -60.06
C SER UA 142 -76.04 26.57 -59.48
N ARG UA 143 -76.16 26.81 -58.18
CA ARG UA 143 -75.52 27.96 -57.57
C ARG UA 143 -74.05 27.70 -57.28
N ARG UA 144 -73.68 26.49 -56.88
CA ARG UA 144 -72.28 26.17 -56.65
C ARG UA 144 -71.49 25.99 -57.93
N SER UA 145 -72.16 25.74 -59.05
CA SER UA 145 -71.46 25.57 -60.32
C SER UA 145 -70.91 26.89 -60.84
N LYS UA 146 -71.49 28.01 -60.42
CA LYS UA 146 -70.97 29.33 -60.73
C LYS UA 146 -69.93 29.80 -59.72
N MET UA 147 -69.55 28.92 -58.78
CA MET UA 147 -68.55 29.20 -57.73
C MET UA 147 -68.97 30.40 -56.86
N ASN UA 148 -70.27 30.48 -56.58
CA ASN UA 148 -70.80 31.54 -55.73
C ASN UA 148 -71.95 30.96 -54.91
N PRO UA 149 -71.66 30.07 -53.97
CA PRO UA 149 -72.70 29.22 -53.38
C PRO UA 149 -73.53 29.96 -52.34
N LEU UA 150 -74.57 29.28 -51.87
CA LEU UA 150 -75.39 29.73 -50.76
C LEU UA 150 -74.99 28.96 -49.51
N TRP UA 151 -74.54 29.68 -48.49
CA TRP UA 151 -74.05 29.06 -47.26
C TRP UA 151 -75.24 28.66 -46.39
N ASN UA 152 -75.81 27.50 -46.71
CA ASN UA 152 -76.95 26.99 -45.96
C ASN UA 152 -76.85 25.48 -45.81
N THR UA 153 -77.67 24.96 -44.90
CA THR UA 153 -77.88 23.53 -44.74
C THR UA 153 -79.31 23.37 -44.27
N MET UA 154 -80.13 22.72 -45.08
CA MET UA 154 -81.58 22.83 -44.96
C MET UA 154 -82.23 21.48 -44.73
N VAL UA 155 -83.26 21.47 -43.89
CA VAL UA 155 -84.02 20.27 -43.54
C VAL UA 155 -85.48 20.52 -43.90
N ILE UA 156 -86.05 19.65 -44.73
CA ILE UA 156 -87.42 19.78 -45.19
C ILE UA 156 -88.25 18.68 -44.55
N GLY UA 157 -89.27 19.07 -43.80
CA GLY UA 157 -90.22 18.13 -43.23
C GLY UA 157 -91.59 18.32 -43.84
N GLY UA 158 -92.23 17.21 -44.19
CA GLY UA 158 -93.53 17.29 -44.84
C GLY UA 158 -94.35 16.06 -44.58
N TYR UA 159 -95.67 16.22 -44.70
CA TYR UA 159 -96.62 15.13 -44.50
C TYR UA 159 -97.74 15.28 -45.53
N ALA UA 160 -97.78 14.37 -46.49
CA ALA UA 160 -98.80 14.39 -47.53
C ALA UA 160 -99.18 12.96 -47.90
N ASP UA 161 -100.48 12.78 -48.22
CA ASP UA 161 -101.06 11.51 -48.65
C ASP UA 161 -100.86 10.41 -47.60
N GLY UA 162 -100.97 10.79 -46.33
CA GLY UA 162 -100.75 9.85 -45.25
C GLY UA 162 -99.32 9.38 -45.09
N GLU UA 163 -98.36 10.08 -45.68
CA GLU UA 163 -96.96 9.67 -45.66
C GLU UA 163 -96.11 10.81 -45.14
N SER UA 164 -95.20 10.48 -44.22
CA SER UA 164 -94.26 11.47 -43.73
C SER UA 164 -93.12 11.67 -44.71
N PHE UA 165 -92.41 12.77 -44.56
CA PHE UA 165 -91.28 13.07 -45.43
C PHE UA 165 -90.26 13.89 -44.65
N LEU UA 166 -88.99 13.55 -44.83
CA LEU UA 166 -87.91 14.23 -44.12
C LEU UA 166 -86.69 14.24 -45.03
N GLY UA 167 -86.34 15.41 -45.54
CA GLY UA 167 -85.29 15.51 -46.53
C GLY UA 167 -84.19 16.44 -46.10
N TYR UA 168 -82.98 16.15 -46.59
CA TYR UA 168 -81.78 16.90 -46.28
C TYR UA 168 -81.28 17.59 -47.54
N VAL UA 169 -80.79 18.81 -47.38
CA VAL UA 169 -80.21 19.57 -48.49
C VAL UA 169 -78.89 20.17 -48.01
N ASP UA 170 -77.82 19.87 -48.71
CA ASP UA 170 -76.49 20.39 -48.39
C ASP UA 170 -76.21 21.64 -49.23
N MET UA 171 -75.17 22.37 -48.82
CA MET UA 171 -74.66 23.47 -49.63
C MET UA 171 -74.14 22.98 -50.98
N LEU UA 172 -73.48 21.83 -50.99
CA LEU UA 172 -72.88 21.29 -52.20
C LEU UA 172 -73.85 20.46 -53.05
N GLY UA 173 -75.15 20.54 -52.78
CA GLY UA 173 -76.12 19.82 -53.57
C GLY UA 173 -76.25 18.35 -53.21
N VAL UA 174 -75.82 17.94 -52.02
CA VAL UA 174 -75.96 16.57 -51.58
C VAL UA 174 -77.29 16.42 -50.87
N ALA UA 175 -78.13 15.52 -51.35
CA ALA UA 175 -79.48 15.37 -50.83
C ALA UA 175 -79.82 13.91 -50.66
N TYR UA 176 -80.57 13.59 -49.62
CA TYR UA 176 -81.03 12.24 -49.34
C TYR UA 176 -82.25 12.32 -48.44
N GLU UA 177 -82.79 11.16 -48.09
CA GLU UA 177 -83.89 11.02 -47.16
C GLU UA 177 -83.45 10.16 -45.98
N ALA UA 178 -84.07 10.40 -44.83
CA ALA UA 178 -83.70 9.70 -43.61
C ALA UA 178 -84.86 9.76 -42.63
N PRO UA 179 -84.99 8.77 -41.75
CA PRO UA 179 -86.00 8.88 -40.68
C PRO UA 179 -85.64 9.86 -39.58
N SER UA 180 -84.38 10.30 -39.52
CA SER UA 180 -83.97 11.31 -38.55
C SER UA 180 -82.80 12.09 -39.13
N LEU UA 181 -82.81 13.40 -38.91
CA LEU UA 181 -81.77 14.27 -39.45
C LEU UA 181 -81.24 15.19 -38.36
N ALA UA 182 -79.99 15.60 -38.56
CA ALA UA 182 -79.32 16.52 -37.66
C ALA UA 182 -78.20 17.20 -38.42
N THR UA 183 -78.08 18.51 -38.24
CA THR UA 183 -77.10 19.31 -38.96
C THR UA 183 -76.05 19.85 -37.99
N GLY UA 184 -74.94 20.29 -38.57
CA GLY UA 184 -73.91 20.97 -37.78
C GLY UA 184 -73.24 20.05 -36.79
N TYR UA 185 -73.12 20.52 -35.55
CA TYR UA 185 -72.61 19.66 -34.48
C TYR UA 185 -73.64 18.67 -34.00
N GLY UA 186 -74.92 18.88 -34.31
CA GLY UA 186 -75.96 17.94 -33.96
C GLY UA 186 -75.82 16.59 -34.65
N ALA UA 187 -75.16 16.56 -35.81
CA ALA UA 187 -74.86 15.30 -36.47
C ALA UA 187 -73.81 14.48 -35.72
N TYR UA 188 -73.05 15.11 -34.83
CA TYR UA 188 -72.11 14.40 -33.98
C TYR UA 188 -72.69 14.07 -32.61
N LEU UA 189 -73.70 14.83 -32.16
CA LEU UA 189 -74.15 14.77 -30.78
C LEU UA 189 -75.55 14.20 -30.64
N ALA UA 190 -76.54 14.79 -31.29
CA ALA UA 190 -77.91 14.30 -31.16
C ALA UA 190 -78.17 13.12 -32.08
N GLN UA 191 -77.44 13.04 -33.19
CA GLN UA 191 -77.62 11.94 -34.14
C GLN UA 191 -77.36 10.53 -33.58
N PRO UA 192 -76.37 10.28 -32.69
CA PRO UA 192 -76.34 8.94 -32.06
C PRO UA 192 -77.50 8.68 -31.14
N LEU UA 193 -78.10 9.71 -30.53
CA LEU UA 193 -79.28 9.48 -29.72
C LEU UA 193 -80.50 9.19 -30.58
N LEU UA 194 -80.54 9.72 -31.80
CA LEU UA 194 -81.66 9.47 -32.70
C LEU UA 194 -81.66 8.04 -33.20
N ARG UA 195 -80.50 7.58 -33.69
CA ARG UA 195 -80.41 6.25 -34.29
C ARG UA 195 -80.48 5.13 -33.27
N GLU UA 196 -80.19 5.43 -32.00
CA GLU UA 196 -80.26 4.40 -30.97
C GLU UA 196 -81.69 3.98 -30.69
N VAL UA 197 -82.61 4.95 -30.64
CA VAL UA 197 -84.00 4.63 -30.32
C VAL UA 197 -84.70 4.05 -31.54
N LEU UA 198 -84.39 4.56 -32.74
CA LEU UA 198 -85.08 4.12 -33.94
C LEU UA 198 -84.69 2.71 -34.37
N GLU UA 199 -83.58 2.17 -33.88
CA GLU UA 199 -83.24 0.78 -34.16
C GLU UA 199 -83.85 -0.16 -33.14
N LYS UA 200 -83.97 0.25 -31.88
CA LYS UA 200 -84.66 -0.55 -30.89
C LYS UA 200 -86.18 -0.46 -31.03
N GLN UA 201 -86.68 0.57 -31.69
CA GLN UA 201 -88.10 0.74 -31.93
C GLN UA 201 -88.29 1.56 -33.21
N PRO UA 202 -88.76 0.93 -34.30
CA PRO UA 202 -88.75 1.62 -35.60
C PRO UA 202 -89.78 2.72 -35.73
N VAL UA 203 -90.95 2.59 -35.10
CA VAL UA 203 -91.99 3.59 -35.19
C VAL UA 203 -92.18 4.26 -33.83
N LEU UA 204 -92.62 5.51 -33.86
CA LEU UA 204 -92.80 6.30 -32.65
C LEU UA 204 -94.12 7.05 -32.71
N SER UA 205 -94.69 7.30 -31.54
CA SER UA 205 -95.87 8.14 -31.44
C SER UA 205 -95.45 9.61 -31.39
N GLN UA 206 -96.43 10.50 -31.26
CA GLN UA 206 -96.12 11.92 -31.24
C GLN UA 206 -95.52 12.33 -29.89
N THR UA 207 -96.04 11.79 -28.80
CA THR UA 207 -95.53 12.15 -27.49
C THR UA 207 -94.16 11.54 -27.23
N GLU UA 208 -93.89 10.37 -27.79
CA GLU UA 208 -92.55 9.78 -27.68
C GLU UA 208 -91.54 10.55 -28.50
N ALA UA 209 -91.95 11.08 -29.66
CA ALA UA 209 -91.03 11.83 -30.49
C ALA UA 209 -90.75 13.20 -29.92
N ARG UA 210 -91.78 13.89 -29.42
CA ARG UA 210 -91.61 15.24 -28.91
C ARG UA 210 -90.79 15.26 -27.62
N ASP UA 211 -90.94 14.23 -26.78
CA ASP UA 211 -90.12 14.14 -25.59
C ASP UA 211 -88.67 13.83 -25.92
N LEU UA 212 -88.43 13.12 -27.03
CA LEU UA 212 -87.07 12.75 -27.41
C LEU UA 212 -86.31 13.93 -27.98
N VAL UA 213 -87.00 14.89 -28.60
CA VAL UA 213 -86.33 16.06 -29.15
C VAL UA 213 -85.87 16.99 -28.03
N GLU UA 214 -86.70 17.16 -26.99
CA GLU UA 214 -86.34 17.99 -25.85
C GLU UA 214 -85.16 17.43 -25.07
N ARG UA 215 -84.96 16.11 -25.12
CA ARG UA 215 -83.76 15.53 -24.53
C ARG UA 215 -82.53 15.88 -25.36
N CYS UA 216 -82.64 15.82 -26.69
CA CYS UA 216 -81.50 16.15 -27.54
C CYS UA 216 -81.23 17.65 -27.57
N MET UA 217 -82.28 18.48 -27.51
CA MET UA 217 -82.07 19.92 -27.42
C MET UA 217 -81.50 20.32 -26.07
N ARG UA 218 -81.74 19.52 -25.03
CA ARG UA 218 -81.10 19.76 -23.75
C ARG UA 218 -79.60 19.51 -23.84
N VAL UA 219 -79.21 18.46 -24.57
CA VAL UA 219 -77.81 18.07 -24.66
C VAL UA 219 -76.99 19.13 -25.38
N LEU UA 220 -77.50 19.64 -26.50
CA LEU UA 220 -76.78 20.64 -27.30
C LEU UA 220 -76.55 21.95 -26.55
N TYR UA 221 -77.37 22.23 -25.53
CA TYR UA 221 -77.10 23.38 -24.68
C TYR UA 221 -75.83 23.21 -23.85
N TYR UA 222 -75.48 21.97 -23.49
CA TYR UA 222 -74.33 21.77 -22.62
C TYR UA 222 -73.00 21.93 -23.33
N ARG UA 223 -72.89 21.49 -24.59
CA ARG UA 223 -71.57 21.41 -25.20
C ARG UA 223 -71.43 22.07 -26.55
N ASP UA 224 -72.45 22.73 -27.08
CA ASP UA 224 -72.28 23.53 -28.28
C ASP UA 224 -72.07 24.98 -27.86
N ALA UA 225 -71.00 25.59 -28.35
CA ALA UA 225 -70.68 26.94 -27.95
C ALA UA 225 -71.57 27.98 -28.60
N ARG UA 226 -72.38 27.60 -29.58
CA ARG UA 226 -73.29 28.53 -30.25
C ARG UA 226 -74.74 28.18 -29.98
N SER UA 227 -75.01 27.52 -28.86
CA SER UA 227 -76.37 27.15 -28.49
C SER UA 227 -77.07 28.32 -27.82
N TYR UA 228 -78.34 28.13 -27.49
CA TYR UA 228 -79.17 29.21 -26.96
C TYR UA 228 -80.35 28.58 -26.23
N ASN UA 229 -80.62 29.05 -25.02
CA ASN UA 229 -81.61 28.39 -24.16
C ASN UA 229 -83.01 28.94 -24.37
N ARG UA 230 -83.42 29.02 -25.64
CA ARG UA 230 -84.76 29.46 -26.00
C ARG UA 230 -84.98 28.99 -27.44
N PHE UA 231 -85.86 28.01 -27.62
CA PHE UA 231 -86.03 27.38 -28.92
C PHE UA 231 -87.52 27.22 -29.20
N GLN UA 232 -87.83 26.83 -30.44
CA GLN UA 232 -89.21 26.62 -30.84
C GLN UA 232 -89.33 25.30 -31.59
N ILE UA 233 -90.50 24.69 -31.48
CA ILE UA 233 -90.76 23.36 -32.01
C ILE UA 233 -91.88 23.46 -33.03
N ALA UA 234 -91.63 22.94 -34.23
CA ALA UA 234 -92.61 22.95 -35.31
C ALA UA 234 -92.96 21.52 -35.68
N THR UA 235 -94.24 21.31 -36.01
CA THR UA 235 -94.77 19.97 -36.21
C THR UA 235 -95.84 19.99 -37.29
N VAL UA 236 -95.71 19.10 -38.28
CA VAL UA 236 -96.74 18.90 -39.29
C VAL UA 236 -97.56 17.67 -38.91
N THR UA 237 -98.85 17.72 -39.21
CA THR UA 237 -99.76 16.61 -39.02
C THR UA 237 -100.67 16.55 -40.24
N GLU UA 238 -101.76 15.80 -40.15
CA GLU UA 238 -102.83 15.94 -41.12
C GLU UA 238 -103.63 17.21 -40.92
N LYS UA 239 -103.54 17.84 -39.75
CA LYS UA 239 -104.25 19.08 -39.47
C LYS UA 239 -103.53 20.30 -40.02
N GLY UA 240 -102.23 20.20 -40.31
CA GLY UA 240 -101.49 21.28 -40.90
C GLY UA 240 -100.23 21.58 -40.12
N VAL UA 241 -99.60 22.69 -40.47
CA VAL UA 241 -98.34 23.11 -39.87
C VAL UA 241 -98.63 23.86 -38.58
N GLU UA 242 -97.95 23.49 -37.51
CA GLU UA 242 -98.11 24.15 -36.22
C GLU UA 242 -96.76 24.39 -35.60
N ILE UA 243 -96.53 25.62 -35.13
CA ILE UA 243 -95.24 26.04 -34.58
C ILE UA 243 -95.47 26.47 -33.14
N GLU UA 244 -94.76 25.84 -32.20
CA GLU UA 244 -94.88 26.18 -30.80
C GLU UA 244 -94.01 27.39 -30.47
N GLY UA 245 -94.23 27.94 -29.28
CA GLY UA 245 -93.60 29.18 -28.89
C GLY UA 245 -92.16 29.01 -28.43
N PRO UA 246 -91.60 30.08 -27.84
CA PRO UA 246 -90.19 30.03 -27.41
C PRO UA 246 -89.99 29.22 -26.13
N LEU UA 247 -89.88 27.90 -26.28
CA LEU UA 247 -89.71 27.03 -25.14
C LEU UA 247 -88.28 27.09 -24.63
N SER UA 248 -88.09 26.61 -23.40
CA SER UA 248 -86.79 26.61 -22.75
C SER UA 248 -86.47 25.20 -22.28
N THR UA 249 -85.26 25.04 -21.73
CA THR UA 249 -84.78 23.75 -21.27
C THR UA 249 -84.76 23.70 -19.75
N GLU UA 250 -84.33 22.56 -19.22
CA GLU UA 250 -84.15 22.36 -17.78
C GLU UA 250 -82.79 21.71 -17.58
N THR UA 251 -81.87 22.43 -16.95
CA THR UA 251 -80.49 22.00 -16.85
C THR UA 251 -80.20 21.41 -15.49
N ASN UA 252 -79.07 20.69 -15.42
CA ASN UA 252 -78.58 20.11 -14.18
C ASN UA 252 -77.13 20.55 -13.99
N TRP UA 253 -76.79 20.96 -12.77
CA TRP UA 253 -75.44 21.41 -12.45
C TRP UA 253 -74.97 20.84 -11.13
N ASP UA 254 -75.39 19.62 -10.80
CA ASP UA 254 -75.02 19.00 -9.54
C ASP UA 254 -73.58 18.52 -9.53
N ILE UA 255 -72.94 18.36 -10.69
CA ILE UA 255 -71.53 17.97 -10.73
C ILE UA 255 -70.59 19.14 -10.47
N ALA UA 256 -71.11 20.36 -10.34
CA ALA UA 256 -70.27 21.50 -10.02
C ALA UA 256 -69.81 21.46 -8.57
N HIS UA 257 -70.57 20.81 -7.68
CA HIS UA 257 -70.16 20.70 -6.30
C HIS UA 257 -69.05 19.68 -6.09
N MET UA 258 -68.83 18.81 -7.07
CA MET UA 258 -67.66 17.95 -7.05
C MET UA 258 -66.41 18.76 -7.38
N ILE UA 259 -65.26 18.18 -7.10
CA ILE UA 259 -63.99 18.84 -7.39
C ILE UA 259 -63.65 18.69 -8.87
ZN ZN VA . 63.51 -2.61 62.24
PG ATP WA . 38.22 22.44 3.49
O1G ATP WA . 38.10 20.98 3.18
O2G ATP WA . 39.06 22.76 4.70
O3G ATP WA . 36.92 23.20 3.43
PB ATP WA . 39.43 24.58 2.16
O1B ATP WA . 40.30 24.96 3.32
O2B ATP WA . 38.16 25.34 1.87
O3B ATP WA . 39.07 23.02 2.25
PA ATP WA . 41.88 24.49 0.87
O1A ATP WA . 42.13 23.07 1.29
O2A ATP WA . 42.53 25.62 1.61
O3A ATP WA . 40.29 24.67 0.82
O5' ATP WA . 42.28 24.62 -0.69
C5' ATP WA . 43.00 23.57 -1.31
C4' ATP WA . 43.89 24.16 -2.39
O4' ATP WA . 43.13 24.88 -3.35
C3' ATP WA . 44.88 25.13 -1.79
O3' ATP WA . 46.15 24.51 -1.62
C2' ATP WA . 44.98 26.26 -2.79
O2' ATP WA . 46.23 26.17 -3.47
C1' ATP WA . 43.84 26.05 -3.77
N9 ATP WA . 42.91 27.19 -3.72
C8 ATP WA . 41.69 27.16 -3.18
N7 ATP WA . 41.07 28.37 -3.29
C5 ATP WA . 41.91 29.19 -3.92
C6 ATP WA . 41.90 30.60 -4.36
N6 ATP WA . 40.82 31.39 -4.14
N1 ATP WA . 42.99 31.08 -4.99
C2 ATP WA . 44.07 30.32 -5.22
N3 ATP WA . 44.15 29.02 -4.85
C4 ATP WA . 43.12 28.41 -4.21
MG MG XA . 40.68 23.56 5.09
PG ATP YA . 36.55 -6.57 -3.73
O1G ATP YA . 36.39 -5.17 -4.26
O2G ATP YA . 37.26 -6.67 -2.40
O3G ATP YA . 35.32 -7.44 -3.83
PB ATP YA . 39.01 -6.67 -5.12
O1B ATP YA . 38.91 -5.88 -6.40
O2B ATP YA . 39.61 -6.04 -3.89
O3B ATP YA . 37.54 -7.24 -4.79
PA ATP YA . 40.56 -8.37 -6.71
O1A ATP YA . 41.91 -7.72 -6.59
O2A ATP YA . 39.70 -8.13 -7.93
O3A ATP YA . 39.74 -8.07 -5.38
O5' ATP YA . 40.75 -9.96 -6.59
C5' ATP YA . 41.99 -10.53 -6.96
C4' ATP YA . 41.78 -11.90 -7.61
O4' ATP YA . 41.15 -11.71 -8.88
C3' ATP YA . 43.12 -12.56 -7.83
O3' ATP YA . 43.12 -13.85 -7.26
C2' ATP YA . 43.28 -12.65 -9.33
O2' ATP YA . 43.63 -13.98 -9.71
C1' ATP YA . 41.94 -12.26 -9.94
N9 ATP YA . 42.08 -11.18 -10.97
C8 ATP YA . 41.25 -10.13 -11.01
N7 ATP YA . 41.55 -9.29 -12.03
C5 ATP YA . 42.60 -9.83 -12.67
C6 ATP YA . 43.41 -9.44 -13.84
N6 ATP YA . 43.14 -8.30 -14.52
N1 ATP YA . 44.40 -10.25 -14.21
C2 ATP YA . 44.68 -11.38 -13.54
N3 ATP YA . 43.98 -11.79 -12.47
C4 ATP YA . 42.93 -11.08 -11.98
MG MG ZA . 39.29 -5.52 -2.18
PG ATP AB . 17.23 -24.34 9.32
O1G ATP AB . 16.71 -24.46 7.91
O2G ATP AB . 17.90 -23.03 9.63
O3G ATP AB . 16.28 -24.80 10.40
PB ATP AB . 18.12 -26.82 8.66
O1B ATP AB . 18.59 -26.76 7.23
O2B ATP AB . 16.70 -27.21 8.95
O3B ATP AB . 18.41 -25.40 9.35
PA ATP AB . 18.95 -29.36 9.18
O1A ATP AB . 20.33 -29.95 9.31
O2A ATP AB . 18.14 -29.56 7.92
O3A ATP AB . 19.06 -27.80 9.50
O5' ATP AB . 18.04 -29.90 10.40
C5' ATP AB . 18.42 -31.09 11.06
C4' ATP AB . 17.23 -31.97 11.38
O4' ATP AB . 16.63 -32.43 10.18
C3' ATP AB . 17.72 -33.19 12.12
O3' ATP AB . 16.75 -33.63 13.06
C2' ATP AB . 17.85 -34.22 11.03
O2' ATP AB . 17.71 -35.55 11.51
C1' ATP AB . 16.76 -33.85 10.05
N9 ATP AB . 17.13 -34.17 8.65
C8 ATP AB . 17.06 -33.31 7.63
N7 ATP AB . 17.46 -33.87 6.46
C5 ATP AB . 17.77 -35.14 6.73
C6 ATP AB . 18.27 -36.30 5.95
N6 ATP AB . 18.50 -36.19 4.62
N1 ATP AB . 18.47 -37.45 6.60
C2 ATP AB . 18.25 -37.58 7.92
N3 ATP AB . 17.81 -36.58 8.68
C4 ATP AB . 17.55 -35.35 8.17
MG MG BB . 20.49 -25.29 10.88
PB ADP CB . -4.63 -16.54 28.57
O1B ADP CB . -3.16 -16.81 28.80
O2B ADP CB . -5.47 -17.77 28.35
O3B ADP CB . -4.92 -15.39 27.63
PA ADP CB . -4.43 -16.66 31.31
O1A ADP CB . -3.19 -15.87 31.59
O2A ADP CB . -4.33 -18.15 31.09
O3A ADP CB . -5.13 -16.03 30.01
O5' ADP CB . -5.48 -16.38 32.49
C5' ADP CB . -6.87 -16.62 32.32
C4' ADP CB . -7.50 -16.60 33.70
O4' ADP CB . -8.81 -17.16 33.64
C3' ADP CB . -6.68 -17.45 34.65
O3' ADP CB . -6.27 -16.67 35.77
C2' ADP CB . -7.60 -18.56 35.12
O2' ADP CB . -7.72 -18.51 36.55
C1' ADP CB . -8.95 -18.30 34.48
N9 ADP CB . -9.29 -19.44 33.60
C8 ADP CB . -9.36 -19.37 32.26
N7 ADP CB . -9.69 -20.57 31.72
C5 ADP CB . -9.84 -21.43 32.75
C6 ADP CB . -10.18 -22.86 32.89
N6 ADP CB . -10.44 -23.62 31.80
N1 ADP CB . -10.22 -23.38 34.14
C2 ADP CB . -9.97 -22.63 35.22
N3 ADP CB . -9.66 -21.32 35.17
C4 ADP CB . -9.57 -20.68 33.97
MG MG DB . -1.51 -15.96 29.34
PG ATP EB . 22.26 32.12 26.51
O1G ATP EB . 22.45 31.23 25.31
O2G ATP EB . 20.84 32.14 27.03
O3G ATP EB . 23.31 32.03 27.58
PB ATP EB . 21.81 34.85 26.71
O1B ATP EB . 20.46 35.17 26.11
O2B ATP EB . 21.94 34.54 28.18
O3B ATP EB . 22.44 33.60 25.92
PA ATP EB . 23.16 37.31 27.08
O1A ATP EB . 24.66 37.51 27.05
O2A ATP EB . 22.43 37.30 28.40
O3A ATP EB . 22.87 35.97 26.26
O5' ATP EB . 22.53 38.45 26.13
C5' ATP EB . 22.88 38.46 24.75
C4' ATP EB . 23.40 39.83 24.34
O4' ATP EB . 22.38 40.55 23.65
C3' ATP EB . 23.83 40.66 25.53
O3' ATP EB . 25.24 40.85 25.52
C2' ATP EB . 23.14 42.00 25.37
O2' ATP EB . 24.11 43.00 25.06
C1' ATP EB . 22.19 41.85 24.20
N9 ATP EB . 20.80 41.89 24.69
C8 ATP EB . 19.95 40.86 24.63
N7 ATP EB . 18.74 41.18 25.16
C5 ATP EB . 18.82 42.46 25.57
C6 ATP EB . 17.91 43.43 26.21
N6 ATP EB . 16.65 43.08 26.53
N1 ATP EB . 18.39 44.66 26.47
C2 ATP EB . 19.65 45.02 26.16
N3 ATP EB . 20.53 44.19 25.57
C4 ATP EB . 20.18 42.92 25.25
MG MG FB . 23.93 32.90 29.34
#